data_9L0K
#
_entry.id   9L0K
#
_cell.length_a   1.00
_cell.length_b   1.00
_cell.length_c   1.00
_cell.angle_alpha   90.00
_cell.angle_beta   90.00
_cell.angle_gamma   90.00
#
_symmetry.space_group_name_H-M   'P 1'
#
loop_
_entity.id
_entity.type
_entity.pdbx_description
1 polymer 'Photosystem I P700 chlorophyll a apoprotein A1'
2 polymer 'Photosystem I P700 chlorophyll a apoprotein A2'
3 polymer 'Photosystem I iron-sulfur center'
4 polymer 'Photosystem I reaction center subunit II'
5 polymer 'Photosystem I reaction center subunit IV'
6 polymer 'Photosystem I reaction center subunit III'
7 polymer 'Photosystem I reaction center subunit VIII'
8 polymer 'Photosystem I reaction center subunit IX'
9 polymer 'Photosystem I reaction center subunit XI'
10 polymer 'Photosystem I reaction center subunit XII'
11 polymer 'Photosystem I reaction center subunit PsaK'
12 polymer ACPI-s
13 polymer ACPI-c
14 polymer ACPI-a
15 polymer ACPI-b
16 polymer ACPI-h
17 polymer ACPI-m
18 polymer ACPI-l
19 polymer ACPI-k
20 polymer ACPI-i
21 polymer ACPI-d
22 polymer PsaR
23 polymer ACPI-n
24 polymer PsaQ
25 non-polymer 'CHLOROPHYLL A ISOMER'
26 non-polymer 'CHLOROPHYLL A'
27 non-polymer PHYLLOQUINONE
28 non-polymer 1,2-DIPALMITOYL-PHOSPHATIDYL-GLYCEROLE
29 non-polymer 1,3,3-trimethyl-2-[(1E,3E,5E,7E,9E,11E,13E,15E,17E)-3,7,12,16-tetramethyl-18-[(1R)-2,6,6-trimethylcyclohex-2-en-1-yl]octadeca-1,3,5,7,9,11,13,15,17-nonaenyl]cyclohexene
30 non-polymer DODECYL-ALPHA-D-MALTOSIDE
31 non-polymer 'IRON/SULFUR CLUSTER'
32 non-polymer 1,2-DI-O-ACYL-3-O-[6-DEOXY-6-SULFO-ALPHA-D-GLUCOPYRANOSYL]-SN-GLYCEROL
33 non-polymer 'DIGALACTOSYL DIACYL GLYCEROL (DGDG)'
34 non-polymer 1,2-DISTEAROYL-MONOGALACTOSYL-DIGLYCERIDE
35 non-polymer (1~{R})-3,5,5-trimethyl-4-[(3~{E},5~{E},7~{E},9~{E},11~{E},13~{E},15~{E})-3,7,12,16-tetramethyl-18-[(4~{R})-2,6,6-trimethyl-4-oxidanyl-cyclohexen-1-yl]octadeca-3,5,7,9,11,13,15-heptaen-1,17-diynyl]cyclohex-3-en-1-ol
36 non-polymer 'Chlorophyll c2'
37 non-polymer (1~{R})-3,5,5-trimethyl-4-[(3~{E},5~{E},7~{E},9~{E},11~{E},13~{E},15~{E},17~{E})-3,7,12,16-tetramethyl-18-(2,6,6-trimethylcyclohexen-1-yl)octadeca-3,5,7,9,11,13,15,17-octaen-1-ynyl]cyclohex-3-en-1-ol
38 water water
#
loop_
_entity_poly.entity_id
_entity_poly.type
_entity_poly.pdbx_seq_one_letter_code
_entity_poly.pdbx_strand_id
1 'polypeptide(L)'
;MTISSKEQEAKKVSITVDRDPVATSFEKWAQPGHFSRTLAKGPKTTTWIWNLHADVHDFDSHTNSLEDISRKIFSAHFGQ
LSIIFLWLSGMYFHGARFSNYSAWLSNPTAVKPSAQVVWPIVGQEILNGDVGGGFQGVQVTSGFFQIWRASGITSEVELY
WCALAGLLMSGLMIFAGWFHYHKAAPKLEWFQNAESMLNHHLSGLLGLGCLSWAGHQIHISLPVNKLLDAGVAPQEIPLP
HEFLVNRDLMAQLYPSFSKGLVPFFTLNWSEYSDFLTFKGGLNPVTGGLWLSDTAHHHLALAVLFIVAGHMYRTNWGIGH
SMKEILEAHKGPFTGEGHKGLYEILTTSWHAQLAINLAMMGSVSIIVAHHMYAMPPYPYIATDYPTQLSIFTHHMWIGGF
CVVGGAAHAGIFMVRDYNPAQNYNNLLDRVIRHRDAIISHLNWICIFLGFHSFGLYIHNDTMRALGRTQDMFSDTAIQLK
PVFAQWVQSIHTLAPGNTTPNALATASYAFGGDVVAVGNKVAMMPISLGTADFMVHHIHAFTIHVTVLILLKGVLFSRNS
RLIPDKANLGFRFPCDGPGRGGTCQSSAWDSVFLGLFWMYNCISVVIFHFSWKMQSDVWGTVQADGTVTHITGGNFAQSA
ITINGWLRDFLWAQASQVIQSYGSALSAYGLIFLGAHFIWAFSLMFLFSGRGYWQELIESIVWAHNKLNVAPAIQPRALS
ITQGRAVGLAHYLLGGIGTTWAFFLARIISVG
;
A
2 'polypeptide(L)'
;MATKFPKFSQALAQDPATRRIWYGLATAHDLESHDGMTEENLYQKIFASHFGHLAVIFLWTSGNLFHLAWQGNFEQWVLN
PLKVKPIAHAIWDPHFGQPAVKAFTKGGVSYPVNIATSGVYHWWYTIGMRSNTDLYAGSLFLLFLAGVFLFAGWLHLQPK
FRPGLSWFKNNESRLNHHLSGLFGFSSLAWSAHLIHVAIPEARGQHVGWDNFTKVAPHPAGLQPFFSGNWGVYAAAPDTT
NHIFGTSEGAGTAILTFLGGFHPQTQALWLTDIAHHHLAIGVVFIFAGHMYRTNWGIGHSLKEILDAHRPPGGRLGAGHK
GIFETLTNSLHFQLGLALASLGVITSLVAQHMYALPSYAFIAKDYVTQSALYTHHQYIAGFLMVGAFAHGAIFFVRDYDP
EQNKNNVLARILDHKEAIISHLSWVSLFLGFHTLGIYVHNDVVVAFGTPEKQILVEPVFAQWIQASSGKALYGFDVFLSS
SNSVATNASSNIWLPGWLEAINSGKNSLFLPIGPGDFLIHHAIALALHTTTLILVKGALDARGSKLMPDKKDFGYSFPCD
GPGRGGTCDISAWDAFYLSMFWMLNTIGWVTFYWHWKHVTIWQGNAGQFNESSTYIMGWLRDYLWLNSSPLINGYNPFGM
NSLSVWSWMFLFGHLIWATGFMFLISWRGYWQELIETLVWAHERTPLANLVRWKDKPVALSIVQARLVGLIHFTAGYIFT
YAAFVIASTTGKFG
;
B
3 'polypeptide(L)'
;MSHSVKVYDTCIGCTQCVRACPCDVLEMVSWDGCKAGQIASAPRTEDCIGCKRCETACPTDFLSVRVYLGGETTRSMGLA
Y
;
C
4 'polypeptide(L)'
;MAETLNLQIPSPTFEGSTGGWLRAAEVEEKYAITWTSPKEQVFEMPTGGAAIMRQGENLLYLARKEQCLALATQVKNSFK
ITDYKVYRIFPSGEVQYLHPKDGVFPEKVNAGRVGVGNVSHSIGKNLNPAQIKFTSKSFNG
;
D
5 'polypeptide(L)' MVKRGSKVRILRKESYWYQDIGTVATIDTSGIRYPVVVRFEKVSYSGVNTNNFSLDEVVEVVAK E
6 'polypeptide(L)'
;MEIFFVKNWVSMLLVCSFLAFPSLAKADVAGLTPCGESKEFARRLDGSVKKLQTRLKKYEAGTPPALALQKQIDKTKNRF
DRYGKAGLLCGTDGLPHLIADGRWSHSGEFVIPGLFFLYVAGWIGWVGRSYVLFARTADKPTEKEIIIDVPVALSFVSTG
FIWPFSAFKEFTSGNLIVPADEITVSPR
;
F
7 'polypeptide(L)' MTAAYLPSILVPIIGLIFPGLVMAFAFIYIEQDEVA I
8 'polypeptide(L)' MDSNFLKYLSTAPVLFTVWLSFTASFIIEANRFFPDMLYFPM J
9 'polypeptide(L)'
;MSQFIKPYNDDPFVGNLATPVSTSSFTKSLLSNLPAYRAGLSPLLRGVEIGLTHGYFLVGPFYKLGPLRNSDVALLSGFF
SALGLIIILVACLTIYGVVSFEETEAKDQLQTAKGWRQFTSGWLVGSVGGASFAYILISNIPFLQTAGMSMLK
;
L
10 'polypeptide(L)' MISDTQIFIALILALVSLVLAIRLGRALYQ M
11 'polypeptide(L)'
;MNADLLIALVPQTVAWSAKTGAVMVLSNILCIVAGRYVIQVKGTGPSLPISGSFAGFGLPELLASTSLGHIVGSGAILGL
SYVGVLS
;
K
12 'polypeptide(L)'
;LTIAFSLTMRTSVLILAGVAVAQAFSPAVVSTGGLTSVRMAQAPPPASGKPLPKAKINCLEVNKKQWGIEGGAAAPGSAA
PPAPKKAAVKKAAAAAGGAAVGFSGVPSQFGRPESGVYPAEPSEQTFLGMRGPRAPGHRENFGGKHTATMLAIAALLWQP
VSEAGMYRMQGDGSLTKTSFNEFEVPGFGNAKKVPTIESLFPFSSKGFDASPVLFGKNSMIVVEDPRDGCGAYANSGSCH
TFLDEIGDALKASPETLPRSEGKATYSFPWMYEHVRGRSRLAVSQLGATQSLSLWVSPVRVW
;
s
13 'polypeptide(L)'
;MLRTALIAACVASASAFAPGFAPMAMKSRSSAVSSMRMQEGDFSAAVPFLKRPTNLDGQYIGDVGFDPLGFSDVFDLRVL
REAELKHGRFAMLATLGFIVQELYTFPFFPKMAPVDAHDYFVKQGGGSQIIFWISFVELFGVVALFETLQGKREPGDFAF
DPLGLAKDEATLERYRLAEVKHARLAMIAIGGFIHQYWVTKQTVLEQLGNFKSLA
;
c
14 'polypeptide(L)'
;MMRAVLVLATGVASASAFAPAANFAGLSTSSRAAIARGPRMQEMSEAIPFLPKPANIDASMPGYSGFDPLGFSDYYNVKW
MQEAEIKHGRICMLAALGMMFPEFGTLPQFSSFSTNPLEAFYQVGPAGWGQILLFIGVLESFSYEKVFYGDSAPGDLGFD
PLRMSSNAASAKHYARAEVMNGRLAMIGFSGMLHHAILTKQGPITQIVEQNFVPGAR
;
a
15 'polypeptide(L)'
;MLRNVLIAACVAGTAAFTASPALFRAGAVTRATSGISGMQMQAKSKAVPFLSQPEALDGSMAGDVGFDPFGFSSNFDLKW
LREAELKHGRICMLAATGCLVQEVVHLPGEAFSQKMALNAWAAAPRGGMISILVAIGLIELISNRFALTATDMFANPNRV
PGDLGFDPLSLGGNGANRARMELAEITHGRAAMMGFSGMVHQMLVSKQAPIEQLMHFKAVDSSMMKLGGAAGNLGY
;
b
16 'polypeptide(L)'
;SMLRSAVALALVAGATAFAPGAMGPGLQLRAQGAAQRAPARAGLSSLSMAQNPMSKAVADFAESSPEFGGRGLGVTVNAE
RWNGRHAMFGIFAMVMTSYMKGHGLIPDADKILDVAQWGSLASVWDGAGNGISNERAIILIAHVHVLVVSVIAAVAPFGF
QDTLVKEKGYTPEAPAGLIPPFKTGLTPEAELINGRLAMLGIISIVTASVFTGTPVVDTINLGMGKILY
;
h
17 'polypeptide(L)'
;TVAAVACVASAAAFAPSAPMGVKASTRAVSKIGPRMQAMSDSVPFLKQPEALDGSMAGDVGFDPLGFSSIGDINFLREAE
LKHGRIAMLAAAGSIAQDIFTFPGVSKVVGTAKMTGVHDILVKQGAMGQLLLWLSFLEVFGTIALLETLDGKRAPGDFKF
DPLNFSKNPETFKRYQLAEIKNGRLAMMGVGGMVHGYFITGKGPLELLGNFK
;
m,j
18 'polypeptide(L)'
;DNAMPFLEGPPKLDGSLAGDVGFDPVGFSNYFDIRWLREAELKHGRVCMLGVTGLLVQEAICLPQFANGKTPVDDFFVVP
AAGLWQVFFTIGAVEFFSNGFKLTPGDMFSEGREAGDLGFDPLGCGKNPDALARRRLVEVKNGRLAMIAFGGMLHQQLLT
GQGTLEQLANFKAIN
;
l
19 'polypeptide(L)'
;AASAFAPAALPSMARTTARSGVTMQLYKDGVMQGKGLVAVPFALAPDSLPADIPGYVGFDPLGLSTLCNLDFLREAEIKH
GRVAMLAVTGSLVQDVFQFPGVDKVIGNAKMIGAHDKFIAGAHAGDTRSFAMHQIIFWVGLLEVLTMPALFETMNGGPRQ
PGDFKFDPLGLGKGDKLARKQLTEIKNGRLAMIGVGGMVHHYLLTGKGPLQFLAGIPNYKSCIDPHMGPLCQ
;
k
20 'polypeptide(L)'
;LLQGSGRTAAVSGLSGMKMQDMSASVPFLPRPAALDGSMVGDVGFDPLGFTTKYDIKWLREAELKHGRVCMLASLGCIVQ
EFVHLPSEATSNPVASEAFFQVPAGGLWQIFAAIGIIEHFSNNFKMSGSTMFSDGRAPGDLSFDPLNFGKNPSARARYEL
AEIKNGRLAMMGFSGMIHGCFITGKGPLGALGSLDWHQSF
;
i
21 'polypeptide(L)'
;LPPAMFRLSLCAAIVASASAFAPSSVLPTATRRAGAVSAMKMQMPVAIPPLGRPETDMFDGSVPGDAGFDPLVISGWLDS
RWLREAEVKHGRVAMLAAAGCIAQDLFTFPGVTQVFSPGTKMSALHDAAVKAGSMQQMLWPIAILETISIAATIQMLQGS
GRAPGDFGFDPLGLGKGAKAERMALCEIKNGRLAMIGFSGMMHHYFITGKGPIELLTSR
;
d
22 'polypeptide(L)'
;SFAMAALRCTVLLLAVASASAFVSGPATLALRSNPRAAISRGPQMYSPVPSPEGTKEVYWETKAPSSDVLGIGAGVSSGN
FAASSVVALMIGGFCTGQVIPLTSDPNPLFLIGSFLLPYSWALHVAAWIQKNNGK
;
R
23 'polypeptide(L)'
;LRSVAVCACLASAAAFAPSAVLPRAATRAAALRGPSMQLYKDGKMQGKGVNIIPVFARPDSLDGTIPGDQGFDPFGFSSW
VNMKFVSEAEIKHGRLAMLAFAGIMVESIGISFPGATSILGDSKDIFEIHNKAVESGAMGQILLWVGFIEACVGVPAMNE
MLSGETSRMPGDFGFDPLGLGKGDKLARKQLVEVTNGRLAMLAVSGIVHHTIITGKGPLQ
;
n
24 'polypeptide(L)'
;YVALAAASAEAFSSPALSGLKMSAEPTQISRKDLLSTAAAGIIAVPAIAGAASLDPKTGFPVQSGGRDTLCGGSASAGCQ
PMTQAASITDKQKTVLAGKITVAANKVPVLTAAVEKMKSGKKPKMDRDYVLRFSALYLTTLVDAMDQYCLRDANGAKAAG
GAGIPKVGGFKSTLAPSSASALYGNVDSIKEDMQTIRDAAFKGDFDGVIKAAGDIQTSATAFLGQANPPIVFN
;
Q
#
loop_
_chem_comp.id
_chem_comp.type
_chem_comp.name
_chem_comp.formula
CL0 non-polymer 'CHLOROPHYLL A ISOMER' 'C55 H72 Mg N4 O5 2'
CLA non-polymer 'CHLOROPHYLL A' 'C55 H72 Mg N4 O5'
DGD saccharide 'DIGALACTOSYL DIACYL GLYCEROL (DGDG)' 'C51 H96 O15'
IHT non-polymer (1~{R})-3,5,5-trimethyl-4-[(3~{E},5~{E},7~{E},9~{E},11~{E},13~{E},15~{E},17~{E})-3,7,12,16-tetramethyl-18-(2,6,6-trimethylcyclohexen-1-yl)octadeca-3,5,7,9,11,13,15,17-octaen-1-ynyl]cyclohex-3-en-1-ol 'C40 H54 O'
II0 non-polymer (1~{R})-3,5,5-trimethyl-4-[(3~{E},5~{E},7~{E},9~{E},11~{E},13~{E},15~{E})-3,7,12,16-tetramethyl-18-[(4~{R})-2,6,6-trimethyl-4-oxidanyl-cyclohexen-1-yl]octadeca-3,5,7,9,11,13,15-heptaen-1,17-diynyl]cyclohex-3-en-1-ol 'C40 H52 O2'
KC2 non-polymer 'Chlorophyll c2' 'C35 H28 Mg N4 O5'
LHG non-polymer 1,2-DIPALMITOYL-PHOSPHATIDYL-GLYCEROLE 'C38 H75 O10 P'
LMG non-polymer 1,2-DISTEAROYL-MONOGALACTOSYL-DIGLYCERIDE 'C45 H86 O10'
LMU D-saccharide DODECYL-ALPHA-D-MALTOSIDE 'C24 H46 O11'
PQN non-polymer PHYLLOQUINONE 'C31 H46 O2'
SF4 non-polymer 'IRON/SULFUR CLUSTER' 'Fe4 S4'
SQD non-polymer 1,2-DI-O-ACYL-3-O-[6-DEOXY-6-SULFO-ALPHA-D-GLUCOPYRANOSYL]-SN-GLYCEROL 'C41 H78 O12 S'
WVN non-polymer 1,3,3-trimethyl-2-[(1E,3E,5E,7E,9E,11E,13E,15E,17E)-3,7,12,16-tetramethyl-18-[(1R)-2,6,6-trimethylcyclohex-2-en-1-yl]octadeca-1,3,5,7,9,11,13,15,17-nonaenyl]cyclohexene 'C40 H56'
#
# COMPACT_ATOMS: atom_id res chain seq x y z
N LYS A 11 22.18 -27.94 59.32
CA LYS A 11 21.76 -26.72 60.00
C LYS A 11 20.60 -26.07 59.24
N LYS A 12 20.02 -25.02 59.83
CA LYS A 12 18.84 -24.40 59.24
C LYS A 12 19.14 -23.74 57.90
N VAL A 13 20.26 -23.03 57.79
CA VAL A 13 20.75 -22.53 56.52
C VAL A 13 21.76 -23.54 56.00
N SER A 14 21.42 -24.24 54.93
CA SER A 14 22.27 -25.30 54.40
C SER A 14 22.15 -25.32 52.88
N ILE A 15 22.96 -26.16 52.26
CA ILE A 15 22.97 -26.34 50.82
C ILE A 15 22.28 -27.66 50.49
N THR A 16 21.14 -27.58 49.80
CA THR A 16 20.44 -28.74 49.32
C THR A 16 20.29 -28.63 47.81
N VAL A 17 20.69 -29.67 47.08
CA VAL A 17 20.72 -29.67 45.63
C VAL A 17 20.26 -31.03 45.12
N ASP A 18 19.50 -31.03 44.04
CA ASP A 18 19.16 -32.23 43.31
C ASP A 18 20.09 -32.37 42.12
N ARG A 19 20.61 -33.57 41.91
CA ARG A 19 21.62 -33.84 40.90
C ARG A 19 20.97 -34.42 39.65
N ASP A 20 21.33 -33.86 38.49
CA ASP A 20 20.76 -34.22 37.20
C ASP A 20 19.23 -34.24 37.15
N PRO A 21 18.54 -33.11 37.46
CA PRO A 21 17.08 -33.14 37.47
C PRO A 21 16.47 -33.11 36.07
N VAL A 22 17.13 -32.43 35.14
CA VAL A 22 16.70 -32.32 33.76
C VAL A 22 17.85 -32.78 32.88
N ALA A 23 17.59 -33.80 32.05
CA ALA A 23 18.62 -34.29 31.13
C ALA A 23 18.87 -33.27 30.03
N THR A 24 20.14 -33.09 29.68
CA THR A 24 20.52 -32.15 28.63
C THR A 24 20.27 -32.80 27.28
N SER A 25 19.26 -32.31 26.56
CA SER A 25 18.86 -32.93 25.31
C SER A 25 18.30 -31.87 24.37
N PHE A 26 18.34 -32.17 23.07
CA PHE A 26 17.83 -31.30 22.03
C PHE A 26 16.40 -31.66 21.61
N GLU A 27 15.76 -32.59 22.30
CA GLU A 27 14.44 -33.08 21.90
C GLU A 27 13.38 -31.98 22.02
N LYS A 28 13.30 -31.34 23.20
CA LYS A 28 12.33 -30.26 23.39
C LYS A 28 12.68 -29.01 22.59
N TRP A 29 13.91 -28.88 22.10
CA TRP A 29 14.23 -27.79 21.17
C TRP A 29 13.44 -27.90 19.88
N ALA A 30 13.09 -29.12 19.48
CA ALA A 30 12.32 -29.38 18.27
C ALA A 30 10.82 -29.39 18.52
N GLN A 31 10.37 -29.12 19.75
CA GLN A 31 8.96 -29.18 20.11
C GLN A 31 8.57 -27.84 20.73
N PRO A 32 8.23 -26.85 19.89
CA PRO A 32 7.81 -25.54 20.42
C PRO A 32 6.50 -25.64 21.20
N GLY A 33 6.47 -25.00 22.35
CA GLY A 33 5.32 -25.08 23.24
C GLY A 33 5.34 -26.24 24.20
N HIS A 34 6.50 -26.89 24.39
CA HIS A 34 6.61 -28.03 25.31
C HIS A 34 6.34 -27.64 26.75
N PHE A 35 6.61 -26.38 27.12
CA PHE A 35 6.45 -25.94 28.50
C PHE A 35 4.99 -25.81 28.91
N SER A 36 4.08 -25.69 27.94
CA SER A 36 2.66 -25.47 28.20
C SER A 36 1.86 -26.65 27.67
N ARG A 37 0.99 -27.21 28.52
CA ARG A 37 0.15 -28.32 28.11
C ARG A 37 -0.83 -27.91 27.01
N THR A 38 -1.33 -26.68 27.05
CA THR A 38 -2.18 -26.16 25.99
C THR A 38 -1.40 -26.02 24.67
N LEU A 39 -0.16 -25.55 24.75
CA LEU A 39 0.62 -25.26 23.55
C LEU A 39 1.34 -26.48 22.99
N ALA A 40 1.55 -27.53 23.80
CA ALA A 40 2.26 -28.71 23.34
C ALA A 40 1.46 -29.54 22.34
N LYS A 41 0.14 -29.33 22.25
CA LYS A 41 -0.67 -30.02 21.26
C LYS A 41 -0.35 -29.57 19.84
N GLY A 42 0.23 -28.38 19.67
CA GLY A 42 0.59 -27.88 18.37
C GLY A 42 -0.37 -26.82 17.87
N PRO A 43 0.07 -26.06 16.87
CA PRO A 43 -0.77 -24.97 16.37
C PRO A 43 -1.97 -25.46 15.59
N LYS A 44 -3.06 -24.68 15.67
CA LYS A 44 -4.18 -24.82 14.76
C LYS A 44 -4.48 -23.46 14.13
N THR A 45 -4.18 -22.39 14.87
CA THR A 45 -4.33 -21.02 14.41
C THR A 45 -3.02 -20.28 14.59
N THR A 46 -2.91 -19.12 13.93
CA THR A 46 -1.74 -18.25 14.11
C THR A 46 -1.66 -17.65 15.50
N THR A 47 -2.78 -17.60 16.23
CA THR A 47 -2.80 -17.17 17.63
C THR A 47 -1.84 -17.99 18.48
N TRP A 48 -1.76 -19.30 18.21
CA TRP A 48 -0.82 -20.21 18.90
C TRP A 48 0.62 -19.69 18.93
N ILE A 49 1.13 -19.22 17.79
CA ILE A 49 2.49 -18.70 17.70
C ILE A 49 2.71 -17.54 18.67
N TRP A 50 1.78 -16.57 18.66
CA TRP A 50 1.87 -15.42 19.56
C TRP A 50 1.76 -15.84 21.01
N ASN A 51 0.86 -16.78 21.32
CA ASN A 51 0.77 -17.32 22.67
C ASN A 51 2.06 -18.02 23.08
N LEU A 52 2.73 -18.69 22.13
CA LEU A 52 3.99 -19.37 22.40
C LEU A 52 5.09 -18.37 22.75
N HIS A 53 5.16 -17.25 22.04
CA HIS A 53 6.19 -16.27 22.36
C HIS A 53 5.79 -15.30 23.47
N ALA A 54 4.52 -15.26 23.87
CA ALA A 54 4.09 -14.32 24.89
C ALA A 54 4.15 -14.85 26.32
N ASP A 55 3.97 -16.15 26.52
CA ASP A 55 3.85 -16.73 27.85
C ASP A 55 5.01 -17.63 28.21
N VAL A 56 6.11 -17.59 27.44
CA VAL A 56 7.13 -18.62 27.52
C VAL A 56 7.93 -18.54 28.82
N HIS A 57 8.24 -17.35 29.28
CA HIS A 57 9.04 -17.18 30.48
C HIS A 57 8.18 -16.87 31.69
N ASP A 58 6.85 -16.96 31.52
CA ASP A 58 5.87 -16.92 32.59
C ASP A 58 5.81 -18.29 33.25
N PHE A 59 6.82 -18.56 34.09
CA PHE A 59 7.07 -19.90 34.61
C PHE A 59 5.96 -20.38 35.53
N ASP A 60 5.36 -19.48 36.31
CA ASP A 60 4.35 -19.88 37.29
C ASP A 60 3.05 -20.35 36.65
N SER A 61 2.80 -20.03 35.39
CA SER A 61 1.59 -20.50 34.72
C SER A 61 1.77 -21.86 34.07
N HIS A 62 2.98 -22.41 34.03
CA HIS A 62 3.21 -23.72 33.44
C HIS A 62 3.16 -24.86 34.44
N THR A 63 3.47 -24.59 35.71
CA THR A 63 3.56 -25.61 36.75
C THR A 63 3.25 -24.95 38.09
N ASN A 64 2.84 -25.78 39.06
CA ASN A 64 2.54 -25.32 40.41
C ASN A 64 3.70 -25.53 41.39
N SER A 65 4.77 -26.18 40.98
CA SER A 65 5.89 -26.44 41.89
C SER A 65 6.77 -25.19 41.96
N LEU A 66 6.89 -24.61 43.16
CA LEU A 66 7.69 -23.41 43.35
C LEU A 66 9.18 -23.67 43.13
N GLU A 67 9.63 -24.89 43.41
CA GLU A 67 11.05 -25.23 43.30
C GLU A 67 11.54 -25.14 41.85
N ASP A 68 10.78 -25.73 40.93
CA ASP A 68 11.16 -25.70 39.52
C ASP A 68 11.13 -24.27 38.97
N ILE A 69 10.12 -23.48 39.39
CA ILE A 69 10.03 -22.08 39.00
C ILE A 69 11.25 -21.30 39.48
N SER A 70 11.66 -21.52 40.74
CA SER A 70 12.81 -20.82 41.29
C SER A 70 14.11 -21.22 40.57
N ARG A 71 14.24 -22.51 40.22
CA ARG A 71 15.42 -22.97 39.49
C ARG A 71 15.48 -22.34 38.10
N LYS A 72 14.33 -22.27 37.41
CA LYS A 72 14.25 -21.61 36.12
C LYS A 72 14.61 -20.14 36.23
N ILE A 73 14.14 -19.47 37.30
CA ILE A 73 14.42 -18.06 37.51
C ILE A 73 15.91 -17.83 37.73
N PHE A 74 16.54 -18.68 38.55
CA PHE A 74 17.96 -18.58 38.84
C PHE A 74 18.80 -18.75 37.58
N SER A 75 18.46 -19.75 36.76
CA SER A 75 19.23 -19.99 35.55
C SER A 75 18.96 -18.95 34.46
N ALA A 76 17.74 -18.41 34.39
CA ALA A 76 17.48 -17.31 33.47
C ALA A 76 18.22 -16.05 33.87
N HIS A 77 18.38 -15.83 35.18
CA HIS A 77 19.19 -14.72 35.67
C HIS A 77 20.65 -14.92 35.30
N PHE A 78 21.14 -16.17 35.37
CA PHE A 78 22.48 -16.47 34.88
C PHE A 78 22.62 -16.20 33.38
N GLY A 79 21.61 -16.56 32.60
CA GLY A 79 21.65 -16.27 31.17
C GLY A 79 21.68 -14.77 30.86
N GLN A 80 20.89 -14.00 31.59
CA GLN A 80 20.93 -12.54 31.44
C GLN A 80 22.29 -11.98 31.83
N LEU A 81 22.89 -12.49 32.92
CA LEU A 81 24.23 -12.05 33.32
C LEU A 81 25.27 -12.41 32.25
N SER A 82 25.12 -13.57 31.61
CA SER A 82 26.00 -13.94 30.50
C SER A 82 25.86 -12.97 29.33
N ILE A 83 24.62 -12.59 29.02
CA ILE A 83 24.38 -11.64 27.93
C ILE A 83 24.98 -10.26 28.27
N ILE A 84 24.82 -9.82 29.52
CA ILE A 84 25.38 -8.54 29.96
C ILE A 84 26.91 -8.55 29.90
N PHE A 85 27.53 -9.68 30.28
CA PHE A 85 28.98 -9.77 30.19
C PHE A 85 29.45 -9.81 28.74
N LEU A 86 28.70 -10.48 27.87
CA LEU A 86 29.03 -10.47 26.44
C LEU A 86 28.92 -9.06 25.86
N TRP A 87 27.89 -8.31 26.26
CA TRP A 87 27.75 -6.91 25.84
C TRP A 87 28.91 -6.05 26.33
N LEU A 88 29.30 -6.20 27.59
CA LEU A 88 30.44 -5.45 28.12
C LEU A 88 31.74 -5.80 27.42
N SER A 89 31.98 -7.10 27.17
CA SER A 89 33.16 -7.53 26.43
C SER A 89 33.15 -6.98 25.01
N GLY A 90 31.97 -6.91 24.39
CA GLY A 90 31.85 -6.29 23.09
C GLY A 90 32.19 -4.82 23.11
N MET A 91 31.76 -4.11 24.14
CA MET A 91 32.05 -2.69 24.24
C MET A 91 33.54 -2.45 24.44
N TYR A 92 34.17 -3.29 25.27
CA TYR A 92 35.62 -3.19 25.46
C TYR A 92 36.40 -3.51 24.18
N PHE A 93 35.98 -4.55 23.44
CA PHE A 93 36.68 -4.92 22.21
C PHE A 93 36.52 -3.85 21.13
N HIS A 94 35.30 -3.34 20.96
CA HIS A 94 35.07 -2.31 19.96
C HIS A 94 35.74 -0.98 20.36
N GLY A 95 35.89 -0.73 21.65
CA GLY A 95 36.76 0.34 22.11
C GLY A 95 38.23 0.09 21.81
N ALA A 96 38.65 -1.17 21.87
CA ALA A 96 40.06 -1.50 21.67
C ALA A 96 40.46 -1.38 20.21
N ARG A 97 39.62 -1.86 19.30
CA ARG A 97 40.01 -2.03 17.90
C ARG A 97 39.43 -0.97 16.98
N PHE A 98 38.22 -0.49 17.23
CA PHE A 98 37.53 0.42 16.33
C PHE A 98 37.27 1.78 16.97
N SER A 99 38.23 2.31 17.72
CA SER A 99 38.02 3.58 18.40
C SER A 99 39.26 4.46 18.33
N ASN A 100 39.07 5.72 18.68
CA ASN A 100 40.09 6.77 18.68
C ASN A 100 40.55 7.11 20.10
N TYR A 101 40.62 6.08 20.96
CA TYR A 101 40.71 6.29 22.41
C TYR A 101 42.04 6.90 22.83
N SER A 102 43.15 6.56 22.15
CA SER A 102 44.44 7.17 22.47
C SER A 102 44.46 8.65 22.09
N ALA A 103 43.92 8.99 20.92
CA ALA A 103 43.83 10.38 20.51
C ALA A 103 42.92 11.18 21.43
N TRP A 104 41.83 10.56 21.89
CA TRP A 104 40.98 11.21 22.90
C TRP A 104 41.72 11.38 24.22
N LEU A 105 42.56 10.41 24.59
CA LEU A 105 43.37 10.54 25.80
C LEU A 105 44.39 11.67 25.69
N SER A 106 44.92 11.91 24.48
CA SER A 106 45.87 13.00 24.33
C SER A 106 45.18 14.35 24.35
N ASN A 107 44.01 14.46 23.71
CA ASN A 107 43.27 15.72 23.61
C ASN A 107 41.80 15.49 23.92
N PRO A 108 41.44 15.47 25.21
CA PRO A 108 40.03 15.23 25.55
C PRO A 108 39.08 16.35 25.17
N THR A 109 39.56 17.60 25.14
CA THR A 109 38.67 18.74 24.91
C THR A 109 38.38 18.99 23.43
N ALA A 110 39.04 18.28 22.50
CA ALA A 110 38.86 18.55 21.09
C ALA A 110 38.60 17.32 20.24
N VAL A 111 38.62 16.11 20.82
CA VAL A 111 38.44 14.88 20.08
C VAL A 111 37.10 14.28 20.49
N LYS A 112 36.21 14.13 19.52
CA LYS A 112 34.91 13.52 19.79
C LYS A 112 35.08 12.02 19.96
N PRO A 113 34.56 11.43 21.05
CA PRO A 113 34.63 9.97 21.20
C PRO A 113 33.85 9.25 20.12
N SER A 114 34.45 8.18 19.59
CA SER A 114 33.83 7.40 18.52
C SER A 114 34.35 5.98 18.61
N ALA A 115 33.45 5.01 18.74
CA ALA A 115 33.81 3.61 18.87
C ALA A 115 32.98 2.72 17.95
N GLN A 116 32.42 3.27 16.87
CA GLN A 116 31.69 2.48 15.88
C GLN A 116 32.13 2.95 14.50
N VAL A 117 32.56 2.00 13.67
CA VAL A 117 32.97 2.25 12.29
C VAL A 117 32.08 1.42 11.38
N VAL A 118 31.55 2.04 10.33
CA VAL A 118 30.67 1.35 9.41
C VAL A 118 31.48 0.90 8.19
N TRP A 119 30.98 -0.13 7.53
CA TRP A 119 31.56 -0.50 6.25
C TRP A 119 30.98 0.37 5.14
N PRO A 120 31.76 0.65 4.09
CA PRO A 120 31.19 1.33 2.92
C PRO A 120 30.44 0.33 2.03
N ILE A 121 29.11 0.45 2.01
CA ILE A 121 28.33 -0.41 1.13
C ILE A 121 27.48 0.36 0.12
N VAL A 122 26.58 1.23 0.60
CA VAL A 122 25.60 1.89 -0.25
C VAL A 122 25.69 3.39 -0.07
N GLY A 123 26.86 3.89 0.31
CA GLY A 123 27.02 5.28 0.67
C GLY A 123 26.88 5.57 2.14
N GLN A 124 26.68 4.56 2.98
CA GLN A 124 26.59 4.75 4.42
C GLN A 124 27.94 5.06 5.08
N GLU A 125 29.05 4.96 4.33
CA GLU A 125 30.35 5.41 4.84
C GLU A 125 30.41 6.91 5.12
N ILE A 126 29.44 7.69 4.62
CA ILE A 126 29.28 9.09 5.01
C ILE A 126 29.01 9.22 6.50
N LEU A 127 28.49 8.17 7.16
CA LEU A 127 28.27 8.21 8.59
C LEU A 127 29.57 8.13 9.39
N ASN A 128 30.69 7.78 8.76
CA ASN A 128 32.00 7.83 9.42
C ASN A 128 32.49 9.27 9.39
N GLY A 129 31.98 10.05 10.35
CA GLY A 129 32.27 11.47 10.37
C GLY A 129 33.65 11.79 10.91
N ASP A 130 34.08 13.02 10.62
CA ASP A 130 35.37 13.53 11.09
C ASP A 130 35.24 13.84 12.58
N VAL A 131 35.64 12.89 13.42
CA VAL A 131 35.51 13.03 14.86
C VAL A 131 36.79 13.52 15.52
N GLY A 132 37.82 13.82 14.73
CA GLY A 132 39.08 14.30 15.25
C GLY A 132 40.05 13.17 15.60
N GLY A 133 41.30 13.57 15.81
CA GLY A 133 42.34 12.60 16.09
C GLY A 133 42.75 11.75 14.93
N GLY A 134 42.52 12.21 13.70
CA GLY A 134 42.81 11.41 12.52
C GLY A 134 41.98 10.17 12.37
N PHE A 135 40.72 10.21 12.82
CA PHE A 135 39.86 9.04 12.85
C PHE A 135 38.50 9.38 12.27
N GLN A 136 37.90 8.38 11.62
CA GLN A 136 36.56 8.50 11.06
C GLN A 136 35.68 7.38 11.61
N GLY A 137 34.53 7.75 12.16
CA GLY A 137 33.62 6.76 12.71
C GLY A 137 32.36 7.43 13.20
N VAL A 138 31.49 6.61 13.78
CA VAL A 138 30.24 7.09 14.35
C VAL A 138 30.52 7.54 15.77
N GLN A 139 30.12 8.78 16.09
CA GLN A 139 30.36 9.34 17.41
C GLN A 139 29.49 8.62 18.45
N VAL A 140 30.11 8.23 19.56
CA VAL A 140 29.43 7.46 20.60
C VAL A 140 29.21 8.36 21.81
N THR A 141 28.09 8.14 22.49
CA THR A 141 27.70 8.97 23.64
C THR A 141 27.43 8.14 24.89
N SER A 142 27.90 6.88 24.92
CA SER A 142 27.66 6.03 26.08
C SER A 142 28.56 6.37 27.25
N GLY A 143 29.63 7.13 27.03
CA GLY A 143 30.48 7.55 28.12
C GLY A 143 31.54 6.57 28.52
N PHE A 144 31.84 5.60 27.66
CA PHE A 144 32.82 4.57 28.00
C PHE A 144 34.24 5.13 28.06
N PHE A 145 34.55 6.12 27.23
CA PHE A 145 35.88 6.74 27.21
C PHE A 145 36.22 7.38 28.55
N GLN A 146 35.25 8.09 29.13
CA GLN A 146 35.45 8.74 30.43
C GLN A 146 35.58 7.72 31.56
N ILE A 147 34.81 6.63 31.47
CA ILE A 147 34.93 5.55 32.45
C ILE A 147 36.32 4.91 32.39
N TRP A 148 36.82 4.66 31.17
CA TRP A 148 38.14 4.04 31.03
C TRP A 148 39.25 4.99 31.47
N ARG A 149 39.09 6.29 31.22
CA ARG A 149 40.04 7.27 31.74
C ARG A 149 40.01 7.32 33.26
N ALA A 150 38.82 7.22 33.85
CA ALA A 150 38.70 7.19 35.30
C ALA A 150 39.30 5.92 35.90
N SER A 151 39.22 4.80 35.18
CA SER A 151 39.76 3.54 35.66
C SER A 151 41.28 3.44 35.47
N GLY A 152 41.88 4.37 34.76
CA GLY A 152 43.32 4.34 34.51
C GLY A 152 43.74 3.56 33.29
N ILE A 153 42.83 3.25 32.39
CA ILE A 153 43.17 2.53 31.16
C ILE A 153 43.82 3.52 30.20
N THR A 154 45.10 3.30 29.88
CA THR A 154 45.85 4.21 29.03
C THR A 154 46.17 3.64 27.65
N SER A 155 45.94 2.34 27.42
CA SER A 155 46.24 1.73 26.15
C SER A 155 45.07 0.86 25.69
N GLU A 156 45.09 0.49 24.41
CA GLU A 156 44.07 -0.39 23.86
C GLU A 156 44.36 -1.86 24.18
N VAL A 157 45.59 -2.19 24.56
CA VAL A 157 45.92 -3.54 24.99
C VAL A 157 45.13 -3.89 26.25
N GLU A 158 45.05 -2.95 27.20
CA GLU A 158 44.26 -3.17 28.41
C GLU A 158 42.78 -3.33 28.08
N LEU A 159 42.30 -2.60 27.06
CA LEU A 159 40.92 -2.79 26.62
C LEU A 159 40.71 -4.16 25.98
N TYR A 160 41.71 -4.66 25.23
CA TYR A 160 41.65 -6.01 24.69
C TYR A 160 41.57 -7.05 25.80
N TRP A 161 42.37 -6.87 26.85
CA TRP A 161 42.36 -7.78 27.99
C TRP A 161 41.04 -7.69 28.76
N CYS A 162 40.46 -6.48 28.85
CA CYS A 162 39.14 -6.32 29.45
C CYS A 162 38.08 -7.05 28.65
N ALA A 163 38.16 -6.98 27.32
CA ALA A 163 37.23 -7.71 26.46
C ALA A 163 37.38 -9.22 26.64
N LEU A 164 38.62 -9.70 26.73
CA LEU A 164 38.85 -11.12 26.97
C LEU A 164 38.29 -11.56 28.32
N ALA A 165 38.47 -10.72 29.36
CA ALA A 165 37.90 -11.01 30.68
C ALA A 165 36.38 -11.04 30.64
N GLY A 166 35.78 -10.10 29.90
CA GLY A 166 34.33 -10.10 29.73
C GLY A 166 33.81 -11.33 29.01
N LEU A 167 34.53 -11.77 27.97
CA LEU A 167 34.15 -12.99 27.26
C LEU A 167 34.27 -14.22 28.14
N LEU A 168 35.33 -14.29 28.95
CA LEU A 168 35.51 -15.40 29.89
C LEU A 168 34.43 -15.39 30.95
N MET A 169 34.03 -14.21 31.43
CA MET A 169 32.97 -14.15 32.43
C MET A 169 31.60 -14.47 31.83
N SER A 170 31.37 -14.12 30.55
CA SER A 170 30.15 -14.53 29.86
C SER A 170 30.08 -16.05 29.72
N GLY A 171 31.19 -16.66 29.33
CA GLY A 171 31.24 -18.12 29.27
C GLY A 171 31.05 -18.78 30.62
N LEU A 172 31.66 -18.20 31.66
CA LEU A 172 31.48 -18.71 33.02
C LEU A 172 30.04 -18.60 33.47
N MET A 173 29.36 -17.48 33.16
CA MET A 173 27.96 -17.33 33.54
C MET A 173 27.05 -18.31 32.80
N ILE A 174 27.27 -18.50 31.49
CA ILE A 174 26.42 -19.43 30.75
C ILE A 174 26.69 -20.89 31.18
N PHE A 175 27.94 -21.22 31.51
CA PHE A 175 28.25 -22.54 32.07
C PHE A 175 27.61 -22.72 33.43
N ALA A 176 27.63 -21.67 34.26
CA ALA A 176 27.00 -21.73 35.57
C ALA A 176 25.49 -21.90 35.45
N GLY A 177 24.89 -21.26 34.45
CA GLY A 177 23.48 -21.47 34.21
C GLY A 177 23.16 -22.91 33.82
N TRP A 178 23.95 -23.47 32.90
CA TRP A 178 23.73 -24.86 32.50
C TRP A 178 23.96 -25.82 33.66
N PHE A 179 24.99 -25.57 34.47
CA PHE A 179 25.27 -26.44 35.62
C PHE A 179 24.18 -26.32 36.69
N HIS A 180 23.76 -25.09 36.99
CA HIS A 180 22.85 -24.87 38.10
C HIS A 180 21.38 -25.05 37.71
N TYR A 181 21.07 -25.28 36.43
CA TYR A 181 19.76 -25.85 36.08
C TYR A 181 19.80 -27.33 35.77
N HIS A 182 20.73 -27.74 34.91
CA HIS A 182 20.64 -29.01 34.23
C HIS A 182 21.42 -30.12 34.94
N LYS A 183 22.38 -29.75 35.79
CA LYS A 183 23.23 -30.71 36.48
C LYS A 183 23.02 -30.71 37.99
N ALA A 184 23.02 -29.53 38.63
CA ALA A 184 22.85 -29.44 40.09
C ALA A 184 21.90 -28.28 40.39
N ALA A 185 20.62 -28.60 40.51
CA ALA A 185 19.60 -27.57 40.74
C ALA A 185 19.31 -27.43 42.22
N PRO A 186 19.41 -26.23 42.80
CA PRO A 186 19.14 -26.06 44.23
C PRO A 186 17.68 -26.30 44.57
N LYS A 187 17.45 -26.80 45.78
CA LYS A 187 16.10 -27.07 46.26
C LYS A 187 15.40 -25.78 46.69
N LEU A 188 14.10 -25.91 46.97
CA LEU A 188 13.29 -24.76 47.38
C LEU A 188 13.73 -24.21 48.73
N GLU A 189 14.21 -25.07 49.63
CA GLU A 189 14.71 -24.61 50.92
C GLU A 189 15.97 -23.76 50.77
N TRP A 190 16.78 -24.03 49.74
CA TRP A 190 17.95 -23.20 49.49
C TRP A 190 17.55 -21.80 49.05
N PHE A 191 16.55 -21.69 48.17
CA PHE A 191 16.10 -20.38 47.72
C PHE A 191 15.39 -19.61 48.82
N GLN A 192 14.67 -20.29 49.71
CA GLN A 192 13.95 -19.61 50.79
C GLN A 192 14.84 -19.36 52.00
N ASN A 193 15.97 -18.68 51.78
CA ASN A 193 16.78 -18.12 52.87
C ASN A 193 16.97 -16.65 52.56
N ALA A 194 16.03 -15.82 53.03
CA ALA A 194 16.13 -14.38 52.80
C ALA A 194 17.24 -13.76 53.64
N GLU A 195 17.40 -14.23 54.88
CA GLU A 195 18.37 -13.66 55.80
C GLU A 195 19.79 -13.91 55.33
N SER A 196 20.08 -15.15 54.91
CA SER A 196 21.40 -15.49 54.39
C SER A 196 21.70 -14.77 53.09
N MET A 197 20.70 -14.68 52.20
CA MET A 197 20.88 -13.98 50.93
C MET A 197 21.16 -12.51 51.14
N LEU A 198 20.45 -11.86 52.07
CA LEU A 198 20.71 -10.46 52.37
C LEU A 198 22.08 -10.26 53.02
N ASN A 199 22.46 -11.14 53.95
CA ASN A 199 23.78 -11.04 54.58
C ASN A 199 24.91 -11.17 53.56
N HIS A 200 24.83 -12.19 52.69
CA HIS A 200 25.87 -12.41 51.70
C HIS A 200 25.88 -11.33 50.63
N HIS A 201 24.71 -10.88 50.18
CA HIS A 201 24.64 -9.87 49.13
C HIS A 201 24.93 -8.46 49.64
N LEU A 202 24.72 -8.19 50.93
CA LEU A 202 25.10 -6.91 51.51
C LEU A 202 26.58 -6.85 51.83
N SER A 203 27.11 -7.91 52.44
CA SER A 203 28.50 -7.87 52.87
C SER A 203 29.47 -8.31 51.78
N GLY A 204 29.09 -9.30 50.98
CA GLY A 204 29.99 -9.84 49.97
C GLY A 204 29.85 -9.22 48.60
N LEU A 205 28.62 -9.04 48.14
CA LEU A 205 28.39 -8.48 46.82
C LEU A 205 28.61 -6.96 46.82
N LEU A 206 27.88 -6.24 47.68
CA LEU A 206 28.05 -4.79 47.71
C LEU A 206 29.26 -4.37 48.52
N GLY A 207 29.48 -5.00 49.68
CA GLY A 207 30.56 -4.60 50.57
C GLY A 207 31.95 -4.91 50.06
N LEU A 208 32.22 -6.17 49.73
CA LEU A 208 33.54 -6.51 49.20
C LEU A 208 33.75 -5.94 47.81
N GLY A 209 32.67 -5.77 47.04
CA GLY A 209 32.79 -5.11 45.75
C GLY A 209 33.21 -3.65 45.87
N CYS A 210 32.57 -2.92 46.80
CA CYS A 210 32.97 -1.55 47.09
C CYS A 210 34.38 -1.48 47.64
N LEU A 211 34.76 -2.45 48.48
CA LEU A 211 36.11 -2.45 49.06
C LEU A 211 37.17 -2.70 47.99
N SER A 212 36.93 -3.67 47.10
CA SER A 212 37.88 -3.95 46.03
C SER A 212 37.93 -2.81 45.01
N TRP A 213 36.79 -2.16 44.73
CA TRP A 213 36.85 -1.02 43.83
C TRP A 213 37.52 0.19 44.48
N ALA A 214 37.35 0.39 45.79
CA ALA A 214 38.11 1.41 46.49
C ALA A 214 39.61 1.10 46.47
N GLY A 215 39.96 -0.19 46.57
CA GLY A 215 41.33 -0.61 46.40
C GLY A 215 41.88 -0.28 45.02
N HIS A 216 41.11 -0.60 43.98
CA HIS A 216 41.52 -0.28 42.62
C HIS A 216 41.65 1.23 42.41
N GLN A 217 40.71 2.01 42.96
CA GLN A 217 40.75 3.45 42.83
C GLN A 217 41.98 4.04 43.52
N ILE A 218 42.25 3.60 44.76
CA ILE A 218 43.37 4.11 45.52
C ILE A 218 44.70 3.68 44.91
N HIS A 219 44.79 2.42 44.51
CA HIS A 219 46.09 1.86 44.11
C HIS A 219 46.40 2.05 42.64
N ILE A 220 45.39 2.20 41.78
CA ILE A 220 45.58 2.30 40.34
C ILE A 220 45.07 3.64 39.79
N SER A 221 43.81 3.97 40.08
CA SER A 221 43.15 5.10 39.43
C SER A 221 43.74 6.44 39.86
N LEU A 222 43.96 6.62 41.17
CA LEU A 222 44.49 7.89 41.68
C LEU A 222 45.86 8.27 41.14
N PRO A 223 46.90 7.40 41.11
CA PRO A 223 48.19 7.87 40.55
C PRO A 223 48.15 8.12 39.05
N VAL A 224 47.48 7.25 38.29
CA VAL A 224 47.39 7.42 36.84
C VAL A 224 46.62 8.69 36.49
N ASN A 225 45.51 8.94 37.19
CA ASN A 225 44.73 10.14 36.91
C ASN A 225 45.43 11.40 37.42
N LYS A 226 46.20 11.31 38.51
CA LYS A 226 47.00 12.44 38.96
C LYS A 226 48.10 12.78 37.94
N LEU A 227 48.71 11.76 37.33
CA LEU A 227 49.69 12.00 36.28
C LEU A 227 49.02 12.56 35.02
N LEU A 228 47.81 12.09 34.71
CA LEU A 228 47.08 12.57 33.53
C LEU A 228 46.68 14.04 33.70
N ASP A 229 46.24 14.42 34.90
CA ASP A 229 45.85 15.81 35.12
C ASP A 229 47.05 16.75 35.19
N ALA A 230 48.24 16.23 35.53
CA ALA A 230 49.43 17.05 35.55
C ALA A 230 50.00 17.33 34.16
N GLY A 231 49.47 16.68 33.12
CA GLY A 231 49.89 16.92 31.76
C GLY A 231 50.81 15.88 31.17
N VAL A 232 51.06 14.77 31.87
CA VAL A 232 51.89 13.71 31.33
C VAL A 232 51.14 12.99 30.21
N ALA A 233 51.84 12.71 29.11
CA ALA A 233 51.28 11.88 28.05
C ALA A 233 51.05 10.45 28.56
N PRO A 234 50.01 9.77 28.06
CA PRO A 234 49.69 8.42 28.56
C PRO A 234 50.78 7.37 28.32
N GLN A 235 51.60 7.53 27.28
CA GLN A 235 52.56 6.49 26.94
C GLN A 235 53.77 6.45 27.87
N GLU A 236 54.09 7.56 28.53
CA GLU A 236 55.16 7.60 29.52
C GLU A 236 54.68 7.35 30.94
N ILE A 237 53.37 7.17 31.15
CA ILE A 237 52.86 6.89 32.49
C ILE A 237 53.22 5.46 32.87
N PRO A 238 53.69 5.19 34.09
CA PRO A 238 54.01 3.82 34.49
C PRO A 238 52.81 2.90 34.51
N LEU A 239 53.08 1.62 34.25
CA LEU A 239 52.05 0.58 34.31
C LEU A 239 51.52 0.43 35.74
N PRO A 240 50.26 -0.02 35.88
CA PRO A 240 49.68 -0.15 37.24
C PRO A 240 50.41 -1.07 38.21
N HIS A 241 51.00 -2.17 37.72
CA HIS A 241 51.74 -3.05 38.63
C HIS A 241 53.00 -2.37 39.15
N GLU A 242 53.56 -1.43 38.38
CA GLU A 242 54.68 -0.63 38.88
C GLU A 242 54.22 0.31 39.98
N PHE A 243 52.99 0.80 39.91
CA PHE A 243 52.42 1.55 41.03
C PHE A 243 52.16 0.64 42.23
N LEU A 244 51.89 -0.64 41.99
CA LEU A 244 51.72 -1.57 43.11
C LEU A 244 53.03 -1.85 43.83
N VAL A 245 54.10 -2.15 43.08
CA VAL A 245 55.31 -2.65 43.73
C VAL A 245 56.30 -1.55 44.12
N ASN A 246 56.27 -0.40 43.47
CA ASN A 246 57.24 0.66 43.73
C ASN A 246 56.56 1.67 44.66
N ARG A 247 56.76 1.47 45.97
CA ARG A 247 56.16 2.35 46.97
C ARG A 247 56.73 3.76 46.91
N ASP A 248 57.98 3.90 46.47
CA ASP A 248 58.56 5.23 46.25
C ASP A 248 57.85 5.96 45.12
N LEU A 249 57.52 5.24 44.04
CA LEU A 249 56.84 5.84 42.90
C LEU A 249 55.45 6.34 43.28
N MET A 250 54.76 5.60 44.15
CA MET A 250 53.50 6.10 44.68
C MET A 250 53.73 7.25 45.65
N ALA A 251 54.78 7.16 46.47
CA ALA A 251 54.97 8.10 47.57
C ALA A 251 55.49 9.46 47.13
N GLN A 252 56.05 9.56 45.91
CA GLN A 252 56.23 10.88 45.32
C GLN A 252 54.88 11.57 45.07
N LEU A 253 53.86 10.81 44.68
CA LEU A 253 52.56 11.41 44.43
C LEU A 253 51.70 11.52 45.68
N TYR A 254 51.67 10.47 46.50
CA TYR A 254 50.95 10.50 47.78
C TYR A 254 51.92 10.06 48.88
N PRO A 255 52.51 11.01 49.62
CA PRO A 255 53.54 10.65 50.61
C PRO A 255 53.08 9.76 51.76
N SER A 256 51.77 9.72 52.04
CA SER A 256 51.25 8.88 53.13
C SER A 256 51.48 7.39 52.88
N PHE A 257 51.60 6.98 51.62
CA PHE A 257 51.98 5.60 51.31
C PHE A 257 53.37 5.23 51.81
N SER A 258 54.22 6.22 52.09
CA SER A 258 55.48 5.95 52.78
C SER A 258 55.28 5.44 54.20
N LYS A 259 54.14 5.75 54.83
CA LYS A 259 53.84 5.28 56.17
C LYS A 259 53.20 3.89 56.20
N GLY A 260 52.77 3.37 55.05
CA GLY A 260 52.25 2.03 54.96
C GLY A 260 50.88 1.84 55.57
N LEU A 261 50.62 0.64 56.05
CA LEU A 261 49.34 0.26 56.65
C LEU A 261 49.32 0.44 58.16
N VAL A 262 50.43 0.92 58.74
CA VAL A 262 50.45 1.21 60.18
C VAL A 262 49.44 2.26 60.61
N PRO A 263 49.27 3.41 59.91
CA PRO A 263 48.19 4.34 60.32
C PRO A 263 46.78 3.75 60.23
N PHE A 264 46.53 2.79 59.35
CA PHE A 264 45.20 2.19 59.26
C PHE A 264 44.87 1.37 60.51
N PHE A 265 45.78 0.49 60.91
CA PHE A 265 45.53 -0.41 62.05
C PHE A 265 45.66 0.29 63.39
N THR A 266 46.35 1.43 63.45
CA THR A 266 46.49 2.19 64.68
C THR A 266 45.50 3.34 64.78
N LEU A 267 44.53 3.39 63.85
CA LEU A 267 43.46 4.39 63.78
C LEU A 267 43.99 5.82 63.64
N ASN A 268 45.20 5.96 63.10
CA ASN A 268 45.75 7.28 62.74
C ASN A 268 45.39 7.61 61.28
N TRP A 269 44.09 7.71 61.03
CA TRP A 269 43.59 7.77 59.66
C TRP A 269 43.83 9.11 58.97
N SER A 270 43.96 10.20 59.72
CA SER A 270 44.18 11.52 59.12
C SER A 270 45.50 11.62 58.37
N GLU A 271 46.46 10.75 58.69
CA GLU A 271 47.68 10.62 57.91
C GLU A 271 47.39 10.29 56.45
N TYR A 272 46.31 9.54 56.21
CA TYR A 272 45.84 9.19 54.87
C TYR A 272 45.00 10.29 54.23
N SER A 273 45.02 11.51 54.77
CA SER A 273 44.14 12.58 54.31
C SER A 273 44.50 13.12 52.93
N ASP A 274 45.64 12.74 52.36
CA ASP A 274 46.01 13.27 51.05
C ASP A 274 45.44 12.46 49.89
N PHE A 275 45.18 11.17 50.06
CA PHE A 275 44.55 10.38 49.02
C PHE A 275 43.15 9.90 49.36
N LEU A 276 42.71 10.08 50.60
CA LEU A 276 41.29 9.96 50.97
C LEU A 276 40.83 11.34 51.43
N THR A 277 40.17 12.08 50.55
CA THR A 277 39.75 13.44 50.86
C THR A 277 38.23 13.52 50.88
N PHE A 278 37.74 14.69 51.30
CA PHE A 278 36.33 15.05 51.26
C PHE A 278 36.22 16.45 50.66
N LYS A 279 36.94 16.65 49.55
CA LYS A 279 37.09 18.00 48.98
C LYS A 279 35.77 18.49 48.41
N GLY A 280 35.08 17.66 47.64
CA GLY A 280 33.85 18.11 47.03
C GLY A 280 34.11 19.04 45.85
N GLY A 281 33.02 19.58 45.32
CA GLY A 281 33.13 20.38 44.11
C GLY A 281 33.54 19.52 42.94
N LEU A 282 34.35 20.11 42.06
CA LEU A 282 34.83 19.40 40.87
C LEU A 282 36.31 19.69 40.67
N ASN A 283 36.97 18.76 39.99
CA ASN A 283 38.37 18.92 39.61
C ASN A 283 38.44 20.02 38.55
N PRO A 284 39.18 21.11 38.77
CA PRO A 284 39.22 22.20 37.77
C PRO A 284 39.84 21.80 36.44
N VAL A 285 40.79 20.87 36.43
CA VAL A 285 41.41 20.45 35.18
C VAL A 285 40.44 19.63 34.34
N THR A 286 39.71 18.71 34.96
CA THR A 286 38.90 17.76 34.21
C THR A 286 37.39 18.03 34.27
N GLY A 287 36.92 18.82 35.24
CA GLY A 287 35.50 19.03 35.42
C GLY A 287 34.75 17.89 36.08
N GLY A 288 35.44 16.84 36.53
CA GLY A 288 34.82 15.74 37.23
C GLY A 288 35.05 15.81 38.74
N LEU A 289 34.43 14.86 39.44
CA LEU A 289 34.65 14.71 40.87
C LEU A 289 36.09 14.31 41.17
N TRP A 290 36.59 14.79 42.32
CA TRP A 290 37.87 14.33 42.84
C TRP A 290 37.84 12.83 43.11
N LEU A 291 38.83 12.11 42.58
CA LEU A 291 38.85 10.66 42.72
C LEU A 291 39.17 10.21 44.14
N SER A 292 39.87 11.04 44.92
CA SER A 292 40.09 10.74 46.33
C SER A 292 38.77 10.74 47.10
N ASP A 293 37.88 11.68 46.76
CA ASP A 293 36.56 11.73 47.38
C ASP A 293 35.78 10.47 47.06
N THR A 294 35.87 9.99 45.81
CA THR A 294 35.19 8.76 45.43
C THR A 294 35.80 7.54 46.10
N ALA A 295 37.12 7.54 46.31
CA ALA A 295 37.76 6.41 46.97
C ALA A 295 37.35 6.28 48.43
N HIS A 296 37.34 7.40 49.17
CA HIS A 296 36.79 7.40 50.52
C HIS A 296 35.30 7.03 50.50
N HIS A 297 34.56 7.51 49.49
CA HIS A 297 33.13 7.24 49.39
C HIS A 297 32.84 5.75 49.25
N HIS A 298 33.50 5.09 48.30
CA HIS A 298 33.29 3.65 48.10
C HIS A 298 33.86 2.83 49.25
N LEU A 299 34.96 3.29 49.88
CA LEU A 299 35.47 2.60 51.07
C LEU A 299 34.49 2.69 52.23
N ALA A 300 33.91 3.88 52.45
CA ALA A 300 32.90 4.06 53.48
C ALA A 300 31.65 3.24 53.18
N LEU A 301 31.26 3.17 51.91
CA LEU A 301 30.14 2.32 51.51
C LEU A 301 30.45 0.85 51.75
N ALA A 302 31.70 0.44 51.52
CA ALA A 302 32.11 -0.92 51.81
C ALA A 302 32.00 -1.24 53.28
N VAL A 303 32.47 -0.32 54.14
CA VAL A 303 32.39 -0.52 55.58
C VAL A 303 30.93 -0.60 56.04
N LEU A 304 30.10 0.32 55.54
CA LEU A 304 28.69 0.35 55.92
C LEU A 304 27.94 -0.89 55.44
N PHE A 305 28.25 -1.35 54.22
CA PHE A 305 27.57 -2.54 53.68
C PHE A 305 28.01 -3.81 54.39
N ILE A 306 29.29 -3.94 54.72
CA ILE A 306 29.74 -5.13 55.45
C ILE A 306 29.17 -5.15 56.87
N VAL A 307 29.05 -3.98 57.51
CA VAL A 307 28.38 -3.90 58.81
C VAL A 307 26.90 -4.29 58.67
N ALA A 308 26.21 -3.76 57.64
CA ALA A 308 24.81 -4.11 57.41
C ALA A 308 24.61 -5.58 57.06
N GLY A 309 25.64 -6.23 56.50
CA GLY A 309 25.59 -7.63 56.14
C GLY A 309 25.77 -8.62 57.26
N HIS A 310 25.83 -8.17 58.52
CA HIS A 310 25.88 -9.06 59.67
C HIS A 310 24.62 -8.95 60.53
N MET A 311 23.54 -8.41 59.95
CA MET A 311 22.34 -8.09 60.72
C MET A 311 21.44 -9.31 60.92
N TYR A 312 21.36 -10.18 59.93
CA TYR A 312 20.26 -11.14 59.82
C TYR A 312 20.65 -12.52 60.34
N ARG A 313 19.69 -13.18 60.98
CA ARG A 313 19.96 -14.40 61.73
C ARG A 313 20.23 -15.57 60.78
N THR A 314 21.16 -16.43 61.20
CA THR A 314 21.76 -17.50 60.41
C THR A 314 21.91 -18.70 61.33
N ASN A 315 22.67 -19.70 60.85
CA ASN A 315 22.95 -20.92 61.61
C ASN A 315 23.42 -20.65 63.04
N TRP A 316 24.27 -19.66 63.23
CA TRP A 316 24.66 -19.27 64.58
C TRP A 316 23.62 -18.33 65.18
N GLY A 317 23.62 -18.25 66.51
CA GLY A 317 22.51 -17.64 67.24
C GLY A 317 22.37 -16.14 67.06
N ILE A 318 23.47 -15.45 66.74
CA ILE A 318 23.43 -14.00 66.53
C ILE A 318 22.61 -13.65 65.29
N GLY A 319 21.99 -12.47 65.31
CA GLY A 319 21.31 -11.94 64.14
C GLY A 319 19.84 -11.66 64.34
N HIS A 320 19.29 -10.79 63.49
CA HIS A 320 17.88 -10.44 63.53
C HIS A 320 17.04 -11.42 62.72
N SER A 321 15.81 -11.65 63.17
CA SER A 321 14.83 -12.41 62.42
C SER A 321 13.83 -11.42 61.82
N MET A 322 13.72 -11.42 60.49
CA MET A 322 12.87 -10.44 59.81
C MET A 322 11.38 -10.68 60.07
N LYS A 323 10.97 -11.94 60.25
CA LYS A 323 9.58 -12.23 60.60
C LYS A 323 9.22 -11.62 61.94
N GLU A 324 10.10 -11.75 62.93
CA GLU A 324 9.88 -11.12 64.24
C GLU A 324 9.87 -9.60 64.14
N ILE A 325 10.77 -9.02 63.35
CA ILE A 325 10.83 -7.58 63.15
C ILE A 325 9.52 -7.08 62.52
N LEU A 326 9.04 -7.78 61.49
CA LEU A 326 7.80 -7.39 60.84
C LEU A 326 6.60 -7.52 61.77
N GLU A 327 6.49 -8.65 62.48
CA GLU A 327 5.35 -8.85 63.36
C GLU A 327 5.39 -7.97 64.61
N ALA A 328 6.57 -7.47 65.00
CA ALA A 328 6.64 -6.58 66.15
C ALA A 328 6.15 -5.17 65.85
N HIS A 329 6.22 -4.74 64.59
CA HIS A 329 5.81 -3.38 64.21
C HIS A 329 4.33 -3.37 63.87
N LYS A 330 3.51 -3.07 64.87
CA LYS A 330 2.07 -2.98 64.69
C LYS A 330 1.50 -2.01 65.71
N GLY A 331 0.52 -1.21 65.29
CA GLY A 331 -0.06 -0.20 66.15
C GLY A 331 -1.57 -0.20 66.13
N PRO A 332 -2.17 0.80 66.79
CA PRO A 332 -3.64 0.83 66.90
C PRO A 332 -4.35 1.19 65.61
N PHE A 333 -3.70 1.88 64.69
CA PHE A 333 -4.33 2.29 63.43
C PHE A 333 -4.30 1.22 62.37
N THR A 334 -3.53 0.13 62.56
CA THR A 334 -3.17 -0.75 61.46
C THR A 334 -3.47 -2.22 61.72
N GLY A 335 -4.21 -2.54 62.78
CA GLY A 335 -4.58 -3.92 63.05
C GLY A 335 -3.38 -4.81 63.37
N GLU A 336 -3.24 -5.90 62.60
CA GLU A 336 -2.14 -6.84 62.81
C GLU A 336 -0.80 -6.32 62.31
N GLY A 337 -0.79 -5.19 61.59
CA GLY A 337 0.45 -4.60 61.14
C GLY A 337 1.09 -5.38 60.02
N HIS A 338 2.43 -5.51 60.09
CA HIS A 338 3.24 -6.09 59.03
C HIS A 338 3.28 -7.62 59.07
N LYS A 339 2.38 -8.26 59.81
CA LYS A 339 2.28 -9.70 59.88
C LYS A 339 1.85 -10.29 58.55
N GLY A 340 2.53 -11.37 58.13
CA GLY A 340 2.19 -12.07 56.91
C GLY A 340 2.96 -11.64 55.68
N LEU A 341 3.73 -10.56 55.76
CA LEU A 341 4.49 -10.09 54.60
C LEU A 341 5.73 -10.94 54.34
N TYR A 342 6.33 -11.50 55.40
CA TYR A 342 7.49 -12.38 55.22
C TYR A 342 7.13 -13.63 54.44
N GLU A 343 5.97 -14.22 54.73
CA GLU A 343 5.51 -15.38 53.97
C GLU A 343 5.22 -15.01 52.52
N ILE A 344 4.63 -13.84 52.30
CA ILE A 344 4.37 -13.35 50.94
C ILE A 344 5.67 -13.18 50.16
N LEU A 345 6.67 -12.56 50.77
CA LEU A 345 7.92 -12.30 50.08
C LEU A 345 8.85 -13.49 50.02
N THR A 346 8.58 -14.55 50.80
CA THR A 346 9.35 -15.78 50.70
C THR A 346 8.62 -16.89 49.94
N THR A 347 7.38 -16.65 49.51
CA THR A 347 6.67 -17.61 48.68
C THR A 347 6.37 -17.09 47.28
N SER A 348 6.05 -15.80 47.13
CA SER A 348 5.70 -15.24 45.83
C SER A 348 6.91 -14.52 45.23
N TRP A 349 7.38 -15.02 44.09
CA TRP A 349 8.43 -14.34 43.35
C TRP A 349 7.97 -13.00 42.78
N HIS A 350 6.67 -12.88 42.47
CA HIS A 350 6.16 -11.69 41.79
C HIS A 350 6.20 -10.47 42.71
N ALA A 351 5.96 -10.68 44.01
CA ALA A 351 6.06 -9.59 44.98
C ALA A 351 7.48 -9.06 45.08
N GLN A 352 8.46 -9.98 45.12
CA GLN A 352 9.87 -9.59 45.12
C GLN A 352 10.24 -8.86 43.83
N LEU A 353 9.74 -9.34 42.68
CA LEU A 353 10.02 -8.66 41.42
C LEU A 353 9.42 -7.26 41.39
N ALA A 354 8.22 -7.10 41.98
CA ALA A 354 7.59 -5.79 42.09
C ALA A 354 8.45 -4.83 42.91
N ILE A 355 8.86 -5.27 44.10
CA ILE A 355 9.66 -4.43 44.99
C ILE A 355 10.99 -4.07 44.35
N ASN A 356 11.67 -5.07 43.79
CA ASN A 356 13.02 -4.85 43.26
C ASN A 356 12.99 -4.03 41.97
N LEU A 357 11.96 -4.19 41.13
CA LEU A 357 11.81 -3.35 39.95
C LEU A 357 11.52 -1.90 40.33
N ALA A 358 10.64 -1.71 41.32
CA ALA A 358 10.35 -0.36 41.82
C ALA A 358 11.61 0.33 42.36
N MET A 359 12.41 -0.39 43.15
CA MET A 359 13.63 0.17 43.70
C MET A 359 14.68 0.43 42.64
N MET A 360 14.85 -0.49 41.68
CA MET A 360 15.82 -0.27 40.62
C MET A 360 15.44 0.91 39.74
N GLY A 361 14.13 1.09 39.48
CA GLY A 361 13.69 2.26 38.74
C GLY A 361 13.94 3.57 39.47
N SER A 362 13.61 3.61 40.77
CA SER A 362 13.88 4.80 41.56
C SER A 362 15.37 5.08 41.66
N VAL A 363 16.19 4.02 41.77
CA VAL A 363 17.64 4.19 41.84
C VAL A 363 18.19 4.70 40.52
N SER A 364 17.65 4.22 39.38
CA SER A 364 18.06 4.72 38.07
C SER A 364 17.72 6.20 37.90
N ILE A 365 16.55 6.61 38.39
CA ILE A 365 16.17 8.03 38.34
C ILE A 365 17.12 8.88 39.20
N ILE A 366 17.43 8.39 40.40
CA ILE A 366 18.38 9.04 41.29
C ILE A 366 19.76 9.13 40.64
N VAL A 367 20.16 8.07 39.93
CA VAL A 367 21.42 8.04 39.19
C VAL A 367 21.44 9.13 38.13
N ALA A 368 20.34 9.27 37.37
CA ALA A 368 20.28 10.29 36.32
C ALA A 368 20.42 11.71 36.90
N HIS A 369 19.64 12.02 37.94
CA HIS A 369 19.74 13.34 38.58
C HIS A 369 21.12 13.62 39.15
N HIS A 370 21.64 12.67 39.93
CA HIS A 370 22.87 12.89 40.65
C HIS A 370 24.08 12.83 39.73
N MET A 371 23.98 12.12 38.59
CA MET A 371 25.06 12.12 37.61
C MET A 371 25.06 13.35 36.69
N TYR A 372 23.92 13.98 36.35
CA TYR A 372 24.08 15.22 35.61
C TYR A 372 24.63 16.30 36.53
N ALA A 373 24.14 16.33 37.78
CA ALA A 373 24.45 17.47 38.64
C ALA A 373 25.88 17.42 39.19
N MET A 374 26.40 16.21 39.46
CA MET A 374 27.75 16.01 39.97
C MET A 374 28.46 15.07 39.01
N PRO A 375 29.12 15.58 37.97
CA PRO A 375 29.81 14.72 37.01
C PRO A 375 30.97 13.98 37.68
N PRO A 376 30.92 12.65 37.68
CA PRO A 376 31.91 11.87 38.43
C PRO A 376 33.15 11.48 37.65
N TYR A 377 33.17 11.64 36.33
CA TYR A 377 34.24 11.17 35.48
C TYR A 377 35.01 12.36 34.90
N PRO A 378 36.32 12.19 34.64
CA PRO A 378 37.07 13.26 33.99
C PRO A 378 36.56 13.52 32.58
N TYR A 379 36.39 14.81 32.25
CA TYR A 379 36.02 15.29 30.92
C TYR A 379 34.66 14.77 30.45
N ILE A 380 33.77 14.42 31.38
CA ILE A 380 32.41 14.04 31.02
C ILE A 380 31.46 15.22 31.12
N ALA A 381 31.80 16.25 31.92
CA ALA A 381 30.92 17.40 32.09
C ALA A 381 30.82 18.23 30.82
N THR A 382 31.94 18.46 30.14
CA THR A 382 31.92 19.20 28.90
C THR A 382 31.54 18.35 27.70
N ASP A 383 31.43 17.04 27.88
CA ASP A 383 30.87 16.15 26.86
C ASP A 383 29.35 16.17 27.02
N TYR A 384 28.75 17.23 26.50
CA TYR A 384 27.30 17.44 26.60
C TYR A 384 26.46 16.32 25.97
N PRO A 385 26.79 15.74 24.78
CA PRO A 385 26.03 14.57 24.31
C PRO A 385 26.04 13.38 25.26
N THR A 386 27.17 13.11 25.91
CA THR A 386 27.23 12.00 26.85
C THR A 386 26.33 12.24 28.05
N GLN A 387 26.33 13.48 28.58
CA GLN A 387 25.49 13.83 29.71
C GLN A 387 24.00 13.70 29.38
N LEU A 388 23.60 14.28 28.24
CA LEU A 388 22.20 14.20 27.82
C LEU A 388 21.77 12.76 27.55
N SER A 389 22.66 11.97 26.93
CA SER A 389 22.34 10.58 26.60
C SER A 389 22.17 9.75 27.86
N ILE A 390 23.09 9.88 28.83
CA ILE A 390 22.98 9.03 30.01
C ILE A 390 21.82 9.45 30.91
N PHE A 391 21.53 10.77 30.99
CA PHE A 391 20.36 11.21 31.74
C PHE A 391 19.07 10.69 31.12
N THR A 392 18.89 10.89 29.80
CA THR A 392 17.67 10.43 29.14
C THR A 392 17.52 8.93 29.22
N HIS A 393 18.62 8.19 28.98
CA HIS A 393 18.56 6.73 28.99
C HIS A 393 18.20 6.18 30.36
N HIS A 394 18.85 6.69 31.41
CA HIS A 394 18.56 6.15 32.73
C HIS A 394 17.21 6.64 33.27
N MET A 395 16.75 7.82 32.83
CA MET A 395 15.38 8.25 33.12
C MET A 395 14.37 7.28 32.53
N TRP A 396 14.57 6.87 31.27
CA TRP A 396 13.64 5.96 30.62
C TRP A 396 13.67 4.58 31.25
N ILE A 397 14.87 4.07 31.55
CA ILE A 397 15.01 2.78 32.22
C ILE A 397 14.34 2.81 33.59
N GLY A 398 14.51 3.91 34.33
CA GLY A 398 13.88 4.05 35.62
C GLY A 398 12.37 4.05 35.56
N GLY A 399 11.81 4.81 34.61
CA GLY A 399 10.36 4.83 34.44
C GLY A 399 9.79 3.48 34.04
N PHE A 400 10.47 2.80 33.11
CA PHE A 400 10.05 1.46 32.70
C PHE A 400 10.09 0.48 33.87
N CYS A 401 11.15 0.54 34.69
CA CYS A 401 11.27 -0.39 35.82
C CYS A 401 10.22 -0.11 36.90
N VAL A 402 9.89 1.17 37.12
CA VAL A 402 8.83 1.51 38.07
C VAL A 402 7.47 0.97 37.60
N VAL A 403 7.14 1.17 36.32
CA VAL A 403 5.88 0.65 35.79
C VAL A 403 5.87 -0.88 35.82
N GLY A 404 7.03 -1.51 35.57
CA GLY A 404 7.11 -2.96 35.72
C GLY A 404 6.93 -3.45 37.14
N GLY A 405 7.43 -2.68 38.11
CA GLY A 405 7.16 -3.02 39.50
C GLY A 405 5.68 -2.96 39.83
N ALA A 406 4.99 -1.94 39.31
CA ALA A 406 3.54 -1.88 39.48
C ALA A 406 2.83 -3.04 38.80
N ALA A 407 3.27 -3.39 37.58
CA ALA A 407 2.67 -4.49 36.82
C ALA A 407 2.80 -5.81 37.54
N HIS A 408 4.00 -6.09 38.06
CA HIS A 408 4.22 -7.37 38.70
C HIS A 408 3.66 -7.40 40.12
N ALA A 409 3.47 -6.23 40.75
CA ALA A 409 2.62 -6.15 41.94
C ALA A 409 1.19 -6.56 41.64
N GLY A 410 0.64 -6.07 40.52
CA GLY A 410 -0.70 -6.48 40.11
C GLY A 410 -0.78 -7.97 39.81
N ILE A 411 0.29 -8.53 39.23
CA ILE A 411 0.36 -9.96 38.96
C ILE A 411 0.35 -10.76 40.26
N PHE A 412 1.11 -10.31 41.26
CA PHE A 412 1.03 -10.90 42.60
C PHE A 412 -0.37 -10.83 43.16
N MET A 413 -1.02 -9.67 43.04
CA MET A 413 -2.35 -9.48 43.60
C MET A 413 -3.37 -10.41 42.97
N VAL A 414 -3.28 -10.61 41.65
CA VAL A 414 -4.21 -11.51 40.99
C VAL A 414 -3.91 -12.96 41.36
N ARG A 415 -2.63 -13.36 41.28
CA ARG A 415 -2.32 -14.80 41.33
C ARG A 415 -2.01 -15.30 42.74
N ASP A 416 -1.01 -14.69 43.40
CA ASP A 416 -0.43 -15.29 44.60
C ASP A 416 -1.07 -14.81 45.90
N TYR A 417 -1.97 -13.83 45.85
CA TYR A 417 -2.59 -13.32 47.06
C TYR A 417 -3.60 -14.33 47.61
N ASN A 418 -3.49 -14.61 48.90
CA ASN A 418 -4.43 -15.50 49.58
C ASN A 418 -5.12 -14.74 50.71
N PRO A 419 -6.43 -14.52 50.65
CA PRO A 419 -7.11 -13.76 51.72
C PRO A 419 -7.11 -14.47 53.07
N ALA A 420 -7.00 -15.80 53.11
CA ALA A 420 -6.98 -16.52 54.37
C ALA A 420 -5.73 -16.20 55.19
N GLN A 421 -4.59 -16.05 54.52
CA GLN A 421 -3.33 -15.74 55.17
C GLN A 421 -3.09 -14.24 55.32
N ASN A 422 -4.07 -13.41 54.94
CA ASN A 422 -3.92 -11.96 54.91
C ASN A 422 -5.11 -11.29 55.57
N TYR A 423 -5.50 -11.80 56.74
CA TYR A 423 -6.68 -11.30 57.45
C TYR A 423 -6.29 -10.15 58.38
N ASN A 424 -6.83 -8.96 58.08
CA ASN A 424 -6.68 -7.76 58.91
C ASN A 424 -5.22 -7.31 59.05
N ASN A 425 -4.40 -7.59 58.04
CA ASN A 425 -3.06 -7.03 57.97
C ASN A 425 -3.10 -5.76 57.11
N LEU A 426 -1.94 -5.19 56.83
CA LEU A 426 -1.88 -3.93 56.08
C LEU A 426 -2.43 -4.06 54.68
N LEU A 427 -2.16 -5.19 54.02
CA LEU A 427 -2.67 -5.43 52.67
C LEU A 427 -4.21 -5.46 52.66
N ASP A 428 -4.80 -6.16 53.63
CA ASP A 428 -6.26 -6.24 53.73
C ASP A 428 -6.89 -4.87 53.99
N ARG A 429 -6.26 -4.06 54.85
CA ARG A 429 -6.80 -2.74 55.15
C ARG A 429 -6.61 -1.77 53.99
N VAL A 430 -5.52 -1.93 53.24
CA VAL A 430 -5.33 -1.15 52.00
C VAL A 430 -6.42 -1.49 50.99
N ILE A 431 -6.71 -2.79 50.83
CA ILE A 431 -7.82 -3.22 49.97
C ILE A 431 -9.15 -2.68 50.49
N ARG A 432 -9.31 -2.62 51.81
CA ARG A 432 -10.59 -2.24 52.40
C ARG A 432 -10.86 -0.75 52.38
N HIS A 433 -9.86 0.10 52.11
CA HIS A 433 -10.11 1.51 51.88
C HIS A 433 -9.55 1.97 50.53
N ARG A 434 -9.51 1.06 49.56
CA ARG A 434 -9.09 1.38 48.19
C ARG A 434 -9.91 2.50 47.57
N ASP A 435 -11.21 2.59 47.90
CA ASP A 435 -12.06 3.63 47.34
C ASP A 435 -11.64 5.01 47.84
N ALA A 436 -11.34 5.13 49.14
CA ALA A 436 -10.85 6.38 49.69
C ALA A 436 -9.52 6.79 49.07
N ILE A 437 -8.61 5.81 48.90
CA ILE A 437 -7.30 6.05 48.32
C ILE A 437 -7.44 6.59 46.89
N ILE A 438 -8.22 5.88 46.07
CA ILE A 438 -8.34 6.23 44.67
C ILE A 438 -9.13 7.52 44.49
N SER A 439 -10.13 7.75 45.34
CA SER A 439 -10.90 8.99 45.25
C SER A 439 -10.07 10.22 45.62
N HIS A 440 -9.31 10.13 46.72
CA HIS A 440 -8.49 11.26 47.14
C HIS A 440 -7.36 11.51 46.15
N LEU A 441 -6.75 10.43 45.64
CA LEU A 441 -5.68 10.59 44.65
C LEU A 441 -6.22 11.14 43.33
N ASN A 442 -7.41 10.69 42.91
CA ASN A 442 -8.05 11.22 41.71
C ASN A 442 -8.34 12.71 41.86
N TRP A 443 -8.86 13.10 43.02
CA TRP A 443 -9.15 14.52 43.29
C TRP A 443 -7.87 15.36 43.26
N ILE A 444 -6.81 14.89 43.91
CA ILE A 444 -5.57 15.64 43.91
C ILE A 444 -4.93 15.66 42.53
N CYS A 445 -5.16 14.62 41.71
CA CYS A 445 -4.67 14.64 40.33
C CYS A 445 -5.40 15.67 39.49
N ILE A 446 -6.72 15.80 39.66
CA ILE A 446 -7.47 16.83 38.94
C ILE A 446 -7.05 18.23 39.42
N PHE A 447 -6.85 18.39 40.73
CA PHE A 447 -6.36 19.65 41.28
C PHE A 447 -4.99 20.03 40.71
N LEU A 448 -4.08 19.05 40.65
CA LEU A 448 -2.76 19.28 40.08
C LEU A 448 -2.85 19.61 38.59
N GLY A 449 -3.73 18.91 37.87
CA GLY A 449 -3.90 19.20 36.44
C GLY A 449 -4.41 20.59 36.18
N PHE A 450 -5.45 21.01 36.92
CA PHE A 450 -5.95 22.39 36.81
C PHE A 450 -4.88 23.40 37.18
N HIS A 451 -4.39 23.36 38.42
CA HIS A 451 -3.50 24.43 38.87
C HIS A 451 -2.05 24.26 38.41
N SER A 452 -1.76 23.30 37.52
CA SER A 452 -0.48 23.29 36.80
C SER A 452 -0.63 23.55 35.31
N PHE A 453 -1.47 22.80 34.60
CA PHE A 453 -1.59 22.96 33.16
C PHE A 453 -2.41 24.18 32.77
N GLY A 454 -3.41 24.54 33.58
CA GLY A 454 -4.15 25.76 33.30
C GLY A 454 -3.33 27.01 33.48
N LEU A 455 -2.23 26.95 34.23
CA LEU A 455 -1.29 28.07 34.25
C LEU A 455 -0.64 28.27 32.89
N TYR A 456 -0.21 27.17 32.25
CA TYR A 456 0.34 27.27 30.90
C TYR A 456 -0.70 27.74 29.89
N ILE A 457 -1.93 27.23 30.00
CA ILE A 457 -3.00 27.65 29.08
C ILE A 457 -3.34 29.12 29.29
N HIS A 458 -3.43 29.53 30.56
CA HIS A 458 -3.68 30.92 30.94
C HIS A 458 -2.59 31.85 30.43
N ASN A 459 -1.32 31.43 30.56
CA ASN A 459 -0.21 32.26 30.09
C ASN A 459 -0.19 32.37 28.57
N ASP A 460 -0.53 31.26 27.88
CA ASP A 460 -0.67 31.28 26.42
C ASP A 460 -1.76 32.25 25.99
N THR A 461 -2.90 32.21 26.67
CA THR A 461 -4.00 33.12 26.33
C THR A 461 -3.64 34.57 26.61
N MET A 462 -3.00 34.84 27.75
CA MET A 462 -2.60 36.21 28.10
C MET A 462 -1.57 36.78 27.15
N ARG A 463 -0.57 35.97 26.75
CA ARG A 463 0.38 36.44 25.76
C ARG A 463 -0.27 36.59 24.40
N ALA A 464 -1.22 35.72 24.07
CA ALA A 464 -1.98 35.87 22.84
C ALA A 464 -2.94 37.06 22.89
N LEU A 465 -3.49 37.38 24.06
CA LEU A 465 -4.40 38.52 24.19
C LEU A 465 -3.66 39.84 24.33
N GLY A 466 -2.33 39.84 24.29
CA GLY A 466 -1.57 41.06 24.41
C GLY A 466 -1.50 41.61 25.81
N ARG A 467 -1.74 40.79 26.82
CA ARG A 467 -1.66 41.18 28.22
C ARG A 467 -0.46 40.44 28.82
N THR A 468 0.72 41.07 28.73
CA THR A 468 1.91 40.48 29.31
C THR A 468 1.96 40.65 30.82
N GLN A 469 1.32 41.71 31.35
CA GLN A 469 1.30 41.94 32.79
C GLN A 469 0.36 41.01 33.54
N ASP A 470 -0.48 40.26 32.83
CA ASP A 470 -1.41 39.31 33.45
C ASP A 470 -0.87 37.88 33.44
N MET A 471 0.34 37.67 32.95
CA MET A 471 0.91 36.33 32.83
C MET A 471 1.50 35.88 34.16
N PHE A 472 1.80 34.58 34.24
CA PHE A 472 2.64 34.06 35.32
C PHE A 472 4.08 34.04 34.82
N SER A 473 4.86 35.04 35.22
CA SER A 473 6.27 35.13 34.83
C SER A 473 7.01 35.95 35.88
N ASP A 474 8.33 36.05 35.71
CA ASP A 474 9.17 36.83 36.61
C ASP A 474 9.03 38.33 36.39
N THR A 475 8.54 38.76 35.23
CA THR A 475 8.26 40.16 34.94
C THR A 475 6.77 40.48 35.05
N ALA A 476 6.02 39.61 35.70
CA ALA A 476 4.58 39.67 35.87
C ALA A 476 4.29 39.00 37.21
N ILE A 477 3.02 38.68 37.47
CA ILE A 477 2.60 38.00 38.70
C ILE A 477 3.40 36.71 38.89
N GLN A 478 4.12 36.64 40.01
CA GLN A 478 5.19 35.68 40.22
C GLN A 478 4.72 34.48 41.03
N LEU A 479 5.22 33.30 40.65
CA LEU A 479 5.13 32.09 41.48
C LEU A 479 6.57 31.69 41.76
N LYS A 480 7.11 32.24 42.84
CA LYS A 480 8.52 32.07 43.18
C LYS A 480 8.73 30.73 43.87
N PRO A 481 9.68 29.91 43.43
CA PRO A 481 10.02 28.66 44.16
C PRO A 481 10.89 28.92 45.37
N VAL A 482 10.28 29.45 46.43
CA VAL A 482 11.02 29.89 47.62
C VAL A 482 11.63 28.72 48.38
N PHE A 483 10.95 27.57 48.43
CA PHE A 483 11.45 26.44 49.20
C PHE A 483 12.71 25.84 48.57
N ALA A 484 12.69 25.63 47.25
CA ALA A 484 13.86 25.06 46.58
C ALA A 484 15.02 26.03 46.57
N GLN A 485 14.75 27.33 46.41
CA GLN A 485 15.79 28.35 46.52
C GLN A 485 16.39 28.39 47.92
N TRP A 486 15.56 28.23 48.95
CA TRP A 486 16.04 28.19 50.33
C TRP A 486 16.92 26.96 50.56
N VAL A 487 16.52 25.81 50.01
CA VAL A 487 17.33 24.60 50.09
C VAL A 487 18.66 24.79 49.37
N GLN A 488 18.63 25.47 48.21
CA GLN A 488 19.86 25.79 47.49
C GLN A 488 20.77 26.70 48.30
N SER A 489 20.20 27.70 48.98
CA SER A 489 20.99 28.59 49.82
C SER A 489 21.63 27.84 50.99
N ILE A 490 20.87 26.93 51.61
CA ILE A 490 21.41 26.11 52.70
C ILE A 490 22.57 25.24 52.20
N HIS A 491 22.38 24.60 51.04
CA HIS A 491 23.42 23.71 50.52
C HIS A 491 24.64 24.47 50.03
N THR A 492 24.45 25.71 49.57
CA THR A 492 25.59 26.55 49.23
C THR A 492 26.33 27.01 50.49
N LEU A 493 25.58 27.28 51.56
CA LEU A 493 26.15 27.67 52.85
C LEU A 493 26.64 26.49 53.66
N ALA A 494 26.31 25.26 53.25
CA ALA A 494 26.70 24.06 53.98
C ALA A 494 28.21 23.86 54.20
N PRO A 495 29.12 24.08 53.24
CA PRO A 495 30.56 23.93 53.56
C PRO A 495 31.04 24.95 54.59
N GLY A 496 31.56 24.45 55.71
CA GLY A 496 32.07 25.27 56.77
C GLY A 496 31.07 25.67 57.84
N ASN A 497 29.78 25.49 57.61
CA ASN A 497 28.76 25.82 58.61
C ASN A 497 28.05 24.59 59.15
N THR A 498 27.51 23.74 58.27
CA THR A 498 26.95 22.46 58.70
C THR A 498 27.76 21.27 58.20
N THR A 499 28.71 21.49 57.30
CA THR A 499 29.69 20.51 56.86
C THR A 499 31.08 21.13 57.00
N PRO A 500 31.61 21.19 58.23
CA PRO A 500 32.87 21.93 58.46
C PRO A 500 34.09 21.35 57.77
N ASN A 501 34.08 20.08 57.38
CA ASN A 501 35.26 19.44 56.79
C ASN A 501 35.20 19.37 55.27
N ALA A 502 34.24 20.05 54.65
CA ALA A 502 34.15 20.10 53.19
C ALA A 502 34.83 21.36 52.69
N LEU A 503 35.70 21.20 51.69
CA LEU A 503 36.32 22.37 51.06
C LEU A 503 35.35 23.09 50.14
N ALA A 504 34.52 22.34 49.42
CA ALA A 504 33.58 22.90 48.46
C ALA A 504 32.21 22.25 48.63
N THR A 505 31.23 22.83 47.93
CA THR A 505 29.88 22.29 47.91
C THR A 505 29.84 20.94 47.18
N ALA A 506 28.78 20.16 47.49
CA ALA A 506 28.60 18.86 46.85
C ALA A 506 28.38 18.99 45.35
N SER A 507 27.71 20.04 44.92
CA SER A 507 27.60 20.37 43.51
C SER A 507 27.39 21.87 43.37
N TYR A 508 27.92 22.43 42.28
CA TYR A 508 27.79 23.85 42.00
C TYR A 508 26.40 24.22 41.48
N ALA A 509 25.53 23.24 41.22
CA ALA A 509 24.16 23.52 40.79
C ALA A 509 23.36 24.23 41.88
N PHE A 510 23.73 24.05 43.15
CA PHE A 510 23.07 24.78 44.23
C PHE A 510 23.53 26.22 44.33
N GLY A 511 24.67 26.55 43.76
CA GLY A 511 25.25 27.89 43.87
C GLY A 511 26.76 27.81 43.97
N GLY A 512 27.40 28.91 43.61
CA GLY A 512 28.85 29.00 43.66
C GLY A 512 29.47 29.50 42.37
N ASP A 513 30.68 29.05 42.08
CA ASP A 513 31.41 29.54 40.92
C ASP A 513 31.05 28.76 39.66
N VAL A 514 31.53 29.27 38.53
CA VAL A 514 31.35 28.62 37.23
C VAL A 514 32.59 27.79 36.95
N VAL A 515 32.49 26.47 37.14
CA VAL A 515 33.56 25.55 36.77
C VAL A 515 33.50 25.32 35.26
N ALA A 516 34.57 25.72 34.57
CA ALA A 516 34.67 25.61 33.12
C ALA A 516 35.97 24.89 32.75
N VAL A 517 35.88 23.99 31.78
CA VAL A 517 37.01 23.19 31.33
C VAL A 517 37.10 23.32 29.81
N GLY A 518 38.22 23.85 29.33
CA GLY A 518 38.43 24.05 27.89
C GLY A 518 37.45 25.01 27.26
N ASN A 519 37.19 26.14 27.92
CA ASN A 519 36.27 27.20 27.48
C ASN A 519 34.83 26.72 27.34
N LYS A 520 34.49 25.59 27.96
CA LYS A 520 33.13 25.07 27.98
C LYS A 520 32.72 24.85 29.43
N VAL A 521 31.48 25.21 29.76
CA VAL A 521 31.00 25.15 31.13
C VAL A 521 30.88 23.70 31.58
N ALA A 522 31.67 23.33 32.59
CA ALA A 522 31.49 22.03 33.23
C ALA A 522 30.26 22.05 34.13
N MET A 523 30.16 23.05 35.00
CA MET A 523 29.01 23.18 35.89
C MET A 523 28.91 24.62 36.37
N MET A 524 27.68 25.12 36.47
CA MET A 524 27.40 26.46 36.97
C MET A 524 26.10 26.42 37.78
N PRO A 525 25.81 27.46 38.58
CA PRO A 525 24.53 27.47 39.32
C PRO A 525 23.30 27.45 38.41
N ILE A 526 22.31 26.67 38.82
CA ILE A 526 21.06 26.50 38.09
C ILE A 526 19.94 27.20 38.84
N SER A 527 19.64 28.44 38.47
CA SER A 527 18.60 29.21 39.15
C SER A 527 17.22 28.65 38.84
N LEU A 528 16.29 28.88 39.76
CA LEU A 528 14.92 28.38 39.67
C LEU A 528 13.94 29.55 39.74
N GLY A 529 13.13 29.69 38.70
CA GLY A 529 12.15 30.76 38.66
C GLY A 529 10.73 30.27 38.50
N THR A 530 9.88 31.11 37.90
CA THR A 530 8.47 30.76 37.72
C THR A 530 8.30 29.55 36.79
N ALA A 531 9.06 29.51 35.69
CA ALA A 531 8.99 28.38 34.77
C ALA A 531 9.43 27.08 35.42
N ASP A 532 10.45 27.14 36.28
CA ASP A 532 10.89 25.94 37.00
C ASP A 532 9.85 25.47 37.99
N PHE A 533 9.17 26.42 38.65
CA PHE A 533 8.03 26.12 39.52
C PHE A 533 6.94 25.38 38.75
N MET A 534 6.55 25.93 37.59
CA MET A 534 5.47 25.35 36.81
C MET A 534 5.85 23.96 36.27
N VAL A 535 7.08 23.80 35.80
CA VAL A 535 7.44 22.50 35.23
C VAL A 535 7.68 21.44 36.32
N HIS A 536 8.16 21.82 37.51
CA HIS A 536 8.25 20.85 38.60
C HIS A 536 6.87 20.44 39.10
N HIS A 537 5.90 21.36 39.11
CA HIS A 537 4.55 20.95 39.49
C HIS A 537 3.86 20.16 38.38
N ILE A 538 4.25 20.39 37.11
CA ILE A 538 3.82 19.50 36.02
C ILE A 538 4.36 18.10 36.23
N HIS A 539 5.63 17.99 36.62
CA HIS A 539 6.23 16.69 36.92
C HIS A 539 5.50 15.99 38.07
N ALA A 540 5.20 16.73 39.14
CA ALA A 540 4.44 16.17 40.26
C ALA A 540 3.05 15.70 39.83
N PHE A 541 2.40 16.49 38.98
CA PHE A 541 1.09 16.13 38.42
C PHE A 541 1.15 14.84 37.63
N THR A 542 2.14 14.72 36.73
CA THR A 542 2.24 13.54 35.88
C THR A 542 2.59 12.29 36.70
N ILE A 543 3.49 12.43 37.68
CA ILE A 543 3.84 11.30 38.52
C ILE A 543 2.64 10.86 39.36
N HIS A 544 1.88 11.80 39.91
CA HIS A 544 0.68 11.44 40.67
C HIS A 544 -0.38 10.76 39.79
N VAL A 545 -0.51 11.18 38.53
CA VAL A 545 -1.50 10.53 37.66
C VAL A 545 -1.06 9.13 37.29
N THR A 546 0.24 8.93 37.03
CA THR A 546 0.77 7.59 36.79
C THR A 546 0.57 6.69 38.01
N VAL A 547 0.79 7.24 39.22
CA VAL A 547 0.53 6.52 40.46
C VAL A 547 -0.95 6.17 40.57
N LEU A 548 -1.83 7.10 40.17
CA LEU A 548 -3.27 6.85 40.20
C LEU A 548 -3.65 5.68 39.32
N ILE A 549 -3.13 5.66 38.08
CA ILE A 549 -3.45 4.58 37.14
C ILE A 549 -2.94 3.24 37.65
N LEU A 550 -1.65 3.20 38.02
CA LEU A 550 -1.03 1.93 38.44
C LEU A 550 -1.61 1.41 39.75
N LEU A 551 -1.83 2.30 40.72
CA LEU A 551 -2.38 1.87 42.01
C LEU A 551 -3.84 1.48 41.89
N LYS A 552 -4.62 2.18 41.06
CA LYS A 552 -6.00 1.79 40.82
C LYS A 552 -6.08 0.43 40.13
N GLY A 553 -5.16 0.17 39.19
CA GLY A 553 -5.11 -1.15 38.57
C GLY A 553 -4.73 -2.24 39.55
N VAL A 554 -3.79 -1.95 40.45
CA VAL A 554 -3.35 -2.96 41.42
C VAL A 554 -4.43 -3.25 42.45
N LEU A 555 -5.07 -2.21 42.99
CA LEU A 555 -6.02 -2.39 44.08
C LEU A 555 -7.34 -2.97 43.60
N PHE A 556 -7.70 -2.75 42.33
CA PHE A 556 -8.93 -3.30 41.76
C PHE A 556 -8.63 -4.48 40.82
N SER A 557 -7.48 -5.14 41.01
CA SER A 557 -7.11 -6.26 40.15
C SER A 557 -7.93 -7.50 40.45
N ARG A 558 -8.37 -7.69 41.69
CA ARG A 558 -9.06 -8.92 42.06
C ARG A 558 -10.57 -8.83 41.92
N ASN A 559 -11.13 -7.67 42.25
CA ASN A 559 -12.57 -7.44 42.14
C ASN A 559 -12.85 -5.94 42.17
N SER A 560 -14.09 -5.59 41.84
CA SER A 560 -14.57 -4.22 41.90
C SER A 560 -16.09 -4.26 42.04
N ARG A 561 -16.71 -3.09 42.12
CA ARG A 561 -18.16 -3.02 42.06
C ARG A 561 -18.68 -3.45 40.69
N LEU A 562 -17.88 -3.24 39.64
CA LEU A 562 -18.29 -3.66 38.29
C LEU A 562 -18.19 -5.18 38.14
N ILE A 563 -17.00 -5.73 38.33
CA ILE A 563 -16.74 -7.15 38.13
C ILE A 563 -16.38 -7.78 39.48
N PRO A 564 -17.32 -8.47 40.13
CA PRO A 564 -17.03 -9.04 41.45
C PRO A 564 -16.12 -10.26 41.41
N ASP A 565 -15.91 -10.86 40.24
CA ASP A 565 -15.07 -12.05 40.09
C ASP A 565 -13.94 -11.81 39.11
N LYS A 566 -13.31 -10.63 39.21
CA LYS A 566 -12.21 -10.29 38.30
C LYS A 566 -10.98 -11.16 38.51
N ALA A 567 -10.78 -11.69 39.72
CA ALA A 567 -9.63 -12.55 39.98
C ALA A 567 -9.75 -13.89 39.26
N ASN A 568 -10.96 -14.38 39.04
CA ASN A 568 -11.15 -15.61 38.28
C ASN A 568 -10.80 -15.43 36.81
N LEU A 569 -10.97 -14.22 36.26
CA LEU A 569 -10.66 -13.99 34.86
C LEU A 569 -9.15 -13.93 34.62
N GLY A 570 -8.38 -13.54 35.61
CA GLY A 570 -6.93 -13.52 35.54
C GLY A 570 -6.39 -12.10 35.52
N PHE A 571 -5.06 -12.02 35.48
CA PHE A 571 -4.39 -10.73 35.41
C PHE A 571 -4.60 -10.08 34.05
N ARG A 572 -4.60 -10.88 33.00
CA ARG A 572 -4.56 -10.39 31.63
C ARG A 572 -5.72 -11.00 30.85
N PHE A 573 -6.80 -10.23 30.71
CA PHE A 573 -7.94 -10.57 29.88
C PHE A 573 -8.38 -9.30 29.17
N PRO A 574 -8.97 -9.42 27.97
CA PRO A 574 -9.40 -8.20 27.27
C PRO A 574 -10.58 -7.49 27.92
N CYS A 575 -11.60 -8.22 28.36
CA CYS A 575 -12.84 -7.62 28.86
C CYS A 575 -13.67 -8.70 29.53
N ASP A 576 -14.85 -8.30 29.99
CA ASP A 576 -15.89 -9.21 30.44
C ASP A 576 -17.16 -9.07 29.60
N GLY A 577 -17.00 -8.72 28.33
CA GLY A 577 -18.13 -8.55 27.45
C GLY A 577 -18.61 -7.11 27.35
N PRO A 578 -19.54 -6.85 26.42
CA PRO A 578 -20.11 -5.51 26.30
C PRO A 578 -21.09 -5.14 27.40
N GLY A 579 -21.38 -6.07 28.32
CA GLY A 579 -22.37 -5.83 29.34
C GLY A 579 -21.91 -4.90 30.42
N ARG A 580 -22.83 -4.61 31.35
CA ARG A 580 -22.69 -3.59 32.39
C ARG A 580 -22.37 -2.22 31.81
N GLY A 581 -22.86 -1.94 30.60
CA GLY A 581 -22.48 -0.78 29.85
C GLY A 581 -21.25 -0.96 29.00
N GLY A 582 -20.42 -1.95 29.31
CA GLY A 582 -19.12 -2.10 28.69
C GLY A 582 -18.04 -2.21 29.73
N THR A 583 -17.26 -3.28 29.67
CA THR A 583 -16.24 -3.58 30.66
C THR A 583 -14.86 -3.66 30.02
N CYS A 584 -14.67 -2.88 28.97
CA CYS A 584 -13.43 -2.93 28.20
C CYS A 584 -12.27 -2.37 29.02
N GLN A 585 -11.10 -3.01 28.90
CA GLN A 585 -9.86 -2.62 29.57
C GLN A 585 -10.03 -2.59 31.10
N SER A 586 -10.63 -3.66 31.63
CA SER A 586 -10.92 -3.75 33.05
C SER A 586 -9.83 -4.48 33.83
N SER A 587 -8.91 -5.16 33.16
CA SER A 587 -7.86 -5.89 33.84
C SER A 587 -6.78 -4.94 34.35
N ALA A 588 -5.95 -5.47 35.25
CA ALA A 588 -4.78 -4.72 35.71
C ALA A 588 -3.78 -4.52 34.58
N TRP A 589 -3.71 -5.47 33.64
CA TRP A 589 -2.81 -5.38 32.50
C TRP A 589 -3.11 -4.15 31.65
N ASP A 590 -4.39 -3.85 31.43
CA ASP A 590 -4.75 -2.65 30.69
C ASP A 590 -4.42 -1.38 31.46
N SER A 591 -4.47 -1.44 32.79
CA SER A 591 -4.03 -0.30 33.59
C SER A 591 -2.53 -0.07 33.44
N VAL A 592 -1.75 -1.16 33.38
CA VAL A 592 -0.33 -1.05 33.05
C VAL A 592 -0.15 -0.51 31.64
N PHE A 593 -1.03 -0.91 30.72
CA PHE A 593 -0.98 -0.47 29.34
C PHE A 593 -1.17 1.04 29.23
N LEU A 594 -2.08 1.60 30.02
CA LEU A 594 -2.26 3.06 30.04
C LEU A 594 -1.17 3.76 30.85
N GLY A 595 -0.72 3.14 31.94
CA GLY A 595 0.33 3.74 32.74
C GLY A 595 1.68 3.80 32.04
N LEU A 596 1.90 2.91 31.07
CA LEU A 596 3.10 3.02 30.24
C LEU A 596 3.05 4.26 29.35
N PHE A 597 1.86 4.59 28.81
CA PHE A 597 1.68 5.84 28.08
C PHE A 597 1.94 7.05 28.97
N TRP A 598 1.39 7.02 30.19
CA TRP A 598 1.59 8.16 31.08
C TRP A 598 3.02 8.25 31.60
N MET A 599 3.71 7.12 31.76
CA MET A 599 5.14 7.15 32.06
C MET A 599 5.91 7.76 30.89
N TYR A 600 5.52 7.42 29.66
CA TYR A 600 6.14 8.02 28.48
C TYR A 600 5.97 9.54 28.49
N ASN A 601 4.75 10.01 28.78
CA ASN A 601 4.49 11.44 28.87
C ASN A 601 5.33 12.11 29.96
N CYS A 602 5.38 11.49 31.14
CA CYS A 602 6.11 12.06 32.27
C CYS A 602 7.60 12.17 31.98
N ILE A 603 8.21 11.07 31.53
CA ILE A 603 9.65 11.08 31.24
C ILE A 603 9.96 11.99 30.06
N SER A 604 9.05 12.08 29.08
CA SER A 604 9.24 13.00 27.95
C SER A 604 9.28 14.45 28.41
N VAL A 605 8.34 14.83 29.29
CA VAL A 605 8.34 16.20 29.81
C VAL A 605 9.58 16.45 30.67
N VAL A 606 10.00 15.45 31.44
CA VAL A 606 11.19 15.58 32.28
C VAL A 606 12.44 15.80 31.45
N ILE A 607 12.63 15.00 30.40
CA ILE A 607 13.82 15.13 29.58
C ILE A 607 13.76 16.39 28.71
N PHE A 608 12.56 16.84 28.34
CA PHE A 608 12.45 18.12 27.62
C PHE A 608 12.84 19.29 28.50
N HIS A 609 12.37 19.29 29.76
CA HIS A 609 12.80 20.28 30.76
C HIS A 609 14.31 20.24 30.94
N PHE A 610 14.87 19.03 31.08
CA PHE A 610 16.31 18.87 31.28
C PHE A 610 17.11 19.44 30.11
N SER A 611 16.74 19.04 28.88
CA SER A 611 17.46 19.49 27.69
C SER A 611 17.41 21.00 27.55
N TRP A 612 16.20 21.58 27.68
CA TRP A 612 16.06 23.02 27.51
C TRP A 612 16.77 23.79 28.62
N LYS A 613 16.65 23.35 29.88
CA LYS A 613 17.24 24.09 30.99
C LYS A 613 18.77 24.04 30.97
N MET A 614 19.36 22.87 30.65
CA MET A 614 20.82 22.83 30.52
C MET A 614 21.30 23.61 29.30
N GLN A 615 20.57 23.54 28.17
CA GLN A 615 21.02 24.27 26.99
C GLN A 615 20.85 25.78 27.15
N SER A 616 19.91 26.22 27.96
CA SER A 616 19.63 27.65 28.10
C SER A 616 20.35 28.31 29.26
N ASP A 617 20.57 27.61 30.36
CA ASP A 617 21.10 28.25 31.57
C ASP A 617 22.39 27.64 32.08
N VAL A 618 22.81 26.47 31.60
CA VAL A 618 23.98 25.81 32.17
C VAL A 618 25.05 25.60 31.10
N TRP A 619 24.72 24.87 30.03
CA TRP A 619 25.71 24.56 29.02
C TRP A 619 25.99 25.78 28.15
N GLY A 620 27.26 25.94 27.77
CA GLY A 620 27.63 27.03 26.90
C GLY A 620 29.14 27.20 26.85
N THR A 621 29.57 28.29 26.23
CA THR A 621 30.98 28.61 26.06
C THR A 621 31.36 29.81 26.93
N VAL A 622 32.52 29.71 27.58
CA VAL A 622 33.09 30.83 28.33
C VAL A 622 34.07 31.57 27.44
N GLN A 623 33.93 32.89 27.37
CA GLN A 623 34.85 33.75 26.65
C GLN A 623 35.36 34.87 27.54
N ALA A 624 36.10 35.82 26.95
CA ALA A 624 36.80 36.87 27.70
C ALA A 624 35.83 37.73 28.52
N ASP A 625 36.36 38.25 29.64
CA ASP A 625 35.66 38.96 30.72
C ASP A 625 34.68 38.06 31.49
N GLY A 626 34.78 36.75 31.33
CA GLY A 626 34.10 35.80 32.18
C GLY A 626 32.60 35.65 31.93
N THR A 627 32.07 36.24 30.87
CA THR A 627 30.67 36.04 30.53
C THR A 627 30.47 34.69 29.87
N VAL A 628 29.33 34.07 30.14
CA VAL A 628 29.00 32.74 29.65
C VAL A 628 27.95 32.89 28.56
N THR A 629 28.29 32.46 27.35
CA THR A 629 27.34 32.46 26.24
C THR A 629 26.70 31.09 26.15
N HIS A 630 25.42 31.01 26.49
CA HIS A 630 24.69 29.75 26.49
C HIS A 630 24.27 29.37 25.07
N ILE A 631 23.87 28.10 24.93
CA ILE A 631 23.56 27.55 23.61
C ILE A 631 22.36 28.24 22.99
N THR A 632 21.29 28.43 23.79
CA THR A 632 20.08 29.09 23.30
C THR A 632 19.92 30.50 23.85
N GLY A 633 20.95 31.04 24.50
CA GLY A 633 20.96 32.42 24.96
C GLY A 633 19.98 32.77 26.06
N GLY A 634 19.76 31.87 27.01
CA GLY A 634 18.93 32.17 28.18
C GLY A 634 17.46 32.39 27.91
N ASN A 635 16.88 31.63 26.97
CA ASN A 635 15.49 31.82 26.58
C ASN A 635 14.50 31.09 27.47
N PHE A 636 14.98 30.25 28.40
CA PHE A 636 14.10 29.41 29.19
C PHE A 636 13.19 30.21 30.11
N ALA A 637 13.69 31.31 30.66
CA ALA A 637 12.93 32.08 31.65
C ALA A 637 11.67 32.70 31.07
N GLN A 638 11.73 33.17 29.82
CA GLN A 638 10.59 33.85 29.21
C GLN A 638 9.78 32.98 28.26
N SER A 639 10.32 31.84 27.82
CA SER A 639 9.61 31.01 26.85
C SER A 639 9.00 29.74 27.44
N ALA A 640 9.57 29.17 28.50
CA ALA A 640 9.06 27.93 29.05
C ALA A 640 7.81 28.12 29.93
N ILE A 641 7.22 29.30 29.92
CA ILE A 641 5.99 29.57 30.67
C ILE A 641 4.74 29.39 29.82
N THR A 642 4.89 29.19 28.52
CA THR A 642 3.77 28.95 27.61
C THR A 642 4.03 27.68 26.81
N ILE A 643 2.95 27.07 26.33
CA ILE A 643 3.09 25.95 25.41
C ILE A 643 3.64 26.42 24.07
N ASN A 644 3.29 27.64 23.65
CA ASN A 644 3.83 28.21 22.42
C ASN A 644 5.34 28.38 22.49
N GLY A 645 5.85 28.78 23.66
CA GLY A 645 7.29 28.90 23.82
C GLY A 645 8.00 27.57 23.73
N TRP A 646 7.40 26.52 24.31
CA TRP A 646 7.93 25.18 24.17
C TRP A 646 7.88 24.72 22.72
N LEU A 647 6.80 25.07 22.02
CA LEU A 647 6.60 24.65 20.63
C LEU A 647 7.60 25.31 19.70
N ARG A 648 7.85 26.60 19.89
CA ARG A 648 8.71 27.37 19.00
C ARG A 648 10.18 27.34 19.40
N ASP A 649 10.50 27.75 20.63
CA ASP A 649 11.88 27.94 21.02
C ASP A 649 12.58 26.66 21.44
N PHE A 650 11.83 25.59 21.72
CA PHE A 650 12.44 24.31 22.05
C PHE A 650 12.20 23.25 20.97
N LEU A 651 10.95 23.03 20.59
CA LEU A 651 10.66 21.96 19.62
C LEU A 651 11.02 22.39 18.20
N TRP A 652 10.52 23.55 17.77
CA TRP A 652 10.80 24.02 16.42
C TRP A 652 12.25 24.44 16.23
N ALA A 653 12.83 25.11 17.25
CA ALA A 653 14.15 25.70 17.10
C ALA A 653 15.25 24.64 17.06
N GLN A 654 15.18 23.66 17.95
CA GLN A 654 16.25 22.68 18.10
C GLN A 654 16.10 21.49 17.18
N ALA A 655 15.00 21.38 16.44
CA ALA A 655 14.85 20.35 15.43
C ALA A 655 15.46 20.74 14.09
N SER A 656 16.03 21.95 14.00
CA SER A 656 16.70 22.38 12.77
C SER A 656 17.91 21.51 12.46
N GLN A 657 18.56 20.98 13.49
CA GLN A 657 19.77 20.19 13.30
C GLN A 657 19.48 18.79 12.76
N VAL A 658 18.36 18.19 13.17
CA VAL A 658 18.06 16.84 12.70
C VAL A 658 17.44 16.85 11.30
N ILE A 659 16.75 17.93 10.91
CA ILE A 659 16.15 17.99 9.58
C ILE A 659 17.08 18.55 8.51
N GLN A 660 18.17 19.21 8.91
CA GLN A 660 19.21 19.63 7.98
C GLN A 660 20.45 18.77 8.09
N SER A 661 20.32 17.57 8.65
CA SER A 661 21.44 16.66 8.80
C SER A 661 21.71 15.85 7.54
N TYR A 662 20.82 15.92 6.55
CA TYR A 662 20.98 15.15 5.32
C TYR A 662 22.22 15.60 4.56
N GLY A 663 23.00 14.64 4.08
CA GLY A 663 24.25 14.92 3.43
C GLY A 663 25.42 15.10 4.39
N SER A 664 25.22 14.84 5.67
CA SER A 664 26.27 14.93 6.69
C SER A 664 26.36 13.61 7.43
N ALA A 665 27.25 13.57 8.43
CA ALA A 665 27.43 12.36 9.21
C ALA A 665 26.26 12.06 10.14
N LEU A 666 25.45 13.05 10.48
CA LEU A 666 24.30 12.85 11.37
C LEU A 666 23.01 12.52 10.62
N SER A 667 23.10 12.24 9.32
CA SER A 667 21.91 12.04 8.50
C SER A 667 21.15 10.78 8.90
N ALA A 668 21.85 9.81 9.49
CA ALA A 668 21.20 8.61 9.99
C ALA A 668 20.19 8.95 11.07
N TYR A 669 20.49 9.96 11.89
CA TYR A 669 19.54 10.36 12.92
C TYR A 669 18.29 10.93 12.29
N GLY A 670 18.46 11.67 11.19
CA GLY A 670 17.32 12.18 10.46
C GLY A 670 16.48 11.06 9.88
N LEU A 671 17.16 10.04 9.34
CA LEU A 671 16.46 8.88 8.82
C LEU A 671 15.70 8.18 9.93
N ILE A 672 16.35 8.04 11.09
CA ILE A 672 15.73 7.38 12.23
C ILE A 672 14.60 8.24 12.73
N PHE A 673 14.78 9.57 12.64
CA PHE A 673 13.74 10.53 13.02
C PHE A 673 12.49 10.26 12.21
N LEU A 674 12.65 10.17 10.87
CA LEU A 674 11.51 9.90 9.99
C LEU A 674 10.95 8.54 10.28
N GLY A 675 11.84 7.54 10.48
CA GLY A 675 11.38 6.19 10.69
C GLY A 675 10.62 6.06 11.98
N ALA A 676 11.01 6.83 12.99
CA ALA A 676 10.29 6.72 14.25
C ALA A 676 8.93 7.39 14.10
N HIS A 677 8.94 8.52 13.38
CA HIS A 677 7.71 9.21 12.98
C HIS A 677 6.79 8.27 12.20
N PHE A 678 7.36 7.37 11.40
CA PHE A 678 6.53 6.40 10.71
C PHE A 678 5.93 5.40 11.70
N ILE A 679 6.78 4.80 12.53
CA ILE A 679 6.37 3.60 13.26
C ILE A 679 5.35 3.95 14.34
N TRP A 680 5.52 5.12 14.98
CA TRP A 680 4.59 5.61 15.99
C TRP A 680 3.20 5.79 15.39
N ALA A 681 3.13 6.35 14.17
CA ALA A 681 1.84 6.52 13.52
C ALA A 681 1.26 5.18 13.15
N PHE A 682 2.13 4.25 12.74
CA PHE A 682 1.73 2.88 12.45
C PHE A 682 1.14 2.23 13.69
N SER A 683 1.63 2.62 14.87
CA SER A 683 1.13 2.06 16.12
C SER A 683 -0.32 2.42 16.36
N LEU A 684 -0.75 3.59 15.87
CA LEU A 684 -2.12 3.99 16.10
C LEU A 684 -3.10 3.12 15.34
N MET A 685 -2.63 2.47 14.27
CA MET A 685 -3.49 1.55 13.53
C MET A 685 -3.89 0.38 14.41
N PHE A 686 -2.96 -0.09 15.24
CA PHE A 686 -3.35 -1.07 16.24
C PHE A 686 -4.14 -0.43 17.38
N LEU A 687 -3.78 0.79 17.78
CA LEU A 687 -4.36 1.36 19.00
C LEU A 687 -5.81 1.78 18.81
N PHE A 688 -6.14 2.35 17.65
CA PHE A 688 -7.47 2.91 17.44
C PHE A 688 -8.48 1.90 16.93
N SER A 689 -8.03 0.76 16.40
CA SER A 689 -8.92 -0.16 15.72
C SER A 689 -9.29 -1.34 16.62
N GLY A 690 -10.09 -2.26 16.07
CA GLY A 690 -10.57 -3.39 16.81
C GLY A 690 -10.47 -4.68 16.00
N ARG A 691 -10.63 -5.79 16.71
CA ARG A 691 -10.30 -7.11 16.17
C ARG A 691 -11.24 -7.57 15.07
N GLY A 692 -12.54 -7.24 15.19
CA GLY A 692 -13.52 -7.80 14.27
C GLY A 692 -13.34 -7.34 12.83
N TYR A 693 -13.01 -6.07 12.64
CA TYR A 693 -12.71 -5.54 11.31
C TYR A 693 -11.56 -6.32 10.65
N TRP A 694 -10.46 -6.49 11.38
CA TRP A 694 -9.30 -7.17 10.83
C TRP A 694 -9.58 -8.65 10.61
N GLN A 695 -10.40 -9.26 11.47
CA GLN A 695 -10.76 -10.66 11.27
C GLN A 695 -11.62 -10.85 10.02
N GLU A 696 -12.54 -9.93 9.74
CA GLU A 696 -13.34 -10.05 8.52
C GLU A 696 -12.51 -9.75 7.27
N LEU A 697 -11.58 -8.78 7.36
CA LEU A 697 -10.67 -8.55 6.26
C LEU A 697 -9.78 -9.77 6.01
N ILE A 698 -9.34 -10.43 7.09
CA ILE A 698 -8.60 -11.67 6.98
C ILE A 698 -9.46 -12.78 6.41
N GLU A 699 -10.78 -12.76 6.66
CA GLU A 699 -11.71 -13.68 6.01
C GLU A 699 -11.70 -13.49 4.50
N SER A 700 -11.74 -12.23 4.05
CA SER A 700 -11.69 -11.95 2.61
C SER A 700 -10.35 -12.39 2.00
N ILE A 701 -9.24 -12.12 2.70
CA ILE A 701 -7.92 -12.54 2.21
C ILE A 701 -7.81 -14.07 2.20
N VAL A 702 -8.45 -14.74 3.17
CA VAL A 702 -8.51 -16.20 3.19
C VAL A 702 -9.32 -16.72 2.01
N TRP A 703 -10.39 -16.03 1.64
CA TRP A 703 -11.13 -16.39 0.43
C TRP A 703 -10.25 -16.27 -0.80
N ALA A 704 -9.47 -15.19 -0.88
CA ALA A 704 -8.55 -14.98 -2.00
C ALA A 704 -7.51 -16.08 -2.10
N HIS A 705 -6.94 -16.48 -0.96
CA HIS A 705 -5.98 -17.58 -0.94
C HIS A 705 -6.65 -18.93 -1.22
N ASN A 706 -7.92 -19.08 -0.83
CA ASN A 706 -8.67 -20.30 -1.16
C ASN A 706 -8.96 -20.41 -2.65
N LYS A 707 -9.12 -19.27 -3.33
CA LYS A 707 -9.41 -19.32 -4.76
C LYS A 707 -8.24 -19.90 -5.56
N LEU A 708 -7.01 -19.67 -5.11
CA LEU A 708 -5.84 -20.23 -5.74
C LEU A 708 -5.32 -21.48 -5.03
N ASN A 709 -6.10 -22.02 -4.08
CA ASN A 709 -5.78 -23.24 -3.32
C ASN A 709 -4.45 -23.11 -2.58
N VAL A 710 -4.22 -21.94 -1.98
CA VAL A 710 -2.94 -21.62 -1.36
C VAL A 710 -3.22 -21.17 0.07
N ALA A 711 -4.35 -21.59 0.61
CA ALA A 711 -4.66 -21.32 2.01
C ALA A 711 -3.74 -22.15 2.91
N PRO A 712 -3.14 -21.53 3.93
CA PRO A 712 -2.27 -22.28 4.84
C PRO A 712 -3.07 -23.21 5.75
N ALA A 713 -2.40 -24.27 6.20
CA ALA A 713 -3.02 -25.19 7.15
C ALA A 713 -3.23 -24.54 8.49
N ILE A 714 -2.28 -23.71 8.92
CA ILE A 714 -2.43 -22.93 10.14
C ILE A 714 -3.33 -21.74 9.80
N GLN A 715 -4.55 -21.76 10.32
CA GLN A 715 -5.56 -20.77 9.97
C GLN A 715 -5.15 -19.39 10.47
N PRO A 716 -5.04 -18.39 9.60
CA PRO A 716 -4.67 -17.04 10.06
C PRO A 716 -5.82 -16.40 10.83
N ARG A 717 -5.49 -15.83 11.98
CA ARG A 717 -6.43 -15.10 12.82
C ARG A 717 -5.84 -13.72 13.09
N ALA A 718 -6.71 -12.75 13.34
CA ALA A 718 -6.25 -11.45 13.78
C ALA A 718 -5.59 -11.56 15.15
N LEU A 719 -4.68 -10.62 15.45
CA LEU A 719 -4.06 -10.56 16.76
C LEU A 719 -5.12 -10.33 17.83
N SER A 720 -4.89 -10.89 19.01
CA SER A 720 -5.84 -10.75 20.11
C SER A 720 -5.96 -9.29 20.54
N ILE A 721 -7.06 -9.00 21.24
CA ILE A 721 -7.36 -7.65 21.72
C ILE A 721 -6.24 -7.16 22.64
N THR A 722 -5.81 -8.03 23.56
CA THR A 722 -4.66 -7.73 24.40
C THR A 722 -3.39 -7.59 23.56
N GLN A 723 -3.21 -8.46 22.55
CA GLN A 723 -2.05 -8.33 21.68
C GLN A 723 -2.15 -7.09 20.80
N GLY A 724 -3.35 -6.71 20.38
CA GLY A 724 -3.51 -5.45 19.65
C GLY A 724 -3.09 -4.25 20.48
N ARG A 725 -3.52 -4.22 21.75
CA ARG A 725 -3.11 -3.15 22.67
C ARG A 725 -1.60 -3.17 22.90
N ALA A 726 -1.03 -4.36 23.09
CA ALA A 726 0.40 -4.48 23.37
C ALA A 726 1.25 -4.09 22.19
N VAL A 727 0.86 -4.51 20.98
CA VAL A 727 1.61 -4.16 19.77
C VAL A 727 1.52 -2.67 19.49
N GLY A 728 0.32 -2.08 19.65
CA GLY A 728 0.21 -0.63 19.51
C GLY A 728 1.03 0.13 20.53
N LEU A 729 1.05 -0.34 21.77
CA LEU A 729 1.85 0.30 22.81
C LEU A 729 3.34 0.15 22.56
N ALA A 730 3.78 -1.02 22.11
CA ALA A 730 5.20 -1.26 21.86
C ALA A 730 5.70 -0.40 20.69
N HIS A 731 4.95 -0.35 19.59
CA HIS A 731 5.37 0.48 18.48
C HIS A 731 5.24 1.97 18.80
N TYR A 732 4.26 2.35 19.64
CA TYR A 732 4.11 3.73 20.09
C TYR A 732 5.32 4.17 20.92
N LEU A 733 5.71 3.34 21.90
CA LEU A 733 6.85 3.65 22.75
C LEU A 733 8.14 3.68 21.95
N LEU A 734 8.31 2.72 21.03
CA LEU A 734 9.49 2.70 20.16
C LEU A 734 9.55 3.95 19.30
N GLY A 735 8.42 4.36 18.72
CA GLY A 735 8.40 5.56 17.89
C GLY A 735 8.69 6.82 18.66
N GLY A 736 8.05 7.00 19.82
CA GLY A 736 8.27 8.21 20.59
C GLY A 736 9.68 8.30 21.16
N ILE A 737 10.18 7.19 21.72
CA ILE A 737 11.53 7.18 22.27
C ILE A 737 12.57 7.34 21.17
N GLY A 738 12.35 6.73 19.99
CA GLY A 738 13.26 6.94 18.88
C GLY A 738 13.24 8.35 18.32
N THR A 739 12.07 8.99 18.30
CA THR A 739 11.98 10.37 17.84
C THR A 739 12.74 11.31 18.78
N THR A 740 12.51 11.16 20.08
CA THR A 740 13.25 11.96 21.06
C THR A 740 14.73 11.63 21.03
N TRP A 741 15.08 10.36 20.80
CA TRP A 741 16.46 9.91 20.69
C TRP A 741 17.19 10.60 19.55
N ALA A 742 16.61 10.54 18.34
CA ALA A 742 17.24 11.15 17.18
C ALA A 742 17.32 12.67 17.32
N PHE A 743 16.24 13.30 17.80
CA PHE A 743 16.22 14.75 17.95
C PHE A 743 17.25 15.22 18.95
N PHE A 744 17.26 14.62 20.16
CA PHE A 744 18.24 14.94 21.19
C PHE A 744 19.66 14.74 20.69
N LEU A 745 19.95 13.57 20.10
CA LEU A 745 21.33 13.24 19.74
C LEU A 745 21.84 14.11 18.61
N ALA A 746 21.03 14.34 17.56
CA ALA A 746 21.45 15.20 16.47
C ALA A 746 21.68 16.62 16.95
N ARG A 747 20.76 17.15 17.76
CA ARG A 747 20.90 18.52 18.26
C ARG A 747 22.15 18.67 19.13
N ILE A 748 22.34 17.76 20.09
CA ILE A 748 23.43 17.94 21.04
C ILE A 748 24.78 17.59 20.44
N ILE A 749 24.84 16.71 19.42
CA ILE A 749 26.11 16.49 18.73
C ILE A 749 26.45 17.71 17.87
N SER A 750 25.44 18.31 17.22
CA SER A 750 25.70 19.45 16.35
C SER A 750 26.14 20.69 17.12
N VAL A 751 25.40 21.05 18.18
CA VAL A 751 25.68 22.32 18.87
C VAL A 751 26.57 22.15 20.10
N GLY A 752 26.80 20.92 20.55
CA GLY A 752 27.63 20.70 21.73
C GLY A 752 28.72 19.66 21.52
N THR B 3 -38.25 10.84 33.58
CA THR B 3 -37.37 11.31 32.52
C THR B 3 -38.03 11.10 31.16
N LYS B 4 -38.46 12.19 30.52
CA LYS B 4 -39.16 12.12 29.25
C LYS B 4 -38.53 13.04 28.20
N PHE B 5 -37.21 13.27 28.28
CA PHE B 5 -36.53 13.96 27.19
C PHE B 5 -36.55 13.13 25.90
N PRO B 6 -35.99 11.88 25.84
CA PRO B 6 -36.18 11.18 24.56
C PRO B 6 -37.59 10.60 24.43
N LYS B 7 -38.54 11.45 24.05
CA LYS B 7 -39.93 11.03 23.86
C LYS B 7 -40.09 10.07 22.70
N PHE B 8 -39.11 10.00 21.80
CA PHE B 8 -39.13 9.12 20.64
C PHE B 8 -38.59 7.73 20.95
N SER B 9 -38.07 7.50 22.16
CA SER B 9 -37.54 6.21 22.55
C SER B 9 -37.93 5.93 24.00
N GLN B 10 -38.85 4.98 24.20
CA GLN B 10 -39.23 4.57 25.55
C GLN B 10 -38.08 3.88 26.27
N ALA B 11 -37.29 3.09 25.53
CA ALA B 11 -36.14 2.39 26.12
C ALA B 11 -35.09 3.37 26.61
N LEU B 12 -34.86 4.45 25.86
CA LEU B 12 -33.92 5.47 26.31
C LEU B 12 -34.49 6.29 27.46
N ALA B 13 -35.80 6.56 27.44
CA ALA B 13 -36.42 7.38 28.48
C ALA B 13 -36.45 6.69 29.83
N GLN B 14 -36.39 5.37 29.87
CA GLN B 14 -36.34 4.63 31.12
C GLN B 14 -34.91 4.37 31.61
N ASP B 15 -33.90 4.89 30.91
CA ASP B 15 -32.53 4.72 31.37
C ASP B 15 -32.30 5.58 32.61
N PRO B 16 -31.80 5.00 33.69
CA PRO B 16 -31.59 5.77 34.93
C PRO B 16 -30.27 6.52 35.01
N ALA B 17 -29.45 6.47 33.98
CA ALA B 17 -28.11 7.03 34.02
C ALA B 17 -27.96 8.21 33.07
N THR B 18 -26.74 8.75 33.00
CA THR B 18 -26.41 9.84 32.09
C THR B 18 -26.32 9.39 30.63
N ARG B 19 -26.36 8.09 30.37
CA ARG B 19 -26.35 7.57 29.01
C ARG B 19 -27.61 8.01 28.24
N ARG B 20 -28.70 8.25 28.96
CA ARG B 20 -29.97 8.65 28.35
C ARG B 20 -29.85 9.95 27.58
N ILE B 21 -29.19 10.96 28.16
CA ILE B 21 -29.08 12.27 27.52
C ILE B 21 -28.21 12.18 26.28
N TRP B 22 -27.07 11.48 26.37
CA TRP B 22 -26.16 11.32 25.24
C TRP B 22 -26.83 10.57 24.09
N TYR B 23 -27.50 9.46 24.40
CA TYR B 23 -28.09 8.65 23.34
C TYR B 23 -29.34 9.31 22.76
N GLY B 24 -30.07 10.09 23.57
CA GLY B 24 -31.13 10.90 23.02
C GLY B 24 -30.60 12.01 22.11
N LEU B 25 -29.44 12.57 22.46
CA LEU B 25 -28.82 13.56 21.60
C LEU B 25 -28.34 12.96 20.28
N ALA B 26 -27.83 11.73 20.32
CA ALA B 26 -27.24 11.14 19.14
C ALA B 26 -28.24 10.41 18.25
N THR B 27 -29.45 10.15 18.74
CA THR B 27 -30.49 9.46 17.98
C THR B 27 -31.70 10.36 17.74
N ALA B 28 -31.55 11.67 17.96
CA ALA B 28 -32.69 12.58 17.88
C ALA B 28 -33.20 12.73 16.45
N HIS B 29 -32.30 12.71 15.48
CA HIS B 29 -32.67 12.88 14.08
C HIS B 29 -32.72 11.54 13.34
N ASP B 30 -32.59 10.43 14.05
CA ASP B 30 -32.72 9.09 13.49
C ASP B 30 -34.19 8.68 13.56
N LEU B 31 -34.98 9.28 12.67
CA LEU B 31 -36.43 9.15 12.73
C LEU B 31 -36.90 7.74 12.40
N GLU B 32 -36.12 6.99 11.60
CA GLU B 32 -36.52 5.63 11.23
C GLU B 32 -36.50 4.68 12.42
N SER B 33 -35.70 4.98 13.44
CA SER B 33 -35.59 4.12 14.62
C SER B 33 -36.52 4.53 15.75
N HIS B 34 -37.34 5.56 15.56
CA HIS B 34 -38.18 6.07 16.63
C HIS B 34 -39.38 5.14 16.87
N ASP B 35 -39.99 5.31 18.04
CA ASP B 35 -41.16 4.53 18.41
C ASP B 35 -42.36 4.89 17.53
N GLY B 36 -42.91 3.88 16.85
CA GLY B 36 -44.16 4.02 16.12
C GLY B 36 -44.09 4.98 14.95
N MET B 37 -42.94 5.05 14.27
CA MET B 37 -42.81 5.89 13.09
C MET B 37 -43.38 5.19 11.87
N THR B 38 -44.31 5.85 11.20
CA THR B 38 -44.83 5.36 9.93
C THR B 38 -44.14 6.08 8.78
N GLU B 39 -44.25 5.48 7.59
CA GLU B 39 -43.53 5.99 6.42
C GLU B 39 -44.01 7.38 5.99
N GLU B 40 -45.32 7.62 6.04
CA GLU B 40 -45.85 8.93 5.67
C GLU B 40 -45.40 10.01 6.65
N ASN B 41 -45.46 9.72 7.96
CA ASN B 41 -44.95 10.65 8.96
C ASN B 41 -43.45 10.87 8.80
N LEU B 42 -42.72 9.80 8.47
CA LEU B 42 -41.29 9.89 8.23
C LEU B 42 -40.97 10.85 7.10
N TYR B 43 -41.65 10.69 5.96
CA TYR B 43 -41.41 11.54 4.81
C TYR B 43 -41.81 12.99 5.08
N GLN B 44 -42.92 13.21 5.79
CA GLN B 44 -43.35 14.58 6.08
C GLN B 44 -42.38 15.29 7.03
N LYS B 45 -41.89 14.58 8.06
CA LYS B 45 -40.88 15.15 8.94
C LYS B 45 -39.58 15.45 8.19
N ILE B 46 -39.20 14.55 7.27
CA ILE B 46 -37.99 14.76 6.47
C ILE B 46 -38.14 15.98 5.56
N PHE B 47 -39.33 16.15 4.96
CA PHE B 47 -39.62 17.31 4.12
C PHE B 47 -39.50 18.61 4.91
N ALA B 48 -40.10 18.65 6.10
CA ALA B 48 -40.03 19.85 6.92
C ALA B 48 -38.62 20.12 7.44
N SER B 49 -37.87 19.07 7.77
CA SER B 49 -36.47 19.23 8.18
C SER B 49 -35.61 19.77 7.04
N HIS B 50 -35.89 19.32 5.81
CA HIS B 50 -35.19 19.85 4.64
C HIS B 50 -35.51 21.32 4.43
N PHE B 51 -36.78 21.69 4.66
CA PHE B 51 -37.16 23.11 4.65
C PHE B 51 -36.39 23.91 5.69
N GLY B 52 -36.28 23.36 6.91
CA GLY B 52 -35.54 24.04 7.97
C GLY B 52 -34.06 24.21 7.65
N HIS B 53 -33.44 23.20 7.03
CA HIS B 53 -32.03 23.33 6.65
C HIS B 53 -31.86 24.37 5.54
N LEU B 54 -32.79 24.41 4.59
CA LEU B 54 -32.79 25.46 3.57
C LEU B 54 -32.88 26.85 4.18
N ALA B 55 -33.77 27.01 5.17
CA ALA B 55 -33.90 28.28 5.88
C ALA B 55 -32.62 28.64 6.63
N VAL B 56 -31.97 27.64 7.22
CA VAL B 56 -30.70 27.87 7.91
C VAL B 56 -29.63 28.37 6.95
N ILE B 57 -29.54 27.75 5.76
CA ILE B 57 -28.59 28.17 4.74
C ILE B 57 -28.86 29.61 4.30
N PHE B 58 -30.14 29.95 4.07
CA PHE B 58 -30.48 31.30 3.67
C PHE B 58 -30.19 32.32 4.76
N LEU B 59 -30.44 31.96 6.03
CA LEU B 59 -30.10 32.85 7.14
C LEU B 59 -28.60 33.07 7.26
N TRP B 60 -27.80 32.01 7.06
CA TRP B 60 -26.35 32.16 7.10
C TRP B 60 -25.83 33.07 5.99
N THR B 61 -26.36 32.91 4.77
CA THR B 61 -25.94 33.76 3.66
C THR B 61 -26.38 35.21 3.87
N SER B 62 -27.60 35.41 4.39
CA SER B 62 -28.08 36.74 4.71
C SER B 62 -27.25 37.38 5.82
N GLY B 63 -26.79 36.56 6.77
CA GLY B 63 -25.93 37.07 7.82
C GLY B 63 -24.57 37.52 7.29
N ASN B 64 -24.00 36.73 6.37
CA ASN B 64 -22.77 37.15 5.71
C ASN B 64 -22.96 38.48 4.98
N LEU B 65 -24.06 38.60 4.22
CA LEU B 65 -24.33 39.82 3.47
C LEU B 65 -24.53 41.02 4.40
N PHE B 66 -25.27 40.83 5.50
CA PHE B 66 -25.53 41.92 6.43
C PHE B 66 -24.27 42.34 7.17
N HIS B 67 -23.51 41.37 7.71
CA HIS B 67 -22.28 41.69 8.42
C HIS B 67 -21.23 42.35 7.52
N LEU B 68 -21.25 42.05 6.21
CA LEU B 68 -20.43 42.84 5.29
C LEU B 68 -20.98 44.24 5.06
N ALA B 69 -22.30 44.38 4.89
CA ALA B 69 -22.84 45.71 4.64
C ALA B 69 -22.68 46.62 5.87
N TRP B 70 -22.64 46.04 7.06
CA TRP B 70 -22.51 46.83 8.28
C TRP B 70 -21.05 47.07 8.68
N GLN B 71 -20.24 46.01 8.75
CA GLN B 71 -18.91 46.13 9.33
C GLN B 71 -17.77 45.92 8.34
N GLY B 72 -18.06 45.74 7.06
CA GLY B 72 -17.03 45.50 6.08
C GLY B 72 -16.48 46.77 5.46
N ASN B 73 -15.64 46.59 4.45
CA ASN B 73 -15.05 47.67 3.66
C ASN B 73 -15.23 47.39 2.17
N PHE B 74 -16.43 46.97 1.78
CA PHE B 74 -16.70 46.60 0.40
C PHE B 74 -16.59 47.80 -0.54
N GLU B 75 -17.09 48.96 -0.12
CA GLU B 75 -17.02 50.15 -0.95
C GLU B 75 -15.60 50.65 -1.12
N GLN B 76 -14.73 50.41 -0.13
CA GLN B 76 -13.31 50.69 -0.34
C GLN B 76 -12.65 49.61 -1.19
N TRP B 77 -13.06 48.35 -1.01
CA TRP B 77 -12.39 47.24 -1.69
C TRP B 77 -12.69 47.21 -3.19
N VAL B 78 -13.88 47.65 -3.60
CA VAL B 78 -14.22 47.66 -5.04
C VAL B 78 -13.28 48.58 -5.81
N LEU B 79 -12.90 49.71 -5.22
CA LEU B 79 -12.07 50.68 -5.91
C LEU B 79 -10.64 50.18 -6.10
N ASN B 80 -10.09 49.50 -5.09
CA ASN B 80 -8.71 49.00 -5.12
C ASN B 80 -8.68 47.53 -4.70
N PRO B 81 -9.06 46.61 -5.59
CA PRO B 81 -9.22 45.20 -5.17
C PRO B 81 -7.91 44.48 -4.87
N LEU B 82 -6.78 44.90 -5.44
CA LEU B 82 -5.54 44.15 -5.31
C LEU B 82 -4.62 44.67 -4.21
N LYS B 83 -5.01 45.71 -3.48
CA LYS B 83 -4.21 46.20 -2.36
C LYS B 83 -4.94 46.28 -1.03
N VAL B 84 -6.27 46.32 -1.02
CA VAL B 84 -7.04 46.52 0.21
C VAL B 84 -7.43 45.14 0.75
N LYS B 85 -7.19 44.93 2.05
CA LYS B 85 -7.45 43.63 2.66
C LYS B 85 -8.92 43.49 3.03
N PRO B 86 -9.59 42.44 2.56
CA PRO B 86 -11.05 42.32 2.77
C PRO B 86 -11.39 41.92 4.19
N ILE B 87 -12.38 42.60 4.76
CA ILE B 87 -12.81 42.41 6.15
C ILE B 87 -14.00 41.47 6.17
N ALA B 88 -13.92 40.40 6.97
CA ALA B 88 -15.05 39.48 7.12
C ALA B 88 -16.10 40.02 8.09
N HIS B 89 -15.69 40.28 9.34
CA HIS B 89 -16.61 40.82 10.34
C HIS B 89 -15.81 41.53 11.42
N ALA B 90 -16.53 42.27 12.27
CA ALA B 90 -15.90 43.04 13.33
C ALA B 90 -15.60 42.15 14.54
N ILE B 91 -14.67 42.63 15.36
CA ILE B 91 -14.29 41.98 16.61
C ILE B 91 -14.79 42.82 17.78
N TRP B 92 -15.52 42.19 18.70
CA TRP B 92 -15.79 42.78 20.02
C TRP B 92 -15.53 41.69 21.05
N ASP B 93 -14.32 41.67 21.61
CA ASP B 93 -13.96 40.69 22.64
C ASP B 93 -13.48 41.44 23.87
N PRO B 94 -14.23 41.41 24.98
CA PRO B 94 -13.80 42.11 26.20
C PRO B 94 -12.62 41.48 26.92
N HIS B 95 -12.18 40.27 26.54
CA HIS B 95 -10.99 39.71 27.15
C HIS B 95 -9.71 40.27 26.54
N PHE B 96 -9.81 41.03 25.44
CA PHE B 96 -8.64 41.66 24.82
C PHE B 96 -7.96 42.69 25.70
N GLY B 97 -6.63 42.67 25.67
CA GLY B 97 -5.83 43.82 26.03
C GLY B 97 -5.71 44.82 24.88
N GLN B 98 -5.14 45.97 25.21
CA GLN B 98 -4.91 47.03 24.21
C GLN B 98 -4.00 46.64 23.04
N PRO B 99 -2.84 45.97 23.21
CA PRO B 99 -2.06 45.58 22.02
C PRO B 99 -2.80 44.65 21.07
N ALA B 100 -3.69 43.80 21.57
CA ALA B 100 -4.50 42.98 20.68
C ALA B 100 -5.53 43.81 19.94
N VAL B 101 -6.04 44.87 20.56
CA VAL B 101 -6.93 45.81 19.87
C VAL B 101 -6.18 46.53 18.76
N LYS B 102 -4.94 46.97 19.05
CA LYS B 102 -4.13 47.65 18.05
C LYS B 102 -3.76 46.73 16.88
N ALA B 103 -3.39 45.48 17.18
CA ALA B 103 -2.84 44.61 16.14
C ALA B 103 -3.90 44.06 15.20
N PHE B 104 -5.17 44.05 15.59
CA PHE B 104 -6.25 43.58 14.73
C PHE B 104 -6.96 44.72 14.01
N THR B 105 -6.48 45.95 14.14
CA THR B 105 -7.09 47.12 13.51
C THR B 105 -6.46 47.28 12.12
N LYS B 106 -7.07 46.62 11.14
CA LYS B 106 -6.56 46.59 9.77
C LYS B 106 -7.68 46.93 8.80
N GLY B 107 -7.37 46.87 7.51
CA GLY B 107 -8.38 47.07 6.49
C GLY B 107 -8.83 48.49 6.28
N GLY B 108 -8.14 49.47 6.87
CA GLY B 108 -8.51 50.86 6.72
C GLY B 108 -9.63 51.33 7.63
N VAL B 109 -9.96 50.57 8.66
CA VAL B 109 -10.99 50.95 9.62
C VAL B 109 -10.33 51.21 10.97
N SER B 110 -11.14 51.71 11.91
CA SER B 110 -10.65 52.16 13.21
C SER B 110 -10.99 51.20 14.34
N TYR B 111 -11.43 49.99 14.02
CA TYR B 111 -11.80 48.99 15.01
C TYR B 111 -11.20 47.65 14.63
N PRO B 112 -11.03 46.74 15.60
CA PRO B 112 -10.48 45.41 15.28
C PRO B 112 -11.38 44.61 14.36
N VAL B 113 -10.77 44.02 13.32
CA VAL B 113 -11.48 43.26 12.31
C VAL B 113 -10.71 41.99 11.99
N ASN B 114 -11.43 41.01 11.44
CA ASN B 114 -10.85 39.80 10.88
C ASN B 114 -10.75 39.94 9.37
N ILE B 115 -9.64 39.48 8.80
CA ILE B 115 -9.42 39.60 7.36
C ILE B 115 -10.06 38.41 6.67
N ALA B 116 -10.97 38.68 5.74
CA ALA B 116 -11.79 37.64 5.12
C ALA B 116 -10.96 36.70 4.26
N THR B 117 -11.21 35.41 4.41
CA THR B 117 -10.63 34.39 3.56
C THR B 117 -11.66 33.64 2.72
N SER B 118 -12.96 33.96 2.88
CA SER B 118 -14.00 33.21 2.20
C SER B 118 -14.16 33.60 0.73
N GLY B 119 -13.61 34.74 0.30
CA GLY B 119 -13.72 35.15 -1.08
C GLY B 119 -15.06 35.71 -1.48
N VAL B 120 -15.88 36.12 -0.51
CA VAL B 120 -17.19 36.68 -0.83
C VAL B 120 -17.06 38.04 -1.52
N TYR B 121 -15.96 38.76 -1.28
CA TYR B 121 -15.72 40.04 -1.94
C TYR B 121 -15.62 39.86 -3.45
N HIS B 122 -14.78 38.93 -3.90
CA HIS B 122 -14.57 38.71 -5.32
C HIS B 122 -15.84 38.21 -6.00
N TRP B 123 -16.57 37.30 -5.34
CA TRP B 123 -17.81 36.76 -5.89
C TRP B 123 -18.87 37.85 -6.02
N TRP B 124 -19.08 38.62 -4.95
CA TRP B 124 -20.10 39.67 -4.99
C TRP B 124 -19.72 40.82 -5.93
N TYR B 125 -18.43 41.15 -6.03
CA TYR B 125 -17.98 42.17 -6.96
C TYR B 125 -18.13 41.73 -8.40
N THR B 126 -17.86 40.44 -8.69
CA THR B 126 -17.93 39.94 -10.05
C THR B 126 -19.38 39.91 -10.55
N ILE B 127 -20.32 39.58 -9.66
CA ILE B 127 -21.73 39.46 -10.06
C ILE B 127 -22.47 40.78 -10.06
N GLY B 128 -21.78 41.89 -9.78
CA GLY B 128 -22.30 43.22 -10.04
C GLY B 128 -22.61 44.09 -8.84
N MET B 129 -22.43 43.60 -7.61
CA MET B 129 -22.54 44.47 -6.45
C MET B 129 -21.32 45.38 -6.30
N ARG B 130 -21.60 46.65 -6.02
CA ARG B 130 -20.55 47.67 -5.90
C ARG B 130 -20.58 48.42 -4.58
N SER B 131 -21.75 48.67 -4.01
CA SER B 131 -21.90 49.45 -2.79
C SER B 131 -22.32 48.55 -1.63
N ASN B 132 -22.54 49.17 -0.46
CA ASN B 132 -23.07 48.48 0.70
C ASN B 132 -24.59 48.39 0.71
N THR B 133 -25.28 49.21 -0.09
CA THR B 133 -26.74 49.27 -0.05
C THR B 133 -27.36 47.99 -0.61
N ASP B 134 -26.88 47.56 -1.78
CA ASP B 134 -27.41 46.34 -2.39
C ASP B 134 -27.01 45.09 -1.63
N LEU B 135 -25.88 45.12 -0.90
CA LEU B 135 -25.54 44.02 0.00
C LEU B 135 -26.59 43.88 1.10
N TYR B 136 -26.99 45.01 1.69
CA TYR B 136 -28.04 45.00 2.71
C TYR B 136 -29.38 44.57 2.13
N ALA B 137 -29.69 45.02 0.91
CA ALA B 137 -30.94 44.62 0.25
C ALA B 137 -30.96 43.12 -0.04
N GLY B 138 -29.82 42.55 -0.46
CA GLY B 138 -29.74 41.11 -0.63
C GLY B 138 -29.88 40.35 0.67
N SER B 139 -29.30 40.89 1.75
CA SER B 139 -29.46 40.29 3.06
C SER B 139 -30.92 40.32 3.51
N LEU B 140 -31.62 41.42 3.25
CA LEU B 140 -33.05 41.50 3.56
C LEU B 140 -33.86 40.50 2.74
N PHE B 141 -33.54 40.38 1.45
CA PHE B 141 -34.25 39.44 0.59
C PHE B 141 -34.04 38.00 1.05
N LEU B 142 -32.83 37.66 1.47
CA LEU B 142 -32.59 36.30 1.96
C LEU B 142 -33.21 36.07 3.33
N LEU B 143 -33.28 37.10 4.19
CA LEU B 143 -34.04 36.98 5.44
C LEU B 143 -35.51 36.69 5.16
N PHE B 144 -36.09 37.43 4.21
CA PHE B 144 -37.48 37.20 3.81
C PHE B 144 -37.67 35.82 3.20
N LEU B 145 -36.73 35.38 2.37
CA LEU B 145 -36.80 34.07 1.75
C LEU B 145 -36.70 32.94 2.79
N ALA B 146 -35.82 33.10 3.78
CA ALA B 146 -35.71 32.15 4.87
C ALA B 146 -36.99 32.11 5.69
N GLY B 147 -37.60 33.26 5.95
CA GLY B 147 -38.89 33.28 6.62
C GLY B 147 -39.98 32.59 5.81
N VAL B 148 -39.96 32.79 4.49
CA VAL B 148 -40.91 32.13 3.59
C VAL B 148 -40.73 30.61 3.65
N PHE B 149 -39.48 30.14 3.66
CA PHE B 149 -39.26 28.69 3.71
C PHE B 149 -39.57 28.10 5.08
N LEU B 150 -39.37 28.88 6.17
CA LEU B 150 -39.83 28.45 7.49
C LEU B 150 -41.36 28.32 7.53
N PHE B 151 -42.06 29.30 6.96
CA PHE B 151 -43.51 29.25 6.89
C PHE B 151 -43.98 28.09 6.03
N ALA B 152 -43.26 27.80 4.95
CA ALA B 152 -43.59 26.65 4.10
C ALA B 152 -43.37 25.33 4.83
N GLY B 153 -42.29 25.25 5.62
CA GLY B 153 -42.06 24.05 6.42
C GLY B 153 -43.16 23.83 7.45
N TRP B 154 -43.63 24.90 8.07
CA TRP B 154 -44.78 24.78 8.98
C TRP B 154 -46.05 24.41 8.22
N LEU B 155 -46.28 25.05 7.06
CA LEU B 155 -47.52 24.86 6.30
C LEU B 155 -47.63 23.46 5.72
N HIS B 156 -46.54 22.92 5.18
CA HIS B 156 -46.57 21.61 4.54
C HIS B 156 -46.52 20.46 5.57
N LEU B 157 -46.57 20.77 6.87
CA LEU B 157 -46.87 19.82 7.93
C LEU B 157 -48.30 19.94 8.46
N GLN B 158 -48.99 21.03 8.16
CA GLN B 158 -50.34 21.23 8.62
C GLN B 158 -51.29 20.25 7.92
N PRO B 159 -52.40 19.87 8.57
CA PRO B 159 -53.39 19.01 7.91
C PRO B 159 -53.99 19.66 6.68
N LYS B 160 -54.46 18.79 5.77
CA LYS B 160 -54.90 19.02 4.38
C LYS B 160 -53.81 19.64 3.52
N PHE B 161 -52.55 19.62 3.98
CA PHE B 161 -51.39 19.98 3.19
C PHE B 161 -50.28 18.95 3.29
N ARG B 162 -50.35 18.02 4.24
CA ARG B 162 -49.41 16.93 4.37
C ARG B 162 -49.45 16.02 3.14
N PRO B 163 -48.36 15.87 2.41
CA PRO B 163 -48.39 15.10 1.17
C PRO B 163 -48.40 13.61 1.44
N GLY B 164 -48.98 12.87 0.50
CA GLY B 164 -49.04 11.43 0.62
C GLY B 164 -47.76 10.76 0.16
N LEU B 165 -47.69 9.45 0.44
CA LEU B 165 -46.51 8.68 0.05
C LEU B 165 -46.38 8.55 -1.46
N SER B 166 -47.50 8.58 -2.20
CA SER B 166 -47.44 8.56 -3.65
C SER B 166 -46.85 9.85 -4.21
N TRP B 167 -47.09 10.98 -3.54
CA TRP B 167 -46.49 12.24 -3.97
C TRP B 167 -44.99 12.25 -3.75
N PHE B 168 -44.55 11.72 -2.60
CA PHE B 168 -43.12 11.70 -2.28
C PHE B 168 -42.36 10.74 -3.19
N LYS B 169 -42.99 9.62 -3.55
CA LYS B 169 -42.37 8.61 -4.39
C LYS B 169 -42.71 8.79 -5.87
N ASN B 170 -43.07 10.00 -6.28
CA ASN B 170 -43.29 10.29 -7.70
C ASN B 170 -41.93 10.64 -8.29
N ASN B 171 -41.28 9.62 -8.87
CA ASN B 171 -39.93 9.80 -9.38
C ASN B 171 -39.90 10.63 -10.65
N GLU B 172 -40.84 10.38 -11.57
CA GLU B 172 -40.82 11.02 -12.88
C GLU B 172 -41.13 12.51 -12.77
N SER B 173 -42.14 12.87 -11.98
CA SER B 173 -42.53 14.27 -11.83
C SER B 173 -41.44 15.06 -11.13
N ARG B 174 -40.84 14.50 -10.08
CA ARG B 174 -39.79 15.20 -9.35
C ARG B 174 -38.54 15.34 -10.21
N LEU B 175 -38.20 14.30 -10.98
CA LEU B 175 -37.05 14.38 -11.87
C LEU B 175 -37.25 15.42 -12.96
N ASN B 176 -38.43 15.43 -13.60
CA ASN B 176 -38.71 16.42 -14.64
C ASN B 176 -38.69 17.84 -14.11
N HIS B 177 -39.34 18.07 -12.97
CA HIS B 177 -39.41 19.43 -12.43
C HIS B 177 -38.06 19.90 -11.89
N HIS B 178 -37.31 19.02 -11.23
CA HIS B 178 -36.03 19.42 -10.69
C HIS B 178 -34.96 19.56 -11.77
N LEU B 179 -35.04 18.78 -12.86
CA LEU B 179 -34.09 18.95 -13.94
C LEU B 179 -34.42 20.18 -14.78
N SER B 180 -35.68 20.32 -15.19
CA SER B 180 -36.05 21.43 -16.07
C SER B 180 -36.10 22.76 -15.32
N GLY B 181 -36.69 22.79 -14.11
CA GLY B 181 -36.81 24.03 -13.39
C GLY B 181 -35.71 24.36 -12.39
N LEU B 182 -35.38 23.41 -11.52
CA LEU B 182 -34.40 23.66 -10.47
C LEU B 182 -32.97 23.73 -11.02
N PHE B 183 -32.65 22.94 -12.03
CA PHE B 183 -31.36 23.04 -12.71
C PHE B 183 -31.43 23.96 -13.91
N GLY B 184 -32.37 23.72 -14.81
CA GLY B 184 -32.44 24.45 -16.06
C GLY B 184 -32.85 25.90 -15.96
N PHE B 185 -34.03 26.15 -15.40
CA PHE B 185 -34.52 27.53 -15.37
C PHE B 185 -33.71 28.39 -14.40
N SER B 186 -33.17 27.78 -13.34
CA SER B 186 -32.27 28.52 -12.45
C SER B 186 -30.99 28.93 -13.17
N SER B 187 -30.43 28.05 -13.99
CA SER B 187 -29.25 28.38 -14.78
C SER B 187 -29.57 29.44 -15.83
N LEU B 188 -30.75 29.34 -16.46
CA LEU B 188 -31.17 30.35 -17.43
C LEU B 188 -31.37 31.71 -16.77
N ALA B 189 -31.96 31.73 -15.57
CA ALA B 189 -32.12 32.97 -14.84
C ALA B 189 -30.78 33.53 -14.38
N TRP B 190 -29.82 32.68 -14.02
CA TRP B 190 -28.51 33.21 -13.65
C TRP B 190 -27.77 33.77 -14.87
N SER B 191 -27.90 33.11 -16.02
CA SER B 191 -27.39 33.67 -17.26
C SER B 191 -28.06 35.01 -17.58
N ALA B 192 -29.36 35.10 -17.32
CA ALA B 192 -30.10 36.35 -17.49
C ALA B 192 -29.58 37.44 -16.57
N HIS B 193 -29.27 37.08 -15.32
CA HIS B 193 -28.73 38.04 -14.39
C HIS B 193 -27.36 38.52 -14.83
N LEU B 194 -26.52 37.60 -15.33
CA LEU B 194 -25.21 37.98 -15.84
C LEU B 194 -25.30 38.89 -17.05
N ILE B 195 -26.21 38.60 -17.99
CA ILE B 195 -26.33 39.42 -19.19
C ILE B 195 -26.96 40.77 -18.87
N HIS B 196 -27.98 40.76 -18.01
CA HIS B 196 -28.77 41.95 -17.76
C HIS B 196 -28.13 42.87 -16.73
N VAL B 197 -27.44 42.31 -15.71
CA VAL B 197 -26.94 43.10 -14.60
C VAL B 197 -25.43 43.04 -14.49
N ALA B 198 -24.87 41.83 -14.40
CA ALA B 198 -23.47 41.64 -14.03
C ALA B 198 -22.52 42.17 -15.11
N ILE B 199 -22.77 41.84 -16.37
CA ILE B 199 -21.91 42.34 -17.45
C ILE B 199 -21.98 43.86 -17.62
N PRO B 200 -23.15 44.53 -17.59
CA PRO B 200 -23.11 46.01 -17.57
C PRO B 200 -22.41 46.61 -16.36
N GLU B 201 -22.55 46.02 -15.17
CA GLU B 201 -21.84 46.55 -14.01
C GLU B 201 -20.34 46.30 -14.11
N ALA B 202 -19.93 45.22 -14.78
CA ALA B 202 -18.53 44.99 -15.08
C ALA B 202 -17.96 46.02 -16.05
N ARG B 203 -18.83 46.65 -16.86
CA ARG B 203 -18.41 47.67 -17.81
C ARG B 203 -18.73 49.08 -17.33
N GLY B 204 -18.88 49.26 -16.02
CA GLY B 204 -18.99 50.58 -15.43
C GLY B 204 -20.32 51.28 -15.60
N GLN B 205 -21.37 50.57 -16.03
CA GLN B 205 -22.69 51.16 -16.18
C GLN B 205 -23.62 50.51 -15.16
N HIS B 206 -24.27 51.33 -14.35
CA HIS B 206 -25.06 50.85 -13.22
C HIS B 206 -26.40 50.28 -13.68
N VAL B 207 -26.69 49.06 -13.26
CA VAL B 207 -28.00 48.44 -13.48
C VAL B 207 -28.54 47.96 -12.14
N GLY B 208 -29.72 48.44 -11.77
CA GLY B 208 -30.41 47.99 -10.59
C GLY B 208 -31.87 47.75 -10.91
N TRP B 209 -32.70 47.47 -9.89
CA TRP B 209 -34.13 47.30 -10.12
C TRP B 209 -34.81 48.57 -10.62
N ASP B 210 -34.22 49.74 -10.37
CA ASP B 210 -34.84 51.00 -10.79
C ASP B 210 -34.68 51.27 -12.28
N ASN B 211 -33.73 50.61 -12.95
CA ASN B 211 -33.48 50.93 -14.35
C ASN B 211 -33.28 49.71 -15.26
N PHE B 212 -33.51 48.49 -14.77
CA PHE B 212 -33.18 47.33 -15.60
C PHE B 212 -34.21 47.07 -16.69
N THR B 213 -35.39 47.69 -16.63
CA THR B 213 -36.35 47.60 -17.71
C THR B 213 -36.13 48.64 -18.80
N LYS B 214 -35.26 49.63 -18.59
CA LYS B 214 -34.96 50.63 -19.59
C LYS B 214 -33.51 50.63 -20.06
N VAL B 215 -32.63 49.86 -19.44
CA VAL B 215 -31.24 49.75 -19.85
C VAL B 215 -31.07 48.42 -20.55
N ALA B 216 -30.97 48.46 -21.87
CA ALA B 216 -30.83 47.25 -22.66
C ALA B 216 -29.46 46.61 -22.42
N PRO B 217 -29.41 45.28 -22.27
CA PRO B 217 -28.11 44.60 -22.15
C PRO B 217 -27.25 44.70 -23.40
N HIS B 218 -27.86 44.90 -24.57
CA HIS B 218 -27.16 44.98 -25.83
C HIS B 218 -27.84 46.10 -26.64
N PRO B 219 -27.06 46.87 -27.41
CA PRO B 219 -27.65 47.99 -28.16
C PRO B 219 -28.69 47.58 -29.19
N ALA B 220 -28.57 46.39 -29.78
CA ALA B 220 -29.54 45.93 -30.76
C ALA B 220 -30.79 45.34 -30.12
N GLY B 221 -30.80 45.15 -28.80
CA GLY B 221 -31.95 44.61 -28.11
C GLY B 221 -32.14 43.12 -28.37
N LEU B 222 -33.38 42.66 -28.15
CA LEU B 222 -33.72 41.26 -28.37
C LEU B 222 -34.05 40.97 -29.82
N GLN B 223 -33.93 41.96 -30.71
CA GLN B 223 -34.16 41.72 -32.13
C GLN B 223 -33.20 40.70 -32.75
N PRO B 224 -31.87 40.70 -32.49
CA PRO B 224 -31.06 39.59 -33.03
C PRO B 224 -31.42 38.22 -32.50
N PHE B 225 -31.95 38.12 -31.28
CA PHE B 225 -32.37 36.82 -30.77
C PHE B 225 -33.62 36.34 -31.48
N PHE B 226 -34.60 37.23 -31.66
CA PHE B 226 -35.84 36.85 -32.33
C PHE B 226 -35.68 36.72 -33.84
N SER B 227 -34.62 37.27 -34.44
CA SER B 227 -34.36 37.12 -35.86
CA SER B 227 -34.36 37.12 -35.86
C SER B 227 -33.58 35.86 -36.20
N GLY B 228 -32.96 35.21 -35.22
CA GLY B 228 -32.05 34.13 -35.48
C GLY B 228 -30.65 34.55 -35.87
N ASN B 229 -30.37 35.87 -35.85
CA ASN B 229 -29.01 36.38 -36.06
C ASN B 229 -28.30 36.52 -34.72
N TRP B 230 -28.07 35.36 -34.10
CA TRP B 230 -27.57 35.31 -32.73
C TRP B 230 -26.11 35.75 -32.64
N GLY B 231 -25.35 35.58 -33.73
CA GLY B 231 -23.93 35.92 -33.73
C GLY B 231 -23.64 37.40 -33.59
N VAL B 232 -24.65 38.26 -33.79
CA VAL B 232 -24.54 39.68 -33.46
C VAL B 232 -24.23 39.86 -31.98
N TYR B 233 -24.73 38.97 -31.12
CA TYR B 233 -24.39 38.99 -29.70
C TYR B 233 -22.93 38.59 -29.44
N ALA B 234 -22.25 38.03 -30.43
CA ALA B 234 -20.83 37.66 -30.29
C ALA B 234 -19.89 38.75 -30.80
N ALA B 235 -20.41 39.77 -31.47
CA ALA B 235 -19.58 40.82 -32.03
C ALA B 235 -19.18 41.84 -30.97
N ALA B 236 -18.01 42.44 -31.18
CA ALA B 236 -17.37 43.45 -30.33
C ALA B 236 -17.20 42.98 -28.89
N PRO B 237 -16.34 41.98 -28.63
CA PRO B 237 -16.12 41.54 -27.24
C PRO B 237 -15.26 42.52 -26.46
N ASP B 238 -15.05 42.25 -25.17
CA ASP B 238 -14.21 43.11 -24.33
C ASP B 238 -12.76 43.08 -24.81
N THR B 239 -12.17 44.27 -24.92
CA THR B 239 -10.79 44.41 -25.35
C THR B 239 -9.84 43.94 -24.25
N THR B 240 -8.65 43.49 -24.67
CA THR B 240 -7.59 43.13 -23.72
C THR B 240 -7.08 44.30 -22.88
N ASN B 241 -7.50 45.54 -23.16
CA ASN B 241 -7.18 46.70 -22.33
C ASN B 241 -8.30 47.06 -21.35
N HIS B 242 -9.31 46.21 -21.22
CA HIS B 242 -10.47 46.53 -20.40
C HIS B 242 -10.11 46.55 -18.92
N ILE B 243 -10.48 47.64 -18.25
CA ILE B 243 -10.34 47.76 -16.81
C ILE B 243 -11.69 47.43 -16.18
N PHE B 244 -11.70 46.39 -15.34
CA PHE B 244 -12.93 45.82 -14.81
C PHE B 244 -13.67 46.81 -13.92
N GLY B 245 -14.98 46.88 -14.09
CA GLY B 245 -15.81 47.83 -13.37
C GLY B 245 -15.83 49.22 -13.97
N THR B 246 -15.15 49.44 -15.09
CA THR B 246 -15.16 50.72 -15.79
C THR B 246 -15.52 50.50 -17.26
N SER B 247 -15.86 51.59 -17.94
CA SER B 247 -16.17 51.54 -19.36
C SER B 247 -14.93 51.61 -20.24
N GLU B 248 -13.75 51.84 -19.66
CA GLU B 248 -12.51 51.98 -20.42
C GLU B 248 -12.11 50.64 -21.02
N GLY B 249 -12.16 50.54 -22.35
CA GLY B 249 -11.86 49.30 -23.03
C GLY B 249 -12.97 48.29 -23.03
N ALA B 250 -14.17 48.67 -22.61
CA ALA B 250 -15.30 47.76 -22.53
C ALA B 250 -15.85 47.45 -23.91
N GLY B 251 -16.39 46.23 -24.05
CA GLY B 251 -17.07 45.82 -25.26
C GLY B 251 -18.57 45.97 -25.15
N THR B 252 -19.27 45.46 -26.17
CA THR B 252 -20.73 45.44 -26.19
C THR B 252 -21.31 44.04 -26.27
N ALA B 253 -20.48 43.01 -26.41
CA ALA B 253 -20.96 41.64 -26.51
C ALA B 253 -21.54 41.15 -25.18
N ILE B 254 -22.53 40.27 -25.28
CA ILE B 254 -23.12 39.65 -24.11
C ILE B 254 -22.96 38.14 -24.09
N LEU B 255 -22.63 37.51 -25.21
CA LEU B 255 -22.46 36.06 -25.28
C LEU B 255 -21.28 35.76 -26.19
N THR B 256 -20.16 35.34 -25.61
CA THR B 256 -18.99 34.89 -26.36
C THR B 256 -18.56 33.53 -25.82
N PHE B 257 -17.59 32.94 -26.51
CA PHE B 257 -16.90 31.72 -26.06
C PHE B 257 -15.39 31.91 -26.25
N LEU B 258 -14.92 33.08 -25.80
CA LEU B 258 -13.56 33.53 -26.08
C LEU B 258 -12.52 32.62 -25.45
N GLY B 259 -12.76 32.13 -24.24
CA GLY B 259 -11.85 31.19 -23.62
C GLY B 259 -10.64 31.86 -23.02
N GLY B 260 -10.03 31.15 -22.07
CA GLY B 260 -8.92 31.72 -21.34
C GLY B 260 -9.41 32.67 -20.26
N PHE B 261 -8.55 33.61 -19.89
CA PHE B 261 -8.84 34.52 -18.80
C PHE B 261 -8.82 35.96 -19.28
N HIS B 262 -9.62 36.80 -18.62
CA HIS B 262 -9.48 38.25 -18.74
C HIS B 262 -8.08 38.65 -18.31
N PRO B 263 -7.34 39.40 -19.12
CA PRO B 263 -5.91 39.64 -18.83
C PRO B 263 -5.64 40.48 -17.59
N GLN B 264 -6.61 41.23 -17.08
CA GLN B 264 -6.41 42.03 -15.89
CA GLN B 264 -6.43 42.03 -15.89
C GLN B 264 -6.90 41.33 -14.62
N THR B 265 -8.12 40.79 -14.64
CA THR B 265 -8.66 40.10 -13.47
C THR B 265 -8.06 38.72 -13.27
N GLN B 266 -7.42 38.15 -14.30
CA GLN B 266 -6.98 36.75 -14.36
C GLN B 266 -8.12 35.77 -14.10
N ALA B 267 -9.33 36.12 -14.52
CA ALA B 267 -10.51 35.27 -14.35
C ALA B 267 -11.22 35.11 -15.69
N LEU B 268 -12.16 34.16 -15.73
CA LEU B 268 -12.92 33.85 -16.93
C LEU B 268 -13.79 35.03 -17.36
N TRP B 269 -13.98 35.15 -18.68
CA TRP B 269 -14.83 36.19 -19.24
C TRP B 269 -16.28 36.00 -18.82
N LEU B 270 -16.93 37.10 -18.42
CA LEU B 270 -18.30 37.05 -17.93
C LEU B 270 -19.29 36.67 -19.03
N THR B 271 -19.01 37.04 -20.29
CA THR B 271 -19.85 36.63 -21.40
C THR B 271 -19.80 35.13 -21.62
N ASP B 272 -18.61 34.55 -21.42
CA ASP B 272 -18.46 33.09 -21.47
C ASP B 272 -19.29 32.43 -20.38
N ILE B 273 -19.34 33.05 -19.19
CA ILE B 273 -20.12 32.47 -18.10
C ILE B 273 -21.61 32.57 -18.41
N ALA B 274 -22.03 33.69 -19.02
CA ALA B 274 -23.44 33.87 -19.38
C ALA B 274 -23.90 32.88 -20.45
N HIS B 275 -23.10 32.69 -21.51
CA HIS B 275 -23.45 31.68 -22.53
C HIS B 275 -23.39 30.27 -21.94
N HIS B 276 -22.43 30.01 -21.03
CA HIS B 276 -22.33 28.71 -20.38
C HIS B 276 -23.60 28.39 -19.60
N HIS B 277 -24.07 29.35 -18.77
CA HIS B 277 -25.25 29.09 -17.96
C HIS B 277 -26.53 29.07 -18.80
N LEU B 278 -26.54 29.84 -19.90
CA LEU B 278 -27.66 29.77 -20.84
C LEU B 278 -27.72 28.40 -21.51
N ALA B 279 -26.57 27.90 -21.96
CA ALA B 279 -26.48 26.59 -22.58
C ALA B 279 -26.82 25.48 -21.59
N ILE B 280 -26.37 25.64 -20.33
CA ILE B 280 -26.68 24.66 -19.30
C ILE B 280 -28.18 24.64 -19.02
N GLY B 281 -28.81 25.81 -19.02
CA GLY B 281 -30.26 25.86 -18.89
C GLY B 281 -31.00 25.19 -20.03
N VAL B 282 -30.56 25.43 -21.27
CA VAL B 282 -31.20 24.81 -22.44
C VAL B 282 -31.06 23.29 -22.40
N VAL B 283 -29.84 22.82 -22.10
CA VAL B 283 -29.55 21.38 -22.05
C VAL B 283 -30.37 20.73 -20.93
N PHE B 284 -30.48 21.40 -19.78
CA PHE B 284 -31.18 20.81 -18.66
C PHE B 284 -32.68 20.82 -18.84
N ILE B 285 -33.24 21.85 -19.48
CA ILE B 285 -34.67 21.82 -19.81
C ILE B 285 -34.96 20.71 -20.83
N PHE B 286 -34.05 20.49 -21.78
CA PHE B 286 -34.20 19.35 -22.70
C PHE B 286 -34.14 18.01 -21.97
N ALA B 287 -33.26 17.90 -20.97
CA ALA B 287 -33.25 16.73 -20.10
C ALA B 287 -34.51 16.64 -19.24
N GLY B 288 -35.10 17.77 -18.86
CA GLY B 288 -36.24 17.83 -17.98
C GLY B 288 -37.60 17.63 -18.61
N HIS B 289 -37.64 17.21 -19.87
CA HIS B 289 -38.87 16.83 -20.54
C HIS B 289 -38.88 15.35 -20.86
N MET B 290 -38.07 14.57 -20.14
CA MET B 290 -37.77 13.20 -20.54
C MET B 290 -38.75 12.20 -19.96
N TYR B 291 -39.26 12.43 -18.77
CA TYR B 291 -40.02 11.39 -18.11
C TYR B 291 -41.52 11.69 -18.26
N ARG B 292 -42.32 10.63 -18.32
CA ARG B 292 -43.76 10.81 -18.50
C ARG B 292 -44.40 11.13 -17.16
N THR B 293 -45.13 12.26 -17.08
CA THR B 293 -45.82 12.60 -15.85
C THR B 293 -47.34 12.57 -15.97
N ASN B 294 -47.91 13.30 -16.93
CA ASN B 294 -49.36 13.26 -17.13
C ASN B 294 -49.84 13.17 -18.57
N TRP B 295 -48.95 13.17 -19.57
CA TRP B 295 -49.45 13.39 -20.92
C TRP B 295 -48.91 12.37 -21.92
N GLY B 296 -48.63 11.15 -21.47
CA GLY B 296 -48.40 10.03 -22.36
C GLY B 296 -47.01 9.97 -22.95
N ILE B 297 -46.50 11.12 -23.40
CA ILE B 297 -45.12 11.21 -23.88
C ILE B 297 -44.18 11.27 -22.70
N GLY B 298 -42.95 10.85 -22.93
CA GLY B 298 -41.94 10.75 -21.88
C GLY B 298 -41.59 9.31 -21.57
N HIS B 299 -40.50 9.16 -20.83
CA HIS B 299 -39.97 7.83 -20.54
C HIS B 299 -40.49 7.34 -19.19
N SER B 300 -40.63 6.02 -19.07
CA SER B 300 -40.94 5.37 -17.80
C SER B 300 -39.68 4.80 -17.17
N LEU B 301 -39.42 5.16 -15.92
CA LEU B 301 -38.18 4.78 -15.24
C LEU B 301 -38.08 3.27 -14.98
N LYS B 302 -39.21 2.65 -14.62
CA LYS B 302 -39.23 1.22 -14.34
C LYS B 302 -38.92 0.40 -15.58
N GLU B 303 -39.48 0.81 -16.73
CA GLU B 303 -39.23 0.12 -17.99
C GLU B 303 -37.78 0.26 -18.43
N ILE B 304 -37.20 1.45 -18.24
CA ILE B 304 -35.79 1.65 -18.58
C ILE B 304 -34.89 0.76 -17.70
N LEU B 305 -35.19 0.70 -16.41
CA LEU B 305 -34.36 -0.14 -15.52
C LEU B 305 -34.51 -1.62 -15.84
N ASP B 306 -35.74 -2.10 -16.02
CA ASP B 306 -35.95 -3.52 -16.31
C ASP B 306 -35.45 -3.91 -17.69
N ALA B 307 -35.52 -3.00 -18.67
CA ALA B 307 -35.19 -3.36 -20.04
C ALA B 307 -33.69 -3.45 -20.30
N HIS B 308 -32.85 -2.82 -19.48
CA HIS B 308 -31.41 -2.84 -19.72
C HIS B 308 -30.78 -4.01 -18.97
N ARG B 309 -31.11 -5.21 -19.44
CA ARG B 309 -30.41 -6.43 -19.02
C ARG B 309 -29.61 -6.97 -20.21
N PRO B 310 -28.29 -7.04 -20.12
CA PRO B 310 -27.48 -7.57 -21.23
C PRO B 310 -27.80 -9.03 -21.51
N PRO B 311 -28.04 -9.38 -22.78
CA PRO B 311 -28.51 -10.74 -23.11
C PRO B 311 -27.46 -11.83 -22.92
N GLY B 312 -26.18 -11.46 -22.75
CA GLY B 312 -25.17 -12.46 -22.46
C GLY B 312 -25.23 -13.01 -21.04
N GLY B 313 -26.02 -12.41 -20.17
CA GLY B 313 -26.21 -12.90 -18.82
C GLY B 313 -25.07 -12.62 -17.87
N ARG B 314 -24.14 -11.73 -18.23
CA ARG B 314 -23.01 -11.45 -17.34
C ARG B 314 -23.44 -10.62 -16.15
N LEU B 315 -24.49 -9.81 -16.27
CA LEU B 315 -25.03 -9.04 -15.16
C LEU B 315 -26.20 -9.73 -14.48
N GLY B 316 -26.45 -11.00 -14.79
CA GLY B 316 -27.57 -11.72 -14.19
C GLY B 316 -28.92 -11.26 -14.71
N ALA B 317 -29.80 -10.85 -13.81
CA ALA B 317 -31.08 -10.26 -14.19
C ALA B 317 -30.98 -8.79 -14.57
N GLY B 318 -29.79 -8.21 -14.53
CA GLY B 318 -29.64 -6.80 -14.87
C GLY B 318 -30.09 -5.92 -13.74
N HIS B 319 -30.92 -4.92 -14.06
CA HIS B 319 -31.36 -3.91 -13.12
C HIS B 319 -32.82 -4.09 -12.72
N LYS B 320 -33.26 -5.35 -12.64
CA LYS B 320 -34.66 -5.65 -12.31
C LYS B 320 -34.85 -5.67 -10.81
N GLY B 321 -35.78 -4.85 -10.32
CA GLY B 321 -35.98 -4.66 -8.90
C GLY B 321 -35.21 -3.51 -8.30
N ILE B 322 -34.31 -2.89 -9.06
CA ILE B 322 -33.58 -1.71 -8.59
C ILE B 322 -34.53 -0.52 -8.43
N PHE B 323 -35.61 -0.46 -9.23
CA PHE B 323 -36.59 0.62 -9.14
C PHE B 323 -37.26 0.67 -7.77
N GLU B 324 -37.81 -0.47 -7.33
CA GLU B 324 -38.49 -0.53 -6.03
C GLU B 324 -37.49 -0.39 -4.88
N THR B 325 -36.30 -0.97 -5.03
CA THR B 325 -35.26 -0.88 -4.00
C THR B 325 -34.82 0.56 -3.79
N LEU B 326 -34.67 1.31 -4.87
CA LEU B 326 -34.26 2.72 -4.79
C LEU B 326 -35.40 3.62 -4.33
N THR B 327 -36.63 3.39 -4.81
CA THR B 327 -37.73 4.24 -4.38
C THR B 327 -38.09 4.00 -2.90
N ASN B 328 -38.00 2.76 -2.44
CA ASN B 328 -38.39 2.45 -1.07
C ASN B 328 -37.32 2.77 -0.04
N SER B 329 -36.06 2.93 -0.44
CA SER B 329 -34.96 3.17 0.50
C SER B 329 -34.47 4.60 0.39
N LEU B 330 -34.65 5.38 1.45
CA LEU B 330 -34.07 6.72 1.48
C LEU B 330 -32.57 6.71 1.71
N HIS B 331 -32.01 5.63 2.27
CA HIS B 331 -30.58 5.58 2.53
C HIS B 331 -29.78 5.31 1.26
N PHE B 332 -30.29 4.44 0.38
CA PHE B 332 -29.68 4.21 -0.93
C PHE B 332 -29.66 5.50 -1.74
N GLN B 333 -30.78 6.24 -1.72
CA GLN B 333 -30.86 7.54 -2.37
C GLN B 333 -29.88 8.53 -1.75
N LEU B 334 -29.78 8.52 -0.41
CA LEU B 334 -28.88 9.43 0.29
C LEU B 334 -27.42 9.13 -0.03
N GLY B 335 -27.08 7.85 -0.14
CA GLY B 335 -25.72 7.48 -0.53
C GLY B 335 -25.39 7.91 -1.94
N LEU B 336 -26.32 7.71 -2.88
CA LEU B 336 -26.11 8.15 -4.26
C LEU B 336 -25.95 9.66 -4.34
N ALA B 337 -26.82 10.40 -3.64
CA ALA B 337 -26.76 11.86 -3.63
C ALA B 337 -25.47 12.39 -3.01
N LEU B 338 -25.05 11.78 -1.89
CA LEU B 338 -23.84 12.24 -1.22
C LEU B 338 -22.60 11.92 -2.04
N ALA B 339 -22.58 10.78 -2.73
CA ALA B 339 -21.45 10.44 -3.59
C ALA B 339 -21.33 11.41 -4.75
N SER B 340 -22.46 11.69 -5.42
CA SER B 340 -22.44 12.61 -6.54
C SER B 340 -22.07 14.03 -6.10
N LEU B 341 -22.61 14.47 -4.97
CA LEU B 341 -22.27 15.78 -4.41
C LEU B 341 -20.81 15.88 -4.05
N GLY B 342 -20.23 14.83 -3.46
CA GLY B 342 -18.81 14.85 -3.13
C GLY B 342 -17.93 14.91 -4.37
N VAL B 343 -18.29 14.15 -5.40
CA VAL B 343 -17.57 14.20 -6.67
C VAL B 343 -17.58 15.60 -7.26
N ILE B 344 -18.75 16.25 -7.26
CA ILE B 344 -18.79 17.58 -7.85
C ILE B 344 -18.16 18.66 -6.96
N THR B 345 -18.13 18.50 -5.63
CA THR B 345 -17.41 19.52 -4.87
C THR B 345 -15.89 19.32 -4.98
N SER B 346 -15.43 18.09 -5.17
CA SER B 346 -14.05 17.88 -5.60
C SER B 346 -13.80 18.56 -6.95
N LEU B 347 -14.75 18.42 -7.88
CA LEU B 347 -14.63 19.05 -9.19
C LEU B 347 -14.60 20.58 -9.08
N VAL B 348 -15.41 21.14 -8.18
CA VAL B 348 -15.39 22.57 -7.90
C VAL B 348 -14.02 22.99 -7.37
N ALA B 349 -13.50 22.22 -6.41
CA ALA B 349 -12.21 22.56 -5.81
C ALA B 349 -11.07 22.56 -6.83
N GLN B 350 -11.03 21.56 -7.71
CA GLN B 350 -9.98 21.53 -8.73
C GLN B 350 -10.19 22.62 -9.79
N HIS B 351 -11.42 22.75 -10.29
CA HIS B 351 -11.64 23.60 -11.44
C HIS B 351 -11.64 25.09 -11.08
N MET B 352 -12.02 25.45 -9.84
CA MET B 352 -11.98 26.87 -9.48
C MET B 352 -10.58 27.40 -9.22
N TYR B 353 -9.64 26.58 -8.72
CA TYR B 353 -8.29 27.13 -8.66
C TYR B 353 -7.69 27.13 -10.06
N ALA B 354 -7.98 26.07 -10.84
CA ALA B 354 -7.38 25.99 -12.17
C ALA B 354 -8.00 27.01 -13.13
N LEU B 355 -9.31 27.23 -13.04
CA LEU B 355 -10.02 28.20 -13.87
C LEU B 355 -10.89 29.09 -12.99
N PRO B 356 -10.30 30.09 -12.32
CA PRO B 356 -11.10 31.00 -11.50
C PRO B 356 -12.02 31.87 -12.34
N SER B 357 -13.20 32.16 -11.76
CA SER B 357 -14.21 32.97 -12.44
C SER B 357 -14.41 34.33 -11.78
N TYR B 358 -13.86 34.57 -10.61
CA TYR B 358 -14.08 35.79 -9.86
C TYR B 358 -12.90 36.73 -10.05
N ALA B 359 -13.21 38.01 -10.26
CA ALA B 359 -12.17 39.00 -10.55
C ALA B 359 -11.21 39.15 -9.38
N PHE B 360 -9.91 39.12 -9.69
CA PHE B 360 -8.79 39.39 -8.78
C PHE B 360 -8.64 38.35 -7.69
N ILE B 361 -9.32 37.21 -7.78
CA ILE B 361 -9.21 36.20 -6.74
C ILE B 361 -8.00 35.29 -6.94
N ALA B 362 -7.44 35.23 -8.15
CA ALA B 362 -6.23 34.44 -8.37
C ALA B 362 -5.01 35.05 -7.70
N LYS B 363 -5.04 36.34 -7.37
CA LYS B 363 -3.97 36.97 -6.61
C LYS B 363 -4.20 36.93 -5.10
N ASP B 364 -5.36 36.48 -4.65
CA ASP B 364 -5.64 36.34 -3.22
C ASP B 364 -5.28 34.92 -2.83
N TYR B 365 -4.04 34.74 -2.37
CA TYR B 365 -3.49 33.41 -2.18
C TYR B 365 -4.13 32.70 -0.98
N VAL B 366 -4.39 33.46 0.08
CA VAL B 366 -5.03 32.93 1.29
C VAL B 366 -6.44 32.45 0.95
N THR B 367 -7.17 33.22 0.15
CA THR B 367 -8.53 32.88 -0.24
C THR B 367 -8.58 31.60 -1.08
N GLN B 368 -7.66 31.46 -2.04
CA GLN B 368 -7.59 30.25 -2.85
C GLN B 368 -7.26 29.03 -2.01
N SER B 369 -6.30 29.16 -1.08
CA SER B 369 -5.95 28.06 -0.21
C SER B 369 -7.12 27.64 0.68
N ALA B 370 -7.80 28.63 1.28
CA ALA B 370 -8.92 28.35 2.16
C ALA B 370 -10.08 27.70 1.40
N LEU B 371 -10.39 28.20 0.20
CA LEU B 371 -11.49 27.65 -0.59
C LEU B 371 -11.21 26.21 -1.01
N TYR B 372 -9.98 25.95 -1.49
CA TYR B 372 -9.62 24.60 -1.92
C TYR B 372 -9.66 23.63 -0.75
N THR B 373 -9.03 24.00 0.38
CA THR B 373 -9.00 23.13 1.55
C THR B 373 -10.41 22.86 2.08
N HIS B 374 -11.24 23.91 2.14
CA HIS B 374 -12.60 23.78 2.66
C HIS B 374 -13.42 22.82 1.82
N HIS B 375 -13.48 23.04 0.51
CA HIS B 375 -14.34 22.21 -0.32
C HIS B 375 -13.79 20.80 -0.49
N GLN B 376 -12.46 20.61 -0.42
CA GLN B 376 -11.93 19.24 -0.47
C GLN B 376 -12.25 18.46 0.81
N TYR B 377 -12.20 19.12 1.98
CA TYR B 377 -12.58 18.43 3.20
C TYR B 377 -14.08 18.11 3.21
N ILE B 378 -14.89 19.02 2.66
CA ILE B 378 -16.31 18.75 2.45
C ILE B 378 -16.50 17.54 1.54
N ALA B 379 -15.67 17.43 0.50
CA ALA B 379 -15.74 16.30 -0.43
C ALA B 379 -15.45 14.97 0.27
N GLY B 380 -14.39 14.96 1.09
CA GLY B 380 -14.08 13.75 1.85
C GLY B 380 -15.20 13.35 2.80
N PHE B 381 -15.78 14.34 3.51
CA PHE B 381 -16.91 14.08 4.38
C PHE B 381 -18.11 13.53 3.62
N LEU B 382 -18.41 14.11 2.45
CA LEU B 382 -19.56 13.67 1.67
C LEU B 382 -19.37 12.25 1.14
N MET B 383 -18.16 11.91 0.68
CA MET B 383 -17.93 10.57 0.14
C MET B 383 -18.00 9.51 1.25
N VAL B 384 -17.42 9.82 2.41
CA VAL B 384 -17.51 8.93 3.57
C VAL B 384 -18.97 8.75 4.00
N GLY B 385 -19.74 9.84 3.98
CA GLY B 385 -21.16 9.74 4.30
C GLY B 385 -21.94 8.92 3.29
N ALA B 386 -21.57 9.02 2.02
CA ALA B 386 -22.20 8.23 0.97
C ALA B 386 -22.00 6.74 1.22
N PHE B 387 -20.76 6.34 1.51
CA PHE B 387 -20.51 4.92 1.79
C PHE B 387 -21.15 4.47 3.09
N ALA B 388 -21.15 5.33 4.12
CA ALA B 388 -21.76 4.98 5.40
C ALA B 388 -23.27 4.77 5.26
N HIS B 389 -23.94 5.67 4.56
CA HIS B 389 -25.37 5.54 4.39
C HIS B 389 -25.74 4.44 3.40
N GLY B 390 -24.83 4.08 2.48
CA GLY B 390 -24.99 2.84 1.72
C GLY B 390 -24.93 1.59 2.59
N ALA B 391 -24.01 1.59 3.57
CA ALA B 391 -23.95 0.50 4.54
C ALA B 391 -25.23 0.43 5.36
N ILE B 392 -25.76 1.58 5.74
CA ILE B 392 -27.06 1.65 6.43
C ILE B 392 -28.17 1.10 5.53
N PHE B 393 -28.09 1.37 4.22
CA PHE B 393 -29.06 0.79 3.28
C PHE B 393 -28.98 -0.74 3.24
N PHE B 394 -27.77 -1.30 3.26
CA PHE B 394 -27.66 -2.76 3.37
C PHE B 394 -28.19 -3.29 4.70
N VAL B 395 -27.98 -2.55 5.80
CA VAL B 395 -28.44 -3.04 7.10
C VAL B 395 -29.97 -3.02 7.18
N ARG B 396 -30.58 -1.89 6.86
CA ARG B 396 -31.99 -1.66 7.15
C ARG B 396 -32.92 -1.98 5.98
N ASP B 397 -32.51 -1.70 4.75
CA ASP B 397 -33.44 -1.64 3.63
C ASP B 397 -33.25 -2.70 2.55
N TYR B 398 -32.15 -3.46 2.58
CA TYR B 398 -31.86 -4.40 1.49
C TYR B 398 -32.73 -5.64 1.61
N ASP B 399 -33.60 -5.85 0.63
CA ASP B 399 -34.39 -7.07 0.55
C ASP B 399 -33.78 -7.99 -0.50
N PRO B 400 -33.19 -9.11 -0.12
CA PRO B 400 -32.69 -10.07 -1.12
C PRO B 400 -33.78 -10.68 -1.99
N GLU B 401 -34.94 -10.98 -1.40
CA GLU B 401 -36.01 -11.64 -2.15
C GLU B 401 -36.60 -10.74 -3.23
N GLN B 402 -36.57 -9.43 -3.01
CA GLN B 402 -36.97 -8.49 -4.06
C GLN B 402 -35.84 -8.22 -5.07
N ASN B 403 -34.63 -8.73 -4.80
CA ASN B 403 -33.46 -8.48 -5.62
C ASN B 403 -32.78 -9.79 -6.02
N LYS B 404 -33.57 -10.78 -6.43
CA LYS B 404 -33.04 -12.08 -6.81
C LYS B 404 -32.24 -11.96 -8.10
N ASN B 405 -30.97 -12.36 -8.04
CA ASN B 405 -30.00 -12.29 -9.16
C ASN B 405 -29.84 -10.87 -9.69
N ASN B 406 -30.04 -9.88 -8.83
CA ASN B 406 -29.90 -8.48 -9.20
C ASN B 406 -28.41 -8.10 -9.29
N VAL B 407 -28.16 -6.86 -9.69
CA VAL B 407 -26.79 -6.35 -9.65
C VAL B 407 -26.31 -6.19 -8.20
N LEU B 408 -27.19 -5.78 -7.30
CA LEU B 408 -26.85 -5.66 -5.87
C LEU B 408 -26.53 -7.02 -5.27
N ALA B 409 -27.33 -8.03 -5.62
CA ALA B 409 -27.11 -9.40 -5.16
C ALA B 409 -25.79 -9.93 -5.70
N ARG B 410 -25.46 -9.60 -6.94
CA ARG B 410 -24.19 -10.06 -7.52
C ARG B 410 -22.99 -9.29 -6.96
N ILE B 411 -23.17 -8.03 -6.53
CA ILE B 411 -22.15 -7.39 -5.68
C ILE B 411 -21.94 -8.20 -4.42
N LEU B 412 -23.03 -8.60 -3.77
CA LEU B 412 -22.92 -9.39 -2.54
C LEU B 412 -22.34 -10.77 -2.81
N ASP B 413 -22.57 -11.34 -4.00
CA ASP B 413 -22.05 -12.67 -4.29
C ASP B 413 -20.57 -12.68 -4.68
N HIS B 414 -20.00 -11.54 -5.09
CA HIS B 414 -18.56 -11.46 -5.30
C HIS B 414 -17.94 -10.33 -4.48
N LYS B 415 -18.56 -10.01 -3.34
CA LYS B 415 -17.99 -9.06 -2.38
C LYS B 415 -16.59 -9.45 -1.92
N GLU B 416 -16.33 -10.76 -1.79
CA GLU B 416 -15.03 -11.23 -1.33
C GLU B 416 -13.94 -10.93 -2.37
N ALA B 417 -14.25 -11.12 -3.65
CA ALA B 417 -13.31 -10.76 -4.71
C ALA B 417 -13.05 -9.27 -4.74
N ILE B 418 -14.10 -8.46 -4.55
CA ILE B 418 -13.97 -7.00 -4.56
C ILE B 418 -13.07 -6.54 -3.42
N ILE B 419 -13.32 -7.06 -2.21
CA ILE B 419 -12.54 -6.65 -1.04
C ILE B 419 -11.10 -7.16 -1.15
N SER B 420 -10.91 -8.38 -1.65
CA SER B 420 -9.56 -8.93 -1.79
C SER B 420 -8.75 -8.18 -2.85
N HIS B 421 -9.38 -7.79 -3.97
CA HIS B 421 -8.65 -7.04 -4.98
C HIS B 421 -8.39 -5.60 -4.53
N LEU B 422 -9.31 -5.00 -3.77
CA LEU B 422 -9.06 -3.69 -3.17
C LEU B 422 -7.90 -3.75 -2.19
N SER B 423 -7.86 -4.81 -1.37
CA SER B 423 -6.73 -5.03 -0.47
C SER B 423 -5.43 -5.20 -1.23
N TRP B 424 -5.46 -5.97 -2.33
CA TRP B 424 -4.26 -6.19 -3.14
C TRP B 424 -3.75 -4.89 -3.73
N VAL B 425 -4.63 -4.07 -4.31
CA VAL B 425 -4.17 -2.83 -4.91
C VAL B 425 -3.73 -1.82 -3.85
N SER B 426 -4.37 -1.82 -2.67
CA SER B 426 -3.95 -0.94 -1.58
C SER B 426 -2.56 -1.33 -1.07
N LEU B 427 -2.32 -2.62 -0.87
CA LEU B 427 -1.01 -3.08 -0.40
C LEU B 427 0.07 -2.86 -1.46
N PHE B 428 -0.28 -3.08 -2.75
CA PHE B 428 0.60 -2.78 -3.88
C PHE B 428 1.05 -1.33 -3.86
N LEU B 429 0.07 -0.42 -3.84
CA LEU B 429 0.34 1.02 -3.84
C LEU B 429 1.16 1.43 -2.63
N GLY B 430 0.81 0.93 -1.45
CA GLY B 430 1.51 1.36 -0.24
C GLY B 430 2.93 0.84 -0.16
N PHE B 431 3.12 -0.46 -0.43
CA PHE B 431 4.46 -1.06 -0.51
C PHE B 431 5.38 -0.29 -1.46
N HIS B 432 4.93 -0.08 -2.70
CA HIS B 432 5.89 0.50 -3.63
C HIS B 432 6.01 2.03 -3.52
N THR B 433 4.93 2.74 -3.16
CA THR B 433 5.03 4.17 -2.95
C THR B 433 5.90 4.51 -1.75
N LEU B 434 5.66 3.82 -0.62
CA LEU B 434 6.50 4.01 0.56
C LEU B 434 7.93 3.57 0.30
N GLY B 435 8.13 2.51 -0.49
CA GLY B 435 9.48 2.09 -0.83
C GLY B 435 10.23 3.11 -1.65
N ILE B 436 9.57 3.74 -2.63
CA ILE B 436 10.22 4.79 -3.41
C ILE B 436 10.52 6.01 -2.54
N TYR B 437 9.58 6.42 -1.68
CA TYR B 437 9.81 7.57 -0.82
C TYR B 437 10.95 7.34 0.17
N VAL B 438 10.98 6.18 0.82
CA VAL B 438 12.03 5.85 1.77
C VAL B 438 13.37 5.67 1.06
N HIS B 439 13.34 5.08 -0.14
CA HIS B 439 14.53 4.93 -0.97
C HIS B 439 15.15 6.28 -1.30
N ASN B 440 14.31 7.24 -1.70
CA ASN B 440 14.77 8.58 -2.01
C ASN B 440 15.32 9.29 -0.78
N ASP B 441 14.65 9.10 0.38
CA ASP B 441 15.15 9.67 1.63
C ASP B 441 16.53 9.13 1.99
N VAL B 442 16.71 7.81 1.89
CA VAL B 442 17.97 7.18 2.26
C VAL B 442 19.08 7.60 1.31
N VAL B 443 18.80 7.69 0.00
CA VAL B 443 19.87 8.06 -0.93
C VAL B 443 20.17 9.57 -0.89
N VAL B 444 19.22 10.42 -0.49
CA VAL B 444 19.51 11.83 -0.36
C VAL B 444 20.27 12.10 0.94
N ALA B 445 19.92 11.39 2.01
CA ALA B 445 20.64 11.52 3.29
C ALA B 445 22.10 11.10 3.16
N PHE B 446 22.39 10.09 2.34
CA PHE B 446 23.75 9.63 2.15
C PHE B 446 24.54 10.45 1.13
N GLY B 447 24.06 11.63 0.76
CA GLY B 447 24.81 12.54 -0.08
C GLY B 447 24.75 12.25 -1.57
N THR B 448 23.83 11.40 -2.01
CA THR B 448 23.75 10.98 -3.42
C THR B 448 22.33 11.17 -3.93
N PRO B 449 21.92 12.42 -4.18
CA PRO B 449 20.56 12.64 -4.75
C PRO B 449 20.42 12.16 -6.18
N GLU B 450 21.52 11.94 -6.90
CA GLU B 450 21.47 11.41 -8.25
C GLU B 450 21.02 9.96 -8.31
N LYS B 451 21.02 9.26 -7.18
CA LYS B 451 20.58 7.87 -7.11
C LYS B 451 19.08 7.74 -6.82
N GLN B 452 18.34 8.86 -6.79
CA GLN B 452 16.91 8.79 -6.55
C GLN B 452 16.18 8.15 -7.72
N ILE B 453 15.04 7.55 -7.41
CA ILE B 453 14.17 6.97 -8.43
C ILE B 453 13.11 8.03 -8.75
N LEU B 454 13.25 8.67 -9.90
CA LEU B 454 12.42 9.80 -10.30
C LEU B 454 11.72 9.44 -11.60
N VAL B 455 10.45 9.07 -11.52
CA VAL B 455 9.69 8.72 -12.72
C VAL B 455 8.96 9.97 -13.20
N GLU B 456 9.17 10.33 -14.46
CA GLU B 456 8.50 11.47 -15.05
C GLU B 456 7.03 11.13 -15.30
N PRO B 457 6.09 11.99 -14.89
CA PRO B 457 4.67 11.69 -15.13
C PRO B 457 4.26 12.00 -16.57
N VAL B 458 4.68 11.12 -17.47
CA VAL B 458 4.53 11.37 -18.90
C VAL B 458 3.08 11.22 -19.39
N PHE B 459 2.25 10.47 -18.67
CA PHE B 459 0.84 10.33 -19.09
C PHE B 459 0.09 11.64 -18.91
N ALA B 460 0.23 12.25 -17.74
CA ALA B 460 -0.44 13.52 -17.47
C ALA B 460 0.19 14.66 -18.25
N GLN B 461 1.51 14.61 -18.49
CA GLN B 461 2.15 15.59 -19.36
C GLN B 461 1.66 15.46 -20.79
N TRP B 462 1.42 14.23 -21.24
CA TRP B 462 0.81 14.00 -22.55
C TRP B 462 -0.61 14.55 -22.61
N ILE B 463 -1.34 14.42 -21.51
CA ILE B 463 -2.69 15.00 -21.43
C ILE B 463 -2.62 16.53 -21.49
N GLN B 464 -1.66 17.14 -20.78
CA GLN B 464 -1.47 18.59 -20.83
C GLN B 464 -1.12 19.06 -22.24
N ALA B 465 -0.24 18.32 -22.93
CA ALA B 465 0.06 18.62 -24.32
C ALA B 465 -1.15 18.45 -25.22
N SER B 466 -2.00 17.46 -24.93
CA SER B 466 -3.25 17.31 -25.67
C SER B 466 -4.18 18.49 -25.44
N SER B 467 -4.10 19.14 -24.28
CA SER B 467 -4.83 20.37 -24.03
C SER B 467 -4.14 21.62 -24.57
N GLY B 468 -2.93 21.49 -25.11
CA GLY B 468 -2.23 22.59 -25.73
C GLY B 468 -0.97 23.08 -25.04
N LYS B 469 -0.49 22.39 -24.01
CA LYS B 469 0.72 22.81 -23.31
C LYS B 469 1.94 22.43 -24.14
N ALA B 470 2.72 23.44 -24.53
CA ALA B 470 3.89 23.26 -25.38
C ALA B 470 5.18 23.09 -24.59
N LEU B 471 5.08 22.93 -23.26
CA LEU B 471 6.26 22.82 -22.42
C LEU B 471 7.03 21.53 -22.70
N TYR B 472 6.33 20.41 -22.86
CA TYR B 472 6.95 19.10 -22.89
C TYR B 472 7.36 18.65 -24.29
N GLY B 473 6.99 19.38 -25.34
CA GLY B 473 7.40 19.03 -26.69
C GLY B 473 6.81 17.74 -27.23
N PHE B 474 5.60 17.38 -26.79
CA PHE B 474 4.97 16.14 -27.26
C PHE B 474 4.41 16.30 -28.67
N ASP B 475 3.94 17.51 -29.00
CA ASP B 475 3.48 17.88 -30.36
C ASP B 475 2.34 16.96 -30.81
N VAL B 476 1.25 17.02 -30.05
CA VAL B 476 0.10 16.15 -30.28
C VAL B 476 -1.17 16.90 -29.89
N PHE B 477 -2.22 16.75 -30.72
CA PHE B 477 -3.55 17.35 -30.56
C PHE B 477 -3.41 18.86 -30.54
N LEU B 478 -3.76 19.56 -29.46
CA LEU B 478 -3.78 21.02 -29.45
C LEU B 478 -2.40 21.64 -29.40
N SER B 479 -1.36 20.86 -29.10
CA SER B 479 0.02 21.32 -29.22
C SER B 479 0.61 21.04 -30.60
N SER B 480 -0.19 20.51 -31.51
CA SER B 480 0.18 20.32 -32.91
C SER B 480 -0.59 21.32 -33.75
N SER B 481 0.12 22.10 -34.56
CA SER B 481 -0.54 23.11 -35.38
C SER B 481 -1.19 22.54 -36.64
N ASN B 482 -1.02 21.25 -36.92
CA ASN B 482 -1.63 20.61 -38.08
C ASN B 482 -2.68 19.57 -37.71
N SER B 483 -2.94 19.35 -36.42
CA SER B 483 -3.92 18.35 -36.02
C SER B 483 -5.33 18.79 -36.40
N VAL B 484 -6.21 17.80 -36.60
CA VAL B 484 -7.58 18.10 -37.02
C VAL B 484 -8.36 18.77 -35.89
N ALA B 485 -8.01 18.48 -34.63
CA ALA B 485 -8.63 19.17 -33.52
C ALA B 485 -8.21 20.63 -33.48
N THR B 486 -6.95 20.91 -33.83
CA THR B 486 -6.46 22.29 -33.86
C THR B 486 -7.13 23.10 -34.95
N ASN B 487 -7.26 22.55 -36.16
CA ASN B 487 -7.98 23.25 -37.23
C ASN B 487 -9.48 23.32 -36.96
N ALA B 488 -10.03 22.37 -36.21
CA ALA B 488 -11.45 22.42 -35.88
C ALA B 488 -11.76 23.57 -34.94
N SER B 489 -10.91 23.79 -33.94
CA SER B 489 -11.16 24.79 -32.92
C SER B 489 -10.40 26.08 -33.11
N SER B 490 -9.73 26.28 -34.26
CA SER B 490 -8.90 27.46 -34.43
C SER B 490 -9.72 28.74 -34.55
N ASN B 491 -10.94 28.65 -35.07
CA ASN B 491 -11.74 29.86 -35.26
C ASN B 491 -12.57 30.24 -34.05
N ILE B 492 -12.71 29.38 -33.04
CA ILE B 492 -13.63 29.61 -31.93
C ILE B 492 -12.91 29.93 -30.63
N TRP B 493 -12.09 29.00 -30.12
CA TRP B 493 -11.62 29.17 -28.76
C TRP B 493 -10.12 28.98 -28.59
N LEU B 494 -9.43 28.50 -29.62
CA LEU B 494 -8.01 28.16 -29.51
C LEU B 494 -7.06 29.30 -29.13
N PRO B 495 -7.17 30.53 -29.66
CA PRO B 495 -6.21 31.58 -29.24
C PRO B 495 -6.23 31.92 -27.76
N GLY B 496 -7.40 32.16 -27.18
CA GLY B 496 -7.46 32.50 -25.76
C GLY B 496 -7.05 31.35 -24.86
N TRP B 497 -7.49 30.12 -25.19
CA TRP B 497 -7.11 28.96 -24.41
C TRP B 497 -5.60 28.70 -24.49
N LEU B 498 -5.02 28.81 -25.68
CA LEU B 498 -3.58 28.61 -25.84
C LEU B 498 -2.78 29.70 -25.14
N GLU B 499 -3.29 30.93 -25.14
CA GLU B 499 -2.63 32.02 -24.44
C GLU B 499 -2.67 31.80 -22.93
N ALA B 500 -3.79 31.26 -22.43
CA ALA B 500 -3.90 31.03 -20.99
C ALA B 500 -3.14 29.80 -20.53
N ILE B 501 -3.05 28.76 -21.36
CA ILE B 501 -2.44 27.51 -20.93
C ILE B 501 -0.91 27.56 -21.06
N ASN B 502 -0.38 28.40 -21.95
CA ASN B 502 1.05 28.48 -22.17
C ASN B 502 1.70 29.66 -21.46
N SER B 503 0.93 30.41 -20.67
CA SER B 503 1.47 31.45 -19.81
C SER B 503 1.62 30.90 -18.39
N GLY B 504 2.82 30.99 -17.83
CA GLY B 504 3.08 30.51 -16.49
C GLY B 504 2.74 31.48 -15.39
N LYS B 505 1.63 32.20 -15.53
CA LYS B 505 1.20 33.19 -14.55
C LYS B 505 -0.08 32.78 -13.83
N ASN B 506 -0.59 31.58 -14.09
CA ASN B 506 -1.84 31.11 -13.51
C ASN B 506 -1.66 29.66 -13.07
N SER B 507 -2.74 29.06 -12.57
CA SER B 507 -2.75 27.67 -12.16
C SER B 507 -3.41 26.76 -13.18
N LEU B 508 -3.39 27.17 -14.45
CA LEU B 508 -3.93 26.37 -15.55
C LEU B 508 -2.90 25.35 -15.99
N PHE B 509 -3.10 24.08 -15.59
CA PHE B 509 -2.28 22.94 -15.98
C PHE B 509 -0.81 23.15 -15.62
N LEU B 510 -0.57 23.29 -14.31
CA LEU B 510 0.74 23.61 -13.77
C LEU B 510 1.77 22.53 -14.12
N PRO B 511 3.03 22.90 -14.36
CA PRO B 511 4.06 21.91 -14.68
C PRO B 511 4.27 20.91 -13.54
N ILE B 512 4.52 19.67 -13.93
CA ILE B 512 4.55 18.54 -13.00
C ILE B 512 5.84 17.75 -13.20
N GLY B 513 6.33 17.17 -12.10
CA GLY B 513 7.53 16.38 -12.14
C GLY B 513 7.39 15.10 -11.33
N PRO B 514 8.53 14.49 -10.96
CA PRO B 514 8.48 13.22 -10.21
C PRO B 514 7.80 13.32 -8.86
N GLY B 515 7.91 14.45 -8.17
CA GLY B 515 7.17 14.64 -6.94
C GLY B 515 5.67 14.62 -7.14
N ASP B 516 5.20 15.23 -8.24
CA ASP B 516 3.78 15.19 -8.60
C ASP B 516 3.32 13.77 -8.89
N PHE B 517 4.16 13.01 -9.58
CA PHE B 517 3.93 11.58 -9.83
C PHE B 517 3.76 10.81 -8.52
N LEU B 518 4.71 10.99 -7.60
CA LEU B 518 4.67 10.28 -6.33
C LEU B 518 3.47 10.66 -5.49
N ILE B 519 3.16 11.96 -5.41
CA ILE B 519 2.02 12.37 -4.58
C ILE B 519 0.67 11.97 -5.19
N HIS B 520 0.52 11.96 -6.53
CA HIS B 520 -0.70 11.38 -7.09
C HIS B 520 -0.79 9.87 -6.88
N HIS B 521 0.34 9.14 -6.90
CA HIS B 521 0.20 7.71 -6.60
C HIS B 521 -0.06 7.47 -5.12
N ALA B 522 0.45 8.32 -4.23
CA ALA B 522 0.07 8.30 -2.83
C ALA B 522 -1.42 8.61 -2.63
N ILE B 523 -1.93 9.58 -3.39
CA ILE B 523 -3.36 9.92 -3.36
C ILE B 523 -4.19 8.74 -3.85
N ALA B 524 -3.73 8.04 -4.89
CA ALA B 524 -4.39 6.84 -5.37
C ALA B 524 -4.39 5.75 -4.31
N LEU B 525 -3.25 5.57 -3.63
CA LEU B 525 -3.16 4.66 -2.49
C LEU B 525 -4.20 4.99 -1.42
N ALA B 526 -4.31 6.26 -1.06
CA ALA B 526 -5.21 6.64 0.02
C ALA B 526 -6.67 6.50 -0.39
N LEU B 527 -7.00 6.86 -1.63
CA LEU B 527 -8.35 6.68 -2.14
C LEU B 527 -8.73 5.20 -2.21
N HIS B 528 -7.83 4.36 -2.73
CA HIS B 528 -8.11 2.93 -2.79
C HIS B 528 -8.23 2.31 -1.40
N THR B 529 -7.42 2.77 -0.43
CA THR B 529 -7.50 2.18 0.89
C THR B 529 -8.78 2.61 1.62
N THR B 530 -9.15 3.90 1.50
CA THR B 530 -10.42 4.36 2.06
C THR B 530 -11.60 3.66 1.40
N THR B 531 -11.53 3.46 0.08
CA THR B 531 -12.55 2.69 -0.62
C THR B 531 -12.60 1.24 -0.13
N LEU B 532 -11.43 0.67 0.17
CA LEU B 532 -11.38 -0.69 0.72
C LEU B 532 -12.10 -0.77 2.05
N ILE B 533 -11.81 0.16 2.97
CA ILE B 533 -12.44 0.16 4.29
C ILE B 533 -13.95 0.35 4.16
N LEU B 534 -14.35 1.33 3.35
CA LEU B 534 -15.77 1.66 3.23
C LEU B 534 -16.57 0.58 2.52
N VAL B 535 -16.02 0.02 1.44
CA VAL B 535 -16.70 -1.05 0.69
C VAL B 535 -16.76 -2.32 1.52
N LYS B 536 -15.68 -2.65 2.24
CA LYS B 536 -15.66 -3.79 3.13
C LYS B 536 -16.65 -3.62 4.28
N GLY B 537 -16.82 -2.39 4.77
CA GLY B 537 -17.82 -2.14 5.79
C GLY B 537 -19.24 -2.28 5.26
N ALA B 538 -19.48 -1.79 4.05
CA ALA B 538 -20.83 -1.85 3.47
C ALA B 538 -21.23 -3.27 3.10
N LEU B 539 -20.30 -4.04 2.54
CA LEU B 539 -20.62 -5.37 2.05
C LEU B 539 -20.62 -6.44 3.14
N ASP B 540 -19.90 -6.22 4.24
CA ASP B 540 -19.93 -7.12 5.38
C ASP B 540 -20.90 -6.64 6.46
N ALA B 541 -21.69 -5.61 6.16
CA ALA B 541 -22.65 -5.07 7.14
C ALA B 541 -23.74 -6.07 7.48
N ARG B 542 -24.14 -6.91 6.54
CA ARG B 542 -25.22 -7.87 6.80
C ARG B 542 -24.73 -9.12 7.50
N GLY B 543 -23.45 -9.45 7.38
CA GLY B 543 -22.90 -10.61 8.06
C GLY B 543 -21.53 -11.02 7.57
N SER B 544 -20.78 -11.73 8.40
CA SER B 544 -19.47 -12.25 8.02
C SER B 544 -19.33 -13.66 8.58
N LYS B 545 -18.16 -14.28 8.36
CA LYS B 545 -17.91 -15.58 8.97
C LYS B 545 -17.81 -15.50 10.49
N LEU B 546 -17.28 -14.39 11.01
CA LEU B 546 -17.22 -14.24 12.47
C LEU B 546 -18.57 -13.90 13.08
N MET B 547 -19.48 -13.30 12.32
CA MET B 547 -20.78 -12.89 12.84
C MET B 547 -21.82 -12.93 11.72
N PRO B 548 -22.38 -14.10 11.43
CA PRO B 548 -23.33 -14.23 10.30
C PRO B 548 -24.70 -13.59 10.52
N ASP B 549 -25.04 -13.14 11.73
CA ASP B 549 -26.35 -12.55 11.98
C ASP B 549 -26.24 -11.08 12.34
N LYS B 550 -25.28 -10.38 11.72
CA LYS B 550 -25.01 -8.98 12.03
C LYS B 550 -26.20 -8.07 11.72
N LYS B 551 -26.98 -8.42 10.69
CA LYS B 551 -28.16 -7.64 10.33
C LYS B 551 -29.24 -7.67 11.41
N ASP B 552 -29.25 -8.70 12.26
CA ASP B 552 -30.14 -8.70 13.42
C ASP B 552 -29.73 -7.70 14.49
N PHE B 553 -28.48 -7.22 14.47
CA PHE B 553 -27.97 -6.33 15.50
C PHE B 553 -27.92 -4.87 15.08
N GLY B 554 -28.27 -4.57 13.83
CA GLY B 554 -28.34 -3.19 13.39
C GLY B 554 -27.05 -2.69 12.79
N TYR B 555 -27.07 -1.41 12.42
CA TYR B 555 -25.90 -0.78 11.80
C TYR B 555 -24.82 -0.44 12.82
N SER B 556 -25.20 -0.05 14.03
CA SER B 556 -24.23 0.35 15.03
C SER B 556 -24.46 -0.43 16.32
N PHE B 557 -23.41 -1.09 16.80
CA PHE B 557 -23.40 -1.75 18.09
C PHE B 557 -21.94 -1.88 18.50
N PRO B 558 -21.64 -1.95 19.81
CA PRO B 558 -20.22 -2.02 20.23
C PRO B 558 -19.45 -3.23 19.73
N CYS B 559 -19.94 -4.44 19.99
CA CYS B 559 -19.19 -5.66 19.69
C CYS B 559 -20.15 -6.85 19.76
N ASP B 560 -19.58 -8.06 19.66
CA ASP B 560 -20.31 -9.29 19.92
C ASP B 560 -19.66 -10.10 21.05
N GLY B 561 -18.91 -9.43 21.92
CA GLY B 561 -18.30 -10.07 23.07
C GLY B 561 -16.91 -10.59 22.80
N PRO B 562 -16.21 -11.01 23.86
CA PRO B 562 -14.85 -11.55 23.69
C PRO B 562 -14.80 -12.95 23.12
N GLY B 563 -15.94 -13.61 22.96
CA GLY B 563 -15.96 -14.95 22.41
C GLY B 563 -15.63 -14.97 20.93
N ARG B 564 -15.37 -16.19 20.45
CA ARG B 564 -14.97 -16.47 19.06
C ARG B 564 -13.68 -15.74 18.68
N GLY B 565 -12.80 -15.54 19.65
CA GLY B 565 -11.54 -14.85 19.44
C GLY B 565 -11.55 -13.38 19.80
N GLY B 566 -12.74 -12.77 19.90
CA GLY B 566 -12.83 -11.34 20.12
C GLY B 566 -13.39 -10.62 18.90
N THR B 567 -14.34 -9.71 19.12
CA THR B 567 -15.12 -9.09 18.06
C THR B 567 -15.15 -7.58 18.19
N CYS B 568 -14.03 -6.97 18.54
CA CYS B 568 -13.96 -5.52 18.66
C CYS B 568 -14.12 -4.85 17.28
N ASP B 569 -14.93 -3.79 17.25
CA ASP B 569 -15.09 -2.92 16.07
C ASP B 569 -15.57 -3.68 14.84
N ILE B 570 -16.57 -4.55 15.04
CA ILE B 570 -17.00 -5.44 13.97
C ILE B 570 -18.15 -4.86 13.14
N SER B 571 -18.84 -3.84 13.65
CA SER B 571 -19.98 -3.27 12.93
C SER B 571 -19.51 -2.38 11.78
N ALA B 572 -20.47 -2.04 10.91
CA ALA B 572 -20.17 -1.15 9.79
C ALA B 572 -19.98 0.29 10.24
N TRP B 573 -20.66 0.68 11.33
CA TRP B 573 -20.38 1.97 11.96
C TRP B 573 -18.92 2.08 12.39
N ASP B 574 -18.37 0.98 12.90
CA ASP B 574 -16.95 0.94 13.26
C ASP B 574 -16.07 1.04 12.02
N ALA B 575 -16.52 0.51 10.88
CA ALA B 575 -15.79 0.68 9.63
C ALA B 575 -15.82 2.13 9.16
N PHE B 576 -16.94 2.82 9.36
CA PHE B 576 -17.02 4.27 9.19
C PHE B 576 -16.01 4.97 10.09
N TYR B 577 -15.94 4.53 11.35
CA TYR B 577 -15.06 5.16 12.34
C TYR B 577 -13.60 4.99 11.95
N LEU B 578 -13.23 3.81 11.46
CA LEU B 578 -11.86 3.59 11.00
C LEU B 578 -11.58 4.35 9.71
N SER B 579 -12.55 4.43 8.80
CA SER B 579 -12.34 5.11 7.53
C SER B 579 -12.28 6.63 7.66
N MET B 580 -12.81 7.20 8.75
CA MET B 580 -12.72 8.64 8.94
C MET B 580 -11.28 9.12 9.06
N PHE B 581 -10.45 8.36 9.77
CA PHE B 581 -9.03 8.71 9.88
C PHE B 581 -8.34 8.67 8.52
N TRP B 582 -8.66 7.68 7.70
CA TRP B 582 -8.06 7.59 6.37
C TRP B 582 -8.56 8.69 5.45
N MET B 583 -9.81 9.11 5.60
CA MET B 583 -10.32 10.25 4.85
C MET B 583 -9.59 11.53 5.24
N LEU B 584 -9.38 11.73 6.55
CA LEU B 584 -8.61 12.88 7.02
C LEU B 584 -7.19 12.83 6.49
N ASN B 585 -6.59 11.64 6.44
CA ASN B 585 -5.26 11.46 5.87
C ASN B 585 -5.23 11.81 4.38
N THR B 586 -6.27 11.41 3.64
CA THR B 586 -6.26 11.66 2.19
C THR B 586 -6.43 13.13 1.88
N ILE B 587 -7.33 13.82 2.60
CA ILE B 587 -7.48 15.25 2.36
C ILE B 587 -6.25 16.00 2.88
N GLY B 588 -5.62 15.49 3.95
CA GLY B 588 -4.37 16.06 4.42
C GLY B 588 -3.26 16.00 3.37
N TRP B 589 -3.09 14.83 2.74
CA TRP B 589 -2.09 14.68 1.69
C TRP B 589 -2.40 15.58 0.50
N VAL B 590 -3.67 15.66 0.11
CA VAL B 590 -4.08 16.48 -1.04
C VAL B 590 -3.83 17.96 -0.76
N THR B 591 -4.23 18.43 0.42
CA THR B 591 -4.06 19.83 0.76
C THR B 591 -2.59 20.19 1.01
N PHE B 592 -1.81 19.27 1.58
CA PHE B 592 -0.37 19.47 1.70
C PHE B 592 0.29 19.65 0.33
N TYR B 593 -0.06 18.78 -0.63
CA TYR B 593 0.47 18.90 -1.98
C TYR B 593 0.07 20.22 -2.63
N TRP B 594 -1.23 20.54 -2.57
CA TRP B 594 -1.74 21.77 -3.17
C TRP B 594 -1.08 23.01 -2.60
N HIS B 595 -1.02 23.09 -1.26
CA HIS B 595 -0.49 24.28 -0.61
C HIS B 595 1.01 24.41 -0.84
N TRP B 596 1.77 23.31 -0.76
CA TRP B 596 3.21 23.43 -0.93
C TRP B 596 3.56 23.79 -2.37
N LYS B 597 2.91 23.16 -3.35
CA LYS B 597 3.13 23.51 -4.75
C LYS B 597 2.76 24.96 -5.03
N HIS B 598 1.60 25.42 -4.53
CA HIS B 598 1.16 26.77 -4.84
C HIS B 598 2.01 27.83 -4.14
N VAL B 599 2.47 27.56 -2.92
CA VAL B 599 3.38 28.49 -2.24
C VAL B 599 4.71 28.57 -2.98
N THR B 600 5.24 27.42 -3.44
CA THR B 600 6.51 27.46 -4.15
C THR B 600 6.40 28.14 -5.51
N ILE B 601 5.26 28.01 -6.21
CA ILE B 601 5.08 28.78 -7.45
C ILE B 601 4.89 30.27 -7.17
N TRP B 602 4.06 30.61 -6.18
CA TRP B 602 3.82 32.01 -5.86
C TRP B 602 5.08 32.72 -5.35
N GLN B 603 5.96 32.00 -4.65
CA GLN B 603 7.23 32.57 -4.25
C GLN B 603 8.22 32.72 -5.40
N GLY B 604 7.94 32.14 -6.57
CA GLY B 604 8.92 32.12 -7.63
C GLY B 604 10.04 31.12 -7.39
N ASN B 605 9.78 30.08 -6.60
CA ASN B 605 10.78 29.12 -6.17
C ASN B 605 10.24 27.71 -6.35
N ALA B 606 9.64 27.46 -7.52
CA ALA B 606 9.06 26.16 -7.84
C ALA B 606 10.10 25.04 -7.88
N GLY B 607 11.37 25.38 -8.16
CA GLY B 607 12.42 24.39 -8.11
C GLY B 607 12.67 23.81 -6.73
N GLN B 608 12.33 24.57 -5.67
CA GLN B 608 12.39 24.03 -4.32
C GLN B 608 11.41 22.87 -4.15
N PHE B 609 10.18 23.04 -4.64
CA PHE B 609 9.22 21.94 -4.66
C PHE B 609 9.68 20.81 -5.57
N ASN B 610 10.23 21.16 -6.74
CA ASN B 610 10.65 20.14 -7.70
C ASN B 610 11.80 19.29 -7.17
N GLU B 611 12.63 19.83 -6.29
CA GLU B 611 13.75 19.09 -5.74
C GLU B 611 13.46 18.48 -4.38
N SER B 612 12.53 19.04 -3.61
CA SER B 612 12.31 18.58 -2.23
C SER B 612 11.10 17.67 -2.07
N SER B 613 10.18 17.61 -3.04
CA SER B 613 8.98 16.80 -2.86
C SER B 613 9.20 15.32 -3.12
N THR B 614 10.37 14.91 -3.56
CA THR B 614 10.61 13.51 -3.88
C THR B 614 10.98 12.68 -2.66
N TYR B 615 11.19 13.32 -1.51
CA TYR B 615 11.51 12.59 -0.28
C TYR B 615 10.78 13.26 0.89
N ILE B 616 10.56 12.47 1.94
CA ILE B 616 9.67 12.88 3.04
C ILE B 616 10.31 14.01 3.85
N MET B 617 11.63 13.97 4.00
CA MET B 617 12.34 15.02 4.74
C MET B 617 12.18 16.39 4.10
N GLY B 618 12.05 16.44 2.77
CA GLY B 618 11.74 17.69 2.11
C GLY B 618 10.38 18.24 2.49
N TRP B 619 9.38 17.35 2.60
CA TRP B 619 8.05 17.75 3.04
C TRP B 619 8.08 18.23 4.48
N LEU B 620 8.81 17.53 5.35
CA LEU B 620 8.85 17.89 6.77
C LEU B 620 9.61 19.20 7.00
N ARG B 621 10.70 19.42 6.26
CA ARG B 621 11.55 20.58 6.51
C ARG B 621 11.16 21.81 5.69
N ASP B 622 11.00 21.67 4.37
CA ASP B 622 10.81 22.81 3.50
C ASP B 622 9.36 23.26 3.40
N TYR B 623 8.40 22.46 3.87
CA TYR B 623 7.01 22.85 3.90
C TYR B 623 6.46 23.02 5.31
N LEU B 624 6.63 22.01 6.16
CA LEU B 624 6.07 22.08 7.51
C LEU B 624 6.89 22.98 8.42
N TRP B 625 8.20 22.69 8.54
CA TRP B 625 9.05 23.48 9.41
C TRP B 625 9.27 24.90 8.87
N LEU B 626 9.46 25.03 7.55
CA LEU B 626 9.84 26.32 6.97
C LEU B 626 8.70 27.33 7.05
N ASN B 627 7.48 26.89 6.78
CA ASN B 627 6.34 27.80 6.75
C ASN B 627 5.67 27.95 8.12
N SER B 628 6.18 27.29 9.15
CA SER B 628 5.63 27.43 10.50
C SER B 628 6.12 28.68 11.23
N SER B 629 7.16 29.35 10.71
CA SER B 629 7.78 30.46 11.43
C SER B 629 6.87 31.67 11.68
N PRO B 630 6.09 32.20 10.72
CA PRO B 630 5.18 33.29 11.11
C PRO B 630 4.02 32.82 11.97
N LEU B 631 3.62 31.55 11.84
CA LEU B 631 2.53 31.02 12.65
C LEU B 631 2.91 30.92 14.12
N ILE B 632 4.09 30.35 14.41
CA ILE B 632 4.51 30.25 15.81
C ILE B 632 5.03 31.54 16.39
N ASN B 633 5.14 32.59 15.57
CA ASN B 633 5.51 33.92 16.05
C ASN B 633 4.33 34.88 16.04
N GLY B 634 3.10 34.36 16.04
CA GLY B 634 1.94 35.22 16.18
C GLY B 634 1.90 35.93 17.52
N TYR B 635 2.32 35.25 18.58
CA TYR B 635 2.66 35.89 19.84
C TYR B 635 3.94 35.25 20.37
N ASN B 636 4.76 36.08 21.02
CA ASN B 636 6.05 35.64 21.55
C ASN B 636 6.37 36.52 22.77
N PRO B 637 7.46 36.27 23.53
CA PRO B 637 7.83 37.20 24.61
C PRO B 637 8.22 38.61 24.18
N PHE B 638 8.32 38.87 22.87
CA PHE B 638 8.65 40.20 22.37
C PHE B 638 7.43 41.00 21.90
N GLY B 639 6.31 40.33 21.62
CA GLY B 639 5.12 41.07 21.22
C GLY B 639 4.07 40.14 20.66
N MET B 640 3.12 40.73 19.92
CA MET B 640 2.09 39.96 19.23
C MET B 640 1.63 40.75 18.02
N ASN B 641 1.02 40.04 17.07
CA ASN B 641 0.50 40.67 15.86
C ASN B 641 -0.81 39.97 15.50
N SER B 642 -1.32 40.27 14.30
CA SER B 642 -2.65 39.82 13.91
C SER B 642 -2.77 38.31 13.70
N LEU B 643 -1.65 37.62 13.48
CA LEU B 643 -1.69 36.17 13.32
C LEU B 643 -1.89 35.41 14.62
N SER B 644 -1.85 36.11 15.76
CA SER B 644 -1.80 35.48 17.09
C SER B 644 -2.98 34.54 17.33
N VAL B 645 -4.17 34.90 16.84
CA VAL B 645 -5.36 34.07 16.99
C VAL B 645 -5.15 32.71 16.31
N TRP B 646 -4.60 32.72 15.09
CA TRP B 646 -4.23 31.48 14.43
C TRP B 646 -3.14 30.78 15.21
N SER B 647 -2.18 31.55 15.76
CA SER B 647 -1.17 31.03 16.65
C SER B 647 -1.79 30.37 17.87
N TRP B 648 -2.92 30.91 18.35
CA TRP B 648 -3.65 30.23 19.40
C TRP B 648 -4.32 28.97 18.85
N MET B 649 -5.02 29.12 17.71
CA MET B 649 -5.92 28.06 17.22
C MET B 649 -5.14 26.81 16.82
N PHE B 650 -3.99 27.00 16.18
CA PHE B 650 -2.98 25.99 15.92
C PHE B 650 -2.71 25.13 17.14
N LEU B 651 -2.28 25.79 18.23
CA LEU B 651 -2.03 25.08 19.48
C LEU B 651 -3.29 24.43 20.00
N PHE B 652 -4.42 25.15 19.88
CA PHE B 652 -5.74 24.63 20.21
C PHE B 652 -5.98 23.30 19.52
N GLY B 653 -5.70 23.25 18.21
CA GLY B 653 -5.84 22.00 17.48
C GLY B 653 -4.94 20.91 18.03
N HIS B 654 -3.65 21.25 18.25
CA HIS B 654 -2.70 20.32 18.86
C HIS B 654 -3.16 19.86 20.24
N LEU B 655 -3.95 20.68 20.94
CA LEU B 655 -4.51 20.16 22.19
C LEU B 655 -5.66 19.19 21.91
N ILE B 656 -6.65 19.62 21.11
CA ILE B 656 -7.92 18.89 21.08
C ILE B 656 -7.78 17.58 20.32
N TRP B 657 -6.95 17.56 19.28
CA TRP B 657 -6.55 16.33 18.59
C TRP B 657 -6.05 15.28 19.57
N ALA B 658 -5.13 15.70 20.46
CA ALA B 658 -4.57 14.79 21.45
C ALA B 658 -5.64 14.27 22.40
N THR B 659 -6.61 15.14 22.75
CA THR B 659 -7.68 14.72 23.65
C THR B 659 -8.49 13.59 23.05
N GLY B 660 -8.66 13.59 21.72
CA GLY B 660 -9.37 12.51 21.06
C GLY B 660 -8.74 11.16 21.30
N PHE B 661 -7.39 11.13 21.35
CA PHE B 661 -6.64 9.90 21.57
C PHE B 661 -7.07 9.19 22.85
N MET B 662 -7.40 9.97 23.89
CA MET B 662 -7.72 9.35 25.18
C MET B 662 -9.02 8.56 25.09
N PHE B 663 -9.99 9.06 24.30
CA PHE B 663 -11.18 8.26 24.09
C PHE B 663 -10.97 7.14 23.08
N LEU B 664 -9.88 7.19 22.30
CA LEU B 664 -9.62 6.13 21.34
C LEU B 664 -8.61 5.08 21.82
N ILE B 665 -7.85 5.38 22.87
CA ILE B 665 -6.86 4.44 23.41
C ILE B 665 -7.34 3.81 24.71
N SER B 666 -7.75 4.63 25.68
CA SER B 666 -8.29 4.11 26.93
C SER B 666 -9.74 3.70 26.72
N TRP B 667 -10.13 2.57 27.30
CA TRP B 667 -11.47 2.02 27.10
C TRP B 667 -12.21 1.93 28.45
N ARG B 668 -13.42 1.35 28.40
CA ARG B 668 -14.51 1.78 29.28
C ARG B 668 -14.33 1.40 30.74
N GLY B 669 -13.93 0.14 31.01
CA GLY B 669 -14.05 -0.41 32.36
C GLY B 669 -13.23 0.30 33.41
N TYR B 670 -12.04 0.78 33.02
CA TYR B 670 -11.21 1.62 33.89
C TYR B 670 -11.96 2.88 34.33
N TRP B 671 -12.56 3.58 33.36
CA TRP B 671 -13.27 4.82 33.67
C TRP B 671 -14.55 4.53 34.45
N GLN B 672 -15.20 3.39 34.18
CA GLN B 672 -16.41 3.02 34.92
C GLN B 672 -16.10 2.74 36.38
N GLU B 673 -14.99 2.05 36.66
CA GLU B 673 -14.59 1.81 38.05
C GLU B 673 -14.16 3.09 38.74
N LEU B 674 -13.50 4.00 38.01
CA LEU B 674 -13.20 5.32 38.58
C LEU B 674 -14.49 6.07 38.95
N ILE B 675 -15.51 5.99 38.09
CA ILE B 675 -16.79 6.62 38.40
C ILE B 675 -17.47 5.93 39.59
N GLU B 676 -17.30 4.62 39.77
CA GLU B 676 -17.78 3.99 41.01
C GLU B 676 -17.08 4.58 42.23
N THR B 677 -15.76 4.78 42.13
CA THR B 677 -15.01 5.40 43.23
C THR B 677 -15.48 6.83 43.49
N LEU B 678 -15.76 7.59 42.42
CA LEU B 678 -16.26 8.96 42.56
C LEU B 678 -17.66 9.02 43.16
N VAL B 679 -18.52 8.06 42.80
CA VAL B 679 -19.85 7.97 43.39
C VAL B 679 -19.75 7.70 44.89
N TRP B 680 -18.85 6.79 45.28
CA TRP B 680 -18.62 6.55 46.70
C TRP B 680 -18.10 7.80 47.40
N ALA B 681 -17.17 8.52 46.76
CA ALA B 681 -16.60 9.73 47.35
C ALA B 681 -17.63 10.81 47.55
N HIS B 682 -18.50 11.03 46.55
CA HIS B 682 -19.55 12.04 46.71
C HIS B 682 -20.59 11.62 47.74
N GLU B 683 -20.96 10.33 47.76
CA GLU B 683 -21.96 9.88 48.71
C GLU B 683 -21.44 9.90 50.15
N ARG B 684 -20.13 9.80 50.34
CA ARG B 684 -19.58 9.72 51.68
C ARG B 684 -18.99 11.04 52.18
N THR B 685 -19.02 12.10 51.37
CA THR B 685 -18.44 13.38 51.76
C THR B 685 -19.50 14.24 52.42
N PRO B 686 -19.28 14.70 53.66
CA PRO B 686 -20.24 15.64 54.27
C PRO B 686 -20.25 16.98 53.56
N LEU B 687 -21.40 17.65 53.64
CA LEU B 687 -21.78 18.93 53.04
C LEU B 687 -21.96 18.85 51.53
N ALA B 688 -21.74 17.68 50.92
CA ALA B 688 -22.00 17.47 49.51
C ALA B 688 -23.04 16.39 49.24
N ASN B 689 -23.26 15.46 50.18
CA ASN B 689 -24.31 14.47 50.01
C ASN B 689 -25.70 15.03 50.26
N LEU B 690 -25.81 16.27 50.75
CA LEU B 690 -27.07 16.99 50.70
C LEU B 690 -27.52 17.24 49.26
N VAL B 691 -26.58 17.30 48.32
CA VAL B 691 -26.86 17.45 46.91
C VAL B 691 -26.77 16.07 46.26
N ARG B 692 -27.79 15.70 45.50
CA ARG B 692 -27.86 14.39 44.87
C ARG B 692 -28.10 14.55 43.38
N TRP B 693 -27.45 13.70 42.58
CA TRP B 693 -27.72 13.69 41.15
C TRP B 693 -29.08 13.05 40.88
N LYS B 694 -29.70 13.46 39.77
CA LYS B 694 -30.92 12.82 39.32
C LYS B 694 -30.64 11.64 38.39
N ASP B 695 -29.59 11.71 37.59
CA ASP B 695 -29.14 10.61 36.75
C ASP B 695 -27.85 10.04 37.31
N LYS B 696 -27.75 8.73 37.33
CA LYS B 696 -26.57 8.06 37.84
C LYS B 696 -25.38 8.32 36.92
N PRO B 697 -24.23 8.72 37.45
CA PRO B 697 -23.05 8.93 36.59
C PRO B 697 -22.50 7.60 36.11
N VAL B 698 -22.34 7.47 34.79
CA VAL B 698 -21.72 6.29 34.19
C VAL B 698 -20.66 6.74 33.19
N ALA B 699 -19.76 5.82 32.87
CA ALA B 699 -18.82 6.05 31.78
C ALA B 699 -19.57 6.11 30.45
N LEU B 700 -18.97 6.80 29.49
CA LEU B 700 -19.50 6.83 28.13
C LEU B 700 -19.49 5.42 27.54
N SER B 701 -20.48 5.13 26.69
CA SER B 701 -20.51 3.82 26.05
C SER B 701 -19.39 3.72 25.01
N ILE B 702 -19.20 2.50 24.51
CA ILE B 702 -18.11 2.18 23.60
C ILE B 702 -18.24 2.94 22.28
N VAL B 703 -19.43 2.87 21.67
CA VAL B 703 -19.68 3.57 20.41
C VAL B 703 -19.65 5.07 20.61
N GLN B 704 -20.23 5.55 21.72
CA GLN B 704 -20.18 6.97 22.07
C GLN B 704 -18.75 7.45 22.27
N ALA B 705 -17.91 6.65 22.93
CA ALA B 705 -16.53 7.05 23.17
C ALA B 705 -15.73 7.08 21.87
N ARG B 706 -15.97 6.11 20.98
CA ARG B 706 -15.36 6.14 19.66
C ARG B 706 -15.76 7.40 18.90
N LEU B 707 -17.05 7.76 18.95
CA LEU B 707 -17.54 8.96 18.28
C LEU B 707 -16.93 10.23 18.88
N VAL B 708 -16.82 10.30 20.22
CA VAL B 708 -16.32 11.51 20.87
C VAL B 708 -14.83 11.69 20.61
N GLY B 709 -14.06 10.59 20.66
CA GLY B 709 -12.66 10.64 20.28
C GLY B 709 -12.47 11.03 18.83
N LEU B 710 -13.34 10.51 17.94
CA LEU B 710 -13.33 10.90 16.54
C LEU B 710 -13.63 12.39 16.36
N ILE B 711 -14.58 12.92 17.13
CA ILE B 711 -14.97 14.32 17.02
C ILE B 711 -13.83 15.24 17.47
N HIS B 712 -13.22 14.95 18.62
CA HIS B 712 -12.08 15.74 19.09
C HIS B 712 -10.90 15.63 18.11
N PHE B 713 -10.62 14.41 17.61
CA PHE B 713 -9.56 14.17 16.63
C PHE B 713 -9.80 14.99 15.36
N THR B 714 -11.02 14.92 14.82
CA THR B 714 -11.36 15.59 13.56
C THR B 714 -11.31 17.10 13.72
N ALA B 715 -11.83 17.62 14.84
CA ALA B 715 -11.77 19.05 15.10
C ALA B 715 -10.34 19.53 15.22
N GLY B 716 -9.47 18.75 15.88
CA GLY B 716 -8.06 19.11 15.92
C GLY B 716 -7.39 19.11 14.57
N TYR B 717 -7.67 18.09 13.76
CA TYR B 717 -7.16 18.00 12.39
C TYR B 717 -7.55 19.24 11.58
N ILE B 718 -8.85 19.58 11.59
CA ILE B 718 -9.36 20.69 10.78
C ILE B 718 -8.82 22.03 11.28
N PHE B 719 -8.88 22.26 12.59
CA PHE B 719 -8.47 23.55 13.13
C PHE B 719 -6.96 23.76 12.99
N THR B 720 -6.18 22.69 13.21
CA THR B 720 -4.73 22.78 13.02
C THR B 720 -4.37 23.13 11.60
N TYR B 721 -4.95 22.42 10.62
CA TYR B 721 -4.56 22.70 9.25
C TYR B 721 -5.09 24.05 8.76
N ALA B 722 -6.29 24.45 9.19
CA ALA B 722 -6.83 25.74 8.78
C ALA B 722 -6.00 26.89 9.33
N ALA B 723 -5.64 26.82 10.61
CA ALA B 723 -4.77 27.84 11.21
C ALA B 723 -3.42 27.88 10.53
N PHE B 724 -2.84 26.70 10.23
CA PHE B 724 -1.53 26.65 9.58
C PHE B 724 -1.58 27.25 8.18
N VAL B 725 -2.57 26.86 7.37
CA VAL B 725 -2.58 27.31 5.98
C VAL B 725 -2.87 28.81 5.89
N ILE B 726 -3.81 29.32 6.72
CA ILE B 726 -4.17 30.72 6.64
C ILE B 726 -3.03 31.59 7.18
N ALA B 727 -2.48 31.24 8.35
CA ALA B 727 -1.41 32.06 8.92
C ALA B 727 -0.13 31.97 8.10
N SER B 728 0.17 30.82 7.52
CA SER B 728 1.38 30.68 6.71
C SER B 728 1.27 31.46 5.41
N THR B 729 0.12 31.36 4.74
CA THR B 729 -0.08 32.12 3.50
C THR B 729 -0.09 33.62 3.77
N THR B 730 -0.71 34.04 4.88
CA THR B 730 -0.70 35.45 5.26
C THR B 730 0.71 35.95 5.58
N GLY B 731 1.49 35.15 6.31
CA GLY B 731 2.83 35.58 6.68
C GLY B 731 3.78 35.65 5.50
N LYS B 732 3.68 34.70 4.57
CA LYS B 732 4.54 34.77 3.40
C LYS B 732 4.08 35.83 2.39
N PHE B 733 2.78 35.94 2.15
CA PHE B 733 2.31 36.76 1.04
C PHE B 733 1.48 37.98 1.44
N GLY B 734 0.77 37.95 2.56
CA GLY B 734 -0.07 39.07 2.94
C GLY B 734 0.57 39.99 3.97
N SER C 2 -34.04 -3.78 29.28
CA SER C 2 -33.52 -5.11 29.54
C SER C 2 -33.07 -5.79 28.26
N HIS C 3 -31.99 -6.57 28.34
CA HIS C 3 -31.49 -7.30 27.19
C HIS C 3 -32.39 -8.50 26.89
N SER C 4 -32.34 -8.96 25.64
CA SER C 4 -33.16 -10.06 25.18
C SER C 4 -32.27 -11.26 24.90
N VAL C 5 -32.60 -12.41 25.49
CA VAL C 5 -31.80 -13.62 25.31
C VAL C 5 -32.69 -14.67 24.67
N LYS C 6 -32.23 -15.21 23.54
CA LYS C 6 -32.95 -16.21 22.79
C LYS C 6 -32.14 -17.50 22.74
N VAL C 7 -32.85 -18.63 22.73
CA VAL C 7 -32.24 -19.94 22.59
C VAL C 7 -32.87 -20.61 21.37
N TYR C 8 -32.03 -20.96 20.40
CA TYR C 8 -32.45 -21.58 19.16
C TYR C 8 -32.34 -23.09 19.27
N ASP C 9 -33.05 -23.79 18.37
CA ASP C 9 -33.17 -25.24 18.46
C ASP C 9 -31.91 -26.01 18.03
N THR C 10 -30.82 -25.32 17.72
CA THR C 10 -29.52 -25.96 17.54
C THR C 10 -28.85 -26.31 18.86
N CYS C 11 -29.48 -26.00 20.00
CA CYS C 11 -28.92 -26.29 21.31
C CYS C 11 -28.83 -27.79 21.54
N ILE C 12 -27.68 -28.23 22.08
CA ILE C 12 -27.43 -29.64 22.33
C ILE C 12 -27.59 -30.00 23.80
N GLY C 13 -27.98 -29.06 24.64
CA GLY C 13 -28.19 -29.31 26.06
C GLY C 13 -26.94 -29.69 26.85
N CYS C 14 -25.83 -28.99 26.60
CA CYS C 14 -24.59 -29.24 27.32
C CYS C 14 -24.50 -28.52 28.66
N THR C 15 -25.46 -27.64 28.95
CA THR C 15 -25.59 -26.88 30.20
C THR C 15 -24.41 -25.94 30.48
N GLN C 16 -23.56 -25.67 29.49
CA GLN C 16 -22.41 -24.81 29.72
C GLN C 16 -22.81 -23.34 29.88
N CYS C 17 -23.80 -22.90 29.10
CA CYS C 17 -24.22 -21.50 29.15
C CYS C 17 -24.85 -21.15 30.49
N VAL C 18 -25.61 -22.07 31.07
CA VAL C 18 -26.21 -21.85 32.38
C VAL C 18 -25.14 -21.79 33.46
N ARG C 19 -24.12 -22.64 33.36
CA ARG C 19 -23.03 -22.62 34.34
C ARG C 19 -22.14 -21.40 34.19
N ALA C 20 -22.08 -20.83 32.98
CA ALA C 20 -21.25 -19.64 32.76
C ALA C 20 -21.96 -18.35 33.14
N CYS C 21 -23.26 -18.39 33.38
CA CYS C 21 -24.02 -17.17 33.65
C CYS C 21 -23.74 -16.65 35.05
N PRO C 22 -23.24 -15.41 35.19
CA PRO C 22 -23.00 -14.85 36.53
C PRO C 22 -24.24 -14.29 37.20
N CYS C 23 -25.36 -14.14 36.48
CA CYS C 23 -26.51 -13.41 36.98
C CYS C 23 -27.76 -14.29 37.12
N ASP C 24 -27.62 -15.60 36.88
CA ASP C 24 -28.72 -16.59 36.98
C ASP C 24 -29.90 -16.19 36.10
N VAL C 25 -29.63 -16.10 34.80
CA VAL C 25 -30.61 -15.70 33.81
C VAL C 25 -31.18 -16.91 33.07
N LEU C 26 -30.34 -17.89 32.80
CA LEU C 26 -30.71 -19.08 32.04
C LEU C 26 -30.96 -20.25 32.99
N GLU C 27 -31.73 -21.22 32.50
CA GLU C 27 -31.93 -22.48 33.19
C GLU C 27 -32.29 -23.54 32.18
N MET C 28 -32.10 -24.80 32.57
CA MET C 28 -32.30 -25.91 31.67
C MET C 28 -33.70 -26.48 31.85
N VAL C 29 -34.43 -26.64 30.75
CA VAL C 29 -35.79 -27.15 30.80
C VAL C 29 -35.86 -28.39 29.91
N SER C 30 -36.92 -29.17 30.10
CA SER C 30 -37.05 -30.43 29.39
C SER C 30 -37.40 -30.19 27.93
N TRP C 31 -36.85 -31.03 27.05
CA TRP C 31 -37.02 -30.86 25.62
C TRP C 31 -36.78 -32.21 24.95
N ASP C 32 -37.28 -32.35 23.72
CA ASP C 32 -37.13 -33.58 22.97
C ASP C 32 -36.36 -33.41 21.67
N GLY C 33 -35.86 -32.20 21.41
CA GLY C 33 -35.16 -31.91 20.17
C GLY C 33 -33.71 -32.33 20.10
N CYS C 34 -33.10 -32.70 21.23
CA CYS C 34 -31.69 -33.08 21.26
C CYS C 34 -31.52 -34.38 22.04
N LYS C 35 -30.35 -34.99 21.87
CA LYS C 35 -30.04 -36.25 22.53
C LYS C 35 -29.94 -36.10 24.04
N ALA C 36 -29.48 -34.94 24.52
CA ALA C 36 -29.42 -34.69 25.95
C ALA C 36 -30.80 -34.55 26.59
N GLY C 37 -31.83 -34.28 25.80
CA GLY C 37 -33.17 -34.15 26.35
C GLY C 37 -33.44 -32.87 27.10
N GLN C 38 -32.69 -31.81 26.82
CA GLN C 38 -32.84 -30.55 27.56
C GLN C 38 -32.45 -29.39 26.65
N ILE C 39 -33.07 -28.23 26.91
CA ILE C 39 -32.75 -27.01 26.17
C ILE C 39 -32.64 -25.86 27.16
N ALA C 40 -31.79 -24.89 26.83
CA ALA C 40 -31.64 -23.69 27.64
C ALA C 40 -32.84 -22.78 27.47
N SER C 41 -33.11 -21.98 28.52
CA SER C 41 -34.20 -21.03 28.51
C SER C 41 -33.79 -19.81 29.33
N ALA C 42 -34.44 -18.68 29.04
CA ALA C 42 -34.11 -17.40 29.66
C ALA C 42 -35.35 -16.76 30.28
N PRO C 43 -35.80 -17.24 31.45
CA PRO C 43 -36.96 -16.63 32.11
C PRO C 43 -36.65 -15.36 32.88
N ARG C 44 -35.37 -15.04 33.09
CA ARG C 44 -34.95 -14.00 34.03
C ARG C 44 -34.05 -12.99 33.34
N THR C 45 -34.44 -12.54 32.15
CA THR C 45 -33.64 -11.60 31.39
C THR C 45 -33.65 -10.19 31.96
N GLU C 46 -34.47 -9.91 32.96
CA GLU C 46 -34.40 -8.62 33.65
C GLU C 46 -33.15 -8.49 34.51
N ASP C 47 -32.52 -9.61 34.87
CA ASP C 47 -31.24 -9.60 35.58
C ASP C 47 -30.05 -9.73 34.65
N CYS C 48 -30.27 -9.81 33.35
CA CYS C 48 -29.17 -10.01 32.40
C CYS C 48 -28.36 -8.73 32.25
N ILE C 49 -27.05 -8.82 32.52
CA ILE C 49 -26.19 -7.66 32.36
C ILE C 49 -25.69 -7.51 30.93
N GLY C 50 -25.70 -8.58 30.13
CA GLY C 50 -25.20 -8.54 28.78
C GLY C 50 -23.75 -8.92 28.61
N CYS C 51 -23.19 -9.68 29.57
CA CYS C 51 -21.76 -10.00 29.55
C CYS C 51 -21.39 -10.99 28.46
N LYS C 52 -22.36 -11.73 27.91
CA LYS C 52 -22.18 -12.71 26.84
C LYS C 52 -21.19 -13.82 27.20
N ARG C 53 -21.08 -14.15 28.50
CA ARG C 53 -20.33 -15.33 28.90
C ARG C 53 -21.02 -16.61 28.43
N CYS C 54 -22.36 -16.59 28.35
CA CYS C 54 -23.10 -17.73 27.82
C CYS C 54 -22.78 -17.96 26.36
N GLU C 55 -22.66 -16.88 25.59
CA GLU C 55 -22.31 -16.99 24.18
C GLU C 55 -20.89 -17.50 24.01
N THR C 56 -19.96 -17.08 24.86
CA THR C 56 -18.61 -17.64 24.85
C THR C 56 -18.61 -19.13 25.19
N ALA C 57 -19.51 -19.54 26.10
CA ALA C 57 -19.52 -20.93 26.55
C ALA C 57 -20.17 -21.89 25.55
N CYS C 58 -20.94 -21.39 24.59
CA CYS C 58 -21.74 -22.27 23.74
C CYS C 58 -20.85 -22.98 22.72
N PRO C 59 -20.91 -24.31 22.63
CA PRO C 59 -20.00 -25.05 21.73
C PRO C 59 -20.55 -25.33 20.34
N THR C 60 -21.79 -25.00 20.06
CA THR C 60 -22.39 -25.28 18.75
C THR C 60 -21.96 -24.23 17.74
N ASP C 61 -21.63 -24.68 16.53
CA ASP C 61 -21.20 -23.77 15.48
C ASP C 61 -22.34 -22.85 15.11
N PHE C 62 -21.97 -21.60 14.78
CA PHE C 62 -22.56 -20.35 15.26
C PHE C 62 -23.74 -20.46 16.23
N LEU C 63 -23.61 -19.65 17.29
CA LEU C 63 -24.17 -19.84 18.62
C LEU C 63 -25.65 -20.19 18.62
N SER C 64 -26.04 -21.02 19.60
CA SER C 64 -27.44 -21.36 19.85
C SER C 64 -28.10 -20.37 20.80
N VAL C 65 -27.36 -19.86 21.79
CA VAL C 65 -27.83 -18.82 22.69
C VAL C 65 -27.34 -17.48 22.18
N ARG C 66 -28.23 -16.50 22.13
CA ARG C 66 -27.92 -15.20 21.56
C ARG C 66 -28.44 -14.09 22.47
N VAL C 67 -27.59 -13.10 22.73
CA VAL C 67 -27.93 -11.95 23.55
C VAL C 67 -27.99 -10.72 22.66
N TYR C 68 -29.14 -10.04 22.68
CA TYR C 68 -29.37 -8.80 21.95
C TYR C 68 -29.49 -7.69 22.98
N LEU C 69 -28.53 -6.78 22.99
CA LEU C 69 -28.55 -5.66 23.91
C LEU C 69 -29.64 -4.67 23.53
N GLY C 70 -30.42 -4.26 24.52
CA GLY C 70 -31.54 -3.34 24.31
C GLY C 70 -31.49 -2.20 25.30
N GLY C 71 -32.66 -1.88 25.84
CA GLY C 71 -32.80 -0.82 26.84
C GLY C 71 -32.05 -1.08 28.12
N GLU C 72 -31.26 -0.10 28.56
CA GLU C 72 -30.40 -0.26 29.71
C GLU C 72 -31.15 0.13 30.98
N THR C 73 -31.07 -0.73 31.99
CA THR C 73 -31.66 -0.53 33.30
C THR C 73 -30.55 -0.53 34.34
N THR C 74 -30.94 -0.37 35.62
CA THR C 74 -29.97 -0.39 36.71
C THR C 74 -29.31 -1.75 36.84
N ARG C 75 -30.09 -2.82 36.69
CA ARG C 75 -29.54 -4.18 36.76
C ARG C 75 -28.65 -4.47 35.55
N SER C 76 -29.10 -4.11 34.35
CA SER C 76 -28.35 -4.40 33.14
C SER C 76 -27.09 -3.56 33.02
N MET C 77 -27.02 -2.39 33.64
CA MET C 77 -25.83 -1.56 33.61
C MET C 77 -24.81 -1.95 34.66
N GLY C 78 -25.14 -2.89 35.53
CA GLY C 78 -24.25 -3.34 36.59
C GLY C 78 -23.94 -2.27 37.61
N LEU C 79 -24.91 -1.44 37.93
CA LEU C 79 -24.72 -0.31 38.83
C LEU C 79 -24.99 -0.74 40.26
N ALA C 80 -23.99 -0.59 41.13
CA ALA C 80 -24.17 -0.76 42.56
C ALA C 80 -24.58 0.56 43.23
N TYR C 81 -25.08 1.51 42.46
CA TYR C 81 -25.47 2.82 42.96
C TYR C 81 -26.67 3.32 42.17
N THR D 4 -38.41 -18.46 53.12
CA THR D 4 -38.41 -17.14 53.72
C THR D 4 -37.03 -16.76 54.23
N LEU D 5 -36.76 -15.45 54.28
CA LEU D 5 -35.48 -14.94 54.77
C LEU D 5 -35.58 -14.62 56.25
N ASN D 6 -34.83 -15.35 57.06
CA ASN D 6 -34.70 -15.05 58.48
C ASN D 6 -33.73 -13.88 58.64
N LEU D 7 -34.27 -12.72 59.07
CA LEU D 7 -33.44 -11.54 59.29
C LEU D 7 -32.52 -11.68 60.50
N GLN D 8 -32.75 -12.65 61.38
CA GLN D 8 -31.98 -12.80 62.61
C GLN D 8 -30.78 -13.73 62.48
N ILE D 9 -30.49 -14.18 61.27
CA ILE D 9 -29.28 -14.99 61.02
C ILE D 9 -28.05 -14.13 61.28
N PRO D 10 -27.08 -14.60 62.08
CA PRO D 10 -25.87 -13.81 62.31
C PRO D 10 -25.00 -13.72 61.07
N SER D 11 -24.22 -12.64 61.00
CA SER D 11 -23.40 -12.29 59.86
C SER D 11 -21.95 -12.74 60.08
N PRO D 12 -21.20 -12.97 59.00
CA PRO D 12 -19.76 -13.24 59.15
C PRO D 12 -19.02 -12.06 59.74
N THR D 13 -17.98 -12.37 60.51
CA THR D 13 -17.19 -11.34 61.20
C THR D 13 -16.33 -10.59 60.21
N PHE D 14 -16.67 -9.32 59.98
CA PHE D 14 -15.98 -8.47 59.03
C PHE D 14 -15.63 -7.14 59.68
N GLU D 15 -14.44 -6.63 59.39
CA GLU D 15 -13.98 -5.36 59.94
C GLU D 15 -14.49 -4.15 59.16
N GLY D 16 -15.23 -4.36 58.08
CA GLY D 16 -15.77 -3.28 57.29
C GLY D 16 -14.85 -2.85 56.16
N SER D 17 -15.46 -2.24 55.15
CA SER D 17 -14.72 -1.77 53.98
C SER D 17 -15.50 -0.66 53.31
N THR D 18 -14.81 0.04 52.41
CA THR D 18 -15.42 1.09 51.60
C THR D 18 -16.13 0.56 50.37
N GLY D 19 -16.05 -0.74 50.11
CA GLY D 19 -16.64 -1.36 48.94
C GLY D 19 -18.08 -1.81 49.09
N GLY D 20 -18.70 -1.57 50.24
CA GLY D 20 -20.04 -2.08 50.48
C GLY D 20 -21.12 -1.30 49.75
N TRP D 21 -22.36 -1.55 50.16
CA TRP D 21 -23.51 -1.05 49.42
C TRP D 21 -23.74 0.43 49.68
N LEU D 22 -24.19 1.12 48.64
CA LEU D 22 -24.45 2.54 48.63
C LEU D 22 -25.93 2.83 48.91
N ARG D 23 -26.32 4.10 48.76
CA ARG D 23 -27.66 4.57 49.11
C ARG D 23 -28.75 3.89 48.26
N ALA D 24 -28.40 3.44 47.06
CA ALA D 24 -29.36 2.75 46.21
C ALA D 24 -29.79 1.41 46.79
N ALA D 25 -29.00 0.82 47.69
CA ALA D 25 -29.42 -0.41 48.34
C ALA D 25 -30.60 -0.17 49.28
N GLU D 26 -30.56 0.91 50.06
CA GLU D 26 -31.68 1.25 50.92
C GLU D 26 -32.79 2.01 50.18
N VAL D 27 -32.55 2.47 48.96
CA VAL D 27 -33.53 3.25 48.22
C VAL D 27 -34.14 2.47 47.05
N GLU D 28 -33.33 1.76 46.26
CA GLU D 28 -33.90 1.06 45.11
C GLU D 28 -34.15 -0.42 45.34
N GLU D 29 -33.12 -1.18 45.73
CA GLU D 29 -33.22 -2.61 46.03
C GLU D 29 -31.90 -3.08 46.64
N LYS D 30 -31.98 -4.17 47.39
CA LYS D 30 -30.81 -4.75 48.04
C LYS D 30 -30.88 -6.27 47.87
N TYR D 31 -29.75 -6.95 47.98
CA TYR D 31 -29.71 -8.39 47.82
C TYR D 31 -29.18 -9.05 49.09
N ALA D 32 -29.64 -10.27 49.36
CA ALA D 32 -29.20 -11.02 50.54
C ALA D 32 -28.77 -12.42 50.12
N ILE D 33 -27.71 -12.92 50.75
CA ILE D 33 -27.26 -14.29 50.56
C ILE D 33 -27.07 -14.96 51.93
N THR D 34 -27.67 -16.14 52.08
CA THR D 34 -27.49 -16.97 53.27
C THR D 34 -26.83 -18.28 52.87
N TRP D 35 -26.02 -18.82 53.77
CA TRP D 35 -25.42 -20.13 53.57
C TRP D 35 -24.99 -20.71 54.91
N THR D 36 -24.76 -22.02 54.93
CA THR D 36 -24.34 -22.70 56.14
C THR D 36 -22.95 -23.30 55.93
N SER D 37 -22.06 -23.04 56.88
CA SER D 37 -20.70 -23.56 56.84
C SER D 37 -20.50 -24.59 57.94
N PRO D 38 -19.71 -25.64 57.66
CA PRO D 38 -19.40 -26.63 58.71
C PRO D 38 -18.37 -26.16 59.72
N LYS D 39 -17.68 -25.05 59.47
CA LYS D 39 -16.67 -24.56 60.37
C LYS D 39 -16.45 -23.07 60.12
N GLU D 40 -15.78 -22.43 61.07
CA GLU D 40 -15.38 -21.03 60.94
C GLU D 40 -14.17 -20.95 60.02
N GLN D 41 -14.28 -20.17 58.94
CA GLN D 41 -13.21 -20.15 57.95
C GLN D 41 -13.21 -18.81 57.22
N VAL D 42 -12.03 -18.43 56.72
CA VAL D 42 -11.83 -17.13 56.08
C VAL D 42 -12.16 -17.25 54.59
N PHE D 43 -13.01 -16.34 54.10
CA PHE D 43 -13.35 -16.21 52.69
C PHE D 43 -13.08 -14.78 52.23
N GLU D 44 -12.97 -14.61 50.93
CA GLU D 44 -12.79 -13.30 50.33
C GLU D 44 -14.15 -12.66 50.04
N MET D 45 -14.33 -11.44 50.50
CA MET D 45 -15.54 -10.68 50.20
C MET D 45 -15.59 -10.33 48.71
N PRO D 46 -16.77 -10.39 48.08
CA PRO D 46 -16.88 -9.98 46.67
C PRO D 46 -16.71 -8.48 46.46
N THR D 47 -16.78 -7.67 47.52
CA THR D 47 -16.57 -6.24 47.41
C THR D 47 -15.15 -5.81 47.73
N GLY D 48 -14.27 -6.76 48.02
CA GLY D 48 -12.89 -6.46 48.38
C GLY D 48 -12.64 -6.57 49.86
N GLY D 49 -11.70 -7.43 50.23
CA GLY D 49 -11.37 -7.68 51.61
C GLY D 49 -11.66 -9.12 52.01
N ALA D 50 -11.08 -9.50 53.15
CA ALA D 50 -11.25 -10.82 53.73
C ALA D 50 -12.20 -10.75 54.92
N ALA D 51 -13.15 -11.67 55.00
CA ALA D 51 -13.99 -11.84 56.17
C ALA D 51 -13.90 -13.28 56.62
N ILE D 52 -14.23 -13.53 57.89
CA ILE D 52 -14.25 -14.88 58.43
C ILE D 52 -15.70 -15.28 58.73
N MET D 53 -16.20 -16.28 58.01
CA MET D 53 -17.53 -16.81 58.26
C MET D 53 -17.54 -17.75 59.46
N ARG D 54 -18.60 -17.66 60.25
CA ARG D 54 -18.81 -18.46 61.44
C ARG D 54 -19.31 -19.86 61.07
N GLN D 55 -19.15 -20.78 62.02
CA GLN D 55 -19.75 -22.11 61.90
C GLN D 55 -21.26 -22.01 62.05
N GLY D 56 -21.99 -22.60 61.10
CA GLY D 56 -23.44 -22.47 61.09
C GLY D 56 -23.93 -21.52 60.02
N GLU D 57 -25.00 -20.78 60.29
CA GLU D 57 -25.61 -19.98 59.24
C GLU D 57 -24.98 -18.58 59.16
N ASN D 58 -24.92 -18.07 57.94
CA ASN D 58 -24.33 -16.77 57.62
C ASN D 58 -25.26 -16.01 56.70
N LEU D 59 -25.56 -14.76 57.04
CA LEU D 59 -26.37 -13.86 56.23
C LEU D 59 -25.54 -12.65 55.84
N LEU D 60 -25.61 -12.27 54.57
CA LEU D 60 -24.83 -11.16 54.05
C LEU D 60 -25.68 -10.32 53.10
N TYR D 61 -25.41 -9.02 53.10
CA TYR D 61 -26.15 -8.05 52.29
C TYR D 61 -25.23 -7.48 51.22
N LEU D 62 -25.74 -7.38 49.99
CA LEU D 62 -24.99 -6.83 48.88
C LEU D 62 -25.86 -5.85 48.09
N ALA D 63 -25.21 -5.12 47.21
CA ALA D 63 -25.89 -4.17 46.31
C ALA D 63 -26.34 -4.81 45.00
N ARG D 64 -25.65 -5.84 44.52
CA ARG D 64 -25.97 -6.43 43.23
C ARG D 64 -26.13 -7.94 43.35
N LYS D 65 -26.96 -8.50 42.47
CA LYS D 65 -27.16 -9.95 42.41
C LYS D 65 -25.89 -10.67 41.97
N GLU D 66 -25.11 -10.05 41.07
CA GLU D 66 -23.91 -10.69 40.55
C GLU D 66 -22.84 -10.84 41.63
N GLN D 67 -22.78 -9.90 42.58
CA GLN D 67 -21.87 -10.02 43.72
C GLN D 67 -22.23 -11.22 44.59
N CYS D 68 -23.53 -11.39 44.86
CA CYS D 68 -24.01 -12.54 45.63
C CYS D 68 -23.71 -13.85 44.92
N LEU D 69 -23.94 -13.90 43.60
CA LEU D 69 -23.69 -15.15 42.88
C LEU D 69 -22.21 -15.42 42.71
N ALA D 70 -21.38 -14.37 42.65
CA ALA D 70 -19.93 -14.55 42.66
C ALA D 70 -19.47 -15.14 44.00
N LEU D 71 -20.02 -14.64 45.11
CA LEU D 71 -19.72 -15.23 46.42
C LEU D 71 -20.19 -16.68 46.49
N ALA D 72 -21.38 -16.97 45.92
CA ALA D 72 -21.89 -18.33 45.90
C ALA D 72 -20.99 -19.27 45.11
N THR D 73 -20.50 -18.82 43.96
CA THR D 73 -19.57 -19.61 43.16
C THR D 73 -18.25 -19.81 43.90
N GLN D 74 -17.78 -18.77 44.59
CA GLN D 74 -16.53 -18.87 45.35
C GLN D 74 -16.65 -19.89 46.49
N VAL D 75 -17.73 -19.83 47.26
CA VAL D 75 -17.88 -20.78 48.36
C VAL D 75 -18.24 -22.17 47.85
N LYS D 76 -18.78 -22.28 46.62
CA LYS D 76 -19.08 -23.58 46.04
C LYS D 76 -17.81 -24.28 45.59
N ASN D 77 -16.90 -23.55 44.96
CA ASN D 77 -15.67 -24.15 44.44
C ASN D 77 -14.52 -24.15 45.45
N SER D 78 -14.63 -23.40 46.56
CA SER D 78 -13.58 -23.40 47.56
C SER D 78 -13.96 -24.02 48.90
N PHE D 79 -15.25 -24.09 49.24
CA PHE D 79 -15.65 -24.66 50.51
C PHE D 79 -16.70 -25.75 50.39
N LYS D 80 -17.09 -26.14 49.16
CA LYS D 80 -18.11 -27.16 48.88
C LYS D 80 -19.43 -26.87 49.58
N ILE D 81 -19.87 -25.61 49.52
CA ILE D 81 -21.14 -25.18 50.10
C ILE D 81 -22.11 -24.93 48.96
N THR D 82 -23.20 -25.70 48.92
CA THR D 82 -24.20 -25.60 47.87
C THR D 82 -25.59 -25.23 48.36
N ASP D 83 -25.79 -25.10 49.67
CA ASP D 83 -27.11 -24.82 50.24
C ASP D 83 -27.46 -23.33 50.28
N TYR D 84 -26.65 -22.48 49.63
CA TYR D 84 -26.84 -21.04 49.68
C TYR D 84 -28.15 -20.61 49.01
N LYS D 85 -28.75 -19.55 49.54
CA LYS D 85 -29.97 -18.97 49.04
C LYS D 85 -29.82 -17.46 48.88
N VAL D 86 -30.27 -16.95 47.74
CA VAL D 86 -30.15 -15.53 47.40
C VAL D 86 -31.56 -14.96 47.26
N TYR D 87 -31.81 -13.85 47.96
CA TYR D 87 -33.08 -13.14 48.00
C TYR D 87 -32.91 -11.70 47.56
N ARG D 88 -34.00 -11.11 47.06
CA ARG D 88 -34.07 -9.68 46.77
C ARG D 88 -34.98 -9.00 47.77
N ILE D 89 -34.51 -7.90 48.36
CA ILE D 89 -35.24 -7.16 49.38
C ILE D 89 -35.48 -5.74 48.89
N PHE D 90 -36.71 -5.28 48.99
CA PHE D 90 -37.11 -3.94 48.64
C PHE D 90 -37.18 -3.06 49.89
N PRO D 91 -37.15 -1.73 49.74
CA PRO D 91 -37.33 -0.85 50.91
C PRO D 91 -38.65 -1.03 51.65
N SER D 92 -39.71 -1.44 50.95
CA SER D 92 -40.99 -1.70 51.60
C SER D 92 -40.96 -2.95 52.49
N GLY D 93 -39.94 -3.79 52.37
CA GLY D 93 -39.80 -4.97 53.19
C GLY D 93 -40.22 -6.27 52.54
N GLU D 94 -40.73 -6.22 51.32
CA GLU D 94 -41.07 -7.44 50.59
C GLU D 94 -39.79 -8.16 50.16
N VAL D 95 -39.71 -9.44 50.47
CA VAL D 95 -38.54 -10.26 50.16
C VAL D 95 -38.91 -11.19 49.00
N GLN D 96 -38.12 -11.14 47.93
CA GLN D 96 -38.35 -11.97 46.74
C GLN D 96 -37.21 -12.97 46.63
N TYR D 97 -37.52 -14.25 46.79
CA TYR D 97 -36.53 -15.30 46.66
C TYR D 97 -36.07 -15.43 45.21
N LEU D 98 -34.75 -15.50 45.01
CA LEU D 98 -34.18 -15.48 43.67
C LEU D 98 -33.48 -16.78 43.29
N HIS D 99 -32.57 -17.27 44.14
CA HIS D 99 -31.72 -18.39 43.73
C HIS D 99 -31.49 -19.40 44.85
N PRO D 100 -31.64 -20.71 44.58
CA PRO D 100 -32.22 -21.34 43.38
C PRO D 100 -33.74 -21.18 43.35
N LYS D 101 -34.28 -20.83 42.18
CA LYS D 101 -35.65 -20.34 42.07
C LYS D 101 -36.68 -21.40 42.47
N ASP D 102 -36.51 -22.63 41.97
CA ASP D 102 -37.40 -23.72 42.33
C ASP D 102 -36.75 -24.73 43.27
N GLY D 103 -35.66 -24.34 43.95
CA GLY D 103 -34.95 -25.22 44.85
C GLY D 103 -33.88 -26.07 44.19
N VAL D 104 -34.01 -26.33 42.89
CA VAL D 104 -33.05 -27.08 42.11
C VAL D 104 -32.22 -26.07 41.31
N PHE D 105 -30.91 -26.30 41.25
CA PHE D 105 -30.01 -25.38 40.56
C PHE D 105 -30.33 -25.34 39.07
N PRO D 106 -30.15 -24.18 38.42
CA PRO D 106 -30.61 -24.01 37.03
C PRO D 106 -29.89 -24.89 36.02
N GLU D 107 -28.69 -25.39 36.32
CA GLU D 107 -28.02 -26.30 35.39
C GLU D 107 -28.58 -27.71 35.44
N LYS D 108 -29.48 -28.02 36.37
CA LYS D 108 -30.12 -29.32 36.45
C LYS D 108 -31.59 -29.18 36.05
N VAL D 109 -32.07 -30.14 35.25
CA VAL D 109 -33.45 -30.13 34.79
C VAL D 109 -34.39 -30.45 35.94
N ASN D 110 -35.44 -29.65 36.08
CA ASN D 110 -36.50 -29.87 37.06
C ASN D 110 -37.85 -29.82 36.36
N ALA D 111 -38.78 -30.68 36.81
CA ALA D 111 -40.12 -30.69 36.26
C ALA D 111 -40.88 -29.42 36.64
N GLY D 112 -41.74 -28.97 35.74
CA GLY D 112 -42.52 -27.77 35.94
C GLY D 112 -41.92 -26.53 35.31
N ARG D 113 -40.63 -26.55 34.98
CA ARG D 113 -40.00 -25.43 34.30
C ARG D 113 -40.51 -25.32 32.86
N VAL D 114 -40.83 -24.10 32.44
CA VAL D 114 -41.31 -23.82 31.09
C VAL D 114 -40.25 -22.99 30.36
N GLY D 115 -40.07 -23.27 29.07
CA GLY D 115 -39.08 -22.56 28.29
C GLY D 115 -39.50 -21.16 27.88
N VAL D 116 -38.67 -20.17 28.21
CA VAL D 116 -38.91 -18.77 27.88
C VAL D 116 -37.86 -18.32 26.88
N GLY D 117 -38.30 -17.72 25.77
CA GLY D 117 -37.39 -17.25 24.76
C GLY D 117 -36.87 -18.29 23.80
N ASN D 118 -37.50 -19.46 23.74
CA ASN D 118 -37.06 -20.52 22.83
C ASN D 118 -37.60 -20.26 21.43
N VAL D 119 -36.73 -20.43 20.44
CA VAL D 119 -37.07 -20.21 19.03
C VAL D 119 -37.02 -21.56 18.33
N SER D 120 -38.01 -21.82 17.47
CA SER D 120 -38.20 -23.12 16.85
C SER D 120 -37.48 -23.27 15.51
N HIS D 121 -36.43 -22.48 15.28
CA HIS D 121 -35.60 -22.65 14.10
C HIS D 121 -34.19 -22.22 14.44
N SER D 122 -33.26 -22.49 13.52
CA SER D 122 -31.88 -22.06 13.69
C SER D 122 -31.77 -20.54 13.53
N ILE D 123 -30.65 -20.00 14.01
CA ILE D 123 -30.43 -18.56 14.00
C ILE D 123 -30.29 -18.01 12.58
N GLY D 124 -29.87 -18.82 11.61
CA GLY D 124 -29.78 -18.37 10.23
C GLY D 124 -31.11 -18.23 9.52
N LYS D 125 -32.21 -18.61 10.17
CA LYS D 125 -33.55 -18.45 9.60
C LYS D 125 -34.26 -17.22 10.14
N ASN D 126 -33.55 -16.31 10.78
CA ASN D 126 -34.16 -15.06 11.21
C ASN D 126 -34.45 -14.18 10.00
N LEU D 127 -35.43 -13.30 10.15
CA LEU D 127 -35.86 -12.45 9.06
C LEU D 127 -34.89 -11.30 8.85
N ASN D 128 -34.82 -10.81 7.61
CA ASN D 128 -34.14 -9.57 7.32
C ASN D 128 -34.97 -8.40 7.85
N PRO D 129 -34.32 -7.29 8.22
CA PRO D 129 -35.08 -6.11 8.68
C PRO D 129 -36.07 -5.55 7.67
N ALA D 130 -35.85 -5.76 6.36
CA ALA D 130 -36.71 -5.14 5.35
C ALA D 130 -38.12 -5.74 5.34
N GLN D 131 -38.28 -7.00 5.76
CA GLN D 131 -39.64 -7.52 5.96
C GLN D 131 -40.33 -6.84 7.12
N ILE D 132 -39.61 -6.48 8.17
CA ILE D 132 -40.21 -6.04 9.43
C ILE D 132 -40.02 -4.55 9.65
N LYS D 133 -39.56 -3.82 8.66
CA LYS D 133 -39.60 -2.36 8.76
C LYS D 133 -41.04 -1.88 8.61
N PHE D 134 -41.39 -0.85 9.39
CA PHE D 134 -42.75 -0.29 9.46
C PHE D 134 -43.78 -1.37 9.80
N THR D 135 -43.41 -2.29 10.69
CA THR D 135 -44.23 -3.45 11.04
C THR D 135 -43.72 -3.97 12.38
N SER D 136 -44.65 -4.39 13.25
CA SER D 136 -44.30 -4.88 14.58
C SER D 136 -44.02 -6.38 14.60
N LYS D 137 -43.74 -6.98 13.45
CA LYS D 137 -43.37 -8.39 13.42
C LYS D 137 -41.93 -8.56 13.91
N SER D 138 -41.71 -9.63 14.67
CA SER D 138 -40.39 -9.90 15.21
C SER D 138 -39.47 -10.48 14.13
N PHE D 139 -38.17 -10.25 14.32
CA PHE D 139 -37.17 -10.76 13.38
C PHE D 139 -37.02 -12.28 13.44
N ASN D 140 -37.50 -12.91 14.51
CA ASN D 140 -37.43 -14.37 14.61
C ASN D 140 -38.47 -15.07 13.76
N GLY D 141 -39.56 -14.39 13.39
CA GLY D 141 -40.59 -14.98 12.59
C GLY D 141 -41.94 -14.99 13.28
N VAL E 2 -26.40 -40.39 3.36
CA VAL E 2 -25.20 -40.25 4.17
C VAL E 2 -25.05 -41.47 5.09
N LYS E 3 -23.81 -41.77 5.45
CA LYS E 3 -23.52 -42.92 6.29
C LYS E 3 -22.32 -42.60 7.18
N ARG E 4 -21.98 -43.55 8.05
CA ARG E 4 -20.81 -43.42 8.91
C ARG E 4 -19.53 -43.41 8.08
N GLY E 5 -18.66 -42.43 8.34
CA GLY E 5 -17.38 -42.36 7.69
C GLY E 5 -17.34 -41.51 6.43
N SER E 6 -18.51 -41.09 5.93
CA SER E 6 -18.56 -40.39 4.65
C SER E 6 -18.08 -38.96 4.77
N LYS E 7 -17.57 -38.44 3.66
CA LYS E 7 -17.17 -37.03 3.56
C LYS E 7 -18.35 -36.23 3.01
N VAL E 8 -18.75 -35.19 3.72
CA VAL E 8 -19.94 -34.42 3.37
C VAL E 8 -19.64 -32.93 3.35
N ARG E 9 -20.35 -32.23 2.48
CA ARG E 9 -20.29 -30.78 2.35
C ARG E 9 -21.50 -30.16 3.05
N ILE E 10 -21.27 -29.02 3.68
CA ILE E 10 -22.27 -28.36 4.53
C ILE E 10 -22.97 -27.29 3.72
N LEU E 11 -24.31 -27.26 3.81
CA LEU E 11 -25.12 -26.27 3.12
C LEU E 11 -25.81 -25.31 4.08
N ARG E 12 -25.45 -25.33 5.36
CA ARG E 12 -25.96 -24.38 6.33
C ARG E 12 -25.23 -23.05 6.14
N LYS E 13 -26.00 -21.99 5.87
CA LYS E 13 -25.40 -20.71 5.49
C LYS E 13 -24.64 -20.07 6.66
N GLU E 14 -25.20 -20.14 7.87
CA GLU E 14 -24.57 -19.51 9.02
C GLU E 14 -23.37 -20.29 9.55
N SER E 15 -23.10 -21.49 9.04
CA SER E 15 -22.04 -22.31 9.57
C SER E 15 -20.67 -21.77 9.19
N TYR E 16 -19.69 -22.00 10.08
CA TYR E 16 -18.30 -21.69 9.76
C TYR E 16 -17.77 -22.58 8.63
N TRP E 17 -18.27 -23.81 8.52
CA TRP E 17 -17.78 -24.78 7.55
C TRP E 17 -18.71 -24.91 6.36
N TYR E 18 -19.43 -23.85 6.01
CA TYR E 18 -20.33 -23.86 4.85
C TYR E 18 -19.52 -24.07 3.57
N GLN E 19 -19.99 -25.01 2.74
CA GLN E 19 -19.32 -25.50 1.53
C GLN E 19 -17.93 -26.11 1.80
N ASP E 20 -17.62 -26.43 3.05
CA ASP E 20 -16.40 -27.15 3.39
C ASP E 20 -16.72 -28.60 3.68
N ILE E 21 -15.67 -29.42 3.78
CA ILE E 21 -15.80 -30.87 3.86
C ILE E 21 -15.55 -31.33 5.29
N GLY E 22 -16.47 -32.12 5.83
CA GLY E 22 -16.27 -32.80 7.09
C GLY E 22 -16.50 -34.29 6.95
N THR E 23 -16.29 -34.99 8.07
CA THR E 23 -16.49 -36.44 8.15
C THR E 23 -17.61 -36.76 9.15
N VAL E 24 -18.55 -37.61 8.73
CA VAL E 24 -19.66 -37.98 9.60
C VAL E 24 -19.15 -38.90 10.70
N ALA E 25 -19.41 -38.52 11.97
CA ALA E 25 -18.91 -39.27 13.11
C ALA E 25 -19.94 -40.21 13.73
N THR E 26 -21.23 -39.85 13.66
CA THR E 26 -22.38 -40.58 14.19
C THR E 26 -23.64 -40.01 13.56
N ILE E 27 -24.55 -40.89 13.15
CA ILE E 27 -25.90 -40.51 12.73
C ILE E 27 -26.87 -41.02 13.78
N ASP E 28 -27.51 -40.11 14.50
CA ASP E 28 -28.51 -40.50 15.48
C ASP E 28 -29.80 -40.93 14.79
N THR E 29 -30.43 -41.97 15.34
CA THR E 29 -31.64 -42.54 14.74
C THR E 29 -32.92 -41.99 15.34
N SER E 30 -32.85 -41.38 16.52
CA SER E 30 -34.02 -40.80 17.16
C SER E 30 -34.44 -39.52 16.44
N GLY E 31 -35.63 -39.02 16.81
CA GLY E 31 -36.24 -37.90 16.13
C GLY E 31 -35.64 -36.54 16.44
N ILE E 32 -34.33 -36.40 16.18
CA ILE E 32 -33.58 -35.20 16.47
C ILE E 32 -33.62 -34.28 15.25
N ARG E 33 -33.78 -32.98 15.49
CA ARG E 33 -33.80 -32.00 14.41
C ARG E 33 -32.48 -31.99 13.64
N TYR E 34 -31.36 -32.16 14.35
CA TYR E 34 -30.02 -32.19 13.73
C TYR E 34 -29.32 -33.44 14.23
N PRO E 35 -29.55 -34.59 13.59
CA PRO E 35 -28.96 -35.85 14.08
C PRO E 35 -27.61 -36.20 13.47
N VAL E 36 -27.06 -35.43 12.55
CA VAL E 36 -25.81 -35.78 11.88
C VAL E 36 -24.67 -35.03 12.55
N VAL E 37 -23.86 -35.75 13.33
CA VAL E 37 -22.65 -35.18 13.90
C VAL E 37 -21.54 -35.22 12.85
N VAL E 38 -20.97 -34.05 12.54
CA VAL E 38 -19.92 -33.92 11.53
C VAL E 38 -18.71 -33.30 12.20
N ARG E 39 -17.55 -33.94 12.01
CA ARG E 39 -16.27 -33.50 12.56
C ARG E 39 -15.44 -32.89 11.44
N PHE E 40 -14.83 -31.75 11.73
CA PHE E 40 -14.08 -30.98 10.74
C PHE E 40 -12.62 -30.90 11.12
N GLU E 41 -11.75 -30.82 10.10
CA GLU E 41 -10.33 -30.70 10.32
C GLU E 41 -9.91 -29.27 10.64
N LYS E 42 -10.68 -28.28 10.21
CA LYS E 42 -10.42 -26.90 10.55
C LYS E 42 -11.25 -26.52 11.76
N VAL E 43 -10.62 -25.87 12.74
CA VAL E 43 -11.33 -25.43 13.94
C VAL E 43 -12.05 -24.12 13.65
N SER E 44 -13.13 -23.88 14.37
CA SER E 44 -13.90 -22.66 14.22
C SER E 44 -13.24 -21.52 14.98
N TYR E 45 -13.91 -20.37 15.05
CA TYR E 45 -13.41 -19.25 15.83
C TYR E 45 -13.48 -19.52 17.33
N SER E 46 -14.45 -20.34 17.76
CA SER E 46 -14.55 -20.74 19.16
C SER E 46 -13.67 -21.93 19.50
N GLY E 47 -12.96 -22.49 18.51
CA GLY E 47 -12.05 -23.59 18.74
C GLY E 47 -12.68 -24.96 18.66
N VAL E 48 -13.96 -25.07 18.32
CA VAL E 48 -14.61 -26.37 18.18
C VAL E 48 -14.38 -26.90 16.77
N ASN E 49 -14.52 -28.22 16.61
CA ASN E 49 -14.33 -28.83 15.31
C ASN E 49 -15.40 -29.88 14.99
N THR E 50 -16.52 -29.85 15.69
CA THR E 50 -17.64 -30.75 15.40
C THR E 50 -18.95 -30.00 15.59
N ASN E 51 -19.97 -30.41 14.84
CA ASN E 51 -21.28 -29.76 14.92
C ASN E 51 -22.35 -30.71 14.43
N ASN E 52 -23.58 -30.47 14.87
CA ASN E 52 -24.73 -31.27 14.46
C ASN E 52 -25.50 -30.55 13.36
N PHE E 53 -25.90 -31.31 12.34
CA PHE E 53 -26.61 -30.80 11.19
C PHE E 53 -27.77 -31.73 10.85
N SER E 54 -28.75 -31.18 10.15
CA SER E 54 -29.88 -31.95 9.63
C SER E 54 -29.46 -32.68 8.35
N LEU E 55 -30.36 -33.53 7.86
CA LEU E 55 -30.08 -34.35 6.68
C LEU E 55 -29.94 -33.49 5.43
N ASP E 56 -30.74 -32.43 5.31
CA ASP E 56 -30.67 -31.57 4.13
C ASP E 56 -29.48 -30.61 4.14
N GLU E 57 -28.78 -30.49 5.26
CA GLU E 57 -27.63 -29.60 5.36
C GLU E 57 -26.30 -30.31 5.08
N VAL E 58 -26.34 -31.55 4.60
CA VAL E 58 -25.15 -32.34 4.31
C VAL E 58 -25.35 -33.04 2.97
N VAL E 59 -24.36 -32.91 2.09
CA VAL E 59 -24.42 -33.52 0.76
C VAL E 59 -23.13 -34.31 0.52
N GLU E 60 -23.27 -35.55 0.09
CA GLU E 60 -22.11 -36.41 -0.12
C GLU E 60 -21.30 -35.94 -1.33
N VAL E 61 -19.97 -35.98 -1.18
CA VAL E 61 -19.08 -35.57 -2.25
C VAL E 61 -18.45 -36.79 -2.91
N ASP F 28 14.29 16.05 -24.86
CA ASP F 28 14.20 14.80 -25.61
C ASP F 28 12.75 14.32 -25.38
N VAL F 29 12.56 13.29 -24.57
CA VAL F 29 11.23 12.93 -24.10
C VAL F 29 10.82 13.92 -23.01
N ALA F 30 9.62 14.50 -23.16
CA ALA F 30 8.97 15.37 -22.16
C ALA F 30 9.79 16.62 -21.85
N GLY F 31 10.56 17.09 -22.83
CA GLY F 31 11.38 18.28 -22.65
C GLY F 31 12.63 18.09 -21.82
N LEU F 32 12.94 16.87 -21.41
CA LEU F 32 14.12 16.61 -20.61
C LEU F 32 15.36 16.52 -21.51
N THR F 33 16.52 16.76 -20.90
CA THR F 33 17.78 16.70 -21.62
C THR F 33 18.58 15.47 -21.18
N PRO F 34 19.39 14.90 -22.06
CA PRO F 34 20.28 13.81 -21.65
C PRO F 34 21.28 14.26 -20.59
N CYS F 35 21.55 13.36 -19.64
CA CYS F 35 22.42 13.69 -18.52
C CYS F 35 23.86 13.92 -18.94
N GLY F 36 24.29 13.34 -20.06
CA GLY F 36 25.66 13.51 -20.52
C GLY F 36 25.99 14.85 -21.13
N GLU F 37 25.00 15.72 -21.30
CA GLU F 37 25.23 17.08 -21.80
C GLU F 37 24.59 18.14 -20.92
N SER F 38 24.00 17.75 -19.79
CA SER F 38 23.33 18.69 -18.90
C SER F 38 24.35 19.41 -18.02
N LYS F 39 24.30 20.75 -18.02
CA LYS F 39 25.25 21.51 -17.23
C LYS F 39 24.96 21.43 -15.73
N GLU F 40 23.69 21.27 -15.35
CA GLU F 40 23.36 21.14 -13.93
C GLU F 40 23.71 19.75 -13.39
N PHE F 41 23.69 18.71 -14.23
CA PHE F 41 24.26 17.41 -13.84
C PHE F 41 25.74 17.54 -13.53
N ALA F 42 26.47 18.30 -14.37
CA ALA F 42 27.87 18.59 -14.10
C ALA F 42 28.04 19.40 -12.83
N ARG F 43 27.10 20.31 -12.56
CA ARG F 43 27.15 21.09 -11.32
C ARG F 43 26.93 20.20 -10.09
N ARG F 44 26.02 19.24 -10.18
CA ARG F 44 25.84 18.25 -9.11
C ARG F 44 27.11 17.44 -8.88
N LEU F 45 27.73 16.95 -9.97
CA LEU F 45 28.97 16.20 -9.87
C LEU F 45 30.09 17.04 -9.25
N ASP F 46 30.23 18.29 -9.69
CA ASP F 46 31.25 19.18 -9.15
C ASP F 46 31.01 19.49 -7.68
N GLY F 47 29.75 19.72 -7.30
CA GLY F 47 29.43 19.98 -5.91
C GLY F 47 29.72 18.79 -5.01
N SER F 48 29.39 17.58 -5.47
CA SER F 48 29.73 16.38 -4.70
C SER F 48 31.23 16.19 -4.58
N VAL F 49 31.96 16.41 -5.68
CA VAL F 49 33.41 16.24 -5.65
C VAL F 49 34.08 17.27 -4.74
N LYS F 50 33.63 18.53 -4.77
CA LYS F 50 34.20 19.54 -3.87
C LYS F 50 33.83 19.25 -2.41
N LYS F 51 32.60 18.76 -2.17
CA LYS F 51 32.19 18.44 -0.80
C LYS F 51 33.01 17.30 -0.23
N LEU F 52 33.36 16.31 -1.06
CA LEU F 52 34.25 15.25 -0.58
C LEU F 52 35.69 15.72 -0.48
N GLN F 53 36.11 16.65 -1.35
CA GLN F 53 37.49 17.11 -1.36
C GLN F 53 37.80 18.04 -0.20
N THR F 54 36.82 18.82 0.25
CA THR F 54 37.05 19.67 1.42
C THR F 54 37.19 18.84 2.68
N ARG F 55 36.54 17.67 2.74
CA ARG F 55 36.82 16.72 3.81
C ARG F 55 38.18 16.07 3.63
N LEU F 56 38.57 15.79 2.38
CA LEU F 56 39.89 15.21 2.10
C LEU F 56 41.03 16.16 2.50
N LYS F 57 40.79 17.47 2.40
CA LYS F 57 41.82 18.48 2.67
C LYS F 57 42.31 18.45 4.12
N LYS F 58 41.51 17.97 5.06
CA LYS F 58 41.84 18.00 6.47
C LYS F 58 42.62 16.77 6.93
N TYR F 59 42.95 15.86 6.03
CA TYR F 59 43.68 14.64 6.38
C TYR F 59 44.99 14.57 5.60
N GLU F 60 45.98 13.95 6.22
CA GLU F 60 47.30 13.80 5.62
C GLU F 60 47.27 12.70 4.57
N ALA F 61 48.07 12.88 3.52
CA ALA F 61 48.13 11.89 2.44
C ALA F 61 48.78 10.60 2.92
N GLY F 62 48.11 9.47 2.66
CA GLY F 62 48.53 8.18 3.14
C GLY F 62 47.77 7.68 4.35
N THR F 63 47.09 8.56 5.08
CA THR F 63 46.28 8.15 6.21
C THR F 63 45.06 7.38 5.69
N PRO F 64 44.59 6.37 6.41
CA PRO F 64 43.40 5.58 5.95
C PRO F 64 42.12 6.39 5.73
N PRO F 65 41.80 7.43 6.55
CA PRO F 65 40.69 8.31 6.13
C PRO F 65 40.90 9.01 4.80
N ALA F 66 42.15 9.37 4.46
CA ALA F 66 42.41 10.00 3.17
C ALA F 66 42.18 9.01 2.03
N LEU F 67 42.63 7.77 2.19
CA LEU F 67 42.40 6.75 1.18
C LEU F 67 40.91 6.43 1.04
N ALA F 68 40.19 6.36 2.16
CA ALA F 68 38.74 6.12 2.12
C ALA F 68 38.01 7.26 1.40
N LEU F 69 38.39 8.51 1.68
CA LEU F 69 37.77 9.65 1.03
C LEU F 69 38.09 9.69 -0.46
N GLN F 70 39.33 9.34 -0.83
CA GLN F 70 39.69 9.28 -2.25
C GLN F 70 38.94 8.16 -2.97
N LYS F 71 38.71 7.04 -2.29
CA LYS F 71 37.88 5.99 -2.86
C LYS F 71 36.44 6.44 -3.03
N GLN F 72 35.91 7.21 -2.07
CA GLN F 72 34.56 7.77 -2.21
C GLN F 72 34.49 8.74 -3.38
N ILE F 73 35.53 9.55 -3.57
CA ILE F 73 35.63 10.44 -4.73
C ILE F 73 35.62 9.64 -6.03
N ASP F 74 36.38 8.55 -6.07
CA ASP F 74 36.44 7.70 -7.26
C ASP F 74 35.08 7.07 -7.56
N LYS F 75 34.37 6.60 -6.52
CA LYS F 75 33.03 6.05 -6.74
C LYS F 75 32.05 7.11 -7.22
N THR F 76 32.13 8.34 -6.68
CA THR F 76 31.27 9.41 -7.14
C THR F 76 31.51 9.77 -8.60
N LYS F 77 32.79 9.88 -8.99
CA LYS F 77 33.15 10.16 -10.38
C LYS F 77 32.71 9.04 -11.31
N ASN F 78 32.92 7.79 -10.90
CA ASN F 78 32.53 6.65 -11.74
C ASN F 78 31.01 6.57 -11.88
N ARG F 79 30.27 6.84 -10.79
CA ARG F 79 28.82 6.83 -10.86
C ARG F 79 28.29 7.92 -11.79
N PHE F 80 28.82 9.14 -11.67
CA PHE F 80 28.36 10.22 -12.54
C PHE F 80 28.75 9.98 -14.01
N ASP F 81 29.94 9.42 -14.24
CA ASP F 81 30.36 9.06 -15.60
C ASP F 81 29.46 7.99 -16.20
N ARG F 82 29.18 6.94 -15.42
CA ARG F 82 28.31 5.85 -15.87
C ARG F 82 26.89 6.34 -16.14
N TYR F 83 26.37 7.22 -15.28
CA TYR F 83 25.03 7.77 -15.47
C TYR F 83 24.97 8.69 -16.69
N GLY F 84 26.05 9.42 -16.97
CA GLY F 84 26.03 10.32 -18.12
C GLY F 84 26.11 9.63 -19.46
N LYS F 85 26.64 8.40 -19.52
CA LYS F 85 26.80 7.68 -20.77
C LYS F 85 25.71 6.62 -20.99
N ALA F 86 24.67 6.62 -20.17
CA ALA F 86 23.65 5.56 -20.23
C ALA F 86 22.39 5.98 -20.97
N GLY F 87 22.34 7.19 -21.50
CA GLY F 87 21.12 7.66 -22.14
C GLY F 87 20.02 8.04 -21.18
N LEU F 88 20.31 8.17 -19.89
CA LEU F 88 19.35 8.66 -18.92
C LEU F 88 19.03 10.13 -19.20
N LEU F 89 17.78 10.50 -18.96
CA LEU F 89 17.33 11.87 -19.17
C LEU F 89 17.32 12.61 -17.84
N CYS F 90 17.84 13.82 -17.84
CA CYS F 90 17.94 14.65 -16.65
C CYS F 90 16.99 15.84 -16.77
N GLY F 91 16.30 16.14 -15.67
CA GLY F 91 15.46 17.32 -15.61
C GLY F 91 16.27 18.55 -15.25
N THR F 92 15.54 19.64 -14.98
CA THR F 92 16.20 20.88 -14.60
C THR F 92 16.77 20.84 -13.19
N ASP F 93 16.32 19.88 -12.36
CA ASP F 93 16.89 19.72 -11.03
C ASP F 93 18.33 19.24 -11.08
N GLY F 94 18.68 18.41 -12.07
CA GLY F 94 19.99 17.79 -12.14
C GLY F 94 20.03 16.32 -11.80
N LEU F 95 18.88 15.66 -11.73
CA LEU F 95 18.81 14.25 -11.37
C LEU F 95 18.23 13.46 -12.54
N PRO F 96 18.61 12.18 -12.69
CA PRO F 96 18.03 11.36 -13.76
C PRO F 96 16.54 11.14 -13.57
N HIS F 97 15.79 11.29 -14.67
CA HIS F 97 14.35 11.09 -14.69
C HIS F 97 14.01 9.88 -15.54
N LEU F 98 13.21 8.97 -14.98
CA LEU F 98 12.87 7.72 -15.65
C LEU F 98 11.61 7.88 -16.51
N ILE F 99 11.62 7.21 -17.66
CA ILE F 99 10.49 7.19 -18.59
C ILE F 99 9.83 5.82 -18.52
N ALA F 100 8.52 5.79 -18.25
CA ALA F 100 7.81 4.53 -18.03
C ALA F 100 6.48 4.49 -18.79
N ASP F 101 6.48 4.94 -20.04
CA ASP F 101 5.29 4.88 -20.88
C ASP F 101 5.27 3.65 -21.80
N GLY F 102 6.32 2.84 -21.78
CA GLY F 102 6.42 1.64 -22.57
C GLY F 102 7.38 1.73 -23.73
N ARG F 103 7.97 2.89 -23.99
CA ARG F 103 8.88 3.06 -25.12
C ARG F 103 10.16 2.25 -24.91
N TRP F 104 10.68 1.69 -26.00
CA TRP F 104 11.82 0.80 -25.88
C TRP F 104 13.12 1.53 -25.61
N SER F 105 13.19 2.83 -25.90
CA SER F 105 14.40 3.63 -25.70
C SER F 105 14.70 3.85 -24.23
N HIS F 106 13.75 3.56 -23.35
CA HIS F 106 13.97 3.53 -21.91
C HIS F 106 13.42 2.23 -21.33
N SER F 107 13.47 1.15 -22.11
CA SER F 107 12.85 -0.11 -21.71
C SER F 107 13.59 -0.76 -20.56
N GLY F 108 14.87 -0.46 -20.40
CA GLY F 108 15.62 -0.91 -19.25
C GLY F 108 15.42 -0.09 -18.00
N GLU F 109 14.63 0.98 -18.05
CA GLU F 109 14.46 1.78 -16.85
C GLU F 109 13.31 1.30 -15.96
N PHE F 110 12.21 0.85 -16.56
CA PHE F 110 11.21 0.20 -15.71
C PHE F 110 10.80 -1.20 -16.18
N VAL F 111 10.73 -1.44 -17.49
CA VAL F 111 10.06 -2.64 -17.99
C VAL F 111 10.87 -3.90 -17.71
N ILE F 112 12.15 -3.88 -18.06
CA ILE F 112 13.02 -5.04 -17.95
C ILE F 112 13.39 -5.38 -16.49
N PRO F 113 13.74 -4.42 -15.61
CA PRO F 113 13.86 -4.79 -14.18
C PRO F 113 12.59 -5.34 -13.56
N GLY F 114 11.42 -4.81 -13.96
CA GLY F 114 10.16 -5.28 -13.41
C GLY F 114 9.88 -6.73 -13.76
N LEU F 115 10.19 -7.10 -15.00
CA LEU F 115 10.08 -8.48 -15.44
C LEU F 115 11.00 -9.37 -14.63
N PHE F 116 12.19 -8.86 -14.25
CA PHE F 116 13.08 -9.60 -13.38
C PHE F 116 12.40 -9.88 -12.04
N PHE F 117 11.75 -8.86 -11.48
CA PHE F 117 10.92 -9.08 -10.29
C PHE F 117 9.81 -10.07 -10.60
N LEU F 118 9.19 -9.92 -11.77
CA LEU F 118 8.13 -10.82 -12.18
C LEU F 118 8.65 -12.24 -12.30
N TYR F 119 9.90 -12.40 -12.74
CA TYR F 119 10.51 -13.73 -12.70
C TYR F 119 10.61 -14.25 -11.28
N VAL F 120 11.14 -13.43 -10.36
CA VAL F 120 11.43 -13.93 -9.01
C VAL F 120 10.14 -14.15 -8.22
N ALA F 121 9.22 -13.18 -8.25
CA ALA F 121 8.04 -13.20 -7.37
C ALA F 121 7.09 -14.32 -7.76
N GLY F 122 6.89 -14.50 -9.06
CA GLY F 122 6.10 -15.63 -9.54
C GLY F 122 6.76 -16.95 -9.20
N TRP F 123 8.09 -16.97 -9.17
CA TRP F 123 8.81 -18.10 -8.60
C TRP F 123 8.37 -18.34 -7.15
N ILE F 124 8.45 -17.30 -6.31
CA ILE F 124 8.42 -17.48 -4.86
C ILE F 124 7.06 -18.01 -4.42
N GLY F 125 5.99 -17.38 -4.91
CA GLY F 125 4.65 -17.78 -4.56
C GLY F 125 4.36 -19.19 -5.02
N TRP F 126 4.84 -19.53 -6.22
CA TRP F 126 4.60 -20.86 -6.78
C TRP F 126 5.24 -21.92 -5.89
N VAL F 127 6.48 -21.69 -5.46
CA VAL F 127 7.12 -22.73 -4.66
C VAL F 127 6.45 -22.79 -3.29
N GLY F 128 5.99 -21.63 -2.80
CA GLY F 128 5.26 -21.60 -1.55
C GLY F 128 3.94 -22.33 -1.70
N ARG F 129 3.27 -22.11 -2.85
CA ARG F 129 2.02 -22.80 -3.13
C ARG F 129 2.25 -24.30 -3.18
N SER F 130 3.38 -24.70 -3.81
CA SER F 130 3.70 -26.11 -3.93
C SER F 130 3.89 -26.73 -2.56
N TYR F 131 4.54 -25.98 -1.65
CA TYR F 131 4.78 -26.50 -0.31
C TYR F 131 3.48 -26.66 0.43
N VAL F 132 2.54 -25.73 0.20
CA VAL F 132 1.22 -25.82 0.83
C VAL F 132 0.51 -27.07 0.35
N LEU F 133 0.60 -27.36 -0.96
CA LEU F 133 -0.01 -28.59 -1.48
C LEU F 133 0.71 -29.82 -0.96
N PHE F 134 2.02 -29.73 -0.71
CA PHE F 134 2.68 -30.82 0.00
C PHE F 134 2.18 -30.93 1.43
N ALA F 135 2.04 -29.79 2.12
CA ALA F 135 1.80 -29.82 3.57
C ALA F 135 0.44 -30.40 3.92
N ARG F 136 -0.55 -30.23 3.03
CA ARG F 136 -1.86 -30.85 3.23
C ARG F 136 -1.79 -32.38 3.23
N THR F 137 -0.80 -32.95 2.53
CA THR F 137 -0.72 -34.41 2.43
C THR F 137 0.00 -35.07 3.58
N ALA F 138 0.62 -34.31 4.49
CA ALA F 138 1.34 -34.90 5.60
C ALA F 138 0.37 -35.41 6.66
N ASP F 139 0.93 -36.11 7.66
CA ASP F 139 0.13 -36.63 8.76
C ASP F 139 -0.44 -35.51 9.62
N LYS F 140 0.41 -34.58 10.06
CA LYS F 140 -0.02 -33.37 10.76
C LYS F 140 0.47 -32.16 9.98
N PRO F 141 -0.42 -31.49 9.23
CA PRO F 141 0.03 -30.38 8.37
C PRO F 141 0.65 -29.21 9.11
N THR F 142 0.14 -28.86 10.30
CA THR F 142 0.62 -27.67 11.01
C THR F 142 2.06 -27.80 11.48
N GLU F 143 2.50 -29.01 11.85
CA GLU F 143 3.90 -29.23 12.17
C GLU F 143 4.79 -28.99 10.96
N LYS F 144 4.35 -29.40 9.78
CA LYS F 144 5.03 -29.03 8.53
C LYS F 144 4.99 -27.52 8.30
N GLU F 145 3.95 -26.86 8.79
CA GLU F 145 3.86 -25.41 8.60
C GLU F 145 4.87 -24.67 9.47
N ILE F 146 5.06 -25.10 10.72
CA ILE F 146 6.02 -24.42 11.59
C ILE F 146 7.43 -25.00 11.47
N ILE F 147 7.57 -26.29 11.16
CA ILE F 147 8.86 -26.95 11.05
C ILE F 147 9.00 -27.41 9.60
N ILE F 148 9.82 -26.70 8.83
CA ILE F 148 9.90 -26.92 7.39
C ILE F 148 10.67 -28.20 7.09
N ASP F 149 10.13 -28.99 6.17
CA ASP F 149 10.84 -30.14 5.61
C ASP F 149 11.90 -29.62 4.64
N VAL F 150 13.13 -29.51 5.13
CA VAL F 150 14.17 -28.78 4.39
C VAL F 150 14.55 -29.44 3.06
N PRO F 151 14.77 -30.77 2.96
CA PRO F 151 14.95 -31.36 1.61
C PRO F 151 13.78 -31.15 0.66
N VAL F 152 12.55 -31.28 1.15
CA VAL F 152 11.37 -31.09 0.30
C VAL F 152 11.22 -29.63 -0.09
N ALA F 153 11.50 -28.71 0.85
CA ALA F 153 11.47 -27.29 0.54
C ALA F 153 12.55 -26.90 -0.46
N LEU F 154 13.74 -27.52 -0.36
CA LEU F 154 14.80 -27.23 -1.32
C LEU F 154 14.46 -27.78 -2.70
N SER F 155 13.78 -28.93 -2.75
CA SER F 155 13.24 -29.43 -4.02
C SER F 155 12.26 -28.43 -4.61
N PHE F 156 11.35 -27.91 -3.78
CA PHE F 156 10.35 -26.96 -4.26
C PHE F 156 10.98 -25.67 -4.77
N VAL F 157 11.92 -25.09 -4.03
CA VAL F 157 12.59 -23.87 -4.48
C VAL F 157 13.46 -24.13 -5.70
N SER F 158 13.89 -25.39 -5.92
CA SER F 158 14.50 -25.73 -7.20
C SER F 158 13.47 -25.74 -8.33
N THR F 159 12.23 -26.17 -8.05
CA THR F 159 11.21 -26.29 -9.10
C THR F 159 10.76 -24.97 -9.71
N GLY F 160 11.09 -23.82 -9.10
CA GLY F 160 10.49 -22.56 -9.53
C GLY F 160 11.06 -21.91 -10.77
N PHE F 161 12.07 -22.50 -11.39
CA PHE F 161 12.72 -21.89 -12.56
C PHE F 161 11.86 -21.92 -13.82
N ILE F 162 10.86 -22.79 -13.89
CA ILE F 162 9.94 -22.85 -15.02
C ILE F 162 8.52 -22.52 -14.58
N TRP F 163 8.40 -21.66 -13.56
CA TRP F 163 7.11 -21.37 -12.94
C TRP F 163 6.01 -20.86 -13.88
N PRO F 164 6.24 -20.01 -14.92
CA PRO F 164 5.07 -19.58 -15.72
C PRO F 164 4.40 -20.71 -16.48
N PHE F 165 5.17 -21.58 -17.13
CA PHE F 165 4.59 -22.68 -17.89
C PHE F 165 3.94 -23.72 -16.96
N SER F 166 4.61 -24.02 -15.85
CA SER F 166 4.05 -24.95 -14.86
C SER F 166 2.77 -24.40 -14.24
N ALA F 167 2.76 -23.11 -13.91
CA ALA F 167 1.57 -22.48 -13.33
C ALA F 167 0.43 -22.42 -14.35
N PHE F 168 0.75 -22.18 -15.62
CA PHE F 168 -0.27 -22.13 -16.65
C PHE F 168 -0.85 -23.51 -16.93
N LYS F 169 -0.01 -24.55 -16.91
CA LYS F 169 -0.52 -25.91 -17.06
C LYS F 169 -1.33 -26.35 -15.84
N GLU F 170 -0.94 -25.90 -14.64
CA GLU F 170 -1.73 -26.11 -13.44
C GLU F 170 -3.09 -25.41 -13.56
N PHE F 171 -3.11 -24.23 -14.16
CA PHE F 171 -4.35 -23.48 -14.36
C PHE F 171 -5.26 -24.17 -15.37
N THR F 172 -4.71 -24.58 -16.51
CA THR F 172 -5.53 -25.14 -17.58
C THR F 172 -6.05 -26.53 -17.26
N SER F 173 -5.38 -27.27 -16.37
CA SER F 173 -5.84 -28.59 -15.95
C SER F 173 -6.83 -28.53 -14.80
N GLY F 174 -7.22 -27.33 -14.37
CA GLY F 174 -8.20 -27.19 -13.31
C GLY F 174 -7.65 -27.43 -11.93
N ASN F 175 -6.33 -27.37 -11.75
CA ASN F 175 -5.70 -27.65 -10.47
C ASN F 175 -5.22 -26.38 -9.75
N LEU F 176 -5.37 -25.22 -10.37
CA LEU F 176 -5.07 -23.94 -9.72
C LEU F 176 -6.32 -23.23 -9.24
N ILE F 177 -7.32 -23.09 -10.10
CA ILE F 177 -8.58 -22.46 -9.73
C ILE F 177 -9.54 -23.54 -9.27
N VAL F 178 -10.17 -23.30 -8.12
CA VAL F 178 -11.19 -24.18 -7.57
C VAL F 178 -12.55 -23.54 -7.83
N PRO F 179 -13.61 -24.32 -8.06
CA PRO F 179 -14.93 -23.72 -8.27
C PRO F 179 -15.46 -23.05 -7.01
N ALA F 180 -16.44 -22.16 -7.23
CA ALA F 180 -17.00 -21.35 -6.15
C ALA F 180 -17.81 -22.17 -5.15
N ASP F 181 -18.30 -23.35 -5.55
CA ASP F 181 -19.12 -24.18 -4.67
C ASP F 181 -18.30 -25.01 -3.69
N GLU F 182 -16.97 -24.88 -3.71
CA GLU F 182 -16.11 -25.57 -2.75
C GLU F 182 -15.34 -24.60 -1.87
N ILE F 183 -15.74 -23.32 -1.85
CA ILE F 183 -15.08 -22.29 -1.07
C ILE F 183 -16.09 -21.75 -0.07
N THR F 184 -15.66 -21.59 1.19
CA THR F 184 -16.55 -21.06 2.20
C THR F 184 -16.80 -19.57 1.98
N VAL F 185 -18.06 -19.16 2.17
CA VAL F 185 -18.48 -17.77 2.03
C VAL F 185 -19.45 -17.44 3.15
N SER F 186 -19.51 -16.16 3.51
CA SER F 186 -20.41 -15.67 4.53
C SER F 186 -21.85 -15.59 4.00
N PRO F 187 -22.84 -15.59 4.88
CA PRO F 187 -24.22 -15.31 4.45
C PRO F 187 -24.36 -13.92 3.87
N ARG F 188 -24.99 -13.84 2.69
CA ARG F 188 -25.15 -12.59 1.99
C ARG F 188 -26.35 -11.82 2.52
N MET G 1 -18.03 52.76 12.78
CA MET G 1 -19.11 51.78 12.71
C MET G 1 -20.44 52.39 13.13
N THR G 2 -21.39 52.43 12.20
CA THR G 2 -22.74 52.87 12.51
C THR G 2 -23.41 51.89 13.45
N ALA G 3 -24.07 52.44 14.48
CA ALA G 3 -24.67 51.69 15.59
C ALA G 3 -23.61 50.83 16.29
N ALA G 4 -22.54 51.51 16.71
CA ALA G 4 -21.43 50.84 17.39
C ALA G 4 -21.80 50.33 18.77
N TYR G 5 -22.89 50.84 19.37
CA TYR G 5 -23.32 50.34 20.67
C TYR G 5 -23.84 48.90 20.58
N LEU G 6 -24.31 48.50 19.40
CA LEU G 6 -24.91 47.18 19.26
C LEU G 6 -23.96 46.00 19.50
N PRO G 7 -22.68 45.99 19.05
CA PRO G 7 -21.79 44.89 19.50
C PRO G 7 -21.62 44.81 21.00
N SER G 8 -21.36 45.93 21.66
CA SER G 8 -21.18 45.94 23.10
C SER G 8 -22.46 45.61 23.86
N ILE G 9 -23.63 45.81 23.25
CA ILE G 9 -24.87 45.37 23.87
C ILE G 9 -25.10 43.88 23.65
N LEU G 10 -24.94 43.41 22.41
CA LEU G 10 -25.42 42.09 22.04
C LEU G 10 -24.43 40.96 22.30
N VAL G 11 -23.12 41.22 22.18
CA VAL G 11 -22.13 40.16 22.41
C VAL G 11 -22.15 39.62 23.84
N PRO G 12 -22.18 40.46 24.91
CA PRO G 12 -22.40 39.87 26.24
C PRO G 12 -23.73 39.15 26.39
N ILE G 13 -24.81 39.67 25.77
CA ILE G 13 -26.11 39.00 25.86
C ILE G 13 -26.06 37.64 25.18
N ILE G 14 -25.63 37.59 23.92
CA ILE G 14 -25.60 36.36 23.14
C ILE G 14 -24.60 35.36 23.74
N GLY G 15 -23.49 35.85 24.29
CA GLY G 15 -22.51 34.93 24.83
C GLY G 15 -22.68 34.52 26.27
N LEU G 16 -23.50 35.23 27.07
CA LEU G 16 -23.64 34.79 28.45
C LEU G 16 -25.09 34.55 28.88
N ILE G 17 -26.03 35.34 28.38
CA ILE G 17 -27.42 35.22 28.82
C ILE G 17 -28.16 34.14 28.04
N PHE G 18 -28.01 34.17 26.71
CA PHE G 18 -28.57 33.12 25.87
C PHE G 18 -28.09 31.71 26.23
N PRO G 19 -26.79 31.41 26.38
CA PRO G 19 -26.43 30.04 26.76
C PRO G 19 -26.83 29.67 28.17
N GLY G 20 -26.83 30.62 29.11
CA GLY G 20 -27.24 30.31 30.47
C GLY G 20 -28.70 29.91 30.57
N LEU G 21 -29.57 30.68 29.93
CA LEU G 21 -30.99 30.33 29.89
C LEU G 21 -31.25 29.06 29.09
N VAL G 22 -30.52 28.86 27.98
CA VAL G 22 -30.69 27.64 27.19
C VAL G 22 -30.26 26.41 27.99
N MET G 23 -29.12 26.47 28.69
CA MET G 23 -28.68 25.34 29.50
C MET G 23 -29.62 25.12 30.69
N ALA G 24 -30.11 26.19 31.32
CA ALA G 24 -31.03 26.04 32.45
C ALA G 24 -32.35 25.40 32.02
N PHE G 25 -32.95 25.91 30.94
CA PHE G 25 -34.24 25.37 30.51
C PHE G 25 -34.10 23.97 29.91
N ALA G 26 -32.99 23.71 29.20
CA ALA G 26 -32.74 22.36 28.70
C ALA G 26 -32.49 21.37 29.84
N PHE G 27 -31.79 21.81 30.88
CA PHE G 27 -31.60 21.00 32.08
C PHE G 27 -32.93 20.66 32.74
N ILE G 28 -33.79 21.68 32.89
CA ILE G 28 -35.12 21.49 33.47
C ILE G 28 -35.94 20.52 32.62
N TYR G 29 -35.85 20.65 31.30
CA TYR G 29 -36.62 19.78 30.40
C TYR G 29 -36.12 18.35 30.43
N ILE G 30 -34.80 18.14 30.38
CA ILE G 30 -34.28 16.77 30.31
C ILE G 30 -34.28 16.06 31.66
N GLU G 31 -34.38 16.78 32.77
CA GLU G 31 -34.37 16.10 34.06
C GLU G 31 -35.76 15.94 34.68
N GLN G 32 -36.76 16.65 34.19
CA GLN G 32 -38.11 16.51 34.72
C GLN G 32 -38.72 15.18 34.26
N ASP G 33 -39.55 14.61 35.12
CA ASP G 33 -40.22 13.35 34.83
C ASP G 33 -41.44 13.58 33.94
N MET H 1 25.22 -35.30 12.89
CA MET H 1 24.17 -34.34 13.21
C MET H 1 22.99 -35.00 13.93
N ASP H 2 22.73 -34.55 15.15
CA ASP H 2 21.56 -34.98 15.90
C ASP H 2 20.29 -34.56 15.18
N SER H 3 19.35 -35.50 15.01
CA SER H 3 18.13 -35.24 14.27
C SER H 3 17.23 -34.24 14.98
N ASN H 4 17.24 -34.21 16.32
CA ASN H 4 16.44 -33.23 17.04
C ASN H 4 17.01 -31.82 16.87
N PHE H 5 18.33 -31.70 16.84
CA PHE H 5 18.95 -30.41 16.58
C PHE H 5 18.68 -29.93 15.16
N LEU H 6 18.69 -30.84 14.19
CA LEU H 6 18.34 -30.50 12.82
C LEU H 6 16.88 -30.08 12.70
N LYS H 7 15.99 -30.76 13.43
CA LYS H 7 14.57 -30.40 13.42
C LYS H 7 14.35 -29.03 14.07
N TYR H 8 15.11 -28.73 15.12
CA TYR H 8 15.07 -27.39 15.70
C TYR H 8 15.59 -26.34 14.73
N LEU H 9 16.66 -26.68 14.00
CA LEU H 9 17.18 -25.80 12.95
C LEU H 9 16.20 -25.62 11.80
N SER H 10 15.27 -26.55 11.61
CA SER H 10 14.28 -26.48 10.55
C SER H 10 13.03 -25.69 10.95
N THR H 11 13.02 -25.13 12.15
CA THR H 11 11.89 -24.33 12.61
C THR H 11 11.78 -23.03 11.82
N ALA H 12 10.56 -22.49 11.77
CA ALA H 12 10.29 -21.24 11.06
C ALA H 12 11.15 -20.03 11.47
N PRO H 13 11.40 -19.71 12.75
CA PRO H 13 12.21 -18.50 13.02
C PRO H 13 13.67 -18.64 12.63
N VAL H 14 14.27 -19.81 12.85
CA VAL H 14 15.68 -20.02 12.53
C VAL H 14 15.89 -19.98 11.02
N LEU H 15 15.05 -20.72 10.28
CA LEU H 15 15.15 -20.75 8.83
C LEU H 15 14.78 -19.40 8.22
N PHE H 16 13.80 -18.70 8.82
CA PHE H 16 13.44 -17.35 8.40
C PHE H 16 14.63 -16.40 8.53
N THR H 17 15.30 -16.41 9.68
CA THR H 17 16.44 -15.54 9.92
C THR H 17 17.60 -15.88 8.98
N VAL H 18 17.87 -17.19 8.80
CA VAL H 18 18.97 -17.62 7.95
C VAL H 18 18.71 -17.26 6.49
N TRP H 19 17.48 -17.51 6.00
CA TRP H 19 17.14 -17.20 4.63
C TRP H 19 17.13 -15.70 4.36
N LEU H 20 16.62 -14.90 5.30
CA LEU H 20 16.61 -13.46 5.07
C LEU H 20 18.01 -12.86 5.16
N SER H 21 18.87 -13.40 6.03
CA SER H 21 20.27 -12.97 6.05
C SER H 21 21.00 -13.38 4.77
N PHE H 22 20.71 -14.58 4.27
CA PHE H 22 21.29 -15.07 3.03
C PHE H 22 20.89 -14.21 1.83
N THR H 23 19.61 -13.82 1.78
CA THR H 23 19.11 -12.92 0.75
C THR H 23 19.74 -11.53 0.87
N ALA H 24 19.84 -11.02 2.11
CA ALA H 24 20.48 -9.73 2.36
C ALA H 24 21.94 -9.76 1.95
N SER H 25 22.63 -10.87 2.20
CA SER H 25 24.02 -11.00 1.78
C SER H 25 24.15 -11.01 0.26
N PHE H 26 23.19 -11.64 -0.46
CA PHE H 26 23.17 -11.51 -1.92
C PHE H 26 23.02 -10.06 -2.37
N ILE H 27 22.07 -9.34 -1.77
CA ILE H 27 21.85 -7.94 -2.18
C ILE H 27 23.06 -7.08 -1.85
N ILE H 28 23.65 -7.29 -0.67
CA ILE H 28 24.80 -6.51 -0.23
C ILE H 28 26.01 -6.76 -1.12
N GLU H 29 26.30 -8.03 -1.44
CA GLU H 29 27.46 -8.31 -2.29
C GLU H 29 27.23 -7.85 -3.73
N ALA H 30 25.99 -7.97 -4.22
CA ALA H 30 25.66 -7.46 -5.55
C ALA H 30 25.83 -5.95 -5.63
N ASN H 31 25.41 -5.23 -4.59
CA ASN H 31 25.61 -3.77 -4.58
C ASN H 31 27.03 -3.37 -4.26
N ARG H 32 27.81 -4.25 -3.64
CA ARG H 32 29.22 -3.96 -3.41
C ARG H 32 30.02 -4.08 -4.69
N PHE H 33 29.78 -5.16 -5.46
CA PHE H 33 30.55 -5.39 -6.68
C PHE H 33 29.95 -4.70 -7.90
N PHE H 34 28.65 -4.42 -7.89
CA PHE H 34 27.98 -3.70 -8.97
C PHE H 34 27.13 -2.58 -8.38
N PRO H 35 27.75 -1.50 -7.93
CA PRO H 35 27.01 -0.43 -7.27
C PRO H 35 26.29 0.47 -8.26
N ASP H 36 25.35 1.25 -7.70
CA ASP H 36 24.67 2.36 -8.38
C ASP H 36 23.89 1.89 -9.61
N MET H 37 23.15 0.79 -9.46
CA MET H 37 22.35 0.24 -10.54
C MET H 37 20.93 0.82 -10.45
N LEU H 38 20.79 2.07 -10.88
CA LEU H 38 19.48 2.69 -11.00
C LEU H 38 18.66 2.09 -12.15
N TYR H 39 19.31 1.39 -13.08
CA TYR H 39 18.70 1.06 -14.36
C TYR H 39 19.28 -0.26 -14.84
N PHE H 40 18.58 -0.90 -15.77
CA PHE H 40 19.17 -2.01 -16.50
C PHE H 40 19.97 -1.44 -17.67
N PRO H 41 21.28 -1.66 -17.71
CA PRO H 41 22.13 -1.00 -18.73
C PRO H 41 21.86 -1.48 -20.15
N MET H 42 21.61 -0.52 -21.04
CA MET H 42 21.75 -0.74 -22.48
C MET H 42 23.03 -0.10 -23.01
N SER I 2 -7.03 -2.65 71.05
CA SER I 2 -7.13 -1.22 70.83
C SER I 2 -7.17 -0.89 69.34
N GLN I 3 -8.35 -0.96 68.75
CA GLN I 3 -8.55 -0.67 67.33
C GLN I 3 -9.21 0.69 67.19
N PHE I 4 -8.65 1.53 66.32
CA PHE I 4 -9.15 2.88 66.10
C PHE I 4 -10.07 2.99 64.90
N ILE I 5 -10.12 1.97 64.05
CA ILE I 5 -10.95 1.98 62.85
C ILE I 5 -11.94 0.84 62.97
N LYS I 6 -13.23 1.18 62.90
CA LYS I 6 -14.34 0.29 63.16
C LYS I 6 -15.32 0.34 62.01
N PRO I 7 -16.17 -0.67 61.84
CA PRO I 7 -17.25 -0.57 60.85
C PRO I 7 -18.21 0.57 61.16
N TYR I 8 -18.68 1.22 60.10
CA TYR I 8 -19.57 2.38 60.25
C TYR I 8 -20.95 1.96 60.74
N ASN I 9 -21.43 2.65 61.78
CA ASN I 9 -22.77 2.48 62.35
C ASN I 9 -23.05 1.04 62.80
N ASP I 10 -21.98 0.35 63.23
CA ASP I 10 -21.99 -1.08 63.56
C ASP I 10 -22.51 -1.96 62.41
N ASP I 11 -22.41 -1.47 61.18
CA ASP I 11 -22.72 -2.24 59.99
C ASP I 11 -21.44 -2.47 59.20
N PRO I 12 -20.89 -3.69 59.19
CA PRO I 12 -19.63 -3.91 58.47
C PRO I 12 -19.79 -3.96 56.96
N PHE I 13 -21.00 -4.04 56.44
CA PHE I 13 -21.20 -4.28 55.03
C PHE I 13 -21.69 -3.05 54.28
N VAL I 14 -21.94 -1.94 54.97
CA VAL I 14 -22.17 -0.66 54.32
C VAL I 14 -20.84 -0.14 53.79
N GLY I 15 -20.92 0.72 52.77
CA GLY I 15 -19.72 1.22 52.11
C GLY I 15 -19.06 2.39 52.81
N ASN I 16 -18.69 2.21 54.07
CA ASN I 16 -18.07 3.28 54.85
C ASN I 16 -17.35 2.63 56.02
N LEU I 17 -16.38 3.36 56.58
CA LEU I 17 -15.66 2.94 57.78
C LEU I 17 -15.71 4.05 58.81
N ALA I 18 -15.78 3.65 60.08
CA ALA I 18 -15.73 4.61 61.19
C ALA I 18 -14.27 4.84 61.55
N THR I 19 -13.77 6.03 61.24
CA THR I 19 -12.38 6.40 61.42
C THR I 19 -12.30 7.60 62.35
N PRO I 20 -11.12 7.87 62.93
CA PRO I 20 -10.94 9.12 63.68
C PRO I 20 -11.17 10.37 62.85
N VAL I 21 -10.88 10.35 61.55
CA VAL I 21 -11.18 11.52 60.74
C VAL I 21 -12.68 11.63 60.45
N SER I 22 -13.38 10.49 60.36
CA SER I 22 -14.78 10.51 59.98
C SER I 22 -15.75 10.54 61.16
N THR I 23 -15.39 9.90 62.29
CA THR I 23 -16.38 9.63 63.33
C THR I 23 -15.90 9.95 64.75
N SER I 24 -14.87 10.77 64.90
CA SER I 24 -14.48 11.17 66.24
C SER I 24 -15.45 12.21 66.80
N SER I 25 -15.29 12.52 68.08
CA SER I 25 -16.16 13.47 68.76
C SER I 25 -16.01 14.88 68.18
N PHE I 26 -14.78 15.27 67.84
CA PHE I 26 -14.53 16.58 67.24
C PHE I 26 -15.22 16.71 65.89
N THR I 27 -15.08 15.69 65.03
CA THR I 27 -15.71 15.72 63.72
C THR I 27 -17.24 15.75 63.82
N LYS I 28 -17.81 14.94 64.73
CA LYS I 28 -19.26 14.93 64.91
C LYS I 28 -19.76 16.27 65.45
N SER I 29 -19.03 16.85 66.40
CA SER I 29 -19.41 18.15 66.95
C SER I 29 -19.34 19.25 65.89
N LEU I 30 -18.27 19.26 65.09
CA LEU I 30 -18.12 20.26 64.05
C LEU I 30 -19.18 20.12 62.96
N LEU I 31 -19.48 18.88 62.55
CA LEU I 31 -20.52 18.67 61.54
C LEU I 31 -21.91 19.00 62.08
N SER I 32 -22.20 18.62 63.32
CA SER I 32 -23.50 18.91 63.91
C SER I 32 -23.66 20.38 64.28
N ASN I 33 -22.57 21.14 64.36
CA ASN I 33 -22.66 22.57 64.63
C ASN I 33 -22.56 23.42 63.37
N LEU I 34 -22.33 22.81 62.21
CA LEU I 34 -22.43 23.53 60.95
C LEU I 34 -23.89 23.86 60.66
N PRO I 35 -24.17 25.00 60.01
CA PRO I 35 -25.57 25.37 59.74
C PRO I 35 -26.33 24.40 58.85
N ALA I 36 -25.63 23.65 57.99
CA ALA I 36 -26.30 22.68 57.12
C ALA I 36 -26.86 21.49 57.89
N TYR I 37 -26.35 21.23 59.10
CA TYR I 37 -26.80 20.11 59.92
C TYR I 37 -27.31 20.49 61.29
N ARG I 38 -27.15 21.75 61.71
CA ARG I 38 -27.50 22.16 63.07
C ARG I 38 -29.02 22.12 63.29
N ALA I 39 -29.44 21.53 64.40
CA ALA I 39 -30.85 21.40 64.70
C ALA I 39 -31.44 22.74 65.12
N GLY I 40 -32.76 22.88 64.92
CA GLY I 40 -33.48 24.06 65.35
C GLY I 40 -33.41 25.24 64.41
N LEU I 41 -32.85 25.05 63.22
CA LEU I 41 -32.73 26.11 62.23
C LEU I 41 -33.75 25.91 61.12
N SER I 42 -34.42 26.99 60.74
CA SER I 42 -35.18 26.99 59.50
C SER I 42 -34.21 26.93 58.32
N PRO I 43 -34.65 26.41 57.16
CA PRO I 43 -33.79 26.45 55.96
C PRO I 43 -33.37 27.85 55.54
N LEU I 44 -34.23 28.85 55.79
CA LEU I 44 -33.89 30.24 55.49
C LEU I 44 -32.67 30.70 56.26
N LEU I 45 -32.57 30.36 57.55
CA LEU I 45 -31.43 30.82 58.34
C LEU I 45 -30.16 30.05 58.02
N ARG I 46 -30.28 28.76 57.69
CA ARG I 46 -29.15 27.99 57.15
C ARG I 46 -28.61 28.64 55.88
N GLY I 47 -29.52 28.99 54.97
CA GLY I 47 -29.13 29.72 53.77
C GLY I 47 -28.47 31.05 54.07
N VAL I 48 -28.99 31.77 55.06
CA VAL I 48 -28.44 33.08 55.42
C VAL I 48 -27.01 32.94 55.92
N GLU I 49 -26.76 31.99 56.82
CA GLU I 49 -25.40 31.80 57.36
C GLU I 49 -24.43 31.34 56.29
N ILE I 50 -24.82 30.32 55.50
CA ILE I 50 -23.94 29.80 54.45
C ILE I 50 -23.65 30.86 53.39
N GLY I 51 -24.69 31.60 52.99
CA GLY I 51 -24.51 32.66 52.01
C GLY I 51 -23.65 33.79 52.52
N LEU I 52 -23.84 34.19 53.79
CA LEU I 52 -22.99 35.22 54.39
C LEU I 52 -21.52 34.82 54.35
N THR I 53 -21.22 33.58 54.75
CA THR I 53 -19.83 33.11 54.75
C THR I 53 -19.22 33.06 53.35
N HIS I 54 -19.90 32.38 52.41
CA HIS I 54 -19.33 32.18 51.08
C HIS I 54 -19.32 33.47 50.27
N GLY I 55 -20.41 34.27 50.32
CA GLY I 55 -20.41 35.56 49.66
C GLY I 55 -19.42 36.55 50.26
N TYR I 56 -19.17 36.46 51.57
CA TYR I 56 -18.12 37.27 52.18
C TYR I 56 -16.75 36.88 51.65
N PHE I 57 -16.47 35.58 51.56
N PHE I 57 -16.45 35.59 51.56
CA PHE I 57 -15.17 35.12 51.09
CA PHE I 57 -15.11 35.25 51.10
C PHE I 57 -14.98 35.38 49.60
C PHE I 57 -14.97 35.32 49.57
N LEU I 58 -16.07 35.40 48.83
CA LEU I 58 -16.01 35.50 47.37
C LEU I 58 -15.41 36.80 46.85
N VAL I 59 -15.41 37.87 47.64
CA VAL I 59 -14.95 39.18 47.16
C VAL I 59 -13.45 39.18 46.90
N GLY I 60 -12.69 38.51 47.76
CA GLY I 60 -11.24 38.60 47.80
C GLY I 60 -10.44 38.28 46.56
N PRO I 61 -10.59 37.07 45.98
CA PRO I 61 -9.86 36.74 44.74
C PRO I 61 -10.20 37.64 43.57
N PHE I 62 -11.46 38.06 43.43
CA PHE I 62 -11.84 38.94 42.33
C PHE I 62 -11.20 40.31 42.47
N TYR I 63 -11.13 40.82 43.70
CA TYR I 63 -10.48 42.11 43.93
C TYR I 63 -8.98 42.02 43.71
N LYS I 64 -8.35 40.96 44.21
CA LYS I 64 -6.89 40.91 44.23
C LYS I 64 -6.26 40.42 42.93
N LEU I 65 -6.98 39.63 42.13
CA LEU I 65 -6.37 39.03 40.96
C LEU I 65 -7.08 39.35 39.64
N GLY I 66 -8.15 40.15 39.66
CA GLY I 66 -8.92 40.42 38.47
C GLY I 66 -8.19 41.31 37.48
N PRO I 67 -8.74 41.46 36.27
CA PRO I 67 -8.09 42.32 35.26
C PRO I 67 -8.05 43.79 35.62
N LEU I 68 -8.89 44.25 36.54
CA LEU I 68 -8.90 45.64 36.98
C LEU I 68 -8.19 45.84 38.31
N ARG I 69 -7.33 44.90 38.72
CA ARG I 69 -6.73 44.93 40.05
C ARG I 69 -5.72 46.07 40.21
N ASN I 70 -5.14 46.57 39.12
CA ASN I 70 -4.17 47.66 39.19
C ASN I 70 -4.82 49.00 38.92
N SER I 71 -6.15 49.05 38.85
CA SER I 71 -6.90 50.28 38.65
C SER I 71 -7.52 50.73 39.96
N ASP I 72 -8.01 51.98 39.96
CA ASP I 72 -8.64 52.58 41.12
C ASP I 72 -10.02 52.02 41.45
N VAL I 73 -10.61 51.22 40.55
CA VAL I 73 -11.95 50.70 40.71
C VAL I 73 -11.88 49.18 40.90
N ALA I 74 -10.75 48.71 41.45
CA ALA I 74 -10.52 47.27 41.61
C ALA I 74 -11.53 46.64 42.56
N LEU I 75 -11.83 47.31 43.68
CA LEU I 75 -12.75 46.74 44.66
C LEU I 75 -14.18 46.74 44.15
N LEU I 76 -14.58 47.80 43.45
CA LEU I 76 -15.91 47.88 42.87
C LEU I 76 -16.12 46.79 41.82
N SER I 77 -15.12 46.59 40.96
CA SER I 77 -15.19 45.53 39.95
C SER I 77 -15.20 44.15 40.58
N GLY I 78 -14.38 43.94 41.63
CA GLY I 78 -14.38 42.65 42.30
C GLY I 78 -15.68 42.33 42.99
N PHE I 79 -16.28 43.33 43.65
CA PHE I 79 -17.59 43.12 44.28
C PHE I 79 -18.66 42.84 43.24
N PHE I 80 -18.63 43.54 42.11
CA PHE I 80 -19.63 43.33 41.07
C PHE I 80 -19.48 41.94 40.43
N SER I 81 -18.24 41.50 40.23
CA SER I 81 -17.98 40.14 39.73
C SER I 81 -18.44 39.08 40.73
N ALA I 82 -18.19 39.32 42.02
CA ALA I 82 -18.66 38.40 43.06
C ALA I 82 -20.18 38.33 43.09
N LEU I 83 -20.85 39.48 42.88
CA LEU I 83 -22.30 39.51 42.83
C LEU I 83 -22.83 38.75 41.61
N GLY I 84 -22.14 38.87 40.47
CA GLY I 84 -22.53 38.09 39.30
C GLY I 84 -22.37 36.59 39.50
N LEU I 85 -21.27 36.19 40.15
CA LEU I 85 -21.09 34.78 40.52
C LEU I 85 -22.18 34.32 41.49
N ILE I 86 -22.57 35.19 42.43
CA ILE I 86 -23.63 34.89 43.37
C ILE I 86 -24.95 34.67 42.64
N ILE I 87 -25.25 35.52 41.65
CA ILE I 87 -26.47 35.39 40.86
C ILE I 87 -26.47 34.10 40.05
N ILE I 88 -25.32 33.75 39.46
CA ILE I 88 -25.19 32.48 38.73
C ILE I 88 -25.43 31.28 39.64
N LEU I 89 -24.84 31.31 40.84
CA LEU I 89 -25.03 30.21 41.80
C LEU I 89 -26.47 30.14 42.30
N VAL I 90 -27.12 31.29 42.43
CA VAL I 90 -28.54 31.32 42.82
C VAL I 90 -29.41 30.70 41.73
N ALA I 91 -29.08 30.98 40.45
CA ALA I 91 -29.77 30.32 39.35
C ALA I 91 -29.54 28.81 39.35
N CYS I 92 -28.31 28.38 39.69
CA CYS I 92 -28.00 26.96 39.85
C CYS I 92 -28.85 26.33 40.96
N LEU I 93 -28.97 27.01 42.10
CA LEU I 93 -29.82 26.56 43.20
C LEU I 93 -31.28 26.47 42.76
N THR I 94 -31.75 27.48 42.02
CA THR I 94 -33.14 27.50 41.58
C THR I 94 -33.46 26.33 40.65
N ILE I 95 -32.59 26.08 39.65
CA ILE I 95 -32.87 24.97 38.74
C ILE I 95 -32.69 23.62 39.44
N TYR I 96 -31.76 23.52 40.40
CA TYR I 96 -31.62 22.30 41.19
C TYR I 96 -32.89 22.01 41.98
N GLY I 97 -33.43 23.03 42.66
CA GLY I 97 -34.66 22.85 43.42
C GLY I 97 -35.86 22.57 42.55
N VAL I 98 -35.90 23.17 41.35
CA VAL I 98 -37.00 22.89 40.42
C VAL I 98 -36.96 21.43 39.96
N VAL I 99 -35.78 20.91 39.60
CA VAL I 99 -35.74 19.56 39.05
C VAL I 99 -35.61 18.45 40.10
N SER I 100 -35.27 18.79 41.35
CA SER I 100 -34.94 17.74 42.30
C SER I 100 -36.09 17.33 43.22
N PHE I 101 -37.07 18.20 43.44
CA PHE I 101 -38.08 17.93 44.46
C PHE I 101 -39.48 18.04 43.89
N GLU I 102 -40.36 17.14 44.31
CA GLU I 102 -41.79 17.24 44.06
C GLU I 102 -42.46 18.08 45.14
N GLU I 103 -43.55 18.73 44.77
CA GLU I 103 -44.21 19.72 45.61
C GLU I 103 -44.94 19.05 46.78
N THR I 104 -44.41 19.22 47.99
CA THR I 104 -44.93 18.54 49.17
C THR I 104 -45.28 19.59 50.22
N GLU I 105 -46.09 19.19 51.20
CA GLU I 105 -46.47 20.08 52.30
C GLU I 105 -45.28 20.38 53.21
N ALA I 106 -44.38 19.41 53.38
CA ALA I 106 -43.21 19.55 54.24
C ALA I 106 -42.30 20.69 53.78
N LYS I 107 -41.98 21.59 54.71
CA LYS I 107 -41.16 22.75 54.38
C LYS I 107 -40.10 23.03 55.44
N ASP I 108 -39.96 22.18 56.45
CA ASP I 108 -38.93 22.34 57.49
C ASP I 108 -37.65 21.55 57.20
N GLN I 109 -37.57 20.84 56.08
CA GLN I 109 -36.36 20.13 55.71
C GLN I 109 -35.74 20.75 54.46
N LEU I 110 -34.41 20.62 54.35
CA LEU I 110 -33.68 21.13 53.20
C LEU I 110 -34.07 20.40 51.92
N GLN I 111 -34.26 19.09 51.98
CA GLN I 111 -34.57 18.32 50.79
C GLN I 111 -36.08 18.22 50.56
N THR I 112 -36.70 19.39 50.51
CA THR I 112 -38.07 19.58 50.06
C THR I 112 -38.07 20.80 49.13
N ALA I 113 -39.15 20.93 48.34
CA ALA I 113 -39.21 22.02 47.37
C ALA I 113 -39.30 23.38 48.04
N LYS I 114 -40.24 23.53 48.98
CA LYS I 114 -40.38 24.79 49.71
C LYS I 114 -39.15 25.08 50.58
N GLY I 115 -38.61 24.03 51.20
CA GLY I 115 -37.40 24.21 52.02
C GLY I 115 -36.20 24.62 51.20
N TRP I 116 -36.05 24.05 50.01
CA TRP I 116 -34.94 24.45 49.14
C TRP I 116 -35.14 25.85 48.58
N ARG I 117 -36.38 26.23 48.30
CA ARG I 117 -36.65 27.61 47.86
C ARG I 117 -36.33 28.62 48.96
N GLN I 118 -36.68 28.29 50.21
CA GLN I 118 -36.30 29.12 51.34
C GLN I 118 -34.79 29.19 51.50
N PHE I 119 -34.11 28.03 51.35
CA PHE I 119 -32.66 27.99 51.45
C PHE I 119 -31.99 28.83 50.37
N THR I 120 -32.52 28.78 49.13
CA THR I 120 -31.99 29.60 48.04
C THR I 120 -32.21 31.09 48.30
N SER I 121 -33.38 31.45 48.83
CA SER I 121 -33.66 32.85 49.17
C SER I 121 -32.71 33.36 50.25
N GLY I 122 -32.52 32.55 51.29
CA GLY I 122 -31.58 32.90 52.35
C GLY I 122 -30.15 32.99 51.85
N TRP I 123 -29.76 32.08 50.95
CA TRP I 123 -28.41 32.10 50.42
C TRP I 123 -28.15 33.33 49.57
N LEU I 124 -29.13 33.75 48.77
CA LEU I 124 -28.99 34.98 48.00
C LEU I 124 -28.85 36.19 48.93
N VAL I 125 -29.74 36.31 49.91
CA VAL I 125 -29.74 37.49 50.78
C VAL I 125 -28.46 37.54 51.62
N GLY I 126 -28.04 36.38 52.14
CA GLY I 126 -26.78 36.31 52.87
C GLY I 126 -25.57 36.60 52.00
N SER I 127 -25.58 36.11 50.75
CA SER I 127 -24.44 36.35 49.87
C SER I 127 -24.30 37.82 49.51
N VAL I 128 -25.41 38.50 49.21
CA VAL I 128 -25.36 39.94 48.95
C VAL I 128 -24.91 40.69 50.20
N GLY I 129 -25.42 40.33 51.38
CA GLY I 129 -25.01 41.01 52.60
C GLY I 129 -23.55 40.81 52.95
N GLY I 130 -23.05 39.58 52.79
CA GLY I 130 -21.65 39.30 53.08
C GLY I 130 -20.71 39.96 52.10
N ALA I 131 -21.06 39.94 50.81
CA ALA I 131 -20.25 40.63 49.81
C ALA I 131 -20.22 42.13 50.04
N SER I 132 -21.36 42.72 50.42
CA SER I 132 -21.39 44.15 50.72
C SER I 132 -20.59 44.48 51.97
N PHE I 133 -20.63 43.59 52.98
CA PHE I 133 -19.82 43.80 54.19
C PHE I 133 -18.33 43.74 53.88
N ALA I 134 -17.92 42.78 53.06
CA ALA I 134 -16.51 42.69 52.64
C ALA I 134 -16.09 43.91 51.84
N TYR I 135 -16.99 44.40 50.97
CA TYR I 135 -16.71 45.63 50.22
C TYR I 135 -16.52 46.81 51.14
N ILE I 136 -17.39 46.95 52.15
CA ILE I 136 -17.30 48.03 53.13
C ILE I 136 -15.98 47.95 53.90
N LEU I 137 -15.62 46.75 54.36
CA LEU I 137 -14.42 46.59 55.17
C LEU I 137 -13.15 46.87 54.38
N ILE I 138 -13.06 46.38 53.14
CA ILE I 138 -11.88 46.67 52.34
C ILE I 138 -11.85 48.14 51.92
N SER I 139 -13.01 48.73 51.63
CA SER I 139 -13.08 50.15 51.28
C SER I 139 -12.62 51.05 52.43
N ASN I 140 -12.90 50.66 53.67
CA ASN I 140 -12.70 51.54 54.81
C ASN I 140 -11.45 51.23 55.62
N ILE I 141 -10.77 50.12 55.35
CA ILE I 141 -9.55 49.75 56.06
C ILE I 141 -8.41 49.66 55.04
N PRO I 142 -7.39 50.53 55.14
CA PRO I 142 -6.26 50.46 54.20
C PRO I 142 -5.40 49.21 54.36
N PHE I 143 -5.47 48.52 55.50
CA PHE I 143 -4.73 47.28 55.69
C PHE I 143 -5.17 46.21 54.71
N LEU I 144 -6.49 46.11 54.47
CA LEU I 144 -7.02 45.12 53.55
C LEU I 144 -6.77 45.49 52.10
N GLN I 145 -6.59 46.78 51.79
CA GLN I 145 -6.39 47.19 50.39
C GLN I 145 -5.05 46.70 49.84
N THR I 146 -4.01 46.66 50.67
CA THR I 146 -2.71 46.18 50.22
C THR I 146 -2.36 44.79 50.74
N ALA I 147 -3.28 44.15 51.48
CA ALA I 147 -3.12 42.79 52.02
C ALA I 147 -1.86 42.64 52.86
N GLY I 148 -1.54 43.66 53.65
CA GLY I 148 -0.48 43.57 54.65
C GLY I 148 0.84 44.23 54.29
N MET I 149 1.07 44.56 53.02
CA MET I 149 2.25 45.37 52.70
C MET I 149 2.17 46.81 53.20
N SER I 150 0.99 47.29 53.65
CA SER I 150 0.93 48.64 54.25
C SER I 150 1.67 48.73 55.58
N MET I 151 1.93 47.59 56.24
CA MET I 151 2.73 47.62 57.46
C MET I 151 4.20 47.84 57.18
N LEU I 152 4.67 47.40 56.01
CA LEU I 152 6.07 47.55 55.65
C LEU I 152 6.36 48.96 55.13
N MET J 1 -23.37 54.52 3.41
CA MET J 1 -23.29 53.42 4.36
C MET J 1 -24.67 53.08 4.94
N ILE J 2 -24.72 52.08 5.80
CA ILE J 2 -25.96 51.62 6.41
C ILE J 2 -26.26 52.48 7.63
N SER J 3 -27.55 52.77 7.85
CA SER J 3 -28.00 53.58 8.96
C SER J 3 -28.57 52.69 10.07
N ASP J 4 -28.96 53.34 11.17
CA ASP J 4 -29.53 52.62 12.31
C ASP J 4 -30.89 52.00 11.97
N THR J 5 -31.71 52.73 11.19
CA THR J 5 -33.05 52.27 10.83
C THR J 5 -32.99 50.99 10.00
N GLN J 6 -32.01 50.89 9.09
CA GLN J 6 -31.85 49.69 8.27
C GLN J 6 -31.48 48.47 9.13
N ILE J 7 -30.60 48.67 10.12
CA ILE J 7 -30.25 47.60 11.04
C ILE J 7 -31.46 47.19 11.89
N PHE J 8 -32.28 48.17 12.29
CA PHE J 8 -33.50 47.86 13.02
C PHE J 8 -34.49 47.07 12.18
N ILE J 9 -34.61 47.41 10.89
CA ILE J 9 -35.46 46.67 9.96
C ILE J 9 -34.98 45.22 9.82
N ALA J 10 -33.66 45.04 9.70
CA ALA J 10 -33.09 43.70 9.63
C ALA J 10 -33.34 42.92 10.91
N LEU J 11 -33.25 43.59 12.08
CA LEU J 11 -33.55 42.95 13.34
C LEU J 11 -35.01 42.53 13.44
N ILE J 12 -35.92 43.37 12.94
CA ILE J 12 -37.35 43.02 12.94
C ILE J 12 -37.63 41.82 12.05
N LEU J 13 -37.01 41.79 10.86
CA LEU J 13 -37.14 40.63 9.98
C LEU J 13 -36.56 39.37 10.61
N ALA J 14 -35.43 39.50 11.32
CA ALA J 14 -34.85 38.35 12.01
C ALA J 14 -35.73 37.87 13.15
N LEU J 15 -36.42 38.79 13.85
CA LEU J 15 -37.36 38.39 14.89
C LEU J 15 -38.57 37.66 14.29
N VAL J 16 -39.06 38.12 13.13
CA VAL J 16 -40.12 37.41 12.43
C VAL J 16 -39.67 36.01 12.02
N SER J 17 -38.44 35.90 11.52
CA SER J 17 -37.86 34.59 11.21
C SER J 17 -37.70 33.72 12.46
N LEU J 18 -37.41 34.35 13.61
CA LEU J 18 -37.34 33.60 14.86
C LEU J 18 -38.69 33.02 15.26
N VAL J 19 -39.76 33.82 15.10
CA VAL J 19 -41.10 33.35 15.40
C VAL J 19 -41.48 32.19 14.48
N LEU J 20 -41.17 32.34 13.18
CA LEU J 20 -41.46 31.27 12.23
C LEU J 20 -40.64 30.01 12.51
N ALA J 21 -39.37 30.17 12.93
CA ALA J 21 -38.55 29.03 13.28
C ALA J 21 -39.06 28.31 14.52
N ILE J 22 -39.53 29.08 15.52
CA ILE J 22 -40.12 28.50 16.72
C ILE J 22 -41.39 27.73 16.35
N ARG J 23 -42.20 28.29 15.45
CA ARG J 23 -43.41 27.58 15.00
C ARG J 23 -43.08 26.30 14.24
N LEU J 24 -42.06 26.33 13.39
CA LEU J 24 -41.64 25.12 12.68
C LEU J 24 -41.09 24.07 13.65
N GLY J 25 -40.34 24.50 14.65
CA GLY J 25 -39.83 23.57 15.65
C GLY J 25 -40.94 22.94 16.48
N ARG J 26 -41.97 23.72 16.81
CA ARG J 26 -43.11 23.18 17.52
C ARG J 26 -43.91 22.22 16.64
N ALA J 27 -44.04 22.53 15.35
CA ALA J 27 -44.75 21.64 14.43
C ALA J 27 -44.00 20.32 14.24
N LEU J 28 -42.66 20.38 14.17
CA LEU J 28 -41.87 19.16 14.02
C LEU J 28 -41.87 18.31 15.30
N TYR J 29 -41.99 18.95 16.46
CA TYR J 29 -41.98 18.24 17.74
C TYR J 29 -43.30 17.54 18.04
N GLN J 30 -44.32 17.73 17.20
CA GLN J 30 -45.69 17.22 17.40
C GLN J 30 -46.27 17.65 18.74
N VAL K 10 40.87 19.04 58.12
CA VAL K 10 40.86 17.63 58.46
C VAL K 10 40.81 17.45 60.00
N PRO K 11 39.90 16.60 60.47
CA PRO K 11 39.92 16.22 61.90
C PRO K 11 41.24 15.58 62.30
N GLN K 12 41.73 15.99 63.46
CA GLN K 12 42.99 15.49 64.00
C GLN K 12 42.83 14.07 64.55
N THR K 13 43.64 13.14 64.07
CA THR K 13 43.77 11.83 64.69
C THR K 13 45.16 11.70 65.32
N VAL K 14 45.26 10.78 66.28
CA VAL K 14 46.48 10.60 67.06
C VAL K 14 47.10 9.25 66.72
N ALA K 15 48.42 9.17 66.93
CA ALA K 15 49.14 7.91 66.88
C ALA K 15 48.73 7.03 68.06
N TRP K 16 48.98 5.72 67.91
CA TRP K 16 48.60 4.76 68.93
C TRP K 16 49.35 5.00 70.24
N SER K 17 48.61 4.92 71.34
CA SER K 17 49.16 5.15 72.67
C SER K 17 48.37 4.28 73.66
N ALA K 18 48.70 4.43 74.94
CA ALA K 18 48.01 3.65 75.97
C ALA K 18 46.59 4.15 76.22
N LYS K 19 46.31 5.42 75.93
CA LYS K 19 44.93 5.91 76.02
C LYS K 19 44.05 5.27 74.96
N THR K 20 44.56 5.15 73.73
CA THR K 20 43.83 4.49 72.64
C THR K 20 43.55 3.03 72.99
N GLY K 21 44.55 2.34 73.55
CA GLY K 21 44.33 0.98 74.03
C GLY K 21 43.31 0.90 75.15
N ALA K 22 43.34 1.87 76.07
CA ALA K 22 42.39 1.87 77.19
C ALA K 22 40.94 2.04 76.70
N VAL K 23 40.71 2.97 75.76
CA VAL K 23 39.37 3.14 75.20
C VAL K 23 38.94 1.90 74.42
N MET K 24 39.84 1.31 73.62
CA MET K 24 39.47 0.13 72.86
C MET K 24 39.15 -1.07 73.75
N VAL K 25 39.95 -1.30 74.80
CA VAL K 25 39.71 -2.39 75.74
C VAL K 25 38.41 -2.18 76.50
N LEU K 26 38.15 -0.94 76.93
CA LEU K 26 36.89 -0.62 77.61
C LEU K 26 35.70 -0.86 76.68
N SER K 27 35.82 -0.46 75.41
CA SER K 27 34.74 -0.69 74.46
C SER K 27 34.49 -2.18 74.22
N ASN K 28 35.57 -2.98 74.16
CA ASN K 28 35.40 -4.42 74.02
C ASN K 28 34.72 -5.03 75.25
N ILE K 29 35.11 -4.61 76.46
CA ILE K 29 34.54 -5.24 77.65
C ILE K 29 33.07 -4.85 77.83
N LEU K 30 32.74 -3.58 77.57
CA LEU K 30 31.33 -3.16 77.57
C LEU K 30 30.52 -3.90 76.52
N CYS K 31 31.08 -4.12 75.31
CA CYS K 31 30.29 -4.81 74.30
C CYS K 31 30.14 -6.31 74.60
N ILE K 32 31.12 -6.92 75.29
CA ILE K 32 30.96 -8.32 75.71
C ILE K 32 29.85 -8.45 76.76
N VAL K 33 29.82 -7.54 77.75
CA VAL K 33 28.74 -7.59 78.74
C VAL K 33 27.38 -7.30 78.09
N ALA K 34 27.33 -6.30 77.19
CA ALA K 34 26.07 -5.98 76.53
C ALA K 34 25.57 -7.14 75.67
N GLY K 35 26.47 -7.82 74.94
CA GLY K 35 26.08 -8.99 74.19
C GLY K 35 25.67 -10.16 75.06
N ARG K 36 26.30 -10.29 76.23
CA ARG K 36 25.88 -11.27 77.23
C ARG K 36 24.45 -11.01 77.69
N TYR K 37 24.08 -9.73 77.81
CA TYR K 37 22.76 -9.39 78.34
C TYR K 37 21.63 -9.33 77.31
N VAL K 38 21.88 -8.92 76.07
CA VAL K 38 20.78 -8.52 75.19
C VAL K 38 20.51 -9.50 74.06
N ILE K 39 21.37 -10.48 73.81
CA ILE K 39 21.18 -11.40 72.71
C ILE K 39 20.12 -12.42 73.07
N GLN K 40 19.07 -12.51 72.25
CA GLN K 40 17.89 -13.29 72.60
C GLN K 40 18.07 -14.78 72.26
N VAL K 41 18.71 -15.08 71.14
CA VAL K 41 18.87 -16.46 70.68
C VAL K 41 20.35 -16.80 70.71
N LYS K 42 20.69 -17.86 71.45
CA LYS K 42 22.08 -18.23 71.66
C LYS K 42 22.31 -19.71 71.37
N GLY K 52 28.04 -19.39 85.98
CA GLY K 52 26.60 -19.40 85.83
C GLY K 52 26.10 -18.38 84.83
N SER K 53 26.56 -17.14 84.96
CA SER K 53 26.13 -16.09 84.04
C SER K 53 26.76 -16.25 82.66
N PHE K 54 27.94 -16.87 82.58
CA PHE K 54 28.66 -17.06 81.33
C PHE K 54 28.49 -18.46 80.76
N ALA K 55 27.32 -19.07 80.96
CA ALA K 55 27.04 -20.39 80.41
C ALA K 55 26.30 -20.23 79.09
N GLY K 56 26.69 -21.03 78.10
CA GLY K 56 26.25 -20.84 76.74
C GLY K 56 27.05 -19.85 75.94
N PHE K 57 28.02 -19.17 76.56
CA PHE K 57 28.88 -18.21 75.88
C PHE K 57 29.76 -18.93 74.88
N GLY K 58 29.52 -18.70 73.58
CA GLY K 58 30.19 -19.41 72.52
C GLY K 58 31.10 -18.51 71.70
N LEU K 59 31.88 -19.16 70.84
CA LEU K 59 32.77 -18.44 69.92
C LEU K 59 32.06 -17.45 68.97
N PRO K 60 30.92 -17.76 68.32
CA PRO K 60 30.27 -16.69 67.53
C PRO K 60 29.80 -15.50 68.35
N GLU K 61 29.34 -15.72 69.59
CA GLU K 61 28.93 -14.61 70.43
C GLU K 61 30.12 -13.76 70.85
N LEU K 62 31.25 -14.42 71.17
CA LEU K 62 32.47 -13.67 71.50
C LEU K 62 32.97 -12.88 70.29
N LEU K 63 32.92 -13.47 69.10
CA LEU K 63 33.34 -12.78 67.89
C LEU K 63 32.45 -11.58 67.59
N ALA K 64 31.13 -11.73 67.74
CA ALA K 64 30.19 -10.63 67.51
C ALA K 64 30.40 -9.51 68.54
N SER K 65 30.53 -9.88 69.81
CA SER K 65 30.73 -8.87 70.86
C SER K 65 32.05 -8.13 70.69
N THR K 66 33.12 -8.85 70.34
CA THR K 66 34.41 -8.19 70.17
C THR K 66 34.47 -7.39 68.88
N SER K 67 33.68 -7.78 67.87
CA SER K 67 33.56 -6.99 66.65
C SER K 67 32.84 -5.68 66.93
N LEU K 68 31.77 -5.73 67.72
CA LEU K 68 31.13 -4.50 68.16
C LEU K 68 32.06 -3.69 69.06
N GLY K 69 32.91 -4.36 69.84
CA GLY K 69 33.87 -3.64 70.67
C GLY K 69 34.89 -2.87 69.85
N HIS K 70 35.40 -3.48 68.78
CA HIS K 70 36.31 -2.77 67.87
C HIS K 70 35.58 -1.64 67.14
N ILE K 71 34.31 -1.86 66.77
CA ILE K 71 33.54 -0.82 66.07
C ILE K 71 33.31 0.38 66.99
N VAL K 72 32.90 0.12 68.24
CA VAL K 72 32.61 1.16 69.20
C VAL K 72 33.89 1.86 69.62
N GLY K 73 34.99 1.11 69.77
CA GLY K 73 36.26 1.72 70.12
C GLY K 73 36.80 2.61 69.02
N SER K 74 36.67 2.18 67.76
CA SER K 74 37.09 3.05 66.65
C SER K 74 36.25 4.32 66.59
N GLY K 75 34.93 4.20 66.74
CA GLY K 75 34.08 5.38 66.73
C GLY K 75 34.36 6.34 67.87
N ALA K 76 34.56 5.79 69.08
CA ALA K 76 34.86 6.60 70.26
C ALA K 76 36.23 7.26 70.14
N ILE K 77 37.23 6.53 69.64
CA ILE K 77 38.57 7.08 69.49
C ILE K 77 38.59 8.23 68.49
N LEU K 78 37.92 8.04 67.34
CA LEU K 78 37.82 9.14 66.37
C LEU K 78 37.04 10.33 66.91
N GLY K 79 35.97 10.10 67.66
CA GLY K 79 35.21 11.23 68.21
C GLY K 79 35.96 11.99 69.28
N LEU K 80 36.66 11.27 70.17
CA LEU K 80 37.44 11.93 71.20
C LEU K 80 38.69 12.60 70.63
N SER K 81 39.23 12.07 69.54
CA SER K 81 40.35 12.76 68.89
C SER K 81 39.88 14.01 68.16
N TYR K 82 38.67 13.99 67.61
CA TYR K 82 38.10 15.22 67.05
C TYR K 82 37.88 16.27 68.13
N VAL K 83 37.27 15.88 69.27
CA VAL K 83 36.83 16.89 70.22
C VAL K 83 37.90 17.30 71.22
N GLY K 84 39.08 16.67 71.17
CA GLY K 84 40.23 17.13 71.94
C GLY K 84 40.52 16.34 73.19
N VAL K 85 39.62 15.43 73.59
CA VAL K 85 39.86 14.62 74.79
C VAL K 85 41.01 13.66 74.56
N LEU K 86 41.26 13.28 73.31
CA LEU K 86 42.37 12.41 72.87
C LEU K 86 42.38 11.05 73.58
N ALA L 99 8.68 -40.74 3.84
CA ALA L 99 7.52 -40.87 2.97
C ALA L 99 7.70 -40.06 1.69
N ALA L 100 8.43 -38.94 1.80
CA ALA L 100 8.71 -38.07 0.66
C ALA L 100 10.16 -37.63 0.75
N VAL L 101 11.04 -38.36 0.06
CA VAL L 101 12.45 -38.02 0.00
C VAL L 101 12.63 -36.73 -0.79
N GLY L 102 13.53 -35.88 -0.33
CA GLY L 102 13.92 -34.68 -1.07
C GLY L 102 14.49 -34.98 -2.44
N PHE L 103 14.01 -34.24 -3.45
CA PHE L 103 14.45 -34.36 -4.85
C PHE L 103 14.15 -35.74 -5.43
N SER L 104 13.11 -36.41 -4.91
CA SER L 104 12.75 -37.74 -5.40
C SER L 104 12.18 -37.68 -6.81
N GLY L 105 11.47 -36.61 -7.15
CA GLY L 105 10.93 -36.44 -8.48
C GLY L 105 9.66 -37.21 -8.76
N VAL L 106 9.02 -37.78 -7.74
CA VAL L 106 7.73 -38.44 -7.90
C VAL L 106 6.66 -37.42 -7.54
N PRO L 107 5.77 -37.03 -8.47
CA PRO L 107 4.75 -36.02 -8.16
C PRO L 107 3.76 -36.45 -7.08
N SER L 108 3.43 -37.74 -7.00
CA SER L 108 2.58 -38.23 -5.92
C SER L 108 3.23 -38.09 -4.55
N GLN L 109 4.57 -38.10 -4.50
CA GLN L 109 5.25 -37.90 -3.23
C GLN L 109 5.19 -36.45 -2.77
N PHE L 110 5.02 -35.51 -3.69
CA PHE L 110 4.95 -34.09 -3.39
C PHE L 110 3.53 -33.54 -3.41
N GLY L 111 2.51 -34.39 -3.60
CA GLY L 111 1.15 -33.92 -3.72
C GLY L 111 0.84 -33.16 -4.98
N ARG L 112 1.66 -33.31 -6.01
CA ARG L 112 1.59 -32.72 -7.35
C ARG L 112 0.66 -33.54 -8.24
N PRO L 113 -0.07 -32.89 -9.15
CA PRO L 113 -0.98 -33.60 -10.06
C PRO L 113 -0.23 -34.55 -10.98
N GLU L 114 -0.58 -35.83 -10.89
CA GLU L 114 0.19 -36.90 -11.52
C GLU L 114 -0.25 -36.97 -12.99
N SER L 115 0.28 -37.92 -13.77
CA SER L 115 -0.20 -38.17 -15.12
C SER L 115 -0.87 -39.53 -15.28
N GLY L 116 -0.44 -40.54 -14.53
CA GLY L 116 -0.95 -41.89 -14.67
C GLY L 116 -0.38 -42.67 -15.84
N VAL L 117 -0.53 -42.13 -17.04
CA VAL L 117 -0.03 -42.76 -18.27
C VAL L 117 1.49 -42.59 -18.38
N TYR L 118 2.21 -43.69 -18.21
CA TYR L 118 3.66 -43.72 -18.40
C TYR L 118 4.05 -44.74 -19.46
N PRO L 119 4.45 -44.30 -20.65
CA PRO L 119 4.80 -45.26 -21.71
C PRO L 119 6.07 -46.03 -21.40
N ALA L 120 6.13 -47.26 -21.90
CA ALA L 120 7.35 -48.05 -21.85
C ALA L 120 8.40 -47.46 -22.76
N GLU L 121 9.66 -47.73 -22.45
CA GLU L 121 10.78 -47.15 -23.16
C GLU L 121 11.32 -48.15 -24.18
N PRO L 122 11.12 -47.92 -25.48
CA PRO L 122 11.65 -48.86 -26.48
C PRO L 122 13.15 -48.68 -26.67
N SER L 123 13.77 -49.71 -27.23
CA SER L 123 15.21 -49.74 -27.42
C SER L 123 15.65 -49.28 -28.81
N GLU L 124 14.72 -48.88 -29.68
CA GLU L 124 15.09 -48.52 -31.03
C GLU L 124 15.77 -47.15 -31.05
N GLN L 125 16.82 -47.04 -31.85
CA GLN L 125 17.69 -45.87 -31.85
C GLN L 125 17.76 -45.27 -33.25
N THR L 126 17.83 -43.94 -33.29
CA THR L 126 17.96 -43.18 -34.53
C THR L 126 19.29 -42.44 -34.50
N PHE L 127 19.92 -42.31 -35.68
CA PHE L 127 21.28 -41.78 -35.79
C PHE L 127 21.37 -40.36 -35.28
N LEU L 128 20.49 -39.48 -35.73
CA LEU L 128 20.49 -38.09 -35.29
C LEU L 128 19.28 -37.76 -34.44
N GLY L 129 18.54 -38.76 -33.96
CA GLY L 129 17.37 -38.55 -33.15
C GLY L 129 17.57 -39.00 -31.72
N MET L 130 16.46 -39.25 -31.03
CA MET L 130 16.53 -39.60 -29.62
C MET L 130 15.69 -40.84 -29.37
N ARG L 131 16.15 -41.67 -28.44
CA ARG L 131 15.38 -42.79 -27.93
C ARG L 131 14.16 -42.29 -27.16
N GLY L 132 13.02 -42.94 -27.38
CA GLY L 132 11.81 -42.58 -26.69
C GLY L 132 10.58 -43.15 -27.35
N PRO L 133 9.42 -42.96 -26.73
CA PRO L 133 8.17 -43.49 -27.29
C PRO L 133 7.77 -42.74 -28.56
N ARG L 134 7.42 -43.51 -29.59
CA ARG L 134 7.03 -42.98 -30.89
C ARG L 134 5.78 -43.70 -31.36
N ALA L 135 5.19 -43.16 -32.44
CA ALA L 135 4.05 -43.80 -33.07
C ALA L 135 4.47 -45.10 -33.75
N PRO L 136 3.54 -46.03 -33.97
CA PRO L 136 3.84 -47.17 -34.83
C PRO L 136 4.12 -46.72 -36.26
N GLY L 137 5.15 -47.31 -36.87
CA GLY L 137 5.58 -46.90 -38.19
C GLY L 137 6.64 -45.83 -38.21
N HIS L 138 7.00 -45.25 -37.07
CA HIS L 138 7.84 -44.06 -37.05
C HIS L 138 9.31 -44.41 -37.28
N ARG L 139 9.84 -45.35 -36.49
CA ARG L 139 11.23 -45.76 -36.63
C ARG L 139 11.50 -46.57 -37.89
N GLU L 140 10.47 -47.04 -38.58
CA GLU L 140 10.65 -47.76 -39.84
C GLU L 140 10.66 -46.84 -41.06
N ASN L 141 9.97 -45.71 -40.99
CA ASN L 141 10.07 -44.70 -42.05
C ASN L 141 11.17 -43.68 -41.78
N PHE L 142 11.41 -43.33 -40.52
CA PHE L 142 12.33 -42.25 -40.18
C PHE L 142 13.36 -42.73 -39.15
N GLY L 143 13.92 -43.92 -39.40
CA GLY L 143 15.00 -44.45 -38.61
C GLY L 143 16.35 -43.99 -39.12
N GLY L 144 17.39 -44.77 -38.79
CA GLY L 144 18.75 -44.37 -39.13
C GLY L 144 19.03 -44.30 -40.62
N LYS L 145 18.36 -45.14 -41.41
CA LYS L 145 18.55 -45.15 -42.86
C LYS L 145 18.08 -43.85 -43.49
N HIS L 146 16.86 -43.42 -43.13
CA HIS L 146 16.31 -42.18 -43.65
C HIS L 146 17.15 -40.98 -43.25
N THR L 147 17.56 -40.92 -41.99
CA THR L 147 18.34 -39.78 -41.47
C THR L 147 19.67 -39.68 -42.18
N ALA L 148 20.37 -40.81 -42.35
CA ALA L 148 21.66 -40.80 -43.03
C ALA L 148 21.49 -40.44 -44.50
N THR L 149 20.43 -40.94 -45.14
CA THR L 149 20.17 -40.62 -46.55
C THR L 149 19.89 -39.13 -46.72
N MET L 150 19.09 -38.54 -45.83
CA MET L 150 18.79 -37.11 -45.95
C MET L 150 20.00 -36.25 -45.62
N LEU L 151 20.83 -36.68 -44.66
CA LEU L 151 22.06 -35.94 -44.38
C LEU L 151 23.03 -36.00 -45.57
N ALA L 152 23.11 -37.17 -46.22
CA ALA L 152 23.92 -37.30 -47.43
C ALA L 152 23.41 -36.42 -48.56
N ILE L 153 22.09 -36.40 -48.77
CA ILE L 153 21.50 -35.60 -49.83
C ILE L 153 21.67 -34.11 -49.54
N ALA L 154 21.53 -33.71 -48.27
CA ALA L 154 21.76 -32.32 -47.89
C ALA L 154 23.21 -31.91 -48.08
N ALA L 155 24.16 -32.79 -47.74
CA ALA L 155 25.57 -32.49 -47.96
C ALA L 155 25.90 -32.43 -49.45
N LEU L 156 25.25 -33.27 -50.26
CA LEU L 156 25.43 -33.21 -51.71
C LEU L 156 24.89 -31.89 -52.28
N LEU L 157 23.69 -31.50 -51.87
CA LEU L 157 23.05 -30.30 -52.39
C LEU L 157 23.66 -29.02 -51.83
N TRP L 158 24.40 -29.12 -50.71
CA TRP L 158 25.14 -27.99 -50.19
C TRP L 158 26.18 -27.47 -51.18
N GLN L 159 26.78 -28.39 -51.95
CA GLN L 159 27.91 -28.03 -52.82
C GLN L 159 27.54 -27.04 -53.93
N PRO L 160 26.42 -27.15 -54.66
CA PRO L 160 26.04 -26.02 -55.52
C PRO L 160 25.54 -24.81 -54.74
N VAL L 161 24.96 -25.02 -53.55
CA VAL L 161 24.38 -23.92 -52.79
C VAL L 161 25.48 -23.04 -52.19
N SER L 162 26.58 -23.65 -51.75
CA SER L 162 27.69 -22.89 -51.19
C SER L 162 28.35 -21.99 -52.23
N GLU L 163 28.60 -22.52 -53.42
CA GLU L 163 29.11 -21.72 -54.53
C GLU L 163 27.96 -21.24 -55.41
N ALA L 164 27.11 -20.40 -54.82
CA ALA L 164 25.96 -19.85 -55.53
C ALA L 164 26.36 -18.56 -56.24
N GLY L 165 26.05 -18.47 -57.52
CA GLY L 165 26.22 -17.23 -58.24
C GLY L 165 26.06 -17.45 -59.73
N MET L 166 25.92 -16.33 -60.44
CA MET L 166 25.93 -16.32 -61.89
C MET L 166 27.38 -16.24 -62.37
N TYR L 167 27.88 -17.35 -62.91
CA TYR L 167 29.20 -17.42 -63.49
C TYR L 167 29.09 -17.13 -64.99
N ARG L 168 29.81 -16.12 -65.46
CA ARG L 168 29.73 -15.67 -66.85
C ARG L 168 31.11 -15.72 -67.49
N MET L 169 31.20 -16.36 -68.65
CA MET L 169 32.44 -16.40 -69.41
C MET L 169 32.72 -15.08 -70.10
N GLN L 170 33.99 -14.66 -70.03
CA GLN L 170 34.47 -13.48 -70.72
C GLN L 170 35.16 -13.89 -72.02
N GLY L 171 35.73 -12.90 -72.72
CA GLY L 171 36.32 -13.16 -74.02
C GLY L 171 37.55 -14.04 -73.96
N ASP L 172 38.34 -13.91 -72.89
CA ASP L 172 39.55 -14.71 -72.71
C ASP L 172 39.27 -16.08 -72.12
N GLY L 173 38.00 -16.47 -71.96
CA GLY L 173 37.66 -17.75 -71.39
C GLY L 173 37.60 -17.81 -69.88
N SER L 174 37.96 -16.72 -69.20
CA SER L 174 37.89 -16.67 -67.75
C SER L 174 36.43 -16.51 -67.30
N LEU L 175 36.20 -16.77 -66.01
CA LEU L 175 34.87 -16.71 -65.42
C LEU L 175 34.78 -15.55 -64.44
N THR L 176 33.70 -14.80 -64.53
CA THR L 176 33.36 -13.76 -63.56
C THR L 176 32.12 -14.20 -62.78
N LYS L 177 32.27 -14.33 -61.46
CA LYS L 177 31.17 -14.72 -60.60
C LYS L 177 30.51 -13.47 -60.03
N THR L 178 29.21 -13.33 -60.27
CA THR L 178 28.44 -12.20 -59.78
C THR L 178 27.19 -12.69 -59.07
N SER L 179 26.75 -11.92 -58.08
CA SER L 179 25.72 -12.33 -57.14
C SER L 179 24.35 -12.46 -57.80
N PHE L 180 23.55 -13.41 -57.30
CA PHE L 180 22.16 -13.56 -57.73
C PHE L 180 21.28 -12.36 -57.41
N ASN L 181 21.72 -11.46 -56.52
CA ASN L 181 20.94 -10.27 -56.18
C ASN L 181 20.72 -9.32 -57.36
N GLU L 182 21.57 -9.41 -58.39
CA GLU L 182 21.41 -8.61 -59.61
C GLU L 182 20.58 -9.31 -60.69
N PHE L 183 20.20 -10.57 -60.48
CA PHE L 183 19.28 -11.25 -61.39
C PHE L 183 17.92 -10.55 -61.40
N GLU L 184 17.58 -9.94 -62.53
CA GLU L 184 16.37 -9.16 -62.69
C GLU L 184 15.32 -9.95 -63.46
N VAL L 185 14.06 -9.71 -63.13
CA VAL L 185 12.94 -10.41 -63.76
C VAL L 185 12.10 -9.40 -64.52
N PRO L 186 11.44 -9.79 -65.62
CA PRO L 186 10.69 -8.81 -66.41
C PRO L 186 9.32 -8.48 -65.88
N GLY L 187 8.69 -9.40 -65.13
CA GLY L 187 7.25 -9.34 -64.98
C GLY L 187 6.66 -9.34 -63.59
N PHE L 188 7.31 -8.71 -62.62
CA PHE L 188 6.72 -8.51 -61.30
C PHE L 188 6.76 -7.04 -60.90
N GLY L 189 6.40 -6.17 -61.85
CA GLY L 189 6.16 -4.76 -61.54
C GLY L 189 7.42 -4.01 -61.17
N ASN L 190 7.37 -3.29 -60.05
CA ASN L 190 8.49 -2.51 -59.56
C ASN L 190 9.49 -3.33 -58.77
N ALA L 191 9.25 -4.62 -58.58
CA ALA L 191 10.18 -5.50 -57.87
C ALA L 191 11.04 -6.23 -58.90
N LYS L 192 12.02 -5.50 -59.44
CA LYS L 192 12.94 -6.10 -60.39
C LYS L 192 13.89 -7.07 -59.68
N LYS L 193 14.46 -6.64 -58.56
CA LYS L 193 15.24 -7.54 -57.72
C LYS L 193 14.31 -8.40 -56.87
N VAL L 194 14.60 -9.69 -56.81
CA VAL L 194 13.72 -10.68 -56.18
C VAL L 194 14.57 -11.53 -55.24
N PRO L 195 13.94 -12.16 -54.24
CA PRO L 195 14.67 -13.13 -53.42
C PRO L 195 15.12 -14.34 -54.23
N THR L 196 16.33 -14.78 -53.95
CA THR L 196 16.98 -15.87 -54.69
C THR L 196 17.48 -16.93 -53.73
N ILE L 197 18.23 -17.91 -54.24
CA ILE L 197 18.84 -18.92 -53.39
C ILE L 197 19.88 -18.29 -52.45
N GLU L 198 20.52 -17.18 -52.87
CA GLU L 198 21.46 -16.50 -52.00
C GLU L 198 20.79 -15.70 -50.90
N SER L 199 19.48 -15.44 -51.02
CA SER L 199 18.73 -14.85 -49.91
C SER L 199 18.63 -15.82 -48.74
N LEU L 200 18.44 -17.11 -49.03
CA LEU L 200 18.32 -18.12 -47.99
C LEU L 200 19.68 -18.46 -47.39
N PHE L 201 20.75 -18.29 -48.16
CA PHE L 201 22.10 -18.64 -47.74
C PHE L 201 23.03 -17.45 -48.03
N PRO L 202 22.93 -16.37 -47.23
CA PRO L 202 23.71 -15.15 -47.51
C PRO L 202 25.13 -15.19 -46.93
N PHE L 203 26.00 -15.92 -47.63
CA PHE L 203 27.39 -16.04 -47.21
C PHE L 203 28.13 -14.71 -47.35
N SER L 204 27.94 -14.02 -48.47
CA SER L 204 28.66 -12.78 -48.74
C SER L 204 28.21 -11.63 -47.86
N SER L 205 26.98 -11.68 -47.33
CA SER L 205 26.51 -10.63 -46.44
C SER L 205 27.31 -10.58 -45.14
N LYS L 206 27.75 -11.74 -44.65
CA LYS L 206 28.54 -11.82 -43.42
C LYS L 206 30.03 -11.82 -43.69
N GLY L 207 30.45 -11.68 -44.95
CA GLY L 207 31.86 -11.77 -45.29
C GLY L 207 32.41 -13.17 -45.16
N PHE L 208 31.57 -14.18 -45.30
CA PHE L 208 31.98 -15.58 -45.11
C PHE L 208 32.29 -16.20 -46.47
N ASP L 209 33.55 -16.60 -46.65
CA ASP L 209 34.01 -17.21 -47.89
C ASP L 209 33.60 -18.68 -47.83
N ALA L 210 32.40 -18.97 -48.31
CA ALA L 210 31.91 -20.33 -48.28
C ALA L 210 32.60 -21.20 -49.32
N SER L 211 32.64 -22.50 -49.05
CA SER L 211 33.23 -23.50 -49.93
C SER L 211 32.30 -24.70 -49.94
N PRO L 212 32.47 -25.62 -50.90
CA PRO L 212 31.68 -26.86 -50.87
C PRO L 212 31.94 -27.76 -49.66
N VAL L 213 33.01 -27.56 -48.88
CA VAL L 213 33.12 -28.22 -47.58
C VAL L 213 33.12 -27.19 -46.47
N LEU L 214 32.67 -25.97 -46.79
CA LEU L 214 32.20 -24.90 -45.93
C LEU L 214 33.33 -24.19 -45.19
N PHE L 215 34.57 -24.68 -45.29
CA PHE L 215 35.74 -23.87 -44.98
C PHE L 215 36.38 -23.37 -46.27
N GLY L 216 36.54 -22.06 -46.41
CA GLY L 216 37.05 -21.48 -47.63
C GLY L 216 38.52 -21.08 -47.53
N LYS L 217 39.02 -20.54 -48.65
CA LYS L 217 40.37 -19.98 -48.67
C LYS L 217 40.50 -18.79 -47.74
N ASN L 218 39.55 -17.86 -47.82
CA ASN L 218 39.48 -16.73 -46.91
C ASN L 218 38.67 -17.02 -45.65
N SER L 219 38.30 -18.27 -45.43
CA SER L 219 37.62 -18.69 -44.21
C SER L 219 38.24 -19.98 -43.69
N MET L 220 39.56 -20.06 -43.73
CA MET L 220 40.25 -21.27 -43.34
C MET L 220 40.29 -21.38 -41.81
N ILE L 221 40.23 -22.61 -41.31
CA ILE L 221 40.44 -22.86 -39.89
C ILE L 221 41.86 -22.50 -39.53
N VAL L 222 42.03 -21.68 -38.49
CA VAL L 222 43.34 -21.19 -38.10
C VAL L 222 43.93 -22.13 -37.06
N VAL L 223 45.08 -22.70 -37.38
CA VAL L 223 45.81 -23.60 -36.48
C VAL L 223 47.17 -22.97 -36.22
N GLU L 224 47.55 -22.87 -34.95
CA GLU L 224 48.85 -22.34 -34.57
C GLU L 224 49.38 -23.16 -33.41
N ASP L 225 50.68 -23.42 -33.43
CA ASP L 225 51.29 -24.28 -32.45
C ASP L 225 51.50 -23.48 -31.16
N PRO L 226 50.92 -23.90 -30.04
CA PRO L 226 51.08 -23.12 -28.79
C PRO L 226 52.40 -23.34 -28.08
N ARG L 227 53.22 -24.31 -28.49
CA ARG L 227 54.47 -24.60 -27.80
C ARG L 227 55.59 -23.62 -28.13
N ASP L 228 55.38 -22.73 -29.10
CA ASP L 228 56.27 -21.60 -29.42
C ASP L 228 57.65 -22.05 -29.91
N GLY L 229 57.78 -23.29 -30.38
CA GLY L 229 59.04 -23.74 -30.94
C GLY L 229 60.15 -23.97 -29.93
N CYS L 230 59.82 -24.19 -28.67
CA CYS L 230 60.79 -24.52 -27.63
C CYS L 230 60.46 -25.90 -27.06
N GLY L 231 61.20 -26.31 -26.03
CA GLY L 231 61.09 -27.63 -25.47
C GLY L 231 60.40 -27.67 -24.12
N ALA L 232 60.29 -28.89 -23.59
CA ALA L 232 59.69 -29.08 -22.28
C ALA L 232 60.62 -28.61 -21.15
N TYR L 233 61.93 -28.81 -21.31
CA TYR L 233 62.87 -28.51 -20.24
C TYR L 233 64.18 -28.05 -20.85
N ALA L 234 64.98 -27.37 -20.01
CA ALA L 234 66.33 -26.89 -20.35
C ALA L 234 66.30 -25.92 -21.53
N ASN L 235 65.48 -24.88 -21.38
CA ASN L 235 65.34 -23.84 -22.39
C ASN L 235 66.01 -22.56 -21.90
N SER L 236 66.78 -21.93 -22.78
CA SER L 236 67.43 -20.65 -22.50
C SER L 236 66.95 -19.63 -23.52
N GLY L 237 66.10 -18.71 -23.07
CA GLY L 237 65.51 -17.74 -23.98
C GLY L 237 64.21 -17.16 -23.46
N SER L 238 63.18 -17.16 -24.31
CA SER L 238 61.85 -16.68 -23.96
C SER L 238 60.90 -17.81 -23.59
N CYS L 239 61.45 -18.97 -23.21
CA CYS L 239 60.68 -20.17 -22.92
C CYS L 239 61.02 -20.63 -21.52
N HIS L 240 60.14 -20.34 -20.56
CA HIS L 240 60.28 -20.78 -19.17
C HIS L 240 59.06 -21.64 -18.84
N THR L 241 59.22 -22.96 -18.95
CA THR L 241 58.12 -23.89 -18.74
C THR L 241 57.91 -24.14 -17.25
N PHE L 242 56.89 -24.93 -16.94
CA PHE L 242 56.62 -25.32 -15.56
C PHE L 242 57.72 -26.22 -15.01
N LEU L 243 58.27 -27.10 -15.86
CA LEU L 243 59.39 -27.95 -15.45
C LEU L 243 60.63 -27.12 -15.15
N ASP L 244 60.89 -26.07 -15.94
CA ASP L 244 62.01 -25.18 -15.66
C ASP L 244 61.81 -24.43 -14.34
N GLU L 245 60.58 -24.04 -14.04
CA GLU L 245 60.28 -23.39 -12.77
C GLU L 245 60.49 -24.35 -11.60
N ILE L 246 60.08 -25.61 -11.75
CA ILE L 246 60.34 -26.63 -10.73
C ILE L 246 61.84 -26.82 -10.53
N GLY L 247 62.58 -26.93 -11.64
CA GLY L 247 64.02 -27.16 -11.55
C GLY L 247 64.76 -26.01 -10.91
N ASP L 248 64.39 -24.78 -11.26
CA ASP L 248 64.97 -23.61 -10.59
C ASP L 248 64.55 -23.53 -9.13
N ALA L 249 63.33 -23.98 -8.79
CA ALA L 249 62.91 -23.99 -7.39
C ALA L 249 63.74 -24.97 -6.56
N LEU L 250 64.06 -26.14 -7.11
CA LEU L 250 65.01 -27.02 -6.41
C LEU L 250 66.44 -26.49 -6.45
N LYS L 251 66.84 -25.84 -7.54
CA LYS L 251 68.23 -25.40 -7.71
C LYS L 251 68.29 -23.90 -7.45
N ALA L 252 68.50 -23.54 -6.18
CA ALA L 252 68.59 -22.14 -5.79
C ALA L 252 69.55 -21.95 -4.62
N ASP M 42 39.19 -47.34 43.90
CA ASP M 42 39.04 -46.54 45.12
C ASP M 42 39.67 -45.16 44.90
N PHE M 43 40.99 -45.10 44.95
CA PHE M 43 41.73 -43.87 44.73
C PHE M 43 42.37 -43.87 43.35
N SER M 44 42.79 -42.68 42.92
CA SER M 44 43.49 -42.54 41.65
C SER M 44 44.88 -43.18 41.71
N ALA M 45 45.27 -43.80 40.59
CA ALA M 45 46.55 -44.48 40.53
C ALA M 45 47.73 -43.51 40.53
N ALA M 46 47.56 -42.33 39.94
CA ALA M 46 48.67 -41.38 39.83
C ALA M 46 48.80 -40.53 41.08
N VAL M 47 47.71 -39.93 41.52
CA VAL M 47 47.69 -39.05 42.69
C VAL M 47 47.04 -39.83 43.84
N PRO M 48 47.84 -40.43 44.74
CA PRO M 48 47.27 -41.37 45.72
C PRO M 48 46.34 -40.73 46.75
N PHE M 49 46.38 -39.41 46.94
CA PHE M 49 45.49 -38.77 47.91
C PHE M 49 44.23 -38.22 47.27
N LEU M 50 44.08 -38.31 45.94
CA LEU M 50 42.85 -37.94 45.26
C LEU M 50 42.04 -39.20 44.98
N LYS M 51 40.71 -39.09 45.05
CA LYS M 51 39.86 -40.20 44.67
C LYS M 51 39.89 -40.38 43.16
N ARG M 52 39.67 -41.62 42.72
CA ARG M 52 39.59 -41.90 41.28
C ARG M 52 38.35 -41.25 40.70
N PRO M 53 38.49 -40.46 39.62
CA PRO M 53 37.31 -39.91 38.93
C PRO M 53 36.43 -41.02 38.38
N THR M 54 35.12 -40.91 38.66
CA THR M 54 34.16 -41.99 38.41
C THR M 54 34.06 -42.31 36.91
N ASN M 55 34.21 -41.32 36.04
CA ASN M 55 34.17 -41.58 34.62
C ASN M 55 35.52 -42.02 34.06
N LEU M 56 36.59 -42.00 34.87
CA LEU M 56 37.88 -42.53 34.46
C LEU M 56 38.00 -43.96 34.99
N ASP M 57 37.43 -44.90 34.25
CA ASP M 57 37.43 -46.30 34.64
C ASP M 57 38.50 -47.12 33.93
N GLY M 58 39.34 -46.49 33.11
CA GLY M 58 40.40 -47.19 32.42
C GLY M 58 40.06 -47.70 31.04
N GLN M 59 38.96 -47.23 30.44
CA GLN M 59 38.62 -47.64 29.08
C GLN M 59 39.48 -46.96 28.04
N TYR M 60 40.08 -45.82 28.36
CA TYR M 60 40.95 -45.09 27.46
C TYR M 60 42.39 -45.32 27.88
N ILE M 61 43.24 -45.70 26.91
CA ILE M 61 44.61 -46.07 27.22
C ILE M 61 45.38 -44.84 27.67
N GLY M 62 46.15 -44.97 28.75
CA GLY M 62 46.82 -43.87 29.38
C GLY M 62 46.09 -43.28 30.56
N ASP M 63 45.03 -43.93 31.05
CA ASP M 63 44.24 -43.41 32.15
C ASP M 63 44.95 -43.72 33.47
N VAL M 64 45.30 -42.67 34.21
CA VAL M 64 45.87 -42.81 35.54
C VAL M 64 45.02 -42.06 36.57
N GLY M 65 43.78 -41.75 36.23
CA GLY M 65 42.86 -41.09 37.13
C GLY M 65 43.21 -39.67 37.50
N PHE M 66 43.79 -38.92 36.57
CA PHE M 66 44.19 -37.54 36.85
C PHE M 66 43.17 -36.60 36.21
N ASP M 67 42.27 -36.08 37.04
CA ASP M 67 41.30 -35.05 36.67
C ASP M 67 40.81 -34.35 37.94
N PRO M 68 41.64 -33.54 38.59
CA PRO M 68 41.24 -32.95 39.88
C PRO M 68 40.14 -31.92 39.76
N LEU M 69 40.04 -31.21 38.63
CA LEU M 69 39.01 -30.20 38.44
C LEU M 69 37.66 -30.79 38.09
N GLY M 70 37.59 -32.10 37.81
CA GLY M 70 36.35 -32.73 37.43
C GLY M 70 35.83 -32.31 36.06
N PHE M 71 36.73 -32.22 35.07
CA PHE M 71 36.29 -31.91 33.71
C PHE M 71 35.51 -33.07 33.10
N SER M 72 35.87 -34.31 33.42
CA SER M 72 35.15 -35.48 32.93
C SER M 72 33.82 -35.69 33.64
N ASP M 73 33.56 -34.98 34.74
CA ASP M 73 32.30 -35.12 35.46
C ASP M 73 31.17 -34.36 34.80
N VAL M 74 31.47 -33.34 34.00
CA VAL M 74 30.46 -32.52 33.34
C VAL M 74 30.49 -32.71 31.82
N PHE M 75 31.67 -32.84 31.21
CA PHE M 75 31.80 -32.89 29.77
C PHE M 75 31.98 -34.32 29.29
N ASP M 76 31.61 -34.54 28.03
CA ASP M 76 31.71 -35.85 27.41
C ASP M 76 33.18 -36.22 27.20
N LEU M 77 33.55 -37.43 27.62
CA LEU M 77 34.95 -37.85 27.59
C LEU M 77 35.43 -38.16 26.19
N ARG M 78 34.52 -38.52 25.28
CA ARG M 78 34.87 -38.72 23.87
C ARG M 78 35.35 -37.41 23.24
N VAL M 79 34.63 -36.32 23.50
CA VAL M 79 35.02 -35.00 23.01
C VAL M 79 36.37 -34.58 23.61
N LEU M 80 36.55 -34.84 24.90
CA LEU M 80 37.79 -34.49 25.57
C LEU M 80 38.98 -35.28 25.02
N ARG M 81 38.76 -36.57 24.70
CA ARG M 81 39.85 -37.37 24.16
C ARG M 81 40.17 -36.98 22.71
N GLU M 82 39.14 -36.63 21.93
CA GLU M 82 39.39 -36.11 20.59
C GLU M 82 40.17 -34.80 20.64
N ALA M 83 39.81 -33.92 21.57
CA ALA M 83 40.53 -32.66 21.75
C ALA M 83 41.97 -32.88 22.21
N GLU M 84 42.16 -33.82 23.14
CA GLU M 84 43.50 -34.15 23.65
C GLU M 84 44.39 -34.67 22.53
N LEU M 85 43.87 -35.60 21.73
CA LEU M 85 44.69 -36.20 20.67
C LEU M 85 44.96 -35.21 19.54
N LYS M 86 43.98 -34.36 19.21
CA LYS M 86 44.21 -33.35 18.17
C LYS M 86 45.24 -32.31 18.61
N HIS M 87 45.10 -31.79 19.84
CA HIS M 87 46.09 -30.86 20.40
C HIS M 87 47.48 -31.52 20.47
N GLY M 88 47.53 -32.78 20.89
CA GLY M 88 48.81 -33.45 21.02
C GLY M 88 49.49 -33.73 19.69
N ARG M 89 48.71 -34.14 18.67
CA ARG M 89 49.29 -34.37 17.35
C ARG M 89 49.77 -33.06 16.72
N PHE M 90 49.01 -31.98 16.92
CA PHE M 90 49.45 -30.65 16.50
C PHE M 90 50.76 -30.27 17.17
N ALA M 91 50.89 -30.57 18.47
CA ALA M 91 52.10 -30.23 19.20
C ALA M 91 53.29 -31.09 18.79
N MET M 92 53.06 -32.37 18.46
CA MET M 92 54.14 -33.23 18.00
C MET M 92 54.69 -32.75 16.67
N LEU M 93 53.78 -32.45 15.73
CA LEU M 93 54.18 -31.91 14.44
C LEU M 93 54.85 -30.55 14.58
N ALA M 94 54.40 -29.75 15.54
CA ALA M 94 54.99 -28.44 15.79
C ALA M 94 56.42 -28.56 16.34
N THR M 95 56.66 -29.49 17.26
CA THR M 95 57.99 -29.67 17.82
C THR M 95 58.95 -30.23 16.78
N LEU M 96 58.49 -31.21 16.00
CA LEU M 96 59.32 -31.74 14.91
C LEU M 96 59.60 -30.66 13.87
N GLY M 97 58.62 -29.78 13.60
CA GLY M 97 58.87 -28.66 12.71
C GLY M 97 59.89 -27.67 13.26
N PHE M 98 59.83 -27.39 14.57
CA PHE M 98 60.85 -26.53 15.18
C PHE M 98 62.25 -27.12 15.10
N ILE M 99 62.37 -28.45 15.16
CA ILE M 99 63.71 -29.01 15.03
C ILE M 99 64.16 -29.01 13.57
N VAL M 100 63.36 -29.58 12.68
CA VAL M 100 63.78 -29.80 11.29
C VAL M 100 63.86 -28.48 10.53
N GLN M 101 62.85 -27.63 10.69
CA GLN M 101 62.72 -26.37 9.95
C GLN M 101 63.84 -25.38 10.28
N GLU M 102 64.59 -25.60 11.36
CA GLU M 102 65.84 -24.88 11.58
C GLU M 102 67.05 -25.70 11.18
N LEU M 103 66.97 -27.04 11.23
CA LEU M 103 68.04 -27.85 10.64
C LEU M 103 68.08 -27.69 9.12
N TYR M 104 66.93 -27.72 8.47
CA TYR M 104 66.87 -27.59 7.02
C TYR M 104 65.79 -26.59 6.64
N THR M 105 66.02 -25.90 5.52
CA THR M 105 65.08 -24.93 4.96
C THR M 105 65.03 -25.14 3.46
N PHE M 106 63.83 -25.11 2.89
CA PHE M 106 63.66 -25.31 1.45
C PHE M 106 64.34 -24.18 0.67
N PRO M 107 64.99 -24.50 -0.45
CA PRO M 107 65.67 -23.45 -1.24
C PRO M 107 64.73 -22.39 -1.82
N PHE M 108 63.46 -22.72 -2.07
CA PHE M 108 62.53 -21.76 -2.66
C PHE M 108 61.86 -20.86 -1.63
N PHE M 109 62.36 -20.83 -0.40
CA PHE M 109 61.88 -19.92 0.63
C PHE M 109 63.05 -19.19 1.26
N PRO M 110 62.84 -17.95 1.71
CA PRO M 110 63.88 -17.28 2.50
C PRO M 110 64.01 -17.88 3.88
N LYS M 111 65.17 -17.65 4.48
CA LYS M 111 65.48 -18.19 5.80
C LYS M 111 65.04 -17.21 6.89
N MET M 112 64.33 -17.73 7.89
CA MET M 112 63.97 -16.97 9.09
C MET M 112 63.55 -17.95 10.18
N ALA M 113 63.33 -17.40 11.37
CA ALA M 113 62.89 -18.19 12.51
C ALA M 113 61.41 -18.55 12.35
N PRO M 114 60.96 -19.66 12.95
CA PRO M 114 59.57 -20.11 12.75
C PRO M 114 58.52 -19.14 13.30
N VAL M 115 58.83 -18.44 14.40
CA VAL M 115 57.88 -17.48 14.94
C VAL M 115 57.73 -16.29 13.99
N ASP M 116 58.86 -15.80 13.45
CA ASP M 116 58.77 -14.82 12.38
C ASP M 116 58.25 -15.42 11.08
N ALA M 117 58.39 -16.74 10.90
CA ALA M 117 57.83 -17.38 9.71
C ALA M 117 56.31 -17.35 9.71
N HIS M 118 55.68 -17.43 10.89
CA HIS M 118 54.22 -17.27 10.95
C HIS M 118 53.80 -15.92 10.39
N ASP M 119 54.42 -14.84 10.87
CA ASP M 119 54.09 -13.49 10.41
C ASP M 119 54.46 -13.28 8.95
N TYR M 120 55.52 -13.92 8.47
CA TYR M 120 55.90 -13.80 7.06
C TYR M 120 54.90 -14.51 6.16
N PHE M 121 54.52 -15.74 6.50
CA PHE M 121 53.59 -16.51 5.69
C PHE M 121 52.15 -16.08 5.85
N VAL M 122 51.83 -15.22 6.84
CA VAL M 122 50.56 -14.50 6.79
C VAL M 122 50.49 -13.63 5.53
N LYS M 123 51.58 -12.91 5.25
CA LYS M 123 51.55 -11.94 4.17
C LYS M 123 51.90 -12.53 2.81
N GLN M 124 52.78 -13.54 2.76
CA GLN M 124 53.09 -14.16 1.48
C GLN M 124 51.89 -14.97 0.95
N GLY M 125 51.18 -15.65 1.84
CA GLY M 125 50.00 -16.41 1.48
C GLY M 125 50.08 -17.92 1.72
N GLY M 126 51.24 -18.46 2.06
CA GLY M 126 51.32 -19.90 2.35
C GLY M 126 50.57 -20.31 3.59
N GLY M 127 50.56 -19.44 4.60
CA GLY M 127 49.81 -19.73 5.82
C GLY M 127 48.31 -19.81 5.59
N SER M 128 47.80 -18.98 4.68
CA SER M 128 46.40 -19.07 4.28
C SER M 128 46.10 -20.40 3.61
N GLN M 129 47.04 -20.91 2.80
CA GLN M 129 46.88 -22.21 2.16
C GLN M 129 46.85 -23.33 3.20
N ILE M 130 47.76 -23.26 4.18
CA ILE M 130 47.81 -24.29 5.21
C ILE M 130 46.56 -24.26 6.08
N ILE M 131 46.09 -23.06 6.44
CA ILE M 131 44.86 -22.92 7.21
C ILE M 131 43.66 -23.44 6.44
N PHE M 132 43.60 -23.17 5.13
CA PHE M 132 42.52 -23.65 4.29
C PHE M 132 42.49 -25.18 4.22
N TRP M 133 43.66 -25.80 4.04
CA TRP M 133 43.67 -27.26 3.94
C TRP M 133 43.41 -27.93 5.28
N ILE M 134 43.88 -27.33 6.38
CA ILE M 134 43.56 -27.84 7.72
C ILE M 134 42.06 -27.75 7.98
N SER M 135 41.43 -26.63 7.57
CA SER M 135 39.97 -26.49 7.69
C SER M 135 39.24 -27.53 6.84
N PHE M 136 39.73 -27.78 5.63
CA PHE M 136 39.12 -28.79 4.75
C PHE M 136 39.17 -30.17 5.38
N VAL M 137 40.31 -30.56 5.96
CA VAL M 137 40.36 -31.82 6.70
C VAL M 137 39.50 -31.77 7.95
N GLU M 138 39.42 -30.61 8.62
CA GLU M 138 38.64 -30.48 9.85
C GLU M 138 37.13 -30.58 9.62
N LEU M 139 36.64 -30.33 8.41
CA LEU M 139 35.23 -30.60 8.13
C LEU M 139 34.91 -32.09 8.27
N PHE M 140 35.78 -32.94 7.70
CA PHE M 140 35.60 -34.37 7.90
C PHE M 140 35.98 -34.78 9.31
N GLY M 141 36.79 -33.98 10.00
CA GLY M 141 36.97 -34.17 11.43
C GLY M 141 35.71 -33.91 12.23
N VAL M 142 34.93 -32.91 11.81
CA VAL M 142 33.60 -32.67 12.40
C VAL M 142 32.70 -33.86 12.19
N VAL M 143 32.71 -34.41 10.97
CA VAL M 143 31.91 -35.61 10.69
C VAL M 143 32.37 -36.80 11.52
N ALA M 144 33.69 -36.97 11.66
CA ALA M 144 34.24 -38.04 12.48
C ALA M 144 33.88 -37.87 13.96
N LEU M 145 33.87 -36.64 14.44
CA LEU M 145 33.47 -36.39 15.82
C LEU M 145 31.98 -36.69 16.03
N PHE M 146 31.14 -36.34 15.06
CA PHE M 146 29.73 -36.71 15.13
C PHE M 146 29.54 -38.23 15.11
N GLU M 147 30.37 -38.95 14.36
CA GLU M 147 30.34 -40.41 14.40
C GLU M 147 30.83 -40.94 15.75
N THR M 148 31.80 -40.26 16.35
CA THR M 148 32.30 -40.64 17.67
C THR M 148 31.23 -40.48 18.74
N LEU M 149 30.47 -39.37 18.67
CA LEU M 149 29.42 -39.09 19.66
C LEU M 149 28.29 -40.11 19.63
N GLN M 150 28.09 -40.81 18.52
CA GLN M 150 27.13 -41.90 18.46
C GLN M 150 27.70 -43.23 18.95
N GLY M 151 28.98 -43.26 19.30
CA GLY M 151 29.63 -44.47 19.77
C GLY M 151 30.06 -45.43 18.69
N LYS M 152 30.02 -45.01 17.43
CA LYS M 152 30.39 -45.85 16.30
C LYS M 152 31.83 -45.67 15.86
N ARG M 153 32.59 -44.83 16.57
CA ARG M 153 33.97 -44.53 16.22
C ARG M 153 34.73 -44.19 17.49
N GLU M 154 35.94 -44.72 17.60
CA GLU M 154 36.79 -44.42 18.75
C GLU M 154 37.22 -42.96 18.71
N PRO M 155 37.43 -42.34 19.89
CA PRO M 155 37.86 -40.94 19.93
C PRO M 155 39.26 -40.66 19.39
N GLY M 156 40.00 -41.66 18.90
CA GLY M 156 41.26 -41.38 18.25
C GLY M 156 41.46 -42.13 16.94
N ASP M 157 40.49 -42.96 16.57
CA ASP M 157 40.58 -43.77 15.36
C ASP M 157 40.22 -42.94 14.14
N PHE M 158 41.21 -42.58 13.33
CA PHE M 158 40.98 -42.06 11.99
C PHE M 158 41.26 -43.11 10.91
N ALA M 159 41.49 -44.36 11.31
CA ALA M 159 41.73 -45.51 10.40
C ALA M 159 42.88 -45.25 9.42
N PHE M 160 43.91 -44.57 9.90
CA PHE M 160 45.06 -44.17 9.08
C PHE M 160 46.27 -45.01 9.48
N ASP M 161 46.47 -46.13 8.77
CA ASP M 161 47.64 -46.98 8.96
C ASP M 161 48.08 -47.56 7.62
N PRO M 162 48.60 -46.74 6.71
CA PRO M 162 49.00 -47.28 5.40
C PRO M 162 50.29 -48.09 5.45
N LEU M 163 51.15 -47.87 6.44
CA LEU M 163 52.35 -48.67 6.59
C LEU M 163 52.16 -49.88 7.48
N GLY M 164 50.95 -50.12 7.99
CA GLY M 164 50.61 -51.36 8.68
C GLY M 164 51.42 -51.63 9.93
N LEU M 165 51.72 -50.60 10.72
CA LEU M 165 52.70 -50.73 11.78
C LEU M 165 52.17 -51.51 12.99
N ALA M 166 50.85 -51.45 13.24
CA ALA M 166 50.23 -52.24 14.29
C ALA M 166 49.61 -53.48 13.66
N LYS M 167 50.23 -54.64 13.88
CA LYS M 167 49.73 -55.88 13.29
C LYS M 167 48.58 -56.45 14.11
N ASP M 168 48.83 -56.76 15.38
CA ASP M 168 47.85 -57.34 16.30
C ASP M 168 47.49 -56.32 17.38
N GLU M 169 46.66 -56.78 18.33
CA GLU M 169 46.06 -55.91 19.34
C GLU M 169 47.12 -55.27 20.25
N ALA M 170 47.93 -56.09 20.93
CA ALA M 170 48.83 -55.64 21.99
C ALA M 170 49.79 -54.53 21.54
N THR M 171 50.35 -54.64 20.34
CA THR M 171 51.21 -53.58 19.82
C THR M 171 50.41 -52.28 19.64
N LEU M 172 49.14 -52.39 19.23
CA LEU M 172 48.31 -51.21 19.04
C LEU M 172 47.99 -50.55 20.38
N GLU M 173 47.66 -51.35 21.41
CA GLU M 173 47.51 -50.83 22.78
C GLU M 173 48.77 -50.12 23.26
N ARG M 174 49.93 -50.72 23.02
CA ARG M 174 51.22 -50.14 23.38
C ARG M 174 51.45 -48.82 22.65
N TYR M 175 51.14 -48.80 21.35
CA TYR M 175 51.34 -47.60 20.55
C TYR M 175 50.33 -46.52 20.91
N ARG M 176 49.15 -46.89 21.43
CA ARG M 176 48.24 -45.88 21.99
C ARG M 176 48.82 -45.25 23.24
N LEU M 177 49.38 -46.07 24.14
CA LEU M 177 50.00 -45.51 25.34
C LEU M 177 51.19 -44.62 25.00
N ALA M 178 51.99 -45.05 24.03
CA ALA M 178 53.12 -44.24 23.56
C ALA M 178 52.67 -42.94 22.92
N GLU M 179 51.58 -43.00 22.12
CA GLU M 179 51.07 -41.81 21.45
C GLU M 179 50.51 -40.81 22.45
N VAL M 180 49.76 -41.29 23.45
CA VAL M 180 49.20 -40.40 24.46
C VAL M 180 50.31 -39.74 25.29
N LYS M 181 51.32 -40.53 25.69
CA LYS M 181 52.41 -39.97 26.48
C LYS M 181 53.23 -38.96 25.68
N HIS M 182 53.56 -39.29 24.42
CA HIS M 182 54.24 -38.35 23.55
C HIS M 182 53.39 -37.12 23.25
N ALA M 183 52.07 -37.28 23.18
CA ALA M 183 51.17 -36.16 22.95
C ALA M 183 51.26 -35.16 24.09
N ARG M 184 51.14 -35.64 25.33
CA ARG M 184 51.24 -34.77 26.51
C ARG M 184 52.61 -34.13 26.61
N LEU M 185 53.67 -34.93 26.37
CA LEU M 185 55.04 -34.42 26.39
C LEU M 185 55.25 -33.33 25.35
N ALA M 186 54.78 -33.55 24.12
CA ALA M 186 54.93 -32.55 23.08
C ALA M 186 54.05 -31.32 23.30
N MET M 187 52.90 -31.48 23.96
CA MET M 187 52.10 -30.32 24.33
C MET M 187 52.84 -29.41 25.31
N ILE M 188 53.57 -30.02 26.25
CA ILE M 188 54.42 -29.20 27.12
C ILE M 188 55.61 -28.63 26.34
N ALA M 189 56.21 -29.45 25.47
CA ALA M 189 57.46 -29.08 24.82
C ALA M 189 57.28 -27.97 23.78
N ILE M 190 56.14 -27.91 23.09
CA ILE M 190 55.94 -26.84 22.12
C ILE M 190 55.79 -25.49 22.82
N GLY M 191 55.10 -25.47 23.96
CA GLY M 191 55.01 -24.24 24.72
C GLY M 191 56.35 -23.83 25.28
N GLY M 192 57.16 -24.82 25.67
CA GLY M 192 58.54 -24.54 26.05
C GLY M 192 59.35 -23.91 24.92
N PHE M 193 59.26 -24.49 23.72
CA PHE M 193 60.03 -23.98 22.57
C PHE M 193 59.64 -22.54 22.22
N ILE M 194 58.34 -22.27 22.13
CA ILE M 194 57.88 -20.95 21.71
C ILE M 194 58.12 -19.89 22.79
N HIS M 195 57.85 -20.22 24.06
CA HIS M 195 58.09 -19.25 25.13
C HIS M 195 59.60 -19.01 25.33
N GLN M 196 60.44 -20.05 25.16
CA GLN M 196 61.88 -19.82 25.24
C GLN M 196 62.40 -18.98 24.09
N TYR M 197 61.84 -19.13 22.89
CA TYR M 197 62.17 -18.20 21.81
C TYR M 197 61.71 -16.78 22.16
N TRP M 198 60.52 -16.65 22.76
CA TRP M 198 60.01 -15.34 23.14
C TRP M 198 60.89 -14.64 24.18
N VAL M 199 61.55 -15.40 25.05
CA VAL M 199 62.39 -14.73 26.06
C VAL M 199 63.83 -14.55 25.57
N THR M 200 64.43 -15.57 24.94
CA THR M 200 65.86 -15.50 24.62
C THR M 200 66.16 -14.99 23.22
N LYS M 201 65.14 -14.95 22.34
CA LYS M 201 65.29 -14.66 20.91
C LYS M 201 66.29 -15.61 20.25
N GLN M 202 66.23 -16.88 20.64
CA GLN M 202 67.07 -17.92 20.06
C GLN M 202 66.24 -19.17 19.82
N THR M 203 66.61 -19.92 18.79
CA THR M 203 65.95 -21.19 18.51
C THR M 203 66.56 -22.24 19.44
N VAL M 204 65.94 -23.43 19.53
CA VAL M 204 66.27 -24.46 20.52
C VAL M 204 67.73 -24.88 20.45
N LEU M 205 68.23 -25.18 19.25
CA LEU M 205 69.52 -25.84 19.11
C LEU M 205 70.68 -24.91 19.42
N GLU M 206 70.53 -23.60 19.18
CA GLU M 206 71.55 -22.66 19.62
C GLU M 206 71.51 -22.42 21.12
N GLN M 207 70.33 -22.47 21.76
CA GLN M 207 70.28 -22.44 23.22
C GLN M 207 70.89 -23.70 23.83
N LEU M 208 70.88 -24.81 23.10
CA LEU M 208 71.51 -26.03 23.62
C LEU M 208 73.03 -25.89 23.66
N GLY M 209 73.61 -25.25 22.64
CA GLY M 209 75.06 -25.17 22.57
C GLY M 209 75.69 -24.32 23.67
N ASN M 210 75.12 -23.15 23.94
CA ASN M 210 75.53 -22.35 25.09
C ASN M 210 74.31 -22.01 25.94
N PHE M 211 74.45 -22.20 27.26
CA PHE M 211 73.40 -22.11 28.29
C PHE M 211 72.03 -22.64 27.88
N GLU N 43 -3.26 -43.76 -25.55
CA GLU N 43 -3.26 -42.94 -26.75
C GLU N 43 -2.41 -41.68 -26.53
N MET N 44 -1.42 -41.50 -27.38
CA MET N 44 -0.46 -40.41 -27.24
C MET N 44 -0.61 -39.38 -28.35
N SER N 45 -0.19 -38.16 -28.05
CA SER N 45 -0.20 -37.08 -29.03
C SER N 45 0.78 -37.36 -30.15
N GLU N 46 0.40 -36.98 -31.37
CA GLU N 46 1.22 -37.26 -32.54
C GLU N 46 2.18 -36.13 -32.89
N ALA N 47 1.97 -34.93 -32.34
CA ALA N 47 2.94 -33.86 -32.52
C ALA N 47 4.07 -33.97 -31.51
N ILE N 48 3.74 -34.38 -30.29
CA ILE N 48 4.71 -34.56 -29.21
C ILE N 48 4.61 -35.99 -28.73
N PRO N 49 5.45 -36.89 -29.24
CA PRO N 49 5.23 -38.34 -29.03
C PRO N 49 5.48 -38.83 -27.61
N PHE N 50 6.07 -38.04 -26.72
CA PHE N 50 6.24 -38.46 -25.34
C PHE N 50 5.16 -37.92 -24.41
N LEU N 51 4.18 -37.16 -24.93
CA LEU N 51 3.07 -36.65 -24.14
C LEU N 51 1.79 -37.43 -24.43
N PRO N 52 0.88 -37.50 -23.47
CA PRO N 52 -0.45 -38.07 -23.76
C PRO N 52 -1.24 -37.20 -24.72
N LYS N 53 -2.14 -37.85 -25.46
CA LYS N 53 -3.00 -37.14 -26.39
C LYS N 53 -3.97 -36.24 -25.63
N PRO N 54 -4.13 -34.97 -26.05
CA PRO N 54 -5.11 -34.09 -25.41
C PRO N 54 -6.54 -34.60 -25.60
N ALA N 55 -7.34 -34.49 -24.54
CA ALA N 55 -8.63 -35.15 -24.49
C ALA N 55 -9.69 -34.43 -25.32
N ASN N 56 -9.63 -33.10 -25.42
CA ASN N 56 -10.72 -32.33 -26.01
C ASN N 56 -10.43 -31.87 -27.44
N ILE N 57 -9.38 -32.39 -28.07
CA ILE N 57 -9.20 -32.25 -29.52
C ILE N 57 -9.17 -33.64 -30.13
N ASP N 58 -9.92 -33.81 -31.22
CA ASP N 58 -9.97 -35.06 -31.97
C ASP N 58 -9.61 -34.81 -33.42
N ALA N 59 -9.40 -35.90 -34.17
CA ALA N 59 -8.92 -35.85 -35.54
C ALA N 59 -9.94 -35.31 -36.53
N SER N 60 -11.21 -35.19 -36.16
CA SER N 60 -12.22 -34.65 -37.08
C SER N 60 -12.02 -33.17 -37.33
N MET N 61 -11.34 -32.45 -36.44
CA MET N 61 -11.06 -31.05 -36.68
C MET N 61 -9.98 -30.92 -37.76
N PRO N 62 -10.16 -30.01 -38.73
CA PRO N 62 -9.31 -30.01 -39.93
C PRO N 62 -7.83 -29.79 -39.69
N GLY N 63 -7.46 -28.94 -38.73
CA GLY N 63 -6.06 -28.63 -38.50
C GLY N 63 -5.47 -29.38 -37.33
N TYR N 64 -6.06 -30.53 -37.00
CA TYR N 64 -5.59 -31.33 -35.87
C TYR N 64 -4.20 -31.90 -36.14
N SER N 65 -3.32 -31.80 -35.15
CA SER N 65 -2.06 -32.54 -35.15
C SER N 65 -1.74 -33.13 -33.78
N GLY N 66 -2.68 -33.08 -32.84
CA GLY N 66 -2.39 -33.51 -31.48
C GLY N 66 -1.52 -32.57 -30.69
N PHE N 67 -1.46 -31.30 -31.05
CA PHE N 67 -0.55 -30.34 -30.43
C PHE N 67 -1.30 -29.45 -29.44
N ASP N 68 -1.21 -29.79 -28.15
CA ASP N 68 -1.69 -28.91 -27.08
C ASP N 68 -0.87 -29.16 -25.81
N PRO N 69 0.42 -28.76 -25.81
CA PRO N 69 1.24 -29.01 -24.63
C PRO N 69 0.84 -28.18 -23.41
N LEU N 70 0.31 -26.97 -23.61
CA LEU N 70 -0.15 -26.15 -22.51
C LEU N 70 -1.58 -26.47 -22.09
N GLY N 71 -2.26 -27.35 -22.82
CA GLY N 71 -3.61 -27.77 -22.47
C GLY N 71 -4.67 -26.69 -22.60
N PHE N 72 -4.61 -25.87 -23.65
CA PHE N 72 -5.62 -24.84 -23.87
C PHE N 72 -7.01 -25.42 -24.08
N SER N 73 -7.08 -26.54 -24.81
CA SER N 73 -8.36 -27.20 -25.07
C SER N 73 -9.00 -27.80 -23.83
N ASP N 74 -8.23 -27.99 -22.75
CA ASP N 74 -8.76 -28.58 -21.54
C ASP N 74 -9.56 -27.60 -20.70
N TYR N 75 -9.36 -26.30 -20.90
CA TYR N 75 -10.03 -25.27 -20.13
C TYR N 75 -11.07 -24.50 -20.94
N TYR N 76 -10.70 -24.00 -22.12
CA TYR N 76 -11.57 -23.13 -22.89
C TYR N 76 -12.49 -23.92 -23.81
N ASN N 77 -13.47 -23.22 -24.37
CA ASN N 77 -14.41 -23.82 -25.31
C ASN N 77 -13.72 -24.08 -26.65
N VAL N 78 -13.65 -25.36 -27.03
CA VAL N 78 -12.81 -25.78 -28.15
C VAL N 78 -13.32 -25.21 -29.48
N LYS N 79 -14.63 -25.15 -29.65
CA LYS N 79 -15.19 -24.64 -30.90
C LYS N 79 -14.95 -23.14 -31.05
N TRP N 80 -15.01 -22.42 -29.93
CA TRP N 80 -14.62 -21.01 -29.91
C TRP N 80 -13.16 -20.83 -30.31
N MET N 81 -12.29 -21.69 -29.78
CA MET N 81 -10.86 -21.60 -30.06
C MET N 81 -10.58 -21.93 -31.53
N GLN N 82 -11.39 -22.83 -32.12
CA GLN N 82 -11.28 -23.14 -33.55
C GLN N 82 -11.69 -21.96 -34.41
N GLU N 83 -12.83 -21.34 -34.08
CA GLU N 83 -13.30 -20.17 -34.81
C GLU N 83 -12.30 -19.01 -34.73
N ALA N 84 -11.71 -18.82 -33.55
CA ALA N 84 -10.74 -17.76 -33.34
C ALA N 84 -9.46 -18.03 -34.11
N GLU N 85 -8.99 -19.28 -34.11
CA GLU N 85 -7.81 -19.65 -34.88
C GLU N 85 -8.02 -19.43 -36.38
N ILE N 86 -9.20 -19.81 -36.87
CA ILE N 86 -9.53 -19.63 -38.28
C ILE N 86 -9.56 -18.15 -38.65
N LYS N 87 -10.15 -17.31 -37.80
CA LYS N 87 -10.22 -15.88 -38.11
C LYS N 87 -8.84 -15.20 -38.04
N HIS N 88 -8.04 -15.51 -37.00
CA HIS N 88 -6.67 -14.99 -36.92
C HIS N 88 -5.85 -15.42 -38.13
N GLY N 89 -5.99 -16.68 -38.55
CA GLY N 89 -5.25 -17.17 -39.71
C GLY N 89 -5.69 -16.54 -41.02
N ARG N 90 -6.99 -16.31 -41.20
CA ARG N 90 -7.48 -15.68 -42.43
C ARG N 90 -7.02 -14.22 -42.53
N ILE N 91 -7.12 -13.49 -41.42
CA ILE N 91 -6.63 -12.12 -41.37
C ILE N 91 -5.14 -12.08 -41.64
N CYS N 92 -4.39 -13.04 -41.11
CA CYS N 92 -2.95 -13.07 -41.39
C CYS N 92 -2.64 -13.52 -42.81
N MET N 93 -3.51 -14.31 -43.46
CA MET N 93 -3.31 -14.62 -44.88
C MET N 93 -3.44 -13.37 -45.73
N LEU N 94 -4.51 -12.61 -45.52
CA LEU N 94 -4.68 -11.34 -46.21
C LEU N 94 -3.54 -10.37 -45.89
N ALA N 95 -3.10 -10.35 -44.62
CA ALA N 95 -2.04 -9.43 -44.21
C ALA N 95 -0.69 -9.84 -44.79
N ALA N 96 -0.40 -11.15 -44.83
CA ALA N 96 0.86 -11.61 -45.39
C ALA N 96 0.93 -11.39 -46.89
N LEU N 97 -0.21 -11.50 -47.59
CA LEU N 97 -0.20 -11.11 -48.99
C LEU N 97 -0.03 -9.59 -49.16
N GLY N 98 -0.68 -8.81 -48.28
CA GLY N 98 -0.66 -7.36 -48.41
C GLY N 98 0.56 -6.65 -47.87
N MET N 99 1.40 -7.32 -47.07
CA MET N 99 2.69 -6.73 -46.71
C MET N 99 3.68 -6.79 -47.86
N MET N 100 3.50 -7.75 -48.77
CA MET N 100 4.38 -8.00 -49.90
C MET N 100 3.89 -7.34 -51.20
N PHE N 101 2.57 -7.33 -51.41
CA PHE N 101 2.02 -6.93 -52.72
C PHE N 101 2.29 -5.49 -53.17
N PRO N 102 2.22 -4.44 -52.32
CA PRO N 102 2.56 -3.09 -52.83
C PRO N 102 3.99 -2.92 -53.32
N GLU N 103 4.91 -3.80 -52.94
CA GLU N 103 6.25 -3.73 -53.52
C GLU N 103 6.25 -4.14 -54.98
N PHE N 104 5.35 -5.06 -55.37
CA PHE N 104 5.19 -5.39 -56.78
C PHE N 104 4.49 -4.26 -57.53
N GLY N 105 3.41 -3.73 -56.97
CA GLY N 105 2.72 -2.61 -57.58
C GLY N 105 1.63 -2.10 -56.69
N THR N 106 1.31 -0.81 -56.87
CA THR N 106 0.34 -0.10 -56.07
C THR N 106 -0.83 0.35 -56.93
N LEU N 107 -1.95 0.66 -56.26
CA LEU N 107 -3.06 1.30 -56.94
C LEU N 107 -2.62 2.70 -57.41
N PRO N 108 -3.12 3.15 -58.56
CA PRO N 108 -2.67 4.45 -59.10
C PRO N 108 -2.98 5.64 -58.21
N GLN N 109 -4.03 5.59 -57.40
CA GLN N 109 -4.29 6.65 -56.43
C GLN N 109 -3.35 6.59 -55.23
N PHE N 110 -2.76 5.42 -54.95
CA PHE N 110 -1.81 5.25 -53.86
C PHE N 110 -0.39 5.04 -54.36
N SER N 111 -0.07 5.57 -55.54
CA SER N 111 1.25 5.35 -56.13
C SER N 111 2.33 6.16 -55.40
N SER N 112 1.94 7.26 -54.77
CA SER N 112 2.88 8.08 -54.00
C SER N 112 3.10 7.54 -52.58
N PHE N 113 2.43 6.46 -52.20
CA PHE N 113 2.54 5.94 -50.85
C PHE N 113 3.78 5.07 -50.70
N SER N 114 4.33 5.08 -49.50
CA SER N 114 5.58 4.37 -49.20
C SER N 114 5.41 2.86 -49.29
N THR N 115 6.49 2.18 -49.67
CA THR N 115 6.48 0.73 -49.73
C THR N 115 6.74 0.09 -48.38
N ASN N 116 7.19 0.86 -47.40
CA ASN N 116 7.22 0.39 -46.02
C ASN N 116 5.78 0.32 -45.52
N PRO N 117 5.31 -0.83 -45.05
CA PRO N 117 3.93 -0.91 -44.54
C PRO N 117 3.67 -0.06 -43.31
N LEU N 118 4.67 0.12 -42.44
CA LEU N 118 4.44 0.88 -41.20
C LEU N 118 4.38 2.37 -41.43
N GLU N 119 4.86 2.86 -42.59
CA GLU N 119 4.63 4.25 -42.97
C GLU N 119 3.33 4.41 -43.74
N ALA N 120 3.04 3.47 -44.65
CA ALA N 120 1.81 3.50 -45.42
C ALA N 120 0.57 3.26 -44.57
N PHE N 121 0.74 2.69 -43.38
CA PHE N 121 -0.36 2.66 -42.41
C PHE N 121 -0.78 4.06 -42.00
N TYR N 122 0.20 4.92 -41.70
CA TYR N 122 -0.10 6.28 -41.29
C TYR N 122 -0.49 7.20 -42.45
N GLN N 123 0.12 7.02 -43.62
CA GLN N 123 -0.17 7.92 -44.75
C GLN N 123 -1.62 7.84 -45.23
N VAL N 124 -2.31 6.72 -44.99
CA VAL N 124 -3.74 6.66 -45.27
C VAL N 124 -4.48 7.54 -44.28
N GLY N 125 -5.39 8.36 -44.79
CA GLY N 125 -6.16 9.25 -43.96
C GLY N 125 -7.18 8.53 -43.11
N PRO N 126 -7.78 9.24 -42.14
CA PRO N 126 -8.82 8.63 -41.30
C PRO N 126 -10.06 8.21 -42.07
N ALA N 127 -10.36 8.83 -43.21
CA ALA N 127 -11.55 8.49 -43.98
C ALA N 127 -11.43 7.10 -44.60
N GLY N 128 -10.28 6.80 -45.19
CA GLY N 128 -10.09 5.48 -45.80
C GLY N 128 -10.06 4.36 -44.78
N TRP N 129 -9.39 4.59 -43.65
CA TRP N 129 -9.39 3.60 -42.57
C TRP N 129 -10.78 3.46 -41.94
N GLY N 130 -11.56 4.54 -41.88
CA GLY N 130 -12.93 4.43 -41.42
C GLY N 130 -13.81 3.63 -42.36
N GLN N 131 -13.61 3.81 -43.68
CA GLN N 131 -14.33 2.99 -44.65
C GLN N 131 -13.93 1.52 -44.56
N ILE N 132 -12.63 1.26 -44.35
CA ILE N 132 -12.14 -0.10 -44.18
C ILE N 132 -12.74 -0.73 -42.91
N LEU N 133 -12.79 0.05 -41.82
CA LEU N 133 -13.39 -0.43 -40.57
C LEU N 133 -14.88 -0.70 -40.72
N LEU N 134 -15.59 0.16 -41.48
CA LEU N 134 -17.02 -0.07 -41.73
C LEU N 134 -17.24 -1.34 -42.56
N PHE N 135 -16.40 -1.58 -43.57
CA PHE N 135 -16.49 -2.81 -44.35
C PHE N 135 -16.19 -4.04 -43.50
N ILE N 136 -15.17 -3.95 -42.64
CA ILE N 136 -14.85 -5.03 -41.72
C ILE N 136 -16.01 -5.27 -40.75
N GLY N 137 -16.68 -4.20 -40.32
CA GLY N 137 -17.85 -4.36 -39.47
C GLY N 137 -19.02 -5.03 -40.17
N VAL N 138 -19.21 -4.69 -41.44
CA VAL N 138 -20.21 -5.38 -42.27
C VAL N 138 -19.88 -6.87 -42.37
N LEU N 139 -18.60 -7.19 -42.56
CA LEU N 139 -18.17 -8.59 -42.57
C LEU N 139 -18.36 -9.26 -41.21
N GLU N 140 -18.11 -8.53 -40.12
CA GLU N 140 -18.21 -9.08 -38.78
C GLU N 140 -19.64 -9.19 -38.25
N SER N 141 -20.62 -8.54 -38.88
CA SER N 141 -22.01 -8.72 -38.44
C SER N 141 -22.47 -10.16 -38.64
N PHE N 142 -22.12 -10.74 -39.79
CA PHE N 142 -22.43 -12.15 -40.06
C PHE N 142 -21.71 -13.07 -39.08
N SER N 143 -20.45 -12.77 -38.79
CA SER N 143 -19.69 -13.57 -37.83
C SER N 143 -20.26 -13.45 -36.43
N TYR N 144 -20.73 -12.26 -36.04
CA TYR N 144 -21.39 -12.07 -34.76
C TYR N 144 -22.64 -12.94 -34.66
N GLU N 145 -23.48 -12.90 -35.70
CA GLU N 145 -24.72 -13.69 -35.70
C GLU N 145 -24.42 -15.19 -35.66
N LYS N 146 -23.46 -15.64 -36.47
CA LYS N 146 -23.12 -17.06 -36.55
C LYS N 146 -22.49 -17.56 -35.25
N VAL N 147 -21.62 -16.76 -34.64
CA VAL N 147 -20.86 -17.24 -33.49
C VAL N 147 -21.69 -17.17 -32.22
N PHE N 148 -22.46 -16.09 -32.03
CA PHE N 148 -23.19 -15.93 -30.79
C PHE N 148 -24.61 -16.47 -30.85
N TYR N 149 -25.14 -16.78 -32.03
CA TYR N 149 -26.52 -17.23 -32.13
C TYR N 149 -26.72 -18.46 -33.00
N GLY N 150 -25.66 -19.01 -33.60
CA GLY N 150 -25.79 -20.15 -34.49
C GLY N 150 -24.97 -21.34 -34.01
N ASP N 151 -25.12 -22.45 -34.73
CA ASP N 151 -24.44 -23.70 -34.43
C ASP N 151 -23.84 -24.29 -35.70
N SER N 152 -23.20 -23.44 -36.51
CA SER N 152 -22.55 -23.87 -37.73
C SER N 152 -21.16 -24.43 -37.44
N ALA N 153 -20.50 -24.92 -38.48
CA ALA N 153 -19.12 -25.37 -38.34
C ALA N 153 -18.20 -24.18 -38.08
N PRO N 154 -17.05 -24.40 -37.44
CA PRO N 154 -16.09 -23.31 -37.23
C PRO N 154 -15.55 -22.77 -38.55
N GLY N 155 -15.60 -21.45 -38.69
CA GLY N 155 -15.14 -20.78 -39.89
C GLY N 155 -16.20 -20.61 -40.96
N ASP N 156 -17.33 -21.31 -40.83
CA ASP N 156 -18.38 -21.30 -41.86
C ASP N 156 -19.20 -20.03 -41.73
N LEU N 157 -18.90 -19.04 -42.57
CA LEU N 157 -19.72 -17.86 -42.72
C LEU N 157 -20.63 -17.95 -43.94
N GLY N 158 -20.70 -19.12 -44.57
CA GLY N 158 -21.52 -19.31 -45.75
C GLY N 158 -20.93 -18.74 -47.03
N PHE N 159 -19.61 -18.54 -47.08
CA PHE N 159 -18.95 -18.01 -48.26
C PHE N 159 -18.30 -19.17 -49.02
N ASP N 160 -19.10 -19.82 -49.85
CA ASP N 160 -18.60 -20.83 -50.79
C ASP N 160 -19.30 -20.68 -52.14
N PRO N 161 -18.97 -19.61 -52.89
CA PRO N 161 -19.65 -19.43 -54.17
C PRO N 161 -19.25 -20.45 -55.24
N LEU N 162 -17.98 -20.85 -55.28
CA LEU N 162 -17.53 -21.78 -56.31
C LEU N 162 -17.84 -23.24 -56.01
N ARG N 163 -18.32 -23.54 -54.80
CA ARG N 163 -18.62 -24.91 -54.33
C ARG N 163 -17.40 -25.82 -54.42
N MET N 164 -16.24 -25.31 -54.00
CA MET N 164 -15.03 -26.11 -54.10
C MET N 164 -14.95 -27.20 -53.03
N SER N 165 -15.85 -27.21 -52.06
CA SER N 165 -15.94 -28.26 -51.06
C SER N 165 -16.99 -29.32 -51.40
N SER N 166 -17.48 -29.35 -52.65
CA SER N 166 -18.47 -30.35 -53.04
C SER N 166 -17.86 -31.75 -53.07
N ASN N 167 -16.65 -31.88 -53.60
CA ASN N 167 -15.96 -33.16 -53.60
C ASN N 167 -15.40 -33.41 -52.20
N ALA N 168 -15.62 -34.62 -51.69
CA ALA N 168 -15.38 -34.92 -50.27
C ALA N 168 -13.88 -34.88 -49.94
N ALA N 169 -13.06 -35.56 -50.75
CA ALA N 169 -11.61 -35.52 -50.55
C ALA N 169 -11.07 -34.11 -50.77
N SER N 170 -11.58 -33.41 -51.78
CA SER N 170 -11.20 -32.02 -52.01
C SER N 170 -11.61 -31.13 -50.84
N ALA N 171 -12.80 -31.39 -50.27
CA ALA N 171 -13.25 -30.60 -49.12
C ALA N 171 -12.37 -30.84 -47.90
N LYS N 172 -11.97 -32.10 -47.67
CA LYS N 172 -11.06 -32.40 -46.56
C LYS N 172 -9.70 -31.76 -46.76
N HIS N 173 -9.16 -31.83 -47.99
CA HIS N 173 -7.86 -31.22 -48.27
C HIS N 173 -7.90 -29.71 -48.10
N TYR N 174 -8.95 -29.05 -48.60
CA TYR N 174 -9.07 -27.60 -48.42
C TYR N 174 -9.30 -27.23 -46.96
N ALA N 175 -10.06 -28.04 -46.23
CA ALA N 175 -10.31 -27.78 -44.81
C ALA N 175 -9.02 -27.83 -44.00
N ARG N 176 -8.17 -28.83 -44.26
CA ARG N 176 -6.89 -28.85 -43.57
C ARG N 176 -5.96 -27.75 -44.07
N ALA N 177 -5.97 -27.50 -45.38
CA ALA N 177 -4.98 -26.60 -45.98
C ALA N 177 -5.23 -25.15 -45.61
N GLU N 178 -6.50 -24.78 -45.39
CA GLU N 178 -6.81 -23.44 -44.90
C GLU N 178 -6.17 -23.17 -43.55
N VAL N 179 -6.30 -24.12 -42.62
CA VAL N 179 -5.71 -23.96 -41.29
C VAL N 179 -4.19 -23.98 -41.37
N MET N 180 -3.60 -24.83 -42.23
CA MET N 180 -2.15 -24.86 -42.38
C MET N 180 -1.59 -23.54 -42.92
N ASN N 181 -2.15 -23.05 -44.04
CA ASN N 181 -1.67 -21.80 -44.61
C ASN N 181 -2.02 -20.61 -43.71
N GLY N 182 -3.09 -20.72 -42.91
CA GLY N 182 -3.39 -19.68 -41.94
C GLY N 182 -2.36 -19.58 -40.84
N ARG N 183 -1.95 -20.73 -40.28
CA ARG N 183 -0.90 -20.74 -39.27
C ARG N 183 0.43 -20.27 -39.83
N LEU N 184 0.75 -20.69 -41.06
CA LEU N 184 1.96 -20.24 -41.73
C LEU N 184 1.94 -18.74 -41.95
N ALA N 185 0.78 -18.19 -42.32
CA ALA N 185 0.69 -16.75 -42.52
C ALA N 185 0.72 -15.99 -41.21
N MET N 186 0.23 -16.58 -40.11
CA MET N 186 0.38 -15.96 -38.80
C MET N 186 1.85 -15.83 -38.43
N ILE N 187 2.62 -16.91 -38.58
CA ILE N 187 4.06 -16.86 -38.30
C ILE N 187 4.75 -15.87 -39.23
N GLY N 188 4.41 -15.92 -40.52
CA GLY N 188 5.06 -15.04 -41.49
C GLY N 188 4.74 -13.58 -41.31
N PHE N 189 3.48 -13.25 -40.99
CA PHE N 189 3.12 -11.87 -40.76
C PHE N 189 3.73 -11.33 -39.46
N SER N 190 3.82 -12.16 -38.42
CA SER N 190 4.54 -11.78 -37.21
C SER N 190 5.99 -11.44 -37.53
N GLY N 191 6.64 -12.31 -38.32
CA GLY N 191 8.00 -12.06 -38.76
C GLY N 191 8.13 -10.78 -39.56
N MET N 192 7.27 -10.59 -40.56
CA MET N 192 7.36 -9.42 -41.43
C MET N 192 7.13 -8.13 -40.65
N LEU N 193 6.21 -8.15 -39.69
CA LEU N 193 5.93 -6.95 -38.90
C LEU N 193 7.11 -6.58 -38.01
N HIS N 194 7.69 -7.54 -37.29
CA HIS N 194 8.82 -7.17 -36.43
C HIS N 194 10.09 -6.86 -37.24
N HIS N 195 10.28 -7.51 -38.40
CA HIS N 195 11.38 -7.12 -39.28
C HIS N 195 11.17 -5.73 -39.87
N ALA N 196 9.92 -5.37 -40.17
CA ALA N 196 9.64 -4.02 -40.67
C ALA N 196 9.80 -2.98 -39.57
N ILE N 197 9.54 -3.36 -38.32
CA ILE N 197 9.89 -2.51 -37.18
C ILE N 197 11.39 -2.26 -37.15
N LEU N 198 12.18 -3.32 -37.35
CA LEU N 198 13.63 -3.19 -37.23
C LEU N 198 14.24 -2.43 -38.42
N THR N 199 13.73 -2.67 -39.64
CA THR N 199 14.38 -2.20 -40.86
C THR N 199 13.70 -1.03 -41.55
N LYS N 200 12.42 -0.75 -41.23
CA LYS N 200 11.61 0.30 -41.86
C LYS N 200 11.49 0.13 -43.38
N GLN N 201 11.50 -1.12 -43.85
CA GLN N 201 11.28 -1.40 -45.26
C GLN N 201 10.50 -2.72 -45.37
N GLY N 202 9.96 -2.97 -46.56
CA GLY N 202 9.18 -4.17 -46.80
C GLY N 202 10.04 -5.40 -46.86
N PRO N 203 9.41 -6.59 -46.89
CA PRO N 203 10.16 -7.85 -46.83
C PRO N 203 11.06 -8.10 -48.03
N ILE N 204 10.51 -7.90 -49.23
CA ILE N 204 11.31 -8.06 -50.47
C ILE N 204 12.44 -7.06 -50.51
N THR N 205 12.15 -5.80 -50.14
CA THR N 205 13.17 -4.76 -50.12
C THR N 205 14.27 -5.07 -49.11
N GLN N 206 13.88 -5.55 -47.92
CA GLN N 206 14.86 -5.92 -46.90
C GLN N 206 15.71 -7.10 -47.35
N ILE N 207 15.10 -8.04 -48.08
CA ILE N 207 15.83 -9.20 -48.60
C ILE N 207 16.85 -8.77 -49.65
N VAL N 208 16.45 -7.95 -50.62
CA VAL N 208 17.33 -7.68 -51.75
C VAL N 208 18.47 -6.73 -51.38
N GLU N 209 18.27 -5.84 -50.42
CA GLU N 209 19.37 -5.10 -49.84
C GLU N 209 20.18 -5.92 -48.84
N GLN N 210 19.68 -7.10 -48.44
CA GLN N 210 20.32 -7.99 -47.47
C GLN N 210 20.58 -7.31 -46.13
N ASN N 211 19.64 -6.46 -45.72
CA ASN N 211 19.71 -5.79 -44.42
C ASN N 211 19.16 -6.77 -43.37
N PHE N 212 20.05 -7.67 -42.92
CA PHE N 212 19.67 -8.75 -42.03
C PHE N 212 20.13 -8.52 -40.59
N VAL N 213 20.95 -7.51 -40.33
CA VAL N 213 21.45 -7.23 -38.99
C VAL N 213 20.84 -5.92 -38.52
N PRO N 214 20.33 -5.82 -37.28
CA PRO N 214 19.81 -4.56 -36.73
C PRO N 214 20.87 -3.48 -36.58
N ALA O 43 30.67 -52.26 7.01
CA ALA O 43 29.97 -51.26 7.81
C ALA O 43 30.62 -49.90 7.68
N LYS O 44 31.87 -49.88 7.22
CA LYS O 44 32.62 -48.66 7.03
C LYS O 44 32.72 -48.31 5.56
N SER O 45 32.78 -47.01 5.28
CA SER O 45 33.00 -46.53 3.93
C SER O 45 34.39 -46.94 3.42
N LYS O 46 34.45 -47.36 2.16
CA LYS O 46 35.73 -47.79 1.61
C LYS O 46 36.64 -46.62 1.29
N ALA O 47 36.08 -45.54 0.73
CA ALA O 47 36.89 -44.35 0.44
C ALA O 47 37.37 -43.67 1.71
N VAL O 48 36.49 -43.53 2.69
CA VAL O 48 36.80 -42.85 3.94
C VAL O 48 36.67 -43.88 5.06
N PRO O 49 37.76 -44.55 5.45
CA PRO O 49 37.63 -45.71 6.35
C PRO O 49 37.24 -45.37 7.79
N PHE O 50 37.35 -44.12 8.22
CA PHE O 50 36.96 -43.80 9.59
C PHE O 50 35.49 -43.41 9.73
N LEU O 51 34.75 -43.38 8.64
CA LEU O 51 33.31 -43.10 8.66
C LEU O 51 32.53 -44.35 8.30
N SER O 52 31.33 -44.46 8.87
CA SER O 52 30.43 -45.55 8.52
C SER O 52 29.95 -45.40 7.09
N GLN O 53 29.56 -46.52 6.49
CA GLN O 53 29.09 -46.53 5.12
C GLN O 53 27.79 -45.74 4.99
N PRO O 54 27.69 -44.79 4.06
CA PRO O 54 26.45 -44.03 3.88
C PRO O 54 25.32 -44.92 3.38
N GLU O 55 24.15 -44.75 4.00
CA GLU O 55 22.98 -45.54 3.63
C GLU O 55 22.50 -45.18 2.23
N ALA O 56 21.83 -46.14 1.60
CA ALA O 56 21.37 -46.21 0.21
C ALA O 56 22.52 -46.35 -0.79
N LEU O 57 23.77 -46.42 -0.33
CA LEU O 57 24.93 -46.64 -1.19
C LEU O 57 25.38 -48.09 -0.98
N ASP O 58 25.23 -48.90 -2.03
CA ASP O 58 25.50 -50.33 -1.93
C ASP O 58 26.32 -50.84 -3.12
N GLY O 59 27.10 -49.98 -3.77
CA GLY O 59 27.92 -50.40 -4.88
C GLY O 59 27.20 -50.63 -6.19
N SER O 60 25.91 -50.33 -6.26
CA SER O 60 25.15 -50.60 -7.48
C SER O 60 25.49 -49.60 -8.59
N MET O 61 25.56 -48.32 -8.26
CA MET O 61 25.88 -47.29 -9.24
C MET O 61 27.37 -47.32 -9.58
N ALA O 62 27.67 -46.80 -10.77
CA ALA O 62 29.07 -46.72 -11.22
C ALA O 62 29.83 -45.67 -10.42
N GLY O 63 31.08 -45.98 -10.09
CA GLY O 63 31.88 -45.08 -9.30
C GLY O 63 31.55 -45.05 -7.83
N ASP O 64 30.74 -45.99 -7.34
CA ASP O 64 30.33 -45.99 -5.94
C ASP O 64 31.45 -46.61 -5.12
N VAL O 65 32.13 -45.78 -4.34
CA VAL O 65 33.11 -46.23 -3.36
C VAL O 65 32.67 -45.85 -1.94
N GLY O 66 31.39 -45.52 -1.77
CA GLY O 66 30.88 -45.13 -0.47
C GLY O 66 31.34 -43.77 0.02
N PHE O 67 31.57 -42.83 -0.89
CA PHE O 67 32.14 -41.53 -0.53
C PHE O 67 31.02 -40.50 -0.48
N ASP O 68 30.46 -40.32 0.73
CA ASP O 68 29.49 -39.26 0.98
C ASP O 68 29.59 -38.85 2.45
N PRO O 69 30.65 -38.12 2.82
CA PRO O 69 30.84 -37.77 4.23
C PRO O 69 29.79 -36.82 4.80
N PHE O 70 29.21 -35.95 3.98
CA PHE O 70 28.26 -34.96 4.45
C PHE O 70 26.83 -35.48 4.49
N GLY O 71 26.60 -36.72 4.06
CA GLY O 71 25.26 -37.29 4.07
C GLY O 71 24.29 -36.65 3.10
N PHE O 72 24.75 -36.34 1.89
CA PHE O 72 23.84 -35.80 0.87
C PHE O 72 22.83 -36.83 0.40
N SER O 73 23.28 -38.09 0.29
CA SER O 73 22.37 -39.16 -0.12
C SER O 73 21.41 -39.58 0.99
N SER O 74 21.69 -39.20 2.24
CA SER O 74 20.76 -39.47 3.32
C SER O 74 19.65 -38.42 3.40
N ASN O 75 19.82 -37.28 2.74
CA ASN O 75 18.82 -36.22 2.73
C ASN O 75 18.18 -36.01 1.38
N PHE O 76 18.87 -36.32 0.28
CA PHE O 76 18.31 -36.17 -1.05
C PHE O 76 18.40 -37.49 -1.81
N ASP O 77 17.49 -37.64 -2.77
CA ASP O 77 17.39 -38.87 -3.56
C ASP O 77 18.59 -39.03 -4.49
N LEU O 78 19.04 -40.28 -4.66
CA LEU O 78 20.22 -40.57 -5.45
C LEU O 78 20.02 -40.38 -6.96
N LYS O 79 18.79 -40.48 -7.46
CA LYS O 79 18.57 -40.31 -8.89
C LYS O 79 18.84 -38.89 -9.34
N TRP O 80 18.32 -37.91 -8.59
CA TRP O 80 18.58 -36.50 -8.89
C TRP O 80 20.05 -36.15 -8.73
N LEU O 81 20.68 -36.68 -7.68
CA LEU O 81 22.10 -36.43 -7.45
C LEU O 81 22.96 -37.01 -8.56
N ARG O 82 22.63 -38.22 -9.04
CA ARG O 82 23.40 -38.83 -10.13
C ARG O 82 23.17 -38.09 -11.44
N GLU O 83 21.93 -37.67 -11.72
CA GLU O 83 21.64 -36.90 -12.93
C GLU O 83 22.39 -35.56 -12.92
N ALA O 84 22.42 -34.91 -11.76
CA ALA O 84 23.15 -33.65 -11.62
C ALA O 84 24.66 -33.87 -11.75
N GLU O 85 25.18 -34.94 -11.15
CA GLU O 85 26.61 -35.23 -11.22
C GLU O 85 27.05 -35.51 -12.65
N LEU O 86 26.26 -36.30 -13.37
CA LEU O 86 26.55 -36.59 -14.77
C LEU O 86 26.45 -35.33 -15.62
N LYS O 87 25.47 -34.47 -15.35
CA LYS O 87 25.32 -33.26 -16.15
C LYS O 87 26.49 -32.29 -15.93
N HIS O 88 26.86 -32.05 -14.65
CA HIS O 88 28.02 -31.21 -14.34
C HIS O 88 29.29 -31.81 -14.96
N GLY O 89 29.46 -33.13 -14.84
CA GLY O 89 30.64 -33.80 -15.39
C GLY O 89 30.73 -33.74 -16.91
N ARG O 90 29.59 -33.90 -17.60
CA ARG O 90 29.59 -33.87 -19.06
C ARG O 90 29.85 -32.46 -19.58
N ILE O 91 29.22 -31.46 -18.96
CA ILE O 91 29.52 -30.06 -19.27
C ILE O 91 30.99 -29.76 -19.03
N CYS O 92 31.57 -30.31 -17.96
CA CYS O 92 32.99 -30.06 -17.72
C CYS O 92 33.89 -30.83 -18.67
N MET O 93 33.44 -31.99 -19.17
CA MET O 93 34.20 -32.68 -20.22
C MET O 93 34.29 -31.84 -21.48
N LEU O 94 33.13 -31.35 -21.95
CA LEU O 94 33.09 -30.46 -23.11
C LEU O 94 33.86 -29.17 -22.83
N ALA O 95 33.81 -28.68 -21.60
CA ALA O 95 34.43 -27.41 -21.25
C ALA O 95 35.94 -27.51 -21.17
N ALA O 96 36.46 -28.59 -20.57
CA ALA O 96 37.89 -28.83 -20.53
C ALA O 96 38.45 -29.06 -21.93
N THR O 97 37.73 -29.84 -22.74
CA THR O 97 38.15 -30.05 -24.12
C THR O 97 38.14 -28.74 -24.90
N GLY O 98 37.16 -27.86 -24.64
CA GLY O 98 37.16 -26.55 -25.27
C GLY O 98 38.32 -25.68 -24.83
N CYS O 99 38.58 -25.65 -23.51
CA CYS O 99 39.68 -24.84 -22.97
C CYS O 99 41.03 -25.28 -23.50
N LEU O 100 41.17 -26.57 -23.84
CA LEU O 100 42.42 -27.01 -24.45
C LEU O 100 42.42 -26.79 -25.97
N VAL O 101 41.30 -27.04 -26.66
CA VAL O 101 41.28 -27.02 -28.12
C VAL O 101 41.30 -25.59 -28.67
N GLN O 102 40.61 -24.64 -28.02
CA GLN O 102 40.46 -23.28 -28.58
C GLN O 102 41.79 -22.56 -28.73
N GLU O 103 42.76 -22.90 -27.89
CA GLU O 103 44.11 -22.35 -28.05
C GLU O 103 44.77 -22.80 -29.35
N VAL O 104 44.63 -24.08 -29.69
CA VAL O 104 45.32 -24.60 -30.86
C VAL O 104 44.53 -24.31 -32.13
N VAL O 105 43.21 -24.42 -32.07
CA VAL O 105 42.34 -24.36 -33.24
C VAL O 105 41.33 -23.23 -33.02
N HIS O 106 41.19 -22.36 -34.01
CA HIS O 106 40.19 -21.30 -33.97
C HIS O 106 39.33 -21.34 -35.23
N LEU O 107 38.11 -20.83 -35.11
CA LEU O 107 37.33 -20.46 -36.27
C LEU O 107 37.95 -19.24 -36.95
N PRO O 108 37.75 -19.07 -38.26
CA PRO O 108 38.23 -17.85 -38.91
C PRO O 108 37.49 -16.61 -38.43
N GLY O 109 38.19 -15.48 -38.46
CA GLY O 109 37.62 -14.23 -38.00
C GLY O 109 38.38 -13.63 -36.83
N GLU O 110 38.25 -12.31 -36.65
CA GLU O 110 38.94 -11.63 -35.55
C GLU O 110 38.33 -12.00 -34.21
N ALA O 111 37.00 -12.17 -34.15
CA ALA O 111 36.28 -12.39 -32.91
C ALA O 111 36.59 -13.73 -32.24
N PHE O 112 37.21 -14.68 -32.96
CA PHE O 112 37.50 -16.00 -32.43
C PHE O 112 39.00 -16.25 -32.26
N SER O 113 39.80 -15.18 -32.18
CA SER O 113 41.25 -15.29 -32.18
C SER O 113 41.85 -15.17 -30.78
N GLN O 114 41.05 -15.25 -29.73
CA GLN O 114 41.53 -15.14 -28.36
C GLN O 114 41.93 -16.53 -27.85
N LYS O 115 43.22 -16.71 -27.58
CA LYS O 115 43.70 -18.01 -27.12
C LYS O 115 43.21 -18.31 -25.70
N MET O 116 43.10 -17.29 -24.86
CA MET O 116 42.59 -17.48 -23.51
C MET O 116 41.08 -17.49 -23.53
N ALA O 117 40.48 -18.51 -22.90
CA ALA O 117 39.06 -18.78 -23.04
C ALA O 117 38.20 -17.71 -22.38
N LEU O 118 38.68 -17.12 -21.29
CA LEU O 118 37.94 -16.04 -20.65
C LEU O 118 37.91 -14.76 -21.50
N ASN O 119 38.90 -14.57 -22.39
CA ASN O 119 38.76 -13.53 -23.40
C ASN O 119 37.83 -13.95 -24.53
N ALA O 120 37.81 -15.24 -24.86
CA ALA O 120 36.92 -15.73 -25.93
C ALA O 120 35.46 -15.69 -25.51
N TRP O 121 35.18 -15.71 -24.22
CA TRP O 121 33.81 -15.52 -23.74
C TRP O 121 33.27 -14.14 -24.12
N ALA O 122 34.12 -13.11 -23.99
CA ALA O 122 33.71 -11.73 -24.28
C ALA O 122 33.87 -11.36 -25.75
N ALA O 123 34.89 -11.89 -26.42
CA ALA O 123 35.20 -11.49 -27.79
C ALA O 123 34.29 -12.13 -28.83
N ALA O 124 33.67 -13.27 -28.49
CA ALA O 124 32.76 -13.92 -29.41
C ALA O 124 31.51 -13.07 -29.63
N PRO O 125 30.89 -13.15 -30.81
CA PRO O 125 29.68 -12.36 -31.08
C PRO O 125 28.54 -12.71 -30.14
N ARG O 126 27.85 -11.67 -29.67
CA ARG O 126 26.90 -11.81 -28.56
C ARG O 126 25.65 -12.57 -29.00
N GLY O 127 25.16 -12.31 -30.22
CA GLY O 127 24.00 -13.02 -30.72
C GLY O 127 24.24 -14.52 -30.86
N GLY O 128 25.47 -14.90 -31.18
CA GLY O 128 25.81 -16.31 -31.25
C GLY O 128 25.75 -16.98 -29.89
N MET O 129 26.27 -16.31 -28.85
CA MET O 129 26.22 -16.88 -27.51
C MET O 129 24.81 -16.89 -26.95
N ILE O 130 23.97 -15.90 -27.29
CA ILE O 130 22.56 -15.95 -26.90
C ILE O 130 21.84 -17.09 -27.62
N SER O 131 22.22 -17.36 -28.88
CA SER O 131 21.71 -18.53 -29.59
C SER O 131 22.16 -19.82 -28.92
N ILE O 132 23.40 -19.85 -28.43
CA ILE O 132 23.91 -21.01 -27.69
C ILE O 132 23.11 -21.22 -26.41
N LEU O 133 22.81 -20.14 -25.69
CA LEU O 133 21.99 -20.20 -24.47
C LEU O 133 20.60 -20.75 -24.77
N VAL O 134 19.96 -20.24 -25.82
CA VAL O 134 18.61 -20.68 -26.19
C VAL O 134 18.63 -22.14 -26.65
N ALA O 135 19.65 -22.54 -27.42
CA ALA O 135 19.74 -23.93 -27.87
C ALA O 135 19.99 -24.88 -26.71
N ILE O 136 20.82 -24.48 -25.74
CA ILE O 136 21.01 -25.29 -24.53
C ILE O 136 19.69 -25.42 -23.76
N GLY O 137 18.92 -24.33 -23.71
CA GLY O 137 17.60 -24.38 -23.08
C GLY O 137 16.66 -25.34 -23.77
N LEU O 138 16.65 -25.32 -25.11
CA LEU O 138 15.83 -26.25 -25.88
C LEU O 138 16.30 -27.69 -25.72
N ILE O 139 17.62 -27.90 -25.63
CA ILE O 139 18.14 -29.25 -25.45
C ILE O 139 17.73 -29.78 -24.08
N GLU O 140 17.79 -28.92 -23.06
CA GLU O 140 17.27 -29.27 -21.74
C GLU O 140 15.78 -29.56 -21.78
N LEU O 141 15.02 -28.78 -22.56
CA LEU O 141 13.56 -28.88 -22.55
C LEU O 141 13.08 -30.16 -23.20
N ILE O 142 13.59 -30.48 -24.40
CA ILE O 142 13.11 -31.67 -25.09
C ILE O 142 13.81 -32.93 -24.59
N SER O 143 15.10 -32.84 -24.24
CA SER O 143 15.88 -34.04 -23.90
C SER O 143 15.42 -34.68 -22.60
N ASN O 144 14.88 -33.88 -21.68
CA ASN O 144 14.30 -34.41 -20.46
C ASN O 144 12.80 -34.69 -20.59
N ARG O 145 12.24 -34.48 -21.78
CA ARG O 145 10.84 -34.82 -22.12
C ARG O 145 9.85 -34.09 -21.21
N PHE O 146 10.04 -32.78 -21.09
CA PHE O 146 9.16 -31.83 -20.37
C PHE O 146 9.11 -32.08 -18.86
N ALA O 147 9.96 -32.95 -18.34
CA ALA O 147 10.05 -33.24 -16.91
C ALA O 147 11.38 -32.67 -16.45
N LEU O 148 11.34 -31.43 -15.97
CA LEU O 148 12.53 -30.61 -15.81
C LEU O 148 12.89 -30.32 -14.36
N THR O 149 12.01 -30.63 -13.43
CA THR O 149 12.12 -30.18 -12.05
C THR O 149 12.37 -31.37 -11.11
N ALA O 150 12.49 -31.04 -9.83
CA ALA O 150 12.72 -31.99 -8.75
C ALA O 150 11.46 -32.71 -8.32
N THR O 151 10.33 -32.45 -8.98
CA THR O 151 9.07 -33.10 -8.67
C THR O 151 8.49 -33.91 -9.82
N ASP O 152 9.00 -33.77 -11.05
CA ASP O 152 8.44 -34.48 -12.20
C ASP O 152 9.46 -35.25 -13.02
N MET O 153 10.74 -34.90 -12.99
CA MET O 153 11.76 -35.76 -13.57
C MET O 153 11.89 -37.03 -12.72
N PHE O 154 11.95 -38.18 -13.41
CA PHE O 154 11.93 -39.56 -12.88
C PHE O 154 10.52 -39.99 -12.44
N ALA O 155 9.48 -39.28 -12.89
CA ALA O 155 8.11 -39.74 -12.65
C ALA O 155 7.85 -41.06 -13.38
N ASN O 156 8.34 -41.17 -14.61
CA ASN O 156 8.30 -42.44 -15.33
C ASN O 156 9.25 -43.42 -14.67
N PRO O 157 8.79 -44.61 -14.26
CA PRO O 157 9.70 -45.59 -13.64
C PRO O 157 10.79 -46.11 -14.56
N ASN O 158 10.62 -45.98 -15.88
CA ASN O 158 11.64 -46.43 -16.83
C ASN O 158 12.76 -45.42 -17.02
N ARG O 159 12.63 -44.20 -16.49
CA ARG O 159 13.65 -43.18 -16.65
C ARG O 159 14.80 -43.46 -15.70
N VAL O 160 16.00 -43.60 -16.25
CA VAL O 160 17.19 -43.98 -15.49
C VAL O 160 18.07 -42.74 -15.36
N PRO O 161 18.71 -42.52 -14.20
CA PRO O 161 19.65 -41.40 -14.03
C PRO O 161 20.78 -41.40 -15.07
N GLY O 162 20.88 -40.29 -15.80
CA GLY O 162 21.85 -40.11 -16.86
C GLY O 162 21.49 -40.79 -18.16
N ASP O 163 20.40 -41.53 -18.22
CA ASP O 163 19.93 -42.18 -19.44
C ASP O 163 18.90 -41.25 -20.08
N LEU O 164 19.37 -40.33 -20.90
CA LEU O 164 18.47 -39.49 -21.69
C LEU O 164 18.02 -40.17 -22.97
N GLY O 165 18.52 -41.38 -23.24
CA GLY O 165 18.31 -42.02 -24.51
C GLY O 165 19.29 -41.62 -25.57
N PHE O 166 20.44 -41.06 -25.19
CA PHE O 166 21.37 -40.48 -26.15
C PHE O 166 22.41 -41.53 -26.49
N ASP O 167 22.33 -42.06 -27.72
CA ASP O 167 23.34 -42.97 -28.25
C ASP O 167 23.34 -42.87 -29.78
N PRO O 168 23.80 -41.73 -30.32
CA PRO O 168 23.66 -41.47 -31.78
C PRO O 168 24.27 -42.51 -32.69
N LEU O 169 25.43 -43.07 -32.33
CA LEU O 169 26.05 -44.11 -33.11
C LEU O 169 25.82 -45.50 -32.51
N SER O 170 24.98 -45.59 -31.47
CA SER O 170 24.59 -46.83 -30.80
C SER O 170 25.80 -47.62 -30.31
N LEU O 171 26.78 -46.91 -29.73
CA LEU O 171 27.98 -47.57 -29.23
C LEU O 171 27.76 -48.37 -27.96
N GLY O 172 26.59 -48.27 -27.33
CA GLY O 172 26.29 -49.06 -26.15
C GLY O 172 25.64 -50.40 -26.40
N GLY O 173 25.60 -50.88 -27.65
CA GLY O 173 25.03 -52.19 -27.91
C GLY O 173 25.93 -53.35 -27.55
N ASN O 174 26.31 -53.46 -26.29
CA ASN O 174 27.12 -54.58 -25.80
C ASN O 174 26.97 -54.64 -24.28
N GLY O 175 26.53 -55.78 -23.76
CA GLY O 175 26.11 -55.84 -22.38
C GLY O 175 27.22 -55.81 -21.34
N ALA O 176 28.28 -56.61 -21.52
CA ALA O 176 29.33 -56.66 -20.50
C ALA O 176 30.24 -55.44 -20.50
N ASN O 177 30.22 -54.63 -21.56
CA ASN O 177 30.92 -53.36 -21.56
C ASN O 177 30.25 -52.29 -20.71
N ARG O 178 28.94 -52.43 -20.43
CA ARG O 178 28.10 -51.33 -19.98
C ARG O 178 28.56 -50.72 -18.65
N ALA O 179 28.76 -51.56 -17.63
CA ALA O 179 29.16 -51.06 -16.31
C ALA O 179 30.52 -50.38 -16.35
N ARG O 180 31.47 -50.96 -17.09
CA ARG O 180 32.78 -50.34 -17.29
C ARG O 180 32.65 -49.01 -18.03
N MET O 181 31.69 -48.94 -18.96
CA MET O 181 31.46 -47.71 -19.72
C MET O 181 30.94 -46.59 -18.83
N GLU O 182 29.96 -46.89 -17.96
CA GLU O 182 29.47 -45.90 -17.03
C GLU O 182 30.55 -45.48 -16.01
N LEU O 183 31.37 -46.45 -15.56
CA LEU O 183 32.47 -46.12 -14.67
C LEU O 183 33.49 -45.20 -15.34
N ALA O 184 33.83 -45.48 -16.59
CA ALA O 184 34.75 -44.63 -17.35
C ALA O 184 34.16 -43.25 -17.58
N GLU O 185 32.86 -43.19 -17.87
CA GLU O 185 32.20 -41.91 -18.11
C GLU O 185 32.19 -41.04 -16.86
N ILE O 186 31.86 -41.63 -15.71
CA ILE O 186 31.83 -40.83 -14.49
C ILE O 186 33.25 -40.46 -14.04
N THR O 187 34.25 -41.33 -14.30
CA THR O 187 35.62 -40.97 -13.94
C THR O 187 36.16 -39.85 -14.83
N HIS O 188 35.87 -39.89 -16.13
CA HIS O 188 36.21 -38.79 -17.03
C HIS O 188 35.51 -37.51 -16.61
N GLY O 189 34.24 -37.61 -16.21
CA GLY O 189 33.50 -36.42 -15.78
C GLY O 189 34.06 -35.80 -14.51
N ARG O 190 34.40 -36.62 -13.53
CA ARG O 190 34.98 -36.11 -12.28
C ARG O 190 36.34 -35.47 -12.51
N ALA O 191 37.20 -36.14 -13.30
CA ALA O 191 38.50 -35.58 -13.63
C ALA O 191 38.36 -34.28 -14.42
N ALA O 192 37.36 -34.21 -15.29
CA ALA O 192 37.13 -33.01 -16.09
C ALA O 192 36.62 -31.87 -15.22
N MET O 193 35.77 -32.18 -14.24
CA MET O 193 35.29 -31.16 -13.31
C MET O 193 36.44 -30.53 -12.54
N MET O 194 37.31 -31.39 -11.96
CA MET O 194 38.45 -30.87 -11.19
C MET O 194 39.43 -30.10 -12.09
N GLY O 195 39.65 -30.62 -13.30
CA GLY O 195 40.57 -29.98 -14.22
C GLY O 195 40.06 -28.65 -14.74
N PHE O 196 38.78 -28.58 -15.10
CA PHE O 196 38.21 -27.35 -15.63
C PHE O 196 38.13 -26.27 -14.56
N SER O 197 37.83 -26.65 -13.31
CA SER O 197 37.90 -25.70 -12.20
C SER O 197 39.31 -25.14 -12.07
N GLY O 198 40.31 -26.03 -12.11
CA GLY O 198 41.69 -25.58 -11.99
C GLY O 198 42.13 -24.68 -13.12
N MET O 199 41.73 -25.00 -14.35
CA MET O 199 42.10 -24.16 -15.50
C MET O 199 41.43 -22.80 -15.44
N VAL O 200 40.14 -22.72 -15.08
CA VAL O 200 39.47 -21.41 -15.03
C VAL O 200 40.09 -20.52 -13.96
N HIS O 201 40.31 -21.05 -12.76
CA HIS O 201 40.87 -20.18 -11.74
C HIS O 201 42.36 -19.90 -11.96
N GLN O 202 43.09 -20.79 -12.64
CA GLN O 202 44.46 -20.48 -13.02
C GLN O 202 44.53 -19.45 -14.15
N MET O 203 43.57 -19.47 -15.09
CA MET O 203 43.45 -18.37 -16.05
C MET O 203 43.13 -17.06 -15.36
N LEU O 204 42.34 -17.11 -14.28
CA LEU O 204 42.06 -15.90 -13.51
C LEU O 204 43.31 -15.37 -12.81
N VAL O 205 44.13 -16.27 -12.25
CA VAL O 205 45.36 -15.85 -11.58
C VAL O 205 46.38 -15.32 -12.60
N SER O 206 46.59 -16.06 -13.69
CA SER O 206 47.74 -15.85 -14.55
C SER O 206 47.46 -14.97 -15.77
N LYS O 207 46.20 -14.77 -16.14
CA LYS O 207 45.78 -14.09 -17.37
C LYS O 207 46.38 -14.72 -18.62
N GLN O 208 46.57 -16.04 -18.60
CA GLN O 208 47.20 -16.77 -19.68
C GLN O 208 46.36 -17.98 -20.06
N ALA O 209 46.36 -18.30 -21.36
CA ALA O 209 45.73 -19.53 -21.81
C ALA O 209 46.50 -20.73 -21.29
N PRO O 210 45.82 -21.87 -21.06
CA PRO O 210 46.46 -22.96 -20.27
C PRO O 210 47.78 -23.52 -20.78
N ILE O 211 47.88 -23.87 -22.08
CA ILE O 211 49.08 -24.51 -22.58
C ILE O 211 50.27 -23.56 -22.55
N GLU O 212 50.07 -22.32 -23.02
CA GLU O 212 51.18 -21.36 -22.96
C GLU O 212 51.43 -20.86 -21.54
N GLN O 213 50.47 -21.05 -20.63
CA GLN O 213 50.74 -20.82 -19.21
C GLN O 213 51.68 -21.91 -18.69
N LEU O 214 51.50 -23.15 -19.13
CA LEU O 214 52.47 -24.20 -18.81
C LEU O 214 53.82 -23.99 -19.50
N MET O 215 53.86 -23.30 -20.63
CA MET O 215 55.12 -23.02 -21.33
C MET O 215 55.79 -21.71 -20.92
N HIS O 216 55.05 -20.78 -20.32
CA HIS O 216 55.54 -19.44 -19.99
C HIS O 216 55.22 -19.12 -18.54
N PHE O 217 55.51 -20.09 -17.66
CA PHE O 217 55.05 -20.08 -16.28
C PHE O 217 55.71 -18.97 -15.49
N LYS O 218 54.90 -18.25 -14.72
CA LYS O 218 55.38 -17.19 -13.83
C LYS O 218 54.79 -17.45 -12.46
N ALA O 219 55.65 -17.58 -11.45
CA ALA O 219 55.19 -17.83 -10.10
C ALA O 219 54.51 -16.60 -9.51
N VAL O 220 53.66 -16.83 -8.52
CA VAL O 220 52.89 -15.76 -7.89
C VAL O 220 53.79 -14.99 -6.92
N PHE P 68 -44.12 25.94 32.53
CA PHE P 68 -44.14 27.27 31.92
C PHE P 68 -45.44 27.99 32.21
N GLY P 69 -46.49 27.65 31.44
CA GLY P 69 -47.79 28.25 31.66
C GLY P 69 -48.42 27.89 32.99
N GLY P 70 -48.04 26.76 33.57
CA GLY P 70 -48.52 26.35 34.88
C GLY P 70 -47.88 27.05 36.05
N ARG P 71 -46.92 27.94 35.81
CA ARG P 71 -46.24 28.66 36.88
C ARG P 71 -46.48 30.17 36.81
N GLY P 72 -47.29 30.64 35.87
CA GLY P 72 -47.52 32.06 35.70
C GLY P 72 -46.65 32.73 34.67
N LEU P 73 -46.07 31.98 33.73
CA LEU P 73 -45.22 32.53 32.69
C LEU P 73 -45.87 32.32 31.34
N GLY P 74 -45.64 33.27 30.44
CA GLY P 74 -46.28 33.24 29.14
C GLY P 74 -47.39 34.25 29.04
N VAL P 75 -48.48 33.88 28.35
CA VAL P 75 -49.65 34.75 28.25
C VAL P 75 -50.53 34.37 29.45
N THR P 76 -50.26 35.01 30.58
CA THR P 76 -51.03 34.83 31.80
C THR P 76 -51.41 36.24 32.27
N VAL P 77 -52.34 36.35 33.23
CA VAL P 77 -52.70 37.67 33.75
C VAL P 77 -51.60 38.19 34.66
N ASN P 78 -50.88 37.29 35.33
CA ASN P 78 -49.75 37.66 36.18
C ASN P 78 -48.64 38.31 35.38
N ALA P 79 -48.30 37.72 34.23
CA ALA P 79 -47.21 38.26 33.43
C ALA P 79 -47.58 39.60 32.80
N GLU P 80 -48.84 39.77 32.42
CA GLU P 80 -49.34 41.06 31.93
C GLU P 80 -49.27 42.11 33.03
N ARG P 81 -49.65 41.75 34.26
CA ARG P 81 -49.57 42.67 35.39
C ARG P 81 -48.13 43.06 35.70
N TRP P 82 -47.20 42.10 35.68
CA TRP P 82 -45.80 42.39 35.96
C TRP P 82 -45.18 43.28 34.89
N ASN P 83 -45.47 43.00 33.62
CA ASN P 83 -44.96 43.84 32.54
C ASN P 83 -45.60 45.23 32.56
N GLY P 84 -46.86 45.34 33.00
CA GLY P 84 -47.47 46.64 33.17
C GLY P 84 -46.84 47.46 34.28
N ARG P 85 -46.51 46.81 35.41
CA ARG P 85 -45.80 47.47 36.50
C ARG P 85 -44.43 47.98 36.05
N HIS P 86 -43.70 47.11 35.34
CA HIS P 86 -42.38 47.48 34.84
C HIS P 86 -42.49 48.56 33.77
N ALA P 87 -43.59 48.60 33.02
CA ALA P 87 -43.78 49.62 32.00
C ALA P 87 -44.17 50.98 32.60
N MET P 88 -44.95 50.99 33.69
CA MET P 88 -45.18 52.25 34.40
C MET P 88 -43.88 52.81 34.95
N PHE P 89 -43.06 51.94 35.54
CA PHE P 89 -41.74 52.37 36.01
C PHE P 89 -40.86 52.81 34.86
N GLY P 90 -41.00 52.19 33.69
CA GLY P 90 -40.23 52.61 32.52
C GLY P 90 -40.64 53.98 32.01
N ILE P 91 -41.94 54.27 32.02
CA ILE P 91 -42.42 55.61 31.65
C ILE P 91 -41.89 56.66 32.61
N PHE P 92 -41.92 56.34 33.92
CA PHE P 92 -41.36 57.26 34.91
C PHE P 92 -39.86 57.48 34.71
N ALA P 93 -39.12 56.40 34.44
CA ALA P 93 -37.68 56.52 34.29
C ALA P 93 -37.29 57.27 33.02
N MET P 94 -38.05 57.08 31.93
CA MET P 94 -37.77 57.82 30.70
C MET P 94 -38.08 59.31 30.86
N VAL P 95 -39.19 59.63 31.52
CA VAL P 95 -39.54 61.04 31.73
C VAL P 95 -38.51 61.73 32.63
N MET P 96 -38.10 61.05 33.71
CA MET P 96 -37.14 61.67 34.62
C MET P 96 -35.75 61.77 34.00
N THR P 97 -35.37 60.78 33.16
CA THR P 97 -34.12 60.83 32.41
C THR P 97 -34.12 61.97 31.41
N SER P 98 -35.24 62.17 30.71
CA SER P 98 -35.37 63.28 29.77
C SER P 98 -35.27 64.62 30.49
N TYR P 99 -35.88 64.72 31.67
CA TYR P 99 -35.86 65.96 32.45
C TYR P 99 -34.45 66.31 32.88
N MET P 100 -33.73 65.34 33.45
CA MET P 100 -32.35 65.60 33.85
C MET P 100 -31.40 65.80 32.68
N LYS P 101 -31.61 65.10 31.56
CA LYS P 101 -30.69 65.20 30.42
C LYS P 101 -30.88 66.53 29.69
N GLY P 102 -32.11 67.03 29.61
CA GLY P 102 -32.33 68.37 29.08
C GLY P 102 -31.75 69.45 29.96
N HIS P 103 -31.80 69.26 31.27
CA HIS P 103 -31.38 70.27 32.24
C HIS P 103 -29.91 70.15 32.65
N GLY P 104 -29.14 69.24 32.06
CA GLY P 104 -27.72 69.16 32.38
C GLY P 104 -27.36 68.71 33.78
N LEU P 105 -28.12 67.79 34.37
CA LEU P 105 -27.84 67.26 35.70
C LEU P 105 -26.95 66.03 35.69
N ILE P 106 -26.47 65.60 34.53
CA ILE P 106 -25.55 64.47 34.44
C ILE P 106 -24.12 65.04 34.44
N PRO P 107 -23.31 64.78 35.46
CA PRO P 107 -21.93 65.30 35.46
C PRO P 107 -21.07 64.58 34.44
N ASP P 108 -20.31 65.37 33.67
CA ASP P 108 -19.41 64.90 32.61
C ASP P 108 -20.13 64.00 31.61
N ALA P 109 -21.25 64.50 31.08
CA ALA P 109 -22.12 63.72 30.21
C ALA P 109 -21.44 63.34 28.89
N ASP P 110 -20.51 64.16 28.42
CA ASP P 110 -19.78 63.87 27.20
C ASP P 110 -18.39 63.27 27.44
N LYS P 111 -18.06 62.96 28.69
CA LYS P 111 -16.78 62.34 29.01
C LYS P 111 -16.71 60.92 28.48
N ILE P 112 -15.66 60.62 27.72
CA ILE P 112 -15.44 59.29 27.17
C ILE P 112 -14.66 58.47 28.21
N LEU P 113 -15.24 57.33 28.60
CA LEU P 113 -14.58 56.43 29.54
C LEU P 113 -13.37 55.77 28.90
N ASP P 114 -12.29 55.66 29.67
CA ASP P 114 -11.00 55.18 29.17
C ASP P 114 -10.84 53.70 29.46
N VAL P 115 -10.26 52.98 28.49
CA VAL P 115 -10.00 51.55 28.63
C VAL P 115 -8.96 51.28 29.72
N ALA P 116 -8.07 52.24 29.97
CA ALA P 116 -7.01 52.06 30.95
C ALA P 116 -7.53 52.04 32.38
N GLN P 117 -8.76 52.51 32.61
CA GLN P 117 -9.39 52.49 33.93
C GLN P 117 -10.49 51.45 34.04
N TRP P 118 -11.37 51.35 33.04
CA TRP P 118 -12.55 50.49 33.12
C TRP P 118 -12.42 49.21 32.31
N GLY P 119 -11.31 48.99 31.62
CA GLY P 119 -11.10 47.77 30.88
C GLY P 119 -11.75 47.77 29.51
N SER P 120 -11.65 46.61 28.85
CA SER P 120 -12.12 46.44 27.47
C SER P 120 -13.63 46.46 27.34
N LEU P 121 -14.38 46.36 28.45
CA LEU P 121 -15.84 46.45 28.37
C LEU P 121 -16.31 47.86 28.01
N ALA P 122 -15.46 48.87 28.18
CA ALA P 122 -15.82 50.23 27.84
C ALA P 122 -15.68 50.54 26.35
N SER P 123 -15.16 49.59 25.56
CA SER P 123 -14.97 49.83 24.14
C SER P 123 -16.29 49.66 23.41
N VAL P 124 -16.59 50.60 22.51
CA VAL P 124 -17.82 50.60 21.73
C VAL P 124 -17.45 50.53 20.26
N TRP P 125 -16.23 50.98 19.94
CA TRP P 125 -15.66 51.04 18.58
C TRP P 125 -16.47 51.97 17.67
N ASP P 126 -16.73 53.18 18.14
CA ASP P 126 -17.27 54.20 17.25
C ASP P 126 -16.13 54.91 16.52
N GLY P 127 -16.45 56.00 15.81
CA GLY P 127 -15.49 56.72 15.00
C GLY P 127 -14.61 57.72 15.73
N ALA P 128 -14.89 58.03 16.99
CA ALA P 128 -14.14 59.07 17.70
C ALA P 128 -14.23 58.84 19.20
N GLY P 129 -13.11 58.52 19.82
CA GLY P 129 -13.07 58.36 21.26
C GLY P 129 -12.94 56.91 21.66
N ASN P 130 -13.65 56.05 20.91
CA ASN P 130 -13.61 54.59 21.01
C ASN P 130 -13.97 54.11 22.43
N GLY P 131 -14.83 54.85 23.11
CA GLY P 131 -15.21 54.55 24.48
C GLY P 131 -16.65 54.89 24.73
N ILE P 132 -17.24 54.22 25.73
CA ILE P 132 -18.61 54.54 26.13
C ILE P 132 -18.63 55.86 26.88
N SER P 133 -19.64 56.68 26.61
CA SER P 133 -19.82 57.92 27.32
C SER P 133 -20.18 57.65 28.79
N ASN P 134 -19.82 58.61 29.65
CA ASN P 134 -20.08 58.52 31.08
C ASN P 134 -21.59 58.54 31.38
N GLU P 135 -22.36 59.28 30.58
CA GLU P 135 -23.80 59.38 30.77
C GLU P 135 -24.49 58.03 30.55
N ARG P 136 -24.09 57.29 29.51
CA ARG P 136 -24.66 55.99 29.24
C ARG P 136 -24.31 55.01 30.36
N ALA P 137 -23.08 55.10 30.88
CA ALA P 137 -22.68 54.26 32.01
C ALA P 137 -23.50 54.58 33.26
N ILE P 138 -23.80 55.86 33.50
CA ILE P 138 -24.59 56.23 34.67
C ILE P 138 -26.02 55.70 34.54
N ILE P 139 -26.60 55.79 33.34
CA ILE P 139 -27.94 55.25 33.11
C ILE P 139 -27.95 53.74 33.29
N LEU P 140 -26.91 53.07 32.79
CA LEU P 140 -26.85 51.61 32.92
C LEU P 140 -26.66 51.18 34.37
N ILE P 141 -25.87 51.92 35.16
CA ILE P 141 -25.67 51.57 36.57
C ILE P 141 -26.94 51.82 37.38
N ALA P 142 -27.67 52.88 37.04
CA ALA P 142 -28.99 53.10 37.63
C ALA P 142 -29.93 51.95 37.33
N HIS P 143 -29.84 51.39 36.11
CA HIS P 143 -30.61 50.19 35.82
C HIS P 143 -30.08 48.95 36.53
N VAL P 144 -28.77 48.87 36.77
CA VAL P 144 -28.15 47.72 37.44
C VAL P 144 -28.64 47.61 38.87
N HIS P 145 -28.80 48.77 39.54
CA HIS P 145 -29.37 48.81 40.89
C HIS P 145 -30.73 48.14 40.96
N VAL P 146 -31.66 48.54 40.08
CA VAL P 146 -32.98 47.94 40.12
C VAL P 146 -32.98 46.53 39.54
N LEU P 147 -31.97 46.14 38.75
CA LEU P 147 -31.84 44.72 38.39
C LEU P 147 -31.42 43.87 39.58
N VAL P 148 -30.52 44.36 40.42
CA VAL P 148 -30.17 43.61 41.63
C VAL P 148 -31.37 43.51 42.57
N VAL P 149 -32.13 44.61 42.70
CA VAL P 149 -33.39 44.61 43.44
C VAL P 149 -34.36 43.59 42.85
N SER P 150 -34.41 43.53 41.51
CA SER P 150 -35.27 42.59 40.79
C SER P 150 -34.90 41.15 41.08
N VAL P 151 -33.61 40.84 41.06
CA VAL P 151 -33.13 39.48 41.31
C VAL P 151 -33.45 39.05 42.73
N ILE P 152 -33.20 39.94 43.70
CA ILE P 152 -33.44 39.59 45.10
C ILE P 152 -34.94 39.47 45.38
N ALA P 153 -35.76 40.32 44.75
CA ALA P 153 -37.20 40.19 44.92
C ALA P 153 -37.75 38.96 44.20
N ALA P 154 -37.12 38.53 43.11
CA ALA P 154 -37.59 37.36 42.38
C ALA P 154 -37.25 36.07 43.11
N VAL P 155 -36.10 36.03 43.76
CA VAL P 155 -35.70 34.83 44.49
C VAL P 155 -36.17 34.86 45.94
N ALA P 156 -36.08 36.02 46.59
CA ALA P 156 -36.45 36.17 47.99
C ALA P 156 -37.48 37.29 48.12
N PRO P 157 -38.73 37.04 47.73
CA PRO P 157 -39.76 38.06 47.89
C PRO P 157 -40.17 38.23 49.35
N PHE P 158 -40.81 39.37 49.62
CA PHE P 158 -41.52 39.55 50.88
C PHE P 158 -42.65 38.55 51.00
N GLY P 159 -42.99 38.20 52.25
CA GLY P 159 -44.09 37.28 52.50
C GLY P 159 -45.43 37.83 52.04
N PHE P 160 -45.61 39.15 52.12
CA PHE P 160 -46.85 39.78 51.67
C PHE P 160 -46.82 40.13 50.18
N GLN P 161 -45.64 40.19 49.57
CA GLN P 161 -45.52 40.67 48.20
C GLN P 161 -46.05 39.63 47.22
N ASP P 162 -46.57 40.14 46.09
CA ASP P 162 -46.98 39.30 44.97
C ASP P 162 -45.71 38.68 44.39
N THR P 163 -45.74 37.38 44.11
CA THR P 163 -44.56 36.68 43.65
C THR P 163 -44.49 36.66 42.13
N LEU P 164 -43.27 36.55 41.60
CA LEU P 164 -43.09 36.52 40.15
C LEU P 164 -43.51 35.18 39.56
N VAL P 165 -42.87 34.11 40.01
CA VAL P 165 -43.25 32.75 39.63
C VAL P 165 -44.22 32.18 40.66
N LYS P 166 -45.23 31.48 40.20
CA LYS P 166 -46.25 30.89 41.05
C LYS P 166 -46.07 29.38 41.14
N GLU P 167 -46.56 28.82 42.24
CA GLU P 167 -46.55 27.38 42.44
C GLU P 167 -47.43 26.68 41.43
N LYS P 168 -47.16 25.39 41.20
CA LYS P 168 -47.85 24.62 40.17
C LYS P 168 -49.35 24.54 40.43
N GLY P 169 -49.75 24.31 41.68
CA GLY P 169 -51.16 24.30 42.03
C GLY P 169 -51.69 25.65 42.48
N TYR P 170 -51.54 26.66 41.64
CA TYR P 170 -52.01 28.01 41.95
C TYR P 170 -53.33 28.29 41.25
N THR P 171 -54.04 29.29 41.75
CA THR P 171 -55.32 29.72 41.16
C THR P 171 -55.08 30.93 40.28
N PRO P 172 -55.20 30.81 38.96
CA PRO P 172 -54.97 31.96 38.08
C PRO P 172 -56.03 33.05 38.27
N GLU P 173 -55.55 34.30 38.31
CA GLU P 173 -56.44 35.45 38.32
C GLU P 173 -57.26 35.51 37.05
N ALA P 174 -58.55 35.81 37.19
CA ALA P 174 -59.45 35.85 36.05
C ALA P 174 -59.07 36.97 35.09
N PRO P 175 -59.09 36.72 33.78
CA PRO P 175 -58.84 37.78 32.80
C PRO P 175 -59.87 38.90 32.89
N ALA P 176 -59.39 40.14 32.82
CA ALA P 176 -60.23 41.31 33.00
C ALA P 176 -61.00 41.72 31.75
N GLY P 177 -60.81 41.01 30.63
CA GLY P 177 -61.55 41.33 29.42
C GLY P 177 -61.08 42.63 28.78
N LEU P 178 -62.04 43.35 28.21
CA LEU P 178 -61.75 44.65 27.58
C LEU P 178 -61.28 45.67 28.60
N ILE P 179 -61.94 45.72 29.75
CA ILE P 179 -61.62 46.69 30.79
C ILE P 179 -62.10 46.14 32.13
N PRO P 180 -61.26 46.16 33.17
CA PRO P 180 -61.67 45.67 34.50
C PRO P 180 -62.70 46.60 35.13
N PRO P 181 -63.40 46.15 36.17
CA PRO P 181 -64.35 47.03 36.87
C PRO P 181 -63.68 48.27 37.47
N PHE P 182 -64.38 49.39 37.37
CA PHE P 182 -63.80 50.72 37.58
C PHE P 182 -63.65 51.00 39.08
N LYS P 183 -62.65 50.36 39.67
CA LYS P 183 -62.31 50.52 41.08
C LYS P 183 -61.17 51.53 41.19
N THR P 184 -61.49 52.76 41.58
CA THR P 184 -60.48 53.80 41.73
C THR P 184 -59.69 53.61 43.02
N GLY P 185 -58.46 54.10 43.00
CA GLY P 185 -57.57 54.00 44.14
C GLY P 185 -56.49 52.96 43.95
N LEU P 186 -55.96 52.48 45.08
CA LEU P 186 -54.90 51.47 45.09
C LEU P 186 -55.49 50.06 45.03
N THR P 187 -56.27 49.82 43.98
CA THR P 187 -56.94 48.60 43.61
C THR P 187 -56.21 47.94 42.44
N PRO P 188 -56.25 46.62 42.32
CA PRO P 188 -55.55 45.96 41.19
C PRO P 188 -56.09 46.33 39.82
N GLU P 189 -57.35 46.74 39.73
CA GLU P 189 -57.94 47.13 38.45
C GLU P 189 -57.30 48.42 37.92
N ALA P 190 -57.12 49.41 38.79
CA ALA P 190 -56.47 50.66 38.38
C ALA P 190 -55.01 50.42 38.01
N GLU P 191 -54.35 49.53 38.75
CA GLU P 191 -52.98 49.13 38.45
C GLU P 191 -52.89 48.51 37.06
N LEU P 192 -53.83 47.62 36.74
CA LEU P 192 -53.81 46.98 35.42
C LEU P 192 -54.14 47.97 34.31
N ILE P 193 -55.07 48.90 34.57
CA ILE P 193 -55.46 49.90 33.56
C ILE P 193 -54.28 50.80 33.21
N ASN P 194 -53.61 51.38 34.22
CA ASN P 194 -52.40 52.15 33.90
C ASN P 194 -51.24 51.27 33.41
N GLY P 195 -51.17 49.99 33.78
CA GLY P 195 -50.11 49.15 33.22
C GLY P 195 -50.28 48.89 31.74
N ARG P 196 -51.50 48.53 31.31
CA ARG P 196 -51.80 48.41 29.88
C ARG P 196 -51.63 49.74 29.16
N LEU P 197 -52.03 50.85 29.80
CA LEU P 197 -51.83 52.18 29.23
C LEU P 197 -50.35 52.50 29.05
N ALA P 198 -49.52 52.12 30.02
CA ALA P 198 -48.09 52.41 29.94
C ALA P 198 -47.41 51.55 28.88
N MET P 199 -47.81 50.28 28.74
CA MET P 199 -47.29 49.46 27.66
C MET P 199 -47.67 50.02 26.29
N LEU P 200 -48.93 50.45 26.14
CA LEU P 200 -49.36 51.04 24.88
C LEU P 200 -48.65 52.36 24.61
N GLY P 201 -48.39 53.14 25.67
CA GLY P 201 -47.64 54.38 25.51
C GLY P 201 -46.20 54.16 25.11
N ILE P 202 -45.57 53.10 25.66
CA ILE P 202 -44.21 52.75 25.27
C ILE P 202 -44.16 52.33 23.80
N ILE P 203 -45.13 51.52 23.36
CA ILE P 203 -45.24 51.16 21.94
C ILE P 203 -45.38 52.41 21.07
N SER P 204 -46.26 53.33 21.48
CA SER P 204 -46.49 54.54 20.68
C SER P 204 -45.27 55.45 20.66
N ILE P 205 -44.57 55.57 21.79
CA ILE P 205 -43.37 56.40 21.86
C ILE P 205 -42.25 55.81 21.00
N VAL P 206 -42.08 54.49 21.03
CA VAL P 206 -41.07 53.83 20.19
C VAL P 206 -41.38 54.03 18.71
N THR P 207 -42.65 53.84 18.33
CA THR P 207 -43.02 54.02 16.92
C THR P 207 -42.86 55.46 16.47
N ALA P 208 -43.26 56.43 17.31
CA ALA P 208 -43.06 57.84 16.96
C ALA P 208 -41.58 58.22 16.94
N SER P 209 -40.74 57.51 17.69
CA SER P 209 -39.32 57.81 17.67
C SER P 209 -38.63 57.26 16.43
N VAL P 210 -39.02 56.05 15.99
CA VAL P 210 -38.30 55.41 14.89
C VAL P 210 -38.86 55.78 13.52
N PHE P 211 -40.05 56.38 13.45
CA PHE P 211 -40.61 56.81 12.18
C PHE P 211 -40.28 58.26 11.85
N THR P 212 -39.56 58.96 12.72
CA THR P 212 -39.30 60.39 12.53
C THR P 212 -37.82 60.75 12.71
N GLY P 213 -37.02 59.91 13.37
CA GLY P 213 -35.66 60.24 13.69
C GLY P 213 -35.49 61.10 14.93
N THR P 214 -36.58 61.51 15.57
CA THR P 214 -36.49 62.26 16.81
C THR P 214 -35.99 61.35 17.93
N PRO P 215 -35.01 61.80 18.73
CA PRO P 215 -34.59 61.00 19.90
C PRO P 215 -35.72 60.85 20.90
N VAL P 216 -35.65 59.75 21.66
CA VAL P 216 -36.77 59.34 22.52
C VAL P 216 -37.00 60.35 23.64
N VAL P 217 -35.92 60.90 24.21
CA VAL P 217 -36.04 61.99 25.17
C VAL P 217 -36.67 63.23 24.53
N ASP P 218 -36.26 63.54 23.29
CA ASP P 218 -36.82 64.68 22.58
C ASP P 218 -38.27 64.41 22.17
N THR P 219 -38.58 63.16 21.82
CA THR P 219 -39.95 62.80 21.49
C THR P 219 -40.87 62.94 22.70
N ILE P 220 -40.38 62.53 23.87
CA ILE P 220 -41.14 62.70 25.12
C ILE P 220 -41.33 64.17 25.44
N ASN P 221 -40.28 64.98 25.22
CA ASN P 221 -40.39 66.42 25.47
C ASN P 221 -41.36 67.10 24.52
N LEU P 222 -41.39 66.67 23.26
CA LEU P 222 -42.33 67.24 22.30
C LEU P 222 -43.76 66.83 22.61
N GLY P 223 -43.98 65.55 22.93
CA GLY P 223 -45.32 65.10 23.29
C GLY P 223 -45.84 65.67 24.59
N MET P 224 -44.97 66.11 25.48
CA MET P 224 -45.36 66.80 26.70
C MET P 224 -45.33 68.31 26.57
N GLY P 225 -45.12 68.83 25.36
CA GLY P 225 -45.15 70.26 25.13
C GLY P 225 -44.04 71.07 25.77
N LYS P 226 -42.80 70.57 25.72
CA LYS P 226 -41.59 71.25 26.22
C LYS P 226 -41.68 71.62 27.70
N ILE P 227 -42.41 70.82 28.49
CA ILE P 227 -42.49 71.07 29.93
C ILE P 227 -41.16 70.71 30.60
N LEU P 228 -40.56 69.57 30.20
CA LEU P 228 -39.32 69.13 30.82
C LEU P 228 -38.17 70.09 30.55
N TYR P 229 -38.05 70.57 29.30
CA TYR P 229 -37.00 71.53 28.93
C TYR P 229 -37.34 72.18 27.59
N ALA Q 38 41.23 -69.73 -27.58
CA ALA Q 38 40.44 -68.57 -27.19
C ALA Q 38 41.31 -67.33 -27.07
N MET Q 39 42.54 -67.43 -27.59
CA MET Q 39 43.50 -66.34 -27.53
C MET Q 39 43.70 -65.76 -28.92
N SER Q 40 44.15 -64.51 -28.96
CA SER Q 40 44.44 -63.86 -30.23
C SER Q 40 45.63 -64.53 -30.93
N ASP Q 41 45.48 -64.78 -32.23
CA ASP Q 41 46.57 -65.41 -32.98
C ASP Q 41 47.72 -64.43 -33.21
N SER Q 42 47.42 -63.16 -33.53
CA SER Q 42 48.47 -62.19 -33.81
C SER Q 42 49.23 -61.79 -32.54
N VAL Q 43 48.50 -61.57 -31.46
CA VAL Q 43 49.05 -61.16 -30.17
C VAL Q 43 48.74 -62.27 -29.18
N PRO Q 44 49.65 -63.24 -29.00
CA PRO Q 44 49.27 -64.48 -28.29
C PRO Q 44 48.96 -64.31 -26.80
N PHE Q 45 49.38 -63.22 -26.16
CA PHE Q 45 49.08 -63.01 -24.75
C PHE Q 45 47.78 -62.23 -24.53
N LEU Q 46 46.99 -62.00 -25.58
CA LEU Q 46 45.73 -61.30 -25.47
C LEU Q 46 44.59 -62.19 -25.97
N LYS Q 47 43.40 -61.98 -25.41
CA LYS Q 47 42.25 -62.81 -25.72
C LYS Q 47 41.75 -62.55 -27.14
N GLN Q 48 41.05 -63.55 -27.66
CA GLN Q 48 40.41 -63.39 -28.96
C GLN Q 48 39.21 -62.45 -28.81
N PRO Q 49 39.15 -61.36 -29.59
CA PRO Q 49 37.98 -60.47 -29.51
C PRO Q 49 36.71 -61.16 -29.97
N GLU Q 50 35.62 -60.89 -29.24
CA GLU Q 50 34.38 -61.64 -29.45
C GLU Q 50 33.70 -61.25 -30.75
N ALA Q 51 33.83 -60.00 -31.19
CA ALA Q 51 33.28 -59.61 -32.48
C ALA Q 51 34.07 -60.17 -33.66
N LEU Q 52 35.34 -60.50 -33.44
CA LEU Q 52 36.13 -61.17 -34.47
C LEU Q 52 35.86 -62.66 -34.46
N ASP Q 53 35.72 -63.24 -35.65
CA ASP Q 53 35.45 -64.67 -35.79
C ASP Q 53 36.35 -65.39 -36.78
N GLY Q 54 36.96 -64.68 -37.73
CA GLY Q 54 37.77 -65.31 -38.75
C GLY Q 54 37.12 -65.39 -40.12
N SER Q 55 35.85 -65.02 -40.23
CA SER Q 55 35.15 -65.10 -41.51
C SER Q 55 35.65 -64.04 -42.48
N MET Q 56 35.85 -62.82 -42.00
CA MET Q 56 36.29 -61.72 -42.85
C MET Q 56 37.75 -61.92 -43.28
N ALA Q 57 38.06 -61.44 -44.48
CA ALA Q 57 39.40 -61.58 -45.02
C ALA Q 57 40.38 -60.68 -44.27
N GLY Q 58 41.48 -61.27 -43.81
CA GLY Q 58 42.49 -60.56 -43.04
C GLY Q 58 42.32 -60.69 -41.55
N ASP Q 59 41.35 -61.47 -41.08
CA ASP Q 59 41.12 -61.65 -39.66
C ASP Q 59 42.22 -62.56 -39.10
N VAL Q 60 43.09 -61.98 -38.28
CA VAL Q 60 44.09 -62.71 -37.53
C VAL Q 60 43.92 -62.49 -36.03
N GLY Q 61 42.72 -62.08 -35.62
CA GLY Q 61 42.45 -61.76 -34.23
C GLY Q 61 43.19 -60.55 -33.70
N PHE Q 62 43.34 -59.51 -34.52
CA PHE Q 62 44.10 -58.32 -34.12
C PHE Q 62 43.10 -57.20 -33.81
N ASP Q 63 42.70 -57.13 -32.55
CA ASP Q 63 42.00 -55.97 -32.01
C ASP Q 63 42.32 -55.85 -30.53
N PRO Q 64 43.57 -55.46 -30.19
CA PRO Q 64 43.96 -55.45 -28.77
C PRO Q 64 43.20 -54.42 -27.93
N LEU Q 65 42.89 -53.25 -28.49
CA LEU Q 65 42.25 -52.19 -27.73
C LEU Q 65 40.73 -52.33 -27.68
N GLY Q 66 40.19 -53.38 -28.30
CA GLY Q 66 38.75 -53.64 -28.27
C GLY Q 66 37.90 -52.60 -28.96
N PHE Q 67 38.33 -52.10 -30.12
CA PHE Q 67 37.51 -51.18 -30.89
C PHE Q 67 36.26 -51.84 -31.45
N SER Q 68 36.33 -53.14 -31.75
CA SER Q 68 35.16 -53.87 -32.22
C SER Q 68 34.14 -54.10 -31.12
N SER Q 69 34.52 -53.91 -29.85
CA SER Q 69 33.57 -53.98 -28.76
C SER Q 69 32.72 -52.71 -28.65
N ILE Q 70 33.19 -51.60 -29.23
CA ILE Q 70 32.46 -50.34 -29.17
C ILE Q 70 31.61 -50.17 -30.41
N GLY Q 71 32.25 -50.17 -31.58
CA GLY Q 71 31.53 -50.03 -32.83
C GLY Q 71 31.03 -51.34 -33.40
N ASP Q 72 30.15 -51.23 -34.38
CA ASP Q 72 29.70 -52.38 -35.14
C ASP Q 72 30.83 -52.85 -36.04
N ILE Q 73 30.98 -54.18 -36.16
CA ILE Q 73 32.02 -54.74 -37.01
C ILE Q 73 31.72 -54.52 -38.49
N ASN Q 74 30.46 -54.36 -38.87
CA ASN Q 74 30.11 -54.07 -40.26
C ASN Q 74 30.49 -52.66 -40.64
N PHE Q 75 30.18 -51.69 -39.77
CA PHE Q 75 30.62 -50.31 -39.95
C PHE Q 75 32.14 -50.23 -40.00
N LEU Q 76 32.82 -50.95 -39.10
CA LEU Q 76 34.28 -50.92 -39.06
C LEU Q 76 34.88 -51.51 -40.32
N ARG Q 77 34.31 -52.60 -40.83
CA ARG Q 77 34.85 -53.21 -42.04
C ARG Q 77 34.58 -52.33 -43.26
N GLU Q 78 33.41 -51.67 -43.31
CA GLU Q 78 33.14 -50.72 -44.39
C GLU Q 78 34.11 -49.55 -44.36
N ALA Q 79 34.39 -49.04 -43.15
CA ALA Q 79 35.35 -47.94 -43.00
C ALA Q 79 36.76 -48.36 -43.40
N GLU Q 80 37.16 -49.58 -43.02
CA GLU Q 80 38.48 -50.09 -43.36
C GLU Q 80 38.64 -50.26 -44.86
N LEU Q 81 37.62 -50.81 -45.52
CA LEU Q 81 37.68 -50.99 -46.97
C LEU Q 81 37.68 -49.65 -47.70
N LYS Q 82 36.90 -48.67 -47.21
CA LYS Q 82 36.88 -47.37 -47.87
C LYS Q 82 38.20 -46.63 -47.70
N HIS Q 83 38.75 -46.62 -46.48
CA HIS Q 83 40.07 -46.04 -46.24
C HIS Q 83 41.14 -46.71 -47.08
N GLY Q 84 41.10 -48.05 -47.17
CA GLY Q 84 42.09 -48.78 -47.95
C GLY Q 84 42.01 -48.53 -49.45
N ARG Q 85 40.79 -48.49 -50.00
CA ARG Q 85 40.63 -48.28 -51.44
C ARG Q 85 41.02 -46.86 -51.83
N ILE Q 86 40.63 -45.87 -51.01
CA ILE Q 86 41.03 -44.49 -51.25
C ILE Q 86 42.55 -44.35 -51.12
N ALA Q 87 43.15 -45.09 -50.19
CA ALA Q 87 44.60 -45.01 -50.02
C ALA Q 87 45.35 -45.72 -51.14
N MET Q 88 44.81 -46.82 -51.69
CA MET Q 88 45.41 -47.43 -52.87
C MET Q 88 45.39 -46.47 -54.05
N LEU Q 89 44.24 -45.82 -54.27
CA LEU Q 89 44.13 -44.85 -55.35
C LEU Q 89 45.07 -43.66 -55.13
N ALA Q 90 45.21 -43.20 -53.90
CA ALA Q 90 46.09 -42.07 -53.61
C ALA Q 90 47.55 -42.45 -53.75
N ALA Q 91 47.93 -43.66 -53.34
CA ALA Q 91 49.30 -44.14 -53.51
C ALA Q 91 49.68 -44.27 -54.98
N ALA Q 92 48.80 -44.92 -55.76
CA ALA Q 92 49.03 -45.05 -57.20
C ALA Q 92 49.04 -43.69 -57.88
N GLY Q 93 48.20 -42.76 -57.40
CA GLY Q 93 48.21 -41.42 -57.94
C GLY Q 93 49.49 -40.68 -57.64
N SER Q 94 50.01 -40.80 -56.42
CA SER Q 94 51.27 -40.15 -56.08
C SER Q 94 52.42 -40.69 -56.92
N ILE Q 95 52.45 -42.02 -57.13
CA ILE Q 95 53.48 -42.62 -57.98
C ILE Q 95 53.36 -42.12 -59.42
N ALA Q 96 52.16 -42.15 -59.99
CA ALA Q 96 52.01 -41.80 -61.41
C ALA Q 96 52.17 -40.30 -61.68
N GLN Q 97 51.71 -39.45 -60.76
CA GLN Q 97 51.94 -38.01 -60.87
C GLN Q 97 53.40 -37.65 -60.66
N ASP Q 98 54.14 -38.44 -59.87
CA ASP Q 98 55.60 -38.32 -59.92
C ASP Q 98 56.14 -38.73 -61.28
N ILE Q 99 55.63 -39.83 -61.83
CA ILE Q 99 56.15 -40.36 -63.10
C ILE Q 99 55.86 -39.42 -64.25
N PHE Q 100 54.62 -38.96 -64.38
CA PHE Q 100 54.21 -38.19 -65.55
C PHE Q 100 53.01 -37.32 -65.19
N THR Q 101 52.61 -36.47 -66.14
CA THR Q 101 51.51 -35.54 -65.95
C THR Q 101 50.61 -35.60 -67.18
N PHE Q 102 49.33 -35.24 -67.00
CA PHE Q 102 48.42 -35.15 -68.12
C PHE Q 102 48.74 -33.92 -68.98
N PRO Q 103 48.32 -33.91 -70.25
CA PRO Q 103 48.53 -32.71 -71.07
C PRO Q 103 47.77 -31.50 -70.53
N GLY Q 104 48.50 -30.40 -70.35
CA GLY Q 104 47.95 -29.13 -69.97
C GLY Q 104 47.94 -28.83 -68.49
N VAL Q 105 48.15 -29.84 -67.64
CA VAL Q 105 48.14 -29.60 -66.20
C VAL Q 105 49.35 -28.78 -65.77
N SER Q 106 50.47 -28.92 -66.50
CA SER Q 106 51.69 -28.20 -66.14
C SER Q 106 51.56 -26.69 -66.31
N LYS Q 107 50.77 -26.23 -67.27
CA LYS Q 107 50.55 -24.80 -67.44
C LYS Q 107 49.78 -24.20 -66.27
N VAL Q 108 48.68 -24.84 -65.88
CA VAL Q 108 47.83 -24.32 -64.82
C VAL Q 108 48.51 -24.45 -63.45
N VAL Q 109 49.20 -25.56 -63.22
CA VAL Q 109 49.77 -25.85 -61.92
C VAL Q 109 51.18 -25.30 -61.79
N GLY Q 110 52.01 -25.45 -62.82
CA GLY Q 110 53.41 -25.08 -62.70
C GLY Q 110 54.20 -26.17 -61.98
N THR Q 111 55.21 -25.74 -61.23
CA THR Q 111 56.03 -26.67 -60.46
C THR Q 111 55.48 -26.81 -59.04
N ALA Q 112 54.23 -27.24 -58.95
CA ALA Q 112 53.62 -27.62 -57.69
C ALA Q 112 53.22 -29.08 -57.78
N LYS Q 113 53.57 -29.84 -56.75
CA LYS Q 113 53.38 -31.28 -56.70
C LYS Q 113 52.85 -31.72 -55.34
N MET Q 114 52.21 -32.89 -55.34
CA MET Q 114 51.60 -33.57 -54.17
C MET Q 114 50.50 -32.66 -53.60
N THR Q 115 50.35 -32.60 -52.27
CA THR Q 115 49.28 -31.83 -51.62
C THR Q 115 49.32 -30.34 -51.95
N GLY Q 116 50.48 -29.84 -52.39
CA GLY Q 116 50.65 -28.47 -52.83
C GLY Q 116 49.78 -28.09 -54.00
N VAL Q 117 49.31 -29.06 -54.79
CA VAL Q 117 48.41 -28.70 -55.89
C VAL Q 117 47.01 -28.40 -55.40
N HIS Q 118 46.64 -28.92 -54.20
CA HIS Q 118 45.26 -28.96 -53.71
C HIS Q 118 44.62 -27.58 -53.74
N ASP Q 119 45.25 -26.61 -53.07
CA ASP Q 119 44.74 -25.23 -53.01
C ASP Q 119 44.64 -24.63 -54.40
N ILE Q 120 45.65 -24.85 -55.25
CA ILE Q 120 45.60 -24.36 -56.63
C ILE Q 120 44.42 -24.97 -57.36
N LEU Q 121 44.25 -26.28 -57.22
CA LEU Q 121 43.13 -26.95 -57.85
C LEU Q 121 41.82 -26.75 -57.10
N VAL Q 122 41.86 -26.05 -55.96
CA VAL Q 122 40.61 -25.52 -55.40
C VAL Q 122 40.28 -24.19 -56.07
N LYS Q 123 41.30 -23.39 -56.39
CA LYS Q 123 41.05 -22.16 -57.15
C LYS Q 123 40.64 -22.48 -58.57
N GLN Q 124 41.21 -23.53 -59.16
CA GLN Q 124 40.67 -24.06 -60.41
C GLN Q 124 39.45 -24.94 -60.09
N GLY Q 125 38.73 -25.35 -61.12
CA GLY Q 125 37.49 -26.07 -60.94
C GLY Q 125 37.58 -27.58 -60.84
N ALA Q 126 38.79 -28.16 -60.78
CA ALA Q 126 38.91 -29.61 -60.87
C ALA Q 126 38.41 -30.32 -59.61
N MET Q 127 38.85 -29.86 -58.44
CA MET Q 127 38.51 -30.57 -57.21
C MET Q 127 37.05 -30.36 -56.81
N GLY Q 128 36.45 -29.22 -57.20
CA GLY Q 128 35.01 -29.08 -57.00
C GLY Q 128 34.20 -30.10 -57.78
N GLN Q 129 34.62 -30.39 -59.01
CA GLN Q 129 34.03 -31.47 -59.79
C GLN Q 129 34.30 -32.82 -59.14
N LEU Q 130 35.53 -33.03 -58.65
CA LEU Q 130 35.86 -34.29 -57.98
C LEU Q 130 35.01 -34.51 -56.75
N LEU Q 131 34.86 -33.48 -55.92
CA LEU Q 131 34.04 -33.57 -54.72
C LEU Q 131 32.57 -33.77 -55.06
N LEU Q 132 32.08 -33.09 -56.10
CA LEU Q 132 30.69 -33.21 -56.51
C LEU Q 132 30.35 -34.64 -56.92
N TRP Q 133 31.19 -35.25 -57.77
CA TRP Q 133 30.88 -36.62 -58.19
C TRP Q 133 31.19 -37.67 -57.12
N LEU Q 134 32.21 -37.45 -56.29
CA LEU Q 134 32.43 -38.40 -55.20
C LEU Q 134 31.35 -38.28 -54.12
N SER Q 135 30.79 -37.08 -53.92
CA SER Q 135 29.64 -36.95 -53.04
C SER Q 135 28.40 -37.62 -53.62
N PHE Q 136 28.21 -37.50 -54.94
CA PHE Q 136 27.11 -38.20 -55.59
C PHE Q 136 27.23 -39.71 -55.44
N LEU Q 137 28.45 -40.24 -55.60
CA LEU Q 137 28.67 -41.67 -55.35
C LEU Q 137 28.50 -42.02 -53.88
N GLU Q 138 28.94 -41.14 -52.98
CA GLU Q 138 28.89 -41.44 -51.55
C GLU Q 138 27.50 -41.30 -50.95
N VAL Q 139 26.54 -40.69 -51.66
CA VAL Q 139 25.16 -40.77 -51.21
C VAL Q 139 24.65 -42.21 -51.29
N PHE Q 140 24.88 -42.86 -52.42
CA PHE Q 140 24.50 -44.27 -52.53
C PHE Q 140 25.43 -45.15 -51.70
N GLY Q 141 26.66 -44.68 -51.45
CA GLY Q 141 27.52 -45.35 -50.49
C GLY Q 141 26.95 -45.31 -49.07
N THR Q 142 26.35 -44.19 -48.69
CA THR Q 142 25.70 -44.06 -47.39
C THR Q 142 24.50 -44.99 -47.29
N ILE Q 143 23.69 -45.05 -48.36
CA ILE Q 143 22.55 -45.96 -48.37
C ILE Q 143 23.02 -47.42 -48.28
N ALA Q 144 24.11 -47.74 -48.97
CA ALA Q 144 24.66 -49.10 -48.91
C ALA Q 144 25.22 -49.43 -47.52
N LEU Q 145 25.89 -48.46 -46.89
CA LEU Q 145 26.43 -48.69 -45.54
C LEU Q 145 25.30 -48.90 -44.53
N LEU Q 146 24.23 -48.12 -44.63
CA LEU Q 146 23.10 -48.32 -43.72
C LEU Q 146 22.37 -49.62 -44.00
N GLU Q 147 22.32 -50.05 -45.27
CA GLU Q 147 21.78 -51.35 -45.61
C GLU Q 147 22.62 -52.47 -44.99
N THR Q 148 23.94 -52.30 -45.01
CA THR Q 148 24.85 -53.24 -44.38
C THR Q 148 24.66 -53.27 -42.86
N LEU Q 149 24.46 -52.09 -42.26
CA LEU Q 149 24.18 -52.01 -40.82
C LEU Q 149 22.85 -52.66 -40.47
N ASP Q 150 21.88 -52.63 -41.39
CA ASP Q 150 20.68 -53.45 -41.24
C ASP Q 150 21.03 -54.94 -41.25
N GLY Q 151 21.91 -55.35 -42.15
CA GLY Q 151 22.39 -56.71 -42.20
C GLY Q 151 22.00 -57.55 -43.40
N LYS Q 152 21.71 -56.93 -44.54
CA LYS Q 152 21.40 -57.63 -45.77
C LYS Q 152 22.51 -57.58 -46.81
N ARG Q 153 23.67 -57.00 -46.47
CA ARG Q 153 24.72 -56.75 -47.45
C ARG Q 153 26.07 -56.75 -46.74
N ALA Q 154 27.05 -57.43 -47.35
CA ALA Q 154 28.40 -57.48 -46.80
C ALA Q 154 29.05 -56.10 -46.87
N PRO Q 155 29.88 -55.74 -45.90
CA PRO Q 155 30.56 -54.44 -45.93
C PRO Q 155 31.57 -54.36 -47.07
N GLY Q 156 31.44 -53.31 -47.88
CA GLY Q 156 32.30 -53.13 -49.04
C GLY Q 156 31.92 -53.96 -50.24
N ASP Q 157 30.79 -54.65 -50.19
CA ASP Q 157 30.32 -55.44 -51.33
C ASP Q 157 29.37 -54.56 -52.14
N PHE Q 158 29.92 -53.88 -53.15
CA PHE Q 158 29.11 -53.13 -54.09
C PHE Q 158 28.80 -53.93 -55.34
N LYS Q 159 29.20 -55.20 -55.39
CA LYS Q 159 28.98 -56.12 -56.52
C LYS Q 159 29.52 -55.55 -57.83
N PHE Q 160 30.65 -54.86 -57.76
CA PHE Q 160 31.26 -54.21 -58.92
C PHE Q 160 32.37 -55.12 -59.43
N ASP Q 161 31.99 -56.05 -60.30
CA ASP Q 161 32.93 -56.95 -60.98
C ASP Q 161 32.56 -57.02 -62.45
N PRO Q 162 32.83 -55.96 -63.22
CA PRO Q 162 32.43 -55.97 -64.63
C PRO Q 162 33.28 -56.87 -65.51
N LEU Q 163 34.45 -57.32 -65.03
CA LEU Q 163 35.29 -58.23 -65.78
C LEU Q 163 35.17 -59.68 -65.31
N ASN Q 164 34.36 -59.93 -64.27
CA ASN Q 164 34.07 -61.27 -63.73
C ASN Q 164 35.34 -62.02 -63.36
N PHE Q 165 36.16 -61.41 -62.50
CA PHE Q 165 37.44 -62.01 -62.15
C PHE Q 165 37.27 -63.17 -61.18
N SER Q 166 36.36 -63.03 -60.21
CA SER Q 166 36.17 -64.03 -59.15
C SER Q 166 35.01 -64.96 -59.51
N LYS Q 167 35.26 -65.90 -60.41
CA LYS Q 167 34.19 -66.82 -60.79
C LYS Q 167 33.97 -67.91 -59.74
N ASN Q 168 35.00 -68.71 -59.47
CA ASN Q 168 34.95 -69.67 -58.38
C ASN Q 168 35.22 -68.98 -57.04
N PRO Q 169 34.61 -69.47 -55.94
CA PRO Q 169 34.74 -68.77 -54.64
C PRO Q 169 36.15 -68.69 -54.07
N GLU Q 170 37.03 -69.65 -54.40
CA GLU Q 170 38.36 -69.65 -53.79
C GLU Q 170 39.21 -68.49 -54.27
N THR Q 171 39.22 -68.20 -55.59
CA THR Q 171 39.90 -67.00 -56.07
C THR Q 171 39.26 -65.73 -55.49
N PHE Q 172 37.95 -65.75 -55.24
CA PHE Q 172 37.27 -64.64 -54.58
C PHE Q 172 37.84 -64.41 -53.18
N LYS Q 173 38.08 -65.50 -52.44
CA LYS Q 173 38.72 -65.41 -51.13
C LYS Q 173 40.15 -64.87 -51.24
N ARG Q 174 40.89 -65.35 -52.25
CA ARG Q 174 42.26 -64.91 -52.45
C ARG Q 174 42.35 -63.43 -52.79
N TYR Q 175 41.47 -62.94 -53.68
CA TYR Q 175 41.39 -61.50 -53.93
C TYR Q 175 40.88 -60.72 -52.72
N GLN Q 176 40.00 -61.27 -51.90
CA GLN Q 176 39.55 -60.55 -50.71
C GLN Q 176 40.69 -60.34 -49.73
N LEU Q 177 41.47 -61.41 -49.46
CA LEU Q 177 42.65 -61.29 -48.61
C LEU Q 177 43.69 -60.33 -49.20
N ALA Q 178 43.91 -60.42 -50.52
CA ALA Q 178 44.87 -59.54 -51.17
C ALA Q 178 44.41 -58.08 -51.14
N GLU Q 179 43.11 -57.86 -51.35
CA GLU Q 179 42.55 -56.52 -51.31
C GLU Q 179 42.69 -55.88 -49.94
N ILE Q 180 42.34 -56.62 -48.87
CA ILE Q 180 42.46 -56.03 -47.54
C ILE Q 180 43.93 -55.82 -47.15
N LYS Q 181 44.82 -56.73 -47.55
CA LYS Q 181 46.23 -56.57 -47.20
C LYS Q 181 46.87 -55.42 -47.96
N ASN Q 182 46.61 -55.31 -49.26
CA ASN Q 182 47.12 -54.20 -50.05
C ASN Q 182 46.49 -52.87 -49.62
N GLY Q 183 45.23 -52.88 -49.18
CA GLY Q 183 44.62 -51.65 -48.73
C GLY Q 183 45.27 -51.14 -47.45
N ARG Q 184 45.52 -52.02 -46.49
CA ARG Q 184 46.23 -51.62 -45.28
C ARG Q 184 47.66 -51.16 -45.58
N LEU Q 185 48.36 -51.90 -46.45
CA LEU Q 185 49.71 -51.54 -46.85
C LEU Q 185 49.75 -50.19 -47.55
N ALA Q 186 48.75 -49.91 -48.39
CA ALA Q 186 48.69 -48.63 -49.08
C ALA Q 186 48.27 -47.50 -48.17
N MET Q 187 47.47 -47.79 -47.13
CA MET Q 187 47.20 -46.80 -46.09
C MET Q 187 48.49 -46.31 -45.44
N MET Q 188 49.31 -47.27 -44.97
CA MET Q 188 50.62 -46.92 -44.41
C MET Q 188 51.52 -46.24 -45.43
N GLY Q 189 51.53 -46.75 -46.67
CA GLY Q 189 52.36 -46.16 -47.71
C GLY Q 189 52.02 -44.72 -48.03
N VAL Q 190 50.73 -44.43 -48.22
CA VAL Q 190 50.33 -43.06 -48.56
C VAL Q 190 50.52 -42.13 -47.37
N GLY Q 191 50.37 -42.63 -46.14
CA GLY Q 191 50.72 -41.83 -44.97
C GLY Q 191 52.19 -41.44 -44.96
N GLY Q 192 53.05 -42.42 -45.23
CA GLY Q 192 54.48 -42.15 -45.33
C GLY Q 192 54.81 -41.20 -46.47
N MET Q 193 54.14 -41.36 -47.61
CA MET Q 193 54.42 -40.53 -48.77
C MET Q 193 54.06 -39.07 -48.50
N VAL Q 194 52.87 -38.82 -47.97
CA VAL Q 194 52.49 -37.43 -47.74
C VAL Q 194 53.28 -36.80 -46.59
N HIS Q 195 53.66 -37.58 -45.57
CA HIS Q 195 54.45 -36.95 -44.51
C HIS Q 195 55.91 -36.75 -44.91
N GLY Q 196 56.46 -37.64 -45.75
CA GLY Q 196 57.76 -37.39 -46.36
C GLY Q 196 57.76 -36.20 -47.30
N TYR Q 197 56.64 -35.97 -47.99
CA TYR Q 197 56.50 -34.75 -48.77
C TYR Q 197 56.44 -33.52 -47.87
N PHE Q 198 55.76 -33.62 -46.73
CA PHE Q 198 55.77 -32.53 -45.77
C PHE Q 198 57.16 -32.25 -45.21
N ILE Q 199 58.00 -33.28 -45.10
CA ILE Q 199 59.34 -33.04 -44.55
C ILE Q 199 60.28 -32.49 -45.61
N THR Q 200 60.40 -33.16 -46.77
CA THR Q 200 61.40 -32.74 -47.76
C THR Q 200 60.85 -32.06 -49.00
N GLY Q 201 59.56 -32.22 -49.31
CA GLY Q 201 59.02 -31.67 -50.53
C GLY Q 201 59.56 -32.30 -51.80
N LYS Q 202 59.95 -33.57 -51.75
CA LYS Q 202 60.49 -34.27 -52.92
C LYS Q 202 59.42 -35.04 -53.69
N GLY Q 203 58.71 -35.95 -53.02
CA GLY Q 203 57.89 -36.90 -53.73
C GLY Q 203 58.39 -38.31 -53.50
N PRO Q 204 57.48 -39.30 -53.51
CA PRO Q 204 57.88 -40.68 -53.20
C PRO Q 204 58.93 -41.28 -54.11
N LEU Q 205 58.95 -40.93 -55.40
CA LEU Q 205 60.03 -41.41 -56.25
C LEU Q 205 61.21 -40.45 -56.30
N GLU Q 206 60.96 -39.14 -56.14
CA GLU Q 206 62.06 -38.18 -56.11
C GLU Q 206 62.90 -38.32 -54.85
N LEU Q 207 62.29 -38.64 -53.71
CA LEU Q 207 63.05 -38.90 -52.49
C LEU Q 207 63.90 -40.15 -52.62
N LEU Q 208 63.41 -41.16 -53.35
CA LEU Q 208 64.23 -42.32 -53.67
C LEU Q 208 65.39 -41.94 -54.58
N GLY Q 209 65.12 -41.11 -55.59
CA GLY Q 209 66.16 -40.68 -56.50
C GLY Q 209 67.04 -39.54 -56.02
N ASN Q 210 66.78 -38.98 -54.85
CA ASN Q 210 67.66 -37.95 -54.29
C ASN Q 210 67.63 -38.12 -52.77
N PHE Q 211 68.63 -38.83 -52.26
CA PHE Q 211 68.73 -39.41 -50.89
C PHE Q 211 67.42 -39.60 -50.10
N ASP R 1 16.03 -56.73 -64.44
CA ASP R 1 17.17 -56.62 -63.55
C ASP R 1 17.05 -55.40 -62.65
N ASN R 2 18.01 -55.22 -61.75
CA ASN R 2 18.04 -54.12 -60.81
C ASN R 2 19.12 -53.12 -61.21
N ALA R 3 18.79 -51.83 -61.14
CA ALA R 3 19.76 -50.79 -61.46
C ALA R 3 20.91 -50.78 -60.45
N MET R 4 20.61 -51.00 -59.17
CA MET R 4 21.63 -51.09 -58.13
C MET R 4 21.69 -52.52 -57.57
N PRO R 5 22.69 -53.31 -57.94
CA PRO R 5 22.72 -54.70 -57.46
C PRO R 5 23.08 -54.84 -56.00
N PHE R 6 23.74 -53.85 -55.39
CA PHE R 6 24.14 -54.00 -53.99
C PHE R 6 23.04 -53.65 -53.00
N LEU R 7 21.95 -53.05 -53.44
CA LEU R 7 20.73 -52.92 -52.66
C LEU R 7 19.64 -53.82 -53.20
N GLU R 8 18.71 -54.16 -52.31
CA GLU R 8 17.53 -54.93 -52.69
C GLU R 8 16.56 -54.08 -53.49
N GLY R 9 15.74 -54.75 -54.30
CA GLY R 9 14.73 -54.10 -55.09
C GLY R 9 13.69 -53.39 -54.24
N PRO R 10 13.38 -52.15 -54.62
CA PRO R 10 12.34 -51.37 -53.91
C PRO R 10 10.98 -52.05 -53.97
N PRO R 11 10.38 -52.33 -52.82
CA PRO R 11 9.18 -53.19 -52.78
C PRO R 11 7.96 -52.57 -53.45
N LYS R 12 7.86 -51.24 -53.51
CA LYS R 12 6.71 -50.61 -54.13
C LYS R 12 6.84 -50.47 -55.65
N LEU R 13 8.00 -50.80 -56.20
CA LEU R 13 8.22 -50.78 -57.64
C LEU R 13 8.10 -52.22 -58.14
N ASP R 14 6.93 -52.57 -58.69
CA ASP R 14 6.64 -53.94 -59.06
C ASP R 14 6.92 -54.26 -60.52
N GLY R 15 7.38 -53.28 -61.30
CA GLY R 15 7.64 -53.53 -62.70
C GLY R 15 6.45 -53.39 -63.62
N SER R 16 5.26 -53.07 -63.09
CA SER R 16 4.10 -52.86 -63.93
C SER R 16 4.23 -51.57 -64.74
N LEU R 17 4.69 -50.50 -64.09
CA LEU R 17 4.87 -49.22 -64.77
C LEU R 17 6.04 -49.29 -65.73
N ALA R 18 5.89 -48.61 -66.87
CA ALA R 18 6.92 -48.60 -67.89
C ALA R 18 8.14 -47.81 -67.40
N GLY R 19 9.32 -48.33 -67.74
CA GLY R 19 10.57 -47.72 -67.34
C GLY R 19 11.11 -48.17 -66.00
N ASP R 20 10.39 -49.03 -65.29
CA ASP R 20 10.84 -49.51 -63.98
C ASP R 20 11.99 -50.48 -64.19
N VAL R 21 13.21 -50.04 -63.88
CA VAL R 21 14.36 -50.92 -63.77
C VAL R 21 14.75 -51.16 -62.32
N GLY R 22 13.95 -50.67 -61.38
CA GLY R 22 14.26 -50.84 -59.97
C GLY R 22 15.08 -49.73 -59.35
N PHE R 23 15.06 -48.53 -59.94
CA PHE R 23 15.94 -47.44 -59.50
C PHE R 23 15.17 -46.52 -58.56
N ASP R 24 15.25 -46.83 -57.26
CA ASP R 24 14.81 -45.92 -56.20
C ASP R 24 15.72 -46.09 -54.99
N PRO R 25 16.96 -45.60 -55.05
CA PRO R 25 17.88 -45.81 -53.92
C PRO R 25 17.49 -45.03 -52.67
N VAL R 26 16.99 -43.81 -52.81
CA VAL R 26 16.54 -43.04 -51.65
C VAL R 26 15.28 -43.65 -51.05
N GLY R 27 14.43 -44.26 -51.86
CA GLY R 27 13.19 -44.82 -51.37
C GLY R 27 12.06 -43.83 -51.34
N PHE R 28 11.92 -43.04 -52.40
CA PHE R 28 10.83 -42.07 -52.50
C PHE R 28 9.47 -42.76 -52.58
N SER R 29 9.41 -43.94 -53.20
CA SER R 29 8.15 -44.67 -53.33
C SER R 29 7.69 -45.28 -52.01
N ASN R 30 8.56 -45.36 -51.01
CA ASN R 30 8.18 -45.87 -49.70
C ASN R 30 7.39 -44.85 -48.88
N TYR R 31 7.43 -43.57 -49.27
CA TYR R 31 6.78 -42.49 -48.54
C TYR R 31 5.58 -41.90 -49.27
N PHE R 32 5.69 -41.71 -50.59
CA PHE R 32 4.69 -41.03 -51.38
C PHE R 32 3.98 -42.00 -52.32
N ASP R 33 2.77 -41.61 -52.71
CA ASP R 33 1.97 -42.40 -53.65
C ASP R 33 2.67 -42.45 -55.00
N ILE R 34 2.72 -43.64 -55.59
CA ILE R 34 3.41 -43.85 -56.86
C ILE R 34 2.67 -43.20 -58.03
N ARG R 35 1.35 -43.01 -57.91
CA ARG R 35 0.60 -42.32 -58.96
C ARG R 35 0.97 -40.85 -59.03
N TRP R 36 1.15 -40.20 -57.87
CA TRP R 36 1.62 -38.83 -57.83
C TRP R 36 3.04 -38.72 -58.40
N LEU R 37 3.89 -39.70 -58.08
CA LEU R 37 5.25 -39.70 -58.60
C LEU R 37 5.28 -39.88 -60.12
N ARG R 38 4.42 -40.75 -60.65
CA ARG R 38 4.34 -40.90 -62.11
C ARG R 38 3.76 -39.67 -62.80
N GLU R 39 2.74 -39.03 -62.21
CA GLU R 39 2.20 -37.81 -62.80
C GLU R 39 3.23 -36.70 -62.82
N ALA R 40 3.99 -36.56 -61.71
CA ALA R 40 5.06 -35.55 -61.65
C ALA R 40 6.19 -35.86 -62.63
N GLU R 41 6.59 -37.13 -62.74
CA GLU R 41 7.68 -37.50 -63.64
C GLU R 41 7.29 -37.25 -65.09
N LEU R 42 6.08 -37.62 -65.47
CA LEU R 42 5.64 -37.39 -66.84
C LEU R 42 5.47 -35.90 -67.13
N LYS R 43 4.95 -35.12 -66.18
CA LYS R 43 4.81 -33.68 -66.40
C LYS R 43 6.16 -32.99 -66.52
N HIS R 44 7.10 -33.30 -65.61
CA HIS R 44 8.46 -32.75 -65.71
C HIS R 44 9.12 -33.13 -67.04
N GLY R 45 8.97 -34.39 -67.45
CA GLY R 45 9.56 -34.83 -68.72
C GLY R 45 8.94 -34.19 -69.95
N ARG R 46 7.62 -34.01 -69.94
CA ARG R 46 6.93 -33.40 -71.07
C ARG R 46 7.28 -31.93 -71.20
N VAL R 47 7.29 -31.21 -70.07
CA VAL R 47 7.73 -29.83 -70.04
C VAL R 47 9.18 -29.72 -70.53
N CYS R 48 10.02 -30.68 -70.17
CA CYS R 48 11.41 -30.65 -70.64
C CYS R 48 11.55 -31.00 -72.12
N MET R 49 10.70 -31.87 -72.65
CA MET R 49 10.75 -32.13 -74.09
C MET R 49 10.37 -30.89 -74.88
N LEU R 50 9.30 -30.22 -74.46
CA LEU R 50 8.93 -28.94 -75.08
C LEU R 50 10.01 -27.88 -74.86
N GLY R 51 10.69 -27.90 -73.71
CA GLY R 51 11.74 -26.93 -73.46
C GLY R 51 12.98 -27.16 -74.30
N VAL R 52 13.37 -28.42 -74.50
CA VAL R 52 14.48 -28.76 -75.38
C VAL R 52 14.18 -28.32 -76.81
N THR R 53 12.96 -28.63 -77.28
CA THR R 53 12.58 -28.22 -78.64
C THR R 53 12.53 -26.70 -78.77
N GLY R 54 12.04 -26.00 -77.74
CA GLY R 54 12.03 -24.54 -77.76
C GLY R 54 13.42 -23.92 -77.73
N LEU R 55 14.32 -24.47 -76.91
CA LEU R 55 15.70 -24.00 -76.86
C LEU R 55 16.43 -24.25 -78.18
N LEU R 56 16.06 -25.31 -78.89
CA LEU R 56 16.65 -25.55 -80.20
C LEU R 56 16.03 -24.66 -81.28
N VAL R 57 14.75 -24.30 -81.16
CA VAL R 57 14.09 -23.54 -82.21
C VAL R 57 14.25 -22.04 -82.02
N GLN R 58 14.17 -21.54 -80.78
CA GLN R 58 14.32 -20.12 -80.52
C GLN R 58 15.74 -19.60 -80.74
N GLU R 59 16.73 -20.49 -80.86
CA GLU R 59 18.07 -20.07 -81.24
C GLU R 59 18.12 -19.55 -82.67
N ALA R 60 17.31 -20.12 -83.56
CA ALA R 60 17.37 -19.83 -84.99
C ALA R 60 16.15 -19.07 -85.50
N ILE R 61 14.96 -19.43 -85.06
CA ILE R 61 13.72 -18.84 -85.57
C ILE R 61 13.20 -17.85 -84.54
N CYS R 62 12.98 -16.61 -84.96
CA CYS R 62 12.33 -15.59 -84.15
C CYS R 62 11.18 -15.00 -84.93
N LEU R 63 9.98 -15.07 -84.36
CA LEU R 63 8.83 -14.39 -84.93
C LEU R 63 9.05 -12.89 -84.98
N PRO R 64 8.63 -12.20 -86.05
CA PRO R 64 8.87 -10.75 -86.15
C PRO R 64 8.14 -9.91 -85.09
N GLN R 65 7.10 -10.45 -84.46
CA GLN R 65 6.42 -9.75 -83.37
C GLN R 65 7.35 -9.51 -82.18
N PHE R 66 8.16 -10.50 -81.83
CA PHE R 66 9.17 -10.36 -80.79
C PHE R 66 10.53 -9.99 -81.38
N ALA R 67 11.49 -9.71 -80.49
CA ALA R 67 12.82 -9.25 -80.86
C ALA R 67 13.84 -10.13 -80.15
N ASN R 68 14.50 -11.01 -80.91
CA ASN R 68 15.33 -12.08 -80.36
C ASN R 68 16.50 -11.57 -79.52
N GLY R 69 16.77 -12.27 -78.43
CA GLY R 69 17.97 -12.08 -77.65
C GLY R 69 19.14 -12.88 -78.21
N LYS R 70 20.33 -12.61 -77.65
CA LYS R 70 21.54 -13.30 -78.12
C LYS R 70 21.52 -14.79 -77.81
N THR R 71 20.87 -15.18 -76.72
CA THR R 71 20.73 -16.58 -76.36
C THR R 71 19.26 -16.88 -76.03
N PRO R 72 18.80 -18.12 -76.28
CA PRO R 72 17.41 -18.48 -75.94
C PRO R 72 17.02 -18.30 -74.48
N VAL R 73 17.98 -18.22 -73.55
CA VAL R 73 17.61 -17.96 -72.16
C VAL R 73 17.32 -16.48 -71.96
N ASP R 74 18.11 -15.60 -72.61
CA ASP R 74 17.81 -14.18 -72.63
C ASP R 74 16.52 -13.86 -73.38
N ASP R 75 16.08 -14.75 -74.28
CA ASP R 75 14.80 -14.59 -74.97
C ASP R 75 13.62 -14.43 -74.02
N PHE R 76 13.70 -14.99 -72.81
CA PHE R 76 12.67 -14.79 -71.80
C PHE R 76 12.60 -13.34 -71.36
N PHE R 77 13.75 -12.67 -71.26
CA PHE R 77 13.83 -11.35 -70.64
C PHE R 77 13.53 -10.21 -71.60
N VAL R 78 13.24 -10.50 -72.87
CA VAL R 78 12.88 -9.48 -73.85
C VAL R 78 11.41 -9.52 -74.21
N VAL R 79 10.66 -10.49 -73.69
CA VAL R 79 9.22 -10.60 -73.95
C VAL R 79 8.51 -9.57 -73.08
N PRO R 80 7.43 -8.96 -73.56
CA PRO R 80 6.56 -8.18 -72.68
C PRO R 80 6.02 -9.01 -71.52
N ALA R 81 5.91 -8.35 -70.35
CA ALA R 81 5.50 -9.03 -69.12
C ALA R 81 4.07 -9.56 -69.22
N ALA R 82 3.19 -8.80 -69.88
CA ALA R 82 1.81 -9.21 -70.04
C ALA R 82 1.70 -10.48 -70.88
N GLY R 83 2.60 -10.66 -71.86
CA GLY R 83 2.59 -11.89 -72.63
C GLY R 83 3.02 -13.10 -71.83
N LEU R 84 4.03 -12.94 -70.98
CA LEU R 84 4.44 -14.01 -70.07
C LEU R 84 3.32 -14.37 -69.11
N TRP R 85 2.61 -13.36 -68.58
CA TRP R 85 1.45 -13.61 -67.74
C TRP R 85 0.34 -14.31 -68.51
N GLN R 86 0.14 -13.95 -69.79
CA GLN R 86 -0.84 -14.63 -70.63
C GLN R 86 -0.53 -16.10 -70.78
N VAL R 87 0.75 -16.42 -71.05
CA VAL R 87 1.18 -17.81 -71.17
C VAL R 87 0.99 -18.55 -69.84
N PHE R 88 1.37 -17.90 -68.74
CA PHE R 88 1.25 -18.49 -67.40
C PHE R 88 -0.21 -18.80 -67.06
N PHE R 89 -1.12 -17.88 -67.36
CA PHE R 89 -2.53 -18.11 -67.01
C PHE R 89 -3.19 -19.08 -67.98
N THR R 90 -2.76 -19.13 -69.24
CA THR R 90 -3.25 -20.17 -70.14
C THR R 90 -2.81 -21.57 -69.67
N ILE R 91 -1.56 -21.69 -69.22
CA ILE R 91 -1.09 -22.95 -68.67
C ILE R 91 -1.85 -23.30 -67.39
N GLY R 92 -2.15 -22.29 -66.57
CA GLY R 92 -2.97 -22.54 -65.39
C GLY R 92 -4.36 -23.02 -65.71
N ALA R 93 -4.98 -22.45 -66.76
CA ALA R 93 -6.29 -22.93 -67.21
C ALA R 93 -6.21 -24.38 -67.71
N VAL R 94 -5.15 -24.71 -68.44
CA VAL R 94 -4.95 -26.09 -68.91
C VAL R 94 -4.77 -27.04 -67.74
N GLU R 95 -4.01 -26.61 -66.72
CA GLU R 95 -3.78 -27.44 -65.54
C GLU R 95 -5.06 -27.63 -64.73
N PHE R 96 -5.92 -26.60 -64.70
CA PHE R 96 -7.19 -26.72 -64.00
C PHE R 96 -8.16 -27.65 -64.75
N PHE R 97 -8.25 -27.50 -66.07
CA PHE R 97 -9.25 -28.24 -66.82
C PHE R 97 -8.83 -29.68 -67.13
N SER R 98 -7.54 -29.94 -67.28
CA SER R 98 -7.07 -31.28 -67.60
C SER R 98 -7.13 -32.21 -66.40
N ASN R 99 -7.15 -31.66 -65.18
CA ASN R 99 -7.21 -32.45 -63.96
C ASN R 99 -8.59 -32.49 -63.34
N GLY R 100 -9.60 -31.92 -64.00
CA GLY R 100 -10.95 -31.86 -63.46
C GLY R 100 -11.06 -31.01 -62.21
N PHE R 101 -10.29 -29.91 -62.14
CA PHE R 101 -10.20 -29.00 -60.99
C PHE R 101 -9.78 -29.72 -59.72
N LYS R 102 -9.01 -30.79 -59.86
CA LYS R 102 -8.58 -31.65 -58.77
C LYS R 102 -7.05 -31.66 -58.79
N LEU R 103 -6.44 -30.73 -58.06
CA LEU R 103 -5.05 -30.34 -58.26
C LEU R 103 -4.12 -30.80 -57.16
N THR R 104 -4.59 -31.57 -56.19
CA THR R 104 -3.85 -31.90 -54.99
C THR R 104 -3.63 -33.40 -54.90
N PRO R 105 -2.61 -33.85 -54.16
CA PRO R 105 -2.42 -35.31 -53.97
C PRO R 105 -3.54 -36.02 -53.22
N GLY R 106 -4.46 -35.28 -52.59
CA GLY R 106 -5.55 -35.93 -51.88
C GLY R 106 -6.77 -36.20 -52.74
N ASP R 107 -6.86 -35.56 -53.90
CA ASP R 107 -8.04 -35.73 -54.75
C ASP R 107 -7.75 -35.95 -56.23
N MET R 108 -6.49 -35.92 -56.66
CA MET R 108 -6.18 -36.10 -58.08
C MET R 108 -6.61 -37.47 -58.59
N PHE R 109 -6.31 -38.52 -57.83
CA PHE R 109 -6.61 -39.89 -58.24
C PHE R 109 -7.75 -40.50 -57.42
N SER R 110 -8.67 -39.64 -56.94
CA SER R 110 -9.80 -40.14 -56.17
C SER R 110 -10.78 -40.94 -57.02
N GLU R 111 -10.85 -40.65 -58.33
CA GLU R 111 -11.75 -41.35 -59.24
C GLU R 111 -11.06 -42.47 -60.00
N GLY R 112 -9.93 -42.95 -59.51
CA GLY R 112 -9.22 -44.05 -60.14
C GLY R 112 -8.69 -43.73 -61.53
N ARG R 113 -8.11 -42.56 -61.72
CA ARG R 113 -7.62 -42.16 -63.03
C ARG R 113 -6.15 -42.55 -63.15
N GLU R 114 -5.71 -42.74 -64.40
CA GLU R 114 -4.35 -43.20 -64.61
C GLU R 114 -3.37 -42.05 -64.58
N ALA R 115 -2.21 -42.27 -63.97
CA ALA R 115 -1.19 -41.24 -63.85
C ALA R 115 -0.57 -40.95 -65.21
N GLY R 116 -0.59 -39.68 -65.60
CA GLY R 116 -0.11 -39.24 -66.89
C GLY R 116 -1.10 -39.34 -68.02
N ASP R 117 -2.20 -40.07 -67.85
CA ASP R 117 -3.26 -40.14 -68.85
C ASP R 117 -4.25 -39.02 -68.56
N LEU R 118 -4.16 -37.93 -69.31
CA LEU R 118 -5.15 -36.86 -69.24
C LEU R 118 -6.13 -36.92 -70.40
N GLY R 119 -6.14 -38.02 -71.14
CA GLY R 119 -7.07 -38.23 -72.25
C GLY R 119 -6.79 -37.36 -73.46
N PHE R 120 -5.56 -36.90 -73.64
CA PHE R 120 -5.18 -36.10 -74.80
C PHE R 120 -4.48 -37.03 -75.79
N ASP R 121 -5.27 -37.65 -76.67
CA ASP R 121 -4.74 -38.46 -77.77
C ASP R 121 -5.54 -38.16 -79.04
N PRO R 122 -5.34 -36.98 -79.64
CA PRO R 122 -6.17 -36.60 -80.80
C PRO R 122 -6.02 -37.48 -82.03
N LEU R 123 -4.78 -37.70 -82.49
CA LEU R 123 -4.52 -38.24 -83.82
C LEU R 123 -4.45 -39.77 -83.83
N GLY R 124 -5.49 -40.43 -83.33
CA GLY R 124 -5.50 -41.87 -83.22
C GLY R 124 -4.49 -42.37 -82.22
N CYS R 125 -3.48 -43.12 -82.69
CA CYS R 125 -2.20 -43.36 -82.03
C CYS R 125 -2.29 -44.26 -80.79
N GLY R 126 -3.48 -44.71 -80.41
CA GLY R 126 -3.65 -45.35 -79.13
C GLY R 126 -4.56 -46.57 -79.14
N LYS R 127 -4.66 -47.23 -80.28
CA LYS R 127 -5.52 -48.41 -80.40
C LYS R 127 -4.77 -49.71 -80.23
N ASN R 128 -3.59 -49.84 -80.84
CA ASN R 128 -2.72 -50.99 -80.60
C ASN R 128 -2.20 -50.98 -79.18
N PRO R 129 -2.49 -52.00 -78.36
CA PRO R 129 -1.91 -52.02 -77.00
C PRO R 129 -0.42 -52.31 -76.98
N ASP R 130 0.05 -53.20 -77.88
CA ASP R 130 1.47 -53.51 -77.96
C ASP R 130 2.29 -52.29 -78.38
N ALA R 131 1.71 -51.42 -79.21
CA ALA R 131 2.37 -50.16 -79.52
C ALA R 131 2.22 -49.16 -78.39
N LEU R 132 1.12 -49.25 -77.62
CA LEU R 132 0.91 -48.34 -76.49
C LEU R 132 1.95 -48.56 -75.39
N ALA R 133 2.29 -49.82 -75.11
CA ALA R 133 3.30 -50.12 -74.10
C ALA R 133 4.67 -49.61 -74.53
N ARG R 134 5.05 -49.88 -75.78
CA ARG R 134 6.34 -49.43 -76.28
C ARG R 134 6.42 -47.90 -76.35
N ARG R 135 5.32 -47.23 -76.70
CA ARG R 135 5.34 -45.78 -76.71
C ARG R 135 5.33 -45.20 -75.30
N ARG R 136 4.78 -45.94 -74.33
CA ARG R 136 4.93 -45.55 -72.92
C ARG R 136 6.40 -45.60 -72.50
N LEU R 137 7.08 -46.70 -72.86
CA LEU R 137 8.51 -46.84 -72.53
C LEU R 137 9.35 -45.75 -73.21
N VAL R 138 9.04 -45.46 -74.48
CA VAL R 138 9.76 -44.41 -75.22
C VAL R 138 9.49 -43.05 -74.59
N GLU R 139 8.23 -42.77 -74.24
CA GLU R 139 7.86 -41.51 -73.61
C GLU R 139 8.58 -41.30 -72.28
N VAL R 140 8.62 -42.32 -71.41
CA VAL R 140 9.29 -42.12 -70.12
C VAL R 140 10.81 -41.99 -70.28
N LYS R 141 11.41 -42.72 -71.23
CA LYS R 141 12.86 -42.60 -71.39
C LYS R 141 13.24 -41.27 -72.04
N ASN R 142 12.53 -40.87 -73.09
CA ASN R 142 12.80 -39.57 -73.70
C ASN R 142 12.43 -38.42 -72.77
N GLY R 143 11.45 -38.61 -71.87
CA GLY R 143 11.16 -37.60 -70.87
C GLY R 143 12.30 -37.40 -69.89
N ARG R 144 12.85 -38.49 -69.36
CA ARG R 144 14.00 -38.38 -68.46
C ARG R 144 15.23 -37.83 -69.19
N LEU R 145 15.45 -38.29 -70.43
CA LEU R 145 16.55 -37.80 -71.23
C LEU R 145 16.41 -36.31 -71.52
N ALA R 146 15.19 -35.84 -71.80
CA ALA R 146 14.98 -34.42 -72.03
C ALA R 146 15.06 -33.62 -70.74
N MET R 147 14.79 -34.22 -69.59
CA MET R 147 15.06 -33.55 -68.32
C MET R 147 16.54 -33.26 -68.16
N ILE R 148 17.37 -34.31 -68.30
CA ILE R 148 18.81 -34.13 -68.15
C ILE R 148 19.36 -33.22 -69.25
N ALA R 149 18.85 -33.39 -70.48
CA ALA R 149 19.29 -32.57 -71.61
C ALA R 149 18.91 -31.11 -71.44
N PHE R 150 17.68 -30.84 -70.98
CA PHE R 150 17.26 -29.46 -70.77
C PHE R 150 18.06 -28.80 -69.65
N GLY R 151 18.33 -29.54 -68.57
CA GLY R 151 19.20 -29.01 -67.54
C GLY R 151 20.55 -28.63 -68.07
N GLY R 152 21.14 -29.52 -68.88
CA GLY R 152 22.42 -29.22 -69.49
C GLY R 152 22.38 -28.03 -70.43
N MET R 153 21.38 -27.98 -71.32
CA MET R 153 21.32 -26.92 -72.31
C MET R 153 21.09 -25.56 -71.64
N LEU R 154 20.19 -25.48 -70.67
CA LEU R 154 19.95 -24.22 -69.97
C LEU R 154 21.18 -23.76 -69.18
N HIS R 155 21.84 -24.68 -68.45
CA HIS R 155 22.97 -24.23 -67.63
C HIS R 155 24.18 -23.86 -68.48
N GLN R 156 24.46 -24.60 -69.56
CA GLN R 156 25.58 -24.25 -70.43
C GLN R 156 25.31 -22.99 -71.25
N GLN R 157 24.05 -22.75 -71.67
CA GLN R 157 23.73 -21.48 -72.31
C GLN R 157 23.81 -20.31 -71.33
N LEU R 158 23.46 -20.52 -70.06
CA LEU R 158 23.67 -19.46 -69.07
C LEU R 158 25.15 -19.21 -68.82
N LEU R 159 25.95 -20.26 -68.82
CA LEU R 159 27.38 -20.12 -68.55
C LEU R 159 28.11 -19.47 -69.72
N THR R 160 28.04 -20.09 -70.90
CA THR R 160 28.80 -19.61 -72.05
C THR R 160 28.20 -18.32 -72.63
N GLY R 161 26.91 -18.09 -72.43
CA GLY R 161 26.25 -16.94 -73.02
C GLY R 161 25.97 -17.05 -74.50
N GLN R 162 26.06 -18.25 -75.07
CA GLN R 162 25.70 -18.50 -76.46
C GLN R 162 24.72 -19.66 -76.50
N GLY R 163 24.09 -19.86 -77.65
CA GLY R 163 23.14 -20.94 -77.83
C GLY R 163 23.82 -22.30 -77.92
N THR R 164 22.99 -23.33 -78.03
CA THR R 164 23.47 -24.72 -78.01
C THR R 164 24.21 -25.06 -79.29
N LEU R 165 23.57 -24.85 -80.44
CA LEU R 165 24.23 -25.08 -81.72
C LEU R 165 25.30 -24.02 -81.99
N GLU R 166 25.18 -22.85 -81.39
CA GLU R 166 26.26 -21.86 -81.39
C GLU R 166 27.45 -22.32 -80.55
N GLN R 167 27.25 -23.27 -79.62
CA GLN R 167 28.32 -23.80 -78.80
C GLN R 167 28.89 -25.10 -79.34
N LEU R 168 28.11 -25.83 -80.14
CA LEU R 168 28.63 -27.05 -80.76
C LEU R 168 29.72 -26.74 -81.77
N ALA R 169 29.56 -25.67 -82.54
CA ALA R 169 30.68 -25.08 -83.27
C ALA R 169 31.40 -24.07 -82.38
N ASN R 170 32.59 -23.67 -82.85
CA ASN R 170 33.52 -22.71 -82.20
C ASN R 170 33.60 -22.86 -80.69
N PHE R 171 33.87 -24.09 -80.26
CA PHE R 171 33.74 -24.48 -78.86
C PHE R 171 34.93 -23.97 -78.07
N LYS R 172 34.67 -23.20 -77.03
CA LYS R 172 35.70 -22.67 -76.14
C LYS R 172 35.68 -23.42 -74.82
N ALA R 173 36.78 -23.29 -74.08
CA ALA R 173 36.93 -23.95 -72.78
C ALA R 173 37.13 -22.93 -71.68
N ILE R 174 36.81 -23.35 -70.46
CA ILE R 174 37.08 -22.52 -69.28
C ILE R 174 38.60 -22.40 -69.10
N ASN R 175 39.06 -21.17 -68.87
CA ASN R 175 40.49 -20.91 -68.71
C ASN R 175 40.75 -19.98 -67.54
N LEU S 26 -44.01 -19.81 -67.25
CA LEU S 26 -42.87 -19.21 -67.94
C LEU S 26 -43.00 -19.39 -69.45
N TYR S 27 -42.52 -18.39 -70.20
CA TYR S 27 -42.56 -18.44 -71.65
C TYR S 27 -41.50 -19.41 -72.17
N LYS S 28 -41.95 -20.43 -72.90
CA LYS S 28 -41.14 -21.57 -73.36
C LYS S 28 -40.26 -22.14 -72.23
N ASP S 29 -40.94 -22.56 -71.17
CA ASP S 29 -40.27 -23.18 -70.04
C ASP S 29 -39.66 -24.51 -70.47
N GLY S 30 -38.39 -24.72 -70.13
CA GLY S 30 -37.67 -25.90 -70.52
C GLY S 30 -37.03 -25.87 -71.89
N VAL S 31 -37.26 -24.80 -72.66
CA VAL S 31 -36.61 -24.65 -73.96
C VAL S 31 -35.79 -23.37 -73.97
N MET S 32 -36.46 -22.24 -73.74
CA MET S 32 -35.78 -20.94 -73.69
C MET S 32 -35.29 -20.59 -72.28
N GLN S 33 -36.03 -20.98 -71.25
CA GLN S 33 -35.64 -20.71 -69.88
C GLN S 33 -36.17 -21.80 -68.96
N GLY S 34 -35.63 -21.84 -67.76
CA GLY S 34 -36.11 -22.73 -66.72
C GLY S 34 -35.28 -23.98 -66.53
N LYS S 35 -35.98 -25.10 -66.33
CA LYS S 35 -35.33 -26.38 -66.06
C LYS S 35 -34.46 -26.83 -67.22
N GLY S 36 -33.41 -27.59 -66.88
CA GLY S 36 -32.63 -28.37 -67.83
C GLY S 36 -31.55 -27.61 -68.59
N LEU S 37 -31.79 -26.35 -68.92
CA LEU S 37 -30.82 -25.55 -69.67
C LEU S 37 -29.57 -25.30 -68.84
N VAL S 38 -28.41 -25.57 -69.45
CA VAL S 38 -27.11 -25.36 -68.84
C VAL S 38 -26.31 -24.44 -69.75
N ALA S 39 -25.89 -23.30 -69.22
CA ALA S 39 -25.17 -22.30 -70.00
C ALA S 39 -23.67 -22.56 -70.03
N VAL S 40 -23.07 -22.80 -68.87
CA VAL S 40 -21.67 -23.16 -68.75
C VAL S 40 -21.60 -24.61 -68.29
N PRO S 41 -21.16 -25.55 -69.14
CA PRO S 41 -21.23 -26.96 -68.76
C PRO S 41 -20.24 -27.37 -67.68
N PHE S 42 -19.11 -26.68 -67.55
CA PHE S 42 -18.13 -27.03 -66.52
C PHE S 42 -18.32 -26.24 -65.23
N ALA S 43 -19.18 -25.21 -65.23
CA ALA S 43 -19.48 -24.42 -64.03
C ALA S 43 -21.00 -24.37 -63.89
N LEU S 44 -21.55 -25.35 -63.18
CA LEU S 44 -22.98 -25.42 -62.96
C LEU S 44 -23.44 -24.30 -62.03
N ALA S 45 -24.63 -23.77 -62.30
CA ALA S 45 -25.22 -22.75 -61.45
C ALA S 45 -25.57 -23.34 -60.08
N PRO S 46 -25.62 -22.50 -59.04
CA PRO S 46 -26.05 -22.99 -57.72
C PRO S 46 -27.45 -23.61 -57.73
N ASP S 47 -27.59 -24.70 -56.97
CA ASP S 47 -28.89 -25.31 -56.77
C ASP S 47 -29.84 -24.47 -55.93
N SER S 48 -29.34 -23.44 -55.24
CA SER S 48 -30.23 -22.51 -54.54
C SER S 48 -30.97 -21.61 -55.52
N LEU S 49 -30.32 -21.25 -56.63
CA LEU S 49 -30.91 -20.53 -57.76
C LEU S 49 -32.04 -21.36 -58.36
N PRO S 50 -33.29 -20.95 -58.24
CA PRO S 50 -34.41 -21.77 -58.69
C PRO S 50 -34.56 -21.72 -60.20
N ALA S 51 -35.60 -22.40 -60.69
CA ALA S 51 -35.86 -22.52 -62.12
C ALA S 51 -37.19 -21.91 -62.53
N ASP S 52 -37.82 -21.12 -61.67
CA ASP S 52 -39.05 -20.43 -62.00
C ASP S 52 -38.97 -18.92 -61.80
N ILE S 53 -37.77 -18.37 -61.93
CA ILE S 53 -37.55 -16.93 -61.97
C ILE S 53 -37.36 -16.51 -63.42
N PRO S 54 -38.08 -15.49 -63.90
CA PRO S 54 -37.93 -15.08 -65.32
C PRO S 54 -36.51 -14.64 -65.65
N GLY S 55 -35.89 -15.40 -66.55
CA GLY S 55 -34.56 -15.13 -67.04
C GLY S 55 -33.53 -16.17 -66.66
N TYR S 56 -33.93 -17.22 -65.93
CA TYR S 56 -33.02 -18.29 -65.56
C TYR S 56 -32.69 -19.14 -66.79
N VAL S 57 -31.45 -19.07 -67.26
CA VAL S 57 -30.98 -19.95 -68.33
C VAL S 57 -29.97 -20.97 -67.80
N GLY S 58 -29.42 -20.78 -66.61
CA GLY S 58 -28.34 -21.61 -66.13
C GLY S 58 -27.03 -20.89 -65.88
N PHE S 59 -26.94 -19.59 -66.11
CA PHE S 59 -25.66 -18.88 -66.17
C PHE S 59 -25.37 -18.21 -64.84
N ASP S 60 -24.70 -18.95 -63.96
CA ASP S 60 -24.09 -18.41 -62.74
C ASP S 60 -22.81 -19.17 -62.47
N PRO S 61 -21.78 -18.96 -63.28
CA PRO S 61 -20.54 -19.74 -63.11
C PRO S 61 -19.76 -19.40 -61.85
N LEU S 62 -19.88 -18.18 -61.33
CA LEU S 62 -19.14 -17.77 -60.15
C LEU S 62 -19.91 -17.98 -58.85
N GLY S 63 -21.14 -18.48 -58.93
CA GLY S 63 -21.94 -18.75 -57.73
C GLY S 63 -22.26 -17.52 -56.90
N LEU S 64 -22.49 -16.38 -57.54
CA LEU S 64 -22.70 -15.13 -56.83
C LEU S 64 -24.09 -14.99 -56.25
N SER S 65 -25.02 -15.90 -56.57
CA SER S 65 -26.35 -15.87 -55.97
C SER S 65 -26.36 -16.36 -54.53
N THR S 66 -25.28 -16.98 -54.06
CA THR S 66 -25.18 -17.44 -52.69
C THR S 66 -24.71 -16.36 -51.73
N LEU S 67 -24.24 -15.23 -52.25
CA LEU S 67 -23.65 -14.18 -51.43
C LEU S 67 -24.62 -13.05 -51.12
N CYS S 68 -25.86 -13.14 -51.60
CA CYS S 68 -26.86 -12.11 -51.33
C CYS S 68 -28.25 -12.73 -51.39
N ASN S 69 -29.22 -11.99 -50.86
CA ASN S 69 -30.63 -12.41 -50.93
C ASN S 69 -31.08 -12.40 -52.38
N LEU S 70 -31.91 -13.40 -52.74
CA LEU S 70 -32.29 -13.58 -54.13
C LEU S 70 -33.28 -12.51 -54.59
N ASP S 71 -34.17 -12.07 -53.69
CA ASP S 71 -35.10 -10.99 -54.02
C ASP S 71 -34.35 -9.69 -54.30
N PHE S 72 -33.37 -9.36 -53.44
CA PHE S 72 -32.53 -8.19 -53.65
C PHE S 72 -31.77 -8.28 -54.96
N LEU S 73 -31.25 -9.47 -55.29
CA LEU S 73 -30.47 -9.67 -56.51
C LEU S 73 -31.35 -9.50 -57.75
N ARG S 74 -32.53 -10.10 -57.75
CA ARG S 74 -33.45 -9.99 -58.88
C ARG S 74 -33.93 -8.55 -59.08
N GLU S 75 -34.35 -7.90 -57.99
CA GLU S 75 -34.83 -6.52 -58.12
C GLU S 75 -33.70 -5.56 -58.46
N ALA S 76 -32.47 -5.84 -58.01
CA ALA S 76 -31.32 -5.03 -58.40
C ALA S 76 -30.99 -5.19 -59.87
N GLU S 77 -31.07 -6.42 -60.39
CA GLU S 77 -30.88 -6.68 -61.81
C GLU S 77 -31.93 -5.94 -62.64
N ILE S 78 -33.19 -6.01 -62.21
CA ILE S 78 -34.26 -5.36 -62.95
C ILE S 78 -34.09 -3.84 -62.94
N LYS S 79 -33.74 -3.25 -61.79
CA LYS S 79 -33.56 -1.80 -61.71
C LYS S 79 -32.35 -1.33 -62.52
N HIS S 80 -31.21 -2.04 -62.42
CA HIS S 80 -30.04 -1.75 -63.26
C HIS S 80 -30.40 -1.82 -64.74
N GLY S 81 -31.20 -2.83 -65.12
CA GLY S 81 -31.60 -2.98 -66.50
C GLY S 81 -32.52 -1.88 -67.00
N ARG S 82 -33.49 -1.47 -66.18
CA ARG S 82 -34.43 -0.43 -66.59
C ARG S 82 -33.73 0.92 -66.70
N VAL S 83 -32.83 1.23 -65.77
CA VAL S 83 -32.05 2.46 -65.87
C VAL S 83 -31.17 2.43 -67.12
N ALA S 84 -30.59 1.26 -67.44
CA ALA S 84 -29.79 1.14 -68.66
C ALA S 84 -30.64 1.28 -69.93
N MET S 85 -31.88 0.78 -69.91
CA MET S 85 -32.77 0.93 -71.06
C MET S 85 -33.13 2.39 -71.30
N LEU S 86 -33.51 3.11 -70.24
CA LEU S 86 -33.78 4.54 -70.40
C LEU S 86 -32.53 5.29 -70.84
N ALA S 87 -31.35 4.84 -70.39
CA ALA S 87 -30.11 5.51 -70.78
C ALA S 87 -29.77 5.27 -72.24
N VAL S 88 -29.89 4.02 -72.71
CA VAL S 88 -29.46 3.71 -74.10
C VAL S 88 -30.39 4.51 -75.03
N THR S 89 -31.71 4.34 -74.89
CA THR S 89 -32.66 5.10 -75.72
C THR S 89 -32.31 6.57 -75.63
N GLY S 90 -32.12 7.08 -74.41
CA GLY S 90 -31.78 8.49 -74.22
C GLY S 90 -30.50 8.83 -74.96
N SER S 91 -29.46 8.03 -74.76
CA SER S 91 -28.15 8.29 -75.42
C SER S 91 -28.37 8.53 -76.92
N LEU S 92 -28.94 7.54 -77.62
CA LEU S 92 -29.18 7.68 -79.07
C LEU S 92 -29.85 9.03 -79.35
N VAL S 93 -31.01 9.29 -78.75
CA VAL S 93 -31.76 10.54 -79.04
C VAL S 93 -30.92 11.78 -78.66
N GLN S 94 -30.32 11.77 -77.48
CA GLN S 94 -29.51 12.95 -77.04
C GLN S 94 -28.47 13.26 -78.13
N ASP S 95 -27.88 12.23 -78.73
CA ASP S 95 -26.86 12.41 -79.81
C ASP S 95 -27.56 12.85 -81.10
N VAL S 96 -28.89 12.72 -81.16
CA VAL S 96 -29.62 13.02 -82.43
C VAL S 96 -30.50 14.28 -82.27
N PHE S 97 -31.44 14.27 -81.31
CA PHE S 97 -32.37 15.39 -81.25
C PHE S 97 -32.31 16.07 -79.89
N GLN S 98 -32.19 17.41 -79.92
CA GLN S 98 -31.99 18.25 -78.76
C GLN S 98 -33.18 19.18 -78.58
N PHE S 99 -33.61 19.39 -77.33
CA PHE S 99 -34.74 20.27 -77.07
C PHE S 99 -34.40 21.73 -77.41
N PRO S 100 -35.42 22.53 -77.75
CA PRO S 100 -35.19 23.96 -78.02
C PRO S 100 -34.64 24.73 -76.83
N GLY S 101 -33.54 25.45 -77.07
CA GLY S 101 -32.89 26.28 -76.07
C GLY S 101 -31.83 25.59 -75.24
N VAL S 102 -31.68 24.27 -75.40
CA VAL S 102 -30.57 23.55 -74.79
C VAL S 102 -29.21 24.02 -75.34
N ASP S 103 -29.19 24.45 -76.60
CA ASP S 103 -27.95 24.95 -77.22
C ASP S 103 -27.42 26.18 -76.50
N LYS S 104 -28.28 26.99 -75.92
CA LYS S 104 -27.81 28.17 -75.19
C LYS S 104 -27.11 27.79 -73.88
N VAL S 105 -27.54 26.71 -73.23
CA VAL S 105 -26.88 26.21 -72.03
C VAL S 105 -25.82 25.18 -72.38
N ILE S 106 -26.18 24.09 -73.06
CA ILE S 106 -25.28 22.96 -73.21
C ILE S 106 -24.30 23.20 -74.35
N GLY S 107 -24.81 23.48 -75.54
CA GLY S 107 -23.96 23.84 -76.66
C GLY S 107 -23.58 22.63 -77.49
N ASN S 108 -22.28 22.48 -77.76
CA ASN S 108 -21.76 21.35 -78.52
C ASN S 108 -21.31 20.19 -77.63
N ALA S 109 -21.66 20.20 -76.36
CA ALA S 109 -21.24 19.15 -75.44
C ALA S 109 -22.36 18.12 -75.29
N LYS S 110 -21.98 16.92 -74.86
CA LYS S 110 -22.93 15.83 -74.71
C LYS S 110 -22.36 14.76 -73.79
N MET S 111 -23.25 13.90 -73.32
CA MET S 111 -22.98 12.67 -72.56
C MET S 111 -22.20 13.00 -71.28
N ILE S 112 -21.10 12.30 -70.99
CA ILE S 112 -20.44 12.29 -69.68
C ILE S 112 -19.98 13.68 -69.25
N GLY S 113 -19.61 14.54 -70.20
CA GLY S 113 -19.26 15.91 -69.87
C GLY S 113 -20.41 16.68 -69.24
N ALA S 114 -21.60 16.54 -69.83
CA ALA S 114 -22.74 17.44 -69.56
C ALA S 114 -23.11 17.45 -68.08
N HIS S 115 -23.34 16.26 -67.50
CA HIS S 115 -23.54 16.05 -66.06
C HIS S 115 -22.56 16.84 -65.23
N ASP S 116 -21.26 16.61 -65.49
CA ASP S 116 -20.18 17.31 -64.80
C ASP S 116 -20.33 18.82 -64.94
N LYS S 117 -20.52 19.29 -66.18
CA LYS S 117 -20.52 20.74 -66.35
C LYS S 117 -21.85 21.31 -65.89
N PHE S 118 -22.92 20.50 -65.87
CA PHE S 118 -24.15 20.90 -65.20
C PHE S 118 -23.86 21.28 -63.76
N ILE S 119 -23.12 20.42 -63.06
CA ILE S 119 -22.73 20.71 -61.69
C ILE S 119 -21.85 21.95 -61.66
N ALA S 120 -20.97 22.09 -62.66
CA ALA S 120 -20.14 23.29 -62.77
C ALA S 120 -21.01 24.52 -62.99
N GLY S 121 -22.04 24.39 -63.85
CA GLY S 121 -23.00 25.47 -63.99
C GLY S 121 -23.75 25.70 -62.69
N ALA S 122 -24.12 24.62 -61.99
CA ALA S 122 -24.72 24.76 -60.68
C ALA S 122 -23.72 25.31 -59.67
N HIS S 123 -22.42 25.06 -59.90
CA HIS S 123 -21.41 25.70 -59.07
C HIS S 123 -21.16 27.14 -59.50
N ALA S 124 -21.39 27.47 -60.77
CA ALA S 124 -21.06 28.81 -61.24
C ALA S 124 -22.05 29.85 -60.72
N GLY S 125 -23.34 29.50 -60.70
CA GLY S 125 -24.34 30.39 -60.16
C GLY S 125 -25.51 30.54 -61.12
N ASP S 126 -25.39 29.92 -62.28
CA ASP S 126 -26.36 30.07 -63.37
C ASP S 126 -27.68 29.44 -62.94
N THR S 127 -28.69 30.27 -62.72
CA THR S 127 -29.97 29.85 -62.15
C THR S 127 -30.87 29.08 -63.11
N ARG S 128 -30.43 28.73 -64.32
CA ARG S 128 -31.26 27.96 -65.23
C ARG S 128 -30.71 26.57 -65.53
N SER S 129 -29.45 26.29 -65.19
CA SER S 129 -28.91 24.94 -65.32
C SER S 129 -28.99 24.26 -63.95
N PHE S 130 -30.20 23.83 -63.60
CA PHE S 130 -30.43 23.01 -62.41
C PHE S 130 -31.27 21.79 -62.79
N ALA S 131 -30.96 21.19 -63.93
CA ALA S 131 -31.73 20.03 -64.38
C ALA S 131 -31.36 18.79 -63.59
N MET S 132 -30.06 18.53 -63.45
CA MET S 132 -29.61 17.28 -62.86
C MET S 132 -29.91 17.21 -61.37
N HIS S 133 -30.07 18.37 -60.73
CA HIS S 133 -30.48 18.44 -59.33
C HIS S 133 -31.98 18.17 -59.20
N GLN S 134 -32.76 18.63 -60.17
CA GLN S 134 -34.19 18.32 -60.19
C GLN S 134 -34.40 16.83 -60.37
N ILE S 135 -33.66 16.20 -61.28
CA ILE S 135 -33.83 14.78 -61.51
C ILE S 135 -33.31 13.96 -60.32
N ILE S 136 -32.21 14.40 -59.69
CA ILE S 136 -31.73 13.66 -58.52
C ILE S 136 -32.73 13.78 -57.36
N PHE S 137 -33.37 14.95 -57.22
CA PHE S 137 -34.42 15.16 -56.22
C PHE S 137 -35.59 14.22 -56.43
N TRP S 138 -36.14 14.20 -57.64
CA TRP S 138 -37.37 13.46 -57.87
C TRP S 138 -37.12 11.95 -57.92
N VAL S 139 -36.01 11.52 -58.52
CA VAL S 139 -35.69 10.10 -58.53
C VAL S 139 -35.35 9.60 -57.13
N GLY S 140 -34.67 10.42 -56.32
CA GLY S 140 -34.41 10.02 -54.95
C GLY S 140 -35.66 9.94 -54.10
N LEU S 141 -36.60 10.87 -54.33
CA LEU S 141 -37.88 10.81 -53.63
C LEU S 141 -38.66 9.55 -54.01
N LEU S 142 -38.68 9.21 -55.31
CA LEU S 142 -39.35 7.99 -55.76
C LEU S 142 -38.69 6.74 -55.17
N GLU S 143 -37.35 6.71 -55.13
CA GLU S 143 -36.63 5.57 -54.56
C GLU S 143 -36.91 5.42 -53.07
N VAL S 144 -36.94 6.54 -52.34
CA VAL S 144 -37.27 6.50 -50.91
C VAL S 144 -38.69 5.99 -50.70
N LEU S 145 -39.63 6.44 -51.52
CA LEU S 145 -41.02 6.01 -51.31
C LEU S 145 -41.29 4.58 -51.77
N THR S 146 -40.52 4.05 -52.72
CA THR S 146 -40.70 2.64 -53.10
C THR S 146 -39.72 1.68 -52.44
N MET S 147 -38.80 2.18 -51.61
CA MET S 147 -37.98 1.31 -50.76
C MET S 147 -38.76 0.32 -49.88
N PRO S 148 -39.89 0.66 -49.23
CA PRO S 148 -40.63 -0.38 -48.49
C PRO S 148 -41.19 -1.51 -49.35
N ALA S 149 -41.39 -1.30 -50.66
CA ALA S 149 -41.75 -2.39 -51.56
C ALA S 149 -40.65 -3.44 -51.62
N LEU S 150 -39.40 -2.99 -51.67
CA LEU S 150 -38.26 -3.88 -51.50
C LEU S 150 -38.30 -4.55 -50.14
N PHE S 151 -38.64 -3.79 -49.09
CA PHE S 151 -38.61 -4.35 -47.74
C PHE S 151 -39.65 -5.45 -47.53
N GLU S 152 -40.87 -5.33 -48.08
CA GLU S 152 -41.73 -6.51 -47.98
C GLU S 152 -41.35 -7.58 -49.00
N THR S 153 -40.71 -7.20 -50.10
CA THR S 153 -40.31 -8.18 -51.10
C THR S 153 -39.25 -9.13 -50.56
N MET S 154 -38.31 -8.62 -49.76
CA MET S 154 -37.27 -9.46 -49.18
C MET S 154 -37.78 -10.35 -48.05
N ASN S 155 -39.02 -10.19 -47.59
CA ASN S 155 -39.63 -11.09 -46.61
C ASN S 155 -40.57 -12.10 -47.24
N GLY S 156 -40.42 -12.39 -48.54
CA GLY S 156 -41.29 -13.34 -49.21
C GLY S 156 -42.74 -12.92 -49.31
N GLY S 157 -42.99 -11.63 -49.53
CA GLY S 157 -44.33 -11.12 -49.64
C GLY S 157 -44.92 -11.39 -51.02
N PRO S 158 -46.19 -11.00 -51.19
CA PRO S 158 -46.88 -11.31 -52.44
C PRO S 158 -46.41 -10.49 -53.63
N ARG S 159 -45.58 -9.47 -53.42
CA ARG S 159 -45.00 -8.69 -54.51
C ARG S 159 -43.73 -9.38 -54.98
N GLN S 160 -43.63 -9.58 -56.29
CA GLN S 160 -42.45 -10.19 -56.90
C GLN S 160 -41.45 -9.09 -57.28
N PRO S 161 -40.16 -9.40 -57.32
CA PRO S 161 -39.16 -8.41 -57.76
C PRO S 161 -39.43 -7.91 -59.16
N GLY S 162 -39.47 -6.58 -59.30
CA GLY S 162 -39.78 -5.93 -60.55
C GLY S 162 -41.24 -5.55 -60.71
N ASP S 163 -42.12 -6.07 -59.86
CA ASP S 163 -43.56 -5.82 -59.96
C ASP S 163 -43.90 -4.56 -59.17
N PHE S 164 -44.08 -3.44 -59.88
CA PHE S 164 -44.67 -2.24 -59.31
C PHE S 164 -46.14 -2.09 -59.74
N LYS S 165 -46.73 -3.13 -60.35
CA LYS S 165 -48.10 -3.13 -60.85
C LYS S 165 -48.38 -1.97 -61.80
N PHE S 166 -47.38 -1.64 -62.63
CA PHE S 166 -47.43 -0.47 -63.50
C PHE S 166 -47.78 -0.94 -64.90
N ASP S 167 -49.08 -1.01 -65.18
CA ASP S 167 -49.60 -1.30 -66.52
C ASP S 167 -50.77 -0.39 -66.84
N PRO S 168 -50.50 0.86 -67.23
CA PRO S 168 -51.59 1.76 -67.63
C PRO S 168 -52.36 1.30 -68.86
N LEU S 169 -51.67 0.83 -69.91
CA LEU S 169 -52.35 0.48 -71.15
C LEU S 169 -52.97 -0.91 -71.14
N GLY S 170 -52.71 -1.72 -70.11
CA GLY S 170 -53.36 -3.02 -69.97
C GLY S 170 -53.03 -4.03 -71.05
N LEU S 171 -51.82 -3.99 -71.60
CA LEU S 171 -51.49 -4.88 -72.71
C LEU S 171 -51.02 -6.24 -72.22
N GLY S 172 -50.38 -6.30 -71.05
CA GLY S 172 -49.88 -7.54 -70.50
C GLY S 172 -50.82 -8.16 -69.49
N LYS S 173 -52.13 -7.96 -69.69
CA LYS S 173 -53.11 -8.31 -68.67
C LYS S 173 -53.35 -9.81 -68.53
N GLY S 174 -52.88 -10.64 -69.46
CA GLY S 174 -53.06 -12.08 -69.31
C GLY S 174 -51.74 -12.81 -69.41
N ASP S 175 -51.75 -13.92 -70.16
CA ASP S 175 -50.55 -14.71 -70.40
C ASP S 175 -49.49 -13.96 -71.20
N LYS S 176 -49.91 -12.95 -71.98
CA LYS S 176 -49.01 -12.12 -72.77
C LYS S 176 -47.92 -11.47 -71.94
N LEU S 177 -48.20 -11.23 -70.64
CA LEU S 177 -47.20 -10.76 -69.69
C LEU S 177 -45.92 -11.60 -69.72
N ALA S 178 -46.08 -12.93 -69.74
CA ALA S 178 -44.99 -13.88 -69.53
C ALA S 178 -43.85 -13.68 -70.53
N ARG S 179 -44.17 -13.79 -71.82
CA ARG S 179 -43.29 -13.45 -72.93
C ARG S 179 -42.58 -12.11 -72.70
N LYS S 180 -43.36 -11.07 -72.37
CA LYS S 180 -42.83 -9.73 -72.14
C LYS S 180 -41.76 -9.73 -71.06
N GLN S 181 -42.03 -10.47 -69.96
CA GLN S 181 -41.10 -10.51 -68.84
C GLN S 181 -39.74 -10.98 -69.29
N LEU S 182 -39.71 -12.13 -70.02
CA LEU S 182 -38.49 -12.67 -70.58
C LEU S 182 -37.78 -11.63 -71.42
N THR S 183 -38.53 -11.05 -72.37
CA THR S 183 -37.92 -10.16 -73.34
C THR S 183 -37.39 -8.91 -72.63
N GLU S 184 -38.17 -8.40 -71.67
CA GLU S 184 -37.75 -7.24 -70.89
C GLU S 184 -36.42 -7.47 -70.18
N ILE S 185 -36.32 -8.56 -69.41
CA ILE S 185 -35.09 -8.78 -68.64
C ILE S 185 -33.92 -8.96 -69.59
N LYS S 186 -34.16 -9.57 -70.76
CA LYS S 186 -33.09 -9.78 -71.72
C LYS S 186 -32.63 -8.45 -72.29
N ASN S 187 -33.58 -7.57 -72.64
CA ASN S 187 -33.22 -6.25 -73.15
C ASN S 187 -32.47 -5.47 -72.09
N GLY S 188 -32.85 -5.69 -70.82
CA GLY S 188 -32.16 -5.02 -69.73
C GLY S 188 -30.69 -5.36 -69.72
N ARG S 189 -30.38 -6.66 -69.84
CA ARG S 189 -28.99 -7.09 -69.85
C ARG S 189 -28.27 -6.50 -71.07
N LEU S 190 -28.96 -6.48 -72.21
CA LEU S 190 -28.38 -5.91 -73.43
C LEU S 190 -28.11 -4.42 -73.22
N ALA S 191 -29.06 -3.72 -72.60
CA ALA S 191 -28.90 -2.31 -72.32
C ALA S 191 -27.73 -2.08 -71.37
N MET S 192 -27.53 -3.00 -70.42
CA MET S 192 -26.41 -2.95 -69.49
C MET S 192 -25.08 -2.97 -70.24
N ILE S 193 -25.00 -3.72 -71.33
CA ILE S 193 -23.76 -3.68 -72.10
C ILE S 193 -23.65 -2.36 -72.85
N GLY S 194 -24.77 -1.90 -73.42
CA GLY S 194 -24.73 -0.82 -74.40
C GLY S 194 -24.17 0.47 -73.85
N VAL S 195 -24.68 0.88 -72.68
CA VAL S 195 -24.24 2.09 -71.98
C VAL S 195 -22.73 2.09 -71.79
N GLY S 196 -22.17 0.94 -71.38
CA GLY S 196 -20.74 0.88 -71.12
C GLY S 196 -19.92 1.21 -72.35
N GLY S 197 -20.31 0.62 -73.49
CA GLY S 197 -19.72 1.02 -74.75
C GLY S 197 -19.93 2.49 -75.02
N MET S 198 -21.19 2.92 -74.95
CA MET S 198 -21.57 4.31 -75.18
C MET S 198 -20.93 5.26 -74.18
N VAL S 199 -20.47 4.76 -73.03
CA VAL S 199 -19.67 5.60 -72.15
C VAL S 199 -18.19 5.46 -72.43
N HIS S 200 -17.68 4.22 -72.50
CA HIS S 200 -16.23 4.04 -72.50
C HIS S 200 -15.63 4.47 -73.83
N HIS S 201 -16.34 4.22 -74.95
CA HIS S 201 -15.96 4.78 -76.25
C HIS S 201 -15.91 6.30 -76.23
N TYR S 202 -16.67 6.92 -75.34
CA TYR S 202 -16.60 8.37 -75.16
C TYR S 202 -15.31 8.73 -74.44
N LEU S 203 -14.98 7.99 -73.36
CA LEU S 203 -13.88 8.36 -72.49
C LEU S 203 -12.52 8.25 -73.19
N LEU S 204 -12.42 7.45 -74.25
CA LEU S 204 -11.24 7.52 -75.10
C LEU S 204 -11.35 8.67 -76.10
N THR S 205 -12.50 8.82 -76.76
CA THR S 205 -12.58 9.71 -77.92
C THR S 205 -13.49 10.92 -77.76
N GLY S 206 -14.54 10.83 -76.94
CA GLY S 206 -15.56 11.87 -76.96
C GLY S 206 -16.71 11.48 -77.88
N LYS S 207 -17.26 12.46 -78.57
CA LYS S 207 -18.27 12.31 -79.64
C LYS S 207 -19.52 11.65 -79.04
N GLY S 208 -20.11 10.66 -79.71
CA GLY S 208 -21.32 10.02 -79.28
C GLY S 208 -21.58 8.77 -80.08
N PRO S 209 -22.62 7.99 -79.68
CA PRO S 209 -22.92 6.70 -80.36
C PRO S 209 -22.97 6.70 -81.88
N LEU S 210 -23.70 7.64 -82.48
CA LEU S 210 -23.75 7.69 -83.94
C LEU S 210 -22.56 8.42 -84.52
N GLN S 211 -21.96 9.36 -83.77
CA GLN S 211 -20.73 9.99 -84.20
C GLN S 211 -19.55 9.02 -84.14
N PHE S 212 -19.63 7.99 -83.30
CA PHE S 212 -18.59 6.97 -83.26
C PHE S 212 -18.88 5.81 -84.21
N LEU S 213 -20.16 5.50 -84.44
CA LEU S 213 -20.51 4.53 -85.47
C LEU S 213 -20.09 5.01 -86.85
N ALA S 214 -20.45 6.24 -87.20
CA ALA S 214 -20.09 6.82 -88.48
C ALA S 214 -18.75 7.56 -88.38
N ASP T 21 -72.85 17.67 -20.34
CA ASP T 21 -72.21 17.12 -21.53
C ASP T 21 -71.17 18.07 -22.09
N MET T 22 -71.61 18.96 -22.99
CA MET T 22 -70.74 19.91 -23.64
C MET T 22 -71.04 21.31 -23.11
N SER T 23 -69.99 22.11 -22.92
CA SER T 23 -70.17 23.46 -22.39
C SER T 23 -70.86 24.36 -23.39
N ALA T 24 -71.70 25.27 -22.88
CA ALA T 24 -72.46 26.17 -23.75
C ALA T 24 -71.57 27.21 -24.42
N SER T 25 -70.65 27.81 -23.65
CA SER T 25 -69.79 28.86 -24.19
C SER T 25 -68.79 28.30 -25.20
N VAL T 26 -68.18 27.17 -24.89
CA VAL T 26 -67.21 26.53 -25.74
C VAL T 26 -67.78 25.19 -26.19
N PRO T 27 -68.29 25.10 -27.42
CA PRO T 27 -68.95 23.86 -27.87
C PRO T 27 -68.05 22.64 -27.93
N PHE T 28 -66.76 22.79 -28.25
CA PHE T 28 -65.91 21.62 -28.41
C PHE T 28 -65.31 21.11 -27.11
N LEU T 29 -65.48 21.83 -26.01
CA LEU T 29 -64.96 21.31 -24.75
C LEU T 29 -66.06 20.69 -23.91
N PRO T 30 -65.74 19.67 -23.11
CA PRO T 30 -66.75 19.11 -22.19
C PRO T 30 -67.09 20.09 -21.08
N ARG T 31 -68.32 19.95 -20.58
CA ARG T 31 -68.78 20.80 -19.48
C ARG T 31 -68.01 20.51 -18.20
N PRO T 32 -67.53 21.53 -17.49
CA PRO T 32 -66.92 21.31 -16.17
C PRO T 32 -67.94 20.75 -15.18
N ALA T 33 -67.49 19.79 -14.37
CA ALA T 33 -68.39 19.08 -13.47
C ALA T 33 -68.84 19.95 -12.30
N ALA T 34 -68.00 20.90 -11.88
CA ALA T 34 -68.38 21.76 -10.76
C ALA T 34 -69.41 22.79 -11.18
N LEU T 35 -69.38 23.24 -12.43
CA LEU T 35 -70.34 24.22 -12.94
C LEU T 35 -71.57 23.46 -13.44
N ASP T 36 -72.58 23.35 -12.57
CA ASP T 36 -73.82 22.69 -12.93
C ASP T 36 -74.94 23.65 -13.26
N GLY T 37 -74.71 24.95 -13.13
CA GLY T 37 -75.69 25.96 -13.49
C GLY T 37 -76.46 26.55 -12.33
N SER T 38 -76.19 26.11 -11.09
CA SER T 38 -76.87 26.68 -9.93
C SER T 38 -76.44 28.11 -9.66
N MET T 39 -75.18 28.42 -9.95
CA MET T 39 -74.69 29.79 -9.82
C MET T 39 -75.03 30.60 -11.06
N VAL T 40 -75.35 31.86 -10.84
CA VAL T 40 -75.80 32.76 -11.90
C VAL T 40 -74.59 33.20 -12.73
N GLY T 41 -74.82 33.50 -14.01
CA GLY T 41 -73.73 33.77 -14.92
C GLY T 41 -72.99 32.55 -15.44
N ASP T 42 -73.54 31.36 -15.27
CA ASP T 42 -72.88 30.12 -15.68
C ASP T 42 -73.24 29.82 -17.13
N VAL T 43 -72.24 29.86 -18.01
CA VAL T 43 -72.31 29.29 -19.35
C VAL T 43 -71.30 28.14 -19.51
N GLY T 44 -70.82 27.59 -18.40
CA GLY T 44 -69.85 26.51 -18.45
C GLY T 44 -68.46 26.88 -18.96
N PHE T 45 -67.97 28.07 -18.61
CA PHE T 45 -66.69 28.56 -19.11
C PHE T 45 -65.62 28.37 -18.04
N ASP T 46 -65.04 27.17 -18.02
CA ASP T 46 -63.83 26.87 -17.27
C ASP T 46 -62.91 25.97 -18.11
N PRO T 47 -62.27 26.53 -19.14
CA PRO T 47 -61.41 25.68 -19.99
C PRO T 47 -60.15 25.18 -19.30
N LEU T 48 -59.58 25.97 -18.39
CA LEU T 48 -58.32 25.58 -17.74
C LEU T 48 -58.54 24.68 -16.52
N GLY T 49 -59.77 24.46 -16.11
CA GLY T 49 -60.05 23.57 -14.98
C GLY T 49 -59.62 24.09 -13.62
N PHE T 50 -59.84 25.37 -13.34
CA PHE T 50 -59.56 25.91 -12.02
C PHE T 50 -60.55 25.40 -10.98
N THR T 51 -61.77 25.05 -11.40
CA THR T 51 -62.79 24.56 -10.47
C THR T 51 -62.41 23.21 -9.86
N THR T 52 -61.67 22.38 -10.60
CA THR T 52 -61.22 21.10 -10.06
C THR T 52 -60.19 21.29 -8.96
N LYS T 53 -59.37 22.33 -9.06
CA LYS T 53 -58.27 22.57 -8.13
C LYS T 53 -58.68 23.42 -6.93
N TYR T 54 -59.54 24.42 -7.14
CA TYR T 54 -59.92 25.37 -6.11
C TYR T 54 -61.43 25.36 -5.89
N ASP T 55 -61.83 25.74 -4.69
CA ASP T 55 -63.24 25.74 -4.32
C ASP T 55 -64.01 26.80 -5.09
N ILE T 56 -65.22 26.43 -5.54
CA ILE T 56 -66.04 27.32 -6.37
C ILE T 56 -66.52 28.53 -5.58
N LYS T 57 -66.80 28.38 -4.28
CA LYS T 57 -67.23 29.51 -3.46
C LYS T 57 -66.13 30.55 -3.31
N TRP T 58 -64.88 30.09 -3.12
CA TRP T 58 -63.74 31.00 -3.07
C TRP T 58 -63.55 31.73 -4.40
N LEU T 59 -63.72 31.02 -5.52
CA LEU T 59 -63.57 31.64 -6.82
C LEU T 59 -64.67 32.66 -7.10
N ARG T 60 -65.89 32.38 -6.64
CA ARG T 60 -66.98 33.34 -6.83
C ARG T 60 -66.80 34.57 -5.94
N GLU T 61 -66.34 34.37 -4.71
CA GLU T 61 -66.06 35.50 -3.82
C GLU T 61 -64.93 36.36 -4.39
N ALA T 62 -63.89 35.73 -4.93
CA ALA T 62 -62.81 36.46 -5.57
C ALA T 62 -63.27 37.19 -6.82
N GLU T 63 -64.12 36.54 -7.63
CA GLU T 63 -64.62 37.17 -8.85
C GLU T 63 -65.45 38.41 -8.54
N LEU T 64 -66.31 38.32 -7.52
CA LEU T 64 -67.12 39.48 -7.16
C LEU T 64 -66.28 40.58 -6.52
N LYS T 65 -65.30 40.24 -5.68
CA LYS T 65 -64.49 41.30 -5.07
C LYS T 65 -63.60 42.00 -6.12
N HIS T 66 -62.98 41.22 -7.02
CA HIS T 66 -62.21 41.81 -8.13
C HIS T 66 -63.12 42.67 -9.02
N GLY T 67 -64.32 42.18 -9.33
CA GLY T 67 -65.25 42.94 -10.16
C GLY T 67 -65.77 44.20 -9.51
N ARG T 68 -66.02 44.15 -8.19
CA ARG T 68 -66.51 45.33 -7.47
C ARG T 68 -65.44 46.41 -7.39
N VAL T 69 -64.19 46.01 -7.13
CA VAL T 69 -63.08 46.97 -7.19
C VAL T 69 -62.92 47.53 -8.59
N CYS T 70 -63.12 46.69 -9.62
CA CYS T 70 -62.98 47.19 -10.99
C CYS T 70 -64.15 48.09 -11.40
N MET T 71 -65.36 47.85 -10.88
CA MET T 71 -66.47 48.76 -11.13
C MET T 71 -66.22 50.12 -10.49
N LEU T 72 -65.82 50.13 -9.22
CA LEU T 72 -65.48 51.37 -8.54
C LEU T 72 -64.32 52.09 -9.22
N ALA T 73 -63.35 51.32 -9.73
CA ALA T 73 -62.19 51.90 -10.38
C ALA T 73 -62.54 52.52 -11.73
N SER T 74 -63.36 51.83 -12.53
CA SER T 74 -63.77 52.38 -13.82
C SER T 74 -64.61 53.64 -13.66
N LEU T 75 -65.59 53.59 -12.74
CA LEU T 75 -66.39 54.79 -12.44
C LEU T 75 -65.53 55.91 -11.92
N GLY T 76 -64.54 55.58 -11.08
CA GLY T 76 -63.65 56.58 -10.53
C GLY T 76 -62.78 57.25 -11.56
N CYS T 77 -62.20 56.46 -12.48
CA CYS T 77 -61.35 57.01 -13.53
C CYS T 77 -62.14 57.91 -14.47
N ILE T 78 -63.36 57.47 -14.84
CA ILE T 78 -64.22 58.28 -15.71
C ILE T 78 -64.59 59.60 -15.03
N VAL T 79 -64.95 59.57 -13.75
CA VAL T 79 -65.36 60.84 -13.18
C VAL T 79 -64.16 61.73 -12.80
N GLN T 80 -63.00 61.17 -12.45
CA GLN T 80 -61.85 62.02 -12.11
C GLN T 80 -61.21 62.62 -13.34
N GLU T 81 -61.39 62.00 -14.52
CA GLU T 81 -60.87 62.58 -15.75
C GLU T 81 -61.54 63.91 -16.06
N PHE T 82 -62.82 64.05 -15.74
CA PHE T 82 -63.54 65.29 -16.00
C PHE T 82 -63.65 66.20 -14.79
N VAL T 83 -63.94 65.68 -13.60
CA VAL T 83 -64.22 66.53 -12.44
C VAL T 83 -63.40 66.04 -11.24
N HIS T 84 -62.75 66.98 -10.55
CA HIS T 84 -61.82 66.64 -9.49
C HIS T 84 -62.08 67.54 -8.29
N LEU T 85 -61.63 67.08 -7.12
CA LEU T 85 -61.62 67.94 -5.93
C LEU T 85 -60.63 69.09 -6.15
N PRO T 86 -60.94 70.31 -5.66
CA PRO T 86 -60.06 71.45 -5.97
C PRO T 86 -58.80 71.46 -5.13
N SER T 87 -57.67 71.17 -5.78
CA SER T 87 -56.32 71.24 -5.25
C SER T 87 -55.37 71.05 -6.41
N GLU T 88 -54.10 71.39 -6.21
CA GLU T 88 -53.13 71.14 -7.27
C GLU T 88 -52.64 69.70 -7.30
N ALA T 89 -52.70 68.98 -6.17
CA ALA T 89 -52.35 67.56 -6.20
C ALA T 89 -53.41 66.73 -6.90
N THR T 90 -54.67 67.14 -6.83
CA THR T 90 -55.77 66.37 -7.39
C THR T 90 -56.20 66.84 -8.77
N SER T 91 -55.50 67.80 -9.37
CA SER T 91 -56.06 68.37 -10.59
C SER T 91 -55.69 67.61 -11.85
N ASN T 92 -54.75 66.68 -11.80
CA ASN T 92 -54.35 65.93 -13.00
C ASN T 92 -55.42 64.90 -13.36
N PRO T 93 -56.02 64.95 -14.55
CA PRO T 93 -57.05 63.95 -14.91
C PRO T 93 -56.55 62.51 -15.05
N VAL T 94 -55.27 62.29 -15.42
CA VAL T 94 -54.79 60.95 -15.73
C VAL T 94 -54.61 60.16 -14.43
N ALA T 95 -55.16 58.95 -14.42
CA ALA T 95 -55.29 58.17 -13.18
C ALA T 95 -53.93 57.76 -12.59
N SER T 96 -53.01 57.28 -13.44
CA SER T 96 -51.72 56.81 -12.94
C SER T 96 -50.91 57.93 -12.34
N GLU T 97 -50.91 59.10 -13.00
CA GLU T 97 -50.20 60.25 -12.45
C GLU T 97 -50.97 60.86 -11.27
N ALA T 98 -52.29 60.66 -11.22
CA ALA T 98 -53.06 61.08 -10.05
C ALA T 98 -52.66 60.28 -8.83
N PHE T 99 -52.38 58.98 -8.99
CA PHE T 99 -51.89 58.17 -7.88
C PHE T 99 -50.58 58.70 -7.30
N PHE T 100 -49.75 59.35 -8.11
CA PHE T 100 -48.49 59.91 -7.65
C PHE T 100 -48.53 61.37 -7.26
N GLN T 101 -49.55 62.14 -7.68
CA GLN T 101 -49.55 63.56 -7.31
C GLN T 101 -50.17 63.80 -5.93
N VAL T 102 -51.18 63.02 -5.56
CA VAL T 102 -51.88 63.19 -4.28
C VAL T 102 -50.96 62.73 -3.15
N PRO T 103 -51.16 63.23 -1.92
CA PRO T 103 -50.32 62.82 -0.79
C PRO T 103 -50.43 61.33 -0.47
N ALA T 104 -49.28 60.76 -0.07
CA ALA T 104 -49.16 59.33 0.19
C ALA T 104 -49.86 58.96 1.48
N GLY T 105 -49.98 59.93 2.38
CA GLY T 105 -50.77 59.74 3.59
C GLY T 105 -52.22 59.42 3.26
N GLY T 106 -52.78 60.11 2.26
CA GLY T 106 -54.15 59.81 1.83
C GLY T 106 -54.28 58.42 1.24
N LEU T 107 -53.24 57.95 0.55
CA LEU T 107 -53.21 56.56 0.11
C LEU T 107 -53.20 55.60 1.31
N TRP T 108 -52.48 55.96 2.38
CA TRP T 108 -52.50 55.13 3.59
C TRP T 108 -53.88 55.15 4.25
N GLN T 109 -54.58 56.27 4.16
CA GLN T 109 -55.96 56.39 4.62
C GLN T 109 -56.92 55.52 3.79
N ILE T 110 -56.70 55.48 2.47
CA ILE T 110 -57.44 54.55 1.62
C ILE T 110 -57.16 53.10 2.00
N PHE T 111 -55.87 52.78 2.20
CA PHE T 111 -55.45 51.41 2.55
C PHE T 111 -56.01 50.98 3.90
N ALA T 112 -56.00 51.88 4.88
CA ALA T 112 -56.48 51.54 6.23
C ALA T 112 -57.99 51.37 6.27
N ALA T 113 -58.72 52.21 5.53
CA ALA T 113 -60.17 52.02 5.47
C ALA T 113 -60.53 50.73 4.74
N ILE T 114 -59.80 50.40 3.67
CA ILE T 114 -60.03 49.13 2.99
C ILE T 114 -59.72 47.96 3.92
N GLY T 115 -58.63 48.06 4.69
CA GLY T 115 -58.29 47.00 5.63
C GLY T 115 -59.32 46.77 6.71
N ILE T 116 -59.83 47.85 7.31
CA ILE T 116 -60.86 47.67 8.34
C ILE T 116 -62.18 47.17 7.73
N ILE T 117 -62.50 47.58 6.49
CA ILE T 117 -63.69 47.04 5.83
C ILE T 117 -63.51 45.56 5.50
N GLU T 118 -62.31 45.17 5.05
CA GLU T 118 -62.00 43.76 4.80
C GLU T 118 -62.10 42.92 6.06
N HIS T 119 -61.61 43.47 7.18
CA HIS T 119 -61.65 42.73 8.44
C HIS T 119 -63.06 42.65 9.02
N PHE T 120 -63.88 43.68 8.81
CA PHE T 120 -65.22 43.69 9.42
C PHE T 120 -66.24 42.95 8.58
N SER T 121 -66.27 43.21 7.26
CA SER T 121 -67.27 42.60 6.40
C SER T 121 -67.10 41.09 6.26
N ASN T 122 -65.87 40.60 6.38
CA ASN T 122 -65.61 39.17 6.34
C ASN T 122 -65.87 38.48 7.67
N ASN T 123 -66.24 39.25 8.71
CA ASN T 123 -66.43 38.76 10.09
C ASN T 123 -65.15 38.10 10.61
N PHE T 124 -64.00 38.68 10.23
CA PHE T 124 -62.64 38.31 10.64
C PHE T 124 -62.21 36.93 10.16
N LYS T 125 -63.00 36.28 9.30
CA LYS T 125 -62.62 35.03 8.65
C LYS T 125 -62.12 35.35 7.24
N MET T 126 -60.81 35.22 7.02
CA MET T 126 -60.21 35.54 5.74
C MET T 126 -59.46 34.38 5.10
N SER T 127 -59.21 33.29 5.82
CA SER T 127 -58.61 32.11 5.21
C SER T 127 -59.62 31.41 4.32
N GLY T 128 -59.11 30.51 3.48
CA GLY T 128 -59.97 29.81 2.53
C GLY T 128 -60.94 28.86 3.22
N SER T 129 -60.48 28.15 4.25
CA SER T 129 -61.33 27.21 4.97
C SER T 129 -62.29 27.90 5.93
N THR T 130 -61.93 29.09 6.43
CA THR T 130 -62.66 29.70 7.54
C THR T 130 -63.83 30.57 7.11
N MET T 131 -63.81 31.10 5.88
CA MET T 131 -64.95 31.89 5.40
C MET T 131 -66.21 31.06 5.29
N PHE T 132 -66.10 29.80 4.89
CA PHE T 132 -67.25 29.01 4.50
C PHE T 132 -67.75 28.06 5.58
N SER T 133 -67.02 27.92 6.69
CA SER T 133 -67.67 27.44 7.90
C SER T 133 -68.54 28.56 8.47
N ASP T 134 -69.69 28.18 9.03
CA ASP T 134 -70.78 29.12 9.35
C ASP T 134 -71.12 29.95 8.11
N GLY T 135 -71.37 29.24 7.01
CA GLY T 135 -71.12 29.80 5.70
C GLY T 135 -72.18 30.76 5.20
N ARG T 136 -71.71 31.88 4.66
CA ARG T 136 -72.52 32.82 3.92
C ARG T 136 -72.34 32.57 2.42
N ALA T 137 -73.38 32.85 1.64
CA ALA T 137 -73.29 32.68 0.20
C ALA T 137 -72.20 33.58 -0.37
N PRO T 138 -71.47 33.14 -1.39
CA PRO T 138 -70.36 33.95 -1.90
C PRO T 138 -70.73 35.28 -2.56
N GLY T 139 -70.04 36.34 -2.14
CA GLY T 139 -70.34 37.68 -2.54
C GLY T 139 -71.36 38.40 -1.69
N ASP T 140 -71.99 37.70 -0.74
CA ASP T 140 -72.97 38.32 0.15
C ASP T 140 -72.24 38.79 1.40
N LEU T 141 -72.14 40.11 1.57
CA LEU T 141 -71.56 40.72 2.76
C LEU T 141 -72.63 41.24 3.71
N SER T 142 -73.89 40.86 3.49
CA SER T 142 -75.07 41.33 4.24
C SER T 142 -75.17 42.85 4.21
N PHE T 143 -74.93 43.44 3.03
CA PHE T 143 -74.99 44.89 2.84
C PHE T 143 -76.07 45.16 1.81
N ASP T 144 -77.18 45.76 2.26
CA ASP T 144 -78.27 46.16 1.37
C ASP T 144 -79.09 47.27 2.02
N PRO T 145 -78.55 48.49 2.15
CA PRO T 145 -79.28 49.53 2.90
C PRO T 145 -80.56 50.01 2.23
N LEU T 146 -80.63 50.06 0.90
CA LEU T 146 -81.85 50.49 0.24
C LEU T 146 -82.87 49.36 0.08
N ASN T 147 -82.45 48.10 0.24
CA ASN T 147 -83.29 46.91 0.22
C ASN T 147 -84.13 46.78 -1.06
N PHE T 148 -83.45 46.91 -2.21
CA PHE T 148 -84.04 46.48 -3.48
C PHE T 148 -84.06 44.96 -3.61
N GLY T 149 -83.24 44.26 -2.82
CA GLY T 149 -83.00 42.84 -3.03
C GLY T 149 -84.17 41.93 -2.72
N LYS T 150 -85.06 42.38 -1.81
CA LYS T 150 -86.08 41.54 -1.17
C LYS T 150 -86.94 40.72 -2.13
N ASN T 151 -87.21 41.23 -3.33
CA ASN T 151 -87.95 40.48 -4.34
C ASN T 151 -87.02 39.49 -5.06
N PRO T 152 -87.36 38.20 -5.12
CA PRO T 152 -86.42 37.22 -5.69
C PRO T 152 -86.24 37.33 -7.20
N SER T 153 -87.32 37.62 -7.93
CA SER T 153 -87.22 37.75 -9.39
C SER T 153 -86.35 38.93 -9.79
N ALA T 154 -86.45 40.05 -9.05
CA ALA T 154 -85.50 41.13 -9.22
C ALA T 154 -84.11 40.73 -8.76
N ARG T 155 -84.02 39.91 -7.69
CA ARG T 155 -82.75 39.50 -7.12
C ARG T 155 -81.89 38.75 -8.13
N ALA T 156 -82.47 37.76 -8.82
CA ALA T 156 -81.70 36.95 -9.77
C ALA T 156 -81.17 37.78 -10.94
N ARG T 157 -82.02 38.67 -11.48
CA ARG T 157 -81.59 39.55 -12.55
C ARG T 157 -80.52 40.52 -12.08
N TYR T 158 -80.65 41.04 -10.86
CA TYR T 158 -79.62 41.89 -10.27
C TYR T 158 -78.30 41.15 -10.13
N GLU T 159 -78.35 39.88 -9.73
CA GLU T 159 -77.17 39.04 -9.63
C GLU T 159 -76.49 38.87 -10.99
N LEU T 160 -77.27 38.54 -12.03
CA LEU T 160 -76.71 38.35 -13.37
C LEU T 160 -76.10 39.64 -13.90
N ALA T 161 -76.77 40.77 -13.65
CA ALA T 161 -76.26 42.06 -14.11
C ALA T 161 -75.00 42.44 -13.35
N GLU T 162 -74.93 42.10 -12.05
CA GLU T 162 -73.73 42.39 -11.27
C GLU T 162 -72.55 41.57 -11.75
N ILE T 163 -72.76 40.28 -12.09
CA ILE T 163 -71.66 39.45 -12.57
C ILE T 163 -71.17 39.94 -13.94
N LYS T 164 -72.11 40.36 -14.81
CA LYS T 164 -71.72 40.74 -16.16
C LYS T 164 -71.08 42.13 -16.17
N ASN T 165 -71.61 43.05 -15.36
CA ASN T 165 -71.01 44.37 -15.23
C ASN T 165 -69.66 44.29 -14.52
N GLY T 166 -69.48 43.34 -13.60
CA GLY T 166 -68.18 43.17 -12.98
C GLY T 166 -67.13 42.69 -13.95
N ARG T 167 -67.45 41.69 -14.78
CA ARG T 167 -66.51 41.23 -15.81
C ARG T 167 -66.21 42.32 -16.83
N LEU T 168 -67.26 43.04 -17.26
CA LEU T 168 -67.10 44.13 -18.22
C LEU T 168 -66.28 45.26 -17.65
N ALA T 169 -66.40 45.53 -16.34
CA ALA T 169 -65.61 46.58 -15.72
C ALA T 169 -64.18 46.14 -15.48
N MET T 170 -63.94 44.84 -15.27
CA MET T 170 -62.56 44.35 -15.24
C MET T 170 -61.86 44.63 -16.56
N MET T 171 -62.53 44.31 -17.67
CA MET T 171 -61.99 44.61 -19.00
C MET T 171 -61.84 46.11 -19.22
N GLY T 172 -62.84 46.89 -18.80
CA GLY T 172 -62.77 48.33 -19.01
C GLY T 172 -61.68 49.01 -18.21
N PHE T 173 -61.50 48.61 -16.95
CA PHE T 173 -60.45 49.21 -16.14
C PHE T 173 -59.07 48.81 -16.62
N SER T 174 -58.91 47.56 -17.08
CA SER T 174 -57.66 47.14 -17.70
C SER T 174 -57.34 48.00 -18.92
N GLY T 175 -58.34 48.17 -19.81
CA GLY T 175 -58.14 48.98 -21.00
C GLY T 175 -57.84 50.44 -20.69
N MET T 176 -58.52 51.01 -19.70
CA MET T 176 -58.26 52.41 -19.34
C MET T 176 -56.88 52.59 -18.72
N ILE T 177 -56.50 51.74 -17.75
CA ILE T 177 -55.20 51.97 -17.10
C ILE T 177 -54.04 51.70 -18.06
N HIS T 178 -54.16 50.71 -18.95
CA HIS T 178 -53.09 50.52 -19.92
C HIS T 178 -53.12 51.61 -21.00
N GLY T 179 -54.30 52.13 -21.33
CA GLY T 179 -54.38 53.24 -22.27
C GLY T 179 -53.84 54.53 -21.71
N CYS T 180 -53.99 54.74 -20.39
CA CYS T 180 -53.27 55.81 -19.73
C CYS T 180 -51.77 55.60 -19.76
N PHE T 181 -51.33 54.34 -19.64
CA PHE T 181 -49.88 54.07 -19.68
C PHE T 181 -49.27 54.41 -21.04
N ILE T 182 -49.92 54.04 -22.14
CA ILE T 182 -49.43 54.51 -23.45
C ILE T 182 -49.66 56.02 -23.63
N THR T 183 -50.89 56.48 -23.43
CA THR T 183 -51.29 57.78 -23.97
C THR T 183 -51.14 58.94 -22.98
N GLY T 184 -51.43 58.72 -21.69
CA GLY T 184 -51.37 59.81 -20.74
C GLY T 184 -52.43 60.87 -20.90
N LYS T 185 -53.61 60.51 -21.42
CA LYS T 185 -54.67 61.47 -21.68
C LYS T 185 -55.95 61.22 -20.87
N GLY T 186 -56.07 60.09 -20.19
CA GLY T 186 -57.30 59.70 -19.55
C GLY T 186 -58.21 58.95 -20.49
N PRO T 187 -59.23 58.27 -19.95
CA PRO T 187 -60.04 57.34 -20.79
C PRO T 187 -60.79 58.01 -21.95
N LEU T 188 -61.59 59.04 -21.68
CA LEU T 188 -62.22 59.77 -22.77
C LEU T 188 -61.22 60.59 -23.56
N GLY T 189 -60.17 61.07 -22.89
CA GLY T 189 -59.11 61.76 -23.60
C GLY T 189 -58.36 60.86 -24.56
N ALA T 190 -58.11 59.60 -24.16
CA ALA T 190 -57.56 58.62 -25.10
C ALA T 190 -58.57 58.29 -26.19
N LEU T 191 -59.85 58.22 -25.84
CA LEU T 191 -60.88 57.83 -26.81
C LEU T 191 -61.05 58.88 -27.90
N GLY T 192 -60.93 60.16 -27.55
CA GLY T 192 -60.98 61.21 -28.55
C GLY T 192 -59.71 61.33 -29.39
N SER T 193 -58.59 60.84 -28.87
CA SER T 193 -57.27 61.06 -29.45
C SER T 193 -56.74 59.84 -30.21
N LEU T 194 -57.61 58.95 -30.69
CA LEU T 194 -57.12 57.89 -31.57
C LEU T 194 -56.60 58.52 -32.86
N ASP T 195 -55.28 58.42 -33.06
CA ASP T 195 -54.65 59.03 -34.22
C ASP T 195 -54.83 58.08 -35.39
N TRP T 196 -55.65 58.49 -36.36
CA TRP T 196 -55.87 57.71 -37.57
C TRP T 196 -54.79 57.93 -38.63
N HIS T 197 -53.76 58.71 -38.32
CA HIS T 197 -52.70 59.03 -39.30
C HIS T 197 -51.35 58.92 -38.59
N GLN T 198 -50.80 57.70 -38.59
CA GLN T 198 -49.51 57.43 -37.89
C GLN T 198 -48.53 56.78 -38.88
N SER T 199 -47.26 57.20 -38.86
CA SER T 199 -46.25 56.66 -39.80
C SER T 199 -46.04 55.16 -39.58
N PHE T 200 -46.01 54.72 -38.32
CA PHE T 200 -45.40 53.42 -37.93
C PHE T 200 -44.00 53.34 -38.54
N ALA U 38 -54.16 -7.43 -48.27
CA ALA U 38 -54.80 -6.22 -48.76
C ALA U 38 -53.77 -5.15 -49.09
N MET U 39 -53.79 -4.67 -50.33
CA MET U 39 -52.87 -3.65 -50.78
C MET U 39 -53.50 -2.26 -50.70
N SER U 40 -52.65 -1.25 -50.58
CA SER U 40 -53.10 0.13 -50.55
C SER U 40 -53.64 0.56 -51.91
N ASP U 41 -54.66 1.42 -51.89
CA ASP U 41 -55.33 1.84 -53.12
C ASP U 41 -54.47 2.82 -53.90
N SER U 42 -53.82 3.77 -53.20
CA SER U 42 -52.98 4.74 -53.89
C SER U 42 -51.71 4.10 -54.43
N VAL U 43 -51.07 3.26 -53.63
CA VAL U 43 -49.86 2.55 -54.02
C VAL U 43 -50.18 1.07 -54.10
N PRO U 44 -50.45 0.54 -55.31
CA PRO U 44 -50.95 -0.85 -55.39
C PRO U 44 -49.89 -1.90 -55.11
N PHE U 45 -48.61 -1.59 -55.31
CA PHE U 45 -47.54 -2.54 -55.03
C PHE U 45 -47.10 -2.53 -53.57
N LEU U 46 -47.84 -1.83 -52.70
CA LEU U 46 -47.50 -1.72 -51.29
C LEU U 46 -48.66 -2.22 -50.44
N LYS U 47 -48.31 -2.82 -49.30
CA LYS U 47 -49.30 -3.30 -48.35
C LYS U 47 -50.07 -2.14 -47.72
N GLN U 48 -51.36 -2.36 -47.50
CA GLN U 48 -52.21 -1.36 -46.85
C GLN U 48 -51.70 -1.06 -45.45
N PRO U 49 -51.61 0.22 -45.05
CA PRO U 49 -51.23 0.55 -43.68
C PRO U 49 -52.24 0.03 -42.65
N GLU U 50 -51.72 -0.42 -41.51
CA GLU U 50 -52.57 -1.05 -40.50
C GLU U 50 -53.42 -0.03 -39.76
N ALA U 51 -52.91 1.19 -39.56
CA ALA U 51 -53.62 2.21 -38.80
C ALA U 51 -54.55 3.06 -39.67
N LEU U 52 -54.67 2.76 -40.95
CA LEU U 52 -55.57 3.49 -41.85
C LEU U 52 -56.75 2.59 -42.15
N ASP U 53 -57.94 2.98 -41.67
CA ASP U 53 -59.14 2.18 -41.84
C ASP U 53 -59.99 2.59 -43.03
N GLY U 54 -59.87 3.83 -43.50
CA GLY U 54 -60.77 4.37 -44.50
C GLY U 54 -61.96 5.12 -43.94
N SER U 55 -62.13 5.15 -42.61
CA SER U 55 -63.23 5.86 -41.99
C SER U 55 -63.07 7.37 -42.04
N MET U 56 -61.85 7.86 -42.26
CA MET U 56 -61.57 9.29 -42.26
C MET U 56 -61.64 9.83 -43.67
N ALA U 57 -61.96 11.12 -43.79
CA ALA U 57 -62.12 11.75 -45.09
C ALA U 57 -60.79 11.82 -45.82
N GLY U 58 -60.79 11.39 -47.08
CA GLY U 58 -59.61 11.36 -47.91
C GLY U 58 -58.67 10.20 -47.65
N ASP U 59 -59.07 9.24 -46.81
CA ASP U 59 -58.27 8.05 -46.58
C ASP U 59 -58.38 7.14 -47.79
N VAL U 60 -57.34 7.14 -48.63
CA VAL U 60 -57.19 6.16 -49.69
C VAL U 60 -56.07 5.15 -49.37
N GLY U 61 -55.55 5.18 -48.14
CA GLY U 61 -54.46 4.29 -47.77
C GLY U 61 -53.09 4.72 -48.21
N PHE U 62 -52.82 6.02 -48.30
CA PHE U 62 -51.53 6.53 -48.75
C PHE U 62 -50.66 6.84 -47.53
N ASP U 63 -49.76 5.91 -47.21
CA ASP U 63 -48.76 6.06 -46.16
C ASP U 63 -47.58 5.13 -46.40
N PRO U 64 -46.75 5.38 -47.43
CA PRO U 64 -45.65 4.45 -47.71
C PRO U 64 -44.59 4.38 -46.63
N LEU U 65 -44.27 5.49 -45.96
CA LEU U 65 -43.22 5.50 -44.95
C LEU U 65 -43.69 5.01 -43.59
N GLY U 66 -44.98 4.77 -43.40
CA GLY U 66 -45.47 4.22 -42.14
C GLY U 66 -45.51 5.20 -41.00
N PHE U 67 -45.86 6.47 -41.26
CA PHE U 67 -45.91 7.47 -40.20
C PHE U 67 -47.09 7.24 -39.26
N SER U 68 -48.18 6.65 -39.75
CA SER U 68 -49.35 6.40 -38.91
C SER U 68 -49.09 5.33 -37.85
N SER U 69 -48.06 4.51 -38.02
CA SER U 69 -47.71 3.53 -37.00
C SER U 69 -47.03 4.18 -35.79
N ILE U 70 -46.37 5.31 -36.01
CA ILE U 70 -45.68 6.00 -34.91
C ILE U 70 -46.66 6.87 -34.13
N GLY U 71 -47.30 7.81 -34.81
CA GLY U 71 -48.16 8.75 -34.13
C GLY U 71 -49.57 8.22 -33.93
N ASP U 72 -50.27 8.82 -32.96
CA ASP U 72 -51.72 8.62 -32.89
C ASP U 72 -52.35 9.21 -34.15
N ILE U 73 -53.30 8.48 -34.72
CA ILE U 73 -53.94 8.91 -35.96
C ILE U 73 -54.81 10.15 -35.73
N ASN U 74 -55.39 10.30 -34.54
CA ASN U 74 -56.16 11.50 -34.23
C ASN U 74 -55.26 12.72 -34.11
N PHE U 75 -54.09 12.57 -33.47
CA PHE U 75 -53.11 13.66 -33.40
C PHE U 75 -52.60 14.03 -34.79
N LEU U 76 -52.34 13.03 -35.63
CA LEU U 76 -51.88 13.27 -36.99
C LEU U 76 -52.96 13.98 -37.81
N ARG U 77 -54.23 13.62 -37.62
CA ARG U 77 -55.30 14.27 -38.35
C ARG U 77 -55.51 15.70 -37.86
N GLU U 78 -55.32 15.95 -36.55
CA GLU U 78 -55.30 17.33 -36.07
C GLU U 78 -54.16 18.13 -36.68
N ALA U 79 -52.99 17.52 -36.82
CA ALA U 79 -51.86 18.18 -37.47
C ALA U 79 -52.16 18.50 -38.92
N GLU U 80 -52.72 17.54 -39.65
CA GLU U 80 -53.05 17.73 -41.07
C GLU U 80 -54.11 18.80 -41.25
N LEU U 81 -55.17 18.76 -40.44
CA LEU U 81 -56.24 19.75 -40.56
C LEU U 81 -55.77 21.14 -40.18
N LYS U 82 -54.95 21.28 -39.13
CA LYS U 82 -54.44 22.59 -38.75
C LYS U 82 -53.51 23.15 -39.83
N HIS U 83 -52.59 22.32 -40.35
CA HIS U 83 -51.73 22.73 -41.45
C HIS U 83 -52.54 23.13 -42.67
N GLY U 84 -53.59 22.36 -42.99
CA GLY U 84 -54.40 22.65 -44.16
C GLY U 84 -55.24 23.91 -44.02
N ARG U 85 -55.79 24.16 -42.84
CA ARG U 85 -56.59 25.37 -42.63
C ARG U 85 -55.72 26.62 -42.64
N ILE U 86 -54.55 26.55 -41.98
CA ILE U 86 -53.60 27.66 -42.03
C ILE U 86 -53.11 27.89 -43.45
N ALA U 87 -52.92 26.80 -44.22
CA ALA U 87 -52.49 26.96 -45.60
C ALA U 87 -53.60 27.49 -46.50
N MET U 88 -54.86 27.13 -46.23
CA MET U 88 -55.98 27.71 -46.98
C MET U 88 -56.06 29.20 -46.76
N LEU U 89 -55.98 29.63 -45.49
CA LEU U 89 -55.97 31.06 -45.18
C LEU U 89 -54.76 31.76 -45.77
N ALA U 90 -53.60 31.10 -45.79
CA ALA U 90 -52.39 31.71 -46.35
C ALA U 90 -52.48 31.86 -47.85
N ALA U 91 -53.03 30.85 -48.54
CA ALA U 91 -53.20 30.93 -49.99
C ALA U 91 -54.19 32.03 -50.37
N ALA U 92 -55.34 32.08 -49.68
CA ALA U 92 -56.33 33.11 -49.93
C ALA U 92 -55.76 34.50 -49.63
N GLY U 93 -54.94 34.61 -48.59
CA GLY U 93 -54.32 35.87 -48.27
C GLY U 93 -53.30 36.32 -49.30
N SER U 94 -52.49 35.38 -49.81
CA SER U 94 -51.54 35.71 -50.87
C SER U 94 -52.26 36.20 -52.13
N ILE U 95 -53.34 35.52 -52.51
CA ILE U 95 -54.11 35.92 -53.69
C ILE U 95 -54.75 37.30 -53.47
N ALA U 96 -55.32 37.53 -52.29
CA ALA U 96 -56.00 38.79 -52.03
C ALA U 96 -55.01 39.95 -51.92
N GLN U 97 -53.87 39.72 -51.25
CA GLN U 97 -52.86 40.76 -51.12
C GLN U 97 -52.17 41.06 -52.44
N ASP U 98 -52.17 40.12 -53.40
CA ASP U 98 -51.90 40.52 -54.78
C ASP U 98 -53.04 41.35 -55.36
N ILE U 99 -54.29 40.98 -55.06
CA ILE U 99 -55.44 41.64 -55.67
C ILE U 99 -55.57 43.08 -55.17
N PHE U 100 -55.52 43.27 -53.85
CA PHE U 100 -55.71 44.61 -53.28
C PHE U 100 -55.05 44.67 -51.91
N THR U 101 -54.84 45.89 -51.44
CA THR U 101 -54.22 46.14 -50.16
C THR U 101 -55.16 46.95 -49.27
N PHE U 102 -55.00 46.79 -47.96
CA PHE U 102 -55.78 47.55 -47.01
C PHE U 102 -55.34 49.02 -47.02
N PRO U 103 -56.21 49.94 -46.60
CA PRO U 103 -55.82 51.36 -46.51
C PRO U 103 -54.65 51.60 -45.58
N GLY U 104 -53.59 52.22 -46.13
CA GLY U 104 -52.42 52.59 -45.39
C GLY U 104 -51.29 51.58 -45.40
N VAL U 105 -51.57 50.31 -45.75
CA VAL U 105 -50.55 49.26 -45.74
C VAL U 105 -49.43 49.56 -46.73
N SER U 106 -49.75 50.24 -47.83
CA SER U 106 -48.79 50.48 -48.90
C SER U 106 -47.68 51.46 -48.51
N LYS U 107 -47.91 52.31 -47.50
CA LYS U 107 -46.83 53.16 -47.02
C LYS U 107 -45.94 52.43 -46.02
N VAL U 108 -46.53 51.58 -45.17
CA VAL U 108 -45.76 50.80 -44.21
C VAL U 108 -44.85 49.80 -44.91
N VAL U 109 -45.38 49.05 -45.88
CA VAL U 109 -44.63 47.97 -46.49
C VAL U 109 -43.96 48.35 -47.79
N GLY U 110 -44.32 49.49 -48.39
CA GLY U 110 -43.76 49.91 -49.67
C GLY U 110 -44.13 48.99 -50.82
N THR U 111 -43.14 48.28 -51.35
CA THR U 111 -43.30 47.36 -52.48
C THR U 111 -42.63 46.03 -52.17
N ALA U 112 -42.85 45.52 -50.97
CA ALA U 112 -42.17 44.34 -50.45
C ALA U 112 -43.19 43.25 -50.10
N LYS U 113 -44.17 43.05 -50.99
CA LYS U 113 -45.29 42.14 -50.81
C LYS U 113 -44.85 40.69 -50.54
N MET U 114 -45.78 39.92 -50.00
CA MET U 114 -45.65 38.54 -49.49
C MET U 114 -44.73 38.58 -48.27
N THR U 115 -43.89 37.56 -48.06
CA THR U 115 -43.15 37.35 -46.81
C THR U 115 -42.23 38.52 -46.44
N GLY U 116 -41.88 39.36 -47.41
CA GLY U 116 -41.10 40.56 -47.14
C GLY U 116 -41.76 41.52 -46.16
N VAL U 117 -43.09 41.48 -46.08
CA VAL U 117 -43.76 42.35 -45.11
C VAL U 117 -43.59 41.83 -43.68
N HIS U 118 -43.38 40.50 -43.52
CA HIS U 118 -43.36 39.84 -42.21
C HIS U 118 -42.36 40.50 -41.27
N ASP U 119 -41.08 40.55 -41.70
CA ASP U 119 -40.01 41.26 -40.99
C ASP U 119 -40.40 42.71 -40.72
N ILE U 120 -40.94 43.39 -41.74
CA ILE U 120 -41.35 44.78 -41.62
C ILE U 120 -42.41 44.92 -40.54
N LEU U 121 -43.36 43.98 -40.51
CA LEU U 121 -44.42 44.06 -39.52
C LEU U 121 -44.00 43.50 -38.16
N VAL U 122 -42.78 42.94 -38.06
CA VAL U 122 -42.23 42.78 -36.71
C VAL U 122 -41.73 44.14 -36.20
N LYS U 123 -41.23 45.00 -37.09
CA LYS U 123 -40.91 46.36 -36.68
C LYS U 123 -42.16 47.15 -36.31
N GLN U 124 -43.27 46.92 -37.01
CA GLN U 124 -44.56 47.46 -36.62
C GLN U 124 -45.16 46.47 -35.60
N GLY U 125 -46.41 46.64 -35.19
CA GLY U 125 -47.01 45.81 -34.18
C GLY U 125 -48.01 44.78 -34.64
N ALA U 126 -48.13 44.52 -35.95
CA ALA U 126 -49.13 43.57 -36.45
C ALA U 126 -48.78 42.15 -36.06
N MET U 127 -47.52 41.73 -36.29
CA MET U 127 -47.12 40.34 -36.10
C MET U 127 -47.23 39.92 -34.65
N GLY U 128 -46.84 40.80 -33.72
CA GLY U 128 -46.94 40.49 -32.31
C GLY U 128 -48.38 40.35 -31.81
N GLN U 129 -49.26 41.24 -32.27
CA GLN U 129 -50.68 41.17 -31.91
C GLN U 129 -51.31 39.89 -32.44
N LEU U 130 -51.04 39.56 -33.71
CA LEU U 130 -51.58 38.35 -34.28
C LEU U 130 -51.02 37.10 -33.60
N LEU U 131 -49.72 37.12 -33.27
CA LEU U 131 -49.11 36.01 -32.56
C LEU U 131 -49.73 35.80 -31.19
N LEU U 132 -50.00 36.91 -30.47
CA LEU U 132 -50.64 36.83 -29.16
C LEU U 132 -52.04 36.23 -29.24
N TRP U 133 -52.84 36.70 -30.21
CA TRP U 133 -54.22 36.22 -30.27
C TRP U 133 -54.30 34.79 -30.79
N LEU U 134 -53.43 34.42 -31.74
CA LEU U 134 -53.36 33.04 -32.18
C LEU U 134 -52.78 32.14 -31.10
N SER U 135 -51.91 32.65 -30.23
CA SER U 135 -51.43 31.86 -29.11
C SER U 135 -52.53 31.61 -28.09
N PHE U 136 -53.40 32.59 -27.87
CA PHE U 136 -54.60 32.39 -27.04
C PHE U 136 -55.48 31.29 -27.63
N LEU U 137 -55.82 31.43 -28.92
CA LEU U 137 -56.63 30.44 -29.61
C LEU U 137 -55.97 29.07 -29.62
N GLU U 138 -54.65 29.01 -29.69
CA GLU U 138 -53.96 27.72 -29.68
C GLU U 138 -53.74 27.14 -28.29
N VAL U 139 -53.81 27.95 -27.22
CA VAL U 139 -53.98 27.37 -25.87
C VAL U 139 -55.32 26.65 -25.78
N PHE U 140 -56.38 27.30 -26.30
CA PHE U 140 -57.67 26.60 -26.29
C PHE U 140 -57.67 25.40 -27.25
N GLY U 141 -56.92 25.49 -28.35
CA GLY U 141 -56.69 24.33 -29.20
C GLY U 141 -55.86 23.26 -28.55
N THR U 142 -54.97 23.63 -27.63
CA THR U 142 -54.20 22.66 -26.86
C THR U 142 -55.11 21.88 -25.93
N ILE U 143 -56.06 22.57 -25.29
CA ILE U 143 -57.08 21.92 -24.48
C ILE U 143 -57.94 21.00 -25.34
N ALA U 144 -58.28 21.47 -26.55
CA ALA U 144 -59.07 20.65 -27.48
C ALA U 144 -58.32 19.41 -27.94
N LEU U 145 -57.00 19.53 -28.16
CA LEU U 145 -56.18 18.38 -28.50
C LEU U 145 -56.08 17.40 -27.32
N LEU U 146 -55.97 17.93 -26.11
CA LEU U 146 -55.98 17.09 -24.91
C LEU U 146 -57.30 16.32 -24.77
N GLU U 147 -58.40 16.92 -25.23
CA GLU U 147 -59.66 16.19 -25.23
C GLU U 147 -59.76 15.22 -26.41
N THR U 148 -59.10 15.52 -27.54
CA THR U 148 -59.09 14.63 -28.69
C THR U 148 -58.38 13.32 -28.36
N LEU U 149 -57.26 13.39 -27.65
CA LEU U 149 -56.42 12.24 -27.33
C LEU U 149 -57.08 11.26 -26.36
N ASP U 150 -58.17 11.65 -25.70
CA ASP U 150 -58.88 10.80 -24.77
C ASP U 150 -60.04 10.07 -25.42
N GLY U 151 -60.22 10.20 -26.74
CA GLY U 151 -61.33 9.56 -27.41
C GLY U 151 -62.67 10.23 -27.20
N LYS U 152 -62.68 11.51 -26.82
CA LYS U 152 -63.91 12.23 -26.53
C LYS U 152 -64.11 13.43 -27.45
N ARG U 153 -63.42 13.45 -28.59
CA ARG U 153 -63.55 14.54 -29.55
C ARG U 153 -63.14 14.03 -30.91
N ALA U 154 -63.96 14.32 -31.92
CA ALA U 154 -63.63 13.96 -33.29
C ALA U 154 -62.44 14.79 -33.77
N PRO U 155 -61.58 14.23 -34.63
CA PRO U 155 -60.43 15.00 -35.13
C PRO U 155 -60.87 16.22 -35.94
N GLY U 156 -60.22 17.35 -35.66
CA GLY U 156 -60.54 18.62 -36.30
C GLY U 156 -61.88 19.22 -35.94
N ASP U 157 -62.55 18.69 -34.92
CA ASP U 157 -63.92 19.10 -34.58
C ASP U 157 -63.87 20.20 -33.53
N PHE U 158 -64.05 21.44 -33.96
CA PHE U 158 -64.24 22.55 -33.04
C PHE U 158 -65.70 22.98 -32.94
N LYS U 159 -66.59 22.27 -33.64
CA LYS U 159 -68.04 22.51 -33.65
C LYS U 159 -68.38 23.96 -34.03
N PHE U 160 -67.66 24.48 -35.02
CA PHE U 160 -67.83 25.85 -35.49
C PHE U 160 -68.62 25.82 -36.79
N ASP U 161 -69.94 25.89 -36.67
CA ASP U 161 -70.83 25.99 -37.83
C ASP U 161 -71.88 27.06 -37.57
N PRO U 162 -71.49 28.35 -37.57
CA PRO U 162 -72.50 29.41 -37.40
C PRO U 162 -73.55 29.44 -38.51
N LEU U 163 -73.12 29.50 -39.77
CA LEU U 163 -74.01 29.29 -40.90
C LEU U 163 -74.15 27.80 -41.14
N ASN U 164 -75.31 27.24 -40.79
CA ASN U 164 -75.54 25.80 -40.87
C ASN U 164 -75.44 25.26 -42.30
N PHE U 165 -74.42 24.44 -42.54
CA PHE U 165 -74.26 23.72 -43.79
C PHE U 165 -74.33 22.20 -43.63
N SER U 166 -73.99 21.68 -42.46
CA SER U 166 -74.05 20.24 -42.20
C SER U 166 -75.45 19.79 -41.82
N LYS U 167 -76.42 20.09 -42.67
CA LYS U 167 -77.82 19.77 -42.42
C LYS U 167 -78.18 18.33 -42.80
N ASN U 168 -77.23 17.57 -43.35
CA ASN U 168 -77.49 16.22 -43.84
C ASN U 168 -76.19 15.44 -43.70
N PRO U 169 -76.24 14.19 -43.22
CA PRO U 169 -74.99 13.44 -42.99
C PRO U 169 -74.23 13.03 -44.24
N GLU U 170 -74.77 13.24 -45.44
CA GLU U 170 -74.00 13.02 -46.66
C GLU U 170 -73.28 14.28 -47.11
N THR U 171 -73.96 15.43 -46.96
CA THR U 171 -73.33 16.73 -47.19
C THR U 171 -72.17 16.96 -46.21
N PHE U 172 -72.27 16.39 -45.01
CA PHE U 172 -71.18 16.46 -44.03
C PHE U 172 -69.95 15.72 -44.52
N LYS U 173 -70.14 14.49 -45.02
CA LYS U 173 -69.03 13.69 -45.56
C LYS U 173 -68.43 14.35 -46.79
N ARG U 174 -69.28 14.90 -47.67
CA ARG U 174 -68.81 15.61 -48.86
C ARG U 174 -67.98 16.84 -48.48
N TYR U 175 -68.42 17.58 -47.46
CA TYR U 175 -67.65 18.74 -47.02
C TYR U 175 -66.36 18.33 -46.31
N GLN U 176 -66.34 17.18 -45.63
CA GLN U 176 -65.12 16.70 -45.00
C GLN U 176 -64.08 16.31 -46.05
N LEU U 177 -64.49 15.56 -47.06
CA LEU U 177 -63.60 15.19 -48.16
C LEU U 177 -63.08 16.42 -48.90
N ALA U 178 -63.96 17.40 -49.13
CA ALA U 178 -63.55 18.62 -49.82
C ALA U 178 -62.60 19.45 -48.95
N GLU U 179 -62.87 19.52 -47.65
CA GLU U 179 -62.00 20.26 -46.72
C GLU U 179 -60.60 19.65 -46.66
N ILE U 180 -60.51 18.33 -46.57
CA ILE U 180 -59.18 17.71 -46.46
C ILE U 180 -58.43 17.80 -47.79
N LYS U 181 -59.14 17.71 -48.92
CA LYS U 181 -58.49 17.80 -50.22
C LYS U 181 -58.00 19.23 -50.48
N ASN U 182 -58.85 20.22 -50.19
CA ASN U 182 -58.43 21.61 -50.33
C ASN U 182 -57.34 22.00 -49.33
N GLY U 183 -57.30 21.35 -48.15
CA GLY U 183 -56.21 21.60 -47.23
C GLY U 183 -54.87 21.10 -47.75
N ARG U 184 -54.84 19.89 -48.30
CA ARG U 184 -53.60 19.38 -48.90
C ARG U 184 -53.19 20.21 -50.12
N LEU U 185 -54.17 20.53 -50.97
CA LEU U 185 -53.93 21.37 -52.15
C LEU U 185 -53.41 22.74 -51.76
N ALA U 186 -53.92 23.29 -50.65
CA ALA U 186 -53.47 24.59 -50.18
C ALA U 186 -52.09 24.53 -49.54
N MET U 187 -51.73 23.40 -48.92
CA MET U 187 -50.36 23.22 -48.44
C MET U 187 -49.38 23.33 -49.61
N MET U 188 -49.64 22.57 -50.66
CA MET U 188 -48.72 22.61 -51.80
C MET U 188 -48.82 23.91 -52.58
N GLY U 189 -50.00 24.54 -52.59
CA GLY U 189 -50.13 25.82 -53.26
C GLY U 189 -49.39 26.93 -52.55
N VAL U 190 -49.42 26.94 -51.21
CA VAL U 190 -48.63 27.91 -50.44
C VAL U 190 -47.15 27.67 -50.65
N GLY U 191 -46.72 26.40 -50.67
CA GLY U 191 -45.34 26.10 -50.99
C GLY U 191 -44.91 26.65 -52.34
N GLY U 192 -45.75 26.47 -53.36
CA GLY U 192 -45.45 26.99 -54.68
C GLY U 192 -45.40 28.51 -54.75
N MET U 193 -46.39 29.18 -54.13
CA MET U 193 -46.43 30.65 -54.14
C MET U 193 -45.24 31.25 -53.41
N VAL U 194 -44.92 30.75 -52.22
CA VAL U 194 -43.83 31.35 -51.45
C VAL U 194 -42.47 31.05 -52.08
N HIS U 195 -42.26 29.82 -52.59
CA HIS U 195 -40.95 29.54 -53.16
C HIS U 195 -40.77 30.21 -54.53
N GLY U 196 -41.84 30.34 -55.31
CA GLY U 196 -41.75 31.16 -56.51
C GLY U 196 -41.53 32.63 -56.22
N TYR U 197 -42.11 33.14 -55.14
CA TYR U 197 -41.81 34.50 -54.69
C TYR U 197 -40.35 34.63 -54.28
N PHE U 198 -39.80 33.59 -53.63
CA PHE U 198 -38.38 33.58 -53.30
C PHE U 198 -37.51 33.66 -54.54
N ILE U 199 -37.86 32.90 -55.58
CA ILE U 199 -37.04 32.92 -56.81
C ILE U 199 -37.19 34.27 -57.53
N THR U 200 -38.42 34.75 -57.71
CA THR U 200 -38.61 35.91 -58.58
C THR U 200 -38.76 37.24 -57.84
N GLY U 201 -39.40 37.24 -56.68
CA GLY U 201 -39.71 38.49 -56.01
C GLY U 201 -40.96 39.18 -56.51
N LYS U 202 -41.73 38.52 -57.37
CA LYS U 202 -42.93 39.11 -57.97
C LYS U 202 -44.18 38.78 -57.17
N GLY U 203 -44.46 37.49 -56.99
CA GLY U 203 -45.67 37.04 -56.35
C GLY U 203 -46.38 36.00 -57.19
N PRO U 204 -47.38 35.34 -56.60
CA PRO U 204 -48.15 34.34 -57.36
C PRO U 204 -48.92 34.88 -58.56
N LEU U 205 -49.58 36.04 -58.42
CA LEU U 205 -50.37 36.57 -59.52
C LEU U 205 -49.63 37.60 -60.37
N GLU U 206 -48.56 38.18 -59.84
CA GLU U 206 -47.68 39.00 -60.67
C GLU U 206 -46.96 38.15 -61.71
N LEU U 207 -46.64 36.89 -61.37
CA LEU U 207 -46.02 35.98 -62.33
C LEU U 207 -46.95 35.67 -63.50
N LEU U 208 -48.23 35.44 -63.23
CA LEU U 208 -49.18 35.11 -64.28
C LEU U 208 -49.55 36.30 -65.15
N GLY U 209 -49.21 37.53 -64.73
CA GLY U 209 -49.45 38.69 -65.56
C GLY U 209 -48.55 38.79 -66.76
N ASN U 210 -47.40 38.12 -66.74
CA ASN U 210 -46.46 38.14 -67.86
C ASN U 210 -45.87 36.76 -68.12
N MET V 44 43.35 -39.65 78.75
CA MET V 44 42.74 -38.43 78.23
C MET V 44 43.31 -37.19 78.90
N PRO V 45 44.29 -36.56 78.27
CA PRO V 45 44.93 -35.37 78.85
C PRO V 45 43.98 -34.17 78.85
N VAL V 46 43.72 -33.65 80.04
CA VAL V 46 42.98 -32.40 80.22
C VAL V 46 44.02 -31.30 80.43
N ALA V 47 44.18 -30.44 79.44
CA ALA V 47 45.16 -29.35 79.49
C ALA V 47 44.94 -28.44 80.69
N ILE V 48 43.78 -27.79 80.76
CA ILE V 48 43.42 -26.94 81.89
C ILE V 48 42.21 -27.54 82.62
N PRO V 49 42.35 -27.89 83.90
CA PRO V 49 41.26 -28.56 84.64
C PRO V 49 39.98 -27.75 84.82
N PRO V 50 40.00 -26.40 85.03
CA PRO V 50 38.69 -25.73 85.26
C PRO V 50 37.70 -25.78 84.10
N LEU V 51 38.17 -25.75 82.86
CA LEU V 51 37.26 -25.76 81.72
C LEU V 51 36.90 -27.14 81.21
N GLY V 52 37.68 -28.17 81.53
CA GLY V 52 37.35 -29.50 81.07
C GLY V 52 37.66 -29.72 79.60
N ARG V 53 37.22 -30.88 79.11
CA ARG V 53 37.53 -31.32 77.75
C ARG V 53 36.33 -31.05 76.86
N PRO V 54 36.49 -30.33 75.75
CA PRO V 54 35.33 -29.98 74.90
C PRO V 54 34.69 -31.21 74.27
N GLU V 55 33.37 -31.21 74.23
CA GLU V 55 32.60 -32.33 73.69
C GLU V 55 32.29 -32.02 72.23
N THR V 56 33.20 -32.41 71.34
CA THR V 56 33.08 -32.17 69.91
C THR V 56 33.33 -33.45 69.13
N ASP V 57 33.41 -33.34 67.80
CA ASP V 57 33.87 -34.47 67.00
C ASP V 57 35.33 -34.77 67.28
N MET V 58 36.16 -33.74 67.40
CA MET V 58 37.51 -33.88 67.92
C MET V 58 37.50 -34.32 69.39
N PHE V 59 38.71 -34.63 69.86
CA PHE V 59 38.98 -35.11 71.23
C PHE V 59 38.23 -36.40 71.55
N ASP V 60 37.98 -37.22 70.53
CA ASP V 60 37.57 -38.60 70.72
C ASP V 60 38.74 -39.51 71.06
N GLY V 61 39.97 -39.04 70.85
CA GLY V 61 41.17 -39.82 71.06
C GLY V 61 41.78 -40.39 69.79
N SER V 62 41.01 -40.48 68.71
CA SER V 62 41.55 -40.98 67.46
C SER V 62 42.44 -39.96 66.76
N VAL V 63 42.21 -38.67 66.99
CA VAL V 63 43.07 -37.63 66.40
C VAL V 63 44.43 -37.66 67.09
N PRO V 64 45.53 -37.76 66.35
CA PRO V 64 46.86 -37.65 66.98
C PRO V 64 47.11 -36.27 67.56
N GLY V 65 47.85 -36.24 68.65
CA GLY V 65 48.36 -34.99 69.20
C GLY V 65 47.41 -34.21 70.06
N ASP V 66 46.25 -34.77 70.41
CA ASP V 66 45.28 -34.04 71.23
C ASP V 66 45.76 -33.94 72.67
N ALA V 67 45.76 -32.72 73.21
CA ALA V 67 46.01 -32.47 74.62
C ALA V 67 44.78 -31.98 75.36
N GLY V 68 43.61 -32.03 74.72
CA GLY V 68 42.40 -31.53 75.35
C GLY V 68 42.34 -30.02 75.47
N PHE V 69 43.03 -29.30 74.59
CA PHE V 69 43.19 -27.85 74.70
C PHE V 69 42.43 -27.17 73.57
N ASP V 70 41.28 -26.58 73.90
CA ASP V 70 40.49 -25.73 73.02
C ASP V 70 39.57 -24.86 73.85
N PRO V 71 40.09 -23.79 74.47
CA PRO V 71 39.24 -23.01 75.40
C PRO V 71 38.17 -22.19 74.70
N LEU V 72 38.41 -21.71 73.49
CA LEU V 72 37.38 -20.98 72.74
C LEU V 72 36.35 -21.89 72.09
N VAL V 73 36.59 -23.21 72.09
CA VAL V 73 35.75 -24.26 71.50
C VAL V 73 35.55 -23.88 70.02
N ILE V 74 36.67 -23.60 69.35
CA ILE V 74 36.64 -23.36 67.91
C ILE V 74 36.28 -24.64 67.14
N SER V 75 36.57 -25.81 67.75
CA SER V 75 36.24 -27.09 67.11
C SER V 75 34.73 -27.30 66.97
N GLY V 76 33.94 -26.72 67.86
CA GLY V 76 32.50 -26.88 67.82
C GLY V 76 31.76 -26.07 66.77
N TRP V 77 32.46 -25.20 66.04
CA TRP V 77 31.81 -24.35 65.04
C TRP V 77 32.40 -24.47 63.65
N LEU V 78 33.68 -24.85 63.54
CA LEU V 78 34.29 -25.17 62.27
C LEU V 78 34.54 -26.68 62.21
N ASP V 79 34.65 -27.20 61.00
CA ASP V 79 34.82 -28.64 60.82
C ASP V 79 36.13 -29.13 61.42
N SER V 80 36.14 -30.40 61.84
CA SER V 80 37.32 -30.99 62.47
C SER V 80 38.45 -31.17 61.47
N ARG V 81 38.16 -31.84 60.36
CA ARG V 81 39.19 -32.21 59.38
C ARG V 81 39.82 -30.99 58.71
N TRP V 82 39.03 -29.92 58.50
CA TRP V 82 39.58 -28.69 57.95
C TRP V 82 40.61 -28.07 58.89
N LEU V 83 40.30 -28.03 60.19
CA LEU V 83 41.23 -27.48 61.16
C LEU V 83 42.47 -28.36 61.30
N ARG V 84 42.30 -29.69 61.26
CA ARG V 84 43.45 -30.59 61.32
C ARG V 84 44.37 -30.42 60.11
N GLU V 85 43.79 -30.31 58.90
CA GLU V 85 44.58 -30.07 57.70
C GLU V 85 45.30 -28.73 57.76
N ALA V 86 44.61 -27.69 58.26
CA ALA V 86 45.22 -26.38 58.40
C ALA V 86 46.38 -26.39 59.38
N GLU V 87 46.22 -27.09 60.51
CA GLU V 87 47.28 -27.17 61.50
C GLU V 87 48.49 -27.91 60.96
N VAL V 88 48.27 -29.04 60.28
CA VAL V 88 49.40 -29.82 59.78
C VAL V 88 50.12 -29.09 58.65
N LYS V 89 49.37 -28.41 57.77
CA LYS V 89 50.00 -27.65 56.69
C LYS V 89 50.78 -26.44 57.23
N HIS V 90 50.20 -25.71 58.19
CA HIS V 90 50.91 -24.62 58.86
C HIS V 90 52.18 -25.13 59.53
N GLY V 91 52.10 -26.28 60.19
CA GLY V 91 53.26 -26.85 60.86
C GLY V 91 54.36 -27.28 59.92
N ARG V 92 54.01 -27.93 58.81
CA ARG V 92 55.02 -28.36 57.83
C ARG V 92 55.69 -27.15 57.17
N VAL V 93 54.90 -26.12 56.85
CA VAL V 93 55.46 -24.91 56.27
C VAL V 93 56.40 -24.22 57.27
N ALA V 94 56.02 -24.20 58.55
CA ALA V 94 56.88 -23.59 59.55
C ALA V 94 58.15 -24.41 59.81
N MET V 95 58.07 -25.75 59.71
CA MET V 95 59.28 -26.57 59.82
C MET V 95 60.25 -26.27 58.68
N LEU V 96 59.72 -26.23 57.45
CA LEU V 96 60.55 -25.89 56.29
C LEU V 96 61.13 -24.49 56.39
N ALA V 97 60.37 -23.55 56.97
CA ALA V 97 60.83 -22.18 57.13
C ALA V 97 61.97 -22.10 58.15
N ALA V 98 61.81 -22.75 59.30
CA ALA V 98 62.86 -22.73 60.31
C ALA V 98 64.12 -23.44 59.83
N ALA V 99 63.96 -24.60 59.18
CA ALA V 99 65.12 -25.28 58.58
C ALA V 99 65.79 -24.43 57.51
N GLY V 100 65.00 -23.67 56.74
CA GLY V 100 65.59 -22.79 55.74
C GLY V 100 66.38 -21.65 56.34
N CYS V 101 65.85 -21.04 57.41
CA CYS V 101 66.57 -19.96 58.10
C CYS V 101 67.87 -20.46 58.70
N ILE V 102 67.81 -21.61 59.38
CA ILE V 102 69.01 -22.21 59.98
C ILE V 102 70.03 -22.55 58.90
N ALA V 103 69.59 -23.19 57.81
CA ALA V 103 70.52 -23.65 56.80
C ALA V 103 71.13 -22.48 56.03
N GLN V 104 70.33 -21.45 55.70
CA GLN V 104 70.89 -20.27 55.06
C GLN V 104 71.86 -19.52 55.97
N ASP V 105 71.60 -19.48 57.28
CA ASP V 105 72.58 -18.84 58.16
C ASP V 105 73.85 -19.66 58.31
N LEU V 106 73.76 -20.99 58.19
CA LEU V 106 74.97 -21.81 58.16
C LEU V 106 75.70 -21.69 56.83
N PHE V 107 74.99 -21.66 55.70
CA PHE V 107 75.63 -21.85 54.41
C PHE V 107 74.71 -21.35 53.30
N THR V 108 75.33 -20.90 52.21
CA THR V 108 74.62 -20.37 51.05
C THR V 108 75.07 -21.13 49.81
N PHE V 109 74.10 -21.48 48.97
CA PHE V 109 74.37 -22.01 47.63
C PHE V 109 75.31 -21.07 46.87
N PRO V 110 76.24 -21.61 46.07
CA PRO V 110 77.14 -20.74 45.30
C PRO V 110 76.38 -19.89 44.28
N GLY V 111 76.90 -18.69 44.06
CA GLY V 111 76.25 -17.73 43.19
C GLY V 111 75.33 -16.80 43.95
N VAL V 112 75.61 -15.51 43.89
CA VAL V 112 74.82 -14.52 44.63
C VAL V 112 74.01 -13.66 43.66
N MET V 122 66.24 -11.91 55.66
CA MET V 122 65.06 -12.77 55.69
C MET V 122 63.94 -12.16 54.83
N SER V 123 63.27 -11.14 55.37
CA SER V 123 62.29 -10.40 54.59
C SER V 123 62.96 -9.61 53.46
N ALA V 124 64.18 -9.13 53.71
CA ALA V 124 64.96 -8.50 52.65
C ALA V 124 65.32 -9.51 51.56
N LEU V 125 65.50 -10.78 51.93
CA LEU V 125 65.68 -11.82 50.92
C LEU V 125 64.40 -12.03 50.10
N HIS V 126 63.23 -11.89 50.73
CA HIS V 126 61.96 -11.94 50.00
C HIS V 126 61.89 -10.79 48.98
N ASP V 127 62.24 -9.58 49.42
CA ASP V 127 62.20 -8.42 48.52
C ASP V 127 63.22 -8.54 47.39
N ALA V 128 64.44 -8.96 47.70
CA ALA V 128 65.48 -9.08 46.68
C ALA V 128 65.19 -10.22 45.71
N ALA V 129 64.56 -11.30 46.18
CA ALA V 129 64.19 -12.38 45.27
C ALA V 129 62.96 -12.04 44.43
N VAL V 130 62.04 -11.20 44.94
CA VAL V 130 61.00 -10.64 44.09
C VAL V 130 61.62 -9.78 43.00
N LYS V 131 62.64 -8.99 43.35
CA LYS V 131 63.35 -8.21 42.34
C LYS V 131 64.11 -9.11 41.36
N ALA V 132 64.59 -10.27 41.83
CA ALA V 132 65.24 -11.24 40.97
C ALA V 132 64.26 -12.08 40.15
N GLY V 133 62.98 -12.11 40.55
CA GLY V 133 62.02 -13.02 39.95
C GLY V 133 62.05 -14.43 40.49
N SER V 134 62.86 -14.68 41.52
CA SER V 134 62.96 -16.00 42.15
C SER V 134 61.65 -16.39 42.83
N MET V 135 61.01 -15.44 43.53
CA MET V 135 59.80 -15.73 44.30
C MET V 135 58.65 -16.15 43.40
N GLN V 136 58.55 -15.59 42.19
CA GLN V 136 57.58 -16.10 41.22
C GLN V 136 57.90 -17.55 40.84
N GLN V 137 59.18 -17.86 40.63
CA GLN V 137 59.62 -19.21 40.30
C GLN V 137 59.36 -20.21 41.42
N MET V 138 59.19 -19.74 42.67
CA MET V 138 58.62 -20.64 43.67
C MET V 138 57.12 -20.49 43.82
N LEU V 139 56.54 -19.39 43.37
CA LEU V 139 55.09 -19.21 43.47
C LEU V 139 54.35 -20.17 42.55
N TRP V 140 54.89 -20.40 41.35
CA TRP V 140 54.22 -21.29 40.39
C TRP V 140 54.06 -22.74 40.87
N PRO V 141 55.09 -23.46 41.36
CA PRO V 141 54.85 -24.86 41.74
C PRO V 141 54.01 -25.00 42.99
N ILE V 142 54.15 -24.09 43.97
CA ILE V 142 53.23 -24.08 45.10
C ILE V 142 51.81 -23.77 44.64
N ALA V 143 51.64 -22.89 43.65
CA ALA V 143 50.28 -22.61 43.17
C ALA V 143 49.63 -23.82 42.52
N ILE V 144 50.37 -24.56 41.67
CA ILE V 144 49.80 -25.75 41.06
C ILE V 144 49.55 -26.85 42.11
N LEU V 145 50.54 -27.14 42.96
CA LEU V 145 50.39 -28.13 44.03
C LEU V 145 49.26 -27.75 44.98
N GLU V 146 49.04 -26.46 45.21
CA GLU V 146 47.99 -26.01 46.11
C GLU V 146 46.63 -26.02 45.44
N THR V 147 46.55 -25.89 44.11
CA THR V 147 45.28 -26.15 43.44
C THR V 147 44.94 -27.64 43.50
N ILE V 148 45.96 -28.51 43.40
CA ILE V 148 45.70 -29.93 43.56
C ILE V 148 45.30 -30.23 45.01
N SER V 149 45.86 -29.49 45.97
CA SER V 149 45.43 -29.60 47.36
C SER V 149 44.04 -29.01 47.59
N ILE V 150 43.64 -27.98 46.81
CA ILE V 150 42.28 -27.48 46.84
C ILE V 150 41.31 -28.59 46.45
N ALA V 151 41.61 -29.27 45.34
CA ALA V 151 40.84 -30.45 44.91
C ALA V 151 40.78 -31.51 46.01
N ALA V 152 41.94 -31.86 46.57
CA ALA V 152 42.01 -32.88 47.61
C ALA V 152 41.22 -32.50 48.86
N THR V 153 41.30 -31.24 49.27
CA THR V 153 40.58 -30.78 50.46
C THR V 153 39.08 -30.72 50.21
N ILE V 154 38.67 -30.39 48.99
CA ILE V 154 37.25 -30.41 48.65
C ILE V 154 36.71 -31.83 48.68
N GLN V 155 37.45 -32.77 48.08
CA GLN V 155 37.07 -34.18 48.12
C GLN V 155 37.04 -34.72 49.56
N MET V 156 38.02 -34.32 50.37
CA MET V 156 38.12 -34.78 51.76
C MET V 156 36.97 -34.22 52.61
N LEU V 157 36.58 -32.97 52.37
CA LEU V 157 35.40 -32.41 53.03
C LEU V 157 34.12 -33.07 52.53
N GLN V 158 34.10 -33.52 51.27
CA GLN V 158 32.97 -34.23 50.70
C GLN V 158 32.77 -35.62 51.29
N GLY V 159 33.76 -36.14 52.02
CA GLY V 159 33.66 -37.46 52.61
C GLY V 159 34.35 -38.57 51.83
N SER V 160 35.57 -38.28 51.38
CA SER V 160 36.45 -39.30 50.83
C SER V 160 37.29 -39.92 51.96
N GLY V 161 38.03 -40.96 51.61
CA GLY V 161 38.79 -41.71 52.59
C GLY V 161 40.11 -41.12 53.01
N ARG V 162 40.46 -39.93 52.51
CA ARG V 162 41.72 -39.30 52.84
C ARG V 162 41.67 -38.69 54.24
N ALA V 163 42.64 -39.04 55.08
CA ALA V 163 42.83 -38.43 56.39
C ALA V 163 43.48 -37.06 56.23
N PRO V 164 43.22 -36.12 57.16
CA PRO V 164 43.83 -34.79 57.03
C PRO V 164 45.34 -34.84 57.23
N GLY V 165 46.05 -34.15 56.34
CA GLY V 165 47.50 -34.13 56.33
C GLY V 165 48.15 -35.32 55.64
N ASP V 166 47.36 -36.30 55.21
CA ASP V 166 47.86 -37.48 54.54
C ASP V 166 47.89 -37.16 53.04
N PHE V 167 49.08 -37.19 52.44
CA PHE V 167 49.23 -37.09 50.99
C PHE V 167 49.69 -38.40 50.35
N GLY V 168 49.62 -39.52 51.06
CA GLY V 168 50.00 -40.78 50.46
C GLY V 168 51.46 -40.94 50.13
N PHE V 169 52.33 -40.15 50.76
CA PHE V 169 53.73 -40.04 50.36
C PHE V 169 54.61 -40.71 51.42
N ASP V 170 55.18 -41.86 51.06
CA ASP V 170 56.12 -42.58 51.92
C ASP V 170 57.11 -43.34 51.06
N PRO V 171 58.08 -42.64 50.45
CA PRO V 171 59.08 -43.36 49.64
C PRO V 171 60.05 -44.17 50.48
N LEU V 172 60.42 -43.70 51.66
CA LEU V 172 61.36 -44.43 52.51
C LEU V 172 60.70 -45.64 53.17
N GLY V 173 59.41 -45.57 53.46
CA GLY V 173 58.71 -46.67 54.08
C GLY V 173 58.77 -46.69 55.59
N LEU V 174 59.15 -45.59 56.23
CA LEU V 174 59.25 -45.54 57.68
C LEU V 174 57.88 -45.55 58.36
N GLY V 175 56.83 -45.10 57.67
CA GLY V 175 55.53 -44.93 58.30
C GLY V 175 54.71 -46.21 58.38
N LYS V 176 54.89 -47.12 57.43
CA LYS V 176 54.04 -48.30 57.27
C LYS V 176 54.10 -49.21 58.50
N GLY V 177 52.93 -49.44 59.11
CA GLY V 177 52.82 -50.26 60.30
C GLY V 177 52.52 -49.49 61.58
N ALA V 178 53.24 -49.82 62.65
CA ALA V 178 52.97 -49.29 63.99
C ALA V 178 53.63 -47.94 64.24
N LYS V 179 54.50 -47.50 63.32
CA LYS V 179 55.30 -46.29 63.53
C LYS V 179 54.47 -45.03 63.31
N ALA V 180 53.48 -45.09 62.40
CA ALA V 180 52.82 -43.91 61.85
C ALA V 180 52.16 -43.03 62.91
N GLU V 181 51.47 -43.64 63.88
CA GLU V 181 50.86 -42.89 64.98
C GLU V 181 51.88 -42.08 65.77
N ARG V 182 52.94 -42.73 66.23
CA ARG V 182 54.03 -42.06 66.95
C ARG V 182 54.65 -40.93 66.11
N MET V 183 54.96 -41.23 64.84
CA MET V 183 55.45 -40.20 63.91
C MET V 183 54.48 -39.04 63.78
N ALA V 184 53.17 -39.31 63.71
CA ALA V 184 52.16 -38.24 63.69
C ALA V 184 52.26 -37.35 64.91
N LEU V 185 52.32 -37.96 66.10
CA LEU V 185 52.55 -37.22 67.35
C LEU V 185 53.81 -36.35 67.28
N CYS V 186 54.93 -36.94 66.84
CA CYS V 186 56.19 -36.20 66.67
C CYS V 186 56.02 -35.04 65.70
N GLU V 187 55.34 -35.30 64.57
CA GLU V 187 55.09 -34.29 63.56
C GLU V 187 54.30 -33.12 64.12
N ILE V 188 53.16 -33.37 64.76
CA ILE V 188 52.33 -32.28 65.26
C ILE V 188 53.04 -31.49 66.37
N LYS V 189 53.81 -32.16 67.25
CA LYS V 189 54.53 -31.40 68.27
C LYS V 189 55.66 -30.56 67.66
N ASN V 190 56.46 -31.16 66.77
CA ASN V 190 57.51 -30.41 66.08
C ASN V 190 56.94 -29.28 65.25
N GLY V 191 55.78 -29.50 64.63
CA GLY V 191 55.09 -28.43 63.91
C GLY V 191 54.74 -27.25 64.79
N ARG V 192 54.17 -27.52 65.97
CA ARG V 192 53.81 -26.44 66.89
C ARG V 192 55.07 -25.72 67.38
N LEU V 193 56.14 -26.48 67.65
CA LEU V 193 57.40 -25.88 68.06
C LEU V 193 57.99 -25.02 66.94
N ALA V 194 57.84 -25.45 65.68
CA ALA V 194 58.26 -24.64 64.54
C ALA V 194 57.47 -23.34 64.44
N MET V 195 56.16 -23.38 64.67
CA MET V 195 55.38 -22.14 64.64
C MET V 195 55.74 -21.20 65.77
N ILE V 196 56.19 -21.73 66.91
CA ILE V 196 56.66 -20.85 67.99
C ILE V 196 58.02 -20.26 67.63
N GLY V 197 58.94 -21.12 67.18
CA GLY V 197 60.31 -20.69 66.92
C GLY V 197 60.41 -19.68 65.78
N PHE V 198 59.77 -19.97 64.65
CA PHE V 198 59.78 -19.06 63.52
C PHE V 198 59.19 -17.69 63.88
N SER V 199 58.06 -17.70 64.60
CA SER V 199 57.43 -16.45 65.01
C SER V 199 58.30 -15.66 65.98
N GLY V 200 59.08 -16.35 66.81
CA GLY V 200 60.07 -15.66 67.62
C GLY V 200 61.18 -15.01 66.81
N MET V 201 61.91 -15.85 66.07
CA MET V 201 63.10 -15.41 65.32
C MET V 201 62.80 -14.32 64.29
N MET V 202 61.59 -14.27 63.71
CA MET V 202 61.29 -13.20 62.77
C MET V 202 61.19 -11.84 63.46
N HIS V 203 60.48 -11.77 64.58
CA HIS V 203 60.47 -10.52 65.36
C HIS V 203 61.87 -10.18 65.89
N HIS V 204 62.65 -11.21 66.29
CA HIS V 204 64.08 -11.01 66.53
C HIS V 204 64.82 -10.34 65.36
N TYR V 205 64.54 -10.79 64.14
CA TYR V 205 65.09 -10.12 62.97
C TYR V 205 64.61 -8.68 62.87
N PHE V 206 63.32 -8.46 63.13
CA PHE V 206 62.75 -7.11 63.14
C PHE V 206 63.45 -6.19 64.15
N ILE V 207 63.86 -6.71 65.31
CA ILE V 207 64.52 -5.85 66.29
C ILE V 207 66.00 -5.65 65.94
N THR V 208 66.69 -6.69 65.46
CA THR V 208 68.14 -6.60 65.31
C THR V 208 68.67 -6.65 63.88
N GLY V 209 67.86 -7.08 62.91
CA GLY V 209 68.37 -7.26 61.56
C GLY V 209 69.41 -8.35 61.44
N LYS V 210 69.31 -9.38 62.29
CA LYS V 210 70.34 -10.40 62.44
C LYS V 210 69.69 -11.77 62.50
N GLY V 211 70.43 -12.77 62.06
CA GLY V 211 69.94 -14.13 62.04
C GLY V 211 70.03 -14.79 63.40
N PRO V 212 69.13 -15.75 63.68
CA PRO V 212 68.99 -16.26 65.05
C PRO V 212 70.20 -17.05 65.55
N ILE V 213 70.77 -17.94 64.73
CA ILE V 213 71.99 -18.63 65.14
C ILE V 213 73.18 -17.66 65.20
N GLU V 214 73.21 -16.66 64.30
CA GLU V 214 74.27 -15.67 64.36
C GLU V 214 74.10 -14.73 65.56
N LEU V 215 72.85 -14.49 65.97
CA LEU V 215 72.61 -13.82 67.24
C LEU V 215 73.08 -14.68 68.41
N LEU V 216 72.82 -15.99 68.33
CA LEU V 216 73.16 -16.91 69.41
C LEU V 216 74.67 -17.00 69.63
N THR V 217 75.44 -17.08 68.55
CA THR V 217 76.90 -17.19 68.71
C THR V 217 77.54 -15.86 69.09
N SER V 218 76.96 -14.74 68.67
CA SER V 218 77.50 -13.43 69.01
C SER V 218 77.15 -13.06 70.45
N TYR W 46 -42.56 -1.78 0.94
CA TYR W 46 -43.37 -1.21 2.01
C TYR W 46 -44.66 -0.63 1.42
N SER W 47 -44.71 0.69 1.31
CA SER W 47 -45.79 1.34 0.60
C SER W 47 -45.71 1.02 -0.89
N PRO W 48 -46.85 0.99 -1.59
CA PRO W 48 -46.82 0.74 -3.04
C PRO W 48 -46.07 1.83 -3.80
N VAL W 49 -45.12 1.40 -4.63
CA VAL W 49 -44.34 2.32 -5.44
C VAL W 49 -45.16 2.72 -6.66
N PRO W 50 -45.43 4.00 -6.86
CA PRO W 50 -46.27 4.40 -8.00
C PRO W 50 -45.47 4.51 -9.29
N SER W 51 -46.18 4.30 -10.39
CA SER W 51 -45.67 4.49 -11.73
C SER W 51 -46.70 5.28 -12.52
N PRO W 52 -46.29 5.94 -13.61
CA PRO W 52 -47.28 6.53 -14.52
C PRO W 52 -48.12 5.46 -15.21
N GLU W 53 -49.32 5.87 -15.62
CA GLU W 53 -50.27 4.97 -16.24
C GLU W 53 -49.75 4.46 -17.59
N GLY W 54 -49.94 3.16 -17.82
CA GLY W 54 -49.45 2.51 -19.02
C GLY W 54 -48.08 1.90 -18.91
N THR W 55 -47.51 1.80 -17.71
CA THR W 55 -46.23 1.13 -17.52
C THR W 55 -46.43 -0.37 -17.51
N LYS W 56 -45.75 -1.08 -18.40
CA LYS W 56 -45.85 -2.52 -18.52
C LYS W 56 -44.51 -3.17 -18.14
N GLU W 57 -44.53 -4.50 -18.08
CA GLU W 57 -43.34 -5.28 -17.73
C GLU W 57 -42.59 -5.61 -19.00
N VAL W 58 -41.38 -5.05 -19.15
CA VAL W 58 -40.57 -5.21 -20.34
C VAL W 58 -39.31 -6.01 -20.06
N TYR W 59 -39.23 -6.66 -18.91
CA TYR W 59 -38.08 -7.52 -18.59
C TYR W 59 -38.03 -8.71 -19.54
N TRP W 60 -36.86 -8.93 -20.14
CA TRP W 60 -36.70 -9.91 -21.19
C TRP W 60 -35.47 -10.76 -20.93
N GLU W 61 -35.55 -12.04 -21.30
CA GLU W 61 -34.43 -12.97 -21.24
C GLU W 61 -34.23 -13.69 -22.56
N THR W 62 -34.94 -13.29 -23.61
CA THR W 62 -34.85 -13.91 -24.92
C THR W 62 -33.69 -13.30 -25.70
N LYS W 63 -33.60 -13.63 -26.99
CA LYS W 63 -32.57 -13.07 -27.86
C LYS W 63 -32.72 -11.56 -28.02
N ALA W 64 -33.95 -11.10 -28.22
CA ALA W 64 -34.21 -9.68 -28.35
C ALA W 64 -35.33 -9.26 -27.41
N PRO W 65 -35.37 -7.99 -27.01
CA PRO W 65 -36.53 -7.49 -26.28
C PRO W 65 -37.77 -7.44 -27.16
N SER W 66 -38.93 -7.38 -26.50
CA SER W 66 -40.19 -7.13 -27.19
C SER W 66 -40.21 -5.71 -27.75
N SER W 67 -41.10 -5.48 -28.71
CA SER W 67 -41.16 -4.19 -29.40
C SER W 67 -41.62 -3.04 -28.50
N ASP W 68 -42.20 -3.34 -27.33
CA ASP W 68 -42.72 -2.31 -26.43
C ASP W 68 -41.63 -1.39 -25.91
N VAL W 69 -40.38 -1.87 -25.82
CA VAL W 69 -39.25 -1.03 -25.45
C VAL W 69 -38.96 0.07 -26.46
N LEU W 70 -39.54 -0.01 -27.67
CA LEU W 70 -39.42 1.04 -28.65
C LEU W 70 -40.50 2.10 -28.51
N GLY W 71 -41.42 1.94 -27.55
CA GLY W 71 -42.44 2.93 -27.27
C GLY W 71 -43.38 3.20 -28.43
N ILE W 72 -43.33 4.42 -28.95
CA ILE W 72 -44.14 4.78 -30.11
C ILE W 72 -43.64 4.16 -31.40
N GLY W 73 -42.42 3.63 -31.42
CA GLY W 73 -41.89 3.01 -32.62
C GLY W 73 -42.05 1.50 -32.62
N ALA W 74 -42.98 1.00 -31.80
CA ALA W 74 -43.18 -0.44 -31.67
C ALA W 74 -43.76 -1.07 -32.93
N GLY W 75 -44.42 -0.31 -33.79
CA GLY W 75 -45.00 -0.84 -35.01
C GLY W 75 -44.23 -0.57 -36.28
N VAL W 76 -43.03 -0.04 -36.20
CA VAL W 76 -42.19 0.22 -37.37
C VAL W 76 -41.38 -1.03 -37.68
N SER W 77 -41.40 -1.44 -38.95
CA SER W 77 -40.69 -2.62 -39.40
C SER W 77 -39.17 -2.42 -39.31
N SER W 78 -38.45 -3.55 -39.29
CA SER W 78 -37.00 -3.52 -39.16
C SER W 78 -36.33 -2.93 -40.41
N GLY W 79 -36.92 -3.14 -41.58
CA GLY W 79 -36.38 -2.55 -42.80
C GLY W 79 -36.44 -1.04 -42.79
N ASN W 80 -37.56 -0.48 -42.34
CA ASN W 80 -37.70 0.97 -42.21
C ASN W 80 -36.70 1.54 -41.20
N PHE W 81 -36.50 0.83 -40.07
CA PHE W 81 -35.49 1.25 -39.09
C PHE W 81 -34.09 1.24 -39.68
N ALA W 82 -33.74 0.18 -40.42
CA ALA W 82 -32.40 0.09 -41.01
C ALA W 82 -32.18 1.16 -42.08
N ALA W 83 -33.21 1.41 -42.92
CA ALA W 83 -33.11 2.45 -43.93
C ALA W 83 -32.99 3.82 -43.30
N SER W 84 -33.77 4.09 -42.24
CA SER W 84 -33.68 5.36 -41.54
C SER W 84 -32.34 5.51 -40.84
N SER W 85 -31.77 4.40 -40.34
CA SER W 85 -30.45 4.46 -39.72
C SER W 85 -29.37 4.81 -40.73
N VAL W 86 -29.42 4.19 -41.92
CA VAL W 86 -28.45 4.52 -42.97
C VAL W 86 -28.59 5.98 -43.42
N VAL W 87 -29.85 6.41 -43.63
CA VAL W 87 -30.11 7.77 -44.09
C VAL W 87 -29.71 8.80 -43.04
N ALA W 88 -29.96 8.49 -41.76
CA ALA W 88 -29.55 9.36 -40.66
C ALA W 88 -28.04 9.42 -40.53
N LEU W 89 -27.37 8.28 -40.72
CA LEU W 89 -25.91 8.24 -40.67
C LEU W 89 -25.31 9.13 -41.76
N MET W 90 -25.81 9.01 -42.99
CA MET W 90 -25.31 9.83 -44.09
C MET W 90 -25.57 11.31 -43.87
N ILE W 91 -26.80 11.67 -43.48
CA ILE W 91 -27.12 13.09 -43.29
C ILE W 91 -26.35 13.69 -42.12
N GLY W 92 -26.25 12.94 -41.01
CA GLY W 92 -25.54 13.45 -39.86
C GLY W 92 -24.05 13.59 -40.09
N GLY W 93 -23.44 12.62 -40.78
CA GLY W 93 -22.04 12.73 -41.13
C GLY W 93 -21.75 13.86 -42.10
N PHE W 94 -22.62 14.03 -43.10
CA PHE W 94 -22.47 15.12 -44.06
C PHE W 94 -22.60 16.48 -43.38
N CYS W 95 -23.63 16.65 -42.54
CA CYS W 95 -23.84 17.92 -41.85
C CYS W 95 -22.71 18.21 -40.87
N THR W 96 -22.25 17.18 -40.14
CA THR W 96 -21.14 17.33 -39.22
C THR W 96 -19.88 17.76 -39.95
N GLY W 97 -19.56 17.09 -41.07
CA GLY W 97 -18.43 17.46 -41.90
C GLY W 97 -18.54 18.83 -42.51
N GLN W 98 -19.75 19.35 -42.69
CA GLN W 98 -19.87 20.77 -43.02
C GLN W 98 -19.57 21.66 -41.83
N VAL W 99 -19.84 21.23 -40.60
CA VAL W 99 -19.70 22.13 -39.46
C VAL W 99 -18.46 21.83 -38.60
N ILE W 100 -17.56 20.93 -39.04
CA ILE W 100 -16.26 20.81 -38.35
C ILE W 100 -15.43 22.09 -38.43
N PRO W 101 -15.30 22.77 -39.60
CA PRO W 101 -14.72 24.13 -39.46
C PRO W 101 -15.76 25.13 -38.94
N LEU W 102 -15.98 25.08 -37.63
CA LEU W 102 -16.97 25.93 -36.98
C LEU W 102 -16.58 27.39 -37.03
N THR W 103 -17.55 28.24 -37.35
CA THR W 103 -17.41 29.69 -37.37
C THR W 103 -18.33 30.31 -36.33
N SER W 104 -18.28 31.64 -36.23
CA SER W 104 -19.18 32.35 -35.34
C SER W 104 -20.58 32.51 -35.90
N ASP W 105 -20.81 32.11 -37.15
CA ASP W 105 -22.14 32.10 -37.77
C ASP W 105 -22.41 30.73 -38.38
N PRO W 106 -22.62 29.69 -37.56
CA PRO W 106 -22.88 28.36 -38.12
C PRO W 106 -24.26 28.28 -38.76
N ASN W 107 -24.37 27.43 -39.76
CA ASN W 107 -25.65 27.22 -40.45
C ASN W 107 -26.56 26.44 -39.52
N PRO W 108 -27.75 26.95 -39.18
CA PRO W 108 -28.64 26.23 -38.26
C PRO W 108 -29.14 24.89 -38.78
N LEU W 109 -29.31 24.75 -40.10
CA LEU W 109 -29.85 23.51 -40.68
C LEU W 109 -28.90 22.35 -40.48
N PHE W 110 -27.60 22.57 -40.74
CA PHE W 110 -26.61 21.53 -40.51
C PHE W 110 -26.45 21.24 -39.02
N LEU W 111 -26.64 22.26 -38.18
CA LEU W 111 -26.61 22.05 -36.73
C LEU W 111 -27.74 21.12 -36.27
N ILE W 112 -28.95 21.29 -36.82
CA ILE W 112 -30.03 20.36 -36.52
C ILE W 112 -29.74 18.98 -37.10
N GLY W 113 -29.24 18.93 -38.34
CA GLY W 113 -28.98 17.66 -39.00
C GLY W 113 -27.84 16.86 -38.39
N SER W 114 -26.94 17.51 -37.67
CA SER W 114 -25.86 16.80 -36.98
C SER W 114 -26.37 15.91 -35.85
N PHE W 115 -27.55 16.21 -35.31
CA PHE W 115 -28.14 15.40 -34.24
C PHE W 115 -28.71 14.08 -34.74
N LEU W 116 -28.80 13.89 -36.06
CA LEU W 116 -29.14 12.59 -36.62
C LEU W 116 -27.99 11.60 -36.55
N LEU W 117 -26.76 12.10 -36.35
CA LEU W 117 -25.61 11.20 -36.21
C LEU W 117 -25.69 10.33 -34.95
N PRO W 118 -26.02 10.84 -33.75
CA PRO W 118 -26.26 9.89 -32.64
C PRO W 118 -27.59 9.15 -32.76
N TYR W 119 -28.53 9.64 -33.57
CA TYR W 119 -29.84 9.00 -33.71
C TYR W 119 -29.73 7.65 -34.42
N SER W 120 -28.78 7.53 -35.35
CA SER W 120 -28.63 6.33 -36.15
C SER W 120 -28.20 5.12 -35.33
N TRP W 121 -27.48 5.35 -34.22
CA TRP W 121 -27.10 4.24 -33.34
C TRP W 121 -28.32 3.58 -32.72
N ALA W 122 -29.22 4.40 -32.15
CA ALA W 122 -30.45 3.89 -31.60
C ALA W 122 -31.34 3.30 -32.68
N LEU W 123 -31.28 3.88 -33.89
CA LEU W 123 -32.03 3.33 -35.01
C LEU W 123 -31.55 1.93 -35.41
N HIS W 124 -30.22 1.68 -35.43
CA HIS W 124 -29.83 0.33 -35.84
C HIS W 124 -30.05 -0.66 -34.70
N VAL W 125 -29.97 -0.19 -33.44
CA VAL W 125 -30.35 -1.06 -32.32
C VAL W 125 -31.82 -1.44 -32.41
N ALA W 126 -32.69 -0.48 -32.74
CA ALA W 126 -34.11 -0.79 -32.94
C ALA W 126 -34.33 -1.69 -34.16
N ALA W 127 -33.50 -1.53 -35.20
CA ALA W 127 -33.59 -2.41 -36.37
C ALA W 127 -33.26 -3.86 -36.00
N TRP W 128 -32.20 -4.05 -35.21
CA TRP W 128 -31.86 -5.38 -34.71
C TRP W 128 -32.97 -5.94 -33.83
N ILE W 129 -33.58 -5.10 -32.98
CA ILE W 129 -34.65 -5.54 -32.11
C ILE W 129 -35.87 -6.01 -32.93
N GLN W 130 -36.26 -5.20 -33.92
CA GLN W 130 -37.42 -5.55 -34.75
C GLN W 130 -37.14 -6.75 -35.65
N LYS W 131 -35.90 -6.91 -36.12
CA LYS W 131 -35.57 -8.01 -37.02
C LYS W 131 -35.68 -9.34 -36.32
N ASN W 132 -35.28 -9.40 -35.04
CA ASN W 132 -35.38 -10.64 -34.27
C ASN W 132 -36.72 -10.78 -33.55
N ASN W 133 -37.66 -9.86 -33.78
CA ASN W 133 -39.00 -9.95 -33.25
C ASN W 133 -40.01 -10.39 -34.32
N GLY W 134 -39.53 -10.87 -35.46
CA GLY W 134 -40.42 -11.23 -36.55
C GLY W 134 -41.03 -10.06 -37.27
N LYS W 135 -40.42 -8.87 -37.17
CA LYS W 135 -40.95 -7.68 -37.83
C LYS W 135 -39.93 -7.11 -38.82
N LEU X 39 65.88 -74.24 -10.80
CA LEU X 39 64.88 -75.06 -10.14
C LEU X 39 64.08 -74.15 -9.21
N TYR X 40 62.89 -74.57 -8.79
CA TYR X 40 61.98 -73.64 -8.13
C TYR X 40 62.36 -73.42 -6.67
N LYS X 41 63.01 -74.40 -6.05
CA LYS X 41 63.51 -74.38 -4.66
C LYS X 41 62.52 -73.76 -3.68
N ASP X 42 61.29 -74.28 -3.70
CA ASP X 42 60.24 -73.81 -2.81
C ASP X 42 60.53 -74.23 -1.37
N GLY X 43 60.71 -73.26 -0.49
CA GLY X 43 61.15 -73.50 0.87
C GLY X 43 62.62 -73.28 1.11
N LYS X 44 63.41 -73.03 0.07
CA LYS X 44 64.80 -72.61 0.20
C LYS X 44 65.03 -71.19 -0.28
N MET X 45 64.62 -70.86 -1.50
CA MET X 45 64.71 -69.52 -2.05
C MET X 45 63.37 -68.79 -2.10
N GLN X 46 62.26 -69.51 -2.27
CA GLN X 46 60.94 -68.89 -2.39
C GLN X 46 59.96 -69.74 -1.59
N GLY X 47 58.68 -69.40 -1.70
CA GLY X 47 57.66 -70.16 -1.01
C GLY X 47 57.39 -69.64 0.39
N LYS X 48 56.59 -70.43 1.11
CA LYS X 48 56.31 -70.13 2.50
C LYS X 48 57.52 -70.44 3.37
N GLY X 49 57.74 -69.61 4.39
CA GLY X 49 58.75 -69.87 5.39
C GLY X 49 60.13 -69.30 5.12
N VAL X 50 60.34 -68.64 3.97
CA VAL X 50 61.65 -68.11 3.62
C VAL X 50 61.66 -66.62 3.90
N ASN X 51 62.65 -66.16 4.67
CA ASN X 51 62.80 -64.74 4.98
C ASN X 51 64.28 -64.41 4.90
N ILE X 52 64.64 -63.56 3.93
CA ILE X 52 66.02 -63.15 3.74
C ILE X 52 66.44 -62.02 4.69
N ILE X 53 65.51 -61.19 5.15
CA ILE X 53 65.81 -60.21 6.19
C ILE X 53 64.92 -60.54 7.40
N PRO X 54 65.41 -61.39 8.32
CA PRO X 54 64.55 -61.88 9.39
C PRO X 54 64.25 -60.90 10.52
N VAL X 55 64.81 -59.68 10.49
CA VAL X 55 64.43 -58.69 11.50
C VAL X 55 63.01 -58.19 11.28
N PHE X 56 62.50 -58.27 10.04
CA PHE X 56 61.11 -57.99 9.73
C PHE X 56 60.45 -59.33 9.40
N ALA X 57 59.53 -59.76 10.25
CA ALA X 57 58.92 -61.07 10.14
C ALA X 57 58.06 -61.18 8.88
N ARG X 58 58.02 -62.39 8.32
CA ARG X 58 57.25 -62.65 7.11
C ARG X 58 55.76 -62.47 7.37
N PRO X 59 55.06 -61.66 6.58
CA PRO X 59 53.62 -61.53 6.75
C PRO X 59 52.88 -62.78 6.29
N ASP X 60 51.68 -62.96 6.85
CA ASP X 60 50.77 -64.02 6.43
C ASP X 60 50.15 -63.75 5.07
N SER X 61 50.24 -62.53 4.56
CA SER X 61 49.56 -62.15 3.32
C SER X 61 50.23 -62.77 2.10
N LEU X 62 51.54 -62.96 2.14
CA LEU X 62 52.26 -63.48 0.98
C LEU X 62 51.91 -64.95 0.75
N ASP X 63 51.44 -65.26 -0.46
CA ASP X 63 51.02 -66.61 -0.79
C ASP X 63 52.19 -67.55 -1.06
N GLY X 64 53.30 -67.03 -1.57
CA GLY X 64 54.41 -67.85 -2.03
C GLY X 64 54.32 -68.30 -3.47
N THR X 65 53.21 -68.00 -4.16
CA THR X 65 53.09 -68.34 -5.57
C THR X 65 53.91 -67.42 -6.47
N ILE X 66 54.05 -66.16 -6.08
CA ILE X 66 54.69 -65.16 -6.96
C ILE X 66 56.21 -65.39 -6.96
N PRO X 67 56.86 -65.36 -8.11
CA PRO X 67 58.33 -65.46 -8.13
C PRO X 67 58.99 -64.24 -7.50
N GLY X 68 59.98 -64.50 -6.66
CA GLY X 68 60.67 -63.46 -5.92
C GLY X 68 60.14 -63.25 -4.53
N ASP X 69 59.18 -64.06 -4.08
CA ASP X 69 58.59 -63.94 -2.75
C ASP X 69 59.61 -64.48 -1.76
N GLN X 70 60.38 -63.59 -1.14
CA GLN X 70 61.41 -63.96 -0.18
C GLN X 70 61.14 -63.35 1.18
N GLY X 71 59.87 -63.13 1.48
CA GLY X 71 59.42 -62.69 2.79
C GLY X 71 59.87 -61.31 3.21
N PHE X 72 59.74 -60.32 2.34
CA PHE X 72 60.14 -58.94 2.64
C PHE X 72 58.95 -58.03 2.33
N ASP X 73 58.11 -57.81 3.35
CA ASP X 73 57.06 -56.79 3.29
C ASP X 73 56.90 -56.18 4.67
N PRO X 74 57.86 -55.35 5.11
CA PRO X 74 57.72 -54.71 6.44
C PRO X 74 56.52 -53.81 6.57
N PHE X 75 56.13 -53.11 5.51
CA PHE X 75 55.02 -52.17 5.58
C PHE X 75 53.66 -52.80 5.29
N GLY X 76 53.62 -54.12 5.07
CA GLY X 76 52.35 -54.82 4.92
C GLY X 76 51.54 -54.41 3.70
N PHE X 77 52.21 -54.04 2.61
CA PHE X 77 51.50 -53.59 1.41
C PHE X 77 50.71 -54.72 0.76
N SER X 78 51.18 -55.95 0.87
CA SER X 78 50.50 -57.11 0.27
C SER X 78 49.12 -57.36 0.87
N SER X 79 48.85 -56.83 2.07
CA SER X 79 47.55 -57.05 2.71
C SER X 79 46.41 -56.34 1.97
N TRP X 80 46.70 -55.22 1.31
CA TRP X 80 45.63 -54.41 0.70
C TRP X 80 45.80 -54.14 -0.78
N VAL X 81 47.01 -54.18 -1.35
CA VAL X 81 47.15 -53.98 -2.79
C VAL X 81 46.79 -55.26 -3.53
N ASN X 82 46.53 -55.11 -4.83
CA ASN X 82 46.36 -56.25 -5.71
C ASN X 82 47.76 -56.76 -6.09
N MET X 83 48.02 -58.03 -5.81
CA MET X 83 49.38 -58.56 -5.90
C MET X 83 49.84 -58.71 -7.34
N LYS X 84 48.91 -59.04 -8.25
CA LYS X 84 49.25 -59.22 -9.65
C LYS X 84 49.74 -57.94 -10.30
N PHE X 85 49.06 -56.82 -9.99
CA PHE X 85 49.41 -55.53 -10.58
C PHE X 85 50.80 -55.08 -10.12
N VAL X 86 51.06 -55.14 -8.82
CA VAL X 86 52.36 -54.71 -8.32
C VAL X 86 53.46 -55.69 -8.72
N SER X 87 53.12 -56.97 -8.93
CA SER X 87 54.11 -57.93 -9.43
C SER X 87 54.53 -57.61 -10.86
N GLU X 88 53.54 -57.35 -11.73
CA GLU X 88 53.84 -56.94 -13.10
C GLU X 88 54.58 -55.60 -13.14
N ALA X 89 54.24 -54.70 -12.21
CA ALA X 89 54.93 -53.41 -12.15
C ALA X 89 56.38 -53.58 -11.71
N GLU X 90 56.64 -54.46 -10.74
CA GLU X 90 58.01 -54.76 -10.32
C GLU X 90 58.82 -55.36 -11.46
N ILE X 91 58.22 -56.30 -12.21
CA ILE X 91 58.92 -56.94 -13.31
C ILE X 91 59.24 -55.94 -14.43
N LYS X 92 58.27 -55.09 -14.78
CA LYS X 92 58.47 -54.12 -15.85
C LYS X 92 59.49 -53.04 -15.45
N HIS X 93 59.43 -52.54 -14.20
CA HIS X 93 60.45 -51.64 -13.68
C HIS X 93 61.84 -52.29 -13.71
N GLY X 94 61.90 -53.59 -13.36
CA GLY X 94 63.17 -54.29 -13.35
C GLY X 94 63.77 -54.44 -14.75
N ARG X 95 62.94 -54.80 -15.73
CA ARG X 95 63.43 -54.95 -17.10
C ARG X 95 63.85 -53.61 -17.68
N LEU X 96 63.10 -52.54 -17.37
CA LEU X 96 63.49 -51.19 -17.74
C LEU X 96 64.83 -50.80 -17.12
N ALA X 97 65.05 -51.20 -15.87
CA ALA X 97 66.31 -50.88 -15.20
C ALA X 97 67.47 -51.70 -15.75
N MET X 98 67.21 -52.93 -16.20
CA MET X 98 68.25 -53.72 -16.86
C MET X 98 68.69 -53.07 -18.17
N LEU X 99 67.71 -52.70 -19.01
CA LEU X 99 68.02 -52.01 -20.25
C LEU X 99 68.71 -50.67 -19.98
N ALA X 100 68.32 -50.00 -18.89
CA ALA X 100 68.96 -48.74 -18.52
C ALA X 100 70.40 -48.94 -18.09
N PHE X 101 70.68 -50.00 -17.32
CA PHE X 101 72.05 -50.29 -16.90
C PHE X 101 72.93 -50.64 -18.08
N ALA X 102 72.42 -51.48 -19.00
CA ALA X 102 73.21 -51.86 -20.17
C ALA X 102 73.49 -50.66 -21.06
N GLY X 103 72.49 -49.81 -21.27
CA GLY X 103 72.67 -48.62 -22.09
C GLY X 103 73.63 -47.62 -21.45
N ILE X 104 73.49 -47.40 -20.14
CA ILE X 104 74.35 -46.48 -19.41
C ILE X 104 75.80 -46.94 -19.47
N MET X 105 76.05 -48.23 -19.24
CA MET X 105 77.44 -48.71 -19.26
C MET X 105 78.04 -48.67 -20.67
N VAL X 106 77.28 -49.06 -21.69
CA VAL X 106 77.86 -49.02 -23.04
C VAL X 106 78.01 -47.60 -23.56
N GLU X 107 77.23 -46.64 -23.04
CA GLU X 107 77.34 -45.27 -23.51
C GLU X 107 78.31 -44.44 -22.68
N SER X 108 78.60 -44.85 -21.45
CA SER X 108 79.62 -44.20 -20.64
C SER X 108 81.01 -44.77 -20.84
N ILE X 109 81.12 -46.05 -21.24
CA ILE X 109 82.45 -46.60 -21.52
C ILE X 109 83.00 -46.02 -22.83
N GLY X 110 82.16 -45.93 -23.86
CA GLY X 110 82.62 -45.38 -25.12
C GLY X 110 82.16 -46.11 -26.38
N ILE X 111 81.46 -47.24 -26.23
CA ILE X 111 80.93 -47.95 -27.39
C ILE X 111 79.79 -47.14 -27.99
N SER X 112 79.87 -46.89 -29.30
CA SER X 112 78.85 -46.11 -30.00
C SER X 112 78.59 -46.72 -31.37
N PHE X 113 77.38 -46.46 -31.88
CA PHE X 113 77.04 -46.84 -33.24
C PHE X 113 77.79 -45.94 -34.22
N PRO X 114 77.99 -46.40 -35.46
CA PRO X 114 78.62 -45.53 -36.47
C PRO X 114 77.77 -44.30 -36.77
N GLY X 115 78.42 -43.14 -36.72
CA GLY X 115 77.78 -41.86 -36.92
C GLY X 115 76.98 -41.35 -35.75
N ALA X 116 76.91 -42.09 -34.65
CA ALA X 116 76.10 -41.67 -33.50
C ALA X 116 76.78 -40.61 -32.64
N THR X 117 78.11 -40.51 -32.71
CA THR X 117 78.83 -39.54 -31.89
C THR X 117 78.61 -38.11 -32.34
N SER X 118 78.44 -37.90 -33.66
CA SER X 118 78.47 -36.56 -34.25
C SER X 118 77.35 -35.66 -33.72
N ILE X 119 76.09 -36.05 -33.93
CA ILE X 119 74.98 -35.18 -33.52
C ILE X 119 74.84 -35.16 -31.99
N LEU X 120 74.96 -36.32 -31.34
CA LEU X 120 74.76 -36.43 -29.91
C LEU X 120 75.97 -36.01 -29.08
N GLY X 121 76.99 -35.39 -29.65
CA GLY X 121 78.10 -34.97 -28.82
C GLY X 121 79.13 -36.06 -28.60
N ASP X 122 80.41 -35.69 -28.58
CA ASP X 122 81.49 -36.65 -28.40
C ASP X 122 81.89 -36.80 -26.95
N SER X 123 80.98 -36.53 -26.02
CA SER X 123 81.23 -36.67 -24.60
C SER X 123 80.64 -37.99 -24.10
N LYS X 124 80.75 -38.22 -22.78
CA LYS X 124 80.34 -39.48 -22.18
C LYS X 124 79.34 -39.32 -21.04
N ASP X 125 78.79 -38.11 -20.84
CA ASP X 125 77.91 -37.85 -19.71
C ASP X 125 76.47 -38.15 -20.09
N ILE X 126 75.83 -39.03 -19.32
CA ILE X 126 74.53 -39.61 -19.68
C ILE X 126 73.42 -38.56 -19.68
N PHE X 127 73.48 -37.57 -18.77
CA PHE X 127 72.44 -36.55 -18.70
C PHE X 127 72.49 -35.66 -19.94
N GLU X 128 73.69 -35.22 -20.32
CA GLU X 128 73.86 -34.44 -21.53
C GLU X 128 73.54 -35.27 -22.77
N ILE X 129 73.79 -36.58 -22.74
CA ILE X 129 73.37 -37.46 -23.83
C ILE X 129 71.85 -37.48 -23.95
N HIS X 130 71.14 -37.52 -22.82
CA HIS X 130 69.67 -37.44 -22.82
C HIS X 130 69.21 -36.12 -23.43
N ASN X 131 69.78 -35.00 -22.99
CA ASN X 131 69.33 -33.69 -23.48
C ASN X 131 69.64 -33.49 -24.97
N LYS X 132 70.83 -33.90 -25.42
CA LYS X 132 71.17 -33.79 -26.84
C LYS X 132 70.29 -34.70 -27.70
N ALA X 133 70.00 -35.91 -27.25
CA ALA X 133 69.17 -36.80 -28.04
C ALA X 133 67.68 -36.40 -27.99
N VAL X 134 67.25 -35.69 -26.94
CA VAL X 134 65.94 -35.06 -26.96
C VAL X 134 65.90 -33.94 -27.99
N GLU X 135 66.91 -33.07 -27.98
CA GLU X 135 66.92 -31.91 -28.89
C GLU X 135 67.09 -32.35 -30.34
N SER X 136 67.80 -33.46 -30.57
CA SER X 136 67.89 -34.03 -31.90
C SER X 136 66.54 -34.56 -32.37
N GLY X 137 65.72 -35.06 -31.45
CA GLY X 137 64.45 -35.68 -31.80
C GLY X 137 64.46 -37.19 -31.68
N ALA X 138 65.60 -37.78 -31.34
CA ALA X 138 65.68 -39.24 -31.18
C ALA X 138 64.82 -39.73 -30.02
N MET X 139 64.87 -39.04 -28.88
CA MET X 139 64.20 -39.58 -27.71
C MET X 139 62.68 -39.35 -27.76
N GLY X 140 62.23 -38.38 -28.56
CA GLY X 140 60.81 -38.28 -28.87
C GLY X 140 60.30 -39.45 -29.68
N GLN X 141 61.11 -39.89 -30.65
CA GLN X 141 60.83 -41.06 -31.47
C GLN X 141 60.82 -42.34 -30.63
N ILE X 142 61.79 -42.48 -29.72
CA ILE X 142 61.79 -43.58 -28.76
C ILE X 142 60.57 -43.53 -27.86
N LEU X 143 60.20 -42.34 -27.39
CA LEU X 143 59.04 -42.17 -26.52
C LEU X 143 57.76 -42.55 -27.24
N LEU X 144 57.64 -42.14 -28.50
CA LEU X 144 56.47 -42.47 -29.33
C LEU X 144 56.33 -43.98 -29.50
N TRP X 145 57.43 -44.67 -29.82
CA TRP X 145 57.28 -46.10 -30.09
C TRP X 145 57.11 -46.91 -28.82
N VAL X 146 57.84 -46.55 -27.75
CA VAL X 146 57.66 -47.23 -26.46
C VAL X 146 56.26 -47.00 -25.90
N GLY X 147 55.73 -45.77 -26.04
CA GLY X 147 54.36 -45.51 -25.64
C GLY X 147 53.33 -46.21 -26.51
N PHE X 148 53.61 -46.36 -27.81
CA PHE X 148 52.72 -47.11 -28.69
C PHE X 148 52.67 -48.58 -28.29
N ILE X 149 53.83 -49.15 -27.97
CA ILE X 149 53.92 -50.52 -27.46
C ILE X 149 53.21 -50.64 -26.12
N GLU X 150 53.38 -49.65 -25.24
CA GLU X 150 52.76 -49.68 -23.92
C GLU X 150 51.24 -49.58 -24.02
N ALA X 151 50.75 -48.73 -24.91
CA ALA X 151 49.31 -48.49 -25.01
C ALA X 151 48.60 -49.59 -25.77
N CYS X 152 49.25 -50.16 -26.78
CA CYS X 152 48.51 -51.03 -27.68
C CYS X 152 48.29 -52.42 -27.10
N VAL X 153 49.31 -53.02 -26.49
CA VAL X 153 49.16 -54.35 -25.94
C VAL X 153 49.39 -54.38 -24.43
N GLY X 154 50.17 -53.44 -23.91
CA GLY X 154 50.46 -53.43 -22.48
C GLY X 154 49.24 -53.09 -21.63
N VAL X 155 48.55 -52.01 -21.99
CA VAL X 155 47.30 -51.65 -21.30
C VAL X 155 46.24 -52.75 -21.39
N PRO X 156 45.92 -53.33 -22.57
CA PRO X 156 44.98 -54.47 -22.57
C PRO X 156 45.46 -55.68 -21.81
N ALA X 157 46.78 -55.98 -21.83
CA ALA X 157 47.27 -57.13 -21.08
C ALA X 157 47.09 -56.93 -19.57
N MET X 158 47.43 -55.73 -19.08
CA MET X 158 47.26 -55.45 -17.65
C MET X 158 45.77 -55.44 -17.26
N ASN X 159 44.92 -54.86 -18.10
CA ASN X 159 43.49 -54.79 -17.77
C ASN X 159 42.83 -56.16 -17.81
N GLU X 160 43.15 -56.99 -18.80
CA GLU X 160 42.54 -58.31 -18.89
C GLU X 160 43.13 -59.27 -17.86
N MET X 161 44.41 -59.08 -17.53
CA MET X 161 45.06 -59.86 -16.48
C MET X 161 44.45 -59.56 -15.12
N LEU X 162 44.20 -58.28 -14.82
CA LEU X 162 43.60 -57.94 -13.54
C LEU X 162 42.12 -58.32 -13.49
N SER X 163 41.40 -58.13 -14.60
CA SER X 163 39.97 -58.43 -14.62
C SER X 163 39.67 -59.92 -14.63
N GLY X 164 40.63 -60.76 -14.99
CA GLY X 164 40.42 -62.20 -14.97
C GLY X 164 39.73 -62.72 -16.21
N GLU X 165 40.27 -62.41 -17.39
CA GLU X 165 39.70 -62.83 -18.65
C GLU X 165 40.61 -63.71 -19.48
N THR X 166 41.89 -63.83 -19.12
CA THR X 166 42.86 -64.57 -19.92
C THR X 166 43.69 -65.57 -19.12
N SER X 167 43.63 -65.52 -17.78
CA SER X 167 44.54 -66.26 -16.87
C SER X 167 46.01 -66.00 -17.21
N ARG X 168 46.30 -64.78 -17.63
CA ARG X 168 47.67 -64.37 -17.94
C ARG X 168 48.43 -64.09 -16.65
N MET X 169 49.69 -64.51 -16.61
CA MET X 169 50.52 -64.26 -15.45
C MET X 169 51.14 -62.87 -15.58
N PRO X 170 51.49 -62.23 -14.45
CA PRO X 170 52.23 -60.96 -14.53
C PRO X 170 53.59 -61.12 -15.21
N GLY X 171 53.92 -60.15 -16.04
CA GLY X 171 55.14 -60.14 -16.84
C GLY X 171 55.17 -61.11 -17.99
N ASP X 172 54.10 -61.87 -18.22
CA ASP X 172 54.02 -62.83 -19.31
C ASP X 172 53.51 -62.11 -20.56
N PHE X 173 54.43 -61.73 -21.45
CA PHE X 173 54.05 -61.20 -22.76
C PHE X 173 54.32 -62.20 -23.88
N GLY X 174 54.52 -63.47 -23.55
CA GLY X 174 54.66 -64.54 -24.53
C GLY X 174 55.84 -64.37 -25.46
N PHE X 175 56.94 -63.81 -24.98
CA PHE X 175 58.07 -63.42 -25.84
C PHE X 175 59.22 -64.38 -25.56
N ASP X 176 59.37 -65.39 -26.42
CA ASP X 176 60.48 -66.33 -26.34
C ASP X 176 60.94 -66.66 -27.76
N PRO X 177 61.62 -65.72 -28.43
CA PRO X 177 62.04 -65.98 -29.82
C PRO X 177 63.09 -67.08 -29.95
N LEU X 178 64.09 -67.10 -29.09
CA LEU X 178 65.22 -68.01 -29.24
C LEU X 178 64.95 -69.39 -28.66
N GLY X 179 63.87 -69.55 -27.90
CA GLY X 179 63.54 -70.83 -27.30
C GLY X 179 64.52 -71.30 -26.24
N LEU X 180 64.60 -70.55 -25.13
CA LEU X 180 65.52 -70.89 -24.06
C LEU X 180 64.81 -71.37 -22.78
N GLY X 181 63.56 -71.01 -22.58
CA GLY X 181 62.81 -71.61 -21.49
C GLY X 181 61.56 -72.34 -21.94
N LYS X 182 61.55 -73.66 -21.75
CA LYS X 182 60.38 -74.49 -22.02
C LYS X 182 59.82 -75.15 -20.77
N GLY X 183 60.67 -75.82 -19.99
CA GLY X 183 60.24 -76.53 -18.80
C GLY X 183 60.90 -75.98 -17.55
N ASP X 184 62.00 -75.26 -17.76
CA ASP X 184 62.72 -74.48 -16.76
C ASP X 184 62.09 -73.10 -16.51
N LYS X 185 60.86 -72.89 -16.97
CA LYS X 185 60.20 -71.60 -16.83
C LYS X 185 59.66 -71.37 -15.42
N LEU X 186 59.30 -72.46 -14.71
CA LEU X 186 58.88 -72.41 -13.30
C LEU X 186 59.81 -71.53 -12.44
N ALA X 187 61.12 -71.76 -12.54
CA ALA X 187 62.16 -70.87 -12.03
C ALA X 187 63.49 -71.35 -12.59
N ARG X 188 64.57 -70.67 -12.19
CA ARG X 188 65.89 -70.52 -12.82
C ARG X 188 65.79 -69.65 -14.09
N LYS X 189 64.58 -69.19 -14.45
CA LYS X 189 64.40 -68.07 -15.35
C LYS X 189 63.66 -66.92 -14.68
N GLN X 190 62.55 -67.19 -13.99
CA GLN X 190 61.75 -66.12 -13.38
C GLN X 190 62.47 -65.49 -12.19
N LEU X 191 62.95 -66.32 -11.26
CA LEU X 191 63.59 -65.81 -10.04
C LEU X 191 64.87 -65.03 -10.36
N VAL X 192 65.69 -65.55 -11.27
CA VAL X 192 66.93 -64.87 -11.63
C VAL X 192 66.62 -63.55 -12.34
N GLU X 193 65.55 -63.50 -13.14
CA GLU X 193 65.16 -62.27 -13.81
C GLU X 193 64.68 -61.21 -12.82
N VAL X 194 63.84 -61.60 -11.85
CA VAL X 194 63.34 -60.61 -10.90
C VAL X 194 64.45 -60.13 -9.96
N THR X 195 65.35 -61.04 -9.55
CA THR X 195 66.48 -60.64 -8.71
C THR X 195 67.44 -59.71 -9.45
N ASN X 196 67.77 -60.02 -10.70
CA ASN X 196 68.59 -59.12 -11.51
C ASN X 196 67.88 -57.81 -11.79
N GLY X 197 66.56 -57.83 -11.94
CA GLY X 197 65.80 -56.60 -12.09
C GLY X 197 65.93 -55.67 -10.90
N ARG X 198 65.75 -56.21 -9.69
CA ARG X 198 65.90 -55.42 -8.48
C ARG X 198 67.33 -54.89 -8.32
N LEU X 199 68.32 -55.75 -8.60
CA LEU X 199 69.72 -55.32 -8.54
C LEU X 199 70.01 -54.24 -9.58
N ALA X 200 69.37 -54.34 -10.76
CA ALA X 200 69.55 -53.32 -11.79
C ALA X 200 68.92 -52.00 -11.38
N MET X 201 67.76 -52.06 -10.71
CA MET X 201 67.14 -50.85 -10.15
C MET X 201 68.09 -50.15 -9.19
N LEU X 202 68.64 -50.90 -8.23
CA LEU X 202 69.58 -50.32 -7.27
C LEU X 202 70.85 -49.81 -7.95
N ALA X 203 71.35 -50.55 -8.94
CA ALA X 203 72.58 -50.18 -9.65
C ALA X 203 72.39 -48.90 -10.45
N VAL X 204 71.27 -48.78 -11.18
CA VAL X 204 71.02 -47.59 -11.98
C VAL X 204 70.82 -46.38 -11.09
N SER X 205 70.10 -46.55 -9.97
CA SER X 205 69.92 -45.44 -9.02
C SER X 205 71.25 -44.97 -8.45
N GLY X 206 72.10 -45.92 -8.02
CA GLY X 206 73.43 -45.58 -7.53
C GLY X 206 74.28 -44.88 -8.57
N ILE X 207 74.29 -45.40 -9.80
CA ILE X 207 75.10 -44.83 -10.88
C ILE X 207 74.63 -43.41 -11.21
N VAL X 208 73.31 -43.19 -11.28
CA VAL X 208 72.78 -41.86 -11.58
C VAL X 208 73.16 -40.86 -10.49
N HIS X 209 72.99 -41.24 -9.21
CA HIS X 209 73.29 -40.28 -8.16
C HIS X 209 74.80 -40.07 -7.99
N HIS X 210 75.64 -41.07 -8.33
CA HIS X 210 77.07 -40.82 -8.43
C HIS X 210 77.42 -39.87 -9.57
N THR X 211 76.73 -40.00 -10.71
CA THR X 211 76.97 -39.09 -11.81
C THR X 211 76.56 -37.66 -11.43
N ILE X 212 75.50 -37.54 -10.62
CA ILE X 212 75.07 -36.25 -10.11
C ILE X 212 76.13 -35.65 -9.18
N ILE X 213 76.61 -36.44 -8.21
CA ILE X 213 77.50 -35.86 -7.20
C ILE X 213 78.92 -35.64 -7.73
N THR X 214 79.43 -36.54 -8.58
CA THR X 214 80.81 -36.47 -9.04
C THR X 214 80.96 -35.67 -10.33
N GLY X 215 79.98 -35.76 -11.22
CA GLY X 215 80.07 -35.15 -12.53
C GLY X 215 80.74 -36.01 -13.58
N LYS X 216 81.09 -37.25 -13.25
CA LYS X 216 81.74 -38.18 -14.16
C LYS X 216 81.01 -39.51 -14.12
N GLY X 217 80.76 -40.08 -15.30
CA GLY X 217 80.08 -41.35 -15.42
C GLY X 217 80.90 -42.50 -14.87
N PRO X 218 80.23 -43.61 -14.58
CA PRO X 218 80.94 -44.79 -14.06
C PRO X 218 81.91 -45.39 -15.07
N LEU X 219 82.96 -46.00 -14.53
CA LEU X 219 84.02 -46.69 -15.30
C LEU X 219 84.67 -45.79 -16.35
N ALA Y 85 -47.94 65.31 4.07
CA ALA Y 85 -48.64 65.87 2.92
C ALA Y 85 -47.83 65.71 1.64
N ALA Y 86 -46.62 65.15 1.78
CA ALA Y 86 -45.74 64.95 0.65
C ALA Y 86 -46.22 63.79 -0.22
N SER Y 87 -46.14 63.97 -1.53
CA SER Y 87 -46.56 62.96 -2.48
C SER Y 87 -45.48 61.88 -2.62
N ILE Y 88 -45.77 60.87 -3.44
CA ILE Y 88 -44.78 59.84 -3.75
C ILE Y 88 -43.64 60.42 -4.58
N THR Y 89 -43.98 61.34 -5.50
CA THR Y 89 -42.98 62.02 -6.31
C THR Y 89 -42.00 62.82 -5.44
N ASP Y 90 -42.52 63.53 -4.44
CA ASP Y 90 -41.67 64.27 -3.52
C ASP Y 90 -40.78 63.33 -2.70
N LYS Y 91 -41.30 62.16 -2.31
CA LYS Y 91 -40.50 61.18 -1.58
C LYS Y 91 -39.37 60.65 -2.45
N GLN Y 92 -39.65 60.34 -3.73
CA GLN Y 92 -38.60 59.93 -4.65
C GLN Y 92 -37.58 61.04 -4.87
N LYS Y 93 -38.05 62.29 -4.92
CA LYS Y 93 -37.16 63.44 -5.03
C LYS Y 93 -36.23 63.54 -3.84
N THR Y 94 -36.76 63.31 -2.63
CA THR Y 94 -35.94 63.36 -1.42
C THR Y 94 -34.93 62.20 -1.39
N VAL Y 95 -35.34 61.03 -1.87
CA VAL Y 95 -34.42 59.89 -1.94
C VAL Y 95 -33.27 60.18 -2.91
N LEU Y 96 -33.61 60.73 -4.08
CA LEU Y 96 -32.58 61.12 -5.05
C LEU Y 96 -31.65 62.20 -4.51
N ALA Y 97 -32.21 63.17 -3.77
CA ALA Y 97 -31.40 64.22 -3.17
C ALA Y 97 -30.46 63.66 -2.11
N GLY Y 98 -30.92 62.68 -1.33
CA GLY Y 98 -30.04 62.00 -0.40
C GLY Y 98 -28.91 61.26 -1.08
N LYS Y 99 -29.21 60.58 -2.19
CA LYS Y 99 -28.18 59.91 -2.97
C LYS Y 99 -27.14 60.90 -3.50
N ILE Y 100 -27.60 62.06 -4.01
CA ILE Y 100 -26.69 63.10 -4.49
C ILE Y 100 -25.83 63.64 -3.36
N THR Y 101 -26.42 63.86 -2.19
CA THR Y 101 -25.66 64.31 -1.02
C THR Y 101 -24.60 63.30 -0.61
N VAL Y 102 -24.96 62.01 -0.59
CA VAL Y 102 -24.02 60.96 -0.20
C VAL Y 102 -22.84 60.89 -1.17
N ALA Y 103 -23.13 60.93 -2.48
CA ALA Y 103 -22.04 60.87 -3.46
C ALA Y 103 -21.16 62.12 -3.42
N ALA Y 104 -21.77 63.29 -3.20
CA ALA Y 104 -21.00 64.52 -3.06
C ALA Y 104 -20.10 64.48 -1.84
N ASN Y 105 -20.56 63.87 -0.74
CA ASN Y 105 -19.68 63.68 0.41
C ASN Y 105 -18.64 62.58 0.18
N LYS Y 106 -18.88 61.68 -0.78
CA LYS Y 106 -17.85 60.69 -1.12
C LYS Y 106 -16.71 61.27 -1.95
N VAL Y 107 -16.99 62.27 -2.78
CA VAL Y 107 -15.97 62.91 -3.64
C VAL Y 107 -14.68 63.37 -2.92
N PRO Y 108 -14.71 64.02 -1.74
CA PRO Y 108 -13.43 64.37 -1.09
C PRO Y 108 -12.56 63.20 -0.67
N VAL Y 109 -13.09 61.97 -0.59
CA VAL Y 109 -12.24 60.81 -0.40
C VAL Y 109 -11.31 60.63 -1.60
N LEU Y 110 -11.86 60.75 -2.81
CA LEU Y 110 -11.06 60.72 -4.03
C LEU Y 110 -10.08 61.89 -4.08
N THR Y 111 -10.53 63.06 -3.63
CA THR Y 111 -9.65 64.24 -3.58
C THR Y 111 -8.43 63.98 -2.68
N ALA Y 112 -8.68 63.51 -1.45
CA ALA Y 112 -7.59 63.21 -0.52
C ALA Y 112 -6.70 62.08 -1.04
N ALA Y 113 -7.30 61.07 -1.70
CA ALA Y 113 -6.51 59.97 -2.28
C ALA Y 113 -5.57 60.48 -3.37
N VAL Y 114 -6.04 61.39 -4.21
CA VAL Y 114 -5.20 61.90 -5.29
C VAL Y 114 -4.14 62.85 -4.75
N GLU Y 115 -4.46 63.59 -3.69
CA GLU Y 115 -3.45 64.41 -3.03
C GLU Y 115 -2.39 63.55 -2.34
N LYS Y 116 -2.78 62.38 -1.83
CA LYS Y 116 -1.79 61.44 -1.29
C LYS Y 116 -0.94 60.83 -2.40
N MET Y 117 -1.56 60.58 -3.57
CA MET Y 117 -0.79 60.11 -4.72
C MET Y 117 0.23 61.13 -5.18
N LYS Y 118 -0.14 62.42 -5.18
CA LYS Y 118 0.79 63.48 -5.57
C LYS Y 118 1.91 63.64 -4.55
N SER Y 119 1.57 63.65 -3.26
CA SER Y 119 2.54 63.87 -2.19
C SER Y 119 3.21 62.56 -1.77
N GLY Y 120 3.93 61.97 -2.73
CA GLY Y 120 4.61 60.72 -2.51
C GLY Y 120 6.07 60.81 -2.92
N LYS Y 121 6.84 59.80 -2.50
CA LYS Y 121 8.26 59.76 -2.82
C LYS Y 121 8.49 59.48 -4.30
N LYS Y 122 7.69 58.60 -4.88
CA LYS Y 122 7.69 58.31 -6.32
C LYS Y 122 6.28 58.57 -6.83
N PRO Y 123 5.96 59.80 -7.25
CA PRO Y 123 4.57 60.13 -7.60
C PRO Y 123 4.10 59.48 -8.89
N LYS Y 124 3.12 58.57 -8.75
CA LYS Y 124 2.51 57.88 -9.87
C LYS Y 124 0.99 57.92 -9.70
N MET Y 125 0.28 58.00 -10.83
CA MET Y 125 -1.18 57.99 -10.79
C MET Y 125 -1.67 56.55 -10.77
N ASP Y 126 -2.44 56.21 -9.75
CA ASP Y 126 -3.20 54.96 -9.74
C ASP Y 126 -4.40 55.23 -10.64
N ARG Y 127 -4.26 54.85 -11.91
CA ARG Y 127 -5.32 55.09 -12.90
C ARG Y 127 -6.57 54.28 -12.59
N ASP Y 128 -6.39 53.02 -12.18
CA ASP Y 128 -7.52 52.12 -11.93
C ASP Y 128 -8.41 52.63 -10.80
N TYR Y 129 -7.79 53.16 -9.73
CA TYR Y 129 -8.56 53.67 -8.60
C TYR Y 129 -9.44 54.84 -9.01
N VAL Y 130 -8.88 55.79 -9.77
CA VAL Y 130 -9.64 56.97 -10.19
C VAL Y 130 -10.77 56.58 -11.13
N LEU Y 131 -10.50 55.67 -12.08
CA LEU Y 131 -11.56 55.23 -12.99
C LEU Y 131 -12.67 54.47 -12.27
N ARG Y 132 -12.32 53.60 -11.32
CA ARG Y 132 -13.37 52.86 -10.60
C ARG Y 132 -14.15 53.77 -9.66
N PHE Y 133 -13.47 54.73 -9.02
CA PHE Y 133 -14.17 55.70 -8.18
C PHE Y 133 -15.15 56.52 -9.00
N SER Y 134 -14.73 56.96 -10.19
CA SER Y 134 -15.64 57.68 -11.08
C SER Y 134 -16.83 56.81 -11.46
N ALA Y 135 -16.55 55.61 -11.98
CA ALA Y 135 -17.59 54.73 -12.51
C ALA Y 135 -18.58 54.26 -11.45
N LEU Y 136 -18.18 54.18 -10.17
CA LEU Y 136 -19.22 53.96 -9.17
C LEU Y 136 -19.90 55.27 -8.76
N TYR Y 137 -19.14 56.20 -8.20
CA TYR Y 137 -19.75 57.27 -7.43
C TYR Y 137 -20.20 58.43 -8.29
N LEU Y 138 -19.35 58.86 -9.21
CA LEU Y 138 -19.72 59.96 -10.08
C LEU Y 138 -20.79 59.54 -11.08
N THR Y 139 -20.78 58.27 -11.49
CA THR Y 139 -21.81 57.76 -12.38
C THR Y 139 -23.16 57.66 -11.67
N THR Y 140 -23.18 57.18 -10.40
CA THR Y 140 -24.47 57.16 -9.70
C THR Y 140 -24.92 58.57 -9.34
N LEU Y 141 -23.98 59.51 -9.18
CA LEU Y 141 -24.33 60.92 -9.02
C LEU Y 141 -25.05 61.47 -10.25
N VAL Y 142 -24.51 61.18 -11.44
CA VAL Y 142 -25.16 61.62 -12.68
C VAL Y 142 -26.52 60.95 -12.86
N ASP Y 143 -26.60 59.65 -12.54
CA ASP Y 143 -27.87 58.94 -12.69
C ASP Y 143 -28.95 59.49 -11.75
N ALA Y 144 -28.58 59.77 -10.49
CA ALA Y 144 -29.55 60.33 -9.55
C ALA Y 144 -29.92 61.76 -9.93
N MET Y 145 -28.97 62.55 -10.43
CA MET Y 145 -29.27 63.89 -10.89
C MET Y 145 -30.20 63.88 -12.10
N ASP Y 146 -29.96 62.95 -13.04
CA ASP Y 146 -30.83 62.81 -14.21
C ASP Y 146 -32.24 62.40 -13.81
N GLN Y 147 -32.38 61.46 -12.85
CA GLN Y 147 -33.71 61.07 -12.42
C GLN Y 147 -34.43 62.19 -11.69
N TYR Y 148 -33.69 62.96 -10.88
CA TYR Y 148 -34.28 64.13 -10.23
C TYR Y 148 -34.73 65.18 -11.24
N CYS Y 149 -33.91 65.45 -12.27
CA CYS Y 149 -34.27 66.41 -13.30
C CYS Y 149 -35.47 65.93 -14.11
N LEU Y 150 -35.56 64.62 -14.36
CA LEU Y 150 -36.71 64.05 -15.05
C LEU Y 150 -37.98 64.21 -14.22
N ARG Y 151 -37.90 63.97 -12.91
CA ARG Y 151 -39.05 64.20 -12.04
C ARG Y 151 -39.38 65.68 -11.94
N ASP Y 152 -38.40 66.56 -12.06
CA ASP Y 152 -38.65 68.00 -12.02
C ASP Y 152 -39.38 68.48 -13.27
N ALA Y 153 -38.94 68.03 -14.45
CA ALA Y 153 -39.53 68.50 -15.69
C ALA Y 153 -40.92 67.92 -15.91
N ASN Y 154 -41.04 66.59 -15.89
CA ASN Y 154 -42.30 65.93 -16.18
C ASN Y 154 -43.26 65.98 -15.00
N GLY Y 155 -42.79 65.58 -13.82
CA GLY Y 155 -43.63 65.51 -12.64
C GLY Y 155 -44.08 64.10 -12.29
N ALA Y 156 -45.40 63.89 -12.21
CA ALA Y 156 -45.91 62.59 -11.76
C ALA Y 156 -45.82 61.52 -12.83
N LYS Y 157 -45.71 61.89 -14.11
CA LYS Y 157 -45.53 60.91 -15.16
C LYS Y 157 -44.11 60.37 -15.21
N ALA Y 158 -43.15 61.06 -14.59
CA ALA Y 158 -41.80 60.55 -14.47
C ALA Y 158 -41.58 59.76 -13.18
N ALA Y 159 -42.53 59.79 -12.25
CA ALA Y 159 -42.45 59.02 -11.03
C ALA Y 159 -43.15 57.66 -11.15
N GLY Y 160 -43.74 57.36 -12.29
CA GLY Y 160 -44.45 56.11 -12.47
C GLY Y 160 -45.79 56.26 -13.14
N GLY Y 161 -46.20 57.51 -13.39
CA GLY Y 161 -47.46 57.77 -14.07
C GLY Y 161 -47.50 57.32 -15.51
N ALA Y 162 -46.34 57.20 -16.15
CA ALA Y 162 -46.27 56.59 -17.47
C ALA Y 162 -46.03 55.10 -17.42
N GLY Y 163 -46.02 54.50 -16.24
CA GLY Y 163 -45.77 53.08 -16.09
C GLY Y 163 -44.32 52.78 -15.77
N ILE Y 164 -43.93 51.55 -16.10
CA ILE Y 164 -42.57 51.05 -15.88
C ILE Y 164 -41.61 51.78 -16.81
N PRO Y 165 -40.32 51.88 -16.46
CA PRO Y 165 -39.35 52.40 -17.43
C PRO Y 165 -39.24 51.50 -18.65
N LYS Y 166 -39.14 52.11 -19.81
CA LYS Y 166 -39.14 51.37 -21.06
C LYS Y 166 -37.99 51.81 -21.97
N VAL Y 167 -37.53 50.88 -22.80
CA VAL Y 167 -36.61 51.19 -23.89
C VAL Y 167 -37.21 50.61 -25.17
N GLY Y 168 -37.39 51.48 -26.18
CA GLY Y 168 -38.07 51.09 -27.40
C GLY Y 168 -39.56 50.84 -27.23
N GLY Y 169 -40.27 50.71 -28.34
CA GLY Y 169 -41.71 50.47 -28.31
C GLY Y 169 -42.54 51.68 -27.95
N PHE Y 170 -43.80 51.67 -28.41
CA PHE Y 170 -44.77 52.76 -28.28
C PHE Y 170 -44.20 54.09 -28.74
N LYS Y 171 -44.25 55.09 -27.86
CA LYS Y 171 -43.62 56.38 -28.07
C LYS Y 171 -43.48 57.05 -26.71
N SER Y 172 -42.32 57.62 -26.43
CA SER Y 172 -42.09 58.31 -25.17
C SER Y 172 -42.99 59.53 -25.02
N THR Y 173 -43.92 59.48 -24.08
CA THR Y 173 -44.78 60.62 -23.76
C THR Y 173 -44.14 61.54 -22.73
N LEU Y 174 -42.86 61.38 -22.44
CA LEU Y 174 -42.18 62.16 -21.42
C LEU Y 174 -41.37 63.28 -22.09
N ALA Y 175 -41.30 64.42 -21.41
CA ALA Y 175 -40.39 65.47 -21.83
C ALA Y 175 -38.94 65.01 -21.59
N PRO Y 176 -37.98 65.44 -22.42
CA PRO Y 176 -36.58 65.11 -22.10
C PRO Y 176 -36.07 65.81 -20.83
N SER Y 177 -35.11 65.15 -20.19
CA SER Y 177 -34.53 65.68 -18.96
C SER Y 177 -33.72 66.95 -19.19
N SER Y 178 -33.33 67.24 -20.44
CA SER Y 178 -32.69 68.51 -20.77
C SER Y 178 -33.65 69.69 -20.65
N ALA Y 179 -34.97 69.46 -20.68
CA ALA Y 179 -35.93 70.56 -20.57
C ALA Y 179 -35.95 71.18 -19.18
N SER Y 180 -35.49 70.46 -18.16
CA SER Y 180 -35.39 71.04 -16.82
C SER Y 180 -34.32 72.13 -16.78
N ALA Y 181 -34.61 73.20 -16.05
CA ALA Y 181 -33.63 74.26 -15.87
C ALA Y 181 -32.44 73.81 -15.05
N LEU Y 182 -32.63 72.83 -14.17
CA LEU Y 182 -31.59 72.28 -13.31
C LEU Y 182 -30.58 71.40 -14.05
N TYR Y 183 -30.72 71.23 -15.37
CA TYR Y 183 -29.84 70.35 -16.13
C TYR Y 183 -28.47 70.94 -16.41
N GLY Y 184 -28.29 72.24 -16.19
CA GLY Y 184 -27.04 72.91 -16.56
C GLY Y 184 -25.83 72.37 -15.83
N ASN Y 185 -25.94 72.20 -14.51
CA ASN Y 185 -24.89 71.55 -13.73
C ASN Y 185 -24.68 70.12 -14.21
N VAL Y 186 -25.78 69.46 -14.60
CA VAL Y 186 -25.74 68.13 -15.19
C VAL Y 186 -24.95 68.16 -16.49
N ASP Y 187 -25.04 69.27 -17.24
CA ASP Y 187 -24.25 69.38 -18.46
C ASP Y 187 -22.79 69.62 -18.14
N SER Y 188 -22.48 70.28 -17.01
CA SER Y 188 -21.08 70.51 -16.68
C SER Y 188 -20.38 69.24 -16.22
N ILE Y 189 -20.99 68.55 -15.24
CA ILE Y 189 -20.31 67.48 -14.50
C ILE Y 189 -19.85 66.36 -15.43
N LYS Y 190 -20.75 65.94 -16.36
CA LYS Y 190 -20.43 64.94 -17.37
C LYS Y 190 -19.21 65.31 -18.21
N GLU Y 191 -19.15 66.54 -18.74
CA GLU Y 191 -17.99 66.89 -19.56
C GLU Y 191 -16.74 66.92 -18.70
N ASP Y 192 -16.90 67.27 -17.41
CA ASP Y 192 -15.79 67.24 -16.46
C ASP Y 192 -15.26 65.83 -16.29
N MET Y 193 -16.15 64.82 -16.46
CA MET Y 193 -15.77 63.42 -16.42
C MET Y 193 -14.66 63.15 -17.42
N GLN Y 194 -14.81 63.70 -18.64
CA GLN Y 194 -13.83 63.48 -19.69
C GLN Y 194 -12.47 64.04 -19.27
N THR Y 195 -12.48 65.21 -18.63
CA THR Y 195 -11.26 65.78 -18.07
C THR Y 195 -10.60 64.81 -17.11
N ILE Y 196 -11.39 64.26 -16.18
CA ILE Y 196 -10.90 63.25 -15.24
C ILE Y 196 -10.36 62.04 -16.00
N ARG Y 197 -11.12 61.61 -17.01
CA ARG Y 197 -10.71 60.49 -17.86
C ARG Y 197 -9.40 60.83 -18.56
N ASP Y 198 -9.33 62.04 -19.14
CA ASP Y 198 -8.11 62.49 -19.77
C ASP Y 198 -6.98 62.58 -18.76
N ALA Y 199 -7.29 63.11 -17.56
CA ALA Y 199 -6.29 63.22 -16.52
C ALA Y 199 -5.86 61.85 -16.04
N ALA Y 200 -6.79 60.87 -16.04
CA ALA Y 200 -6.41 59.53 -15.65
C ALA Y 200 -5.46 58.92 -16.66
N PHE Y 201 -5.60 59.27 -17.94
CA PHE Y 201 -4.58 58.87 -18.90
C PHE Y 201 -3.37 59.81 -18.89
N LYS Y 202 -3.52 61.05 -18.41
CA LYS Y 202 -2.40 61.99 -18.50
C LYS Y 202 -1.51 61.98 -17.26
N GLY Y 203 -2.03 61.55 -16.11
CA GLY Y 203 -1.25 61.58 -14.88
C GLY Y 203 -1.34 62.87 -14.09
N ASP Y 204 -2.16 63.83 -14.53
CA ASP Y 204 -2.25 65.15 -13.92
C ASP Y 204 -3.02 65.05 -12.62
N PHE Y 205 -2.29 65.09 -11.49
CA PHE Y 205 -2.91 65.04 -10.17
C PHE Y 205 -3.79 66.25 -9.92
N ASP Y 206 -3.27 67.45 -10.22
CA ASP Y 206 -4.00 68.68 -9.93
C ASP Y 206 -5.22 68.84 -10.81
N GLY Y 207 -5.20 68.26 -12.02
CA GLY Y 207 -6.40 68.21 -12.83
C GLY Y 207 -7.51 67.40 -12.20
N VAL Y 208 -7.16 66.24 -11.63
CA VAL Y 208 -8.13 65.41 -10.90
C VAL Y 208 -8.66 66.17 -9.68
N ILE Y 209 -7.76 66.80 -8.93
CA ILE Y 209 -8.16 67.55 -7.73
C ILE Y 209 -9.12 68.68 -8.09
N LYS Y 210 -8.79 69.45 -9.13
CA LYS Y 210 -9.62 70.58 -9.52
C LYS Y 210 -10.95 70.11 -10.11
N ALA Y 211 -10.96 69.03 -10.89
CA ALA Y 211 -12.21 68.52 -11.43
C ALA Y 211 -13.09 67.91 -10.34
N ALA Y 212 -12.48 67.29 -9.32
CA ALA Y 212 -13.24 66.80 -8.17
C ALA Y 212 -13.86 67.96 -7.39
N GLY Y 213 -13.09 69.04 -7.22
CA GLY Y 213 -13.64 70.22 -6.59
C GLY Y 213 -14.78 70.84 -7.39
N ASP Y 214 -14.65 70.85 -8.73
CA ASP Y 214 -15.73 71.33 -9.58
C ASP Y 214 -16.98 70.49 -9.45
N ILE Y 215 -16.83 69.16 -9.36
CA ILE Y 215 -17.98 68.29 -9.12
C ILE Y 215 -18.61 68.58 -7.76
N GLN Y 216 -17.79 68.76 -6.72
CA GLN Y 216 -18.31 69.08 -5.39
C GLN Y 216 -19.08 70.40 -5.38
N THR Y 217 -18.54 71.44 -6.01
CA THR Y 217 -19.23 72.73 -6.05
C THR Y 217 -20.49 72.67 -6.89
N SER Y 218 -20.47 71.94 -8.02
CA SER Y 218 -21.68 71.84 -8.84
C SER Y 218 -22.76 71.03 -8.15
N ALA Y 219 -22.37 69.99 -7.40
CA ALA Y 219 -23.34 69.23 -6.61
C ALA Y 219 -23.92 70.09 -5.49
N THR Y 220 -23.09 70.90 -4.82
CA THR Y 220 -23.59 71.79 -3.77
C THR Y 220 -24.55 72.83 -4.34
N ALA Y 221 -24.22 73.39 -5.51
CA ALA Y 221 -25.11 74.35 -6.18
C ALA Y 221 -26.43 73.70 -6.57
N PHE Y 222 -26.36 72.50 -7.14
CA PHE Y 222 -27.56 71.77 -7.55
C PHE Y 222 -28.46 71.47 -6.36
N LEU Y 223 -27.89 71.02 -5.25
CA LEU Y 223 -28.69 70.68 -4.07
C LEU Y 223 -29.25 71.94 -3.40
N GLY Y 224 -28.47 73.01 -3.34
CA GLY Y 224 -28.98 74.23 -2.72
C GLY Y 224 -29.91 75.05 -3.57
N GLN Y 225 -29.98 74.77 -4.88
CA GLN Y 225 -30.98 75.40 -5.73
C GLN Y 225 -32.23 74.54 -5.80
N ALA Y 226 -32.06 73.21 -5.80
CA ALA Y 226 -33.17 72.28 -5.96
C ALA Y 226 -34.08 72.29 -4.73
N ASN Y 227 -33.50 72.42 -3.54
CA ASN Y 227 -34.19 72.41 -2.25
C ASN Y 227 -35.02 71.14 -2.03
MG CL0 Z . 6.94 15.75 15.45
CHA CL0 Z . 7.79 14.41 18.56
CHB CL0 Z . 4.19 13.77 15.57
CHC CL0 Z . 5.42 17.93 13.30
CHD CL0 Z . 9.54 18.07 15.71
NA CL0 Z . 6.22 14.21 16.79
C1A CL0 Z . 6.72 13.75 17.98
C2A CL0 Z . 6.00 12.53 18.50
C3A CL0 Z . 5.20 12.11 17.24
C4A CL0 Z . 5.18 13.42 16.47
CMA CL0 Z . 5.86 10.98 16.47
CAA CL0 Z . 5.05 12.79 19.65
CBA CL0 Z . 4.40 11.55 20.25
CGA CL0 Z . 3.83 11.76 21.61
O1A CL0 Z . 2.93 11.12 22.09
O2A CL0 Z . 4.45 12.76 22.26
NB CL0 Z . 5.13 15.84 14.62
C1B CL0 Z . 4.13 14.92 14.74
C2B CL0 Z . 3.08 15.28 13.91
C3B CL0 Z . 3.41 16.46 13.26
C4B CL0 Z . 4.68 16.80 13.71
CMB CL0 Z . 1.78 14.55 13.74
CAB CL0 Z . 2.62 17.20 12.31
CBB CL0 Z . 2.28 16.86 11.09
NC CL0 Z . 7.38 17.73 14.69
C1C CL0 Z . 6.68 18.31 13.69
C2C CL0 Z . 7.43 19.30 13.13
C3C CL0 Z . 8.61 19.35 13.81
C4C CL0 Z . 8.56 18.39 14.78
CMC CL0 Z . 7.04 20.17 11.98
CAC CL0 Z . 9.74 20.30 13.54
CBC CL0 Z . 10.68 19.78 12.45
ND CL0 Z . 8.33 16.25 16.79
C1D CL0 Z . 9.40 17.14 16.73
C2D CL0 Z . 10.24 16.92 17.83
C3D CL0 Z . 9.67 15.85 18.59
C4D CL0 Z . 8.51 15.49 17.93
CMD CL0 Z . 11.50 17.65 18.13
CAD CL0 Z . 9.82 15.00 19.78
OBD CL0 Z . 10.74 14.88 20.56
CBD CL0 Z . 8.49 14.16 19.88
CGD CL0 Z . 7.71 14.67 21.08
O1D CL0 Z . 7.55 15.83 21.32
O2D CL0 Z . 7.24 13.69 21.83
CED CL0 Z . 8.00 13.37 23.02
C1 CL0 Z . 3.60 13.76 22.87
C2 CL0 Z . 4.06 14.01 24.25
C3 CL0 Z . 4.67 15.10 24.69
C4 CL0 Z . 5.49 15.14 25.96
C5 CL0 Z . 4.59 16.41 23.94
C6 CL0 Z . 5.43 17.51 24.56
C7 CL0 Z . 5.46 18.80 23.77
C8 CL0 Z . 5.05 20.02 24.57
C9 CL0 Z . 4.84 21.23 23.68
C10 CL0 Z . 6.03 20.31 25.70
C11 CL0 Z . 5.44 21.22 26.78
C12 CL0 Z . 5.91 20.89 28.20
C13 CL0 Z . 5.29 21.78 29.26
C14 CL0 Z . 6.10 21.76 30.56
C15 CL0 Z . 3.84 21.43 29.51
C16 CL0 Z . 3.59 19.94 29.75
C17 CL0 Z . 2.22 19.63 30.36
C18 CL0 Z . 1.69 18.25 30.07
C19 CL0 Z . 1.50 17.42 31.33
C20 CL0 Z . 2.52 17.50 29.04
MG CLA AA . -3.50 1.48 8.36
CHA CLA AA . -4.99 -0.80 6.21
CHB CLA AA . -0.47 0.75 7.05
CHC CLA AA . -2.15 4.09 10.17
CHD CLA AA . -6.69 2.27 9.63
NA CLA AA . -2.84 0.10 6.94
C1A CLA AA . -3.62 -0.72 6.12
C2A CLA AA . -2.71 -1.58 5.22
C3A CLA AA . -1.29 -1.27 5.76
C4A CLA AA . -1.52 -0.05 6.65
CMA CLA AA . -0.72 -2.43 6.54
CAA CLA AA . -2.86 -1.30 3.74
CBA CLA AA . -2.55 0.14 3.35
CGA CLA AA . -1.21 0.20 2.68
O1A CLA AA . -0.56 1.19 2.32
O2A CLA AA . -0.63 -1.03 2.47
NB CLA AA . -1.66 2.27 8.58
C1B CLA AA . -0.57 1.88 7.87
C2B CLA AA . 0.54 2.84 8.09
C3B CLA AA . 0.07 3.80 8.97
C4B CLA AA . -1.33 3.43 9.31
CMB CLA AA . 1.82 2.65 7.43
CAB CLA AA . 0.69 4.95 9.59
CBB CLA AA . 1.70 5.69 9.12
NC CLA AA . -4.27 2.86 9.73
C1C CLA AA . -3.54 3.81 10.39
C2C CLA AA . -4.38 4.55 11.30
C3C CLA AA . -5.69 4.09 11.11
C4C CLA AA . -5.60 3.02 10.11
CMC CLA AA . -3.92 5.59 12.22
CAC CLA AA . -6.91 4.52 11.81
CBC CLA AA . -7.33 3.54 12.88
ND CLA AA . -5.38 0.76 8.20
C1D CLA AA . -6.60 1.23 8.74
C2D CLA AA . -7.72 0.45 8.18
C3D CLA AA . -7.16 -0.35 7.19
C4D CLA AA . -5.71 -0.08 7.22
CMD CLA AA . -9.10 0.60 8.62
CAD CLA AA . -7.39 -1.40 6.21
OBD CLA AA . -8.41 -2.05 5.97
CBD CLA AA . -6.05 -1.58 5.44
CGD CLA AA . -5.65 -3.00 5.12
O1D CLA AA . -5.30 -3.89 5.89
O2D CLA AA . -5.63 -3.26 3.79
CED CLA AA . -5.26 -4.57 3.35
C1 CLA AA . 0.80 -1.05 2.37
C2 CLA AA . 1.34 -1.31 3.73
C3 CLA AA . 2.26 -0.54 4.33
C4 CLA AA . 2.84 0.65 3.67
C5 CLA AA . 2.75 -0.90 5.69
C6 CLA AA . 4.27 -0.83 5.83
C7 CLA AA . 4.95 -2.06 5.28
C8 CLA AA . 6.38 -2.22 5.78
C9 CLA AA . 7.17 -0.95 5.53
C10 CLA AA . 7.08 -3.40 5.13
C11 CLA AA . 8.44 -3.62 5.75
C12 CLA AA . 8.34 -4.24 7.13
C13 CLA AA . 9.71 -4.44 7.79
C14 CLA AA . 10.64 -5.23 6.90
C15 CLA AA . 9.56 -5.10 9.16
C16 CLA AA . 10.89 -5.23 9.88
C17 CLA AA . 10.73 -5.02 11.37
C18 CLA AA . 11.60 -5.99 12.17
C19 CLA AA . 11.28 -5.91 13.65
C20 CLA AA . 13.06 -5.71 11.93
MG CLA BA . 13.84 -17.20 26.36
CHA CLA BA . 13.17 -20.62 26.45
CHB CLA BA . 15.90 -17.54 29.04
CHC CLA BA . 14.78 -13.90 25.98
CHD CLA BA . 11.72 -16.91 23.56
NA CLA BA . 14.38 -18.81 27.58
C1A CLA BA . 14.02 -20.17 27.45
C2A CLA BA . 14.65 -21.00 28.57
C3A CLA BA . 15.27 -19.93 29.49
C4A CLA BA . 15.20 -18.66 28.65
CMA CLA BA . 14.51 -19.77 30.77
CAA CLA BA . 15.71 -21.98 28.08
CBA CLA BA . 16.68 -21.39 27.08
CGA CLA BA . 17.58 -22.46 26.55
O1A CLA BA . 17.69 -23.63 26.92
O2A CLA BA . 18.37 -22.03 25.52
NB CLA BA . 14.99 -15.92 27.42
C1B CLA BA . 15.90 -16.33 28.34
C2B CLA BA . 16.97 -15.31 28.52
C3B CLA BA . 16.66 -14.27 27.67
C4B CLA BA . 15.41 -14.64 26.95
CMB CLA BA . 18.08 -15.52 29.46
CAB CLA BA . 17.37 -13.04 27.43
CBB CLA BA . 17.81 -12.20 28.37
NC CLA BA . 13.29 -15.66 25.04
C1C CLA BA . 13.78 -14.38 25.08
C2C CLA BA . 13.13 -13.58 24.03
C3C CLA BA . 12.29 -14.46 23.32
C4C CLA BA . 12.40 -15.75 23.97
CMC CLA BA . 13.37 -12.17 23.76
CAC CLA BA . 11.44 -14.13 22.17
CBC CLA BA . 10.06 -13.65 22.60
ND CLA BA . 12.73 -18.43 25.20
C1D CLA BA . 11.86 -18.16 24.12
C2D CLA BA . 11.21 -19.43 23.70
C3D CLA BA . 11.74 -20.42 24.52
C4D CLA BA . 12.64 -19.73 25.46
CMD CLA BA . 10.25 -19.55 22.61
CAD CLA BA . 11.72 -21.83 24.88
OBD CLA BA . 11.13 -22.76 24.34
CBD CLA BA . 12.61 -21.98 26.15
CGD CLA BA . 11.87 -22.58 27.32
O1D CLA BA . 11.87 -23.75 27.71
O2D CLA BA . 11.11 -21.68 28.01
CED CLA BA . 10.55 -22.07 29.26
C1 CLA BA . 19.64 -21.43 25.87
C2 CLA BA . 20.70 -22.36 25.43
C3 CLA BA . 21.84 -21.95 24.85
C4 CLA BA . 22.88 -22.92 24.41
C5 CLA BA . 22.10 -20.50 24.60
C6 CLA BA . 22.44 -20.18 23.15
C7 CLA BA . 21.26 -20.40 22.22
C8 CLA BA . 21.25 -19.46 21.01
C9 CLA BA . 20.37 -20.04 19.92
C10 CLA BA . 22.65 -19.21 20.45
MG CLA CA . 14.50 -12.14 36.89
CHA CLA CA . 16.22 -9.95 38.96
CHB CLA CA . 16.72 -11.51 34.36
CHC CLA CA . 12.69 -14.21 34.82
CHD CLA CA . 12.07 -12.56 39.42
NA CLA CA . 16.22 -10.96 36.73
C1A CLA CA . 16.76 -10.11 37.71
C2A CLA CA . 18.03 -9.45 37.18
C3A CLA CA . 18.07 -9.85 35.70
C4A CLA CA . 16.95 -10.87 35.57
CMA CLA CA . 17.78 -8.64 34.83
CAA CLA CA . 19.23 -10.10 37.86
CBA CLA CA . 20.53 -9.57 37.32
CGA CLA CA . 20.48 -8.08 37.40
O1A CLA CA . 20.35 -7.37 38.40
O2A CLA CA . 20.58 -7.49 36.18
NB CLA CA . 14.72 -12.80 34.99
C1B CLA CA . 15.68 -12.42 34.10
C2B CLA CA . 15.44 -13.08 32.79
C3B CLA CA . 14.30 -13.84 32.92
C4B CLA CA . 13.82 -13.67 34.31
CMB CLA CA . 16.31 -12.83 31.63
CAB CLA CA . 13.53 -14.66 31.99
CBB CLA CA . 13.96 -15.35 30.95
NC CLA CA . 12.73 -13.21 37.10
C1C CLA CA . 12.17 -13.99 36.12
C2C CLA CA . 10.91 -14.57 36.60
C3C CLA CA . 10.72 -14.09 37.89
C4C CLA CA . 11.86 -13.23 38.20
CMC CLA CA . 10.04 -15.45 35.82
CAC CLA CA . 9.58 -14.36 38.77
CBC CLA CA . 8.45 -13.37 38.60
ND CLA CA . 14.18 -11.48 38.77
C1D CLA CA . 13.15 -11.75 39.71
C2D CLA CA . 13.44 -11.02 40.96
C3D CLA CA . 14.58 -10.27 40.72
C4D CLA CA . 14.99 -10.59 39.34
CMD CLA CA . 12.65 -11.11 42.18
CAD CLA CA . 15.57 -9.37 41.27
OBD CLA CA . 15.66 -8.89 42.40
CBD CLA CA . 16.59 -9.07 40.13
CGD CLA CA . 16.52 -7.62 39.72
O1D CLA CA . 17.36 -6.96 39.11
O2D CLA CA . 15.37 -7.00 40.09
CED CLA CA . 14.80 -6.05 39.18
C1 CLA CA . 21.06 -6.13 36.16
C2 CLA CA . 22.53 -6.21 36.36
C3 CLA CA . 23.17 -5.62 37.38
C4 CLA CA . 22.48 -4.81 38.41
C5 CLA CA . 24.65 -5.75 37.51
C6 CLA CA . 25.28 -6.40 36.29
C7 CLA CA . 26.78 -6.20 36.25
C8 CLA CA . 27.39 -7.05 35.14
C9 CLA CA . 27.17 -8.52 35.44
C10 CLA CA . 28.86 -6.74 34.94
C11 CLA CA . 29.62 -6.68 36.24
C12 CLA CA . 30.99 -6.05 36.05
C13 CLA CA . 31.88 -6.27 37.27
C14 CLA CA . 33.26 -5.70 36.98
C15 CLA CA . 31.95 -7.75 37.65
C16 CLA CA . 33.01 -8.04 38.71
C17 CLA CA . 33.30 -9.51 38.78
C18 CLA CA . 34.72 -9.78 39.30
C19 CLA CA . 35.08 -11.24 39.17
C20 CLA CA . 34.84 -9.31 40.73
MG CLA DA . 17.70 -6.99 30.20
CHA CLA DA . 15.59 -9.14 28.46
CHB CLA DA . 15.34 -6.62 32.61
CHC CLA DA . 19.86 -4.91 31.90
CHD CLA DA . 20.12 -7.38 27.64
NA CLA DA . 15.78 -7.77 30.47
C1A CLA DA . 15.08 -8.67 29.64
C2A CLA DA . 13.70 -8.99 30.23
C3A CLA DA . 13.61 -8.04 31.46
C4A CLA DA . 15.01 -7.44 31.54
CMA CLA DA . 12.57 -6.98 31.21
CAA CLA DA . 13.62 -10.42 30.74
CBA CLA DA . 12.62 -11.25 29.95
CGA CLA DA . 11.22 -10.99 30.43
O1A CLA DA . 10.53 -11.68 31.17
O2A CLA DA . 10.69 -9.83 29.94
NB CLA DA . 17.64 -6.01 31.96
C1B CLA DA . 16.57 -5.96 32.78
C2B CLA DA . 16.85 -5.03 33.92
C3B CLA DA . 18.12 -4.53 33.72
C4B CLA DA . 18.63 -5.15 32.46
CMB CLA DA . 15.84 -4.76 34.95
CAB CLA DA . 18.93 -3.59 34.46
CBB CLA DA . 18.92 -3.34 35.77
NC CLA DA . 19.63 -6.27 29.82
C1C CLA DA . 20.31 -5.43 30.65
C2C CLA DA . 21.63 -5.13 30.08
C3C CLA DA . 21.71 -5.84 28.88
C4C CLA DA . 20.45 -6.55 28.73
CMC CLA DA . 22.64 -4.27 30.70
CAC CLA DA . 22.84 -5.87 27.94
CBC CLA DA . 22.70 -4.83 26.85
ND CLA DA . 17.85 -7.93 28.41
C1D CLA DA . 18.92 -8.03 27.48
C2D CLA DA . 18.50 -8.91 26.37
C3D CLA DA . 17.22 -9.33 26.68
C4D CLA DA . 16.88 -8.73 27.97
CMD CLA DA . 19.30 -9.23 25.19
CAD CLA DA . 16.09 -10.13 26.25
OBD CLA DA . 15.93 -10.75 25.21
CBD CLA DA . 15.03 -10.07 27.40
CGD CLA DA . 13.68 -9.64 26.92
O1D CLA DA . 12.69 -10.36 26.71
O2D CLA DA . 13.56 -8.30 26.71
CED CLA DA . 12.39 -7.82 26.04
C1 CLA DA . 9.53 -9.96 29.10
C2 CLA DA . 9.46 -8.75 28.24
C3 CLA DA . 8.81 -7.64 28.58
C4 CLA DA . 8.10 -7.51 29.87
C5 CLA DA . 8.78 -6.46 27.66
C6 CLA DA . 9.17 -5.16 28.33
C7 CLA DA . 10.65 -4.90 28.16
C8 CLA DA . 10.98 -3.42 28.14
C9 CLA DA . 11.64 -3.05 26.83
C10 CLA DA . 11.84 -3.06 29.35
C11 CLA DA . 12.54 -1.72 29.22
C12 CLA DA . 13.53 -1.48 30.35
C13 CLA DA . 14.53 -2.63 30.50
C14 CLA DA . 15.28 -2.54 31.80
C15 CLA DA . 15.51 -2.69 29.33
C16 CLA DA . 15.94 -4.14 29.10
C17 CLA DA . 16.98 -4.27 28.00
C18 CLA DA . 16.37 -4.40 26.59
C19 CLA DA . 15.17 -5.32 26.58
C20 CLA DA . 17.41 -4.90 25.62
MG CLA EA . 31.25 -6.49 17.12
CHA CLA EA . 32.04 -5.58 13.85
CHB CLA EA . 28.27 -4.87 16.87
CHC CLA EA . 30.40 -7.69 20.22
CHD CLA EA . 34.35 -8.20 17.32
NA CLA EA . 30.34 -5.39 15.59
C1A CLA EA . 30.80 -5.14 14.29
C2A CLA EA . 29.79 -4.31 13.50
C3A CLA EA . 28.69 -3.99 14.54
C4A CLA EA . 29.10 -4.81 15.76
CMA CLA EA . 28.60 -2.52 14.84
CAA CLA EA . 29.18 -5.12 12.36
CBA CLA EA . 28.81 -6.54 12.77
CGA CLA EA . 28.30 -7.33 11.62
O1A CLA EA . 27.67 -6.94 10.63
O2A CLA EA . 28.57 -8.66 11.71
NB CLA EA . 29.64 -6.33 18.31
C1B CLA EA . 28.54 -5.56 18.06
C2B CLA EA . 27.66 -5.54 19.25
C3B CLA EA . 28.25 -6.34 20.22
C4B CLA EA . 29.51 -6.85 19.61
CMB CLA EA . 26.40 -4.80 19.31
CAB CLA EA . 27.79 -6.64 21.55
CBB CLA EA . 27.51 -7.86 22.04
NC CLA EA . 32.22 -7.70 18.52
C1C CLA EA . 31.67 -8.09 19.72
C2C CLA EA . 32.59 -8.99 20.42
C3C CLA EA . 33.73 -9.11 19.62
C4C CLA EA . 33.47 -8.31 18.42
CMC CLA EA . 32.35 -9.63 21.72
CAC CLA EA . 34.93 -9.91 19.88
CBC CLA EA . 34.82 -11.31 19.31
ND CLA EA . 32.87 -6.80 15.96
C1D CLA EA . 34.08 -7.50 16.16
C2D CLA EA . 34.94 -7.39 14.96
C3D CLA EA . 34.20 -6.66 14.05
C4D CLA EA . 32.92 -6.32 14.71
CMD CLA EA . 36.28 -7.97 14.83
CAD CLA EA . 34.18 -6.08 12.71
OBD CLA EA . 35.04 -6.13 11.84
CBD CLA EA . 32.80 -5.38 12.56
CGD CLA EA . 33.00 -3.92 12.28
O1D CLA EA . 32.66 -2.96 12.98
O2D CLA EA . 33.64 -3.65 11.10
CED CLA EA . 34.35 -2.42 10.99
C1 CLA EA . 27.54 -9.57 11.27
C2 CLA EA . 28.18 -10.90 11.06
C3 CLA EA . 27.52 -11.97 10.61
C4 CLA EA . 28.21 -13.28 10.42
C5 CLA EA . 26.07 -11.94 10.27
C6 CLA EA . 25.29 -13.04 10.95
C7 CLA EA . 23.88 -13.13 10.40
C8 CLA EA . 23.19 -14.43 10.79
C9 CLA EA . 23.15 -14.60 12.29
C10 CLA EA . 23.88 -15.64 10.15
C11 CLA EA . 23.72 -15.62 8.64
C12 CLA EA . 24.25 -16.88 7.99
C13 CLA EA . 23.95 -16.89 6.50
C14 CLA EA . 24.37 -18.20 5.87
C15 CLA EA . 24.61 -15.73 5.78
MG CLA FA . 25.17 2.00 17.21
CHA CLA FA . 26.65 2.36 20.33
CHB CLA FA . 25.80 -1.35 17.30
CHC CLA FA . 23.43 1.63 14.27
CHD CLA FA . 24.54 5.48 17.16
NA CLA FA . 26.10 0.74 18.60
C1A CLA FA . 26.62 1.08 19.85
C2A CLA FA . 27.17 -0.17 20.55
C3A CLA FA . 27.08 -1.27 19.47
C4A CLA FA . 26.25 -0.60 18.38
CMA CLA FA . 28.45 -1.67 18.99
CAA CLA FA . 26.28 -0.55 21.74
CBA CLA FA . 24.79 -0.37 21.50
CGA CLA FA . 24.07 -1.66 21.78
O1A CLA FA . 24.49 -2.81 21.70
O2A CLA FA . 22.76 -1.46 22.15
NB CLA FA . 24.69 0.44 16.02
C1B CLA FA . 25.06 -0.85 16.22
C2B CLA FA . 24.58 -1.69 15.09
C3B CLA FA . 23.90 -0.86 14.24
C4B CLA FA . 23.97 0.52 14.81
CMB CLA FA . 24.84 -3.13 15.04
CAB CLA FA . 23.23 -1.13 12.99
CBB CLA FA . 23.77 -1.73 11.92
NC CLA FA . 24.21 3.32 15.93
C1C CLA FA . 23.56 2.96 14.78
C2C CLA FA . 22.95 4.14 14.16
C3C CLA FA . 23.27 5.22 14.96
C4C CLA FA . 24.05 4.71 16.08
CMC CLA FA . 22.18 4.13 12.91
CAC CLA FA . 22.89 6.63 14.73
CBC CLA FA . 23.93 7.39 13.94
ND CLA FA . 25.57 3.61 18.37
C1D CLA FA . 25.23 4.98 18.25
C2D CLA FA . 25.74 5.71 19.42
C3D CLA FA . 26.32 4.75 20.25
C4D CLA FA . 26.15 3.46 19.55
CMD CLA FA . 25.62 7.15 19.63
CAD CLA FA . 27.02 4.51 21.49
OBD CLA FA . 27.40 5.30 22.36
CBD CLA FA . 27.20 2.96 21.61
CGD CLA FA . 28.63 2.57 21.91
O1D CLA FA . 29.19 2.55 23.00
O2D CLA FA . 29.35 2.19 20.81
CED CLA FA . 30.42 1.25 20.99
C1 CLA FA . 21.83 -2.51 21.84
C2 CLA FA . 20.48 -1.92 21.95
C3 CLA FA . 19.35 -2.64 22.01
C4 CLA FA . 19.36 -4.12 21.99
C5 CLA FA . 18.01 -1.99 22.13
C6 CLA FA . 18.07 -0.48 22.27
C7 CLA FA . 16.80 0.18 21.79
C8 CLA FA . 17.03 1.61 21.35
C9 CLA FA . 17.48 2.47 22.52
C10 CLA FA . 15.78 2.21 20.72
C11 CLA FA . 16.01 3.63 20.25
C12 CLA FA . 15.37 3.90 18.92
C13 CLA FA . 16.15 3.29 17.76
C14 CLA FA . 17.61 3.71 17.79
C15 CLA FA . 15.53 3.66 16.41
C16 CLA FA . 14.16 3.05 16.23
C17 CLA FA . 13.24 3.97 15.44
C18 CLA FA . 12.85 3.41 14.09
C19 CLA FA . 12.36 1.98 14.18
C20 CLA FA . 13.96 3.54 13.06
MG CLA GA . 23.46 -0.09 7.19
CHA CLA GA . 26.00 -1.30 9.22
CHB CLA GA . 23.69 -2.85 5.22
CHC CLA GA . 20.90 1.13 5.25
CHD CLA GA . 23.24 2.78 9.25
NA CLA GA . 24.66 -1.80 7.25
C1A CLA GA . 25.65 -2.15 8.19
C2A CLA GA . 26.27 -3.51 7.82
C3A CLA GA . 25.44 -3.98 6.59
C4A CLA GA . 24.51 -2.80 6.32
CMA CLA GA . 26.32 -4.27 5.41
CAA CLA GA . 26.17 -4.60 8.90
CBA CLA GA . 24.91 -4.56 9.72
CGA CLA GA . 25.25 -4.85 11.15
O1A CLA GA . 25.88 -4.15 11.95
O2A CLA GA . 24.78 -6.07 11.59
NB CLA GA . 22.41 -0.79 5.61
C1B CLA GA . 22.79 -1.84 4.85
C2B CLA GA . 22.13 -1.78 3.52
C3B CLA GA . 21.34 -0.66 3.52
C4B CLA GA . 21.51 -0.01 4.86
CMB CLA GA . 22.35 -2.77 2.46
CAB CLA GA . 20.49 -0.12 2.49
CBB CLA GA . 19.16 -0.06 2.55
NC CLA GA . 22.27 1.64 7.26
C1C CLA GA . 21.26 1.91 6.39
C2C CLA GA . 20.60 3.15 6.74
C3C CLA GA . 21.29 3.65 7.85
C4C CLA GA . 22.33 2.68 8.18
CMC CLA GA . 19.47 3.74 6.02
CAC CLA GA . 20.98 4.88 8.57
CBC CLA GA . 20.09 4.65 9.77
ND CLA GA . 24.42 0.67 8.79
C1D CLA GA . 24.23 1.87 9.54
C2D CLA GA . 25.22 1.90 10.64
C3D CLA GA . 25.93 0.72 10.55
C4D CLA GA . 25.38 -0.02 9.41
CMD CLA GA . 25.40 3.00 11.59
CAD CLA GA . 26.99 -0.08 11.13
OBD CLA GA . 27.75 0.17 12.06
CBD CLA GA . 27.04 -1.41 10.31
CGD CLA GA . 28.40 -1.68 9.74
O1D CLA GA . 28.80 -1.45 8.60
O2D CLA GA . 29.26 -2.23 10.65
CED CLA GA . 30.61 -2.41 10.24
C1 CLA GA . 24.96 -6.36 12.98
C2 CLA GA . 24.94 -7.84 13.13
C3 CLA GA . 25.22 -8.46 14.29
C4 CLA GA . 25.56 -7.73 15.53
C5 CLA GA . 25.20 -9.96 14.37
C6 CLA GA . 24.06 -10.48 15.23
C7 CLA GA . 24.07 -11.99 15.28
C8 CLA GA . 22.86 -12.55 16.01
C9 CLA GA . 22.79 -12.02 17.43
C10 CLA GA . 22.90 -14.08 16.04
C11 CLA GA . 21.55 -14.65 16.43
C12 CLA GA . 21.58 -16.16 16.57
C13 CLA GA . 21.70 -16.86 15.22
C14 CLA GA . 20.56 -16.48 14.30
C15 CLA GA . 21.73 -18.39 15.40
C16 CLA GA . 20.55 -18.89 16.20
C17 CLA GA . 20.34 -20.38 16.05
C18 CLA GA . 20.86 -21.22 17.21
C19 CLA GA . 22.28 -21.69 16.98
C20 CLA GA . 20.72 -20.54 18.56
MG CLA HA . 27.43 -22.36 42.02
CHA CLA HA . 27.68 -25.42 43.65
CHB CLA HA . 25.14 -21.32 44.32
CHC CLA HA . 27.67 -19.17 40.76
CHD CLA HA . 29.91 -23.44 39.74
NA CLA HA . 26.51 -23.27 43.66
C1A CLA HA . 26.79 -24.54 44.21
C2A CLA HA . 25.90 -24.79 45.43
C3A CLA HA . 24.92 -23.60 45.42
C4A CLA HA . 25.55 -22.63 44.41
CMA CLA HA . 23.53 -24.01 45.02
CAA CLA HA . 26.73 -24.80 46.71
CBA CLA HA . 27.82 -23.74 46.76
CGA CLA HA . 29.02 -24.23 47.50
O1A CLA HA . 29.10 -25.15 48.33
O2A CLA HA . 30.16 -23.54 47.19
NB CLA HA . 26.52 -20.61 42.41
C1B CLA HA . 25.66 -20.36 43.43
C2B CLA HA . 25.32 -18.92 43.48
C3B CLA HA . 26.04 -18.30 42.48
C4B CLA HA . 26.81 -19.36 41.78
CMB CLA HA . 24.43 -18.34 44.49
CAB CLA HA . 26.12 -16.91 42.10
CBB CLA HA . 25.09 -16.14 41.75
NC CLA HA . 28.53 -21.50 40.47
C1C CLA HA . 28.47 -20.17 40.14
C2C CLA HA . 29.41 -19.89 39.06
C3C CLA HA . 30.04 -21.10 38.75
C4C CLA HA . 29.48 -22.10 39.65
CMC CLA HA . 29.62 -18.57 38.47
CAC CLA HA . 31.08 -21.32 37.72
CBC CLA HA . 32.48 -21.25 38.30
ND CLA HA . 28.48 -24.04 41.64
C1D CLA HA . 29.46 -24.35 40.66
C2D CLA HA . 29.90 -25.76 40.85
C3D CLA HA . 29.27 -26.21 41.99
C4D CLA HA . 28.40 -25.10 42.46
CMD CLA HA . 30.86 -26.44 39.99
CAD CLA HA . 29.05 -27.33 42.89
OBD CLA HA . 29.50 -28.47 42.83
CBD CLA HA . 28.08 -26.83 44.00
CGD CLA HA . 26.89 -27.74 44.16
O1D CLA HA . 25.78 -27.63 43.61
O2D CLA HA . 27.10 -28.79 45.00
CED CLA HA . 26.67 -28.65 46.35
C1 CLA HA . 30.43 -22.36 47.97
C2 CLA HA . 31.79 -21.88 47.60
C3 CLA HA . 32.93 -22.35 48.16
C4 CLA HA . 32.91 -23.39 49.22
C5 CLA HA . 34.27 -21.84 47.75
C6 CLA HA . 34.33 -21.46 46.28
C7 CLA HA . 34.61 -19.97 46.13
C8 CLA HA . 35.66 -19.69 45.07
C9 CLA HA . 37.02 -19.46 45.71
C10 CLA HA . 35.27 -18.47 44.23
C11 CLA HA . 36.26 -18.24 43.10
MG CLA IA . 18.50 -25.78 29.03
CHA CLA IA . 15.12 -26.15 29.76
CHB CLA IA . 18.32 -28.39 26.85
CHC CLA IA . 21.71 -25.10 28.00
CHD CLA IA . 18.62 -23.01 31.22
NA CLA IA . 16.97 -27.09 28.47
C1A CLA IA . 15.62 -27.04 28.85
C2A CLA IA . 14.84 -28.17 28.16
C3A CLA IA . 15.93 -28.98 27.43
C4A CLA IA . 17.17 -28.10 27.56
CMA CLA IA . 16.11 -30.35 28.02
CAA CLA IA . 13.83 -27.59 27.17
CBA CLA IA . 14.39 -27.12 25.84
CGA CLA IA . 14.58 -25.63 25.81
O1A CLA IA . 14.95 -24.88 26.71
O2A CLA IA . 14.29 -25.07 24.58
NB CLA IA . 19.78 -26.61 27.71
C1B CLA IA . 19.51 -27.66 26.90
C2B CLA IA . 20.66 -27.92 26.00
C3B CLA IA . 21.63 -26.99 26.32
C4B CLA IA . 21.08 -26.14 27.41
CMB CLA IA . 20.66 -28.98 24.98
CAB CLA IA . 22.95 -26.77 25.77
CBB CLA IA . 23.23 -26.55 24.47
NC CLA IA . 19.92 -24.35 29.57
C1C CLA IA . 21.16 -24.25 29.02
C2C CLA IA . 21.88 -23.11 29.58
C3C CLA IA . 21.00 -22.52 30.50
C4C CLA IA . 19.78 -23.30 30.48
CMC CLA IA . 23.23 -22.70 29.21
CAC CLA IA . 21.25 -21.32 31.31
CBC CLA IA . 20.77 -20.06 30.64
ND CLA IA . 17.25 -24.83 30.31
C1D CLA IA . 17.44 -23.71 31.15
C2D CLA IA . 16.17 -23.44 31.88
C3D CLA IA . 15.24 -24.33 31.36
C4D CLA IA . 15.97 -25.16 30.37
CMD CLA IA . 16.00 -22.40 32.88
CAD CLA IA . 13.87 -24.81 31.42
OBD CLA IA . 12.94 -24.46 32.14
CBD CLA IA . 13.74 -25.93 30.35
CGD CLA IA . 13.13 -27.21 30.90
O1D CLA IA . 13.50 -27.87 31.87
O2D CLA IA . 12.05 -27.63 30.21
CED CLA IA . 10.84 -26.86 30.29
C1 CLA IA . 15.38 -24.47 23.84
C2 CLA IA . 15.28 -23.00 24.04
C3 CLA IA . 15.83 -22.07 23.23
C4 CLA IA . 16.61 -22.42 22.03
C5 CLA IA . 15.66 -20.61 23.54
C6 CLA IA . 16.94 -19.81 23.50
C7 CLA IA . 16.64 -18.32 23.59
C8 CLA IA . 17.87 -17.49 23.93
C9 CLA IA . 18.24 -17.68 25.39
C10 CLA IA . 17.61 -16.01 23.60
C11 CLA IA . 18.53 -15.03 24.30
C12 CLA IA . 19.58 -14.44 23.38
C13 CLA IA . 18.96 -13.60 22.27
C14 CLA IA . 19.98 -13.32 21.18
C15 CLA IA . 18.40 -12.28 22.80
C16 CLA IA . 17.50 -11.62 21.77
C17 CLA IA . 17.31 -10.14 22.04
C18 CLA IA . 15.92 -9.65 21.69
C19 CLA IA . 15.80 -8.15 21.91
C20 CLA IA . 15.57 -9.98 20.24
MG CLA JA . 28.74 -18.07 52.72
CHA CLA JA . 26.12 -20.31 52.24
CHB CLA JA . 28.24 -18.21 56.09
CHC CLA JA . 31.42 -15.96 53.15
CHD CLA JA . 29.23 -17.96 49.21
NA CLA JA . 27.38 -19.10 53.94
C1A CLA JA . 26.38 -19.99 53.55
C2A CLA JA . 25.60 -20.51 54.78
C3A CLA JA . 26.21 -19.71 55.96
C4A CLA JA . 27.38 -18.95 55.31
CMA CLA JA . 25.21 -18.78 56.59
CAA CLA JA . 25.77 -22.02 55.02
CBA CLA JA . 27.14 -22.41 55.52
CGA CLA JA . 28.03 -22.79 54.37
O1A CLA JA . 27.79 -23.53 53.41
O2A CLA JA . 29.27 -22.21 54.43
NB CLA JA . 29.59 -17.16 54.30
C1B CLA JA . 29.35 -17.48 55.61
C2B CLA JA . 30.41 -16.93 56.48
C3B CLA JA . 31.31 -16.29 55.67
C4B CLA JA . 30.80 -16.43 54.26
CMB CLA JA . 30.42 -17.09 57.94
CAB CLA JA . 32.53 -15.61 56.00
CBB CLA JA . 32.73 -14.28 55.90
NC CLA JA . 30.06 -17.12 51.41
C1C CLA JA . 31.08 -16.28 51.81
C2C CLA JA . 31.77 -15.77 50.64
C3C CLA JA . 31.18 -16.36 49.53
C4C CLA JA . 30.10 -17.20 50.01
CMC CLA JA . 32.90 -14.84 50.69
CAC CLA JA . 31.55 -16.14 48.12
CBC CLA JA . 32.49 -17.22 47.60
ND CLA JA . 27.97 -18.95 51.08
C1D CLA JA . 28.24 -18.79 49.69
C2D CLA JA . 27.29 -19.62 48.91
C3D CLA JA . 26.47 -20.24 49.83
C4D CLA JA . 26.92 -19.78 51.17
CMD CLA JA . 27.28 -19.72 47.45
CAD CLA JA . 25.36 -21.15 50.04
OBD CLA JA . 24.73 -21.80 49.22
CBD CLA JA . 25.07 -21.17 51.57
CGD CLA JA . 23.69 -20.68 51.89
O1D CLA JA . 23.37 -19.58 52.35
O2D CLA JA . 22.71 -21.58 51.63
CED CLA JA . 21.36 -21.11 51.57
C1 CLA JA . 29.87 -21.83 53.18
C2 CLA JA . 31.05 -20.99 53.51
C3 CLA JA . 31.77 -20.34 52.57
C4 CLA JA . 31.44 -20.41 51.13
C5 CLA JA . 32.94 -19.50 52.95
C6 CLA JA . 34.24 -20.02 52.36
C7 CLA JA . 35.22 -18.89 52.15
C8 CLA JA . 34.93 -18.11 50.87
C9 CLA JA . 36.20 -17.57 50.27
MG CLA KA . 23.83 -14.40 45.24
CHA CLA KA . 21.94 -13.47 42.47
CHB CLA KA . 26.39 -12.44 44.16
CHC CLA KA . 25.68 -15.40 47.94
CHD CLA KA . 21.20 -16.56 46.24
NA CLA KA . 24.08 -13.14 43.58
C1A CLA KA . 23.17 -12.87 42.55
C2A CLA KA . 23.79 -11.88 41.54
C3A CLA KA . 25.21 -11.64 42.08
C4A CLA KA . 25.24 -12.45 43.38
CMA CLA KA . 26.27 -12.13 41.14
CAA CLA KA . 23.04 -10.56 41.49
CBA CLA KA . 23.20 -9.89 40.14
CGA CLA KA . 24.37 -8.97 40.15
O1A CLA KA . 24.48 -7.87 40.71
O2A CLA KA . 25.43 -9.45 39.42
NB CLA KA . 25.68 -14.00 45.91
C1B CLA KA . 26.57 -13.15 45.35
C2B CLA KA . 27.81 -13.08 46.17
C3B CLA KA . 27.61 -13.91 47.25
C4B CLA KA . 26.26 -14.52 47.10
CMB CLA KA . 28.95 -12.25 45.80
CAB CLA KA . 28.48 -14.22 48.37
CBB CLA KA . 29.01 -13.33 49.20
NC CLA KA . 23.47 -15.71 46.82
C1C CLA KA . 24.37 -15.95 47.84
C2C CLA KA . 23.80 -16.91 48.78
C3C CLA KA . 22.54 -17.27 48.29
C4C CLA KA . 22.35 -16.51 47.05
CMC CLA KA . 24.48 -17.37 49.99
CAC CLA KA . 21.59 -18.22 48.89
CBC CLA KA . 20.76 -17.65 50.01
ND CLA KA . 21.96 -14.88 44.61
C1D CLA KA . 21.01 -15.82 45.10
C2D CLA KA . 19.83 -15.82 44.19
C3D CLA KA . 20.14 -14.94 43.17
C4D CLA KA . 21.48 -14.39 43.47
CMD CLA KA . 18.64 -16.64 44.37
CAD CLA KA . 19.69 -14.34 41.93
OBD CLA KA . 18.63 -14.50 41.32
CBD CLA KA . 20.83 -13.40 41.44
CGD CLA KA . 21.32 -13.81 40.07
O1D CLA KA . 21.40 -13.10 39.06
O2D CLA KA . 21.68 -15.12 39.99
CED CLA KA . 22.33 -15.57 38.79
C1 CLA KA . 26.51 -8.53 39.13
C2 CLA KA . 27.55 -8.69 40.18
C3 CLA KA . 28.72 -9.33 39.99
C4 CLA KA . 29.72 -9.43 41.08
C5 CLA KA . 29.05 -9.97 38.68
C6 CLA KA . 29.98 -11.17 38.78
C7 CLA KA . 29.22 -12.47 38.94
C8 CLA KA . 30.05 -13.56 39.63
C9 CLA KA . 29.19 -14.78 39.89
C10 CLA KA . 30.65 -13.05 40.95
C11 CLA KA . 31.62 -14.05 41.54
C12 CLA KA . 32.53 -13.41 42.57
C13 CLA KA . 33.44 -14.45 43.22
C14 CLA KA . 32.71 -15.18 44.32
C15 CLA KA . 34.72 -13.81 43.76
C16 CLA KA . 35.78 -13.67 42.69
C17 CLA KA . 36.26 -12.24 42.58
C18 CLA KA . 37.78 -12.12 42.56
C19 CLA KA . 38.35 -12.70 41.29
C20 CLA KA . 38.40 -12.77 43.77
MG CLA LA . 41.68 -3.68 38.90
CHA CLA LA . 43.36 -3.62 35.86
CHB CLA LA . 38.71 -3.36 37.25
CHC CLA LA . 40.03 -4.28 41.86
CHD CLA LA . 44.78 -4.02 40.55
NA CLA LA . 41.15 -3.49 36.88
C1A CLA LA . 41.99 -3.52 35.76
C2A CLA LA . 41.17 -3.39 34.48
C3A CLA LA . 39.81 -2.90 35.00
C4A CLA LA . 39.85 -3.32 36.47
CMA CLA LA . 39.62 -1.42 34.83
CAA CLA LA . 40.91 -4.80 33.99
CBA CLA LA . 41.92 -5.42 33.04
CGA CLA LA . 41.50 -6.82 32.72
O1A CLA LA . 40.38 -7.24 32.43
O2A CLA LA . 42.53 -7.72 32.77
NB CLA LA . 39.74 -3.71 39.47
C1B CLA LA . 38.68 -3.68 38.61
C2B CLA LA . 37.43 -4.02 39.34
C3B CLA LA . 37.79 -4.28 40.65
C4B CLA LA . 39.26 -4.10 40.74
CMB CLA LA . 36.13 -4.06 38.67
CAB CLA LA . 36.99 -4.69 41.78
CBB CLA LA . 35.85 -4.09 42.18
NC CLA LA . 42.30 -4.00 40.86
C1C CLA LA . 41.45 -4.20 41.92
C2C CLA LA . 42.22 -4.41 43.14
C3C CLA LA . 43.57 -4.36 42.77
C4C CLA LA . 43.61 -4.11 41.33
CMC CLA LA . 41.63 -4.63 44.46
CAC CLA LA . 44.74 -4.52 43.66
CBC CLA LA . 45.13 -3.24 44.36
ND CLA LA . 43.63 -3.77 38.40
C1D CLA LA . 44.81 -3.88 39.18
C2D CLA LA . 45.98 -3.81 38.28
C3D CLA LA . 45.48 -3.73 36.99
C4D CLA LA . 44.02 -3.71 37.12
CMD CLA LA . 47.39 -3.88 38.69
CAD CLA LA . 45.81 -3.63 35.58
OBD CLA LA . 46.91 -3.60 35.03
CBD CLA LA . 44.45 -3.54 34.82
CGD CLA LA . 44.36 -2.28 34.00
O1D CLA LA . 43.98 -2.16 32.83
O2D CLA LA . 44.75 -1.16 34.68
CED CLA LA . 44.05 0.06 34.39
C1 CLA LA . 42.25 -8.99 33.39
C2 CLA LA . 42.05 -9.98 32.32
C3 CLA LA . 41.73 -11.27 32.56
C4 CLA LA . 41.53 -12.24 31.45
C5 CLA LA . 41.55 -11.79 33.94
C6 CLA LA . 40.09 -11.95 34.33
C7 CLA LA . 39.91 -13.07 35.34
C8 CLA LA . 39.35 -14.33 34.70
C9 CLA LA . 37.85 -14.21 34.50
C10 CLA LA . 39.67 -15.55 35.54
C11 CLA LA . 39.11 -15.45 36.94
MG CLA MA . 46.04 -1.35 49.74
CHA CLA MA . 49.48 -1.38 50.26
CHB CLA MA . 46.29 -4.24 47.95
CHC CLA MA . 42.62 -1.48 49.57
CHD CLA MA . 45.83 1.64 51.62
NA CLA MA . 47.65 -2.57 49.17
C1A CLA MA . 49.00 -2.43 49.52
C2A CLA MA . 49.82 -3.57 48.91
C3A CLA MA . 48.82 -4.27 47.97
C4A CLA MA . 47.47 -3.68 48.40
CMA CLA MA . 49.13 -4.00 46.52
CAA CLA MA . 50.16 -4.57 50.00
CBA CLA MA . 51.62 -4.60 50.39
CGA CLA MA . 51.72 -4.75 51.89
O1A CLA MA . 51.38 -5.71 52.58
O2A CLA MA . 52.26 -3.65 52.50
NB CLA MA . 44.71 -2.59 48.88
C1B CLA MA . 45.01 -3.76 48.26
C2B CLA MA . 43.75 -4.50 47.92
C3B CLA MA . 42.70 -3.72 48.38
C4B CLA MA . 43.31 -2.50 48.99
CMB CLA MA . 43.78 -5.80 47.26
CAB CLA MA . 41.27 -3.92 48.35
CBB CLA MA . 40.60 -5.04 48.61
NC CLA MA . 44.51 -0.11 50.42
C1C CLA MA . 43.19 -0.35 50.22
C2C CLA MA . 42.38 0.71 50.85
C3C CLA MA . 43.29 1.59 51.45
C4C CLA MA . 44.63 1.07 51.17
CMC CLA MA . 40.93 0.77 50.84
CAC CLA MA . 42.98 2.81 52.22
CBC CLA MA . 42.93 2.57 53.70
ND CLA MA . 47.31 -0.09 50.70
C1D CLA MA . 47.09 1.11 51.42
C2D CLA MA . 48.40 1.63 51.88
C3D CLA MA . 49.35 0.71 51.48
C4D CLA MA . 48.62 -0.35 50.75
CMD CLA MA . 48.57 2.87 52.63
CAD CLA MA . 50.75 0.36 51.44
OBD CLA MA . 51.72 0.98 51.90
CBD CLA MA . 50.88 -0.99 50.69
CGD CLA MA . 51.79 -0.86 49.49
O1D CLA MA . 52.63 -1.69 49.10
O2D CLA MA . 51.66 0.30 48.81
CED CLA MA . 51.50 0.24 47.39
C1 CLA MA . 52.11 -3.58 53.93
C2 CLA MA . 52.94 -2.43 54.39
C3 CLA MA . 53.23 -2.22 55.68
C4 CLA MA . 54.07 -1.07 56.11
C5 CLA MA . 52.73 -3.11 56.76
MG CLA NA . 48.83 -7.46 35.88
CHA CLA NA . 50.11 -7.27 32.65
CHB CLA NA . 45.67 -7.04 34.67
CHC CLA NA . 47.62 -7.73 39.09
CHD CLA NA . 52.12 -7.89 37.09
NA CLA NA . 48.04 -7.19 33.96
C1A CLA NA . 48.73 -7.15 32.74
C2A CLA NA . 47.76 -6.95 31.57
C3A CLA NA . 46.39 -6.79 32.25
C4A CLA NA . 46.70 -7.03 33.74
CMA CLA NA . 45.79 -5.45 31.96
CAA CLA NA . 47.71 -8.14 30.63
CBA CLA NA . 47.21 -9.42 31.29
CGA CLA NA . 48.23 -10.50 31.17
O1A CLA NA . 49.45 -10.42 31.17
O2A CLA NA . 47.66 -11.74 31.04
NB CLA NA . 47.01 -7.33 36.73
C1B CLA NA . 45.83 -7.25 36.06
C2B CLA NA . 44.69 -7.43 37.00
C3B CLA NA . 45.24 -7.63 38.26
C4B CLA NA . 46.71 -7.57 38.09
CMB CLA NA . 43.31 -7.40 36.55
CAB CLA NA . 44.63 -7.87 39.54
CBB CLA NA . 43.56 -7.27 40.06
NC CLA NA . 49.73 -7.74 37.74
C1C CLA NA . 49.03 -7.82 38.94
C2C CLA NA . 49.97 -8.00 40.04
C3C CLA NA . 51.24 -8.07 39.48
C4C CLA NA . 51.07 -7.90 38.04
CMC CLA NA . 49.58 -8.12 41.44
CAC CLA NA . 52.51 -8.26 40.19
CBC CLA NA . 53.24 -6.95 40.40
ND CLA NA . 50.70 -7.60 35.12
C1D CLA NA . 51.97 -7.75 35.73
C2D CLA NA . 53.02 -7.71 34.69
C3D CLA NA . 52.36 -7.53 33.49
C4D CLA NA . 50.92 -7.47 33.81
CMD CLA NA . 54.45 -7.85 34.95
CAD CLA NA . 52.51 -7.39 32.05
OBD CLA NA . 53.52 -7.42 31.36
CBD CLA NA . 51.07 -7.17 31.48
CGD CLA NA . 50.95 -5.87 30.74
O1D CLA NA . 51.52 -4.81 30.98
O2D CLA NA . 50.08 -5.91 29.69
CED CLA NA . 50.63 -5.81 28.37
MG CLA OA . 36.59 8.43 56.78
CHA CLA OA . 37.39 11.80 57.26
CHB CLA OA . 39.89 7.69 56.44
CHC CLA OA . 35.77 5.10 56.66
CHD CLA OA . 33.20 9.23 57.45
NA CLA OA . 38.33 9.59 56.81
C1A CLA OA . 38.46 10.97 57.04
C2A CLA OA . 39.95 11.38 57.03
C3A CLA OA . 40.69 10.07 56.67
C4A CLA OA . 39.57 9.02 56.63
CMA CLA OA . 41.48 10.17 55.40
CAA CLA OA . 40.55 11.82 58.37
CBA CLA OA . 39.77 11.84 59.69
CGA CLA OA . 39.17 10.54 60.16
O1A CLA OA . 39.71 9.45 60.31
O2A CLA OA . 37.83 10.64 60.45
NB CLA OA . 37.62 6.73 56.45
C1B CLA OA . 38.97 6.62 56.42
C2B CLA OA . 39.38 5.19 56.41
C3B CLA OA . 38.21 4.45 56.48
C4B CLA OA . 37.09 5.42 56.52
CMB CLA OA . 40.79 4.80 56.42
CAB CLA OA . 37.94 3.03 56.58
CBB CLA OA . 38.70 2.00 56.20
NC CLA OA . 34.81 7.38 56.96
C1C CLA OA . 34.70 6.01 56.89
C2C CLA OA . 33.31 5.60 57.10
C3C CLA OA . 32.59 6.78 57.33
C4C CLA OA . 33.53 7.88 57.25
CMC CLA OA . 32.80 4.23 57.12
CAC CLA OA . 31.15 6.88 57.63
CBC CLA OA . 30.35 7.29 56.41
ND CLA OA . 35.50 10.07 57.26
C1D CLA OA . 34.11 10.27 57.46
C2D CLA OA . 33.84 11.71 57.66
C3D CLA OA . 35.05 12.34 57.60
C4D CLA OA . 36.05 11.29 57.36
CMD CLA OA . 32.50 12.26 57.88
CAD CLA OA . 35.76 13.61 57.68
OBD CLA OA . 35.34 14.74 57.90
CBD CLA OA . 37.28 13.29 57.45
CGD CLA OA . 37.81 14.04 56.26
O1D CLA OA . 38.19 13.57 55.17
O2D CLA OA . 37.87 15.39 56.42
CED CLA OA . 38.75 16.14 55.58
C1 CLA OA . 37.04 9.45 60.29
C2 CLA OA . 36.00 9.47 61.35
C3 CLA OA . 35.17 8.43 61.61
C4 CLA OA . 34.15 8.52 62.68
C5 CLA OA . 35.25 7.16 60.83
C6 CLA OA . 33.94 6.39 60.74
C7 CLA OA . 34.19 4.90 60.75
C8 CLA OA . 33.33 4.18 61.78
C9 CLA OA . 34.19 3.58 62.87
C10 CLA OA . 32.48 3.08 61.13
C11 CLA OA . 31.01 3.25 61.45
C12 CLA OA . 30.17 2.20 60.76
C13 CLA OA . 28.68 2.36 61.04
C14 CLA OA . 28.20 3.78 60.76
C15 CLA OA . 28.32 1.96 62.47
C16 CLA OA . 27.21 0.92 62.48
C17 CLA OA . 26.37 0.99 63.73
C18 CLA OA . 25.43 -0.20 63.85
C19 CLA OA . 24.05 0.24 64.29
C20 CLA OA . 25.99 -1.22 64.82
MG CLA PA . 28.92 9.98 49.12
CHA CLA PA . 27.94 11.23 46.05
CHB CLA PA . 31.98 11.43 48.74
CHC CLA PA . 29.83 8.70 52.18
CHD CLA PA . 25.64 8.69 49.58
NA CLA PA . 29.80 11.12 47.61
C1A CLA PA . 29.23 11.55 46.40
C2A CLA PA . 30.22 12.40 45.59
C3A CLA PA . 31.51 12.33 46.44
C4A CLA PA . 31.09 11.59 47.69
CMA CLA PA . 32.60 11.59 45.69
CAA CLA PA . 29.76 13.85 45.42
CBA CLA PA . 30.81 14.89 45.76
CGA CLA PA . 30.52 15.51 47.10
O1A CLA PA . 30.95 16.56 47.57
O2A CLA PA . 29.66 14.76 47.86
NB CLA PA . 30.59 10.05 50.25
C1B CLA PA . 31.72 10.72 49.93
C2B CLA PA . 32.75 10.48 50.98
C3B CLA PA . 32.16 9.72 51.96
C4B CLA PA . 30.77 9.42 51.50
CMB CLA PA . 34.10 11.04 50.88
CAB CLA PA . 32.68 9.24 53.20
CBB CLA PA . 33.26 9.99 54.13
NC CLA PA . 27.91 8.87 50.59
C1C CLA PA . 28.49 8.44 51.76
C2C CLA PA . 27.52 7.67 52.53
C3C CLA PA . 26.32 7.71 51.83
C4C CLA PA . 26.57 8.47 50.61
CMC CLA PA . 27.78 7.02 53.81
CAC CLA PA . 25.04 7.08 52.22
CBC CLA PA . 24.79 5.75 51.56
ND CLA PA . 27.18 9.91 48.10
C1D CLA PA . 25.90 9.34 48.40
C2D CLA PA . 24.98 9.58 47.28
C3D CLA PA . 25.73 10.25 46.33
C4D CLA PA . 27.07 10.47 46.90
CMD CLA PA . 23.61 9.12 47.21
CAD CLA PA . 25.72 10.88 45.02
OBD CLA PA . 24.81 10.94 44.21
CBD CLA PA . 27.13 11.50 44.80
CGD CLA PA . 27.79 10.96 43.56
O1D CLA PA . 28.60 10.02 43.49
O2D CLA PA . 27.44 11.60 42.42
CED CLA PA . 27.67 10.94 41.17
C1 CLA PA . 29.99 14.65 49.26
C2 CLA PA . 29.18 13.55 49.81
C3 CLA PA . 28.19 13.72 50.70
C4 CLA PA . 27.80 15.08 51.21
C5 CLA PA . 27.41 12.58 51.23
C6 CLA PA . 27.55 12.42 52.73
C7 CLA PA . 26.70 11.27 53.24
C8 CLA PA . 26.93 11.00 54.72
C9 CLA PA . 28.36 10.59 54.98
C10 CLA PA . 25.94 9.94 55.21
C11 CLA PA . 26.30 9.35 56.56
C12 CLA PA . 25.11 8.67 57.22
C13 CLA PA . 25.57 7.56 58.16
C14 CLA PA . 25.35 6.20 57.56
C15 CLA PA . 24.89 7.66 59.53
C16 CLA PA . 23.38 7.73 59.41
C17 CLA PA . 22.70 6.60 60.14
C18 CLA PA . 21.18 6.75 60.15
C19 CLA PA . 20.64 6.77 58.73
C20 CLA PA . 20.76 8.00 60.88
MG CLA QA . 29.86 3.26 42.84
CHA CLA QA . 31.77 4.33 40.15
CHB CLA QA . 29.03 6.49 43.54
CHC CLA QA . 27.59 2.15 45.17
CHD CLA QA . 30.62 -0.09 42.01
NA CLA QA . 30.39 5.10 42.01
C1A CLA QA . 31.16 5.34 40.86
C2A CLA QA . 31.25 6.84 40.59
C3A CLA QA . 30.62 7.48 41.86
C4A CLA QA . 29.94 6.29 42.53
CMA CLA QA . 31.65 8.10 42.76
CAA CLA QA . 30.40 7.12 39.34
CBA CLA QA . 28.97 7.58 39.56
CGA CLA QA . 28.03 6.44 39.77
O1A CLA QA . 28.28 5.23 39.78
O2A CLA QA . 26.73 6.82 39.96
NB CLA QA . 28.65 4.16 44.19
C1B CLA QA . 28.35 5.47 44.21
C2B CLA QA . 27.15 5.73 45.05
C3B CLA QA . 26.73 4.51 45.52
C4B CLA QA . 27.68 3.49 44.98
CMB CLA QA . 26.57 7.06 45.23
CAB CLA QA . 25.61 4.15 46.35
CBB CLA QA . 25.37 4.63 47.57
NC CLA QA . 29.28 1.37 43.53
C1C CLA QA . 28.35 1.15 44.50
C2C CLA QA . 28.16 -0.27 44.70
C3C CLA QA . 29.00 -0.92 43.80
C4C CLA QA . 29.70 0.12 43.05
CMC CLA QA . 27.22 -0.83 45.67
CAC CLA QA . 29.15 -2.36 43.58
CBC CLA QA . 29.95 -3.06 44.64
ND CLA QA . 30.96 2.29 41.46
C1D CLA QA . 31.23 0.91 41.25
C2D CLA QA . 32.17 0.77 40.12
C3D CLA QA . 32.39 2.05 39.65
C4D CLA QA . 31.62 2.95 40.52
CMD CLA QA . 32.68 -0.50 39.62
CAD CLA QA . 33.09 2.87 38.66
OBD CLA QA . 33.80 2.53 37.73
CBD CLA QA . 32.72 4.35 38.97
CGD CLA QA . 33.95 5.18 39.27
O1D CLA QA . 34.94 4.87 39.95
O2D CLA QA . 33.94 6.42 38.69
CED CLA QA . 34.75 7.44 39.27
C1 CLA QA . 26.35 7.26 41.28
C2 CLA QA . 25.38 6.28 41.87
C3 CLA QA . 24.28 6.68 42.53
C4 CLA QA . 23.96 8.11 42.71
C5 CLA QA . 23.31 5.72 43.14
C6 CLA QA . 23.77 4.29 43.27
C7 CLA QA . 22.72 3.51 44.03
C8 CLA QA . 23.19 2.14 44.53
C9 CLA QA . 23.23 1.14 43.40
C10 CLA QA . 22.30 1.64 45.65
C11 CLA QA . 22.79 2.06 47.01
C12 CLA QA . 21.67 2.24 48.02
C13 CLA QA . 22.13 3.02 49.24
C14 CLA QA . 22.40 2.09 50.41
C15 CLA QA . 21.11 4.08 49.65
C16 CLA QA . 21.02 5.18 48.61
C17 CLA QA . 19.60 5.39 48.16
C18 CLA QA . 19.50 6.35 46.98
C19 CLA QA . 20.22 5.78 45.77
C20 CLA QA . 20.06 7.70 47.34
MG CLA RA . 31.45 -11.76 58.83
CHA CLA RA . 28.96 -13.99 59.75
CHB CLA RA . 32.66 -11.79 62.00
CHC CLA RA . 34.09 -9.81 57.79
CHD CLA RA . 30.25 -11.88 55.53
NA CLA RA . 30.86 -12.71 60.59
C1A CLA RA . 29.81 -13.62 60.77
C2A CLA RA . 29.77 -14.10 62.23
C3A CLA RA . 30.81 -13.21 62.94
C4A CLA RA . 31.52 -12.53 61.78
CMA CLA RA . 30.19 -12.21 63.88
CAA CLA RA . 30.30 -15.52 62.25
CBA CLA RA . 29.89 -16.34 63.45
CGA CLA RA . 30.97 -17.33 63.80
O1A CLA RA . 31.90 -17.18 64.60
O2A CLA RA . 30.85 -18.54 63.16
NB CLA RA . 33.10 -11.02 59.71
C1B CLA RA . 33.39 -11.09 61.03
C2B CLA RA . 34.58 -10.26 61.35
C3B CLA RA . 35.00 -9.69 60.16
C4B CLA RA . 34.05 -10.15 59.10
CMB CLA RA . 35.12 -10.14 62.70
CAB CLA RA . 36.09 -8.80 59.88
CBB CLA RA . 37.37 -9.02 60.19
NC CLA RA . 32.02 -10.93 57.00
C1C CLA RA . 33.13 -10.16 56.80
C2C CLA RA . 33.24 -9.79 55.40
C3C CLA RA . 32.16 -10.39 54.74
C4C CLA RA . 31.40 -11.12 55.76
CMC CLA RA . 34.31 -8.96 54.83
CAC CLA RA . 31.86 -10.33 53.30
CBC CLA RA . 32.16 -11.62 52.57
ND CLA RA . 29.85 -12.52 57.86
C1D CLA RA . 29.51 -12.54 56.48
C2D CLA RA . 28.29 -13.35 56.29
C3D CLA RA . 28.02 -13.92 57.52
C4D CLA RA . 29.06 -13.41 58.45
CMD CLA RA . 27.59 -13.51 55.01
CAD CLA RA . 27.12 -14.76 58.29
OBD CLA RA . 26.04 -15.25 57.97
CBD CLA RA . 27.79 -14.96 59.67
CGD CLA RA . 26.82 -14.84 60.82
O1D CLA RA . 25.97 -13.96 61.00
O2D CLA RA . 26.92 -15.84 61.74
CED CLA RA . 27.01 -17.20 61.29
C1 CLA RA . 31.74 -18.83 62.05
C2 CLA RA . 33.05 -19.31 62.57
C3 CLA RA . 34.15 -18.53 62.58
C4 CLA RA . 35.45 -19.03 63.11
C5 CLA RA . 34.13 -17.14 62.06
C6 CLA RA . 35.01 -16.95 60.84
C7 CLA RA . 35.30 -15.49 60.59
C8 CLA RA . 36.40 -14.95 61.50
C9 CLA RA . 35.90 -13.80 62.33
C10 CLA RA . 37.65 -14.56 60.70
C11 CLA RA . 37.48 -13.30 59.89
C12 CLA RA . 37.97 -13.47 58.47
C13 CLA RA . 37.07 -12.79 57.44
C14 CLA RA . 35.61 -13.11 57.69
C15 CLA RA . 37.45 -13.18 56.02
C16 CLA RA . 36.90 -12.22 55.00
C17 CLA RA . 35.98 -12.91 54.00
C18 CLA RA . 36.56 -13.04 52.59
C19 CLA RA . 37.33 -11.81 52.16
C20 CLA RA . 37.42 -14.27 52.47
MG CLA SA . 18.78 -2.26 55.02
CHA CLA SA . 15.92 -3.13 56.81
CHB CLA SA . 17.45 -3.64 52.21
CHC CLA SA . 21.55 -1.23 53.27
CHD CLA SA . 20.10 -0.80 57.96
NA CLA SA . 16.97 -3.23 54.61
C1A CLA SA . 15.89 -3.47 55.48
C2A CLA SA . 14.76 -4.19 54.74
C3A CLA SA . 15.35 -4.47 53.34
C4A CLA SA . 16.69 -3.72 53.35
CMA CLA SA . 15.54 -5.94 53.09
CAA CLA SA . 13.54 -3.29 54.58
CBA CLA SA . 13.93 -1.85 54.22
CGA CLA SA . 12.76 -0.92 54.23
O1A CLA SA . 11.99 -0.66 55.14
O2A CLA SA . 12.59 -0.29 53.03
NB CLA SA . 19.37 -2.38 53.11
C1B CLA SA . 18.70 -3.01 52.10
C2B CLA SA . 19.49 -2.94 50.84
C3B CLA SA . 20.64 -2.26 51.13
C4B CLA SA . 20.59 -1.89 52.58
CMB CLA SA . 19.03 -3.55 49.59
CAB CLA SA . 21.76 -1.91 50.28
CBB CLA SA . 21.69 -1.22 49.13
NC CLA SA . 20.51 -1.23 55.54
C1C CLA SA . 21.51 -0.92 54.66
C2C CLA SA . 22.57 -0.19 55.34
C3C CLA SA . 22.17 -0.05 56.67
C4C CLA SA . 20.86 -0.71 56.79
CMC CLA SA . 23.79 0.28 54.69
CAC CLA SA . 22.90 0.62 57.77
CBC CLA SA . 23.69 -0.33 58.63
ND CLA SA . 18.24 -2.06 56.96
C1D CLA SA . 18.87 -1.41 58.06
C2D CLA SA . 18.01 -1.55 59.26
C3D CLA SA . 16.87 -2.22 58.84
C4D CLA SA . 17.06 -2.48 57.40
CMD CLA SA . 18.36 -1.04 60.58
CAD CLA SA . 15.59 -2.78 59.23
OBD CLA SA . 15.08 -2.85 60.34
CBD CLA SA . 14.92 -3.31 57.94
CGD CLA SA . 14.47 -4.75 58.07
O1D CLA SA . 15.15 -5.77 57.91
O2D CLA SA . 13.16 -4.88 58.43
CED CLA SA . 12.48 -6.07 58.04
C1 CLA SA . 12.86 1.13 52.99
C2 CLA SA . 11.66 1.78 52.41
C3 CLA SA . 11.70 2.58 51.33
C4 CLA SA . 12.97 2.86 50.61
C5 CLA SA . 10.48 3.22 50.79
C6 CLA SA . 9.31 2.26 50.62
C7 CLA SA . 9.30 1.69 49.21
C8 CLA SA . 7.95 1.08 48.83
C9 CLA SA . 8.08 0.27 47.56
C10 CLA SA . 6.89 2.16 48.67
C11 CLA SA . 5.54 1.55 48.36
C12 CLA SA . 4.45 2.60 48.41
C13 CLA SA . 3.15 2.09 47.80
C14 CLA SA . 2.06 3.14 47.93
C15 CLA SA . 2.70 0.79 48.44
C16 CLA SA . 1.55 0.18 47.65
C17 CLA SA . 0.99 -1.05 48.33
C18 CLA SA . -0.16 -1.64 47.53
C19 CLA SA . -0.88 -2.70 48.31
C20 CLA SA . 0.36 -2.21 46.22
MG CLA TA . 20.05 -5.05 66.08
CHA CLA TA . 20.05 -7.70 68.33
CHB CLA TA . 17.54 -3.55 67.85
CHC CLA TA . 20.16 -2.39 63.91
CHD CLA TA . 22.75 -6.56 64.36
NA CLA TA . 18.98 -5.57 67.81
C1A CLA TA . 19.14 -6.71 68.62
C2A CLA TA . 18.17 -6.67 69.81
C3A CLA TA . 17.36 -5.38 69.59
C4A CLA TA . 18.00 -4.77 68.33
CMA CLA TA . 15.88 -5.64 69.45
CAA CLA TA . 18.89 -6.51 71.14
CBA CLA TA . 19.97 -5.44 71.06
CGA CLA TA . 19.95 -4.51 72.23
O1A CLA TA . 19.24 -4.53 73.24
O2A CLA TA . 20.88 -3.51 72.11
NB CLA TA . 19.04 -3.31 65.91
C1B CLA TA . 18.03 -2.89 66.72
C2B CLA TA . 17.49 -1.60 66.23
C3B CLA TA . 18.23 -1.26 65.11
C4B CLA TA . 19.22 -2.34 64.89
CMB CLA TA . 16.40 -0.90 66.90
CAB CLA TA . 18.16 -0.10 64.24
CBB CLA TA . 17.06 0.37 63.65
NC CLA TA . 21.23 -4.58 64.43
C1C CLA TA . 21.11 -3.43 63.69
C2C CLA TA . 22.09 -3.42 62.62
C3C CLA TA . 22.83 -4.58 62.75
C4C CLA TA . 22.30 -5.31 63.89
CMC CLA TA . 22.25 -2.33 61.64
CAC CLA TA . 23.98 -5.00 61.92
CBC CLA TA . 25.30 -4.67 62.57
ND CLA TA . 21.15 -6.74 66.22
C1D CLA TA . 22.23 -7.25 65.44
C2D CLA TA . 22.63 -8.57 65.97
C3D CLA TA . 21.81 -8.81 67.06
C4D CLA TA . 20.93 -7.62 67.19
CMD CLA TA . 23.68 -9.43 65.41
CAD CLA TA . 21.47 -9.73 68.13
OBD CLA TA . 21.92 -10.84 68.37
CBD CLA TA . 20.36 -9.03 68.98
CGD CLA TA . 19.13 -9.89 69.10
O1D CLA TA . 18.65 -10.39 70.12
O2D CLA TA . 18.51 -10.13 67.91
CED CLA TA . 17.08 -10.01 67.87
C1 CLA TA . 21.69 -3.23 73.27
C2 CLA TA . 22.37 -1.93 73.01
C3 CLA TA . 23.60 -1.82 72.48
C4 CLA TA . 24.41 -2.99 72.09
MG CLA UA . 11.24 -0.50 65.12
CHA CLA UA . 12.14 -3.29 66.98
CHB CLA UA . 8.76 0.19 67.33
CHC CLA UA . 10.54 2.37 63.35
CHD CLA UA . 13.90 -1.19 62.88
NA CLA UA . 10.55 -1.44 66.85
C1A CLA UA . 11.07 -2.59 67.48
C2A CLA UA . 10.25 -2.92 68.74
C3A CLA UA . 9.09 -1.90 68.71
C4A CLA UA . 9.48 -0.96 67.56
CMA CLA UA . 7.74 -2.54 68.50
CAA CLA UA . 11.04 -2.79 70.04
CBA CLA UA . 11.48 -1.38 70.37
CGA CLA UA . 12.88 -1.15 69.88
O1A CLA UA . 13.26 -0.74 68.78
O2A CLA UA . 13.83 -1.43 70.81
NB CLA UA . 9.84 0.95 65.26
C1B CLA UA . 9.01 1.13 66.31
C2B CLA UA . 8.38 2.48 66.24
C3B CLA UA . 8.88 3.10 65.12
C4B CLA UA . 9.81 2.13 64.47
CMB CLA UA . 7.42 2.97 67.24
CAB CLA UA . 8.61 4.40 64.59
CBB CLA UA . 9.45 5.44 64.67
NC CLA UA . 12.04 0.38 63.39
C1C CLA UA . 11.59 1.55 62.84
C2C CLA UA . 12.36 1.88 61.65
C3C CLA UA . 13.33 0.88 61.52
C4C CLA UA . 13.13 -0.05 62.62
CMC CLA UA . 12.11 3.06 60.82
CAC CLA UA . 14.37 0.78 60.47
CBC CLA UA . 13.84 0.27 59.15
ND CLA UA . 12.69 -1.89 64.90
C1D CLA UA . 13.71 -2.06 63.94
C2D CLA UA . 14.49 -3.28 64.27
C3D CLA UA . 13.92 -3.80 65.42
C4D CLA UA . 12.81 -2.89 65.78
CMD CLA UA . 15.62 -3.79 63.50
CAD CLA UA . 13.95 -4.87 66.40
OBD CLA UA . 14.67 -5.87 66.42
CBD CLA UA . 12.85 -4.55 67.45
CGD CLA UA . 11.89 -5.70 67.65
O1D CLA UA . 11.22 -5.96 68.66
O2D CLA UA . 11.79 -6.53 66.58
CED CLA UA . 11.69 -7.94 66.84
C1 CLA UA . 14.88 -0.46 70.97
C2 CLA UA . 16.17 -1.17 70.83
C3 CLA UA . 17.36 -0.60 71.10
C4 CLA UA . 17.48 0.80 71.56
C5 CLA UA . 18.62 -1.38 70.93
C6 CLA UA . 19.78 -0.57 70.37
C7 CLA UA . 19.87 -0.69 68.87
C8 CLA UA . 20.91 0.26 68.29
C9 CLA UA . 20.39 0.92 67.02
C10 CLA UA . 22.22 -0.47 68.01
C11 CLA UA . 22.04 -1.57 67.00
MG CLA VA . 5.43 -0.81 56.36
CHA CLA VA . 8.70 -1.85 56.92
CHB CLA VA . 5.77 1.58 58.77
CHC CLA VA . 2.27 0.35 55.62
CHD CLA VA . 5.12 -3.26 53.82
NA CLA VA . 6.99 -0.26 57.64
C1A CLA VA . 8.29 -0.80 57.71
C2A CLA VA . 9.12 -0.08 58.79
C3A CLA VA . 8.10 0.88 59.45
C4A CLA VA . 6.86 0.75 58.56
CMA CLA VA . 7.82 0.51 60.88
CAA CLA VA . 10.27 0.72 58.17
CBA CLA VA . 9.95 2.18 57.92
CGA CLA VA . 10.61 2.68 56.67
O1A CLA VA . 11.37 2.08 55.90
O2A CLA VA . 10.28 3.98 56.39
NB CLA VA . 4.24 0.65 57.10
C1B CLA VA . 4.57 1.56 58.04
C2B CLA VA . 3.47 2.55 58.23
C3B CLA VA . 2.49 2.21 57.34
C4B CLA VA . 2.96 1.00 56.60
CMB CLA VA . 3.54 3.64 59.18
CAB CLA VA . 1.21 2.81 57.07
CBB CLA VA . 0.21 2.92 57.95
NC CLA VA . 3.96 -1.37 54.98
C1C CLA VA . 2.74 -0.76 54.86
C2C CLA VA . 1.96 -1.39 53.81
C3C CLA VA . 2.76 -2.42 53.29
C4C CLA VA . 4.02 -2.39 54.04
CMC CLA VA . 0.63 -0.97 53.41
CAC CLA VA . 2.41 -3.35 52.21
CBC CLA VA . 1.52 -4.48 52.67
ND CLA VA . 6.58 -2.24 55.52
C1D CLA VA . 6.32 -3.19 54.48
C2D CLA VA . 7.52 -4.06 54.33
C3D CLA VA . 8.45 -3.59 55.24
C4D CLA VA . 7.82 -2.45 55.95
CMD CLA VA . 7.63 -5.16 53.39
CAD CLA VA . 9.79 -3.77 55.79
OBD CLA VA . 10.63 -4.61 55.52
CBD CLA VA . 9.98 -2.65 56.87
CGD CLA VA . 10.35 -3.20 58.23
O1D CLA VA . 9.83 -4.13 58.84
O2D CLA VA . 11.39 -2.55 58.81
CED CLA VA . 11.38 -2.40 60.23
C1 CLA VA . 9.86 4.27 55.04
C2 CLA VA . 9.55 5.72 54.97
C3 CLA VA . 8.85 6.28 53.97
C4 CLA VA . 8.58 7.74 53.94
C5 CLA VA . 8.33 5.46 52.84
C6 CLA VA . 6.89 5.81 52.47
C7 CLA VA . 6.47 5.09 51.20
C8 CLA VA . 5.02 5.38 50.81
C9 CLA VA . 4.89 6.78 50.25
C10 CLA VA . 4.07 5.18 51.99
MG CLA WA . 14.26 -6.70 49.86
CHA CLA WA . 16.91 -7.40 47.69
CHB CLA WA . 14.08 -3.53 48.66
CHC CLA WA . 11.77 -6.02 52.15
CHD CLA WA . 14.51 -9.98 51.15
NA CLA WA . 15.31 -5.67 48.36
C1A CLA WA . 16.38 -6.12 47.58
C2A CLA WA . 16.84 -4.99 46.62
C3A CLA WA . 15.83 -3.86 46.87
C4A CLA WA . 15.00 -4.37 48.06
CMA CLA WA . 16.47 -2.53 47.15
CAA CLA WA . 16.78 -5.35 45.14
CBA CLA WA . 17.82 -4.60 44.33
CGA CLA WA . 17.92 -5.21 42.96
O1A CLA WA . 17.02 -5.46 42.16
O2A CLA WA . 19.21 -5.52 42.62
NB CLA WA . 13.15 -5.09 50.32
C1B CLA WA . 13.24 -3.87 49.74
C2B CLA WA . 12.30 -2.92 50.40
C3B CLA WA . 11.65 -3.61 51.39
C4B CLA WA . 12.17 -5.01 51.33
CMB CLA WA . 12.21 -1.52 49.95
CAB CLA WA . 10.63 -3.28 52.36
CBB CLA WA . 10.03 -2.11 52.60
NC CLA WA . 13.29 -7.82 51.33
C1C CLA WA . 12.29 -7.35 52.14
C2C CLA WA . 11.84 -8.38 53.06
C3C CLA WA . 12.62 -9.50 52.80
C4C CLA WA . 13.53 -9.14 51.71
CMC CLA WA . 10.79 -8.22 54.07
CAC CLA WA . 12.54 -10.81 53.48
CBC CLA WA . 11.59 -11.77 52.80
ND CLA WA . 15.33 -8.37 49.47
C1D CLA WA . 15.36 -9.64 50.11
C2D CLA WA . 16.42 -10.47 49.50
C3D CLA WA . 17.04 -9.66 48.57
C4D CLA WA . 16.33 -8.36 48.60
CMD CLA WA . 16.72 -11.84 49.89
CAD CLA WA . 18.08 -9.58 47.55
OBD CLA WA . 18.84 -10.44 47.15
CBD CLA WA . 18.07 -8.10 47.02
CGD CLA WA . 19.37 -7.41 47.30
O1D CLA WA . 20.30 -7.18 46.52
O2D CLA WA . 19.51 -6.98 48.59
CED CLA WA . 20.83 -6.87 49.14
C1 CLA WA . 19.41 -6.60 41.69
C2 CLA WA . 19.17 -7.87 42.44
C3 CLA WA . 20.08 -8.45 43.24
C4 CLA WA . 21.43 -7.86 43.46
C5 CLA WA . 19.79 -9.73 43.96
C6 CLA WA . 18.46 -10.35 43.60
C7 CLA WA . 18.39 -11.77 44.14
C8 CLA WA . 16.97 -12.34 44.15
C9 CLA WA . 16.43 -12.50 42.75
C10 CLA WA . 16.01 -11.47 44.99
C11 CLA WA . 14.75 -12.20 45.34
C12 CLA WA . 15.02 -13.53 46.04
C13 CLA WA . 13.82 -14.03 46.82
C14 CLA WA . 13.83 -13.40 48.21
C15 CLA WA . 13.82 -15.56 46.85
C16 CLA WA . 13.10 -16.19 48.03
C17 CLA WA . 11.61 -16.28 47.83
C18 CLA WA . 11.23 -17.13 46.62
C19 CLA WA . 9.78 -16.91 46.27
C20 CLA WA . 11.49 -18.59 46.88
MG CLA XA . 8.60 8.71 41.77
CHA CLA XA . 11.08 11.11 41.84
CHB CLA XA . 8.68 8.55 45.16
CHC CLA XA . 5.93 6.58 41.67
CHD CLA XA . 8.72 8.75 38.23
NA CLA XA . 9.71 9.68 43.24
C1A CLA XA . 10.68 10.67 43.06
C2A CLA XA . 11.22 11.12 44.42
C3A CLA XA . 10.68 10.07 45.40
C4A CLA XA . 9.58 9.40 44.57
CMA CLA XA . 11.74 9.09 45.80
CAA CLA XA . 10.51 12.43 44.68
CBA CLA XA . 10.77 13.02 46.04
CGA CLA XA . 10.23 14.41 46.04
O1A CLA XA . 9.86 15.07 45.07
O2A CLA XA . 10.14 14.97 47.28
NB CLA XA . 7.56 7.68 43.15
C1B CLA XA . 7.66 7.87 44.49
C2B CLA XA . 6.51 7.25 45.20
C3B CLA XA . 5.72 6.68 44.22
C4B CLA XA . 6.38 6.96 42.91
CMB CLA XA . 6.38 7.31 46.66
CAB CLA XA . 4.47 5.96 44.33
CBB CLA XA . 3.40 6.32 45.05
NC CLA XA . 7.53 7.82 40.21
C1C CLA XA . 6.46 6.99 40.41
C2C CLA XA . 5.92 6.57 39.11
C3C CLA XA . 6.73 7.17 38.13
C4C CLA XA . 7.74 7.95 38.84
CMC CLA XA . 4.76 5.71 38.93
CAC CLA XA . 6.58 7.05 36.67
CBC CLA XA . 5.94 8.25 36.03
ND CLA XA . 9.56 9.74 40.32
C1D CLA XA . 9.58 9.60 38.90
C2D CLA XA . 10.60 10.51 38.35
C3D CLA XA . 11.16 11.17 39.43
C4D CLA XA . 10.52 10.61 40.63
CMD CLA XA . 10.87 10.68 36.92
CAD CLA XA . 12.13 12.16 39.88
OBD CLA XA . 12.82 12.94 39.22
CBD CLA XA . 12.19 12.06 41.43
CGD CLA XA . 13.52 11.52 41.91
O1D CLA XA . 13.73 10.49 42.55
O2D CLA XA . 14.60 12.30 41.58
CED CLA XA . 15.89 11.72 41.79
C1 CLA XA . 9.76 16.36 47.31
C2 CLA XA . 10.39 16.96 48.52
C3 CLA XA . 9.82 16.90 49.73
C4 CLA XA . 8.52 16.23 49.98
C5 CLA XA . 10.50 17.53 50.90
C6 CLA XA . 11.12 16.51 51.83
C7 CLA XA . 11.46 17.15 53.16
C8 CLA XA . 11.35 16.18 54.34
C9 CLA XA . 10.05 15.40 54.30
C10 CLA XA . 11.45 16.96 55.65
C11 CLA XA . 12.72 16.65 56.39
C12 CLA XA . 12.61 15.33 57.14
C13 CLA XA . 13.86 14.99 57.94
C14 CLA XA . 13.55 13.92 58.97
C15 CLA XA . 14.50 16.20 58.62
C16 CLA XA . 15.76 15.81 59.37
C17 CLA XA . 16.50 17.02 59.90
C18 CLA XA . 17.38 16.66 61.09
C19 CLA XA . 18.36 15.56 60.75
C20 CLA XA . 16.52 16.24 62.27
MG CLA YA . 19.73 14.12 45.70
CHA CLA YA . 16.52 12.78 45.94
CHB CLA YA . 20.74 12.15 48.29
CHC CLA YA . 22.78 15.64 45.58
CHD CLA YA . 18.58 16.25 43.11
NA CLA YA . 18.77 12.67 46.87
C1A CLA YA . 17.43 12.24 46.82
C2A CLA YA . 17.16 11.17 47.89
C3A CLA YA . 18.52 11.01 48.61
C4A CLA YA . 19.43 12.00 47.87
CMA CLA YA . 18.40 11.36 50.06
CAA CLA YA . 16.74 9.82 47.33
CBA CLA YA . 16.05 8.99 48.39
CGA CLA YA . 15.46 7.74 47.78
O1A CLA YA . 14.58 7.66 46.92
O2A CLA YA . 16.00 6.60 48.29
NB CLA YA . 21.44 13.92 46.74
C1B CLA YA . 21.67 13.04 47.74
C2B CLA YA . 23.10 13.14 48.17
C3B CLA YA . 23.69 14.13 47.41
C4B CLA YA . 22.63 14.65 46.49
CMB CLA YA . 23.66 12.32 49.25
CAB CLA YA . 25.02 14.67 47.42
CBB CLA YA . 26.14 13.96 47.31
NC CLA YA . 20.53 15.63 44.52
C1C CLA YA . 21.82 16.10 44.64
C2C CLA YA . 22.05 17.18 43.68
C3C CLA YA . 20.85 17.35 42.98
C4C CLA YA . 19.91 16.38 43.52
CMC CLA YA . 23.31 17.89 43.53
CAC CLA YA . 20.57 18.32 41.91
CBC CLA YA . 19.96 19.60 42.41
ND CLA YA . 18.02 14.43 44.66
C1D CLA YA . 17.68 15.35 43.63
C2D CLA YA . 16.26 15.20 43.29
C3D CLA YA . 15.77 14.25 44.16
C4D CLA YA . 16.89 13.80 45.00
CMD CLA YA . 15.56 15.96 42.26
CAD CLA YA . 14.59 13.53 44.58
OBD CLA YA . 13.45 13.63 44.17
CBD CLA YA . 15.04 12.56 45.72
CGD CLA YA . 14.25 12.78 46.99
O1D CLA YA . 13.80 11.93 47.76
O2D CLA YA . 14.01 14.10 47.27
CED CLA YA . 13.29 14.41 48.45
C1 CLA YA . 15.06 5.56 48.64
C2 CLA YA . 15.74 4.25 48.46
C3 CLA YA . 15.92 3.67 47.26
C4 CLA YA . 15.46 4.26 45.99
C5 CLA YA . 16.61 2.35 47.17
C6 CLA YA . 17.63 2.13 48.27
C7 CLA YA . 17.78 0.66 48.60
C8 CLA YA . 17.24 0.26 49.97
C9 CLA YA . 15.74 0.03 49.92
C10 CLA YA . 17.57 1.29 51.04
C11 CLA YA . 17.31 0.77 52.43
C12 CLA YA . 17.55 1.84 53.48
C13 CLA YA . 17.94 1.22 54.82
C14 CLA YA . 16.72 0.77 55.59
C15 CLA YA . 18.75 2.20 55.67
C16 CLA YA . 19.94 2.75 54.90
C17 CLA YA . 21.03 3.22 55.83
C18 CLA YA . 21.87 4.34 55.23
C19 CLA YA . 21.07 5.63 55.15
C20 CLA YA . 22.40 3.96 53.85
MG CLA ZA . 19.35 3.52 25.62
CHA CLA ZA . 22.46 2.09 25.06
CHB CLA ZA . 20.71 6.62 25.13
CHC CLA ZA . 16.21 4.89 25.85
CHD CLA ZA . 17.94 0.28 25.85
NA CLA ZA . 21.28 4.21 25.25
C1A CLA ZA . 22.44 3.46 25.03
C2A CLA ZA . 23.64 4.39 24.78
C3A CLA ZA . 23.08 5.80 25.08
C4A CLA ZA . 21.57 5.55 25.16
CMA CLA ZA . 23.64 6.37 26.35
CAA CLA ZA . 24.16 4.29 23.35
CBA CLA ZA . 23.43 5.15 22.32
CGA CLA ZA . 22.19 4.45 21.87
O1A CLA ZA . 21.04 4.89 21.79
O2A CLA ZA . 22.41 3.15 21.50
NB CLA ZA . 18.62 5.40 25.60
C1B CLA ZA . 19.31 6.50 25.21
C2B CLA ZA . 18.39 7.63 24.89
C3B CLA ZA . 17.12 7.15 25.08
C4B CLA ZA . 17.25 5.73 25.56
CMB CLA ZA . 18.88 8.95 24.46
CAB CLA ZA . 15.82 7.77 24.92
CBB CLA ZA . 15.42 8.55 23.92
NC CLA ZA . 17.44 2.72 25.92
C1C CLA ZA . 16.31 3.48 26.04
C2C CLA ZA . 15.16 2.61 26.30
C3C CLA ZA . 15.63 1.30 26.20
C4C CLA ZA . 17.07 1.38 25.96
CMC CLA ZA . 13.80 3.08 26.52
CAC CLA ZA . 14.84 0.07 26.38
CBC CLA ZA . 14.34 -0.49 25.08
ND CLA ZA . 20.00 1.60 25.57
C1D CLA ZA . 19.31 0.35 25.64
C2D CLA ZA . 20.30 -0.75 25.51
C3D CLA ZA . 21.53 -0.15 25.32
C4D CLA ZA . 21.28 1.31 25.32
CMD CLA ZA . 19.98 -2.17 25.59
CAD CLA ZA . 22.95 -0.34 25.11
OBD CLA ZA . 23.60 -1.38 25.12
CBD CLA ZA . 23.57 1.08 24.87
CGD CLA ZA . 24.74 1.39 25.77
O1D CLA ZA . 24.77 1.36 27.01
O2D CLA ZA . 25.86 1.77 25.10
CED CLA ZA . 26.99 0.92 25.12
C1 CLA ZA . 21.25 2.32 21.33
C2 CLA ZA . 21.60 1.24 20.38
C3 CLA ZA . 21.65 1.41 19.04
C4 CLA ZA . 21.35 2.72 18.39
C5 CLA ZA . 22.03 0.28 18.14
C6 CLA ZA . 20.96 -0.80 18.06
C7 CLA ZA . 19.88 -0.43 17.07
C8 CLA ZA . 18.82 -1.53 16.93
C9 CLA ZA . 17.74 -1.08 15.96
C10 CLA ZA . 18.22 -1.89 18.28
C11 CLA ZA . 17.34 -3.11 18.18
C12 CLA ZA . 18.15 -4.39 18.05
C13 CLA ZA . 17.34 -5.53 17.44
C14 CLA ZA . 15.99 -5.70 18.13
C15 CLA ZA . 18.11 -6.84 17.47
C16 CLA ZA . 18.45 -7.24 18.90
C17 CLA ZA . 19.38 -8.44 18.94
MG CLA AB . 23.26 2.22 33.45
CHA CLA AB . 26.32 3.88 33.45
CHB CLA AB . 23.54 1.70 30.11
CHC CLA AB . 20.32 0.43 33.53
CHD CLA AB . 23.02 2.73 36.94
NA CLA AB . 24.69 2.76 32.02
C1A CLA AB . 25.91 3.43 32.22
C2A CLA AB . 26.66 3.61 30.89
C3A CLA AB . 25.65 3.07 29.84
C4A CLA AB . 24.55 2.45 30.70
CMA CLA AB . 25.12 4.17 28.95
CAA CLA AB . 27.97 2.85 30.82
CBA CLA AB . 27.82 1.34 30.90
CGA CLA AB . 28.88 0.75 31.77
O1A CLA AB . 29.68 -0.15 31.53
O2A CLA AB . 28.91 1.32 33.02
NB CLA AB . 22.08 1.36 32.06
C1B CLA AB . 22.50 1.08 30.79
C2B CLA AB . 21.67 -0.02 30.21
C3B CLA AB . 20.75 -0.38 31.18
C4B CLA AB . 21.00 0.50 32.35
CMB CLA AB . 21.89 -0.55 28.86
CAB CLA AB . 19.73 -1.39 31.17
CBB CLA AB . 18.77 -1.53 30.26
NC CLA AB . 21.90 1.73 34.96
C1C CLA AB . 20.74 1.02 34.76
C2C CLA AB . 20.01 0.90 36.02
C3C CLA AB . 20.80 1.49 37.00
C4C CLA AB . 21.98 2.02 36.32
CMC CLA AB . 18.73 0.22 36.19
CAC CLA AB . 20.50 1.62 38.42
CBC CLA AB . 21.10 0.49 39.22
ND CLA AB . 24.39 3.03 34.92
C1D CLA AB . 24.15 3.21 36.30
C2D CLA AB . 25.29 3.95 36.89
C3D CLA AB . 26.15 4.23 35.85
C4D CLA AB . 25.54 3.64 34.63
CMD CLA AB . 25.41 4.29 38.31
CAD CLA AB . 27.40 4.84 35.46
OBD CLA AB . 28.25 5.41 36.14
CBD CLA AB . 27.53 4.68 33.91
CGD CLA AB . 27.59 6.01 33.21
O1D CLA AB . 26.65 6.74 32.88
O2D CLA AB . 28.86 6.41 32.90
CED CLA AB . 29.03 7.26 31.76
C1 CLA AB . 29.38 0.47 34.09
C2 CLA AB . 28.93 1.09 35.37
C3 CLA AB . 29.73 1.89 36.12
C4 CLA AB . 31.12 2.22 35.71
C5 CLA AB . 29.25 2.47 37.40
C6 CLA AB . 28.15 1.65 38.07
C7 CLA AB . 28.15 1.89 39.56
C8 CLA AB . 26.89 1.35 40.23
C9 CLA AB . 26.51 2.23 41.41
C10 CLA AB . 27.08 -0.10 40.67
C11 CLA AB . 25.83 -0.67 41.31
C12 CLA AB . 25.77 -2.17 41.15
C13 CLA AB . 24.90 -2.82 42.22
C14 CLA AB . 25.13 -4.32 42.26
C15 CLA AB . 23.42 -2.52 41.99
C16 CLA AB . 22.61 -2.92 43.20
C17 CLA AB . 21.26 -2.22 43.23
C18 CLA AB . 20.87 -1.80 44.64
C19 CLA AB . 20.95 -2.95 45.62
C20 CLA AB . 19.46 -1.21 44.64
MG CLA BB . 7.30 -8.38 33.25
CHA CLA BB . 4.70 -10.44 32.25
CHB CLA BB . 9.20 -11.12 34.02
CHC CLA BB . 10.04 -6.32 33.69
CHD CLA BB . 5.45 -5.60 32.13
NA CLA BB . 6.96 -10.45 33.22
C1A CLA BB . 5.82 -11.11 32.71
C2A CLA BB . 5.99 -12.63 32.82
C3A CLA BB . 7.33 -12.79 33.59
C4A CLA BB . 7.90 -11.37 33.61
CMA CLA BB . 7.09 -13.31 34.99
CAA CLA BB . 6.11 -13.29 31.45
CBA CLA BB . 6.93 -12.49 30.45
CGA CLA BB . 7.05 -13.24 29.16
O1A CLA BB . 6.77 -14.42 28.94
O2A CLA BB . 7.54 -12.49 28.15
NB CLA BB . 9.23 -8.67 33.72
C1B CLA BB . 9.79 -9.85 34.07
C2B CLA BB . 11.18 -9.61 34.55
C3B CLA BB . 11.44 -8.27 34.46
C4B CLA BB . 10.19 -7.64 33.94
CMB CLA BB . 12.04 -10.68 34.98
CAB CLA BB . 12.61 -7.50 34.78
CBB CLA BB . 13.25 -7.48 35.96
NC CLA BB . 7.63 -6.33 33.06
C1C CLA BB . 8.83 -5.71 33.29
C2C CLA BB . 8.73 -4.30 32.98
C3C CLA BB . 7.44 -4.07 32.51
C4C CLA BB . 6.77 -5.37 32.55
CMC CLA BB . 9.84 -3.36 33.14
CAC CLA BB . 6.86 -2.79 32.06
CBC CLA BB . 6.99 -2.61 30.57
ND CLA BB . 5.41 -8.02 32.65
C1D CLA BB . 4.81 -6.82 32.16
C2D CLA BB . 3.44 -7.12 31.72
C3D CLA BB . 3.32 -8.49 31.76
C4D CLA BB . 4.62 -9.01 32.27
CMD CLA BB . 2.48 -6.10 31.31
CAD CLA BB . 2.46 -9.65 31.56
OBD CLA BB . 1.25 -9.70 31.34
CBD CLA BB . 3.38 -10.91 31.66
CGD CLA BB . 2.73 -12.01 32.44
O1D CLA BB . 2.03 -12.94 31.99
O2D CLA BB . 2.95 -11.96 33.78
CED CLA BB . 2.35 -12.98 34.59
C1 CLA BB . 8.15 -13.21 27.05
C2 CLA BB . 9.00 -12.25 26.29
C3 CLA BB . 8.53 -11.40 25.36
C4 CLA BB . 7.10 -11.34 24.99
C5 CLA BB . 9.45 -10.47 24.64
C6 CLA BB . 8.96 -9.03 24.67
C7 CLA BB . 9.59 -8.20 23.57
C8 CLA BB . 9.31 -6.71 23.73
C9 CLA BB . 7.82 -6.46 23.88
C10 CLA BB . 9.84 -5.92 22.55
C11 CLA BB . 11.24 -5.42 22.76
C12 CLA BB . 11.56 -4.29 21.79
C13 CLA BB . 13.06 -4.04 21.68
C14 CLA BB . 13.67 -3.71 23.03
C15 CLA BB . 13.35 -2.92 20.69
C16 CLA BB . 13.24 -3.42 19.25
C17 CLA BB . 13.13 -2.26 18.27
C18 CLA BB . 13.82 -2.57 16.95
C19 CLA BB . 13.96 -1.32 16.11
C20 CLA BB . 13.07 -3.64 16.19
MG CLA CB . -5.14 4.87 53.97
CHA CLA CB . -5.99 3.26 56.94
CHB CLA CB . -7.78 7.01 54.38
CHC CLA CB . -4.10 6.60 51.19
CHD CLA CB . -2.37 2.70 53.63
NA CLA CB . -6.64 5.07 55.42
C1A CLA CB . -6.81 4.31 56.60
C2A CLA CB . -8.04 4.80 57.38
C3A CLA CB . -8.67 5.86 56.45
C4A CLA CB . -7.63 6.02 55.34
CMA CLA CB . -10.01 5.42 55.90
CAA CLA CB . -7.69 5.42 58.73
CBA CLA CB . -6.62 6.49 58.63
CGA CLA CB . -6.66 7.39 59.83
O1A CLA CB . -7.60 7.60 60.60
O2A CLA CB . -5.48 8.05 60.05
NB CLA CB . -5.85 6.45 52.94
C1B CLA CB . -6.89 7.24 53.31
C2B CLA CB . -6.98 8.42 52.41
C3B CLA CB . -5.94 8.31 51.51
C4B CLA CB . -5.20 7.07 51.84
CMB CLA CB . -7.99 9.47 52.54
CAB CLA CB . -5.53 9.17 50.44
CBB CLA CB . -5.05 10.41 50.60
NC CLA CB . -3.57 4.64 52.62
C1C CLA CB . -3.34 5.46 51.54
C2C CLA CB . -2.17 5.01 50.81
C3C CLA CB . -1.65 3.92 51.52
C4C CLA CB . -2.54 3.71 52.66
CMC CLA CB . -1.66 5.63 49.59
CAC CLA CB . -0.46 3.13 51.18
CBC CLA CB . -0.77 2.00 50.22
ND CLA CB . -4.32 3.32 54.98
C1D CLA CB . -3.18 2.52 54.72
C2D CLA CB . -3.08 1.49 55.78
C3D CLA CB . -4.13 1.72 56.65
C4D CLA CB . -4.87 2.89 56.12
CMD CLA CB . -2.04 0.47 55.82
CAD CLA CB . -4.80 1.31 57.86
OBD CLA CB . -4.53 0.38 58.61
CBD CLA CB . -6.00 2.28 58.08
CGD CLA CB . -7.32 1.54 58.14
O1D CLA CB . -7.84 1.04 59.14
O2D CLA CB . -7.95 1.43 56.95
CED CLA CB . -8.95 0.42 56.81
C1 CLA CB . -5.46 9.05 61.09
C2 CLA CB . -5.08 10.33 60.45
C3 CLA CB . -3.81 10.69 60.20
C4 CLA CB . -2.65 9.83 60.54
C5 CLA CB . -3.51 12.01 59.57
C6 CLA CB . -3.18 11.87 58.08
C7 CLA CB . -1.88 12.57 57.74
C8 CLA CB . -2.04 14.09 57.65
C9 CLA CB . -3.14 14.46 56.67
C10 CLA CB . -0.73 14.75 57.24
C11 CLA CB . -0.14 15.57 58.37
C12 CLA CB . -0.82 16.91 58.52
C13 CLA CB . -0.56 17.80 57.31
C14 CLA CB . 0.90 18.18 57.23
C15 CLA CB . -1.43 19.05 57.35
MG CLA DB . -8.12 26.72 42.72
CHA CLA DB . -10.12 23.88 42.59
CHB CLA DB . -9.34 27.73 39.72
CHC CLA DB . -6.30 29.62 43.00
CHD CLA DB . -6.90 25.68 45.87
NA CLA DB . -9.49 25.90 41.38
C1A CLA DB . -10.24 24.72 41.50
C2A CLA DB . -11.13 24.51 40.27
C3A CLA DB . -10.68 25.64 39.31
C4A CLA DB . -9.79 26.51 40.18
CMA CLA DB . -9.92 25.14 38.11
CAA CLA DB . -12.60 24.70 40.61
CBA CLA DB . -13.41 23.43 40.46
CGA CLA DB . -13.65 23.10 39.02
O1A CLA DB . -13.76 23.88 38.07
O2A CLA DB . -13.75 21.76 38.78
NB CLA DB . -7.79 28.31 41.53
C1B CLA DB . -8.51 28.61 40.42
C2B CLA DB . -8.29 30.03 40.02
C3B CLA DB . -7.42 30.57 40.94
C4B CLA DB . -7.10 29.49 41.92
CMB CLA DB . -8.93 30.64 38.85
CAB CLA DB . -6.89 31.90 41.06
CBB CLA DB . -7.62 33.01 41.20
NC CLA DB . -6.80 27.48 44.15
C1C CLA DB . -6.15 28.67 44.05
C2C CLA DB . -5.29 28.89 45.22
C3C CLA DB . -5.50 27.78 46.06
C4C CLA DB . -6.44 26.90 45.38
CMC CLA DB . -4.46 30.07 45.42
CAC CLA DB . -4.88 27.55 47.37
CBC CLA DB . -3.46 27.02 47.30
ND CLA DB . -8.41 25.18 44.00
C1D CLA DB . -7.83 24.86 45.24
C2D CLA DB . -8.36 23.55 45.71
C3D CLA DB . -9.25 23.14 44.73
C4D CLA DB . -9.25 24.19 43.68
CMD CLA DB . -7.97 22.90 46.95
CAD CLA DB . -10.16 22.10 44.30
OBD CLA DB . -10.48 21.06 44.86
CBD CLA DB . -10.74 22.54 42.91
CGD CLA DB . -10.41 21.53 41.86
O1D CLA DB . -9.42 21.51 41.12
O2D CLA DB . -11.33 20.53 41.73
CED CLA DB . -10.82 19.19 41.62
C1 CLA DB . -14.72 21.37 37.80
C2 CLA DB . -14.74 19.88 37.76
C3 CLA DB . -14.74 19.19 36.61
C4 CLA DB . -14.76 17.71 36.58
C5 CLA DB . -14.73 19.89 35.29
C6 CLA DB . -16.08 19.83 34.59
C7 CLA DB . -16.21 20.95 33.58
C8 CLA DB . -17.22 20.62 32.48
C9 CLA DB . -16.85 21.31 31.19
C10 CLA DB . -18.63 21.02 32.91
C11 CLA DB . -19.63 19.92 32.60
C12 CLA DB . -21.04 20.33 32.98
C13 CLA DB . -22.04 19.21 32.69
C14 CLA DB . -21.75 18.00 33.57
C15 CLA DB . -22.03 18.82 31.22
C16 CLA DB . -23.43 18.58 30.70
C17 CLA DB . -23.56 17.20 30.08
C18 CLA DB . -24.92 16.95 29.42
C19 CLA DB . -24.99 17.59 28.05
C20 CLA DB . -26.07 17.40 30.29
MG CLA EB . -6.94 32.47 34.49
CHA CLA EB . -7.79 35.78 35.10
CHB CLA EB . -5.55 32.26 37.60
CHC CLA EB . -6.48 29.09 34.01
CHD CLA EB . -8.57 32.68 31.35
NA CLA EB . -6.70 33.83 36.06
C1A CLA EB . -7.17 35.17 36.15
C2A CLA EB . -6.79 35.78 37.49
C3A CLA EB . -5.88 34.71 38.15
C4A CLA EB . -6.06 33.50 37.23
CMA CLA EB . -4.45 35.15 38.23
CAA CLA EB . -8.04 35.98 38.33
CBA CLA EB . -9.10 34.90 38.19
CGA CLA EB . -10.22 35.11 39.17
O1A CLA EB . -10.94 36.09 39.30
O2A CLA EB . -10.41 34.02 39.97
NB CLA EB . -6.05 31.00 35.54
C1B CLA EB . -5.65 31.09 36.83
C2B CLA EB . -5.34 29.74 37.38
C3B CLA EB . -5.59 28.84 36.37
C4B CLA EB . -6.07 29.62 35.20
CMB CLA EB . -4.89 29.52 38.75
CAB CLA EB . -5.51 27.40 36.36
CBB CLA EB . -6.25 26.60 37.14
NC CLA EB . -7.39 31.15 32.93
C1C CLA EB . -7.10 29.81 32.95
C2C CLA EB . -7.57 29.18 31.72
C3C CLA EB . -8.19 30.18 30.97
C4C CLA EB . -8.08 31.41 31.75
CMC CLA EB . -7.41 27.76 31.44
CAC CLA EB . -8.87 30.04 29.67
CBC CLA EB . -7.95 29.93 28.48
ND CLA EB . -7.98 33.85 33.42
C1D CLA EB . -8.53 33.83 32.12
C2D CLA EB . -9.02 35.19 31.78
C3D CLA EB . -8.74 35.98 32.87
C4D CLA EB . -8.11 35.11 33.88
CMD CLA EB . -9.64 35.54 30.50
CAD CLA EB . -8.82 37.31 33.46
OBD CLA EB . -9.26 38.35 32.98
CBD CLA EB . -8.20 37.22 34.89
CGD CLA EB . -6.98 38.11 35.03
O1D CLA EB . -6.91 39.23 35.53
O2D CLA EB . -5.83 37.55 34.54
CED CLA EB . -4.67 37.62 35.37
C1 CLA EB . -11.51 34.06 40.90
C2 CLA EB . -11.29 32.95 41.85
C3 CLA EB . -12.20 32.54 42.75
C4 CLA EB . -13.53 33.19 42.89
C5 CLA EB . -11.92 31.39 43.67
C6 CLA EB . -10.52 30.83 43.54
C7 CLA EB . -10.45 29.41 44.06
C8 CLA EB . -10.31 29.35 45.58
C9 CLA EB . -9.11 30.14 46.05
C10 CLA EB . -10.21 27.91 46.05
C11 CLA EB . -10.07 27.81 47.56
C12 CLA EB . -10.13 26.37 48.05
C13 CLA EB . -9.93 26.29 49.55
C14 CLA EB . -8.46 26.11 49.90
C15 CLA EB . -10.76 25.15 50.15
C16 CLA EB . -10.83 25.25 51.66
C17 CLA EB . -12.06 24.53 52.20
C18 CLA EB . -12.05 24.44 53.72
C19 CLA EB . -12.12 25.81 54.36
C20 CLA EB . -10.81 23.70 54.20
MG CLA FB . 19.91 18.94 52.08
CHA CLA FB . 23.25 18.46 52.89
CHB CLA FB . 20.27 16.88 49.37
CHC CLA FB . 16.52 19.14 51.54
CHD CLA FB . 19.56 20.99 54.93
NA CLA FB . 21.53 17.91 51.25
C1A CLA FB . 22.83 17.80 51.76
C2A CLA FB . 23.70 16.92 50.84
C3A CLA FB . 22.80 16.73 49.61
C4A CLA FB . 21.41 17.17 50.10
CMA CLA FB . 23.27 17.63 48.50
CAA CLA FB . 24.06 15.58 51.48
CBA CLA FB . 22.95 15.00 52.34
CGA CLA FB . 23.36 13.69 52.95
O1A CLA FB . 24.26 13.47 53.78
O2A CLA FB . 22.61 12.64 52.51
NB CLA FB . 18.65 18.21 50.68
C1B CLA FB . 18.97 17.28 49.73
C2B CLA FB . 17.72 16.78 49.08
C3B CLA FB . 16.67 17.42 49.68
C4B CLA FB . 17.24 18.34 50.70
CMB CLA FB . 17.71 15.79 48.01
CAB CLA FB . 15.25 17.29 49.45
CBB CLA FB . 14.48 18.21 48.85
NC CLA FB . 18.35 19.94 53.03
C1C CLA FB . 17.03 19.90 52.62
C2C CLA FB . 16.22 20.72 53.52
C3C CLA FB . 17.07 21.22 54.49
C4C CLA FB . 18.40 20.72 54.18
CMC CLA FB . 14.77 20.91 53.39
CAC CLA FB . 16.70 22.09 55.62
CBC CLA FB . 16.44 21.32 56.90
ND CLA FB . 21.09 19.65 53.55
C1D CLA FB . 20.82 20.50 54.66
C2D CLA FB . 22.08 20.71 55.42
C3D CLA FB . 23.04 19.94 54.79
C4D CLA FB . 22.37 19.30 53.65
CMD CLA FB . 22.19 21.56 56.60
CAD CLA FB . 24.43 19.53 54.78
OBD CLA FB . 25.35 19.85 55.52
CBD CLA FB . 24.60 18.54 53.58
CGD CLA FB . 25.68 19.00 52.62
O1D CLA FB . 26.85 18.62 52.57
O2D CLA FB . 25.26 19.94 51.73
CED CLA FB . 26.00 20.09 50.52
C1 CLA FB . 22.76 11.37 53.19
C2 CLA FB . 22.82 10.33 52.13
C3 CLA FB . 21.81 9.51 51.80
C4 CLA FB . 21.94 8.50 50.72
C5 CLA FB . 20.50 9.58 52.53
C6 CLA FB . 19.86 8.22 52.75
C7 CLA FB . 18.35 8.32 52.85
C8 CLA FB . 17.68 6.96 52.88
C9 CLA FB . 17.40 6.46 51.47
C10 CLA FB . 16.40 7.00 53.69
C11 CLA FB . 16.28 5.80 54.62
C12 CLA FB . 15.29 6.04 55.73
C13 CLA FB . 15.31 4.92 56.75
C14 CLA FB . 14.15 3.97 56.54
C15 CLA FB . 15.31 5.47 58.18
C16 CLA FB . 16.67 5.37 58.81
C17 CLA FB . 17.11 3.93 58.99
C18 CLA FB . 18.45 3.84 59.70
C19 CLA FB . 18.31 4.05 61.18
C20 CLA FB . 19.11 2.49 59.42
MG CLA GB . 13.99 18.94 40.34
CHA CLA GB . 15.14 20.68 43.12
CHB CLA GB . 11.89 17.15 42.32
CHC CLA GB . 12.98 17.18 37.58
CHD CLA GB . 16.23 20.80 38.31
NA CLA GB . 13.58 18.96 42.39
C1A CLA GB . 14.16 19.76 43.40
C2A CLA GB . 13.56 19.41 44.77
C3A CLA GB . 12.55 18.28 44.47
C4A CLA GB . 12.66 18.11 42.95
CMA CLA GB . 12.90 17.01 45.20
CAA CLA GB . 12.80 20.56 45.42
CBA CLA GB . 13.42 20.94 46.76
CGA CLA GB . 12.43 21.67 47.62
O1A CLA GB . 11.41 22.28 47.27
O2A CLA GB . 12.76 21.65 48.95
NB CLA GB . 12.71 17.44 40.02
C1B CLA GB . 11.89 16.87 40.95
C2B CLA GB . 10.97 15.89 40.30
C3B CLA GB . 11.28 15.90 38.95
C4B CLA GB . 12.40 16.88 38.77
CMB CLA GB . 9.98 15.15 41.09
CAB CLA GB . 10.79 15.20 37.81
CBB CLA GB . 10.16 14.03 37.79
NC CLA GB . 14.51 18.99 38.31
C1C CLA GB . 13.98 18.17 37.36
C2C CLA GB . 14.57 18.45 36.06
C3C CLA GB . 15.47 19.50 36.25
C4C CLA GB . 15.42 19.84 37.66
CMC CLA GB . 14.23 17.72 34.82
CAC CLA GB . 16.29 20.15 35.21
CBC CLA GB . 17.73 19.72 35.14
ND CLA GB . 15.33 20.45 40.56
C1D CLA GB . 16.21 21.08 39.65
C2D CLA GB . 17.05 22.05 40.40
C3D CLA GB . 16.69 21.93 41.72
C4D CLA GB . 15.61 20.91 41.78
CMD CLA GB . 18.08 22.90 39.80
CAD CLA GB . 16.91 22.39 43.08
OBD CLA GB . 17.69 23.25 43.49
CBD CLA GB . 15.96 21.59 44.01
CGD CLA GB . 16.70 20.82 45.08
O1D CLA GB . 16.74 21.06 46.29
O2D CLA GB . 17.40 19.74 44.62
CED CLA GB . 17.99 18.86 45.57
C1 CLA GB . 11.87 20.96 49.86
C2 CLA GB . 10.94 21.97 50.44
C3 CLA GB . 10.47 21.91 51.69
C4 CLA GB . 10.83 20.82 52.64
C5 CLA GB . 9.55 22.97 52.22
C6 CLA GB . 8.09 22.55 52.23
C7 CLA GB . 7.60 22.34 53.66
C8 CLA GB . 6.48 23.30 54.06
C9 CLA GB . 6.35 23.33 55.57
C10 CLA GB . 5.16 22.90 53.40
C11 CLA GB . 4.01 23.78 53.83
C12 CLA GB . 4.07 25.16 53.20
C13 CLA GB . 2.68 25.78 53.09
C14 CLA GB . 2.71 27.02 52.22
C15 CLA GB . 2.10 26.11 54.46
MG CLA HB . 4.16 22.48 45.41
CHA CLA HB . 7.59 22.97 45.37
CHB CLA HB . 4.60 19.23 44.47
CHC CLA HB . 0.76 22.01 45.63
CHD CLA HB . 3.75 25.84 46.46
NA CLA HB . 5.84 21.32 44.98
C1A CLA HB . 7.19 21.71 45.04
C2A CLA HB . 8.11 20.53 44.66
C3A CLA HB . 7.11 19.42 44.23
C4A CLA HB . 5.75 20.01 44.59
CMA CLA HB . 7.23 19.10 42.77
CAA CLA HB . 8.95 20.05 45.84
CBA CLA HB . 8.14 19.65 47.07
CGA CLA HB . 8.00 20.75 48.07
O1A CLA HB . 8.68 21.77 48.21
O2A CLA HB . 6.96 20.55 48.93
NB CLA HB . 2.92 20.93 45.08
C1B CLA HB . 3.29 19.66 44.76
C2B CLA HB . 2.08 18.77 44.73
C3B CLA HB . 1.01 19.56 45.05
C4B CLA HB . 1.52 20.94 45.28
CMB CLA HB . 2.13 17.35 44.41
CAB CLA HB . -0.38 19.22 45.20
CBB CLA HB . -0.95 18.81 46.33
NC CLA HB . 2.55 23.72 45.91
C1C CLA HB . 1.24 23.33 45.92
C2C CLA HB . 0.39 24.43 46.30
C3C CLA HB . 1.22 25.52 46.57
C4C CLA HB . 2.59 25.06 46.32
CMC CLA HB . -1.07 24.34 46.40
CAC CLA HB . 0.83 26.87 46.99
CBC CLA HB . 0.97 27.08 48.48
ND CLA HB . 5.33 24.08 45.80
C1D CLA HB . 5.04 25.40 46.24
C2D CLA HB . 6.30 26.17 46.37
C3D CLA HB . 7.31 25.29 46.04
C4D CLA HB . 6.65 24.00 45.71
CMD CLA HB . 6.39 27.57 46.77
CAD CLA HB . 8.74 25.11 45.88
OBD CLA HB . 9.66 25.92 46.02
CBD CLA HB . 8.96 23.62 45.48
CGD CLA HB . 9.76 23.46 44.21
O1D CLA HB . 10.65 22.64 43.98
O2D CLA HB . 9.42 24.34 43.21
CED CLA HB . 10.15 24.26 41.99
C1 CLA HB . 5.63 20.86 48.44
C2 CLA HB . 5.30 22.23 48.93
C3 CLA HB . 4.04 22.64 49.16
C4 CLA HB . 3.75 24.00 49.64
C5 CLA HB . 2.87 21.73 48.95
C6 CLA HB . 1.99 21.61 50.17
C7 CLA HB . 0.92 20.55 49.96
C8 CLA HB . -0.44 20.98 50.50
C9 CLA HB . -0.64 20.44 51.89
C10 CLA HB . -1.55 20.50 49.59
C11 CLA HB . -2.89 21.10 49.98
C12 CLA HB . -3.96 20.83 48.95
C13 CLA HB . -5.24 21.58 49.28
C14 CLA HB . -4.99 23.08 49.26
C15 CLA HB . -5.81 21.13 50.64
C16 CLA HB . -6.99 21.97 51.08
C17 CLA HB . -8.31 21.28 50.87
C18 CLA HB . -8.57 20.21 51.92
C19 CLA HB . -9.92 19.56 51.70
C20 CLA HB . -8.50 20.79 53.32
MG CLA IB . 1.35 12.81 46.80
CHA CLA IB . 4.66 13.79 46.30
CHB CLA IB . 2.10 9.69 45.75
CHC CLA IB . -1.89 11.88 47.46
CHD CLA IB . 0.63 16.06 48.02
NA CLA IB . 3.10 11.92 46.11
C1A CLA IB . 4.39 12.47 45.97
C2A CLA IB . 5.37 11.44 45.40
C3A CLA IB . 4.48 10.21 45.13
C4A CLA IB . 3.12 10.61 45.70
CMA CLA IB . 4.34 9.88 43.68
CAA CLA IB . 6.52 11.08 46.32
CBA CLA IB . 6.15 10.99 47.79
CGA CLA IB . 7.43 11.10 48.56
O1A CLA IB . 8.19 12.07 48.65
O2A CLA IB . 7.74 9.95 49.24
NB CLA IB . 0.26 11.16 46.45
C1B CLA IB . 0.82 9.93 46.27
C2B CLA IB . -0.09 8.85 46.73
C3B CLA IB . -1.21 9.47 47.22
C4B CLA IB . -1.01 10.93 47.04
CMB CLA IB . 0.27 7.43 46.68
CAB CLA IB . -2.40 8.94 47.82
CBB CLA IB . -3.19 7.98 47.31
NC CLA IB . -0.33 13.81 47.56
C1C CLA IB . -1.56 13.24 47.70
C2C CLA IB . -2.51 14.22 48.21
C3C CLA IB . -1.78 15.40 48.43
C4C CLA IB . -0.42 15.13 48.00
CMC CLA IB . -3.93 13.96 48.49
CAC CLA IB . -2.30 16.68 48.94
CBC CLA IB . -2.07 16.83 50.42
ND CLA IB . 2.38 14.51 47.23
C1D CLA IB . 1.94 15.79 47.67
C2D CLA IB . 3.10 16.71 47.67
C3D CLA IB . 4.16 15.99 47.18
C4D CLA IB . 3.66 14.64 46.89
CMD CLA IB . 3.06 18.10 48.12
CAD CLA IB . 5.58 16.00 46.85
OBD CLA IB . 6.41 16.89 47.02
CBD CLA IB . 5.91 14.64 46.18
CGD CLA IB . 6.31 14.81 44.75
O1D CLA IB . 6.00 15.72 43.97
O2D CLA IB . 7.15 13.84 44.28
CED CLA IB . 7.02 13.45 42.92
C1 CLA IB . 8.98 9.91 49.97
C2 CLA IB . 8.69 10.46 51.32
C3 CLA IB . 9.53 11.30 51.96
C4 CLA IB . 10.83 11.72 51.37
C5 CLA IB . 9.18 11.82 53.31
C6 CLA IB . 10.14 11.36 54.39
C7 CLA IB . 9.38 10.98 55.63
C8 CLA IB . 10.29 10.44 56.73
C9 CLA IB . 11.16 11.55 57.29
C10 CLA IB . 11.16 9.29 56.22
C11 CLA IB . 11.45 8.27 57.30
C12 CLA IB . 10.17 7.75 57.93
C13 CLA IB . 10.45 6.67 58.96
C14 CLA IB . 9.28 5.73 59.10
C15 CLA IB . 10.82 7.28 60.31
C16 CLA IB . 9.65 8.02 60.93
C17 CLA IB . 10.07 8.79 62.17
C18 CLA IB . 9.00 8.78 63.24
C19 CLA IB . 7.66 9.27 62.72
C20 CLA IB . 9.42 9.62 64.43
MG CLA JB . 6.36 -4.51 14.63
CHA CLA JB . 6.16 -6.37 17.56
CHB CLA JB . 8.98 -2.78 15.88
CHC CLA JB . 6.74 -3.01 11.56
CHD CLA JB . 3.67 -6.43 13.31
NA CLA JB . 7.35 -4.54 16.46
C1A CLA JB . 7.14 -5.40 17.55
C2A CLA JB . 8.10 -5.05 18.69
C3A CLA JB . 8.76 -3.74 18.22
C4A CLA JB . 8.36 -3.66 16.74
CMA CLA JB . 8.27 -2.55 19.00
CAA CLA JB . 9.12 -6.17 18.93
CBA CLA JB . 10.44 -6.02 18.19
CGA CLA JB . 10.71 -7.26 17.39
O1A CLA JB . 10.21 -7.60 16.32
O2A CLA JB . 11.65 -8.06 17.97
NB CLA JB . 7.53 -3.04 13.91
C1B CLA JB . 8.68 -2.64 14.52
C2B CLA JB . 9.59 -1.99 13.54
C3B CLA JB . 8.96 -2.05 12.31
C4B CLA JB . 7.65 -2.72 12.53
CMB CLA JB . 10.90 -1.45 13.89
CAB CLA JB . 9.41 -1.61 11.02
CBB CLA JB . 8.95 -0.55 10.37
NC CLA JB . 5.34 -4.64 12.80
C1C CLA JB . 5.64 -3.91 11.68
C2C CLA JB . 4.74 -4.23 10.59
C3C CLA JB . 3.89 -5.24 11.07
C4C CLA JB . 4.27 -5.48 12.46
CMC CLA JB . 4.80 -3.64 9.25
CAC CLA JB . 2.80 -5.90 10.33
CBC CLA JB . 1.42 -5.40 10.69
ND CLA JB . 5.18 -6.05 15.22
C1D CLA JB . 4.09 -6.71 14.59
C2D CLA JB . 3.54 -7.72 15.52
C3D CLA JB . 4.32 -7.67 16.66
C4D CLA JB . 5.32 -6.60 16.43
CMD CLA JB . 2.41 -8.60 15.21
CAD CLA JB . 4.55 -8.20 17.99
OBD CLA JB . 4.01 -9.14 18.55
CBD CLA JB . 5.70 -7.35 18.62
CGD CLA JB . 5.21 -6.64 19.85
O1D CLA JB . 4.70 -5.52 19.91
O2D CLA JB . 5.36 -7.34 21.01
CED CLA JB . 4.46 -7.07 22.08
C1 CLA JB . 12.95 -8.12 17.36
C2 CLA JB . 12.94 -9.24 16.38
C3 CLA JB . 14.06 -9.78 15.86
C4 CLA JB . 15.42 -9.31 16.22
C5 CLA JB . 13.98 -10.89 14.87
C6 CLA JB . 14.47 -10.49 13.50
C7 CLA JB . 14.93 -11.70 12.71
C8 CLA JB . 15.14 -11.38 11.24
C9 CLA JB . 14.44 -12.40 10.37
C10 CLA JB . 16.63 -11.33 10.90
C11 CLA JB . 16.89 -11.02 9.44
C12 CLA JB . 16.62 -9.57 9.11
C13 CLA JB . 17.17 -9.22 7.74
C14 CLA JB . 18.69 -9.14 7.77
C15 CLA JB . 16.58 -7.92 7.20
C16 CLA JB . 16.01 -8.10 5.81
C17 CLA JB . 17.02 -7.76 4.74
C18 CLA JB . 16.49 -7.95 3.33
C19 CLA JB . 15.41 -6.93 3.01
C20 CLA JB . 15.97 -9.36 3.13
MG CLA KB . 26.25 18.39 59.61
CHA CLA KB . 29.31 16.76 59.64
CHB CLA KB . 25.28 16.54 56.92
CHC CLA KB . 23.16 19.89 59.76
CHD CLA KB . 27.28 20.28 62.42
NA CLA KB . 27.18 16.92 58.45
C1A CLA KB . 28.46 16.36 58.62
C2A CLA KB . 28.74 15.31 57.53
C3A CLA KB . 27.49 15.40 56.61
C4A CLA KB . 26.57 16.35 57.37
CMA CLA KB . 27.81 15.86 55.22
CAA CLA KB . 28.90 13.89 58.07
CBA CLA KB . 27.83 13.53 59.06
CGA CLA KB . 27.95 12.08 59.43
O1A CLA KB . 28.09 11.11 58.70
O2A CLA KB . 27.88 11.88 60.78
NB CLA KB . 24.58 18.33 58.47
C1B CLA KB . 24.34 17.38 57.53
C2B CLA KB . 22.87 17.32 57.23
C3B CLA KB . 22.26 18.25 58.03
C4B CLA KB . 23.34 18.92 58.83
CMB CLA KB . 22.29 16.39 56.26
CAB CLA KB . 20.88 18.60 58.15
CBB CLA KB . 20.10 18.34 59.20
NC CLA KB . 25.40 19.86 60.83
C1C CLA KB . 24.12 20.34 60.71
C2C CLA KB . 23.88 21.37 61.70
C3C CLA KB . 25.03 21.45 62.49
C4C CLA KB . 25.98 20.50 61.93
CMC CLA KB . 22.62 22.11 61.84
CAC CLA KB . 25.27 22.36 63.63
CBC CLA KB . 25.01 21.69 64.95
ND CLA KB . 27.86 18.50 60.82
C1D CLA KB . 28.16 19.35 61.92
C2D CLA KB . 29.52 19.04 62.40
C3D CLA KB . 30.00 18.03 61.58
C4D CLA KB . 28.93 17.75 60.59
CMD CLA KB . 30.17 19.69 63.54
CAD CLA KB . 31.11 17.16 61.29
OBD CLA KB . 32.17 17.01 61.88
CBD CLA KB . 30.72 16.35 60.01
CGD CLA KB . 31.69 16.62 58.90
O1D CLA KB . 32.32 17.65 58.68
O2D CLA KB . 31.88 15.55 58.08
CED CLA KB . 32.45 15.82 56.79
C1 CLA KB . 26.85 10.99 61.25
C2 CLA KB . 26.86 11.08 62.74
C3 CLA KB . 25.73 11.17 63.47
C4 CLA KB . 24.38 11.15 62.86
C5 CLA KB . 25.79 11.27 64.96
C6 CLA KB . 27.07 10.73 65.55
C7 CLA KB . 26.97 10.66 67.07
C8 CLA KB . 27.36 9.30 67.63
C9 CLA KB . 26.63 8.18 66.93
C10 CLA KB . 27.09 9.25 69.13
C11 CLA KB . 27.43 7.90 69.73
C12 CLA KB . 26.40 7.46 70.75
C13 CLA KB . 26.55 5.98 71.08
C14 CLA KB . 27.89 5.70 71.72
C15 CLA KB . 26.36 5.11 69.83
C16 CLA KB . 25.94 3.70 70.23
C17 CLA KB . 26.17 2.72 69.10
C18 CLA KB . 25.66 1.33 69.45
C19 CLA KB . 26.27 0.81 70.73
C20 CLA KB . 25.94 0.36 68.31
MG CLA LB . -10.60 13.39 52.75
CHA CLA LB . -11.80 10.77 54.72
CHB CLA LB . -13.62 13.61 51.21
CHC CLA LB . -9.40 16.05 50.94
CHD CLA LB . -7.45 13.07 54.35
NA CLA LB . -12.41 12.34 52.95
C1A CLA LB . -12.71 11.29 53.84
C2A CLA LB . -14.17 10.83 53.64
C3A CLA LB . -14.66 11.67 52.44
C4A CLA LB . -13.50 12.62 52.18
CMA CLA LB . -14.97 10.81 51.24
CAA CLA LB . -15.06 11.14 54.84
CBA CLA LB . -14.79 12.51 55.41
CGA CLA LB . -15.68 12.79 56.59
O1A CLA LB . -16.42 12.01 57.20
O2A CLA LB . -15.62 14.09 57.00
NB CLA LB . -11.36 14.59 51.34
C1B CLA LB . -12.63 14.53 50.86
C2B CLA LB . -12.84 15.61 49.86
C3B CLA LB . -11.65 16.32 49.76
C4B CLA LB . -10.69 15.66 50.71
CMB CLA LB . -14.11 15.78 49.17
CAB CLA LB . -11.30 17.46 48.96
CBB CLA LB . -11.99 18.59 48.84
NC CLA LB . -8.76 14.37 52.67
C1C CLA LB . -8.49 15.45 51.86
C2C CLA LB . -7.12 15.89 52.07
C3C CLA LB . -6.56 15.04 53.02
C4C CLA LB . -7.60 14.09 53.39
CMC CLA LB . -6.47 17.02 51.39
CAC CLA LB . -5.19 15.08 53.57
CBC CLA LB . -4.23 14.23 52.77
ND CLA LB . -9.76 12.24 54.19
C1D CLA LB . -8.45 12.19 54.74
C2D CLA LB . -8.37 11.11 55.74
C3D CLA LB . -9.64 10.54 55.78
C4D CLA LB . -10.45 11.27 54.79
CMD CLA LB . -7.18 10.77 56.50
CAD CLA LB . -10.47 9.51 56.38
OBD CLA LB . -10.19 8.68 57.24
CBD CLA LB . -11.88 9.63 55.71
CGD CLA LB . -12.29 8.34 55.04
O1D CLA LB . -11.80 7.83 54.03
O2D CLA LB . -13.33 7.71 55.66
CED CLA LB . -13.64 6.38 55.27
C1 CLA LB . -14.51 14.46 57.84
C2 CLA LB . -14.59 15.92 58.06
C3 CLA LB . -13.72 16.60 58.84
C4 CLA LB . -12.61 15.93 59.56
C5 CLA LB . -13.85 18.07 59.02
C6 CLA LB . -12.59 18.81 58.61
C7 CLA LB . -12.86 20.30 58.49
C8 CLA LB . -11.60 21.07 58.09
C9 CLA LB . -10.54 20.96 59.17
C10 CLA LB . -11.93 22.53 57.82
C11 CLA LB . -12.53 23.21 59.03
C12 CLA LB . -12.98 24.62 58.73
C13 CLA LB . -13.72 25.23 59.90
C14 CLA LB . -14.30 26.58 59.56
C15 CLA LB . -12.82 25.34 61.14
MG CLA MB . 1.01 -17.12 7.46
CHA CLA MB . 3.19 -19.46 6.07
CHB CLA MB . 2.82 -17.16 10.34
CHC CLA MB . -0.92 -14.51 8.66
CHD CLA MB . -0.83 -17.11 4.47
NA CLA MB . 2.70 -18.18 8.09
C1A CLA MB . 3.49 -19.09 7.37
C2A CLA MB . 4.63 -19.61 8.23
C3A CLA MB . 4.31 -19.06 9.64
C4A CLA MB . 3.21 -18.05 9.35
CMA CLA MB . 3.81 -20.16 10.53
CAA CLA MB . 5.96 -19.06 7.77
CBA CLA MB . 6.95 -20.17 7.47
CGA CLA MB . 8.32 -19.60 7.29
O1A CLA MB . 8.64 -18.45 6.96
O2A CLA MB . 9.31 -20.51 7.54
NB CLA MB . 1.00 -16.00 9.14
C1B CLA MB . 1.80 -16.21 10.22
C2B CLA MB . 1.41 -15.29 11.32
C3B CLA MB . 0.36 -14.53 10.86
C4B CLA MB . 0.07 -14.99 9.47
CMB CLA MB . 2.10 -15.30 12.61
CAB CLA MB . -0.39 -13.51 11.54
CBB CLA MB . -1.64 -13.64 11.97
NC CLA MB . -0.62 -16.05 6.71
C1C CLA MB . -1.25 -15.03 7.38
C2C CLA MB . -2.31 -14.48 6.53
C3C CLA MB . -2.31 -15.23 5.35
C4C CLA MB . -1.23 -16.20 5.47
CMC CLA MB . -3.20 -13.37 6.90
CAC CLA MB . -3.20 -15.03 4.20
CBC CLA MB . -4.44 -15.89 4.24
ND CLA MB . 0.98 -18.17 5.74
C1D CLA MB . 0.20 -18.02 4.56
C2D CLA MB . 0.71 -18.96 3.53
C3D CLA MB . 1.85 -19.52 4.06
C4D CLA MB . 2.00 -18.98 5.42
CMD CLA MB . 0.11 -19.17 2.22
CAD CLA MB . 2.92 -20.46 3.83
OBD CLA MB . 3.08 -21.21 2.86
CBD CLA MB . 3.88 -20.36 5.06
CGD CLA MB . 4.33 -21.72 5.58
O1D CLA MB . 4.27 -22.17 6.73
O2D CLA MB . 4.87 -22.53 4.63
CED CLA MB . 6.29 -22.67 4.61
C1 CLA MB . 10.63 -20.19 7.05
C2 CLA MB . 10.68 -20.60 5.62
C3 CLA MB . 11.43 -19.95 4.71
C4 CLA MB . 12.25 -18.77 5.05
C5 CLA MB . 11.46 -20.40 3.29
C6 CLA MB . 12.28 -21.66 3.08
C7 CLA MB . 13.70 -21.32 2.68
C8 CLA MB . 14.55 -22.56 2.43
C9 CLA MB . 13.92 -23.43 1.36
C10 CLA MB . 14.73 -23.36 3.71
C11 CLA MB . 16.17 -23.83 3.86
C12 CLA MB . 17.13 -22.65 3.96
C13 CLA MB . 18.51 -23.02 3.43
C14 CLA MB . 19.14 -24.12 4.26
C15 CLA MB . 19.42 -21.80 3.40
C16 CLA MB . 20.76 -22.11 2.75
C17 CLA MB . 21.65 -20.88 2.68
C18 CLA MB . 23.03 -21.12 3.26
C19 CLA MB . 23.81 -22.12 2.42
C20 CLA MB . 22.95 -21.59 4.70
MG CLA NB . 10.15 -17.56 17.40
CHA CLA NB . 7.88 -17.16 14.80
CHB CLA NB . 10.98 -14.27 17.19
CHC CLA NB . 12.66 -18.09 19.70
CHD CLA NB . 9.37 -21.00 17.50
NA CLA NB . 9.45 -15.97 16.23
C1A CLA NB . 8.51 -16.00 15.18
C2A CLA NB . 8.33 -14.58 14.59
C3A CLA NB . 9.25 -13.70 15.45
C4A CLA NB . 9.96 -14.70 16.37
CMA CLA NB . 10.26 -12.92 14.62
CAA CLA NB . 6.94 -13.98 14.71
CBA CLA NB . 6.08 -13.94 13.45
CGA CLA NB . 6.67 -13.34 12.21
O1A CLA NB . 6.26 -13.48 11.06
O2A CLA NB . 7.77 -12.53 12.38
NB CLA NB . 11.52 -16.39 18.31
C1B CLA NB . 11.73 -15.08 18.06
C2B CLA NB . 12.90 -14.58 18.85
C3B CLA NB . 13.38 -15.65 19.56
C4B CLA NB . 12.51 -16.82 19.23
CMB CLA NB . 13.35 -13.18 18.76
CAB CLA NB . 14.49 -15.80 20.48
CBB CLA NB . 14.99 -14.90 21.33
NC CLA NB . 10.83 -19.23 18.45
C1C CLA NB . 11.88 -19.22 19.35
C2C CLA NB . 12.10 -20.57 19.86
C3C CLA NB . 11.16 -21.39 19.25
C4C CLA NB . 10.38 -20.55 18.36
CMC CLA NB . 13.14 -20.93 20.83
CAC CLA NB . 11.00 -22.84 19.43
CBC CLA NB . 11.89 -23.65 18.51
ND CLA NB . 8.85 -18.82 16.51
C1D CLA NB . 8.65 -20.22 16.62
C2D CLA NB . 7.62 -20.65 15.66
C3D CLA NB . 7.32 -19.52 14.91
C4D CLA NB . 8.11 -18.40 15.47
CMD CLA NB . 7.11 -22.01 15.52
CAD CLA NB . 6.50 -18.97 13.85
OBD CLA NB . 5.63 -19.51 13.19
CBD CLA NB . 6.92 -17.48 13.68
CGD CLA NB . 7.58 -17.24 12.36
O1D CLA NB . 8.79 -17.36 12.10
O2D CLA NB . 6.74 -16.85 11.36
CED CLA NB . 7.32 -16.48 10.11
C1 CLA NB . 8.23 -11.86 11.19
C2 CLA NB . 9.60 -11.32 11.43
C3 CLA NB . 10.24 -10.52 10.56
C4 CLA NB . 11.59 -9.99 10.83
C5 CLA NB . 9.60 -10.11 9.27
C6 CLA NB . 10.52 -10.02 8.09
C7 CLA NB . 10.07 -8.91 7.16
C8 CLA NB . 9.78 -9.30 5.71
C9 CLA NB . 9.43 -10.77 5.53
C10 CLA NB . 10.95 -8.93 4.80
C11 CLA NB . 10.50 -8.02 3.68
C12 CLA NB . 11.66 -7.20 3.12
C13 CLA NB . 11.17 -6.18 2.12
C14 CLA NB . 11.97 -6.26 0.83
C15 CLA NB . 11.22 -4.77 2.69
C16 CLA NB . 10.72 -3.72 1.72
C17 CLA NB . 9.23 -3.81 1.51
C18 CLA NB . 8.65 -2.55 0.87
C19 CLA NB . 9.28 -2.29 -0.49
C20 CLA NB . 8.83 -1.37 1.79
C1 PQN OB . -4.65 -4.23 13.83
O1 PQN OB . -4.56 -2.83 13.70
C2 PQN OB . -4.13 -5.05 12.82
C2M PQN OB . -3.48 -4.44 11.59
C3 PQN OB . -4.22 -6.44 12.94
C4 PQN OB . -4.81 -7.00 14.06
O4 PQN OB . -4.89 -8.40 14.18
C5 PQN OB . -5.34 -6.16 15.10
C6 PQN OB . -5.95 -6.74 16.25
C7 PQN OB . -6.46 -5.93 17.27
C8 PQN OB . -6.38 -4.53 17.15
C9 PQN OB . -5.78 -3.96 16.02
C10 PQN OB . -5.26 -4.81 14.99
C11 PQN OB . -3.64 -7.36 11.80
C12 PQN OB . -2.23 -7.94 12.13
C13 PQN OB . -2.01 -9.33 11.51
C14 PQN OB . -3.15 -10.26 11.88
C15 PQN OB . -0.69 -9.93 12.05
C16 PQN OB . 0.57 -9.48 11.21
C17 PQN OB . 1.82 -10.38 11.55
C18 PQN OB . 2.72 -10.60 10.32
C19 PQN OB . 2.22 -11.77 9.52
C20 PQN OB . 4.16 -10.88 10.79
C21 PQN OB . 5.14 -9.71 10.46
C22 PQN OB . 4.91 -9.12 9.03
C23 PQN OB . 6.21 -9.10 8.19
C24 PQN OB . 6.57 -7.66 7.85
C25 PQN OB . 6.03 -9.90 6.90
C26 PQN OB . 5.36 -11.30 7.12
C27 PQN OB . 6.34 -12.49 6.95
C28 PQN OB . 5.59 -13.83 6.70
C29 PQN OB . 6.50 -14.88 6.06
C30 PQN OB . 4.98 -14.36 8.00
O1 LHG PB . -2.31 -18.79 25.82
C1 LHG PB . -3.20 -17.71 26.16
C2 LHG PB . -2.48 -16.40 25.91
O2 LHG PB . -1.83 -15.95 27.09
C3 LHG PB . -3.40 -15.28 25.50
O3 LHG PB . -2.46 -14.22 25.45
P LHG PB . -2.94 -12.68 25.48
O4 LHG PB . -3.74 -12.44 24.24
O5 LHG PB . -3.19 -12.40 26.91
O6 LHG PB . -1.45 -12.05 25.07
C4 LHG PB . -1.39 -10.92 24.25
C5 LHG PB . 0.02 -10.35 24.48
C6 LHG PB . 0.42 -10.41 25.94
O7 LHG PB . 0.89 -11.16 23.74
C7 LHG PB . 1.57 -10.49 22.77
O9 LHG PB . 1.61 -9.28 22.70
C8 LHG PB . 2.15 -11.45 21.79
C9 LHG PB . 3.43 -10.89 21.26
C10 LHG PB . 4.54 -11.11 22.26
O8 LHG PB . 1.80 -9.99 25.93
C23 LHG PB . 2.54 -10.24 27.04
O10 LHG PB . 2.01 -10.70 28.03
C24 LHG PB . 4.06 -10.29 26.94
C11 LHG PB . 5.54 -11.90 21.45
C12 LHG PB . 6.61 -10.99 20.94
C13 LHG PB . 7.30 -11.67 19.79
C14 LHG PB . 8.40 -10.83 19.22
C15 LHG PB . 8.45 -11.13 17.74
C16 LHG PB . 7.66 -10.08 17.01
C17 LHG PB . 7.65 -10.34 15.51
C18 LHG PB . 7.51 -8.96 14.93
C19 LHG PB . 7.41 -8.93 13.42
C20 LHG PB . 7.86 -7.51 13.11
C21 LHG PB . 7.66 -7.21 11.65
C25 LHG PB . 4.82 -9.46 27.94
C26 LHG PB . 5.23 -8.07 27.48
C27 LHG PB . 4.27 -7.16 28.20
C28 LHG PB . 4.57 -5.69 28.16
C29 LHG PB . 4.48 -5.29 26.70
C30 LHG PB . 3.94 -3.91 26.42
C31 LHG PB . 4.79 -3.04 25.53
C32 LHG PB . 5.97 -2.37 26.23
C33 LHG PB . 7.22 -2.76 25.47
C34 LHG PB . 8.09 -1.62 24.99
C35 LHG PB . 8.84 -2.00 23.73
C36 LHG PB . 9.36 -0.73 23.08
C37 LHG PB . 10.41 -0.16 23.98
C38 LHG PB . 11.15 1.04 23.41
O1 LHG QB . 4.55 -0.26 62.83
C1 LHG QB . 3.98 0.37 61.69
C2 LHG QB . 2.48 0.41 61.85
O2 LHG QB . 1.88 1.13 60.79
C3 LHG QB . 2.03 1.06 63.15
O3 LHG QB . 1.24 2.13 62.67
P LHG QB . 0.30 3.00 63.65
O4 LHG QB . -0.89 2.16 63.97
O5 LHG QB . 1.25 3.76 64.49
O6 LHG QB . -0.28 4.00 62.44
C4 LHG QB . 0.60 4.60 61.55
C5 LHG QB . -0.17 5.84 61.06
C6 LHG QB . 0.77 7.03 60.84
O7 LHG QB . -0.73 5.50 59.82
C7 LHG QB . -2.08 5.69 59.77
O9 LHG QB . -2.71 6.28 60.64
C8 LHG QB . -2.66 5.06 58.56
C9 LHG QB . -2.32 5.89 57.35
C10 LHG QB . -3.13 7.17 57.36
O8 LHG QB . 0.64 7.33 59.45
C23 LHG QB . 0.85 8.62 59.05
O10 LHG QB . 1.15 9.47 59.87
C24 LHG QB . 0.53 9.04 57.62
C11 LHG QB . -2.65 7.84 56.10
C12 LHG QB . -3.60 8.95 55.75
C13 LHG QB . -3.25 9.43 54.37
C25 LHG QB . 1.45 10.08 57.02
C10 WVN RB . 34.61 -5.69 33.39
C11 WVN RB . 41.51 -9.77 55.37
C12 WVN RB . 34.37 -6.76 32.32
C13 WVN RB . 36.36 -7.26 34.49
C14 WVN RB . 34.41 -8.18 32.91
C01 WVN RB . 41.46 -9.35 57.93
C02 WVN RB . 42.14 -8.99 56.58
C03 WVN RB . 40.35 -8.37 58.34
C04 WVN RB . 40.89 -6.95 58.38
C05 WVN RB . 42.23 -7.48 56.21
C06 WVN RB . 36.04 -5.84 33.94
C07 WVN RB . 40.85 -10.79 57.88
C08 WVN RB . 42.54 -9.35 59.05
C09 WVN RB . 41.30 -6.49 56.98
C15 WVN RB . 35.40 -8.43 34.08
C16 WVN RB . 43.68 -7.00 56.39
C17 WVN RB . 36.25 -4.71 34.98
C18 WVN RB . 37.03 -5.56 32.77
C19 WVN RB . 40.49 -9.11 54.70
C20 WVN RB . 36.57 -7.24 36.04
C21 WVN RB . 34.54 -8.93 35.27
C22 WVN RB . 39.38 -9.01 53.60
C23 WVN RB . 37.79 -7.73 36.42
C24 WVN RB . 38.48 -7.84 53.92
C25 WVN RB . 38.86 -8.09 37.47
C26 WVN RB . 40.04 -8.84 52.21
C27 WVN RB . 39.79 -6.90 37.65
C28 WVN RB . 38.20 -8.52 38.80
C29 WVN RB . 39.16 -8.02 51.20
C30 WVN RB . 38.44 -7.57 40.01
C31 WVN RB . 39.02 -8.61 49.97
C32 WVN RB . 38.45 -8.65 48.51
C33 WVN RB . 39.21 -8.12 40.99
C34 WVN RB . 39.94 -8.06 42.35
C35 WVN RB . 37.45 -7.51 48.37
C36 WVN RB . 39.55 -8.48 47.46
C37 WVN RB . 38.98 -8.45 43.49
C38 WVN RB . 41.13 -9.01 42.32
C39 WVN RB . 38.94 -8.67 46.01
C40 WVN RB . 39.61 -8.25 44.91
C10 WVN SB . 23.79 -1.90 33.62
C11 WVN SB . 38.37 -14.03 48.18
C12 WVN SB . 22.85 -2.54 34.65
C13 WVN SB . 25.49 -1.56 35.56
C14 WVN SB . 22.98 -1.92 36.06
C01 WVN SB . 40.48 -15.20 47.35
C02 WVN SB . 39.89 -13.86 47.85
C03 WVN SB . 40.47 -16.29 48.45
C04 WVN SB . 41.09 -15.82 49.77
C05 WVN SB . 40.65 -13.42 49.12
C06 WVN SB . 25.26 -2.02 34.09
C07 WVN SB . 39.66 -15.72 46.12
C08 WVN SB . 41.94 -14.97 46.88
C09 WVN SB . 40.53 -14.47 50.24
C15 WVN SB . 24.22 -1.02 36.26
C16 WVN SB . 40.11 -12.07 49.63
C17 WVN SB . 26.12 -1.14 33.16
C18 WVN SB . 25.66 -3.52 33.85
C19 WVN SB . 37.53 -13.21 47.45
C20 WVN SB . 26.13 -2.66 36.45
C21 WVN SB . 24.44 -0.82 37.78
C22 WVN SB . 36.11 -12.68 47.06
C23 WVN SB . 27.46 -2.49 36.74
C24 WVN SB . 35.09 -13.16 48.07
C25 WVN SB . 28.79 -2.94 37.42
C26 WVN SB . 36.10 -11.14 47.03
C27 WVN SB . 29.87 -1.89 37.20
C28 WVN SB . 28.57 -3.13 38.93
C29 WVN SB . 35.54 -10.55 45.70
C30 WVN SB . 29.16 -4.49 39.44
C31 WVN SB . 34.31 -9.96 45.84
C32 WVN SB . 33.06 -9.20 45.28
C33 WVN SB . 30.35 -4.35 40.06
C34 WVN SB . 31.58 -4.89 40.81
C35 WVN SB . 32.00 -10.22 44.88
C36 WVN SB . 33.46 -8.37 44.07
C37 WVN SB . 31.17 -6.03 41.76
C38 WVN SB . 32.24 -3.77 41.60
C39 WVN SB . 32.22 -7.73 43.33
C40 WVN SB . 32.39 -6.67 42.50
C10 WVN TB . 9.65 14.91 61.25
C11 WVN TB . 5.07 -4.34 48.40
C12 WVN TB . 10.18 15.48 59.93
C13 WVN TB . 7.88 13.82 59.70
C14 WVN TB . 9.03 16.04 59.05
C01 WVN TB . 3.16 -6.00 48.68
C02 WVN TB . 3.57 -4.64 48.07
C03 WVN TB . 3.72 -7.21 47.90
C04 WVN TB . 3.48 -7.10 46.39
C05 WVN TB . 3.35 -4.62 46.55
C06 WVN TB . 8.57 13.83 61.09
C07 WVN TB . 3.68 -6.16 50.14
C08 WVN TB . 1.61 -6.10 48.69
C09 WVN TB . 4.04 -5.79 45.84
C15 WVN TB . 7.72 15.22 59.10
C16 WVN TB . 3.90 -3.35 45.89
C17 WVN TB . 9.24 12.45 61.35
C18 WVN TB . 7.51 14.07 62.21
C19 WVN TB . 5.27 -3.15 49.09
C20 WVN TB . 6.49 13.14 59.77
C21 WVN TB . 7.18 15.11 57.66
C22 WVN TB . 6.23 -2.12 49.78
C23 WVN TB . 6.40 11.91 59.19
C24 WVN TB . 7.36 -2.89 50.39
C25 WVN TB . 5.63 10.64 58.78
C26 WVN TB . 5.49 -1.28 50.83
C27 WVN TB . 4.32 10.57 59.55
C28 WVN TB . 6.47 9.39 59.08
C29 WVN TB . 6.48 -0.71 51.91
C30 WVN TB . 6.61 8.45 57.84
C31 WVN TB . 6.23 0.58 52.31
C32 WVN TB . 6.64 1.81 53.19
C33 WVN TB . 5.56 7.62 57.69
C34 WVN TB . 4.80 6.49 56.96
C35 WVN TB . 7.76 1.37 54.10
C36 WVN TB . 5.46 2.30 54.04
C37 WVN TB . 5.75 5.33 56.64
C38 WVN TB . 4.20 7.05 55.68
C39 WVN TB . 5.95 3.31 55.15
C40 WVN TB . 5.20 4.37 55.53
C10 WVN UB . 18.35 14.74 55.57
C11 WVN UB . 4.83 2.55 43.76
C12 WVN UB . 17.48 15.96 55.93
C13 WVN UB . 17.37 14.74 53.16
C14 WVN UB . 16.18 16.00 55.11
C01 WVN UB . 2.59 2.07 42.67
C02 WVN UB . 4.01 1.49 42.94
C03 WVN UB . 1.46 1.06 42.34
C04 WVN UB . 1.85 -0.42 42.47
C05 WVN UB . 4.08 0.09 43.60
C06 WVN UB . 18.64 14.63 54.06
C07 WVN UB . 2.71 3.02 41.43
C08 WVN UB . 2.08 2.94 43.85
C09 WVN UB . 2.73 -0.65 43.69
C15 WVN UB . 16.45 15.92 53.59
C16 WVN UB . 4.68 0.13 45.02
C17 WVN UB . 19.45 13.33 53.76
C18 WVN UB . 19.57 15.82 53.69
C19 WVN UB . 6.09 2.86 43.27
C20 WVN UB . 16.62 13.37 52.92
C21 WVN UB . 15.11 15.93 52.81
C22 WVN UB . 7.41 3.69 43.43
C23 WVN UB . 15.99 12.71 53.94
C24 WVN UB . 8.56 3.12 42.63
C25 WVN UB . 15.17 11.54 54.52
C26 WVN UB . 7.80 3.72 44.91
C27 WVN UB . 14.68 11.92 55.90
C28 WVN UB . 13.97 11.26 53.62
C29 WVN UB . 9.02 4.67 45.12
C30 WVN UB . 14.35 10.33 52.42
C31 WVN UB . 9.57 4.52 46.36
C32 WVN UB . 10.63 4.91 47.43
C33 WVN UB . 13.63 9.20 52.44
C34 WVN UB . 13.23 7.83 51.86
C35 WVN UB . 11.87 5.38 46.71
C36 WVN UB . 10.02 6.02 48.30
C37 WVN UB . 12.67 8.06 50.44
C38 WVN UB . 12.16 7.20 52.76
C39 WVN UB . 11.05 7.10 48.78
C40 WVN UB . 11.65 6.97 49.99
C2 LHG VB . 11.63 2.01 10.42
C3 LHG VB . 10.49 2.72 9.73
O3 LHG VB . 10.84 2.47 8.39
P LHG VB . 9.72 2.35 7.24
O4 LHG VB . 9.01 1.05 7.46
O5 LHG VB . 9.25 3.74 7.04
O6 LHG VB . 10.79 1.97 6.02
C4 LHG VB . 10.32 1.53 4.79
C5 LHG VB . 10.75 0.06 4.74
O7 LHG VB . 12.12 0.03 5.08
C7 LHG VB . 12.45 -0.98 5.93
O9 LHG VB . 12.80 -0.78 7.07
C8 LHG VB . 12.38 -2.29 5.24
C9 LHG VB . 13.68 -2.53 4.51
C10 LHG VB . 14.25 -3.87 4.92
C11 LHG VB . 15.60 -3.47 5.48
C12 LHG VB . 15.49 -3.32 6.96
C13 LHG VB . 16.70 -2.55 7.44
C14 LHG VB . 16.79 -1.18 6.82
C15 LHG VB . 18.27 -0.85 6.79
C16 LHG VB . 18.67 -0.30 8.12
C17 LHG VB . 20.08 -0.75 8.48
C18 LHG VB . 20.42 0.06 9.70
C19 LHG VB . 19.62 -0.31 10.93
C20 LHG VB . 19.81 0.90 11.80
C21 LHG VB . 18.84 0.86 12.95
C22 LHG VB . 19.05 2.12 13.78
C1B LMU WB . 18.43 -38.64 24.87
C2B LMU WB . 17.01 -38.97 24.59
C3B LMU WB . 16.07 -38.16 25.38
C4B LMU WB . 16.35 -38.19 26.82
C5B LMU WB . 17.81 -37.72 27.16
C6B LMU WB . 18.46 -38.68 27.98
O1B LMU WB . 19.14 -38.37 23.65
O2B LMU WB . 16.74 -38.77 23.16
O3B LMU WB . 14.70 -38.68 25.16
O4' LMU WB . 15.42 -37.32 27.49
O5B LMU WB . 18.57 -37.54 25.83
O6B LMU WB . 19.82 -38.43 27.96
C1' LMU WB . 21.66 -35.01 23.20
C2' LMU WB . 22.26 -36.31 23.57
C3' LMU WB . 21.30 -37.35 24.00
C4' LMU WB . 19.87 -37.13 23.66
C5' LMU WB . 19.73 -36.44 22.26
C6' LMU WB . 18.36 -36.18 21.96
O1' LMU WB . 22.65 -34.17 22.64
O2' LMU WB . 23.03 -36.82 22.43
O3' LMU WB . 21.44 -37.48 25.47
O5' LMU WB . 20.53 -35.13 22.25
O6' LMU WB . 18.30 -35.04 21.14
C1 LMU WB . 22.76 -32.91 23.30
C2 LMU WB . 24.21 -32.79 23.96
C3 LMU WB . 24.45 -31.41 24.61
C4 LMU WB . 24.73 -30.31 23.56
C5 LMU WB . 26.01 -29.45 23.92
C6 LMU WB . 26.49 -28.58 22.72
C7 LMU WB . 27.35 -27.33 23.20
C8 LMU WB . 28.78 -27.35 22.63
C9 LMU WB . 28.87 -26.67 21.23
C10 LMU WB . 30.04 -25.65 21.14
C11 LMU WB . 30.09 -24.69 22.37
C12 LMU WB . 31.54 -24.24 22.70
MG CLA XB . -0.35 15.57 25.72
CHA CLA XB . 0.07 17.45 22.85
CHB CLA XB . -0.60 18.42 27.52
CHC CLA XB . -1.06 13.68 28.46
CHD CLA XB . 0.11 12.62 23.81
NA CLA XB . -0.22 17.60 25.25
C1A CLA XB . -0.02 18.19 24.00
C2A CLA XB . 0.05 19.71 24.12
C3A CLA XB . 0.19 19.93 25.64
C4A CLA XB . -0.25 18.57 26.20
CMA CLA XB . 1.58 20.30 26.05
CAA CLA XB . -1.19 20.41 23.60
CBA CLA XB . -0.87 21.77 23.02
CGA CLA XB . -1.43 22.84 23.91
O1A CLA XB . -1.76 22.75 25.09
O2A CLA XB . -1.59 24.04 23.26
NB CLA XB . -0.54 15.97 27.68
C1B CLA XB . -1.00 17.19 28.07
C2B CLA XB . -2.02 17.09 29.13
C3B CLA XB . -2.16 15.75 29.41
C4B CLA XB . -1.21 15.03 28.52
CMB CLA XB . -2.66 18.29 29.69
CAB CLA XB . -2.99 15.01 30.34
CBB CLA XB . -3.67 15.44 31.40
NC CLA XB . -0.39 13.51 26.09
C1C CLA XB . -0.63 12.95 27.31
C2C CLA XB . -0.51 11.51 27.24
C3C CLA XB . -0.24 11.20 25.90
C4C CLA XB . -0.13 12.48 25.19
CMC CLA XB . -0.71 10.60 28.37
CAC CLA XB . -0.01 9.86 25.32
CBC CLA XB . 1.39 9.33 25.58
ND CLA XB . -0.14 15.07 23.78
C1D CLA XB . 0.10 13.83 23.13
C2D CLA XB . 0.24 14.07 21.68
C3D CLA XB . 0.14 15.44 21.50
C4D CLA XB . -0.01 16.02 22.85
CMD CLA XB . 0.38 13.01 20.68
CAD CLA XB . 0.09 16.56 20.58
OBD CLA XB . -0.14 16.59 19.37
CBD CLA XB . 0.28 17.86 21.41
CGD CLA XB . 1.64 18.46 21.20
O1D CLA XB . 2.70 18.16 21.77
O2D CLA XB . 1.66 19.47 20.28
CED CLA XB . 2.84 20.26 20.18
C1 CLA XB . -2.08 25.14 24.03
C2 CLA XB . -3.55 25.14 23.89
C3 CLA XB . -4.28 26.27 23.74
C4 CLA XB . -3.66 27.62 23.69
C5 CLA XB . -5.75 26.19 23.61
C6 CLA XB . -6.45 26.26 24.95
C7 CLA XB . -7.92 25.96 24.85
C8 CLA XB . -8.58 25.90 26.22
C9 CLA XB . -8.12 24.68 26.97
C10 CLA XB . -10.10 25.91 26.11
C11 CLA XB . -10.61 27.28 25.71
C12 CLA XB . -12.11 27.37 25.81
C13 CLA XB . -12.63 28.61 25.07
C14 CLA XB . -12.01 29.87 25.62
C15 CLA XB . -14.15 28.69 25.13
C16 CLA XB . -14.68 29.83 24.28
C17 CLA XB . -16.19 29.80 24.15
C18 CLA XB . -16.75 31.20 23.93
C19 CLA XB . -18.25 31.22 24.16
C20 CLA XB . -16.43 31.68 22.53
MG CLA YB . -0.96 -13.91 0.42
CHA CLA YB . -2.99 -11.46 -1.01
CHB CLA YB . -0.99 -15.63 -2.52
CHC CLA YB . 1.51 -15.93 1.66
CHD CLA YB . -0.84 -11.98 3.39
NA CLA YB . -1.93 -13.63 -1.41
C1A CLA YB . -2.71 -12.53 -1.82
C2A CLA YB . -3.17 -12.73 -3.25
C3A CLA YB . -2.82 -14.21 -3.55
C4A CLA YB . -1.83 -14.54 -2.43
CMA CLA YB . -4.04 -15.10 -3.50
CAA CLA YB . -2.46 -11.76 -4.19
CBA CLA YB . -0.94 -11.79 -4.22
CGA CLA YB . -0.34 -10.83 -3.23
O1A CLA YB . -0.84 -9.77 -2.84
O2A CLA YB . 0.86 -11.23 -2.73
NB CLA YB . -0.02 -15.55 -0.26
C1B CLA YB . -0.06 -16.00 -1.54
C2B CLA YB . 1.05 -16.97 -1.78
C3B CLA YB . 1.76 -17.06 -0.59
C4B CLA YB . 1.09 -16.16 0.38
CMB CLA YB . 1.27 -17.62 -3.06
CAB CLA YB . 2.93 -17.82 -0.28
CBB CLA YB . 2.98 -19.15 -0.18
NC CLA YB . 0.05 -14.00 2.24
C1C CLA YB . 1.02 -14.93 2.54
C2C CLA YB . 1.54 -14.68 3.88
C3C CLA YB . 0.89 -13.55 4.37
C4C CLA YB . -0.04 -13.13 3.32
CMC CLA YB . 2.58 -15.47 4.54
CAC CLA YB . 1.09 -12.90 5.67
CBC CLA YB . 2.02 -11.72 5.58
ND CLA YB . -1.79 -12.20 1.13
C1D CLA YB . -1.65 -11.52 2.37
C2D CLA YB . -2.47 -10.29 2.35
C3D CLA YB . -2.98 -10.20 1.07
C4D CLA YB . -2.52 -11.39 0.35
CMD CLA YB . -2.61 -9.38 3.48
CAD CLA YB . -3.83 -9.45 0.16
OBD CLA YB . -4.48 -8.44 0.36
CBD CLA YB . -3.79 -10.19 -1.22
CGD CLA YB . -5.17 -10.44 -1.78
O1D CLA YB . -6.20 -10.75 -1.17
O2D CLA YB . -5.23 -10.27 -3.13
CED CLA YB . -6.34 -10.84 -3.85
C1 CLA YB . 1.48 -10.36 -1.76
C2 CLA YB . 2.00 -11.18 -0.65
C3 CLA YB . 2.32 -10.67 0.55
C4 CLA YB . 2.18 -9.22 0.86
C5 CLA YB . 2.83 -11.54 1.65
C6 CLA YB . 3.89 -12.52 1.16
C7 CLA YB . 4.76 -12.98 2.31
C8 CLA YB . 5.90 -13.86 1.82
C9 CLA YB . 6.81 -13.08 0.89
C10 CLA YB . 5.36 -15.10 1.11
C11 CLA YB . 5.65 -16.36 1.89
C12 CLA YB . 6.72 -17.19 1.22
C13 CLA YB . 6.99 -18.48 1.98
C14 CLA YB . 7.66 -18.20 3.31
C15 CLA YB . 7.82 -19.45 1.16
C16 CLA YB . 8.03 -20.76 1.89
C17 CLA YB . 7.95 -21.95 0.95
C18 CLA YB . 9.20 -22.81 1.04
C19 CLA YB . 9.32 -23.71 -0.18
C20 CLA YB . 9.16 -23.65 2.30
FE1 SF4 ZB . -13.75 -5.80 22.47
FE2 SF4 ZB . -14.77 -4.10 24.36
FE3 SF4 ZB . -14.60 -6.77 24.88
FE4 SF4 ZB . -16.42 -5.85 23.06
S1 SF4 ZB . -16.38 -5.40 25.29
S2 SF4 ZB . -15.04 -7.65 22.82
S3 SF4 ZB . -15.25 -4.12 22.12
S4 SF4 ZB . -12.86 -5.35 24.52
O6 SQD AC . 26.44 -33.04 27.70
C44 SQD AC . 27.77 -33.26 27.26
C45 SQD AC . 28.40 -31.94 26.84
C46 SQD AC . 28.47 -30.99 28.02
O47 SQD AC . 29.66 -32.11 26.23
C7 SQD AC . 30.16 -31.13 25.33
O49 SQD AC . 29.38 -30.42 24.72
C8 SQD AC . 31.67 -31.00 25.09
C9 SQD AC . 32.20 -29.78 25.87
C10 SQD AC . 32.10 -28.54 25.00
C11 SQD AC . 31.08 -27.57 25.62
C12 SQD AC . 31.75 -26.23 25.90
C13 SQD AC . 30.69 -25.21 26.30
C14 SQD AC . 30.93 -24.73 27.72
C15 SQD AC . 31.68 -23.40 27.71
C16 SQD AC . 30.83 -22.35 27.01
C17 SQD AC . 31.70 -21.54 26.04
C18 SQD AC . 30.82 -20.63 25.19
C19 SQD AC . 30.91 -19.19 25.70
C20 SQD AC . 29.66 -18.44 25.33
C21 SQD AC . 29.87 -16.94 25.57
C22 SQD AC . 30.50 -16.32 24.35
O48 SQD AC . 27.37 -30.10 27.98
C23 SQD AC . 27.53 -28.75 28.38
O10 SQD AC . 28.53 -28.41 28.98
C24 SQD AC . 26.53 -27.70 27.89
C25 SQD AC . 26.96 -26.31 28.35
C26 SQD AC . 26.10 -25.27 27.63
C27 SQD AC . 26.76 -23.89 27.72
C28 SQD AC . 26.45 -23.10 26.44
C29 SQD AC . 27.05 -23.82 25.22
C30 SQD AC . 26.62 -23.12 23.93
C31 SQD AC . 27.18 -21.70 23.91
C32 SQD AC . 26.66 -20.96 22.67
C33 SQD AC . 27.18 -19.52 22.69
C34 SQD AC . 26.70 -18.77 21.45
C35 SQD AC . 27.46 -17.47 21.32
C36 SQD AC . 26.88 -16.63 20.21
C37 SQD AC . 27.65 -15.35 20.10
C38 SQD AC . 26.99 -14.45 19.09
C1 SQD AC . 25.91 -33.80 28.76
C2 SQD AC . 24.99 -34.89 28.27
O2 SQD AC . 23.83 -34.34 27.75
C3 SQD AC . 24.58 -35.86 29.35
O3 SQD AC . 24.70 -37.14 28.83
C4 SQD AC . 25.33 -35.82 30.66
O4 SQD AC . 24.61 -35.09 31.58
C5 SQD AC . 26.73 -35.26 30.56
C6 SQD AC . 27.67 -36.41 30.34
O5 SQD AC . 26.96 -34.28 29.56
S SQD AC . 28.53 -36.81 31.85
O7 SQD AC . 29.30 -35.69 32.32
O8 SQD AC . 27.57 -37.25 32.87
O9 SQD AC . 29.56 -37.79 31.62
O1 LHG BC . 0.87 42.56 39.75
C1 LHG BC . 1.60 42.20 40.91
C2 LHG BC . 0.97 40.96 41.51
O2 LHG BC . -0.31 40.73 40.96
C3 LHG BC . 0.76 41.05 43.01
O3 LHG BC . 0.98 39.69 43.36
P LHG BC . -0.25 38.68 43.69
O4 LHG BC . -1.38 39.04 42.78
O5 LHG BC . 0.42 37.40 44.01
O6 LHG BC . -0.69 39.43 45.11
C4 LHG BC . -2.01 39.38 45.54
C5 LHG BC . -1.97 38.49 46.78
C6 LHG BC . -2.57 39.19 48.00
O7 LHG BC . -2.76 37.35 46.49
C7 LHG BC . -2.09 36.16 46.60
O9 LHG BC . -0.98 36.08 47.11
C8 LHG BC . -2.90 35.05 46.08
C9 LHG BC . -2.77 33.86 47.00
C10 LHG BC . -3.87 33.88 48.02
O8 LHG BC . -3.43 38.21 48.58
C23 LHG BC . -3.07 37.69 49.79
O10 LHG BC . -2.03 37.07 49.89
C24 LHG BC . -4.10 37.60 50.92
C11 LHG BC . -3.33 32.99 49.10
C12 LHG BC . -3.72 31.56 48.84
C13 LHG BC . -5.22 31.44 49.06
C14 LHG BC . -5.61 31.69 50.49
C15 LHG BC . -5.28 30.43 51.25
C16 LHG BC . -6.41 29.45 51.10
C25 LHG BC . -5.01 36.39 50.86
C26 LHG BC . -4.68 35.25 51.81
C27 LHG BC . -5.98 34.99 52.51
C28 LHG BC . -5.97 33.90 53.55
C29 LHG BC . -7.40 33.81 54.06
C30 LHG BC . -7.59 33.98 55.55
C31 LHG BC . -7.95 32.73 56.32
MG CLA CC . 30.82 9.44 66.45
CHA CLA CC . 30.90 11.35 63.54
CHB CLA CC . 31.34 12.23 68.31
CHC CLA CC . 30.97 7.48 69.27
CHD CLA CC . 30.27 6.58 64.49
NA CLA CC . 31.01 11.47 65.98
C1A CLA CC . 31.02 12.09 64.71
C2A CLA CC . 31.15 13.60 64.86
C3A CLA CC . 31.17 13.83 66.38
C4A CLA CC . 31.15 12.42 66.95
CMA CLA CC . 32.39 14.56 66.86
CAA CLA CC . 29.89 14.28 64.30
CBA CLA CC . 29.71 15.75 64.63
CGA CLA CC . 28.32 16.19 64.28
O1A CLA CC . 27.82 17.30 64.41
O2A CLA CC . 27.54 15.19 63.76
NB CLA CC . 31.07 9.79 68.43
C1B CLA CC . 31.38 10.99 68.96
C2B CLA CC . 31.80 10.82 70.39
C3B CLA CC . 31.70 9.46 70.67
C4B CLA CC . 31.21 8.81 69.43
CMB CLA CC . 32.20 11.94 71.23
CAB CLA CC . 31.95 8.74 71.89
CBB CLA CC . 33.07 8.78 72.60
NC CLA CC . 30.59 7.40 66.81
C1C CLA CC . 30.65 6.81 68.05
C2C CLA CC . 30.43 5.37 67.92
C3C CLA CC . 30.25 5.11 66.57
C4C CLA CC . 30.36 6.40 65.87
CMC CLA CC . 30.41 4.44 69.04
CAC CLA CC . 29.99 3.81 65.93
CBC CLA CC . 31.20 3.27 65.21
ND CLA CC . 30.53 9.01 64.50
C1D CLA CC . 30.37 7.77 63.82
C2D CLA CC . 30.34 8.00 62.36
C3D CLA CC . 30.57 9.36 62.20
C4D CLA CC . 30.69 9.93 63.56
CMD CLA CC . 30.15 6.97 61.35
CAD CLA CC . 30.70 10.44 61.24
OBD CLA CC . 30.61 10.41 60.02
CBD CLA CC . 30.99 11.73 62.07
CGD CLA CC . 32.36 12.26 61.75
O1D CLA CC . 33.45 11.70 61.96
O2D CLA CC . 32.38 13.49 61.16
CED CLA CC . 33.63 14.13 60.97
C1 CLA CC . 26.90 15.42 62.48
C2 CLA CC . 25.47 15.76 62.76
C3 CLA CC . 24.50 15.70 61.84
C4 CLA CC . 23.10 16.05 62.18
C5 CLA CC . 24.79 15.27 60.44
C6 CLA CC . 23.69 14.43 59.82
C7 CLA CC . 24.16 13.01 59.57
C8 CLA CC . 23.28 12.27 58.56
C9 CLA CC . 23.43 12.88 57.19
C10 CLA CC . 21.82 12.27 59.00
C11 CLA CC . 21.02 11.21 58.27
C12 CLA CC . 19.62 11.08 58.85
C13 CLA CC . 18.78 10.09 58.06
C14 CLA CC . 18.25 10.74 56.79
C15 CLA CC . 17.64 9.53 58.89
C16 CLA CC . 16.71 10.64 59.36
C17 CLA CC . 15.24 10.25 59.19
C18 CLA CC . 14.62 9.82 60.51
C19 CLA CC . 13.29 10.51 60.72
C20 CLA CC . 14.44 8.32 60.53
C10 WVN DC . 45.01 -2.92 52.75
C11 WVN DC . 25.41 -6.62 66.69
C12 WVN DC . 45.26 -4.43 52.60
C13 WVN DC . 42.52 -3.37 53.26
C14 WVN DC . 44.01 -5.23 52.16
C01 WVN DC . 25.55 -7.39 69.18
C02 WVN DC . 25.75 -6.23 68.16
C03 WVN DC . 24.06 -7.70 69.48
C04 WVN DC . 23.27 -6.45 69.84
C05 WVN DC . 24.87 -5.01 68.52
C06 WVN DC . 43.84 -2.67 53.70
C07 WVN DC . 26.20 -8.74 68.72
C08 WVN DC . 26.21 -7.01 70.53
C09 WVN DC . 23.39 -5.39 68.74
C15 WVN DC . 42.70 -4.41 52.11
C16 WVN DC . 24.94 -3.95 67.41
C17 WVN DC . 43.57 -1.15 53.74
C18 WVN DC . 44.30 -3.11 55.14
C19 WVN DC . 26.49 -6.81 65.82
C20 WVN DC . 41.76 -3.99 54.46
C21 WVN DC . 41.52 -5.41 52.06
C22 WVN DC . 28.01 -6.92 65.47
C23 WVN DC . 40.64 -3.29 54.81
C24 WVN DC . 28.33 -8.34 65.11
C25 WVN DC . 39.38 -3.06 55.68
C26 WVN DC . 28.35 -6.02 64.27
C27 WVN DC . 38.66 -1.82 55.18
C28 WVN DC . 38.50 -4.31 55.62
C29 WVN DC . 29.86 -6.17 63.86
C30 WVN DC . 36.99 -4.06 55.33
C31 WVN DC . 30.04 -6.47 62.53
C32 WVN DC . 30.94 -6.78 61.29
C33 WVN DC . 36.19 -4.29 56.40
C34 WVN DC . 34.80 -4.33 57.07
C35 WVN DC . 31.84 -7.96 61.64
C36 WVN DC . 31.80 -5.56 60.95
C37 WVN DC . 34.79 -5.25 58.30
C38 WVN DC . 34.42 -2.92 57.48
C39 WVN DC . 33.04 -5.91 60.04
C40 WVN DC . 33.55 -4.96 59.22
C1B LMU EC . 29.85 -36.43 39.84
C2B LMU EC . 29.78 -37.57 38.83
C3B LMU EC . 29.40 -38.84 39.54
C4B LMU EC . 29.90 -38.80 40.97
C5B LMU EC . 29.17 -37.70 41.74
C6B LMU EC . 29.97 -37.14 42.89
O1B LMU EC . 29.61 -35.23 39.15
O2B LMU EC . 28.82 -37.26 37.81
O3B LMU EC . 29.97 -39.95 38.85
O4' LMU EC . 29.69 -40.06 41.60
O5B LMU EC . 28.87 -36.60 40.85
O6B LMU EC . 29.32 -36.03 43.50
C1' LMU EC . 30.35 -31.28 39.95
C2' LMU EC . 30.56 -32.22 41.12
C3' LMU EC . 30.66 -33.65 40.64
C4' LMU EC . 29.39 -34.03 39.90
C5' LMU EC . 29.05 -32.98 38.84
C6' LMU EC . 27.76 -32.24 39.09
O1' LMU EC . 31.53 -30.55 39.75
O2' LMU EC . 31.76 -31.86 41.82
O3' LMU EC . 30.89 -34.47 41.78
O5' LMU EC . 30.12 -32.01 38.76
O6' LMU EC . 26.62 -33.08 39.12
C1 LMU EC . 31.55 -29.86 38.50
C2 LMU EC . 32.89 -29.26 38.22
C3 LMU EC . 32.92 -28.62 36.85
C4 LMU EC . 34.17 -27.83 36.59
C5 LMU EC . 34.09 -26.95 35.36
C6 LMU EC . 35.22 -25.97 35.24
C7 LMU EC . 34.81 -24.62 34.70
C8 LMU EC . 34.30 -24.65 33.28
C9 LMU EC . 33.92 -23.28 32.76
C10 LMU EC . 33.49 -23.25 31.31
C11 LMU EC . 33.31 -21.86 30.78
MG CLA FC . -18.26 16.68 41.91
CHA CLA FC . -15.25 15.62 43.28
CHB CLA FC . -19.28 17.75 44.98
CHC CLA FC . -21.08 18.00 40.45
CHD CLA FC . -17.19 15.48 38.76
NA CLA FC . -17.40 16.64 43.82
C1A CLA FC . -16.13 16.18 44.18
C2A CLA FC . -15.90 16.35 45.68
C3A CLA FC . -17.29 16.76 46.20
C4A CLA FC . -18.07 17.10 44.93
CMA CLA FC . -17.91 15.59 46.94
CAA CLA FC . -14.86 17.43 45.99
CBA CLA FC . -15.14 18.81 45.37
CGA CLA FC . -14.37 18.98 44.09
O1A CLA FC . -13.18 19.20 43.95
O2A CLA FC . -15.17 18.88 42.98
NB CLA FC . -19.91 17.61 42.59
C1B CLA FC . -20.06 18.08 43.86
C2B CLA FC . -21.22 19.04 43.90
C3B CLA FC . -21.72 19.11 42.62
C4B CLA FC . -20.90 18.20 41.78
CMB CLA FC . -21.65 19.73 45.11
CAB CLA FC . -22.81 19.89 42.10
CBB CLA FC . -24.06 19.45 41.95
NC CLA FC . -19.00 16.70 39.96
C1C CLA FC . -20.19 17.28 39.59
C2C CLA FC . -20.39 17.11 38.16
C3C CLA FC . -19.30 16.40 37.67
C4C CLA FC . -18.43 16.14 38.81
CMC CLA FC . -21.56 17.62 37.43
CAC CLA FC . -19.07 15.99 36.28
CBC CLA FC . -18.39 17.05 35.46
ND CLA FC . -16.63 15.78 41.13
C1D CLA FC . -16.34 15.31 39.83
C2D CLA FC . -15.01 14.66 39.85
C3D CLA FC . -14.52 14.79 41.13
C4D CLA FC . -15.59 15.46 41.90
CMD CLA FC . -14.38 14.06 38.67
CAD CLA FC . -13.43 14.50 42.05
OBD CLA FC . -12.35 13.98 41.84
CBD CLA FC . -13.88 15.00 43.46
CGD CLA FC . -13.89 13.89 44.48
O1D CLA FC . -14.52 12.83 44.45
O2D CLA FC . -13.11 14.14 45.57
CED CLA FC . -12.76 13.05 46.43
C1 CLA FC . -15.07 19.93 41.99
C2 CLA FC . -15.36 21.20 42.71
C3 CLA FC . -16.57 21.80 42.70
C4 CLA FC . -16.77 23.07 43.44
C5 CLA FC . -17.74 21.25 41.95
C6 CLA FC . -19.07 21.57 42.60
C7 CLA FC . -20.02 22.20 41.60
C8 CLA FC . -19.99 23.73 41.63
C9 CLA FC . -21.37 24.28 41.92
C10 CLA FC . -19.49 24.31 40.31
C11 CLA FC . -18.12 24.94 40.44
C12 CLA FC . -18.04 25.98 41.53
C13 CLA FC . -18.54 27.36 41.14
C14 CLA FC . -18.12 27.75 39.74
C15 CLA FC . -18.06 28.43 42.11
C16 CLA FC . -18.77 28.35 43.45
C17 CLA FC . -18.14 29.26 44.48
C18 CLA FC . -18.93 29.31 45.77
C19 CLA FC . -18.33 30.25 46.79
C20 CLA FC . -19.11 27.93 46.37
MG CLA GC . 1.10 8.85 8.16
CHA CLA GC . 3.64 10.56 9.79
CHB CLA GC . 3.25 8.08 5.65
CHC CLA GC . -1.32 6.87 6.78
CHD CLA GC . -1.14 9.80 10.73
NA CLA GC . 3.10 9.32 7.77
C1A CLA GC . 4.00 10.03 8.58
C2A CLA GC . 5.35 10.16 7.87
C3A CLA GC . 5.04 9.69 6.43
C4A CLA GC . 3.71 8.96 6.61
CMA CLA GC . 4.92 10.85 5.48
CAA CLA GC . 6.44 9.30 8.50
CBA CLA GC . 7.77 9.47 7.79
CGA CLA GC . 8.05 8.30 6.88
O1A CLA GC . 7.28 7.41 6.53
O2A CLA GC . 9.32 8.29 6.39
NB CLA GC . 0.94 7.81 6.44
C1B CLA GC . 2.03 7.39 5.75
C2B CLA GC . 1.80 6.07 5.10
C3B CLA GC . 0.50 5.72 5.42
C4B CLA GC . -0.06 6.83 6.25
CMB CLA GC . 2.84 5.42 4.30
CAB CLA GC . -0.30 4.56 5.08
CBB CLA GC . -0.24 3.84 3.96
NC CLA GC . -0.90 8.47 8.62
C1C CLA GC . -1.72 7.67 7.89
C2C CLA GC . -3.06 7.66 8.47
C3C CLA GC . -3.00 8.46 9.62
C4C CLA GC . -1.63 8.97 9.70
CMC CLA GC . -4.21 6.91 7.94
CAC CLA GC . -4.09 8.80 10.54
CBC CLA GC . -4.80 10.08 10.16
ND CLA GC . 1.16 9.90 9.88
C1D CLA GC . 0.17 10.22 10.84
C2D CLA GC . 0.80 11.02 11.92
C3D CLA GC . 2.14 11.12 11.61
C4D CLA GC . 2.31 10.44 10.30
CMD CLA GC . 0.09 11.51 13.11
CAD CLA GC . 3.43 11.64 11.99
OBD CLA GC . 3.78 12.21 13.03
CBD CLA GC . 4.43 11.34 10.82
CGD CLA GC . 5.04 12.59 10.25
O1D CLA GC . 6.06 12.67 9.55
O2D CLA GC . 4.39 13.74 10.55
CED CLA GC . 5.19 14.91 10.69
C1 CLA GC . 10.11 7.11 6.67
C2 CLA GC . 11.44 7.37 6.08
C3 CLA GC . 12.54 6.65 6.34
C4 CLA GC . 13.83 6.99 5.71
C5 CLA GC . 12.51 5.50 7.30
C6 CLA GC . 13.56 4.43 7.02
C7 CLA GC . 14.13 3.83 8.29
C8 CLA GC . 15.59 3.41 8.12
C9 CLA GC . 15.80 2.60 6.85
C10 CLA GC . 16.07 2.63 9.33
C11 CLA GC . 15.35 1.31 9.46
C12 CLA GC . 15.49 0.72 10.85
C13 CLA GC . 15.18 -0.77 10.87
C14 CLA GC . 13.81 -1.06 10.30
C15 CLA GC . 15.30 -1.34 12.27
C16 CLA GC . 15.56 -2.83 12.23
C17 CLA GC . 16.92 -3.14 11.62
C18 CLA GC . 17.14 -4.63 11.41
C19 CLA GC . 16.37 -5.13 10.20
C20 CLA GC . 16.82 -5.44 12.63
MG CLA HC . 1.95 19.37 14.74
CHA CLA HC . -0.23 19.10 12.04
CHB CLA HC . 0.43 16.68 16.16
CHC CLA HC . 4.49 19.23 17.04
CHD CLA HC . 3.74 21.84 12.99
NA CLA HC . 0.26 18.24 14.27
C1A CLA HC . -0.48 18.25 13.08
C2A CLA HC . -1.61 17.22 13.16
C3A CLA HC . -1.64 16.91 14.67
C4A CLA HC . -0.22 17.28 15.10
CMA CLA HC . -2.63 17.80 15.36
CAA CLA HC . -1.31 15.98 12.35
CBA CLA HC . -2.44 14.98 12.48
CGA CLA HC . -2.25 13.81 11.57
O1A CLA HC . -2.74 12.68 11.66
O2A CLA HC . -1.41 14.07 10.52
NB CLA HC . 2.33 18.21 16.35
C1B CLA HC . 1.72 17.02 16.64
C2B CLA HC . 2.58 16.22 17.57
C3B CLA HC . 3.71 16.98 17.80
C4B CLA HC . 3.54 18.26 17.07
CMB CLA HC . 2.25 14.89 18.07
CAB CLA HC . 4.86 16.73 18.63
CBB CLA HC . 4.83 16.62 19.96
NC CLA HC . 3.68 20.48 15.06
C1C CLA HC . 4.54 20.31 16.11
C2C CLA HC . 5.63 21.27 16.04
C3C CLA HC . 5.48 21.94 14.83
C4C CLA HC . 4.25 21.44 14.22
CMC CLA HC . 6.72 21.37 17.02
CAC CLA HC . 6.35 23.00 14.28
CBC CLA HC . 6.09 24.35 14.89
ND CLA HC . 1.66 20.51 13.10
C1D CLA HC . 2.55 21.39 12.44
C2D CLA HC . 1.99 21.77 11.14
C3D CLA HC . 0.89 20.95 10.94
C4D CLA HC . 0.78 20.12 12.16
CMD CLA HC . 2.58 22.78 10.27
CAD CLA HC . -0.21 20.60 10.07
OBD CLA HC . -0.67 21.19 9.10
CBD CLA HC . -0.79 19.25 10.63
CGD CLA HC . -2.29 19.14 10.48
O1D CLA HC . -3.14 20.00 10.64
O2D CLA HC . -2.70 17.90 10.05
CED CLA HC . -2.86 17.70 8.65
C1 CLA HC . -1.45 13.15 9.42
C2 CLA HC . -0.18 13.31 8.68
C3 CLA HC . -0.07 14.01 7.54
C4 CLA HC . -1.23 14.68 6.90
C5 CLA HC . 1.24 14.16 6.85
C6 CLA HC . 2.43 14.09 7.79
C7 CLA HC . 3.48 15.10 7.39
C8 CLA HC . 4.40 14.58 6.30
C9 CLA HC . 5.84 14.62 6.74
C10 CLA HC . 4.22 15.38 5.00
C11 CLA HC . 3.58 14.54 3.92
C12 CLA HC . 4.62 13.79 3.12
C13 CLA HC . 4.04 13.09 1.88
C14 CLA HC . 3.12 14.02 1.10
C15 CLA HC . 3.32 11.82 2.25
C16 CLA HC . 3.73 10.67 1.34
C17 CLA HC . 2.94 9.42 1.61
C18 CLA HC . 3.56 8.20 0.96
C19 CLA HC . 2.53 7.10 0.78
C20 CLA HC . 4.72 7.69 1.79
MG CLA IC . -6.01 11.86 29.77
CHA CLA IC . -6.79 11.13 33.08
CHB CLA IC . -6.93 15.11 30.29
CHC CLA IC . -4.66 12.70 26.73
CHD CLA IC . -5.01 8.52 29.33
NA CLA IC . -6.84 12.90 31.38
C1A CLA IC . -7.04 12.43 32.70
C2A CLA IC . -7.64 13.53 33.57
C3A CLA IC . -7.96 14.66 32.56
C4A CLA IC . -7.20 14.21 31.31
CMA CLA IC . -9.44 14.76 32.30
CAA CLA IC . -6.60 14.01 34.57
CBA CLA IC . -7.17 15.06 35.50
CGA CLA IC . -6.59 16.38 35.10
O1A CLA IC . -5.43 16.65 34.78
O2A CLA IC . -7.51 17.39 35.11
NB CLA IC . -5.84 13.57 28.72
C1B CLA IC . -6.24 14.80 29.11
C2B CLA IC . -5.83 15.82 28.09
C3B CLA IC . -5.20 15.14 27.09
C4B CLA IC . -5.18 13.70 27.46
CMB CLA IC . -6.11 17.25 28.23
CAB CLA IC . -4.61 15.61 25.86
CBB CLA IC . -3.63 16.50 25.78
NC CLA IC . -5.08 10.76 28.26
C1C CLA IC . -4.63 11.31 27.10
C2C CLA IC . -4.07 10.29 26.25
C3C CLA IC . -4.11 9.07 26.94
C4C CLA IC . -4.76 9.38 28.24
CMC CLA IC . -3.54 10.54 24.92
CAC CLA IC . -3.63 7.81 26.30
CBC CLA IC . -3.31 6.57 27.09
ND CLA IC . -6.09 10.13 30.82
C1D CLA IC . -5.59 8.85 30.53
C2D CLA IC . -5.77 7.98 31.70
C3D CLA IC . -6.20 8.81 32.73
C4D CLA IC . -6.35 10.16 32.13
CMD CLA IC . -5.46 6.55 31.75
CAD CLA IC . -6.63 8.88 34.11
OBD CLA IC . -6.80 7.99 34.95
CBD CLA IC . -6.89 10.40 34.42
CGD CLA IC . -8.17 10.67 35.16
O1D CLA IC . -9.26 11.00 34.68
O2D CLA IC . -8.07 10.58 36.51
CED CLA IC . -8.30 11.77 37.27
C1 CLA IC . -7.05 18.65 34.57
C2 CLA IC . -7.69 18.84 33.25
C3 CLA IC . -6.99 19.18 32.15
C4 CLA IC . -5.53 19.40 32.18
C5 CLA IC . -7.69 19.37 30.86
C6 CLA IC . -7.52 20.77 30.32
C7 CLA IC . -8.35 21.75 31.15
C8 CLA IC . -7.65 23.10 31.31
C9 CLA IC . -7.43 23.41 32.78
C10 CLA IC . -8.47 24.20 30.65
C11 CLA IC . -9.88 24.29 31.20
C12 CLA IC . -10.74 25.19 30.31
C13 CLA IC . -12.21 25.26 30.69
C14 CLA IC . -12.74 24.01 31.35
C15 CLA IC . -13.04 25.58 29.45
C16 CLA IC . -14.46 25.99 29.79
C17 CLA IC . -15.19 26.50 28.56
C18 CLA IC . -16.64 26.08 28.50
C19 CLA IC . -16.80 24.58 28.64
C20 CLA IC . -17.28 26.55 27.21
MG CLA JC . -32.25 15.11 4.40
CHA CLA JC . -31.13 15.93 1.22
CHB CLA JC . -31.34 18.18 5.55
CHC CLA JC . -33.12 14.15 7.60
CHD CLA JC . -32.89 11.82 3.27
NA CLA JC . -31.44 16.80 3.48
C1A CLA JC . -31.04 16.95 2.15
C2A CLA JC . -30.48 18.36 1.92
C3A CLA JC . -30.52 19.00 3.33
C4A CLA JC . -31.17 17.93 4.20
CMA CLA JC . -29.14 19.29 3.81
CAA CLA JC . -31.30 19.19 0.92
CBA CLA JC . -31.55 20.63 1.33
CGA CLA JC . -30.32 21.49 1.23
O1A CLA JC . -30.18 22.65 1.62
O2A CLA JC . -29.24 20.87 0.67
NB CLA JC . -32.25 16.00 6.22
C1B CLA JC . -31.88 17.28 6.48
C2B CLA JC . -32.13 17.61 7.91
C3B CLA JC . -32.63 16.46 8.50
C4B CLA JC . -32.70 15.43 7.42
CMB CLA JC . -31.80 18.93 8.45
CAB CLA JC . -33.03 16.10 9.84
CBB CLA JC . -33.22 16.90 10.91
NC CLA JC . -32.94 13.32 5.26
C1C CLA JC . -33.23 13.16 6.59
C2C CLA JC . -33.65 11.78 6.85
C3C CLA JC . -33.58 11.12 5.63
C4C CLA JC . -33.12 12.09 4.63
CMC CLA JC . -34.03 11.26 8.16
CAC CLA JC . -33.88 9.70 5.37
CBC CLA JC . -32.64 8.84 5.35
ND CLA JC . -32.19 14.09 2.65
C1D CLA JC . -32.45 12.73 2.33
C2D CLA JC . -32.17 12.50 0.90
C3D CLA JC . -31.65 13.69 0.42
C4D CLA JC . -31.65 14.64 1.56
CMD CLA JC . -32.38 11.24 0.20
CAD CLA JC . -31.14 14.41 -0.74
OBD CLA JC . -31.04 14.03 -1.89
CBD CLA JC . -30.71 15.82 -0.24
CGD CLA JC . -29.23 16.03 -0.40
O1D CLA JC . -28.63 17.08 -0.66
O2D CLA JC . -28.50 14.89 -0.23
CED CLA JC . -27.08 14.99 -0.23
C1 CLA JC . -28.67 21.50 -0.49
C2 CLA JC . -28.35 20.36 -1.38
C3 CLA JC . -28.02 20.50 -2.68
C4 CLA JC . -27.93 21.81 -3.35
C5 CLA JC . -27.73 19.28 -3.50
C6 CLA JC . -28.80 18.99 -4.54
C7 CLA JC . -30.11 18.58 -3.91
C8 CLA JC . -31.14 18.14 -4.93
C9 CLA JC . -31.29 19.16 -6.03
C10 CLA JC . -32.49 17.85 -4.28
C11 CLA JC . -32.46 16.56 -3.49
C12 CLA JC . -33.62 16.50 -2.50
C13 CLA JC . -34.35 15.17 -2.61
C14 CLA JC . -35.51 15.29 -3.58
C15 CLA JC . -34.85 14.69 -1.25
C16 CLA JC . -35.18 13.21 -1.26
C17 CLA JC . -35.97 12.82 -0.03
C18 CLA JC . -37.47 12.97 -0.26
C19 CLA JC . -38.21 13.10 1.06
C20 CLA JC . -38.01 11.79 -1.04
MG CLA KC . -25.93 21.35 6.53
CHA CLA KC . -27.06 19.90 9.47
CHB CLA KC . -25.90 18.30 5.04
CHC CLA KC . -24.85 22.84 3.62
CHD CLA KC . -25.88 24.50 8.15
NA CLA KC . -26.43 19.43 7.18
C1A CLA KC . -26.89 19.02 8.44
C2A CLA KC . -27.11 17.50 8.47
C3A CLA KC . -26.60 17.03 7.10
C4A CLA KC . -26.30 18.34 6.36
CMA CLA KC . -25.34 16.22 7.26
CAA CLA KC . -28.58 17.13 8.60
CBA CLA KC . -28.80 15.63 8.57
CGA CLA KC . -28.55 15.03 9.91
O1A CLA KC . -29.30 14.98 10.89
O2A CLA KC . -27.30 14.49 10.01
NB CLA KC . -25.49 20.70 4.67
C1B CLA KC . -25.56 19.42 4.25
C2B CLA KC . -25.17 19.33 2.82
C3B CLA KC . -24.88 20.61 2.41
C4B CLA KC . -25.06 21.50 3.59
CMB CLA KC . -25.13 18.06 2.09
CAB CLA KC . -24.41 21.12 1.14
CBB CLA KC . -25.01 20.92 -0.04
NC CLA KC . -25.45 23.31 5.99
C1C CLA KC . -25.02 23.70 4.75
C2C CLA KC . -24.77 25.14 4.72
C3C CLA KC . -25.07 25.61 6.00
C4C CLA KC . -25.50 24.46 6.79
CMC CLA KC . -24.30 25.89 3.55
CAC CLA KC . -24.99 27.00 6.48
CBC CLA KC . -23.68 27.30 7.16
ND CLA KC . -26.32 22.09 8.37
C1D CLA KC . -26.26 23.41 8.89
C2D CLA KC . -26.67 23.37 10.32
C3D CLA KC . -26.98 22.05 10.59
C4D CLA KC . -26.75 21.30 9.34
CMD CLA KC . -26.71 24.52 11.23
CAD CLA KC . -27.42 21.11 11.59
OBD CLA KC . -27.69 21.32 12.75
CBD CLA KC . -27.51 19.71 10.91
CGD CLA KC . -26.69 18.68 11.65
O1D CLA KC . -27.10 17.87 12.48
O2D CLA KC . -25.37 18.69 11.33
CED CLA KC . -24.46 18.07 12.23
C1 CLA KC . -26.52 14.89 11.16
C2 CLA KC . -25.09 14.73 10.80
C3 CLA KC . -24.44 13.55 10.86
C4 CLA KC . -25.12 12.30 11.30
C5 CLA KC . -23.00 13.43 10.49
C6 CLA KC . -22.48 14.58 9.64
C7 CLA KC . -21.60 15.50 10.47
C8 CLA KC . -20.51 16.20 9.67
C9 CLA KC . -20.03 17.43 10.43
C10 CLA KC . -20.95 16.60 8.26
C11 CLA KC . -19.90 17.39 7.52
C12 CLA KC . -20.27 17.66 6.08
C13 CLA KC . -21.48 18.60 5.97
C14 CLA KC . -21.81 18.89 4.51
C15 CLA KC . -21.25 19.92 6.72
C16 CLA KC . -22.58 20.51 7.15
C17 CLA KC . -22.41 21.86 7.83
C18 CLA KC . -21.93 21.73 9.27
C19 CLA KC . -22.82 20.80 10.08
C20 CLA KC . -21.88 23.09 9.93
MG CLA LC . -24.63 38.64 13.48
CHA CLA LC . -23.12 40.51 15.98
CHB CLA LC . -22.25 36.23 13.82
CHC CLA LC . -26.33 36.73 11.21
CHD CLA LC . -27.05 41.20 13.11
NA CLA LC . -22.95 38.44 14.71
C1A CLA LC . -22.50 39.32 15.70
C2A CLA LC . -21.24 38.76 16.37
C3A CLA LC . -20.88 37.54 15.50
C4A CLA LC . -22.11 37.36 14.62
CMA CLA LC . -19.63 37.77 14.69
CAA CLA LC . -21.51 38.35 17.81
CBA CLA LC . -22.68 37.39 18.01
CGA CLA LC . -23.93 38.12 18.39
O1A CLA LC . -24.09 38.98 19.26
O2A CLA LC . -25.00 37.78 17.60
NB CLA LC . -24.29 36.86 12.60
C1B CLA LC . -23.34 35.98 12.97
C2B CLA LC . -23.59 34.65 12.35
C3B CLA LC . -24.75 34.78 11.60
C4B CLA LC . -25.21 36.19 11.77
CMB CLA LC . -22.73 33.49 12.58
CAB CLA LC . -25.49 33.83 10.80
CBB CLA LC . -25.80 32.58 11.13
NC CLA LC . -26.35 38.94 12.34
C1C CLA LC . -26.86 38.03 11.44
C2C CLA LC . -28.06 38.57 10.82
C3C CLA LC . -28.28 39.83 11.37
C4C CLA LC . -27.20 40.06 12.32
CMC CLA LC . -28.88 37.89 9.80
CAC CLA LC . -29.36 40.78 11.03
CBC CLA LC . -30.46 40.83 12.06
ND CLA LC . -25.09 40.41 14.35
C1D CLA LC . -26.08 41.39 14.07
C2D CLA LC . -25.88 42.55 14.95
C3D CLA LC . -24.80 42.25 15.73
C4D CLA LC . -24.31 40.92 15.30
CMD CLA LC . -26.74 43.74 14.97
CAD CLA LC . -23.93 42.68 16.80
OBD CLA LC . -24.04 43.68 17.49
CBD CLA LC . -22.78 41.64 16.92
CGD CLA LC . -21.46 42.26 16.54
O1D CLA LC . -21.23 43.01 15.58
O2D CLA LC . -20.42 41.94 17.36
CED CLA LC . -19.09 42.22 16.92
C1 CLA LC . -26.11 38.68 17.58
C2 CLA LC . -26.96 38.33 16.40
C3 CLA LC . -28.29 38.51 16.37
C4 CLA LC . -29.03 39.08 17.52
C5 CLA LC . -29.09 38.15 15.17
C6 CLA LC . -29.38 36.66 15.05
C7 CLA LC . -28.55 36.05 13.93
C8 CLA LC . -29.37 35.29 12.88
C9 CLA LC . -30.62 36.04 12.48
C10 CLA LC . -29.75 33.90 13.38
C11 CLA LC . -29.03 32.78 12.66
C12 CLA LC . -29.12 31.48 13.43
C13 CLA LC . -28.73 30.24 12.64
C14 CLA LC . -29.24 30.26 11.22
C15 CLA LC . -29.24 28.97 13.34
C16 CLA LC . -28.25 28.46 14.38
C17 CLA LC . -28.76 27.20 15.05
C18 CLA LC . -27.81 26.68 16.13
C19 CLA LC . -27.74 27.64 17.30
C20 CLA LC . -26.43 26.44 15.55
MG CLA MC . -15.68 34.77 12.19
CHA CLA MC . -16.40 34.63 8.78
CHB CLA MC . -19.00 34.64 12.90
CHC CLA MC . -14.90 34.32 15.50
CHD CLA MC . -12.23 34.78 11.39
NA CLA MC . -17.40 34.73 11.02
C1A CLA MC . -17.50 34.65 9.62
C2A CLA MC . -18.97 34.59 9.22
C3A CLA MC . -19.73 34.95 10.52
C4A CLA MC . -18.65 34.76 11.57
CMA CLA MC . -20.26 36.36 10.49
CAA CLA MC . -19.31 33.17 8.72
CBA CLA MC . -19.10 31.98 9.65
CGA CLA MC . -17.67 31.52 9.74
O1A CLA MC . -16.83 31.48 8.83
O2A CLA MC . -17.24 31.14 10.99
NB CLA MC . -16.74 34.64 13.89
C1B CLA MC . -18.09 34.46 13.95
C2B CLA MC . -18.49 34.02 15.32
C3B CLA MC . -17.33 33.93 16.05
C4B CLA MC . -16.21 34.32 15.16
CMB CLA MC . -19.88 33.73 15.69
CAB CLA MC . -17.11 33.51 17.42
CBB CLA MC . -17.44 32.32 17.93
NC CLA MC . -13.89 34.67 13.25
C1C CLA MC . -13.80 34.49 14.61
C2C CLA MC . -12.41 34.42 15.02
C3C CLA MC . -11.65 34.55 13.86
C4C CLA MC . -12.59 34.70 12.76
CMC CLA MC . -11.95 34.19 16.39
CAC CLA MC . -10.18 34.53 13.75
CBC CLA MC . -9.68 33.12 13.53
ND CLA MC . -14.53 34.79 10.52
C1D CLA MC . -13.11 34.78 10.34
C2D CLA MC . -12.81 34.78 8.90
C3D CLA MC . -14.03 34.68 8.25
C4D CLA MC . -15.07 34.69 9.31
CMD CLA MC . -11.46 34.79 8.34
CAD CLA MC . -14.71 34.62 6.98
OBD CLA MC . -14.23 34.62 5.84
CBD CLA MC . -16.23 34.54 7.27
CGD CLA MC . -16.97 35.57 6.46
O1D CLA MC . -17.01 35.65 5.21
O2D CLA MC . -17.64 36.53 7.15
CED CLA MC . -18.93 36.88 6.66
C1 CLA MC . -15.84 31.39 11.20
C2 CLA MC . -15.45 30.99 12.58
C3 CLA MC . -14.16 30.88 12.96
C4 CLA MC . -13.03 31.13 12.03
C5 CLA MC . -13.80 30.48 14.35
C6 CLA MC . -13.80 28.98 14.54
C7 CLA MC . -14.35 28.57 15.89
C8 CLA MC . -15.76 29.11 16.14
C9 CLA MC . -16.20 28.84 17.56
C10 CLA MC . -16.77 28.51 15.17
C11 CLA MC . -17.93 29.46 14.96
C12 CLA MC . -18.74 29.15 13.72
C13 CLA MC . -20.04 29.94 13.74
C14 CLA MC . -21.00 29.35 14.76
C15 CLA MC . -20.68 30.03 12.36
C16 CLA MC . -21.24 28.70 11.90
C17 CLA MC . -22.06 28.84 10.64
C18 CLA MC . -23.49 28.35 10.81
C19 CLA MC . -24.28 29.21 11.77
C20 CLA MC . -23.52 26.90 11.27
MG CLA NC . -11.72 35.77 21.65
CHA CLA NC . -14.14 36.83 19.39
CHB CLA NC . -14.12 35.10 23.95
CHC CLA NC . -9.29 34.51 23.75
CHD CLA NC . -9.22 36.47 19.24
NA CLA NC . -13.79 36.00 21.67
C1A CLA NC . -14.63 36.44 20.62
C2A CLA NC . -16.09 36.47 21.09
C3A CLA NC . -16.00 36.13 22.59
C4A CLA NC . -14.54 35.71 22.76
CMA CLA NC . -16.36 37.30 23.46
CAA CLA NC . -17.03 35.48 20.39
CBA CLA NC . -18.46 35.86 20.69
CGA CLA NC . -19.42 34.85 20.14
O1A CLA NC . -19.70 34.62 18.96
O2A CLA NC . -20.06 34.15 21.12
NB CLA NC . -11.70 35.00 23.51
C1B CLA NC . -12.80 34.69 24.23
C2B CLA NC . -12.42 33.83 25.38
C3B CLA NC . -11.06 33.66 25.34
C4B CLA NC . -10.58 34.42 24.15
CMB CLA NC . -13.39 33.31 26.34
CAB CLA NC . -10.16 32.95 26.20
CBB CLA NC . -9.99 33.19 27.51
NC CLA NC . -9.64 35.59 21.53
C1C CLA NC . -8.85 35.07 22.52
C2C CLA NC . -7.46 35.11 22.13
C3C CLA NC . -7.42 35.64 20.84
C4C CLA NC . -8.80 35.93 20.47
CMC CLA NC . -6.35 34.65 22.97
CAC CLA NC . -6.21 35.88 20.03
CBC CLA NC . -5.84 37.35 19.99
ND CLA NC . -11.61 36.54 19.79
C1D CLA NC . -10.52 36.76 18.90
C2D CLA NC . -11.04 37.29 17.63
C3D CLA NC . -12.42 37.32 17.75
C4D CLA NC . -12.73 36.84 19.12
CMD CLA NC . -10.20 37.65 16.48
CAD CLA NC . -13.68 37.66 17.10
OBD CLA NC . -13.89 38.10 15.98
CBD CLA NC . -14.81 37.31 18.12
CGD CLA NC . -15.70 38.49 18.35
O1D CLA NC . -15.40 39.59 18.81
O2D CLA NC . -16.99 38.28 17.97
CED CLA NC . -17.99 39.03 18.66
C1 CLA NC . -20.85 33.01 20.70
C2 CLA NC . -19.96 31.83 20.76
C3 CLA NC . -19.98 30.84 19.83
C4 CLA NC . -20.88 30.88 18.66
C5 CLA NC . -19.06 29.68 19.96
C6 CLA NC . -19.77 28.43 20.47
C7 CLA NC . -19.79 27.35 19.40
C8 CLA NC . -20.18 26.00 19.98
C9 CLA NC . -19.07 25.45 20.85
C10 CLA NC . -20.51 25.02 18.85
C11 CLA NC . -21.49 23.95 19.30
C12 CLA NC . -22.82 24.53 19.71
C13 CLA NC . -23.85 23.42 19.94
C14 CLA NC . -25.05 23.60 19.03
C15 CLA NC . -24.29 23.37 21.40
C16 CLA NC . -25.01 24.63 21.82
C17 CLA NC . -24.95 24.84 23.32
C18 CLA NC . -25.98 25.85 23.81
C19 CLA NC . -25.99 27.13 22.99
C20 CLA NC . -25.73 26.19 25.27
MG CLA OC . -45.96 23.94 -1.45
CHA CLA OC . -49.25 22.97 -2.05
CHB CLA OC . -44.88 20.90 -2.51
CHC CLA OC . -42.72 25.10 -1.30
CHD CLA OC . -47.14 27.10 -0.38
NA CLA OC . -46.93 22.22 -2.12
C1A CLA OC . -48.31 22.02 -2.35
C2A CLA OC . -48.58 20.61 -2.87
C3A CLA OC . -47.21 19.91 -2.72
C4A CLA OC . -46.25 21.08 -2.45
CMA CLA OC . -47.24 18.93 -1.59
CAA CLA OC . -49.02 20.63 -4.33
CBA CLA OC . -48.30 21.69 -5.15
CGA CLA OC . -48.82 21.77 -6.56
O1A CLA OC . -49.37 20.90 -7.23
O2A CLA OC . -48.62 23.01 -7.12
NB CLA OC . -44.15 23.10 -1.71
C1B CLA OC . -43.93 21.90 -2.29
C2B CLA OC . -42.49 21.76 -2.67
C3B CLA OC . -41.88 22.94 -2.34
C4B CLA OC . -42.92 23.81 -1.72
CMB CLA OC . -41.96 20.58 -3.35
CAB CLA OC . -40.51 23.37 -2.52
CBB CLA OC . -39.44 22.76 -2.01
NC CLA OC . -45.10 25.76 -0.90
C1C CLA OC . -43.75 26.02 -0.93
C2C CLA OC . -43.50 27.40 -0.52
C3C CLA OC . -44.75 27.96 -0.24
C4C CLA OC . -45.75 26.92 -0.49
CMC CLA OC . -42.18 28.03 -0.48
CAC CLA OC . -45.02 29.34 0.18
CBC CLA OC . -44.90 29.54 1.68
ND CLA OC . -47.75 24.89 -1.27
C1D CLA OC . -48.09 26.16 -0.76
C2D CLA OC . -49.57 26.28 -0.71
C3D CLA OC . -50.07 25.10 -1.24
C4D CLA OC . -48.89 24.27 -1.55
CMD CLA OC . -50.30 27.46 -0.25
CAD CLA OC . -51.25 24.33 -1.58
OBD CLA OC . -52.43 24.65 -1.52
CBD CLA OC . -50.75 22.92 -2.06
CGD CLA OC . -51.21 21.81 -1.16
O1D CLA OC . -50.54 21.26 -0.27
O2D CLA OC . -52.48 21.37 -1.37
CED CLA OC . -52.88 20.16 -0.71
C1 CLA OC . -48.44 23.04 -8.55
C2 CLA OC . -47.95 24.40 -8.90
C3 CLA OC . -47.77 24.80 -10.18
C4 CLA OC . -48.04 23.91 -11.33
C5 CLA OC . -47.27 26.16 -10.51
C6 CLA OC . -46.99 27.04 -9.30
C7 CLA OC . -46.54 28.42 -9.73
C8 CLA OC . -46.23 29.32 -8.55
C9 CLA OC . -47.49 29.92 -7.98
C10 CLA OC . -45.26 30.43 -8.95
C11 CLA OC . -44.24 30.72 -7.87
C12 CLA OC . -42.91 31.15 -8.47
C13 CLA OC . -42.25 32.22 -7.62
C14 CLA OC . -42.67 33.61 -8.08
C15 CLA OC . -40.73 32.10 -7.67
C16 CLA OC . -40.25 30.90 -6.88
C17 CLA OC . -39.63 31.30 -5.56
C18 CLA OC . -38.11 31.20 -5.59
C19 CLA OC . -37.49 32.55 -5.86
C20 CLA OC . -37.60 30.64 -4.29
MG CLA PC . -45.35 21.78 -12.18
CHA CLA PC . -46.88 19.46 -10.09
CHB CLA PC . -46.72 20.25 -14.89
CHC CLA PC . -43.92 24.18 -14.18
CHD CLA PC . -43.99 23.37 -9.32
NA CLA PC . -46.58 20.10 -12.43
C1A CLA PC . -47.13 19.27 -11.44
C2A CLA PC . -47.99 18.16 -12.07
C3A CLA PC . -47.77 18.36 -13.59
C4A CLA PC . -46.97 19.67 -13.67
CMA CLA PC . -47.02 17.21 -14.20
CAA CLA PC . -49.46 18.32 -11.75
CBA CLA PC . -49.93 19.76 -11.85
CGA CLA PC . -51.37 19.89 -11.43
O1A CLA PC . -52.31 19.14 -11.69
O2A CLA PC . -51.60 21.00 -10.66
NB CLA PC . -45.25 22.09 -14.17
C1B CLA PC . -45.99 21.45 -15.10
C2B CLA PC . -45.95 22.17 -16.39
C3B CLA PC . -45.16 23.28 -16.20
C4B CLA PC . -44.70 23.25 -14.78
CMB CLA PC . -46.65 21.72 -17.59
CAB CLA PC . -44.80 24.33 -17.11
CBB CLA PC . -43.60 24.47 -17.69
NC CLA PC . -44.15 23.44 -11.81
C1C CLA PC . -43.65 24.27 -12.77
C2C CLA PC . -42.83 25.32 -12.17
C3C CLA PC . -42.89 25.12 -10.80
C4C CLA PC . -43.71 23.94 -10.57
CMC CLA PC . -42.14 26.36 -12.93
CAC CLA PC . -42.21 25.93 -9.76
CBC CLA PC . -43.13 26.97 -9.16
ND CLA PC . -45.42 21.55 -10.17
C1D CLA PC . -44.80 22.26 -9.11
C2D CLA PC . -45.13 21.61 -7.82
C3D CLA PC . -45.93 20.53 -8.14
C4D CLA PC . -46.07 20.53 -9.62
CMD CLA PC . -44.67 22.07 -6.51
CAD CLA PC . -46.68 19.39 -7.63
OBD CLA PC . -46.84 19.02 -6.48
CBD CLA PC . -47.29 18.66 -8.87
CGD CLA PC . -46.82 17.23 -8.94
O1D CLA PC . -45.87 16.79 -9.59
O2D CLA PC . -47.55 16.37 -8.18
CED CLA PC . -47.19 14.99 -8.17
C1 CLA PC . -51.47 22.28 -11.31
C2 CLA PC . -52.72 23.05 -11.02
C3 CLA PC . -52.76 24.39 -10.88
C4 CLA PC . -54.02 25.10 -10.58
C5 CLA PC . -51.53 25.22 -11.01
C6 CLA PC . -51.73 26.40 -11.95
C7 CLA PC . -50.74 27.50 -11.64
C8 CLA PC . -50.89 28.69 -12.60
C9 CLA PC . -50.26 28.37 -13.94
C10 CLA PC . -50.28 29.95 -12.01
MG CLA QC . -38.78 20.07 -5.39
CHA CLA QC . -36.81 19.49 -2.57
CHB CLA QC . -37.01 22.90 -6.04
CHC CLA QC . -40.81 20.65 -8.07
CHD CLA QC . -40.72 17.22 -4.56
NA CLA QC . -37.14 21.00 -4.45
C1A CLA QC . -36.46 20.61 -3.29
C2A CLA QC . -35.33 21.60 -2.97
C3A CLA QC . -35.48 22.70 -4.05
C4A CLA QC . -36.62 22.17 -4.93
CMA CLA QC . -35.83 24.03 -3.46
CAA CLA QC . -33.95 21.00 -3.07
CBA CLA QC . -32.96 21.65 -2.11
CGA CLA QC . -32.35 22.85 -2.75
O1A CLA QC . -32.64 24.04 -2.59
O2A CLA QC . -31.34 22.54 -3.62
NB CLA QC . -38.89 21.51 -6.79
C1B CLA QC . -38.05 22.56 -6.92
C2B CLA QC . -38.39 23.33 -8.14
C3B CLA QC . -39.47 22.70 -8.74
C4B CLA QC . -39.80 21.54 -7.86
CMB CLA QC . -37.64 24.53 -8.54
CAB CLA QC . -40.23 22.99 -9.91
CBB CLA QC . -39.75 23.31 -11.12
NC CLA QC . -40.42 19.07 -6.19
C1C CLA QC . -41.08 19.47 -7.33
C2C CLA QC . -42.18 18.57 -7.61
C3C CLA QC . -42.19 17.60 -6.61
C4C CLA QC . -41.08 17.93 -5.71
CMC CLA QC . -43.07 18.70 -8.76
CAC CLA QC . -43.14 16.47 -6.46
CBC CLA QC . -42.95 15.29 -7.38
ND CLA QC . -38.76 18.60 -3.99
C1D CLA QC . -39.64 17.51 -3.75
C2D CLA QC . -39.21 16.81 -2.52
C3D CLA QC . -38.12 17.52 -2.04
C4D CLA QC . -37.90 18.64 -2.97
CMD CLA QC . -39.85 15.62 -1.97
CAD CLA QC . -37.13 17.62 -0.98
OBD CLA QC . -36.95 16.90 -0.01
CBD CLA QC . -36.28 18.90 -1.28
CGD CLA QC . -36.31 19.90 -0.15
O1D CLA QC . -35.34 20.47 0.36
O2D CLA QC . -37.55 20.15 0.35
CED CLA QC . -37.77 21.41 0.99
C1 CLA QC . -30.98 23.58 -4.56
C2 CLA QC . -30.52 22.90 -5.79
C3 CLA QC . -30.17 23.57 -6.90
C4 CLA QC . -30.22 25.04 -6.98
C5 CLA QC . -29.71 22.82 -8.10
C6 CLA QC . -28.58 21.86 -7.77
C7 CLA QC . -27.26 22.59 -7.71
C8 CLA QC . -26.11 21.71 -8.18
C9 CLA QC . -25.32 21.20 -7.00
C10 CLA QC . -25.18 22.46 -9.15
C11 CLA QC . -24.86 23.86 -8.68
C12 CLA QC . -23.38 24.17 -8.81
C13 CLA QC . -23.15 25.66 -9.00
C14 CLA QC . -21.86 25.90 -9.74
C15 CLA QC . -23.15 26.40 -7.67
C16 CLA QC . -23.24 27.90 -7.87
C17 CLA QC . -23.54 28.62 -6.56
C18 CLA QC . -22.27 29.09 -5.87
C19 CLA QC . -22.50 29.34 -4.39
C20 CLA QC . -21.77 30.37 -6.52
MG CLA RC . -30.60 39.08 -9.86
CHA CLA RC . -29.94 41.89 -7.91
CHB CLA RC . -28.95 37.14 -7.60
CHC CLA RC . -31.68 36.28 -11.56
CHD CLA RC . -32.30 41.13 -12.18
NA CLA RC . -29.59 39.48 -8.07
C1A CLA RC . -29.47 40.72 -7.38
C2A CLA RC . -28.64 40.53 -6.09
C3A CLA RC . -28.11 39.08 -6.25
C4A CLA RC . -28.97 38.50 -7.35
CMA CLA RC . -26.68 39.07 -6.70
CAA CLA RC . -29.40 40.63 -4.76
CBA CLA RC . -30.85 41.09 -4.75
CGA CLA RC . -31.81 39.95 -4.60
O1A CLA RC . -31.66 38.77 -4.93
O2A CLA RC . -33.00 40.31 -4.03
NB CLA RC . -30.30 37.09 -9.66
C1B CLA RC . -29.67 36.49 -8.63
C2B CLA RC . -29.81 35.01 -8.73
C3B CLA RC . -30.58 34.76 -9.85
C4B CLA RC . -30.90 36.09 -10.45
CMB CLA RC . -29.22 34.09 -7.75
CAB CLA RC . -31.06 33.53 -10.43
CBB CLA RC . -30.36 32.42 -10.64
NC CLA RC . -31.73 38.77 -11.58
C1C CLA RC . -32.06 37.54 -12.10
C2C CLA RC . -32.89 37.70 -13.28
C3C CLA RC . -33.07 39.08 -13.46
C4C CLA RC . -32.35 39.75 -12.38
CMC CLA RC . -33.42 36.59 -14.06
CAC CLA RC . -33.86 39.74 -14.52
CBC CLA RC . -33.13 39.84 -15.83
ND CLA RC . -31.03 41.04 -10.07
C1D CLA RC . -31.70 41.76 -11.10
C2D CLA RC . -31.65 43.21 -10.78
C3D CLA RC . -31.00 43.31 -9.56
C4D CLA RC . -30.65 41.94 -9.16
CMD CLA RC . -32.20 44.26 -11.63
CAD CLA RC . -30.50 44.21 -8.54
OBD CLA RC . -30.58 45.43 -8.46
CBD CLA RC . -29.81 43.33 -7.45
CGD CLA RC . -28.37 43.72 -7.29
O1D CLA RC . -27.81 44.16 -6.29
O2D CLA RC . -27.63 43.54 -8.42
CED CLA RC . -26.25 43.19 -8.27
C1 CLA RC . -33.73 41.42 -4.60
C2 CLA RC . -35.00 40.90 -5.13
C3 CLA RC . -36.07 41.69 -5.39
C4 CLA RC . -36.05 43.15 -5.14
C5 CLA RC . -37.35 41.14 -5.94
C6 CLA RC . -37.55 39.66 -5.67
C7 CLA RC . -37.38 38.83 -6.93
C8 CLA RC . -38.66 38.73 -7.75
C9 CLA RC . -39.17 37.31 -7.75
C10 CLA RC . -38.42 39.22 -9.18
C11 CLA RC . -39.62 39.02 -10.08
C12 CLA RC . -40.71 40.05 -9.81
C13 CLA RC . -40.33 41.42 -10.34
C14 CLA RC . -41.43 42.42 -10.07
C15 CLA RC . -40.01 41.39 -11.83
MG CLA SC . -33.52 39.49 -21.26
CHA CLA SC . -34.67 42.51 -22.53
CHB CLA SC . -36.07 39.46 -19.00
CHC CLA SC . -32.76 36.22 -20.51
CHD CLA SC . -31.00 39.47 -23.74
NA CLA SC . -35.04 40.83 -20.79
C1A CLA SC . -35.40 42.02 -21.47
C2A CLA SC . -36.60 42.69 -20.79
C3A CLA SC . -36.77 41.86 -19.49
C4A CLA SC . -35.92 40.62 -19.76
CMA CLA SC . -36.30 42.61 -18.27
CAA CLA SC . -37.84 42.61 -21.67
CBA CLA SC . -37.98 41.30 -22.42
CGA CLA SC . -38.97 41.41 -23.54
O1A CLA SC . -38.99 42.20 -24.48
O2A CLA SC . -39.96 40.47 -23.44
NB CLA SC . -34.24 38.12 -19.96
C1B CLA SC . -35.33 38.29 -19.17
C2B CLA SC . -35.66 37.00 -18.48
C3B CLA SC . -34.73 36.07 -18.91
C4B CLA SC . -33.82 36.78 -19.86
CMB CLA SC . -36.80 36.87 -17.57
CAB CLA SC . -34.57 34.67 -18.59
CBB CLA SC . -34.58 34.13 -17.37
NC CLA SC . -32.06 38.14 -21.92
C1C CLA SC . -31.92 36.86 -21.45
C2C CLA SC . -30.83 36.19 -22.15
C3C CLA SC . -30.35 37.10 -23.10
C4C CLA SC . -31.14 38.31 -22.95
CMC CLA SC . -30.39 34.82 -21.89
CAC CLA SC . -29.27 36.91 -24.08
CBC CLA SC . -29.78 36.30 -25.37
ND CLA SC . -32.81 40.76 -22.66
C1D CLA SC . -31.77 40.61 -23.62
C2D CLA SC . -31.69 41.84 -24.44
C3D CLA SC . -32.81 42.60 -24.09
C4D CLA SC . -33.48 41.87 -23.00
CMD CLA SC . -30.66 42.06 -25.43
CAD CLA SC . -33.53 43.84 -24.28
OBD CLA SC . -33.24 44.81 -24.98
CBD CLA SC . -34.81 43.76 -23.39
CGD CLA SC . -35.03 45.02 -22.59
O1D CLA SC . -35.94 45.84 -22.72
O2D CLA SC . -34.09 45.23 -21.62
CED CLA SC . -34.12 46.48 -20.91
C1 CLA SC . -40.06 39.50 -24.52
C2 CLA SC . -41.36 38.80 -24.34
C3 CLA SC . -41.55 37.52 -24.68
C4 CLA SC . -40.49 36.68 -25.28
C5 CLA SC . -42.88 36.87 -24.47
C6 CLA SC . -43.41 37.05 -23.07
C7 CLA SC . -42.64 36.19 -22.09
C8 CLA SC . -43.49 35.79 -20.89
C9 CLA SC . -43.88 37.01 -20.08
C10 CLA SC . -42.75 34.79 -20.02
C11 CLA SC . -41.51 35.38 -19.38
C12 CLA SC . -40.70 34.35 -18.61
C13 CLA SC . -41.55 33.61 -17.58
C14 CLA SC . -41.38 34.23 -16.21
C15 CLA SC . -41.22 32.13 -17.54
C16 CLA SC . -41.36 31.48 -18.90
C17 CLA SC . -40.98 30.01 -18.88
C18 CLA SC . -42.20 29.12 -18.75
C19 CLA SC . -42.66 28.64 -20.11
C20 CLA SC . -41.88 27.93 -17.87
MG CLA TC . -24.57 29.26 -28.29
CHA CLA TC . -21.98 30.15 -30.46
CHB CLA TC . -26.02 32.31 -28.78
CHC CLA TC . -27.35 28.13 -26.63
CHD CLA TC . -23.10 26.05 -27.99
NA CLA TC . -24.03 30.97 -29.39
C1A CLA TC . -22.94 31.12 -30.27
C2A CLA TC . -22.95 32.52 -30.90
C3A CLA TC . -24.11 33.23 -30.18
C4A CLA TC . -24.80 32.10 -29.39
CMA CLA TC . -23.63 34.36 -29.32
CAA CLA TC . -23.30 32.45 -32.39
CBA CLA TC . -24.25 31.32 -32.74
CGA CLA TC . -25.07 31.59 -33.98
O1A CLA TC . -24.78 32.26 -34.97
O2A CLA TC . -26.28 30.95 -33.95
NB CLA TC . -26.31 30.09 -27.73
C1B CLA TC . -26.74 31.34 -28.04
C2B CLA TC . -28.11 31.56 -27.52
C3B CLA TC . -28.50 30.38 -26.91
C4B CLA TC . -27.36 29.42 -27.05
CMB CLA TC . -28.83 32.82 -27.72
CAB CLA TC . -29.72 29.99 -26.28
CBB CLA TC . -30.96 30.17 -26.76
NC CLA TC . -25.08 27.45 -27.41
C1C CLA TC . -26.29 27.19 -26.80
C2C CLA TC . -26.35 25.79 -26.38
C3C CLA TC . -25.13 25.21 -26.72
C4C CLA TC . -24.35 26.25 -27.39
CMC CLA TC . -27.49 25.16 -25.72
CAC CLA TC . -24.71 23.82 -26.50
CBC CLA TC . -25.20 22.85 -27.55
ND CLA TC . -22.90 28.31 -28.95
C1D CLA TC . -22.41 26.99 -28.72
C2D CLA TC . -21.11 26.82 -29.42
C3D CLA TC . -20.91 28.01 -30.11
C4D CLA TC . -22.05 28.89 -29.79
CMD CLA TC . -20.29 25.62 -29.38
CAD CLA TC . -20.02 28.75 -30.99
OBD CLA TC . -18.93 28.42 -31.46
CBD CLA TC . -20.70 30.12 -31.28
CGD CLA TC . -19.80 31.26 -30.92
O1D CLA TC . -19.89 32.03 -29.95
O2D CLA TC . -18.77 31.45 -31.79
CED CLA TC . -17.60 32.12 -31.30
C1 CLA TC . -26.47 29.86 -34.88
C2 CLA TC . -27.60 29.02 -34.40
C3 CLA TC . -28.89 29.34 -34.62
C4 CLA TC . -29.30 30.57 -35.35
C5 CLA TC . -30.01 28.47 -34.14
C6 CLA TC . -29.62 27.04 -33.83
C7 CLA TC . -30.84 26.25 -33.39
C8 CLA TC . -30.48 24.90 -32.79
C9 CLA TC . -29.67 24.07 -33.77
C10 CLA TC . -31.74 24.13 -32.37
MG CLA UC . -18.91 25.02 -20.06
CHA CLA UC . -16.42 25.11 -17.62
CHB CLA UC . -18.04 28.15 -21.06
CHC CLA UC . -21.22 24.78 -22.60
CHD CLA UC . -19.62 21.68 -19.13
NA CLA UC . -17.49 26.40 -19.39
C1A CLA UC . -16.52 26.26 -18.38
C2A CLA UC . -15.66 27.52 -18.25
C3A CLA UC . -16.32 28.50 -19.25
C4A CLA UC . -17.36 27.64 -19.97
CMA CLA UC . -16.96 29.68 -18.55
CAA CLA UC . -14.20 27.30 -18.63
CBA CLA UC . -13.76 27.98 -19.91
CGA CLA UC . -12.37 27.59 -20.29
O1A CLA UC . -11.30 27.96 -19.78
O2A CLA UC . -12.32 26.72 -21.35
NB CLA UC . -19.45 26.20 -21.60
C1B CLA UC . -19.05 27.48 -21.78
C2B CLA UC . -19.92 28.14 -22.79
C3B CLA UC . -20.82 27.20 -23.23
C4B CLA UC . -20.54 25.95 -22.47
CMB CLA UC . -19.80 29.55 -23.15
CAB CLA UC . -21.85 27.31 -24.21
CBB CLA UC . -21.71 27.76 -25.46
NC CLA UC . -20.22 23.52 -20.71
C1C CLA UC . -21.08 23.63 -21.76
C2C CLA UC . -21.82 22.39 -21.96
C3C CLA UC . -21.36 21.50 -20.97
C4C CLA UC . -20.34 22.21 -20.20
CMC CLA UC . -22.83 22.16 -22.99
CAC CLA UC . -21.77 20.10 -20.76
CBC CLA UC . -23.04 19.94 -19.96
ND CLA UC . -18.34 23.72 -18.61
C1D CLA UC . -18.68 22.35 -18.38
C2D CLA UC . -17.88 21.84 -17.24
C3D CLA UC . -17.02 22.87 -16.88
C4D CLA UC . -17.31 24.00 -17.81
CMD CLA UC . -18.01 20.51 -16.65
CAD CLA UC . -15.96 23.29 -16.00
OBD CLA UC . -15.48 22.71 -15.02
CBD CLA UC . -15.49 24.70 -16.49
CGD CLA UC . -15.52 25.70 -15.38
O1D CLA UC . -16.49 26.36 -14.99
O2D CLA UC . -14.32 25.87 -14.75
CED CLA UC . -14.34 26.38 -13.42
C1 CLA UC . -12.88 27.19 -22.59
C2 CLA UC . -12.72 26.11 -23.59
C3 CLA UC . -13.50 25.02 -23.68
C4 CLA UC . -13.29 23.99 -24.73
C5 CLA UC . -14.63 24.81 -22.73
C6 CLA UC . -15.06 23.37 -22.54
C7 CLA UC . -16.26 23.30 -21.62
C8 CLA UC . -17.41 22.48 -22.21
C9 CLA UC . -17.09 21.01 -22.17
C10 CLA UC . -17.79 22.92 -23.62
C11 CLA UC . -18.92 22.07 -24.16
C12 CLA UC . -19.75 22.78 -25.21
C13 CLA UC . -19.51 22.21 -26.59
C14 CLA UC . -18.44 23.01 -27.31
C15 CLA UC . -20.79 22.16 -27.42
C16 CLA UC . -21.43 20.79 -27.38
C17 CLA UC . -22.37 20.57 -28.55
C18 CLA UC . -23.12 19.25 -28.45
C19 CLA UC . -22.16 18.06 -28.39
C20 CLA UC . -24.03 19.23 -27.25
MG CLA VC . -22.79 27.90 -12.50
CHA CLA VC . -21.22 30.65 -11.08
CHB CLA VC . -19.89 27.05 -14.04
CHC CLA VC . -24.32 25.07 -13.71
CHD CLA VC . -25.80 28.84 -10.89
NA CLA VC . -20.89 28.75 -12.55
C1A CLA VC . -20.42 29.89 -11.90
C2A CLA VC . -18.95 30.15 -12.22
C3A CLA VC . -18.63 29.12 -13.34
C4A CLA VC . -19.88 28.22 -13.31
CMA CLA VC . -18.40 29.75 -14.69
CAA CLA VC . -18.11 29.85 -10.98
CBA CLA VC . -17.17 28.65 -11.10
CGA CLA VC . -17.88 27.42 -10.65
O1A CLA VC . -18.78 27.32 -9.81
O2A CLA VC . -17.47 26.29 -11.31
NB CLA VC . -22.26 26.44 -13.79
C1B CLA VC . -20.97 26.15 -14.08
C2B CLA VC . -20.81 24.73 -14.46
C3B CLA VC . -22.06 24.16 -14.37
C4B CLA VC . -23.00 25.24 -13.95
CMB CLA VC . -19.51 24.16 -14.80
CAB CLA VC . -22.51 22.80 -14.60
CBB CLA VC . -22.21 22.04 -15.65
NC CLA VC . -24.72 27.12 -12.35
C1C CLA VC . -25.15 25.96 -12.95
C2C CLA VC . -26.56 25.73 -12.67
C3C CLA VC . -26.97 26.79 -11.84
C4C CLA VC . -25.81 27.66 -11.66
CMC CLA VC . -27.34 24.58 -13.13
CAC CLA VC . -28.31 27.00 -11.29
CBC CLA VC . -28.42 26.55 -9.86
ND CLA VC . -23.40 29.29 -11.17
C1D CLA VC . -24.68 29.61 -10.64
C2D CLA VC . -24.58 30.83 -9.81
C3D CLA VC . -23.27 31.26 -9.91
C4D CLA VC . -22.59 30.29 -10.81
CMD CLA VC . -25.68 31.40 -9.04
CAD CLA VC . -22.28 32.23 -9.50
OBD CLA VC . -22.37 33.13 -8.66
CBD CLA VC . -20.99 31.95 -10.33
CGD CLA VC . -20.72 33.08 -11.29
O1D CLA VC . -21.44 33.47 -12.21
O2D CLA VC . -19.52 33.71 -11.09
CED CLA VC . -19.29 34.93 -11.79
C1 CLA VC . -17.47 25.05 -10.59
C2 CLA VC . -18.75 24.35 -10.91
C3 CLA VC . -18.83 23.05 -11.24
C4 CLA VC . -17.64 22.16 -11.31
C5 CLA VC . -20.16 22.43 -11.54
C6 CLA VC . -20.39 21.10 -10.85
C7 CLA VC . -20.74 20.04 -11.87
C8 CLA VC . -22.22 20.05 -12.24
C9 CLA VC . -23.07 19.56 -11.08
C10 CLA VC . -22.50 19.21 -13.48
C11 CLA VC . -21.95 17.80 -13.36
C12 CLA VC . -21.93 17.11 -14.71
C13 CLA VC . -20.56 16.53 -15.05
C14 CLA VC . -19.44 17.52 -14.82
C15 CLA VC . -20.54 16.01 -16.50
C16 CLA VC . -19.17 15.53 -16.93
C17 CLA VC . -19.06 15.46 -18.44
C18 CLA VC . -19.28 16.82 -19.08
C19 CLA VC . -17.99 17.62 -19.12
C20 CLA VC . -19.83 16.66 -20.48
MG CLA WC . -29.75 12.22 -16.45
CHA CLA WC . -30.59 8.86 -16.79
CHB CLA WC . -29.94 11.89 -13.07
CHC CLA WC . -28.66 15.46 -16.13
CHD CLA WC . -29.56 12.47 -19.96
NA CLA WC . -30.20 10.64 -15.17
C1A CLA WC . -30.49 9.30 -15.50
C2A CLA WC . -30.71 8.47 -14.24
C3A CLA WC . -30.73 9.52 -13.11
C4A CLA WC . -30.22 10.77 -13.81
CMA CLA WC . -32.12 9.75 -12.61
CAA CLA WC . -29.52 7.53 -14.02
CBA CLA WC . -28.17 8.09 -14.45
CGA CLA WC . -27.03 7.15 -14.20
O1A CLA WC . -26.96 5.94 -14.40
O2A CLA WC . -25.92 7.77 -13.69
NB CLA WC . -29.39 13.45 -14.90
C1B CLA WC . -29.50 13.10 -13.59
C2B CLA WC . -29.06 14.23 -12.73
C3B CLA WC . -28.70 15.24 -13.57
C4B CLA WC . -28.89 14.77 -14.98
CMB CLA WC . -29.10 14.14 -11.27
CAB CLA WC . -28.18 16.53 -13.22
CBB CLA WC . -26.93 16.92 -13.50
NC CLA WC . -29.27 13.72 -17.82
C1C CLA WC . -28.85 14.98 -17.47
C2C CLA WC . -28.57 15.75 -18.68
C3C CLA WC . -28.80 14.90 -19.77
C4C CLA WC . -29.22 13.62 -19.21
CMC CLA WC . -28.13 17.14 -18.68
CAC CLA WC . -28.64 15.23 -21.20
CBC CLA WC . -29.93 15.45 -21.95
ND CLA WC . -30.06 11.03 -18.05
C1D CLA WC . -29.94 11.26 -19.45
C2D CLA WC . -30.32 10.02 -20.16
C3D CLA WC . -30.61 9.08 -19.20
C4D CLA WC . -30.40 9.74 -17.90
CMD CLA WC . -30.36 9.91 -21.62
CAD CLA WC . -31.04 7.72 -18.91
OBD CLA WC . -31.41 6.84 -19.68
CBD CLA WC . -30.98 7.52 -17.37
CGD CLA WC . -32.30 7.04 -16.82
O1D CLA WC . -33.35 7.69 -16.71
O2D CLA WC . -32.29 5.75 -16.40
CED CLA WC . -33.33 5.32 -15.52
C1 CLA WC . -24.64 7.22 -14.09
C2 CLA WC . -23.61 8.26 -13.83
C3 CLA WC . -22.33 8.13 -14.24
C4 CLA WC . -21.87 6.95 -14.99
C5 CLA WC . -21.33 9.19 -13.94
C6 CLA WC . -20.55 9.61 -15.17
C7 CLA WC . -21.34 10.61 -15.99
C8 CLA WC . -20.56 11.13 -17.20
C9 CLA WC . -19.27 11.80 -16.75
C10 CLA WC . -21.40 12.10 -18.01
C11 CLA WC . -21.52 11.67 -19.45
C12 CLA WC . -20.68 12.55 -20.37
C13 CLA WC . -21.16 12.47 -21.82
C14 CLA WC . -20.11 11.87 -22.71
C15 CLA WC . -21.58 13.84 -22.33
C16 CLA WC . -22.84 14.34 -21.64
C17 CLA WC . -23.13 15.79 -21.98
C18 CLA WC . -23.69 15.93 -23.39
C19 CLA WC . -25.21 15.92 -23.37
C20 CLA WC . -23.18 17.19 -24.04
MG CLA XC . -36.35 9.51 -25.45
CHA CLA XC . -39.54 8.61 -26.49
CHB CLA XC . -35.13 6.57 -26.67
CHC CLA XC . -33.20 10.48 -24.48
CHD CLA XC . -37.62 12.63 -24.33
NA CLA XC . -37.22 7.87 -26.42
C1A CLA XC . -38.57 7.68 -26.78
C2A CLA XC . -38.76 6.33 -27.51
C3A CLA XC . -37.35 5.70 -27.49
C4A CLA XC . -36.49 6.78 -26.84
CMA CLA XC . -37.32 4.40 -26.72
CAA CLA XC . -39.24 6.51 -28.96
CBA CLA XC . -38.50 5.67 -29.98
CGA CLA XC . -38.54 6.38 -31.31
O1A CLA XC . -38.27 7.55 -31.57
O2A CLA XC . -38.90 5.55 -32.35
NB CLA XC . -34.52 8.69 -25.55
C1B CLA XC . -34.23 7.47 -26.07
C2B CLA XC . -32.78 7.17 -25.92
C3B CLA XC . -32.22 8.27 -25.30
C4B CLA XC . -33.32 9.25 -25.06
CMB CLA XC . -32.20 5.92 -26.40
CAB CLA XC . -30.85 8.57 -24.91
CBB CLA XC . -29.95 7.71 -24.41
NC CLA XC . -35.56 11.24 -24.54
C1C CLA XC . -34.25 11.42 -24.24
C2C CLA XC . -34.04 12.73 -23.62
C3C CLA XC . -35.29 13.39 -23.60
C4C CLA XC . -36.23 12.43 -24.19
CMC CLA XC . -32.72 13.17 -23.16
CAC CLA XC . -35.69 14.73 -23.07
CBC CLA XC . -34.93 16.03 -23.30
ND CLA XC . -38.14 10.44 -25.36
C1D CLA XC . -38.53 11.72 -24.86
C2D CLA XC . -39.99 11.87 -25.02
C3D CLA XC . -40.44 10.69 -25.61
C4D CLA XC . -39.24 9.84 -25.82
CMD CLA XC . -40.76 13.04 -24.60
CAD CLA XC . -41.58 9.96 -26.11
OBD CLA XC . -42.77 10.27 -26.11
CBD CLA XC . -41.04 8.62 -26.71
CGD CLA XC . -41.72 7.42 -26.11
O1D CLA XC . -42.45 6.61 -26.67
O2D CLA XC . -41.45 7.24 -24.78
CED CLA XC . -40.83 6.02 -24.38
C1 CLA XC . -39.68 6.15 -33.41
C2 CLA XC . -39.25 5.50 -34.67
C3 CLA XC . -38.62 6.16 -35.66
C4 CLA XC . -38.30 7.61 -35.57
C5 CLA XC . -38.22 5.43 -36.91
C6 CLA XC . -38.14 6.29 -38.15
C7 CLA XC . -39.41 6.20 -38.98
C8 CLA XC . -39.13 6.24 -40.48
C9 CLA XC . -38.49 4.93 -40.91
C10 CLA XC . -38.26 7.45 -40.83
C11 CLA XC . -37.58 7.36 -42.18
C12 CLA XC . -38.46 7.79 -43.32
C13 CLA XC . -37.65 7.99 -44.60
C14 CLA XC . -36.92 6.72 -44.99
C15 CLA XC . -36.66 9.14 -44.45
C16 CLA XC . -36.85 10.18 -45.53
C17 CLA XC . -38.12 10.99 -45.32
C18 CLA XC . -38.34 11.99 -46.44
C19 CLA XC . -39.08 11.35 -47.60
C20 CLA XC . -39.11 13.19 -45.93
MG CLA YC . -30.59 1.87 -23.74
CHA CLA YC . -34.03 1.84 -24.23
CHB CLA YC . -30.36 -1.18 -25.23
CHC CLA YC . -27.18 2.04 -23.43
CHD CLA YC . -30.88 5.03 -22.21
NA CLA YC . -31.99 0.55 -24.57
C1A CLA YC . -33.38 0.73 -24.69
C2A CLA YC . -34.01 -0.49 -25.38
C3A CLA YC . -32.85 -1.51 -25.45
C4A CLA YC . -31.63 -0.66 -25.09
CMA CLA YC . -33.05 -2.66 -24.50
CAA CLA YC . -34.48 -0.13 -26.80
CBA CLA YC . -33.55 0.84 -27.51
CGA CLA YC . -34.02 1.20 -28.88
O1A CLA YC . -33.85 0.58 -29.92
O2A CLA YC . -34.70 2.38 -28.93
NB CLA YC . -29.08 0.58 -24.08
C1B CLA YC . -29.18 -0.48 -24.92
C2B CLA YC . -27.84 -0.83 -25.49
C3B CLA YC . -26.95 0.08 -24.97
C4B CLA YC . -27.72 0.98 -24.08
CMB CLA YC . -27.65 -1.92 -26.45
CAB CLA YC . -25.53 0.25 -25.19
CBB CLA YC . -24.60 -0.71 -25.11
NC CLA YC . -29.29 3.28 -22.93
C1C CLA YC . -27.92 3.13 -22.90
C2C CLA YC . -27.31 4.28 -22.25
C3C CLA YC . -28.34 5.16 -21.92
C4C CLA YC . -29.59 4.50 -22.35
CMC CLA YC . -25.85 4.42 -22.08
CAC CLA YC . -28.24 6.46 -21.25
CBC CLA YC . -27.94 6.35 -19.76
ND CLA YC . -32.04 3.24 -23.43
C1D CLA YC . -32.04 4.46 -22.70
C2D CLA YC . -33.43 4.96 -22.60
C3D CLA YC . -34.23 4.02 -23.21
C4D CLA YC . -33.33 2.94 -23.66
CMD CLA YC . -33.81 6.23 -21.98
CAD CLA YC . -35.58 3.64 -23.57
OBD CLA YC . -36.62 4.28 -23.49
CBD CLA YC . -35.50 2.19 -24.12
CGD CLA YC . -36.14 1.25 -23.13
O1D CLA YC . -35.59 0.72 -22.16
O2D CLA YC . -37.46 1.00 -23.34
CED CLA YC . -38.22 0.54 -22.21
C1 CLA YC . -34.60 3.16 -30.13
C2 CLA YC . -34.77 4.59 -29.76
C3 CLA YC . -34.81 5.59 -30.66
C4 CLA YC . -34.69 5.35 -32.12
C5 CLA YC . -34.99 7.00 -30.22
C6 CLA YC . -33.69 7.69 -29.85
C7 CLA YC . -33.95 9.05 -29.24
C8 CLA YC . -32.70 9.70 -28.65
C9 CLA YC . -33.03 11.08 -28.12
C10 CLA YC . -31.58 9.79 -29.69
C11 CLA YC . -30.30 10.34 -29.14
C12 CLA YC . -29.65 9.36 -28.18
C13 CLA YC . -28.16 9.19 -28.43
C14 CLA YC . -27.66 7.88 -27.85
C15 CLA YC . -27.34 10.37 -27.89
C16 CLA YC . -27.72 10.72 -26.47
C17 CLA YC . -27.14 12.07 -26.07
C18 CLA YC . -28.21 13.04 -25.58
C19 CLA YC . -29.24 13.33 -26.66
C20 CLA YC . -28.89 12.50 -24.34
MG CLA ZC . -26.26 0.01 -13.37
CHA CLA ZC . -28.22 2.50 -14.79
CHB CLA ZC . -24.87 -0.59 -16.42
CHC CLA ZC . -24.08 -2.17 -11.88
CHD CLA ZC . -27.68 0.75 -10.22
NA CLA ZC . -26.57 0.80 -15.28
C1A CLA ZC . -27.40 1.85 -15.67
C2A CLA ZC . -27.27 2.12 -17.17
C3A CLA ZC . -26.47 0.91 -17.67
C4A CLA ZC . -25.90 0.33 -16.38
CMA CLA ZC . -27.41 -0.06 -18.32
CAA CLA ZC . -26.53 3.43 -17.37
CBA CLA ZC . -25.50 3.46 -18.49
CGA CLA ZC . -24.90 4.83 -18.48
O1A CLA ZC . -25.14 5.77 -17.71
O2A CLA ZC . -23.97 5.06 -19.48
NB CLA ZC . -24.80 -1.22 -14.03
C1B CLA ZC . -24.29 -1.21 -15.29
C2B CLA ZC . -23.02 -1.98 -15.34
C3B CLA ZC . -22.79 -2.43 -14.05
C4B CLA ZC . -23.93 -1.95 -13.21
CMB CLA ZC . -22.25 -2.15 -16.57
CAB CLA ZC . -21.71 -3.21 -13.53
CBB CLA ZC . -20.41 -2.89 -13.59
NC CLA ZC . -25.99 -0.65 -11.42
C1C CLA ZC . -25.06 -1.57 -11.03
C2C CLA ZC . -25.14 -1.79 -9.60
C3C CLA ZC . -26.14 -0.94 -9.11
C4C CLA ZC . -26.67 -0.23 -10.26
CMC CLA ZC . -24.30 -2.71 -8.84
CAC CLA ZC . -26.59 -0.80 -7.72
CBC CLA ZC . -25.92 0.34 -6.99
ND CLA ZC . -27.67 1.25 -12.62
C1D CLA ZC . -28.15 1.47 -11.30
C2D CLA ZC . -29.19 2.53 -11.34
C3D CLA ZC . -29.26 2.95 -12.66
C4D CLA ZC . -28.29 2.13 -13.40
CMD CLA ZC . -29.93 3.01 -10.18
CAD CLA ZC . -29.91 3.83 -13.60
OBD CLA ZC . -30.83 4.61 -13.44
CBD CLA ZC . -29.23 3.61 -14.98
CGD CLA ZC . -30.21 3.33 -16.09
O1D CLA ZC . -31.13 2.50 -16.10
O2D CLA ZC . -30.01 4.11 -17.19
CED CLA ZC . -30.19 3.53 -18.48
C1 CLA ZC . -23.39 6.38 -19.54
C2 CLA ZC . -22.98 6.62 -20.94
C3 CLA ZC . -21.91 7.38 -21.26
C4 CLA ZC . -21.07 8.02 -20.23
C5 CLA ZC . -21.53 7.60 -22.69
C6 CLA ZC . -20.06 7.31 -22.96
C7 CLA ZC . -19.81 5.82 -23.05
C8 CLA ZC . -18.56 5.49 -23.84
MG CLA AD . -31.51 9.77 -8.92
CHA CLA AD . -32.19 12.93 -7.58
CHB CLA AD . -28.19 10.33 -8.60
CHC CLA AD . -30.90 6.77 -10.53
CHD CLA AD . -34.98 9.16 -9.13
NA CLA AD . -30.40 11.37 -8.15
C1A CLA AD . -30.84 12.60 -7.65
C2A CLA AD . -29.64 13.47 -7.21
C3A CLA AD . -28.44 12.50 -7.37
C4A CLA AD . -29.03 11.31 -8.11
CMA CLA AD . -27.31 13.10 -8.17
CAA CLA AD . -29.68 13.94 -5.76
CBA CLA AD . -28.86 15.21 -5.52
CGA CLA AD . -28.84 16.13 -6.70
O1A CLA AD . -29.75 16.51 -7.45
O2A CLA AD . -27.60 16.66 -6.93
NB CLA AD . -29.86 8.75 -9.45
C1B CLA AD . -28.59 9.17 -9.27
C2B CLA AD . -27.64 8.20 -9.88
C3B CLA AD . -28.39 7.19 -10.43
C4B CLA AD . -29.82 7.52 -10.16
CMB CLA AD . -26.20 8.42 -9.83
CAB CLA AD . -28.00 5.99 -11.12
CBB CLA AD . -27.05 5.12 -10.74
NC CLA AD . -32.73 8.24 -9.66
C1C CLA AD . -32.27 7.12 -10.28
C2C CLA AD . -33.39 6.29 -10.71
C3C CLA AD . -34.54 6.95 -10.27
C4C CLA AD . -34.12 8.17 -9.61
CMC CLA AD . -33.32 5.04 -11.43
CAC CLA AD . -35.91 6.48 -10.44
CBC CLA AD . -36.35 5.63 -9.28
ND CLA AD . -33.22 10.72 -8.41
C1D CLA AD . -34.58 10.37 -8.60
C2D CLA AD . -35.43 11.49 -8.13
C3D CLA AD . -34.57 12.50 -7.78
C4D CLA AD . -33.20 11.98 -7.95
CMD CLA AD . -36.89 11.48 -8.16
CAD CLA AD . -34.47 13.84 -7.23
OBD CLA AD . -35.35 14.60 -6.88
CBD CLA AD . -32.95 14.17 -7.16
CGD CLA AD . -32.61 15.35 -8.03
O1D CLA AD . -32.74 16.55 -7.76
O2D CLA AD . -32.11 15.01 -9.25
CED CLA AD . -32.39 15.88 -10.34
C1 CLA AD . -27.19 16.78 -8.30
C2 CLA AD . -25.75 16.44 -8.31
C3 CLA AD . -25.12 15.83 -9.32
C4 CLA AD . -23.68 15.54 -9.24
C5 CLA AD . -25.78 15.43 -10.59
C6 CLA AD . -25.34 14.07 -11.11
C7 CLA AD . -24.91 14.11 -12.56
C8 CLA AD . -25.35 12.86 -13.32
C9 CLA AD . -24.69 11.64 -12.74
C10 CLA AD . -25.04 12.98 -14.81
C11 CLA AD . -26.06 12.24 -15.64
C12 CLA AD . -25.46 11.69 -16.91
C13 CLA AD . -25.84 10.23 -17.12
C14 CLA AD . -24.60 9.37 -17.28
C15 CLA AD . -26.78 10.04 -18.32
C16 CLA AD . -26.26 10.74 -19.56
C17 CLA AD . -26.06 9.76 -20.70
C18 CLA AD . -26.15 10.45 -22.05
C19 CLA AD . -26.59 9.48 -23.13
C20 CLA AD . -24.83 11.08 -22.42
MG CLA BD . -13.15 9.78 -5.14
CHA CLA BD . -11.75 12.40 -6.95
CHB CLA BD . -13.93 8.22 -8.04
CHC CLA BD . -14.26 7.11 -3.31
CHD CLA BD . -12.34 11.49 -2.15
NA CLA BD . -12.89 10.27 -7.15
C1A CLA BD . -12.28 11.39 -7.71
C2A CLA BD . -12.30 11.31 -9.23
C3A CLA BD . -13.29 10.16 -9.51
C4A CLA BD . -13.36 9.47 -8.15
CMA CLA BD . -14.63 10.71 -9.94
CAA CLA BD . -10.92 10.85 -9.65
CBA CLA BD . -10.88 10.33 -11.07
CGA CLA BD . -9.57 9.63 -11.28
O1A CLA BD . -8.50 9.81 -10.68
O2A CLA BD . -9.61 8.68 -12.25
NB CLA BD . -14.03 8.04 -5.59
C1B CLA BD . -14.08 7.50 -6.84
C2B CLA BD . -14.38 6.05 -6.78
C3B CLA BD . -14.48 5.73 -5.45
C4B CLA BD . -14.27 6.99 -4.66
CMB CLA BD . -14.50 5.22 -7.98
CAB CLA BD . -14.75 4.48 -4.80
CBB CLA BD . -15.76 3.65 -5.08
NC CLA BD . -13.31 9.41 -3.09
C1C CLA BD . -13.81 8.24 -2.56
C2C CLA BD . -13.79 8.32 -1.10
C3C CLA BD . -13.22 9.56 -0.78
C4C CLA BD . -12.93 10.23 -2.03
CMC CLA BD . -14.24 7.28 -0.19
CAC CLA BD . -12.98 10.09 0.58
CBC CLA BD . -11.56 9.84 1.05
ND CLA BD . -12.24 11.52 -4.60
C1D CLA BD . -12.00 12.10 -3.35
C2D CLA BD . -11.34 13.41 -3.55
C3D CLA BD . -11.21 13.57 -4.91
C4D CLA BD . -11.80 12.36 -5.53
CMD CLA BD . -10.93 14.28 -2.46
CAD CLA BD . -10.74 14.43 -5.99
OBD CLA BD . -10.17 15.52 -5.93
CBD CLA BD . -11.10 13.72 -7.33
CGD CLA BD . -11.97 14.60 -8.20
O1D CLA BD . -11.61 15.59 -8.84
O2D CLA BD . -13.28 14.25 -8.24
CED CLA BD . -14.05 14.64 -9.37
C1 CLA BD . -8.50 8.67 -13.17
C2 CLA BD . -8.58 7.41 -13.94
C3 CLA BD . -8.17 7.31 -15.22
C4 CLA BD . -7.62 8.47 -15.96
C5 CLA BD . -8.26 6.02 -15.95
C6 CLA BD . -6.91 5.38 -16.18
C7 CLA BD . -7.06 3.91 -16.53
C8 CLA BD . -5.76 3.32 -17.05
C9 CLA BD . -5.83 3.11 -18.55
C10 CLA BD . -5.45 2.00 -16.33
C11 CLA BD . -6.49 0.94 -16.62
C12 CLA BD . -6.25 -0.32 -15.82
C13 CLA BD . -6.99 -1.51 -16.40
C14 CLA BD . -6.33 -1.98 -17.69
C15 CLA BD . -8.47 -1.22 -16.63
C16 CLA BD . -9.22 -2.44 -17.14
C17 CLA BD . -9.53 -3.40 -16.02
C18 CLA BD . -10.02 -4.74 -16.57
C19 CLA BD . -11.04 -5.38 -15.63
MG CLA CD . -11.57 18.66 -15.10
CHA CLA CD . -12.34 15.61 -13.63
CHB CLA CD . -14.30 18.38 -17.12
CHC CLA CD . -10.61 21.54 -16.72
CHD CLA CD . -8.63 18.81 -13.13
NA CLA CD . -13.10 17.25 -15.26
C1A CLA CD . -13.25 16.02 -14.58
C2A CLA CD . -14.52 15.30 -15.04
C3A CLA CD . -15.13 16.24 -16.10
C4A CLA CD . -14.12 17.39 -16.17
CMA CLA CD . -15.33 15.57 -17.43
CAA CLA CD . -15.56 15.09 -13.95
CBA CLA CD . -16.16 13.70 -13.98
CGA CLA CD . -17.44 13.71 -13.20
O1A CLA CD . -17.74 14.42 -12.24
O2A CLA CD . -18.35 12.79 -13.65
NB CLA CD . -12.32 19.76 -16.62
C1B CLA CD . -13.45 19.49 -17.32
C2B CLA CD . -13.69 20.55 -18.34
C3B CLA CD . -12.64 21.45 -18.22
C4B CLA CD . -11.77 20.95 -17.13
CMB CLA CD . -14.83 20.54 -19.25
CAB CLA CD . -12.35 22.65 -18.96
CBB CLA CD . -13.16 23.69 -19.11
NC CLA CD . -9.94 19.95 -14.91
C1C CLA CD . -9.74 21.07 -15.68
C2C CLA CD . -8.49 21.72 -15.31
C3C CLA CD . -7.92 20.95 -14.29
C4C CLA CD . -8.84 19.84 -14.07
CMC CLA CD . -8.00 22.93 -15.95
CAC CLA CD . -6.65 21.17 -13.58
CBC CLA CD . -5.50 20.36 -14.11
ND CLA CD . -10.70 17.59 -13.64
C1D CLA CD . -9.49 17.75 -12.92
C2D CLA CD . -9.31 16.63 -11.97
C3D CLA CD . -10.38 15.79 -12.21
C4D CLA CD . -11.21 16.41 -13.26
CMD CLA CD . -8.20 16.49 -11.03
CAD CLA CD . -11.02 14.56 -11.82
OBD CLA CD . -10.69 13.78 -10.94
CBD CLA CD . -12.26 14.37 -12.74
CGD CLA CD . -12.19 13.10 -13.53
O1D CLA CD . -13.03 12.19 -13.59
O2D CLA CD . -11.04 12.95 -14.26
CED CLA CD . -10.68 11.64 -14.70
C1 CLA CD . -19.64 12.78 -12.99
C2 CLA CD . -19.57 11.73 -11.94
C3 CLA CD . -20.33 11.75 -10.83
C4 CLA CD . -21.32 12.82 -10.56
C5 CLA CD . -20.22 10.68 -9.81
C6 CLA CD . -21.56 10.08 -9.44
C7 CLA CD . -21.40 8.71 -8.84
C8 CLA CD . -22.65 7.86 -9.09
C9 CLA CD . -22.98 7.00 -7.89
C10 CLA CD . -22.52 7.01 -10.34
C11 CLA CD . -21.49 5.92 -10.20
C12 CLA CD . -21.34 5.12 -11.48
C13 CLA CD . -19.89 4.87 -11.85
C14 CLA CD . -19.78 4.37 -13.27
C15 CLA CD . -19.24 3.89 -10.88
C16 CLA CD . -17.83 3.53 -11.30
C17 CLA CD . -17.07 2.85 -10.19
C18 CLA CD . -15.76 2.25 -10.68
C19 CLA CD . -15.08 1.52 -9.56
C20 CLA CD . -14.85 3.33 -11.24
MG CLA DD . -14.88 25.73 6.37
CHA CLA DD . -16.60 28.74 6.23
CHB CLA DD . -12.06 27.29 5.26
CHC CLA DD . -13.17 22.77 6.74
CHD CLA DD . -17.78 24.19 7.71
NA CLA DD . -14.44 27.69 5.79
C1A CLA DD . -15.29 28.81 5.82
C2A CLA DD . -14.55 30.05 5.31
C3A CLA DD . -13.21 29.49 4.78
C4A CLA DD . -13.21 28.05 5.32
CMA CLA DD . -13.14 29.54 3.28
CAA CLA DD . -14.28 31.07 6.42
CBA CLA DD . -13.88 30.46 7.74
CGA CLA DD . -12.39 30.36 7.89
O1A CLA DD . -11.52 30.91 7.21
O2A CLA DD . -11.99 29.56 8.91
NB CLA DD . -13.00 25.12 5.96
C1B CLA DD . -11.96 25.95 5.70
C2B CLA DD . -10.66 25.24 5.89
C3B CLA DD . -10.97 23.96 6.30
C4B CLA DD . -12.46 23.87 6.34
CMB CLA DD . -9.37 25.90 5.65
CAB CLA DD . -10.17 22.82 6.65
CBB CLA DD . -9.03 22.83 7.37
NC CLA DD . -15.41 23.82 7.03
C1C CLA DD . -14.56 22.74 7.04
C2C CLA DD . -15.27 21.55 7.51
C3C CLA DD . -16.56 21.96 7.85
C4C CLA DD . -16.64 23.39 7.54
CMC CLA DD . -14.67 20.22 7.62
CAC CLA DD . -17.65 21.12 8.36
CBC CLA DD . -17.79 21.20 9.87
ND CLA DD . -16.76 26.27 6.89
C1D CLA DD . -17.86 25.54 7.43
C2D CLA DD . -19.02 26.45 7.58
C3D CLA DD . -18.60 27.69 7.11
C4D CLA DD . -17.19 27.53 6.70
CMD CLA DD . -20.33 26.04 8.09
CAD CLA DD . -18.96 29.07 6.88
OBD CLA DD . -20.02 29.64 7.09
CBD CLA DD . -17.70 29.77 6.28
CGD CLA DD . -17.97 30.36 4.93
O1D CLA DD . -18.49 29.80 3.97
O2D CLA DD . -17.59 31.67 4.80
CED CLA DD . -18.63 32.65 4.63
C1 CLA DD . -11.10 28.47 8.57
C2 CLA DD . -11.79 27.21 8.97
C3 CLA DD . -11.80 26.73 10.22
C4 CLA DD . -11.13 27.42 11.35
C5 CLA DD . -12.51 25.46 10.54
C6 CLA DD . -13.97 25.46 10.10
C7 CLA DD . -14.83 26.15 11.15
C8 CLA DD . -16.25 26.41 10.64
C9 CLA DD . -16.39 27.83 10.16
C10 CLA DD . -17.28 26.13 11.73
C11 CLA DD . -18.20 24.98 11.35
C12 CLA DD . -19.39 24.89 12.29
C13 CLA DD . -19.00 24.38 13.67
C14 CLA DD . -18.34 23.02 13.60
C15 CLA DD . -20.17 24.37 14.66
C16 CLA DD . -21.50 24.03 14.03
C17 CLA DD . -21.95 22.62 14.34
C18 CLA DD . -23.47 22.47 14.26
C19 CLA DD . -24.17 23.41 15.23
C20 CLA DD . -23.88 21.04 14.54
MG CLA ED . -19.32 25.86 -1.18
CHA CLA ED . -18.65 28.86 -2.82
CHB CLA ED . -18.89 27.40 1.82
CHC CLA ED . -20.34 22.98 0.39
CHD CLA ED . -19.92 24.35 -4.32
NA CLA ED . -18.78 27.80 -0.62
C1A CLA ED . -18.58 28.92 -1.45
C2A CLA ED . -18.22 30.16 -0.60
C3A CLA ED . -18.05 29.58 0.83
C4A CLA ED . -18.62 28.17 0.69
CMA CLA ED . -16.62 29.57 1.29
CAA CLA ED . -19.29 31.25 -0.66
CBA CLA ED . -20.57 30.97 0.11
CGA CLA ED . -21.63 30.33 -0.74
O1A CLA ED . -21.66 29.16 -1.16
O2A CLA ED . -22.68 31.15 -1.06
NB CLA ED . -19.43 25.25 0.74
C1B CLA ED . -19.42 26.11 1.80
C2B CLA ED . -20.07 25.48 2.98
C3B CLA ED . -20.48 24.23 2.58
C4B CLA ED . -20.08 24.06 1.16
CMB CLA ED . -20.21 26.18 4.26
CAB CLA ED . -21.19 23.19 3.29
CBB CLA ED . -20.86 22.69 4.49
NC CLA ED . -19.93 23.98 -1.85
C1C CLA ED . -20.26 22.92 -1.04
C2C CLA ED . -20.62 21.77 -1.84
C3C CLA ED . -20.57 22.18 -3.18
C4C CLA ED . -20.12 23.56 -3.17
CMC CLA ED . -21.02 20.46 -1.30
CAC CLA ED . -20.86 21.39 -4.38
CBC CLA ED . -22.29 21.54 -4.82
ND CLA ED . -19.28 26.40 -3.12
C1D CLA ED . -19.55 25.68 -4.32
C2D CLA ED . -19.35 26.56 -5.48
C3D CLA ED . -18.99 27.79 -4.96
C4D CLA ED . -18.98 27.64 -3.49
CMD CLA ED . -19.52 26.15 -6.86
CAD CLA ED . -18.62 29.16 -5.27
OBD CLA ED . -18.48 29.71 -6.36
CBD CLA ED . -18.42 29.89 -3.90
CGD CLA ED . -17.06 30.53 -3.80
O1D CLA ED . -15.98 29.96 -3.70
O2D CLA ED . -17.10 31.89 -3.79
CED CLA ED . -16.01 32.57 -3.15
C1 CLA ED . -24.00 30.74 -0.62
C2 CLA ED . -24.82 30.45 -1.84
C3 CLA ED . -26.16 30.30 -1.81
C4 CLA ED . -26.95 30.43 -0.57
C5 CLA ED . -26.95 30.01 -3.05
C6 CLA ED . -26.20 30.19 -4.35
C7 CLA ED . -27.12 30.67 -5.45
C8 CLA ED . -28.13 29.61 -5.90
C9 CLA ED . -27.41 28.35 -6.35
C10 CLA ED . -29.01 30.14 -7.03
C11 CLA ED . -30.46 30.24 -6.63
C12 CLA ED . -31.39 30.01 -7.80
C13 CLA ED . -32.51 31.05 -7.87
C14 CLA ED . -33.46 30.90 -6.70
C15 CLA ED . -33.28 30.96 -9.18
C16 CLA ED . -34.28 32.10 -9.29
C17 CLA ED . -35.02 32.04 -10.61
C18 CLA ED . -36.13 33.10 -10.69
C19 CLA ED . -37.19 32.85 -9.64
C20 CLA ED . -36.74 33.11 -12.08
MG CLA FD . -25.71 10.56 8.24
CHA CLA FD . -26.81 8.43 10.74
CHB CLA FD . -28.89 11.71 7.82
CHC CLA FD . -24.53 12.95 6.06
CHD CLA FD . -22.41 9.56 8.93
NA CLA FD . -27.56 10.08 9.10
C1A CLA FD . -27.80 9.20 10.18
C2A CLA FD . -29.28 9.19 10.53
C3A CLA FD . -29.93 10.13 9.49
C4A CLA FD . -28.73 10.70 8.74
CMA CLA FD . -30.84 9.36 8.55
CAA CLA FD . -29.51 9.80 11.91
CBA CLA FD . -28.70 11.05 12.18
CGA CLA FD . -28.65 11.33 13.66
O1A CLA FD . -29.26 10.76 14.56
O2A CLA FD . -27.81 12.36 13.98
NB CLA FD . -26.53 12.10 7.24
C1B CLA FD . -27.86 12.28 7.07
C2B CLA FD . -28.12 13.19 5.92
C3B CLA FD . -26.89 13.55 5.40
C4B CLA FD . -25.88 12.86 6.23
CMB CLA FD . -29.48 13.51 5.55
CAB CLA FD . -26.50 14.39 4.29
CBB CLA FD . -27.19 15.36 3.69
NC CLA FD . -23.81 11.10 7.57
C1C CLA FD . -23.57 12.12 6.69
C2C CLA FD . -22.14 12.27 6.49
C3C CLA FD . -21.51 11.32 7.30
C4C CLA FD . -22.59 10.60 7.99
CMC CLA FD . -21.54 13.28 5.61
CAC CLA FD . -20.07 11.11 7.46
CBC CLA FD . -19.44 12.01 8.50
ND CLA FD . -24.80 9.11 9.31
C1D CLA FD . -23.42 8.86 9.54
C2D CLA FD . -23.32 7.76 10.52
C3D CLA FD . -24.58 7.53 10.98
C4D CLA FD . -25.47 8.46 10.26
CMD CLA FD . -22.08 7.10 10.91
CAD CLA FD . -25.40 6.73 11.87
OBD CLA FD . -25.13 5.72 12.51
CBD CLA FD . -26.80 7.41 11.88
CGD CLA FD . -27.92 6.42 11.84
O1D CLA FD . -28.85 6.30 12.64
O2D CLA FD . -27.87 5.54 10.80
CED CLA FD . -28.17 4.18 11.09
C1 CLA FD . -28.28 13.26 15.00
C2 CLA FD . -27.17 14.21 15.30
C3 CLA FD . -27.34 15.32 16.03
C4 CLA FD . -28.64 15.71 16.61
C5 CLA FD . -26.19 16.23 16.31
C6 CLA FD . -26.41 17.62 15.75
MG CLA GD . -17.33 -7.73 -10.19
CHA CLA GD . -19.54 -9.91 -11.73
CHB CLA GD . -14.93 -10.16 -10.22
CHC CLA GD . -15.09 -5.45 -8.90
CHD CLA GD . -19.76 -5.18 -10.41
NA CLA GD . -17.29 -9.72 -10.83
C1A CLA GD . -18.30 -10.45 -11.48
C2A CLA GD . -17.84 -11.87 -11.80
C3A CLA GD . -16.43 -11.96 -11.15
C4A CLA GD . -16.17 -10.51 -10.71
CMA CLA GD . -16.43 -12.91 -9.99
CAA CLA GD . -17.75 -12.15 -13.31
CBA CLA GD . -16.41 -11.83 -13.94
CGA CLA GD . -16.43 -10.45 -14.51
O1A CLA GD . -16.43 -9.36 -13.92
O2A CLA GD . -16.40 -10.44 -15.88
NB CLA GD . -15.39 -7.80 -9.65
C1B CLA GD . -14.57 -8.88 -9.75
C2B CLA GD . -13.21 -8.51 -9.30
C3B CLA GD . -13.25 -7.19 -8.94
C4B CLA GD . -14.64 -6.71 -9.14
CMB CLA GD . -12.09 -9.45 -9.30
CAB CLA GD . -12.20 -6.33 -8.44
CBB CLA GD . -11.20 -5.85 -9.18
NC CLA GD . -17.44 -5.71 -9.67
C1C CLA GD . -16.41 -4.99 -9.13
C2C CLA GD . -16.85 -3.61 -8.87
C3C CLA GD . -18.15 -3.51 -9.36
C4C CLA GD . -18.51 -4.83 -9.87
CMC CLA GD . -16.03 -2.57 -8.26
CAC CLA GD . -19.02 -2.34 -9.33
CBC CLA GD . -18.92 -1.50 -10.59
ND CLA GD . -19.25 -7.54 -10.78
C1D CLA GD . -20.13 -6.43 -10.84
C2D CLA GD . -21.43 -6.87 -11.38
C3D CLA GD . -21.27 -8.20 -11.70
C4D CLA GD . -19.88 -8.57 -11.36
CMD CLA GD . -22.61 -6.02 -11.51
CAD CLA GD . -21.91 -9.39 -12.22
OBD CLA GD . -23.08 -9.56 -12.51
CBD CLA GD . -20.81 -10.48 -12.34
CGD CLA GD . -21.20 -11.76 -11.65
O1D CLA GD . -21.14 -12.91 -12.11
O2D CLA GD . -21.66 -11.59 -10.39
CED CLA GD . -21.15 -12.44 -9.36
C1 CLA GD . -15.11 -10.38 -16.50
C2 CLA GD . -14.91 -8.98 -16.95
C3 CLA GD . -13.72 -8.52 -17.40
C4 CLA GD . -13.55 -7.12 -17.85
C5 CLA GD . -12.52 -9.40 -17.48
MG CLA HD . -7.78 -10.84 -10.10
CHA CLA HD . -10.37 -13.12 -10.55
CHB CLA HD . -6.34 -12.97 -7.89
CHC CLA HD . -5.04 -8.79 -10.01
CHD CLA HD . -9.35 -8.67 -12.41
NA CLA HD . -8.31 -12.70 -9.32
C1A CLA HD . -9.41 -13.51 -9.66
C2A CLA HD . -9.37 -14.82 -8.86
C3A CLA HD . -8.34 -14.51 -7.76
C4A CLA HD . -7.57 -13.34 -8.36
CMA CLA HD . -8.98 -14.16 -6.44
CAA CLA HD . -8.72 -15.91 -9.71
CBA CLA HD . -9.63 -16.72 -10.60
CGA CLA HD . -9.18 -16.61 -12.04
O1A CLA HD . -9.89 -16.47 -13.03
O2A CLA HD . -7.83 -16.69 -12.20
NB CLA HD . -6.09 -10.80 -9.03
C1B CLA HD . -5.59 -11.89 -8.37
C2B CLA HD . -4.11 -11.78 -8.21
C3B CLA HD . -3.73 -10.59 -8.81
C4B CLA HD . -4.99 -9.96 -9.32
CMB CLA HD . -3.37 -12.84 -7.53
CAB CLA HD . -2.45 -9.96 -8.99
CBB CLA HD . -1.24 -10.50 -8.99
NC CLA HD . -7.33 -9.01 -10.99
C1C CLA HD . -6.15 -8.33 -10.79
C2C CLA HD . -6.17 -7.09 -11.55
C3C CLA HD . -7.36 -7.08 -12.27
C4C CLA HD . -8.09 -8.28 -11.90
CMC CLA HD . -5.07 -6.12 -11.56
CAC CLA HD . -7.84 -6.03 -13.19
CBC CLA HD . -8.86 -5.10 -12.56
ND CLA HD . -9.44 -10.83 -11.26
C1D CLA HD . -9.99 -9.86 -12.13
C2D CLA HD . -11.29 -10.35 -12.64
C3D CLA HD . -11.47 -11.60 -12.09
C4D CLA HD . -10.30 -11.85 -11.22
CMD CLA HD . -12.15 -9.62 -13.58
CAD CLA HD . -12.34 -12.76 -11.99
OBD CLA HD . -13.41 -12.99 -12.55
CBD CLA HD . -11.68 -13.74 -10.96
CGD CLA HD . -12.54 -13.95 -9.75
O1D CLA HD . -12.56 -13.29 -8.72
O2D CLA HD . -13.38 -15.03 -9.84
CED CLA HD . -14.08 -15.42 -8.66
C1 CLA HD . -7.33 -16.63 -13.57
C2 CLA HD . -5.89 -17.00 -13.55
C3 CLA HD . -5.12 -17.04 -14.65
C4 CLA HD . -5.65 -16.71 -16.00
C5 CLA HD . -3.68 -17.43 -14.57
C6 CLA HD . -2.76 -16.60 -15.47
C7 CLA HD . -1.33 -16.59 -14.98
C8 CLA HD . -0.42 -17.46 -15.83
C9 CLA HD . 0.53 -18.26 -14.96
C10 CLA HD . 0.35 -16.63 -16.86
C11 CLA HD . 1.47 -15.81 -16.27
C12 CLA HD . 2.52 -15.45 -17.30
C13 CLA HD . 3.47 -14.36 -16.84
C14 CLA HD . 2.70 -13.11 -16.43
C15 CLA HD . 4.48 -14.01 -17.91
C16 CLA HD . 5.89 -14.45 -17.56
C17 CLA HD . 6.42 -13.77 -16.31
C18 CLA HD . 7.91 -13.50 -16.39
C19 CLA HD . 8.70 -14.74 -16.74
C20 CLA HD . 8.20 -12.38 -17.38
MG CLA ID . 16.15 0.87 -3.27
CHA CLA ID . 19.39 0.61 -4.50
CHB CLA ID . 14.93 -0.02 -6.33
CHC CLA ID . 13.01 0.68 -1.91
CHD CLA ID . 17.47 1.81 -0.14
NA CLA ID . 17.04 0.40 -5.11
C1A CLA ID . 18.41 0.29 -5.41
C2A CLA ID . 18.61 -0.11 -6.86
C3A CLA ID . 17.20 -0.06 -7.46
C4A CLA ID . 16.30 0.08 -6.23
CMA CLA ID . 17.07 1.13 -8.38
CAA CLA ID . 19.03 -1.57 -6.88
CBA CLA ID . 20.45 -1.82 -7.34
CGA CLA ID . 20.68 -3.30 -7.37
O1A CLA ID . 20.45 -4.14 -6.49
O2A CLA ID . 21.26 -3.73 -8.53
NB CLA ID . 14.34 0.34 -3.97
C1B CLA ID . 14.02 0.13 -5.27
C2B CLA ID . 12.55 0.15 -5.46
C3B CLA ID . 12.00 0.35 -4.22
C4B CLA ID . 13.12 0.45 -3.25
CMB CLA ID . 11.90 -0.01 -6.76
CAB CLA ID . 10.61 0.43 -3.82
CBB CLA ID . 9.74 -0.58 -3.86
NC CLA ID . 15.37 1.21 -1.37
C1C CLA ID . 14.06 1.03 -1.02
C2C CLA ID . 13.89 1.28 0.40
C3C CLA ID . 15.14 1.65 0.90
C4C CLA ID . 16.08 1.57 -0.22
CMC CLA ID . 12.62 1.20 1.12
CAC CLA ID . 15.50 2.00 2.29
CBC CLA ID . 15.72 0.79 3.17
ND CLA ID . 17.96 1.29 -2.49
C1D CLA ID . 18.36 1.69 -1.19
C2D CLA ID . 19.82 1.87 -1.17
C3D CLA ID . 20.28 1.45 -2.41
C4D CLA ID . 19.08 1.07 -3.18
CMD CLA ID . 20.58 2.38 -0.04
CAD CLA ID . 21.43 1.28 -3.28
OBD CLA ID . 22.61 1.53 -3.07
CBD CLA ID . 20.89 0.68 -4.62
CGD CLA ID . 21.30 1.51 -5.81
O1D CLA ID . 22.06 1.17 -6.73
O2D CLA ID . 20.76 2.76 -5.85
CED CLA ID . 20.38 3.29 -7.11
C1 CLA ID . 21.04 -5.11 -8.89
C2 CLA ID . 22.34 -5.62 -9.37
C3 CLA ID . 22.52 -6.87 -9.84
C4 CLA ID . 23.84 -7.34 -10.32
C5 CLA ID . 21.40 -7.84 -9.90
MG CLA JD . -8.60 16.10 -22.27
CHA CLA JD . -9.80 18.87 -23.96
CHB CLA JD . -9.64 17.43 -19.33
CHC CLA JD . -7.64 13.21 -20.68
CHD CLA JD . -7.44 14.79 -25.35
NA CLA JD . -9.55 17.88 -21.75
C1A CLA JD . -10.00 18.90 -22.61
C2A CLA JD . -10.64 20.04 -21.81
C3A CLA JD . -10.31 19.65 -20.35
C4A CLA JD . -9.82 18.21 -20.45
CMA CLA JD . -9.21 20.55 -19.83
CAA CLA JD . -12.15 20.11 -22.02
CBA CLA JD . -12.82 18.76 -22.12
CGA CLA JD . -14.21 18.90 -22.65
O1A CLA JD . -14.56 19.41 -23.72
O2A CLA JD . -15.17 18.40 -21.81
NB CLA JD . -8.57 15.48 -20.35
C1B CLA JD . -9.17 16.11 -19.31
C2B CLA JD . -9.23 15.22 -18.13
C3B CLA JD . -8.66 14.01 -18.51
C4B CLA JD . -8.23 14.17 -19.93
CMB CLA JD . -9.82 15.62 -16.85
CAB CLA JD . -8.47 12.80 -17.76
CBB CLA JD . -7.75 12.69 -16.64
NC CLA JD . -7.67 14.34 -22.91
C1C CLA JD . -7.35 13.30 -22.08
C2C CLA JD . -6.71 12.23 -22.85
C3C CLA JD . -6.66 12.67 -24.17
C4C CLA JD . -7.26 14.00 -24.20
CMC CLA JD . -6.24 10.96 -22.29
CAC CLA JD . -6.12 11.95 -25.33
CBC CLA JD . -7.16 11.18 -26.09
ND CLA JD . -8.61 16.62 -24.22
C1D CLA JD . -8.06 16.01 -25.38
C2D CLA JD . -8.30 16.89 -26.55
C3D CLA JD . -9.00 17.98 -26.06
C4D CLA JD . -9.14 17.78 -24.61
CMD CLA JD . -7.90 16.59 -27.92
CAD CLA JD . -9.62 19.25 -26.39
OBD CLA JD . -9.78 19.79 -27.48
CBD CLA JD . -10.11 19.88 -25.05
CGD CLA JD . -9.42 21.18 -24.75
O1D CLA JD . -8.30 21.35 -24.28
O2D CLA JD . -10.16 22.28 -25.07
CED CLA JD . -9.58 23.57 -24.89
C1 CLA JD . -15.43 16.98 -21.79
C2 CLA JD . -15.62 16.48 -23.18
C3 CLA JD . -16.68 16.72 -23.97
C4 CLA JD . -17.83 17.54 -23.53
C5 CLA JD . -16.75 16.17 -25.35
C6 CLA JD . -15.70 15.12 -25.65
C7 CLA JD . -16.35 13.77 -25.85
C8 CLA JD . -15.33 12.66 -26.15
C9 CLA JD . -14.51 12.33 -24.92
C10 CLA JD . -14.42 13.05 -27.29
C11 CLA JD . -14.49 12.06 -28.43
C12 CLA JD . -13.51 12.41 -29.53
C13 CLA JD . -13.83 11.69 -30.83
C14 CLA JD . -12.81 10.63 -31.15
C15 CLA JD . -13.95 12.68 -31.99
C16 CLA JD . -15.13 13.62 -31.78
C17 CLA JD . -15.34 14.52 -32.98
C18 CLA JD . -16.72 15.16 -32.94
C19 CLA JD . -17.16 15.61 -34.33
C20 CLA JD . -16.73 16.34 -31.99
MG CLA KD . -12.20 16.37 -29.65
CHA CLA KD . -14.20 18.85 -31.06
CHB CLA KD . -12.98 17.47 -26.53
CHC CLA KD . -10.29 13.84 -28.34
CHD CLA KD . -11.31 15.31 -32.91
NA CLA KD . -13.40 17.93 -28.94
C1A CLA KD . -14.16 18.85 -29.68
C2A CLA KD . -14.89 19.82 -28.74
C3A CLA KD . -14.35 19.44 -27.33
C4A CLA KD . -13.52 18.19 -27.60
CMA CLA KD . -13.54 20.54 -26.69
CAA CLA KD . -16.40 19.66 -28.77
CBA CLA KD . -16.82 18.19 -28.70
CGA CLA KD . -18.22 18.06 -28.19
O1A CLA KD . -18.78 18.71 -27.31
O2A CLA KD . -18.92 17.07 -28.81
NB CLA KD . -11.66 15.83 -27.79
C1B CLA KD . -12.19 16.31 -26.64
C2B CLA KD . -11.86 15.42 -25.49
C3B CLA KD . -11.10 14.39 -26.00
C4B CLA KD . -10.96 14.63 -27.46
CMB CLA KD . -12.28 15.65 -24.12
CAB CLA KD . -10.53 13.25 -25.32
CBB CLA KD . -10.92 11.98 -25.46
NC CLA KD . -11.01 14.86 -30.47
C1C CLA KD . -10.31 13.95 -29.75
C2C CLA KD . -9.58 13.05 -30.64
C3C CLA KD . -9.87 13.45 -31.93
C4C CLA KD . -10.76 14.61 -31.82
CMC CLA KD . -8.74 11.94 -30.19
CAC CLA KD . -9.37 12.86 -33.19
CBC CLA KD . -8.00 13.37 -33.57
ND CLA KD . -12.68 16.85 -31.56
C1D CLA KD . -12.21 16.35 -32.80
C2D CLA KD . -12.84 17.12 -33.89
C3D CLA KD . -13.66 18.05 -33.29
C4D CLA KD . -13.48 17.87 -31.83
CMD CLA KD . -12.64 16.85 -35.32
CAD CLA KD . -14.59 19.13 -33.49
OBD CLA KD . -15.09 19.54 -34.54
CBD CLA KD . -14.89 19.73 -32.10
CGD CLA KD . -14.40 21.15 -32.09
O1D CLA KD . -13.23 21.53 -32.08
O2D CLA KD . -15.38 22.08 -32.13
CED CLA KD . -15.27 23.11 -33.13
MG CLA LD . -4.05 15.75 -9.77
CHA CLA LD . -3.49 15.53 -13.20
CHB CLA LD . -5.79 12.83 -9.88
CHC CLA LD . -4.93 16.21 -6.48
CHD CLA LD . -2.56 18.96 -9.78
NA CLA LD . -4.46 14.37 -11.30
C1A CLA LD . -4.16 14.45 -12.67
C2A CLA LD . -4.69 13.21 -13.41
C3A CLA LD . -5.22 12.30 -12.27
C4A CLA LD . -5.15 13.21 -11.05
CMA CLA LD . -6.64 11.86 -12.55
CAA CLA LD . -3.69 12.39 -14.23
CBA CLA LD . -4.36 11.95 -15.53
CGA CLA LD . -3.73 10.74 -16.15
O1A CLA LD . -2.58 10.32 -16.07
O2A CLA LD . -4.64 10.06 -16.93
NB CLA LD . -5.06 14.65 -8.41
C1B CLA LD . -5.83 13.58 -8.70
C2B CLA LD . -6.76 13.27 -7.57
C3B CLA LD . -6.52 14.22 -6.60
C4B CLA LD . -5.43 15.11 -7.12
CMB CLA LD . -7.70 12.16 -7.67
CAB CLA LD . -7.12 14.47 -5.30
CBB CLA LD . -7.81 13.62 -4.53
NC CLA LD . -3.69 17.25 -8.36
C1C CLA LD . -4.09 17.20 -7.05
C2C CLA LD . -3.65 18.41 -6.35
C3C CLA LD . -3.06 19.23 -7.31
C4C CLA LD . -3.09 18.50 -8.57
CMC CLA LD . -3.87 18.69 -4.94
CAC CLA LD . -2.50 20.58 -7.10
CBC CLA LD . -1.04 20.67 -6.70
ND CLA LD . -3.09 16.95 -11.09
C1D CLA LD . -2.57 18.26 -10.97
C2D CLA LD . -2.05 18.70 -12.28
C3D CLA LD . -2.37 17.69 -13.17
C4D CLA LD . -3.05 16.64 -12.39
CMD CLA LD . -1.38 19.98 -12.54
CAD CLA LD . -2.28 17.23 -14.54
OBD CLA LD . -1.70 17.73 -15.50
CBD CLA LD . -3.10 15.91 -14.62
CGD CLA LD . -4.29 16.03 -15.52
O1D CLA LD . -4.63 15.26 -16.43
O2D CLA LD . -5.07 17.12 -15.28
CED CLA LD . -6.47 17.01 -15.53
C1 CLA LD . -4.25 8.80 -17.54
C2 CLA LD . -3.58 9.07 -18.83
C3 CLA LD . -3.77 8.33 -19.94
C4 CLA LD . -3.08 8.64 -21.20
C5 CLA LD . -4.70 7.16 -19.94
C6 CLA LD . -5.96 7.41 -20.73
C7 CLA LD . -6.87 6.20 -20.69
C8 CLA LD . -8.22 6.48 -21.32
C9 CLA LD . -8.08 6.72 -22.81
C10 CLA LD . -8.92 7.65 -20.65
MG CLA MD . 0.34 5.18 -12.19
CHA CLA MD . -0.13 8.44 -13.30
CHB CLA MD . -2.51 5.38 -10.34
CHC CLA MD . 0.77 1.89 -11.28
CHD CLA MD . 3.29 5.02 -14.15
NA CLA MD . -1.07 6.68 -11.89
C1A CLA MD . -1.09 7.97 -12.44
C2A CLA MD . -2.34 8.72 -12.00
C3A CLA MD . -2.99 7.78 -10.96
C4A CLA MD . -2.16 6.51 -11.08
CMA CLA MD . -2.89 8.40 -9.60
CAA CLA MD . -3.30 8.91 -13.17
CBA CLA MD . -3.87 7.66 -13.85
CGA CLA MD . -2.95 6.95 -14.80
O1A CLA MD . -2.11 7.43 -15.55
O2A CLA MD . -3.07 5.58 -14.75
NB CLA MD . -0.65 3.90 -10.98
C1B CLA MD . -1.82 4.15 -10.36
C2B CLA MD . -2.29 2.93 -9.63
C3B CLA MD . -1.36 1.94 -9.89
C4B CLA MD . -0.31 2.54 -10.78
CMB CLA MD . -3.53 2.89 -8.86
CAB CLA MD . -1.32 0.56 -9.50
CBB CLA MD . -2.29 -0.34 -9.70
NC CLA MD . 1.78 3.73 -12.63
C1C CLA MD . 1.75 2.44 -12.17
C2C CLA MD . 2.89 1.70 -12.71
C3C CLA MD . 3.61 2.60 -13.50
C4C CLA MD . 2.90 3.87 -13.44
CMC CLA MD . 3.19 0.30 -12.45
CAC CLA MD . 4.85 2.35 -14.25
CBC CLA MD . 6.06 2.79 -13.47
ND CLA MD . 1.34 6.37 -13.49
C1D CLA MD . 2.56 6.19 -14.20
C2D CLA MD . 2.89 7.43 -14.94
C3D CLA MD . 1.87 8.32 -14.65
C4D CLA MD . 0.95 7.62 -13.74
CMD CLA MD . 4.06 7.61 -15.80
CAD CLA MD . 1.32 9.64 -14.89
OBD CLA MD . 1.67 10.52 -15.66
CBD CLA MD . 0.09 9.79 -13.95
CGD CLA MD . 0.29 10.87 -12.92
O1D CLA MD . 1.19 10.93 -12.07
O2D CLA MD . -0.63 11.86 -12.96
CED CLA MD . -0.33 13.10 -12.31
C1 CLA MD . -1.87 4.85 -15.06
C2 CLA MD . -2.09 3.42 -14.69
C3 CLA MD . -1.84 2.40 -15.53
C4 CLA MD . -1.33 2.63 -16.90
C5 CLA MD . -2.06 0.98 -15.15
C6 CLA MD . -1.96 0.73 -13.66
C7 CLA MD . -2.57 -0.62 -13.30
C8 CLA MD . -1.74 -1.78 -13.82
C9 CLA MD . -2.52 -3.08 -13.71
C10 CLA MD . -0.41 -1.88 -13.07
C11 CLA MD . 0.35 -3.14 -13.39
C12 CLA MD . 1.71 -2.88 -14.01
C13 CLA MD . 2.53 -4.15 -14.04
C14 CLA MD . 2.93 -4.56 -12.64
C15 CLA MD . 3.78 -4.00 -14.92
C16 CLA MD . 3.53 -4.58 -16.30
C17 CLA MD . 4.62 -5.56 -16.70
C18 CLA MD . 5.79 -4.87 -17.38
C19 CLA MD . 6.07 -5.48 -18.73
C20 CLA MD . 7.04 -4.97 -16.51
MG CLA ND . -8.99 1.50 -8.75
CHA CLA ND . -8.35 4.79 -9.61
CHB CLA ND . -11.56 2.51 -6.77
CHC CLA ND . -9.66 -1.79 -8.06
CHD CLA ND . -6.31 0.51 -10.81
NA CLA ND . -9.80 3.36 -8.28
C1A CLA ND . -9.39 4.63 -8.73
C2A CLA ND . -10.26 5.74 -8.13
C3A CLA ND . -11.12 4.98 -7.08
C4A CLA ND . -10.84 3.51 -7.39
CMA CLA ND . -10.75 5.34 -5.67
CAA CLA ND . -11.15 6.40 -9.18
CBA CLA ND . -11.65 5.48 -10.26
CGA CLA ND . -12.59 6.20 -11.18
O1A CLA ND . -13.66 6.76 -10.91
O2A CLA ND . -12.15 6.23 -12.47
NB CLA ND . -10.23 0.55 -7.47
C1B CLA ND . -11.36 1.13 -6.99
C2B CLA ND . -12.43 0.12 -6.76
C3B CLA ND . -11.90 -1.10 -7.12
C4B CLA ND . -10.50 -0.84 -7.58
CMB CLA ND . -13.77 0.44 -6.27
CAB CLA ND . -12.54 -2.39 -7.13
CBB CLA ND . -12.18 -3.48 -6.47
NC CLA ND . -8.11 -0.30 -9.31
C1C CLA ND . -8.52 -1.53 -8.87
C2C CLA ND . -7.66 -2.57 -9.43
C3C CLA ND . -6.74 -1.92 -10.25
C4C CLA ND . -7.02 -0.50 -10.15
CMC CLA ND . -7.80 -4.00 -9.16
CAC CLA ND . -5.65 -2.53 -11.03
CBC CLA ND . -6.01 -2.65 -12.49
ND CLA ND . -7.74 2.36 -10.09
C1D CLA ND . -6.62 1.85 -10.80
C2D CLA ND . -5.92 2.96 -11.48
C3D CLA ND . -6.58 4.12 -11.09
C4D CLA ND . -7.66 3.69 -10.19
CMD CLA ND . -4.78 2.80 -12.37
CAD CLA ND . -6.66 5.55 -11.21
OBD CLA ND . -6.08 6.31 -11.97
CBD CLA ND . -7.68 6.04 -10.14
CGD CLA ND . -7.01 6.73 -8.99
O1D CLA ND . -6.81 6.26 -7.88
O2D CLA ND . -6.61 8.00 -9.24
CED CLA ND . -6.26 8.79 -8.10
C1 CLA ND . -13.13 6.49 -13.49
C2 CLA ND . -12.41 6.51 -14.79
MG CLA OD . -23.15 14.67 36.80
CHA CLA OD . -25.60 16.78 38.09
CHB CLA OD . -24.27 15.32 33.65
CHC CLA OD . -20.65 12.67 35.56
CHD CLA OD . -21.99 14.07 40.09
NA CLA OD . -24.68 15.88 36.03
C1A CLA OD . -25.58 16.70 36.73
C2A CLA OD . -26.50 17.44 35.75
C3A CLA OD . -26.09 16.90 34.36
C4A CLA OD . -24.92 15.97 34.68
CMA CLA OD . -27.22 16.17 33.68
CAA CLA OD . -26.24 18.94 35.77
CBA CLA OD . -24.77 19.31 35.55
CGA CLA OD . -24.19 20.02 36.74
O1A CLA OD . -24.49 19.90 37.93
O2A CLA OD . -23.19 20.89 36.41
NB CLA OD . -22.53 14.15 34.95
C1B CLA OD . -23.19 14.43 33.81
C2B CLA OD . -22.62 13.63 32.69
C3B CLA OD . -21.60 12.87 33.21
C4B CLA OD . -21.53 13.19 34.67
CMB CLA OD . -23.16 13.73 31.34
CAB CLA OD . -20.71 11.93 32.58
CBB CLA OD . -21.08 10.89 31.83
NC CLA OD . -21.60 13.57 37.67
C1C CLA OD . -20.68 12.84 36.97
C2C CLA OD . -19.72 12.24 37.89
C3C CLA OD . -20.11 12.62 39.18
C4C CLA OD . -21.29 13.47 39.02
CMC CLA OD . -18.60 11.39 37.49
CAC CLA OD . -19.45 12.27 40.44
CBC CLA OD . -19.97 10.98 41.03
ND CLA OD . -23.67 15.20 38.67
C1D CLA OD . -23.09 14.89 39.94
C2D CLA OD . -23.90 15.56 41.00
C3D CLA OD . -24.89 16.25 40.35
C4D CLA OD . -24.69 16.03 38.91
CMD CLA OD . -23.66 15.45 42.42
CAD CLA OD . -26.05 17.11 40.50
OBD CLA OD . -26.60 17.49 41.53
CBD CLA OD . -26.50 17.52 39.07
CGD CLA OD . -27.95 17.19 38.84
O1D CLA OD . -28.41 16.26 38.16
O2D CLA OD . -28.82 18.02 39.46
CED CLA OD . -30.09 17.50 39.86
C1 CLA OD . -22.27 21.25 37.46
C2 CLA OD . -21.04 21.77 36.80
C3 CLA OD . -19.79 21.47 37.20
C4 CLA OD . -19.49 20.58 38.35
C5 CLA OD . -18.62 22.04 36.50
C6 CLA OD . -18.67 23.54 36.46
C7 CLA OD . -17.37 24.14 35.98
C8 CLA OD . -17.59 25.23 34.93
C9 CLA OD . -16.67 25.01 33.76
C10 CLA OD . -17.37 26.61 35.53
C11 CLA OD . -18.64 27.19 36.13
C12 CLA OD . -19.42 28.06 35.16
C13 CLA OD . -19.39 29.52 35.59
C14 CLA OD . -20.05 29.70 36.95
C15 CLA OD . -20.03 30.42 34.55
C16 CLA OD . -21.53 30.23 34.42
C17 CLA OD . -21.96 30.25 32.98
C18 CLA OD . -23.09 31.23 32.69
C19 CLA OD . -23.68 30.97 31.32
C20 CLA OD . -22.57 32.66 32.75
MG CLA PD . -14.50 17.63 24.75
CHA CLA PD . -17.65 17.09 23.37
CHB CLA PD . -14.06 20.27 22.68
CHC CLA PD . -11.58 18.37 26.41
CHD CLA PD . -15.16 15.10 27.15
NA CLA PD . -15.64 18.45 23.20
C1A CLA PD . -16.95 18.12 22.80
C2A CLA PD . -17.40 19.02 21.64
C3A CLA PD . -16.13 19.84 21.31
C4A CLA PD . -15.20 19.51 22.47
CMA CLA PD . -15.53 19.45 19.97
CAA CLA PD . -18.56 19.93 22.06
CBA CLA PD . -18.29 21.41 21.87
CGA CLA PD . -19.49 22.19 22.33
O1A CLA PD . -20.66 22.08 21.96
O2A CLA PD . -19.19 23.12 23.28
NB CLA PD . -13.04 18.99 24.51
C1B CLA PD . -13.11 20.07 23.70
C2B CLA PD . -12.01 21.02 24.02
C3B CLA PD . -11.30 20.49 25.07
C4B CLA PD . -11.95 19.18 25.39
CMB CLA PD . -11.80 22.30 23.33
CAB CLA PD . -10.16 21.00 25.78
CBB CLA PD . -8.94 20.48 25.79
NC CLA PD . -13.51 16.81 26.41
C1C CLA PD . -12.31 17.26 26.88
C2C CLA PD . -11.89 16.48 28.04
C3C CLA PD . -12.94 15.59 28.31
C4C CLA PD . -13.96 15.81 27.28
CMC CLA PD . -10.64 16.75 28.75
CAC CLA PD . -13.04 14.61 29.41
CBC CLA PD . -12.03 13.48 29.39
ND CLA PD . -15.97 16.29 25.15
C1D CLA PD . -16.12 15.31 26.17
C2D CLA PD . -17.41 14.61 25.97
C3D CLA PD . -18.03 15.23 24.90
C4D CLA PD . -17.11 16.30 24.46
CMD CLA PD . -17.88 13.49 26.77
CAD CLA PD . -19.19 15.25 24.03
OBD CLA PD . -20.13 14.47 23.96
CBD CLA PD . -19.03 16.50 23.10
CGD CLA PD . -19.21 16.16 21.64
O1D CLA PD . -18.74 15.18 21.03
O2D CLA PD . -19.97 17.06 20.96
CED CLA PD . -20.44 16.69 19.66
C1 CLA PD . -20.29 23.66 24.04
C2 CLA PD . -20.01 23.36 25.47
C3 CLA PD . -20.96 23.42 26.42
C4 CLA PD . -22.37 23.78 26.13
C5 CLA PD . -20.64 23.10 27.85
C6 CLA PD . -20.89 24.27 28.77
C7 CLA PD . -20.81 23.85 30.22
C8 CLA PD . -20.79 25.04 31.17
C9 CLA PD . -19.57 25.89 30.93
C10 CLA PD . -20.83 24.57 32.62
C11 CLA PD . -21.60 25.54 33.49
C12 CLA PD . -21.73 25.04 34.91
C13 CLA PD . -22.48 26.03 35.80
C14 CLA PD . -22.31 25.68 37.27
C15 CLA PD . -23.96 26.11 35.43
C16 CLA PD . -24.38 27.54 35.18
C17 CLA PD . -25.17 27.69 33.89
C18 CLA PD . -26.69 27.70 34.06
C19 CLA PD . -27.16 28.25 35.39
C20 CLA PD . -27.29 26.33 33.81
MG CLA QD . -32.75 18.74 15.85
CHA CLA QD . -35.35 17.11 17.49
CHB CLA QD . -34.72 19.14 13.10
CHC CLA QD . -30.30 20.69 14.43
CHD CLA QD . -30.80 18.47 18.79
NA CLA QD . -34.68 18.14 15.36
C1A CLA QD . -35.62 17.50 16.19
C2A CLA QD . -36.93 17.28 15.43
C3A CLA QD . -36.60 17.70 13.99
C4A CLA QD . -35.24 18.38 14.14
CMA CLA QD . -36.54 16.53 13.04
CAA CLA QD . -38.07 18.14 16.01
CBA CLA QD . -37.74 19.62 16.13
CGA CLA QD . -37.34 20.00 17.53
O1A CLA QD . -37.72 19.52 18.60
O2A CLA QD . -36.43 21.02 17.57
NB CLA QD . -32.53 19.71 14.09
C1B CLA QD . -33.48 19.81 13.12
C2B CLA QD . -33.02 20.72 12.04
C3B CLA QD . -31.77 21.17 12.40
C4B CLA QD . -31.45 20.53 13.71
CMB CLA QD . -33.85 21.01 10.86
CAB CLA QD . -30.86 22.07 11.74
CBB CLA QD . -30.49 22.03 10.46
NC CLA QD . -30.85 19.38 16.46
C1C CLA QD . -30.00 20.14 15.71
C2C CLA QD . -28.78 20.40 16.45
C3C CLA QD . -28.93 19.81 17.70
C4C CLA QD . -30.24 19.18 17.70
CMC CLA QD . -27.62 21.17 15.96
CAC CLA QD . -27.96 19.81 18.80
CBC CLA QD . -28.03 21.08 19.61
ND CLA QD . -32.90 17.86 17.66
C1D CLA QD . -32.03 17.87 18.79
C2D CLA QD . -32.69 17.15 19.90
C3D CLA QD . -33.96 16.83 19.47
C4D CLA QD . -34.05 17.32 18.07
CMD CLA QD . -32.08 16.89 21.21
CAD CLA QD . -35.21 16.17 19.79
OBD CLA QD . -35.52 15.51 20.77
CBD CLA QD . -36.18 16.46 18.59
CGD CLA QD . -36.95 15.22 18.18
O1D CLA QD . -37.89 14.70 18.80
O2D CLA QD . -36.57 14.63 17.01
CED CLA QD . -37.58 13.92 16.29
C1 CLA QD . -35.04 20.66 17.73
C2 CLA QD . -34.75 20.49 19.18
C3 CLA QD . -33.93 21.30 19.88
C4 CLA QD . -33.67 21.09 21.32
C5 CLA QD . -33.24 22.44 19.22
C6 CLA QD . -31.72 22.34 19.26
C7 CLA QD . -31.08 23.46 18.48
C8 CLA QD . -31.49 24.84 18.97
C9 CLA QD . -31.10 25.91 17.97
C10 CLA QD . -30.86 25.12 20.33
C11 CLA QD . -31.73 26.04 21.18
C12 CLA QD . -33.15 25.52 21.32
C13 CLA QD . -33.90 26.20 22.46
C14 CLA QD . -33.95 27.70 22.26
C15 CLA QD . -33.28 25.87 23.82
C16 CLA QD . -34.27 25.20 24.74
C17 CLA QD . -34.58 23.78 24.31
C18 CLA QD . -35.02 22.91 25.47
C19 CLA QD . -34.83 21.44 25.16
C20 CLA QD . -36.46 23.19 25.84
MG CLA RD . -42.32 21.97 -20.73
CHA CLA RD . -44.04 19.11 -19.77
CHB CLA RD . -43.75 21.84 -23.80
CHC CLA RD . -40.69 24.89 -21.56
CHD CLA RD . -40.84 22.10 -17.51
NA CLA RD . -43.67 20.66 -21.62
C1A CLA RD . -44.29 19.53 -21.06
C2A CLA RD . -45.23 18.86 -22.09
C3A CLA RD . -44.99 19.67 -23.38
C4A CLA RD . -44.09 20.82 -22.92
CMA CLA RD . -44.33 18.85 -24.46
CAA CLA RD . -46.69 18.99 -21.68
CBA CLA RD . -47.64 18.64 -22.82
CGA CLA RD . -49.04 19.04 -22.50
O1A CLA RD . -50.07 18.86 -23.16
O2A CLA RD . -49.18 19.68 -21.30
NB CLA RD . -42.24 23.15 -22.36
C1B CLA RD . -42.92 22.93 -23.52
C2B CLA RD . -42.63 24.03 -24.50
C3B CLA RD . -41.77 24.89 -23.86
C4B CLA RD . -41.50 24.34 -22.51
CMB CLA RD . -43.21 24.08 -25.84
CAB CLA RD . -41.16 26.11 -24.36
CBB CLA RD . -41.39 27.33 -23.89
NC CLA RD . -40.99 23.24 -19.72
C1C CLA RD . -40.45 24.37 -20.26
C2C CLA RD . -39.57 25.02 -19.28
C3C CLA RD . -39.61 24.25 -18.13
C4C CLA RD . -40.51 23.13 -18.41
CMC CLA RD . -38.82 26.26 -19.52
CAC CLA RD . -38.90 24.50 -16.87
CBC CLA RD . -39.77 25.17 -15.83
ND CLA RD . -42.33 20.88 -19.03
C1D CLA RD . -41.69 21.04 -17.78
C2D CLA RD . -42.09 19.94 -16.88
C3D CLA RD . -42.98 19.16 -17.60
C4D CLA RD . -43.12 19.80 -18.93
CMD CLA RD . -41.59 19.77 -15.52
CAD CLA RD . -43.83 17.99 -17.57
OBD CLA RD . -44.00 17.15 -16.69
CBD CLA RD . -44.56 17.94 -18.96
CGD CLA RD . -44.35 16.63 -19.66
O1D CLA RD . -45.21 15.81 -19.99
O2D CLA RD . -43.05 16.33 -19.93
CED CLA RD . -42.77 15.17 -20.71
C1 CLA RD . -49.82 20.98 -21.31
C2 CLA RD . -48.84 21.93 -21.90
C3 CLA RD . -48.50 23.09 -21.32
C4 CLA RD . -49.05 23.53 -20.02
C5 CLA RD . -47.51 24.00 -21.98
C6 CLA RD . -46.44 24.50 -21.03
C7 CLA RD . -45.25 25.07 -21.77
C8 CLA RD . -45.27 26.58 -22.02
C9 CLA RD . -46.10 27.35 -21.02
C10 CLA RD . -45.74 26.89 -23.45
C11 CLA RD . -44.95 28.03 -24.06
C12 CLA RD . -45.09 28.05 -25.57
MG CLA SD . -15.24 35.93 29.99
CHA CLA SD . -13.61 37.96 32.31
CHB CLA SD . -17.02 38.58 28.89
CHC CLA SD . -16.88 33.85 27.78
CHD CLA SD . -13.50 33.12 31.29
NA CLA SD . -15.24 37.96 30.50
C1A CLA SD . -14.47 38.62 31.47
C2A CLA SD . -14.80 40.12 31.48
C3A CLA SD . -15.94 40.26 30.45
C4A CLA SD . -16.08 38.84 29.87
CMA CLA SD . -17.22 40.69 31.10
CAA CLA SD . -13.63 40.96 30.99
CBA CLA SD . -12.99 41.85 32.05
CGA CLA SD . -13.85 43.02 32.42
O1A CLA SD . -13.71 44.21 32.12
O2A CLA SD . -14.93 42.67 33.19
NB CLA SD . -16.65 36.18 28.57
C1B CLA SD . -17.28 37.35 28.29
C2B CLA SD . -18.30 37.12 27.22
C3B CLA SD . -18.26 35.79 26.91
C4B CLA SD . -17.22 35.17 27.77
CMB CLA SD . -19.14 38.19 26.70
CAB CLA SD . -19.05 35.03 25.97
CBB CLA SD . -18.91 35.05 24.64
NC CLA SD . -15.17 33.88 29.60
C1C CLA SD . -15.92 33.24 28.65
C2C CLA SD . -15.62 31.82 28.63
C3C CLA SD . -14.66 31.60 29.62
C4C CLA SD . -14.39 32.90 30.23
CMC CLA SD . -16.22 30.84 27.74
CAC CLA SD . -14.04 30.32 29.99
CBC CLA SD . -12.69 30.13 29.31
ND CLA SD . -13.86 35.56 31.43
C1D CLA SD . -13.24 34.36 31.86
C2D CLA SD . -12.37 34.66 33.01
C3D CLA SD . -12.48 36.02 33.23
C4D CLA SD . -13.42 36.54 32.21
CMD CLA SD . -11.59 33.67 33.74
CAD CLA SD . -12.11 37.13 34.07
OBD CLA SD . -11.45 37.13 35.11
CBD CLA SD . -12.75 38.41 33.47
CGD CLA SD . -13.48 39.17 34.54
O1D CLA SD . -13.30 40.33 34.92
O2D CLA SD . -14.45 38.46 35.18
CED CLA SD . -14.51 38.60 36.60
C1 CLA SD . -14.97 43.10 34.56
C2 CLA SD . -15.94 42.19 35.20
C3 CLA SD . -17.24 42.50 35.39
C4 CLA SD . -17.80 43.80 35.00
C5 CLA SD . -18.17 41.53 36.04
C6 CLA SD . -19.33 41.13 35.13
C7 CLA SD . -20.42 40.42 35.91
C8 CLA SD . -21.67 40.13 35.09
C9 CLA SD . -22.18 41.38 34.40
C10 CLA SD . -22.77 39.57 35.99
C11 CLA SD . -23.82 38.82 35.19
C12 CLA SD . -24.17 37.49 35.85
C13 CLA SD . -25.09 36.62 35.01
C14 CLA SD . -24.70 36.63 33.54
C15 CLA SD . -26.55 37.00 35.20
C16 CLA SD . -27.48 36.06 34.44
C17 CLA SD . -27.49 34.66 35.01
C18 CLA SD . -28.03 33.66 34.00
C19 CLA SD . -28.33 32.32 34.65
C20 CLA SD . -27.06 33.47 32.86
MG CLA TD . 6.95 -5.20 -6.09
CHA CLA TD . 4.24 -6.87 -4.70
CHB CLA TD . 8.57 -5.32 -3.11
CHC CLA TD . 9.64 -3.64 -7.54
CHD CLA TD . 5.24 -5.14 -9.20
NA CLA TD . 6.45 -5.96 -4.20
C1A CLA TD . 5.28 -6.63 -3.82
C2A CLA TD . 5.35 -7.01 -2.32
C3A CLA TD . 6.73 -6.45 -1.87
C4A CLA TD . 7.30 -5.86 -3.14
CMA CLA TD . 6.71 -5.43 -0.77
CAA CLA TD . 5.32 -8.51 -2.06
CBA CLA TD . 6.41 -9.25 -2.81
CGA CLA TD . 5.81 -10.35 -3.64
O1A CLA TD . 5.61 -10.36 -4.85
O2A CLA TD . 5.47 -11.45 -2.89
NB CLA TD . 8.73 -4.53 -5.44
C1B CLA TD . 9.24 -4.76 -4.19
C2B CLA TD . 10.67 -4.36 -4.13
C3B CLA TD . 10.99 -3.89 -5.38
C4B CLA TD . 9.77 -3.98 -6.23
CMB CLA TD . 11.49 -4.50 -2.93
CAB CLA TD . 12.27 -3.38 -5.81
CBB CLA TD . 12.98 -3.82 -6.85
NC CLA TD . 7.35 -4.50 -8.01
C1C CLA TD . 8.51 -3.88 -8.38
C2C CLA TD . 8.45 -3.52 -9.80
C3C CLA TD . 7.21 -3.95 -10.27
C4C CLA TD . 6.52 -4.57 -9.14
CMC CLA TD . 9.52 -2.84 -10.53
CAC CLA TD . 6.68 -3.81 -11.64
CBC CLA TD . 6.66 -5.09 -12.44
ND CLA TD . 5.19 -5.85 -6.84
C1D CLA TD . 4.61 -5.75 -8.14
C2D CLA TD . 3.28 -6.40 -8.13
C3D CLA TD . 3.09 -6.85 -6.84
C4D CLA TD . 4.30 -6.49 -6.08
CMD CLA TD . 2.39 -6.50 -9.29
CAD CLA TD . 2.19 -7.53 -5.93
OBD CLA TD . 1.09 -8.02 -6.14
CBD CLA TD . 2.90 -7.55 -4.54
CGD CLA TD . 2.12 -6.75 -3.55
O1D CLA TD . 2.33 -5.60 -3.18
O2D CLA TD . 1.03 -7.40 -3.05
CED CLA TD . -0.11 -6.60 -2.79
C1 CLA TD . 5.97 -12.73 -3.30
C2 CLA TD . 4.94 -13.36 -4.17
C3 CLA TD . 3.83 -13.97 -3.71
C4 CLA TD . 3.53 -14.09 -2.26
C5 CLA TD . 2.83 -14.56 -4.65
C6 CLA TD . 3.13 -14.30 -6.11
C7 CLA TD . 2.35 -13.09 -6.61
C8 CLA TD . 3.07 -12.38 -7.75
C9 CLA TD . 3.18 -10.90 -7.46
C10 CLA TD . 2.36 -12.63 -9.07
C11 CLA TD . 3.30 -12.44 -10.24
C12 CLA TD . 2.85 -13.21 -11.46
C13 CLA TD . 1.53 -12.67 -12.01
C14 CLA TD . 0.99 -13.57 -13.11
C15 CLA TD . 1.68 -11.25 -12.51
C16 CLA TD . 0.45 -10.42 -12.17
C17 CLA TD . 0.72 -8.94 -12.24
C18 CLA TD . -0.44 -8.20 -12.89
C19 CLA TD . 0.05 -7.00 -13.66
C20 CLA TD . -1.46 -7.78 -11.85
MG CLA UD . -24.73 -4.72 -25.16
CHA CLA UD . -24.96 -3.67 -21.87
CHB CLA UD . -21.38 -4.20 -25.09
CHC CLA UD . -24.54 -5.89 -28.39
CHD CLA UD . -28.25 -5.19 -25.21
NA CLA UD . -23.41 -4.04 -23.69
C1A CLA UD . -23.69 -3.69 -22.36
C2A CLA UD . -22.40 -3.26 -21.64
C3A CLA UD . -21.31 -3.36 -22.72
C4A CLA UD . -22.07 -3.92 -23.93
CMA CLA UD . -20.70 -2.00 -23.02
CAA CLA UD . -22.04 -4.21 -20.50
CBA CLA UD . -22.18 -5.67 -20.89
CGA CLA UD . -22.02 -6.56 -19.71
O1A CLA UD . -22.51 -7.68 -19.53
O2A CLA UD . -21.21 -6.04 -18.73
NB CLA UD . -23.24 -5.05 -26.47
C1B CLA UD . -21.95 -4.68 -26.28
C2B CLA UD . -21.17 -4.87 -27.53
C3B CLA UD . -22.05 -5.36 -28.47
C4B CLA UD . -23.39 -5.47 -27.81
CMB CLA UD . -19.74 -4.54 -27.60
CAB CLA UD . -21.86 -5.70 -29.86
CBB CLA UD . -21.21 -4.96 -30.76
NC CLA UD . -26.15 -5.42 -26.54
C1C CLA UD . -25.84 -5.87 -27.79
C2C CLA UD . -27.07 -6.32 -28.45
C3C CLA UD . -28.12 -6.08 -27.57
C4C CLA UD . -27.53 -5.53 -26.37
CMC CLA UD . -27.15 -6.88 -29.80
CAC CLA UD . -29.54 -6.37 -27.77
CBC CLA UD . -30.27 -5.20 -28.39
ND CLA UD . -26.29 -4.46 -23.91
C1D CLA UD . -27.69 -4.68 -24.06
C2D CLA UD . -28.37 -4.30 -22.81
C3D CLA UD . -27.38 -3.90 -21.93
C4D CLA UD . -26.10 -4.03 -22.66
CMD CLA UD . -29.82 -4.36 -22.65
CAD CLA UD . -27.07 -3.39 -20.61
OBD CLA UD . -27.83 -3.09 -19.69
CBD CLA UD . -25.52 -3.27 -20.52
CGD CLA UD . -25.06 -1.88 -20.20
O1D CLA UD . -24.21 -1.53 -19.37
O2D CLA UD . -25.66 -0.92 -20.96
CED CLA UD . -24.81 0.05 -21.58
C1 CLA UD . -20.50 -6.99 -17.92
C2 CLA UD . -19.94 -6.25 -16.76
C3 CLA UD . -19.30 -6.85 -15.75
C4 CLA UD . -19.10 -8.32 -15.70
C5 CLA UD . -18.75 -6.06 -14.61
C6 CLA UD . -17.24 -5.98 -14.63
C7 CLA UD . -16.71 -5.10 -13.52
C8 CLA UD . -15.20 -4.96 -13.55
C9 CLA UD . -14.51 -6.31 -13.57
C10 CLA UD . -14.69 -4.14 -12.37
C11 CLA UD . -13.59 -3.18 -12.76
C12 CLA UD . -13.14 -2.31 -11.60
C13 CLA UD . -12.07 -1.32 -12.02
C14 CLA UD . -10.69 -1.92 -11.90
C15 CLA UD . -12.16 -0.03 -11.22
C16 CLA UD . -11.18 1.02 -11.71
C17 CLA UD . -11.54 1.53 -13.08
C18 CLA UD . -10.37 2.23 -13.76
C19 CLA UD . -9.20 1.29 -13.92
C20 CLA UD . -9.95 3.45 -12.97
C1 PQN VD . -12.61 7.75 28.23
O1 PQN VD . -11.37 7.79 27.57
C2 PQN VD . -12.94 8.75 29.15
C2M PQN VD . -11.94 9.86 29.41
C3 PQN VD . -14.17 8.72 29.81
C4 PQN VD . -15.07 7.70 29.55
O4 PQN VD . -16.31 7.64 30.21
C5 PQN VD . -14.73 6.67 28.62
C6 PQN VD . -15.66 5.63 28.36
C7 PQN VD . -15.33 4.63 27.43
C8 PQN VD . -14.09 4.64 26.78
C9 PQN VD . -13.19 5.67 27.03
C10 PQN VD . -13.53 6.70 27.97
C11 PQN VD . -14.54 9.85 30.84
C12 PQN VD . -15.48 10.91 30.21
C13 PQN VD . -16.50 11.48 31.21
C14 PQN VD . -17.42 10.39 31.70
C15 PQN VD . -17.33 12.58 30.52
C16 PQN VD . -16.83 14.02 30.90
C17 PQN VD . -17.55 15.13 30.07
C18 PQN VD . -18.18 16.23 30.96
C19 PQN VD . -19.14 15.61 31.94
C20 PQN VD . -18.94 17.21 30.05
C21 PQN VD . -18.07 17.73 28.86
C22 PQN VD . -18.73 18.94 28.12
C23 PQN VD . -18.38 18.96 26.62
C24 PQN VD . -17.26 19.94 26.39
C25 PQN VD . -19.61 19.39 25.79
C26 PQN VD . -20.88 18.55 26.12
C27 PQN VD . -22.18 19.31 25.71
C28 PQN VD . -22.42 19.29 24.18
C29 PQN VD . -22.52 17.85 23.66
C30 PQN VD . -23.66 20.08 23.80
C1A DGD WD . -23.71 8.38 21.39
C2A DGD WD . -22.81 9.54 21.10
C3A DGD WD . -23.14 10.70 22.03
C4A DGD WD . -22.54 11.98 21.47
C5A DGD WD . -23.59 12.73 20.68
C6A DGD WD . -22.96 13.80 19.82
C7A DGD WD . -23.50 13.54 18.42
C8A DGD WD . -22.40 13.70 17.41
C9A DGD WD . -23.02 14.28 16.15
CAA DGD WD . -21.90 14.86 15.32
CBA DGD WD . -21.79 16.36 15.64
CCA DGD WD . -20.35 16.74 15.44
CDA DGD WD . -20.30 18.26 15.30
CEA DGD WD . -19.27 18.79 16.26
CFA DGD WD . -19.53 20.25 16.52
CGA DGD WD . -18.50 20.72 17.53
CHA DGD WD . -17.30 21.31 16.83
CIA DGD WD . -16.68 22.34 17.76
O1A DGD WD . -24.60 8.29 22.21
C1B DGD WD . -23.50 7.18 17.35
C2B DGD WD . -23.81 7.63 15.96
C3B DGD WD . -24.67 8.88 15.95
C4B DGD WD . -24.57 9.61 14.61
C5B DGD WD . -23.12 10.09 14.56
C6B DGD WD . -22.72 10.10 13.09
C7B DGD WD . -21.23 10.27 13.08
C8B DGD WD . -21.00 11.75 13.19
C9B DGD WD . -19.89 12.08 12.24
CAB DGD WD . -18.78 12.52 13.14
CBB DGD WD . -17.95 13.40 12.27
CCB DGD WD . -17.18 14.30 13.19
CDB DGD WD . -17.44 15.63 12.53
CEB DGD WD . -16.51 16.63 13.12
CFB DGD WD . -16.80 17.86 12.30
CGB DGD WD . -15.51 18.61 12.16
CHB DGD WD . -15.70 19.97 12.78
CIB DGD WD . -14.73 20.92 12.12
O1B DGD WD . -22.40 6.88 17.77
O1G DGD WD . -23.48 7.43 20.46
C1G DGD WD . -24.36 6.34 20.37
C2G DGD WD . -25.16 6.50 19.04
O2G DGD WD . -24.52 7.50 18.22
C3G DGD WD . -25.12 5.14 18.31
O3G DGD WD . -26.00 4.36 19.11
C1D DGD WD . -27.28 4.18 18.58
C2D DGD WD . -27.18 2.95 17.57
O2D DGD WD . -27.01 3.51 16.30
C3D DGD WD . -28.54 2.17 17.52
O3D DGD WD . -28.31 0.91 16.97
C4D DGD WD . -29.14 1.96 18.93
O4D DGD WD . -28.26 1.24 19.75
C5D DGD WD . -29.29 3.36 19.53
O5D DGD WD . -31.24 2.78 20.64
C6D DGD WD . -29.98 3.35 20.91
O6D DGD WD . -28.01 3.88 19.76
C1E DGD WD . -32.29 3.18 21.46
C2E DGD WD . -33.35 2.04 21.53
O2E DGD WD . -32.72 0.91 22.02
C3E DGD WD . -33.90 1.77 20.11
O3E DGD WD . -34.94 0.85 20.26
C4E DGD WD . -34.47 3.10 19.52
O4E DGD WD . -35.53 3.54 20.29
C5E DGD WD . -33.38 4.20 19.58
O6E DGD WD . -32.82 4.34 20.87
C6E DGD WD . -33.96 5.61 19.30
O5E DGD WD . -33.40 6.00 18.08
C10 WVN XD . -23.29 26.54 -1.32
C11 WVN XD . -43.19 30.61 -13.69
C12 WVN XD . -22.61 25.90 -2.52
C13 WVN XD . -25.46 25.66 -2.20
C14 WVN XD . -23.52 25.83 -3.73
C01 WVN XD . -44.93 32.45 -13.30
C02 WVN XD . -44.64 30.99 -13.79
C03 WVN XD . -46.45 32.68 -13.30
C04 WVN XD . -47.13 31.74 -12.32
C05 WVN XD . -45.61 29.96 -13.18
C06 WVN XD . -24.64 25.91 -0.95
C07 WVN XD . -44.37 32.69 -11.89
C08 WVN XD . -44.27 33.45 -14.24
C09 WVN XD . -46.67 30.33 -12.47
C15 WVN XD . -24.92 25.38 -3.39
C16 WVN XD . -45.32 28.51 -13.47
C17 WVN XD . -25.36 26.87 0.00
C18 WVN XD . -24.38 24.59 -0.20
C19 WVN XD . -42.56 30.15 -12.62
C20 WVN XD . -26.90 25.77 -1.99
C21 WVN XD . -25.59 24.58 -4.47
C22 WVN XD . -41.17 29.76 -12.55
C23 WVN XD . -27.76 26.43 -2.76
C24 WVN XD . -40.39 29.73 -13.83
C25 WVN XD . -29.19 26.57 -2.54
C26 WVN XD . -40.61 29.47 -11.35
C27 WVN XD . -29.73 26.27 -1.16
C28 WVN XD . -29.99 26.91 -3.58
C29 WVN XD . -39.26 29.11 -11.10
C30 WVN XD . -31.40 27.07 -3.60
C31 WVN XD . -38.76 28.84 -9.89
C32 WVN XD . -37.38 28.47 -9.60
C33 WVN XD . -32.07 27.24 -4.74
C34 WVN XD . -33.51 27.41 -4.91
C35 WVN XD . -36.43 28.38 -10.76
C36 WVN XD . -36.99 28.28 -8.32
C37 WVN XD . -34.01 27.52 -6.16
C38 WVN XD . -34.36 27.53 -3.67
C39 WVN XD . -35.68 27.98 -7.85
C40 WVN XD . -35.35 27.80 -6.55
C10 WVN YD . -11.79 12.93 -19.74
C11 WVN YD . -21.99 3.77 -2.07
C12 WVN YD . -12.55 14.01 -20.51
C13 WVN YD . -13.47 11.19 -20.66
C14 WVN YD . -14.07 13.77 -20.46
C01 WVN YD . -24.36 2.92 -2.66
C02 WVN YD . -22.90 2.52 -2.27
C03 WVN YD . -25.43 2.16 -1.85
C04 WVN YD . -25.07 0.66 -1.75
C05 WVN YD . -22.77 1.66 -1.01
C06 WVN YD . -11.98 11.57 -20.44
C07 WVN YD . -24.64 4.45 -2.47
C08 WVN YD . -24.55 2.57 -4.16
C09 WVN YD . -23.71 0.44 -1.07
C15 WVN YD . -14.53 12.30 -20.38
C16 WVN YD . -21.33 1.14 -0.88
C17 WVN YD . -11.18 10.51 -19.62
C18 WVN YD . -11.31 11.66 -21.84
C19 WVN YD . -21.16 3.91 -3.16
C20 WVN YD . -13.85 9.88 -19.90
C21 WVN YD . -15.69 12.15 -21.39
C22 WVN YD . -20.04 4.66 -3.92
C23 WVN YD . -14.64 10.01 -18.78
C24 WVN YD . -19.86 5.96 -3.18
C25 WVN YD . -15.42 9.44 -17.58
C26 WVN YD . -20.51 4.88 -5.36
C27 WVN YD . -16.76 8.93 -18.11
C28 WVN YD . -15.64 10.54 -16.53
C29 WVN YD . -20.07 6.25 -5.96
C30 WVN YD . -15.41 10.04 -15.06
C31 WVN YD . -18.90 6.15 -6.64
C32 WVN YD . -17.76 6.79 -7.48
C33 WVN YD . -16.48 9.35 -14.60
C34 WVN YD . -17.28 8.54 -13.58
C35 WVN YD . -17.51 8.17 -6.91
C36 WVN YD . -18.19 6.89 -8.94
C37 WVN YD . -16.63 8.57 -12.19
C38 WVN YD . -17.36 7.11 -14.06
C39 WVN YD . -17.23 7.73 -9.85
C40 WVN YD . -17.51 7.77 -11.17
C10 WVN ZD . -41.69 44.55 -20.27
C11 WVN ZD . -29.34 34.81 -3.02
C12 WVN ZD . -41.24 44.00 -21.62
C13 WVN ZD . -41.07 42.15 -19.40
C14 WVN ZD . -41.88 42.62 -21.87
C01 WVN ZD . -26.87 35.16 -3.71
C02 WVN ZD . -28.26 35.85 -3.48
C03 WVN ZD . -25.66 35.96 -3.17
C04 WVN ZD . -25.83 37.46 -3.44
C05 WVN ZD . -28.19 37.00 -2.46
C06 WVN ZD . -41.18 43.68 -19.11
C07 WVN ZD . -26.79 33.75 -3.04
C08 WVN ZD . -26.66 34.99 -5.23
C09 WVN ZD . -27.09 38.04 -2.77
C15 WVN ZD . -41.81 41.64 -20.67
C16 WVN ZD . -29.53 37.76 -2.39
C17 WVN ZD . -42.10 43.98 -17.89
C18 WVN ZD . -39.74 44.18 -18.76
C19 WVN ZD . -30.45 34.69 -3.84
C20 WVN ZD . -41.52 41.31 -18.17
C21 WVN ZD . -43.25 41.21 -20.33
C22 WVN ZD . -31.85 34.05 -4.17
C23 WVN ZD . -40.52 40.62 -17.55
C24 WVN ZD . -31.79 32.57 -3.85
C25 WVN ZD . -40.03 39.66 -16.43
C26 WVN ZD . -32.23 34.26 -5.64
C27 WVN ZD . -40.27 38.23 -16.88
C28 WVN ZD . -38.54 39.88 -16.13
C29 WVN ZD . -32.12 35.75 -6.09
C30 WVN ZD . -38.19 39.73 -14.63
C31 WVN ZD . -32.92 36.05 -7.17
C32 WVN ZD . -33.47 37.06 -8.23
C33 WVN ZD . -37.72 38.50 -14.31
C34 WVN ZD . -37.19 37.45 -13.32
C35 WVN ZD . -33.74 38.40 -7.56
C36 WVN ZD . -34.74 36.55 -8.90
C37 WVN ZD . -36.44 38.13 -12.17
C38 WVN ZD . -38.35 36.62 -12.77
C39 WVN ZD . -35.26 37.55 -10.00
C40 WVN ZD . -35.94 37.11 -11.09
C10 WVN AE . -13.19 11.14 35.64
C11 WVN AE . -13.21 29.36 19.53
C12 WVN AE . -14.64 10.64 35.50
C13 WVN AE . -13.88 13.52 34.76
C14 WVN AE . -15.60 11.61 34.80
C01 WVN AE . -12.16 31.56 20.37
C02 WVN AE . -11.88 30.16 19.77
C03 WVN AE . -11.19 32.67 19.88
C04 WVN AE . -9.79 32.12 19.61
C05 WVN AE . -11.10 30.20 18.44
C06 WVN AE . -12.79 12.42 34.87
C07 WVN AE . -13.61 32.06 20.04
C08 WVN AE . -12.02 31.46 21.91
C09 WVN AE . -9.79 31.04 18.51
C15 WVN AE . -15.31 13.07 35.18
C16 WVN AE . -10.73 28.77 18.03
C17 WVN AE . -11.62 13.06 35.66
C18 WVN AE . -12.23 11.98 33.48
C19 WVN AE . -13.42 28.29 20.39
C20 WVN AE . -13.89 14.19 33.36
C21 WVN AE . -16.39 13.98 34.59
C22 WVN AE . -14.27 27.07 20.89
C23 WVN AE . -13.25 15.40 33.36
C24 WVN AE . -15.68 27.53 21.18
C25 WVN AE . -12.71 16.69 32.70
C26 WVN AE . -13.66 26.46 22.16
C27 WVN AE . -12.09 17.57 33.78
C28 WVN AE . -13.86 17.44 31.99
C29 WVN AE . -14.25 25.06 22.50
C30 WVN AE . -13.66 18.98 31.92
C31 WVN AE . -14.61 24.91 23.82
C32 WVN AE . -15.19 24.08 25.02
C33 WVN AE . -13.30 19.44 30.71
C34 WVN AE . -12.91 20.59 29.74
C35 WVN AE . -15.92 22.88 24.46
C36 WVN AE . -14.05 23.64 25.95
C37 WVN AE . -13.76 20.55 28.47
C38 WVN AE . -11.44 20.48 29.40
C39 WVN AE . -14.42 22.42 26.87
C40 WVN AE . -13.43 21.76 27.53
C10 WVN BE . -36.40 36.94 -22.80
C11 WVN BE . -39.24 14.28 -29.17
C12 WVN BE . -37.88 36.86 -22.39
C13 WVN BE . -36.15 34.39 -22.44
C14 WVN BE . -38.21 35.69 -21.46
C01 WVN BE . -37.19 12.70 -29.16
C02 WVN BE . -38.72 12.84 -28.87
C03 WVN BE . -36.80 11.41 -29.91
C04 WVN BE . -37.59 10.20 -29.39
C05 WVN BE . -39.59 11.84 -29.66
C06 WVN BE . -35.94 35.60 -23.40
C07 WVN BE . -36.63 13.91 -29.98
C08 WVN BE . -36.46 12.66 -27.79
C09 WVN BE . -39.11 10.38 -29.56
C15 WVN BE . -37.06 34.68 -21.21
C16 WVN BE . -41.04 11.91 -29.14
C17 WVN BE . -34.42 35.70 -23.71
C18 WVN BE . -36.69 35.42 -24.77
C19 WVN BE . -39.58 15.03 -28.06
C20 WVN BE . -36.64 33.13 -23.21
C21 WVN BE . -37.66 33.39 -20.61
C22 WVN BE . -40.10 16.35 -27.40
C23 WVN BE . -35.69 32.17 -23.36
C24 WVN BE . -41.42 16.06 -26.71
C25 WVN BE . -35.20 30.77 -23.87
C26 WVN BE . -39.07 16.90 -26.40
C27 WVN BE . -33.72 30.63 -23.56
C28 WVN BE . -36.03 29.66 -23.20
C29 WVN BE . -39.72 17.83 -25.33
C30 WVN BE . -35.21 28.34 -22.91
C31 WVN BE . -39.29 19.14 -25.37
C32 WVN BE . -39.34 20.61 -24.83
C33 WVN BE . -35.80 27.21 -23.37
C34 WVN BE . -35.79 25.68 -23.55
C35 WVN BE . -40.47 21.34 -25.51
C36 WVN BE . -38.02 21.36 -25.09
C37 WVN BE . -37.14 25.14 -24.05
C38 WVN BE . -34.71 25.30 -24.55
C39 WVN BE . -38.14 22.89 -24.74
C40 WVN BE . -37.04 23.61 -24.41
C10 WVN CE . -16.46 20.12 51.64
C11 WVN CE . -16.16 35.65 35.41
C12 WVN CE . -17.39 19.26 50.80
C13 WVN CE . -15.93 21.54 49.55
C14 WVN CE . -16.81 19.06 49.39
C01 WVN CE . -18.21 35.13 33.96
C02 WVN CE . -17.58 35.02 35.37
C03 WVN CE . -19.09 36.38 33.76
C04 WVN CE . -20.17 36.43 34.83
C05 WVN CE . -18.36 35.65 36.54
C06 WVN CE . -16.35 21.53 51.05
C07 WVN CE . -17.10 35.12 32.85
C08 WVN CE . -19.10 33.88 33.72
C09 WVN CE . -19.53 36.63 36.21
C15 WVN CE . -16.45 20.38 48.66
C16 WVN CE . -18.93 34.52 37.42
C17 WVN CE . -15.35 22.34 51.91
C18 WVN CE . -17.75 22.22 51.22
C19 WVN CE . -15.17 34.87 36.00
C20 WVN CE . -14.38 21.51 49.45
C21 WVN CE . -17.65 20.85 47.82
C22 WVN CE . -14.59 33.60 36.71
C23 WVN CE . -13.89 22.37 48.49
C24 WVN CE . -13.17 33.90 37.14
C25 WVN CE . -12.70 22.99 47.74
C26 WVN CE . -15.42 33.21 37.95
C27 WVN CE . -11.46 22.15 47.99
C28 WVN CE . -12.96 23.05 46.22
C29 WVN CE . -15.33 31.68 38.27
C30 WVN CE . -14.15 23.99 45.82
C31 WVN CE . -14.51 31.38 39.34
C32 WVN CE . -13.83 30.39 40.32
C33 WVN CE . -13.88 24.80 44.78
C34 WVN CE . -14.35 25.90 43.79
C35 WVN CE . -12.52 29.90 39.72
C36 WVN CE . -14.76 29.20 40.55
C37 WVN CE . -13.29 27.00 43.56
C38 WVN CE . -15.61 26.53 44.35
C39 WVN CE . -14.15 28.02 41.41
C40 WVN CE . -13.88 28.18 42.73
O1 LHG DE . -24.72 -12.96 -26.49
C1 LHG DE . -24.43 -11.91 -27.41
C2 LHG DE . -24.90 -10.60 -26.80
O2 LHG DE . -24.71 -9.53 -27.72
C3 LHG DE . -24.16 -10.22 -25.54
O3 LHG DE . -24.31 -8.81 -25.58
P LHG DE . -24.12 -7.90 -24.26
O4 LHG DE . -23.92 -8.82 -23.10
O5 LHG DE . -25.02 -6.73 -24.47
O6 LHG DE . -22.56 -7.44 -24.61
C4 LHG DE . -21.47 -8.07 -24.00
C5 LHG DE . -20.40 -8.11 -25.10
C6 LHG DE . -19.29 -7.09 -24.87
O7 LHG DE . -19.83 -9.40 -25.05
C7 LHG DE . -18.93 -9.64 -26.06
O9 LHG DE . -17.79 -9.98 -25.83
C8 LHG DE . -19.65 -9.85 -27.34
C9 LHG DE . -18.80 -9.41 -28.50
C10 LHG DE . -18.42 -7.95 -28.34
O8 LHG DE . -19.26 -6.86 -23.46
C23 LHG DE . -18.29 -6.02 -23.00
O10 LHG DE . -18.08 -4.97 -23.59
C24 LHG DE . -17.22 -6.54 -22.05
C11 LHG DE . -18.59 -7.42 -29.74
C12 LHG DE . -17.24 -7.25 -30.34
C13 LHG DE . -16.64 -5.97 -29.83
C14 LHG DE . -15.52 -5.46 -30.72
C15 LHG DE . -14.45 -6.53 -30.73
C16 LHG DE . -13.38 -6.14 -31.71
C17 LHG DE . -12.62 -4.92 -31.20
C18 LHG DE . -11.84 -4.46 -32.40
C19 LHG DE . -10.80 -5.44 -32.90
C20 LHG DE . -9.77 -4.54 -33.54
C21 LHG DE . -8.89 -3.94 -32.49
C22 LHG DE . -8.04 -5.04 -31.89
C25 LHG DE . -17.65 -6.67 -20.61
C26 LHG DE . -16.70 -6.07 -19.58
C27 LHG DE . -17.47 -4.89 -19.04
C28 LHG DE . -17.23 -3.58 -19.74
C29 LHG DE . -18.36 -2.66 -19.26
C30 LHG DE . -17.99 -1.62 -18.22
C31 LHG DE . -18.23 -2.01 -16.78
C32 LHG DE . -17.52 -1.15 -15.76
C33 LHG DE . -18.37 0.09 -15.55
C34 LHG DE . -17.63 1.40 -15.59
C35 LHG DE . -17.89 2.13 -16.90
C36 LHG DE . -18.06 3.60 -16.60
C37 LHG DE . -18.40 4.27 -17.90
C38 LHG DE . -19.11 5.60 -17.74
C1B LMU EE . -38.82 44.38 -29.48
C2B LMU EE . -37.44 44.61 -30.09
C3B LMU EE . -36.36 44.06 -29.16
C4B LMU EE . -36.53 44.63 -27.77
C5B LMU EE . -37.91 44.31 -27.26
C6B LMU EE . -38.17 44.88 -25.88
O1B LMU EE . -39.14 43.00 -29.52
O2B LMU EE . -37.35 43.99 -31.36
O3B LMU EE . -35.07 44.40 -29.67
O4' LMU EE . -35.55 44.06 -26.91
O5B LMU EE . -38.88 44.89 -28.15
O6B LMU EE . -37.78 46.24 -25.79
C1' LMU EE . -42.64 40.78 -30.18
C2' LMU EE . -42.04 41.55 -31.36
C3' LMU EE . -40.59 41.92 -31.09
C4' LMU EE . -40.50 42.65 -29.76
C5' LMU EE . -41.06 41.76 -28.66
C6' LMU EE . -41.07 42.41 -27.30
O1' LMU EE . -42.05 39.52 -30.11
O2' LMU EE . -42.16 40.77 -32.53
O3' LMU EE . -40.10 42.72 -32.15
O5' LMU EE . -42.44 41.46 -28.96
O6' LMU EE . -41.89 43.58 -27.33
C1 LMU EE . -42.95 38.51 -29.64
C2 LMU EE . -42.19 37.43 -28.96
C3 LMU EE . -41.16 36.78 -29.83
C4 LMU EE . -41.75 35.94 -30.91
C5 LMU EE . -40.74 35.06 -31.60
C6 LMU EE . -41.27 34.38 -32.82
C7 LMU EE . -42.52 33.58 -32.57
C8 LMU EE . -43.27 33.21 -33.83
C9 LMU EE . -42.41 32.54 -34.86
C10 LMU EE . -43.17 32.09 -36.08
C11 LMU EE . -44.44 31.36 -35.74
C12 LMU EE . -45.11 30.77 -36.95
C10 WVN FE . -18.72 -1.38 -4.32
C11 WVN FE . -22.16 4.47 -26.41
C12 WVN FE . -19.52 -1.59 -3.02
C13 WVN FE . -20.82 -0.26 -5.35
C14 WVN FE . -21.03 -1.80 -3.27
C01 WVN FE . -23.22 6.11 -28.04
C02 WVN FE . -23.50 5.09 -26.91
C03 WVN FE . -22.91 7.54 -27.52
C04 WVN FE . -24.04 8.02 -26.61
C05 WVN FE . -24.27 5.62 -25.66
C06 WVN FE . -19.29 -0.19 -5.11
C07 WVN FE . -24.43 6.22 -29.03
C08 WVN FE . -22.00 5.66 -28.90
C09 WVN FE . -24.14 7.14 -25.36
C15 WVN FE . -21.52 -1.48 -4.70
C16 WVN FE . -25.76 5.26 -25.75
C17 WVN FE . -18.47 -0.08 -6.44
C18 WVN FE . -18.98 1.10 -4.29
C19 WVN FE . -22.27 3.65 -25.29
C20 WVN FE . -21.19 -0.24 -6.85
C21 WVN FE . -23.04 -1.25 -4.61
C22 WVN FE . -21.67 2.72 -24.19
C23 WVN FE . -21.90 0.86 -7.25
C24 WVN FE . -21.58 1.31 -24.70
C25 WVN FE . -22.64 1.72 -8.30
C26 WVN FE . -22.56 2.76 -22.93
C27 WVN FE . -22.70 3.17 -7.84
C28 WVN FE . -21.92 1.65 -9.66
C29 WVN FE . -21.76 3.06 -21.63
C30 WVN FE . -22.83 1.02 -10.77
C31 WVN FE . -22.12 2.23 -20.59
C32 WVN FE . -22.02 1.71 -19.12
C33 WVN FE . -22.85 1.72 -11.91
C34 WVN FE . -23.33 1.94 -13.36
C35 WVN FE . -20.83 0.79 -18.99
C36 WVN FE . -21.86 2.89 -18.16
C37 WVN FE . -22.16 1.76 -14.34
C38 WVN FE . -23.92 3.35 -13.50
C39 WVN FE . -21.53 2.43 -16.69
C40 WVN FE . -22.52 2.22 -15.80
FE1 SF4 GE . -24.30 -12.75 30.78
FE2 SF4 GE . -26.13 -14.56 31.71
FE3 SF4 GE . -25.57 -14.41 29.03
FE4 SF4 GE . -26.96 -12.40 30.25
S1 SF4 GE . -27.63 -14.56 29.99
S2 SF4 GE . -25.24 -12.18 28.78
S3 SF4 GE . -25.96 -12.37 32.30
S4 SF4 GE . -24.13 -15.01 30.69
FE1 SF4 HE . -25.36 -23.51 23.94
FE2 SF4 HE . -26.56 -23.44 26.40
FE3 SF4 HE . -25.07 -25.62 25.66
FE4 SF4 HE . -27.50 -25.15 24.48
S1 SF4 HE . -27.12 -25.64 26.67
S2 SF4 HE . -25.55 -25.73 23.43
S3 SF4 HE . -27.51 -22.87 24.40
S4 SF4 HE . -24.33 -23.49 25.97
MG CLA IE . 13.75 -14.31 -2.56
CHA CLA IE . 14.17 -17.14 -4.53
CHB CLA IE . 16.07 -12.67 -4.41
CHC CLA IE . 13.19 -11.52 -0.66
CHD CLA IE . 11.49 -16.12 -0.52
NA CLA IE . 14.92 -14.84 -4.21
C1A CLA IE . 14.95 -16.07 -4.90
C2A CLA IE . 15.96 -16.02 -6.06
C3A CLA IE . 16.63 -14.63 -5.89
C4A CLA IE . 15.81 -13.98 -4.77
CMA CLA IE . 18.09 -14.75 -5.53
CAA CLA IE . 15.29 -16.09 -7.42
CBA CLA IE . 16.29 -16.04 -8.56
CGA CLA IE . 17.04 -17.33 -8.64
O1A CLA IE . 16.86 -18.38 -8.01
O2A CLA IE . 18.06 -17.31 -9.56
NB CLA IE . 14.52 -12.45 -2.52
C1B CLA IE . 15.40 -11.96 -3.41
C2B CLA IE . 15.57 -10.49 -3.18
C3B CLA IE . 14.77 -10.14 -2.12
C4B CLA IE . 14.07 -11.39 -1.68
CMB CLA IE . 16.49 -9.68 -3.99
CAB CLA IE . 14.57 -8.85 -1.51
CBB CLA IE . 14.74 -8.53 -0.23
NC CLA IE . 12.57 -13.91 -0.89
C1C CLA IE . 12.50 -12.70 -0.26
C2C CLA IE . 11.57 -12.76 0.86
C3C CLA IE . 11.08 -14.07 0.91
C4C CLA IE . 11.72 -14.79 -0.20
CMC CLA IE . 11.25 -11.65 1.76
CAC CLA IE . 10.14 -14.64 1.86
CBC CLA IE . 10.83 -15.28 3.05
ND CLA IE . 12.93 -16.16 -2.51
C1D CLA IE . 12.05 -16.79 -1.60
C2D CLA IE . 11.82 -18.18 -2.03
C3D CLA IE . 12.56 -18.35 -3.18
C4D CLA IE . 13.27 -17.08 -3.42
CMD CLA IE . 10.92 -19.11 -1.35
CAD CLA IE . 12.92 -19.25 -4.26
OBD CLA IE . 12.45 -20.34 -4.55
CBD CLA IE . 14.06 -18.56 -5.06
CGD CLA IE . 15.36 -19.30 -4.93
O1D CLA IE . 16.28 -19.06 -4.14
O2D CLA IE . 15.50 -20.35 -5.80
CED CLA IE . 16.42 -21.38 -5.44
C1 CLA IE . 18.20 -18.49 -10.38
C2 CLA IE . 18.46 -18.01 -11.76
C3 CLA IE . 18.18 -18.74 -12.86
C4 CLA IE . 17.58 -20.10 -12.77
C5 CLA IE . 18.46 -18.21 -14.22
C6 CLA IE . 17.34 -17.33 -14.73
C7 CLA IE . 17.87 -16.10 -15.45
C8 CLA IE . 18.04 -14.85 -14.59
C9 CLA IE . 19.51 -14.64 -14.23
C10 CLA IE . 17.19 -14.84 -13.32
C11 CLA IE . 17.11 -13.47 -12.70
C12 CLA IE . 17.54 -13.48 -11.25
C13 CLA IE . 18.08 -12.12 -10.83
C14 CLA IE . 19.57 -12.04 -11.11
C15 CLA IE . 17.70 -11.78 -9.38
C16 CLA IE . 18.80 -11.97 -8.36
C17 CLA IE . 19.14 -10.67 -7.65
C18 CLA IE . 20.38 -10.79 -6.79
C19 CLA IE . 21.64 -10.89 -7.63
C20 CLA IE . 20.49 -9.61 -5.85
MG CLA JE . 2.59 3.52 -24.13
CHA CLA JE . 4.72 1.52 -26.02
CHB CLA JE . 1.11 0.73 -22.85
CHC CLA JE . 0.41 5.54 -22.38
CHD CLA JE . 4.10 6.40 -25.54
NA CLA JE . 2.91 1.47 -24.38
C1A CLA JE . 3.85 0.82 -25.21
C2A CLA JE . 3.74 -0.70 -25.07
C3A CLA JE . 2.54 -0.90 -24.10
C4A CLA JE . 2.16 0.53 -23.72
CMA CLA JE . 1.38 -1.60 -24.76
CAA CLA JE . 4.99 -1.32 -24.46
CBA CLA JE . 4.73 -2.57 -23.65
CGA CLA JE . 5.25 -3.78 -24.37
O1A CLA JE . 6.36 -4.30 -24.29
O2A CLA JE . 4.31 -4.34 -25.19
NB CLA JE . 1.08 3.20 -22.84
C1B CLA JE . 0.62 1.98 -22.43
C2B CLA JE . -0.54 2.15 -21.51
C3B CLA JE . -0.75 3.51 -21.37
C4B CLA JE . 0.28 4.19 -22.22
CMB CLA JE . -1.26 1.03 -20.93
CAB CLA JE . -1.76 4.19 -20.60
CBB CLA JE . -1.54 5.04 -19.59
NC CLA JE . 2.33 5.58 -23.97
C1C CLA JE . 1.38 6.20 -23.19
C2C CLA JE . 1.47 7.64 -23.34
C3C CLA JE . 2.51 7.89 -24.23
C4C CLA JE . 3.04 6.59 -24.63
CMC CLA JE . 0.60 8.62 -22.66
CAC CLA JE . 2.97 9.21 -24.70
CBC CLA JE . 4.09 9.77 -23.84
ND CLA JE . 4.08 3.94 -25.42
C1D CLA JE . 4.59 5.17 -25.93
C2D CLA JE . 5.66 4.87 -26.91
C3D CLA JE . 5.74 3.50 -26.99
C4D CLA JE . 4.73 2.96 -26.05
CMD CLA JE . 6.42 5.89 -27.63
CAD CLA JE . 6.42 2.38 -27.61
OBD CLA JE . 7.33 2.36 -28.43
CBD CLA JE . 5.76 1.09 -27.04
CGD CLA JE . 5.15 0.22 -28.12
O1D CLA JE . 5.55 -0.87 -28.52
O2D CLA JE . 4.04 0.77 -28.68
CED CLA JE . 2.95 -0.11 -28.97
C1 CLA JE . 4.75 -4.82 -26.47
C2 CLA JE . 4.97 -6.28 -26.34
C3 CLA JE . 3.97 -7.20 -26.39
C4 CLA JE . 2.56 -6.82 -26.60
C5 CLA JE . 4.26 -8.65 -26.25
C6 CLA JE . 5.72 -8.97 -26.02
C7 CLA JE . 5.88 -10.17 -25.11
C10 WVN KE . 16.16 -7.11 -9.65
C11 WVN KE . -0.12 -7.49 7.14
C12 WVN KE . 17.64 -6.99 -9.24
C13 WVN KE . 15.44 -6.42 -7.30
C14 WVN KE . 17.84 -7.14 -7.72
C01 WVN KE . -2.60 -6.74 7.11
C02 WVN KE . -1.60 -7.92 6.88
C03 WVN KE . -3.97 -7.18 7.66
C04 WVN KE . -4.39 -8.56 7.15
C05 WVN KE . -1.92 -9.15 7.74
C06 WVN KE . 15.23 -6.20 -8.82
C07 WVN KE . -2.02 -5.68 8.10
C08 WVN KE . -2.83 -6.07 5.73
C09 WVN KE . -3.38 -9.65 7.55
C15 WVN KE . 16.91 -6.17 -6.95
C16 WVN KE . -0.96 -10.29 7.37
C17 WVN KE . 13.76 -6.51 -9.21
C18 WVN KE . 15.51 -4.71 -9.16
C19 WVN KE . 0.55 -7.12 5.98
C20 WVN KE . 15.01 -7.85 -6.91
C21 WVN KE . 17.17 -6.33 -5.44
C22 WVN KE . 1.80 -6.60 5.19
C23 WVN KE . 14.02 -7.94 -5.97
C24 WVN KE . 2.42 -5.46 5.99
C25 WVN KE . 13.08 -8.79 -5.07
C26 WVN KE . 2.81 -7.74 4.95
C27 WVN KE . 12.43 -9.86 -5.92
C28 WVN KE . 12.01 -7.92 -4.39
C29 WVN KE . 4.30 -7.29 5.03
C30 WVN KE . 10.84 -8.77 -3.81
C31 WVN KE . 5.12 -7.87 4.09
C32 WVN KE . 6.53 -8.05 3.44
C33 WVN KE . 10.86 -8.92 -2.47
C34 WVN KE . 10.27 -9.49 -1.16
C35 WVN KE . 7.07 -6.67 3.08
C36 WVN KE . 6.44 -8.97 2.22
C37 WVN KE . 9.27 -8.48 -0.57
C38 WVN KE . 9.55 -10.80 -1.47
C39 WVN KE . 7.30 -8.50 0.98
C40 WVN KE . 8.49 -9.03 0.68
C10 WVN LE . 4.20 0.63 -17.51
C11 WVN LE . -0.82 -15.93 -9.23
C12 WVN LE . 4.95 0.31 -18.80
C13 WVN LE . 2.50 -1.10 -18.20
C14 WVN LE . 4.79 -1.16 -19.18
C01 WVN LE . 1.38 -17.19 -9.01
C02 WVN LE . 0.43 -16.13 -8.42
C03 WVN LE . 2.13 -17.98 -7.93
C04 WVN LE . 1.20 -18.62 -6.91
C05 WVN LE . 0.01 -16.43 -7.02
C06 WVN LE . 2.70 0.28 -17.58
C07 WVN LE . 0.59 -18.18 -9.88
C08 WVN LE . 2.41 -16.51 -9.92
C09 WVN LE . 0.15 -17.64 -6.50
C15 WVN LE . 3.38 -1.67 -19.04
C16 WVN LE . -0.59 -15.30 -6.24
C17 WVN LE . 2.02 1.36 -18.46
C18 WVN LE . 2.11 0.34 -16.17
C19 WVN LE . -1.13 -14.83 -9.89
C20 WVN LE . 1.26 -1.80 -17.82
C21 WVN LE . 3.07 -2.82 -19.94
C22 WVN LE . -2.37 -14.59 -10.60
C23 WVN LE . 0.03 -1.47 -18.16
C24 WVN LE . -3.40 -15.69 -10.61
C25 WVN LE . -1.22 -2.15 -17.85
C26 WVN LE . -2.60 -13.37 -11.14
C27 WVN LE . -2.50 -1.47 -18.24
C28 WVN LE . -1.19 -3.37 -17.27
C29 WVN LE . -3.82 -12.90 -11.73
C30 WVN LE . -2.32 -4.18 -16.93
C31 WVN LE . -4.00 -11.72 -12.32
C32 WVN LE . -5.25 -11.25 -12.89
C33 WVN LE . -2.30 -5.35 -16.27
C34 WVN LE . -3.45 -6.15 -15.92
C35 WVN LE . -6.49 -12.04 -12.60
C36 WVN LE . -5.26 -10.13 -13.65
C37 WVN LE . -3.30 -7.29 -15.20
C38 WVN LE . -4.80 -5.67 -16.38
C39 WVN LE . -4.16 -9.29 -14.01
C40 WVN LE . -4.34 -8.18 -14.78
C1 LMG ME . 3.27 -29.75 -15.19
O1 LMG ME . 3.82 -28.71 -15.95
C2 LMG ME . 2.04 -29.13 -14.46
O2 LMG ME . 2.58 -28.32 -13.47
C3 LMG ME . 1.28 -30.31 -13.77
O3 LMG ME . 0.12 -29.73 -13.26
C4 LMG ME . 0.92 -31.42 -14.80
O4 LMG ME . 0.02 -30.90 -15.71
C5 LMG ME . 2.23 -31.82 -15.57
O5 LMG ME . 1.07 -33.78 -16.08
C6 LMG ME . 1.87 -32.81 -16.68
O6 LMG ME . 2.82 -30.68 -16.17
C7 LMG ME . 5.04 -29.04 -16.58
C8 LMG ME . 5.33 -27.86 -17.55
C9 LMG ME . 6.56 -28.21 -18.43
O7 LMG ME . 4.18 -27.68 -18.40
C10 LMG ME . 4.06 -28.36 -19.58
O9 LMG ME . 3.77 -29.55 -19.55
C11 LMG ME . 3.76 -27.42 -20.70
C12 LMG ME . 4.60 -27.76 -21.92
C13 LMG ME . 4.80 -26.56 -22.84
C14 LMG ME . 6.10 -26.79 -23.60
C15 LMG ME . 6.08 -26.00 -24.88
C16 LMG ME . 6.08 -24.51 -24.56
C17 LMG ME . 5.77 -23.79 -25.85
C18 LMG ME . 6.73 -22.60 -25.94
C19 LMG ME . 5.91 -21.35 -25.78
C20 LMG ME . 6.25 -20.47 -26.97
C21 LMG ME . 4.95 -20.03 -27.59
C22 LMG ME . 5.24 -18.72 -28.25
C23 LMG ME . 4.89 -17.65 -27.27
C24 LMG ME . 3.40 -17.43 -27.47
C25 LMG ME . 3.22 -16.16 -28.25
O8 LMG ME . 7.46 -27.14 -18.28
C28 LMG ME . 7.88 -26.52 -19.40
O10 LMG ME . 7.47 -26.88 -20.50
C29 LMG ME . 8.96 -25.52 -19.18
C30 LMG ME . 9.18 -24.67 -20.41
C31 LMG ME . 10.33 -23.72 -20.11
C32 LMG ME . 10.73 -23.07 -21.43
C33 LMG ME . 11.87 -23.88 -21.99
C34 LMG ME . 13.14 -23.08 -21.86
C35 LMG ME . 13.75 -22.99 -23.25
C36 LMG ME . 13.53 -21.59 -23.71
C37 LMG ME . 14.72 -21.18 -24.56
C38 LMG ME . 15.74 -20.79 -23.53
C39 LMG ME . 15.39 -19.46 -22.93
C40 LMG ME . 16.74 -18.83 -22.72
C41 LMG ME . 16.78 -18.23 -21.35
C42 LMG ME . 17.71 -17.06 -21.52
C43 LMG ME . 16.90 -15.85 -21.91
C44 LMG ME . 17.50 -14.67 -21.16
C45 LMG ME . 16.75 -14.53 -19.86
C1 LMG NE . 15.76 -32.04 8.85
O1 LMG NE . 16.50 -32.11 7.66
C2 LMG NE . 14.29 -31.75 8.40
O2 LMG NE . 14.31 -30.43 7.96
C3 LMG NE . 13.43 -31.81 9.69
O3 LMG NE . 12.11 -31.65 9.25
C4 LMG NE . 13.59 -33.20 10.38
O4 LMG NE . 13.11 -34.18 9.51
C5 LMG NE . 15.11 -33.46 10.60
O5 LMG NE . 16.39 -35.41 10.47
C6 LMG NE . 15.31 -34.88 11.17
O6 LMG NE . 15.84 -33.36 9.39
C7 LMG NE . 17.85 -32.52 7.84
C8 LMG NE . 18.73 -31.42 7.19
C9 LMG NE . 18.71 -31.59 5.66
O7 LMG NE . 18.14 -30.16 7.47
C10 LMG NE . 18.91 -29.19 8.03
O9 LMG NE . 20.12 -29.33 8.08
C11 LMG NE . 18.10 -28.07 8.58
C12 LMG NE . 18.95 -26.83 8.76
C13 LMG NE . 19.25 -26.12 7.45
C14 LMG NE . 20.37 -25.13 7.71
C15 LMG NE . 19.85 -24.01 8.57
C16 LMG NE . 20.96 -23.52 9.49
C17 LMG NE . 21.99 -22.83 8.62
C18 LMG NE . 23.23 -22.63 9.46
C19 LMG NE . 23.26 -21.19 9.89
C20 LMG NE . 23.42 -21.19 11.38
C21 LMG NE . 23.67 -19.77 11.81
C22 LMG NE . 25.14 -19.53 11.57
C23 LMG NE . 25.53 -18.35 12.40
C24 LMG NE . 25.67 -18.88 13.80
C25 LMG NE . 25.73 -17.71 14.74
C26 LMG NE . 26.27 -18.23 16.05
C27 LMG NE . 27.76 -18.43 15.91
O8 LMG NE . 18.81 -30.29 5.12
C28 LMG NE . 19.82 -30.06 4.26
O10 LMG NE . 20.35 -30.98 3.65
C29 LMG NE . 20.38 -28.67 4.37
C30 LMG NE . 21.00 -28.23 3.05
C31 LMG NE . 22.49 -28.44 3.13
C10 WVN OE . -10.88 27.23 33.90
C11 WVN OE . -25.12 31.93 19.06
C12 WVN OE . -11.25 26.04 34.80
C13 WVN OE . -12.49 28.74 35.19
C14 WVN OE . -12.61 26.22 35.50
C01 WVN OE . -24.39 32.87 16.77
C02 WVN OE . -25.49 32.07 17.55
C03 WVN OE . -24.93 33.90 15.76
C04 WVN OE . -26.18 33.38 15.06
C05 WVN OE . -26.95 32.57 17.41
C06 WVN OE . -11.08 28.61 34.57
C07 WVN OE . -23.42 33.64 17.73
C08 WVN OE . -23.56 31.84 15.97
C09 WVN OE . -27.33 33.26 16.08
C15 WVN OE . -12.69 27.59 36.20
C16 WVN OE . -27.35 33.53 18.56
C17 WVN OE . -10.88 29.71 33.49
C18 WVN OE . -10.00 28.82 35.67
C19 WVN OE . -24.79 30.64 19.41
C20 WVN OE . -13.54 28.62 34.06
C21 WVN OE . -14.04 27.72 36.94
C22 WVN OE . -24.33 29.59 20.47
C23 WVN OE . -14.44 29.65 33.97
C24 WVN OE . -23.62 28.44 19.79
C25 WVN OE . -15.66 30.31 33.31
C26 WVN OE . -23.36 30.30 21.43
C27 WVN OE . -16.30 31.31 34.26
C28 WVN OE . -16.67 29.20 33.00
C29 WVN OE . -23.45 29.78 22.90
C30 WVN OE . -17.04 29.09 31.49
C31 WVN OE . -22.24 29.30 23.32
C32 WVN OE . -21.31 28.65 24.39
C33 WVN OE . -18.24 29.65 31.24
C34 WVN OE . -19.38 30.05 30.29
C35 WVN OE . -21.85 27.29 24.77
C36 WVN OE . -21.32 29.56 25.62
C37 WVN OE . -19.33 29.16 29.04
C38 WVN OE . -19.21 31.52 29.91
C39 WVN OE . -20.43 28.98 26.78
C40 WVN OE . -20.21 29.74 27.87
C10 WVN PE . 16.23 -4.22 -2.45
C11 WVN PE . 23.50 -6.88 20.07
C12 WVN PE . 17.04 -3.27 -3.33
C13 WVN PE . 17.16 -3.07 -0.35
C14 WVN PE . 18.32 -2.80 -2.63
C01 WVN PE . 22.73 -7.99 22.28
C02 WVN PE . 23.19 -8.23 20.81
C03 WVN PE . 23.17 -9.10 23.26
C04 WVN PE . 23.22 -10.48 22.60
C05 WVN PE . 24.43 -9.14 20.71
C06 WVN PE . 15.90 -3.60 -1.08
C07 WVN PE . 23.27 -6.63 22.84
C08 WVN PE . 21.18 -7.95 22.27
C09 WVN PE . 24.23 -10.51 21.41
C15 WVN PE . 17.98 -2.14 -1.27
C16 WVN PE . 24.76 -9.39 19.23
C17 WVN PE . 15.17 -4.68 -0.23
C18 WVN PE . 14.91 -2.42 -1.28
C19 WVN PE . 22.46 -6.48 19.24
C20 WVN PE . 18.05 -4.26 0.13
C21 WVN PE . 19.31 -1.71 -0.61
C22 WVN PE . 21.79 -5.49 18.24
C23 WVN PE . 18.24 -4.35 1.49
C24 WVN PE . 22.61 -4.22 18.20
C25 WVN PE . 18.82 -5.05 2.74
C26 WVN PE . 21.72 -6.17 16.84
C27 WVN PE . 20.10 -5.79 2.37
C28 WVN PE . 19.13 -4.02 3.83
C29 WVN PE . 22.00 -5.20 15.65
C30 WVN PE . 19.01 -4.63 5.26
C31 WVN PE . 21.05 -5.26 14.66
C32 WVN PE . 20.47 -4.78 13.29
C33 WVN PE . 20.18 -4.63 5.92
C34 WVN PE . 21.04 -4.94 7.17
C35 WVN PE . 20.21 -3.29 13.35
C36 WVN PE . 21.47 -5.08 12.17
C37 WVN PE . 20.26 -4.48 8.41
C38 WVN PE . 21.31 -6.44 7.22
C39 WVN PE . 21.03 -4.42 10.81
C40 WVN PE . 20.71 -5.18 9.74
C10 WVN QE . 3.62 2.56 -7.32
C11 WVN QE . 25.04 -6.03 -13.57
C12 WVN QE . 2.60 1.84 -8.19
C13 WVN QE . 5.57 1.40 -8.55
C14 WVN QE . 3.10 0.53 -8.81
C01 WVN QE . 26.56 -7.65 -14.91
C02 WVN QE . 26.00 -6.20 -14.80
C03 WVN QE . 28.05 -7.74 -15.31
C04 WVN QE . 28.41 -6.67 -16.34
C05 WVN QE . 27.10 -5.12 -14.70
C06 WVN QE . 4.95 2.75 -8.06
C07 WVN QE . 26.41 -8.44 -13.56
C08 WVN QE . 25.72 -8.39 -15.99
C09 WVN QE . 28.21 -5.24 -15.79
C15 WVN QE . 4.59 0.18 -8.54
C16 WVN QE . 26.43 -3.74 -14.85
C17 WVN QE . 5.94 3.39 -7.06
C18 WVN QE . 4.71 3.75 -9.23
C19 WVN QE . 23.70 -6.09 -13.92
C20 WVN QE . 6.28 1.56 -9.93
C21 WVN QE . 5.07 -0.93 -9.51
C22 WVN QE . 22.18 -6.06 -13.56
C23 WVN QE . 7.63 1.70 -9.79
C24 WVN QE . 21.45 -7.11 -14.36
C25 WVN QE . 9.07 1.91 -10.33
C26 WVN QE . 21.60 -4.67 -13.90
C27 WVN QE . 9.53 3.26 -9.84
C28 WVN QE . 10.05 0.85 -9.84
C29 WVN QE . 21.11 -3.91 -12.63
C30 WVN QE . 11.04 0.38 -10.97
C31 WVN QE . 19.75 -3.97 -12.50
C32 WVN QE . 18.39 -3.69 -11.79
C33 WVN QE . 12.32 0.75 -10.80
C34 WVN QE . 13.79 0.79 -11.26
C35 WVN QE . 17.45 -4.76 -12.29
C36 WVN QE . 17.85 -2.29 -12.14
C37 WVN QE . 14.60 -0.40 -10.69
C38 WVN QE . 14.42 2.10 -10.80
C39 WVN QE . 16.60 -1.89 -11.26
C40 WVN QE . 15.84 -0.79 -11.57
MG CLA RE . 31.23 -12.71 1.12
CHA CLA RE . 34.36 -11.90 -0.18
CHB CLA RE . 30.20 -13.69 -1.97
CHC CLA RE . 28.19 -13.60 2.47
CHD CLA RE . 32.36 -11.74 4.33
NA CLA RE . 32.15 -12.76 -0.77
C1A CLA RE . 33.46 -12.39 -1.11
C2A CLA RE . 33.70 -12.59 -2.61
C3A CLA RE . 32.33 -13.08 -3.15
C4A CLA RE . 31.48 -13.19 -1.88
CMA CLA RE . 31.73 -12.12 -4.15
CAA CLA RE . 34.74 -13.66 -2.91
CBA CLA RE . 34.55 -14.89 -2.05
NB CLA RE . 29.50 -13.44 0.38
C1B CLA RE . 29.31 -13.86 -0.90
C2B CLA RE . 28.00 -14.55 -1.02
C3B CLA RE . 27.42 -14.54 0.23
C4B CLA RE . 28.37 -13.82 1.14
CMB CLA RE . 27.54 -15.13 -2.27
CAB CLA RE . 26.16 -15.08 0.66
CBB CLA RE . 26.00 -16.11 1.49
NC CLA RE . 30.42 -12.65 3.05
C1C CLA RE . 29.15 -13.05 3.37
C2C CLA RE . 28.93 -12.87 4.80
C3C CLA RE . 30.11 -12.36 5.34
C4C CLA RE . 31.05 -12.23 4.22
CMC CLA RE . 27.68 -13.20 5.50
CAC CLA RE . 30.38 -12.02 6.74
CBC CLA RE . 30.26 -10.55 7.07
ND CLA RE . 32.93 -12.01 1.95
C1D CLA RE . 33.25 -11.63 3.29
C2D CLA RE . 34.64 -11.13 3.32
C3D CLA RE . 35.11 -11.21 2.03
C4D CLA RE . 34.01 -11.76 1.21
CMD CLA RE . 35.32 -10.66 4.53
CAD CLA RE . 36.24 -10.98 1.13
OBD CLA RE . 37.35 -10.54 1.40
CBD CLA RE . 35.78 -11.41 -0.29
CGD CLA RE . 35.92 -10.29 -1.30
O1D CLA RE . 35.31 -9.22 -1.33
O2D CLA RE . 36.87 -10.53 -2.25
CED CLA RE . 37.89 -9.55 -2.43
C03 II0 SE . 32.31 -7.07 3.95
C04 II0 SE . 15.89 -16.76 16.19
C05 II0 SE . 33.39 -5.97 3.93
C06 II0 SE . 15.08 -17.87 16.90
C07 II0 SE . 33.13 -4.90 2.87
C08 II0 SE . 15.98 -18.79 17.71
C09 II0 SE . 30.89 -6.59 3.55
C10 II0 SE . 16.81 -15.97 17.15
C11 II0 SE . 31.75 -4.23 3.04
C12 II0 SE . 16.79 -18.00 18.75
C13 II0 SE . 30.69 -5.07 3.77
C14 II0 SE . 17.61 -16.86 18.13
C15 II0 SE . 32.73 -8.15 2.91
C16 II0 SE . 32.33 -7.70 5.36
C17 II0 SE . 16.73 -17.42 15.07
C18 II0 SE . 14.87 -15.78 15.54
C19 II0 SE . 29.31 -4.61 3.24
C20 II0 SE . 18.14 -15.97 19.28
C21 II0 SE . 29.80 -7.45 4.28
C22 II0 SE . 17.84 -15.15 16.30
C23 II0 SE . 29.04 -8.16 3.39
C24 II0 SE . 17.74 -13.79 16.42
C25 II0 SE . 28.19 -8.82 4.50
C26 II0 SE . 18.18 -12.35 16.07
C27 II0 SE . 27.30 -9.86 3.84
C28 II0 SE . 19.00 -11.78 17.22
C29 II0 SE . 27.27 -7.86 5.31
C30 II0 SE . 19.04 -12.37 14.79
C31 II0 SE . 26.39 -8.66 6.35
C32 II0 SE . 18.73 -11.15 13.85
C33 II0 SE . 25.16 -8.09 6.54
C34 II0 SE . 19.84 -10.65 13.25
C35 II0 SE . 24.85 -9.23 7.54
C36 II0 SE . 20.53 -9.65 12.31
C37 II0 SE . 24.11 -10.35 6.81
C38 II0 SE . 21.39 -8.70 13.16
C39 II0 SE . 23.95 -8.67 8.68
C40 II0 SE . 21.42 -10.36 11.27
C41 II0 SE . 23.05 -9.73 9.41
C42 II0 SE . 22.34 -9.35 10.49
O01 II0 SE . 34.13 -3.91 2.96
O02 II0 SE . 15.19 -19.75 18.37
O1 LHG TE . 21.68 -6.13 -21.45
C1 LHG TE . 21.75 -5.24 -22.54
C2 LHG TE . 23.21 -4.93 -22.82
O2 LHG TE . 23.38 -4.49 -24.16
C3 LHG TE . 24.15 -6.11 -22.64
O3 LHG TE . 23.34 -7.15 -23.13
P LHG TE . 23.95 -8.46 -23.84
O4 LHG TE . 24.56 -9.30 -22.78
O5 LHG TE . 24.46 -7.92 -25.13
O6 LHG TE . 22.47 -9.18 -24.09
C4 LHG TE . 21.45 -9.00 -23.16
C5 LHG TE . 20.16 -9.25 -23.95
C6 LHG TE . 19.88 -10.74 -24.11
O7 LHG TE . 19.12 -8.71 -23.16
C7 LHG TE . 18.43 -7.69 -23.74
O9 LHG TE . 18.75 -7.19 -24.82
C8 LHG TE . 17.18 -7.41 -23.00
C9 LHG TE . 16.63 -8.70 -22.43
C10 LHG TE . 15.48 -8.42 -21.51
O8 LHG TE . 18.49 -10.82 -24.46
C23 LHG TE . 17.94 -12.08 -24.53
O10 LHG TE . 18.46 -13.00 -23.93
C24 LHG TE . 16.89 -12.41 -25.58
C11 LHG TE . 15.60 -9.56 -20.54
C12 LHG TE . 14.25 -9.97 -20.08
C13 LHG TE . 14.44 -11.02 -19.00
C14 LHG TE . 13.12 -11.43 -18.39
C15 LHG TE . 13.48 -12.25 -17.17
C16 LHG TE . 13.34 -13.70 -17.50
C25 LHG TE . 16.43 -13.85 -25.62
C26 LHG TE . 14.96 -14.10 -25.29
C27 LHG TE . 14.70 -15.48 -25.86
C28 LHG TE . 14.76 -15.58 -27.37
C10 WVN UE . -22.46 26.72 47.51
C11 WVN UE . -28.37 21.77 26.21
C12 WVN UE . -23.44 27.10 48.63
C13 WVN UE . -24.19 25.17 46.41
C14 WVN UE . -24.62 26.14 48.83
C01 WVN UE . -28.48 21.04 23.74
C02 WVN UE . -28.55 20.58 25.23
C03 WVN UE . -29.78 20.90 22.92
C04 WVN UE . -30.52 19.61 23.25
C05 WVN UE . -29.80 19.78 25.69
C06 WVN UE . -23.19 26.34 46.22
C07 WVN UE . -28.00 22.51 23.58
C08 WVN UE . -27.41 20.12 23.09
C09 WVN UE . -30.99 19.68 24.71
C15 WVN UE . -24.64 24.91 47.88
C16 WVN UE . -29.35 18.35 26.03
C17 WVN UE . -22.11 25.86 45.21
C18 WVN UE . -23.87 27.62 45.60
C19 WVN UE . -27.28 21.52 27.03
C20 WVN UE . -25.38 25.29 45.43
C21 WVN UE . -26.05 24.27 47.97
C22 WVN UE . -26.30 21.90 28.17
C23 WVN UE . -25.39 24.30 44.49
C24 WVN UE . -24.93 21.34 27.86
C25 WVN UE . -25.98 23.57 43.26
C26 WVN UE . -26.84 21.30 29.47
C27 WVN UE . -26.94 22.49 43.75
C28 WVN UE . -24.83 22.93 42.48
C29 WVN UE . -25.78 21.29 30.62
C30 WVN UE . -24.87 23.34 40.97
C31 WVN UE . -25.97 22.29 31.53
C32 WVN UE . -25.58 23.05 32.82
C33 WVN UE . -25.81 22.65 40.28
C34 WVN UE . -26.59 22.30 39.01
C35 WVN UE . -24.13 22.75 33.15
C36 WVN UE . -26.48 22.58 33.96
C37 WVN UE . -26.15 23.25 37.88
C38 WVN UE . -28.09 22.46 39.24
C39 WVN UE . -25.96 23.07 35.37
C40 WVN UE . -26.66 22.76 36.49
MG CLA VE . -21.87 30.22 63.11
CHA CLA VE . -24.52 31.00 65.22
CHB CLA VE . -22.30 33.16 61.48
CHC CLA VE . -19.09 29.50 61.22
CHD CLA VE . -21.42 27.19 64.88
NA CLA VE . -23.23 31.80 63.31
C1A CLA VE . -24.25 31.95 64.26
C2A CLA VE . -25.01 33.27 64.03
C3A CLA VE . -24.41 33.80 62.70
C4A CLA VE . -23.21 32.87 62.46
CMA CLA VE . -25.40 33.74 61.57
CAA CLA VE . -24.79 34.27 65.16
CBA CLA VE . -23.72 35.31 64.91
CGA CLA VE . -22.38 34.82 65.37
O1A CLA VE . -21.86 33.72 65.19
O2A CLA VE . -21.68 35.76 66.08
NB CLA VE . -20.92 31.13 61.59
C1B CLA VE . -21.17 32.38 61.15
C2B CLA VE . -20.07 32.84 60.26
C3B CLA VE . -19.17 31.82 60.18
C4B CLA VE . -19.69 30.71 61.03
CMB CLA VE . -20.06 34.17 59.62
CAB CLA VE . -17.92 31.74 59.45
CBB CLA VE . -16.71 31.71 60.00
NC CLA VE . -20.55 28.60 63.02
C1C CLA VE . -19.51 28.51 62.15
C2C CLA VE . -18.81 27.23 62.35
C3C CLA VE . -19.43 26.60 63.41
C4C CLA VE . -20.52 27.46 63.84
CMC CLA VE . -17.65 26.79 61.57
CAC CLA VE . -19.09 25.28 63.98
CBC CLA VE . -18.14 25.39 65.15
ND CLA VE . -22.76 29.25 64.64
C1D CLA VE . -22.47 28.00 65.28
C2D CLA VE . -23.44 27.78 66.37
C3D CLA VE . -24.26 28.90 66.40
C4D CLA VE . -23.78 29.79 65.31
CMD CLA VE . -23.47 26.59 67.23
CAD CLA VE . -25.38 29.55 67.04
OBD CLA VE . -26.08 29.16 67.96
CBD CLA VE . -25.56 30.93 66.33
CGD CLA VE . -26.97 31.12 65.82
O1D CLA VE . -27.95 31.55 66.45
O2D CLA VE . -27.16 30.75 64.52
CED CLA VE . -28.20 31.42 63.79
C1 CLA VE . -20.24 35.69 65.97
C2 CLA VE . -19.68 36.61 66.99
C3 CLA VE . -18.36 36.74 67.18
C4 CLA VE . -17.80 37.66 68.21
MG CLA WE . -18.29 25.91 51.69
CHA CLA WE . -19.44 25.90 54.97
CHB CLA WE . -15.45 27.51 52.66
CHC CLA WE . -17.15 25.76 48.44
CHD CLA WE . -21.19 24.14 50.74
NA CLA WE . -17.59 26.58 53.54
C1A CLA WE . -18.20 26.48 54.80
C2A CLA WE . -17.29 27.08 55.89
C3A CLA WE . -16.05 27.55 55.11
C4A CLA WE . -16.36 27.19 53.66
CMA CLA WE . -15.70 29.01 55.29
CAA CLA WE . -16.84 26.00 56.87
CBA CLA WE . -16.31 24.78 56.14
CGA CLA WE . -16.15 23.59 57.04
O1A CLA WE . -16.69 23.36 58.14
O2A CLA WE . -15.30 22.65 56.53
NB CLA WE . -16.69 26.64 50.72
C1B CLA WE . -15.60 27.20 51.31
C2B CLA WE . -14.53 27.42 50.30
C3B CLA WE . -15.00 26.94 49.10
C4B CLA WE . -16.36 26.40 49.36
CMB CLA WE . -13.22 27.99 50.66
CAB CLA WE . -14.37 26.82 47.81
CBB CLA WE . -13.70 27.75 47.15
NC CLA WE . -19.04 25.09 49.92
C1C CLA WE . -18.39 25.13 48.72
C2C CLA WE . -19.19 24.44 47.71
C3C CLA WE . -20.33 23.98 48.35
C4C CLA WE . -20.23 24.39 49.74
CMC CLA WE . -18.81 24.25 46.31
CAC CLA WE . -21.41 23.17 47.75
CBC CLA WE . -21.34 21.72 48.15
ND CLA WE . -19.89 25.05 52.60
C1D CLA WE . -21.06 24.44 52.07
C2D CLA WE . -22.03 24.20 53.16
C3D CLA WE . -21.46 24.73 54.30
C4D CLA WE . -20.14 25.26 53.90
CMD CLA WE . -23.33 23.55 52.99
CAD CLA WE . -21.59 24.93 55.73
OBD CLA WE . -22.47 24.55 56.50
CBD CLA WE . -20.38 25.79 56.16
CGD CLA WE . -20.84 27.17 56.55
O1D CLA WE . -21.38 28.00 55.80
O2D CLA WE . -20.64 27.51 57.85
CED CLA WE . -20.94 28.85 58.23
C1 CLA WE . -15.84 21.34 56.25
C2 CLA WE . -14.84 20.62 55.41
C3 CLA WE . -14.96 19.32 55.08
C4 CLA WE . -16.11 18.49 55.50
C5 CLA WE . -13.91 18.67 54.24
C6 CLA WE . -12.99 17.77 55.03
C7 CLA WE . -11.96 17.10 54.13
C8 CLA WE . -10.87 16.38 54.91
C9 CLA WE . -11.46 15.31 55.80
C10 CLA WE . -10.06 17.37 55.75
C11 CLA WE . -8.69 16.81 56.09
C12 CLA WE . -8.40 16.92 57.57
C13 CLA WE . -7.07 16.26 57.94
C14 CLA WE . -7.04 14.81 57.54
C15 CLA WE . -6.77 16.41 59.43
C16 CLA WE . -7.88 15.79 60.26
C17 CLA WE . -7.41 15.45 61.66
C18 CLA WE . -8.38 14.51 62.37
C19 CLA WE . -9.78 15.10 62.45
C20 CLA WE . -7.88 14.17 63.76
MG CLA XE . -9.41 35.83 51.47
CHA CLA XE . -9.75 38.54 53.63
CHB CLA XE . -7.90 37.83 49.18
CHC CLA XE . -9.02 33.09 49.43
CHD CLA XE . -11.01 33.78 53.88
NA CLA XE . -8.93 37.87 51.43
C1A CLA XE . -9.13 38.83 52.44
C2A CLA XE . -8.61 40.21 51.98
C3A CLA XE . -8.13 39.96 50.53
C4A CLA XE . -8.31 38.45 50.35
CMA CLA XE . -8.90 40.80 49.54
CAA CLA XE . -7.44 40.72 52.81
CBA CLA XE . -6.39 39.66 53.03
CGA CLA XE . -5.44 40.13 54.09
O1A CLA XE . -5.13 41.28 54.40
O2A CLA XE . -4.84 39.09 54.78
NB CLA XE . -8.66 35.53 49.63
C1B CLA XE . -8.00 36.46 48.89
C2B CLA XE . -7.37 35.81 47.69
C3B CLA XE . -7.69 34.47 47.76
C4B CLA XE . -8.51 34.28 49.00
CMB CLA XE . -6.59 36.56 46.72
CAB CLA XE . -7.35 33.37 46.89
CBB CLA XE . -7.48 33.34 45.56
NC CLA XE . -9.94 33.81 51.63
C1C CLA XE . -9.69 32.87 50.67
C2C CLA XE . -10.18 31.57 51.11
C3C CLA XE . -10.75 31.76 52.37
C4C CLA XE . -10.59 33.17 52.70
CMC CLA XE . -10.08 30.33 50.34
CAC CLA XE . -11.38 30.74 53.23
CBC CLA XE . -12.89 30.76 53.19
ND CLA XE . -10.20 36.03 53.33
C1D CLA XE . -10.83 35.11 54.20
C2D CLA XE . -11.24 35.81 55.43
C3D CLA XE . -10.85 37.13 55.27
C4D CLA XE . -10.21 37.21 53.94
CMD CLA XE . -11.91 35.19 56.57
CAD CLA XE . -10.82 38.45 55.87
OBD CLA XE . -11.25 38.83 56.95
CBD CLA XE . -10.12 39.38 54.83
CGD CLA XE . -10.95 40.58 54.47
O1D CLA XE . -11.68 40.72 53.48
O2D CLA XE . -10.87 41.60 55.36
CED CLA XE . -9.58 42.11 55.72
C1 CLA XE . -3.43 39.22 55.02
C2 CLA XE . -3.10 38.25 56.08
C3 CLA XE . -1.94 38.26 56.76
C4 CLA XE . -0.88 39.27 56.50
C5 CLA XE . -1.67 37.26 57.83
C6 CLA XE . -2.28 37.67 59.15
C7 CLA XE . -2.37 36.48 60.09
C8 CLA XE . -3.22 36.78 61.32
C9 CLA XE . -2.63 37.93 62.11
C10 CLA XE . -3.33 35.55 62.21
C11 CLA XE . -4.30 35.77 63.35
C12 CLA XE . -3.97 34.89 64.54
C13 CLA XE . -2.58 35.18 65.09
C14 CLA XE . -1.96 33.92 65.67
C15 CLA XE . -2.60 36.29 66.12
C10 WVN YE . -25.68 45.67 56.10
C11 WVN YE . -9.54 28.51 59.14
C12 WVN YE . -27.08 45.06 56.25
C13 WVN YE . -24.69 43.28 56.11
C14 WVN YE . -27.02 43.85 57.19
C01 WVN YE . -7.92 26.51 59.12
C02 WVN YE . -8.04 28.05 59.00
C03 WVN YE . -6.51 26.01 59.50
C04 WVN YE . -5.40 27.06 59.30
C05 WVN YE . -7.19 28.78 60.06
C06 WVN YE . -24.74 44.67 55.41
C07 WVN YE . -8.29 25.86 57.74
C08 WVN YE . -8.91 25.98 60.19
C09 WVN YE . -5.71 28.36 60.06
C15 WVN YE . -25.99 42.77 56.78
C16 WVN YE . -7.27 30.29 59.83
C17 WVN YE . -23.33 45.31 55.35
C18 WVN YE . -25.22 44.50 53.94
C19 WVN YE . -10.07 29.01 57.96
C20 WVN YE . -23.60 43.26 57.22
C21 WVN YE . -26.68 41.73 55.88
C22 WVN YE . -11.23 29.61 57.12
C23 WVN YE . -23.19 42.00 57.53
C24 WVN YE . -12.33 28.58 56.98
C25 WVN YE . -22.32 41.00 58.33
C26 WVN YE . -11.73 30.90 57.80
C27 WVN YE . -23.16 40.36 59.41
C28 WVN YE . -21.78 39.91 57.38
C29 WVN YE . -13.28 31.00 58.00
C30 WVN YE . -21.28 38.62 58.11
C31 WVN YE . -13.86 32.00 57.26
C32 WVN YE . -15.09 32.84 56.77
C33 WVN YE . -19.94 38.54 58.17
C34 WVN YE . -18.63 37.83 58.58
C35 WVN YE . -14.88 33.26 55.33
C36 WVN YE . -15.29 34.06 57.65
C37 WVN YE . -18.29 36.71 57.58
C38 WVN YE . -17.50 38.84 58.62
C39 WVN YE . -16.58 34.87 57.24
C40 WVN YE . -17.02 35.91 58.00
MG CLA ZE . 4.36 37.45 57.56
CHA CLA ZE . 5.21 38.56 54.38
CHB CLA ZE . 2.49 40.25 58.04
CHC CLA ZE . 3.40 36.22 60.61
CHD CLA ZE . 6.35 34.57 57.02
NA CLA ZE . 3.96 39.13 56.39
C1A CLA ZE . 4.38 39.41 55.08
C2A CLA ZE . 3.84 40.75 54.60
C3A CLA ZE . 3.18 41.34 55.87
C4A CLA ZE . 3.18 40.17 56.84
CMA CLA ZE . 3.99 42.50 56.41
CAA CLA ZE . 2.78 40.58 53.50
CBA CLA ZE . 1.88 39.38 53.72
CGA CLA ZE . 1.10 39.07 52.48
O1A CLA ZE . 1.27 39.49 51.34
O2A CLA ZE . 0.08 38.19 52.72
NB CLA ZE . 3.24 38.15 59.07
C1B CLA ZE . 2.43 39.25 59.01
C2B CLA ZE . 1.47 39.26 60.15
C3B CLA ZE . 1.72 38.11 60.89
C4B CLA ZE . 2.85 37.40 60.21
CMB CLA ZE . 0.48 40.30 60.36
CAB CLA ZE . 1.08 37.62 62.07
CBB CLA ZE . 1.61 37.63 63.29
NC CLA ZE . 4.82 35.72 58.64
C1C CLA ZE . 4.33 35.43 59.88
C2C CLA ZE . 4.87 34.16 60.34
C3C CLA ZE . 5.69 33.67 59.31
C4C CLA ZE . 5.66 34.67 58.25
CMC CLA ZE . 4.56 33.54 61.62
CAC CLA ZE . 6.45 32.41 59.31
CBC CLA ZE . 5.74 31.30 58.57
ND CLA ZE . 5.50 36.67 56.08
C1D CLA ZE . 6.29 35.49 56.01
C2D CLA ZE . 6.97 35.45 54.69
C3D CLA ZE . 6.58 36.59 54.02
C4D CLA ZE . 5.68 37.33 54.93
CMD CLA ZE . 7.85 34.38 54.24
CAD CLA ZE . 6.69 37.37 52.80
OBD CLA ZE . 7.33 37.14 51.77
CBD CLA ZE . 5.84 38.67 53.00
CGD CLA ZE . 6.65 39.92 52.88
O1D CLA ZE . 6.98 40.69 53.78
O2D CLA ZE . 7.05 40.20 51.60
CED CLA ZE . 7.96 41.28 51.40
C1 CLA ZE . 0.29 36.82 52.30
C2 CLA ZE . -0.60 35.98 53.14
C3 CLA ZE . -0.89 34.70 52.87
C4 CLA ZE . -0.35 34.01 51.67
C5 CLA ZE . -1.79 33.90 53.75
C6 CLA ZE . -2.41 34.69 54.87
O1 LHG AF . -13.44 55.88 40.17
C1 LHG AF . -14.36 56.32 41.18
C2 LHG AF . -14.27 55.37 42.36
O2 LHG AF . -13.12 54.54 42.26
C3 LHG AF . -15.45 54.42 42.45
O3 LHG AF . -16.09 54.96 43.59
P LHG AF . -15.48 54.76 45.08
O4 LHG AF . -15.04 56.10 45.56
O5 LHG AF . -14.81 53.44 45.03
O6 LHG AF . -16.96 54.58 45.84
C4 LHG AF . -17.02 53.89 47.05
C5 LHG AF . -18.41 54.23 47.61
C6 LHG AF . -19.51 54.05 46.56
O7 LHG AF . -18.65 53.28 48.65
C7 LHG AF . -18.67 53.83 49.88
O9 LHG AF . -18.30 54.96 50.13
C8 LHG AF . -19.45 52.96 50.80
C9 LHG AF . -19.83 53.75 52.02
C10 LHG AF . -20.68 52.88 52.93
O8 LHG AF . -20.74 53.97 47.33
C23 LHG AF . -21.39 52.77 47.33
O10 LHG AF . -20.76 51.75 47.11
C24 LHG AF . -22.83 52.65 47.84
C11 LHG AF . -20.10 53.19 54.28
C12 LHG AF . -20.85 52.40 55.31
C13 LHG AF . -20.34 52.80 56.67
C14 LHG AF . -18.93 52.31 56.90
C15 LHG AF . -18.88 51.81 58.32
C16 LHG AF . -19.66 50.53 58.43
C17 LHG AF . -19.23 49.74 59.64
C18 LHG AF . -19.94 48.42 59.48
C19 LHG AF . -21.43 48.50 59.69
C20 LHG AF . -21.80 47.04 59.85
C21 LHG AF . -23.28 46.93 60.13
C22 LHG AF . -23.59 45.48 60.41
C25 LHG AF . -23.87 53.53 47.16
C26 LHG AF . -24.26 54.76 47.98
C27 LHG AF . -25.34 54.25 48.90
C28 LHG AF . -25.03 54.20 50.37
C29 LHG AF . -26.27 53.58 51.01
C30 LHG AF . -26.11 52.20 51.60
C31 LHG AF . -27.08 51.84 52.71
C32 LHG AF . -26.87 50.47 53.34
C33 LHG AF . -28.07 49.61 52.99
C34 LHG AF . -28.25 48.37 53.84
C35 LHG AF . -29.69 48.24 54.32
C36 LHG AF . -30.57 48.00 53.11
O1 LHG BF . -2.05 48.94 61.30
C1 LHG BF . -2.75 48.01 60.48
C2 LHG BF . -3.86 47.38 61.30
O2 LHG BF . -4.93 46.98 60.47
C3 LHG BF . -4.45 48.32 62.33
O3 LHG BF . -5.72 47.71 62.50
P LHG BF . -6.76 48.26 63.61
O4 LHG BF . -6.53 47.48 64.86
O5 LHG BF . -6.87 49.72 63.32
O6 LHG BF . -8.09 47.48 62.96
C4 LHG BF . -9.29 47.40 63.69
C5 LHG BF . -10.30 46.90 62.66
C6 LHG BF . -11.04 48.05 61.97
O7 LHG BF . -9.58 46.20 61.67
C7 LHG BF . -10.05 44.95 61.42
O9 LHG BF . -11.07 44.50 61.93
C8 LHG BF . -9.09 44.18 60.61
C9 LHG BF . -9.77 43.68 59.36
C10 LHG BF . -10.30 42.28 59.58
O8 LHG BF . -11.68 48.74 63.06
C23 LHG BF . -13.03 48.58 63.20
O10 LHG BF . -13.45 47.72 63.95
C24 LHG BF . -13.99 49.68 62.75
C11 LHG BF . -11.77 42.46 59.34
C12 LHG BF . -12.41 41.14 59.10
C13 LHG BF . -12.42 40.36 60.40
C14 LHG BF . -13.71 39.62 60.59
C15 LHG BF . -13.73 38.53 59.55
C16 LHG BF . -13.67 37.19 60.24
C17 LHG BF . -12.29 36.56 60.07
C18 LHG BF . -12.52 35.13 60.48
C19 LHG BF . -11.26 34.29 60.47
C20 LHG BF . -11.77 32.95 60.96
C25 LHG BF . -14.91 50.23 63.81
C26 LHG BF . -16.37 50.45 63.40
C27 LHG BF . -17.13 50.14 64.66
C28 LHG BF . -18.60 50.49 64.65
C29 LHG BF . -19.22 49.69 63.51
C30 LHG BF . -19.98 48.45 63.91
C31 LHG BF . -19.22 47.16 63.82
C32 LHG BF . -19.45 46.18 64.96
C33 LHG BF . -18.91 44.83 64.52
C34 LHG BF . -19.61 44.21 63.33
C35 LHG BF . -20.14 42.83 63.66
C36 LHG BF . -21.24 42.48 62.67
C1 LMG CF . -40.47 31.66 44.66
O1 LMG CF . -39.79 30.95 43.66
C2 LMG CF . -41.89 31.01 44.76
O2 LMG CF . -42.57 31.44 43.61
C3 LMG CF . -42.59 31.64 45.99
O3 LMG CF . -43.81 30.96 46.11
C4 LMG CF . -41.73 31.42 47.26
O4 LMG CF . -41.62 30.04 47.49
C5 LMG CF . -40.30 31.98 46.98
O5 LMG CF . -38.23 31.13 47.68
C6 LMG CF . -39.41 31.70 48.19
O6 LMG CF . -39.73 31.37 45.84
C7 LMG CF . -38.48 31.42 43.43
C8 LMG CF . -37.85 30.54 42.28
C9 LMG CF . -38.74 29.30 42.03
O7 LMG CF . -37.89 31.29 41.09
C10 LMG CF . -36.81 32.03 40.74
O9 LMG CF . -35.83 32.07 41.48
C11 LMG CF . -37.09 32.94 39.58
C12 LMG CF . -35.90 33.83 39.28
C13 LMG CF . -34.86 33.13 38.41
C14 LMG CF . -34.26 34.19 37.50
C15 LMG CF . -33.39 35.12 38.30
C16 LMG CF . -32.04 34.45 38.53
C17 LMG CF . -31.30 34.46 37.21
C18 LMG CF . -30.87 35.90 36.95
C19 LMG CF . -31.08 36.18 35.48
C20 LMG CF . -31.69 37.57 35.40
C21 LMG CF . -30.64 38.48 34.83
C22 LMG CF . -31.37 39.41 33.91
C23 LMG CF . -31.53 38.69 32.60
C24 LMG CF . -32.06 39.73 31.65
C25 LMG CF . -32.08 39.13 30.27
C26 LMG CF . -33.49 38.67 30.01
C27 LMG CF . -33.45 37.46 29.10
O8 LMG CF . -38.24 28.69 40.85
C28 LMG CF . -39.13 28.53 39.84
O10 LMG CF . -40.05 27.73 39.96
C29 LMG CF . -38.76 29.24 38.58
C30 LMG CF . -37.58 28.55 37.90
C31 LMG CF . -37.37 29.21 36.56
C32 LMG CF . -36.05 28.69 36.00
C33 LMG CF . -34.97 29.64 36.49
C34 LMG CF . -33.89 29.72 35.44
C35 LMG CF . -33.50 31.20 35.33
C10 WVN DF . -38.74 47.85 17.46
C11 WVN DF . -34.14 26.17 13.91
C12 WVN DF . -37.70 48.90 17.05
C13 WVN DF . -36.83 46.11 17.61
C14 WVN DF . -36.65 48.25 16.15
C01 WVN DF . -35.80 24.31 13.65
C02 WVN DF . -34.31 24.66 13.59
C03 WVN DF . -36.38 24.61 15.06
C04 WVN DF . -35.58 23.93 16.19
C05 WVN DF . -33.55 23.86 14.65
C06 WVN DF . -38.10 46.71 18.27
C07 WVN DF . -36.60 25.16 12.60
C08 WVN DF . -36.02 22.81 13.31
C09 WVN DF . -34.07 24.20 16.07
C15 WVN DF . -35.91 47.09 16.82
C16 WVN DF . -32.04 24.16 14.58
C17 WVN DF . -39.16 45.57 18.38
C18 WVN DF . -37.80 47.23 19.71
C19 WVN DF . -33.55 26.96 12.94
C20 WVN DF . -35.99 45.33 18.67
C21 WVN DF . -34.77 47.65 17.69
C22 WVN DF . -33.09 28.36 12.46
C23 WVN DF . -35.86 44.01 18.37
C24 WVN DF . -34.04 28.84 11.39
C25 WVN DF . -35.33 42.58 18.67
C26 WVN DF . -33.14 29.29 13.69
C27 WVN DF . -36.31 41.87 19.61
C28 WVN DF . -35.21 41.78 17.37
C29 WVN DF . -32.59 30.71 13.40
C30 WVN DF . -33.80 41.11 17.21
C31 WVN DF . -33.39 31.70 13.92
C32 WVN DF . -33.77 33.19 14.19
C33 WVN DF . -33.81 39.80 17.48
C34 WVN DF . -33.12 38.42 17.62
C35 WVN DF . -33.68 33.97 12.89
C36 WVN DF . -32.89 33.83 15.27
C37 WVN DF . -33.22 37.68 16.28
C38 WVN DF . -33.79 37.63 18.73
C39 WVN DF . -33.02 35.40 15.25
C40 WVN DF . -33.10 36.13 16.39
MG CLA EF . 42.09 -5.32 67.19
CHA CLA EF . 43.24 -4.10 70.24
CHB CLA EF . 41.94 -8.45 68.48
CHC CLA EF . 41.20 -6.49 64.09
CHD CLA EF . 42.44 -2.06 65.82
NA CLA EF . 42.45 -6.10 69.09
C1A CLA EF . 42.92 -5.44 70.25
C2A CLA EF . 43.03 -6.45 71.41
C3A CLA EF . 42.45 -7.76 70.84
C4A CLA EF . 42.25 -7.44 69.36
CMA CLA EF . 43.38 -8.93 71.05
CAA CLA EF . 42.22 -6.06 72.66
CBA CLA EF . 40.78 -6.51 72.59
NB CLA EF . 41.52 -7.11 66.46
C1B CLA EF . 41.75 -8.28 67.09
C2B CLA EF . 41.79 -9.41 66.12
C3B CLA EF . 41.58 -8.87 64.87
C4B CLA EF . 41.40 -7.39 65.07
CMB CLA EF . 42.03 -10.80 66.51
CAB CLA EF . 41.54 -9.50 63.58
CBB CLA EF . 40.48 -9.59 62.77
NC CLA EF . 41.78 -4.41 65.32
C1C CLA EF . 41.36 -5.08 64.21
C2C CLA EF . 41.21 -4.15 63.10
C3C CLA EF . 41.62 -2.90 63.56
C4C CLA EF . 41.97 -3.07 64.97
CMC CLA EF . 40.76 -4.54 61.76
CAC CLA EF . 41.65 -1.64 62.80
CBC CLA EF . 40.39 -0.83 62.98
ND CLA EF . 42.65 -3.47 67.81
C1D CLA EF . 42.77 -2.24 67.15
C2D CLA EF . 43.30 -1.22 68.08
C3D CLA EF . 43.50 -1.88 69.27
C4D CLA EF . 43.09 -3.29 69.06
CMD CLA EF . 43.56 0.18 67.74
CAD CLA EF . 43.95 -1.75 70.65
OBD CLA EF . 44.35 -0.76 71.24
CBD CLA EF . 43.82 -3.17 71.29
CGD CLA EF . 45.15 -3.67 71.78
O1D CLA EF . 46.10 -4.09 71.11
O2D CLA EF . 45.29 -3.65 73.13
CED CLA EF . 46.06 -2.59 73.71
C10 WVN FF . 40.69 -19.02 79.67
C11 WVN FF . 36.09 -3.74 61.32
C12 WVN FF . 41.59 -20.07 79.00
C13 WVN FF . 40.79 -17.58 77.55
C14 WVN FF . 42.54 -19.41 77.98
C01 WVN FF . 35.89 -1.18 61.41
C02 WVN FF . 36.82 -2.39 61.10
C03 WVN FF . 36.25 0.10 60.63
C04 WVN FF . 37.74 0.16 60.23
C05 WVN FF . 37.34 -2.32 59.65
C06 WVN FF . 39.89 -18.20 78.64
C07 WVN FF . 34.40 -1.52 61.08
C08 WVN FF . 36.00 -0.85 62.93
C09 WVN FF . 38.17 -1.04 59.39
C15 WVN FF . 41.77 -18.60 76.92
C16 WVN FF . 38.18 -3.57 59.33
C17 WVN FF . 39.15 -17.07 79.41
C18 WVN FF . 38.83 -19.14 77.97
C19 WVN FF . 36.43 -4.40 62.50
C20 WVN FF . 39.90 -16.99 76.42
C21 WVN FF . 42.81 -17.87 76.05
C22 WVN FF . 36.28 -5.60 63.49
C23 WVN FF . 40.03 -15.63 76.24
C24 WVN FF . 35.13 -6.44 63.01
C25 WVN FF . 39.69 -14.29 75.55
C26 WVN FF . 37.56 -6.46 63.53
C27 WVN FF . 40.13 -13.15 76.44
C28 WVN FF . 40.41 -14.21 74.21
C29 WVN FF . 37.81 -7.05 64.95
C30 WVN FF . 39.43 -14.01 73.01
C31 WVN FF . 37.57 -8.41 65.04
C32 WVN FF . 37.51 -9.75 65.85
C33 WVN FF . 39.53 -12.77 72.47
C34 WVN FF . 39.12 -11.69 71.46
C35 WVN FF . 37.95 -10.91 64.99
C36 WVN FF . 38.47 -9.64 67.04
C37 WVN FF . 39.45 -12.13 70.02
C38 WVN FF . 39.88 -10.40 71.79
C39 WVN FF . 38.48 -10.90 67.99
C40 WVN FF . 39.36 -10.92 69.02
NB KC2 GF . 19.89 -33.14 -35.03
ND KC2 GF . 16.65 -34.54 -33.11
C1A KC2 GF . 19.07 -34.19 -31.10
C1B KC2 GF . 21.11 -32.90 -34.56
C1C KC2 GF . 17.43 -33.35 -36.82
C1D KC2 GF . 15.30 -34.84 -33.42
C2A KC2 GF . 20.12 -34.07 -30.03
C2B KC2 GF . 22.08 -32.40 -35.56
C2C KC2 GF . 16.32 -33.05 -37.74
C2D KC2 GF . 14.46 -35.23 -32.27
C3A KC2 GF . 21.29 -33.55 -30.83
C3B KC2 GF . 21.24 -32.37 -36.79
C3C KC2 GF . 15.15 -33.58 -37.02
C3D KC2 GF . 15.47 -35.13 -31.19
C4A KC2 GF . 20.67 -33.50 -32.19
C4B KC2 GF . 19.92 -32.84 -36.32
C4C KC2 GF . 15.75 -34.11 -35.77
C4D KC2 GF . 16.65 -34.74 -31.76
CAA KC2 GF . 20.56 -35.41 -29.45
CAB KC2 GF . 21.52 -31.99 -38.18
CAC KC2 GF . 13.72 -33.58 -37.46
CAD KC2 GF . 15.70 -35.28 -29.73
CBA KC2 GF . 20.25 -36.62 -30.30
CBB KC2 GF . 22.71 -32.15 -38.71
CBC KC2 GF . 13.19 -32.54 -36.83
CBD KC2 GF . 17.10 -34.96 -29.44
CED KC2 GF . 16.89 -31.47 -27.86
CGA KC2 GF . 21.38 -37.00 -31.23
CGD KC2 GF . 17.16 -33.83 -28.46
CHA KC2 GF . 17.70 -34.62 -30.74
CHB KC2 GF . 21.46 -33.08 -33.15
CHC KC2 GF . 18.78 -32.96 -37.22
CHD KC2 GF . 14.84 -34.74 -34.80
CMA KC2 GF . 21.53 -32.11 -30.41
CMB KC2 GF . 23.51 -32.04 -35.36
CMC KC2 GF . 16.37 -32.38 -39.07
CMD KC2 GF . 13.05 -35.64 -32.08
NA KC2 GF . 19.39 -33.85 -32.28
NC KC2 GF . 17.09 -33.95 -35.68
O1A KC2 GF . 21.30 -38.03 -31.86
O1D KC2 GF . 17.53 -34.01 -27.34
O2A KC2 GF . 22.56 -36.18 -31.39
O2D KC2 GF . 16.80 -32.48 -28.84
OBD KC2 GF . 14.84 -35.63 -28.87
MG KC2 GF . 18.38 -34.09 -34.07
MG CLA HF . 12.46 -16.50 -55.62
CHA CLA HF . 14.62 -18.75 -57.15
CHB CLA HF . 11.86 -15.06 -58.64
CHC CLA HF . 10.13 -14.47 -54.13
CHD CLA HF . 13.18 -17.97 -52.50
NA CLA HF . 13.17 -16.85 -57.56
C1A CLA HF . 14.06 -17.84 -58.01
C2A CLA HF . 14.27 -17.71 -59.52
C3A CLA HF . 13.67 -16.34 -59.85
C4A CLA HF . 12.81 -16.06 -58.62
CMA CLA HF . 14.74 -15.31 -60.05
CAA CLA HF . 13.40 -18.69 -60.27
CBA CLA HF . 14.04 -20.00 -60.64
CGA CLA HF . 13.13 -21.06 -60.10
O1A CLA HF . 13.14 -21.57 -58.99
O2A CLA HF . 12.18 -21.43 -61.02
NB CLA HF . 11.30 -14.97 -56.25
C1B CLA HF . 11.05 -14.69 -57.55
C2B CLA HF . 9.80 -13.90 -57.68
C3B CLA HF . 9.30 -13.72 -56.42
C4B CLA HF . 10.26 -14.40 -55.48
CMB CLA HF . 9.29 -13.45 -58.97
CAB CLA HF . 8.12 -13.05 -55.97
CBB CLA HF . 7.00 -13.65 -55.53
NC CLA HF . 11.81 -16.25 -53.66
C1C CLA HF . 10.86 -15.33 -53.27
C2C CLA HF . 10.67 -15.40 -51.83
C3C CLA HF . 11.51 -16.41 -51.37
C4C CLA HF . 12.23 -16.94 -52.53
CMC CLA HF . 9.73 -14.56 -51.07
CAC CLA HF . 11.69 -16.85 -49.97
CBC CLA HF . 12.66 -15.97 -49.23
ND CLA HF . 13.56 -18.04 -54.92
C1D CLA HF . 13.80 -18.51 -53.61
C2D CLA HF . 14.78 -19.62 -53.67
C3D CLA HF . 15.09 -19.78 -55.01
C4D CLA HF . 14.34 -18.75 -55.74
CMD CLA HF . 15.24 -20.41 -52.53
CAD CLA HF . 15.87 -20.53 -55.98
OBD CLA HF . 16.58 -21.52 -55.81
CBD CLA HF . 15.66 -19.84 -57.36
CGD CLA HF . 16.96 -19.29 -57.87
O1D CLA HF . 17.95 -18.94 -57.20
O2D CLA HF . 17.04 -19.16 -59.23
CED CLA HF . 17.81 -18.08 -59.74
C1 CLA HF . 11.73 -22.80 -61.00
C2 CLA HF . 10.52 -22.85 -60.14
C3 CLA HF . 10.45 -23.61 -59.03
C4 CLA HF . 11.58 -24.46 -58.58
C5 CLA HF . 9.22 -23.64 -58.19
C6 CLA HF . 8.65 -25.04 -58.01
C7 CLA HF . 8.18 -25.23 -56.59
C8 CLA HF . 7.22 -26.42 -56.45
C9 CLA HF . 6.22 -26.14 -55.34
C10 CLA HF . 7.94 -27.74 -56.20
C11 CLA HF . 9.22 -27.61 -55.38
C12 CLA HF . 10.11 -28.83 -55.52
C13 CLA HF . 11.49 -28.48 -56.08
C14 CLA HF . 11.37 -27.99 -57.50
C15 CLA HF . 12.45 -29.65 -55.98
C16 CLA HF . 13.77 -29.37 -56.68
C17 CLA HF . 14.86 -29.00 -55.71
C18 CLA HF . 15.82 -30.14 -55.48
C19 CLA HF . 16.26 -30.20 -54.04
C20 CLA HF . 17.02 -30.02 -56.40
MG CLA IF . 18.94 -19.58 -43.84
CHA CLA IF . 21.85 -18.23 -42.47
CHB CLA IF . 20.31 -22.68 -43.73
CHC CLA IF . 16.01 -20.85 -45.12
CHD CLA IF . 17.62 -16.32 -44.10
NA CLA IF . 20.77 -20.31 -43.15
C1A CLA IF . 21.85 -19.60 -42.61
C2A CLA IF . 23.00 -20.56 -42.25
C3A CLA IF . 22.49 -21.94 -42.74
C4A CLA IF . 21.07 -21.65 -43.22
CMA CLA IF . 23.35 -22.46 -43.86
CAA CLA IF . 23.21 -20.61 -40.74
CBA CLA IF . 24.20 -21.69 -40.34
CGA CLA IF . 24.81 -21.36 -39.02
O1A CLA IF . 24.77 -20.30 -38.39
O2A CLA IF . 25.53 -22.40 -38.49
NB CLA IF . 18.28 -21.42 -44.34
C1B CLA IF . 19.00 -22.56 -44.24
C2B CLA IF . 18.20 -23.70 -44.76
C3B CLA IF . 16.98 -23.19 -45.15
C4B CLA IF . 17.01 -21.73 -44.88
CMB CLA IF . 18.70 -25.08 -44.78
CAB CLA IF . 15.83 -23.85 -45.70
CBB CLA IF . 15.12 -24.81 -45.10
NC CLA IF . 17.13 -18.73 -44.45
C1C CLA IF . 16.05 -19.44 -44.92
C2C CLA IF . 14.96 -18.53 -45.22
C3C CLA IF . 15.43 -17.24 -44.98
C4C CLA IF . 16.79 -17.38 -44.51
CMC CLA IF . 13.64 -18.93 -45.72
CAC CLA IF . 14.71 -15.96 -45.14
CBC CLA IF . 15.05 -15.25 -46.43
ND CLA IF . 19.49 -17.70 -43.31
C1D CLA IF . 18.88 -16.45 -43.57
C2D CLA IF . 19.77 -15.37 -43.10
C3D CLA IF . 20.90 -16.00 -42.62
C4D CLA IF . 20.70 -17.45 -42.82
CMD CLA IF . 19.46 -13.95 -43.16
CAD CLA IF . 22.19 -15.83 -42.00
OBD CLA IF . 22.70 -14.80 -41.54
CBD CLA IF . 22.90 -17.22 -42.01
CGD CLA IF . 24.07 -17.09 -42.93
O1D CLA IF . 24.53 -16.06 -43.42
O2D CLA IF . 24.70 -18.26 -43.26
CED CLA IF . 24.68 -18.62 -44.64
C1 CLA IF . 24.97 -23.04 -37.32
C2 CLA IF . 25.39 -24.46 -37.37
C3 CLA IF . 24.88 -25.41 -36.58
C4 CLA IF . 23.85 -25.15 -35.56
C5 CLA IF . 25.36 -26.82 -36.70
C6 CLA IF . 24.25 -27.82 -36.98
C7 CLA IF . 24.66 -28.85 -38.01
C8 CLA IF . 26.07 -29.39 -37.83
C9 CLA IF . 26.88 -29.24 -39.10
C10 CLA IF . 26.09 -30.84 -37.37
C11 CLA IF . 27.47 -31.22 -36.90
C12 CLA IF . 27.58 -32.65 -36.41
C13 CLA IF . 28.68 -32.81 -35.37
C14 CLA IF . 29.98 -32.18 -35.81
C15 CLA IF . 28.92 -34.28 -35.02
C16 CLA IF . 27.64 -35.01 -34.65
C17 CLA IF . 27.94 -36.34 -34.01
C18 CLA IF . 27.40 -37.51 -34.83
C19 CLA IF . 27.17 -38.71 -33.96
C20 CLA IF . 28.36 -37.87 -35.94
NB KC2 JF . 15.63 -35.30 -41.58
ND KC2 JF . 11.74 -36.33 -41.15
C1A KC2 JF . 13.30 -37.13 -38.49
C1B KC2 JF . 16.64 -35.48 -40.70
C1C KC2 JF . 14.03 -34.42 -44.03
C1D KC2 JF . 10.65 -36.09 -41.95
C2A KC2 JF . 14.00 -37.54 -37.37
C2B KC2 JF . 17.78 -34.89 -41.18
C2C KC2 JF . 13.36 -34.01 -45.15
C2D KC2 JF . 9.48 -36.40 -41.25
C3A KC2 JF . 15.34 -37.22 -37.63
C3B KC2 JF . 17.47 -34.32 -42.42
C3C KC2 JF . 12.04 -34.40 -45.02
C3D KC2 JF . 9.91 -36.84 -39.99
C4A KC2 JF . 15.39 -36.62 -38.85
C4B KC2 JF . 16.14 -34.59 -42.65
C4C KC2 JF . 11.94 -35.05 -43.80
C4D KC2 JF . 11.29 -36.77 -40.01
CAA KC2 JF . 13.50 -38.20 -36.20
CAB KC2 JF . 18.33 -33.59 -43.33
CAC KC2 JF . 10.92 -34.21 -45.93
CAD KC2 JF . 9.49 -37.33 -38.68
CBA KC2 JF . 13.95 -38.21 -34.96
CBB KC2 JF . 19.54 -33.13 -43.16
CBC KC2 JF . 10.90 -33.90 -47.20
CBD KC2 JF . 10.77 -37.65 -37.90
CED KC2 JF . 10.70 -34.71 -35.64
CGA KC2 JF . 13.43 -39.15 -33.96
CGD KC2 JF . 10.68 -36.84 -36.63
CHA KC2 JF . 11.86 -37.20 -38.78
CHB KC2 JF . 16.53 -36.14 -39.48
CHC KC2 JF . 15.38 -34.22 -43.77
CHD KC2 JF . 10.78 -35.61 -43.25
CMA KC2 JF . 16.50 -37.47 -36.72
CMB KC2 JF . 19.11 -34.86 -40.49
CMC KC2 JF . 13.95 -33.27 -46.31
CMD KC2 JF . 8.07 -36.28 -41.72
NA KC2 JF . 14.15 -36.58 -39.39
NC KC2 JF . 13.19 -35.07 -43.20
O1A KC2 JF . 13.88 -39.26 -32.83
O1D KC2 JF . 10.60 -37.33 -35.54
O2A KC2 JF . 12.44 -39.87 -34.38
O2D KC2 JF . 10.73 -35.54 -36.84
OBD KC2 JF . 8.38 -37.49 -38.22
MG KC2 JF . 13.71 -35.94 -41.38
C10 WVN KF . 17.05 -26.54 -39.48
C11 WVN KF . 34.61 -33.77 -47.53
C12 WVN KF . 16.44 -26.36 -40.88
C13 WVN KF . 17.20 -23.97 -39.20
C14 WVN KF . 16.88 -25.05 -41.56
C01 WVN KF . 37.12 -33.25 -47.37
C02 WVN KF . 35.96 -34.13 -46.84
C03 WVN KF . 38.52 -33.91 -47.20
C04 WVN KF . 38.58 -34.92 -46.04
C05 WVN KF . 36.26 -35.62 -46.99
C06 WVN KF . 16.80 -25.33 -38.56
C07 WVN KF . 36.93 -32.93 -48.89
C08 WVN KF . 37.14 -31.91 -46.58
C09 WVN KF . 37.52 -36.04 -46.19
C15 WVN KF . 16.63 -23.83 -40.64
C16 WVN KF . 35.06 -36.47 -46.54
C17 WVN KF . 17.53 -25.49 -37.21
C18 WVN KF . 15.27 -25.27 -38.26
C19 WVN KF . 33.70 -33.20 -46.65
C20 WVN KF . 18.73 -23.61 -39.06
C21 WVN KF . 17.10 -22.52 -41.30
C22 WVN KF . 32.31 -32.56 -46.29
C23 WVN KF . 19.73 -24.29 -39.71
C24 WVN KF . 31.42 -33.63 -45.71
C25 WVN KF . 21.22 -24.51 -40.04
C26 WVN KF . 32.53 -31.44 -45.27
C27 WVN KF . 21.96 -24.72 -38.73
C28 WVN KF . 21.40 -25.75 -40.92
C29 WVN KF . 31.23 -31.03 -44.50
C30 WVN KF . 22.39 -25.52 -42.11
C31 WVN KF . 30.41 -30.20 -45.23
C32 WVN KF . 29.10 -29.36 -45.41
C33 WVN KF . 23.69 -25.61 -41.76
C34 WVN KF . 25.20 -25.58 -42.06
C35 WVN KF . 28.11 -30.15 -46.25
C36 WVN KF . 28.48 -29.04 -44.05
C37 WVN KF . 25.50 -26.49 -43.27
C38 WVN KF . 25.97 -26.01 -40.82
C39 WVN KF . 27.27 -28.03 -44.18
C40 WVN KF . 26.69 -27.48 -43.10
MG CLA LF . 54.18 -33.44 -20.66
CHA CLA LF . 54.35 -31.35 -23.43
CHB CLA LF . 54.29 -30.72 -18.63
CHC CLA LF . 53.85 -35.52 -17.94
CHD CLA LF . 54.15 -36.24 -22.81
NA CLA LF . 54.26 -31.38 -21.01
C1A CLA LF . 54.31 -30.71 -22.22
C2A CLA LF . 54.32 -29.19 -22.02
C3A CLA LF . 54.54 -29.05 -20.50
C4A CLA LF . 54.31 -30.47 -19.99
CMA CLA LF . 55.93 -28.54 -20.18
CAA CLA LF . 52.90 -28.69 -22.21
CBA CLA LF . 52.50 -28.19 -23.59
CGA CLA LF . 51.51 -29.11 -24.22
O1A CLA LF . 51.40 -29.40 -25.43
O2A CLA LF . 50.64 -29.67 -23.34
NB CLA LF . 54.13 -33.18 -18.67
C1B CLA LF . 54.14 -31.97 -18.02
C2B CLA LF . 54.01 -32.17 -16.55
C3B CLA LF . 53.88 -33.53 -16.35
C4B CLA LF . 53.95 -34.19 -17.69
CMB CLA LF . 53.99 -31.05 -15.62
CAB CLA LF . 53.68 -34.30 -15.15
CBB CLA LF . 54.33 -34.15 -13.99
NC CLA LF . 54.02 -35.50 -20.43
C1C CLA LF . 53.87 -36.14 -19.23
C2C CLA LF . 53.76 -37.58 -19.44
C3C CLA LF . 53.87 -37.79 -20.82
C4C CLA LF . 54.03 -36.48 -21.43
CMC CLA LF . 53.59 -38.58 -18.38
CAC CLA LF . 53.80 -39.08 -21.53
CBC CLA LF . 55.12 -39.82 -21.57
ND CLA LF . 54.15 -33.79 -22.65
C1D CLA LF . 54.21 -34.99 -23.40
C2D CLA LF . 54.35 -34.64 -24.83
C3D CLA LF . 54.40 -33.27 -24.91
C4D CLA LF . 54.29 -32.79 -23.52
CMD CLA LF . 54.41 -35.63 -25.92
CAD CLA LF . 54.50 -32.11 -25.78
OBD CLA LF . 54.54 -32.05 -27.00
CBD CLA LF . 54.57 -30.86 -24.84
CGD CLA LF . 55.91 -30.19 -24.89
O1D CLA LF . 56.98 -30.62 -24.45
O2D CLA LF . 55.94 -28.95 -25.48
CED CLA LF . 57.21 -28.47 -25.92
C1 CLA LF . 49.66 -30.58 -23.88
C2 CLA LF . 48.70 -30.92 -22.80
C3 CLA LF . 47.60 -31.68 -22.98
C4 CLA LF . 47.24 -32.23 -24.32
C5 CLA LF . 46.68 -31.99 -21.85
C6 CLA LF . 46.18 -33.42 -21.85
C7 CLA LF . 45.58 -33.80 -20.51
C8 CLA LF . 46.63 -34.27 -19.51
C9 CLA LF . 47.39 -35.47 -20.05
C10 CLA LF . 46.02 -34.61 -18.16
C11 CLA LF . 47.08 -34.97 -17.14
C12 CLA LF . 46.94 -34.15 -15.87
C13 CLA LF . 46.93 -35.00 -14.60
C14 CLA LF . 45.99 -36.18 -14.73
C15 CLA LF . 46.56 -34.14 -13.39
C16 CLA LF . 46.32 -34.94 -12.12
C17 CLA LF . 47.62 -35.29 -11.42
C18 CLA LF . 47.37 -35.75 -9.99
C19 CLA LF . 46.77 -34.64 -9.15
C20 CLA LF . 48.64 -36.26 -9.35
C10 WVN MF . 51.64 -36.12 -33.84
C11 WVN MF . 51.35 -30.50 -11.11
C12 WVN MF . 50.43 -36.42 -34.73
C13 WVN MF . 50.34 -37.18 -31.84
C14 WVN MF . 49.16 -36.11 -33.93
C01 WVN MF . 51.05 -31.37 -8.75
C02 WVN MF . 51.82 -31.58 -10.08
C03 WVN MF . 51.41 -30.03 -8.09
C04 WVN MF . 52.92 -29.80 -7.94
C05 WVN MF . 53.32 -31.45 -9.83
C06 WVN MF . 51.70 -37.02 -32.60
C07 WVN MF . 49.52 -31.41 -9.00
C08 WVN MF . 51.40 -32.53 -7.77
C09 WVN MF . 53.67 -30.05 -9.26
C15 WVN MF . 49.04 -36.95 -32.64
C16 WVN MF . 54.13 -31.67 -11.12
C17 WVN MF . 52.17 -38.44 -33.05
C18 WVN MF . 52.83 -36.46 -31.68
C19 WVN MF . 50.85 -30.96 -12.31
C20 WVN MF . 50.28 -36.26 -30.59
C21 WVN MF . 48.43 -38.32 -33.01
C22 WVN MF . 50.24 -30.68 -13.72
C23 WVN MF . 50.02 -36.99 -29.48
C24 WVN MF . 50.88 -29.41 -14.25
C25 WVN MF . 49.78 -37.17 -27.96
C26 WVN MF . 50.48 -31.84 -14.72
C27 WVN MF . 49.40 -38.62 -27.71
C28 WVN MF . 51.06 -36.81 -27.20
C29 WVN MF . 50.45 -31.34 -16.21
C30 WVN MF . 51.09 -37.39 -25.74
C31 WVN MF . 50.13 -32.27 -17.16
C32 WVN MF . 49.88 -32.61 -18.66
C33 WVN MF . 50.43 -36.60 -24.87
C34 WVN MF . 49.91 -36.28 -23.46
C35 WVN MF . 50.12 -31.35 -19.47
C36 WVN MF . 50.81 -33.72 -19.16
C37 WVN MF . 50.70 -35.08 -22.92
C38 WVN MF . 50.11 -37.49 -22.57
C39 WVN MF . 50.80 -33.81 -20.73
C40 WVN MF . 50.72 -35.00 -21.35
MG CLA NF . 23.45 -18.75 -35.94
CHA CLA NF . 26.19 -16.60 -36.06
CHB CLA NF . 21.99 -17.02 -38.48
CHC CLA NF . 20.86 -21.00 -35.91
CHD CLA NF . 25.08 -20.58 -33.41
NA CLA NF . 24.01 -17.06 -37.06
C1A CLA NF . 25.21 -16.33 -36.98
C2A CLA NF . 25.22 -15.20 -38.02
C3A CLA NF . 23.81 -15.27 -38.63
C4A CLA NF . 23.21 -16.55 -38.03
CMA CLA NF . 23.01 -14.05 -38.25
CAA CLA NF . 26.24 -15.46 -39.12
CBA CLA NF . 26.27 -16.92 -39.56
CGA CLA NF . 27.10 -17.14 -40.80
O1A CLA NF . 27.02 -16.59 -41.89
O2A CLA NF . 28.07 -18.10 -40.61
NB CLA NF . 21.78 -19.00 -37.04
C1B CLA NF . 21.31 -18.15 -37.98
C2B CLA NF . 19.95 -18.55 -38.41
C3B CLA NF . 19.62 -19.67 -37.68
C4B CLA NF . 20.77 -19.97 -36.79
CMB CLA NF . 19.15 -17.84 -39.41
CAB CLA NF . 18.41 -20.45 -37.69
CBB CLA NF . 17.48 -20.42 -36.73
NC CLA NF . 23.03 -20.46 -34.82
C1C CLA NF . 21.91 -21.23 -34.99
C2C CLA NF . 21.95 -22.36 -34.06
C3C CLA NF . 23.15 -22.26 -33.37
C4C CLA NF . 23.83 -21.06 -33.86
CMC CLA NF . 20.90 -23.37 -33.95
CAC CLA NF . 23.64 -23.19 -32.34
CBC CLA NF . 23.55 -22.65 -30.94
ND CLA NF . 25.14 -18.59 -34.83
C1D CLA NF . 25.70 -19.43 -33.83
C2D CLA NF . 26.98 -18.85 -33.39
C3D CLA NF . 27.20 -17.74 -34.18
C4D CLA NF . 26.04 -17.66 -35.09
CMD CLA NF . 27.82 -19.38 -32.30
CAD CLA NF . 28.08 -16.63 -34.47
OBD CLA NF . 29.09 -16.25 -33.88
CBD CLA NF . 27.52 -15.93 -35.74
CGD CLA NF . 27.38 -14.45 -35.54
O1D CLA NF . 26.51 -13.85 -34.88
O2D CLA NF . 28.33 -13.71 -36.17
CED CLA NF . 28.08 -12.32 -36.42
C1 CLA NF . 28.10 -19.23 -41.50
C2 CLA NF . 29.22 -20.08 -41.02
C3 CLA NF . 29.12 -21.39 -40.76
C4 CLA NF . 27.85 -22.12 -40.93
C5 CLA NF . 30.29 -22.18 -40.27
C6 CLA NF . 30.01 -22.93 -38.98
C7 CLA NF . 31.03 -24.04 -38.75
C8 CLA NF . 30.53 -25.27 -37.97
C9 CLA NF . 29.01 -25.41 -37.98
C10 CLA NF . 31.08 -25.28 -36.55
C11 CLA NF . 30.70 -26.53 -35.78
C12 CLA NF . 29.97 -26.22 -34.49
C13 CLA NF . 29.21 -27.42 -33.93
C14 CLA NF . 28.42 -28.14 -35.00
C15 CLA NF . 28.30 -27.00 -32.78
C16 CLA NF . 27.45 -28.14 -32.26
C17 CLA NF . 26.52 -27.69 -31.15
C18 CLA NF . 25.04 -27.83 -31.50
C19 CLA NF . 24.20 -27.41 -30.31
C20 CLA NF . 24.72 -29.25 -31.91
O3 LHG OF . 42.58 -37.75 -36.58
P LHG OF . 42.38 -39.29 -37.02
O4 LHG OF . 41.24 -39.84 -36.24
O5 LHG OF . 43.75 -39.78 -37.29
O6 LHG OF . 41.66 -38.92 -38.48
C4 LHG OF . 40.27 -39.01 -38.63
C5 LHG OF . 39.90 -37.78 -39.49
C6 LHG OF . 40.94 -37.51 -40.57
O7 LHG OF . 38.68 -38.08 -40.11
C7 LHG OF . 37.59 -37.60 -39.45
O9 LHG OF . 36.81 -38.32 -38.85
C8 LHG OF . 37.37 -36.18 -39.79
C9 LHG OF . 36.51 -36.09 -41.03
C10 LHG OF . 36.34 -34.65 -41.44
O8 LHG OF . 40.25 -36.65 -41.49
C23 LHG OF . 41.01 -35.77 -42.20
O10 LHG OF . 42.23 -35.84 -42.15
C24 LHG OF . 40.37 -34.52 -42.78
C11 LHG OF . 36.11 -34.76 -42.92
C25 LHG OF . 40.16 -33.38 -41.81
C26 LHG OF . 39.28 -32.23 -42.32
C27 LHG OF . 40.28 -31.19 -42.75
C28 LHG OF . 40.86 -30.33 -41.66
C29 LHG OF . 42.04 -29.62 -42.28
C30 LHG OF . 41.98 -28.12 -42.30
C31 LHG OF . 43.19 -27.41 -42.88
C32 LHG OF . 44.09 -26.72 -41.87
C33 LHG OF . 45.44 -26.56 -42.52
C34 LHG OF . 45.46 -25.78 -43.82
C35 LHG OF . 46.19 -24.47 -43.67
C36 LHG OF . 46.22 -23.79 -45.03
C37 LHG OF . 46.13 -22.31 -44.78
C38 LHG OF . 47.32 -21.72 -44.07
MG CLA PF . 52.06 -39.40 41.10
CHA CLA PF . 52.36 -41.46 38.32
CHB CLA PF . 53.00 -41.96 43.12
CHC CLA PF . 51.96 -37.25 43.76
CHD CLA PF . 51.09 -36.74 38.96
NA CLA PF . 52.57 -41.40 40.75
C1A CLA PF . 52.66 -42.07 39.52
C2A CLA PF . 53.06 -43.54 39.75
C3A CLA PF . 53.06 -43.69 41.29
C4A CLA PF . 52.87 -42.26 41.77
CMA CLA PF . 51.96 -44.60 41.77
CAA CLA PF . 54.44 -43.93 39.21
CBA CLA PF . 55.43 -42.80 39.00
CGA CLA PF . 55.97 -42.27 40.30
O1A CLA PF . 56.07 -42.83 41.40
O2A CLA PF . 56.43 -40.99 40.18
NB CLA PF . 52.33 -39.59 43.09
C1B CLA PF . 52.85 -40.69 43.69
C2B CLA PF . 53.25 -40.35 45.10
C3B CLA PF . 52.96 -39.02 45.28
C4B CLA PF . 52.37 -38.52 44.01
CMB CLA PF . 53.85 -41.33 46.02
CAB CLA PF . 53.16 -38.19 46.45
CBB CLA PF . 52.25 -37.52 47.14
NC CLA PF . 51.57 -37.38 41.32
C1C CLA PF . 51.57 -36.70 42.51
C2C CLA PF . 51.17 -35.32 42.33
C3C CLA PF . 50.95 -35.16 40.96
C4C CLA PF . 51.20 -36.46 40.33
CMC CLA PF . 51.08 -34.34 43.42
CAC CLA PF . 50.53 -33.93 40.27
CBC CLA PF . 49.07 -33.63 40.43
ND CLA PF . 51.78 -39.09 39.12
C1D CLA PF . 51.37 -37.96 38.38
C2D CLA PF . 51.30 -38.32 36.94
C3D CLA PF . 51.67 -39.65 36.86
C4D CLA PF . 51.97 -40.09 38.25
CMD CLA PF . 50.90 -37.41 35.87
CAD CLA PF . 51.89 -40.79 35.99
OBD CLA PF . 51.76 -40.87 34.77
CBD CLA PF . 52.34 -41.97 36.90
CGD CLA PF . 51.47 -43.20 36.72
O1D CLA PF . 51.58 -44.08 35.86
O2D CLA PF . 50.47 -43.31 37.64
CED CLA PF . 50.08 -44.63 38.03
C1 CLA PF . 55.70 -39.96 40.89
C2 CLA PF . 55.61 -38.79 39.98
C3 CLA PF . 55.32 -37.56 40.40
C4 CLA PF . 55.06 -37.24 41.82
C5 CLA PF . 55.24 -36.42 39.43
C6 CLA PF . 56.05 -35.22 39.87
MG CLA QF . 44.99 -34.57 29.56
CHA CLA QF . 43.50 -37.13 31.34
CHB CLA QF . 42.08 -34.04 27.88
CHC CLA QF . 46.50 -32.00 27.85
CHD CLA QF . 48.01 -35.17 31.30
NA CLA QF . 43.10 -35.45 29.63
C1A CLA QF . 42.67 -36.51 30.45
C2A CLA QF . 41.19 -36.85 30.18
C3A CLA QF . 40.86 -35.98 28.94
C4A CLA QF . 42.08 -35.07 28.81
CMA CLA QF . 40.67 -36.86 27.74
CAA CLA QF . 40.32 -36.47 31.37
CBA CLA QF . 39.55 -35.16 31.21
CGA CLA QF . 40.38 -34.00 31.64
O1A CLA QF . 41.32 -33.98 32.44
O2A CLA QF . 40.03 -32.82 31.05
NB CLA QF . 44.44 -33.36 28.04
C1B CLA QF . 43.15 -33.16 27.67
C2B CLA QF . 43.00 -31.85 26.96
C3B CLA QF . 44.24 -31.28 26.95
C4B CLA QF . 45.17 -32.22 27.63
CMB CLA QF . 41.72 -31.37 26.44
CAB CLA QF . 44.69 -30.01 26.43
CBB CLA QF . 44.56 -29.60 25.17
NC CLA QF . 46.91 -33.75 29.57
C1C CLA QF . 47.32 -32.72 28.77
C2C CLA QF . 48.73 -32.45 29.00
C3C CLA QF . 49.15 -33.30 30.02
C4C CLA QF . 47.99 -34.11 30.38
CMC CLA QF . 49.52 -31.44 28.29
CAC CLA QF . 50.49 -33.38 30.61
CBC CLA QF . 50.64 -32.43 31.78
ND CLA QF . 45.62 -35.73 31.10
C1D CLA QF . 46.92 -35.95 31.63
C2D CLA QF . 46.87 -37.09 32.57
C3D CLA QF . 45.57 -37.56 32.52
C4D CLA QF . 44.85 -36.70 31.55
CMD CLA QF . 48.01 -37.58 33.36
CAD CLA QF . 44.62 -38.54 33.02
OBD CLA QF . 44.74 -39.36 33.92
CBD CLA QF . 43.33 -38.38 32.18
CGD CLA QF . 43.18 -39.56 31.25
O1D CLA QF . 42.13 -40.06 30.83
O2D CLA QF . 44.36 -40.12 30.86
CED CLA QF . 44.93 -39.74 29.59
C1 CLA QF . 41.12 -32.01 30.59
C2 CLA QF . 40.68 -30.60 30.43
C3 CLA QF . 41.54 -29.60 30.14
C4 CLA QF . 42.99 -29.84 29.96
C5 CLA QF . 41.07 -28.19 29.98
C6 CLA QF . 41.65 -27.26 31.04
C7 CLA QF . 42.46 -26.14 30.41
C8 CLA QF . 42.83 -25.07 31.44
C9 CLA QF . 41.63 -24.22 31.79
C10 CLA QF . 43.97 -24.19 30.93
C11 CLA QF . 45.33 -24.76 31.28
C12 CLA QF . 45.78 -24.36 32.68
C13 CLA QF . 47.28 -24.56 32.85
C14 CLA QF . 47.58 -25.26 34.16
C15 CLA QF . 48.03 -23.24 32.77
MG CLA RF . 42.98 -25.58 22.50
CHA CLA RF . 39.61 -26.41 22.19
CHB CLA RF . 42.88 -26.43 25.79
CHC CLA RF . 46.28 -24.65 22.78
CHD CLA RF . 42.97 -24.47 19.14
NA CLA RF . 41.48 -26.36 23.74
C1A CLA RF . 40.14 -26.66 23.43
C2A CLA RF . 39.41 -27.20 24.67
C3A CLA RF . 40.50 -27.20 25.77
C4A CLA RF . 41.73 -26.65 25.06
CMA CLA RF . 40.12 -26.31 26.92
CAA CLA RF . 38.95 -28.64 24.47
CBA CLA RF . 38.37 -29.29 25.71
CGA CLA RF . 36.94 -28.90 25.90
O1A CLA RF . 35.97 -29.17 25.18
O2A CLA RF . 36.74 -28.14 27.02
NB CLA RF . 44.36 -25.66 23.96
C1B CLA RF . 44.07 -25.88 25.27
C2B CLA RF . 45.17 -25.39 26.14
C3B CLA RF . 46.14 -24.89 25.30
C4B CLA RF . 45.63 -25.05 23.91
CMB CLA RF . 45.11 -25.50 27.60
CAB CLA RF . 47.41 -24.28 25.59
CBB CLA RF . 47.66 -23.32 26.50
NC CLA RF . 44.38 -24.79 21.17
C1C CLA RF . 45.69 -24.54 21.48
C2C CLA RF . 46.40 -24.05 20.30
C3C CLA RF . 45.44 -23.93 19.29
C4C CLA RF . 44.18 -24.40 19.85
CMC CLA RF . 47.83 -23.71 20.27
CAC CLA RF . 45.67 -23.47 17.91
CBC CLA RF . 46.06 -24.61 16.99
ND CLA RF . 41.66 -25.46 20.97
C1D CLA RF . 41.78 -24.97 19.65
C2D CLA RF . 40.47 -25.08 18.97
C3D CLA RF . 39.61 -25.64 19.89
C4D CLA RF . 40.39 -25.86 21.12
CMD CLA RF . 40.20 -24.67 17.59
CAD CLA RF . 38.25 -26.10 20.13
OBD CLA RF . 37.29 -26.12 19.37
CBD CLA RF . 38.21 -26.59 21.61
CGD CLA RF . 37.19 -25.83 22.42
O1D CLA RF . 36.60 -26.20 23.44
O2D CLA RF . 36.90 -24.59 21.93
CED CLA RF . 37.29 -23.45 22.72
C1 CLA RF . 35.41 -27.63 27.23
C2 CLA RF . 35.34 -26.31 26.56
C3 CLA RF . 35.65 -25.15 27.18
C4 CLA RF . 36.09 -25.10 28.60
C5 CLA RF . 35.56 -23.86 26.46
C6 CLA RF . 36.86 -23.07 26.49
MG CLA SF . 57.12 -26.97 8.65
CHA CLA SF . 58.66 -24.76 6.45
CHB CLA SF . 54.56 -24.77 9.09
CHC CLA SF . 55.56 -29.26 10.70
CHD CLA SF . 59.76 -29.26 8.12
NA CLA SF . 56.70 -25.07 7.89
C1A CLA SF . 57.46 -24.31 6.97
C2A CLA SF . 56.76 -22.99 6.67
C3A CLA SF . 55.51 -23.00 7.58
C4A CLA SF . 55.57 -24.38 8.24
CMA CLA SF . 55.51 -21.86 8.57
CAA CLA SF . 56.28 -22.95 5.22
CBA CLA SF . 55.31 -24.04 4.83
CGA CLA SF . 55.98 -25.23 4.23
O1A CLA SF . 56.56 -25.32 3.14
O2A CLA SF . 55.93 -26.32 5.05
NB CLA SF . 55.41 -26.99 9.71
C1B CLA SF . 54.48 -26.01 9.76
C2B CLA SF . 53.35 -26.40 10.64
C3B CLA SF . 53.62 -27.67 11.10
C4B CLA SF . 54.94 -28.06 10.51
CMB CLA SF . 52.20 -25.54 10.88
CAB CLA SF . 52.88 -28.54 11.97
CBB CLA SF . 52.45 -28.24 13.20
NC CLA SF . 57.59 -28.90 9.29
C1C CLA SF . 56.80 -29.65 10.11
C2C CLA SF . 57.40 -30.96 10.34
C3C CLA SF . 58.60 -30.97 9.62
C4C CLA SF . 58.70 -29.67 8.97
CMC CLA SF . 56.82 -32.02 11.17
CAC CLA SF . 59.56 -32.08 9.54
CBC CLA SF . 59.37 -32.90 8.28
ND CLA SF . 58.82 -27.06 7.56
C1D CLA SF . 59.83 -28.05 7.46
C2D CLA SF . 60.90 -27.56 6.56
C3D CLA SF . 60.49 -26.31 6.14
C4D CLA SF . 59.20 -26.04 6.80
CMD CLA SF . 62.11 -28.31 6.22
CAD CLA SF . 60.82 -25.16 5.31
OBD CLA SF . 61.78 -24.97 4.58
CBD CLA SF . 59.68 -24.12 5.51
CGD CLA SF . 60.22 -22.83 6.06
O1D CLA SF . 61.08 -22.68 6.93
O2D CLA SF . 59.69 -21.71 5.49
CED CLA SF . 60.57 -20.59 5.38
C1 CLA SF . 56.58 -27.54 4.58
C2 CLA SF . 56.46 -28.54 5.68
C3 CLA SF . 56.26 -29.85 5.48
C4 CLA SF . 56.11 -30.43 4.12
C5 CLA SF . 56.16 -30.80 6.63
C6 CLA SF . 54.86 -31.58 6.68
C7 CLA SF . 55.11 -33.07 6.56
C8 CLA SF . 53.87 -33.95 6.73
C9 CLA SF . 52.62 -33.31 6.15
C10 CLA SF . 53.64 -34.32 8.20
C11 CLA SF . 53.68 -35.82 8.41
C12 CLA SF . 52.29 -36.43 8.50
C13 CLA SF . 51.87 -37.10 7.20
C14 CLA SF . 50.50 -37.74 7.35
C15 CLA SF . 52.89 -38.13 6.75
C16 CLA SF . 52.53 -38.69 5.38
C17 CLA SF . 53.42 -39.87 5.02
MG CLA TF . 49.48 -25.03 -2.09
CHA CLA TF . 51.33 -22.09 -2.26
CHB CLA TF . 48.26 -24.45 -5.20
CHC CLA TF . 47.85 -28.06 -1.95
CHD CLA TF . 50.69 -25.56 1.20
NA CLA TF . 49.75 -23.49 -3.47
C1A CLA TF . 50.57 -22.36 -3.37
C2A CLA TF . 50.45 -21.49 -4.63
C3A CLA TF . 49.28 -22.14 -5.39
C4A CLA TF . 49.08 -23.47 -4.67
CMA CLA TF . 48.04 -21.29 -5.30
CAA CLA TF . 51.73 -21.57 -5.45
CBA CLA TF . 51.78 -20.56 -6.58
CGA CLA TF . 52.87 -20.92 -7.54
O1A CLA TF . 53.43 -20.22 -8.37
O2A CLA TF . 53.26 -22.23 -7.42
NB CLA TF . 48.19 -26.01 -3.29
C1B CLA TF . 47.99 -25.70 -4.60
C2B CLA TF . 47.43 -26.87 -5.33
C3B CLA TF . 47.30 -27.88 -4.41
C4B CLA TF . 47.79 -27.36 -3.11
CMB CLA TF . 47.10 -26.84 -6.74
CAB CLA TF . 46.83 -29.23 -4.57
CBB CLA TF . 47.43 -30.17 -5.31
NC CLA TF . 49.28 -26.52 -0.62
C1C CLA TF . 48.54 -27.65 -0.77
C2C CLA TF . 48.59 -28.45 0.44
C3C CLA TF . 49.41 -27.76 1.34
C4C CLA TF . 49.84 -26.53 0.65
CMC CLA TF . 47.91 -29.74 0.64
CAC CLA TF . 49.76 -28.17 2.70
CBC CLA TF . 48.75 -27.71 3.72
ND CLA TF . 50.76 -24.13 -0.81
C1D CLA TF . 51.14 -24.43 0.52
C2D CLA TF . 52.07 -23.38 1.00
C3D CLA TF . 52.21 -22.49 -0.05
C4D CLA TF . 51.35 -22.98 -1.14
CMD CLA TF . 52.70 -23.38 2.30
CAD CLA TF . 52.84 -21.25 -0.50
OBD CLA TF . 53.70 -20.57 0.05
CBD CLA TF . 52.24 -20.94 -1.90
CGD CLA TF . 51.49 -19.63 -1.91
O1D CLA TF . 50.33 -19.42 -1.53
O2D CLA TF . 52.21 -18.57 -2.39
CED CLA TF . 51.94 -18.13 -3.72
C1 CLA TF . 54.42 -22.67 -8.14
C2 CLA TF . 54.56 -24.12 -7.81
C3 CLA TF . 55.53 -24.91 -8.28
C4 CLA TF . 56.59 -24.41 -9.20
C5 CLA TF . 55.59 -26.35 -7.91
C6 CLA TF . 56.78 -26.66 -7.01
C7 CLA TF . 56.55 -27.91 -6.20
C8 CLA TF . 57.62 -28.09 -5.13
C9 CLA TF . 59.00 -28.23 -5.75
C10 CLA TF . 57.31 -29.30 -4.25
C11 CLA TF . 58.29 -29.40 -3.10
C12 CLA TF . 58.00 -30.59 -2.21
C13 CLA TF . 56.88 -30.29 -1.22
C14 CLA TF . 57.43 -29.58 0.00
C15 CLA TF . 56.16 -31.58 -0.82
C16 CLA TF . 55.00 -31.29 0.12
C17 CLA TF . 54.36 -32.57 0.61
C18 CLA TF . 53.17 -32.29 1.52
C19 CLA TF . 51.96 -31.88 0.73
C20 CLA TF . 52.87 -33.52 2.36
MG CLA UF . 48.17 -17.67 12.90
CHA CLA UF . 46.78 -14.71 11.72
CHB CLA UF . 48.03 -16.45 16.07
CHC CLA UF . 49.07 -20.76 14.06
CHD CLA UF . 48.29 -18.89 9.58
NA CLA UF . 47.58 -15.84 13.72
C1A CLA UF . 47.01 -14.74 13.07
C2A CLA UF . 46.73 -13.62 14.07
C3A CLA UF . 47.47 -14.08 15.35
C4A CLA UF . 47.70 -15.57 15.06
CMA CLA UF . 48.76 -13.33 15.56
CAA CLA UF . 45.24 -13.54 14.36
CBA CLA UF . 44.65 -12.21 13.94
CGA CLA UF . 44.79 -11.22 15.05
O1A CLA UF . 44.44 -11.32 16.23
O2A CLA UF . 45.39 -10.06 14.65
NB CLA UF . 48.64 -18.41 14.71
C1B CLA UF . 48.26 -17.82 15.88
C2B CLA UF . 48.12 -18.83 16.96
C3B CLA UF . 48.41 -20.05 16.40
C4B CLA UF . 48.75 -19.80 14.97
CMB CLA UF . 47.73 -18.50 18.33
CAB CLA UF . 48.43 -21.35 16.99
CBB CLA UF . 49.53 -22.05 17.24
NC CLA UF . 48.67 -19.47 11.97
C1C CLA UF . 49.04 -20.61 12.64
C2C CLA UF . 49.34 -21.67 11.70
C3C CLA UF . 49.09 -21.16 10.42
C4C CLA UF . 48.68 -19.76 10.60
CMC CLA UF . 49.77 -23.01 12.10
CAC CLA UF . 49.26 -21.85 9.14
CBC CLA UF . 50.70 -21.88 8.70
ND CLA UF . 47.66 -17.02 11.05
C1D CLA UF . 47.79 -17.60 9.76
C2D CLA UF . 47.29 -16.64 8.76
C3D CLA UF . 46.84 -15.54 9.45
C4D CLA UF . 47.12 -15.82 10.87
CMD CLA UF . 47.25 -16.89 7.32
CAD CLA UF . 46.26 -14.21 9.36
OBD CLA UF . 45.86 -13.60 8.38
CBD CLA UF . 46.22 -13.63 10.82
CGD CLA UF . 46.99 -12.34 10.94
O1D CLA UF . 48.19 -12.19 11.17
O2D CLA UF . 46.21 -11.23 10.78
CED CLA UF . 46.62 -10.27 9.81
C1 CLA UF . 46.79 -9.92 14.97
C2 CLA UF . 47.23 -8.64 14.37
C3 CLA UF . 48.50 -8.20 14.45
C4 CLA UF . 49.57 -8.95 15.15
C5 CLA UF . 48.89 -6.90 13.84
C6 CLA UF . 49.90 -7.06 12.72
C7 CLA UF . 50.01 -5.80 11.89
MG CLA VF . 39.41 -27.33 14.54
CHA CLA VF . 38.98 -29.02 17.55
CHB CLA VF . 36.20 -28.06 13.69
CHC CLA VF . 39.72 -25.28 11.80
CHD CLA VF . 42.72 -26.53 15.50
NA CLA VF . 37.89 -28.43 15.45
C1A CLA VF . 37.88 -29.03 16.73
C2A CLA VF . 36.54 -29.72 16.99
C3A CLA VF . 35.86 -29.70 15.61
C4A CLA VF . 36.68 -28.65 14.85
CMA CLA VF . 35.97 -31.06 14.99
CAA CLA VF . 35.73 -28.98 18.06
CBA CLA VF . 34.47 -28.33 17.55
CGA CLA VF . 34.62 -26.83 17.55
O1A CLA VF . 35.25 -26.12 16.76
O2A CLA VF . 33.95 -26.24 18.58
NB CLA VF . 38.20 -26.80 13.01
C1B CLA VF . 36.89 -27.12 12.91
C2B CLA VF . 36.25 -26.34 11.81
C3B CLA VF . 37.24 -25.54 11.27
C4B CLA VF . 38.50 -25.85 12.01
CMB CLA VF . 34.82 -26.50 11.49
CAB CLA VF . 37.23 -24.58 10.19
CBB CLA VF . 36.51 -24.63 9.06
NC CLA VF . 40.97 -26.19 13.75
C1C CLA VF . 40.88 -25.46 12.59
C2C CLA VF . 42.15 -24.79 12.34
C3C CLA VF . 43.00 -25.10 13.41
C4C CLA VF . 42.24 -25.98 14.29
CMC CLA VF . 42.41 -23.92 11.18
CAC CLA VF . 44.37 -24.63 13.63
CBC CLA VF . 45.44 -25.34 12.84
ND CLA VF . 40.67 -27.79 16.05
C1D CLA VF . 42.00 -27.37 16.33
C2D CLA VF . 42.41 -27.97 17.62
C3D CLA VF . 41.30 -28.60 18.13
C4D CLA VF . 40.22 -28.43 17.12
CMD CLA VF . 43.75 -27.86 18.22
CAD CLA VF . 40.76 -29.42 19.20
OBD CLA VF . 41.33 -29.92 20.15
CBD CLA VF . 39.23 -29.60 18.92
CGD CLA VF . 38.77 -31.03 19.07
O1D CLA VF . 39.09 -32.01 18.40
O2D CLA VF . 37.86 -31.20 20.07
CED CLA VF . 36.81 -32.15 19.86
C1 CLA VF . 34.12 -24.82 18.75
MG CLA WF . 49.37 -41.69 15.37
CHA CLA WF . 46.91 -43.91 14.32
CHB CLA WF . 50.68 -44.10 17.39
CHC CLA WF . 51.94 -39.55 16.14
CHD CLA WF . 48.01 -39.25 13.20
NA CLA WF . 48.83 -43.67 15.79
C1A CLA WF . 47.79 -44.42 15.22
C2A CLA WF . 47.77 -45.84 15.81
C3A CLA WF . 48.81 -45.75 16.95
C4A CLA WF . 49.52 -44.42 16.69
CMA CLA WF . 48.11 -45.80 18.27
CAA CLA WF . 48.20 -46.86 14.75
CBA CLA WF . 49.58 -47.45 14.97
CGA CLA WF . 50.59 -46.79 14.09
O1A CLA WF . 50.73 -46.92 12.87
O2A CLA WF . 51.43 -45.93 14.75
NB CLA WF . 51.00 -41.81 16.54
C1B CLA WF . 51.38 -42.89 17.26
C2B CLA WF . 52.68 -42.61 17.95
C3B CLA WF . 53.04 -41.32 17.60
C4B CLA WF . 51.97 -40.80 16.72
CMB CLA WF . 53.35 -43.58 18.82
CAB CLA WF . 54.18 -40.53 17.98
CBB CLA WF . 55.46 -40.87 17.76
NC CLA WF . 49.85 -39.74 14.81
C1C CLA WF . 50.94 -39.05 15.25
C2C CLA WF . 50.97 -37.71 14.65
C3C CLA WF . 49.86 -37.64 13.80
C4C CLA WF . 49.17 -38.92 13.90
CMC CLA WF . 51.96 -36.68 14.87
CAC CLA WF . 49.47 -36.51 12.95
CBC CLA WF . 50.06 -36.69 11.56
ND CLA WF . 47.79 -41.52 14.12
C1D CLA WF . 47.35 -40.45 13.29
C2D CLA WF . 46.13 -40.86 12.58
C3D CLA WF . 45.90 -42.18 12.93
C4D CLA WF . 46.98 -42.55 13.88
CMD CLA WF . 45.39 -39.97 11.69
CAD CLA WF . 45.05 -43.35 12.79
OBD CLA WF . 44.01 -43.48 12.17
CBD CLA WF . 45.69 -44.50 13.63
CGD CLA WF . 44.70 -45.09 14.60
O1D CLA WF . 44.50 -44.74 15.77
O2D CLA WF . 43.98 -46.12 14.09
CED CLA WF . 44.40 -47.45 14.40
C1 CLA WF . 52.82 -46.31 14.76
C2 CLA WF . 53.63 -45.09 14.52
C3 CLA WF . 54.97 -45.09 14.56
C4 CLA WF . 55.75 -46.32 14.87
C5 CLA WF . 55.75 -43.84 14.30
C6 CLA WF . 56.80 -44.01 13.23
C7 CLA WF . 57.62 -42.75 13.06
C8 CLA WF . 58.75 -42.91 12.05
C9 CLA WF . 60.08 -43.09 12.76
C10 CLA WF . 58.81 -41.71 11.10
C11 CLA WF . 59.18 -40.43 11.82
C12 CLA WF . 59.03 -39.21 10.94
C13 CLA WF . 60.34 -38.79 10.28
C14 CLA WF . 61.43 -38.58 11.31
C15 CLA WF . 60.16 -37.53 9.45
C16 CLA WF . 61.09 -37.51 8.26
C17 CLA WF . 61.54 -36.11 7.92
C18 CLA WF . 63.06 -36.00 7.79
C19 CLA WF . 63.78 -36.55 9.01
C20 CLA WF . 63.48 -34.56 7.55
MG CLA XF . 57.78 -42.91 30.80
CHA CLA XF . 57.74 -44.54 27.72
CHB CLA XF . 58.15 -45.87 32.12
CHC CLA XF . 60.22 -41.68 33.08
CHD CLA XF . 58.39 -39.89 28.95
NA CLA XF . 58.16 -44.77 30.07
C1A CLA XF . 58.20 -45.25 28.87
C2A CLA XF . 58.52 -46.69 28.69
C3A CLA XF . 58.40 -47.16 30.10
C4A CLA XF . 58.25 -45.87 30.81
CMA CLA XF . 57.16 -48.00 30.29
CAA CLA XF . 59.91 -46.90 28.10
CBA CLA XF . 60.19 -48.39 28.01
CGA CLA XF . 61.28 -48.62 27.00
O1A CLA XF . 61.00 -48.95 25.86
O2A CLA XF . 62.67 -48.50 27.39
NB CLA XF . 59.03 -43.66 32.31
C1B CLA XF . 59.03 -44.93 32.77
C2B CLA XF . 59.95 -45.29 33.87
C3B CLA XF . 60.54 -43.99 34.12
C4B CLA XF . 59.90 -43.09 33.15
CMB CLA XF . 60.19 -46.61 34.54
CAB CLA XF . 61.57 -43.66 35.14
CBB CLA XF . 61.44 -42.59 35.91
NC CLA XF . 59.04 -41.22 30.96
C1C CLA XF . 59.91 -40.87 31.94
C2C CLA XF . 60.63 -39.58 31.81
C3C CLA XF . 60.08 -39.05 30.57
C4C CLA XF . 59.12 -40.11 30.19
CMC CLA XF . 61.67 -38.99 32.73
CAC CLA XF . 60.38 -37.76 29.86
CBC CLA XF . 59.37 -36.74 30.33
ND CLA XF . 58.38 -42.39 28.89
C1D CLA XF . 58.03 -41.09 28.26
C2D CLA XF . 57.45 -41.15 26.89
C3D CLA XF . 57.35 -42.59 26.75
C4D CLA XF . 57.79 -43.14 27.87
CMD CLA XF . 56.98 -40.20 25.81
CAD CLA XF . 56.90 -43.64 25.82
OBD CLA XF . 56.39 -43.49 24.67
CBD CLA XF . 57.14 -44.96 26.43
CGD CLA XF . 55.87 -45.71 26.49
O1D CLA XF . 55.19 -45.73 27.49
O2D CLA XF . 55.42 -46.44 25.31
CED CLA XF . 54.52 -47.52 25.45
NB KC2 YF . 60.01 -40.22 19.19
ND KC2 YF . 60.41 -42.27 22.67
C1A KC2 YF . 59.27 -44.15 20.39
C1B KC2 YF . 59.66 -40.67 18.00
C1C KC2 YF . 61.06 -38.52 21.50
C1D KC2 YF . 60.81 -42.01 24.02
C2A KC2 YF . 58.71 -45.14 19.42
C2B KC2 YF . 59.67 -39.66 16.92
C2C KC2 YF . 61.70 -37.55 22.42
C2D KC2 YF . 60.69 -43.16 24.96
C3A KC2 YF . 58.68 -44.34 18.15
C3B KC2 YF . 60.13 -38.45 17.62
C3C KC2 YF . 61.86 -38.33 23.66
C3D KC2 YF . 60.15 -44.18 24.02
C4A KC2 YF . 59.16 -43.04 18.67
C4B KC2 YF . 60.31 -38.92 19.04
C4C KC2 YF . 61.30 -39.65 23.31
C4D KC2 YF . 60.03 -43.59 22.79
CAA KC2 YF . 57.23 -45.35 19.67
CAB KC2 YF . 60.36 -37.10 17.07
CAC KC2 YF . 62.46 -37.88 24.97
CAD KC2 YF . 59.69 -45.58 23.89
CBA KC2 YF . 56.85 -46.61 20.41
CBB KC2 YF . 61.35 -36.33 17.47
CBC KC2 YF . 61.46 -37.76 25.84
CBD KC2 YF . 59.27 -45.82 22.50
CED KC2 YF . 62.08 -47.46 20.54
CGA KC2 YF . 57.14 -47.83 19.58
CGD KC2 YF . 60.12 -46.92 21.94
CHA KC2 YF . 59.50 -44.54 21.80
CHB KC2 YF . 59.23 -42.05 17.77
CHC KC2 YF . 60.75 -38.07 20.13
CHD KC2 YF . 61.29 -40.68 24.36
CMA KC2 YF . 59.74 -44.87 17.20
CMB KC2 YF . 59.33 -39.83 15.47
CMC KC2 YF . 62.08 -36.13 22.14
CMD KC2 YF . 60.96 -43.42 26.40
NA KC2 YF . 59.48 -42.97 19.95
NC KC2 YF . 60.83 -39.72 22.04
O1A KC2 YF . 57.16 -48.93 20.10
O1D KC2 YF . 59.68 -48.03 21.81
O2A KC2 YF . 57.41 -47.72 18.16
O2D KC2 YF . 61.48 -46.63 21.52
OBD KC2 YF . 59.65 -46.46 24.81
MG KC2 YF . 60.33 -41.34 20.87
MG CLA ZF . 61.55 -23.96 29.99
CHA CLA ZF . 64.08 -21.64 30.60
CHB CLA ZF . 63.80 -26.50 30.21
CHC CLA ZF . 58.99 -26.21 29.47
CHD CLA ZF . 59.25 -21.28 29.67
NA CLA ZF . 63.60 -24.03 30.36
C1A CLA ZF . 64.49 -22.96 30.61
C2A CLA ZF . 65.92 -23.48 30.84
C3A CLA ZF . 65.79 -25.00 30.59
C4A CLA ZF . 64.30 -25.21 30.39
CMA CLA ZF . 66.58 -25.43 29.37
CAA CLA ZF . 66.36 -23.23 32.28
CBA CLA ZF . 66.93 -24.46 32.98
CGA CLA ZF . 66.42 -24.54 34.39
O1A CLA ZF . 66.89 -25.16 35.34
O2A CLA ZF . 65.26 -23.84 34.59
NB CLA ZF . 61.43 -25.96 29.87
C1B CLA ZF . 62.46 -26.84 29.99
C2B CLA ZF . 61.97 -28.24 29.83
C3B CLA ZF . 60.60 -28.16 29.62
C4B CLA ZF . 60.24 -26.72 29.65
CMB CLA ZF . 62.87 -29.39 29.91
CAB CLA ZF . 59.61 -29.18 29.40
CBB CLA ZF . 59.70 -30.23 28.58
NC CLA ZF . 59.50 -23.77 29.65
C1C CLA ZF . 58.64 -24.83 29.49
C2C CLA ZF . 57.29 -24.34 29.28
C3C CLA ZF . 57.34 -22.95 29.32
C4C CLA ZF . 58.75 -22.60 29.55
CMC CLA ZF . 56.12 -25.20 29.07
CAC CLA ZF . 56.22 -22.01 29.14
CBC CLA ZF . 55.72 -21.42 30.43
ND CLA ZF . 61.57 -21.95 30.11
C1D CLA ZF . 60.56 -20.96 29.94
C2D CLA ZF . 61.15 -19.61 30.09
C3D CLA ZF . 62.50 -19.82 30.35
C4D CLA ZF . 62.72 -21.29 30.35
CMD CLA ZF . 60.41 -18.37 30.01
CAD CLA ZF . 63.77 -19.19 30.62
OBD CLA ZF . 64.05 -18.00 30.72
CBD CLA ZF . 64.83 -20.34 30.76
CGD CLA ZF . 65.93 -20.20 29.74
O1D CLA ZF . 65.95 -20.63 28.59
O2D CLA ZF . 67.02 -19.53 30.20
CED CLA ZF . 67.94 -18.99 29.24
MG CLA AG . 52.46 -17.34 27.40
CHA CLA AG . 54.54 -14.56 27.55
CHB CLA AG . 53.68 -18.41 30.39
CHC CLA AG . 50.04 -19.78 27.45
CHD CLA AG . 51.09 -16.08 24.38
NA CLA AG . 53.92 -16.63 28.70
C1A CLA AG . 54.65 -15.43 28.60
C2A CLA AG . 55.60 -15.29 29.80
C3A CLA AG . 55.54 -16.69 30.46
C4A CLA AG . 54.29 -17.30 29.83
CMA CLA AG . 56.76 -17.50 30.13
CAA CLA AG . 54.97 -14.27 30.73
CBA CLA AG . 55.92 -13.73 31.77
CGA CLA AG . 55.57 -12.31 32.07
O1A CLA AG . 54.47 -11.82 32.32
O2A CLA AG . 56.67 -11.48 32.02
NB CLA AG . 52.03 -18.88 28.62
C1B CLA AG . 52.54 -19.05 29.86
C2B CLA AG . 51.72 -20.03 30.63
C3B CLA AG . 50.69 -20.42 29.81
C4B CLA AG . 50.87 -19.70 28.51
CMB CLA AG . 52.02 -20.41 32.01
CAB CLA AG . 49.60 -21.33 30.07
CBB CLA AG . 49.39 -22.50 29.47
NC CLA AG . 50.92 -17.89 26.09
C1C CLA AG . 50.07 -18.94 26.29
C2C CLA AG . 49.11 -19.02 25.20
C3C CLA AG . 49.37 -17.96 24.34
C4C CLA AG . 50.52 -17.24 24.91
CMC CLA AG . 48.05 -20.05 25.10
CAC CLA AG . 48.66 -17.59 23.10
CBC CLA AG . 48.99 -18.44 21.91
ND CLA AG . 52.76 -15.77 26.15
C1D CLA AG . 52.13 -15.37 24.95
C2D CLA AG . 52.77 -14.13 24.45
C3D CLA AG . 53.70 -13.77 25.42
C4D CLA AG . 53.64 -14.81 26.47
CMD CLA AG . 52.42 -13.45 23.21
CAD CLA AG . 54.73 -12.82 25.81
OBD CLA AG . 55.13 -11.83 25.21
CBD CLA AG . 55.25 -13.26 27.21
CGD CLA AG . 56.75 -13.43 27.21
O1D CLA AG . 57.40 -14.48 27.25
O2D CLA AG . 57.44 -12.25 27.19
CED CLA AG . 58.43 -12.08 26.19
C1 CLA AG . 56.59 -10.25 32.76
C2 CLA AG . 56.75 -10.60 34.20
C3 CLA AG . 57.46 -9.85 35.07
C4 CLA AG . 58.15 -8.61 34.65
C5 CLA AG . 57.59 -10.24 36.50
C6 CLA AG . 56.62 -11.32 36.94
C7 CLA AG . 55.50 -10.72 37.76
C8 CLA AG . 54.34 -11.71 37.94
C9 CLA AG . 53.26 -11.43 36.91
C10 CLA AG . 53.77 -11.62 39.34
C11 CLA AG . 53.50 -12.98 39.95
C12 CLA AG . 52.11 -13.09 40.53
C13 CLA AG . 51.07 -13.22 39.42
C14 CLA AG . 49.70 -12.75 39.91
C15 CLA AG . 51.00 -14.63 38.89
C16 CLA AG . 50.48 -15.61 39.94
C17 CLA AG . 50.99 -17.01 39.72
C18 CLA AG . 50.10 -18.07 40.35
C19 CLA AG . 48.83 -18.27 39.53
C20 CLA AG . 49.75 -17.73 41.79
C03 II0 BG . 53.36 -42.77 9.28
C04 II0 BG . 64.86 -29.62 25.59
C05 II0 BG . 52.44 -43.84 8.67
C06 II0 BG . 65.49 -28.34 26.14
C07 II0 BG . 52.03 -44.92 9.68
C08 II0 BG . 64.82 -27.09 25.57
C09 II0 BG . 53.15 -42.54 10.81
C10 II0 BG . 63.33 -29.71 25.83
C11 II0 BG . 51.29 -44.31 10.90
C12 II0 BG . 63.28 -27.08 25.71
C13 II0 BG . 51.71 -42.87 11.25
C14 II0 BG . 62.64 -28.38 26.27
C15 II0 BG . 54.82 -43.24 9.05
C16 II0 BG . 53.12 -41.45 8.50
C17 II0 BG . 65.53 -30.81 26.31
C18 II0 BG . 65.24 -29.73 24.07
C19 II0 BG . 51.57 -42.66 12.77
C20 II0 BG . 61.14 -28.36 25.88
C21 II0 BG . 53.47 -41.09 11.27
C22 II0 BG . 62.59 -30.38 24.63
C23 II0 BG . 54.74 -40.94 11.76
C24 II0 BG . 62.24 -31.67 24.89
C25 II0 BG . 54.38 -39.46 12.01
C26 II0 BG . 61.62 -33.07 24.55
C27 II0 BG . 55.41 -38.55 11.36
C28 II0 BG . 60.32 -33.21 25.32
C29 II0 BG . 54.33 -39.25 13.54
C30 II0 BG . 61.39 -33.21 23.03
C31 II0 BG . 55.45 -38.36 14.19
C32 II0 BG . 59.94 -32.93 22.53
C33 II0 BG . 55.17 -38.16 15.51
C34 II0 BG . 59.33 -34.01 21.96
C35 II0 BG . 56.45 -37.31 15.66
C36 II0 BG . 58.13 -34.70 21.29
C37 II0 BG . 56.15 -35.86 15.32
C38 II0 BG . 57.97 -36.09 21.89
C39 II0 BG . 56.93 -37.43 17.13
C40 II0 BG . 58.35 -34.77 19.76
C41 II0 BG . 57.57 -36.13 17.74
C42 II0 BG . 57.70 -36.04 19.09
O01 II0 BG . 51.21 -45.88 9.07
O02 II0 BG . 65.34 -25.95 26.23
C03 II0 CG . 44.26 -29.68 34.61
C04 II0 CG . 54.05 -22.10 13.88
C05 II0 CG . 43.28 -30.36 35.56
C06 II0 CG . 54.84 -21.65 12.68
C07 II0 CG . 42.33 -31.33 34.88
C08 II0 CG . 56.26 -22.18 12.70
C09 II0 CG . 44.71 -30.67 33.52
C10 II0 CG . 54.18 -23.62 14.02
C11 II0 CG . 43.17 -32.45 34.32
C12 II0 CG . 56.26 -23.69 12.66
C13 II0 CG . 44.23 -31.92 33.39
C14 II0 CG . 55.19 -24.33 13.50
C15 II0 CG . 43.61 -28.45 33.98
C16 II0 CG . 45.46 -29.22 35.43
C17 II0 CG . 54.55 -21.40 15.16
C18 II0 CG . 52.59 -21.70 13.65
C19 II0 CG . 44.69 -32.90 32.34
C20 II0 CG . 55.36 -25.81 13.68
C21 II0 CG . 45.70 -30.21 32.62
C22 II0 CG . 53.15 -24.27 14.75
C23 II0 CG . 46.52 -29.74 31.88
C24 II0 CG . 52.25 -24.75 15.38
C25 II0 CG . 47.47 -29.07 31.05
C26 II0 CG . 51.16 -25.40 16.03
C27 II0 CG . 48.73 -28.61 31.73
C28 II0 CG . 49.94 -25.68 15.19
C29 II0 CG . 47.21 -28.89 29.74
C30 II0 CG . 51.26 -25.71 17.34
C31 II0 CG . 48.13 -28.39 28.78
C32 II0 CG . 50.23 -26.20 18.18
C33 II0 CG . 47.88 -28.25 27.48
C34 II0 CG . 50.41 -26.46 19.48
C35 II0 CG . 48.81 -27.76 26.49
C36 II0 CG . 49.42 -26.96 20.41
C37 II0 CG . 50.17 -27.31 26.97
C38 II0 CG . 48.06 -27.33 19.87
C39 II0 CG . 48.47 -27.76 25.18
C40 II0 CG . 49.72 -27.03 21.73
C41 II0 CG . 49.28 -27.37 24.08
C42 II0 CG . 48.89 -27.43 22.79
O01 II0 CG . 41.39 -31.84 35.83
O02 II0 CG . 56.95 -21.69 11.55
C02 IHT DG . 51.44 -32.24 36.35
C03 IHT DG . 52.93 -17.49 17.03
C04 IHT DG . 51.61 -33.76 36.12
C05 IHT DG . 53.30 -16.14 16.41
C06 IHT DG . 52.90 -34.34 36.70
C07 IHT DG . 52.75 -31.51 36.08
C08 IHT DG . 52.17 -15.15 16.43
C09 IHT DG . 54.11 -33.60 36.17
C10 IHT DG . 53.95 -32.10 36.21
C11 IHT DG . 52.13 -17.26 18.31
C12 IHT DG . 51.81 -14.83 17.87
C13 IHT DG . 50.99 -31.95 37.78
C14 IHT DG . 50.35 -31.75 35.40
C15 IHT DG . 51.60 -16.08 18.69
C16 IHT DG . 52.11 -18.33 16.04
C17 IHT DG . 54.22 -18.23 17.34
C18 IHT DG . 52.63 -30.16 35.73
C19 IHT DG . 55.23 -31.36 36.44
C20 IHT DG . 50.76 -15.88 19.92
C21 IHT DG . 51.93 -18.39 19.13
C22 IHT DG . 52.80 -29.67 34.51
C23 IHT DG . 52.70 -28.29 34.12
C24 IHT DG . 51.81 -19.40 19.77
C25 IHT DG . 52.56 -27.26 35.20
C26 IHT DG . 51.72 -20.68 20.40
C27 IHT DG . 52.69 -27.98 32.80
C28 IHT DG . 51.70 -21.88 19.50
C29 IHT DG . 51.65 -20.77 21.74
C30 IHT DG . 52.59 -26.69 32.23
C31 IHT DG . 51.67 -21.96 22.45
C32 IHT DG . 52.57 -26.52 30.93
C33 IHT DG . 52.47 -25.24 30.23
C34 IHT DG . 51.65 -22.05 23.76
C35 IHT DG . 51.68 -23.27 24.54
C36 IHT DG . 52.50 -23.99 31.06
C37 IHT DG . 52.35 -25.24 28.90
C38 IHT DG . 51.88 -23.20 25.87
C39 IHT DG . 51.54 -24.56 23.80
C40 IHT DG . 52.21 -24.13 28.06
C41 IHT DG . 52.02 -24.28 26.74
O01 IHT DG . 52.56 -13.96 15.76
C03 II0 EG . 46.63 -33.35 11.59
C04 II0 EG . 56.91 -19.68 -4.09
C05 II0 EG . 45.34 -34.19 11.76
C06 II0 EG . 57.05 -18.74 -5.30
C07 II0 EG . 44.10 -33.33 12.04
C08 II0 EG . 58.45 -18.89 -5.90
C09 II0 EG . 46.39 -31.90 11.08
C10 II0 EG . 57.31 -21.18 -4.34
C11 II0 EG . 43.84 -32.37 10.86
C12 II0 EG . 58.54 -20.29 -6.52
C13 II0 EG . 45.08 -31.64 10.30
C14 II0 EG . 58.41 -21.40 -5.44
C15 II0 EG . 47.32 -33.25 12.97
C16 II0 EG . 47.57 -34.13 10.63
C17 II0 EG . 57.86 -19.13 -3.00
C18 II0 EG . 55.46 -19.53 -3.57
C19 II0 EG . 45.23 -32.00 8.79
C20 II0 EG . 58.23 -22.73 -6.21
C21 II0 EG . 47.63 -31.34 10.31
C22 II0 EG . 56.05 -22.09 -4.56
C23 II0 EG . 47.69 -29.99 10.44
C24 II0 EG . 55.92 -23.05 -3.59
C25 II0 EG . 48.99 -29.75 9.61
C26 II0 EG . 55.20 -24.27 -2.93
C27 II0 EG . 50.21 -30.28 10.36
C28 II0 EG . 53.79 -24.39 -3.47
C29 II0 EG . 48.97 -30.30 8.15
C30 II0 EG . 55.15 -24.09 -1.40
C31 II0 EG . 49.91 -29.44 7.22
C32 II0 EG . 55.74 -25.31 -0.64
C33 II0 EG . 51.08 -30.07 6.92
C34 II0 EG . 54.79 -26.13 -0.15
C35 II0 EG . 51.48 -28.81 6.10
C36 II0 EG . 54.32 -27.39 0.61
C37 II0 EG . 52.17 -27.79 6.99
C38 II0 EG . 53.13 -28.01 -0.12
C39 II0 EG . 52.48 -29.25 5.00
C40 II0 EG . 53.90 -27.00 2.03
C41 II0 EG . 53.01 -28.03 4.17
C42 II0 EG . 53.38 -28.21 2.87
O01 II0 EG . 42.99 -34.17 12.21
O02 II0 EG . 58.65 -17.91 -6.89
O1 LHG FG . 56.50 -45.60 37.09
C1 LHG FG . 56.54 -45.02 35.77
C2 LHG FG . 55.13 -44.90 35.25
O2 LHG FG . 54.44 -46.14 35.33
C3 LHG FG . 55.05 -44.49 33.80
O3 LHG FG . 55.89 -43.34 33.85
P LHG FG . 55.77 -42.15 32.77
O4 LHG FG . 54.31 -41.91 32.53
O5 LHG FG . 56.92 -42.37 31.85
O6 LHG FG . 56.16 -40.94 33.84
C4 LHG FG . 55.25 -40.52 34.81
C5 LHG FG . 56.05 -39.52 35.63
C6 LHG FG . 55.21 -38.32 36.09
O7 LHG FG . 56.50 -40.20 36.79
C7 LHG FG . 57.78 -40.61 36.68
O9 LHG FG . 58.08 -41.76 36.40
C8 LHG FG . 58.73 -39.50 36.92
C9 LHG FG . 59.81 -39.95 37.86
C10 LHG FG . 59.46 -39.55 39.28
O8 LHG FG . 55.46 -37.31 35.09
C23 LHG FG . 56.72 -36.79 35.00
O10 LHG FG . 57.37 -36.97 33.99
C24 LHG FG . 57.16 -35.69 35.96
C11 LHG FG . 60.04 -38.16 39.35
C12 LHG FG . 59.25 -37.36 40.34
C13 LHG FG . 59.73 -35.93 40.27
C14 LHG FG . 60.93 -35.70 41.16
C25 LHG FG . 58.63 -35.68 36.34
C26 LHG FG . 59.58 -34.96 35.38
C27 LHG FG . 59.31 -33.50 35.63
C28 LHG FG . 59.73 -32.97 36.99
C29 LHG FG . 59.62 -31.45 36.89
C30 LHG FG . 58.51 -30.80 37.68
C31 LHG FG . 58.05 -31.53 38.93
C32 LHG FG . 57.32 -30.67 39.95
C33 LHG FG . 58.33 -30.27 41.01
C34 LHG FG . 57.75 -29.76 42.30
C1 LMG GG . 44.38 -14.18 4.48
O1 LMG GG . 44.17 -15.07 5.55
C2 LMG GG . 45.77 -13.53 4.81
O2 LMG GG . 45.50 -12.61 5.81
C3 LMG GG . 46.22 -12.74 3.54
O3 LMG GG . 47.53 -12.32 3.82
C4 LMG GG . 46.22 -13.67 2.30
O4 LMG GG . 47.13 -14.71 2.53
C5 LMG GG . 44.81 -14.28 2.18
O5 LMG GG . 45.38 -14.54 -0.08
C6 LMG GG . 44.77 -15.23 0.97
O6 LMG GG . 44.49 -15.02 3.33
C7 LMG GG . 43.26 -16.14 5.31
C8 LMG GG . 43.57 -17.18 6.41
C9 LMG GG . 43.43 -16.50 7.79
O7 LMG GG . 42.62 -18.25 6.39
C10 LMG GG . 41.37 -18.07 5.88
O9 LMG GG . 40.54 -17.46 6.56
C11 LMG GG . 41.05 -19.10 4.86
C12 LMG GG . 40.22 -20.21 5.46
C13 LMG GG . 39.58 -21.09 4.41
C14 LMG GG . 38.74 -22.12 5.14
C15 LMG GG . 37.81 -22.79 4.15
C16 LMG GG . 36.98 -23.84 4.87
C17 LMG GG . 36.08 -24.48 3.84
C18 LMG GG . 36.85 -25.65 3.25
C19 LMG GG . 36.46 -25.75 1.79
C20 LMG GG . 35.07 -26.31 1.74
C21 LMG GG . 35.13 -27.60 0.97
C22 LMG GG . 33.91 -28.37 1.38
C23 LMG GG . 32.74 -27.79 0.64
C24 LMG GG . 31.57 -27.92 1.57
C25 LMG GG . 31.39 -26.59 2.26
C26 LMG GG . 31.37 -26.87 3.76
C27 LMG GG . 30.07 -27.57 4.09
O8 LMG GG . 43.29 -17.55 8.73
C28 LMG GG . 43.46 -17.22 10.03
O10 LMG GG . 43.12 -16.11 10.42
C29 LMG GG . 44.39 -18.14 10.75
C30 LMG GG . 44.07 -18.17 12.23
C31 LMG GG . 44.79 -19.35 12.83
C32 LMG GG . 44.05 -19.76 14.08
C33 LMG GG . 44.76 -19.12 15.25
C34 LMG GG . 44.68 -20.07 16.42
C35 LMG GG . 43.30 -19.89 17.03
C36 LMG GG . 43.43 -20.15 18.49
C37 LMG GG . 44.07 -18.93 19.12
C38 LMG GG . 43.95 -19.21 20.58
C39 LMG GG . 45.04 -20.17 20.99
C40 LMG GG . 44.90 -20.17 22.49
C41 LMG GG . 43.89 -21.20 22.89
C42 LMG GG . 44.41 -21.71 24.20
C43 LMG GG . 44.01 -20.74 25.28
C44 LMG GG . 44.03 -21.51 26.60
C45 LMG GG . 42.61 -21.90 26.91
C1 LMG HG . 42.07 -44.08 -7.60
O1 LMG HG . 42.35 -43.03 -6.70
C2 LMG HG . 41.45 -45.23 -6.74
O2 LMG HG . 42.52 -45.78 -6.02
C3 LMG HG . 40.92 -46.32 -7.72
O3 LMG HG . 40.24 -47.24 -6.93
C4 LMG HG . 39.94 -45.67 -8.74
O4 LMG HG . 38.86 -45.13 -8.06
C5 LMG HG . 40.70 -44.52 -9.45
O5 LMG HG . 40.62 -43.49 -11.54
C6 LMG HG . 39.78 -43.85 -10.49
O6 LMG HG . 41.09 -43.55 -8.50
C7 LMG HG . 41.20 -42.36 -6.20
C8 LMG HG . 41.67 -40.90 -5.96
C9 LMG HG . 41.20 -40.45 -4.57
O7 LMG HG . 43.08 -40.88 -5.92
C10 LMG HG . 43.73 -39.85 -6.50
O9 LMG HG . 43.45 -39.54 -7.66
C11 LMG HG . 44.49 -39.01 -5.52
C12 LMG HG . 44.72 -37.62 -6.07
C13 LMG HG . 44.70 -36.55 -4.98
C14 LMG HG . 45.68 -35.48 -5.40
C15 LMG HG . 45.39 -34.20 -4.64
C16 LMG HG . 45.65 -34.42 -3.16
C17 LMG HG . 45.62 -33.06 -2.51
C18 LMG HG . 46.29 -33.19 -1.15
C19 LMG HG . 45.19 -33.15 -0.12
C20 LMG HG . 45.87 -33.40 1.21
C21 LMG HG . 45.52 -32.24 2.10
C22 LMG HG . 45.98 -32.64 3.47
C23 LMG HG . 46.22 -31.38 4.24
C24 LMG HG . 46.95 -31.84 5.47
O8 LMG HG . 41.78 -41.35 -3.64
C28 LMG HG . 42.63 -40.83 -2.72
O10 LMG HG . 43.81 -41.18 -2.72
C29 LMG HG . 42.04 -39.79 -1.83
C30 LMG HG . 42.67 -39.83 -0.45
C31 LMG HG . 43.15 -38.43 -0.12
C32 LMG HG . 42.33 -37.94 1.07
C33 LMG HG . 43.20 -38.08 2.29
C34 LMG HG . 43.78 -36.72 2.63
C35 LMG HG . 43.46 -36.47 4.09
C36 LMG HG . 44.59 -37.08 4.87
O1 LHG IG . 43.09 -7.14 5.76
C1 LHG IG . 43.52 -8.43 5.34
C2 LHG IG . 43.05 -9.46 6.36
O2 LHG IG . 44.11 -9.84 7.21
C3 LHG IG . 42.52 -10.73 5.75
O3 LHG IG . 41.24 -10.28 5.34
P LHG IG . 39.91 -10.61 6.19
O4 LHG IG . 38.92 -9.53 5.92
O5 LHG IG . 40.43 -11.22 7.46
O6 LHG IG . 39.40 -11.84 5.20
C4 LHG IG . 38.33 -12.66 5.60
C5 LHG IG . 38.06 -13.53 4.36
C6 LHG IG . 39.34 -14.19 3.86
O7 LHG IG . 37.19 -14.55 4.79
C7 LHG IG . 35.87 -14.20 4.73
O9 LHG IG . 35.25 -13.85 5.71
C8 LHG IG . 35.27 -14.67 3.45
C9 LHG IG . 33.86 -15.13 3.71
C10 LHG IG . 33.18 -15.51 2.42
O8 LHG IG . 38.96 -14.86 2.64
C23 LHG IG . 38.82 -16.22 2.69
O10 LHG IG . 38.86 -16.80 3.76
C24 LHG IG . 38.87 -17.03 1.41
C11 LHG IG . 32.02 -16.32 2.92
C12 LHG IG . 30.87 -16.18 1.97
C13 LHG IG . 31.09 -17.14 0.82
C14 LHG IG . 29.79 -17.49 0.12
C15 LHG IG . 28.97 -18.25 1.14
C16 LHG IG . 28.00 -19.15 0.41
C17 LHG IG . 27.13 -19.90 1.40
C18 LHG IG . 28.07 -20.89 2.06
C19 LHG IG . 28.54 -22.00 1.13
C20 LHG IG . 29.45 -22.80 2.03
C21 LHG IG . 30.78 -22.10 2.18
C22 LHG IG . 31.64 -22.91 3.11
C25 LHG IG . 40.25 -17.41 0.91
C26 LHG IG . 40.68 -18.84 1.18
C27 LHG IG . 40.55 -19.49 -0.17
C28 LHG IG . 39.94 -20.87 -0.18
C29 LHG IG . 38.49 -20.71 0.24
C30 LHG IG . 37.52 -21.76 -0.25
C31 LHG IG . 37.60 -22.08 -1.73
C32 LHG IG . 37.25 -23.52 -2.10
C33 LHG IG . 35.74 -23.63 -2.03
C34 LHG IG . 35.21 -25.01 -1.75
C35 LHG IG . 34.41 -25.55 -2.92
C36 LHG IG . 34.16 -27.02 -2.68
C37 LHG IG . 33.09 -27.44 -3.65
C38 LHG IG . 32.36 -28.70 -3.26
MG CLA JG . 6.67 -32.59 -33.08
CHA CLA JG . 4.47 -32.23 -35.73
CHB CLA JG . 7.70 -35.59 -34.31
CHC CLA JG . 8.76 -32.94 -30.36
CHD CLA JG . 5.69 -29.40 -31.88
NA CLA JG . 6.15 -33.71 -34.78
C1A CLA JG . 5.22 -33.40 -35.77
C2A CLA JG . 5.16 -34.51 -36.83
C3A CLA JG . 6.24 -35.52 -36.37
C4A CLA JG . 6.74 -34.91 -35.05
CMA CLA JG . 5.69 -36.91 -36.17
CAA CLA JG . 5.40 -34.06 -38.28
CBA CLA JG . 6.76 -34.39 -38.85
CGA CLA JG . 7.79 -33.39 -38.45
O1A CLA JG . 8.11 -33.03 -37.31
O2A CLA JG . 8.44 -32.82 -39.51
NB CLA JG . 7.97 -34.01 -32.45
C1B CLA JG . 8.27 -35.15 -33.09
C2B CLA JG . 9.31 -35.91 -32.34
C3B CLA JG . 9.61 -35.16 -31.22
C4B CLA JG . 8.76 -33.94 -31.27
CMB CLA JG . 9.85 -37.18 -32.79
CAB CLA JG . 10.54 -35.40 -30.15
CBB CLA JG . 10.50 -36.45 -29.33
NC CLA JG . 7.11 -31.40 -31.42
C1C CLA JG . 7.97 -31.74 -30.42
C2C CLA JG . 8.03 -30.70 -29.41
C3C CLA JG . 7.20 -29.66 -29.84
C4C CLA JG . 6.63 -30.11 -31.12
CMC CLA JG . 8.85 -30.81 -28.21
CAC CLA JG . 6.94 -28.36 -29.19
CBC CLA JG . 6.21 -28.38 -27.87
ND CLA JG . 5.40 -31.12 -33.62
C1D CLA JG . 5.10 -29.86 -33.04
C2D CLA JG . 4.06 -29.19 -33.87
C3D CLA JG . 3.75 -30.07 -34.88
C4D CLA JG . 4.63 -31.25 -34.69
CMD CLA JG . 3.51 -27.87 -33.56
CAD CLA JG . 2.95 -30.31 -36.06
OBD CLA JG . 2.07 -29.63 -36.58
CBD CLA JG . 3.40 -31.67 -36.65
CGD CLA JG . 2.24 -32.62 -36.84
O1D CLA JG . 1.50 -32.71 -37.83
O2D CLA JG . 2.02 -33.46 -35.79
CED CLA JG . 1.37 -34.70 -36.06
C1 CLA JG . 9.83 -33.12 -39.66
C2 CLA JG . 10.56 -31.95 -39.11
C3 CLA JG . 11.52 -31.28 -39.78
C4 CLA JG . 12.20 -30.12 -39.16
C5 CLA JG . 11.91 -31.69 -41.17
C6 CLA JG . 12.97 -30.82 -41.83
C7 CLA JG . 12.36 -29.98 -42.94
C8 CLA JG . 13.41 -29.15 -43.66
C9 CLA JG . 12.74 -28.18 -44.61
C10 CLA JG . 14.39 -30.04 -44.42
C11 CLA JG . 15.45 -29.24 -45.15
C12 CLA JG . 16.41 -30.14 -45.90
C13 CLA JG . 17.75 -29.46 -46.19
C14 CLA JG . 18.33 -28.82 -44.95
C15 CLA JG . 17.65 -28.44 -47.32
C16 CLA JG . 18.36 -28.92 -48.57
C17 CLA JG . 19.86 -28.99 -48.38
C18 CLA JG . 20.48 -27.63 -48.09
C19 CLA JG . 21.54 -27.73 -47.01
C20 CLA JG . 21.07 -27.03 -49.34
MG CLA KG . -3.28 -23.55 -33.14
CHA CLA KG . -4.19 -26.82 -32.37
CHB CLA KG . -6.10 -22.42 -31.60
CHC CLA KG . -2.27 -20.35 -33.79
CHD CLA KG . -0.35 -24.79 -34.71
NA CLA KG . -4.87 -24.49 -32.18
C1A CLA KG . -5.06 -25.86 -31.93
C2A CLA KG . -6.36 -26.11 -31.17
C3A CLA KG . -7.04 -24.72 -31.17
C4A CLA KG . -5.92 -23.79 -31.66
CMA CLA KG . -8.25 -24.69 -32.07
CAA CLA KG . -6.09 -26.57 -29.73
CBA CLA KG . -4.87 -25.93 -29.09
CGA CLA KG . -5.25 -24.62 -28.48
O1A CLA KG . -6.38 -24.29 -28.08
O2A CLA KG . -4.24 -23.70 -28.39
NB CLA KG . -4.04 -21.73 -32.78
C1B CLA KG . -5.16 -21.47 -32.07
C2B CLA KG . -5.34 -20.00 -31.90
C3B CLA KG . -4.25 -19.40 -32.52
C4B CLA KG . -3.43 -20.50 -33.09
CMB CLA KG . -6.49 -19.45 -31.18
CAB CLA KG . -3.84 -18.02 -32.69
CBB CLA KG . -4.55 -16.91 -32.56
NC CLA KG . -1.62 -22.73 -34.11
C1C CLA KG . -1.42 -21.39 -34.28
C2C CLA KG . -0.17 -21.16 -35.02
C3C CLA KG . 0.39 -22.41 -35.24
C4C CLA KG . -0.53 -23.40 -34.68
CMC CLA KG . 0.35 -19.85 -35.40
CAC CLA KG . 1.64 -22.70 -35.95
CBC CLA KG . 2.85 -22.62 -35.05
ND CLA KG . -2.43 -25.35 -33.52
C1D CLA KG . -1.23 -25.71 -34.18
C2D CLA KG . -1.12 -27.18 -34.19
C3D CLA KG . -2.22 -27.67 -33.51
C4D CLA KG . -3.00 -26.47 -33.11
CMD CLA KG . -0.03 -27.92 -34.81
CAD CLA KG . -2.94 -28.84 -33.03
OBD CLA KG . -2.66 -30.02 -33.14
CBD CLA KG . -4.21 -28.33 -32.30
CGD CLA KG . -5.46 -28.88 -32.94
O1D CLA KG . -6.13 -29.84 -32.56
O2D CLA KG . -5.86 -28.20 -34.05
CED CLA KG . -7.26 -28.13 -34.34
C1 CLA KG . -4.68 -22.31 -28.33
C2 CLA KG . -3.53 -21.38 -28.45
C3 CLA KG . -3.61 -20.06 -28.20
C4 CLA KG . -4.88 -19.43 -27.78
C5 CLA KG . -2.43 -19.16 -28.33
C6 CLA KG . -1.91 -18.66 -27.00
C7 CLA KG . -0.75 -17.69 -27.21
C8 CLA KG . -0.17 -17.16 -25.91
C9 CLA KG . 0.44 -18.28 -25.09
C10 CLA KG . -1.21 -16.41 -25.10
C11 CLA KG . -1.56 -15.09 -25.73
MG CLA LG . -5.73 -12.18 -31.11
CHA CLA LG . -8.73 -13.15 -29.62
CHB CLA LG . -4.16 -14.85 -29.70
CHC CLA LG . -2.73 -10.97 -32.25
CHD CLA LG . -7.35 -9.29 -32.37
NA CLA LG . -6.38 -13.78 -29.92
C1A CLA LG . -7.66 -13.99 -29.37
C2A CLA LG . -7.66 -15.28 -28.53
C3A CLA LG . -6.20 -15.80 -28.62
C4A CLA LG . -5.52 -14.74 -29.48
CMA CLA LG . -5.55 -15.84 -27.26
CAA CLA LG . -8.53 -16.35 -29.15
CBA CLA LG . -8.61 -17.60 -28.30
CGA CLA LG . -9.16 -17.27 -26.95
O1A CLA LG . -10.23 -16.74 -26.67
O2A CLA LG . -8.32 -17.64 -25.94
NB CLA LG . -3.85 -12.86 -31.12
C1B CLA LG . -3.39 -13.92 -30.40
C2B CLA LG . -1.90 -13.96 -30.42
C3B CLA LG . -1.49 -12.88 -31.13
C4B CLA LG . -2.71 -12.15 -31.58
CMB CLA LG . -1.13 -14.98 -29.72
CAB CLA LG . -0.16 -12.40 -31.39
CBB CLA LG . 0.64 -11.91 -30.45
NC CLA LG . -5.16 -10.47 -32.17
C1C CLA LG . -3.87 -10.19 -32.53
C2C CLA LG . -3.81 -8.91 -33.22
C3C CLA LG . -5.12 -8.43 -33.27
C4C CLA LG . -5.96 -9.41 -32.60
CMC CLA LG . -2.58 -8.30 -33.70
CAC CLA LG . -5.57 -7.15 -33.85
CBC CLA LG . -5.72 -7.22 -35.34
ND CLA LG . -7.58 -11.36 -31.06
C1D CLA LG . -8.11 -10.18 -31.64
C2D CLA LG . -9.56 -10.10 -31.34
C3D CLA LG . -9.84 -11.20 -30.55
C4D CLA LG . -8.58 -11.95 -30.40
CMD CLA LG . -10.46 -9.03 -31.78
CAD CLA LG . -10.87 -11.92 -29.83
OBD CLA LG . -12.06 -11.68 -29.70
CBD CLA LG . -10.18 -13.18 -29.19
CGD CLA LG . -10.34 -13.23 -27.70
O1D CLA LG . -11.22 -13.80 -27.05
O2D CLA LG . -9.37 -12.55 -27.01
CED CLA LG . -9.32 -12.69 -25.60
C1 CLA LG . -8.90 -17.75 -24.62
C2 CLA LG . -8.60 -16.47 -23.90
C3 CLA LG . -7.43 -16.23 -23.32
C4 CLA LG . -6.31 -17.19 -23.31
C5 CLA LG . -7.18 -14.93 -22.62
C6 CLA LG . -6.05 -14.15 -23.23
MG CLA MG . -3.51 -3.80 -48.92
CHA CLA MG . -2.82 -0.63 -50.14
CHB CLA MG . -4.13 -2.48 -45.84
CHC CLA MG . -4.45 -6.93 -47.82
CHD CLA MG . -2.89 -5.13 -52.14
NA CLA MG . -3.45 -1.87 -48.14
C1A CLA MG . -3.16 -0.67 -48.82
C2A CLA MG . -3.27 0.52 -47.86
C3A CLA MG . -3.50 -0.12 -46.48
C4A CLA MG . -3.73 -1.60 -46.82
CMA CLA MG . -2.33 0.07 -45.55
CAA CLA MG . -4.45 1.41 -48.24
CBA CLA MG . -5.82 0.75 -48.17
CGA CLA MG . -6.25 0.11 -49.46
O1A CLA MG . -6.56 0.65 -50.52
O2A CLA MG . -6.29 -1.25 -49.39
NB CLA MG . -4.11 -4.57 -47.15
C1B CLA MG . -4.36 -3.86 -46.02
C2B CLA MG . -4.94 -4.74 -44.97
C3B CLA MG . -5.04 -6.00 -45.52
C4B CLA MG . -4.51 -5.90 -46.92
CMB CLA MG . -5.32 -4.23 -43.65
CAB CLA MG . -5.54 -7.23 -44.98
CBB CLA MG . -5.21 -7.77 -43.79
NC CLA MG . -3.61 -5.69 -49.82
C1C CLA MG . -4.02 -6.83 -49.18
C2C CLA MG . -3.99 -7.95 -50.11
C3C CLA MG . -3.55 -7.45 -51.33
C4C CLA MG . -3.31 -6.02 -51.14
CMC CLA MG . -4.37 -9.33 -49.78
CAC CLA MG . -3.36 -8.20 -52.58
CBC CLA MG . -4.55 -8.09 -53.51
ND CLA MG . -2.98 -3.11 -50.74
C1D CLA MG . -2.72 -3.77 -51.98
C2D CLA MG . -2.30 -2.77 -52.99
C3D CLA MG . -2.33 -1.53 -52.33
C4D CLA MG . -2.75 -1.82 -50.95
CMD CLA MG . -1.96 -3.05 -54.37
CAD CLA MG . -2.10 -0.11 -52.46
OBD CLA MG . -1.76 0.54 -53.43
CBD CLA MG . -2.39 0.51 -51.06
CGD CLA MG . -1.20 1.23 -50.50
O1D CLA MG . -1.19 2.18 -49.71
O2D CLA MG . 0.00 0.77 -50.97
CED CLA MG . 1.20 1.21 -50.33
C1 CLA MG . -6.27 -2.01 -50.62
C2 CLA MG . -6.52 -3.43 -50.26
C3 CLA MG . -6.95 -4.38 -51.11
C4 CLA MG . -7.21 -4.11 -52.54
C5 CLA MG . -7.17 -5.78 -50.63
C6 CLA MG . -8.59 -6.29 -50.84
C7 CLA MG . -8.65 -7.79 -50.57
C8 CLA MG . -10.08 -8.27 -50.37
C9 CLA MG . -10.64 -7.78 -49.05
C10 CLA MG . -10.18 -9.79 -50.45
C11 CLA MG . -11.08 -10.24 -51.57
C12 CLA MG . -11.58 -11.65 -51.38
C13 CLA MG . -12.13 -12.23 -52.68
C14 CLA MG . -11.02 -12.46 -53.68
C15 CLA MG . -13.21 -11.32 -53.27
C16 CLA MG . -13.76 -11.85 -54.58
C17 CLA MG . -14.70 -13.02 -54.37
C18 CLA MG . -15.19 -13.61 -55.69
C19 CLA MG . -16.43 -14.45 -55.48
C20 CLA MG . -14.11 -14.42 -56.36
MG CLA NG . -14.33 4.18 -50.71
CHA CLA NG . -11.86 6.61 -50.34
CHB CLA NG . -16.45 6.53 -51.98
CHC CLA NG . -16.66 1.71 -51.27
CHD CLA NG . -12.10 1.78 -49.41
NA CLA NG . -14.17 6.23 -51.05
C1A CLA NG . -13.05 7.07 -50.85
C2A CLA NG . -13.38 8.51 -51.24
C3A CLA NG . -14.91 8.48 -51.52
C4A CLA NG . -15.22 6.97 -51.54
CMA CLA NG . -15.68 9.20 -50.45
CAA CLA NG . -12.66 8.93 -52.51
CBA CLA NG . -11.79 10.15 -52.29
CGA CLA NG . -12.65 11.31 -51.87
O1A CLA NG . -13.80 11.58 -52.21
O2A CLA NG . -12.02 12.15 -50.99
NB CLA NG . -16.22 4.14 -51.41
C1B CLA NG . -16.85 5.18 -52.02
C2B CLA NG . -18.07 4.71 -52.74
C3B CLA NG . -18.12 3.34 -52.54
C4B CLA NG . -16.97 2.97 -51.68
CMB CLA NG . -18.96 5.58 -53.48
CAB CLA NG . -19.10 2.38 -53.01
CBB CLA NG . -19.98 1.74 -52.23
NC CLA NG . -14.38 2.12 -50.34
C1C CLA NG . -15.45 1.32 -50.62
C2C CLA NG . -15.17 -0.05 -50.21
C3C CLA NG . -13.86 -0.06 -49.72
C4C CLA NG . -13.37 1.32 -49.80
CMC CLA NG . -16.09 -1.18 -50.35
CAC CLA NG . -13.14 -1.22 -49.20
CBC CLA NG . -12.99 -1.22 -47.70
ND CLA NG . -12.45 4.13 -50.01
C1D CLA NG . -11.64 3.08 -49.50
C2D CLA NG . -10.31 3.61 -49.12
C3D CLA NG . -10.34 4.96 -49.43
C4D CLA NG . -11.68 5.23 -49.97
CMD CLA NG . -9.22 2.81 -48.55
CAD CLA NG . -9.60 6.21 -49.43
OBD CLA NG . -8.45 6.44 -49.05
CBD CLA NG . -10.55 7.30 -50.03
CGD CLA NG . -10.73 8.46 -49.09
O1D CLA NG . -11.69 8.72 -48.36
O2D CLA NG . -9.67 9.33 -49.09
CED CLA NG . -9.18 9.78 -47.83
MG CLA OG . -13.48 -8.92 -34.66
CHA CLA OG . -13.17 -12.06 -33.18
CHB CLA OG . -16.68 -8.71 -33.55
CHC CLA OG . -13.58 -5.64 -35.72
CHD CLA OG . -10.11 -9.13 -35.70
NA CLA OG . -14.73 -10.23 -33.61
C1A CLA OG . -14.42 -11.48 -33.05
C2A CLA OG . -15.64 -12.08 -32.35
C3A CLA OG . -16.78 -11.10 -32.71
C4A CLA OG . -16.03 -9.91 -33.33
CMA CLA OG . -17.77 -11.71 -33.67
CAA CLA OG . -15.48 -12.21 -30.83
CBA CLA OG . -15.83 -10.95 -30.06
CGA CLA OG . -15.00 -10.83 -28.83
O1A CLA OG . -15.01 -11.54 -27.81
O2A CLA OG . -14.12 -9.78 -28.88
NB CLA OG . -14.86 -7.46 -34.64
C1B CLA OG . -16.11 -7.56 -34.11
C2B CLA OG . -16.82 -6.26 -34.23
C3B CLA OG . -15.95 -5.38 -34.83
C4B CLA OG . -14.69 -6.14 -35.11
CMB CLA OG . -18.19 -6.06 -33.75
CAB CLA OG . -16.14 -3.99 -35.18
CBB CLA OG . -16.12 -3.47 -36.42
NC CLA OG . -12.12 -7.66 -35.63
C1C CLA OG . -12.38 -6.36 -35.99
C2C CLA OG . -11.20 -5.78 -36.62
C3C CLA OG . -10.21 -6.75 -36.60
C4C CLA OG . -10.79 -7.93 -35.97
CMC CLA OG . -11.11 -4.41 -37.14
CAC CLA OG . -8.85 -6.62 -37.14
CBC CLA OG . -8.75 -7.06 -38.58
ND CLA OG . -12.02 -10.32 -34.67
C1D CLA OG . -10.66 -10.24 -35.08
C2D CLA OG . -9.97 -11.50 -34.71
C3D CLA OG . -10.89 -12.24 -33.99
C4D CLA OG . -12.14 -11.43 -33.95
CMD CLA OG . -8.59 -11.82 -35.03
CAD CLA OG . -11.15 -13.48 -33.28
OBD CLA OG . -10.44 -14.47 -33.17
CBD CLA OG . -12.56 -13.35 -32.65
CGD CLA OG . -13.42 -14.58 -32.82
O1D CLA OG . -13.52 -15.53 -32.05
O2D CLA OG . -14.13 -14.62 -33.98
CED CLA OG . -14.95 -15.77 -34.22
C1 CLA OG . -13.55 -9.34 -27.64
C2 CLA OG . -12.36 -8.51 -27.98
C3 CLA OG . -11.73 -7.72 -27.09
C4 CLA OG . -12.18 -7.60 -25.68
C5 CLA OG . -10.55 -6.90 -27.49
C6 CLA OG . -9.28 -7.26 -26.74
C7 CLA OG . -8.85 -8.68 -26.99
C8 CLA OG . -7.39 -8.79 -27.42
C9 CLA OG . -7.22 -8.17 -28.80
C10 CLA OG . -6.93 -10.24 -27.40
C11 CLA OG . -5.57 -10.45 -28.05
C12 CLA OG . -4.42 -10.05 -27.14
C13 CLA OG . -3.11 -10.04 -27.91
C14 CLA OG . -2.15 -11.07 -27.37
C15 CLA OG . -2.47 -8.66 -27.89
C16 CLA OG . -2.32 -8.08 -29.29
C17 CLA OG . -3.64 -7.58 -29.84
C18 CLA OG . -3.63 -6.08 -30.11
C19 CLA OG . -2.47 -5.67 -30.98
C20 CLA OG . -3.66 -5.27 -28.83
MG CLA PG . -11.47 -19.85 -46.82
CHA CLA PG . -14.72 -20.98 -46.37
CHB CLA PG . -10.49 -23.00 -47.61
CHC CLA PG . -8.31 -18.64 -47.44
CHD CLA PG . -12.54 -16.57 -46.00
NA CLA PG . -12.46 -21.68 -46.92
C1A CLA PG . -13.82 -21.95 -46.74
C2A CLA PG . -14.11 -23.44 -46.93
C3A CLA PG . -12.71 -24.06 -47.07
C4A CLA PG . -11.80 -22.84 -47.23
CMA CLA PG . -12.36 -24.86 -45.84
CAA CLA PG . -14.92 -23.71 -48.20
CBA CLA PG . -14.53 -22.84 -49.37
CGA CLA PG . -13.49 -23.51 -50.23
O1A CLA PG . -13.55 -24.59 -50.81
O2A CLA PG . -12.34 -22.76 -50.35
NB CLA PG . -9.72 -20.67 -47.38
C1B CLA PG . -9.55 -21.96 -47.76
C2B CLA PG . -8.19 -22.16 -48.32
C3B CLA PG . -7.56 -20.93 -48.27
C4B CLA PG . -8.52 -19.97 -47.66
CMB CLA PG . -7.71 -23.46 -48.79
CAB CLA PG . -6.23 -20.55 -48.67
CBB CLA PG . -5.10 -21.05 -48.17
NC CLA PG . -10.58 -17.96 -46.69
C1C CLA PG . -9.27 -17.69 -46.97
C2C CLA PG . -9.00 -16.27 -46.76
C3C CLA PG . -10.20 -15.68 -46.40
C4C CLA PG . -11.20 -16.75 -46.36
CMC CLA PG . -7.71 -15.61 -46.94
CAC CLA PG . -10.41 -14.27 -46.08
CBC CLA PG . -10.94 -13.49 -47.27
ND CLA PG . -13.18 -18.93 -46.27
C1D CLA PG . -13.48 -17.58 -45.95
C2D CLA PG . -14.91 -17.48 -45.59
C3D CLA PG . -15.44 -18.75 -45.75
C4D CLA PG . -14.32 -19.61 -46.17
CMD CLA PG . -15.56 -16.23 -45.17
CAD CLA PG . -16.62 -19.59 -45.64
OBD CLA PG . -17.77 -19.28 -45.29
CBD CLA PG . -16.20 -21.03 -46.05
CGD CLA PG . -16.49 -22.03 -44.97
O1D CLA PG . -17.47 -22.78 -44.88
O2D CLA PG . -15.54 -22.10 -44.00
CED CLA PG . -15.38 -23.33 -43.30
C1 CLA PG . -11.31 -23.26 -51.24
C2 CLA PG . -10.30 -22.19 -51.35
C3 CLA PG . -9.09 -22.37 -51.92
C4 CLA PG . -8.67 -23.67 -52.48
C5 CLA PG . -8.10 -21.26 -52.01
C6 CLA PG . -7.46 -21.15 -53.39
C7 CLA PG . -8.04 -19.98 -54.17
C8 CLA PG . -7.09 -19.42 -55.22
C9 CLA PG . -7.15 -20.26 -56.48
C10 CLA PG . -5.66 -19.31 -54.72
C11 CLA PG . -5.35 -17.94 -54.17
C12 CLA PG . -4.97 -16.97 -55.27
C13 CLA PG . -4.24 -15.75 -54.70
C14 CLA PG . -5.21 -14.69 -54.24
C15 CLA PG . -3.26 -15.16 -55.72
C16 CLA PG . -1.90 -14.96 -55.10
C17 CLA PG . -1.12 -13.86 -55.80
C18 CLA PG . 0.17 -14.37 -56.44
C19 CLA PG . 1.00 -15.18 -55.46
C20 CLA PG . 0.99 -13.22 -56.98
MG CLA QG . 3.77 -29.61 -45.22
CHA CLA QG . 0.49 -29.36 -46.37
CHB CLA QG . 3.73 -32.95 -45.85
CHC CLA QG . 7.03 -29.77 -44.16
CHD CLA QG . 3.74 -26.13 -44.55
NA CLA QG . 2.32 -30.92 -45.98
C1A CLA QG . 1.02 -30.63 -46.42
C2A CLA QG . 0.31 -31.90 -46.90
C3A CLA QG . 1.34 -33.02 -46.61
C4A CLA QG . 2.57 -32.26 -46.12
CMA CLA QG . 0.83 -34.01 -45.58
CAA CLA QG . -0.02 -31.88 -48.39
CBA CLA QG . 1.20 -31.94 -49.30
CGA CLA QG . 0.85 -31.37 -50.64
O1A CLA QG . -0.25 -31.32 -51.18
O2A CLA QG . 1.92 -30.88 -51.31
NB CLA QG . 5.11 -31.08 -44.99
C1B CLA QG . 4.93 -32.37 -45.38
C2B CLA QG . 6.21 -33.14 -45.22
C3B CLA QG . 7.14 -32.24 -44.74
C4B CLA QG . 6.45 -30.93 -44.60
CMB CLA QG . 6.34 -34.55 -45.55
CAB CLA QG . 8.53 -32.45 -44.44
CBB CLA QG . 9.03 -32.54 -43.20
NC CLA QG . 5.13 -28.21 -44.48
C1C CLA QG . 6.41 -28.50 -44.11
C2C CLA QG . 7.08 -27.28 -43.64
C3C CLA QG . 6.16 -26.25 -43.76
C4C CLA QG . 4.93 -26.84 -44.28
CMC CLA QG . 8.46 -27.24 -43.18
CAC CLA QG . 6.37 -24.83 -43.41
CBC CLA QG . 6.71 -23.98 -44.60
ND CLA QG . 2.49 -28.05 -45.43
C1D CLA QG . 2.60 -26.68 -45.08
C2D CLA QG . 1.32 -26.00 -45.40
C3D CLA QG . 0.48 -26.97 -45.91
C4D CLA QG . 1.26 -28.24 -45.89
CMD CLA QG . 1.07 -24.57 -45.21
CAD CLA QG . -0.83 -27.26 -46.46
OBD CLA QG . -1.75 -26.50 -46.70
CBD CLA QG . -0.88 -28.80 -46.72
CGD CLA QG . -1.96 -29.50 -45.94
O1D CLA QG . -1.87 -30.01 -44.82
O2D CLA QG . -3.16 -29.57 -46.58
CED CLA QG . -3.79 -30.84 -46.67
C1 CLA QG . 1.64 -29.98 -52.41
C2 CLA QG . 2.91 -29.33 -52.79
C3 CLA QG . 2.97 -28.31 -53.66
MG CLA RG . 0.64 -21.97 -49.94
CHA CLA RG . -0.97 -25.03 -50.39
CHB CLA RG . -2.01 -20.37 -51.31
CHC CLA RG . 2.40 -19.02 -49.74
CHD CLA RG . 3.46 -23.70 -48.66
NA CLA RG . -1.22 -22.61 -50.65
C1A CLA RG . -1.71 -23.92 -50.75
C2A CLA RG . -3.14 -23.90 -51.34
C3A CLA RG . -3.47 -22.40 -51.47
C4A CLA RG . -2.15 -21.72 -51.10
CMA CLA RG . -3.87 -22.04 -52.89
CAA CLA RG . -4.20 -24.53 -50.44
CBA CLA RG . -5.42 -24.98 -51.23
CGA CLA RG . -5.02 -25.90 -52.34
O1A CLA RG . -4.84 -27.12 -52.29
O2A CLA RG . -4.86 -25.26 -53.54
NB CLA RG . 0.22 -20.05 -50.31
C1B CLA RG . -0.84 -19.63 -51.04
C2B CLA RG . -0.60 -18.25 -51.58
C3B CLA RG . 0.64 -17.87 -51.14
C4B CLA RG . 1.18 -18.99 -50.33
CMB CLA RG . -1.58 -17.56 -52.43
CAB CLA RG . 1.38 -16.66 -51.36
CBB CLA RG . 0.95 -15.42 -51.09
NC CLA RG . 2.54 -21.46 -49.23
C1C CLA RG . 3.04 -20.18 -49.20
C2C CLA RG . 4.37 -20.18 -48.62
C3C CLA RG . 4.70 -21.51 -48.38
C4C CLA RG . 3.54 -22.31 -48.75
CMC CLA RG . 5.19 -18.99 -48.43
CAC CLA RG . 5.95 -22.02 -47.80
CBC CLA RG . 6.95 -22.45 -48.86
ND CLA RG . 1.17 -23.89 -49.53
C1D CLA RG . 2.36 -24.45 -49.04
C2D CLA RG . 2.23 -25.93 -49.00
C3D CLA RG . 0.98 -26.20 -49.54
C4D CLA RG . 0.35 -24.89 -49.85
CMD CLA RG . 3.26 -26.85 -48.55
CAD CLA RG . 0.04 -27.24 -49.90
OBD CLA RG . 0.15 -28.45 -49.81
CBD CLA RG . -1.21 -26.53 -50.47
CGD CLA RG . -1.48 -26.97 -51.89
O1D CLA RG . -2.07 -27.99 -52.26
O2D CLA RG . -0.99 -26.13 -52.84
CED CLA RG . -0.77 -26.65 -54.15
C1 CLA RG . -4.81 -26.08 -54.72
C2 CLA RG . -4.19 -25.25 -55.79
C3 CLA RG . -4.86 -24.30 -56.48
C4 CLA RG . -6.29 -24.00 -56.25
C5 CLA RG . -4.16 -23.51 -57.53
C6 CLA RG . -3.95 -22.07 -57.13
C7 CLA RG . -3.26 -21.29 -58.23
C8 CLA RG . -3.27 -19.79 -57.96
C9 CLA RG . -3.96 -19.05 -59.09
C10 CLA RG . -1.85 -19.26 -57.78
C11 CLA RG . -1.34 -19.50 -56.36
C12 CLA RG . 0.13 -19.17 -56.24
C13 CLA RG . 0.66 -19.59 -54.86
C14 CLA RG . 1.88 -18.78 -54.49
C15 CLA RG . 0.96 -21.08 -54.81
C16 CLA RG . 1.09 -21.54 -53.37
C17 CLA RG . 1.48 -23.00 -53.27
C18 CLA RG . 2.98 -23.21 -53.40
C19 CLA RG . 3.33 -24.68 -53.25
C20 CLA RG . 3.74 -22.40 -52.37
MG CLA SG . 12.80 -13.16 -38.38
CHA CLA SG . 15.68 -11.22 -38.27
CHB CLA SG . 13.69 -14.35 -41.43
CHC CLA SG . 9.95 -15.11 -38.40
CHD CLA SG . 11.85 -11.85 -35.24
NA CLA SG . 14.44 -12.83 -39.63
C1A CLA SG . 15.53 -11.98 -39.40
C2A CLA SG . 16.51 -12.04 -40.59
C3A CLA SG . 15.81 -12.97 -41.60
C4A CLA SG . 14.56 -13.44 -40.85
CMA CLA SG . 15.46 -12.27 -42.88
CAA CLA SG . 17.85 -12.62 -40.18
CBA CLA SG . 17.70 -13.89 -39.37
CGA CLA SG . 19.03 -14.34 -38.86
O1A CLA SG . 20.03 -14.63 -39.52
O2A CLA SG . 19.11 -14.40 -37.49
NB CLA SG . 11.93 -14.40 -39.71
C1B CLA SG . 12.51 -14.85 -40.86
C2B CLA SG . 11.71 -15.97 -41.44
C3B CLA SG . 10.66 -16.18 -40.58
C4B CLA SG . 10.78 -15.20 -39.47
CMB CLA SG . 12.08 -16.68 -42.65
CAB CLA SG . 9.59 -17.16 -40.62
CBB CLA SG . 8.65 -17.23 -41.58
NC CLA SG . 11.21 -13.44 -37.04
C1C CLA SG . 10.15 -14.29 -37.25
C2C CLA SG . 9.23 -14.22 -36.13
C3C CLA SG . 9.75 -13.29 -35.23
C4C CLA SG . 11.00 -12.80 -35.83
CMC CLA SG . 7.99 -15.00 -36.01
CAC CLA SG . 9.18 -12.86 -33.94
CBC CLA SG . 8.20 -11.73 -34.11
ND CLA SG . 13.61 -11.98 -36.95
C1D CLA SG . 13.06 -11.45 -35.75
C2D CLA SG . 14.01 -10.47 -35.18
C3D CLA SG . 15.06 -10.38 -36.08
C4D CLA SG . 14.73 -11.30 -37.19
CMD CLA SG . 13.84 -9.78 -33.92
CAD CLA SG . 16.35 -9.78 -36.37
OBD CLA SG . 17.08 -9.09 -35.66
CBD CLA SG . 16.68 -10.16 -37.84
CGD CLA SG . 16.61 -8.97 -38.75
O1D CLA SG . 15.86 -8.79 -39.71
O2D CLA SG . 17.48 -7.97 -38.42
CED CLA SG . 17.16 -6.64 -38.79
C1 CLA SG . 18.03 -15.05 -36.78
C2 CLA SG . 18.56 -16.30 -36.17
C3 CLA SG . 18.88 -16.42 -34.87
C4 CLA SG . 18.72 -15.30 -33.91
C5 CLA SG . 19.40 -17.71 -34.32
C6 CLA SG . 18.42 -18.36 -33.37
C7 CLA SG . 18.73 -19.83 -33.19
C8 CLA SG . 17.76 -20.51 -32.24
C9 CLA SG . 18.50 -21.16 -31.10
C10 CLA SG . 16.91 -21.54 -32.98
C11 CLA SG . 15.57 -20.98 -33.39
C12 CLA SG . 14.94 -21.80 -34.50
C13 CLA SG . 13.41 -21.87 -34.51
C14 CLA SG . 12.73 -20.97 -33.49
C15 CLA SG . 12.93 -23.31 -34.34
C16 CLA SG . 13.27 -23.86 -32.97
C17 CLA SG . 13.25 -25.38 -32.94
C18 CLA SG . 11.96 -25.91 -32.32
C19 CLA SG . 11.81 -25.44 -30.89
C20 CLA SG . 11.94 -27.43 -32.38
MG CLA TG . 6.88 -7.34 -30.34
CHA CLA TG . 9.72 -5.34 -30.40
CHB CLA TG . 8.80 -10.03 -29.48
CHC CLA TG . 4.01 -9.18 -29.86
CHD CLA TG . 4.91 -4.48 -31.02
NA CLA TG . 8.94 -7.63 -30.07
C1A CLA TG . 9.95 -6.66 -30.10
C2A CLA TG . 11.31 -7.32 -29.81
C3A CLA TG . 10.99 -8.82 -29.83
C4A CLA TG . 9.47 -8.85 -29.77
CMA CLA TG . 11.48 -9.48 -31.08
CAA CLA TG . 11.79 -6.92 -28.43
CBA CLA TG . 13.27 -6.63 -28.39
CGA CLA TG . 13.50 -5.24 -27.88
O1A CLA TG . 12.75 -4.27 -27.95
O2A CLA TG . 14.73 -5.08 -27.28
NB CLA TG . 6.48 -9.26 -29.85
C1B CLA TG . 7.40 -10.16 -29.41
C2B CLA TG . 6.71 -11.37 -28.85
C3B CLA TG . 5.36 -11.13 -28.96
C4B CLA TG . 5.20 -9.79 -29.60
CMB CLA TG . 7.44 -12.51 -28.30
CAB CLA TG . 4.24 -11.95 -28.57
CBB CLA TG . 3.97 -12.35 -27.33
NC CLA TG . 4.84 -6.93 -30.51
C1C CLA TG . 3.84 -7.84 -30.30
C2C CLA TG . 2.54 -7.22 -30.51
C3C CLA TG . 2.79 -5.87 -30.78
C4C CLA TG . 4.24 -5.70 -30.78
CMC CLA TG . 1.26 -7.91 -30.38
CAC CLA TG . 1.80 -4.81 -31.03
CBC CLA TG . 1.42 -4.05 -29.79
ND CLA TG . 7.18 -5.39 -30.75
C1D CLA TG . 6.28 -4.32 -31.01
C2D CLA TG . 7.06 -3.08 -31.24
C3D CLA TG . 8.39 -3.42 -31.03
C4D CLA TG . 8.40 -4.86 -30.71
CMD CLA TG . 6.48 -1.79 -31.59
CAD CLA TG . 9.76 -2.96 -31.03
OBD CLA TG . 10.21 -1.86 -31.32
CBD CLA TG . 10.64 -4.16 -30.56
CGD CLA TG . 11.76 -4.44 -31.53
O1D CLA TG . 12.97 -4.28 -31.36
O2D CLA TG . 11.33 -4.94 -32.73
CED CLA TG . 11.79 -6.24 -33.12
C1 CLA TG . 15.16 -3.73 -27.02
C2 CLA TG . 15.74 -3.20 -28.27
C3 CLA TG . 16.08 -1.91 -28.43
C03 II0 UG . -12.71 -17.56 -53.48
C04 II0 UG . 9.99 -14.84 -46.08
C05 II0 UG . -14.09 -18.24 -53.48
C06 II0 UG . 11.42 -14.40 -45.74
C07 II0 UG . -13.99 -19.75 -53.20
C08 II0 UG . 11.45 -13.02 -45.11
C09 II0 UG . -11.64 -18.24 -52.56
C10 II0 UG . 9.02 -14.76 -44.87
C11 II0 UG . -13.43 -19.99 -51.80
C12 II0 UG . 10.61 -13.00 -43.81
C13 II0 UG . -12.21 -19.12 -51.42
C14 II0 UG . 9.17 -13.48 -44.03
C15 II0 UG . -12.18 -17.62 -54.94
C16 II0 UG . -12.90 -16.07 -53.11
C17 II0 UG . 9.48 -13.94 -47.24
C18 II0 UG . 10.03 -16.31 -46.57
C19 II0 UG . -12.56 -18.29 -50.15
C20 II0 UG . 8.56 -13.71 -42.63
C21 II0 UG . -10.62 -17.23 -51.92
C22 II0 UG . 7.57 -14.86 -45.41
C23 II0 UG . -9.48 -17.07 -52.66
C24 II0 UG . 6.80 -15.87 -44.90
C25 II0 UG . -9.01 -16.11 -51.55
C26 II0 UG . 5.47 -16.66 -44.81
C27 II0 UG . -8.30 -14.91 -52.16
C28 II0 UG . 5.77 -18.14 -44.83
C29 II0 UG . -8.07 -16.90 -50.60
C30 II0 UG . 4.55 -16.29 -45.98
C31 II0 UG . -6.57 -16.44 -50.51
C32 II0 UG . 3.06 -16.12 -45.54
C33 II0 UG . -5.93 -17.20 -49.59
C34 II0 UG . 2.19 -16.88 -46.24
C35 II0 UG . -4.59 -16.46 -49.81
C36 II0 UG . 0.75 -17.38 -46.52
C37 II0 UG . -4.57 -15.15 -49.03
C38 II0 UG . 0.72 -18.90 -46.59
C39 II0 UG . -3.48 -17.39 -49.27
C40 II0 UG . 0.18 -16.75 -47.81
C41 II0 UG . -2.13 -16.69 -48.90
C42 II0 UG . -1.19 -17.39 -48.21
O01 II0 UG . -15.27 -20.33 -53.31
O02 II0 UG . 12.77 -12.67 -44.80
C03 II0 VG . 1.42 -22.63 -28.09
C04 II0 VG . -1.27 -3.04 -41.13
C05 II0 VG . 1.08 -24.02 -27.49
C06 II0 VG . -0.86 -1.89 -42.07
C07 II0 VG . -0.43 -24.20 -27.38
C08 II0 VG . 0.11 -2.35 -43.16
C09 II0 VG . 0.31 -22.01 -29.00
C10 II0 VG . -1.76 -4.30 -41.87
C11 II0 VG . -1.00 -24.29 -28.81
C12 II0 VG . -0.49 -3.51 -43.97
C13 II0 VG . -0.65 -23.05 -29.66
C14 II0 VG . -0.88 -4.69 -43.07
C15 II0 VG . 1.65 -21.69 -26.86
C16 II0 VG . 2.76 -22.75 -28.85
C17 II0 VG . -2.39 -2.51 -40.21
C18 II0 VG . -0.04 -3.39 -40.25
C19 II0 VG . -0.13 -23.51 -31.05
C20 II0 VG . -1.64 -5.72 -43.96
C21 II0 VG . 0.82 -21.04 -30.10
C22 II0 VG . -1.81 -5.51 -40.88
C23 II0 VG . 0.86 -19.74 -29.71
C24 II0 VG . -3.05 -6.02 -40.63
C25 II0 VG . 1.34 -19.41 -31.13
C26 II0 VG . -4.02 -7.02 -39.93
C27 II0 VG . 2.56 -18.50 -31.07
C28 II0 VG . -4.81 -6.28 -38.86
C29 II0 VG . 0.16 -18.71 -31.86
C30 II0 VG . -3.24 -8.21 -39.35
C31 II0 VG . 0.29 -17.21 -32.32
C32 II0 VG . -3.28 -8.36 -37.78
C33 II0 VG . -0.56 -17.02 -33.37
C34 II0 VG . -3.44 -9.65 -37.37
C35 II0 VG . -0.18 -15.52 -33.51
C36 II0 VG . -3.59 -10.72 -36.27
C37 II0 VG . 0.97 -15.38 -34.49
C38 II0 VG . -4.55 -11.80 -36.75
C39 II0 VG . -1.43 -14.81 -34.07
C40 II0 VG . -2.22 -11.31 -35.85
C41 II0 VG . -1.24 -13.36 -34.64
C42 II0 VG . -2.30 -12.76 -35.25
O01 II0 VG . -0.76 -25.37 -26.64
O02 II0 VG . 0.39 -1.27 -44.02
C03 II0 WG . 3.27 -24.64 -39.32
C04 II0 WG . 16.78 -8.16 -31.05
C05 II0 WG . 2.01 -25.50 -39.08
C06 II0 WG . 17.69 -6.91 -31.03
C07 II0 WG . 2.29 -26.81 -38.35
C08 II0 WG . 17.52 -6.09 -29.75
C09 II0 WG . 4.15 -24.48 -38.06
C10 II0 WG . 16.91 -9.05 -29.78
C11 II0 WG . 3.09 -26.55 -37.05
C12 II0 WG . 17.50 -6.92 -28.44
C13 II0 WG . 4.40 -25.82 -37.36
C14 II0 WG . 17.76 -8.43 -28.64
C15 II0 WG . 4.09 -25.30 -40.47
C16 II0 WG . 2.76 -23.26 -39.81
C17 II0 WG . 15.33 -7.66 -31.29
C18 II0 WG . 17.19 -9.02 -32.27
C19 II0 WG . 5.17 -25.60 -36.06
C20 II0 WG . 17.53 -9.15 -27.29
C21 II0 WG . 5.54 -23.86 -38.38
C22 II0 WG . 15.52 -9.52 -29.25
C23 II0 WG . 5.70 -22.56 -37.96
C24 II0 WG . 15.26 -10.84 -29.52
C25 II0 WG . 7.13 -22.66 -38.52
C26 II0 WG . 14.35 -12.12 -29.46
C27 II0 WG . 7.42 -21.51 -39.48
C28 II0 WG . 13.13 -11.82 -28.61
C29 II0 WG . 8.11 -22.70 -37.31
C30 II0 WG . 13.97 -12.55 -30.90
C31 II0 WG . 8.94 -21.43 -36.94
C32 II0 WG . 12.45 -12.95 -31.09
C33 II0 WG . 8.26 -20.53 -36.16
C34 II0 WG . 12.27 -14.25 -31.40
C35 II0 WG . 9.50 -19.60 -36.12
C36 II0 WG . 11.36 -15.45 -31.73
C37 II0 WG . 9.72 -18.82 -37.41
C38 II0 WG . 11.48 -16.49 -30.63
C39 II0 WG . 9.26 -18.56 -34.99
C40 II0 WG . 11.73 -16.08 -33.08
C41 II0 WG . 10.56 -17.96 -34.37
C42 II0 WG . 10.48 -16.76 -33.74
O01 II0 WG . 1.07 -27.43 -38.02
O02 II0 WG . 18.58 -5.15 -29.67
C02 IHT XG . 6.12 -23.91 -31.81
C03 IHT XG . 2.96 -1.05 -34.71
C04 IHT XG . 5.87 -25.28 -32.47
C05 IHT XG . 3.34 0.42 -34.90
C06 IHT XG . 7.15 -26.01 -32.84
C07 IHT XG . 7.22 -23.14 -32.52
C08 IHT XG . 3.31 0.83 -36.36
C09 IHT XG . 7.97 -25.17 -33.79
C10 IHT XG . 8.08 -23.73 -33.38
C11 IHT XG . 1.77 -1.40 -35.60
C12 IHT XG . 1.87 0.76 -36.82
C13 IHT XG . 6.53 -24.14 -30.34
C14 IHT XG . 4.81 -23.13 -31.82
C15 IHT XG . 1.26 -0.59 -36.54
C16 IHT XG . 4.18 -1.90 -35.06
C17 IHT XG . 2.62 -1.28 -33.23
C18 IHT XG . 7.34 -21.77 -32.15
C19 IHT XG . 9.27 -23.03 -33.98
C20 IHT XG . 0.09 -0.93 -37.41
C21 IHT XG . 1.21 -2.70 -35.40
C22 IHT XG . 6.83 -20.66 -32.65
C23 IHT XG . 7.06 -19.32 -32.13
C24 IHT XG . 0.84 -3.82 -35.24
C25 IHT XG . 8.07 -19.17 -31.03
C26 IHT XG . 0.47 -5.20 -35.14
C27 IHT XG . 6.32 -18.29 -32.61
C28 IHT XG . -0.71 -5.65 -35.96
C29 IHT XG . 1.20 -6.03 -34.37
C30 IHT XG . 6.36 -16.94 -32.17
C31 IHT XG . 1.29 -7.44 -34.49
C32 IHT XG . 5.55 -15.99 -32.65
C33 IHT XG . 5.51 -14.60 -32.26
C34 IHT XG . 2.08 -8.23 -33.76
C35 IHT XG . 2.18 -9.68 -33.89
C36 IHT XG . 6.54 -14.11 -31.28
C37 IHT XG . 4.58 -13.79 -32.81
C38 IHT XG . 3.14 -10.34 -33.19
C39 IHT XG . 1.25 -10.36 -34.84
C40 IHT XG . 4.39 -12.39 -32.62
C41 IHT XG . 3.42 -11.73 -33.28
O01 IHT XG . 3.81 2.16 -36.50
C03 II0 YG . -12.18 -11.28 -43.14
C04 II0 YG . -10.04 8.00 -56.11
C05 II0 YG . -13.70 -11.41 -42.94
C06 II0 YG . -9.67 9.41 -56.64
C07 II0 YG . -14.08 -11.63 -41.49
C08 II0 YG . -8.84 10.31 -55.73
C09 II0 YG . -11.41 -10.39 -42.12
C10 II0 YG . -9.79 7.70 -54.60
C11 II0 YG . -13.61 -10.42 -40.67
C12 II0 YG . -7.92 9.49 -54.81
C13 II0 YG . -12.08 -10.29 -40.71
C14 II0 YG . -8.76 8.61 -53.87
C15 II0 YG . -11.59 -12.71 -42.98
C16 II0 YG . -11.98 -10.83 -44.60
C17 II0 YG . -9.34 6.97 -57.04
C18 II0 YG . -11.57 7.84 -56.35
C19 II0 YG . -11.73 -8.96 -39.98
C20 II0 YG . -7.79 7.83 -52.95
C21 II0 YG . -10.99 -8.99 -42.69
C22 II0 YG . -9.45 6.18 -54.40
C23 II0 YG . -9.63 -8.88 -42.84
C24 II0 YG . -10.45 5.44 -53.84
C25 II0 YG . -9.83 -7.44 -43.36
C26 II0 YG . -11.04 4.10 -53.31
C27 II0 YG . -8.63 -6.61 -42.94
C28 II0 YG . -11.68 3.36 -54.48
C29 II0 YG . -9.93 -7.41 -44.91
C30 II0 YG . -9.92 3.27 -52.65
C31 II0 YG . -9.84 -5.96 -45.50
C32 II0 YG . -9.75 1.81 -53.19
C33 II0 YG . -8.89 -5.87 -46.48
C34 II0 YG . -9.75 0.86 -52.22
C35 II0 YG . -9.28 -4.37 -46.60
C36 II0 YG . -9.67 -0.61 -51.77
C37 II0 YG . -8.07 -3.52 -46.28
C38 II0 YG . -10.86 -1.37 -52.32
C39 II0 YG . -9.77 -4.08 -48.03
C40 II0 YG . -9.65 -0.73 -50.23
C41 II0 YG . -9.67 -2.57 -48.46
C42 II0 YG . -9.76 -2.23 -49.77
O01 II0 YG . -15.48 -11.75 -41.37
O02 II0 YG . -8.06 11.17 -56.52
C1B LMU ZG . 1.62 10.67 -37.59
C2B LMU ZG . 2.37 10.91 -38.90
C3B LMU ZG . 3.22 9.69 -39.22
C4B LMU ZG . 3.91 9.20 -37.97
C5B LMU ZG . 2.89 8.73 -36.95
C6B LMU ZG . 3.20 9.16 -35.53
O1B LMU ZG . 0.29 11.14 -37.71
O2B LMU ZG . 1.47 11.19 -39.97
O3B LMU ZG . 4.17 10.04 -40.22
O4' LMU ZG . 4.76 8.11 -38.27
O5B LMU ZG . 1.60 9.28 -37.28
O6B LMU ZG . 3.28 8.03 -34.67
C1' LMU ZG . -2.75 8.58 -38.05
C2' LMU ZG . -2.24 8.63 -36.62
C3' LMU ZG . -1.36 9.84 -36.46
C4' LMU ZG . -0.76 10.15 -37.82
C5' LMU ZG . -1.85 10.66 -38.75
C6' LMU ZG . -1.53 10.48 -40.22
O1' LMU ZG . -3.92 7.81 -38.12
O2' LMU ZG . -3.32 8.63 -35.69
O3' LMU ZG . -0.36 9.60 -35.48
O5' LMU ZG . -3.04 9.89 -38.51
O6' LMU ZG . -2.73 10.32 -40.98
C1 LMU ZG . -3.97 6.97 -39.28
C2 LMU ZG . -4.64 5.69 -38.91
C3 LMU ZG . -5.02 5.65 -37.45
C4 LMU ZG . -5.53 4.30 -37.02
C5 LMU ZG . -6.59 3.73 -37.92
C6 LMU ZG . -7.43 2.67 -37.27
C7 LMU ZG . -7.69 1.47 -38.14
C8 LMU ZG . -6.53 0.52 -38.21
C9 LMU ZG . -6.88 -0.90 -37.81
C10 LMU ZG . -7.55 -1.69 -38.89
C11 LMU ZG . -6.77 -2.91 -39.31
C12 LMU ZG . -7.60 -3.87 -40.14
C02 IHT AH . 46.62 -16.90 -5.03
C03 IHT AH . 39.11 -39.04 -9.74
C04 IHT AH . 46.94 -15.45 -4.64
C05 IHT AH . 37.98 -40.05 -9.76
C06 IHT AH . 48.05 -15.34 -3.60
C07 IHT AH . 46.52 -17.78 -3.79
C08 IHT AH . 37.96 -40.92 -8.52
C09 IHT AH . 47.71 -16.12 -2.35
C10 IHT AH . 47.14 -17.49 -2.63
C11 IHT AH . 39.18 -38.38 -8.36
C12 IHT AH . 37.67 -40.05 -7.31
C13 IHT AH . 45.29 -16.89 -5.81
C14 IHT AH . 47.72 -17.43 -5.96
C15 IHT AH . 38.57 -38.85 -7.25
C16 IHT AH . 38.85 -38.00 -10.82
C17 IHT AH . 40.42 -39.77 -10.06
C18 IHT AH . 45.69 -18.95 -3.93
C19 IHT AH . 47.33 -18.46 -1.51
C20 IHT AH . 38.71 -38.23 -5.90
C21 IHT AH . 39.95 -37.19 -8.27
C22 IHT AH . 44.45 -19.01 -3.50
C23 IHT AH . 43.53 -20.13 -3.52
C24 IHT AH . 40.68 -36.24 -8.22
C25 IHT AH . 42.13 -19.88 -3.03
C26 IHT AH . 41.62 -35.17 -8.19
C27 IHT AH . 43.95 -21.36 -3.92
C28 IHT AH . 42.78 -35.28 -9.15
C29 IHT AH . 41.45 -34.13 -7.34
C30 IHT AH . 43.18 -22.55 -3.92
C31 IHT AH . 42.27 -32.98 -7.28
C32 IHT AH . 43.56 -23.75 -4.32
C33 IHT AH . 42.75 -24.96 -4.31
C34 IHT AH . 42.04 -31.93 -6.51
C35 IHT AH . 42.86 -30.73 -6.43
C36 IHT AH . 41.40 -24.88 -3.67
C37 IHT AH . 43.21 -26.08 -4.90
C38 IHT AH . 42.41 -29.65 -5.77
C39 IHT AH . 44.20 -30.77 -7.12
C40 IHT AH . 42.53 -27.33 -5.01
C41 IHT AH . 43.06 -28.39 -5.64
O01 IHT AH . 36.93 -41.90 -8.64
O1 LHG BH . 1.64 -35.51 -41.87
C1 LHG BH . 2.80 -35.47 -42.72
C2 LHG BH . 3.71 -34.34 -42.26
O2 LHG BH . 4.80 -34.86 -41.52
C3 LHG BH . 3.03 -33.34 -41.37
O3 LHG BH . 3.74 -32.17 -41.74
P LHG BH . 3.00 -30.73 -41.87
O4 LHG BH . 1.91 -30.69 -40.87
O5 LHG BH . 3.04 -30.43 -43.33
O6 LHG BH . 4.22 -29.87 -41.12
C4 LHG BH . 4.34 -29.87 -39.74
C5 LHG BH . 5.82 -29.53 -39.51
C6 LHG BH . 6.26 -28.34 -40.35
O7 LHG BH . 5.97 -29.21 -38.13
C7 LHG BH . 7.06 -29.79 -37.54
O9 LHG BH . 7.96 -30.27 -38.20
C8 LHG BH . 7.18 -29.33 -36.15
C9 LHG BH . 8.63 -29.40 -35.73
C10 LHG BH . 8.76 -30.05 -34.38
O8 LHG BH . 6.81 -27.40 -39.43
C23 LHG BH . 8.18 -27.24 -39.44
O10 LHG BH . 8.87 -28.10 -39.97
C24 LHG BH . 8.81 -25.99 -38.87
C11 LHG BH . 10.10 -30.70 -34.48
C12 LHG BH . 10.45 -31.33 -33.17
C13 LHG BH . 11.93 -31.12 -32.94
C14 LHG BH . 12.37 -31.63 -31.59
C15 LHG BH . 13.68 -30.93 -31.25
C16 LHG BH . 14.73 -31.26 -32.30
C17 LHG BH . 16.14 -31.13 -31.73
C18 LHG BH . 16.29 -29.67 -31.38
C19 LHG BH . 17.71 -29.28 -30.99
C20 LHG BH . 17.48 -28.11 -30.06
C21 LHG BH . 17.07 -26.90 -30.85
C22 LHG BH . 18.32 -26.28 -31.43
C25 LHG BH . 9.45 -26.15 -37.51
C26 LHG BH . 10.80 -25.46 -37.32
C27 LHG BH . 11.79 -26.59 -37.54
C28 LHG BH . 11.84 -27.60 -36.43
C29 LHG BH . 13.27 -27.57 -35.92
C30 LHG BH . 14.12 -28.76 -36.22
C31 LHG BH . 15.61 -28.57 -36.07
C32 LHG BH . 16.29 -29.68 -35.29
C33 LHG BH . 17.63 -29.16 -34.83
C34 LHG BH . 18.61 -28.77 -35.92
C35 LHG BH . 19.72 -27.89 -35.40
C36 LHG BH . 20.43 -28.64 -34.28
C37 LHG BH . 21.74 -27.98 -34.06
C38 LHG BH . 21.70 -26.88 -33.02
MG CLA CH . 40.44 -42.09 1.32
CHA CLA CH . 39.97 -43.63 -1.77
CHB CLA CH . 42.31 -44.73 2.36
CHC CLA CH . 40.97 -40.47 4.31
CHD CLA CH . 38.48 -39.36 0.21
NA CLA CH . 41.02 -43.89 0.42
C1A CLA CH . 40.74 -44.35 -0.88
C2A CLA CH . 41.37 -45.72 -1.12
C3A CLA CH . 41.99 -46.08 0.26
C4A CLA CH . 41.78 -44.82 1.09
CMA CLA CH . 41.33 -47.29 0.88
CAA CLA CH . 42.48 -45.72 -2.17
CBA CLA CH . 43.40 -44.53 -2.03
CGA CLA CH . 44.62 -44.73 -2.88
O1A CLA CH . 44.92 -44.17 -3.94
O2A CLA CH . 45.49 -45.66 -2.36
NB CLA CH . 41.47 -42.51 3.01
C1B CLA CH . 42.18 -43.64 3.24
C2B CLA CH . 42.79 -43.58 4.60
C3B CLA CH . 42.43 -42.37 5.16
C4B CLA CH . 41.56 -41.68 4.15
CMB CLA CH . 43.62 -44.65 5.15
CAB CLA CH . 42.73 -41.83 6.46
CBB CLA CH . 43.36 -40.67 6.70
NC CLA CH . 39.82 -40.27 2.11
C1C CLA CH . 40.15 -39.80 3.35
C2C CLA CH . 39.56 -38.49 3.59
C3C CLA CH . 38.86 -38.17 2.43
C4C CLA CH . 39.02 -39.28 1.50
CMC CLA CH . 39.73 -37.72 4.82
CAC CLA CH . 38.09 -36.94 2.18
CBC CLA CH . 36.71 -37.00 2.80
ND CLA CH . 39.39 -41.58 -0.34
C1D CLA CH . 38.65 -40.42 -0.66
C2D CLA CH . 38.11 -40.56 -2.03
C3D CLA CH . 38.58 -41.78 -2.51
C4D CLA CH . 39.39 -42.36 -1.42
CMD CLA CH . 37.26 -39.58 -2.71
CAD CLA CH . 38.60 -42.72 -3.61
OBD CLA CH . 38.02 -42.65 -4.70
CBD CLA CH . 39.52 -43.90 -3.19
CGD CLA CH . 38.85 -45.23 -3.38
O1D CLA CH . 38.76 -45.90 -4.41
O2D CLA CH . 38.27 -45.73 -2.25
CED CLA CH . 37.87 -47.10 -2.23
C1 CLA CH . 46.28 -45.25 -1.23
C2 CLA CH . 45.99 -46.20 -0.13
C3 CLA CH . 46.28 -45.95 1.17
C4 CLA CH . 45.98 -46.93 2.23
C5 CLA CH . 46.90 -44.66 1.59
C6 CLA CH . 45.94 -43.76 2.33
MG CLA DH . 30.23 -37.05 -6.72
CHA CLA DH . 29.47 -39.98 -5.03
CHB CLA DH . 26.93 -36.22 -6.78
CHC CLA DH . 31.05 -34.05 -8.21
CHD CLA DH . 33.66 -37.92 -6.61
NA CLA DH . 28.50 -37.98 -6.04
C1A CLA DH . 28.38 -39.19 -5.33
C2A CLA DH . 26.91 -39.50 -5.03
C3A CLA DH . 26.14 -38.42 -5.82
C4A CLA DH . 27.26 -37.45 -6.24
CMA CLA DH . 25.47 -39.03 -7.01
CAA CLA DH . 26.57 -39.44 -3.54
CBA CLA DH . 25.96 -38.13 -3.07
CGA CLA DH . 27.05 -37.12 -2.84
O1A CLA DH . 28.24 -37.32 -2.61
O2A CLA DH . 26.61 -35.83 -2.90
NB CLA DH . 29.20 -35.44 -7.34
C1B CLA DH . 27.85 -35.26 -7.23
C2B CLA DH . 27.47 -33.91 -7.74
C3B CLA DH . 28.65 -33.30 -8.15
C4B CLA DH . 29.74 -34.27 -7.91
CMB CLA DH . 26.06 -33.49 -7.75
CAB CLA DH . 28.97 -32.02 -8.73
CBB CLA DH . 28.14 -31.03 -9.08
NC CLA DH . 32.03 -36.18 -7.36
C1C CLA DH . 32.12 -34.97 -7.96
C2C CLA DH . 33.51 -34.67 -8.29
C3C CLA DH . 34.27 -35.74 -7.79
C4C CLA DH . 33.32 -36.69 -7.20
CMC CLA DH . 33.98 -33.46 -8.97
CAC CLA DH . 35.73 -35.89 -7.88
CBC CLA DH . 36.45 -35.20 -6.76
ND CLA DH . 31.35 -38.63 -6.14
C1D CLA DH . 32.75 -38.84 -6.11
C2D CLA DH . 33.03 -40.14 -5.48
C3D CLA DH . 31.80 -40.63 -5.05
C4D CLA DH . 30.79 -39.63 -5.46
CMD CLA DH . 34.35 -40.74 -5.33
CAD CLA DH . 31.10 -41.73 -4.41
OBD CLA DH . 31.51 -42.82 -4.04
CBD CLA DH . 29.60 -41.30 -4.29
CGD CLA DH . 28.64 -42.36 -4.73
O1D CLA DH . 28.20 -43.30 -4.07
O2D CLA DH . 28.22 -42.25 -6.03
CED CLA DH . 26.94 -42.80 -6.34
C1 CLA DH . 27.47 -34.89 -3.56
C2 CLA DH . 27.12 -33.52 -3.10
C3 CLA DH . 27.70 -32.42 -3.60
C4 CLA DH . 28.75 -32.47 -4.65
C5 CLA DH . 27.31 -31.07 -3.11
C6 CLA DH . 28.48 -30.24 -2.62
C7 CLA DH . 28.18 -28.76 -2.76
C8 CLA DH . 28.32 -28.02 -1.44
C9 CLA DH . 27.01 -27.34 -1.08
C10 CLA DH . 29.44 -27.00 -1.49
MG CLA EH . 26.14 -26.81 -9.89
CHA CLA EH . 22.95 -28.03 -9.27
CHB CLA EH . 27.27 -28.39 -7.08
CHC CLA EH . 29.22 -25.30 -10.30
CHD CLA EH . 24.88 -24.97 -12.63
NA CLA EH . 25.25 -28.08 -8.48
C1A CLA EH . 23.90 -28.46 -8.38
C2A CLA EH . 23.69 -29.37 -7.15
C3A CLA EH . 25.10 -29.46 -6.50
C4A CLA EH . 25.95 -28.59 -7.43
CMA CLA EH . 25.09 -28.90 -5.11
CAA CLA EH . 23.26 -30.77 -7.50
CBA CLA EH . 22.93 -31.63 -6.29
CGA CLA EH . 21.62 -31.21 -5.69
O1A CLA EH . 20.51 -31.18 -6.22
O2A CLA EH . 21.74 -30.81 -4.38
NB CLA EH . 27.91 -26.90 -8.94
C1B CLA EH . 28.17 -27.58 -7.79
C2B CLA EH . 29.54 -27.33 -7.32
C3B CLA EH . 30.12 -26.45 -8.22
C4B CLA EH . 29.08 -26.16 -9.25
CMB CLA EH . 30.03 -27.93 -6.07
CAB CLA EH . 31.41 -25.83 -8.24
CBB CLA EH . 32.09 -25.34 -7.19
NC CLA EH . 26.91 -25.44 -11.26
C1C CLA EH . 28.20 -24.96 -11.24
C2C CLA EH . 28.38 -23.98 -12.30
C3C CLA EH . 27.16 -23.89 -12.98
C4C CLA EH . 26.24 -24.82 -12.31
CMC CLA EH . 29.61 -23.23 -12.55
CAC CLA EH . 26.84 -23.02 -14.13
CBC CLA EH . 26.35 -21.66 -13.69
ND CLA EH . 24.37 -26.58 -10.84
C1D CLA EH . 23.99 -25.78 -11.94
C2D CLA EH . 22.54 -25.97 -12.20
C3D CLA EH . 22.09 -26.81 -11.19
C4D CLA EH . 23.25 -27.14 -10.36
CMD CLA EH . 21.80 -25.33 -13.28
CAD CLA EH . 20.95 -27.51 -10.63
OBD CLA EH . 19.79 -27.56 -11.01
CBD CLA EH . 21.46 -28.25 -9.35
CGD CLA EH . 20.80 -27.78 -8.09
O1D CLA EH . 21.00 -26.71 -7.49
O2D CLA EH . 19.88 -28.65 -7.59
CED CLA EH . 18.53 -28.47 -7.98
C1 CLA EH . 20.55 -30.33 -3.73
C2 CLA EH . 20.45 -28.88 -3.99
C3 CLA EH . 20.99 -27.94 -3.19
C4 CLA EH . 21.74 -28.28 -1.97
C5 CLA EH . 20.85 -26.49 -3.51
C6 CLA EH . 19.43 -26.10 -3.84
C7 CLA EH . 19.30 -24.60 -3.96
MG CLA FH . 34.19 -24.00 -27.99
CHA CLA FH . 35.01 -21.25 -29.95
CHB CLA FH . 32.29 -22.01 -25.99
CHC CLA FH . 33.33 -26.78 -26.16
CHD CLA FH . 36.23 -26.02 -30.07
NA CLA FH . 33.73 -21.96 -28.00
C1A CLA FH . 34.16 -20.97 -28.90
C2A CLA FH . 33.58 -19.60 -28.53
C3A CLA FH . 32.85 -19.87 -27.20
C4A CLA FH . 32.94 -21.39 -27.03
CMA CLA FH . 33.52 -19.14 -26.05
CAA CLA FH . 32.59 -19.07 -29.57
CBA CLA FH . 31.40 -19.98 -29.80
CGA CLA FH . 31.60 -20.85 -31.01
O1A CLA FH . 31.80 -20.51 -32.18
O2A CLA FH . 31.52 -22.18 -30.72
NB CLA FH . 33.08 -24.33 -26.34
C1B CLA FH . 32.29 -23.40 -25.74
C2B CLA FH . 31.41 -24.05 -24.73
C3B CLA FH . 31.69 -25.40 -24.77
C4B CLA FH . 32.77 -25.59 -25.80
CMB CLA FH . 30.44 -23.31 -23.92
CAB CLA FH . 31.15 -26.50 -24.02
CBB CLA FH . 31.15 -26.61 -22.69
NC CLA FH . 34.71 -26.02 -28.09
C1C CLA FH . 34.24 -26.99 -27.23
C2C CLA FH . 34.82 -28.28 -27.59
C3C CLA FH . 35.63 -28.07 -28.70
C4C CLA FH . 35.56 -26.64 -29.01
CMC CLA FH . 34.56 -29.54 -26.90
CAC CLA FH . 36.41 -29.08 -29.43
CBC CLA FH . 35.69 -29.63 -30.64
ND CLA FH . 35.32 -23.77 -29.65
C1D CLA FH . 36.14 -24.68 -30.39
C2D CLA FH . 36.80 -23.96 -31.48
C3D CLA FH . 36.40 -22.63 -31.37
C4D CLA FH . 35.49 -22.57 -30.21
CMD CLA FH . 37.69 -24.56 -32.47
CAD CLA FH . 36.49 -21.30 -31.93
OBD CLA FH . 37.10 -20.90 -32.91
CBD CLA FH . 35.64 -20.37 -31.01
CGD CLA FH . 36.48 -19.27 -30.40
O1D CLA FH . 36.08 -18.22 -29.86
O2D CLA FH . 37.82 -19.48 -30.47
CED CLA FH . 38.61 -19.11 -29.34
C1 CLA FH . 32.33 -23.07 -31.52
C2 CLA FH . 32.08 -24.46 -31.05
C3 CLA FH . 32.64 -25.53 -31.62
C4 CLA FH . 33.56 -25.43 -32.78
C5 CLA FH . 32.37 -26.93 -31.13
C6 CLA FH . 31.35 -27.01 -30.00
C7 CLA FH . 30.97 -28.45 -29.73
C8 CLA FH . 30.11 -28.58 -28.47
C9 CLA FH . 30.87 -29.24 -27.34
C10 CLA FH . 28.78 -29.28 -28.77
C11 CLA FH . 28.77 -30.78 -28.58
C12 CLA FH . 27.70 -31.24 -27.60
C13 CLA FH . 26.31 -30.74 -27.98
C14 CLA FH . 25.69 -29.96 -26.84
C15 CLA FH . 25.39 -31.89 -28.40
C16 CLA FH . 25.03 -32.80 -27.25
C17 CLA FH . 23.53 -32.99 -27.13
C18 CLA FH . 23.16 -34.05 -26.12
C19 CLA FH . 23.53 -33.63 -24.72
C20 CLA FH . 21.69 -34.37 -26.19
MG CLA GH . 20.20 -26.54 -16.95
CHA CLA GH . 20.15 -28.96 -14.45
CHB CLA GH . 16.82 -26.69 -17.14
CHC CLA GH . 20.25 -23.81 -19.06
CHD CLA GH . 23.71 -26.38 -16.67
NA CLA GH . 18.75 -27.70 -15.99
C1A CLA GH . 18.92 -28.64 -14.95
C2A CLA GH . 17.58 -29.25 -14.55
C3A CLA GH . 16.61 -28.71 -15.63
C4A CLA GH . 17.43 -27.61 -16.31
CMA CLA GH . 16.18 -29.80 -16.59
CAA CLA GH . 17.11 -28.84 -13.16
CBA CLA GH . 17.14 -27.34 -12.92
CGA CLA GH . 16.68 -27.03 -11.52
O1A CLA GH . 16.44 -27.80 -10.60
O2A CLA GH . 16.56 -25.68 -11.30
NB CLA GH . 18.80 -25.45 -17.91
C1B CLA GH . 17.46 -25.64 -17.81
C2B CLA GH . 16.74 -24.55 -18.54
C3B CLA GH . 17.71 -23.73 -19.09
C4B CLA GH . 19.03 -24.30 -18.71
CMB CLA GH . 15.29 -24.48 -18.62
CAB CLA GH . 17.56 -22.57 -19.91
CBB CLA GH . 17.82 -21.31 -19.52
NC CLA GH . 21.72 -25.38 -17.79
C1C CLA GH . 21.51 -24.34 -18.65
C2C CLA GH . 22.79 -23.76 -19.04
C3C CLA GH . 23.77 -24.48 -18.35
C4C CLA GH . 23.08 -25.50 -17.56
CMC CLA GH . 22.97 -22.63 -19.96
CAC CLA GH . 25.22 -24.29 -18.42
CBC CLA GH . 25.72 -25.23 -19.51
ND CLA GH . 21.66 -27.53 -15.97
C1D CLA GH . 23.06 -27.32 -15.90
C2D CLA GH . 23.65 -28.24 -14.89
C3D CLA GH . 22.58 -28.88 -14.31
C4D CLA GH . 21.36 -28.39 -14.99
CMD CLA GH . 25.06 -28.35 -14.56
CAD CLA GH . 22.16 -29.85 -13.31
OBD CLA GH . 22.85 -30.52 -12.57
CBD CLA GH . 20.60 -29.88 -13.33
CGD CLA GH . 20.08 -31.28 -13.50
O1D CLA GH . 19.47 -31.76 -14.45
O2D CLA GH . 20.34 -32.07 -12.42
CED CLA GH . 19.33 -33.00 -12.02
C1 CLA GH . 17.78 -24.92 -11.25
C2 CLA GH . 17.58 -23.85 -10.23
C3 CLA GH . 18.58 -23.10 -9.74
C4 CLA GH . 18.33 -22.06 -8.71
C5 CLA GH . 19.99 -23.27 -10.19
C6 CLA GH . 20.89 -23.80 -9.09
C7 CLA GH . 22.31 -23.31 -9.26
C8 CLA GH . 23.29 -23.96 -8.28
C9 CLA GH . 22.80 -23.82 -6.84
C10 CLA GH . 24.68 -23.37 -8.41
C11 CLA GH . 25.68 -24.12 -7.57
C12 CLA GH . 27.02 -23.40 -7.50
C13 CLA GH . 27.43 -23.17 -6.05
C14 CLA GH . 28.33 -21.95 -5.94
C15 CLA GH . 28.12 -24.39 -5.45
C16 CLA GH . 27.55 -24.73 -4.10
MG CLA HH . 28.30 -40.27 -22.41
CHA CLA HH . 25.24 -41.91 -22.33
CHB CLA HH . 29.92 -43.23 -22.00
CHC CLA HH . 31.30 -38.60 -22.59
CHD CLA HH . 26.59 -37.21 -22.91
NA CLA HH . 27.65 -42.25 -22.19
C1A CLA HH . 26.35 -42.74 -22.21
C2A CLA HH . 26.34 -44.27 -22.05
C3A CLA HH . 27.82 -44.62 -21.83
C4A CLA HH . 28.54 -43.29 -22.03
CMA CLA HH . 28.06 -45.19 -20.45
CAA CLA HH . 25.86 -44.98 -23.31
CBA CLA HH . 26.34 -44.34 -24.59
CGA CLA HH . 27.60 -44.97 -25.11
O1A CLA HH . 27.77 -46.13 -25.50
O2A CLA HH . 28.67 -44.13 -25.12
NB CLA HH . 30.24 -40.82 -22.40
C1B CLA HH . 30.69 -42.07 -22.11
C2B CLA HH . 32.17 -42.03 -21.90
C3B CLA HH . 32.56 -40.73 -22.06
C4B CLA HH . 31.34 -39.94 -22.38
CMB CLA HH . 32.95 -43.23 -21.56
CAB CLA HH . 33.86 -40.11 -21.95
CBB CLA HH . 34.91 -40.41 -22.71
NC CLA HH . 28.83 -38.27 -22.69
C1C CLA HH . 30.12 -37.82 -22.75
C2C CLA HH . 30.13 -36.37 -22.97
C3C CLA HH . 28.80 -35.98 -23.07
C4C CLA HH . 27.99 -37.18 -22.90
CMC CLA HH . 31.33 -35.55 -23.07
CAC CLA HH . 28.30 -34.61 -23.31
CBC CLA HH . 27.94 -34.37 -24.76
ND CLA HH . 26.39 -39.63 -22.47
C1D CLA HH . 25.82 -38.34 -22.69
C2D CLA HH . 24.34 -38.45 -22.66
C3D CLA HH . 24.07 -39.80 -22.50
C4D CLA HH . 25.37 -40.49 -22.43
CMD CLA HH . 23.44 -37.31 -22.77
CAD CLA HH . 23.04 -40.80 -22.36
OBD CLA HH . 21.82 -40.67 -22.27
CBD CLA HH . 23.75 -42.19 -22.33
CGD CLA HH . 23.35 -43.00 -21.12
O1D CLA HH . 22.44 -43.84 -21.05
O2D CLA HH . 24.10 -42.75 -20.01
CED CLA HH . 23.87 -43.53 -18.84
C1 CLA HH . 29.90 -44.62 -25.70
C2 CLA HH . 30.98 -43.65 -25.38
C3 CLA HH . 32.25 -43.83 -25.75
C4 CLA HH . 32.70 -45.03 -26.51
C5 CLA HH . 33.31 -42.83 -25.41
C6 CLA HH . 33.31 -41.63 -26.34
C7 CLA HH . 34.39 -41.71 -27.39
C8 CLA HH . 34.05 -40.89 -28.63
C9 CLA HH . 34.18 -41.75 -29.87
C10 CLA HH . 34.95 -39.66 -28.75
C11 CLA HH . 34.67 -38.85 -30.01
C12 CLA HH . 35.55 -37.62 -30.10
C13 CLA HH . 34.79 -36.36 -29.72
C14 CLA HH . 34.16 -35.70 -30.93
C15 CLA HH . 35.69 -35.36 -28.99
C16 CLA HH . 36.85 -34.92 -29.85
C17 CLA HH . 37.88 -34.14 -29.04
C18 CLA HH . 39.03 -33.64 -29.91
C19 CLA HH . 40.32 -33.58 -29.13
C20 CLA HH . 38.70 -32.28 -30.49
MG CLA IH . 42.44 -43.45 -12.85
CHA CLA IH . 40.41 -45.01 -15.21
CHB CLA IH . 43.15 -46.47 -11.45
CHC CLA IH . 44.55 -41.87 -10.63
CHD CLA IH . 41.68 -40.32 -14.31
NA CLA IH . 41.85 -45.41 -13.27
C1A CLA IH . 41.01 -45.86 -14.31
C2A CLA IH . 40.87 -47.39 -14.26
C3A CLA IH . 41.63 -47.78 -12.98
C4A CLA IH . 42.27 -46.47 -12.53
CMA CLA IH . 40.72 -48.36 -11.93
CAA CLA IH . 41.52 -48.07 -15.47
CBA CLA IH . 42.92 -47.56 -15.74
CGA CLA IH . 43.39 -47.90 -17.11
O1A CLA IH . 43.37 -49.00 -17.69
O2A CLA IH . 43.90 -46.82 -17.79
NB CLA IH . 43.62 -44.05 -11.33
C1B CLA IH . 43.79 -45.34 -10.92
C2B CLA IH . 44.76 -45.38 -9.79
C3B CLA IH . 45.15 -44.09 -9.55
C4B CLA IH . 44.43 -43.22 -10.53
CMB CLA IH . 45.14 -46.63 -9.11
CAB CLA IH . 46.08 -43.56 -8.58
CBB CLA IH . 45.90 -43.60 -7.26
NC CLA IH . 42.98 -41.46 -12.52
C1C CLA IH . 43.87 -41.04 -11.57
C2C CLA IH . 44.05 -39.60 -11.62
C3C CLA IH . 43.22 -39.14 -12.67
C4C CLA IH . 42.57 -40.32 -13.23
CMC CLA IH . 44.94 -38.85 -10.72
CAC CLA IH . 43.06 -37.76 -13.15
CBC CLA IH . 42.29 -36.83 -12.24
ND CLA IH . 41.29 -42.74 -14.36
C1D CLA IH . 41.08 -41.43 -14.86
C2D CLA IH . 40.14 -41.51 -16.01
C3D CLA IH . 39.84 -42.85 -16.17
C4D CLA IH . 40.59 -43.58 -15.13
CMD CLA IH . 39.66 -40.36 -16.77
CAD CLA IH . 39.08 -43.83 -16.94
OBD CLA IH . 38.30 -43.66 -17.86
CBD CLA IH . 39.45 -45.24 -16.36
CGD CLA IH . 38.23 -46.00 -15.93
O1D CLA IH . 37.68 -46.01 -14.83
O2D CLA IH . 37.70 -46.79 -16.91
CED CLA IH . 36.94 -47.94 -16.52
C1 CLA IH . 44.67 -47.08 -18.98
C2 CLA IH . 45.07 -45.78 -19.56
C3 CLA IH . 44.88 -45.44 -20.85
C4 CLA IH . 44.24 -46.36 -21.81
C5 CLA IH . 45.30 -44.11 -21.37
C6 CLA IH . 44.13 -43.27 -21.84
C7 CLA IH . 44.52 -42.43 -23.05
C8 CLA IH . 43.37 -41.54 -23.52
C9 CLA IH . 42.36 -42.36 -24.30
C10 CLA IH . 43.88 -40.39 -24.37
C11 CLA IH . 43.66 -39.06 -23.70
C12 CLA IH . 44.21 -37.90 -24.48
C13 CLA IH . 45.71 -37.70 -24.27
C14 CLA IH . 46.06 -37.68 -22.79
C15 CLA IH . 46.20 -36.42 -24.93
C16 CLA IH . 46.17 -36.55 -26.45
C17 CLA IH . 46.64 -35.27 -27.12
C18 CLA IH . 46.46 -35.34 -28.63
C19 CLA IH . 47.40 -34.39 -29.33
C20 CLA IH . 45.01 -35.03 -29.00
MG CLA JH . 39.95 -40.93 -21.80
CHA CLA JH . 39.61 -44.36 -21.32
CHB CLA JH . 37.79 -41.07 -24.42
CHC CLA JH . 40.55 -37.59 -22.42
CHD CLA JH . 42.32 -40.83 -19.17
NA CLA JH . 38.83 -42.48 -22.65
C1A CLA JH . 38.82 -43.84 -22.33
C2A CLA JH . 37.83 -44.61 -23.23
C3A CLA JH . 37.25 -43.51 -24.14
C4A CLA JH . 37.99 -42.25 -23.71
CMA CLA JH . 37.53 -43.77 -25.61
CAA CLA JH . 36.70 -45.23 -22.43
CBA CLA JH . 35.51 -45.68 -23.26
CGA CLA JH . 35.92 -46.66 -24.33
O1A CLA JH . 35.60 -46.66 -25.52
O2A CLA JH . 36.75 -47.65 -23.85
NB CLA JH . 39.21 -39.56 -23.08
C1B CLA JH . 38.44 -39.85 -24.16
C2B CLA JH . 38.38 -38.70 -25.09
C3B CLA JH . 39.15 -37.71 -24.54
C4B CLA JH . 39.70 -38.24 -23.26
CMB CLA JH . 37.64 -38.71 -26.35
CAB CLA JH . 39.47 -36.40 -25.05
CBB CLA JH . 39.06 -35.24 -24.54
NC CLA JH . 41.17 -39.47 -20.92
C1C CLA JH . 41.23 -38.17 -21.32
C2C CLA JH . 42.18 -37.44 -20.48
C3C CLA JH . 42.69 -38.36 -19.58
C4C CLA JH . 42.05 -39.64 -19.85
CMC CLA JH . 42.52 -36.03 -20.64
CAC CLA JH . 43.69 -38.10 -18.53
CBC CLA JH . 45.11 -38.24 -19.03
ND CLA JH . 40.78 -42.23 -20.50
C1D CLA JH . 41.75 -42.06 -19.48
C2D CLA JH . 42.01 -43.36 -18.83
C3D CLA JH . 41.25 -44.29 -19.52
C4D CLA JH . 40.50 -43.54 -20.55
CMD CLA JH . 42.95 -43.55 -17.73
CAD CLA JH . 40.85 -45.68 -19.63
OBD CLA JH . 41.20 -46.64 -18.96
CBD CLA JH . 39.83 -45.77 -20.80
CGD CLA JH . 40.31 -46.69 -21.88
O1D CLA JH . 40.67 -46.39 -23.02
O2D CLA JH . 40.35 -48.00 -21.52
CED CLA JH . 41.36 -48.84 -22.10
C1 CLA JH . 37.17 -48.64 -24.82
C2 CLA JH . 38.56 -48.30 -25.22
C3 CLA JH . 38.96 -48.14 -26.49
C4 CLA JH . 38.03 -48.29 -27.64
C5 CLA JH . 40.37 -47.81 -26.81
C6 CLA JH . 40.55 -46.37 -27.25
C7 CLA JH . 41.62 -45.68 -26.43
C8 CLA JH . 42.57 -44.84 -27.28
C9 CLA JH . 41.80 -43.80 -28.08
C10 CLA JH . 43.39 -45.72 -28.20
C11 CLA JH . 44.86 -45.69 -27.82
C12 CLA JH . 45.65 -44.72 -28.67
C13 CLA JH . 46.39 -45.44 -29.80
C14 CLA JH . 47.75 -45.91 -29.31
C15 CLA JH . 46.53 -44.56 -31.03
C16 CLA JH . 47.23 -45.27 -32.15
C17 CLA JH . 46.54 -45.09 -33.49
C18 CLA JH . 47.40 -44.35 -34.51
C19 CLA JH . 47.53 -42.88 -34.20
C20 CLA JH . 48.78 -44.98 -34.63
MG CLA KH . 45.85 -25.72 -9.77
CHA CLA KH . 48.35 -23.31 -9.70
CHB CLA KH . 47.94 -27.85 -11.39
CHC CLA KH . 43.39 -28.13 -9.65
CHD CLA KH . 43.64 -23.43 -8.22
NA CLA KH . 47.82 -25.57 -10.43
C1A CLA KH . 48.71 -24.49 -10.28
C2A CLA KH . 50.06 -24.81 -10.93
C3A CLA KH . 49.83 -26.18 -11.61
C4A CLA KH . 48.43 -26.60 -11.10
CMA CLA KH . 49.85 -26.04 -13.10
CAA CLA KH . 51.22 -24.89 -9.93
CBA CLA KH . 51.09 -26.04 -8.94
CGA CLA KH . 51.02 -25.50 -7.54
O1A CLA KH . 51.30 -24.38 -7.14
O2A CLA KH . 50.60 -26.44 -6.63
NB CLA KH . 45.67 -27.62 -10.45
C1B CLA KH . 46.67 -28.35 -11.00
C2B CLA KH . 46.24 -29.76 -11.16
C3B CLA KH . 44.96 -29.85 -10.66
C4B CLA KH . 44.58 -28.48 -10.21
CMB CLA KH . 47.10 -30.80 -11.73
CAB CLA KH . 44.06 -30.98 -10.57
CBB CLA KH . 43.63 -31.71 -11.59
NC CLA KH . 43.89 -25.76 -9.06
C1C CLA KH . 43.06 -26.86 -9.11
C2C CLA KH . 41.77 -26.53 -8.53
C3C CLA KH . 41.83 -25.20 -8.12
C4C CLA KH . 43.17 -24.72 -8.46
CMC CLA KH . 40.64 -27.46 -8.41
CAC CLA KH . 40.76 -24.41 -7.49
CBC CLA KH . 39.78 -23.85 -8.48
ND CLA KH . 45.93 -23.85 -9.04
C1D CLA KH . 44.93 -23.00 -8.47
C2D CLA KH . 45.52 -21.66 -8.22
C3D CLA KH . 46.84 -21.74 -8.64
C4D CLA KH . 47.03 -23.10 -9.15
CMD CLA KH . 44.80 -20.53 -7.64
CAD CLA KH . 48.09 -21.02 -8.80
OBD CLA KH . 48.38 -19.87 -8.46
CBD CLA KH . 49.07 -21.99 -9.52
CGD CLA KH . 49.53 -21.43 -10.84
O1D CLA KH . 49.01 -21.58 -11.95
O2D CLA KH . 50.66 -20.68 -10.76
CED CLA KH . 50.66 -19.38 -11.37
C1 CLA KH . 51.49 -26.70 -5.54
C2 CLA KH . 50.87 -27.79 -4.74
C3 CLA KH . 51.58 -28.73 -4.09
C4 CLA KH . 53.07 -28.77 -4.14
C5 CLA KH . 50.90 -29.79 -3.30
C6 CLA KH . 51.06 -31.17 -3.93
C7 CLA KH . 50.55 -32.25 -3.00
C8 CLA KH . 50.50 -33.61 -3.70
C9 CLA KH . 49.17 -33.77 -4.41
C10 CLA KH . 50.74 -34.74 -2.72
C11 CLA KH . 49.62 -34.85 -1.69
C12 CLA KH . 49.72 -36.14 -0.89
C13 CLA KH . 48.43 -36.42 -0.13
C14 CLA KH . 48.59 -36.09 1.35
C15 CLA KH . 47.99 -37.86 -0.30
C16 CLA KH . 46.77 -37.96 -1.20
C17 CLA KH . 47.14 -38.23 -2.63
C18 CLA KH . 47.42 -39.71 -2.89
C20 CLA KH . 48.00 -39.91 -4.27
MG CLA LH . 36.05 -18.31 -8.13
CHA CLA LH . 38.84 -16.72 -6.81
CHB CLA LH . 36.45 -20.86 -5.92
CHC CLA LH . 33.01 -19.55 -9.11
CHD CLA LH . 35.59 -15.57 -10.33
NA CLA LH . 37.49 -18.75 -6.68
C1A CLA LH . 38.55 -17.94 -6.25
C2A CLA LH . 39.35 -18.66 -5.15
C3A CLA LH . 38.74 -20.09 -5.15
C4A CLA LH . 37.46 -19.91 -5.97
CMA CLA LH . 39.68 -21.09 -5.76
CAA CLA LH . 39.20 -17.96 -3.80
CBA CLA LH . 38.20 -18.61 -2.86
CGA CLA LH . 37.17 -17.63 -2.42
O1A CLA LH . 37.23 -16.80 -1.51
O2A CLA LH . 36.02 -17.69 -3.16
NB CLA LH . 34.98 -19.96 -7.67
C1B CLA LH . 35.25 -20.79 -6.63
C2B CLA LH . 34.07 -21.67 -6.36
C3B CLA LH . 33.08 -21.31 -7.26
C4B CLA LH . 33.66 -20.21 -8.10
CMB CLA LH . 34.04 -22.69 -5.31
CAB CLA LH . 31.74 -21.82 -7.40
CBB CLA LH . 31.18 -22.32 -8.51
NC CLA LH . 34.63 -17.73 -9.55
C1C CLA LH . 33.48 -18.41 -9.81
C2C CLA LH . 32.70 -17.74 -10.84
C3C CLA LH . 33.40 -16.58 -11.16
C4C CLA LH . 34.62 -16.58 -10.34
CMC CLA LH . 31.42 -18.20 -11.36
CAC CLA LH . 33.02 -15.56 -12.16
CBC CLA LH . 32.23 -14.43 -11.55
ND CLA LH . 37.03 -16.61 -8.63
C1D CLA LH . 36.70 -15.56 -9.53
C2D CLA LH . 37.75 -14.51 -9.44
C3D CLA LH . 38.59 -14.90 -8.41
C4D CLA LH . 38.08 -16.20 -7.91
CMD CLA LH . 37.79 -13.30 -10.26
CAD CLA LH . 39.79 -14.59 -7.65
OBD CLA LH . 40.59 -13.67 -7.79
CBD CLA LH . 39.92 -15.69 -6.54
CGD CLA LH . 41.28 -16.30 -6.46
O1D CLA LH . 41.97 -16.45 -5.44
O2D CLA LH . 41.78 -16.75 -7.65
CED CLA LH . 41.89 -18.17 -7.81
C1 CLA LH . 34.96 -18.53 -2.65
C2 CLA LH . 33.77 -18.23 -3.47
C3 CLA LH . 32.52 -18.64 -3.16
C4 CLA LH . 32.23 -19.46 -1.96
C5 CLA LH . 31.37 -18.30 -4.04
C6 CLA LH . 31.66 -18.63 -5.50
C7 CLA LH . 30.71 -17.92 -6.43
C8 CLA LH . 31.04 -16.45 -6.60
C9 CLA LH . 30.15 -15.83 -7.67
C10 CLA LH . 32.50 -16.23 -6.96
C11 CLA LH . 32.95 -14.82 -6.63
C12 CLA LH . 34.46 -14.68 -6.65
C13 CLA LH . 34.87 -13.21 -6.76
C14 CLA LH . 34.61 -12.69 -8.15
C15 CLA LH . 36.33 -13.01 -6.37
C16 CLA LH . 36.70 -11.55 -6.37
C17 CLA LH . 38.19 -11.34 -6.37
C18 CLA LH . 38.58 -9.86 -6.24
C19 CLA LH . 40.08 -9.69 -6.25
C20 CLA LH . 37.96 -9.05 -7.36
MG CLA MH . 25.92 -10.24 -20.84
CHA CLA MH . 27.46 -7.17 -20.23
CHB CLA MH . 28.81 -11.44 -22.15
CHC CLA MH . 24.29 -13.18 -21.58
CHD CLA MH . 22.93 -8.98 -19.44
NA CLA MH . 27.83 -9.42 -21.09
C1A CLA MH . 28.29 -8.13 -20.78
C2A CLA MH . 29.79 -7.99 -21.13
C3A CLA MH . 30.20 -9.43 -21.56
C4A CLA MH . 28.86 -10.17 -21.62
CMA CLA MH . 30.93 -9.49 -22.87
CAA CLA MH . 30.68 -7.60 -19.96
CBA CLA MH . 31.99 -6.97 -20.41
CGA CLA MH . 31.84 -5.52 -20.73
O1A CLA MH . 32.16 -4.55 -20.03
O2A CLA MH . 31.25 -5.25 -21.94
NB CLA MH . 26.47 -12.00 -21.66
C1B CLA MH . 27.66 -12.24 -22.26
C2B CLA MH . 27.59 -13.51 -23.05
C3B CLA MH . 26.31 -14.00 -22.89
C4B CLA MH . 25.58 -13.05 -22.00
CMB CLA MH . 28.72 -14.04 -23.80
CAB CLA MH . 25.70 -15.19 -23.40
CBB CLA MH . 26.09 -16.44 -23.12
NC CLA MH . 23.99 -10.96 -20.51
C1C CLA MH . 23.55 -12.21 -20.87
C2C CLA MH . 22.16 -12.39 -20.46
C3C CLA MH . 21.75 -11.18 -19.88
C4C CLA MH . 22.91 -10.29 -19.92
CMC CLA MH . 21.38 -13.62 -20.66
CAC CLA MH . 20.44 -10.87 -19.29
CBC CLA MH . 19.43 -10.41 -20.32
ND CLA MH . 25.29 -8.52 -19.97
C1D CLA MH . 24.02 -8.14 -19.46
C2D CLA MH . 24.11 -6.74 -19.00
C3D CLA MH . 25.38 -6.31 -19.30
C4D CLA MH . 26.09 -7.46 -19.90
CMD CLA MH . 23.00 -6.01 -18.40
CAD CLA MH . 26.33 -5.20 -19.23
OBD CLA MH . 26.17 -4.07 -18.77
CBD CLA MH . 27.66 -5.71 -19.86
CGD CLA MH . 28.06 -4.89 -21.05
O1D CLA MH . 27.70 -5.03 -22.23
O2D CLA MH . 28.91 -3.87 -20.76
CED CLA MH . 28.82 -2.66 -21.53
C1 CLA MH . 31.80 -5.87 -23.12
C2 CLA MH . 33.17 -5.33 -23.35
C3 CLA MH . 34.00 -5.84 -24.28
C4 CLA MH . 33.61 -6.98 -25.15
C5 CLA MH . 35.36 -5.27 -24.49
C6 CLA MH . 36.46 -6.31 -24.32
C03 II0 NH . 45.99 -29.63 -17.38
C04 II0 NH . 29.24 -40.18 -29.69
C05 II0 NH . 47.09 -28.57 -17.22
C06 II0 NH . 28.07 -40.98 -30.26
C07 II0 NH . 46.67 -27.33 -16.41
C08 II0 NH . 27.86 -42.29 -29.51
C09 II0 NH . 45.20 -29.94 -16.08
C10 II0 NH . 29.21 -40.00 -28.15
C11 II0 NH . 45.98 -27.72 -15.09
C12 II0 NH . 27.58 -42.01 -28.02
C13 II0 NH . 44.79 -28.65 -15.34
C14 II0 NH . 28.74 -41.24 -27.36
C15 II0 NH . 45.00 -29.17 -18.49
C16 II0 NH . 46.70 -30.90 -17.88
C17 II0 NH . 30.54 -40.91 -30.13
C18 II0 NH . 29.22 -38.77 -30.35
C19 II0 NH . 44.15 -29.00 -13.98
C20 II0 NH . 28.25 -40.79 -25.96
C21 II0 NH . 43.89 -30.75 -16.32
C22 II0 NH . 30.63 -39.65 -27.64
C23 II0 NH . 43.99 -32.06 -15.99
C24 II0 NH . 30.75 -38.44 -27.04
C25 II0 NH . 42.53 -32.30 -16.38
C26 II0 NH . 31.60 -37.35 -26.32
C27 II0 NH . 42.05 -33.50 -15.59
C28 II0 NH . 31.90 -36.24 -27.31
C29 II0 NH . 42.32 -32.60 -17.89
C30 II0 NH . 32.88 -38.01 -25.76
C31 II0 NH . 40.89 -33.21 -18.18
C32 II0 NH . 34.21 -37.19 -25.98
C33 II0 NH . 40.60 -33.27 -19.52
C34 II0 NH . 34.54 -36.44 -24.91
C35 II0 NH . 39.22 -33.90 -19.21
C36 II0 NH . 35.45 -35.42 -24.20
C37 II0 NH . 39.32 -35.39 -18.91
C38 II0 NH . 34.63 -34.13 -24.10
C39 II0 NH . 38.27 -33.66 -20.41
C40 II0 NH . 35.91 -35.86 -22.80
C41 II0 NH . 37.55 -34.92 -21.04
C42 II0 NH . 36.69 -34.72 -22.07
O01 II0 NH . 47.82 -26.57 -16.12
O02 II0 NH . 26.77 -42.99 -30.05
C03 II0 OH . 33.11 -20.56 -20.29
C04 II0 OH . 32.48 -33.08 -0.89
C05 II0 OH . 33.79 -19.56 -21.25
C06 II0 OH . 31.74 -33.76 0.28
C07 II0 OH . 35.01 -20.13 -21.98
C08 II0 OH . 30.34 -34.23 -0.13
C09 II0 OH . 32.85 -21.93 -20.96
C10 II0 OH . 32.54 -34.03 -2.12
C11 II0 OH . 34.76 -21.53 -22.58
C12 II0 OH . 30.39 -35.14 -1.37
C13 II0 OH . 34.17 -22.49 -21.54
C14 II0 OH . 31.15 -34.53 -2.56
C15 II0 OH . 34.01 -20.74 -19.05
C16 II0 OH . 31.77 -19.90 -19.85
C17 II0 OH . 31.76 -31.75 -1.19
C18 II0 OH . 33.93 -32.76 -0.43
C19 II0 OH . 33.90 -23.85 -22.22
C20 II0 OH . 31.26 -35.67 -3.60
C21 II0 OH . 32.22 -22.94 -19.94
C22 II0 OH . 33.47 -33.47 -3.27
C23 II0 OH . 30.93 -23.25 -20.29
C24 II0 OH . 33.02 -32.71 -4.32
C25 II0 OH . 30.59 -24.23 -19.13
C26 II0 OH . 33.38 -31.96 -5.64
C27 II0 OH . 29.10 -24.03 -18.92
C28 II0 OH . 34.51 -31.00 -5.32
C29 II0 OH . 31.19 -24.01 -17.71
C30 II0 OH . 32.19 -31.20 -6.29
C31 II0 OH . 30.98 -25.24 -16.75
C32 II0 OH . 32.68 -30.03 -7.20
C33 II0 OH . 30.37 -24.86 -15.59
C34 II0 OH . 32.39 -30.08 -8.52
C35 II0 OH . 30.42 -26.32 -15.06
C36 II0 OH . 32.52 -29.44 -9.92
C37 II0 OH . 29.00 -26.85 -14.91
C38 II0 OH . 33.55 -28.32 -9.77
C39 II0 OH . 31.12 -26.34 -13.68
C40 II0 OH . 31.21 -28.86 -10.52
C41 II0 OH . 30.77 -27.52 -12.71
C42 II0 OH . 31.49 -27.71 -11.57
O01 II0 OH . 35.37 -19.25 -23.02
O02 II0 OH . 29.77 -34.96 0.94
C02 IHT PH . 32.91 -16.25 -17.45
C03 IHT PH . 38.38 -33.91 -3.08
C04 IHT PH . 32.70 -14.73 -17.43
C05 IHT PH . 39.00 -35.15 -3.71
C06 IHT PH . 33.98 -13.96 -17.12
C07 IHT PH . 33.75 -16.70 -16.25
C08 IHT PH . 40.16 -35.79 -2.96
C09 IHT PH . 34.56 -14.38 -15.80
C10 IHT PH . 34.59 -15.87 -15.60
C11 IHT PH . 39.50 -32.93 -2.76
C12 IHT PH . 40.89 -34.83 -2.03
C13 IHT PH . 31.53 -16.90 -17.40
C14 IHT PH . 33.61 -16.68 -18.74
C15 IHT PH . 40.70 -33.39 -2.40
C16 IHT PH . 37.40 -33.29 -4.09
C17 IHT PH . 37.58 -34.28 -1.82
C18 IHT PH . 33.62 -18.09 -15.89
C19 IHT PH . 35.65 -16.33 -14.65
C20 IHT PH . 41.96 -32.55 -2.36
C21 IHT PH . 39.22 -31.54 -2.93
C22 IHT PH . 33.29 -18.52 -14.68
C23 IHT PH . 33.33 -19.86 -14.14
C24 IHT PH . 39.00 -30.39 -3.17
C25 IHT PH . 33.03 -21.01 -15.06
C26 IHT PH . 38.67 -29.01 -3.33
C27 IHT PH . 33.73 -20.00 -12.85
C28 IHT PH . 39.03 -28.11 -2.18
C29 IHT PH . 38.04 -28.61 -4.45
C30 IHT PH . 33.99 -21.18 -12.09
C31 IHT PH . 37.80 -27.27 -4.88
C32 IHT PH . 33.71 -22.43 -12.40
C33 IHT PH . 33.99 -23.60 -11.59
C34 IHT PH . 37.07 -26.98 -5.97
C35 IHT PH . 36.77 -25.66 -6.49
C36 IHT PH . 33.69 -24.94 -12.19
C37 IHT PH . 34.56 -23.46 -10.37
C38 IHT PH . 36.03 -25.57 -7.61
C39 IHT PH . 37.36 -24.47 -5.78
C40 IHT PH . 34.98 -24.50 -9.50
C41 IHT PH . 35.67 -24.39 -8.35
O01 IHT PH . 39.66 -36.88 -2.19
C03 II0 QH . 31.42 -15.34 -39.15
C04 II0 QH . 23.32 -29.65 -21.44
C05 II0 QH . 32.50 -14.58 -39.93
C06 II0 QH . 22.68 -30.79 -20.63
C07 II0 QH . 33.92 -15.05 -39.65
C08 II0 QH . 23.01 -32.16 -21.18
C09 II0 QH . 31.86 -16.78 -38.89
C10 II0 QH . 24.75 -30.04 -21.83
C11 II0 QH . 34.03 -16.51 -40.06
C12 II0 QH . 24.50 -32.40 -21.08
C13 II0 QH . 32.99 -17.34 -39.37
C14 II0 QH . 25.29 -31.26 -21.65
C15 II0 QH . 31.17 -14.60 -37.84
C16 II0 QH . 30.13 -15.31 -39.98
C17 II0 QH . 22.48 -29.36 -22.68
C18 II0 QH . 23.34 -28.40 -20.55
C19 II0 QH . 33.31 -18.80 -39.27
C20 II0 QH . 26.71 -31.61 -21.99
C21 II0 QH . 31.00 -17.57 -38.10
C22 II0 QH . 25.52 -29.02 -22.45
C23 II0 QH . 30.27 -18.32 -37.51
C24 II0 QH . 26.10 -28.13 -23.00
C25 II0 QH . 29.38 -19.28 -36.95
C26 II0 QH . 26.83 -27.06 -23.57
C27 II0 QH . 28.05 -19.43 -37.63
C28 II0 QH . 27.76 -26.31 -22.64
C29 II0 QH . 29.73 -20.01 -35.87
C30 II0 QH . 26.69 -26.77 -24.88
C31 II0 QH . 28.93 -20.97 -35.24
C32 II0 QH . 27.54 -25.95 -25.67
C33 II0 QH . 29.30 -21.66 -34.18
C34 II0 QH . 27.37 -25.76 -26.97
C35 II0 QH . 28.49 -22.66 -33.49
C36 II0 QH . 28.21 -24.94 -27.83
C37 II0 QH . 27.26 -23.16 -34.17
C38 II0 QH . 29.41 -24.29 -27.22
C39 II0 QH . 28.84 -23.00 -32.23
C40 II0 QH . 27.86 -24.77 -29.13
C41 II0 QH . 28.13 -23.81 -31.33
C42 II0 QH . 28.54 -23.98 -30.07
O01 II0 QH . 34.86 -14.27 -40.38
O02 II0 QH . 22.32 -33.15 -20.41
O1 LHG RH . 36.49 -6.44 -22.95
C1 LHG RH . 36.45 -7.63 -22.18
C2 LHG RH . 35.71 -7.35 -20.89
O2 LHG RH . 36.00 -6.06 -20.41
C3 LHG RH . 36.07 -8.30 -19.77
O3 LHG RH . 34.80 -8.44 -19.16
P LHG RH . 34.56 -8.01 -17.62
O4 LHG RH . 35.56 -8.71 -16.78
O5 LHG RH . 34.14 -6.58 -17.70
O6 LHG RH . 33.19 -8.94 -17.41
C4 LHG RH . 32.88 -9.48 -16.15
C5 LHG RH . 31.44 -9.99 -16.30
C6 LHG RH . 31.15 -10.53 -17.69
O7 LHG RH . 31.31 -11.04 -15.37
C7 LHG RH . 30.64 -10.69 -14.25
O9 LHG RH . 31.21 -10.23 -13.27
C8 LHG RH . 29.28 -11.26 -14.25
C9 LHG RH . 29.34 -12.69 -13.79
C10 LHG RH . 28.26 -13.50 -14.47
O8 LHG RH . 30.11 -11.50 -17.49
C23 LHG RH . 28.83 -11.14 -17.84
O10 LHG RH . 28.61 -9.99 -18.17
C24 LHG RH . 27.82 -12.22 -18.19
C11 LHG RH . 28.74 -14.91 -14.28
C12 LHG RH . 27.79 -15.84 -14.97
C13 LHG RH . 27.89 -17.20 -14.30
C14 LHG RH . 28.97 -18.05 -14.90
C15 LHG RH . 28.26 -19.01 -15.84
C16 LHG RH . 29.21 -19.39 -16.94
C17 LHG RH . 28.62 -20.52 -17.79
C18 LHG RH . 27.54 -19.84 -18.57
C19 LHG RH . 26.75 -20.76 -19.48
C20 LHG RH . 27.67 -20.88 -20.68
C21 LHG RH . 26.88 -21.35 -21.87
C22 LHG RH . 27.37 -20.59 -23.08
C25 LHG RH . 26.40 -11.97 -17.73
C26 LHG RH . 25.68 -13.18 -17.13
C27 LHG RH . 25.49 -14.08 -18.33
C28 LHG RH . 25.81 -15.54 -18.12
C29 LHG RH . 24.48 -16.25 -17.96
C30 LHG RH . 24.40 -17.65 -18.49
C31 LHG RH . 23.40 -18.55 -17.81
C32 LHG RH . 23.90 -19.24 -16.54
C33 LHG RH . 23.46 -20.69 -16.61
C34 LHG RH . 21.98 -20.93 -16.75
C35 LHG RH . 21.47 -21.92 -15.73
C36 LHG RH . 19.96 -21.79 -15.67
C37 LHG RH . 19.44 -23.13 -15.23
C38 LHG RH . 17.93 -23.16 -14.99
C1 LMG SH . 22.10 -48.75 -35.99
O1 LMG SH . 23.09 -47.77 -35.78
C2 LMG SH . 20.94 -48.37 -35.02
O2 LMG SH . 21.36 -48.83 -33.77
C3 LMG SH . 19.69 -49.21 -35.42
O3 LMG SH . 18.64 -48.72 -34.64
C4 LMG SH . 19.37 -48.99 -36.93
O4 LMG SH . 19.08 -47.64 -37.13
C5 LMG SH . 20.65 -49.33 -37.74
O5 LMG SH . 19.15 -49.74 -39.50
C6 LMG SH . 20.37 -49.11 -39.23
O6 LMG SH . 21.71 -48.50 -37.35
C7 LMG SH . 24.39 -48.29 -35.61
C8 LMG SH . 25.34 -47.54 -36.61
C9 LMG SH . 24.61 -46.34 -37.25
O7 LMG SH . 26.40 -46.98 -35.86
C10 LMG SH . 27.62 -47.57 -35.90
O9 LMG SH . 27.73 -48.72 -36.31
C11 LMG SH . 28.69 -46.69 -35.33
C12 LMG SH . 30.05 -47.35 -35.40
C13 LMG SH . 31.19 -46.50 -34.83
C14 LMG SH . 31.06 -45.07 -35.38
C15 LMG SH . 32.33 -44.29 -35.14
C16 LMG SH . 32.65 -44.26 -33.66
C17 LMG SH . 32.91 -42.81 -33.25
C18 LMG SH . 34.13 -42.31 -34.02
C19 LMG SH . 34.22 -40.82 -33.77
C20 LMG SH . 33.95 -40.15 -35.09
O8 LMG SH . 25.60 -45.55 -37.88
C28 LMG SH . 25.17 -44.54 -38.68
O10 LMG SH . 23.98 -44.48 -38.98
C29 LMG SH . 26.16 -43.44 -38.87
C30 LMG SH . 26.77 -43.48 -40.25
C31 LMG SH . 25.81 -42.82 -41.21
C32 LMG SH . 25.97 -41.32 -41.03
C33 LMG SH . 25.71 -40.70 -42.38
C34 LMG SH . 26.24 -39.28 -42.33
C35 LMG SH . 26.52 -38.89 -43.78
C36 LMG SH . 27.83 -38.19 -43.75
C37 LMG SH . 27.56 -36.71 -43.51
C38 LMG SH . 28.70 -36.05 -44.24
C39 LMG SH . 29.99 -36.30 -43.52
MG CLA TH . -24.97 44.93 29.02
CHA CLA TH . -24.22 48.14 27.92
CHB CLA TH . -21.69 44.36 29.66
CHC CLA TH . -25.83 41.84 30.29
CHD CLA TH . -28.37 45.48 28.14
NA CLA TH . -23.25 46.09 28.82
C1A CLA TH . -23.13 47.42 28.37
C2A CLA TH . -21.67 47.87 28.38
C3A CLA TH . -20.91 46.59 28.77
C4A CLA TH . -22.01 45.59 29.14
CMA CLA TH . -20.14 46.08 27.58
CAA CLA TH . -21.37 48.97 29.39
CBA CLA TH . -19.88 49.15 29.62
CGA CLA TH . -19.60 49.71 30.98
O1A CLA TH . -19.79 50.80 30.44
O2A CLA TH . -19.44 50.66 31.95
NB CLA TH . -23.95 43.40 29.84
C1B CLA TH . -22.62 43.36 30.02
C2B CLA TH . -22.22 42.04 30.63
C3B CLA TH . -23.39 41.33 30.81
C4B CLA TH . -24.51 42.18 30.30
CMB CLA TH . -20.84 41.69 30.93
CAB CLA TH . -23.58 40.01 31.37
CBB CLA TH . -24.11 38.97 30.74
NC CLA TH . -26.77 43.87 29.20
C1C CLA TH . -26.89 42.64 29.77
C2C CLA TH . -28.29 42.22 29.77
C3C CLA TH . -29.00 43.22 29.12
C4C CLA TH . -28.05 44.26 28.77
CMC CLA TH . -28.78 40.95 30.32
CAC CLA TH . -30.45 43.25 28.88
CBC CLA TH . -31.20 43.88 30.02
ND CLA TH . -26.09 46.42 28.24
C1D CLA TH . -27.46 46.49 27.87
C2D CLA TH . -27.73 47.80 27.25
C3D CLA TH . -26.54 48.50 27.31
C4D CLA TH . -25.54 47.58 27.90
CMD CLA TH . -29.02 48.23 26.74
CAD CLA TH . -25.85 49.73 26.98
OBD CLA TH . -26.30 50.78 26.52
CBD CLA TH . -24.35 49.52 27.33
CGD CLA TH . -23.51 49.67 26.10
O1D CLA TH . -23.13 48.79 25.34
O2D CLA TH . -23.15 50.97 25.84
CED CLA TH . -22.66 51.30 24.54
C1 CLA TH . -18.10 50.92 32.44
C2 CLA TH . -17.39 49.62 32.61
C3 CLA TH . -17.60 48.72 33.59
C4 CLA TH . -16.81 47.46 33.64
C5 CLA TH . -18.61 48.93 34.67
C6 CLA TH . -20.02 48.43 34.34
C7 CLA TH . -20.26 47.01 34.81
C8 CLA TH . -20.91 46.14 33.73
C9 CLA TH . -20.18 46.24 32.41
C10 CLA TH . -22.38 46.53 33.54
C11 CLA TH . -23.21 45.35 33.08
C12 CLA TH . -24.68 45.72 33.08
C13 CLA TH . -25.59 44.54 32.70
C14 CLA TH . -27.03 44.99 32.58
C15 CLA TH . -25.46 43.38 33.67
C16 CLA TH . -26.00 43.71 35.04
C17 CLA TH . -26.94 42.63 35.54
C18 CLA TH . -27.32 42.83 37.01
C19 CLA TH . -26.09 42.83 37.89
C20 CLA TH . -28.29 41.77 37.45
MG CLA UH . -53.56 41.65 27.23
CHA CLA UH . -56.60 39.95 27.17
CHB CLA UH . -51.98 38.80 28.21
CHC CLA UH . -50.58 43.34 27.06
CHD CLA UH . -55.28 44.60 26.28
NA CLA UH . -54.21 39.70 27.63
C1A CLA UH . -55.52 39.17 27.52
C2A CLA UH . -55.53 37.69 27.91
C3A CLA UH . -54.09 37.42 28.39
C4A CLA UH . -53.35 38.72 28.05
CMA CLA UH . -54.03 37.11 29.86
CAA CLA UH . -55.81 36.76 26.72
CBA CLA UH . -55.33 37.32 25.39
CGA CLA UH . -54.55 36.31 24.59
O1A CLA UH . -54.92 35.22 24.17
O2A CLA UH . -53.27 36.72 24.31
NB CLA UH . -51.65 41.17 27.58
C1B CLA UH . -51.19 39.94 27.95
C2B CLA UH . -49.70 39.96 28.07
C3B CLA UH . -49.30 41.24 27.75
C4B CLA UH . -50.53 42.02 27.43
CMB CLA UH . -48.94 38.78 28.46
CAB CLA UH . -47.99 41.84 27.68
CBB CLA UH . -46.90 41.32 27.11
NC CLA UH . -53.04 43.61 26.77
C1C CLA UH . -51.75 44.09 26.75
C2C CLA UH . -51.75 45.49 26.36
C3C CLA UH . -53.08 45.86 26.16
C4C CLA UH . -53.89 44.67 26.41
CMC CLA UH . -50.56 46.33 26.22
CAC CLA UH . -53.58 47.18 25.74
CBC CLA UH . -53.72 47.31 24.25
ND CLA UH . -55.46 42.21 26.81
C1D CLA UH . -56.03 43.46 26.46
C2D CLA UH . -57.48 43.31 26.30
C3D CLA UH . -57.76 41.97 26.52
C4D CLA UH . -56.46 41.34 26.85
CMD CLA UH . -58.40 44.39 25.93
CAD CLA UH . -58.78 40.94 26.57
OBD CLA UH . -59.97 41.01 26.33
CBD CLA UH . -58.07 39.63 27.03
CGD CLA UH . -58.64 39.11 28.32
O1D CLA UH . -58.59 39.65 29.43
O2D CLA UH . -59.30 37.93 28.20
CED CLA UH . -60.67 37.97 27.81
C1 CLA UH . -53.09 38.02 23.72
C2 CLA UH . -51.70 38.45 24.04
C3 CLA UH . -51.33 39.74 24.13
C4 CLA UH . -52.27 40.86 23.91
C5 CLA UH . -49.92 40.09 24.45
MG CLA VH . -41.51 41.12 29.36
CHA CLA VH . -42.23 38.50 31.51
CHB CLA VH . -39.61 42.59 31.77
CHC CLA VH . -40.61 43.54 27.09
CHD CLA VH . -43.49 39.55 26.86
NA CLA VH . -41.06 40.63 31.33
C1A CLA VH . -41.44 39.48 32.04
C2A CLA VH . -40.89 39.53 33.47
C3A CLA VH . -40.28 40.96 33.58
C4A CLA VH . -40.29 41.44 32.13
CMA CLA VH . -41.09 41.84 34.50
CAA CLA VH . -39.85 38.46 33.72
CBA CLA VH . -38.77 38.38 32.65
CGA CLA VH . -38.86 37.10 31.88
O1A CLA VH . -39.48 36.88 30.83
O2A CLA VH . -38.17 36.07 32.44
NB CLA VH . -40.42 42.81 29.44
C1B CLA VH . -39.57 43.12 30.46
C2B CLA VH . -38.55 44.11 30.00
C3B CLA VH . -38.82 44.37 28.69
C4B CLA VH . -40.02 43.56 28.31
CMB CLA VH . -37.49 44.62 30.88
CAB CLA VH . -38.14 45.24 27.77
CBB CLA VH . -37.39 44.85 26.74
NC CLA VH . -42.02 41.51 27.36
C1C CLA VH . -41.55 42.58 26.64
C2C CLA VH . -42.14 42.56 25.30
C3C CLA VH . -42.91 41.41 25.22
C4C CLA VH . -42.84 40.75 26.52
CMC CLA VH . -41.87 43.57 24.26
CAC CLA VH . -43.69 40.94 24.06
CBC CLA VH . -45.08 41.53 24.01
ND CLA VH . -42.62 39.45 29.16
C1D CLA VH . -43.40 38.92 28.09
C2D CLA VH . -44.03 37.65 28.51
C3D CLA VH . -43.60 37.43 29.81
C4D CLA VH . -42.74 38.58 30.17
CMD CLA VH . -44.89 36.82 27.67
CAD CLA VH . -43.66 36.55 30.97
OBD CLA VH . -44.25 35.48 31.11
CBD CLA VH . -42.79 37.22 32.09
CGD CLA VH . -43.54 37.46 33.37
O1D CLA VH . -43.85 38.55 33.86
O2D CLA VH . -43.89 36.32 34.04
CED CLA VH . -44.44 36.47 35.35
C1 CLA VH . -36.76 36.24 32.68
C2 CLA VH . -36.09 36.42 31.35
C3 CLA VH . -34.77 36.18 31.16
C4 CLA VH . -33.89 35.73 32.26
C5 CLA VH . -34.16 36.36 29.81
MG CLA WH . -25.20 53.10 45.58
CHA CLA WH . -24.15 56.19 44.39
CHB CLA WH . -28.12 54.47 46.64
CHC CLA WH . -26.16 50.00 46.76
CHD CLA WH . -22.25 51.65 44.24
NA CLA WH . -25.97 55.03 45.51
C1A CLA WH . -25.40 56.19 44.97
C2A CLA WH . -26.35 57.40 45.13
C3A CLA WH . -27.56 56.81 45.88
C4A CLA WH . -27.22 55.33 46.02
CMA CLA WH . -27.76 57.46 47.23
CAA CLA WH . -26.83 57.90 43.77
CBA CLA WH . -27.87 59.02 43.87
CGA CLA WH . -27.55 60.08 42.86
O1A CLA WH . -26.69 60.96 42.93
O2A CLA WH . -28.33 60.02 41.75
NB CLA WH . -26.84 52.38 46.49
C1B CLA WH . -27.92 53.10 46.87
C2B CLA WH . -28.89 52.23 47.61
C3B CLA WH . -28.33 50.97 47.64
C4B CLA WH . -27.03 51.04 46.94
CMB CLA WH . -30.16 52.74 48.14
CAB CLA WH . -28.83 49.76 48.23
CBB CLA WH . -29.14 49.59 49.53
NC CLA WH . -24.34 51.19 45.54
C1C CLA WH . -24.89 50.07 46.11
C2C CLA WH . -23.99 48.93 45.93
C3C CLA WH . -22.92 49.40 45.15
C4C CLA WH . -23.15 50.81 44.91
CMC CLA WH . -24.22 47.58 46.44
CAC CLA WH . -21.75 48.66 44.68
CBC CLA WH . -20.64 48.68 45.71
ND CLA WH . -23.53 53.71 44.63
C1D CLA WH . -22.40 53.01 44.11
C2D CLA WH . -21.48 53.97 43.47
C3D CLA WH . -22.06 55.21 43.62
C4D CLA WH . -23.37 54.99 44.29
CMD CLA WH . -20.19 53.61 42.88
CAD CLA WH . -21.94 56.64 43.36
OBD CLA WH . -20.99 57.26 42.90
CBD CLA WH . -23.29 57.28 43.77
CGD CLA WH . -23.09 58.43 44.72
O1D CLA WH . -23.33 59.63 44.52
O2D CLA WH . -22.59 58.07 45.93
CED CLA WH . -23.32 58.45 47.09
C1 CLA WH . -28.16 61.07 40.78
C2 CLA WH . -28.78 60.60 39.52
C3 CLA WH . -28.65 61.23 38.34
C4 CLA WH . -27.85 62.47 38.18
C5 CLA WH . -29.30 60.70 37.11
C6 CLA WH . -29.37 59.18 37.08
C7 CLA WH . -30.43 58.68 36.12
C8 CLA WH . -31.76 58.32 36.79
C9 CLA WH . -31.55 57.42 37.99
C10 CLA WH . -32.74 57.70 35.80
C11 CLA WH . -32.24 56.38 35.28
C12 CLA WH . -33.34 55.34 35.18
C13 CLA WH . -33.45 54.51 36.46
C14 CLA WH . -33.44 53.03 36.15
C15 CLA WH . -34.69 54.88 37.27
C16 CLA WH . -34.53 54.53 38.74
C17 CLA WH . -34.43 55.76 39.61
C18 CLA WH . -35.46 55.75 40.74
C19 CLA WH . -36.88 55.75 40.21
C20 CLA WH . -35.23 54.56 41.65
MG CLA XH . -37.91 44.10 37.53
CHA CLA XH . -39.18 44.74 40.70
CHB CLA XH . -37.39 47.44 37.11
CHC CLA XH . -36.18 43.41 34.65
CHD CLA XH . -38.27 40.65 38.15
NA CLA XH . -38.33 45.78 38.69
C1A CLA XH . -38.81 45.84 40.00
C2A CLA XH . -38.90 47.28 40.48
C3A CLA XH . -38.74 48.06 39.16
C4A CLA XH . -38.07 47.05 38.26
CMA CLA XH . -40.12 48.33 38.65
CAA CLA XH . -37.71 47.58 41.39
CBA CLA XH . -38.07 48.47 42.55
CGA CLA XH . -38.19 49.90 42.11
O1A CLA XH . -37.47 50.53 41.34
O2A CLA XH . -39.25 50.54 42.69
NB CLA XH . -36.97 45.21 36.14
C1B CLA XH . -36.81 46.56 36.19
C2B CLA XH . -35.97 47.01 35.05
C3B CLA XH . -35.62 45.88 34.33
C4B CLA XH . -36.28 44.73 35.02
CMB CLA XH . -35.65 48.42 34.86
CAB CLA XH . -34.85 45.68 33.13
CBB CLA XH . -33.75 46.35 32.75
NC CLA XH . -37.43 42.35 36.52
C1C CLA XH . -36.73 42.29 35.34
C2C CLA XH . -36.55 40.91 34.93
C3C CLA XH . -37.08 40.12 35.95
C4C CLA XH . -37.63 41.03 36.96
CMC CLA XH . -35.87 40.49 33.71
CAC CLA XH . -37.11 38.65 36.03
CBC CLA XH . -35.96 38.09 36.85
ND CLA XH . -38.75 42.92 38.94
C1D CLA XH . -38.80 41.51 39.09
C2D CLA XH . -39.46 41.19 40.38
C3D CLA XH . -39.65 42.39 41.02
C4D CLA XH . -39.13 43.43 40.12
CMD CLA XH . -39.81 39.85 40.83
CAD CLA XH . -40.16 43.07 42.20
OBD CLA XH . -40.81 42.61 43.14
CBD CLA XH . -39.76 44.56 42.09
CGD CLA XH . -40.94 45.47 42.32
O1D CLA XH . -41.85 45.74 41.54
O2D CLA XH . -40.95 46.06 43.56
CED CLA XH . -41.42 47.39 43.66
C1 CLA XH . -38.94 51.42 43.78
C2 CLA XH . -40.23 51.79 44.42
C3 CLA XH . -40.35 52.69 45.41
C4 CLA XH . -39.18 53.41 45.96
C5 CLA XH . -41.67 53.00 46.01
C6 CLA XH . -41.72 52.69 47.50
MG CLA YH . -48.44 48.27 42.74
CHA CLA YH . -48.78 45.61 44.95
CHB CLA YH . -51.69 49.12 43.24
CHC CLA YH . -48.04 50.89 40.53
CHD CLA YH . -45.03 47.38 42.28
NA CLA YH . -49.96 47.49 43.92
C1A CLA YH . -49.91 46.37 44.79
C2A CLA YH . -51.28 46.16 45.47
C3A CLA YH . -52.16 47.28 44.87
C4A CLA YH . -51.22 48.03 43.95
CMA CLA YH . -53.34 46.69 44.13
CAA CLA YH . -51.25 46.32 46.99
CBA CLA YH . -51.03 47.75 47.44
CGA CLA YH . -49.57 48.02 47.66
O1A CLA YH . -48.79 47.46 48.43
O2A CLA YH . -49.10 49.04 46.87
NB CLA YH . -49.63 49.74 42.04
C1B CLA YH . -50.94 49.91 42.34
C2B CLA YH . -51.51 51.03 41.55
C3B CLA YH . -50.48 51.54 40.78
C4B CLA YH . -49.27 50.71 41.08
CMB CLA YH . -52.90 51.45 41.64
CAB CLA YH . -50.46 52.62 39.83
CBB CLA YH . -51.20 52.68 38.72
NC CLA YH . -46.82 49.00 41.61
C1C CLA YH . -46.88 50.08 40.79
C2C CLA YH . -45.59 50.32 40.17
C3C CLA YH . -44.73 49.33 40.66
C4C CLA YH . -45.52 48.50 41.57
CMC CLA YH . -45.31 51.39 39.22
CAC CLA YH . -43.31 49.15 40.32
CBC CLA YH . -42.40 50.02 41.17
ND CLA YH . -47.16 46.85 43.40
C1D CLA YH . -45.78 46.58 43.12
C2D CLA YH . -45.37 45.39 43.88
C3D CLA YH . -46.48 44.96 44.57
C4D CLA YH . -47.56 45.92 44.26
CMD CLA YH . -44.05 44.77 43.84
CAD CLA YH . -47.01 43.97 45.49
OBD CLA YH . -46.47 42.99 45.99
CBD CLA YH . -48.49 44.37 45.77
CGD CLA YH . -49.43 43.24 45.42
O1D CLA YH . -50.09 43.09 44.39
O2D CLA YH . -49.51 42.28 46.39
CED CLA YH . -50.57 41.33 46.31
C1 CLA YH . -47.76 48.91 46.38
C2 CLA YH . -47.49 50.12 45.55
C3 CLA YH . -46.30 50.42 45.04
C4 CLA YH . -45.09 49.57 45.25
C5 CLA YH . -46.09 51.65 44.22
C6 CLA YH . -47.39 52.31 43.79
C7 CLA YH . -47.50 53.71 44.37
C8 CLA YH . -48.75 54.42 43.86
C9 CLA YH . -48.65 54.67 42.37
C10 CLA YH . -48.97 55.73 44.61
C11 CLA YH . -50.29 56.36 44.24
C12 CLA YH . -50.81 57.28 45.34
C13 CLA YH . -51.64 58.42 44.78
C14 CLA YH . -51.44 59.69 45.60
C15 CLA YH . -53.11 58.06 44.69
C16 CLA YH . -53.75 57.89 46.07
C17 CLA YH . -55.20 57.45 45.96
C18 CLA YH . -55.95 57.62 47.27
C19 CLA YH . -55.25 56.90 48.42
C20 CLA YH . -57.37 57.11 47.13
MG CLA ZH . -53.33 57.18 36.25
CHA CLA ZH . -56.43 56.03 37.25
CHB CLA ZH . -54.56 57.78 33.12
CHC CLA ZH . -50.34 58.68 35.39
CHD CLA ZH . -52.10 56.69 39.53
NA CLA ZH . -55.19 56.89 35.35
C1A CLA ZH . -56.37 56.42 35.93
C2A CLA ZH . -57.51 56.42 34.92
C3A CLA ZH . -56.82 56.76 33.59
C4A CLA ZH . -55.42 57.20 34.03
CMA CLA ZH . -56.77 55.62 32.61
CAA CLA ZH . -58.44 57.58 35.19
CBA CLA ZH . -59.78 57.21 35.78
CGA CLA ZH . -60.00 57.94 37.07
O1A CLA ZH . -60.90 57.81 37.90
O2A CLA ZH . -59.02 58.87 37.33
NB CLA ZH . -52.59 58.04 34.58
C1B CLA ZH . -53.25 58.20 33.40
C2B CLA ZH . -52.37 58.88 32.40
C3B CLA ZH . -51.18 59.14 33.04
C4B CLA ZH . -51.30 58.61 34.42
CMB CLA ZH . -52.79 59.20 31.05
CAB CLA ZH . -49.99 59.79 32.54
CBB CLA ZH . -49.60 61.03 32.87
NC CLA ZH . -51.53 57.55 37.26
C1C CLA ZH . -50.44 58.16 36.72
C2C CLA ZH . -49.39 58.30 37.71
C3C CLA ZH . -49.88 57.74 38.88
C4C CLA ZH . -51.24 57.27 38.60
CMC CLA ZH . -48.08 58.92 37.47
CAC CLA ZH . -49.18 57.65 40.17
CBC CLA ZH . -49.49 58.82 41.08
ND CLA ZH . -54.01 56.43 38.00
C1D CLA ZH . -53.40 56.29 39.28
C2D CLA ZH . -54.38 55.70 40.20
C3D CLA ZH . -55.57 55.59 39.49
C4D CLA ZH . -55.28 56.07 38.12
CMD CLA ZH . -54.11 55.37 41.60
CAD CLA ZH . -56.95 55.18 39.52
OBD CLA ZH . -57.60 54.70 40.45
CBD CLA ZH . -57.55 55.47 38.11
CGD CLA ZH . -58.16 54.24 37.49
O1D CLA ZH . -57.72 53.55 36.57
O2D CLA ZH . -59.34 53.87 38.07
CED CLA ZH . -59.85 52.56 37.80
C1 CLA ZH . -58.60 59.02 38.70
C2 CLA ZH . -57.18 59.45 38.68
C3 CLA ZH . -56.41 59.51 39.78
C4 CLA ZH . -56.93 59.17 41.12
C5 CLA ZH . -54.99 59.96 39.71
C6 CLA ZH . -54.47 60.14 38.29
C7 CLA ZH . -53.17 60.94 38.29
C8 CLA ZH . -52.63 61.14 36.87
C9 CLA ZH . -51.34 61.93 36.91
C10 CLA ZH . -53.67 61.85 36.00
C11 CLA ZH . -53.41 61.57 34.53
C12 CLA ZH . -54.65 61.84 33.70
MG CLA AI . -49.36 66.52 24.93
CHA CLA AI . -49.09 69.38 22.96
CHB CLA AI . -49.33 68.45 27.74
CHC CLA AI . -49.62 63.67 26.83
CHD CLA AI . -49.37 64.56 21.99
NA CLA AI . -49.25 68.59 25.27
C1A CLA AI . -49.16 69.63 24.32
C2A CLA AI . -49.11 71.00 25.02
C3A CLA AI . -49.19 70.64 26.52
C4A CLA AI . -49.28 69.12 26.53
CMA CLA AI . -48.02 71.18 27.31
CAA CLA AI . -50.25 71.96 24.68
CBA CLA AI . -51.58 71.31 24.29
CGA CLA AI . -52.32 70.76 25.47
O1A CLA AI . -52.86 71.37 26.40
O2A CLA AI . -52.37 69.40 25.46
NB CLA AI . -49.46 66.14 26.91
C1B CLA AI . -49.39 67.06 27.91
C2B CLA AI . -49.40 66.38 29.23
C3B CLA AI . -49.49 65.03 28.98
C4B CLA AI . -49.53 64.85 27.50
CMB CLA AI . -49.34 67.09 30.50
CAB CLA AI . -49.53 63.92 29.91
CBB CLA AI . -48.55 63.04 30.11
NC CLA AI . -49.50 64.49 24.48
C1C CLA AI . -49.61 63.50 25.42
C2C CLA AI . -49.70 62.20 24.76
C3C CLA AI . -49.60 62.44 23.39
C4C CLA AI . -49.49 63.89 23.22
CMC CLA AI . -49.83 60.92 25.44
CAC CLA AI . -49.65 61.45 22.30
CBC CLA AI . -48.28 60.90 21.97
ND CLA AI . -49.29 66.82 22.94
C1D CLA AI . -49.28 65.92 21.83
C2D CLA AI . -49.16 66.69 20.58
C3D CLA AI . -49.07 68.02 20.95
C4D CLA AI . -49.16 68.05 22.43
CMD CLA AI . -49.13 66.10 19.24
CAD CLA AI . -48.96 69.39 20.48
OBD CLA AI . -48.89 69.83 19.34
CBD CLA AI . -48.93 70.29 21.76
CGD CLA AI . -47.65 71.08 21.85
O1D CLA AI . -47.53 72.32 21.94
O2D CLA AI . -46.52 70.32 21.82
CED CLA AI . -45.37 70.85 21.16
C1 CLA AI . -53.67 68.80 25.26
C2 CLA AI . -53.52 67.34 25.48
C3 CLA AI . -53.11 66.48 24.53
C4 CLA AI . -52.77 66.94 23.16
C5 CLA AI . -52.98 65.03 24.80
C6 CLA AI . -53.31 64.62 26.23
C10 WVN BI . -55.47 53.63 20.32
C11 WVN BI . -43.95 56.27 39.01
C12 WVN BI . -54.69 53.45 19.02
C13 WVN BI . -54.60 56.04 20.49
C14 WVN BI . -53.34 54.18 19.09
C01 WVN BI . -43.89 57.43 41.33
C02 WVN BI . -43.74 56.09 40.55
C03 WVN BI . -42.62 57.84 42.11
C04 WVN BI . -42.13 56.67 42.98
C05 WVN BI . -42.38 55.37 40.73
C06 WVN BI . -55.84 55.11 20.51
C07 WVN BI . -44.27 58.63 40.39
C08 WVN BI . -45.04 57.25 42.35
C09 WVN BI . -41.77 55.43 42.15
C15 WVN BI . -53.45 55.68 19.50
C16 WVN BI . -42.53 53.88 40.35
C17 WVN BI . -56.59 55.24 21.87
C18 WVN BI . -56.85 55.51 19.40
C19 WVN BI . -45.09 55.64 38.53
C20 WVN BI . -53.97 56.11 21.91
C21 WVN BI . -53.54 56.54 18.22
C22 WVN BI . -46.05 55.25 37.36
C23 WVN BI . -52.85 56.89 21.98
C24 WVN BI . -47.48 55.25 37.87
C25 WVN BI . -51.67 57.50 22.77
C26 WVN BI . -45.90 56.25 36.20
C27 WVN BI . -50.53 57.82 21.80
C28 WVN BI . -51.18 56.50 23.82
C29 WVN BI . -46.36 55.65 34.82
C30 WVN BI . -51.44 56.98 25.29
C31 WVN BI . -47.54 56.18 34.36
C32 WVN BI . -48.69 56.27 33.30
C33 WVN BI . -50.28 57.20 25.95
C34 WVN BI . -49.48 57.62 27.20
C35 WVN BI . -49.32 54.90 33.14
C36 WVN BI . -48.11 56.75 31.97
C37 WVN BI . -49.53 56.50 28.25
C38 WVN BI . -48.03 57.88 26.79
C39 WVN BI . -49.00 56.37 30.73
C40 WVN BI . -48.66 56.86 29.51
C03 II0 CI . -37.63 49.29 31.51
C05 II0 CI . -37.06 50.55 32.19
C07 II0 CI . -36.35 51.47 31.20
C09 II0 CI . -38.26 49.51 30.10
C11 II0 CI . -37.39 52.01 30.21
C13 II0 CI . -38.07 50.90 29.41
C15 II0 CI . -36.45 48.33 31.26
C16 II0 CI . -38.59 48.64 32.53
C19 II0 CI . -39.42 51.48 28.89
C21 II0 CI . -39.75 49.01 30.01
C23 II0 CI . -39.82 47.84 29.32
C25 II0 CI . -41.34 47.86 29.51
C27 II0 CI . -41.79 46.60 30.24
C29 II0 CI . -41.94 47.95 28.08
C30 II0 CI . -50.92 45.71 20.54
C31 II0 CI . -43.22 47.09 27.79
C32 II0 CI . -50.65 44.68 21.68
C33 II0 CI . -42.99 46.15 26.84
C34 II0 CI . -49.35 44.32 21.76
C35 II0 CI . -44.47 45.76 27.01
C36 II0 CI . -48.19 43.53 22.38
C37 II0 CI . -44.57 44.28 27.34
C38 II0 CI . -46.91 43.79 21.57
C39 II0 CI . -45.21 46.08 25.69
C40 II0 CI . -48.01 43.92 23.86
C41 II0 CI . -46.48 45.19 25.43
C42 II0 CI . -46.75 44.80 24.16
O01 II0 CI . -35.78 52.55 31.90
C03 II0 DI . -41.82 47.67 48.36
C04 II0 DI . -23.78 59.49 39.71
C05 II0 DI . -43.26 47.17 48.57
C06 II0 DI . -22.51 60.15 39.14
C07 II0 DI . -43.73 46.15 47.51
C08 II0 DI . -21.22 59.45 39.56
C09 II0 DI . -40.81 46.53 48.10
C10 II0 DI . -23.82 57.95 39.57
C11 II0 DI . -42.71 45.01 47.32
C12 II0 DI . -21.28 57.95 39.22
C13 II0 DI . -41.32 45.58 46.99
C14 II0 DI . -22.47 57.26 39.89
C15 II0 DI . -41.81 48.66 47.18
C16 II0 DI . -41.45 48.44 49.66
C17 II0 DI . -23.88 59.91 41.20
C18 II0 DI . -24.99 60.09 38.96
C19 II0 DI . -40.34 44.41 46.79
C20 II0 DI . -22.51 55.79 39.45
C21 II0 DI . -39.43 47.09 47.66
C22 II0 DI . -24.89 57.36 40.54
C23 II0 DI . -38.44 46.91 48.59
C24 II0 DI . -25.92 56.72 39.90
C25 II0 DI . -37.44 47.61 47.65
C26 II0 DI . -27.27 55.94 39.89
C27 II0 DI . -36.05 47.15 48.05
C28 II0 DI . -28.34 57.02 39.84
C29 II0 DI . -37.56 49.15 47.76
C30 II0 DI . -27.43 55.02 41.11
C31 II0 DI . -36.29 49.95 47.29
C32 II0 DI . -28.67 55.30 42.03
C33 II0 DI . -36.16 50.03 45.94
C34 II0 DI . -29.72 54.45 41.82
C35 II0 DI . -34.88 50.86 46.15
C36 II0 DI . -31.15 53.97 42.12
C37 II0 DI . -33.66 49.96 46.37
C38 II0 DI . -31.69 53.26 40.89
C39 II0 DI . -34.64 51.74 44.91
C40 II0 DI . -31.21 53.04 43.33
C41 II0 DI . -33.17 52.26 44.77
C42 II0 DI . -32.68 52.51 43.54
O01 II0 DI . -44.96 45.60 47.92
O02 II0 DI . -20.14 60.03 38.87
C03 II0 EI . -34.15 42.32 50.98
C04 II0 EI . -19.59 54.14 36.23
C05 II0 EI . -35.07 41.11 50.74
C06 II0 EI . -18.61 55.14 35.57
C07 II0 EI . -36.48 41.53 50.37
C08 II0 EI . -18.45 56.40 36.42
C09 II0 EI . -34.40 43.56 50.05
C10 II0 EI . -19.23 53.81 37.70
C11 II0 EI . -36.46 42.24 49.01
C12 II0 EI . -17.98 56.06 37.85
C13 II0 EI . -35.49 43.43 48.94
C14 II0 EI . -18.92 55.06 38.54
C15 II0 EI . -34.41 42.79 52.44
C16 II0 EI . -32.70 41.80 50.90
C17 II0 EI . -21.01 54.77 36.16
C18 II0 EI . -19.58 52.85 35.37
C19 II0 EI . -34.85 43.42 47.51
C20 II0 EI . -18.24 54.63 39.86
C21 II0 EI . -33.05 44.11 49.48
C22 II0 EI . -20.38 52.98 38.37
C23 II0 EI . -32.85 45.42 49.78
C24 II0 EI . -20.01 51.72 38.75
C25 II0 EI . -31.52 45.31 49.01
C26 II0 EI . -20.23 50.31 39.38
C27 II0 EI . -30.47 46.17 49.70
C28 II0 EI . -19.95 49.24 38.34
C29 II0 EI . -31.72 45.77 47.54
C30 II0 EI . -21.64 50.17 40.00
C31 II0 EI . -30.55 46.62 46.91
C32 II0 EI . -22.23 48.72 39.91
C33 II0 EI . -30.01 46.03 45.81
C34 II0 EI . -23.19 48.46 40.84
C35 II0 EI . -29.04 47.22 45.69
C36 II0 EI . -24.22 47.50 41.47
C37 II0 EI . -29.65 48.31 44.82
C38 II0 EI . -23.49 46.43 42.27
C39 II0 EI . -27.71 46.73 45.07
C40 II0 EI . -25.21 48.26 42.36
C41 II0 EI . -26.98 47.75 44.13
C42 II0 EI . -25.99 47.30 43.31
O01 II0 EI . -37.30 40.39 50.29
O02 II0 EI . -17.49 57.23 35.82
MG CLA FI . -33.13 52.15 27.39
CHA CLA FI . -31.20 54.99 26.93
CHB CLA FI . -35.77 53.70 25.90
CHC CLA FI . -34.94 49.24 27.68
CHD CLA FI . -30.39 50.59 28.99
NA CLA FI . -33.42 54.05 26.58
C1A CLA FI . -32.48 55.10 26.47
C2A CLA FI . -33.11 56.32 25.78
C3A CLA FI . -34.61 55.94 25.69
C4A CLA FI . -34.62 54.45 26.06
CMA CLA FI . -35.44 56.77 26.65
CAA CLA FI . -32.52 56.57 24.39
CBA CLA FI . -32.86 55.53 23.33
CGA CLA FI . -31.90 54.38 23.32
O1A CLA FI . -30.69 54.40 23.07
O2A CLA FI . -32.49 53.19 23.64
NB CLA FI . -35.04 51.62 26.99
C1B CLA FI . -35.88 52.34 26.21
C2B CLA FI . -36.99 51.48 25.70
C3B CLA FI . -36.76 50.21 26.20
C4B CLA FI . -35.52 50.28 27.02
CMB CLA FI . -38.04 52.01 24.84
CAB CLA FI . -37.49 48.98 26.03
CBB CLA FI . -38.81 48.81 26.14
NC CLA FI . -32.74 50.28 28.23
C1C CLA FI . -33.64 49.23 28.25
C2C CLA FI . -33.05 48.08 28.92
C3C CLA FI . -31.74 48.45 29.26
C4C CLA FI . -31.57 49.83 28.82
CMC CLA FI . -33.72 46.79 29.12
CAC CLA FI . -30.74 47.61 29.94
CBC CLA FI . -30.76 47.72 31.44
ND CLA FI . -31.21 52.59 27.83
C1D CLA FI . -30.20 51.87 28.52
C2D CLA FI . -28.99 52.73 28.62
C3D CLA FI . -29.31 53.93 28.00
C4D CLA FI . -30.72 53.80 27.55
CMD CLA FI . -27.74 52.33 29.24
CAD CLA FI . -28.85 55.26 27.64
OBD CLA FI . -27.74 55.76 27.78
CBD CLA FI . -30.06 55.99 26.99
CGD CLA FI . -30.44 57.22 27.75
O1D CLA FI . -31.48 57.44 28.38
O2D CLA FI . -29.48 58.19 27.71
CED CLA FI . -29.57 59.27 28.65
C1 CLA FI . -31.63 52.05 23.83
C2 CLA FI . -32.51 50.90 24.20
C3 CLA FI . -32.13 49.61 24.07
C4 CLA FI . -30.80 49.22 23.54
C5 CLA FI . -33.05 48.50 24.44
C6 CLA FI . -32.41 47.43 25.31
C7 CLA FI . -33.28 46.20 25.40
C8 CLA FI . -32.53 44.97 25.92
C9 CLA FI . -31.32 44.68 25.06
C10 CLA FI . -33.44 43.74 25.96
C11 CLA FI . -34.05 43.55 27.33
C12 CLA FI . -34.83 42.26 27.44
C13 CLA FI . -35.57 42.16 28.77
C14 CLA FI . -34.63 42.35 29.95
C15 CLA FI . -36.30 40.82 28.92
C16 CLA FI . -37.44 40.69 27.95
C17 CLA FI . -38.17 39.37 28.15
C18 CLA FI . -39.10 39.05 27.00
C19 CLA FI . -40.04 37.91 27.37
C20 CLA FI . -38.32 38.69 25.75
MG CLA GI . 52.32 -60.76 -33.59
CHA CLA GI . 51.13 -61.95 -36.64
CHB CLA GI . 53.55 -63.85 -32.87
CHC CLA GI . 53.70 -59.47 -30.72
CHD CLA GI . 51.14 -57.53 -34.44
NA CLA GI . 52.28 -62.60 -34.59
C1A CLA GI . 51.76 -62.89 -35.87
C2A CLA GI . 51.97 -64.38 -36.21
C3A CLA GI . 52.59 -64.97 -34.92
C4A CLA GI . 52.83 -63.73 -34.05
CMA CLA GI . 51.72 -66.01 -34.26
CAA CLA GI . 52.91 -64.61 -37.37
CBA CLA GI . 54.14 -63.71 -37.33
NB CLA GI . 53.35 -61.53 -32.05
C1B CLA GI . 53.86 -62.79 -31.99
C2B CLA GI . 54.81 -62.92 -30.85
C3B CLA GI . 54.85 -61.69 -30.24
C4B CLA GI . 53.93 -60.78 -30.99
CMB CLA GI . 55.52 -64.16 -30.53
CAB CLA GI . 55.63 -61.26 -29.10
CBB CLA GI . 55.15 -60.84 -27.93
NC CLA GI . 52.33 -58.87 -32.72
C1C CLA GI . 52.94 -58.56 -31.52
C2C CLA GI . 52.77 -57.16 -31.21
C3C CLA GI . 52.08 -56.58 -32.28
C4C CLA GI . 51.82 -57.68 -33.23
CMC CLA GI . 53.28 -56.51 -29.99
CAC CLA GI . 51.69 -55.17 -32.46
CBC CLA GI . 50.49 -54.73 -31.66
ND CLA GI . 51.30 -59.90 -35.11
C1D CLA GI . 50.89 -58.55 -35.34
C2D CLA GI . 50.19 -58.47 -36.64
C3D CLA GI . 50.25 -59.74 -37.18
C4D CLA GI . 50.98 -60.59 -36.20
CMD CLA GI . 49.59 -57.26 -37.19
CAD CLA GI . 49.90 -60.59 -38.31
OBD CLA GI . 49.24 -60.31 -39.31
CBD CLA GI . 50.49 -62.00 -38.02
CGD CLA GI . 49.46 -63.09 -38.16
O1D CLA GI . 49.14 -63.69 -39.18
O2D CLA GI . 48.85 -63.44 -36.99
CED CLA GI . 48.49 -64.81 -36.83
MG CLA HI . 42.42 -52.80 -39.36
CHA CLA HI . 41.21 -55.72 -37.93
CHB CLA HI . 39.32 -51.40 -39.12
CHC CLA HI . 43.70 -49.89 -40.64
CHD CLA HI . 45.64 -54.27 -39.52
NA CLA HI . 40.58 -53.48 -38.65
C1A CLA HI . 40.28 -54.71 -38.06
C2A CLA HI . 38.82 -54.78 -37.64
C3A CLA HI . 38.22 -53.48 -38.22
C4A CLA HI . 39.45 -52.70 -38.68
CMA CLA HI . 37.34 -53.84 -39.39
CAA CLA HI . 38.68 -54.78 -36.12
CBA CLA HI . 38.32 -53.44 -35.47
CGA CLA HI . 39.54 -52.58 -35.31
O1A CLA HI . 40.60 -52.86 -34.77
O2A CLA HI . 39.39 -51.33 -35.85
NB CLA HI . 41.66 -50.98 -39.79
C1B CLA HI . 40.37 -50.59 -39.61
C2B CLA HI . 40.17 -49.21 -40.11
C3B CLA HI . 41.41 -48.78 -40.55
C4B CLA HI . 42.37 -49.90 -40.35
CMB CLA HI . 38.88 -48.52 -40.05
CAB CLA HI . 41.84 -47.53 -41.12
CBB CLA HI . 41.53 -46.30 -40.73
NC CLA HI . 44.32 -52.20 -39.97
C1C CLA HI . 44.63 -50.97 -40.46
C2C CLA HI . 46.05 -50.88 -40.77
C3C CLA HI . 46.62 -52.12 -40.44
C4C CLA HI . 45.52 -52.94 -39.93
CMC CLA HI . 46.66 -49.68 -41.32
CAC CLA HI . 48.02 -52.60 -40.48
CBC CLA HI . 48.78 -52.59 -41.79
ND CLA HI . 43.28 -54.57 -38.90
C1D CLA HI . 44.60 -55.05 -39.05
C2D CLA HI . 44.66 -56.46 -38.64
C3D CLA HI . 43.38 -56.78 -38.20
C4D CLA HI . 42.57 -55.56 -38.37
CMD CLA HI . 45.87 -57.27 -38.72
CAD CLA HI . 42.51 -57.80 -37.65
OBD CLA HI . 42.75 -58.97 -37.36
CBD CLA HI . 41.09 -57.16 -37.48
CGD CLA HI . 40.09 -57.87 -38.33
O1D CLA HI . 40.30 -58.45 -39.41
O2D CLA HI . 38.81 -57.86 -37.87
CED CLA HI . 38.43 -58.83 -36.91
C1 CLA HI . 40.11 -50.24 -35.24
C2 CLA HI . 40.65 -49.38 -36.32
C3 CLA HI . 41.26 -48.19 -36.12
C4 CLA HI . 41.75 -47.40 -37.28
C5 CLA HI . 41.44 -47.62 -34.75
C6 CLA HI . 41.96 -46.20 -34.69
C7 CLA HI . 41.12 -45.35 -33.74
C8 CLA HI . 41.71 -43.97 -33.45
C9 CLA HI . 41.90 -43.19 -34.74
C10 CLA HI . 43.03 -44.07 -32.68
C11 CLA HI . 43.70 -42.71 -32.54
C12 CLA HI . 43.65 -42.18 -31.12
C13 CLA HI . 44.22 -40.78 -31.04
C14 CLA HI . 45.64 -40.71 -31.59
C15 CLA HI . 44.20 -40.26 -29.60
MG CLA II . 39.60 -41.79 -41.37
CHA CLA II . 36.32 -42.29 -40.33
CHB CLA II . 40.70 -43.68 -38.77
CHC CLA II . 42.85 -41.08 -42.29
CHD CLA II . 38.43 -39.64 -43.92
NA CLA II . 38.63 -42.88 -39.87
C1A CLA II . 37.26 -42.97 -39.59
C2A CLA II . 37.01 -43.89 -38.39
C3A CLA II . 38.43 -44.34 -37.96
C4A CLA II . 39.33 -43.61 -38.94
CMA CLA II . 38.75 -43.93 -36.55
CAA CLA II . 36.17 -45.12 -38.76
CBA CLA II . 36.52 -46.41 -38.03
CGA CLA II . 36.04 -46.35 -36.61
O1A CLA II . 34.92 -46.08 -36.20
O2A CLA II . 37.03 -46.65 -35.71
NB CLA II . 41.42 -42.38 -40.74
C1B CLA II . 41.65 -43.02 -39.57
C2B CLA II . 43.10 -42.93 -39.20
C3B CLA II . 43.71 -42.19 -40.19
C4B CLA II . 42.65 -41.84 -41.18
CMB CLA II . 43.67 -43.51 -37.99
CAB CLA II . 45.07 -41.77 -40.35
CBB CLA II . 45.73 -41.01 -39.48
NC CLA II . 40.47 -40.63 -42.88
C1C CLA II . 41.81 -40.51 -43.10
C2C CLA II . 42.08 -39.65 -44.24
C3C CLA II . 40.83 -39.20 -44.68
C4C CLA II . 39.83 -39.83 -43.82
CMC CLA II . 43.40 -39.31 -44.75
CAC CLA II . 40.57 -38.31 -45.82
CBC CLA II . 40.53 -39.07 -47.13
ND CLA II . 37.83 -41.11 -42.05
C1D CLA II . 37.49 -40.21 -43.09
C2D CLA II . 36.02 -40.02 -43.10
C3D CLA II . 35.53 -40.78 -42.05
C4D CLA II . 36.68 -41.44 -41.42
CMD CLA II . 35.29 -39.16 -44.03
CAD CLA II . 34.34 -41.18 -41.33
OBD CLA II . 33.18 -40.86 -41.51
CBD CLA II . 34.81 -42.15 -40.20
CGD CLA II . 34.42 -41.62 -38.84
O1D CLA II . 34.78 -40.57 -38.30
O2D CLA II . 33.55 -42.42 -38.17
CED CLA II . 32.16 -42.09 -38.22
C1 CLA II . 36.61 -46.90 -34.35
C2 CLA II . 36.82 -45.64 -33.59
C3 CLA II . 36.19 -45.40 -32.42
C4 CLA II . 35.25 -46.36 -31.80
C5 CLA II . 36.41 -44.11 -31.69
C6 CLA II . 37.78 -43.50 -31.91
C7 CLA II . 37.81 -42.06 -31.42
C8 CLA II . 38.86 -41.84 -30.34
C9 CLA II . 38.40 -42.45 -29.02
C10 CLA II . 39.15 -40.36 -30.16
C11 CLA II . 40.24 -40.12 -29.13
C12 CLA II . 40.50 -38.65 -28.91
C13 CLA II . 41.45 -38.42 -27.74
C14 CLA II . 41.96 -36.99 -27.71
MG CLA JI . 45.26 -38.25 -59.66
CHA CLA JI . 46.22 -35.41 -61.40
CHB CLA JI . 43.72 -36.30 -57.32
CHC CLA JI . 44.25 -41.09 -58.01
CHD CLA JI . 46.89 -40.26 -62.08
NA CLA JI . 45.01 -36.19 -59.44
C1A CLA JI . 45.47 -35.16 -60.28
C2A CLA JI . 45.02 -33.79 -59.76
C3A CLA JI . 44.25 -34.13 -58.47
C4A CLA JI . 44.30 -35.65 -58.40
CMA CLA JI . 44.88 -33.48 -57.25
CAA CLA JI . 44.05 -33.12 -60.73
CBA CLA JI . 42.76 -33.88 -60.95
CGA CLA JI . 42.82 -34.72 -62.19
O1A CLA JI . 42.84 -34.36 -63.37
O2A CLA JI . 42.86 -36.06 -61.91
NB CLA JI . 44.17 -38.62 -58.01
C1B CLA JI . 43.72 -37.69 -57.14
C2B CLA JI . 43.21 -38.34 -55.89
C3B CLA JI . 43.34 -39.71 -56.08
C4B CLA JI . 43.94 -39.90 -57.43
CMB CLA JI . 42.65 -37.54 -54.81
CAB CLA JI . 43.01 -40.85 -55.27
CBB CLA JI . 42.71 -40.91 -53.96
NC CLA JI . 45.49 -40.30 -60.01
C1C CLA JI . 44.95 -41.28 -59.23
C2C CLA JI . 45.24 -42.59 -59.80
C3C CLA JI . 46.05 -42.38 -60.92
C4C CLA JI . 46.19 -40.93 -61.05
CMC CLA JI . 44.76 -43.85 -59.20
CAC CLA JI . 46.58 -43.38 -61.87
CBC CLA JI . 47.67 -44.28 -61.33
ND CLA JI . 46.29 -37.97 -61.38
C1D CLA JI . 46.95 -38.88 -62.24
C2D CLA JI . 47.67 -38.12 -63.28
C3D CLA JI . 47.41 -36.78 -63.02
C4D CLA JI . 46.55 -36.75 -61.83
CMD CLA JI . 48.47 -38.70 -64.35
CAD CLA JI . 47.65 -35.41 -63.43
OBD CLA JI . 48.26 -34.97 -64.40
CBD CLA JI . 46.92 -34.49 -62.39
CGD CLA JI . 47.88 -33.57 -61.67
O1D CLA JI . 47.61 -32.52 -61.08
O2D CLA JI . 49.17 -33.99 -61.70
CED CLA JI . 50.10 -33.39 -60.79
C1 CLA JI . 42.89 -36.96 -63.04
C2 CLA JI . 43.08 -38.34 -62.49
C3 CLA JI . 42.76 -39.46 -63.16
C4 CLA JI . 42.17 -39.43 -64.51
C5 CLA JI . 42.97 -40.80 -62.55
C6 CLA JI . 41.68 -41.55 -62.36
C7 CLA JI . 41.92 -43.03 -62.15
C8 CLA JI . 40.71 -43.71 -61.51
C9 CLA JI . 40.91 -43.84 -60.02
C10 CLA JI . 40.46 -45.07 -62.15
C11 CLA JI . 39.24 -45.76 -61.56
C12 CLA JI . 38.74 -46.89 -62.44
C13 CLA JI . 38.10 -47.99 -61.61
C14 CLA JI . 37.64 -49.13 -62.51
C15 CLA JI . 36.93 -47.47 -60.78
C16 CLA JI . 35.73 -47.09 -61.62
C17 CLA JI . 34.86 -46.06 -60.93
C18 CLA JI . 33.38 -46.40 -60.99
C19 CLA JI . 33.04 -47.58 -60.09
C20 CLA JI . 32.92 -46.67 -62.41
MG CLA KI . 44.20 -31.05 -70.59
CHA CLA KI . 45.10 -29.21 -73.41
CHB CLA KI . 44.20 -28.22 -68.72
CHC CLA KI . 43.35 -32.94 -67.83
CHD CLA KI . 44.15 -33.99 -72.58
NA CLA KI . 44.57 -29.04 -71.03
C1A CLA KI . 44.93 -28.46 -72.26
C2A CLA KI . 45.10 -26.94 -72.11
C3A CLA KI . 44.71 -26.67 -70.64
C4A CLA KI . 44.48 -28.07 -70.06
CMA CLA KI . 45.76 -25.85 -69.91
CAA CLA KI . 44.16 -26.12 -72.98
CBA CLA KI . 44.89 -24.94 -73.62
NB CLA KI . 43.82 -30.65 -68.65
C1B CLA KI . 43.95 -29.44 -68.06
C2B CLA KI . 43.76 -29.56 -66.58
C3B CLA KI . 43.51 -30.89 -66.33
C4B CLA KI . 43.55 -31.61 -67.64
CMB CLA KI . 43.82 -28.42 -65.67
CAB CLA KI . 43.25 -31.57 -65.09
CBB CLA KI . 42.21 -31.32 -64.28
NC CLA KI . 43.81 -33.08 -70.28
C1C CLA KI . 43.46 -33.64 -69.07
C2C CLA KI . 43.25 -35.07 -69.21
C3C CLA KI . 43.49 -35.37 -70.56
C4C CLA KI . 43.84 -34.12 -71.21
CMC CLA KI . 42.87 -35.99 -68.13
CAC CLA KI . 43.39 -36.70 -71.20
CBC CLA KI . 44.73 -37.37 -71.41
ND CLA KI . 44.51 -31.55 -72.53
C1D CLA KI . 44.48 -32.80 -73.20
C2D CLA KI . 44.85 -32.59 -74.62
C3D CLA KI . 45.12 -31.24 -74.75
C4D CLA KI . 44.88 -30.64 -73.42
CMD CLA KI . 44.92 -33.65 -75.63
CAD CLA KI . 45.51 -30.18 -75.66
OBD CLA KI . 45.79 -30.23 -76.85
CBD CLA KI . 45.53 -28.87 -74.82
CGD CLA KI . 46.89 -28.21 -74.83
O1D CLA KI . 47.31 -27.34 -75.60
O2D CLA KI . 47.71 -28.65 -73.85
CED CLA KI . 49.10 -28.81 -74.16
MG CLA LI . 33.68 -32.83 -65.06
CHA CLA LI . 35.85 -30.12 -65.30
CHB CLA LI . 31.31 -31.08 -66.76
CHC CLA LI . 31.70 -35.63 -65.04
CHD CLA LI . 36.13 -34.56 -63.19
NA CLA LI . 33.62 -30.92 -65.87
C1A CLA LI . 34.62 -29.93 -65.89
C2A CLA LI . 34.15 -28.67 -66.60
C3A CLA LI . 32.64 -28.93 -66.81
C4A CLA LI . 32.49 -30.42 -66.49
CMA CLA LI . 31.83 -28.11 -65.84
CAA CLA LI . 34.82 -28.54 -67.95
CBA CLA LI . 34.44 -27.27 -68.68
CGA CLA LI . 35.10 -27.20 -70.03
O1A CLA LI . 35.06 -26.28 -70.85
O2A CLA LI . 35.83 -28.30 -70.33
NB CLA LI . 31.82 -33.24 -65.69
C1B CLA LI . 31.07 -32.44 -66.48
C2B CLA LI . 29.90 -33.18 -67.01
C3B CLA LI . 30.00 -34.46 -66.53
C4B CLA LI . 31.23 -34.53 -65.70
CMB CLA LI . 28.90 -32.58 -67.89
CAB CLA LI . 29.14 -35.60 -66.77
CBB CLA LI . 29.42 -36.61 -67.60
NC CLA LI . 33.88 -34.74 -64.23
C1C CLA LI . 32.94 -35.72 -64.33
C2C CLA LI . 33.39 -36.93 -63.64
C3C CLA LI . 34.64 -36.64 -63.11
C4C CLA LI . 34.95 -35.25 -63.48
CMC CLA LI . 32.62 -38.17 -63.57
CAC CLA LI . 35.50 -37.52 -62.32
CBC CLA LI . 35.09 -37.58 -60.87
ND CLA LI . 35.59 -32.52 -64.43
C1D CLA LI . 36.45 -33.30 -63.62
C2D CLA LI . 37.69 -32.52 -63.38
C3D CLA LI . 37.54 -31.31 -64.04
C4D CLA LI . 36.19 -31.36 -64.64
CMD CLA LI . 38.83 -33.03 -62.62
CAD CLA LI . 38.13 -30.03 -64.38
OBD CLA LI . 39.27 -29.60 -64.19
CBD CLA LI . 37.03 -29.20 -65.12
CGD CLA LI . 36.67 -27.93 -64.39
O1D CLA LI . 35.76 -27.76 -63.57
O2D CLA LI . 37.43 -26.85 -64.74
CED CLA LI . 36.83 -25.56 -64.74
C1 CLA LI . 35.79 -28.75 -71.70
C2 CLA LI . 36.69 -29.93 -71.80
C3 CLA LI . 36.53 -30.90 -72.72
C4 CLA LI . 35.44 -30.88 -73.73
C5 CLA LI . 37.46 -32.06 -72.77
C6 CLA LI . 36.89 -33.31 -72.12
C7 CLA LI . 37.63 -34.55 -72.60
C8 CLA LI . 38.55 -35.13 -71.52
C9 CLA LI . 39.99 -34.70 -71.77
C10 CLA LI . 38.46 -36.65 -71.49
C11 CLA LI . 38.62 -37.19 -70.08
C12 CLA LI . 38.39 -38.68 -70.00
C13 CLA LI . 38.58 -39.19 -68.58
C14 CLA LI . 40.04 -39.27 -68.21
C15 CLA LI . 37.90 -40.55 -68.37
C16 CLA LI . 36.81 -40.47 -67.32
C17 CLA LI . 36.70 -41.74 -66.51
C18 CLA LI . 37.21 -41.55 -65.09
C19 CLA LI . 37.90 -42.80 -64.59
C20 CLA LI . 36.08 -41.18 -64.16
MG CLA MI . 40.53 -30.62 -49.57
CHA CLA MI . 39.19 -27.44 -49.19
CHB CLA MI . 42.24 -30.22 -46.66
CHC CLA MI . 41.48 -33.91 -49.74
CHD CLA MI . 38.66 -31.02 -52.54
NA CLA MI . 40.74 -29.04 -48.23
C1A CLA MI . 40.08 -27.80 -48.21
C2A CLA MI . 40.56 -26.95 -47.03
C3A CLA MI . 41.79 -27.74 -46.51
C4A CLA MI . 41.60 -29.10 -47.16
CMA CLA MI . 43.10 -27.11 -46.92
CAA CLA MI . 39.51 -26.80 -45.93
CBA CLA MI . 38.62 -28.02 -45.77
CGA CLA MI . 38.46 -28.41 -44.33
O1A CLA MI . 38.88 -27.83 -43.33
O2A CLA MI . 37.76 -29.57 -44.16
NB CLA MI . 41.77 -31.80 -48.49
C1B CLA MI . 42.12 -31.50 -47.21
C2B CLA MI . 42.38 -32.76 -46.44
C3B CLA MI . 42.17 -33.80 -47.31
C4B CLA MI . 41.80 -33.20 -48.63
CMB CLA MI . 42.78 -32.77 -45.04
CAB CLA MI . 42.25 -35.22 -47.09
CBB CLA MI . 43.36 -35.94 -47.27
NC CLA MI . 40.22 -32.14 -50.95
C1C CLA MI . 40.74 -33.40 -50.85
C2C CLA MI . 40.37 -34.21 -52.01
C3C CLA MI . 39.50 -33.42 -52.76
C4C CLA MI . 39.41 -32.12 -52.11
CMC CLA MI . 40.79 -35.59 -52.23
CAC CLA MI . 38.86 -33.79 -54.04
CBC CLA MI . 37.56 -34.53 -53.84
ND CLA MI . 39.25 -29.52 -50.69
C1D CLA MI . 38.55 -29.81 -51.88
C2D CLA MI . 37.75 -28.62 -52.26
C3D CLA MI . 37.94 -27.69 -51.25
C4D CLA MI . 38.88 -28.30 -50.29
CMD CLA MI . 36.91 -28.54 -53.45
CAD CLA MI . 37.61 -26.37 -50.76
OBD CLA MI . 36.88 -25.51 -51.25
CBD CLA MI . 38.40 -26.17 -49.42
CGD CLA MI . 39.26 -24.95 -49.46
O1D CLA MI . 38.98 -23.80 -49.06
O2D CLA MI . 40.50 -25.14 -50.01
CED CLA MI . 41.41 -24.04 -50.03
C1 CLA MI . 36.45 -29.46 -43.57
C2 CLA MI . 36.04 -30.81 -43.10
C3 CLA MI . 34.91 -31.04 -42.41
C4 CLA MI . 33.96 -29.95 -42.06
C5 CLA MI . 34.54 -32.41 -41.96
C6 CLA MI . 35.69 -33.40 -41.94
MG CLA NI . 32.74 -40.38 -47.11
CHA CLA NI . 33.11 -42.77 -44.63
CHB CLA NI . 29.41 -40.27 -46.50
CHC CLA NI . 32.46 -37.81 -49.38
CHD CLA NI . 36.22 -40.51 -47.71
NA CLA NI . 31.49 -41.41 -45.80
C1A CLA NI . 31.83 -42.36 -44.83
C2A CLA NI . 30.58 -42.86 -44.09
C3A CLA NI . 29.44 -42.28 -44.96
C4A CLA NI . 30.14 -41.22 -45.81
CMA CLA NI . 28.92 -43.37 -45.85
CAA CLA NI . 30.51 -42.37 -42.65
CBA CLA NI . 29.43 -41.35 -42.38
CGA CLA NI . 29.97 -40.23 -41.56
O1A CLA NI . 30.72 -39.31 -41.93
O2A CLA NI . 29.57 -40.27 -40.25
NB CLA NI . 31.20 -39.29 -47.84
C1B CLA NI . 29.95 -39.28 -47.32
C2B CLA NI . 29.21 -38.07 -47.79
C3B CLA NI . 30.08 -37.38 -48.61
C4B CLA NI . 31.35 -38.14 -48.67
CMB CLA NI . 27.83 -37.78 -47.42
CAB CLA NI . 29.89 -36.15 -49.33
CBB CLA NI . 29.62 -34.96 -48.77
NC CLA NI . 34.09 -39.41 -48.39
C1C CLA NI . 33.74 -38.42 -49.27
C2C CLA NI . 34.91 -38.02 -50.04
C3C CLA NI . 36.00 -38.71 -49.52
C4C CLA NI . 35.46 -39.59 -48.48
CMC CLA NI . 34.88 -37.01 -51.11
CAC CLA NI . 37.40 -38.68 -49.98
CBC CLA NI . 38.20 -37.47 -49.57
ND CLA NI . 34.33 -41.42 -46.43
C1D CLA NI . 35.71 -41.36 -46.75
C2D CLA NI . 36.44 -42.34 -45.90
C3D CLA NI . 35.49 -42.92 -45.08
C4D CLA NI . 34.19 -42.29 -45.43
CMD CLA NI . 37.88 -42.60 -45.96
CAD CLA NI . 35.23 -43.89 -44.03
OBD CLA NI . 35.98 -44.69 -43.49
CBD CLA NI . 33.71 -43.80 -43.68
CGD CLA NI . 33.03 -45.13 -43.76
O1D CLA NI . 32.91 -45.86 -44.76
O2D CLA NI . 32.49 -45.54 -42.57
CED CLA NI . 31.76 -46.77 -42.56
C1 CLA NI . 29.99 -39.19 -39.40
C2 CLA NI . 28.97 -38.11 -39.55
C3 CLA NI . 29.23 -36.82 -39.22
C4 CLA NI . 30.54 -36.38 -38.71
C5 CLA NI . 28.18 -35.78 -39.39
C6 CLA NI . 28.55 -34.76 -40.44
C7 CLA NI . 27.53 -33.64 -40.50
C8 CLA NI . 27.39 -33.03 -41.89
C9 CLA NI . 28.74 -32.74 -42.50
C10 CLA NI . 26.58 -31.75 -41.83
C11 CLA NI . 25.63 -31.59 -43.00
C12 CLA NI . 24.69 -30.43 -42.78
C13 CLA NI . 23.65 -30.30 -43.88
C14 CLA NI . 24.28 -29.89 -45.18
C15 CLA NI . 22.56 -29.31 -43.47
C16 CLA NI . 21.30 -30.02 -43.03
C17 CLA NI . 21.21 -30.15 -41.53
C18 CLA NI . 20.08 -29.31 -40.95
C19 CLA NI . 20.26 -29.11 -39.46
C20 CLA NI . 18.74 -29.96 -41.22
MG CLA OI . 38.32 -54.23 -55.39
CHA CLA OI . 35.22 -55.79 -55.54
CHB CLA OI . 39.84 -57.26 -55.17
CHC CLA OI . 41.36 -52.62 -55.46
CHD CLA OI . 36.68 -51.10 -55.63
NA CLA OI . 37.62 -56.20 -55.34
C1A CLA OI . 36.29 -56.64 -55.44
C2A CLA OI . 36.23 -58.18 -55.38
C3A CLA OI . 37.69 -58.58 -55.06
C4A CLA OI . 38.46 -57.26 -55.21
CMA CLA OI . 37.81 -59.14 -53.67
CAA CLA OI . 35.79 -58.79 -56.71
CBA CLA OI . 36.92 -59.28 -57.61
CGA CLA OI . 37.48 -58.15 -58.41
O1A CLA OI . 36.90 -57.38 -59.19
O2A CLA OI . 38.83 -57.99 -58.24
NB CLA OI . 40.23 -54.82 -55.30
C1B CLA OI . 40.66 -56.11 -55.27
C2B CLA OI . 42.14 -56.17 -55.35
C3B CLA OI . 42.58 -54.86 -55.43
C4B CLA OI . 41.37 -53.99 -55.39
CMB CLA OI . 42.88 -57.43 -55.34
CAB CLA OI . 43.92 -54.33 -55.53
CBB CLA OI . 44.96 -54.64 -54.74
NC CLA OI . 38.90 -52.22 -55.49
C1C CLA OI . 40.20 -51.79 -55.49
C2C CLA OI . 40.23 -50.32 -55.58
C3C CLA OI . 38.90 -49.90 -55.64
C4C CLA OI . 38.07 -51.10 -55.59
CMC CLA OI . 41.44 -49.50 -55.60
CAC CLA OI . 38.41 -48.52 -55.74
CBC CLA OI . 38.12 -48.09 -57.16
ND CLA OI . 36.43 -53.53 -55.52
C1D CLA OI . 35.89 -52.22 -55.60
C2D CLA OI . 34.41 -52.29 -55.64
C3D CLA OI . 34.10 -53.64 -55.62
C4D CLA OI . 35.39 -54.37 -55.56
CMD CLA OI . 33.53 -51.13 -55.70
CAD CLA OI . 33.04 -54.62 -55.61
OBD CLA OI . 31.83 -54.47 -55.62
CBD CLA OI . 33.72 -56.02 -55.59
CGD CLA OI . 33.25 -56.87 -54.44
O1D CLA OI . 33.79 -57.03 -53.35
O2D CLA OI . 32.07 -57.51 -54.68
CED CLA OI . 32.07 -58.56 -55.65
C1 CLA OI . 39.64 -57.92 -59.43
C2 CLA OI . 40.80 -57.05 -59.13
C3 CLA OI . 42.00 -57.17 -59.72
C4 CLA OI . 42.28 -58.21 -60.73
C5 CLA OI . 43.12 -56.25 -59.36
C6 CLA OI . 43.98 -55.83 -60.55
C7 CLA OI . 44.85 -54.63 -60.22
C8 CLA OI . 45.17 -53.76 -61.43
C9 CLA OI . 45.63 -54.58 -62.61
C10 CLA OI . 46.23 -52.73 -61.07
C11 CLA OI . 46.02 -51.40 -61.76
C12 CLA OI . 46.92 -50.32 -61.19
C13 CLA OI . 46.70 -48.97 -61.87
C14 CLA OI . 47.99 -48.47 -62.50
C15 CLA OI . 46.15 -47.94 -60.90
MG CLA PI . 53.06 -61.11 -47.15
CHA CLA PI . 50.46 -61.71 -49.38
CHB CLA PI . 53.54 -64.46 -46.80
CHC CLA PI . 55.72 -60.45 -45.07
CHD CLA PI . 52.51 -57.62 -47.52
NA CLA PI . 52.12 -62.79 -47.95
C1A CLA PI . 51.06 -62.85 -48.89
C2A CLA PI . 50.68 -64.30 -49.20
C3A CLA PI . 51.60 -65.12 -48.26
C4A CLA PI . 52.50 -64.07 -47.62
CMA CLA PI . 50.79 -65.88 -47.23
CAA CLA PI . 50.96 -64.69 -50.66
CBA CLA PI . 52.41 -65.05 -50.94
CGA CLA PI . 53.10 -63.93 -51.65
O1A CLA PI . 53.08 -63.66 -52.86
O2A CLA PI . 53.83 -63.12 -50.82
NB CLA PI . 54.35 -62.24 -46.11
C1B CLA PI . 54.42 -63.59 -46.14
C2B CLA PI . 55.59 -64.06 -45.34
C3B CLA PI . 56.22 -62.94 -44.85
C4B CLA PI . 55.43 -61.76 -45.33
CMB CLA PI . 55.95 -65.48 -45.18
CAB CLA PI . 57.40 -62.82 -44.03
CBB CLA PI . 58.58 -62.34 -44.45
NC CLA PI . 53.94 -59.35 -46.42
C1C CLA PI . 55.02 -59.33 -45.58
C2C CLA PI . 55.38 -57.95 -45.27
C3C CLA PI . 54.48 -57.14 -45.97
C4C CLA PI . 53.57 -58.03 -46.70
CMC CLA PI . 56.48 -57.57 -44.40
CAC CLA PI . 54.45 -55.66 -45.96
CBC CLA PI . 55.44 -55.05 -46.92
ND CLA PI . 51.81 -59.89 -48.17
C1D CLA PI . 51.68 -58.47 -48.22
C2D CLA PI . 50.55 -58.13 -49.12
C3D CLA PI . 50.05 -59.33 -49.60
C4D CLA PI . 50.87 -60.39 -48.97
CMD CLA PI . 50.11 -56.77 -49.41
CAD CLA PI . 49.06 -59.97 -50.43
OBD CLA PI . 48.19 -59.46 -51.14
CBD CLA PI . 49.28 -61.50 -50.31
CGD CLA PI . 48.05 -62.25 -49.84
O1D CLA PI . 47.71 -62.47 -48.67
O2D CLA PI . 47.28 -62.75 -50.83
CED CLA PI . 46.64 -64.02 -50.61
C1 CLA PI . 54.96 -63.72 -50.17
C2 CLA PI . 56.19 -63.09 -50.71
C3 CLA PI . 56.65 -61.88 -50.31
C4 CLA PI . 55.97 -61.07 -49.28
C5 CLA PI . 57.89 -61.32 -50.92
C6 CLA PI . 57.63 -60.07 -51.74
C7 CLA PI . 58.72 -59.85 -52.77
C8 CLA PI . 59.62 -58.67 -52.40
C9 CLA PI . 59.66 -57.67 -53.53
C10 CLA PI . 61.03 -59.14 -52.06
NB KC2 QI . 50.50 -53.73 -55.48
ND KC2 QI . 51.27 -57.15 -53.42
C1A KC2 QI . 48.95 -57.67 -55.52
C1B KC2 QI . 49.64 -53.50 -56.49
C1C KC2 QI . 52.85 -53.39 -53.58
C1D KC2 QI . 52.24 -57.49 -52.50
C2A KC2 QI . 47.76 -57.82 -56.23
C2B KC2 QI . 49.83 -52.24 -57.00
C2C KC2 QI . 54.06 -53.27 -52.97
C2D KC2 QI . 52.25 -58.88 -52.32
C3A KC2 QI . 47.54 -56.60 -56.84
C3B KC2 QI . 50.87 -51.64 -56.28
C3C KC2 QI . 54.31 -54.43 -52.25
C3D KC2 QI . 51.25 -59.38 -53.17
C4A KC2 QI . 48.57 -55.76 -56.51
C4B KC2 QI . 51.27 -52.58 -55.34
C4C KC2 QI . 53.20 -55.24 -52.43
C4D KC2 QI . 50.70 -58.27 -53.79
CAA KC2 QI . 46.88 -58.95 -56.33
CAB KC2 QI . 51.43 -50.31 -56.46
CAC KC2 QI . 55.48 -54.71 -51.45
CAD KC2 QI . 50.57 -60.57 -53.66
CBA KC2 QI . 46.98 -59.99 -57.10
CBB KC2 QI . 50.85 -49.15 -56.35
CBC KC2 QI . 55.67 -54.31 -50.23
CBD KC2 QI . 49.60 -60.12 -54.76
CED KC2 QI . 50.01 -62.48 -57.55
CGA KC2 QI . 46.31 -60.06 -58.42
CGD KC2 QI . 50.14 -60.67 -56.05
CHA KC2 QI . 49.67 -58.64 -54.71
CHB KC2 QI . 48.71 -54.44 -56.92
CHC KC2 QI . 52.28 -52.43 -54.40
CHD KC2 QI . 53.00 -56.52 -51.90
CMA KC2 QI . 46.37 -56.27 -57.69
CMB KC2 QI . 49.08 -51.61 -58.13
CMC KC2 QI . 55.00 -52.10 -53.07
CMD KC2 QI . 53.14 -59.67 -51.42
NA KC2 QI . 49.42 -56.40 -55.69
NC KC2 QI . 52.31 -54.59 -53.29
O1A KC2 QI . 46.13 -59.09 -59.14
O1D KC2 QI . 50.77 -60.02 -56.85
O2A KC2 QI . 45.93 -61.25 -58.75
O2D KC2 QI . 49.85 -61.95 -56.21
OBD KC2 QI . 50.66 -61.73 -53.30
MG KC2 QI . 50.83 -55.45 -54.45
MG CLA RI . 58.10 -43.48 -43.75
CHA CLA RI . 61.02 -41.58 -43.74
CHB CLA RI . 59.51 -45.61 -45.99
CHC CLA RI . 55.31 -45.47 -43.53
CHD CLA RI . 56.63 -41.17 -41.53
NA CLA RI . 59.95 -43.54 -44.71
C1A CLA RI . 61.07 -42.68 -44.56
C2A CLA RI . 62.21 -43.13 -45.47
C3A CLA RI . 61.53 -44.16 -46.41
C4A CLA RI . 60.25 -44.50 -45.65
CMA CLA RI . 61.25 -43.58 -47.76
CAA CLA RI . 63.25 -43.98 -44.76
CBA CLA RI . 64.21 -43.30 -43.81
CGA CLA RI . 63.79 -43.62 -42.42
O1A CLA RI . 63.29 -42.89 -41.58
O2A CLA RI . 63.98 -44.94 -42.09
NB CLA RI . 57.51 -45.19 -44.64
C1B CLA RI . 58.29 -45.99 -45.41
C2B CLA RI . 57.64 -47.31 -45.58
C3B CLA RI . 56.46 -47.28 -44.89
C4B CLA RI . 56.34 -45.92 -44.29
CMB CLA RI . 58.24 -48.40 -46.37
CAB CLA RI . 55.45 -48.28 -44.73
CBB CLA RI . 54.65 -48.72 -45.71
NC CLA RI . 56.29 -43.32 -42.72
C1C CLA RI . 55.29 -44.26 -42.78
C2C CLA RI . 54.16 -43.83 -41.96
C3C CLA RI . 54.53 -42.61 -41.39
C4C CLA RI . 55.87 -42.30 -41.87
CMC CLA RI . 52.92 -44.58 -41.80
CAC CLA RI . 53.73 -41.78 -40.48
CBC CLA RI . 52.77 -40.86 -41.21
ND CLA RI . 58.64 -41.78 -42.81
C1D CLA RI . 57.92 -40.91 -41.95
C2D CLA RI . 58.78 -39.75 -41.61
C3D CLA RI . 59.99 -39.98 -42.23
C4D CLA RI . 59.84 -41.24 -42.99
CMD CLA RI . 58.39 -38.65 -40.75
CAD CLA RI . 61.31 -39.47 -42.49
OBD CLA RI . 61.86 -38.45 -42.05
CBD CLA RI . 62.00 -40.46 -43.48
CGD CLA RI . 62.43 -39.77 -44.75
O1D CLA RI . 63.55 -39.78 -45.27
O2D CLA RI . 61.44 -39.08 -45.37
CED CLA RI . 61.61 -37.67 -45.54
C1 CLA RI . 62.92 -45.53 -41.30
C2 CLA RI . 63.49 -46.69 -40.58
C3 CLA RI . 64.24 -46.60 -39.47
C4 CLA RI . 64.59 -45.29 -38.85
C5 CLA RI . 64.76 -47.82 -38.79
C6 CLA RI . 64.14 -48.03 -37.43
MG CLA SI . 50.76 -35.61 -39.52
CHA CLA SI . 53.38 -33.32 -39.43
CHB CLA SI . 52.64 -37.82 -37.72
CHC CLA SI . 48.00 -37.64 -39.24
CHD CLA SI . 48.82 -33.25 -41.30
NA CLA SI . 52.70 -35.58 -38.77
C1A CLA SI . 53.63 -34.51 -38.80
C2A CLA SI . 54.95 -34.93 -38.13
C3A CLA SI . 54.74 -36.45 -37.87
C4A CLA SI . 53.25 -36.65 -38.11
CMA CLA SI . 55.51 -37.30 -38.84
CAA CLA SI . 55.26 -34.15 -36.86
CBA CLA SI . 54.35 -34.50 -35.69
CGA CLA SI . 53.68 -33.28 -35.15
O1A CLA SI . 53.17 -32.33 -35.75
O2A CLA SI . 53.62 -33.28 -33.78
NB CLA SI . 50.41 -37.43 -38.73
C1B CLA SI . 51.27 -38.09 -37.91
C2B CLA SI . 50.56 -39.20 -37.21
C3B CLA SI . 49.25 -39.15 -37.63
C4B CLA SI . 49.14 -38.03 -38.60
CMB CLA SI . 51.20 -40.10 -36.26
CAB CLA SI . 48.13 -39.98 -37.25
CBB CLA SI . 47.38 -39.80 -36.16
NC CLA SI . 48.79 -35.50 -40.22
C1C CLA SI . 47.84 -36.45 -40.01
C2C CLA SI . 46.58 -36.05 -40.63
C3C CLA SI . 46.80 -34.79 -41.19
C4C CLA SI . 48.19 -34.45 -40.92
CMC CLA SI . 45.34 -36.84 -40.60
CAC CLA SI . 45.82 -33.96 -41.91
CBC CLA SI . 45.14 -32.95 -41.03
ND CLA SI . 50.99 -33.75 -40.27
C1D CLA SI . 50.11 -32.89 -41.00
C2D CLA SI . 50.84 -31.65 -41.34
C3D CLA SI . 52.08 -31.75 -40.75
C4D CLA SI . 52.13 -33.07 -40.09
CMD CLA SI . 50.26 -30.54 -42.11
CAD CLA SI . 53.37 -31.11 -40.54
OBD CLA SI . 53.78 -30.03 -40.95
CBD CLA SI . 54.22 -32.10 -39.68
CGD CLA SI . 55.52 -32.45 -40.36
O1D CLA SI . 56.67 -32.14 -40.04
O2D CLA SI . 55.34 -33.22 -41.47
CED CLA SI . 55.90 -34.53 -41.50
C1 CLA SI . 53.39 -32.01 -33.14
C2 CLA SI . 52.31 -32.21 -32.14
C3 CLA SI . 52.54 -32.66 -30.89
C4 CLA SI . 53.89 -33.01 -30.40
C5 CLA SI . 51.40 -32.84 -29.93
C6 CLA SI . 51.08 -31.57 -29.18
C7 CLA SI . 49.91 -30.84 -29.82
C8 CLA SI . 49.35 -29.72 -28.96
C9 CLA SI . 50.44 -28.70 -28.65
C10 CLA SI . 48.75 -30.26 -27.66
C11 CLA SI . 47.27 -29.98 -27.56
C12 CLA SI . 46.46 -30.87 -28.49
C13 CLA SI . 44.96 -30.82 -28.22
C14 CLA SI . 44.34 -29.59 -28.87
C15 CLA SI . 44.62 -30.87 -26.74
C16 CLA SI . 43.16 -31.23 -26.55
C17 CLA SI . 42.99 -32.69 -26.20
C18 CLA SI . 42.78 -32.88 -24.70
C19 CLA SI . 41.36 -32.50 -24.31
C20 CLA SI . 43.07 -34.31 -24.30
C03 II0 TI . 39.55 -53.59 -62.23
C04 II0 TI . 57.83 -46.12 -51.22
C05 II0 TI . 38.61 -54.70 -62.76
C06 II0 TI . 58.92 -45.04 -51.14
C07 II0 TI . 37.68 -55.30 -61.69
C08 II0 TI . 58.34 -43.66 -50.77
C09 II0 TI . 38.94 -52.63 -61.15
C10 II0 TI . 56.95 -46.21 -49.93
C11 II0 TI . 36.88 -54.19 -61.01
C12 II0 TI . 57.40 -43.69 -49.54
C13 II0 TI . 37.81 -53.22 -60.27
C14 II0 TI . 57.19 -45.07 -48.91
C15 II0 TI . 40.85 -54.26 -61.73
C16 II0 TI . 39.90 -52.76 -63.50
C17 II0 TI . 57.00 -45.85 -52.50
C18 II0 TI . 58.54 -47.48 -51.38
C19 II0 TI . 38.38 -53.96 -59.02
C20 II0 TI . 56.02 -44.97 -47.90
C21 II0 TI . 40.03 -52.01 -60.22
C22 II0 TI . 55.43 -46.34 -50.27
C23 II0 TI . 40.49 -50.79 -60.64
C24 II0 TI . 54.95 -47.62 -50.15
C25 II0 TI . 41.44 -50.69 -59.41
C26 II0 TI . 53.83 -48.71 -50.22
C27 II0 TI . 41.80 -49.22 -59.29
C28 II0 TI . 54.45 -50.00 -50.73
C29 II0 TI . 42.72 -51.55 -59.58
C30 II0 TI . 52.65 -48.24 -51.09
C31 II0 TI . 43.96 -51.00 -58.77
C32 II0 TI . 52.41 -49.06 -52.41
C33 II0 TI . 43.98 -51.40 -57.47
C34 II0 TI . 51.21 -49.68 -52.46
C35 II0 TI . 45.31 -50.62 -57.28
C36 II0 TI . 50.16 -50.59 -53.15
C37 II0 TI . 45.01 -49.16 -56.97
C38 II0 TI . 49.62 -51.58 -52.13
C39 II0 TI . 46.11 -51.25 -56.11
C40 II0 TI . 48.99 -49.77 -53.73
C41 II0 TI . 47.20 -50.30 -55.48
C42 II0 TI . 47.90 -50.69 -54.39
O01 II0 TI . 36.80 -56.21 -62.32
O02 II0 TI . 59.40 -42.77 -50.50
C03 II0 UI . 46.11 -50.04 -33.73
C04 II0 UI . 47.19 -37.27 -53.44
C05 II0 UI . 45.57 -51.07 -32.73
C06 II0 UI . 48.19 -36.21 -53.91
C07 II0 UI . 44.04 -51.01 -32.58
C08 II0 UI . 47.51 -35.16 -54.79
C09 II0 UI . 45.06 -49.50 -34.76
C10 II0 UI . 45.83 -36.72 -52.89
C11 II0 UI . 43.41 -51.35 -33.94
C12 II0 UI . 46.50 -34.41 -53.92
C13 II0 UI . 43.91 -50.47 -35.11
C14 II0 UI . 45.38 -35.34 -53.44
C15 II0 UI . 47.34 -50.65 -34.46
C16 II0 UI . 46.63 -48.84 -32.90
C17 II0 UI . 46.84 -38.14 -54.68
C18 II0 UI . 47.93 -38.17 -52.42
C19 II0 UI . 44.27 -51.41 -36.29
C20 II0 UI . 44.52 -34.52 -52.43
C21 II0 UI . 45.71 -48.98 -36.09
C22 II0 UI . 45.75 -36.80 -51.32
C23 II0 UI . 45.74 -47.62 -36.15
C24 II0 UI . 44.78 -37.67 -50.88
C25 II0 UI . 46.40 -47.80 -37.54
C26 II0 UI . 43.95 -38.40 -49.79
C27 II0 UI . 47.64 -46.94 -37.65
C28 II0 UI . 42.66 -38.90 -50.45
C29 II0 UI . 45.34 -47.43 -38.60
C30 II0 UI . 44.77 -39.55 -49.17
C31 II0 UI . 45.64 -46.22 -39.57
C32 II0 UI . 44.03 -40.93 -49.12
C33 II0 UI . 45.17 -46.53 -40.81
C34 II0 UI . 44.03 -41.49 -47.90
C35 II0 UI . 45.65 -45.18 -41.35
C36 II0 UI . 43.66 -42.63 -46.94
C37 II0 UI . 47.00 -45.32 -42.02
C38 II0 UI . 42.24 -42.44 -46.43
C39 II0 UI . 44.57 -44.74 -42.38
C40 II0 UI . 44.67 -42.66 -45.77
C41 II0 UI . 45.07 -43.80 -43.54
C42 II0 UI . 44.24 -43.59 -44.59
O01 II0 UI . 43.60 -51.92 -31.60
O02 II0 UI . 48.47 -34.27 -55.32
C03 II0 VI . 59.84 -35.58 -36.97
C04 II0 VI . 50.69 -55.96 -43.73
C05 II0 VI . 60.38 -34.15 -36.83
C06 II0 VI . 49.17 -55.89 -43.48
C07 II0 VI . 59.35 -33.29 -36.11
C08 II0 VI . 48.74 -56.69 -42.25
C09 II0 VI . 59.46 -36.24 -35.62
C10 II0 VI . 51.59 -55.68 -42.48
C11 II0 VI . 59.23 -33.77 -34.64
C12 II0 VI . 49.48 -56.18 -41.02
C13 II0 VI . 59.00 -35.28 -34.46
C14 II0 VI . 51.01 -56.30 -41.17
C15 II0 VI . 58.63 -35.53 -37.94
C16 II0 VI . 60.96 -36.42 -37.62
C17 II0 VI . 51.01 -57.40 -44.22
C18 II0 VI . 50.99 -54.98 -44.88
C19 II0 VI . 57.51 -35.47 -34.08
C20 II0 VI . 51.64 -55.68 -39.89
C21 II0 VI . 58.43 -37.40 -35.86
C22 II0 VI . 51.91 -54.16 -42.31
C23 II0 VI . 58.77 -38.57 -35.24
C24 II0 VI . 53.23 -53.81 -42.39
C25 II0 VI . 57.53 -39.41 -35.70
C26 II0 VI . 54.39 -52.77 -42.37
C27 II0 VI . 56.15 -38.77 -35.47
C28 II0 VI . 54.43 -52.02 -43.69
C29 II0 VI . 57.64 -39.92 -37.17
C30 II0 VI . 54.19 -51.82 -41.16
C31 II0 VI . 56.70 -41.16 -37.40
C32 II0 VI . 53.84 -50.33 -41.52
C33 II0 VI . 56.94 -42.14 -36.47
C34 II0 VI . 54.81 -49.47 -41.17
C35 II0 VI . 55.85 -43.14 -36.99
C36 II0 VI . 55.42 -48.05 -41.08
C37 II0 VI . 54.42 -42.58 -36.91
C38 II0 VI . 56.92 -48.13 -41.27
C39 II0 VI . 56.13 -43.71 -38.41
C40 II0 VI . 55.08 -47.35 -39.76
C41 II0 VI . 55.43 -45.10 -38.61
C42 II0 VI . 55.80 -45.97 -39.59
O01 II0 VI . 59.78 -31.95 -36.13
O02 II0 VI . 47.35 -56.54 -42.07
C02 IHT WI . 51.23 -51.78 -36.57
C03 IHT WI . 46.96 -30.70 -45.95
C04 IHT WI . 51.30 -53.23 -37.02
C05 IHT WI . 46.40 -29.32 -46.23
C06 IHT WI . 52.70 -53.83 -36.92
C07 IHT WI . 52.36 -50.97 -37.20
C08 IHT WI . 46.49 -28.96 -47.70
C09 IHT WI . 53.73 -53.00 -37.68
C10 IHT WI . 53.56 -51.52 -37.50
C11 IHT WI . 46.41 -31.69 -46.97
C12 IHT WI . 45.56 -29.89 -48.46
C13 IHT WI . 51.38 -51.76 -35.04
C14 IHT WI . 49.87 -51.17 -36.94
C15 IHT WI . 45.81 -31.34 -48.12
C16 IHT WI . 48.49 -30.59 -46.07
C17 IHT WI . 46.61 -31.13 -44.52
C18 IHT WI . 52.05 -49.58 -37.49
C19 IHT WI . 54.84 -50.74 -37.62
C20 IHT WI . 45.35 -32.31 -49.18
C21 IHT WI . 46.55 -33.07 -46.67
C22 IHT WI . 52.23 -48.59 -36.62
C23 IHT WI . 51.92 -47.18 -36.78
C24 IHT WI . 46.66 -34.25 -46.51
C25 IHT WI . 52.19 -46.27 -35.61
C26 IHT WI . 46.82 -35.67 -46.51
C27 IHT WI . 51.40 -46.72 -37.94
C28 IHT WI . 46.79 -36.34 -47.85
C29 IHT WI . 47.00 -36.33 -45.34
C30 IHT WI . 51.02 -45.36 -38.22
C31 IHT WI . 47.22 -37.72 -45.19
C32 IHT WI . 50.45 -44.90 -39.34
C33 IHT WI . 50.09 -43.51 -39.56
C34 IHT WI . 47.52 -38.31 -44.04
C35 IHT WI . 47.75 -39.73 -43.84
C36 IHT WI . 50.31 -42.54 -38.44
C37 IHT WI . 49.58 -43.12 -40.75
C38 IHT WI . 48.30 -40.15 -42.68
C39 IHT WI . 47.44 -40.65 -44.98
C40 IHT WI . 49.19 -41.81 -41.13
C41 IHT WI . 48.66 -41.48 -42.32
O01 IHT WI . 46.10 -27.60 -47.91
O1 LHG XI . 51.15 -66.44 -43.02
C1 LHG XI . 51.96 -65.81 -42.03
C2 LHG XI . 52.53 -64.52 -42.60
O2 LHG XI . 53.01 -63.69 -41.58
C3 LHG XI . 51.52 -63.70 -43.36
O3 LHG XI . 52.25 -62.50 -43.48
P LHG XI . 51.53 -61.11 -43.88
O4 LHG XI . 50.20 -61.09 -43.21
O5 LHG XI . 51.95 -60.88 -45.29
O6 LHG XI . 52.45 -60.16 -42.88
C4 LHG XI . 52.05 -59.94 -41.56
C5 LHG XI . 53.34 -59.49 -40.87
C6 LHG XI . 54.08 -58.44 -41.69
O7 LHG XI . 52.94 -58.89 -39.65
C7 LHG XI . 53.54 -59.43 -38.55
O9 LHG XI . 54.13 -60.50 -38.58
C8 LHG XI . 53.68 -58.41 -37.50
C9 LHG XI . 54.89 -58.72 -36.64
C10 LHG XI . 54.71 -58.14 -35.27
O8 LHG XI . 54.31 -57.36 -40.77
C23 LHG XI . 55.59 -56.91 -40.62
O10 LHG XI . 56.52 -57.58 -41.03
C24 LHG XI . 55.85 -55.48 -40.16
C11 LHG XI . 55.86 -58.75 -34.53
C12 LHG XI . 56.02 -58.08 -33.20
C13 LHG XI . 56.38 -56.63 -33.43
C14 LHG XI . 56.25 -55.81 -32.17
C25 LHG XI . 57.18 -54.89 -40.59
C26 LHG XI . 57.52 -53.50 -40.04
C27 LHG XI . 57.72 -53.73 -38.57
C28 LHG XI . 58.93 -54.55 -38.18
C29 LHG XI . 58.89 -54.66 -36.67
C30 LHG XI . 59.99 -53.95 -35.92
C31 LHG XI . 59.67 -53.50 -34.51
C32 LHG XI . 58.83 -52.23 -34.42
C33 LHG XI . 57.92 -52.40 -33.21
C34 LHG XI . 56.69 -51.51 -33.21
C03 II0 YI . 18.07 -42.00 -69.42
C04 II0 YI . 32.05 -24.43 -62.54
C05 II0 YI . 16.94 -42.86 -68.82
C06 II0 YI . 33.23 -23.65 -61.92
C07 II0 YI . 17.36 -44.30 -68.60
C08 II0 YI . 32.76 -22.46 -61.12
C09 II0 YI . 19.51 -42.43 -69.04
C10 II0 YI . 30.84 -24.73 -61.60
C11 II0 YI . 18.52 -44.39 -67.59
C12 II0 YI . 31.89 -22.96 -59.96
C13 II0 YI . 19.64 -43.35 -67.79
C14 II0 YI . 30.62 -23.67 -60.47
C15 II0 YI . 17.93 -42.12 -70.97
C16 II0 YI . 17.79 -40.52 -69.05
C17 II0 YI . 31.51 -23.60 -63.72
C18 II0 YI . 32.67 -25.74 -63.13
C19 II0 YI . 19.79 -42.53 -66.49
C20 II0 YI . 29.93 -24.26 -59.21
C21 II0 YI . 20.46 -41.19 -68.88
C22 II0 YI . 30.87 -26.20 -61.02
C23 II0 YI . 21.66 -41.36 -69.49
C24 II0 YI . 29.82 -26.99 -61.45
C25 II0 YI . 22.06 -39.95 -69.00
C26 II0 YI . 29.05 -28.34 -61.46
C27 II0 YI . 22.52 -39.13 -70.18
C28 II0 YI . 27.85 -28.22 -60.54
C29 II0 YI . 23.20 -40.07 -67.95
C30 II0 YI . 28.63 -28.74 -62.89
C31 II0 YI . 24.04 -38.78 -67.65
C32 II0 YI . 27.18 -29.31 -63.03
C33 II0 YI . 23.35 -37.85 -66.92
C34 II0 YI . 27.08 -30.65 -63.12
C35 II0 YI . 24.60 -36.93 -66.95
C36 II0 YI . 26.22 -31.93 -63.26
C37 II0 YI . 24.64 -36.06 -68.20
C38 II0 YI . 26.42 -32.82 -62.03
C39 II0 YI . 24.54 -36.02 -65.70
C40 II0 YI . 26.53 -32.73 -64.54
C41 II0 YI . 25.63 -34.88 -65.65
C42 II0 YI . 25.51 -33.92 -64.69
O01 II0 YI . 16.26 -45.04 -68.11
O02 II0 YI . 33.88 -21.77 -60.60
MG CLA ZI . 21.96 -24.55 -61.33
CHA CLA ZI . 24.00 -21.86 -62.13
CHB CLA ZI . 24.70 -26.50 -60.85
CHC CLA ZI . 19.93 -27.05 -60.12
CHD CLA ZI . 19.14 -22.43 -61.62
NA CLA ZI . 24.01 -24.23 -61.54
C1A CLA ZI . 24.68 -23.03 -61.85
C2A CLA ZI . 26.19 -23.25 -61.85
C3A CLA ZI . 26.33 -24.79 -61.74
C4A CLA ZI . 24.92 -25.23 -61.33
CMA CLA ZI . 26.77 -25.42 -63.04
CAA CLA ZI . 26.87 -22.52 -60.70
CBA CLA ZI . 26.47 -22.96 -59.30
CGA CLA ZI . 25.28 -22.23 -58.77
O1A CLA ZI . 25.15 -21.02 -58.52
O2A CLA ZI . 24.20 -23.06 -58.58
NB CLA ZI . 22.25 -26.45 -60.73
C1B CLA ZI . 23.46 -27.00 -60.45
C2B CLA ZI . 23.30 -28.25 -59.64
C3B CLA ZI . 21.95 -28.40 -59.44
C4B CLA ZI . 21.26 -27.27 -60.11
CMB CLA ZI . 24.42 -29.06 -59.19
CAB CLA ZI . 21.27 -29.44 -58.69
CBB CLA ZI . 20.40 -30.30 -59.18
NC CLA ZI . 19.90 -24.73 -61.03
C1C CLA ZI . 19.28 -25.86 -60.57
C2C CLA ZI . 17.85 -25.65 -60.48
C3C CLA ZI . 17.63 -24.32 -60.83
C4C CLA ZI . 18.92 -23.75 -61.18
CMC CLA ZI . 16.87 -26.65 -60.04
CAC CLA ZI . 16.33 -23.63 -60.86
CBC CLA ZI . 16.07 -22.97 -59.53
ND CLA ZI . 21.58 -22.63 -61.85
C1D CLA ZI . 20.37 -21.89 -61.93
C2D CLA ZI . 20.69 -20.51 -62.38
C3D CLA ZI . 22.07 -20.45 -62.47
C4D CLA ZI . 22.57 -21.79 -62.12
CMD CLA ZI . 19.70 -19.46 -62.63
CAD CLA ZI . 23.21 -19.62 -62.81
OBD CLA ZI . 23.24 -18.47 -63.24
CBD CLA ZI . 24.49 -20.48 -62.53
CGD CLA ZI . 25.42 -20.52 -63.72
O1D CLA ZI . 26.45 -19.86 -63.89
O2D CLA ZI . 25.04 -21.40 -64.68
CED CLA ZI . 26.04 -22.29 -65.19
C1 CLA ZI . 23.38 -22.81 -57.43
C2 CLA ZI . 22.07 -22.26 -57.91
C3 CLA ZI . 20.89 -22.70 -57.47
C4 CLA ZI . 19.61 -22.13 -57.98
C5 CLA ZI . 20.77 -23.80 -56.46
C6 CLA ZI . 19.99 -24.99 -56.98
C7 CLA ZI . 18.78 -25.27 -56.09
C8 CLA ZI . 19.14 -26.12 -54.87
C9 CLA ZI . 19.73 -27.45 -55.32
C10 CLA ZI . 17.92 -26.36 -53.99
C11 CLA ZI . 18.29 -27.06 -52.71
C12 CLA ZI . 17.08 -27.27 -51.82
C13 CLA ZI . 16.54 -25.96 -51.29
C14 CLA ZI . 17.16 -25.61 -49.95
C15 CLA ZI . 15.02 -25.99 -51.17
C16 CLA ZI . 14.55 -27.11 -50.26
C17 CLA ZI . 13.04 -27.24 -50.27
C18 CLA ZI . 12.58 -28.69 -50.33
C19 CLA ZI . 12.33 -29.25 -48.94
C20 CLA ZI . 11.35 -28.82 -51.19
C03 II0 AJ . 34.66 -43.74 -54.37
C04 II0 AJ . 39.88 -27.88 -68.76
C05 II0 AJ . 33.68 -44.87 -54.00
C06 II0 AJ . 39.94 -26.83 -69.90
C07 II0 AJ . 34.25 -46.07 -53.23
C08 II0 AJ . 41.09 -27.07 -70.86
C09 II0 AJ . 36.12 -43.79 -53.82
C10 II0 AJ . 40.29 -29.35 -69.10
C11 II0 AJ . 35.69 -46.35 -53.66
C12 II0 AJ . 40.89 -28.45 -71.51
C13 II0 AJ . 36.58 -45.17 -53.26
C14 II0 AJ . 41.04 -29.56 -70.46
C15 II0 AJ . 34.00 -42.45 -53.78
C16 II0 AJ . 34.63 -43.60 -55.92
C17 II0 AJ . 40.83 -27.37 -67.65
C18 II0 AJ . 38.44 -27.77 -68.22
C19 II0 AJ . 38.04 -45.53 -53.66
C20 II0 AJ . 40.67 -30.89 -71.16
C21 II0 AJ . 37.17 -43.20 -54.82
C22 II0 AJ . 39.08 -30.35 -68.96
C23 II0 AJ . 37.46 -41.91 -54.55
C24 II0 AJ . 39.21 -31.28 -67.95
C25 II0 AJ . 38.48 -41.86 -55.72
C26 II0 AJ . 38.63 -32.50 -67.15
C27 II0 AJ . 39.44 -40.72 -55.40
C28 II0 AJ . 38.02 -33.47 -68.15
C29 II0 AJ . 37.83 -41.61 -57.12
C30 II0 AJ . 39.69 -33.18 -66.24
C31 II0 AJ . 38.79 -40.92 -58.16
C32 II0 AJ . 39.88 -34.72 -66.44
C33 II0 AJ . 38.30 -39.74 -58.65
C34 II0 AJ . 39.29 -35.55 -65.54
C35 II0 AJ . 39.57 -39.58 -59.52
C36 II0 AJ . 38.99 -36.98 -65.06
C37 II0 AJ . 40.71 -38.98 -58.70
C38 II0 AJ . 37.55 -37.32 -65.44
C39 II0 AJ . 39.31 -38.62 -60.71
C40 II0 AJ . 39.17 -37.24 -63.54
C41 II0 AJ . 38.84 -39.34 -62.02
C42 II0 AJ . 38.80 -38.73 -63.24
O01 II0 AJ . 34.23 -45.77 -51.85
O02 II0 AJ . 41.07 -26.08 -71.86
C10 WVN BJ . 11.07 -23.62 -40.85
C11 WVN BJ . 8.61 -16.41 -63.76
C12 WVN BJ . 11.74 -22.65 -39.88
C13 WVN BJ . 11.84 -22.15 -42.82
C14 WVN BJ . 11.57 -21.21 -40.38
C01 WVN BJ . 6.18 -15.88 -64.49
C02 WVN BJ . 7.51 -15.30 -63.95
C03 WVN BJ . 5.43 -14.95 -65.47
C04 WVN BJ . 5.60 -13.47 -65.08
C05 WVN BJ . 8.10 -14.17 -64.80
C06 WVN BJ . 11.77 -23.58 -42.22
C07 WVN BJ . 6.41 -17.24 -65.25
C08 WVN BJ . 5.24 -16.15 -63.28
C09 WVN BJ . 7.08 -13.04 -65.12
C15 WVN BJ . 12.05 -20.97 -41.82
C16 WVN BJ . 9.31 -13.55 -64.08
C17 WVN BJ . 11.02 -24.54 -43.18
C18 WVN BJ . 13.20 -24.17 -42.06
C19 WVN BJ . 8.76 -16.78 -62.43
C20 WVN BJ . 10.52 -21.83 -43.57
C21 WVN BJ . 13.53 -20.53 -41.82
C22 WVN BJ . 9.43 -17.63 -61.30
C23 WVN BJ . 10.69 -21.05 -44.66
C24 WVN BJ . 9.79 -18.99 -61.84
C25 WVN BJ . 10.13 -20.28 -45.89
C26 WVN BJ . 8.44 -17.75 -60.12
C27 WVN BJ . 8.62 -20.32 -45.82
C28 WVN BJ . 10.61 -20.95 -47.19
C29 WVN BJ . 8.73 -19.00 -59.21
C30 WVN BJ . 10.71 -19.94 -48.38
C31 WVN BJ . 9.45 -18.66 -58.08
C32 WVN BJ . 10.16 -19.02 -56.75
C33 WVN BJ . 9.70 -20.05 -49.25
C34 WVN BJ . 8.92 -19.66 -50.53
C35 WVN BJ . 10.64 -20.47 -56.79
C36 WVN BJ . 9.21 -18.84 -55.57
C37 WVN BJ . 9.90 -19.65 -51.72
C38 WVN BJ . 8.29 -18.29 -50.37
C39 WVN BJ . 9.85 -19.32 -54.22
C40 WVN BJ . 9.22 -19.15 -53.04
MG CLA CJ . 23.57 -49.49 -62.20
CHA CLA CJ . 21.55 -49.91 -65.00
CHB CLA CJ . 25.00 -52.52 -62.78
CHC CLA CJ . 25.66 -48.97 -59.52
CHD CLA CJ . 22.08 -46.34 -61.65
NA CLA CJ . 23.28 -50.97 -63.65
C1A CLA CJ . 22.41 -50.95 -64.75
C2A CLA CJ . 22.53 -52.25 -65.56
C3A CLA CJ . 23.51 -53.12 -64.73
C4A CLA CJ . 23.98 -52.14 -63.64
CMA CLA CJ . 22.85 -54.34 -64.15
CAA CLA CJ . 23.12 -52.04 -66.95
CBA CLA CJ . 24.28 -51.06 -66.95
CGA CLA CJ . 25.02 -51.12 -68.25
O1A CLA CJ . 25.40 -52.12 -68.87
O2A CLA CJ . 25.32 -49.89 -68.74
NB CLA CJ . 25.01 -50.56 -61.28
C1B CLA CJ . 25.52 -51.74 -61.73
C2B CLA CJ . 26.73 -52.11 -60.93
C3B CLA CJ . 26.91 -51.11 -60.02
C4B CLA CJ . 25.82 -50.12 -60.22
CMB CLA CJ . 27.50 -53.33 -61.18
CAB CLA CJ . 27.93 -50.96 -59.01
CBB CLA CJ . 28.94 -50.10 -59.06
NC CLA CJ . 23.79 -47.95 -60.82
C1C CLA CJ . 24.70 -47.95 -59.79
C2C CLA CJ . 24.57 -46.72 -59.01
C3C CLA CJ . 23.58 -45.96 -59.62
C4C CLA CJ . 23.09 -46.73 -60.76
CMC CLA CJ . 25.37 -46.39 -57.84
CAC CLA CJ . 23.11 -44.63 -59.20
CBC CLA CJ . 23.68 -43.52 -60.06
ND CLA CJ . 22.15 -48.34 -63.06
C1D CLA CJ . 21.62 -47.07 -62.73
C2D CLA CJ . 20.56 -46.71 -63.70
C3D CLA CJ . 20.50 -47.77 -64.59
C4D CLA CJ . 21.50 -48.75 -64.16
CMD CLA CJ . 19.79 -45.47 -63.67
CAD CLA CJ . 19.83 -48.29 -65.77
OBD CLA CJ . 18.94 -47.81 -66.45
CBD CLA CJ . 20.50 -49.67 -66.08
CGD CLA CJ . 19.48 -50.80 -66.12
O1D CLA CJ . 19.00 -51.32 -67.12
O2D CLA CJ . 19.08 -51.23 -64.89
CED CLA CJ . 18.80 -52.63 -64.76
C1 CLA CJ . 25.32 -49.75 -70.18
C2 CLA CJ . 23.90 -49.83 -70.63
MG CLA DJ . 12.51 -41.13 -62.28
CHA CLA DJ . 11.97 -44.40 -61.31
CHB CLA DJ . 9.77 -40.16 -60.47
CHC CLA DJ . 13.20 -37.91 -63.10
CHD CLA DJ . 15.42 -42.20 -64.02
NA CLA DJ . 11.10 -42.13 -61.11
C1A CLA DJ . 11.07 -43.50 -60.80
C2A CLA DJ . 9.87 -43.82 -59.88
C3A CLA DJ . 9.09 -42.49 -59.83
C4A CLA DJ . 10.05 -41.51 -60.49
CMA CLA DJ . 7.80 -42.61 -60.60
CAA CLA DJ . 10.28 -44.27 -58.48
CBA CLA DJ . 10.31 -43.15 -57.46
CGA CLA DJ . 11.61 -42.38 -57.56
O1A CLA DJ . 12.64 -42.74 -58.12
O2A CLA DJ . 11.61 -41.16 -56.93
NB CLA DJ . 11.63 -39.38 -61.88
C1B CLA DJ . 10.57 -39.17 -61.07
C2B CLA DJ . 10.30 -37.70 -60.95
C3B CLA DJ . 11.27 -37.06 -61.70
C4B CLA DJ . 12.12 -38.12 -62.30
CMB CLA DJ . 9.18 -37.22 -60.14
CAB CLA DJ . 11.58 -35.68 -61.99
CBB CLA DJ . 11.00 -34.59 -61.47
NC CLA DJ . 14.02 -40.23 -63.40
C1C CLA DJ . 14.09 -38.88 -63.63
C2C CLA DJ . 15.25 -38.57 -64.47
C3C CLA DJ . 15.91 -39.78 -64.67
C4C CLA DJ . 15.14 -40.82 -64.00
CMC CLA DJ . 15.61 -37.24 -64.95
CAC CLA DJ . 17.14 -40.00 -65.45
CBC CLA DJ . 18.39 -39.67 -64.65
ND CLA DJ . 13.49 -42.85 -62.66
C1D CLA DJ . 14.66 -43.16 -63.41
C2D CLA DJ . 14.87 -44.63 -63.40
C3D CLA DJ . 13.85 -45.17 -62.65
C4D CLA DJ . 13.04 -44.01 -62.18
CMD CLA DJ . 15.96 -45.29 -64.12
CAD CLA DJ . 13.24 -46.36 -62.11
OBD CLA DJ . 13.54 -47.55 -62.27
CBD CLA DJ . 12.04 -45.91 -61.21
CGD CLA DJ . 10.73 -46.58 -61.55
O1D CLA DJ . 10.32 -47.67 -61.16
O2D CLA DJ . 9.89 -45.87 -62.36
CED CLA DJ . 8.50 -46.10 -62.13
C1 CLA DJ . 12.06 -40.04 -57.74
C2 CLA DJ . 12.51 -38.98 -56.82
C3 CLA DJ . 12.97 -37.78 -57.24
C4 CLA DJ . 13.05 -37.41 -58.67
C5 CLA DJ . 13.41 -36.76 -56.26
C6 CLA DJ . 14.84 -36.34 -56.46
C7 CLA DJ . 15.21 -35.22 -55.52
C8 CLA DJ . 16.71 -35.15 -55.28
C9 CLA DJ . 17.04 -35.65 -53.89
C10 CLA DJ . 17.21 -33.73 -55.47
C11 CLA DJ . 18.71 -33.67 -55.69
C12 CLA DJ . 19.20 -34.59 -56.78
C13 CLA DJ . 19.74 -33.85 -57.99
C14 CLA DJ . 18.60 -33.33 -58.84
C15 CLA DJ . 20.65 -34.74 -58.84
C16 CLA DJ . 22.03 -34.89 -58.21
C17 CLA DJ . 22.89 -33.67 -58.46
C18 CLA DJ . 24.16 -33.70 -57.62
C19 CLA DJ . 24.53 -32.31 -57.17
C20 CLA DJ . 25.31 -34.31 -58.41
MG CLA EJ . 10.01 -30.19 -59.89
CHA CLA EJ . 7.34 -31.39 -57.99
CHB CLA EJ . 11.96 -32.74 -58.75
CHC CLA EJ . 12.74 -28.78 -61.46
CHD CLA EJ . 8.04 -27.43 -60.87
NA CLA EJ . 9.66 -31.83 -58.65
C1A CLA EJ . 8.48 -32.15 -57.93
C2A CLA EJ . 8.70 -33.44 -57.12
C3A CLA EJ . 10.15 -33.86 -57.44
C4A CLA EJ . 10.63 -32.75 -58.35
CMA CLA EJ . 11.02 -33.93 -56.21
CAA CLA EJ . 7.78 -34.59 -57.49
CBA CLA EJ . 7.90 -35.81 -56.60
CGA CLA EJ . 7.29 -35.54 -55.26
O1A CLA EJ . 6.14 -35.19 -54.99
O2A CLA EJ . 8.17 -35.74 -54.22
NB CLA EJ . 11.93 -30.73 -60.18
C1B CLA EJ . 12.55 -31.76 -59.54
C2B CLA EJ . 14.02 -31.70 -59.76
C3B CLA EJ . 14.26 -30.58 -60.53
C4B CLA EJ . 12.94 -29.94 -60.79
CMB CLA EJ . 14.90 -32.70 -59.14
CAB CLA EJ . 15.48 -29.95 -61.02
CBB CLA EJ . 16.75 -30.19 -60.66
NC CLA EJ . 10.31 -28.45 -61.02
C1C CLA EJ . 11.50 -28.07 -61.57
C2C CLA EJ . 11.36 -26.80 -62.25
C3C CLA EJ . 10.03 -26.41 -62.09
C4C CLA EJ . 9.37 -27.45 -61.31
CMC CLA EJ . 12.44 -26.09 -62.95
CAC CLA EJ . 9.39 -25.20 -62.62
CBC CLA EJ . 8.65 -25.45 -63.91
ND CLA EJ . 8.14 -29.52 -59.57
C1D CLA EJ . 7.45 -28.37 -60.05
C2D CLA EJ . 6.07 -28.37 -59.51
C3D CLA EJ . 5.97 -29.49 -58.70
C4D CLA EJ . 7.28 -30.17 -58.77
CMD CLA EJ . 5.07 -27.34 -59.80
CAD CLA EJ . 5.13 -30.27 -57.83
OBD CLA EJ . 3.95 -30.08 -57.50
CBD CLA EJ . 5.97 -31.50 -57.35
CGD CLA EJ . 6.05 -31.58 -55.85
O1D CLA EJ . 5.31 -32.20 -55.08
O2D CLA EJ . 7.10 -30.87 -55.32
CED CLA EJ . 7.11 -30.63 -53.92
C1 CLA EJ . 7.68 -35.43 -52.90
C2 CLA EJ . 8.12 -34.04 -52.59
C3 CLA EJ . 9.22 -33.75 -51.89
C4 CLA EJ . 10.12 -34.80 -51.35
C5 CLA EJ . 9.61 -32.34 -51.62
C6 CLA EJ . 9.66 -32.03 -50.13
MG CLA FJ . 8.78 -20.93 -77.14
CHA CLA FJ . 9.01 -17.58 -78.02
CHB CLA FJ . 8.49 -20.06 -73.86
CHC CLA FJ . 8.45 -24.26 -76.34
CHD CLA FJ . 9.12 -21.80 -80.56
NA CLA FJ . 8.75 -19.10 -76.13
C1A CLA FJ . 8.85 -17.81 -76.67
C2A CLA FJ . 8.76 -16.75 -75.56
C3A CLA FJ . 8.71 -17.59 -74.26
C4A CLA FJ . 8.63 -19.04 -74.77
CMA CLA FJ . 9.91 -17.36 -73.38
CAA CLA FJ . 7.49 -15.91 -75.67
CBA CLA FJ . 6.21 -16.70 -75.51
CGA CLA FJ . 5.61 -17.03 -76.84
O1A CLA FJ . 5.12 -16.25 -77.68
O2A CLA FJ . 5.62 -18.36 -77.13
NB CLA FJ . 8.56 -21.96 -75.43
C1B CLA FJ . 8.42 -21.44 -74.18
C2B CLA FJ . 8.21 -22.51 -73.19
C3B CLA FJ . 8.21 -23.70 -73.88
C4B CLA FJ . 8.41 -23.37 -75.32
CMB CLA FJ . 8.03 -22.23 -71.76
CAB CLA FJ . 8.03 -25.07 -73.46
CBB CLA FJ . 8.58 -25.65 -72.39
NC CLA FJ . 8.77 -22.69 -78.26
C1C CLA FJ . 8.60 -23.94 -77.72
C2C CLA FJ . 8.62 -24.95 -78.78
C3C CLA FJ . 8.84 -24.26 -79.97
C4C CLA FJ . 8.93 -22.85 -79.64
CMC CLA FJ . 8.46 -26.38 -78.54
CAC CLA FJ . 8.93 -24.85 -81.32
CBC CLA FJ . 7.62 -24.82 -82.06
ND CLA FJ . 8.97 -19.97 -78.92
C1D CLA FJ . 9.14 -20.46 -80.25
C2D CLA FJ . 9.31 -19.30 -81.15
C3D CLA FJ . 9.27 -18.18 -80.35
C4D CLA FJ . 9.07 -18.65 -78.97
CMD CLA FJ . 9.51 -19.41 -82.60
CAD CLA FJ . 9.35 -16.73 -80.32
OBD CLA FJ . 9.49 -15.93 -81.24
CBD CLA FJ . 9.21 -16.30 -78.82
CGD CLA FJ . 10.42 -15.53 -78.34
O1D CLA FJ . 10.43 -14.60 -77.54
O2D CLA FJ . 11.59 -15.95 -78.88
CED CLA FJ . 12.44 -14.96 -79.48
C1 CLA FJ . 5.54 -18.72 -78.53
C2 CLA FJ . 5.44 -20.20 -78.62
C3 CLA FJ . 5.48 -20.86 -79.79
C4 CLA FJ . 5.62 -20.16 -81.09
C5 CLA FJ . 5.39 -22.35 -79.85
C6 CLA FJ . 4.67 -22.96 -78.65
C7 CLA FJ . 4.32 -24.41 -78.93
C8 CLA FJ . 3.85 -25.14 -77.69
C9 CLA FJ . 4.92 -25.16 -76.63
C10 CLA FJ . 3.42 -26.57 -78.04
C11 CLA FJ . 2.43 -27.11 -77.05
C12 CLA FJ . 1.27 -27.79 -77.75
C13 CLA FJ . 0.49 -28.71 -76.80
C14 CLA FJ . -0.65 -29.39 -77.54
C15 CLA FJ . -0.03 -27.95 -75.59
C16 CLA FJ . -0.04 -28.84 -74.36
C17 CLA FJ . -1.44 -29.14 -73.89
C18 CLA FJ . -1.51 -30.40 -73.03
C19 CLA FJ . -0.91 -31.59 -73.75
C20 CLA FJ . -2.93 -30.69 -72.62
MG CLA GJ . -3.05 -12.83 -76.10
CHA CLA GJ . -0.51 -10.47 -76.32
CHB CLA GJ . -5.34 -10.46 -76.94
CHC CLA GJ . -5.49 -15.25 -75.99
CHD CLA GJ . -0.62 -15.30 -75.39
NA CLA GJ . -2.92 -10.78 -76.52
C1A CLA GJ . -1.77 -9.98 -76.57
C2A CLA GJ . -2.15 -8.53 -76.94
C3A CLA GJ . -3.70 -8.55 -76.96
C4A CLA GJ . -4.03 -10.04 -76.80
CMA CLA GJ . -4.29 -7.71 -75.85
CAA CLA GJ . -1.66 -8.13 -78.31
CBA CLA GJ . -1.86 -6.65 -78.56
CGA CLA GJ . -0.87 -5.86 -77.75
O1A CLA GJ . 0.28 -6.18 -77.45
O2A CLA GJ . -1.36 -4.66 -77.33
NB CLA GJ . -5.04 -12.85 -76.39
C1B CLA GJ . -5.78 -11.79 -76.81
C2B CLA GJ . -7.18 -12.24 -77.11
C3B CLA GJ . -7.22 -13.60 -76.84
C4B CLA GJ . -5.86 -13.99 -76.37
CMB CLA GJ . -8.22 -11.34 -77.58
CAB CLA GJ . -8.31 -14.53 -76.93
CBB CLA GJ . -9.44 -14.47 -76.23
NC CLA GJ . -3.05 -14.88 -75.68
C1C CLA GJ . -4.18 -15.66 -75.65
C2C CLA GJ . -3.83 -17.03 -75.29
C3C CLA GJ . -2.44 -17.07 -75.18
C4C CLA GJ . -1.96 -15.71 -75.42
CMC CLA GJ . -4.80 -18.12 -75.14
CAC CLA GJ . -1.60 -18.24 -74.84
CBC CLA GJ . -1.33 -19.11 -76.04
ND CLA GJ . -1.05 -12.91 -75.77
C1D CLA GJ . -0.18 -14.01 -75.55
C2D CLA GJ . 1.21 -13.51 -75.54
C3D CLA GJ . 1.14 -12.15 -75.78
C4D CLA GJ . -0.29 -11.84 -75.96
CMD CLA GJ . 2.39 -14.36 -75.31
CAD CLA GJ . 1.89 -10.91 -75.95
OBD CLA GJ . 3.10 -10.70 -75.83
CBD CLA GJ . 0.86 -9.81 -76.33
CGD CLA GJ . 0.90 -8.66 -75.36
O1D CLA GJ . 0.10 -8.44 -74.45
O2D CLA GJ . 1.93 -7.79 -75.55
CED CLA GJ . 2.04 -6.68 -74.67
C1 CLA GJ . -1.67 -4.52 -75.92
C2 CLA GJ . -0.46 -4.00 -75.25
C3 CLA GJ . -0.38 -3.79 -73.92
C4 CLA GJ . 0.85 -3.28 -73.28
C5 CLA GJ . -1.55 -4.04 -73.03
C6 CLA GJ . -1.27 -5.12 -72.00
C7 CLA GJ . -1.84 -6.46 -72.45
C8 CLA GJ . -3.29 -6.70 -72.01
C9 CLA GJ . -3.52 -6.27 -70.57
C10 CLA GJ . -3.64 -8.17 -72.16
C11 CLA GJ . -5.13 -8.41 -72.28
C12 CLA GJ . -5.41 -9.79 -72.82
C13 CLA GJ . -6.87 -10.19 -72.64
C14 CLA GJ . -7.29 -10.10 -71.18
C15 CLA GJ . -7.14 -11.59 -73.17
C16 CLA GJ . -6.23 -12.61 -72.52
C17 CLA GJ . -6.81 -14.01 -72.59
C18 CLA GJ . -6.08 -14.97 -71.66
C19 CLA GJ . -4.64 -15.16 -72.08
C20 CLA GJ . -6.79 -16.31 -71.61
MG CLA HJ . 1.83 -26.80 -62.72
CHA CLA HJ . 2.41 -29.85 -61.14
CHB CLA HJ . -1.14 -26.56 -61.10
CHC CLA HJ . 1.50 -23.61 -63.95
CHD CLA HJ . 4.88 -27.17 -64.48
NA CLA HJ . 0.80 -28.04 -61.39
C1A CLA HJ . 1.22 -29.26 -60.82
C2A CLA HJ . 0.15 -29.83 -59.89
C3A CLA HJ . -1.07 -28.92 -60.19
C4A CLA HJ . -0.44 -27.74 -60.92
CMA CLA HJ . -2.05 -29.67 -61.07
CAA CLA HJ . 0.56 -29.81 -58.42
CBA CLA HJ . 0.12 -28.59 -57.64
CGA CLA HJ . 1.10 -27.48 -57.83
O1A CLA HJ . 2.34 -27.53 -57.77
O2A CLA HJ . 0.51 -26.28 -58.10
NB CLA HJ . 0.41 -25.38 -62.61
C1B CLA HJ . -0.66 -25.43 -61.78
C2B CLA HJ . -1.28 -24.07 -61.68
C3B CLA HJ . -0.54 -23.23 -62.47
C4B CLA HJ . 0.54 -24.06 -63.10
CMB CLA HJ . -2.46 -23.84 -60.84
CAB CLA HJ . -0.67 -21.83 -62.76
CBB CLA HJ . -0.92 -20.86 -61.87
NC CLA HJ . 2.96 -25.64 -64.04
C1C CLA HJ . 2.64 -24.36 -64.41
C2C CLA HJ . 3.65 -23.84 -65.32
C3C CLA HJ . 4.61 -24.84 -65.46
C4C CLA HJ . 4.16 -25.98 -64.66
CMC CLA HJ . 3.66 -22.50 -65.92
CAC CLA HJ . 5.83 -24.80 -66.28
CBC CLA HJ . 5.59 -25.26 -67.70
ND CLA HJ . 3.31 -28.17 -62.87
C1D CLA HJ . 4.49 -28.20 -63.65
C2D CLA HJ . 5.21 -29.46 -63.35
C3D CLA HJ . 4.49 -30.10 -62.37
C4D CLA HJ . 3.30 -29.26 -62.11
CMD CLA HJ . 6.46 -29.87 -63.96
CAD CLA HJ . 4.40 -31.28 -61.53
OBD CLA HJ . 5.18 -32.21 -61.44
CBD CLA HJ . 3.07 -31.15 -60.72
CGD CLA HJ . 2.18 -32.36 -60.88
O1D CLA HJ . 1.03 -32.42 -61.33
O2D CLA HJ . 2.78 -33.51 -60.47
CED CLA HJ . 2.00 -34.46 -59.76
C1 CLA HJ . 1.06 -25.12 -57.43
C2 CLA HJ . 1.88 -24.39 -58.43
C3 CLA HJ . 1.56 -23.17 -58.89
C4 CLA HJ . 0.35 -22.44 -58.43
C5 CLA HJ . 2.42 -22.46 -59.89
C6 CLA HJ . 3.57 -23.30 -60.40
C7 CLA HJ . 4.36 -22.55 -61.47
C8 CLA HJ . 5.57 -23.34 -61.93
C9 CLA HJ . 6.58 -23.47 -60.80
C10 CLA HJ . 6.21 -22.70 -63.17
C11 CLA HJ . 6.98 -21.44 -62.89
C12 CLA HJ . 7.36 -20.71 -64.16
C13 CLA HJ . 8.28 -21.56 -65.04
C14 CLA HJ . 9.61 -21.80 -64.37
C15 CLA HJ . 8.51 -20.89 -66.40
C16 CLA HJ . 7.21 -20.62 -67.14
C17 CLA HJ . 7.43 -19.55 -68.19
C18 CLA HJ . 6.22 -19.41 -69.12
C19 CLA HJ . 6.56 -18.50 -70.29
C20 CLA HJ . 5.03 -18.86 -68.36
MG CLA IJ . 2.69 -38.17 -74.83
CHA CLA IJ . -0.36 -39.60 -73.97
CHB CLA IJ . 3.75 -41.16 -76.06
CHC CLA IJ . 5.62 -36.66 -75.82
CHD CLA IJ . 1.52 -35.06 -73.60
NA CLA IJ . 1.82 -40.06 -74.97
C1A CLA IJ . 0.52 -40.45 -74.58
C2A CLA IJ . 0.29 -41.93 -74.89
C3A CLA IJ . 1.67 -42.43 -75.39
C4A CLA IJ . 2.48 -41.13 -75.50
CMA CLA IJ . 2.29 -43.41 -74.44
CAA CLA IJ . -0.73 -42.15 -76.00
CBA CLA IJ . -0.62 -41.14 -77.14
CGA CLA IJ . 0.23 -41.66 -78.27
O1A CLA IJ . 0.52 -42.84 -78.52
O2A CLA IJ . 0.70 -40.68 -79.09
NB CLA IJ . 4.35 -38.79 -75.77
C1B CLA IJ . 4.60 -40.05 -76.19
C2B CLA IJ . 5.97 -40.14 -76.79
C3B CLA IJ . 6.51 -38.87 -76.73
C4B CLA IJ . 5.48 -37.99 -76.07
CMB CLA IJ . 6.50 -41.39 -77.31
CAB CLA IJ . 7.78 -38.37 -77.16
CBB CLA IJ . 8.98 -38.88 -76.83
NC CLA IJ . 3.44 -36.22 -74.70
C1C CLA IJ . 4.67 -35.82 -75.16
C2C CLA IJ . 4.85 -34.40 -74.91
C3C CLA IJ . 3.68 -33.94 -74.31
C4C CLA IJ . 2.80 -35.09 -74.18
CMC CLA IJ . 6.04 -33.61 -75.24
CAC CLA IJ . 3.39 -32.57 -73.86
CBC CLA IJ . 2.71 -31.75 -74.94
ND CLA IJ . 1.04 -37.45 -73.92
C1D CLA IJ . 0.68 -36.15 -73.45
C2D CLA IJ . -0.65 -36.20 -72.84
C3D CLA IJ . -1.10 -37.50 -73.00
C4D CLA IJ . -0.02 -38.23 -73.70
CMD CLA IJ . -1.31 -35.06 -72.21
CAD CLA IJ . -2.18 -38.45 -72.76
OBD CLA IJ . -3.24 -38.27 -72.17
CBD CLA IJ . -1.76 -39.80 -73.41
CGD CLA IJ . -1.77 -40.92 -72.40
O1D CLA IJ . -1.16 -40.98 -71.34
O2D CLA IJ . -2.55 -41.97 -72.76
CED CLA IJ . -2.15 -43.28 -72.35
C1 CLA IJ . 2.12 -40.72 -79.38
C2 CLA IJ . 2.32 -39.92 -80.63
C3 CLA IJ . 3.46 -39.22 -80.87
C4 CLA IJ . 4.58 -39.19 -79.91
C5 CLA IJ . 3.59 -38.44 -82.13
C6 CLA IJ . 4.95 -38.57 -82.82
C7 CLA IJ . 5.69 -37.25 -82.83
C8 CLA IJ . 5.96 -36.72 -84.24
C9 CLA IJ . 7.15 -37.42 -84.85
C10 CLA IJ . 6.20 -35.20 -84.21
C11 CLA IJ . 7.36 -34.84 -83.33
C12 CLA IJ . 7.73 -33.37 -83.46
MG CLA JJ . 19.14 -47.03 -75.22
CHA CLA JJ . 15.78 -47.09 -76.12
CHB CLA JJ . 19.46 -50.28 -76.15
CHC CLA JJ . 22.49 -46.86 -74.45
CHD CLA JJ . 18.77 -43.64 -74.27
NA CLA JJ . 17.81 -48.44 -75.98
C1A CLA JJ . 16.45 -48.28 -76.32
C2A CLA JJ . 15.87 -49.59 -76.87
C3A CLA JJ . 17.04 -50.58 -76.76
C4A CLA JJ . 18.20 -49.73 -76.27
CMA CLA JJ . 16.73 -51.71 -75.79
CAA CLA JJ . 15.45 -49.50 -78.33
CBA CLA JJ . 16.46 -48.77 -79.19
CGA CLA JJ . 16.10 -48.88 -80.64
O1A CLA JJ . 15.83 -49.89 -81.28
O2A CLA JJ . 16.07 -47.66 -81.27
NB CLA JJ . 20.69 -48.31 -75.31
C1B CLA JJ . 20.61 -49.61 -75.70
C2B CLA JJ . 21.95 -50.25 -75.57
C3B CLA JJ . 22.81 -49.29 -75.09
C4B CLA JJ . 22.02 -48.04 -74.91
CMB CLA JJ . 22.19 -51.65 -75.91
CAB CLA JJ . 24.21 -49.39 -74.77
CBB CLA JJ . 25.20 -48.84 -75.49
NC CLA JJ . 20.39 -45.52 -74.47
C1C CLA JJ . 21.72 -45.67 -74.22
C2C CLA JJ . 22.29 -44.42 -73.73
C3C CLA JJ . 21.24 -43.51 -73.68
C4C CLA JJ . 20.05 -44.20 -74.14
CMC CLA JJ . 23.70 -44.23 -73.37
CAC CLA JJ . 21.32 -42.10 -73.24
CBC CLA JJ . 21.54 -41.15 -74.38
ND CLA JJ . 17.65 -45.66 -75.09
C1D CLA JJ . 17.64 -44.29 -74.72
C2D CLA JJ . 16.27 -43.76 -74.88
C3D CLA JJ . 15.50 -44.80 -75.39
C4D CLA JJ . 16.42 -45.95 -75.53
CMD CLA JJ . 15.88 -42.39 -74.53
CAD CLA JJ . 14.19 -45.22 -75.81
OBD CLA JJ . 13.13 -44.62 -75.78
CBD CLA JJ . 14.34 -46.67 -76.37
CGD CLA JJ . 13.36 -47.66 -75.81
O1D CLA JJ . 13.44 -48.28 -74.73
O2D CLA JJ . 12.28 -47.89 -76.60
CED CLA JJ . 11.48 -49.05 -76.35
C1 CLA JJ . 17.24 -47.31 -82.03
C2 CLA JJ . 16.91 -46.03 -82.73
C3 CLA JJ . 17.81 -45.25 -83.33
C4 CLA JJ . 19.26 -45.58 -83.34
C5 CLA JJ . 17.41 -43.99 -84.01
C6 CLA JJ . 17.74 -42.75 -83.20
C7 CLA JJ . 16.49 -42.11 -82.63
C8 CLA JJ . 15.97 -40.97 -83.50
C9 CLA JJ . 16.91 -39.77 -83.41
C10 CLA JJ . 14.56 -40.56 -83.09
C11 CLA JJ . 13.52 -41.06 -84.06
C12 CLA JJ . 13.31 -40.08 -85.20
C13 CLA JJ . 12.53 -38.86 -84.75
C14 CLA JJ . 11.07 -38.98 -85.12
C15 CLA JJ . 13.11 -37.57 -85.33
C16 CLA JJ . 14.02 -36.89 -84.33
NB KC2 KJ . 13.70 -37.59 -79.83
ND KC2 KJ . 14.58 -41.49 -79.08
C1A KC2 KJ . 11.64 -41.35 -80.22
C1B KC2 KJ . 12.58 -37.11 -80.38
C1C KC2 KJ . 16.62 -37.88 -79.02
C1D KC2 KJ . 15.79 -42.08 -78.74
C2A KC2 KJ . 10.31 -41.22 -80.57
C2B KC2 KJ . 12.78 -35.81 -80.78
C2C KC2 KJ . 17.97 -37.98 -78.76
C2D KC2 KJ . 15.70 -43.47 -78.93
C3A KC2 KJ . 10.07 -39.85 -80.72
C3B KC2 KJ . 14.09 -35.46 -80.46
C3C KC2 KJ . 18.26 -39.30 -78.44
C3D KC2 KJ . 14.40 -43.69 -79.39
C4A KC2 KJ . 11.24 -39.20 -80.47
C4B KC2 KJ . 14.65 -36.58 -79.87
C4C KC2 KJ . 17.07 -39.99 -78.52
C4D KC2 KJ . 13.79 -42.45 -79.45
CAA KC2 KJ . 9.33 -42.25 -80.76
CAB KC2 KJ . 14.74 -34.18 -80.70
CAC KC2 KJ . 19.59 -39.80 -78.12
CAD KC2 KJ . 13.44 -44.71 -79.83
CBA KC2 KJ . 8.50 -42.40 -81.77
CBB KC2 KJ . 14.45 -33.02 -80.19
CBC KC2 KJ . 19.93 -40.92 -77.56
CBD KC2 KJ . 12.10 -43.99 -80.04
CED KC2 KJ . 11.98 -44.16 -83.71
CGA KC2 KJ . 7.46 -43.44 -81.76
CGD KC2 KJ . 11.63 -44.42 -81.41
CHA KC2 KJ . 12.44 -42.54 -79.93
CHB KC2 KJ . 11.41 -37.83 -80.52
CHC KC2 KJ . 15.96 -36.72 -79.38
CHD KC2 KJ . 16.86 -41.35 -78.29
CMA KC2 KJ . 8.77 -39.22 -81.11
CMB KC2 KJ . 11.79 -34.91 -81.45
CMC KC2 KJ . 18.98 -36.87 -78.80
CMD KC2 KJ . 16.76 -44.48 -78.69
NA KC2 KJ . 12.21 -40.09 -80.14
NC KC2 KJ . 16.06 -39.10 -78.88
O1A KC2 KJ . 6.30 -43.23 -82.08
O1D KC2 KJ . 10.91 -45.35 -81.60
O2A KC2 KJ . 7.89 -44.59 -81.35
O2D KC2 KJ . 12.14 -43.66 -82.36
OBD KC2 KJ . 13.58 -45.90 -80.04
MG KC2 KJ . 14.09 -39.55 -79.36
MG CLA LJ . 27.24 -30.38 -70.04
CHA CLA LJ . 30.05 -28.40 -70.49
CHB CLA LJ . 27.82 -31.91 -73.03
CHC CLA LJ . 24.52 -32.42 -69.47
CHD CLA LJ . 26.59 -28.70 -66.99
NA CLA LJ . 28.72 -30.18 -71.50
C1A CLA LJ . 29.82 -29.31 -71.49
C2A CLA LJ . 30.66 -29.50 -72.77
C3A CLA LJ . 29.85 -30.53 -73.59
C4A CLA LJ . 28.71 -30.93 -72.64
CMA CLA LJ . 29.34 -29.96 -74.89
CAA CLA LJ . 32.05 -30.04 -72.46
CBA CLA LJ . 32.05 -31.44 -71.88
CGA CLA LJ . 32.76 -31.49 -70.57
O1A CLA LJ . 33.62 -30.73 -70.13
O2A CLA LJ . 32.36 -32.53 -69.78
NB CLA LJ . 26.30 -31.83 -71.08
C1B CLA LJ . 26.73 -32.36 -72.25
C2B CLA LJ . 25.87 -33.52 -72.64
C3B CLA LJ . 24.94 -33.67 -71.63
C4B CLA LJ . 25.22 -32.61 -70.63
CMB CLA LJ . 26.10 -34.31 -73.85
CAB CLA LJ . 23.89 -34.64 -71.46
CBB CLA LJ . 22.92 -34.93 -72.34
NC CLA LJ . 25.84 -30.55 -68.49
C1C CLA LJ . 24.83 -31.47 -68.46
C2C CLA LJ . 24.05 -31.31 -67.23
C3C CLA LJ . 24.60 -30.24 -66.54
C4C CLA LJ . 25.73 -29.76 -67.34
CMC CLA LJ . 22.90 -32.14 -66.87
CAC CLA LJ . 24.17 -29.68 -65.26
CBC CLA LJ . 23.00 -28.74 -65.39
ND CLA LJ . 28.13 -28.98 -68.88
C1D CLA LJ . 27.71 -28.32 -67.69
C2D CLA LJ . 28.66 -27.24 -67.38
C3D CLA LJ . 29.60 -27.25 -68.40
C4D CLA LJ . 29.20 -28.32 -69.32
CMD CLA LJ . 28.58 -26.37 -66.21
CAD CLA LJ . 30.79 -26.63 -68.93
OBD CLA LJ . 31.50 -25.76 -68.46
CBD CLA LJ . 31.06 -27.29 -70.32
CGD CLA LJ . 30.91 -26.30 -71.43
O1D CLA LJ . 29.87 -25.83 -71.88
O2D CLA LJ . 32.10 -25.90 -71.97
CED CLA LJ . 32.15 -24.57 -72.50
C1 CLA LJ . 33.40 -33.23 -69.07
C2 CLA LJ . 33.18 -34.69 -69.30
C3 CLA LJ . 33.80 -35.66 -68.63
C4 CLA LJ . 34.79 -35.38 -67.56
C5 CLA LJ . 33.52 -37.09 -68.93
C6 CLA LJ . 33.08 -37.88 -67.71
C7 CLA LJ . 32.26 -39.09 -68.12
C8 CLA LJ . 33.03 -40.39 -67.96
C9 CLA LJ . 33.60 -40.84 -69.29
C10 CLA LJ . 32.15 -41.49 -67.36
C11 CLA LJ . 32.95 -42.73 -67.02
C03 II0 MJ . 0.47 -35.27 -81.29
C04 II0 MJ . 24.16 -31.93 -76.94
C05 II0 MJ . -0.92 -35.93 -81.24
C06 II0 MJ . 25.33 -31.01 -76.59
C07 II0 MJ . -0.87 -37.39 -80.77
C08 II0 MJ . 24.90 -29.74 -75.85
C09 II0 MJ . 1.51 -35.90 -80.31
C10 II0 MJ . 23.24 -32.27 -75.72
C11 II0 MJ . -0.26 -37.51 -79.36
C12 II0 MJ . 23.85 -29.97 -74.73
C13 II0 MJ . 0.83 -36.47 -79.05
C14 II0 MJ . 23.56 -31.46 -74.44
C15 II0 MJ . 1.00 -35.41 -82.74
C16 II0 MJ . 0.29 -33.76 -80.97
C17 II0 MJ . 23.39 -31.28 -78.12
C18 II0 MJ . 24.75 -33.27 -77.44
C19 II0 MJ . 1.89 -37.13 -78.15
C20 II0 MJ . 22.41 -31.54 -73.41
C21 II0 MJ . 2.65 -34.92 -79.89
C22 II0 MJ . 21.72 -32.16 -76.07
C23 II0 MJ . 3.81 -35.18 -80.55
C24 II0 MJ . 21.14 -33.38 -76.28
C25 II0 MJ . 4.46 -34.03 -79.78
C26 II0 MJ . 19.95 -34.33 -76.62
C27 II0 MJ . 5.13 -33.07 -80.75
C28 II0 MJ . 19.89 -35.45 -75.61
C29 II0 MJ . 5.48 -34.64 -78.78
C30 II0 MJ . 18.63 -33.54 -76.60
C31 II0 MJ . 7.00 -34.28 -79.00
C32 II0 MJ . 17.45 -34.34 -77.26
C33 II0 MJ . 7.77 -34.91 -78.07
C34 II0 MJ . 16.36 -34.40 -76.47
C35 II0 MJ . 9.05 -34.27 -78.67
C36 II0 MJ . 14.92 -34.85 -76.17
C37 II0 MJ . 9.24 -32.86 -78.13
C38 II0 MJ . 14.82 -36.36 -76.38
C39 II0 MJ . 10.24 -35.17 -78.26
C40 II0 MJ . 13.91 -34.11 -77.09
C41 II0 MJ . 11.60 -34.40 -78.10
C42 II0 MJ . 12.56 -34.88 -77.25
O01 II0 MJ . -2.17 -37.93 -80.78
O02 II0 MJ . 26.04 -29.15 -75.26
C03 II0 NJ . 18.03 -39.36 -57.74
C04 II0 NJ . 12.41 -20.50 -70.27
C05 II0 NJ . 17.87 -40.57 -56.77
C06 II0 NJ . 12.53 -19.36 -71.28
C07 II0 NJ . 16.39 -40.87 -56.44
C08 II0 NJ . 12.99 -19.87 -72.64
C09 II0 NJ . 16.74 -39.09 -58.58
C10 II0 NJ . 11.62 -21.74 -70.78
C11 II0 NJ . 15.59 -41.19 -57.72
C12 II0 NJ . 11.95 -20.85 -73.21
C13 II0 NJ . 16.11 -40.44 -58.97
C14 II0 NJ . 11.74 -22.07 -72.29
C15 II0 NJ . 18.35 -38.16 -56.82
C16 II0 NJ . 19.21 -39.62 -58.69
C17 II0 NJ . 13.85 -20.88 -69.81
C18 II0 NJ . 11.65 -19.96 -69.03
C19 II0 NJ . 14.98 -40.27 -59.99
C20 II0 NJ . 12.85 -23.09 -72.60
C21 II0 NJ . 16.88 -38.21 -59.87
C22 II0 NJ . 11.99 -22.98 -69.91
C23 II0 NJ . 16.64 -36.88 -59.64
C24 II0 NJ . 10.92 -23.70 -69.46
C25 II0 NJ . 16.85 -36.61 -61.15
C26 II0 NJ . 10.26 -24.88 -68.68
C27 II0 NJ . 18.16 -35.91 -61.43
C28 II0 NJ . 9.31 -24.31 -67.65
C29 II0 NJ . 15.63 -35.75 -61.59
C30 II0 NJ . 11.30 -25.83 -68.03
C31 II0 NJ . 15.87 -34.32 -62.21
C32 II0 NJ . 10.90 -26.35 -66.60
C33 II0 NJ . 14.86 -34.06 -63.09
C34 II0 NJ . 11.21 -27.62 -66.25
C35 II0 NJ . 15.40 -32.65 -63.46
C36 II0 NJ . 11.10 -28.68 -65.13
C37 II0 NJ . 16.55 -32.75 -64.46
C38 II0 NJ . 9.76 -29.34 -65.39
C39 II0 NJ . 14.25 -31.84 -64.07
C40 II0 NJ . 12.14 -29.81 -65.00
C41 II0 NJ . 14.58 -30.32 -64.35
C42 II0 NJ . 13.64 -29.42 -64.77
O01 II0 NJ . 16.27 -41.94 -55.54
O02 II0 NJ . 13.12 -18.77 -73.53
C10 WVN OJ . 14.44 -16.57 -65.37
C11 WVN OJ . 22.92 -38.63 -63.52
C12 WVN OJ . 13.09 -16.31 -64.72
C13 WVN OJ . 13.68 -19.08 -65.67
C14 WVN OJ . 12.70 -17.52 -63.86
C01 WVN OJ . 24.47 -40.69 -63.69
C02 WVN OJ . 23.25 -40.06 -62.95
C03 WVN OJ . 24.06 -41.75 -64.74
C04 WVN OJ . 23.25 -42.85 -64.07
C05 WVN OJ . 21.92 -40.85 -62.99
C06 WVN OJ . 14.57 -17.90 -66.15
C07 WVN OJ . 25.35 -39.61 -64.40
C08 WVN OJ . 25.39 -41.39 -62.65
C09 WVN OJ . 21.94 -42.34 -63.46
C15 WVN OJ . 12.48 -18.74 -64.76
C16 WVN OJ . 21.32 -40.83 -61.57
C17 WVN OJ . 14.24 -17.61 -67.64
C18 WVN OJ . 16.08 -18.27 -66.12
C19 WVN OJ . 22.82 -37.65 -62.54
C20 WVN OJ . 14.50 -20.17 -64.94
C21 WVN OJ . 11.22 -18.47 -65.62
C22 WVN OJ . 22.58 -36.19 -62.03
C23 WVN OJ . 14.20 -21.40 -65.43
C24 WVN OJ . 23.92 -35.58 -61.67
C25 WVN OJ . 14.34 -22.94 -65.49
C26 WVN OJ . 21.90 -35.31 -63.10
C27 WVN OJ . 12.96 -23.54 -65.64
C28 WVN OJ . 14.99 -23.45 -64.20
C29 WVN OJ . 21.14 -34.09 -62.49
C30 WVN OJ . 16.29 -24.27 -64.43
C31 WVN OJ . 21.36 -32.89 -63.15
C32 WVN OJ . 21.17 -31.35 -63.36
C33 WVN OJ . 16.10 -25.60 -64.23
C34 WVN OJ . 16.51 -27.08 -64.21
C35 WVN OJ . 22.01 -30.62 -62.34
C36 WVN OJ . 19.69 -30.94 -63.21
C37 WVN OJ . 17.92 -27.33 -63.62
C38 WVN OJ . 16.50 -27.53 -65.66
C39 WVN OJ . 19.46 -29.38 -63.28
C40 WVN OJ . 18.23 -28.88 -63.55
C03 II0 PJ . 1.41 -28.33 -68.49
C04 II0 PJ . 1.65 -7.91 -81.46
C05 II0 PJ . 0.98 -29.65 -67.85
C06 II0 PJ . 2.34 -6.55 -81.49
C07 II0 PJ . 0.44 -30.66 -68.85
C08 II0 PJ . 2.34 -5.84 -80.14
C09 II0 PJ . 2.17 -28.64 -69.78
C10 II0 PJ . 2.05 -8.64 -80.17
C11 II0 PJ . 1.49 -31.03 -69.88
C12 II0 PJ . 3.12 -6.66 -79.12
C13 II0 PJ . 2.44 -29.89 -70.18
C14 II0 PJ . 3.01 -8.14 -79.37
C15 II0 PJ . 0.16 -27.50 -68.79
C16 II0 PJ . 2.31 -27.57 -67.51
C17 II0 PJ . 0.13 -7.71 -81.51
C18 II0 PJ . 2.08 -8.73 -82.69
C19 II0 PJ . 3.67 -30.30 -70.94
C20 II0 PJ . 4.04 -8.97 -78.66
C21 II0 PJ . 2.62 -27.54 -70.57
C22 II0 PJ . 1.41 -9.86 -79.88
C23 II0 PJ . 3.09 -26.63 -71.19
C24 II0 PJ . 0.89 -10.93 -79.70
C25 II0 PJ . 3.82 -25.58 -71.85
C26 II0 PJ . 0.36 -12.24 -79.44
C27 II0 PJ . 5.21 -25.34 -71.34
C28 II0 PJ . -1.12 -12.38 -79.51
C29 II0 PJ . 3.26 -24.86 -72.84
C30 II0 PJ . 1.21 -13.25 -79.15
C31 II0 PJ . 3.74 -23.61 -73.34
C32 II0 PJ . 0.85 -14.60 -78.91
C33 II0 PJ . 3.12 -22.91 -74.31
C34 II0 PJ . 1.72 -15.54 -78.50
C35 II0 PJ . 3.56 -21.62 -74.84
C36 II0 PJ . 1.40 -16.93 -78.24
C37 II0 PJ . 4.91 -21.11 -74.44
C38 II0 PJ . 0.15 -17.50 -78.85
C39 II0 PJ . 2.71 -20.91 -75.61
C40 II0 PJ . 2.21 -17.64 -77.42
C41 II0 PJ . 2.89 -19.60 -76.12
C42 II0 PJ . 2.02 -18.97 -76.94
O01 II0 PJ . 0.03 -31.83 -68.15
O02 II0 PJ . 2.94 -4.56 -80.28
O1 LHG QJ . 18.16 -52.76 -72.32
C1 LHG QJ . 19.47 -52.66 -71.77
C2 LHG QJ . 19.91 -51.22 -71.84
O2 LHG QJ . 20.80 -50.91 -70.78
C3 LHG QJ . 18.77 -50.23 -71.71
O3 LHG QJ . 19.50 -49.02 -71.80
P LHG QJ . 18.76 -47.58 -71.75
O4 LHG QJ . 17.75 -47.64 -70.65
O5 LHG QJ . 18.68 -47.16 -73.18
O6 LHG QJ . 20.04 -46.80 -71.02
C4 LHG QJ . 20.26 -46.96 -69.65
C5 LHG QJ . 21.70 -46.48 -69.44
C6 LHG QJ . 21.98 -45.16 -70.15
O7 LHG QJ . 21.83 -46.24 -68.05
C7 LHG QJ . 22.69 -47.09 -67.45
O9 LHG QJ . 23.03 -48.15 -67.93
C8 LHG QJ . 23.35 -46.42 -66.30
C9 LHG QJ . 24.73 -46.98 -66.14
C10 LHG QJ . 24.99 -47.35 -64.70
O8 LHG QJ . 23.42 -45.10 -70.19
C23 LHG QJ . 24.04 -44.21 -69.35
O10 LHG QJ . 23.46 -43.78 -68.37
C24 LHG QJ . 25.47 -43.76 -69.62
C11 LHG QJ . 25.88 -46.22 -64.26
C12 LHG QJ . 26.32 -46.47 -62.86
C13 LHG QJ . 26.99 -45.22 -62.35
C25 LHG QJ . 25.97 -42.61 -68.77
C26 LHG QJ . 26.95 -41.63 -69.42
C27 LHG QJ . 26.21 -41.12 -70.64
C28 LHG QJ . 26.84 -39.95 -71.33
C29 LHG QJ . 26.18 -39.89 -72.71
C30 LHG QJ . 25.64 -38.55 -73.15
MG CLA RJ . -22.17 -21.61 -73.19
CHA CLA RJ . -25.45 -20.73 -73.90
CHB CLA RJ . -22.63 -24.61 -74.74
CHC CLA RJ . -18.85 -22.37 -72.63
CHD CLA RJ . -21.71 -18.48 -71.60
NA CLA RJ . -23.80 -22.51 -74.14
C1A CLA RJ . -25.08 -21.98 -74.36
C2A CLA RJ . -25.97 -22.99 -75.10
C3A CLA RJ . -25.07 -24.24 -75.24
C4A CLA RJ . -23.73 -23.77 -74.68
CMA CLA RJ . -25.62 -25.41 -74.46
CAA CLA RJ . -26.36 -22.53 -76.49
CBA CLA RJ . -25.22 -21.82 -77.21
CGA CLA RJ . -25.74 -21.09 -78.42
O1A CLA RJ . -26.56 -20.17 -78.47
O2A CLA RJ . -25.18 -21.55 -79.58
NB CLA RJ . -20.97 -23.19 -73.61
C1B CLA RJ . -21.35 -24.31 -74.27
C2B CLA RJ . -20.18 -25.24 -74.39
C3B CLA RJ . -19.11 -24.61 -73.79
C4B CLA RJ . -19.60 -23.30 -73.29
CMB CLA RJ . -20.26 -26.55 -75.04
CAB CLA RJ . -17.75 -25.04 -73.62
CBB CLA RJ . -17.36 -26.11 -72.92
NC CLA RJ . -20.58 -20.62 -72.26
C1C CLA RJ . -19.31 -21.11 -72.15
C2C CLA RJ . -18.46 -20.15 -71.46
C3C CLA RJ . -19.26 -19.04 -71.16
C4C CLA RJ . -20.59 -19.34 -71.68
CMC CLA RJ . -17.03 -20.37 -71.18
CAC CLA RJ . -18.85 -17.80 -70.47
CBC CLA RJ . -18.71 -17.94 -68.97
ND CLA RJ . -23.28 -19.99 -72.75
C1D CLA RJ . -22.97 -18.77 -72.10
C2D CLA RJ . -24.17 -17.92 -72.07
C3D CLA RJ . -25.17 -18.62 -72.73
C4D CLA RJ . -24.54 -19.90 -73.15
CMD CLA RJ . -24.25 -16.60 -71.45
CAD CLA RJ . -26.55 -18.64 -73.16
OBD CLA RJ . -27.43 -17.80 -72.97
CBD CLA RJ . -26.76 -19.97 -73.97
CGD CLA RJ . -27.89 -20.82 -73.47
O1D CLA RJ . -27.90 -21.52 -72.46
O2D CLA RJ . -28.99 -20.84 -74.29
CED CLA RJ . -29.70 -19.63 -74.53
C1 CLA RJ . -25.82 -22.69 -80.19
C2 CLA RJ . -26.40 -22.21 -81.48
C3 CLA RJ . -25.68 -22.08 -82.62
C4 CLA RJ . -24.24 -22.40 -82.68
C5 CLA RJ . -26.32 -21.60 -83.87
C6 CLA RJ . -25.69 -20.32 -84.39
MG CLA SJ . -27.52 -11.31 -64.35
CHA CLA SJ . -28.79 -14.49 -63.77
CHB CLA SJ . -28.17 -10.44 -61.11
CHC CLA SJ . -26.13 -8.25 -64.96
CHD CLA SJ . -26.89 -12.24 -67.71
NA CLA SJ . -28.36 -12.33 -62.72
C1A CLA SJ . -28.81 -13.66 -62.67
C2A CLA SJ . -29.33 -13.98 -61.26
C3A CLA SJ . -29.21 -12.64 -60.50
C4A CLA SJ . -28.52 -11.72 -61.50
CMA CLA SJ . -30.56 -12.13 -60.07
CAA CLA SJ . -28.51 -15.06 -60.56
CBA CLA SJ . -27.38 -14.52 -59.71
CGA CLA SJ . -26.18 -14.19 -60.55
O1A CLA SJ . -25.88 -14.61 -61.67
O2A CLA SJ . -25.35 -13.29 -59.94
NB CLA SJ . -27.15 -9.68 -63.22
C1B CLA SJ . -27.56 -9.48 -61.95
C2B CLA SJ . -27.33 -8.08 -61.54
C3B CLA SJ . -26.75 -7.45 -62.63
C4B CLA SJ . -26.64 -8.47 -63.71
CMB CLA SJ . -27.67 -7.55 -60.22
CAB CLA SJ . -26.33 -6.09 -62.84
CBB CLA SJ . -25.54 -5.37 -62.05
NC CLA SJ . -26.67 -10.41 -66.02
C1C CLA SJ . -26.13 -9.15 -66.06
C2C CLA SJ . -25.59 -8.87 -67.38
C3C CLA SJ . -25.84 -9.99 -68.16
C4C CLA SJ . -26.50 -10.95 -67.31
CMC CLA SJ . -24.93 -7.63 -67.80
CAC CLA SJ . -25.47 -10.17 -69.57
CBC CLA SJ . -24.08 -10.76 -69.69
ND CLA SJ . -27.82 -12.91 -65.54
C1D CLA SJ . -27.50 -13.16 -66.90
C2D CLA SJ . -27.92 -14.52 -67.26
C3D CLA SJ . -28.42 -15.09 -66.10
C4D CLA SJ . -28.33 -14.05 -65.06
CMD CLA SJ . -27.76 -15.05 -68.61
CAD CLA SJ . -29.02 -16.26 -65.49
OBD CLA SJ . -29.30 -17.34 -65.97
CBD CLA SJ . -29.24 -15.93 -63.98
CGD CLA SJ . -30.67 -16.12 -63.57
O1D CLA SJ . -31.12 -16.88 -62.71
O2D CLA SJ . -31.56 -15.33 -64.27
CED CLA SJ . -32.37 -14.41 -63.52
C1 CLA SJ . -24.98 -12.12 -60.70
C2 CLA SJ . -24.96 -10.99 -59.75
C3 CLA SJ . -24.28 -9.85 -59.97
C4 CLA SJ . -24.29 -8.74 -58.99
C5 CLA SJ . -23.49 -9.63 -61.22
C6 CLA SJ . -22.00 -9.82 -61.01
C7 CLA SJ . -21.22 -8.57 -61.37
C8 CLA SJ . -19.71 -8.73 -61.19
C9 CLA SJ . -19.30 -8.30 -59.80
C10 CLA SJ . -18.95 -7.91 -62.23
C11 CLA SJ . -18.07 -8.76 -63.11
C12 CLA SJ . -17.32 -7.93 -64.13
C13 CLA SJ . -16.87 -8.68 -65.39
C14 CLA SJ . -16.71 -10.17 -65.21
C15 CLA SJ . -15.58 -8.08 -65.94
C16 CLA SJ . -14.41 -8.36 -65.02
C17 CLA SJ . -13.72 -7.09 -64.57
C18 CLA SJ . -13.15 -7.19 -63.17
C19 CLA SJ . -12.64 -5.84 -62.70
C20 CLA SJ . -14.17 -7.71 -62.18
MG CLA TJ . -24.82 -1.53 -59.36
CHA CLA TJ . -26.20 -2.33 -56.25
CHB CLA TJ . -23.42 -4.61 -59.48
CHC CLA TJ . -23.24 -0.62 -62.26
CHD CLA TJ . -26.05 1.75 -59.00
NA CLA TJ . -24.91 -3.21 -58.11
C1A CLA TJ . -25.54 -3.37 -56.86
C2A CLA TJ . -25.33 -4.80 -56.33
C3A CLA TJ . -24.49 -5.49 -57.42
C4A CLA TJ . -24.28 -4.38 -58.44
CMA CLA TJ . -23.14 -5.90 -56.90
CAA CLA TJ . -26.66 -5.54 -56.18
CBA CLA TJ . -26.52 -7.05 -56.18
CGA CLA TJ . -25.84 -7.51 -54.92
O1A CLA TJ . -26.18 -7.30 -53.75
O2A CLA TJ . -24.72 -8.27 -55.16
NB CLA TJ . -23.75 -2.52 -60.75
C1B CLA TJ . -23.08 -3.66 -60.45
C2B CLA TJ . -21.83 -3.78 -61.22
C3B CLA TJ . -21.75 -2.67 -62.02
C4B CLA TJ . -22.97 -1.84 -61.73
CMB CLA TJ . -20.90 -4.91 -61.05
CAB CLA TJ . -20.71 -2.26 -62.93
CBB CLA TJ . -20.16 -2.99 -63.91
NC CLA TJ . -24.76 0.23 -60.49
C1C CLA TJ . -24.09 0.37 -61.68
C2C CLA TJ . -24.31 1.71 -62.21
C3C CLA TJ . -25.04 2.40 -61.25
C4C CLA TJ . -25.33 1.46 -60.17
CMC CLA TJ . -23.77 2.21 -63.48
CAC CLA TJ . -25.51 3.80 -61.32
CBC CLA TJ . -24.73 4.72 -60.41
ND CLA TJ . -25.85 -0.46 -57.98
C1D CLA TJ . -26.28 0.88 -57.96
C2D CLA TJ . -26.99 1.15 -56.69
C3D CLA TJ . -26.96 -0.03 -55.99
C4D CLA TJ . -26.26 -1.02 -56.84
CMD CLA TJ . -27.53 2.46 -56.32
CAD CLA TJ . -27.34 -0.71 -54.76
OBD CLA TJ . -27.86 -0.26 -53.76
CBD CLA TJ . -26.89 -2.19 -54.91
CGD CLA TJ . -25.98 -2.63 -53.78
O1D CLA TJ . -26.23 -3.42 -52.87
O2D CLA TJ . -24.75 -2.05 -53.82
CED CLA TJ . -23.64 -2.81 -53.33
C1 CLA TJ . -23.94 -8.69 -54.03
C2 CLA TJ . -22.98 -7.61 -53.71
C3 CLA TJ . -21.66 -7.72 -53.85
C4 CLA TJ . -21.01 -8.96 -54.35
C5 CLA TJ . -20.74 -6.58 -53.51
C6 CLA TJ . -19.81 -6.91 -52.37
MG CLA UJ . -31.92 12.89 -71.81
CHA CLA UJ . -31.36 16.26 -72.27
CHB CLA UJ . -29.56 12.84 -69.35
CHC CLA UJ . -32.87 9.69 -71.05
CHD CLA UJ . -34.41 12.99 -74.32
NA CLA UJ . -30.66 14.33 -70.98
C1A CLA UJ . -30.61 15.71 -71.27
C2A CLA UJ . -29.57 16.41 -70.42
C3A CLA UJ . -28.81 15.24 -69.74
C4A CLA UJ . -29.74 14.04 -70.00
CMA CLA UJ . -27.44 15.04 -70.32
CAA CLA UJ . -30.26 17.33 -69.42
CBA CLA UJ . -31.29 16.69 -68.49
CGA CLA UJ . -32.70 16.76 -68.99
O1A CLA UJ . -33.42 17.76 -69.13
O2A CLA UJ . -33.23 15.54 -69.30
NB CLA UJ . -31.14 11.45 -70.66
C1B CLA UJ . -30.39 11.73 -69.55
C2B CLA UJ . -30.61 10.71 -68.47
C3B CLA UJ . -31.52 9.84 -68.95
C4B CLA UJ . -31.89 10.29 -70.32
CMB CLA UJ . -29.98 10.79 -67.15
CAB CLA UJ . -32.16 8.70 -68.31
CBB CLA UJ . -31.56 7.53 -68.08
NC CLA UJ . -33.36 11.58 -72.56
C1C CLA UJ . -33.60 10.32 -72.09
C2C CLA UJ . -34.68 9.69 -72.83
C3C CLA UJ . -35.12 10.62 -73.75
C4C CLA UJ . -34.29 11.82 -73.57
CMC CLA UJ . -35.17 8.33 -72.58
CAC CLA UJ . -36.21 10.47 -74.74
CBC CLA UJ . -35.77 9.78 -76.01
ND CLA UJ . -32.91 14.31 -72.86
C1D CLA UJ . -33.79 14.18 -73.99
C2D CLA UJ . -33.81 15.44 -74.74
C3D CLA UJ . -32.97 16.30 -74.07
C4D CLA UJ . -32.41 15.55 -72.94
CMD CLA UJ . -34.60 15.62 -75.97
CAD CLA UJ . -32.34 17.60 -74.07
OBD CLA UJ . -32.54 18.53 -74.83
CBD CLA UJ . -31.26 17.61 -72.95
CGD CLA UJ . -29.85 17.86 -73.43
O1D CLA UJ . -28.92 18.37 -72.80
O2D CLA UJ . -29.62 17.48 -74.72
CED CLA UJ . -28.36 17.84 -75.30
C1 CLA UJ . -34.44 15.50 -70.10
C2 CLA UJ . -34.85 14.07 -70.23
C3 CLA UJ . -36.03 13.67 -70.74
C4 CLA UJ . -37.05 14.61 -71.26
C5 CLA UJ . -36.36 12.22 -70.83
C6 CLA UJ . -37.62 11.83 -70.07
C7 CLA UJ . -38.13 10.47 -70.52
C8 CLA UJ . -38.63 9.63 -69.35
C9 CLA UJ . -37.48 8.82 -68.77
C10 CLA UJ . -39.78 8.71 -69.77
C11 CLA UJ . -40.25 7.84 -68.64
C12 CLA UJ . -41.70 7.41 -68.82
C13 CLA UJ . -42.12 6.37 -67.78
C14 CLA UJ . -43.58 6.02 -67.94
C15 CLA UJ . -41.85 6.84 -66.35
C16 CLA UJ . -41.93 5.68 -65.38
C17 CLA UJ . -41.82 6.15 -63.94
C18 CLA UJ . -41.66 4.99 -62.97
C19 CLA UJ . -40.37 4.25 -63.20
C20 CLA UJ . -42.84 4.05 -63.06
MG CLA VJ . -36.26 25.03 -73.59
CHA CLA VJ . -36.14 28.40 -74.43
CHB CLA VJ . -39.21 24.72 -75.26
CHC CLA VJ . -36.40 21.72 -72.63
CHD CLA VJ . -33.20 25.40 -71.85
NA CLA VJ . -37.45 26.37 -74.68
C1A CLA VJ . -37.24 27.74 -74.94
C2A CLA VJ . -38.38 28.31 -75.79
C3A CLA VJ . -39.29 27.09 -76.06
C4A CLA VJ . -38.62 25.96 -75.29
CMA CLA VJ . -40.71 27.33 -75.58
CAA CLA VJ . -37.96 28.90 -77.12
CBA CLA VJ . -36.92 28.08 -77.85
CGA CLA VJ . -35.67 28.87 -78.03
O1A CLA VJ . -35.51 30.09 -77.98
O2A CLA VJ . -34.57 28.07 -78.28
NB CLA VJ . -37.54 23.50 -73.91
C1B CLA VJ . -38.71 23.58 -74.58
C2B CLA VJ . -39.45 22.30 -74.48
C3B CLA VJ . -38.66 21.44 -73.74
C4B CLA VJ . -37.44 22.20 -73.37
CMB CLA VJ . -40.75 22.07 -75.10
CAB CLA VJ . -38.89 20.08 -73.34
CBB CLA VJ . -39.87 19.67 -72.55
NC CLA VJ . -35.00 23.79 -72.48
C1C CLA VJ . -35.25 22.46 -72.22
C2C CLA VJ . -34.16 21.90 -71.43
C3C CLA VJ . -33.26 22.93 -71.18
C4C CLA VJ . -33.80 24.12 -71.86
CMC CLA VJ . -34.10 20.50 -70.99
CAC CLA VJ . -31.99 22.86 -70.44
CBC CLA VJ . -32.15 22.94 -68.93
ND CLA VJ . -34.93 26.49 -73.21
C1D CLA VJ . -33.71 26.51 -72.47
C2D CLA VJ . -33.17 27.89 -72.49
C3D CLA VJ . -34.06 28.65 -73.20
C4D CLA VJ . -35.14 27.75 -73.65
CMD CLA VJ . -31.92 28.30 -71.84
CAD CLA VJ . -34.36 29.98 -73.72
OBD CLA VJ . -33.74 31.02 -73.61
CBD CLA VJ . -35.71 29.86 -74.49
CGD CLA VJ . -36.77 30.76 -73.93
O1D CLA VJ . -37.00 31.01 -72.74
O2D CLA VJ . -37.55 31.37 -74.87
CED CLA VJ . -38.86 31.78 -74.49
MG CLA WJ . -39.17 19.99 -62.51
CHA CLA WJ . -36.89 22.26 -63.85
CHB CLA WJ . -40.75 22.53 -60.90
CHC CLA WJ . -41.54 17.75 -61.43
CHD CLA WJ . -37.42 17.37 -64.10
NA CLA WJ . -38.84 22.04 -62.40
C1A CLA WJ . -37.85 22.81 -63.03
C2A CLA WJ . -37.99 24.28 -62.66
C3A CLA WJ . -39.01 24.26 -61.52
C4A CLA WJ . -39.61 22.85 -61.62
CMA CLA WJ . -38.32 24.43 -60.19
CAA CLA WJ . -38.55 25.06 -63.83
CBA CLA WJ . -38.51 26.56 -63.61
CGA CLA WJ . -39.09 27.28 -64.80
O1A CLA WJ . -39.02 28.47 -65.08
O2A CLA WJ . -39.77 26.46 -65.65
NB CLA WJ . -40.80 20.11 -61.33
C1B CLA WJ . -41.36 21.25 -60.88
C2B CLA WJ . -42.72 20.98 -60.34
C3B CLA WJ . -42.94 19.63 -60.49
C4B CLA WJ . -41.73 19.06 -61.12
CMB CLA WJ . -43.57 22.03 -59.77
CAB CLA WJ . -44.08 18.82 -60.14
CBB CLA WJ . -45.34 19.02 -60.56
NC CLA WJ . -39.40 17.92 -62.71
C1C CLA WJ . -40.44 17.21 -62.16
C2C CLA WJ . -40.29 15.80 -62.48
C3C CLA WJ . -39.13 15.69 -63.25
C4C CLA WJ . -38.58 17.03 -63.39
CMC CLA WJ . -41.21 14.74 -62.06
CAC CLA WJ . -38.57 14.44 -63.80
CBC CLA WJ . -37.58 13.80 -62.87
ND CLA WJ . -37.56 19.79 -63.72
C1D CLA WJ . -36.93 18.65 -64.28
C2D CLA WJ . -35.75 19.09 -65.06
C3D CLA WJ . -35.71 20.48 -64.95
C4D CLA WJ . -36.84 20.85 -64.09
CMD CLA WJ . -34.86 18.21 -65.81
CAD CLA WJ . -35.01 21.70 -65.32
OBD CLA WJ . -34.05 21.85 -66.07
CBD CLA WJ . -35.72 22.87 -64.59
CGD CLA WJ . -34.78 23.61 -63.67
O1D CLA WJ . -34.49 23.34 -62.50
O2D CLA WJ . -34.21 24.71 -64.24
CED CLA WJ . -33.87 25.80 -63.39
C1 CLA WJ . -40.91 27.02 -66.33
C2 CLA WJ . -41.50 25.95 -67.16
C3 CLA WJ . -42.62 26.10 -67.88
C4 CLA WJ . -43.38 27.38 -67.92
C5 CLA WJ . -43.18 24.97 -68.69
C6 CLA WJ . -43.42 25.35 -70.14
MG CLA XJ . -23.77 12.11 -60.91
CHA CLA XJ . -22.59 14.41 -58.59
CHB CLA XJ . -20.69 10.67 -60.97
CHC CLA XJ . -25.07 9.55 -62.76
CHD CLA XJ . -26.95 13.64 -60.77
NA CLA XJ . -21.94 12.54 -59.99
C1A CLA XJ . -21.66 13.51 -59.01
C2A CLA XJ . -20.18 13.42 -58.59
C3A CLA XJ . -19.58 12.58 -59.72
C4A CLA XJ . -20.81 11.84 -60.25
CMA CLA XJ . -18.91 13.43 -60.77
CAA CLA XJ . -20.00 12.58 -57.34
CBA CLA XJ . -20.44 13.16 -56.01
CGA CLA XJ . -21.83 12.73 -55.67
O1A CLA XJ . -22.57 13.17 -54.78
O2A CLA XJ . -22.31 11.73 -56.47
NB CLA XJ . -22.98 10.49 -61.82
C1B CLA XJ . -21.78 9.96 -61.51
C2B CLA XJ . -21.73 8.52 -61.87
C3B CLA XJ . -22.96 8.20 -62.38
C4B CLA XJ . -23.77 9.45 -62.36
CMB CLA XJ . -20.53 7.70 -61.62
CAB CLA XJ . -23.54 6.97 -62.88
CBB CLA XJ . -22.91 6.00 -63.56
NC CLA XJ . -25.66 11.72 -61.70
C1C CLA XJ . -25.96 10.62 -62.45
C2C CLA XJ . -27.36 10.62 -62.83
C3C CLA XJ . -27.92 11.76 -62.24
C4C CLA XJ . -26.84 12.45 -61.53
CMC CLA XJ . -27.97 9.55 -63.63
CAC CLA XJ . -29.32 12.22 -62.27
CBC CLA XJ . -29.86 12.65 -63.62
ND CLA XJ . -24.63 13.67 -59.96
C1D CLA XJ . -25.93 14.22 -60.03
C2D CLA XJ . -25.97 15.44 -59.18
C3D CLA XJ . -24.74 15.53 -58.57
C4D CLA XJ . -23.93 14.41 -59.10
CMD CLA XJ . -27.13 16.31 -59.01
CAD CLA XJ . -23.89 16.30 -57.67
OBD CLA XJ . -24.17 17.30 -57.01
CBD CLA XJ . -22.50 15.62 -57.66
CGD CLA XJ . -21.41 16.56 -58.12
O1D CLA XJ . -20.83 16.57 -59.20
O2D CLA XJ . -21.05 17.48 -57.18
CED CLA XJ . -19.66 17.80 -57.07
C1 CLA XJ . -23.11 10.72 -55.82
C2 CLA XJ . -23.52 9.74 -56.85
C3 CLA XJ . -24.61 9.88 -57.63
C4 CLA XJ . -25.51 11.06 -57.51
C5 CLA XJ . -24.96 8.85 -58.64
C6 CLA XJ . -26.28 8.15 -58.33
MG CLA YJ . -31.18 3.98 -56.12
CHA CLA YJ . -31.03 0.53 -55.68
CHB CLA YJ . -32.22 4.33 -52.91
CHC CLA YJ . -31.01 7.38 -56.51
CHD CLA YJ . -30.11 3.56 -59.46
NA CLA YJ . -31.63 2.62 -54.59
C1A CLA YJ . -31.49 1.22 -54.59
C2A CLA YJ . -31.93 0.64 -53.24
C3A CLA YJ . -32.56 1.85 -52.52
C4A CLA YJ . -32.11 3.03 -53.37
CMA CLA YJ . -34.07 1.75 -52.46
CAA CLA YJ . -30.78 0.11 -52.42
CBA CLA YJ . -31.24 -0.57 -51.14
CGA CLA YJ . -30.08 -0.88 -50.24
O1A CLA YJ . -30.03 -1.65 -49.29
O2A CLA YJ . -28.95 -0.17 -50.56
NB CLA YJ . -31.62 5.57 -54.95
C1B CLA YJ . -31.85 5.49 -53.61
C2B CLA YJ . -31.66 6.83 -52.99
C3B CLA YJ . -31.33 7.70 -54.01
C4B CLA YJ . -31.31 6.90 -55.27
CMB CLA YJ . -31.85 7.08 -51.56
CAB CLA YJ . -31.04 9.11 -53.99
CBB CLA YJ . -30.05 9.68 -53.29
NC CLA YJ . -30.73 5.23 -57.72
C1C CLA YJ . -30.77 6.60 -57.67
C2C CLA YJ . -30.42 7.15 -58.97
C3C CLA YJ . -30.11 6.07 -59.81
C4C CLA YJ . -30.32 4.87 -59.01
CMC CLA YJ . -30.36 8.57 -59.30
CAC CLA YJ . -29.72 6.12 -61.23
CBC CLA YJ . -30.88 6.31 -62.15
ND CLA YJ . -30.74 2.45 -57.35
C1D CLA YJ . -30.29 2.43 -58.71
C2D CLA YJ . -30.02 1.03 -59.10
C3D CLA YJ . -30.26 0.26 -57.97
C4D CLA YJ . -30.72 1.19 -56.91
CMD CLA YJ . -29.55 0.63 -60.42
CAD CLA YJ . -30.27 -1.06 -57.41
OBD CLA YJ . -29.94 -2.12 -57.94
CBD CLA YJ . -30.76 -0.94 -55.93
CGD CLA YJ . -31.93 -1.84 -55.64
O1D CLA YJ . -31.91 -3.05 -55.36
O2D CLA YJ . -33.14 -1.23 -55.71
CED CLA YJ . -34.22 -1.81 -54.98
C1 CLA YJ . -27.70 -0.82 -50.27
C2 CLA YJ . -26.89 0.12 -49.46
C3 CLA YJ . -26.15 1.12 -49.98
C4 CLA YJ . -25.37 2.04 -49.13
C5 CLA YJ . -26.09 1.35 -51.45
C6 CLA YJ . -24.67 1.34 -51.99
C7 CLA YJ . -24.66 1.30 -53.51
C8 CLA YJ . -23.47 2.03 -54.08
C9 CLA YJ . -23.92 3.14 -55.02
C10 CLA YJ . -22.48 1.07 -54.75
C11 CLA YJ . -22.80 0.75 -56.21
C12 CLA YJ . -21.54 0.36 -56.96
C13 CLA YJ . -21.79 0.29 -58.46
C14 CLA YJ . -20.67 -0.47 -59.15
C15 CLA YJ . -21.95 1.67 -59.08
C16 CLA YJ . -20.75 2.56 -58.79
C17 CLA YJ . -20.87 3.90 -59.48
C18 CLA YJ . -20.68 5.07 -58.52
C19 CLA YJ . -19.31 5.05 -57.89
C20 CLA YJ . -21.76 5.07 -57.45
MG CLA ZJ . -41.48 -3.00 -68.04
CHA CLA ZJ . -44.00 -3.96 -65.85
CHB CLA ZJ . -42.44 -5.42 -70.21
CHC CLA ZJ . -39.26 -1.72 -70.33
CHD CLA ZJ . -40.74 -0.29 -65.85
NA CLA ZJ . -42.91 -4.50 -67.97
C1A CLA ZJ . -43.91 -4.72 -66.99
C2A CLA ZJ . -44.78 -5.92 -67.38
C3A CLA ZJ . -44.08 -6.47 -68.63
C4A CLA ZJ . -43.06 -5.39 -68.99
CMA CLA ZJ . -43.37 -7.74 -68.28
CAA CLA ZJ . -46.23 -5.56 -67.70
CBA CLA ZJ . -46.51 -5.21 -69.15
CGA CLA ZJ . -46.17 -3.78 -69.40
O1A CLA ZJ . -45.83 -2.93 -68.56
O2A CLA ZJ . -46.28 -3.38 -70.70
NB CLA ZJ . -41.01 -3.44 -69.94
C1B CLA ZJ . -41.47 -4.50 -70.64
C2B CLA ZJ . -40.78 -4.59 -71.96
C3B CLA ZJ . -39.87 -3.56 -71.99
C4B CLA ZJ . -39.99 -2.81 -70.71
CMB CLA ZJ . -41.04 -5.66 -72.91
CAB CLA ZJ . -38.92 -3.22 -73.01
CBB CLA ZJ . -38.96 -2.08 -73.71
NC CLA ZJ . -40.17 -1.35 -68.04
C1C CLA ZJ . -39.32 -1.05 -69.06
C2C CLA ZJ . -38.54 0.12 -68.73
C3C CLA ZJ . -38.99 0.57 -67.49
C4C CLA ZJ . -40.02 -0.36 -67.07
CMC CLA ZJ . -37.51 0.71 -69.59
CAC CLA ZJ . -38.51 1.73 -66.74
CBC CLA ZJ . -39.33 2.96 -67.06
ND CLA ZJ . -41.97 -2.40 -66.16
C1D CLA ZJ . -41.65 -1.22 -65.42
C2D CLA ZJ . -42.44 -1.19 -64.18
C3D CLA ZJ . -43.34 -2.23 -64.28
C4D CLA ZJ . -43.06 -2.91 -65.57
CMD CLA ZJ . -42.29 -0.20 -63.12
CAD CLA ZJ . -44.44 -2.95 -63.64
OBD CLA ZJ . -44.90 -2.82 -62.53
CBD CLA ZJ . -44.98 -3.96 -64.69
CGD CLA ZJ . -45.18 -5.34 -64.10
O1D CLA ZJ . -44.42 -6.30 -64.15
O2D CLA ZJ . -46.37 -5.47 -63.45
CED CLA ZJ . -47.58 -5.37 -64.22
C1 CLA ZJ . -45.07 -3.33 -71.49
C2 CLA ZJ . -45.16 -2.15 -72.39
C3 CLA ZJ . -44.50 -2.06 -73.56
C4 CLA ZJ . -43.60 -3.14 -74.05
C5 CLA ZJ . -44.63 -0.85 -74.42
C6 CLA ZJ . -43.29 -0.33 -74.92
C7 CLA ZJ . -43.45 0.94 -75.71
C8 CLA ZJ . -42.63 0.94 -76.99
C9 CLA ZJ . -43.00 -0.23 -77.87
C10 CLA ZJ . -41.13 0.91 -76.68
C11 CLA ZJ . -40.38 1.98 -77.43
C12 CLA ZJ . -40.83 3.37 -77.03
MG CLA AK . -31.51 -14.00 -79.97
CHA CLA AK . -34.72 -13.95 -78.61
CHB CLA AK . -32.18 -16.95 -81.49
CHC CLA AK . -28.27 -14.08 -81.12
CHD CLA AK . -30.83 -10.93 -78.34
NA CLA AK . -33.22 -15.21 -80.08
C1A CLA AK . -34.48 -15.02 -79.44
C2A CLA AK . -35.42 -16.19 -79.83
C3A CLA AK . -34.62 -16.98 -80.89
C4A CLA AK . -33.23 -16.35 -80.83
CMA CLA AK . -34.60 -18.46 -80.64
CAA CLA AK . -36.76 -15.76 -80.44
CBA CLA AK . -36.70 -15.53 -81.94
CGA CLA AK . -36.75 -14.07 -82.24
O1A CLA AK . -37.73 -13.38 -82.52
O2A CLA AK . -35.53 -13.46 -82.17
NB CLA AK . -30.46 -15.23 -81.16
C1B CLA AK . -30.86 -16.48 -81.51
C2B CLA AK . -29.69 -17.30 -81.94
C3B CLA AK . -28.59 -16.49 -81.83
C4B CLA AK . -29.06 -15.16 -81.35
CMB CLA AK . -29.81 -18.69 -82.38
CAB CLA AK . -27.20 -16.78 -82.12
CBB CLA AK . -26.26 -16.99 -81.20
NC CLA AK . -29.89 -12.70 -79.82
C1C CLA AK . -28.66 -12.90 -80.41
C2C CLA AK . -27.77 -11.78 -80.15
C3C CLA AK . -28.47 -10.91 -79.30
C4C CLA AK . -29.80 -11.50 -79.12
CMC CLA AK . -26.40 -11.66 -80.64
CAC CLA AK . -28.01 -9.63 -78.77
CBC CLA AK . -27.26 -9.76 -77.47
ND CLA AK . -32.50 -12.68 -78.80
C1D CLA AK . -32.08 -11.47 -78.16
C2D CLA AK . -33.18 -10.95 -77.34
C3D CLA AK . -34.21 -11.86 -77.47
C4D CLA AK . -33.74 -12.92 -78.39
CMD CLA AK . -33.14 -9.72 -76.55
CAD CLA AK . -35.58 -12.18 -77.09
OBD CLA AK . -36.36 -11.55 -76.38
CBD CLA AK . -35.93 -13.54 -77.78
CGD CLA AK . -36.26 -14.58 -76.74
O1D CLA AK . -35.48 -15.32 -76.13
O2D CLA AK . -37.59 -14.71 -76.49
CED CLA AK . -38.17 -16.02 -76.66
C1 CLA AK . -34.52 -13.92 -83.10
C2 CLA AK . -33.32 -13.09 -82.86
C3 CLA AK . -32.13 -13.35 -83.42
C4 CLA AK . -31.91 -14.51 -84.31
C5 CLA AK . -30.94 -12.47 -83.17
C6 CLA AK . -31.29 -11.13 -82.55
NB KC2 BK . -35.30 -3.28 -78.23
ND KC2 BK . -35.35 -7.26 -78.98
C1A KC2 BK . -38.26 -6.38 -78.02
C1B KC2 BK . -36.34 -2.49 -77.87
C1C KC2 BK . -32.62 -4.19 -79.42
C1D KC2 BK . -34.40 -8.10 -79.56
C2A KC2 BK . -39.42 -6.03 -77.35
C2B KC2 BK . -36.02 -1.17 -78.10
C2C KC2 BK . -31.37 -4.56 -79.88
C2D KC2 BK . -35.01 -9.29 -79.97
C3A KC2 BK . -39.27 -4.69 -77.01
C3B KC2 BK . -34.72 -1.12 -78.60
C3C KC2 BK . -31.36 -5.94 -80.05
C3D KC2 BK . -36.37 -9.15 -79.62
C4A KC2 BK . -38.06 -4.26 -77.49
C4B KC2 BK . -34.28 -2.44 -78.67
C4C KC2 BK . -32.62 -6.38 -79.67
C4D KC2 BK . -36.49 -7.91 -79.00
CAA KC2 BK . -40.60 -6.77 -76.96
CAB KC2 BK . -33.98 0.07 -78.97
CAC KC2 BK . -30.25 -6.75 -80.51
CAD KC2 BK . -37.68 -9.80 -79.63
CBA KC2 BK . -41.52 -7.35 -77.69
CBB KC2 BK . -33.25 0.82 -78.18
CBC KC2 BK . -30.21 -7.54 -81.55
CBD KC2 BK . -38.68 -8.77 -79.09
CED KC2 BK . -38.66 -7.40 -82.18
CGA KC2 BK . -41.95 -8.73 -77.39
CGD KC2 BK . -39.59 -8.39 -80.25
CHA KC2 BK . -37.84 -7.64 -78.62
CHB KC2 BK . -37.53 -2.98 -77.37
CHC KC2 BK . -33.03 -2.89 -79.13
CHD KC2 BK . -33.07 -7.71 -79.67
CMA KC2 BK . -40.29 -3.88 -76.27
CMB KC2 BK . -36.89 0.02 -77.84
CMC KC2 BK . -30.22 -3.64 -80.16
CMD KC2 BK . -34.38 -10.46 -80.65
NA KC2 BK . -37.43 -5.28 -78.09
NC KC2 BK . -33.40 -5.30 -79.27
O1A KC2 BK . -41.98 -9.19 -76.26
O1D KC2 BK . -40.56 -9.03 -80.58
O2A KC2 BK . -42.30 -9.41 -78.45
O2D KC2 BK . -39.21 -7.26 -80.85
OBD KC2 BK . -38.00 -10.93 -79.96
MG KC2 BK . -35.37 -5.28 -78.61
NB KC2 CK . -17.40 -1.94 -78.31
ND KC2 CK . -14.01 -0.16 -76.95
C1A KC2 CK . -14.07 0.11 -80.12
C1B KC2 CK . -17.85 -1.99 -79.58
C1C KC2 CK . -17.30 -2.03 -75.26
C1D KC2 CK . -13.45 -0.07 -75.69
C2A KC2 CK . -14.10 0.14 -81.51
C2B KC2 CK . -19.16 -2.40 -79.59
C2C KC2 CK . -17.25 -2.20 -73.89
C2D KC2 CK . -12.21 0.57 -75.76
C3A KC2 CK . -15.26 -0.52 -81.89
C3B KC2 CK . -19.55 -2.63 -78.28
C3C KC2 CK . -16.04 -1.68 -73.43
C3D KC2 CK . -12.03 0.87 -77.12
C4A KC2 CK . -15.90 -0.93 -80.74
C4B KC2 CK . -18.44 -2.34 -77.49
C4C KC2 CK . -15.37 -1.21 -74.55
C4D KC2 CK . -13.16 0.41 -77.77
CAA KC2 CK . -13.14 0.73 -82.42
CAB KC2 CK . -20.85 -3.07 -77.82
CAC KC2 CK . -15.55 -1.65 -72.06
CAD KC2 CK . -11.14 1.48 -78.13
CBA KC2 CK . -13.35 1.65 -83.32
CBB KC2 CK . -21.28 -4.30 -77.70
CBC KC2 CK . -16.15 -1.22 -70.98
CBD KC2 CK . -11.95 1.57 -79.42
CED KC2 CK . -10.51 3.72 -80.86
CGA KC2 CK . -12.27 2.25 -84.13
CGD KC2 CK . -12.38 3.00 -79.61
CHA KC2 CK . -13.11 0.66 -79.19
CHB KC2 CK . -17.09 -1.65 -80.69
CHC KC2 CK . -18.35 -2.41 -76.09
CHD KC2 CK . -14.10 -0.59 -74.57
CMA KC2 CK . -15.74 -0.75 -83.30
CMB KC2 CK . -20.02 -2.59 -80.80
CMC KC2 CK . -18.32 -2.83 -73.04
CMD KC2 CK . -11.25 0.88 -74.66
NA KC2 CK . -15.18 -0.56 -79.66
NC KC2 CK . -16.16 -1.42 -75.68
O1A KC2 CK . -11.90 3.41 -84.00
O1D KC2 CK . -13.04 3.62 -78.82
O2A KC2 CK . -11.76 1.43 -85.00
O2D KC2 CK . -11.94 3.50 -80.76
OBD KC2 CK . -9.98 1.87 -78.03
MG KC2 CK . -15.68 -1.03 -77.67
NB KC2 DK . -13.58 -3.28 -82.91
ND KC2 DK . -10.24 -1.41 -81.60
C1A KC2 DK . -10.26 -1.29 -84.78
C1B KC2 DK . -13.97 -3.51 -84.18
C1C KC2 DK . -13.44 -3.38 -79.86
C1D KC2 DK . -9.69 -1.27 -80.33
C2A KC2 DK . -10.28 -1.32 -86.16
C2B KC2 DK . -15.13 -4.25 -84.19
C2C KC2 DK . -13.43 -3.45 -78.49
C2D KC2 DK . -8.44 -0.65 -80.43
C3A KC2 DK . -11.43 -2.00 -86.52
C3B KC2 DK . -15.49 -4.50 -82.87
C3C KC2 DK . -12.26 -2.85 -78.04
C3D KC2 DK . -8.24 -0.40 -81.80
C4A KC2 DK . -12.09 -2.36 -85.37
C4B KC2 DK . -14.51 -3.90 -82.09
C4C KC2 DK . -11.59 -2.40 -79.17
C4D KC2 DK . -9.37 -0.89 -82.44
CAA KC2 DK . -9.33 -0.79 -87.12
CAB KC2 DK . -16.65 -5.24 -82.40
CAC KC2 DK . -11.85 -2.72 -76.66
CAD KC2 DK . -7.34 0.15 -82.82
CBA KC2 DK . -8.21 -1.36 -87.49
CBB KC2 DK . -16.67 -6.45 -81.93
CBC KC2 DK . -11.28 -3.63 -75.92
CBD KC2 DK . -8.11 0.15 -84.14
CED KC2 DK . -6.73 1.80 -86.01
CGA KC2 DK . -7.66 -2.52 -86.77
CGD KC2 DK . -8.49 1.58 -84.46
CHA KC2 DK . -9.29 -0.71 -83.86
CHB KC2 DK . -13.29 -3.06 -85.30
CHC KC2 DK . -14.44 -3.88 -80.68
CHD KC2 DK . -10.35 -1.72 -79.19
CMA KC2 DK . -11.87 -2.28 -87.93
CMB KC2 DK . -15.89 -4.71 -85.39
CMC KC2 DK . -14.47 -4.09 -77.62
CMD KC2 DK . -7.49 -0.30 -79.34
NA KC2 DK . -11.38 -1.94 -84.30
NC KC2 DK . -12.33 -2.73 -80.30
O1A KC2 DK . -6.80 -2.43 -85.90
O1D KC2 DK . -9.05 2.31 -83.70
O2A KC2 DK . -8.18 -3.65 -87.14
O2D KC2 DK . -8.13 1.92 -85.69
OBD KC2 DK . -6.18 0.55 -82.72
MG KC2 DK . -11.90 -2.32 -82.29
MG CLA EK . -14.42 1.48 -66.92
CHA CLA EK . -11.71 3.34 -68.06
CHB CLA EK . -13.38 -1.17 -68.78
CHC CLA EK . -16.74 -0.47 -65.33
CHD CLA EK . -15.32 4.19 -64.82
NA CLA EK . -12.86 1.19 -68.27
C1A CLA EK . -11.80 2.06 -68.59
C2A CLA EK . -10.87 1.42 -69.60
C3A CLA EK . -11.67 0.19 -70.08
C4A CLA EK . -12.70 0.02 -68.97
CMA CLA EK . -12.31 0.41 -71.43
CAA CLA EK . -9.62 0.92 -68.89
CBA CLA EK . -8.39 1.77 -69.14
CGA CLA EK . -7.71 2.04 -67.83
O1A CLA EK . -7.54 1.29 -66.87
O2A CLA EK . -7.20 3.32 -67.75
NB CLA EK . -15.05 -0.42 -67.14
C1B CLA EK . -14.35 -1.38 -67.79
C2B CLA EK . -14.75 -2.74 -67.31
C3B CLA EK . -15.71 -2.54 -66.32
C4B CLA EK . -15.91 -1.07 -66.22
CMB CLA EK . -14.15 -3.97 -67.81
CAB CLA EK . -16.42 -3.47 -65.50
CBB CLA EK . -17.13 -4.52 -65.91
NC CLA EK . -15.85 1.84 -65.44
C1C CLA EK . -16.74 0.91 -64.97
C2C CLA EK . -17.59 1.47 -63.94
C3C CLA EK . -17.16 2.79 -63.73
C4C CLA EK . -16.06 3.00 -64.68
CMC CLA EK . -18.64 0.68 -63.27
CAC CLA EK . -17.63 3.81 -62.77
CBC CLA EK . -19.09 4.22 -62.77
ND CLA EK . -13.78 3.37 -66.55
C1D CLA EK . -14.26 4.38 -65.67
C2D CLA EK . -13.43 5.59 -65.85
C3D CLA EK . -12.43 5.25 -66.75
C4D CLA EK . -12.68 3.84 -67.15
CMD CLA EK . -13.64 6.86 -65.15
CAD CLA EK . -11.27 5.69 -67.49
OBD CLA EK . -10.74 6.81 -67.51
CBD CLA EK . -10.75 4.47 -68.31
CGD CLA EK . -10.67 4.81 -69.77
O1D CLA EK . -11.34 4.35 -70.70
O2D CLA EK . -9.73 5.76 -70.08
CED CLA EK . -8.40 5.32 -70.36
C1 CLA EK . -7.30 3.97 -66.47
C2 CLA EK . -5.94 3.91 -65.86
C3 CLA EK . -4.95 4.77 -66.15
C4 CLA EK . -3.62 4.67 -65.51
C5 CLA EK . -5.14 5.87 -67.14
C6 CLA EK . -4.12 5.83 -68.26
C03 II0 FK . -45.84 2.61 -71.28
C04 II0 FK . -23.68 0.21 -79.57
C05 II0 FK . -47.21 2.21 -70.70
C06 II0 FK . -23.40 1.67 -79.97
C07 II0 FK . -47.37 0.68 -70.62
C08 II0 FK . -23.54 1.91 -81.48
C09 II0 FK . -44.73 1.55 -71.05
C10 II0 FK . -24.91 -0.46 -80.28
C11 II0 FK . -46.33 0.10 -69.64
C12 II0 FK . -24.81 1.31 -82.15
C13 II0 FK . -44.94 0.78 -69.73
C14 II0 FK . -25.75 0.45 -81.27
C15 II0 FK . -46.08 2.83 -72.81
C16 II0 FK . -45.42 3.96 -70.65
C17 II0 FK . -22.43 -0.60 -80.01
C18 II0 FK . -23.72 0.12 -78.03
C19 II0 FK . -43.84 -0.31 -69.58
C20 II0 FK . -26.87 1.41 -80.75
C21 II0 FK . -43.27 2.15 -71.05
C22 II0 FK . -25.65 -1.51 -79.34
C23 II0 FK . -42.70 2.05 -72.28
C24 II0 FK . -26.86 -1.33 -78.73
C25 II0 FK . -41.36 2.71 -71.88
C26 II0 FK . -28.02 -1.81 -77.80
C27 II0 FK . -41.50 4.17 -71.44
C28 II0 FK . -27.44 -2.37 -76.52
C29 II0 FK . -40.50 2.70 -73.15
C30 II0 FK . -28.96 -0.63 -77.45
C31 II0 FK . -39.16 1.90 -73.05
C32 II0 FK . -30.46 -0.95 -77.80
C33 II0 FK . -38.47 1.99 -74.23
C34 II0 FK . -31.13 -1.55 -76.78
C35 II0 FK . -37.35 1.11 -73.61
C36 II0 FK . -32.39 -2.18 -76.17
C37 II0 FK . -36.39 2.01 -72.87
C38 II0 FK . -32.02 -3.54 -75.59
C39 II0 FK . -36.62 0.36 -74.74
C40 II0 FK . -32.99 -1.31 -75.05
C41 II0 FK . -35.14 -0.08 -74.43
C42 II0 FK . -34.46 -0.85 -75.32
O01 II0 FK . -48.67 0.33 -70.20
O02 II0 FK . -23.55 3.31 -81.70
C03 II0 GK . -20.53 -12.96 -64.84
C04 II0 GK . -26.64 8.75 -69.77
C05 II0 GK . -20.58 -14.33 -64.15
C06 II0 GK . -26.00 9.84 -70.65
C07 II0 GK . -21.38 -14.22 -62.85
C08 II0 GK . -26.36 11.22 -70.15
C09 II0 GK . -21.94 -12.38 -65.14
C10 II0 GK . -26.49 8.95 -68.23
C11 II0 GK . -22.85 -13.88 -63.17
C12 II0 GK . -25.72 11.40 -68.77
C13 II0 GK . -23.04 -12.64 -64.06
C14 II0 GK . -26.34 10.43 -67.75
C15 II0 GK . -19.66 -12.06 -63.92
C16 II0 GK . -19.79 -13.14 -66.18
C17 II0 GK . -28.14 8.73 -70.10
C18 II0 GK . -26.03 7.40 -70.26
C19 II0 GK . -24.39 -12.87 -64.78
C20 II0 GK . -25.53 10.57 -66.42
C21 II0 GK . -21.90 -10.86 -65.55
C22 II0 GK . -25.38 8.02 -67.61
C23 II0 GK . -22.35 -9.98 -64.61
C24 II0 GK . -25.90 7.08 -66.75
C25 II0 GK . -22.11 -8.71 -65.47
C26 II0 GK . -25.79 5.87 -65.77
C27 II0 GK . -20.65 -8.42 -65.75
C28 II0 GK . -26.99 5.85 -64.84
C29 II0 GK . -22.68 -7.57 -64.58
C30 II0 GK . -25.65 4.56 -66.58
C31 II0 GK . -22.53 -6.08 -65.05
C32 II0 GK . -26.91 3.64 -66.58
C33 II0 GK . -23.77 -5.53 -65.14
C34 II0 GK . -26.65 2.41 -66.10
C35 II0 GK . -23.14 -4.19 -65.55
C36 II0 GK . -27.08 0.97 -65.73
C37 II0 GK . -23.08 -4.07 -67.07
C38 II0 GK . -27.14 0.81 -64.21
C39 II0 GK . -23.99 -3.07 -64.90
C40 II0 GK . -26.10 -0.04 -66.38
C41 II0 GK . -24.76 -2.13 -65.89
C42 II0 GK . -25.34 -0.99 -65.41
O01 II0 GK . -21.33 -15.44 -62.15
O02 II0 GK . -25.86 12.20 -71.03
C03 II0 HK . -28.55 -11.08 -73.65
C04 II0 HK . -7.31 1.51 -73.19
C05 II0 HK . -29.67 -11.40 -72.66
C06 II0 HK . -6.61 2.46 -74.19
C07 II0 HK . -29.57 -12.81 -72.14
C08 II0 HK . -6.00 1.79 -75.41
C09 II0 HK . -27.21 -11.51 -73.06
C10 II0 HK . -7.88 0.29 -73.90
C11 II0 HK . -28.29 -12.92 -71.33
C12 II0 HK . -7.11 1.05 -76.13
C13 II0 HK . -27.10 -12.50 -72.15
C14 II0 HK . -7.80 0.08 -75.23
C15 II0 HK . -28.85 -11.84 -74.95
C16 II0 HK . -28.56 -9.57 -73.95
C17 II0 HK . -6.32 1.09 -72.10
C18 II0 HK . -8.45 2.32 -72.54
C19 II0 HK . -25.84 -13.26 -71.86
C20 II0 HK . -8.38 -1.13 -75.92
C21 II0 HK . -26.04 -10.87 -73.54
C22 II0 HK . -8.56 -0.67 -73.10
C23 II0 HK . -25.03 -10.40 -74.00
C24 II0 HK . -9.20 -1.48 -72.49
C25 II0 HK . -23.85 -9.96 -74.68
C26 II0 HK . -10.05 -2.45 -71.89
C27 II0 HK . -23.86 -10.11 -76.17
C28 II0 HK . -9.67 -2.97 -70.54
C29 II0 HK . -22.80 -9.45 -73.99
C30 II0 HK . -11.15 -2.84 -72.58
C31 II0 HK . -21.76 -8.66 -74.54
C32 II0 HK . -12.19 -3.70 -72.11
C33 II0 HK . -20.71 -8.21 -73.84
C34 II0 HK . -13.24 -4.08 -72.85
C35 II0 HK . -19.62 -7.39 -74.37
C36 II0 HK . -14.32 -4.94 -72.42
C37 II0 HK . -19.68 -6.99 -75.82
C38 II0 HK . -14.25 -5.52 -71.02
C39 II0 HK . -18.62 -7.03 -73.55
C40 II0 HK . -15.35 -5.19 -73.25
C41 II0 HK . -17.48 -6.23 -73.87
C42 II0 HK . -16.50 -5.98 -72.99
O01 II0 HK . -30.70 -13.11 -71.31
O02 II0 HK . -5.42 2.77 -76.26
C03 II0 IK . -21.10 -13.62 -71.96
C04 II0 IK . -18.27 9.34 -64.49
C05 II0 IK . -21.10 -15.06 -72.50
C06 II0 IK . -18.67 10.66 -63.83
C07 II0 IK . -20.01 -15.34 -73.53
C08 II0 IK . -19.67 11.49 -64.63
C09 II0 IK . -19.64 -13.19 -71.72
C10 II0 IK . -19.51 8.68 -65.10
C11 II0 IK . -18.62 -15.10 -72.95
C12 II0 IK . -20.95 10.69 -64.84
C13 II0 IK . -18.66 -14.10 -71.81
C14 II0 IK . -20.70 9.28 -65.29
C15 II0 IK . -21.90 -13.56 -70.67
C16 II0 IK . -21.76 -12.70 -73.00
C17 II0 IK . -17.22 9.60 -65.57
C18 II0 IK . -17.65 8.43 -63.43
C19 II0 IK . -17.52 -14.21 -70.84
C20 II0 IK . -21.89 8.63 -65.96
C21 II0 IK . -19.37 -11.84 -71.40
C22 II0 IK . -19.38 7.33 -65.49
C23 II0 IK . -19.02 -10.73 -71.13
C24 II0 IK . -19.37 6.18 -65.86
C25 II0 IK . -18.40 -9.47 -70.83
C26 II0 IK . -19.51 4.85 -66.36
C27 II0 IK . -16.92 -9.40 -71.11
C28 II0 IK . -18.26 4.20 -66.90
C29 II0 IK . -19.11 -8.45 -70.33
C30 II0 IK . -20.76 4.33 -66.32
C31 II0 IK . -18.60 -7.14 -70.05
C32 II0 IK . -21.23 3.00 -66.61
C33 II0 IK . -19.31 -6.13 -69.57
C34 II0 IK . -20.45 1.93 -66.87
C35 II0 IK . -18.83 -4.79 -69.28
C36 II0 IK . -20.92 0.60 -67.17
C37 II0 IK . -17.39 -4.48 -69.58
C38 II0 IK . -22.40 0.32 -67.08
C39 II0 IK . -19.66 -3.88 -68.74
C40 II0 IK . -20.03 -0.35 -67.55
C41 II0 IK . -19.37 -2.54 -68.38
C42 II0 IK . -20.30 -1.69 -67.92
O01 II0 IK . -20.10 -16.71 -73.96
O02 II0 IK . -19.99 12.68 -63.91
C03 II0 JK . -36.31 26.01 -68.24
C04 II0 JK . -35.91 4.32 -60.81
C05 II0 JK . -35.83 27.44 -68.52
C06 II0 JK . -36.13 2.88 -60.33
C07 II0 JK . -36.01 27.88 -69.97
C08 II0 JK . -37.24 2.18 -61.12
C09 II0 JK . -37.68 25.65 -68.84
C10 II0 JK . -35.73 4.46 -62.34
C11 II0 JK . -37.47 27.68 -70.42
C12 II0 JK . -36.85 2.11 -62.60
C13 II0 JK . -37.89 26.20 -70.26
C14 II0 JK . -36.56 3.49 -63.21
C15 II0 JK . -35.23 25.03 -68.77
C16 II0 JK . -36.36 25.88 -66.70
C17 II0 JK . -37.10 5.17 -60.30
C18 II0 JK . -34.61 4.81 -60.13
C19 II0 JK . -39.38 26.07 -70.66
C20 II0 JK . -35.79 3.25 -64.53
C21 II0 JK . -37.91 24.11 -68.94
C22 II0 JK . -36.09 5.91 -62.80
C23 II0 JK . -38.79 23.62 -68.01
C24 II0 JK . -35.04 6.62 -63.30
C25 II0 JK . -38.56 22.22 -68.64
C26 II0 JK . -34.41 7.90 -63.93
C27 II0 JK . -39.92 21.55 -68.80
C28 II0 JK . -33.35 7.47 -64.93
C29 II0 JK . -37.61 21.37 -67.76
C30 II0 JK . -35.52 8.75 -64.59
C31 II0 JK . -38.02 19.87 -67.51
C32 II0 JK . -35.14 9.35 -65.98
C33 II0 JK . -37.40 19.00 -68.36
C34 II0 JK . -35.43 10.67 -66.13
C35 II0 JK . -38.13 17.79 -67.69
C36 II0 JK . -35.44 11.95 -66.97
C37 II0 JK . -39.54 17.65 -68.21
C38 II0 JK . -34.00 12.42 -67.14
C39 II0 JK . -37.36 16.51 -68.09
C40 II0 JK . -36.28 13.07 -66.30
C41 II0 JK . -37.12 15.44 -66.96
C42 II0 JK . -36.58 14.25 -67.31
O01 II0 JK . -35.68 29.24 -70.09
O02 II0 JK . -37.40 0.87 -60.62
C03 II0 KK . -54.52 16.46 -53.99
C04 II0 KK . -34.12 25.24 -57.91
C05 II0 KK . -55.29 15.94 -52.74
C06 II0 KK . -33.09 26.25 -58.45
C07 II0 KK . -55.48 14.43 -52.76
C08 II0 KK . -32.27 26.84 -57.30
C09 II0 KK . -53.19 15.70 -54.23
C10 II0 KK . -33.54 24.16 -56.96
C11 II0 KK . -54.14 13.69 -52.94
C12 II0 KK . -31.45 25.73 -56.64
C13 II0 KK . -53.40 14.17 -54.20
C14 II0 KK . -32.31 24.56 -56.12
C15 II0 KK . -55.43 16.30 -55.23
C16 II0 KK . -54.23 17.96 -53.77
C17 II0 KK . -34.73 24.54 -59.15
C18 II0 KK . -35.24 26.07 -57.22
C19 II0 KK . -52.04 13.46 -54.24
C20 II0 KK . -31.39 23.32 -55.98
C21 II0 KK . -52.57 16.14 -55.60
C22 II0 KK . -34.61 23.69 -55.93
C23 II0 KK . -51.33 16.69 -55.46
C24 II0 KK . -35.30 22.54 -56.21
C25 II0 KK . -51.26 16.90 -56.98
C26 II0 KK . -36.37 21.47 -55.86
C27 II0 KK . -51.47 18.37 -57.31
C28 II0 KK . -36.20 21.05 -54.41
C29 II0 KK . -49.88 16.42 -57.51
C30 II0 KK . -37.79 22.02 -56.07
C31 II0 KK . -48.72 17.49 -57.46
C32 II0 KK . -38.79 20.94 -56.61
C33 II0 KK . -48.09 17.52 -56.26
C34 II0 KK . -39.78 20.64 -55.74
C35 II0 KK . -47.14 18.63 -56.78
C36 II0 KK . -41.04 19.84 -55.36
C37 II0 KK . -47.75 20.00 -56.52
C38 II0 KK . -41.21 19.82 -53.84
C39 II0 KK . -45.82 18.52 -55.98
C40 II0 KK . -42.30 20.42 -56.03
C41 II0 KK . -44.63 19.42 -56.49
C42 II0 KK . -43.56 19.57 -55.66
O01 II0 KK . -56.06 14.02 -51.54
O02 II0 KK . -31.41 27.83 -57.82
C1B LMU LK . -53.34 17.85 -5.33
C2B LMU LK . -54.09 17.16 -4.25
C3B LMU LK . -53.35 17.11 -2.98
C4B LMU LK . -51.99 16.58 -3.11
C5B LMU LK . -51.13 17.34 -4.17
C6B LMU LK . -50.56 16.44 -5.10
O1B LMU LK . -54.14 18.88 -5.93
O2B LMU LK . -55.38 17.84 -4.03
O3B LMU LK . -54.09 16.27 -2.02
O4' LMU LK . -51.33 16.65 -1.85
O5B LMU LK . -52.04 18.37 -4.88
O6B LMU LK . -50.09 17.18 -6.19
C1' LMU LK . -53.12 22.97 -5.66
C2' LMU LK . -52.37 22.10 -6.59
C3' LMU LK . -53.04 20.82 -6.87
C4' LMU LK . -53.64 20.21 -5.67
C5' LMU LK . -54.78 21.12 -5.13
C6' LMU LK . -54.84 21.08 -3.72
O1' LMU LK . -52.97 24.33 -6.05
O2' LMU LK . -52.18 22.82 -7.86
O3' LMU LK . -52.06 19.92 -7.50
O5' LMU LK . -54.54 22.58 -5.59
O6' LMU LK . -55.40 22.28 -3.25
C1 LMU LK . -52.11 25.07 -5.19
C2 LMU LK . -50.74 25.40 -5.95
C3 LMU LK . -49.83 26.35 -5.14
C4 LMU LK . -48.47 25.72 -4.79
C5 LMU LK . -47.26 26.53 -5.42
C6 LMU LK . -45.93 26.32 -4.62
C7 LMU LK . -44.67 26.32 -5.56
C8 LMU LK . -43.54 25.41 -5.03
C9 LMU LK . -42.18 25.69 -5.74
C10 LMU LK . -41.08 26.13 -4.75
C11 LMU LK . -39.64 25.88 -5.31
C12 LMU LK . -38.62 26.93 -4.80
MG CLA MK . -68.08 30.56 -27.60
CHA CLA MK . -70.58 32.22 -25.83
CHB CLA MK . -70.38 29.50 -29.88
CHC CLA MK . -65.55 29.07 -29.39
CHD CLA MK . -65.71 31.71 -25.24
NA CLA MK . -70.15 30.82 -27.79
C1A CLA MK . -71.01 31.56 -26.96
C2A CLA MK . -72.45 31.48 -27.49
C3A CLA MK . -72.37 30.49 -28.67
C4A CLA MK . -70.86 30.25 -28.81
CMA CLA MK . -73.12 29.21 -28.40
CAA CLA MK . -72.96 32.84 -27.98
CBA CLA MK . -72.87 33.05 -29.48
CGA CLA MK . -71.72 33.95 -29.85
O1A CLA MK . -71.56 34.59 -30.89
O2A CLA MK . -70.76 34.05 -28.88
NB CLA MK . -67.98 29.50 -29.31
C1B CLA MK . -69.03 29.18 -30.11
C2B CLA MK . -68.55 28.42 -31.30
C3B CLA MK . -67.19 28.29 -31.17
C4B CLA MK . -66.81 28.97 -29.90
CMB CLA MK . -69.44 27.93 -32.35
CAB CLA MK . -66.24 27.63 -32.04
CBB CLA MK . -65.23 28.21 -32.69
NC CLA MK . -66.01 30.40 -27.33
C1C CLA MK . -65.18 29.73 -28.19
C2C CLA MK . -63.80 29.81 -27.72
C3C CLA MK . -63.84 30.58 -26.55
C4C CLA MK . -65.23 30.94 -26.32
CMC CLA MK . -62.65 29.21 -28.40
CAC CLA MK . -62.70 30.94 -25.69
CBC CLA MK . -62.32 29.81 -24.75
ND CLA MK . -68.08 31.64 -25.89
C1D CLA MK . -67.03 32.05 -25.03
C2D CLA MK . -67.60 32.86 -23.93
C3D CLA MK . -68.96 32.95 -24.18
C4D CLA MK . -69.21 32.18 -25.43
CMD CLA MK . -66.83 33.43 -22.83
CAD CLA MK . -70.24 33.45 -23.72
OBD CLA MK . -70.51 34.09 -22.70
CBD CLA MK . -71.31 33.06 -24.79
CGD CLA MK . -72.50 32.34 -24.19
O1D CLA MK . -73.66 32.35 -24.60
O2D CLA MK . -72.22 31.62 -23.07
CED CLA MK . -73.10 31.71 -21.94
C1 CLA MK . -69.41 33.77 -29.30
C2 CLA MK . -68.53 34.79 -28.65
C3 CLA MK . -67.19 34.69 -28.63
C4 CLA MK . -66.35 35.72 -27.98
C5 CLA MK . -66.48 33.54 -29.25
C6 CLA MK . -65.74 33.93 -30.52
C7 CLA MK . -64.89 32.77 -31.02
C8 CLA MK . -65.26 32.33 -32.44
C9 CLA MK . -65.22 33.50 -33.40
C10 CLA MK . -66.59 31.56 -32.43
C11 CLA MK . -67.75 32.24 -33.13
C12 CLA MK . -69.08 31.83 -32.51
C13 CLA MK . -70.25 32.02 -33.47
C14 CLA MK . -70.29 33.44 -34.01
C15 CLA MK . -71.58 31.68 -32.81
C16 CLA MK . -72.13 30.36 -33.33
C17 CLA MK . -73.65 30.36 -33.35
C18 CLA MK . -74.20 28.95 -33.49
C19 CLA MK . -74.76 28.45 -32.17
C20 CLA MK . -75.27 28.91 -34.56
MG CLA NK . -65.04 34.36 -14.50
CHA CLA NK . -66.92 31.45 -14.74
CHB CLA NK . -63.91 33.39 -11.45
CHC CLA NK . -63.05 37.16 -14.44
CHD CLA NK . -66.16 35.28 -17.74
NA CLA NK . -65.41 32.70 -13.29
C1A CLA NK . -66.19 31.58 -13.58
C2A CLA NK . -66.15 30.59 -12.41
C3A CLA NK . -65.36 31.34 -11.32
C4A CLA NK . -64.83 32.57 -12.06
CMA CLA NK . -66.27 31.73 -10.17
CAA CLA NK . -65.43 29.30 -12.77
CBA CLA NK . -64.22 29.51 -13.66
CGA CLA NK . -62.96 29.52 -12.85
O1A CLA NK . -62.78 29.11 -11.70
O2A CLA NK . -61.89 30.05 -13.52
NB CLA NK . -63.73 35.13 -13.19
C1B CLA NK . -63.36 34.57 -12.01
C2B CLA NK . -62.31 35.40 -11.36
C3B CLA NK . -62.07 36.46 -12.20
C4B CLA NK . -62.97 36.32 -13.37
CMB CLA NK . -61.72 35.06 -10.06
CAB CLA NK . -61.15 37.55 -12.05
CBB CLA NK . -59.83 37.43 -12.08
NC CLA NK . -64.72 35.95 -15.83
C1C CLA NK . -63.87 37.00 -15.60
C2C CLA NK . -63.89 37.92 -16.73
C3C CLA NK . -64.75 37.37 -17.67
C4C CLA NK . -65.25 36.13 -17.11
CMC CLA NK . -63.14 39.15 -16.84
CAC CLA NK . -65.10 37.92 -19.00
CBC CLA NK . -64.14 37.47 -20.07
ND CLA NK . -66.31 33.66 -15.89
C1D CLA NK . -66.66 34.12 -17.19
C2D CLA NK . -67.62 33.20 -17.80
C3D CLA NK . -67.78 32.16 -16.90
C4D CLA NK . -66.91 32.48 -15.75
CMD CLA NK . -68.21 33.44 -19.12
CAD CLA NK . -68.46 30.91 -16.60
OBD CLA NK . -69.33 30.33 -17.23
CBD CLA NK . -67.85 30.37 -15.26
CGD CLA NK . -68.92 29.92 -14.31
O1D CLA NK . -69.61 28.91 -14.43
O2D CLA NK . -69.14 30.69 -13.21
CED CLA NK . -69.61 30.00 -12.04
C1 CLA NK . -61.47 31.38 -13.12
C2 CLA NK . -60.00 31.32 -12.91
C3 CLA NK . -59.21 32.40 -12.92
C4 CLA NK . -59.74 33.77 -13.16
C5 CLA NK . -57.74 32.26 -12.69
C6 CLA NK . -56.89 33.23 -13.49
C7 CLA NK . -55.51 32.67 -13.74
C8 CLA NK . -54.60 33.60 -14.55
C9 CLA NK . -53.90 34.59 -13.65
C10 CLA NK . -55.35 34.32 -15.66
C11 CLA NK . -54.41 35.08 -16.58
C12 CLA NK . -55.04 35.37 -17.92
C13 CLA NK . -54.45 36.61 -18.57
C14 CLA NK . -54.70 37.84 -17.71
C15 CLA NK . -55.01 36.82 -19.98
C16 CLA NK . -53.90 37.18 -20.94
C17 CLA NK . -54.15 36.63 -22.33
C18 CLA NK . -52.87 36.56 -23.15
C19 CLA NK . -53.13 35.97 -24.52
C20 CLA NK . -52.25 37.94 -23.29
MG CLA OK . -56.15 39.35 -8.35
CHA CLA OK . -56.49 36.91 -5.89
CHB CLA OK . -56.73 37.00 -10.74
CHC CLA OK . -55.42 41.69 -10.79
CHD CLA OK . -55.31 41.71 -5.86
NA CLA OK . -56.63 37.32 -8.29
C1A CLA OK . -56.72 36.46 -7.17
C2A CLA OK . -57.07 35.02 -7.62
C3A CLA OK . -57.19 35.13 -9.16
C4A CLA OK . -56.84 36.58 -9.43
CMA CLA OK . -56.21 34.22 -9.87
CAA CLA OK . -58.40 34.54 -7.08
CBA CLA OK . -58.79 33.13 -7.50
CGA CLA OK . -57.96 32.14 -6.75
O1A CLA OK . -57.83 32.01 -5.53
O2A CLA OK . -57.29 31.28 -7.57
NB CLA OK . -56.21 39.38 -10.37
C1B CLA OK . -56.37 38.29 -11.16
C2B CLA OK . -56.07 38.62 -12.58
C3B CLA OK . -55.70 39.96 -12.61
C4B CLA OK . -55.77 40.44 -11.20
CMB CLA OK . -56.14 37.62 -13.64
CAB CLA OK . -55.27 40.80 -13.70
CBB CLA OK . -54.31 40.51 -14.58
NC CLA OK . -55.54 41.35 -8.32
C1C CLA OK . -55.30 42.12 -9.43
C2C CLA OK . -54.85 43.45 -9.04
C3C CLA OK . -54.82 43.45 -7.65
C4C CLA OK . -55.25 42.14 -7.20
CMC CLA OK . -54.48 44.51 -9.97
CAC CLA OK . -54.42 44.58 -6.78
CBC CLA OK . -55.54 45.58 -6.58
ND CLA OK . -55.96 39.38 -6.34
C1D CLA OK . -55.62 40.42 -5.44
C2D CLA OK . -55.65 39.89 -4.06
C3D CLA OK . -55.94 38.55 -4.17
C4D CLA OK . -56.14 38.27 -5.62
CMD CLA OK . -55.35 40.67 -2.87
CAD CLA OK . -56.17 37.30 -3.46
OBD CLA OK . -56.10 37.06 -2.27
CBD CLA OK . -56.51 36.22 -4.54
CGD CLA OK . -55.56 35.05 -4.51
O1D CLA OK . -54.38 35.04 -4.88
O2D CLA OK . -56.11 33.91 -4.01
CED CLA OK . -55.23 32.88 -3.56
C1 CLA OK . -55.89 31.09 -7.28
C2 CLA OK . -55.32 30.33 -8.42
C3 CLA OK . -54.00 30.15 -8.59
C4 CLA OK . -53.46 29.39 -9.74
C5 CLA OK . -52.99 30.73 -7.64
C6 CLA OK . -52.17 31.83 -8.28
C7 CLA OK . -51.26 32.49 -7.26
C8 CLA OK . -50.55 33.70 -7.87
C9 CLA OK . -49.66 33.28 -9.02
C10 CLA OK . -49.77 34.47 -6.81
C11 CLA OK . -48.48 33.79 -6.37
C12 CLA OK . -47.29 34.70 -6.53
C13 CLA OK . -46.45 34.76 -5.26
C14 CLA OK . -47.09 35.67 -4.23
C15 CLA OK . -45.03 35.24 -5.56
C16 CLA OK . -44.11 35.07 -4.37
C17 CLA OK . -42.68 35.40 -4.72
C18 CLA OK . -41.73 35.09 -3.57
C19 CLA OK . -41.63 33.59 -3.35
C20 CLA OK . -40.37 35.67 -3.84
MG CLA PK . -61.09 58.47 -6.44
CHA CLA PK . -59.16 61.35 -6.25
CHB CLA PK . -58.43 56.62 -5.40
CHC CLA PK . -63.03 55.65 -6.74
CHD CLA PK . -63.78 60.42 -7.64
NA CLA PK . -59.13 58.95 -5.86
C1A CLA PK . -58.51 60.20 -5.85
C2A CLA PK . -57.06 60.08 -5.34
C3A CLA PK . -56.89 58.57 -5.06
C4A CLA PK . -58.24 57.98 -5.45
CMA CLA PK . -55.75 57.97 -5.86
CAA CLA PK . -56.84 60.83 -4.03
CBA CLA PK . -57.80 60.39 -2.94
CGA CLA PK . -58.92 61.37 -2.77
O1A CLA PK . -58.88 62.51 -2.31
O2A CLA PK . -60.13 60.87 -3.21
NB CLA PK . -60.78 56.50 -6.13
C1B CLA PK . -59.62 55.93 -5.73
C2B CLA PK . -59.76 54.45 -5.72
C3B CLA PK . -61.05 54.17 -6.10
C4B CLA PK . -61.73 55.47 -6.35
CMB CLA PK . -58.66 53.57 -5.32
CAB CLA PK . -61.76 52.92 -6.24
CBB CLA PK . -61.32 51.84 -6.90
NC CLA PK . -63.06 58.12 -7.01
C1C CLA PK . -63.66 56.88 -7.03
C2C CLA PK . -65.05 57.01 -7.46
C3C CLA PK . -65.25 58.35 -7.77
C4C CLA PK . -64.00 59.04 -7.49
CMC CLA PK . -65.99 55.89 -7.59
CAC CLA PK . -66.49 58.99 -8.27
CBC CLA PK . -66.42 59.24 -9.76
ND CLA PK . -61.50 60.43 -6.74
C1D CLA PK . -62.62 61.08 -7.31
C2D CLA PK . -62.33 62.53 -7.44
C3D CLA PK . -61.02 62.68 -7.03
C4D CLA PK . -60.53 61.34 -6.64
CMD CLA PK . -63.28 63.53 -7.92
CAD CLA PK . -59.94 63.63 -6.79
OBD CLA PK . -59.96 64.85 -6.83
CBD CLA PK . -58.69 62.78 -6.43
CGD CLA PK . -57.67 62.84 -7.53
O1D CLA PK . -56.57 62.29 -7.58
O2D CLA PK . -58.05 63.59 -8.61
CED CLA PK . -57.69 63.11 -9.90
C1 CLA PK . -61.29 61.72 -3.04
C2 CLA PK . -62.46 61.01 -3.62
C3 CLA PK . -63.71 61.18 -3.15
C4 CLA PK . -64.02 62.08 -2.02
C5 CLA PK . -64.86 60.45 -3.76
C6 CLA PK . -65.22 59.18 -3.02
C7 CLA PK . -64.94 57.97 -3.90
C8 CLA PK . -66.13 57.02 -4.01
C9 CLA PK . -67.41 57.76 -4.32
C10 CLA PK . -66.27 56.19 -2.74
C11 CLA PK . -66.39 54.72 -3.05
C12 CLA PK . -66.69 53.90 -1.80
C13 CLA PK . -68.18 53.88 -1.49
C14 CLA PK . -68.47 54.63 -0.21
C15 CLA PK . -68.69 52.45 -1.39
C16 CLA PK . -68.01 51.71 -0.27
C17 CLA PK . -68.55 50.31 -0.09
C18 CLA PK . -67.71 49.49 0.89
C19 CLA PK . -68.24 48.08 1.02
C20 CLA PK . -66.26 49.47 0.46
MG CLA QK . -58.59 61.26 7.05
CHA CLA QK . -56.78 63.64 5.30
CHB CLA QK . -57.88 62.86 9.96
CHC CLA QK . -60.82 59.17 8.67
CHD CLA QK . -59.42 59.76 4.02
NA CLA QK . -57.41 62.91 7.54
C1A CLA QK . -56.77 63.81 6.66
C2A CLA QK . -56.02 64.88 7.46
C3A CLA QK . -56.20 64.44 8.92
C4A CLA QK . -57.24 63.31 8.84
CMA CLA QK . -54.90 63.98 9.53
CAA CLA QK . -56.55 66.31 7.22
CBA CLA QK . -57.80 66.65 8.00
CGA CLA QK . -59.03 66.27 7.22
O1A CLA QK . -59.52 65.16 7.03
O2A CLA QK . -59.68 67.36 6.68
NB CLA QK . -59.32 61.13 8.93
C1B CLA QK . -58.83 61.83 9.99
C2B CLA QK . -59.48 61.33 11.24
C3B CLA QK . -60.30 60.29 10.89
C4B CLA QK . -60.17 60.12 9.41
CMB CLA QK . -59.15 61.87 12.56
CAB CLA QK . -61.11 59.42 11.70
CBB CLA QK . -60.64 58.44 12.48
NC CLA QK . -59.81 59.67 6.46
C1C CLA QK . -60.61 58.94 7.28
C2C CLA QK . -61.34 57.93 6.50
C3C CLA QK . -60.99 58.10 5.16
C4C CLA QK . -60.03 59.21 5.15
CMC CLA QK . -62.29 56.97 7.07
CAC CLA QK . -61.48 57.33 4.01
CBC CLA QK . -60.47 56.49 3.27
ND CLA QK . -57.92 61.34 5.17
C1D CLA QK . -58.45 60.72 3.99
C2D CLA QK . -57.85 61.31 2.78
C3D CLA QK . -57.21 62.45 3.23
C4D CLA QK . -57.39 62.48 4.70
CMD CLA QK . -57.98 60.79 1.43
CAD CLA QK . -56.41 63.59 2.86
OBD CLA QK . -55.94 63.89 1.77
CBD CLA QK . -56.25 64.46 4.13
CGD CLA QK . -54.81 64.85 4.32
O1D CLA QK . -54.29 65.93 4.00
O2D CLA QK . -54.04 63.87 4.88
CED CLA QK . -52.62 64.01 4.78
C1 CLA QK . -61.12 67.31 6.73
C2 CLA QK . -61.64 68.39 5.87
C3 CLA QK . -61.74 69.67 6.27
C4 CLA QK . -61.35 70.13 7.62
C5 CLA QK . -62.29 70.71 5.35
C6 CLA QK . -61.31 71.85 5.10
MG CLA RK . -57.88 42.24 -0.09
CHA CLA RK . -59.03 39.27 -1.51
CHB CLA RK . -57.62 40.69 2.92
CHC CLA RK . -56.35 45.05 1.14
CHD CLA RK . -58.22 43.82 -3.24
NA CLA RK . -58.33 40.31 0.58
C1A CLA RK . -58.76 39.20 -0.17
C2A CLA RK . -58.96 37.98 0.74
C3A CLA RK . -58.81 38.58 2.17
C4A CLA RK . -58.19 39.95 1.89
CMA CLA RK . -60.15 38.67 2.85
CAA CLA RK . -57.90 36.92 0.48
CBA CLA RK . -57.29 36.34 1.75
CGA CLA RK . -55.83 36.68 1.83
O1A CLA RK . -54.95 36.12 2.49
O2A CLA RK . -55.47 37.76 1.07
NB CLA RK . -57.24 42.81 1.72
C1B CLA RK . -57.04 41.95 2.76
C2B CLA RK . -56.09 42.55 3.74
C3B CLA RK . -55.72 43.78 3.25
C4B CLA RK . -56.45 43.97 1.97
CMB CLA RK . -55.67 41.85 4.96
CAB CLA RK . -54.81 44.75 3.79
CBB CLA RK . -55.13 45.96 4.26
NC CLA RK . -57.43 44.11 -0.90
C1C CLA RK . -56.80 45.12 -0.21
C2C CLA RK . -56.65 46.29 -1.06
C3C CLA RK . -57.17 45.93 -2.31
C4C CLA RK . -57.65 44.56 -2.20
CMC CLA RK . -56.03 47.55 -0.68
CAC CLA RK . -57.25 46.78 -3.50
CBC CLA RK . -58.54 47.56 -3.53
ND CLA RK . -58.47 41.74 -1.96
C1D CLA RK . -58.59 42.49 -3.15
C2D CLA RK . -59.15 41.63 -4.21
C3D CLA RK . -59.29 40.37 -3.65
C4D CLA RK . -58.88 40.49 -2.24
CMD CLA RK . -59.42 42.10 -5.57
CAD CLA RK . -59.76 39.01 -3.85
OBD CLA RK . -60.25 38.49 -4.85
CBD CLA RK . -59.56 38.25 -2.50
CGD CLA RK . -60.80 37.52 -2.02
O1D CLA RK . -61.55 37.84 -1.09
O2D CLA RK . -61.05 36.36 -2.69
CED CLA RK . -61.71 35.29 -2.03
C1 CLA RK . -54.70 38.78 1.73
C2 CLA RK . -54.19 39.71 0.67
C3 CLA RK . -53.28 40.67 0.91
C4 CLA RK . -52.73 40.90 2.27
C5 CLA RK . -52.80 41.57 -0.18
C6 CLA RK . -52.70 43.03 0.24
C7 CLA RK . -53.46 43.93 -0.72
C8 CLA RK . -52.61 44.50 -1.87
C9 CLA RK . -51.22 44.90 -1.40
C10 CLA RK . -53.33 45.69 -2.48
C11 CLA RK . -52.58 46.28 -3.67
C12 CLA RK . -53.12 47.66 -4.02
C13 CLA RK . -52.40 48.25 -5.24
C14 CLA RK . -51.21 49.08 -4.80
C15 CLA RK . -53.35 49.08 -6.08
C16 CLA RK . -53.95 50.22 -5.28
MG CLA SK . -73.55 44.97 -5.50
CHA CLA SK . -74.97 43.10 -2.93
CHB CLA SK . -76.13 44.14 -7.54
CHC CLA SK . -72.21 47.00 -7.92
CHD CLA SK . -70.94 45.91 -3.30
NA CLA SK . -75.25 43.77 -5.27
C1A CLA SK . -75.68 43.09 -4.12
C2A CLA SK . -76.99 42.36 -4.39
C3A CLA SK . -77.20 42.54 -5.91
C4A CLA SK . -76.13 43.57 -6.29
CMA CLA SK . -77.01 41.25 -6.67
CAA CLA SK . -78.15 42.98 -3.63
CBA CLA SK . -79.45 43.00 -4.41
CGA CLA SK . -79.81 44.40 -4.79
O1A CLA SK . -80.92 44.91 -4.82
O2A CLA SK . -78.72 45.16 -5.15
NB CLA SK . -74.07 45.46 -7.38
C1B CLA SK . -75.20 45.07 -8.02
C2B CLA SK . -75.30 45.76 -9.33
C3B CLA SK . -74.19 46.58 -9.44
C4B CLA SK . -73.38 46.39 -8.21
CMB CLA SK . -76.41 45.54 -10.26
CAB CLA SK . -73.78 47.46 -10.51
CBB CLA SK . -73.57 47.10 -11.77
NC CLA SK . -71.85 46.18 -5.61
C1C CLA SK . -71.48 46.90 -6.70
C2C CLA SK . -70.24 47.61 -6.43
C3C CLA SK . -69.90 47.34 -5.11
C4C CLA SK . -70.92 46.44 -4.60
CMC CLA SK . -69.52 48.47 -7.38
CAC CLA SK . -68.73 47.85 -4.38
CBC CLA SK . -69.03 49.11 -3.62
ND CLA SK . -72.97 44.56 -3.60
C1D CLA SK . -71.89 45.03 -2.81
C2D CLA SK . -71.98 44.43 -1.46
C3D CLA SK . -73.12 43.65 -1.46
C4D CLA SK . -73.73 43.80 -2.80
CMD CLA SK . -71.01 44.64 -0.40
CAD CLA SK . -73.97 42.76 -0.70
OBD CLA SK . -73.82 42.30 0.43
CBD CLA SK . -75.21 42.43 -1.59
CGD CLA SK . -75.45 40.95 -1.74
O1D CLA SK . -76.48 40.33 -1.48
O2D CLA SK . -74.38 40.27 -2.25
CED CLA SK . -74.64 39.22 -3.16
C1 CLA SK . -78.96 46.49 -5.66
C2 CLA SK . -79.27 46.37 -7.11
C3 CLA SK . -79.34 47.41 -7.97
C4 CLA SK . -79.64 47.19 -9.41
C5 CLA SK . -79.10 48.82 -7.54
C6 CLA SK . -77.67 49.29 -7.71
C7 CLA SK . -77.44 50.06 -9.00
C8 CLA SK . -77.48 51.58 -8.82
C9 CLA SK . -78.75 52.14 -9.41
C10 CLA SK . -76.26 52.22 -9.47
C11 CLA SK . -76.15 53.68 -9.13
C12 CLA SK . -74.87 54.28 -9.71
C13 CLA SK . -74.91 55.80 -9.77
C14 CLA SK . -76.15 56.29 -10.51
C15 CLA SK . -73.66 56.36 -10.44
C16 CLA SK . -73.48 55.81 -11.84
C17 CLA SK . -73.04 56.89 -12.81
C18 CLA SK . -73.37 56.49 -14.25
C19 CLA SK . -74.82 56.79 -14.59
C20 CLA SK . -72.45 57.21 -15.22
MG CLA TK . -75.54 41.62 -23.47
CHA CLA TK . -77.13 41.99 -20.40
CHB CLA TK . -78.32 40.16 -24.75
CHC CLA TK . -73.96 41.42 -26.53
CHD CLA TK . -72.64 43.12 -22.10
NA CLA TK . -77.41 41.16 -22.67
C1A CLA TK . -77.90 41.40 -21.37
C2A CLA TK . -79.33 40.88 -21.23
C3A CLA TK . -79.60 40.17 -22.58
C4A CLA TK . -78.37 40.52 -23.41
CMA CLA TK . -79.77 38.69 -22.41
CAA CLA TK . -80.35 42.00 -21.02
CBA CLA TK . -80.08 43.23 -21.88
CGA CLA TK . -80.91 43.19 -23.12
O1A CLA TK . -82.14 43.23 -23.24
O2A CLA TK . -80.16 43.11 -24.27
NB CLA TK . -76.04 40.89 -25.28
C1B CLA TK . -77.26 40.40 -25.63
C2B CLA TK . -77.30 40.13 -27.09
C3B CLA TK . -76.07 40.49 -27.60
C4B CLA TK . -75.24 40.97 -26.46
CMB CLA TK . -78.48 39.60 -27.76
CAB CLA TK . -75.56 40.44 -28.94
CBB CLA TK . -76.09 41.08 -29.99
NC CLA TK . -73.64 42.16 -24.17
C1C CLA TK . -73.20 41.97 -25.45
C2C CLA TK . -71.83 42.45 -25.59
C3C CLA TK . -71.46 42.94 -24.34
C4C CLA TK . -72.60 42.75 -23.45
CMC CLA TK . -71.05 42.39 -26.83
CAC CLA TK . -70.15 43.52 -23.98
CBC CLA TK . -70.15 45.03 -24.05
ND CLA TK . -74.95 42.40 -21.70
C1D CLA TK . -73.72 42.96 -21.26
C2D CLA TK . -73.84 43.32 -19.83
C3D CLA TK . -75.13 42.98 -19.45
C4D CLA TK . -75.78 42.40 -20.64
CMD CLA TK . -72.77 43.92 -19.03
CAD CLA TK . -76.09 42.95 -18.36
OBD CLA TK . -75.98 43.34 -17.21
CBD CLA TK . -77.40 42.31 -18.94
CGD CLA TK . -77.82 41.08 -18.17
O1D CLA TK . -77.93 39.93 -18.58
O2D CLA TK . -78.12 41.33 -16.86
CED CLA TK . -79.28 40.71 -16.32
C1 CLA TK . -79.50 44.32 -24.69
NB KC2 UK . -74.23 49.58 -15.93
ND KC2 UK . -75.99 46.76 -18.24
C1A KC2 UK . -77.68 47.07 -15.58
C1B KC2 UK . -74.55 49.87 -14.64
C1C KC2 UK . -73.06 49.67 -18.70
C1D KC2 UK . -75.74 46.46 -19.57
C2A KC2 UK . -78.32 47.16 -14.36
C2B KC2 UK . -74.05 51.11 -14.31
C2C KC2 UK . -72.28 49.55 -19.83
C2D KC2 UK . -76.90 45.90 -20.13
C3A KC2 UK . -77.48 47.91 -13.54
C3B KC2 UK . -73.36 51.60 -15.42
C3C KC2 UK . -72.71 48.43 -20.55
C3D KC2 UK . -77.85 45.86 -19.09
C4A KC2 UK . -76.39 48.26 -14.28
C4B KC2 UK . -73.48 50.64 -16.41
C4C KC2 UK . -73.75 47.87 -19.82
C4D KC2 UK . -77.21 46.38 -17.97
CAA KC2 UK . -79.59 46.62 -13.91
CAB KC2 UK . -72.67 52.88 -15.51
CAC KC2 UK . -72.15 47.95 -21.80
CAD KC2 UK . -79.22 45.49 -18.71
CBA KC2 UK . -79.85 45.44 -13.40
CBB KC2 UK . -71.43 53.13 -15.22
CBC KC2 UK . -72.77 47.81 -22.94
CBD KC2 UK . -79.37 45.84 -17.22
CED KC2 UK . -82.56 47.27 -16.08
CGA KC2 UK . -80.90 44.55 -13.92
CGD KC2 UK . -80.50 46.83 -17.15
CHA KC2 UK . -78.08 46.42 -16.83
CHB KC2 UK . -75.30 49.01 -13.86
CHC KC2 UK . -72.97 50.65 -17.73
CHD KC2 UK . -74.51 46.73 -20.13
CMA KC2 UK . -77.75 48.29 -12.12
CMB KC2 UK . -74.20 51.82 -12.99
CMC KC2 UK . -71.17 50.47 -20.25
CMD KC2 UK . -77.08 45.45 -21.55
NA KC2 UK . -76.50 47.75 -15.52
NC KC2 UK . -73.95 48.65 -18.67
O1A KC2 UK . -82.05 44.54 -13.50
O1D KC2 UK . -80.43 47.96 -17.54
O2A KC2 UK . -80.49 43.77 -14.88
O2D KC2 UK . -81.60 46.31 -16.60
OBD KC2 UK . -80.13 45.02 -19.36
MG KC2 UK . -75.11 48.14 -17.05
MG CLA VK . -58.09 48.53 -25.34
CHA CLA VK . -56.32 50.66 -27.45
CHB CLA VK . -61.02 49.84 -26.46
CHC CLA VK . -59.78 46.37 -23.28
CHD CLA VK . -55.01 47.22 -24.17
NA CLA VK . -58.56 50.01 -26.75
C1A CLA VK . -57.68 50.78 -27.53
C2A CLA VK . -58.47 51.74 -28.43
C3A CLA VK . -59.95 51.52 -28.01
C4A CLA VK . -59.86 50.37 -27.01
CMA CLA VK . -60.55 52.76 -27.41
CAA CLA VK . -58.34 51.35 -29.89
CBA CLA VK . -58.42 49.85 -30.14
CGA CLA VK . -58.63 49.58 -31.59
O1A CLA VK . -59.43 50.13 -32.36
O2A CLA VK . -57.81 48.61 -32.07
NB CLA VK . -60.03 48.19 -24.93
C1B CLA VK . -61.09 48.80 -25.52
C2B CLA VK . -62.36 48.22 -25.02
C3B CLA VK . -62.02 47.24 -24.12
C4B CLA VK . -60.53 47.21 -24.05
CMB CLA VK . -63.68 48.68 -25.47
CAB CLA VK . -62.86 46.36 -23.35
CBB CLA VK . -63.70 46.75 -22.39
NC CLA VK . -57.50 47.06 -23.99
C1C CLA VK . -58.36 46.29 -23.26
C2C CLA VK . -57.62 45.36 -22.42
C3C CLA VK . -56.26 45.60 -22.66
C4C CLA VK . -56.20 46.67 -23.64
CMC CLA VK . -58.24 44.39 -21.52
CAC CLA VK . -55.11 44.92 -22.05
CBC CLA VK . -54.73 45.51 -20.71
ND CLA VK . -56.12 48.78 -25.72
C1D CLA VK . -54.95 48.20 -25.14
C2D CLA VK . -53.76 48.82 -25.75
C3D CLA VK . -54.22 49.76 -26.64
C4D CLA VK . -55.69 49.71 -26.58
CMD CLA VK . -52.38 48.47 -25.44
CAD CLA VK . -53.85 50.76 -27.63
OBD CLA VK . -52.73 51.05 -28.05
CBD CLA VK . -55.18 51.43 -28.12
CGD CLA VK . -55.22 52.90 -27.78
O1D CLA VK . -56.15 53.54 -27.28
O2D CLA VK . -54.07 53.58 -28.09
CED CLA VK . -54.02 54.29 -29.32
C1 CLA VK . -58.40 47.29 -32.23
C2 CLA VK . -58.96 47.24 -33.61
C3 CLA VK . -59.40 46.10 -34.19
C4 CLA VK . -59.97 46.11 -35.56
C5 CLA VK . -59.35 44.79 -33.49
C6 CLA VK . -60.72 44.15 -33.39
C7 CLA VK . -60.70 42.76 -34.01
C8 CLA VK . -62.06 42.09 -33.90
C9 CLA VK . -62.15 41.24 -32.66
C10 CLA VK . -62.36 41.26 -35.14
C11 CLA VK . -61.34 40.17 -35.37
C12 CLA VK . -60.95 40.08 -36.83
C13 CLA VK . -60.88 38.65 -37.32
C14 CLA VK . -60.42 38.60 -38.76
C15 CLA VK . -62.22 37.94 -37.17
MG CLA WK . -49.58 45.43 -18.32
CHA CLA WK . -47.54 47.84 -19.75
CHB CLA WK . -50.07 44.03 -21.38
CHC CLA WK . -51.21 42.81 -16.81
CHD CLA WK . -48.88 46.80 -15.12
NA CLA WK . -48.95 45.93 -20.25
C1A CLA WK . -48.07 46.95 -20.63
C2A CLA WK . -47.87 46.94 -22.15
C3A CLA WK . -48.89 45.89 -22.64
C4A CLA WK . -49.34 45.21 -21.34
CMA CLA WK . -50.04 46.56 -23.34
CAA CLA WK . -46.45 46.55 -22.56
CBA CLA WK . -45.94 45.27 -21.94
CGA CLA WK . -45.06 45.55 -20.75
O1A CLA WK . -44.38 46.55 -20.52
O2A CLA WK . -45.07 44.54 -19.83
NB CLA WK . -50.56 43.80 -18.98
C1B CLA WK . -50.51 43.33 -20.26
C2B CLA WK . -50.99 41.91 -20.31
C3B CLA WK . -51.31 41.57 -19.02
C4B CLA WK . -51.05 42.76 -18.16
CMB CLA WK . -51.03 41.15 -21.55
CAB CLA WK . -51.80 40.32 -18.47
CBB CLA WK . -51.18 39.14 -18.56
NC CLA WK . -50.04 44.95 -16.33
C1C CLA WK . -50.74 43.84 -15.96
C2C CLA WK . -50.86 43.79 -14.51
C3C CLA WK . -50.17 44.90 -14.01
C4C CLA WK . -49.65 45.61 -15.17
CMC CLA WK . -51.57 42.70 -13.80
CAC CLA WK . -49.94 45.30 -12.60
CBC CLA WK . -51.14 45.64 -11.74
ND CLA WK . -48.54 46.98 -17.55
C1D CLA WK . -48.35 47.44 -16.22
C2D CLA WK . -47.51 48.66 -16.24
C3D CLA WK . -47.17 48.86 -17.58
C4D CLA WK . -47.82 47.78 -18.34
CMD CLA WK . -47.13 49.44 -15.07
CAD CLA WK . -46.46 49.70 -18.53
OBD CLA WK . -45.81 50.73 -18.34
CBD CLA WK . -46.65 49.06 -19.93
CGD CLA WK . -47.27 50.01 -20.92
O1D CLA WK . -48.46 50.11 -21.23
O2D CLA WK . -46.37 50.85 -21.51
CED CLA WK . -46.89 52.01 -22.15
C1 CLA WK . -46.11 44.56 -18.83
C2 CLA WK . -45.54 45.20 -17.62
C3 CLA WK . -45.84 44.82 -16.37
C4 CLA WK . -45.25 45.48 -15.18
C5 CLA WK . -46.79 43.70 -16.10
C6 CLA WK . -46.10 42.46 -15.55
C7 CLA WK . -47.09 41.50 -14.94
C8 CLA WK . -48.06 40.92 -15.97
C9 CLA WK . -49.06 39.99 -15.29
C10 CLA WK . -47.33 40.17 -17.07
C11 CLA WK . -47.83 40.56 -18.44
C12 CLA WK . -46.78 40.35 -19.51
C13 CLA WK . -47.41 40.35 -20.91
C14 CLA WK . -47.48 38.95 -21.46
C15 CLA WK . -46.65 41.27 -21.86
C16 CLA WK . -47.34 41.38 -23.20
C17 CLA WK . -46.56 42.26 -24.16
C18 CLA WK . -45.47 41.50 -24.89
C19 CLA WK . -45.95 41.02 -26.25
C20 CLA WK . -44.23 42.34 -25.05
C03 II0 XK . -76.65 51.34 -3.43
C04 II0 XK . -63.69 53.57 -23.00
C05 II0 XK . -77.65 50.89 -2.34
C06 II0 XK . -62.71 54.19 -24.02
C07 II0 XK . -77.90 49.37 -2.33
C08 II0 XK . -61.25 54.01 -23.64
C09 II0 XK . -75.78 50.19 -4.01
C10 II0 XK . -63.19 52.31 -22.20
C11 II0 XK . -76.58 48.60 -2.15
C12 II0 XK . -60.97 52.52 -23.58
C13 II0 XK . -75.36 49.22 -2.88
C14 II0 XK . -61.70 51.91 -22.36
C15 II0 XK . -77.47 51.97 -4.59
C16 II0 XK . -75.73 52.42 -2.82
C17 II0 XK . -63.97 54.67 -21.94
C18 II0 XK . -65.00 53.32 -23.77
C19 II0 XK . -74.49 48.04 -3.40
C20 II0 XK . -61.47 50.37 -22.37
C21 II0 XK . -74.60 50.77 -4.84
C22 II0 XK . -64.15 51.08 -22.40
C23 II0 XK . -74.64 50.27 -6.11
C24 II0 XK . -64.85 50.78 -21.25
C25 II0 XK . -73.40 51.00 -6.66
C26 II0 XK . -65.86 49.96 -20.41
C27 II0 XK . -72.10 50.70 -5.93
C28 II0 XK . -67.02 49.54 -21.30
C29 II0 XK . -73.29 50.45 -8.11
C30 II0 XK . -66.40 50.83 -19.26
C31 II0 XK . -72.30 51.15 -9.10
C32 II0 XK . -66.30 50.13 -17.87
C33 II0 XK . -71.66 50.21 -9.84
C34 II0 XK . -67.53 49.90 -17.33
C35 II0 XK . -70.92 51.34 -10.58
C36 II0 XK . -68.48 49.38 -16.24
C37 II0 XK . -69.49 51.43 -10.07
C38 II0 XK . -69.91 49.51 -16.75
C39 II0 XK . -70.98 51.04 -12.10
C40 II0 XK . -68.28 50.17 -14.92
C41 II0 XK . -69.60 50.94 -12.87
C42 II0 XK . -69.59 50.32 -14.07
O01 II0 XK . -78.79 49.05 -1.30
O02 II0 XK . -60.42 54.62 -24.62
C03 II0 YK . -59.28 32.66 -18.73
C04 II0 YK . -55.03 53.45 -9.26
C05 II0 YK . -59.49 31.14 -18.80
C06 II0 YK . -54.96 54.89 -8.72
C07 II0 YK . -59.76 30.56 -17.41
C08 II0 YK . -55.74 55.87 -9.60
C09 II0 YK . -60.40 33.42 -17.98
C10 II0 YK . -56.48 52.94 -9.58
C11 II0 YK . -61.02 31.20 -16.81
C12 II0 YK . -57.22 55.45 -9.57
C13 II0 YK . -60.89 32.72 -16.70
C14 II0 YK . -57.42 54.04 -10.15
C15 II0 YK . -57.91 32.91 -18.03
C16 II0 YK . -59.19 33.18 -20.18
C17 II0 YK . -54.21 53.40 -10.56
C18 II0 YK . -54.31 52.57 -8.21
C19 II0 YK . -62.30 33.27 -16.35
C20 II0 YK . -58.91 53.70 -9.92
C21 II0 YK . -59.91 34.86 -17.62
C22 II0 YK . -57.11 52.18 -8.37
C23 II0 YK . -60.63 35.86 -18.21
C24 II0 YK . -57.33 50.83 -8.56
C25 II0 YK . -59.81 37.04 -17.59
C26 II0 YK . -57.82 49.43 -8.08
C27 II0 YK . -58.37 37.07 -18.09
C28 II0 YK . -57.36 49.21 -6.65
C29 II0 YK . -59.84 37.10 -16.03
C30 II0 YK . -57.25 48.30 -8.96
C31 II0 YK . -59.13 38.36 -15.40
C32 II0 YK . -58.34 47.29 -9.45
C33 II0 YK . -60.01 39.32 -15.01
C34 II0 YK . -57.92 46.00 -9.43
C35 II0 YK . -58.83 40.20 -14.51
C36 II0 YK . -58.12 44.49 -9.65
C37 II0 YK . -58.51 41.29 -15.52
C38 II0 YK . -59.46 44.06 -9.06
C39 II0 YK . -59.20 40.83 -13.14
C40 II0 YK . -58.01 44.12 -11.15
C41 II0 YK . -58.46 42.16 -12.76
C42 II0 YK . -58.73 42.79 -11.57
O01 II0 YK . -59.95 29.16 -17.51
O02 II0 YK . -55.61 57.17 -9.09
C03 II0 ZK . -69.67 40.02 -21.01
C04 II0 ZK . -48.35 46.92 -29.32
C05 II0 ZK . -69.80 39.31 -19.66
C06 II0 ZK . -47.20 46.61 -30.30
C07 II0 ZK . -69.93 37.80 -19.86
C08 II0 ZK . -45.84 46.93 -29.69
C09 II0 ZK . -68.61 39.41 -22.00
C10 II0 ZK . -48.18 46.30 -27.89
C11 II0 ZK . -68.61 37.30 -20.44
C12 II0 ZK . -45.65 46.09 -28.42
C13 II0 ZK . -68.43 37.87 -21.86
C14 II0 ZK . -46.73 46.40 -27.37
C15 II0 ZK . -71.04 39.92 -21.72
C16 II0 ZK . -69.40 41.52 -20.71
C17 II0 ZK . -48.45 48.46 -29.18
C18 II0 ZK . -49.65 46.44 -30.01
C19 II0 ZK . -67.07 37.37 -22.40
C20 II0 ZK . -46.48 45.48 -26.15
C21 II0 ZK . -67.24 40.18 -21.98
C22 II0 ZK . -48.73 44.84 -27.82
C23 II0 ZK . -66.98 40.81 -23.16
C24 II0 ZK . -49.81 44.68 -26.98
C25 II0 ZK . -65.64 41.30 -22.56
C26 II0 ZK . -50.91 43.82 -26.30
C27 II0 ZK . -65.61 42.81 -22.63
C28 II0 ZK . -50.31 43.12 -25.08
C29 II0 ZK . -64.48 40.68 -23.37
C30 II0 ZK . -52.07 44.72 -25.83
C31 II0 ZK . -63.22 41.61 -23.58
C32 II0 ZK . -53.46 44.31 -26.44
C33 II0 ZK . -62.70 41.46 -24.84
C34 II0 ZK . -54.10 43.36 -25.73
C35 II0 ZK . -61.63 42.51 -24.46
C36 II0 ZK . -55.28 42.41 -25.49
C37 II0 ZK . -61.67 43.63 -25.47
C38 II0 ZK . -55.00 41.54 -24.27
C39 II0 ZK . -60.24 41.83 -24.45
C40 II0 ZK . -56.58 43.21 -25.27
C41 II0 ZK . -59.05 42.78 -24.81
C42 II0 ZK . -57.79 42.28 -24.91
O01 II0 ZK . -70.21 37.15 -18.65
O02 II0 ZK . -44.82 46.62 -30.63
C10 WVN AL . -50.17 52.41 -9.26
C11 WVN AL . -61.00 37.57 -23.45
C12 WVN AL . -50.89 51.21 -8.62
C13 WVN AL . -49.51 50.67 -11.12
C14 WVN AL . -50.05 49.92 -8.65
C01 WVN AL . -62.10 37.03 -25.72
C02 WVN AL . -61.40 36.43 -24.47
C03 WVN AL . -63.54 37.49 -25.44
C04 WVN AL . -64.39 36.40 -24.76
C05 WVN AL . -62.29 35.37 -23.78
C06 WVN AL . -49.72 52.17 -10.72
C07 WVN AL . -61.31 38.25 -26.28
C08 WVN AL . -62.13 35.93 -26.82
C09 WVN AL . -63.70 35.91 -23.47
C15 WVN AL . -49.11 49.80 -9.89
C16 WVN AL . -61.66 34.84 -22.48
C17 WVN AL . -48.31 52.84 -10.84
C18 WVN AL . -50.65 52.96 -11.70
C19 WVN AL . -59.63 37.65 -23.22
C20 WVN AL . -50.62 50.09 -12.08
C21 WVN AL . -48.91 48.32 -10.28
C22 WVN AL . -58.36 38.26 -22.55
C23 WVN AL . -51.85 49.68 -11.65
C24 WVN AL . -57.35 38.61 -23.62
C25 WVN AL . -53.28 49.10 -11.88
C26 WVN AL . -58.71 39.52 -21.75
C27 WVN AL . -53.69 48.28 -10.68
C28 WVN AL . -53.27 48.22 -13.14
C29 WVN AL . -57.81 39.71 -20.49
C30 WVN AL . -54.49 47.26 -13.24
C31 WVN AL . -57.02 40.83 -20.57
C32 WVN AL . -55.95 41.83 -20.02
C33 WVN AL . -54.26 46.12 -13.94
C34 WVN AL . -54.75 44.78 -14.50
C35 WVN AL . -54.59 41.41 -20.53
C36 WVN AL . -55.93 41.84 -18.49
C37 WVN AL . -54.40 44.59 -15.99
C38 WVN AL . -56.27 44.70 -14.34
C39 WVN AL . -55.13 43.07 -17.93
C40 WVN AL . -55.19 43.37 -16.60
C03 II0 BL . -63.16 46.28 -0.37
C04 II0 BL . -56.94 67.27 -0.42
C05 II0 BL . -64.16 45.29 0.28
C06 II0 BL . -55.70 68.17 -0.50
C07 II0 BL . -65.62 45.34 -0.18
C08 II0 BL . -55.89 69.48 0.27
C09 II0 BL . -63.40 46.65 -1.87
C10 II0 BL . -57.50 67.07 1.02
C11 II0 BL . -65.89 46.26 -1.38
C12 II0 BL . -56.14 69.17 1.77
C13 II0 BL . -64.76 46.17 -2.42
C14 II0 BL . -57.37 68.27 1.99
C15 II0 BL . -61.80 45.52 -0.37
C16 II0 BL . -63.02 47.50 0.57
C17 II0 BL . -58.02 67.84 -1.38
C18 II0 BL . -56.52 65.87 -0.95
C19 II0 BL . -65.18 46.98 -3.68
C20 II0 BL . -58.64 69.18 1.99
C21 II0 BL . -63.22 48.17 -2.19
C22 II0 BL . -58.98 66.58 0.95
C23 II0 BL . -61.97 48.50 -2.62
C24 II0 BL . -59.17 65.40 1.61
C25 II0 BL . -62.36 49.98 -2.78
C26 II0 BL . -60.06 64.23 2.11
C27 II0 BL . -61.21 50.66 -3.50
C28 II0 BL . -60.74 64.62 3.41
C29 II0 BL . -62.67 50.74 -1.45
C30 II0 BL . -61.15 63.90 1.06
C31 II0 BL . -62.10 52.20 -1.35
C32 II0 BL . -60.96 62.49 0.42
C33 II0 BL . -63.07 53.14 -1.47
C34 II0 BL . -61.66 61.52 1.04
C35 II0 BL . -61.94 54.19 -1.30
C36 II0 BL . -62.13 60.07 1.24
C37 II0 BL . -61.66 54.86 -2.64
C38 II0 BL . -63.66 60.05 1.24
C39 II0 BL . -62.38 55.24 -0.25
C40 II0 BL . -61.61 59.15 0.14
C41 II0 BL . -61.70 56.64 -0.40
C42 II0 BL . -62.23 57.71 0.24
O01 II0 BL . -66.01 44.03 -0.53
O02 II0 BL . -54.74 70.27 0.15
O1 LHG CL . -77.42 34.45 -23.77
C1 LHG CL . -77.49 35.05 -25.06
C2 LHG CL . -76.45 36.15 -25.13
O2 LHG CL . -75.24 35.67 -25.70
C3 LHG CL . -76.06 36.71 -23.78
O3 LHG CL . -75.11 37.66 -24.19
P LHG CL . -74.10 38.35 -23.14
O4 LHG CL . -73.73 37.32 -22.13
O5 LHG CL . -74.60 39.75 -23.02
O6 LHG CL . -72.79 38.35 -24.17
C4 LHG CL . -72.12 37.15 -24.45
C5 LHG CL . -71.49 37.40 -25.81
C6 LHG CL . -70.05 36.87 -25.88
O7 LHG CL . -72.26 36.68 -26.74
C7 LHG CL . -72.81 37.48 -27.70
O9 LHG CL . -73.94 37.94 -27.58
C8 LHG CL . -72.04 37.41 -28.95
C9 LHG CL . -71.81 38.79 -29.49
C10 LHG CL . -71.03 38.72 -30.78
O8 LHG CL . -69.31 37.77 -25.04
C23 LHG CL . -68.82 38.91 -25.62
O10 LHG CL . -69.30 39.98 -25.30
C24 LHG CL . -67.44 38.89 -26.26
C11 LHG CL . -69.62 38.67 -30.27
C12 LHG CL . -68.70 38.29 -31.40
C13 LHG CL . -68.97 36.87 -31.78
C14 LHG CL . -68.25 36.49 -33.05
C25 LHG CL . -67.13 40.05 -27.18
C26 LHG CL . -66.38 39.69 -28.46
C27 LHG CL . -65.08 40.44 -28.31
C28 LHG CL . -63.82 39.69 -28.69
C29 LHG CL . -64.01 39.23 -30.13
C30 LHG CL . -63.55 37.83 -30.46
C31 LHG CL . -62.09 37.70 -30.86
C32 LHG CL . -61.43 36.40 -30.47
C33 LHG CL . -60.22 36.22 -31.38
C34 LHG CL . -60.51 36.19 -32.86
NB KC2 DL . -55.42 39.00 10.89
ND KC2 DL . -56.69 42.71 12.00
C1A KC2 DL . -54.22 43.07 10.05
C1B KC2 DL . -54.37 38.71 10.09
C1C KC2 DL . -57.57 38.76 13.02
C1D KC2 DL . -57.63 43.07 12.92
C2A KC2 DL . -53.36 43.18 8.98
C2B KC2 DL . -54.08 37.37 10.18
C2C KC2 DL . -58.39 38.64 14.12
C2D KC2 DL . -57.48 44.42 13.24
C3A KC2 DL . -53.08 41.89 8.57
C3B KC2 DL . -54.99 36.79 11.07
C3C KC2 DL . -58.89 39.90 14.42
C3D KC2 DL . -56.40 44.88 12.45
C4A KC2 DL . -53.75 41.03 9.39
C4B KC2 DL . -55.81 37.82 11.50
C4C KC2 DL . -58.35 40.77 13.50
C4D KC2 DL . -55.97 43.78 11.72
CAA KC2 DL . -52.81 44.35 8.32
CAB KC2 DL . -55.04 35.39 11.46
CAC KC2 DL . -59.79 40.26 15.52
CAD KC2 DL . -55.56 46.02 12.11
CBA KC2 DL . -53.25 44.90 7.22
CBB KC2 DL . -54.72 34.88 12.62
CBC KC2 DL . -61.01 39.83 15.74
CBD KC2 DL . -54.60 45.56 11.01
CED KC2 DL . -52.86 47.32 10.30
CGA KC2 DL . -52.39 45.78 6.40
CGD KC2 DL . -54.96 46.36 9.77
CHA KC2 DL . -54.87 44.10 10.87
CHB KC2 DL . -53.72 39.64 9.30
CHC KC2 DL . -56.88 37.73 12.40
CHD KC2 DL . -58.55 42.16 13.41
CMA KC2 DL . -52.17 41.51 7.43
CMB KC2 DL . -52.99 36.64 9.45
CMC KC2 DL . -58.71 37.36 14.85
CMD KC2 DL . -58.29 45.23 14.20
NA KC2 DL . -54.48 41.74 10.28
NC KC2 DL . -57.51 40.06 12.63
O1A KC2 DL . -51.75 45.39 5.44
O1D KC2 DL . -55.95 46.16 9.11
O2A KC2 DL . -52.40 47.02 6.80
O2D KC2 DL . -54.07 47.32 9.50
OBD KC2 DL . -55.55 47.16 12.56
MG KC2 DL . -56.05 40.87 11.40
C03 II0 EL . -56.02 29.27 -35.60
C04 II0 EL . -53.33 51.05 -36.90
C05 II0 EL . -56.71 28.10 -34.87
C06 II0 EL . -52.74 52.45 -37.15
C07 II0 EL . -57.20 26.91 -35.70
C08 II0 EL . -53.19 53.04 -38.50
C09 II0 EL . -55.55 29.02 -37.08
C10 II0 EL . -54.89 51.11 -37.02
C11 II0 EL . -57.52 27.31 -37.14
C12 II0 EL . -54.70 52.93 -38.78
C13 II0 EL . -56.24 27.84 -37.83
C14 II0 EL . -55.33 51.56 -38.42
C15 II0 EL . -54.75 29.57 -34.76
C16 II0 EL . -56.94 30.52 -35.49
C17 II0 EL . -52.68 50.05 -37.88
C18 II0 EL . -52.96 50.64 -35.45
C19 II0 EL . -56.62 28.21 -39.29
C20 II0 EL . -56.86 51.78 -38.49
C21 II0 EL . -55.58 30.33 -37.94
C22 II0 EL . -55.58 49.83 -36.42
C23 II0 EL . -54.37 30.94 -38.02
C24 II0 EL . -55.86 48.72 -37.16
C25 II0 EL . -54.95 32.06 -38.91
C26 II0 EL . -56.46 47.28 -37.22
C27 II0 EL . -53.76 32.82 -39.48
C28 II0 EL . -56.21 46.61 -35.87
C29 II0 EL . -55.90 33.05 -38.18
C30 II0 EL . -55.85 46.45 -38.37
C31 II0 EL . -55.63 34.57 -38.42
C32 II0 EL . -55.65 44.93 -38.04
C33 II0 EL . -56.63 35.17 -39.13
C34 II0 EL . -56.63 44.11 -38.47
C35 II0 EL . -55.83 36.49 -39.03
C36 II0 EL . -57.28 42.72 -38.62
C37 II0 EL . -54.97 36.67 -40.27
C38 II0 EL . -58.06 42.42 -37.34
C39 II0 EL . -56.82 37.67 -38.91
C40 II0 EL . -56.22 41.63 -38.83
C41 II0 EL . -56.19 39.08 -39.16
C42 II0 EL . -56.79 40.18 -38.62
O01 II0 EL . -56.20 25.92 -35.71
O02 II0 EL . -52.83 54.41 -38.52
MG CLA FL . -50.72 5.86 -57.05
CHA CLA FL . -53.64 7.64 -56.35
CHB CLA FL . -52.45 3.84 -59.17
CHC CLA FL . -47.79 4.24 -57.80
CHD CLA FL . -48.98 7.94 -54.79
NA CLA FL . -52.73 5.77 -57.64
C1A CLA FL . -53.80 6.61 -57.24
C2A CLA FL . -55.10 6.17 -57.94
C3A CLA FL . -54.70 4.89 -58.72
C4A CLA FL . -53.19 4.82 -58.51
CMA CLA FL . -55.41 3.67 -58.20
CAA CLA FL . -55.64 7.23 -58.90
CBA CLA FL . -55.21 7.04 -60.34
CGA CLA FL . -54.62 8.30 -60.89
O1A CLA FL . -54.95 9.46 -60.68
O2A CLA FL . -53.58 8.06 -61.75
NB CLA FL . -50.23 4.30 -58.22
C1B CLA FL . -51.07 3.65 -59.06
C2B CLA FL . -50.29 2.67 -59.89
C3B CLA FL . -48.97 2.77 -59.51
C4B CLA FL . -48.91 3.82 -58.44
CMB CLA FL . -50.91 1.81 -60.90
CAB CLA FL . -47.82 2.06 -59.99
CBB CLA FL . -46.83 2.60 -60.69
NC CLA FL . -48.75 6.06 -56.40
C1C CLA FL . -47.71 5.29 -56.84
C2C CLA FL . -46.47 5.70 -56.19
C3C CLA FL . -46.81 6.74 -55.32
C4C CLA FL . -48.24 6.96 -55.47
CMC CLA FL . -45.15 5.11 -56.43
CAC CLA FL . -45.90 7.49 -54.45
CBC CLA FL . -45.67 6.79 -53.13
ND CLA FL . -51.12 7.46 -55.87
C1D CLA FL . -50.32 8.18 -54.97
C2D CLA FL . -51.14 9.22 -54.31
C3D CLA FL . -52.42 9.09 -54.83
C4D CLA FL . -52.36 7.96 -55.78
CMD CLA FL . -50.64 10.18 -53.33
CAD CLA FL . -53.77 9.59 -54.82
OBD CLA FL . -54.24 10.57 -54.24
CBD CLA FL . -54.61 8.65 -55.73
CGD CLA FL . -55.74 8.00 -54.97
O1D CLA FL . -56.95 8.03 -55.23
O2D CLA FL . -55.36 7.31 -53.85
CED CLA FL . -55.70 7.81 -52.55
C1 CLA FL . -52.65 9.13 -61.97
C2 CLA FL . -51.51 8.92 -61.03
C3 CLA FL . -50.31 9.49 -61.19
C4 CLA FL . -50.00 10.41 -62.31
C5 CLA FL . -49.21 9.23 -60.20
C6 CLA FL . -48.68 7.80 -60.28
C7 CLA FL . -47.66 7.66 -61.39
C8 CLA FL . -47.57 6.23 -61.90
C9 CLA FL . -46.15 5.91 -62.31
C10 CLA FL . -48.52 6.04 -63.09
C11 CLA FL . -49.68 5.14 -62.73
C12 CLA FL . -50.99 5.67 -63.29
C13 CLA FL . -52.08 4.63 -63.22
C14 CLA FL . -51.78 3.48 -64.16
C15 CLA FL . -53.45 5.22 -63.55
C16 CLA FL . -54.56 4.28 -63.16
C17 CLA FL . -55.52 4.05 -64.32
C18 CLA FL . -56.98 4.30 -63.93
C19 CLA FL . -57.38 3.50 -62.70
C20 CLA FL . -57.22 5.77 -63.71
MG CLA GL . -51.66 13.51 -45.52
CHA CLA GL . -53.15 10.40 -45.11
CHB CLA GL . -51.14 13.70 -42.16
CHC CLA GL . -50.14 16.55 -46.00
CHD CLA GL . -52.29 13.28 -49.00
NA CLA GL . -52.08 12.24 -43.92
C1A CLA GL . -52.68 10.98 -43.95
C2A CLA GL . -52.79 10.39 -42.53
C3A CLA GL . -52.29 11.54 -41.63
C4A CLA GL . -51.78 12.57 -42.63
CMA CLA GL . -53.43 12.08 -40.80
CAA CLA GL . -51.88 9.18 -42.35
CBA CLA GL . -50.53 9.30 -43.05
CGA CLA GL . -49.48 9.86 -42.13
O1A CLA GL . -49.31 9.63 -40.93
O2A CLA GL . -48.62 10.70 -42.77
NB CLA GL . -50.80 14.87 -44.32
C1B CLA GL . -50.65 14.75 -42.97
C2B CLA GL . -49.96 15.95 -42.42
C3B CLA GL . -49.66 16.76 -43.50
C4B CLA GL . -50.21 16.08 -44.72
CMB CLA GL . -49.69 16.06 -40.98
CAB CLA GL . -49.00 18.04 -43.62
CBB CLA GL . -48.16 18.63 -42.76
NC CLA GL . -51.28 14.69 -47.21
C1C CLA GL . -50.64 15.90 -47.17
C2C CLA GL . -50.56 16.45 -48.53
C3C CLA GL . -51.16 15.52 -49.37
C4C CLA GL . -51.61 14.42 -48.54
CMC CLA GL . -49.95 17.73 -48.91
CAC CLA GL . -51.33 15.61 -50.84
CBC CLA GL . -50.09 15.19 -51.58
ND CLA GL . -52.48 12.18 -46.81
C1D CLA GL . -52.71 12.24 -48.21
C2D CLA GL . -53.44 11.02 -48.63
C3D CLA GL . -53.63 10.27 -47.48
C4D CLA GL . -53.02 11.06 -46.37
CMD CLA GL . -53.84 10.75 -50.00
CAD CLA GL . -54.16 9.05 -46.90
OBD CLA GL . -54.71 8.11 -47.46
CBD CLA GL . -53.93 9.13 -45.36
CGD CLA GL . -55.24 9.22 -44.61
O1D CLA GL . -56.19 9.97 -44.84
O2D CLA GL . -55.34 8.35 -43.56
CED CLA GL . -56.10 8.79 -42.43
C1 CLA GL . -48.01 11.74 -41.97
C2 CLA GL . -46.93 12.34 -42.79
C3 CLA GL . -46.22 13.42 -42.41
C4 CLA GL . -46.46 14.11 -41.13
C5 CLA GL . -45.15 13.99 -43.28
C6 CLA GL . -43.80 14.10 -42.61
C7 CLA GL . -42.74 14.48 -43.61
C8 CLA GL . -41.43 14.91 -42.96
C9 CLA GL . -40.73 15.96 -43.80
MG CLA HL . -45.60 21.55 -39.69
CHA CLA HL . -45.98 19.80 -36.69
CHB CLA HL . -45.02 18.63 -41.32
CHC CLA HL . -45.07 23.32 -42.58
CHD CLA HL . -46.00 24.58 -37.92
NA CLA HL . -45.58 19.54 -39.08
C1A CLA HL . -45.78 19.00 -37.79
C2A CLA HL . -45.67 17.47 -37.83
C3A CLA HL . -45.39 17.15 -39.32
C4A CLA HL . -45.35 18.53 -39.97
CMA CLA HL . -44.06 16.45 -39.49
CAA CLA HL . -46.98 16.81 -37.43
CBA CLA HL . -47.03 15.31 -37.66
CGA CLA HL . -46.15 14.60 -36.68
O1A CLA HL . -46.31 14.45 -35.47
O2A CLA HL . -45.02 14.08 -37.27
NB CLA HL . -45.29 21.06 -41.62
C1B CLA HL . -44.90 19.83 -42.03
C2B CLA HL . -44.23 19.90 -43.37
C3B CLA HL . -44.24 21.23 -43.74
C4B CLA HL . -44.91 21.97 -42.62
CMB CLA HL . -43.70 18.70 -44.01
CAB CLA HL . -43.74 21.97 -44.88
CBB CLA HL . -43.28 21.50 -46.05
NC CLA HL . -45.61 23.57 -40.17
C1C CLA HL . -45.40 24.08 -41.42
C2C CLA HL . -45.51 25.53 -41.40
C3C CLA HL . -45.72 25.90 -40.07
C4C CLA HL . -45.79 24.66 -39.30
CMC CLA HL . -45.34 26.38 -42.58
CAC CLA HL . -45.88 27.27 -39.53
CBC CLA HL . -44.67 27.73 -38.77
ND CLA HL . -45.87 22.13 -37.77
C1D CLA HL . -46.02 23.41 -37.18
C2D CLA HL . -46.20 23.25 -35.72
C3D CLA HL . -46.17 21.90 -35.48
C4D CLA HL . -45.99 21.24 -36.79
CMD CLA HL . -46.35 24.36 -34.78
CAD CLA HL . -46.24 20.87 -34.46
OBD CLA HL . -46.32 20.98 -33.25
CBD CLA HL . -46.16 19.50 -35.21
CGD CLA HL . -45.05 18.64 -34.68
O1D CLA HL . -45.15 17.63 -33.97
O2D CLA HL . -43.81 19.06 -35.04
CED CLA HL . -42.77 18.95 -34.07
C1 CLA HL . -44.18 13.25 -36.44
C2 CLA HL . -43.12 14.12 -35.89
C3 CLA HL . -41.92 14.28 -36.47
C4 CLA HL . -41.55 13.60 -37.74
C5 CLA HL . -40.88 15.17 -35.87
C6 CLA HL . -40.41 16.24 -36.82
MG CLA IL . -53.63 38.54 -44.63
CHA CLA IL . -52.45 41.80 -44.88
CHB CLA IL . -51.01 37.76 -42.59
CHC CLA IL . -54.88 35.37 -44.31
CHD CLA IL . -56.33 39.39 -46.74
NA CLA IL . -52.01 39.63 -43.87
C1A CLA IL . -51.70 40.98 -44.07
C2A CLA IL . -50.45 41.37 -43.27
C3A CLA IL . -50.01 40.06 -42.59
C4A CLA IL . -51.09 39.07 -43.03
CMA CLA IL . -48.63 39.62 -43.01
CAA CLA IL . -50.78 42.39 -42.18
CBA CLA IL . -51.76 41.88 -41.13
CGA CLA IL . -53.17 42.31 -41.42
O1A CLA IL . -53.66 43.43 -41.33
O2A CLA IL . -53.95 41.28 -41.86
NB CLA IL . -53.07 36.89 -43.62
C1B CLA IL . -51.92 36.74 -42.92
C2B CLA IL . -51.72 35.32 -42.54
C3B CLA IL . -52.81 34.62 -43.03
C4B CLA IL . -53.69 35.63 -43.71
CMB CLA IL . -50.55 34.90 -41.77
CAB CLA IL . -53.20 33.24 -42.97
CBB CLA IL . -52.43 32.15 -42.79
NC CLA IL . -55.31 37.57 -45.38
C1C CLA IL . -55.65 36.28 -45.08
C2C CLA IL . -56.92 35.94 -45.70
C3C CLA IL . -57.32 37.05 -46.45
C4C CLA IL . -56.31 38.08 -46.23
CMC CLA IL . -57.58 34.62 -45.54
CAC CLA IL . -58.56 37.23 -47.23
CBC CLA IL . -58.65 36.43 -48.52
ND CLA IL . -54.29 40.17 -45.62
C1D CLA IL . -55.41 40.38 -46.48
C2D CLA IL . -55.36 41.77 -46.99
C3D CLA IL . -54.25 42.36 -46.42
C4D CLA IL . -53.62 41.32 -45.56
CMD CLA IL . -56.33 42.35 -47.91
CAD CLA IL . -53.43 43.56 -46.31
OBD CLA IL . -53.58 44.65 -46.85
CBD CLA IL . -52.27 43.23 -45.33
CGD CLA IL . -50.92 43.40 -45.99
O1D CLA IL . -49.83 43.59 -45.42
O2D CLA IL . -50.95 43.30 -47.35
CED CLA IL . -49.70 43.38 -48.06
C1 CLA IL . -55.25 41.63 -42.37
C2 CLA IL . -55.92 40.37 -42.80
C3 CLA IL . -57.25 40.14 -42.69
C4 CLA IL . -58.18 41.14 -42.11
C5 CLA IL . -57.84 38.85 -43.15
C6 CLA IL . -58.66 38.15 -42.09
C7 CLA IL . -59.48 37.02 -42.68
C8 CLA IL . -59.71 35.90 -41.69
C9 CLA IL . -58.81 34.72 -42.00
C10 CLA IL . -61.17 35.47 -41.67
C11 CLA IL . -61.41 34.35 -40.68
C12 CLA IL . -62.89 34.07 -40.48
C13 CLA IL . -63.10 32.74 -39.78
C14 CLA IL . -64.45 32.14 -40.13
C15 CLA IL . -62.97 32.88 -38.26
C16 CLA IL . -62.89 31.54 -37.58
C17 CLA IL . -62.54 31.66 -36.12
C18 CLA IL . -61.97 30.37 -35.55
C19 CLA IL . -60.68 29.98 -36.25
C20 CLA IL . -62.99 29.24 -35.65
MG CLA JL . -55.02 51.20 -42.00
CHA CLA JL . -55.07 54.61 -42.73
CHB CLA JL . -51.66 51.32 -41.57
CHC CLA JL . -55.00 47.78 -41.57
CHD CLA JL . -58.53 51.10 -42.42
NA CLA JL . -53.61 52.75 -42.10
C1A CLA JL . -53.81 54.11 -42.43
C2A CLA JL . -52.46 54.86 -42.39
C3A CLA JL . -51.49 53.83 -41.77
C4A CLA JL . -52.28 52.53 -41.83
CMA CLA JL . -50.14 53.76 -42.43
CAA CLA JL . -52.40 56.12 -41.55
CBA CLA JL . -51.49 57.16 -42.20
CGA CLA JL . -52.19 57.84 -43.32
O1A CLA JL . -52.13 57.60 -44.54
O2A CLA JL . -53.00 58.87 -42.92
NB CLA JL . -53.60 49.81 -41.67
C1B CLA JL . -52.27 50.07 -41.54
C2B CLA JL . -51.53 48.79 -41.31
C3B CLA JL . -52.47 47.78 -41.31
C4B CLA JL . -53.80 48.43 -41.52
CMB CLA JL . -50.08 48.72 -41.12
CAB CLA JL . -52.32 46.37 -41.11
CBB CLA JL . -51.88 45.79 -39.99
NC CLA JL . -56.51 49.74 -41.95
C1C CLA JL . -56.27 48.40 -41.74
C2C CLA JL . -57.53 47.66 -41.78
C3C CLA JL . -58.54 48.60 -42.03
C4C CLA JL . -57.87 49.89 -42.13
CMC CLA JL . -57.67 46.22 -41.60
CAC CLA JL . -59.98 48.34 -42.15
CBC CLA JL . -60.44 48.23 -43.59
ND CLA JL . -56.52 52.52 -42.34
C1D CLA JL . -57.91 52.33 -42.53
C2D CLA JL . -58.53 53.63 -42.87
C3D CLA JL . -57.50 54.53 -42.96
C4D CLA JL . -56.25 53.79 -42.65
CMD CLA JL . -59.97 53.83 -43.08
CAD CLA JL . -57.14 55.91 -43.19
OBD CLA JL . -57.86 56.89 -43.39
CBD CLA JL . -55.58 55.98 -43.16
CGD CLA JL . -55.04 56.41 -44.50
O1D CLA JL . -55.06 57.55 -44.97
O2D CLA JL . -54.48 55.41 -45.22
CED CLA JL . -54.32 55.61 -46.63
MG CLA KL . -55.54 44.15 -32.19
CHA CLA KL . -53.16 46.31 -33.53
CHB CLA KL . -55.90 46.21 -29.51
CHC CLA KL . -58.07 42.12 -31.05
CHD CLA KL . -55.07 41.99 -34.96
NA CLA KL . -54.63 45.94 -31.61
C1A CLA KL . -53.67 46.70 -32.31
C2A CLA KL . -53.28 47.94 -31.50
C3A CLA KL . -54.02 47.74 -30.15
C4A CLA KL . -54.93 46.55 -30.43
CMA CLA KL . -53.07 47.45 -29.01
CAA CLA KL . -53.69 49.27 -32.10
CBA CLA KL . -52.68 50.33 -31.75
CGA CLA KL . -53.25 51.71 -31.94
O1A CLA KL . -52.65 52.78 -32.02
O2A CLA KL . -54.61 51.71 -32.02
NB CLA KL . -56.74 44.16 -30.58
C1B CLA KL . -56.80 45.13 -29.63
C2B CLA KL . -57.95 44.89 -28.72
C3B CLA KL . -58.56 43.74 -29.14
C4B CLA KL . -57.80 43.25 -30.33
CMB CLA KL . -58.27 45.75 -27.59
CAB CLA KL . -59.70 43.04 -28.60
CBB CLA KL . -60.90 42.96 -29.17
NC CLA KL . -56.36 42.36 -32.85
C1C CLA KL . -57.38 41.70 -32.21
C2C CLA KL . -57.73 40.48 -32.95
C3C CLA KL . -56.90 40.44 -34.06
C4C CLA KL . -56.04 41.62 -34.00
CMC CLA KL . -58.78 39.55 -32.52
CAC CLA KL . -56.87 39.39 -35.10
CBC CLA KL . -56.18 38.11 -34.66
ND CLA KL . -54.35 44.06 -33.82
C1D CLA KL . -54.28 43.12 -34.89
C2D CLA KL . -53.27 43.59 -35.87
C3D CLA KL . -52.85 44.84 -35.42
C4D CLA KL . -53.54 45.07 -34.13
CMD CLA KL . -52.89 42.89 -37.09
CAD CLA KL . -51.97 45.96 -35.66
OBD CLA KL . -51.19 46.16 -36.59
CBD CLA KL . -52.18 46.96 -34.48
CGD CLA KL . -50.88 47.38 -33.83
O1D CLA KL . -50.07 46.67 -33.23
O2D CLA KL . -50.62 48.71 -33.95
CED CLA KL . -49.34 49.20 -33.49
C1 CLA KL . -55.18 52.62 -32.98
C2 CLA KL . -56.30 51.90 -33.64
C3 CLA KL . -57.24 52.53 -34.37
C4 CLA KL . -58.35 51.78 -35.03
C5 CLA KL . -57.24 54.00 -34.54
C6 CLA KL . -56.63 54.44 -35.86
MG CLA LL . -42.76 34.74 -38.22
CHA CLA LL . -40.39 36.22 -36.16
CHB CLA LL . -40.24 33.16 -39.89
CHC CLA LL . -45.08 32.92 -39.93
CHD CLA LL . -45.35 36.20 -36.29
NA CLA LL . -40.68 34.79 -38.10
C1A CLA LL . -39.87 35.43 -37.15
C2A CLA LL . -38.40 35.16 -37.43
C3A CLA LL . -38.42 34.57 -38.85
C4A CLA LL . -39.87 34.11 -38.97
CMA CLA LL . -38.06 35.59 -39.90
CAA CLA LL . -37.94 34.07 -36.48
CBA CLA LL . -36.78 33.26 -37.02
CGA CLA LL . -36.15 32.44 -35.93
O1A CLA LL . -35.40 31.48 -36.03
O2A CLA LL . -36.50 32.85 -34.68
NB CLA LL . -42.68 33.44 -39.76
C1B CLA LL . -41.56 32.73 -40.07
C2B CLA LL . -41.91 31.41 -40.67
C3B CLA LL . -43.28 31.36 -40.68
C4B CLA LL . -43.77 32.65 -40.12
CMB CLA LL . -40.89 30.44 -41.09
CAB CLA LL . -44.22 30.36 -41.10
CBB CLA LL . -44.16 29.68 -42.24
NC CLA LL . -44.85 34.67 -38.19
C1C CLA LL . -45.59 33.88 -39.02
C2C CLA LL . -47.01 34.05 -38.79
C3C CLA LL . -47.12 34.95 -37.70
C4C CLA LL . -45.75 35.33 -37.33
CMC CLA LL . -47.98 33.29 -39.58
CAC CLA LL . -48.34 35.44 -37.01
CBC CLA LL . -49.47 36.00 -37.86
ND CLA LL . -42.91 35.97 -36.63
C1D CLA LL . -44.04 36.50 -35.93
C2D CLA LL . -43.52 37.37 -34.84
C3D CLA LL . -42.15 37.31 -34.90
C4D CLA LL . -41.81 36.42 -36.02
CMD CLA LL . -44.35 38.11 -33.90
CAD CLA LL . -40.89 37.76 -34.31
OBD CLA LL . -40.70 38.55 -33.38
CBD CLA LL . -39.74 37.06 -35.09
CGD CLA LL . -38.79 38.09 -35.67
O1D CLA LL . -37.86 38.66 -35.09
O2D CLA LL . -39.00 38.38 -36.98
CED CLA LL . -37.93 38.94 -37.74
C1 CLA LL . -35.45 32.84 -33.68
C2 CLA LL . -35.75 31.73 -32.74
C3 CLA LL . -36.52 31.88 -31.66
C4 CLA LL . -37.14 33.16 -31.28
C5 CLA LL . -36.78 30.72 -30.76
C6 CLA LL . -38.27 30.45 -30.57
MG CLA ML . -49.61 25.45 -32.47
CHA CLA ML . -49.78 22.15 -33.55
CHB CLA ML . -49.76 24.38 -29.24
CHC CLA ML . -49.13 28.69 -31.44
CHD CLA ML . -49.49 26.50 -35.84
NA CLA ML . -49.79 23.56 -31.58
C1A CLA ML . -49.82 22.30 -32.20
C2A CLA ML . -49.95 21.19 -31.15
C3A CLA ML . -50.23 21.97 -29.86
C4A CLA ML . -49.88 23.41 -30.22
CMA CLA ML . -51.69 21.84 -29.51
CAA CLA ML . -48.65 20.42 -31.01
CBA CLA ML . -48.53 19.73 -29.66
CGA CLA ML . -47.10 19.60 -29.28
O1A CLA ML . -46.11 19.54 -30.02
O2A CLA ML . -46.91 19.50 -27.93
NB CLA ML . -49.48 26.37 -30.69
C1B CLA ML . -49.48 25.74 -29.47
C2B CLA ML . -49.18 26.72 -28.40
C3B CLA ML . -48.99 27.95 -29.01
C4B CLA ML . -49.20 27.74 -30.47
CMB CLA ML . -49.12 26.35 -26.98
CAB CLA ML . -48.70 29.24 -28.45
CBB CLA ML . -47.66 29.53 -27.65
NC CLA ML . -49.42 27.27 -33.47
C1C CLA ML . -49.26 28.48 -32.84
C2C CLA ML . -49.18 29.53 -33.84
C3C CLA ML . -49.24 28.92 -35.09
C4C CLA ML . -49.41 27.49 -34.85
CMC CLA ML . -49.02 30.96 -33.53
CAC CLA ML . -49.20 29.57 -36.41
CBC CLA ML . -50.55 30.06 -36.87
ND CLA ML . -49.72 24.61 -34.31
C1D CLA ML . -49.63 25.15 -35.61
C2D CLA ML . -49.69 24.05 -36.61
C3D CLA ML . -49.74 22.88 -35.86
C4D CLA ML . -49.74 23.27 -34.45
CMD CLA ML . -49.66 24.21 -38.06
CAD CLA ML . -49.81 21.43 -35.92
OBD CLA ML . -49.84 20.69 -36.89
CBD CLA ML . -49.81 20.92 -34.44
CGD CLA ML . -51.00 20.03 -34.16
O1D CLA ML . -51.05 18.81 -34.20
O2D CLA ML . -52.12 20.71 -33.79
CED CLA ML . -52.98 20.09 -32.83
MG CLA NL . -63.92 24.06 -42.22
CHA CLA NL . -65.83 22.75 -39.62
CHB CLA NL . -65.65 22.15 -44.45
CHC CLA NL . -62.16 25.55 -44.77
CHD CLA NL . -62.13 26.01 -39.86
NA CLA NL . -65.47 22.67 -42.03
C1A CLA NL . -66.15 22.26 -40.87
C2A CLA NL . -67.23 21.23 -41.21
C3A CLA NL . -66.98 20.92 -42.70
C4A CLA NL . -65.98 21.99 -43.12
CMA CLA NL . -66.42 19.53 -42.89
CAA CLA NL . -68.64 21.80 -41.00
CBA CLA NL . -69.38 22.17 -42.27
CGA CLA NL . -68.99 23.53 -42.75
O1A CLA NL . -69.02 24.61 -42.16
O2A CLA NL . -68.53 23.51 -44.05
NB CLA NL . -63.87 23.84 -44.22
C1B CLA NL . -64.74 23.09 -44.95
C2B CLA NL . -64.56 23.37 -46.41
C3B CLA NL . -63.57 24.34 -46.50
C4B CLA NL . -63.12 24.64 -45.11
CMB CLA NL . -65.34 22.72 -47.45
CAB CLA NL . -63.00 24.97 -47.65
CBB CLA NL . -62.33 24.35 -48.61
NC CLA NL . -62.40 25.48 -42.29
C1C CLA NL . -61.82 25.94 -43.44
C2C CLA NL . -60.80 26.93 -43.13
C3C CLA NL . -60.80 27.08 -41.74
C4C CLA NL . -61.81 26.16 -41.22
CMC CLA NL . -59.98 27.63 -44.12
CAC CLA NL . -59.95 27.98 -40.95
CBC CLA NL . -60.63 29.29 -40.63
ND CLA NL . -63.92 24.35 -40.23
C1D CLA NL . -63.12 25.16 -39.38
C2D CLA NL . -63.53 24.96 -37.98
C3D CLA NL . -64.57 24.05 -38.01
C4D CLA NL . -64.77 23.70 -39.43
CMD CLA NL . -62.93 25.63 -36.82
CAD CLA NL . -65.53 23.29 -37.23
OBD CLA NL . -65.70 23.26 -36.03
CBD CLA NL . -66.36 22.43 -38.24
CGD CLA NL . -66.28 20.96 -37.93
O1D CLA NL . -65.48 20.14 -38.40
O2D CLA NL . -67.19 20.54 -37.02
CED CLA NL . -68.56 20.46 -37.44
C1 CLA NL . -69.09 24.49 -44.96
C2 CLA NL . -67.95 25.14 -45.63
C3 CLA NL . -68.05 25.75 -46.83
C4 CLA NL . -69.33 25.83 -47.57
C5 CLA NL . -66.86 26.41 -47.46
C6 CLA NL . -66.95 27.92 -47.40
C7 CLA NL . -66.24 28.56 -48.58
C8 CLA NL . -66.40 30.07 -48.56
C9 CLA NL . -67.85 30.47 -48.78
C10 CLA NL . -65.52 30.75 -49.62
C11 CLA NL . -64.82 31.96 -49.05
C12 CLA NL . -64.19 32.83 -50.11
C13 CLA NL . -62.89 33.48 -49.69
C14 CLA NL . -62.91 33.98 -48.25
C15 CLA NL . -62.51 34.63 -50.61
C16 CLA NL . -61.18 34.39 -51.29
C17 CLA NL . -60.60 35.68 -51.83
C18 CLA NL . -59.83 35.48 -53.15
C19 CLA NL . -59.13 36.74 -53.56
C20 CLA NL . -58.83 34.34 -53.01
MG CLA OL . -60.42 15.88 -58.17
CHA CLA OL . -62.74 16.77 -55.74
CHB CLA OL . -62.64 13.63 -59.46
CHC CLA OL . -58.15 15.15 -60.66
CHD CLA OL . -58.13 18.19 -56.78
NA CLA OL . -62.36 15.31 -57.66
C1A CLA OL . -63.18 15.81 -56.62
C2A CLA OL . -64.54 15.10 -56.61
C3A CLA OL . -64.39 14.00 -57.70
C4A CLA OL . -63.04 14.33 -58.34
CMA CLA OL . -64.40 12.61 -57.09
CAA CLA OL . -65.68 16.05 -56.97
CBA CLA OL . -66.48 15.66 -58.19
CGA CLA OL . -65.97 16.38 -59.41
O1A CLA OL . -65.83 15.95 -60.55
O2A CLA OL . -65.63 17.68 -59.14
NB CLA OL . -60.39 14.63 -59.75
C1B CLA OL . -61.41 13.81 -60.13
C2B CLA OL . -61.04 13.09 -61.39
C3B CLA OL . -59.78 13.52 -61.73
C4B CLA OL . -59.34 14.49 -60.69
CMB CLA OL . -61.92 12.14 -62.06
CAB CLA OL . -58.94 13.14 -62.85
CBB CLA OL . -58.64 13.92 -63.88
NC CLA OL . -58.48 16.54 -58.61
C1C CLA OL . -57.75 16.11 -59.68
C2C CLA OL . -56.45 16.78 -59.70
C3C CLA OL . -56.44 17.64 -58.60
C4C CLA OL . -57.72 17.49 -57.93
CMC CLA OL . -55.42 16.55 -60.70
CAC CLA OL . -55.33 18.54 -58.20
CBC CLA OL . -55.35 19.85 -58.94
ND CLA OL . -60.37 17.17 -56.62
C1D CLA OL . -59.35 18.04 -56.15
C2D CLA OL . -59.86 18.76 -54.95
C3D CLA OL . -61.15 18.32 -54.76
C4D CLA OL . -61.43 17.33 -55.83
CMD CLA OL . -59.10 19.73 -54.17
CAD CLA OL . -62.34 18.41 -53.93
OBD CLA OL . -62.55 19.11 -52.94
CBD CLA OL . -63.39 17.43 -54.53
CGD CLA OL . -63.87 16.41 -53.54
O1D CLA OL . -63.42 15.28 -53.33
O2D CLA OL . -64.94 16.80 -52.79
CED CLA OL . -65.94 15.82 -52.51
C1 CLA OL . -65.23 18.51 -60.26
C2 CLA OL . -66.46 19.07 -60.85
C3 CLA OL . -66.47 20.11 -61.72
C4 CLA OL . -67.72 20.64 -62.29
C5 CLA OL . -65.19 20.77 -62.12
C6 CLA OL . -65.28 22.29 -62.09
C7 CLA OL . -64.02 22.89 -61.49
C8 CLA OL . -64.28 23.62 -60.17
C9 CLA OL . -65.43 24.60 -60.30
C10 CLA OL . -63.01 24.34 -59.69
C11 CLA OL . -63.24 25.07 -58.39
C12 CLA OL . -62.80 26.52 -58.49
C13 CLA OL . -63.43 27.37 -57.38
C14 CLA OL . -64.93 27.37 -57.49
C15 CLA OL . -62.89 28.80 -57.40
C16 CLA OL . -63.35 29.57 -56.19
NB KC2 PL . -61.00 26.16 -53.66
ND KC2 PL . -61.53 22.62 -55.61
C1A KC2 PL . -63.99 23.06 -53.67
C1B KC2 PL . -61.84 26.70 -52.74
C1C KC2 PL . -58.99 25.88 -55.92
C1D KC2 PL . -60.80 22.04 -56.63
C2A KC2 PL . -64.94 23.16 -52.66
C2B KC2 PL . -61.61 28.05 -52.64
C2C KC2 PL . -58.12 25.81 -56.98
C2D KC2 PL . -61.56 21.02 -57.22
C3A KC2 PL . -64.58 24.29 -51.91
C3B KC2 PL . -60.58 28.37 -53.52
C3C KC2 PL . -58.19 24.52 -57.52
C3D KC2 PL . -62.77 20.99 -56.50
C4A KC2 PL . -63.45 24.83 -52.47
C4B KC2 PL . -60.21 27.19 -54.14
C4C KC2 PL . -59.12 23.84 -56.76
C4D KC2 PL . -62.67 21.98 -55.54
CAA KC2 PL . -66.08 22.33 -52.37
CAB KC2 PL . -60.01 29.69 -53.75
CAC KC2 PL . -57.43 24.02 -58.65
CAD KC2 PL . -64.08 20.35 -56.37
CBA KC2 PL . -67.30 22.49 -52.83
CBB KC2 PL . -58.98 30.20 -53.14
CBC KC2 PL . -56.26 23.46 -58.61
CBD KC2 PL . -64.85 21.13 -55.30
CED KC2 PL . -67.62 20.85 -57.39
CGA KC2 PL . -68.48 22.63 -51.96
CGD KC2 PL . -65.99 21.82 -55.99
CHA KC2 PL . -63.85 22.09 -54.74
CHB KC2 PL . -62.78 25.95 -52.04
CHC KC2 PL . -59.21 26.99 -55.12
CHD KC2 PL . -59.54 22.51 -56.93
CMA KC2 PL . -65.31 24.81 -50.71
CMB KC2 PL . -62.33 29.03 -51.76
CMC KC2 PL . -57.22 26.91 -57.48
CMD KC2 PL . -61.18 20.13 -58.36
NA KC2 PL . -63.08 24.08 -53.53
NC KC2 PL . -59.63 24.68 -55.78
O1A KC2 PL . -69.54 22.05 -52.15
O1D KC2 PL . -65.95 22.94 -56.42
O2A KC2 PL . -68.29 23.44 -50.95
O2D KC2 PL . -67.07 21.05 -56.06
OBD KC2 PL . -64.55 19.38 -56.95
MG KC2 PL . -61.27 24.35 -54.58
MG CLA QL . -44.59 25.41 -58.49
CHA CLA QL . -42.49 27.12 -60.69
CHB CLA QL . -47.20 25.87 -60.61
CHC CLA QL . -46.56 23.54 -56.37
CHD CLA QL . -41.87 25.02 -56.27
NA CLA QL . -44.79 26.36 -60.35
C1A CLA QL . -43.79 27.00 -61.11
C2A CLA QL . -44.39 27.54 -62.40
C3A CLA QL . -45.91 27.27 -62.27
C4A CLA QL . -46.00 26.43 -61.00
CMA CLA QL . -46.70 28.54 -62.15
CAA CLA QL . -43.88 26.81 -63.64
CBA CLA QL . -43.74 25.31 -63.42
CGA CLA QL . -43.85 24.55 -64.70
O1A CLA QL . -44.60 24.78 -65.66
O2A CLA QL . -43.00 23.49 -64.76
NB CLA QL . -46.52 24.82 -58.49
C1B CLA QL . -47.43 25.11 -59.46
C2B CLA QL . -48.74 24.48 -59.11
C3B CLA QL . -48.57 23.83 -57.92
C4B CLA QL . -47.16 24.03 -57.50
CMB CLA QL . -49.93 24.61 -59.96
CAB CLA QL . -49.53 23.07 -57.15
CBB CLA QL . -50.04 23.46 -55.99
NC CLA QL . -44.27 24.46 -56.66
C1C CLA QL . -45.21 23.75 -55.97
C2C CLA QL . -44.63 23.20 -54.74
C3C CLA QL . -43.31 23.64 -54.71
C4C CLA QL . -43.09 24.43 -55.91
CMC CLA QL . -45.33 22.36 -53.78
CAC CLA QL . -42.30 23.35 -53.67
CBC CLA QL . -42.18 24.42 -52.62
ND CLA QL . -42.65 25.94 -58.42
C1D CLA QL . -41.64 25.72 -57.43
C2D CLA QL . -40.38 26.34 -57.89
C3D CLA QL . -40.64 26.86 -59.14
C4D CLA QL . -42.06 26.59 -59.43
CMD CLA QL . -39.13 26.32 -57.13
CAD CLA QL . -40.09 27.57 -60.28
OBD CLA QL . -38.94 27.95 -60.49
CBD CLA QL . -41.26 27.77 -61.30
CGD CLA QL . -41.47 29.22 -61.67
O1D CLA QL . -42.15 29.68 -62.60
O2D CLA QL . -40.82 30.11 -60.89
CED CLA QL . -39.86 30.96 -61.53
C1 CLA QL . -43.61 22.18 -64.76
C2 CLA QL . -42.51 21.18 -64.80
C3 CLA QL . -42.68 19.91 -65.19
C4 CLA QL . -41.56 18.95 -65.22
C5 CLA QL . -44.02 19.41 -65.62
C6 CLA QL . -44.46 18.17 -64.86
MG CLA RL . -37.67 25.90 -49.11
CHA CLA RL . -35.36 27.70 -51.00
CHB CLA RL . -37.58 23.39 -51.40
CHC CLA RL . -39.57 23.99 -46.99
CHD CLA RL . -37.65 28.51 -46.71
NA CLA RL . -36.69 25.65 -50.93
C1A CLA RL . -35.73 26.48 -51.54
C2A CLA RL . -35.28 25.90 -52.87
C3A CLA RL . -36.28 24.74 -53.10
C4A CLA RL . -36.89 24.54 -51.71
CMA CLA RL . -37.34 25.12 -54.09
CAA CLA RL . -33.82 25.45 -52.86
CBA CLA RL . -33.47 24.37 -51.84
CGA CLA RL . -32.79 24.96 -50.65
O1A CLA RL . -31.80 25.70 -50.61
O2A CLA RL . -33.39 24.60 -49.47
NB CLA RL . -38.53 24.09 -49.24
C1B CLA RL . -38.19 23.14 -50.15
C2B CLA RL . -38.55 21.78 -49.66
C3B CLA RL . -39.11 21.95 -48.42
C4B CLA RL . -39.12 23.42 -48.14
CMB CLA RL . -38.29 20.57 -50.44
CAB CLA RL . -39.62 20.98 -47.49
CBB CLA RL . -38.91 19.99 -46.93
NC CLA RL . -38.54 26.24 -47.24
C1C CLA RL . -39.31 25.33 -46.58
C2C CLA RL . -39.77 25.88 -45.31
C3C CLA RL . -39.17 27.15 -45.19
C4C CLA RL . -38.41 27.36 -46.42
CMC CLA RL . -40.61 25.18 -44.34
CAC CLA RL . -39.33 28.09 -44.08
CBC CLA RL . -38.25 27.92 -43.03
ND CLA RL . -36.80 27.71 -48.88
C1D CLA RL . -36.88 28.69 -47.84
C2D CLA RL . -36.03 29.85 -48.22
C3D CLA RL . -35.42 29.51 -49.41
C4D CLA RL . -35.93 28.18 -49.78
CMD CLA RL . -35.86 31.06 -47.43
CAD CLA RL . -34.52 29.95 -50.46
OBD CLA RL . -33.91 31.00 -50.57
CBD CLA RL . -34.44 28.78 -51.49
CGD CLA RL . -34.78 29.24 -52.88
O1D CLA RL . -34.05 29.28 -53.87
O2D CLA RL . -36.07 29.66 -53.02
CED CLA RL . -36.92 28.93 -53.90
C1 CLA RL . -33.53 25.65 -48.48
C2 CLA RL . -34.32 25.08 -47.37
C3 CLA RL . -34.62 25.77 -46.25
C4 CLA RL . -34.18 27.16 -46.04
C5 CLA RL . -35.41 25.16 -45.14
C6 CLA RL . -36.08 23.85 -45.53
C7 CLA RL . -35.99 22.82 -44.41
C8 CLA RL . -37.03 23.05 -43.32
C9 CLA RL . -36.35 23.33 -41.99
C10 CLA RL . -37.97 21.86 -43.20
C11 CLA RL . -39.03 22.07 -42.16
C12 CLA RL . -40.20 21.11 -42.33
C13 CLA RL . -41.28 21.31 -41.27
C14 CLA RL . -41.73 22.76 -41.21
C15 CLA RL . -40.79 20.86 -39.90
C16 CLA RL . -41.94 20.75 -38.92
C17 CLA RL . -41.48 20.95 -37.49
C18 CLA RL . -42.29 22.00 -36.74
C19 CLA RL . -42.40 23.29 -37.53
C20 CLA RL . -41.65 22.29 -35.39
C03 II0 SL . -51.33 29.68 -58.58
C04 II0 SL . -68.01 29.97 -42.84
C05 II0 SL . -50.22 30.48 -59.26
C06 II0 SL . -69.40 29.44 -42.45
C07 II0 SL . -49.00 30.67 -58.34
C08 II0 SL . -69.44 27.98 -41.98
C09 II0 SL . -50.87 28.28 -58.10
C10 II0 SL . -66.85 28.94 -42.74
C11 II0 SL . -48.49 29.38 -57.68
C12 II0 SL . -68.31 27.70 -40.97
C13 II0 SL . -49.32 28.09 -57.90
C14 II0 SL . -66.90 28.09 -41.46
C15 II0 SL . -51.93 30.54 -57.43
C16 II0 SL . -52.45 29.48 -59.64
C17 II0 SL . -67.72 31.21 -41.96
C18 II0 SL . -68.11 30.45 -44.31
C19 II0 SL . -49.00 27.14 -56.72
C20 II0 SL . -66.12 26.79 -41.70
C21 II0 SL . -51.68 27.82 -56.84
C22 II0 SL . -65.48 29.69 -42.77
C23 II0 SL . -52.59 26.86 -57.18
C24 II0 SL . -64.68 29.34 -43.83
C25 II0 SL . -53.03 26.82 -55.69
C26 II0 SL . -63.37 29.47 -44.66
C27 II0 SL . -53.33 25.38 -55.34
C28 II0 SL . -63.09 30.95 -44.90
C29 II0 SL . -54.26 27.74 -55.50
C30 II0 SL . -63.48 28.67 -45.97
C31 II0 SL . -55.36 27.22 -54.50
C32 II0 SL . -63.00 29.44 -47.25
C33 II0 SL . -55.12 27.58 -53.21
C34 II0 SL . -61.78 29.08 -47.70
C35 II0 SL . -56.42 26.87 -52.73
C36 II0 SL . -60.61 29.22 -48.68
C37 II0 SL . -56.22 25.36 -52.62
C38 II0 SL . -59.47 29.87 -47.91
C39 II0 SL . -56.76 27.42 -51.34
C40 II0 SL . -60.16 27.88 -49.28
C41 II0 SL . -58.26 27.23 -50.89
C42 II0 SL . -58.70 27.96 -49.84
O01 II0 SL . -47.95 31.24 -59.09
O02 II0 SL . -70.67 27.72 -41.36
C03 II0 TL . -44.70 11.53 -47.27
C04 II0 TL . -48.74 34.67 -46.08
C05 II0 TL . -45.05 10.04 -47.07
C06 II0 TL . -48.10 35.85 -46.85
C07 II0 TL . -45.94 9.80 -45.84
C08 II0 TL . -47.93 37.06 -45.94
C09 II0 TL . -45.76 12.51 -46.71
C10 II0 TL . -48.13 34.36 -44.68
C11 II0 TL . -47.28 10.58 -45.94
C12 II0 TL . -46.96 36.70 -44.82
C13 II0 TL . -47.18 11.91 -46.73
C14 II0 TL . -47.55 35.59 -43.93
C15 II0 TL . -43.34 11.77 -46.56
C16 II0 TL . -44.51 11.77 -48.79
C17 II0 TL . -50.24 35.03 -45.87
C18 II0 TL . -48.68 33.46 -47.04
C19 II0 TL . -48.19 12.92 -46.15
C20 II0 TL . -46.46 35.21 -42.88
C21 II0 TL . -45.79 13.90 -47.43
C22 II0 TL . -47.13 33.15 -44.71
C23 II0 TL . -45.13 14.87 -46.76
C24 II0 TL . -47.58 32.05 -44.00
C25 II0 TL . -45.52 15.84 -47.89
C26 II0 TL . -47.45 30.61 -43.44
C27 II0 TL . -44.33 16.69 -48.28
C28 II0 TL . -48.30 30.49 -42.18
C29 II0 TL . -46.71 16.72 -47.39
C30 II0 TL . -47.86 29.58 -44.51
C31 II0 TL . -46.35 18.20 -47.00
C32 II0 TL . -48.96 28.55 -44.08
C33 II0 TL . -47.48 18.87 -46.62
C34 II0 TL . -48.59 27.25 -44.24
C35 II0 TL . -46.63 20.15 -46.38
C36 II0 TL . -48.87 25.74 -44.13
C37 II0 TL . -46.55 20.94 -47.67
C38 II0 TL . -48.91 25.32 -42.66
C39 II0 TL . -47.32 20.99 -45.29
C40 II0 TL . -47.81 24.94 -44.90
C41 II0 TL . -47.16 22.54 -45.44
C42 II0 TL . -47.98 23.38 -44.74
O01 II0 TL . -46.22 8.42 -45.71
O02 II0 TL . -47.43 38.15 -46.68
C02 IHT UL . -47.15 13.11 -53.93
C03 IHT UL . -38.93 33.18 -43.92
C04 IHT UL . -46.94 11.69 -54.51
C05 IHT UL . -38.29 34.58 -43.96
C06 IHT UL . -45.63 11.46 -55.24
C07 IHT UL . -46.18 14.08 -54.60
C08 IHT UL . -39.21 35.73 -44.31
C09 IHT UL . -45.37 12.51 -56.32
C10 IHT UL . -45.72 13.89 -55.85
C11 IHT UL . -40.45 33.30 -43.90
C12 IHT UL . -40.40 35.72 -43.38
C13 IHT UL . -46.97 13.09 -52.41
C14 IHT UL . -48.59 13.51 -54.26
C15 IHT UL . -41.11 34.39 -43.45
C16 IHT UL . -38.47 32.39 -45.15
C17 IHT UL . -38.41 32.47 -42.66
C18 IHT UL . -45.73 15.21 -53.78
C19 IHT UL . -45.57 14.98 -56.87
C20 IHT UL . -42.56 34.43 -43.07
C21 IHT UL . -41.22 32.21 -44.42
C22 IHT UL . -44.52 15.21 -53.22
C23 IHT UL . -43.86 16.20 -52.39
C24 IHT UL . -41.92 31.37 -44.88
C25 IHT UL . -42.54 15.83 -51.78
C26 IHT UL . -42.90 30.50 -45.47
C27 IHT UL . -44.38 17.45 -52.25
C28 IHT UL . -44.29 31.05 -45.59
C29 IHT UL . -42.55 29.26 -45.88
C30 IHT UL . -43.75 18.53 -51.56
C31 IHT UL . -43.44 28.26 -46.38
C32 IHT UL . -44.24 19.74 -51.24
C33 IHT UL . -43.47 20.77 -50.55
C34 IHT UL . -43.06 27.06 -46.83
C35 IHT UL . -43.94 26.02 -47.35
C36 IHT UL . -41.99 20.55 -50.40
C37 IHT UL . -44.09 21.85 -50.04
C38 IHT UL . -43.40 24.97 -48.01
C39 IHT UL . -45.42 26.22 -47.20
C40 IHT UL . -43.46 22.93 -49.33
C41 IHT UL . -44.10 23.92 -48.69
O01 IHT UL . -38.52 36.98 -44.21
O1 LHG VL . -60.95 9.95 -57.24
C1 LHG VL . -60.72 9.54 -58.58
C2 LHG VL . -59.65 10.42 -59.19
O2 LHG VL . -58.90 9.72 -60.16
C3 LHG VL . -58.64 10.92 -58.19
O3 LHG VL . -59.29 12.11 -57.77
P LHG VL . -58.54 13.20 -56.84
O4 LHG VL . -58.38 12.59 -55.49
O5 LHG VL . -59.09 14.50 -57.30
O6 LHG VL . -57.04 12.99 -57.53
C4 LHG VL . -55.90 12.90 -56.70
C5 LHG VL . -54.76 12.62 -57.69
C6 LHG VL . -54.25 13.91 -58.33
O7 LHG VL . -53.71 12.08 -56.92
C7 LHG VL . -52.89 11.25 -57.62
O9 LHG VL . -53.29 10.48 -58.47
C8 LHG VL . -51.47 11.58 -57.35
C9 LHG VL . -50.60 10.43 -57.80
C10 LHG VL . -49.48 10.97 -58.65
O8 LHG VL . -53.80 13.50 -59.63
C23 LHG VL . -52.76 14.20 -60.19
O10 LHG VL . -52.34 15.19 -59.62
C24 LHG VL . -52.09 13.73 -61.47
C11 LHG VL . -48.68 9.72 -58.91
C12 LHG VL . -47.24 9.99 -58.58
C13 LHG VL . -46.67 10.88 -59.66
C14 LHG VL . -45.18 10.72 -59.79
C25 LHG VL . -50.80 14.42 -61.80
C26 LHG VL . -50.75 15.16 -63.14
C27 LHG VL . -49.60 14.49 -63.85
C1A DGD WL . -42.89 11.62 -33.48
C2A DGD WL . -41.99 10.84 -34.37
C3A DGD WL . -40.54 11.25 -34.15
C4A DGD WL . -39.76 11.10 -35.44
C5A DGD WL . -38.29 11.41 -35.19
C6A DGD WL . -38.10 12.82 -34.73
C7A DGD WL . -37.03 13.42 -35.63
C8A DGD WL . -36.20 14.40 -34.85
C9A DGD WL . -34.83 13.77 -34.67
CAA DGD WL . -34.10 14.55 -33.59
CBA DGD WL . -32.89 13.72 -33.17
CCA DGD WL . -32.41 14.32 -31.85
CDA DGD WL . -31.44 13.31 -31.24
CEA DGD WL . -30.61 14.03 -30.21
O1A DGD WL . -42.61 12.61 -32.81
C1B DGD WL . -45.27 13.86 -30.80
C2B DGD WL . -45.33 15.34 -30.91
C3B DGD WL . -44.18 15.99 -30.17
C4B DGD WL . -42.86 15.30 -30.52
C5B DGD WL . -42.44 15.96 -31.81
C6B DGD WL . -41.00 15.51 -32.08
C7B DGD WL . -40.23 16.77 -32.38
C8B DGD WL . -39.82 17.32 -31.04
C9B DGD WL . -38.41 17.82 -31.17
CAB DGD WL . -38.14 18.45 -29.83
CBB DGD WL . -37.31 19.65 -30.15
CCB DGD WL . -38.23 20.68 -30.74
CDB DGD WL . -38.89 21.24 -29.52
CEB DGD WL . -39.73 22.40 -29.94
CFB DGD WL . -39.81 23.23 -28.68
CGB DGD WL . -39.53 24.66 -29.08
CHB DGD WL . -38.03 24.82 -29.27
CIB DGD WL . -37.36 24.59 -27.92
O1B DGD WL . -45.38 13.23 -29.76
O1G DGD WL . -43.96 10.85 -33.17
C1G DGD WL . -45.26 11.36 -33.39
C2G DGD WL . -45.75 11.88 -32.03
O2G DGD WL . -45.56 13.28 -31.99
C3G DGD WL . -47.27 11.63 -31.98
O3G DGD WL . -47.33 10.60 -31.01
C1D DGD WL . -48.59 10.39 -30.48
C2D DGD WL . -48.85 8.84 -30.62
O2D DGD WL . -49.67 8.71 -31.82
C3D DGD WL . -49.65 8.24 -29.38
O3D DGD WL . -49.20 6.93 -29.16
C4D DGD WL . -49.40 9.03 -28.03
O4D DGD WL . -48.11 8.82 -27.56
C5D DGD WL . -49.52 10.51 -28.35
O5D DGD WL . -48.68 12.55 -27.55
C6D DGD WL . -49.43 11.44 -27.11
O6D DGD WL . -48.43 10.84 -29.15
C1E DGD WL . -49.39 13.72 -27.84
C2E DGD WL . -48.44 14.70 -28.60
O2E DGD WL . -47.14 14.26 -28.36
C3E DGD WL . -48.63 16.12 -28.05
O3E DGD WL . -50.00 16.37 -28.12
C4E DGD WL . -48.19 16.10 -26.56
O4E DGD WL . -48.42 17.35 -25.99
C5E DGD WL . -49.02 15.04 -25.78
O6E DGD WL . -49.86 14.24 -26.60
C6E DGD WL . -50.05 15.71 -24.82
O5E DGD WL . -50.96 16.37 -25.65
C03 II0 XL . 54.68 -37.84 30.59
C04 II0 XL . 59.57 -14.54 34.73
C05 II0 XL . 53.51 -38.79 30.24
C06 II0 XL . 60.51 -13.31 34.73
C07 II0 XL . 52.46 -38.92 31.36
C08 II0 XL . 61.86 -13.61 34.09
C09 II0 XL . 54.21 -36.49 31.19
C10 II0 XL . 59.78 -15.55 33.56
C11 II0 XL . 52.01 -37.56 31.89
C12 II0 XL . 61.71 -14.05 32.61
C13 II0 XL . 53.21 -36.72 32.34
C14 II0 XL . 60.53 -15.00 32.32
C15 II0 XL . 55.61 -38.55 31.60
C16 II0 XL . 55.46 -37.61 29.27
C17 II0 XL . 59.83 -15.30 36.05
C18 II0 XL . 58.11 -14.00 34.78
C19 II0 XL . 52.72 -35.36 32.88
C20 II0 XL . 59.55 -14.29 31.34
C21 II0 XL . 55.40 -35.67 31.79
C22 II0 XL . 58.43 -16.20 33.11
C23 II0 XL . 55.75 -34.56 31.06
C24 II0 XL . 58.29 -17.49 33.52
C25 II0 XL . 56.82 -34.27 32.13
C26 II0 XL . 57.48 -18.83 33.60
C27 II0 XL . 58.07 -33.68 31.50
C28 II0 XL . 56.90 -18.96 35.00
C29 II0 XL . 56.19 -33.33 33.21
C30 II0 XL . 58.38 -20.03 33.22
C31 II0 XL . 56.84 -31.92 33.45
C32 II0 XL . 58.28 -21.26 34.19
C33 II0 XL . 56.20 -30.94 32.76
C34 II0 XL . 57.57 -22.30 33.68
C35 II0 XL . 57.15 -29.85 33.33
C36 II0 XL . 56.98 -23.72 33.79
C37 II0 XL . 58.54 -29.89 32.72
C38 II0 XL . 55.51 -23.69 33.37
C39 II0 XL . 56.50 -28.50 32.99
C40 II0 XL . 57.76 -24.71 32.92
C41 II0 XL . 57.36 -27.22 33.27
C42 II0 XL . 56.98 -26.05 32.69
O01 II0 XL . 51.35 -39.61 30.86
O02 II0 XL . 62.66 -12.44 34.14
MG CLA YL . 46.66 -26.19 67.71
CHA CLA YL . 44.55 -28.52 69.19
CHB CLA YL . 44.61 -26.05 64.99
CHC CLA YL . 48.69 -23.77 66.36
CHD CLA YL . 48.76 -26.36 70.55
NA CLA YL . 44.88 -27.15 67.20
C1A CLA YL . 44.14 -28.08 67.95
C2A CLA YL . 42.89 -28.52 67.19
C3A CLA YL . 43.07 -27.87 65.80
C4A CLA YL . 44.25 -26.93 66.00
CMA CLA YL . 43.35 -28.91 64.73
CAA CLA YL . 41.65 -27.95 67.89
CBA CLA YL . 40.93 -26.84 67.13
CGA CLA YL . 41.35 -25.51 67.68
O1A CLA YL . 41.73 -25.23 68.82
O2A CLA YL . 41.26 -24.51 66.76
NB CLA YL . 46.69 -25.17 65.97
C1B CLA YL . 45.69 -25.17 65.05
C2B CLA YL . 45.90 -24.06 64.07
C3B CLA YL . 47.05 -23.41 64.46
C4B CLA YL . 47.58 -24.11 65.66
CMB CLA YL . 44.98 -23.79 62.97
CAB CLA YL . 47.71 -22.28 63.86
CBB CLA YL . 48.21 -22.22 62.63
NC CLA YL . 48.42 -25.26 68.33
C1C CLA YL . 49.11 -24.31 67.62
C2C CLA YL . 50.31 -23.91 68.34
C3C CLA YL . 50.31 -24.61 69.55
C4C CLA YL . 49.12 -25.46 69.54
CMC CLA YL . 51.30 -22.94 67.89
CAC CLA YL . 51.31 -24.53 70.61
CBC CLA YL . 50.94 -23.55 71.69
ND CLA YL . 46.68 -27.14 69.50
C1D CLA YL . 47.62 -27.14 70.55
C2D CLA YL . 47.18 -28.11 71.59
C3D CLA YL . 46.01 -28.66 71.11
C4D CLA YL . 45.74 -28.03 69.80
CMD CLA YL . 47.90 -28.37 72.84
CAD CLA YL . 44.93 -29.60 71.37
OBD CLA YL . 44.74 -30.31 72.35
CBD CLA YL . 44.00 -29.57 70.12
CGD CLA YL . 43.94 -30.92 69.45
O1D CLA YL . 42.98 -31.70 69.40
O2D CLA YL . 45.09 -31.26 68.80
CED CLA YL . 44.99 -31.81 67.49
C1 CLA YL . 42.47 -23.73 66.59
C2 CLA YL . 42.09 -22.42 66.01
C3 CLA YL . 42.96 -21.39 65.90
C4 CLA YL . 44.37 -21.48 66.34
C5 CLA YL . 42.50 -20.09 65.32
C6 CLA YL . 42.86 -18.89 66.15
C7 CLA YL . 43.74 -17.91 65.38
C8 CLA YL . 43.90 -16.58 66.10
C9 CLA YL . 43.76 -15.43 65.12
C10 CLA YL . 45.25 -16.50 66.81
C11 CLA YL . 45.18 -15.61 68.04
C12 CLA YL . 46.34 -15.86 68.99
C13 CLA YL . 47.37 -14.74 68.91
C14 CLA YL . 48.73 -15.28 68.55
C15 CLA YL . 47.44 -13.95 70.21
C16 CLA YL . 46.51 -12.75 70.18
C17 CLA YL . 46.78 -11.80 71.33
MG CLA ZL . 47.48 -19.11 58.64
CHA CLA ZL . 44.45 -20.18 57.29
CHB CLA ZL . 46.18 -19.38 61.76
CHC CLA ZL . 50.40 -17.81 59.90
CHD CLA ZL . 48.76 -18.73 55.35
NA CLA ZL . 45.64 -19.75 59.38
C1A CLA ZL . 44.49 -20.17 58.66
C2A CLA ZL . 43.35 -20.54 59.64
C3A CLA ZL . 43.99 -20.34 61.03
C4A CLA ZL . 45.38 -19.79 60.72
CMA CLA ZL . 43.21 -19.31 61.82
CAA CLA ZL . 42.92 -22.00 59.53
CBA CLA ZL . 41.65 -22.30 60.31
CGA CLA ZL . 40.46 -21.69 59.62
O1A CLA ZL . 40.05 -21.89 58.47
O2A CLA ZL . 39.78 -20.82 60.42
NB CLA ZL . 48.23 -18.84 60.48
C1B CLA ZL . 47.46 -18.81 61.60
C2B CLA ZL . 48.11 -18.03 62.68
C3B CLA ZL . 49.31 -17.58 62.17
C4B CLA ZL . 49.39 -18.09 60.76
CMB CLA ZL . 47.47 -17.84 63.98
CAB CLA ZL . 50.35 -16.76 62.73
CBB CLA ZL . 50.19 -15.65 63.48
NC CLA ZL . 49.27 -18.47 57.78
C1C CLA ZL . 50.35 -18.00 58.48
C2C CLA ZL . 51.43 -17.64 57.58
C3C CLA ZL . 50.95 -17.87 56.28
C4C CLA ZL . 49.60 -18.39 56.42
CMC CLA ZL . 52.72 -17.11 58.01
CAC CLA ZL . 51.68 -17.66 55.03
CBC CLA ZL . 51.42 -16.30 54.44
ND CLA ZL . 46.81 -19.33 56.74
C1D CLA ZL . 47.45 -19.15 55.47
C2D CLA ZL . 46.48 -19.48 54.40
C3D CLA ZL . 45.31 -19.82 55.04
C4D CLA ZL . 45.57 -19.76 56.50
CMD CLA ZL . 46.76 -19.37 52.97
CAD CLA ZL . 43.93 -20.23 54.87
OBD CLA ZL . 43.26 -20.33 53.85
CBD CLA ZL . 43.35 -20.53 56.29
CGD CLA ZL . 42.08 -19.77 56.55
O1D CLA ZL . 40.93 -20.11 56.28
O2D CLA ZL . 42.27 -18.56 57.15
CED CLA ZL . 42.24 -17.39 56.33
C1 CLA ZL . 38.98 -19.83 59.75
C2 CLA ZL . 39.82 -18.61 59.60
C3 CLA ZL . 39.94 -17.68 60.55
C4 CLA ZL . 39.22 -17.78 61.85
C5 CLA ZL . 40.81 -16.48 60.33
C6 CLA ZL . 41.53 -16.00 61.58
MG CLA AM . 65.81 -21.54 51.10
CHA CLA AM . 68.26 -19.60 49.55
CHB CLA AM . 63.47 -19.19 50.38
CHC CLA AM . 63.44 -23.53 52.60
CHD CLA AM . 68.30 -23.92 51.91
NA CLA AM . 65.88 -19.70 50.10
C1A CLA AM . 66.99 -19.06 49.52
C2A CLA AM . 66.57 -17.72 48.89
C3A CLA AM . 65.07 -17.60 49.25
C4A CLA AM . 64.76 -18.92 49.96
CMA CLA AM . 64.78 -16.41 50.13
CAA CLA AM . 66.73 -17.69 47.37
CBA CLA AM . 65.65 -18.42 46.61
CGA CLA AM . 65.96 -19.88 46.51
O1A CLA AM . 65.53 -20.81 47.20
O2A CLA AM . 66.84 -20.17 45.50
NB CLA AM . 63.84 -21.38 51.43
C1B CLA AM . 63.05 -20.34 51.05
C2B CLA AM . 61.64 -20.60 51.46
C3B CLA AM . 61.62 -21.83 52.09
C4B CLA AM . 63.03 -22.34 52.07
CMB CLA AM . 60.56 -19.66 51.18
CAB CLA AM . 60.53 -22.57 52.67
CBB CLA AM . 59.74 -22.14 53.65
NC CLA AM . 65.87 -23.39 52.06
C1C CLA AM . 64.78 -24.03 52.59
C2C CLA AM . 65.16 -25.30 53.17
C3C CLA AM . 66.55 -25.42 52.99
C4C CLA AM . 66.98 -24.21 52.29
CMC CLA AM . 64.26 -26.25 53.82
CAC CLA AM . 67.41 -26.53 53.41
CBC CLA AM . 67.62 -27.54 52.31
ND CLA AM . 67.80 -21.79 50.80
C1D CLA AM . 68.71 -22.80 51.22
C2D CLA AM . 70.08 -22.43 50.79
C3D CLA AM . 69.96 -21.23 50.12
C4D CLA AM . 68.53 -20.86 50.17
CMD CLA AM . 71.27 -23.24 51.05
CAD CLA AM . 70.66 -20.17 49.41
OBD CLA AM . 71.84 -20.08 49.12
CBD CLA AM . 69.60 -19.08 49.06
CGD CLA AM . 69.94 -17.75 49.66
O1D CLA AM . 70.46 -17.51 50.75
O2D CLA AM . 69.62 -16.69 48.86
CED CLA AM . 70.52 -16.37 47.78
MG CLA BM . 74.25 -20.21 40.86
CHA CLA BM . 76.99 -19.09 39.05
CHB CLA BM . 75.51 -23.37 40.84
CHC CLA BM . 71.54 -21.26 42.70
CHD CLA BM . 72.96 -16.91 40.86
NA CLA BM . 75.99 -21.06 40.07
C1A CLA BM . 77.02 -20.44 39.36
C2A CLA BM . 78.11 -21.45 38.97
C3A CLA BM . 77.56 -22.80 39.50
C4A CLA BM . 76.27 -22.40 40.20
CMA CLA BM . 77.32 -23.77 38.38
CAA CLA BM . 79.43 -21.17 39.68
CBA CLA BM . 80.57 -21.94 39.07
CGA CLA BM . 81.07 -22.98 40.03
O1A CLA BM . 81.47 -24.12 39.78
O2A CLA BM . 81.07 -22.56 41.33
NB CLA BM . 73.66 -21.97 41.65
C1B CLA BM . 74.30 -23.16 41.51
C2B CLA BM . 73.50 -24.25 42.15
C3B CLA BM . 72.37 -23.65 42.68
C4B CLA BM . 72.46 -22.20 42.36
CMB CLA BM . 73.94 -25.64 42.14
CAB CLA BM . 71.25 -24.21 43.39
CBB CLA BM . 71.32 -25.05 44.43
NC CLA BM . 72.56 -19.25 41.64
C1C CLA BM . 71.58 -19.87 42.37
C2C CLA BM . 70.56 -18.91 42.75
C3C CLA BM . 70.96 -17.67 42.23
C4C CLA BM . 72.22 -17.90 41.53
CMC CLA BM . 69.36 -19.22 43.53
CAC CLA BM . 70.25 -16.39 42.36
CBC CLA BM . 70.76 -15.55 43.51
ND CLA BM . 74.78 -18.40 40.13
C1D CLA BM . 74.16 -17.13 40.20
C2D CLA BM . 74.98 -16.15 39.47
C3D CLA BM . 76.08 -16.84 39.00
C4D CLA BM . 75.91 -18.25 39.44
CMD CLA BM . 74.65 -14.73 39.30
CAD CLA BM . 77.32 -16.77 38.24
OBD CLA BM . 77.84 -15.81 37.68
CBD CLA BM . 77.95 -18.20 38.27
CGD CLA BM . 78.18 -18.72 36.87
O1D CLA BM . 77.60 -19.66 36.31
O2D CLA BM . 79.16 -18.07 36.19
CED CLA BM . 79.17 -18.15 34.77
C1 CLA BM . 82.31 -22.04 41.85
C2 CLA BM . 83.07 -23.18 42.40
C3 CLA BM . 82.93 -23.63 43.66
C4 CLA BM . 81.98 -23.04 44.62
C5 CLA BM . 83.75 -24.79 44.15
C6 CLA BM . 84.76 -24.39 45.19
MG CLA CM . 62.75 -22.55 38.00
CHA CLA CM . 64.71 -19.68 37.84
CHB CLA CM . 62.32 -22.45 34.63
CHC CLA CM . 60.92 -25.45 38.21
CHD CLA CM . 63.19 -22.60 41.51
NA CLA CM . 63.40 -21.23 36.50
C1A CLA CM . 64.22 -20.11 36.62
C2A CLA CM . 64.43 -19.44 35.26
C3A CLA CM . 63.48 -20.23 34.32
C4A CLA CM . 63.03 -21.41 35.19
CMA CLA CM . 62.31 -19.39 33.88
CAA CLA CM . 65.86 -19.50 34.74
CBA CLA CM . 66.58 -20.80 35.10
CGA CLA CM . 67.94 -20.82 34.47
O1A CLA CM . 68.54 -19.89 33.91
O2A CLA CM . 68.54 -22.04 34.57
NB CLA CM . 61.71 -23.67 36.69
C1B CLA CM . 61.85 -23.57 35.34
C2B CLA CM . 61.41 -24.84 34.69
C3B CLA CM . 61.01 -25.68 35.70
C4B CLA CM . 61.18 -24.95 36.97
CMB CLA CM . 61.44 -25.07 33.25
CAB CLA CM . 60.50 -27.03 35.62
CBB CLA CM . 61.17 -28.13 35.95
NC CLA CM . 62.13 -23.77 39.58
C1C CLA CM . 61.36 -24.89 39.43
C2C CLA CM . 61.08 -25.49 40.72
C3C CLA CM . 61.76 -24.71 41.67
C4C CLA CM . 62.41 -23.62 40.94
CMC CLA CM . 60.28 -26.70 40.91
CAC CLA CM . 61.78 -24.93 43.13
CBC CLA CM . 60.53 -24.46 43.83
ND CLA CM . 63.74 -21.47 39.39
C1D CLA CM . 63.83 -21.59 40.80
C2D CLA CM . 64.68 -20.49 41.32
C3D CLA CM . 65.06 -19.74 40.23
C4D CLA CM . 64.43 -20.38 39.05
CMD CLA CM . 65.03 -20.28 42.72
CAD CLA CM . 65.80 -18.58 39.77
OBD CLA CM . 66.49 -17.80 40.41
CBD CLA CM . 65.58 -18.49 38.22
CGD CLA CM . 65.04 -17.14 37.83
O1D CLA CM . 65.65 -16.06 37.89
O2D CLA CM . 63.77 -17.13 37.35
CED CLA CM . 63.46 -16.18 36.34
C1 CLA CM . 69.97 -22.08 34.42
C2 CLA CM . 70.31 -23.46 33.99
C3 CLA CM . 70.37 -24.52 34.82
C4 CLA CM . 70.72 -25.87 34.34
C5 CLA CM . 70.10 -24.38 36.28
C6 CLA CM . 71.26 -24.85 37.14
MG CLA DM . 55.58 -12.94 49.35
CHA CLA DM . 54.80 -10.43 47.07
CHB CLA DM . 54.73 -10.87 51.90
CHC CLA DM . 56.11 -15.53 51.54
CHD CLA DM . 56.25 -15.13 46.65
NA CLA DM . 54.95 -10.95 49.45
C1A CLA DM . 54.65 -10.07 48.39
C2A CLA DM . 54.21 -8.70 48.92
C3A CLA DM . 54.44 -8.82 50.45
C4A CLA DM . 54.73 -10.32 50.63
CMA CLA DM . 55.57 -7.96 50.92
CAA CLA DM . 52.76 -8.35 48.60
CBA CLA DM . 51.75 -8.94 49.56
CGA CLA DM . 50.38 -8.90 48.95
O1A CLA DM . 49.78 -7.94 48.47
O2A CLA DM . 49.76 -10.12 48.94
NB CLA DM . 55.56 -13.13 51.36
C1B CLA DM . 54.99 -12.23 52.19
C2B CLA DM . 54.66 -12.87 53.50
C3B CLA DM . 55.05 -14.18 53.40
C4B CLA DM . 55.64 -14.36 52.04
CMB CLA DM . 54.02 -12.15 54.60
CAB CLA DM . 54.95 -15.27 54.35
CBB CLA DM . 55.52 -15.28 55.56
NC CLA DM . 56.17 -14.93 49.13
C1C CLA DM . 56.37 -15.80 50.17
C2C CLA DM . 56.82 -17.08 49.68
C3C CLA DM . 56.79 -17.01 48.29
C4C CLA DM . 56.38 -15.65 47.95
CMC CLA DM . 57.16 -18.23 50.53
CAC CLA DM . 57.16 -18.07 47.33
CBC CLA DM . 56.04 -19.05 47.07
ND CLA DM . 55.58 -12.86 47.33
C1D CLA DM . 55.88 -13.83 46.34
C2D CLA DM . 55.73 -13.21 45.00
C3D CLA DM . 55.32 -11.91 45.22
C4D CLA DM . 55.24 -11.74 46.69
CMD CLA DM . 55.95 -13.88 43.73
CAD CLA DM . 54.94 -10.64 44.61
OBD CLA DM . 54.90 -10.34 43.43
CBD CLA DM . 54.59 -9.67 45.77
CGD CLA DM . 55.41 -8.41 45.72
O1D CLA DM . 55.13 -7.35 45.15
O2D CLA DM . 56.60 -8.49 46.39
CED CLA DM . 57.14 -7.29 46.92
MG CLA EM . 47.79 -22.14 50.53
CHA CLA EM . 45.81 -23.29 53.14
CHB CLA EM . 45.27 -22.78 48.35
CHC CLA EM . 49.66 -20.66 48.05
CHD CLA EM . 50.39 -21.50 52.85
NA CLA EM . 45.89 -22.96 50.74
C1A CLA EM . 45.22 -23.34 51.90
C2A CLA EM . 43.83 -23.88 51.59
C3A CLA EM . 43.87 -24.05 50.06
C4A CLA EM . 45.08 -23.19 49.66
CMA CLA EM . 44.11 -25.51 49.79
CAA CLA EM . 42.71 -22.94 52.02
CBA CLA EM . 41.92 -22.32 50.88
CGA CLA EM . 41.86 -20.83 51.03
O1A CLA EM . 41.03 -20.16 51.64
O2A CLA EM . 42.87 -20.19 50.37
NB CLA EM . 47.52 -21.79 48.57
C1B CLA EM . 46.37 -22.03 47.88
C2B CLA EM . 46.47 -21.43 46.51
C3B CLA EM . 47.71 -20.83 46.43
C4B CLA EM . 48.40 -21.08 47.73
CMB CLA EM . 45.42 -21.51 45.51
CAB CLA EM . 48.32 -20.14 45.34
CBB CLA EM . 48.58 -18.82 45.29
NC CLA EM . 49.71 -21.31 50.46
C1C CLA EM . 50.28 -20.78 49.33
C2C CLA EM . 51.62 -20.30 49.64
C3C CLA EM . 51.82 -20.49 51.01
C4C CLA EM . 50.61 -21.13 51.52
CMC CLA EM . 52.54 -19.69 48.66
CAC CLA EM . 53.02 -20.16 51.79
CBC CLA EM . 54.05 -21.26 51.76
ND CLA EM . 48.14 -22.43 52.50
C1D CLA EM . 49.24 -22.09 53.33
C2D CLA EM . 48.93 -22.48 54.72
C3D CLA EM . 47.62 -22.95 54.71
C4D CLA EM . 47.17 -22.88 53.30
CMD CLA EM . 49.86 -22.34 55.84
CAD CLA EM . 46.53 -23.54 55.47
OBD CLA EM . 46.52 -23.91 56.64
CBD CLA EM . 45.30 -23.68 54.52
CGD CLA EM . 44.72 -25.07 54.55
O1D CLA EM . 44.99 -26.02 53.80
O2D CLA EM . 43.79 -25.25 55.52
CED CLA EM . 42.74 -26.19 55.27
C1 CLA EM . 43.20 -18.87 50.83
MG CLA FM . 55.68 -35.84 57.29
CHA CLA FM . 53.56 -38.18 55.82
CHB CLA FM . 55.88 -37.77 60.07
CHC CLA FM . 57.90 -33.57 58.61
CHD CLA FM . 55.45 -33.88 54.34
NA CLA FM . 54.84 -37.67 57.83
C1A CLA FM . 53.99 -38.51 57.08
C2A CLA FM . 53.62 -39.76 57.87
C3A CLA FM . 54.24 -39.51 59.26
C4A CLA FM . 55.06 -38.23 59.06
CMA CLA FM . 53.15 -39.34 60.30
CAA CLA FM . 54.25 -41.01 57.29
NB CLA FM . 56.66 -35.68 59.03
C1B CLA FM . 56.67 -36.61 60.01
C2B CLA FM . 57.65 -36.23 61.07
C3B CLA FM . 58.23 -35.04 60.66
C4B CLA FM . 57.60 -34.68 59.36
CMB CLA FM . 57.89 -37.04 62.27
CAB CLA FM . 59.24 -34.23 61.28
CBB CLA FM . 59.18 -33.73 62.52
NC CLA FM . 56.50 -34.04 56.60
C1C CLA FM . 57.38 -33.27 57.31
C2C CLA FM . 57.75 -32.09 56.53
C3C CLA FM . 57.06 -32.19 55.33
C4C CLA FM . 56.27 -33.41 55.37
CMC CLA FM . 58.67 -31.05 56.96
CAC CLA FM . 57.11 -31.23 54.20
CBC CLA FM . 58.20 -31.58 53.22
ND CLA FM . 54.76 -35.93 55.48
C1D CLA FM . 54.72 -35.05 54.37
C2D CLA FM . 53.84 -35.61 53.33
C3D CLA FM . 53.37 -36.81 53.83
C4D CLA FM . 53.97 -36.97 55.17
CMD CLA FM . 53.57 -34.98 52.04
CAD CLA FM . 52.54 -37.98 53.59
OBD CLA FM . 51.87 -38.27 52.60
CBD CLA FM . 52.63 -38.88 54.85
CGD CLA FM . 51.28 -39.11 55.47
O1D CLA FM . 50.75 -38.49 56.39
O2D CLA FM . 50.59 -40.15 54.91
CED CLA FM . 50.24 -41.25 55.76
MG CLA GM . 57.83 -33.38 74.63
CHA CLA GM . 58.19 -35.67 72.06
CHB CLA GM . 56.96 -35.92 76.74
CHC CLA GM . 57.78 -31.14 77.23
CHD CLA GM . 58.83 -30.80 72.44
NA CLA GM . 57.57 -35.44 74.40
C1A CLA GM . 57.79 -36.22 73.25
C2A CLA GM . 57.49 -37.69 73.53
C3A CLA GM . 56.86 -37.68 74.93
C4A CLA GM . 57.16 -36.26 75.42
CMA CLA GM . 55.39 -37.97 74.90
CAA CLA GM . 58.75 -38.53 73.54
NB CLA GM . 57.33 -33.48 76.58
C1B CLA GM . 57.18 -34.64 77.29
C2B CLA GM . 57.31 -34.39 78.75
C3B CLA GM . 57.54 -33.03 78.90
C4B CLA GM . 57.55 -32.45 77.53
CMB CLA GM . 57.21 -35.44 79.76
CAB CLA GM . 57.75 -32.26 80.09
CBB CLA GM . 58.95 -31.82 80.50
NC CLA GM . 58.17 -31.33 74.78
C1C CLA GM . 58.06 -30.61 75.95
C2C CLA GM . 58.34 -29.20 75.69
C3C CLA GM . 58.70 -29.10 74.34
C4C CLA GM . 58.59 -30.45 73.78
CMC CLA GM . 58.29 -28.15 76.70
CAC CLA GM . 59.08 -27.88 73.62
CBC CLA GM . 60.54 -27.56 73.73
ND CLA GM . 58.40 -33.20 72.70
C1D CLA GM . 58.75 -32.06 71.92
C2D CLA GM . 58.99 -32.51 70.53
C3D CLA GM . 58.80 -33.89 70.51
C4D CLA GM . 58.44 -34.27 71.90
CMD CLA GM . 59.33 -31.60 69.44
CAD CLA GM . 58.77 -35.10 69.72
OBD CLA GM . 58.99 -35.25 68.53
CBD CLA GM . 58.40 -36.28 70.69
CGD CLA GM . 57.16 -37.03 70.30
O1D CLA GM . 56.07 -36.57 69.94
O2D CLA GM . 57.30 -38.38 70.42
CED CLA GM . 56.12 -39.19 70.53
NB KC2 HM . 63.87 -31.66 66.60
ND KC2 HM . 62.43 -32.49 70.29
C1A KC2 HM . 62.20 -35.09 68.51
C1B KC2 HM . 63.81 -32.45 65.50
C1C KC2 HM . 64.52 -29.41 68.55
C1D KC2 HM . 62.34 -31.72 71.44
C2A KC2 HM . 61.82 -36.12 67.66
C2B KC2 HM . 64.65 -31.94 64.54
C2C KC2 HM . 64.77 -28.34 69.38
C2D KC2 HM . 62.05 -32.55 72.54
C3A KC2 HM . 62.10 -35.68 66.37
C3B KC2 HM . 65.25 -30.78 65.05
C3C KC2 HM . 64.06 -28.52 70.56
C3D KC2 HM . 61.95 -33.86 72.00
C4A KC2 HM . 62.62 -34.42 66.47
C4B KC2 HM . 64.75 -30.62 66.33
C4C KC2 HM . 63.39 -29.73 70.43
C4D KC2 HM . 62.19 -33.73 70.64
CAA KC2 HM . 61.27 -37.42 67.99
CAB KC2 HM . 66.21 -29.94 64.35
CAC KC2 HM . 64.03 -27.63 71.70
CAD KC2 HM . 61.70 -35.28 72.29
CBA KC2 HM . 61.91 -38.50 68.34
CBB KC2 HM . 66.14 -28.66 64.09
CBC KC2 HM . 63.40 -26.49 71.79
CBD KC2 HM . 62.00 -36.05 71.00
CED KC2 HM . 65.32 -35.78 71.72
CGA KC2 HM . 63.30 -38.75 67.88
CGD KC2 HM . 63.28 -36.84 71.18
CHA KC2 HM . 62.12 -34.99 69.97
CHB KC2 HM . 63.03 -33.60 65.41
CHC KC2 HM . 65.04 -29.60 67.27
CHD KC2 HM . 62.54 -30.35 71.37
CMA KC2 HM . 61.86 -36.47 65.11
CMB KC2 HM . 64.90 -32.50 63.18
CMC KC2 HM . 65.64 -27.15 69.08
CMD KC2 HM . 61.87 -32.16 73.97
NA KC2 HM . 62.66 -34.04 67.76
NC KC2 HM . 63.68 -30.27 69.18
O1A KC2 HM . 64.27 -38.20 68.37
O1D KC2 HM . 63.33 -37.93 71.67
O2A KC2 HM . 63.38 -39.62 66.92
O2D KC2 HM . 64.34 -36.19 70.73
OBD KC2 HM . 61.33 -35.82 73.32
MG KC2 HM . 63.11 -32.11 68.43
NB KC2 IM . 61.63 -16.29 71.81
ND KC2 IM . 61.32 -12.31 71.64
C1A KC2 IM . 63.70 -13.08 73.56
C1B KC2 IM . 62.74 -17.00 72.09
C1C KC2 IM . 58.88 -15.51 70.76
C1D KC2 IM . 60.28 -11.56 71.16
C2A KC2 IM . 64.85 -13.44 74.25
C2B KC2 IM . 62.46 -18.34 72.01
C2C KC2 IM . 57.66 -15.17 70.22
C2D KC2 IM . 60.15 -10.38 71.92
C3A KC2 IM . 65.10 -14.77 73.90
C3B KC2 IM . 61.10 -18.47 71.68
C3C KC2 IM . 57.71 -13.81 69.88
C3D KC2 IM . 61.20 -10.43 72.86
C4A KC2 IM . 64.12 -15.17 73.02
C4B KC2 IM . 60.60 -17.18 71.56
C4C KC2 IM . 58.97 -13.36 70.23
C4D KC2 IM . 61.86 -11.62 72.61
CAA KC2 IM . 65.65 -12.67 75.16
CAB KC2 IM . 60.39 -19.72 71.49
CAC KC2 IM . 56.65 -13.01 69.28
CAD KC2 IM . 61.86 -9.76 73.99
CBA KC2 IM . 65.45 -12.50 76.44
CBB KC2 IM . 60.21 -20.68 72.35
CBC KC2 IM . 56.28 -11.79 69.55
CBD KC2 IM . 63.13 -10.57 74.30
CED KC2 IM . 64.59 -8.96 71.68
CGA KC2 IM . 64.16 -12.83 77.08
CGD KC2 IM . 64.34 -9.77 73.89
CHA KC2 IM . 62.96 -11.83 73.52
CHB KC2 IM . 63.96 -16.40 72.40
CHC KC2 IM . 59.28 -16.77 71.23
CHD KC2 IM . 59.52 -12.08 70.12
CMA KC2 IM . 66.24 -15.61 74.40
CMB KC2 IM . 63.43 -19.46 72.26
CMC KC2 IM . 56.49 -16.07 70.00
CMD KC2 IM . 59.13 -9.30 71.74
NA KC2 IM . 63.27 -14.14 72.81
NC KC2 IM . 59.69 -14.42 70.78
O1A KC2 IM . 63.38 -11.98 77.50
O1D KC2 IM . 64.90 -8.98 74.60
O2A KC2 IM . 63.94 -14.12 77.17
O2D KC2 IM . 64.72 -10.04 72.64
OBD KC2 IM . 61.55 -8.77 74.62
MG KC2 IM . 61.53 -14.29 71.68
MG CLA JM . 54.46 -8.32 65.64
CHA CLA JM . 56.25 -5.35 65.36
CHB CLA JM . 54.95 -8.30 69.00
CHC CLA JM . 52.22 -10.90 65.92
CHD CLA JM . 53.93 -8.28 62.13
NA CLA JM . 55.51 -7.07 66.93
C1A CLA JM . 56.16 -5.85 66.65
C2A CLA JM . 56.78 -5.28 67.93
C3A CLA JM . 56.73 -6.49 68.90
C4A CLA JM . 55.63 -7.35 68.26
CMA CLA JM . 58.05 -7.21 69.01
CAA CLA JM . 55.98 -4.20 68.66
CBA CLA JM . 55.22 -3.18 67.84
CGA CLA JM . 56.12 -2.01 67.54
O1A CLA JM . 57.32 -1.89 67.80
O2A CLA JM . 55.48 -1.00 66.90
NB CLA JM . 53.83 -9.49 67.16
C1B CLA JM . 53.95 -9.13 68.47
C2B CLA JM . 52.89 -9.77 69.29
C3B CLA JM . 52.11 -10.51 68.42
C4B CLA JM . 52.71 -10.35 67.07
CMB CLA JM . 52.78 -9.56 70.73
CAB CLA JM . 50.94 -11.33 68.64
CBB CLA JM . 50.76 -12.24 69.61
NC CLA JM . 53.37 -9.46 64.26
C1C CLA JM . 52.55 -10.50 64.60
C2C CLA JM . 51.96 -11.07 63.40
C3C CLA JM . 52.40 -10.30 62.32
C4C CLA JM . 53.30 -9.29 62.87
CMC CLA JM . 51.02 -12.20 63.37
CAC CLA JM . 52.06 -10.49 60.90
CBC CLA JM . 50.92 -9.59 60.45
ND CLA JM . 54.99 -7.18 64.07
C1D CLA JM . 54.70 -7.28 62.68
C2D CLA JM . 55.36 -6.16 61.97
C3D CLA JM . 55.93 -5.38 62.95
C4D CLA JM . 55.69 -6.05 64.24
CMD CLA JM . 55.30 -5.94 60.53
CAD CLA JM . 56.73 -4.19 63.22
OBD CLA JM . 57.18 -3.36 62.43
CBD CLA JM . 56.91 -4.12 64.76
CGD CLA JM . 58.37 -3.98 65.12
O1D CLA JM . 58.99 -2.94 65.36
O2D CLA JM . 59.03 -5.16 65.18
CED CLA JM . 59.88 -5.33 66.31
C1 CLA JM . 56.16 -0.44 65.76
C2 CLA JM . 55.43 0.80 65.40
C3 CLA JM . 55.79 1.59 64.38
C4 CLA JM . 55.03 2.83 64.05
C5 CLA JM . 56.98 1.29 63.54
C6 CLA JM . 56.59 1.00 62.09
C03 II0 KM . 44.09 -20.48 70.87
C04 II0 KM . 60.64 -16.10 53.63
C05 II0 KM . 42.73 -20.93 71.44
C06 II0 KM . 62.00 -15.63 53.06
C07 II0 KM . 42.09 -22.10 70.72
C08 II0 KM . 63.19 -16.03 53.92
C09 II0 KM . 44.82 -21.65 70.20
C10 II0 KM . 60.78 -17.48 54.25
C11 II0 KM . 43.05 -23.26 70.84
C12 II0 KM . 63.25 -17.54 53.92
C13 II0 KM . 44.39 -22.93 70.24
C14 II0 KM . 61.95 -18.16 54.37
C15 II0 KM . 43.83 -19.37 69.84
C16 II0 KM . 44.95 -19.91 72.01
C17 II0 KM . 59.64 -16.13 52.47
C18 II0 KM . 60.17 -15.08 54.66
C19 II0 KM . 45.13 -24.10 69.67
C20 II0 KM . 62.08 -19.54 54.95
C21 II0 KM . 46.04 -21.34 69.55
C22 II0 KM . 59.58 -18.08 54.74
C23 II0 KM . 47.07 -20.98 69.03
C24 II0 KM . 58.53 -18.51 55.11
C25 II0 KM . 48.28 -20.42 68.52
C26 II0 KM . 57.20 -18.95 55.43
C27 II0 KM . 49.22 -19.84 69.55
C28 II0 KM . 56.25 -19.11 54.27
C29 II0 KM . 48.54 -20.45 67.20
C30 II0 KM . 56.87 -19.18 56.72
C31 II0 KM . 49.74 -20.02 66.56
C32 II0 KM . 55.60 -19.65 57.22
C33 II0 KM . 50.00 -20.19 65.26
C34 II0 KM . 55.33 -19.79 58.52
C35 II0 KM . 51.21 -19.78 64.57
C36 II0 KM . 54.09 -20.24 59.11
C37 II0 KM . 52.21 -18.96 65.33
C38 II0 KM . 53.10 -20.96 58.24
C39 II0 KM . 51.40 -20.15 63.28
C40 II0 KM . 53.85 -19.97 60.42
C41 II0 KM . 52.54 -19.87 62.46
C42 II0 KM . 52.68 -20.28 61.18
O01 II0 KM . 40.83 -22.41 71.30
O02 II0 KM . 64.39 -15.49 53.39
C03 II0 LM . 54.51 -27.73 72.17
C04 II0 LM . 59.58 -4.91 74.80
C05 II0 LM . 53.44 -28.76 71.78
C06 II0 LM . 60.06 -3.45 74.88
C07 II0 LM . 52.43 -28.95 72.91
C08 II0 LM . 59.82 -2.67 73.58
C09 II0 LM . 53.91 -26.38 72.64
C10 II0 LM . 58.18 -5.10 74.14
C11 II0 LM . 51.69 -27.65 73.21
C12 II0 LM . 58.31 -2.66 73.28
C13 II0 LM . 52.62 -26.45 73.52
C14 II0 LM . 57.77 -4.08 73.05
C15 II0 LM . 55.42 -28.37 73.24
C16 II0 LM . 55.39 -27.45 70.92
C17 II0 LM . 60.68 -5.74 74.08
C18 II0 LM . 59.48 -5.42 76.26
C19 II0 LM . 52.93 -26.42 75.05
C20 II0 LM . 58.22 -4.53 71.63
C21 II0 LM . 55.00 -25.51 73.34
C22 II0 LM . 58.03 -6.56 73.59
C23 II0 LM . 55.04 -24.25 72.83
C24 II0 LM . 56.78 -7.07 73.80
C25 II0 LM . 56.17 -23.98 73.84
C26 II0 LM . 55.72 -8.20 73.70
C27 II0 LM . 57.46 -23.68 73.09
C28 II0 LM . 54.55 -7.87 74.61
C29 II0 LM . 55.79 -22.77 74.75
C30 II0 LM . 56.32 -9.55 74.11
C31 II0 LM . 56.08 -21.37 74.10
C32 II0 LM . 55.27 -10.71 74.07
C33 II0 LM . 55.83 -20.35 74.97
C34 II0 LM . 55.72 -11.81 73.45
C35 II0 LM . 56.25 -19.39 73.83
C36 II0 LM . 55.57 -13.25 72.94
C37 II0 LM . 57.66 -18.88 74.10
C38 II0 LM . 54.21 -13.38 72.26
C39 II0 LM . 55.23 -18.22 73.74
C40 II0 LM . 55.66 -14.26 74.10
C41 II0 LM . 55.77 -16.80 74.18
C42 II0 LM . 55.17 -15.69 73.70
O01 II0 LM . 51.49 -29.93 72.52
O02 II0 LM . 60.27 -1.35 73.73
C03 II0 MM . 57.26 -8.96 54.70
C04 II0 MM . 49.40 -20.26 74.78
C05 II0 MM . 57.87 -7.82 53.86
C06 II0 MM . 49.53 -21.24 75.96
C07 II0 MM . 58.08 -6.52 54.63
C08 II0 MM . 50.72 -22.18 75.78
C09 II0 MM . 57.80 -9.10 56.15
C10 II0 MM . 50.75 -19.75 74.18
C11 II0 MM . 58.97 -6.79 55.83
C12 II0 MM . 52.05 -21.40 75.74
C13 II0 MM . 58.33 -7.79 56.81
C14 II0 MM . 52.03 -20.05 75.00
C15 II0 MM . 55.71 -8.77 54.67
C16 II0 MM . 57.63 -10.24 53.90
C17 II0 MM . 48.66 -21.03 73.66
C18 II0 MM . 48.48 -19.10 75.24
C19 II0 MM . 57.21 -7.02 57.56
C20 II0 MM . 52.34 -18.92 76.02
C21 II0 MM . 56.76 -9.74 57.14
C22 II0 MM . 50.69 -18.21 73.86
C23 II0 MM . 56.73 -11.11 57.18
C24 II0 MM . 50.91 -17.88 72.55
C25 II0 MM . 55.60 -11.22 58.25
C26 II0 MM . 51.05 -16.82 71.41
C27 II0 MM . 54.30 -10.50 57.92
C28 II0 MM . 51.02 -15.43 72.01
C29 II0 MM . 55.24 -12.72 58.37
C30 II0 MM . 52.36 -17.02 70.63
C31 II0 MM . 55.39 -13.37 59.79
C32 II0 MM . 52.16 -16.90 69.08
C33 II0 MM . 54.18 -13.69 60.33
C34 II0 MM . 52.41 -15.66 68.61
C35 II0 MM . 54.97 -14.23 61.56
C36 II0 MM . 52.53 -14.60 67.50
C37 II0 MM . 54.84 -15.75 61.56
C38 II0 MM . 53.69 -13.69 67.85
C39 II0 MM . 54.40 -13.62 62.87
C40 II0 MM . 52.74 -15.24 66.12
C41 II0 MM . 53.69 -14.64 63.83
C42 II0 MM . 53.44 -14.27 65.11
O01 II0 MM . 58.70 -5.58 53.77
O02 II0 MM . 50.74 -23.09 76.85
C03 II0 NM . 54.85 -28.55 51.52
C04 II0 NM . 70.38 -18.07 37.23
C05 II0 NM . 53.46 -29.19 51.35
C06 II0 NM . 71.26 -17.79 36.00
C07 II0 NM . 52.29 -28.24 51.64
C08 II0 NM . 72.74 -17.99 36.31
C09 II0 NM . 54.96 -27.22 50.75
C10 II0 NM . 70.70 -19.38 38.04
C11 II0 NM . 52.46 -26.87 50.94
C12 II0 NM . 72.95 -19.45 36.68
C13 II0 NM . 53.84 -26.27 51.24
C14 II0 NM . 72.19 -19.84 37.96
C15 II0 NM . 55.10 -28.31 53.03
C16 II0 NM . 55.90 -29.57 50.99
C17 II0 NM . 70.52 -16.88 38.20
C18 II0 NM . 68.91 -18.05 36.70
C19 II0 NM . 53.95 -24.87 50.60
C20 II0 NM . 72.35 -21.38 38.13
C21 II0 NM . 56.34 -26.51 50.91
C22 II0 NM . 69.70 -20.55 37.70
C23 II0 NM . 57.05 -26.47 49.73
C24 II0 NM . 68.92 -20.94 38.76
C25 II0 NM . 58.19 -25.72 50.45
C26 II0 NM . 67.82 -21.82 39.43
C27 II0 NM . 58.14 -24.25 50.11
C28 II0 NM . 67.17 -22.69 38.36
C29 II0 NM . 59.55 -26.36 50.06
C30 II0 NM . 68.41 -22.71 40.53
C31 II0 NM . 60.36 -25.58 48.96
C32 II0 NM . 67.60 -22.64 41.87
C33 II0 NM . 61.71 -25.69 49.17
C34 II0 NM . 67.11 -23.84 42.26
C35 II0 NM . 61.94 -24.83 47.91
C36 II0 NM . 66.33 -24.77 43.20
C37 II0 NM . 62.34 -23.42 48.35
C38 II0 NM . 65.40 -25.67 42.37
C39 II0 NM . 63.07 -25.45 47.06
C40 II0 NM . 65.49 -23.98 44.22
C41 II0 NM . 63.78 -24.46 46.07
C42 II0 NM . 64.75 -24.92 45.23
O01 II0 NM . 51.10 -28.83 51.19
O02 II0 NM . 73.50 -17.68 35.17
MG CLA OM . 49.00 -28.10 81.98
CHA CLA OM . 49.89 -31.37 82.74
CHB CLA OM . 49.19 -27.26 85.27
CHC CLA OM . 48.13 -24.86 81.15
CHD CLA OM . 48.75 -29.00 78.57
NA CLA OM . 49.48 -29.16 83.71
C1A CLA OM . 49.84 -30.52 83.83
C2A CLA OM . 50.11 -30.87 85.29
C3A CLA OM . 49.82 -29.55 86.05
C4A CLA OM . 49.48 -28.57 84.94
CMA CLA OM . 48.69 -29.71 87.05
CAA CLA OM . 51.56 -31.28 85.56
CBA CLA OM . 52.54 -30.32 84.90
CGA CLA OM . 53.70 -31.10 84.34
O1A CLA OM . 53.78 -31.71 83.28
O2A CLA OM . 54.79 -31.09 85.16
NB CLA OM . 48.73 -26.38 83.01
C1B CLA OM . 48.85 -26.24 84.36
C2B CLA OM . 48.55 -24.84 84.75
C3B CLA OM . 48.26 -24.15 83.59
C4B CLA OM . 48.36 -25.12 82.47
CMB CLA OM . 48.59 -24.36 86.13
CAB CLA OM . 47.89 -22.78 83.39
CBB CLA OM . 46.78 -22.19 83.85
NC CLA OM . 48.54 -27.12 80.18
C1C CLA OM . 48.22 -25.79 80.08
C2C CLA OM . 47.96 -25.44 78.69
C3C CLA OM . 48.13 -26.61 77.95
C4C CLA OM . 48.49 -27.66 78.90
CMC CLA OM . 47.60 -24.10 78.23
CAC CLA OM . 47.98 -26.77 76.50
CBC CLA OM . 49.25 -26.41 75.75
ND CLA OM . 49.25 -29.74 80.85
C1D CLA OM . 49.11 -29.99 79.46
C2D CLA OM . 49.40 -31.42 79.19
C3D CLA OM . 49.70 -31.99 80.41
C4D CLA OM . 49.60 -30.91 81.41
CMD CLA OM . 49.36 -32.04 77.86
CAD CLA OM . 50.07 -33.21 81.10
OBD CLA OM . 50.27 -34.33 80.66
CBD CLA OM . 50.19 -32.85 82.61
CGD CLA OM . 49.27 -33.69 83.46
O1D CLA OM . 49.49 -34.80 83.95
O2D CLA OM . 48.06 -33.11 83.70
CED CLA OM . 46.89 -33.87 83.38
C03 II0 PM . 60.57 -38.25 53.60
C04 II0 PM . 64.98 -21.36 68.71
C05 II0 PM . 60.11 -39.61 53.07
C06 II0 PM . 65.70 -20.00 68.87
C07 II0 PM . 59.44 -40.49 54.12
C08 II0 PM . 66.34 -19.42 67.61
C09 II0 PM . 59.57 -37.74 54.65
C10 II0 PM . 65.48 -22.05 67.44
C11 II0 PM . 58.16 -39.78 54.53
C12 II0 PM . 67.28 -20.42 66.96
C13 II0 PM . 58.46 -38.39 55.03
C14 II0 PM . 66.74 -21.83 67.03
C15 II0 PM . 60.68 -37.27 52.44
C16 II0 PM . 61.96 -38.43 54.24
C17 II0 PM . 65.31 -22.23 69.95
C18 II0 PM . 63.47 -21.13 68.66
C19 II0 PM . 57.44 -37.82 55.98
C20 II0 PM . 67.71 -22.90 66.66
C21 II0 PM . 59.90 -36.49 55.26
C22 II0 PM . 64.58 -22.87 66.72
C23 II0 PM . 60.26 -35.47 55.75
C24 II0 PM . 63.77 -23.48 66.07
C25 II0 PM . 60.90 -34.32 56.32
C26 II0 PM . 62.72 -24.06 65.29
C27 II0 PM . 61.23 -33.22 55.36
C28 II0 PM . 61.55 -23.17 65.00
C29 II0 PM . 61.18 -34.36 57.65
C30 II0 PM . 62.80 -25.35 64.89
C31 II0 PM . 61.36 -33.29 58.60
C32 II0 PM . 63.03 -26.50 65.69
C33 II0 PM . 61.63 -32.02 58.29
C34 II0 PM . 62.91 -27.79 65.32
C35 II0 PM . 61.80 -30.91 59.21
C36 II0 PM . 62.59 -28.38 64.03
C37 II0 PM . 62.18 -29.58 58.64
C38 II0 PM . 63.02 -27.65 62.79
C39 II0 PM . 61.66 -31.14 60.54
C40 II0 PM . 62.00 -29.61 64.03
C41 II0 PM . 61.91 -30.22 61.59
C42 II0 PM . 61.73 -30.50 62.91
O01 II0 PM . 59.15 -41.76 53.58
O02 II0 PM . 65.31 -19.06 66.67
C10 WVN QM . -41.52 30.77 -24.86
C11 WVN QM . -21.37 22.46 -32.76
C12 WVN QM . -42.29 31.25 -26.10
C13 WVN QM . -39.52 32.29 -25.50
C14 WVN QM . -41.33 31.62 -27.25
C01 WVN QM . -19.49 20.94 -31.88
C02 WVN QM . -20.96 21.00 -32.36
C03 WVN QM . -18.47 21.15 -33.02
C04 WVN QM . -18.71 20.18 -34.19
C05 WVN QM . -21.17 20.04 -33.53
C06 WVN QM . -40.46 31.79 -24.38
C07 WVN QM . -19.21 22.05 -30.81
C08 WVN QM . -19.24 19.57 -31.22
C09 WVN QM . -20.15 20.27 -34.68
C15 WVN QM . -40.30 32.68 -26.79
C16 WVN QM . -22.59 20.15 -34.11
C17 WVN QM . -39.68 31.20 -23.17
C18 WVN QM . -41.24 33.04 -23.83
C19 WVN QM . -22.40 23.00 -31.99
C20 WVN QM . -38.25 31.41 -25.77
C21 WVN QM . -39.34 33.02 -27.96
C22 WVN QM . -23.38 24.15 -31.61
C23 WVN QM . -38.32 30.12 -26.23
C24 WVN QM . -23.01 25.41 -32.33
C25 WVN QM . -37.71 28.78 -26.68
C26 WVN QM . -24.82 23.75 -31.97
C27 WVN QM . -38.68 28.09 -27.63
C28 WVN QM . -36.37 29.01 -27.39
C29 WVN QM . -25.87 24.09 -30.84
C30 WVN QM . -35.18 28.27 -26.71
C31 WVN QM . -26.57 25.24 -31.09
C32 WVN QM . -27.65 26.31 -30.72
C33 WVN QM . -34.46 27.50 -27.54
C34 WVN QM . -33.31 26.51 -27.85
C35 WVN QM . -26.97 27.60 -30.32
C36 WVN QM . -28.54 25.80 -29.58
C37 WVN QM . -32.12 27.25 -28.49
C38 WVN QM . -33.79 25.43 -28.80
C39 WVN QM . -29.76 26.75 -29.31
C40 WVN QM . -30.90 26.28 -28.76
MG CLA RM . -23.95 -1.46 -34.24
CHA CLA RM . -25.52 -4.18 -35.76
CHB CLA RM . -25.13 -2.47 -31.23
CHC CLA RM . -22.05 0.98 -32.75
CHD CLA RM . -22.51 -0.62 -37.37
NA CLA RM . -25.19 -3.04 -33.64
C1A CLA RM . -25.73 -4.08 -34.40
C2A CLA RM . -26.53 -5.04 -33.52
C3A CLA RM . -26.61 -4.28 -32.18
C4A CLA RM . -25.56 -3.19 -32.33
CMA CLA RM . -27.98 -3.77 -31.84
CAA CLA RM . -25.72 -6.27 -33.11
CBA CLA RM . -25.23 -7.29 -34.11
CGA CLA RM . -23.91 -6.97 -34.74
O1A CLA RM . -23.60 -7.13 -35.92
O2A CLA RM . -22.93 -6.48 -33.89
NB CLA RM . -23.81 -0.73 -32.38
C1B CLA RM . -24.16 -1.44 -31.27
C2B CLA RM . -23.36 -1.05 -30.09
C3B CLA RM . -22.48 -0.08 -30.51
C4B CLA RM . -22.76 0.14 -31.96
CMB CLA RM . -23.51 -1.68 -28.78
CAB CLA RM . -21.45 0.62 -29.81
CBB CLA RM . -21.64 1.40 -28.73
NC CLA RM . -22.61 -0.02 -34.96
C1C CLA RM . -21.97 0.90 -34.17
C2C CLA RM . -21.12 1.76 -34.99
C3C CLA RM . -21.20 1.28 -36.29
C4C CLA RM . -22.14 0.16 -36.26
CMC CLA RM . -20.28 2.85 -34.47
CAC CLA RM . -20.50 1.79 -37.48
CBC CLA RM . -21.13 3.03 -38.08
ND CLA RM . -23.92 -2.21 -36.13
C1D CLA RM . -23.32 -1.73 -37.33
C2D CLA RM . -23.72 -2.62 -38.45
C3D CLA RM . -24.57 -3.56 -37.91
C4D CLA RM . -24.67 -3.26 -36.46
CMD CLA RM . -23.27 -2.47 -39.83
CAD CLA RM . -25.36 -4.75 -38.16
OBD CLA RM . -25.48 -5.41 -39.18
CBD CLA RM . -26.07 -5.11 -36.82
CGD CLA RM . -27.57 -5.05 -36.93
O1D CLA RM . -28.36 -5.99 -37.09
O2D CLA RM . -28.09 -3.79 -36.85
CED CLA RM . -29.18 -3.48 -37.71
C1 CLA RM . -22.47 -5.11 -34.03
C2 CLA RM . -21.48 -4.97 -35.14
C3 CLA RM . -20.67 -3.90 -35.24
C4 CLA RM . -19.70 -3.78 -36.35
C5 CLA RM . -20.67 -2.79 -34.26
C6 CLA RM . -19.31 -2.54 -33.65
C7 CLA RM . -19.17 -1.12 -33.15
C8 CLA RM . -18.30 -1.01 -31.90
C9 CLA RM . -16.87 -1.43 -32.21
C10 CLA RM . -18.87 -1.87 -30.77
C02 IHT SM . -25.59 -5.42 -43.01
C03 IHT SM . -22.30 15.41 -32.70
C04 IHT SM . -25.46 -6.91 -43.38
C05 IHT SM . -22.89 16.81 -32.58
C06 IHT SM . -26.79 -7.61 -43.64
C07 IHT SM . -26.86 -5.18 -42.18
C08 IHT SM . -24.41 16.81 -32.50
C09 IHT SM . -27.67 -7.52 -42.41
C10 IHT SM . -27.65 -6.18 -41.74
C11 IHT SM . -23.05 14.49 -31.73
C12 IHT SM . -24.85 16.12 -31.23
C13 IHT SM . -24.34 -5.04 -42.21
C14 IHT SM . -25.63 -4.59 -44.29
C15 IHT SM . -23.95 14.96 -30.86
C16 IHT SM . -22.48 14.93 -34.15
C17 IHT SM . -20.80 15.45 -32.36
C18 IHT SM . -27.18 -3.78 -41.93
C19 IHT SM . -28.58 -6.07 -40.57
C20 IHT SM . -24.15 14.41 -29.47
C21 IHT SM . -22.76 13.09 -31.78
C22 IHT SM . -26.84 -3.08 -40.85
C23 IHT SM . -27.11 -1.67 -40.61
C24 IHT SM . -22.57 11.91 -31.73
C25 IHT SM . -28.08 -0.97 -41.51
C26 IHT SM . -22.44 10.50 -31.58
C27 IHT SM . -26.42 -1.04 -39.63
C28 IHT SM . -22.05 9.99 -30.21
C29 IHT SM . -22.68 9.70 -32.64
C30 IHT SM . -26.43 0.34 -39.31
C31 IHT SM . -22.71 8.28 -32.67
C32 IHT SM . -25.66 0.87 -38.37
C33 IHT SM . -25.61 2.27 -37.99
C34 IHT SM . -23.06 7.59 -33.76
C35 IHT SM . -23.13 6.16 -33.92
C36 IHT SM . -26.44 3.24 -38.76
C37 IHT SM . -24.81 2.65 -36.95
C38 IHT SM . -23.73 5.66 -35.02
C39 IHT SM . -22.55 5.30 -32.84
C40 IHT SM . -24.60 3.96 -36.49
C41 IHT SM . -23.88 4.30 -35.40
O01 IHT SM . -24.90 18.15 -32.51
MG CLA TM . 69.92 -61.82 4.54
CHA CLA TM . 69.92 -64.66 2.54
CHB CLA TM . 70.03 -63.79 7.32
CHC CLA TM . 70.13 -58.98 6.48
CHD CLA TM . 69.86 -59.81 1.63
NA CLA TM . 69.92 -63.89 4.84
C1A CLA TM . 69.94 -64.91 3.88
C2A CLA TM . 69.95 -66.29 4.56
C3A CLA TM . 69.77 -65.96 6.06
C4A CLA TM . 69.92 -64.44 6.10
CMA CLA TM . 68.42 -66.41 6.58
CAA CLA TM . 71.28 -67.00 4.38
CBA CLA TM . 71.11 -68.50 4.28
CGA CLA TM . 72.40 -69.16 3.90
O1A CLA TM . 72.59 -70.32 3.53
O2A CLA TM . 73.49 -68.33 4.01
NB CLA TM . 70.02 -61.45 6.52
C1B CLA TM . 70.15 -62.40 7.49
C2B CLA TM . 70.42 -61.75 8.81
C3B CLA TM . 70.44 -60.38 8.58
C4B CLA TM . 70.18 -60.19 7.13
CMB CLA TM . 70.59 -62.49 10.05
CAB CLA TM . 70.66 -59.28 9.48
CBB CLA TM . 71.77 -59.08 10.18
NC CLA TM . 69.93 -59.78 4.13
C1C CLA TM . 70.00 -58.79 5.08
C2C CLA TM . 69.97 -57.48 4.45
C3C CLA TM . 69.94 -57.71 3.07
C4C CLA TM . 69.91 -59.15 2.88
CMC CLA TM . 70.01 -56.20 5.16
CAC CLA TM . 69.90 -56.68 2.02
CBC CLA TM . 71.29 -56.23 1.63
ND CLA TM . 69.82 -62.10 2.54
C1D CLA TM . 69.83 -61.18 1.46
C2D CLA TM . 69.80 -61.95 0.19
C3D CLA TM . 69.82 -63.28 0.54
C4D CLA TM . 69.86 -63.32 2.02
CMD CLA TM . 69.76 -61.35 -1.14
CAD CLA TM . 69.80 -64.65 0.06
OBD CLA TM . 69.71 -65.07 -1.09
CBD CLA TM . 69.93 -65.58 1.32
CGD CLA TM . 68.85 -66.63 1.38
O1D CLA TM . 67.91 -66.72 2.17
O2D CLA TM . 68.99 -67.60 0.43
CED CLA TM . 69.41 -68.89 0.86
MG CLA UM . 59.95 -55.58 -4.52
CHA CLA UM . 58.40 -58.16 -2.78
CHB CLA UM . 56.95 -54.66 -5.84
CHC CLA UM . 61.52 -52.98 -6.11
CHD CLA UM . 63.06 -56.59 -3.14
NA CLA UM . 58.01 -56.32 -4.32
C1A CLA UM . 57.56 -57.38 -3.52
C2A CLA UM . 56.04 -57.57 -3.67
C3A CLA UM . 55.66 -56.54 -4.75
C4A CLA UM . 56.95 -55.76 -4.99
CMA CLA UM . 55.22 -57.24 -6.00
CAA CLA UM . 55.29 -57.26 -2.38
CBA CLA UM . 55.74 -55.98 -1.70
CGA CLA UM . 54.78 -54.87 -1.99
O1A CLA UM . 53.62 -54.93 -2.37
O2A CLA UM . 55.33 -53.63 -1.79
NB CLA UM . 59.35 -54.12 -5.75
C1B CLA UM . 58.08 -53.89 -6.16
C2B CLA UM . 58.03 -52.69 -7.05
C3B CLA UM . 59.33 -52.20 -7.12
C4B CLA UM . 60.18 -53.11 -6.30
CMB CLA UM . 56.77 -52.22 -7.63
CAB CLA UM . 59.95 -51.08 -7.79
CBB CLA UM . 59.48 -50.37 -8.81
NC CLA UM . 61.94 -54.92 -4.61
C1C CLA UM . 62.34 -53.83 -5.33
C2C CLA UM . 63.78 -53.63 -5.16
C3C CLA UM . 64.22 -54.64 -4.32
C4C CLA UM . 63.06 -55.45 -3.98
CMC CLA UM . 64.56 -52.56 -5.80
CAC CLA UM . 65.60 -54.87 -3.85
CBC CLA UM . 65.89 -54.05 -2.62
ND CLA UM . 60.64 -57.01 -3.26
C1D CLA UM . 61.95 -57.33 -2.81
C2D CLA UM . 61.88 -58.55 -1.96
C3D CLA UM . 60.54 -58.91 -1.92
C4D CLA UM . 59.81 -57.92 -2.74
CMD CLA UM . 63.03 -59.18 -1.34
CAD CLA UM . 59.56 -59.85 -1.40
OBD CLA UM . 59.73 -60.83 -0.68
CBD CLA UM . 58.18 -59.41 -1.96
CGD CLA UM . 57.55 -60.46 -2.84
O1D CLA UM . 57.97 -60.87 -3.93
O2D CLA UM . 56.40 -60.99 -2.35
CED CLA UM . 55.44 -61.48 -3.30
C1 CLA UM . 55.60 -52.83 -2.97
C2 CLA UM . 55.75 -51.43 -2.51
C3 CLA UM . 56.66 -50.58 -3.00
C4 CLA UM . 56.78 -49.18 -2.51
C5 CLA UM . 57.60 -50.97 -4.07
MG CLA VM . 57.90 -46.42 -10.77
CHA CLA VM . 54.48 -47.09 -10.94
CHB CLA VM . 57.95 -47.54 -7.56
CHC CLA VM . 61.19 -45.48 -10.55
CHD CLA VM . 57.80 -45.25 -14.11
NA CLA VM . 56.45 -47.25 -9.50
C1A CLA VM . 55.08 -47.46 -9.75
C2A CLA VM . 54.40 -48.10 -8.51
C3A CLA VM . 55.57 -48.33 -7.53
C4A CLA VM . 56.75 -47.67 -8.24
CMA CLA VM . 55.33 -47.69 -6.19
CAA CLA VM . 53.78 -49.46 -8.80
CBA CLA VM . 52.48 -49.67 -8.06
CGA CLA VM . 52.72 -49.99 -6.62
O1A CLA VM . 53.54 -50.79 -6.14
O2A CLA VM . 51.96 -49.26 -5.77
NB CLA VM . 59.35 -46.68 -9.40
C1B CLA VM . 59.09 -46.91 -8.08
C2B CLA VM . 60.16 -46.36 -7.21
C3B CLA VM . 61.08 -45.78 -8.06
C4B CLA VM . 60.58 -45.97 -9.44
CMB CLA VM . 60.13 -46.44 -5.76
CAB CLA VM . 62.29 -45.06 -7.75
CBB CLA VM . 62.38 -43.73 -7.69
NC CLA VM . 59.25 -45.56 -12.11
C1C CLA VM . 60.55 -45.28 -11.81
C2C CLA VM . 61.21 -44.70 -12.98
C3C CLA VM . 60.26 -44.62 -13.99
C4C CLA VM . 59.02 -45.19 -13.43
CMC CLA VM . 62.60 -44.25 -13.01
CAC CLA VM . 60.43 -44.10 -15.35
CBC CLA VM . 59.90 -42.69 -15.52
ND CLA VM . 56.50 -46.07 -12.19
C1D CLA VM . 56.61 -45.67 -13.54
C2D CLA VM . 55.27 -45.69 -14.17
C3D CLA VM . 54.41 -46.12 -13.17
C4D CLA VM . 55.23 -46.42 -11.98
CMD CLA VM . 54.98 -45.24 -15.52
CAD CLA VM . 53.04 -46.41 -12.82
OBD CLA VM . 52.01 -46.07 -13.39
CBD CLA VM . 53.07 -47.19 -11.47
CGD CLA VM . 52.06 -46.64 -10.51
O1D CLA VM . 51.16 -47.25 -9.92
O2D CLA VM . 52.18 -45.30 -10.28
CED CLA VM . 51.77 -44.80 -9.00
C1 CLA VM . 51.44 -49.94 -4.61
C2 CLA VM . 50.90 -48.90 -3.69
C3 CLA VM . 51.66 -48.22 -2.82
C4 CLA VM . 53.11 -48.46 -2.69
C5 CLA VM . 51.07 -47.19 -1.93
C6 CLA VM . 51.75 -45.84 -2.08
MG CLA WM . 71.10 -47.04 -25.89
CHA CLA WM . 72.79 -44.74 -27.88
CHB CLA WM . 68.83 -44.63 -25.04
CHC CLA WM . 69.38 -49.37 -24.04
CHD CLA WM . 73.37 -49.55 -26.93
NA CLA WM . 70.87 -45.02 -26.39
C1A CLA WM . 71.67 -44.23 -27.24
C2A CLA WM . 71.10 -42.82 -27.37
C3A CLA WM . 69.96 -42.80 -26.33
C4A CLA WM . 69.85 -44.26 -25.89
CMA CLA WM . 70.24 -41.90 -25.16
CAA CLA WM . 70.41 -42.51 -28.70
CBA CLA WM . 70.35 -43.51 -29.86
CGA CLA WM . 69.51 -44.74 -29.63
O1A CLA WM . 68.28 -44.86 -29.69
O2A CLA WM . 70.25 -45.84 -29.34
NB CLA WM . 69.45 -47.00 -24.74
C1B CLA WM . 68.65 -45.93 -24.54
C2B CLA WM . 67.49 -46.30 -23.66
C3B CLA WM . 67.65 -47.64 -23.36
C4B CLA WM . 68.89 -48.10 -24.05
CMB CLA WM . 66.46 -45.34 -23.28
CAB CLA WM . 66.83 -48.51 -22.56
CBB CLA WM . 66.47 -48.28 -21.29
NC CLA WM . 71.36 -49.07 -25.53
C1C CLA WM . 70.54 -49.83 -24.73
C2C CLA WM . 70.99 -51.21 -24.72
C3C CLA WM . 72.12 -51.28 -25.55
C4C CLA WM . 72.33 -49.93 -26.06
CMC CLA WM . 70.34 -52.27 -23.96
CAC CLA WM . 72.93 -52.46 -25.86
CBC CLA WM . 73.88 -52.88 -24.77
ND CLA WM . 72.72 -47.18 -27.09
C1D CLA WM . 73.57 -48.26 -27.42
C2D CLA WM . 74.64 -47.78 -28.33
C3D CLA WM . 74.40 -46.43 -28.53
C4D CLA WM . 73.18 -46.11 -27.75
CMD CLA WM . 75.72 -48.61 -28.86
CAD CLA WM . 74.81 -45.21 -29.19
OBD CLA WM . 75.75 -45.02 -29.96
CBD CLA WM . 73.80 -44.09 -28.79
CGD CLA WM . 74.48 -42.92 -28.12
O1D CLA WM . 74.31 -42.52 -26.96
O2D CLA WM . 75.35 -42.26 -28.92
CED CLA WM . 76.09 -41.17 -28.36
C1 CLA WM . 70.03 -47.08 -30.05
C2 CLA WM . 69.86 -48.13 -29.03
C3 CLA WM . 69.76 -49.45 -29.30
C4 CLA WM . 69.82 -49.97 -30.69
C5 CLA WM . 69.58 -50.43 -28.19
C6 CLA WM . 68.86 -51.70 -28.60
C7 CLA WM . 67.82 -52.09 -27.56
C8 CLA WM . 66.91 -53.21 -28.05
C9 CLA WM . 66.24 -52.83 -29.35
C10 CLA WM . 65.86 -53.54 -27.01
C11 CLA WM . 65.06 -54.77 -27.40
C12 CLA WM . 63.78 -54.89 -26.60
C13 CLA WM . 62.89 -55.98 -27.16
C14 CLA WM . 61.53 -55.99 -26.47
C15 CLA WM . 63.54 -57.35 -27.04
MG CLA XM . 74.36 -44.62 -38.15
CHA CLA XM . 76.35 -43.81 -40.89
CHB CLA XM . 74.75 -47.93 -38.82
CHC CLA XM . 72.42 -45.36 -35.39
CHD CLA XM . 73.86 -41.17 -37.55
NA CLA XM . 75.41 -45.67 -39.62
C1A CLA XM . 76.18 -45.16 -40.68
C2A CLA XM . 76.77 -46.31 -41.51
C3A CLA XM . 76.15 -47.58 -40.88
C4A CLA XM . 75.38 -47.04 -39.67
CMA CLA XM . 75.22 -48.29 -41.83
CAA CLA XM . 78.29 -46.37 -41.40
CBA CLA XM . 78.86 -47.69 -41.89
CGA CLA XM . 80.33 -47.55 -42.14
O1A CLA XM . 80.90 -47.10 -43.13
O2A CLA XM . 81.10 -47.97 -41.08
NB CLA XM . 73.73 -46.32 -37.26
C1B CLA XM . 73.98 -47.57 -37.70
C2B CLA XM . 73.30 -48.56 -36.81
C3B CLA XM . 72.64 -47.84 -35.84
C4B CLA XM . 72.91 -46.40 -36.11
CMB CLA XM . 73.38 -50.01 -37.02
CAB CLA XM . 71.83 -48.29 -34.74
CBB CLA XM . 70.68 -48.97 -34.85
NC CLA XM . 73.35 -43.46 -36.72
C1C CLA XM . 72.64 -43.98 -35.68
C2C CLA XM . 72.07 -42.90 -34.88
C3C CLA XM . 72.45 -41.70 -35.49
C4C CLA XM . 73.25 -42.07 -36.66
CMC CLA XM . 71.26 -43.08 -33.67
CAC CLA XM . 72.10 -40.35 -35.04
CBC CLA XM . 73.25 -39.56 -34.45
ND CLA XM . 74.95 -42.86 -38.96
C1D CLA XM . 74.67 -41.51 -38.62
C2D CLA XM . 75.35 -40.62 -39.58
C3D CLA XM . 76.02 -41.45 -40.46
C4D CLA XM . 75.73 -42.83 -40.05
CMD CLA XM . 75.31 -39.16 -39.54
CAD CLA XM . 76.88 -41.51 -41.63
OBD CLA XM . 77.38 -40.60 -42.28
CBD CLA XM . 77.09 -43.02 -41.95
CGD CLA XM . 76.61 -43.37 -43.33
O1D CLA XM . 77.27 -43.38 -44.38
O2D CLA XM . 75.29 -43.69 -43.40
CED CLA XM . 74.85 -44.53 -44.47
C1 CLA XM . 81.98 -46.99 -40.50
C2 CLA XM . 82.63 -47.63 -39.33
C3 CLA XM . 83.52 -47.01 -38.55
C4 CLA XM . 83.93 -45.59 -38.78
C5 CLA XM . 84.14 -47.71 -37.39
C6 CLA XM . 85.65 -47.79 -37.49
MG CLA YM . 62.59 -44.19 -36.13
CHA CLA YM . 64.86 -41.59 -36.48
CHB CLA YM . 60.89 -43.06 -38.85
CHC CLA YM . 60.49 -46.88 -35.86
CHD CLA YM . 64.28 -45.22 -33.22
NA CLA YM . 62.87 -42.59 -37.46
C1A CLA YM . 63.88 -41.62 -37.43
C2A CLA YM . 63.69 -40.60 -38.57
C3A CLA YM . 62.31 -40.99 -39.15
C4A CLA YM . 61.99 -42.32 -38.47
CMA CLA YM . 61.28 -39.93 -38.82
CAA CLA YM . 64.76 -40.73 -39.64
CBA CLA YM . 64.61 -39.64 -40.69
CGA CLA YM . 65.68 -39.74 -41.72
O1A CLA YM . 66.02 -40.74 -42.38
O2A CLA YM . 66.33 -38.57 -41.95
NB CLA YM . 60.88 -44.73 -37.03
C1B CLA YM . 60.53 -44.30 -38.27
C2B CLA YM . 59.71 -45.31 -38.99
C3B CLA YM . 59.61 -46.38 -38.15
C4B CLA YM . 60.35 -46.05 -36.92
CMB CLA YM . 59.22 -45.11 -40.35
CAB CLA YM . 58.97 -47.67 -38.34
CBB CLA YM . 59.58 -48.74 -38.83
NC CLA YM . 62.41 -45.75 -34.77
C1C CLA YM . 61.47 -46.74 -34.84
C2C CLA YM . 61.60 -47.65 -33.71
C3C CLA YM . 62.70 -47.21 -32.97
C4C CLA YM . 63.20 -46.01 -33.64
CMC CLA YM . 60.74 -48.81 -33.47
CAC CLA YM . 63.21 -47.83 -31.73
CBC CLA YM . 62.52 -47.34 -30.48
ND CLA YM . 64.34 -43.75 -35.20
C1D CLA YM . 64.84 -44.16 -33.93
C2D CLA YM . 65.98 -43.30 -33.55
C3D CLA YM . 66.07 -42.34 -34.54
C4D CLA YM . 64.98 -42.62 -35.50
CMD CLA YM . 66.81 -43.46 -32.37
CAD CLA YM . 66.78 -41.15 -34.99
OBD CLA YM . 67.82 -40.66 -34.58
CBD CLA YM . 65.95 -40.57 -36.17
CGD CLA YM . 65.39 -39.20 -35.86
O1D CLA YM . 65.85 -38.10 -36.19
O2D CLA YM . 64.24 -39.22 -35.13
CED CLA YM . 63.35 -38.12 -35.26
C1 CLA YM . 65.53 -37.47 -42.43
C2 CLA YM . 66.45 -36.54 -43.13
C3 CLA YM . 67.19 -35.61 -42.48
C4 CLA YM . 67.17 -35.46 -41.01
C5 CLA YM . 68.09 -34.71 -43.24
C6 CLA YM . 69.55 -34.85 -42.83
MG CLA ZM . 63.66 -37.76 -20.39
CHA CLA ZM . 62.49 -34.64 -21.38
CHB CLA ZM . 64.60 -36.40 -17.41
CHC CLA ZM . 64.28 -40.91 -19.23
CHD CLA ZM . 62.40 -39.15 -23.39
NA CLA ZM . 63.65 -35.83 -19.60
C1A CLA ZM . 63.07 -34.67 -20.15
C2A CLA ZM . 63.27 -33.48 -19.22
C3A CLA ZM . 64.31 -34.00 -18.21
C4A CLA ZM . 64.19 -35.52 -18.39
CMA CLA ZM . 65.68 -33.50 -18.54
CAA CLA ZM . 61.96 -33.09 -18.52
CBA CLA ZM . 60.99 -34.23 -18.28
CGA CLA ZM . 59.59 -33.73 -18.11
O1A CLA ZM . 58.91 -33.04 -18.88
O2A CLA ZM . 59.04 -34.11 -16.92
NB CLA ZM . 64.49 -38.49 -18.71
C1B CLA ZM . 64.51 -37.79 -17.54
C2B CLA ZM . 64.40 -38.70 -16.38
C3B CLA ZM . 64.32 -39.97 -16.88
C4B CLA ZM . 64.39 -39.87 -18.37
CMB CLA ZM . 64.39 -38.17 -15.01
CAB CLA ZM . 64.17 -41.25 -16.23
CBB CLA ZM . 63.30 -41.54 -15.27
NC CLA ZM . 63.51 -39.67 -21.23
C1C CLA ZM . 63.89 -40.82 -20.59
C2C CLA ZM . 63.71 -41.97 -21.46
C3C CLA ZM . 63.04 -41.49 -22.61
C4C CLA ZM . 62.95 -40.04 -22.45
CMC CLA ZM . 64.03 -43.35 -21.12
CAC CLA ZM . 62.62 -42.29 -23.78
CBC CLA ZM . 61.27 -42.93 -23.59
ND CLA ZM . 62.75 -37.10 -22.06
C1D CLA ZM . 62.29 -37.78 -23.22
C2D CLA ZM . 61.71 -36.77 -24.15
C3D CLA ZM . 61.76 -35.56 -23.50
C4D CLA ZM . 62.40 -35.82 -22.20
CMD CLA ZM . 61.19 -37.07 -25.47
CAD CLA ZM . 61.49 -34.14 -23.57
OBD CLA ZM . 61.03 -33.48 -24.50
CBD CLA ZM . 61.88 -33.52 -22.19
CGD CLA ZM . 62.85 -32.37 -22.36
O1D CLA ZM . 62.59 -31.17 -22.48
O2D CLA ZM . 64.16 -32.75 -22.39
CED CLA ZM . 65.14 -31.79 -22.02
C1 CLA ZM . 57.70 -34.66 -16.97
C2 CLA ZM . 57.41 -35.20 -15.62
C3 CLA ZM . 56.90 -36.43 -15.40
C4 CLA ZM . 56.61 -37.35 -16.52
C5 CLA ZM . 56.64 -36.89 -14.00
C6 CLA ZM . 56.44 -38.39 -13.84
C7 CLA ZM . 57.72 -39.06 -13.39
C8 CLA ZM . 57.47 -40.37 -12.65
C9 CLA ZM . 58.78 -41.05 -12.30
C10 CLA ZM . 56.60 -41.30 -13.48
C11 CLA ZM . 55.79 -42.25 -12.60
C12 CLA ZM . 55.04 -41.52 -11.50
C13 CLA ZM . 54.56 -42.46 -10.41
C14 CLA ZM . 53.86 -41.68 -9.32
C15 CLA ZM . 55.69 -43.30 -9.83
C16 CLA ZM . 56.67 -42.47 -9.00
C17 CLA ZM . 57.91 -43.27 -8.66
C18 CLA ZM . 58.70 -42.63 -7.52
C19 CLA ZM . 57.91 -42.65 -6.23
C20 CLA ZM . 59.12 -41.21 -7.87
MG CLA AN . 53.88 -47.06 -18.81
CHA CLA AN . 53.28 -48.92 -15.97
CHB CLA AN . 50.49 -46.67 -19.21
CHC CLA AN . 54.49 -44.71 -21.24
CHD CLA AN . 57.31 -47.23 -18.15
NA CLA AN . 52.18 -47.81 -17.83
C1A CLA AN . 52.14 -48.55 -16.63
C2A CLA AN . 50.67 -48.87 -16.26
C3A CLA AN . 49.90 -48.49 -17.54
C4A CLA AN . 50.91 -47.59 -18.26
CMA CLA AN . 49.48 -49.72 -18.31
CAA CLA AN . 50.19 -48.04 -15.08
CBA CLA AN . 49.03 -47.09 -15.36
CGA CLA AN . 49.46 -45.74 -15.88
O1A CLA AN . 50.38 -45.01 -15.49
O2A CLA AN . 48.70 -45.33 -16.94
NB CLA AN . 52.72 -45.80 -19.89
C1B CLA AN . 51.35 -45.84 -19.96
C2B CLA AN . 50.88 -44.97 -21.06
C3B CLA AN . 51.99 -44.41 -21.65
C4B CLA AN . 53.18 -44.96 -20.94
CMB CLA AN . 49.46 -44.86 -21.41
CAB CLA AN . 52.09 -43.54 -22.80
CBB CLA AN . 52.61 -42.32 -22.82
NC CLA AN . 55.60 -46.25 -19.65
C1C CLA AN . 55.63 -45.35 -20.67
C2C CLA AN . 57.00 -45.00 -21.00
C3C CLA AN . 57.81 -45.66 -20.08
C4C CLA AN . 56.92 -46.44 -19.23
CMC CLA AN . 57.38 -44.09 -22.08
CAC CLA AN . 59.29 -45.62 -19.99
CBC CLA AN . 59.96 -46.74 -20.73
ND CLA AN . 55.09 -48.19 -17.66
C1D CLA AN . 56.48 -48.04 -17.41
C2D CLA AN . 56.85 -48.81 -16.21
C3D CLA AN . 55.66 -49.20 -15.63
C4D CLA AN . 54.59 -48.70 -16.52
CMD CLA AN . 58.23 -49.03 -15.75
CAD CLA AN . 55.03 -49.90 -14.54
OBD CLA AN . 55.54 -50.61 -13.69
CBD CLA AN . 53.50 -49.59 -14.63
CGD CLA AN . 52.69 -50.84 -14.48
O1D CLA AN . 52.04 -51.21 -13.48
O2D CLA AN . 52.69 -51.64 -15.59
CED CLA AN . 52.28 -53.00 -15.42
C1 CLA AN . 47.29 -45.20 -16.73
C2 CLA AN . 47.05 -43.82 -16.25
C3 CLA AN . 46.06 -43.50 -15.40
C4 CLA AN . 45.12 -44.52 -14.86
C5 CLA AN . 45.86 -42.10 -14.95
C6 CLA AN . 47.15 -41.46 -14.47
C7 CLA AN . 47.24 -40.01 -14.90
C8 CLA AN . 48.37 -39.77 -15.89
C9 CLA AN . 48.91 -38.36 -15.75
C10 CLA AN . 47.89 -40.03 -17.32
C11 CLA AN . 48.92 -39.71 -18.36
C12 CLA AN . 49.10 -40.84 -19.36
C13 CLA AN . 48.59 -40.48 -20.74
C14 CLA AN . 47.11 -40.80 -20.88
C15 CLA AN . 49.40 -41.20 -21.82
C16 CLA AN . 48.86 -40.95 -23.22
C17 CLA AN . 48.73 -42.24 -24.00
C18 CLA AN . 48.48 -42.01 -25.49
C19 CLA AN . 48.18 -43.32 -26.20
C20 CLA AN . 47.32 -41.05 -25.70
MG CLA BN . 62.72 -61.55 -19.72
CHA CLA BN . 60.06 -63.51 -20.76
CHB CLA BN . 64.05 -64.24 -18.11
CHC CLA BN . 65.53 -59.71 -19.09
CHD CLA BN . 61.36 -58.83 -21.53
NA CLA BN . 62.09 -63.51 -19.44
C1A CLA BN . 60.96 -64.15 -19.97
C2A CLA BN . 60.90 -65.61 -19.51
C3A CLA BN . 61.98 -65.68 -18.42
C4A CLA BN . 62.79 -64.40 -18.66
CMA CLA BN . 61.33 -65.66 -17.06
CAA CLA BN . 61.21 -66.61 -20.63
CBA CLA BN . 62.24 -66.12 -21.64
CGA CLA BN . 63.63 -66.47 -21.22
O1A CLA BN . 64.04 -67.53 -20.73
O2A CLA BN . 64.53 -65.45 -21.43
NB CLA BN . 64.45 -61.90 -18.76
C1B CLA BN . 64.85 -63.09 -18.25
C2B CLA BN . 66.26 -63.00 -17.78
C3B CLA BN . 66.69 -61.72 -18.05
C4B CLA BN . 65.54 -61.00 -18.67
CMB CLA BN . 66.95 -64.14 -17.16
CAB CLA BN . 67.95 -61.08 -17.82
CBB CLA BN . 68.60 -61.03 -16.65
NC CLA BN . 63.29 -59.59 -20.15
C1C CLA BN . 64.48 -59.02 -19.77
C2C CLA BN . 64.54 -57.64 -20.23
C3C CLA BN . 63.38 -57.41 -20.96
C4C CLA BN . 62.59 -58.64 -20.91
CMC CLA BN . 65.65 -56.72 -19.99
CAC CLA BN . 62.99 -56.16 -21.63
CBC CLA BN . 63.35 -56.15 -23.09
ND CLA BN . 61.04 -61.14 -20.77
C1D CLA BN . 60.62 -59.98 -21.49
C2D CLA BN . 59.32 -60.28 -22.14
C3D CLA BN . 59.05 -61.61 -21.89
C4D CLA BN . 60.17 -62.11 -21.06
CMD CLA BN . 58.54 -59.30 -22.91
CAD CLA BN . 58.13 -62.71 -22.07
OBD CLA BN . 57.04 -62.73 -22.62
CBD CLA BN . 58.78 -63.97 -21.42
CGD CLA BN . 57.83 -64.64 -20.46
O1D CLA BN . 57.18 -65.67 -20.63
O2D CLA BN . 57.71 -63.99 -19.26
CED CLA BN . 57.17 -64.72 -18.16
C1 CLA BN . 65.86 -65.61 -20.90
C2 CLA BN . 66.81 -65.33 -22.01
C3 CLA BN . 67.84 -64.46 -21.93
C4 CLA BN . 68.11 -63.68 -20.70
C5 CLA BN . 68.72 -64.26 -23.11
C6 CLA BN . 70.13 -63.78 -22.79
C7 CLA BN . 70.37 -62.39 -23.35
C8 CLA BN . 71.74 -61.82 -22.99
C9 CLA BN . 72.00 -61.92 -21.50
C10 CLA BN . 71.86 -60.38 -23.46
C11 CLA BN . 73.18 -59.74 -23.09
C12 CLA BN . 73.40 -58.42 -23.79
C13 CLA BN . 74.52 -57.61 -23.13
C14 CLA BN . 75.81 -58.43 -23.09
C15 CLA BN . 74.09 -57.15 -21.74
C16 CLA BN . 75.23 -56.68 -20.85
C17 CLA BN . 75.67 -55.27 -21.14
C18 CLA BN . 76.85 -54.86 -20.26
C19 CLA BN . 77.22 -53.41 -20.45
C20 CLA BN . 78.05 -55.74 -20.52
MG CLA CN . 72.59 -64.12 -3.96
CHA CLA CN . 71.62 -65.51 -7.01
CHB CLA CN . 72.72 -67.21 -2.58
CHC CLA CN . 73.51 -62.67 -0.97
CHD CLA CN . 72.45 -60.90 -5.44
NA CLA CN . 72.24 -66.04 -4.71
C1A CLA CN . 71.85 -66.42 -6.00
C2A CLA CN . 71.71 -67.96 -6.09
C3A CLA CN . 72.13 -68.45 -4.68
C4A CLA CN . 72.38 -67.15 -3.92
CMA CLA CN . 71.06 -69.29 -4.05
CAA CLA CN . 72.63 -68.62 -7.10
CBA CLA CN . 71.90 -69.70 -7.87
CGA CLA CN . 72.04 -71.03 -7.19
O1A CLA CN . 71.15 -71.81 -6.86
O2A CLA CN . 73.34 -71.36 -6.96
NB CLA CN . 73.09 -64.81 -2.14
C1B CLA CN . 72.99 -66.11 -1.75
C2B CLA CN . 73.19 -66.20 -0.27
C3B CLA CN . 73.41 -64.93 0.20
C4B CLA CN . 73.36 -64.02 -0.99
CMB CLA CN . 73.13 -67.47 0.47
CAB CLA CN . 73.64 -64.47 1.53
CBB CLA CN . 74.81 -63.99 1.99
NC CLA CN . 72.94 -62.15 -3.34
C1C CLA CN . 73.32 -61.79 -2.07
C2C CLA CN . 73.49 -60.34 -1.99
C3C CLA CN . 73.17 -59.84 -3.25
C4C CLA CN . 72.83 -60.98 -4.09
CMC CLA CN . 73.89 -59.61 -0.79
CAC CLA CN . 73.18 -58.42 -3.67
CBC CLA CN . 74.46 -58.04 -4.39
ND CLA CN . 72.12 -63.31 -5.75
C1D CLA CN . 72.10 -61.98 -6.23
C2D CLA CN . 71.67 -61.97 -7.65
C3D CLA CN . 71.48 -63.28 -7.99
C4D CLA CN . 71.77 -64.10 -6.78
CMD CLA CN . 71.52 -60.77 -8.47
CAD CLA CN . 71.10 -64.18 -9.04
OBD CLA CN . 70.78 -63.92 -10.19
CBD CLA CN . 71.19 -65.63 -8.46
CGD CLA CN . 69.90 -66.40 -8.65
O1D CLA CN . 69.48 -66.90 -9.70
O2D CLA CN . 69.14 -66.52 -7.54
CED CLA CN . 68.40 -67.74 -7.38
C1 CLA CN . 74.02 -72.07 -8.03
C2 CLA CN . 75.38 -72.42 -7.54
C3 CLA CN . 76.41 -71.56 -7.53
C4 CLA CN . 77.75 -71.97 -7.03
C5 CLA CN . 76.27 -70.17 -8.03
C6 CLA CN . 76.95 -69.13 -7.16
C7 CLA CN . 76.12 -68.81 -5.93
C8 CLA CN . 76.50 -67.47 -5.31
C9 CLA CN . 76.53 -67.58 -3.80
C10 CLA CN . 75.50 -66.38 -5.73
C11 CLA CN . 75.89 -65.02 -5.20
C12 CLA CN . 77.14 -64.47 -5.86
C13 CLA CN . 77.18 -62.95 -5.79
C14 CLA CN . 78.42 -62.42 -6.49
C15 CLA CN . 77.14 -62.45 -4.34
NB KC2 DN . 73.55 -60.32 -14.53
ND KC2 DN . 73.45 -63.44 -11.95
C1A KC2 DN . 72.35 -64.43 -14.76
C1B KC2 DN . 73.10 -60.37 -15.81
C1C KC2 DN . 75.19 -59.72 -12.04
C1D KC2 DN . 73.98 -63.56 -10.68
C2A KC2 DN . 71.65 -64.78 -15.89
C2B KC2 DN . 73.83 -59.49 -16.58
C2C KC2 DN . 75.81 -59.33 -10.87
C2D KC2 DN . 74.19 -64.90 -10.38
C3A KC2 DN . 71.45 -63.60 -16.60
C3B KC2 DN . 74.74 -58.84 -15.74
C3C KC2 DN . 75.54 -60.28 -9.90
C3D KC2 DN . 73.76 -65.62 -11.52
C4A KC2 DN . 72.04 -62.58 -15.90
C4B KC2 DN . 74.54 -59.36 -14.47
C4C KC2 DN . 74.75 -61.24 -10.51
C4D KC2 DN . 73.31 -64.65 -12.42
CAA KC2 DN . 71.17 -66.08 -16.31
CAB KC2 DN . 75.69 -57.82 -16.13
CAC KC2 DN . 75.99 -60.27 -8.52
CAD KC2 DN . 73.58 -66.93 -12.13
CBA KC2 DN . 69.95 -66.53 -16.23
CBB KC2 DN . 75.44 -56.63 -16.58
CBC KC2 DN . 75.25 -60.11 -7.44
CBD KC2 DN . 73.10 -66.69 -13.58
CED KC2 DN . 73.08 -69.18 -14.95
CGA KC2 DN . 69.61 -67.95 -16.03
CGD KC2 DN . 74.19 -67.14 -14.53
CHA KC2 DN . 72.85 -65.22 -13.64
CHB KC2 DN . 72.09 -61.24 -16.22
CHC KC2 DN . 75.22 -59.05 -13.27
CHD KC2 DN . 74.22 -62.42 -9.94
CMA KC2 DN . 70.73 -63.49 -17.92
CMB KC2 DN . 73.68 -59.25 -18.05
CMC KC2 DN . 76.63 -58.11 -10.65
CMD KC2 DN . 74.75 -65.49 -9.12
NA KC2 DN . 72.58 -63.08 -14.77
NC KC2 DN . 74.53 -60.89 -11.84
O1A KC2 DN . 69.28 -68.71 -16.93
O1D KC2 DN . 75.32 -66.77 -14.47
O2A KC2 DN . 69.71 -68.34 -14.79
O2D KC2 DN . 73.73 -67.99 -15.45
OBD KC2 DN . 73.74 -68.05 -11.66
MG KC2 DN . 73.43 -61.90 -13.25
NB KC2 EN . 75.05 -48.32 -4.68
ND KC2 EN . 75.32 -44.53 -3.36
C1A KC2 EN . 78.16 -45.88 -2.99
C1B KC2 EN . 76.08 -49.16 -4.91
C1C KC2 EN . 72.29 -47.14 -4.40
C1D KC2 EN . 74.35 -43.54 -3.24
C2A KC2 EN . 79.38 -46.52 -2.93
C2B KC2 EN . 75.60 -50.43 -5.12
C2C KC2 EN . 71.03 -46.59 -4.44
C2D KC2 EN . 74.86 -42.48 -2.47
C3A KC2 EN . 79.26 -47.70 -3.65
C3B KC2 EN . 74.21 -50.39 -5.02
C3C KC2 EN . 71.14 -45.22 -4.24
C3D KC2 EN . 76.17 -42.87 -2.13
C4A KC2 EN . 77.97 -47.75 -4.13
C4B KC2 EN . 73.88 -49.06 -4.76
C4C KC2 EN . 72.49 -44.96 -4.07
C4D KC2 EN . 76.38 -44.11 -2.70
CAA KC2 EN . 80.62 -46.15 -2.27
CAB KC2 EN . 73.31 -51.51 -5.17
CAC KC2 EN . 70.05 -44.26 -4.21
CAD KC2 EN . 77.39 -42.47 -1.41
CBA KC2 EN . 80.95 -46.38 -1.02
CBB KC2 EN . 73.16 -52.26 -6.24
CBC KC2 EN . 69.68 -43.45 -5.15
CBD KC2 EN . 78.39 -43.63 -1.54
CED KC2 EN . 80.81 -42.86 -4.19
CGA KC2 EN . 79.95 -46.39 0.07
CGD KC2 EN . 79.65 -43.07 -2.14
CHA KC2 EN . 77.69 -44.62 -2.42
CHB KC2 EN . 77.41 -48.75 -4.92
CHC KC2 EN . 72.61 -48.49 -4.55
CHD KC2 EN . 73.10 -43.71 -3.84
CMA KC2 EN . 80.33 -48.72 -3.87
CMB KC2 EN . 76.43 -51.66 -5.39
CMC KC2 EN . 69.74 -47.33 -4.67
CMD KC2 EN . 74.18 -41.21 -2.08
NA KC2 EN . 77.29 -46.65 -3.73
NC KC2 EN . 73.19 -46.15 -4.17
O1A KC2 EN . 79.07 -47.23 0.17
O1D KC2 EN . 80.63 -42.79 -1.51
O2A KC2 EN . 80.12 -45.42 0.92
O2D KC2 EN . 79.56 -42.92 -3.46
OBD KC2 EN . 77.66 -41.44 -0.81
MG KC2 EN . 75.24 -46.40 -4.04
MG CLA FN . 67.76 -37.99 -6.05
CHA CLA FN . 70.09 -35.58 -5.17
CHB CLA FN . 68.20 -39.48 -3.03
CHC CLA FN . 65.03 -39.95 -6.68
CHD CLA FN . 67.19 -36.28 -9.11
NA CLA FN . 69.03 -37.64 -4.43
C1A CLA FN . 69.91 -36.56 -4.23
C2A CLA FN . 70.60 -36.71 -2.88
C3A CLA FN . 70.34 -38.18 -2.54
C4A CLA FN . 69.09 -38.47 -3.36
CMA CLA FN . 71.50 -39.09 -2.91
CAA CLA FN . 69.86 -35.88 -1.86
CBA CLA FN . 70.38 -34.47 -1.64
CGA CLA FN . 69.28 -33.46 -1.75
O1A CLA FN . 69.37 -32.23 -1.78
O2A CLA FN . 68.03 -34.02 -1.82
NB CLA FN . 66.91 -39.57 -5.12
C1B CLA FN . 67.05 -39.77 -3.78
C2B CLA FN . 65.80 -40.34 -3.20
C3B CLA FN . 64.90 -40.47 -4.24
C4B CLA FN . 65.61 -40.01 -5.46
CMB CLA FN . 65.65 -40.64 -1.76
CAB CLA FN . 63.55 -40.94 -4.27
CBB CLA FN . 63.10 -42.12 -3.82
NC CLA FN . 66.46 -38.18 -7.67
C1C CLA FN . 65.45 -39.11 -7.74
C2C CLA FN . 64.74 -39.00 -9.01
C3C CLA FN . 65.29 -37.89 -9.66
C4C CLA FN . 66.37 -37.38 -8.81
CMC CLA FN . 63.62 -39.84 -9.43
CAC CLA FN . 64.89 -37.37 -10.97
CBC CLA FN . 63.97 -36.18 -10.88
ND CLA FN . 68.49 -36.37 -7.01
C1D CLA FN . 68.18 -35.78 -8.27
C2D CLA FN . 69.05 -34.60 -8.47
C3D CLA FN . 69.79 -34.47 -7.31
C4D CLA FN . 69.40 -35.59 -6.43
CMD CLA FN . 69.04 -33.74 -9.65
CAD CLA FN . 70.82 -33.71 -6.61
OBD CLA FN . 71.44 -32.72 -6.99
CBD CLA FN . 71.01 -34.38 -5.22
CGD CLA FN . 72.43 -34.80 -5.01
O1D CLA FN . 72.93 -35.90 -5.28
O2D CLA FN . 73.23 -33.84 -4.47
CED CLA FN . 74.31 -33.34 -5.25
C1 CLA FN . 66.94 -33.16 -2.20
C2 CLA FN . 66.82 -33.22 -3.69
C3 CLA FN . 66.19 -34.21 -4.34
C4 CLA FN . 65.55 -35.34 -3.63
C5 CLA FN . 66.11 -34.20 -5.83
C6 CLA FN . 64.71 -34.53 -6.35
C03 II0 GN . 77.71 -49.45 -9.09
C04 II0 GN . 65.76 -62.93 -25.89
C05 II0 GN . 78.26 -48.06 -9.40
C06 II0 GN . 65.33 -64.37 -26.29
C07 II0 GN . 79.54 -48.07 -10.20
C08 II0 GN . 64.70 -65.23 -25.20
C09 II0 GN . 77.78 -50.33 -10.34
C10 II0 GN . 65.27 -62.61 -24.48
C11 II0 GN . 79.28 -48.74 -11.53
C12 II0 GN . 63.61 -64.44 -24.52
C13 II0 GN . 78.57 -50.06 -11.40
C14 II0 GN . 64.14 -63.13 -23.98
C15 II0 GN . 76.27 -49.31 -8.60
C16 II0 GN . 78.55 -50.06 -7.97
C17 II0 GN . 65.17 -61.96 -26.92
C18 II0 GN . 67.29 -62.85 -25.97
C19 II0 GN . 78.85 -51.02 -12.51
C20 II0 GN . 63.32 -62.52 -22.88
C21 II0 GN . 76.98 -51.50 -10.35
C22 II0 GN . 66.03 -61.66 -23.73
C23 II0 GN . 76.36 -52.53 -10.32
C24 II0 GN . 66.63 -60.80 -23.17
C25 II0 GN . 75.60 -53.73 -10.41
C26 II0 GN . 67.29 -59.64 -22.64
C27 II0 GN . 75.51 -54.58 -9.17
C28 II0 GN . 67.18 -58.39 -23.47
C29 II0 GN . 75.01 -54.02 -11.60
C30 II0 GN . 67.96 -59.70 -21.46
C31 II0 GN . 74.06 -55.04 -11.89
C32 II0 GN . 68.75 -58.66 -20.90
C33 II0 GN . 73.54 -55.16 -13.11
C34 II0 GN . 69.27 -58.69 -19.66
C35 II0 GN . 72.57 -56.13 -13.59
C36 II0 GN . 70.08 -57.67 -19.03
C37 II0 GN . 72.03 -57.14 -12.61
C38 II0 GN . 70.55 -56.53 -19.87
C39 II0 GN . 72.25 -56.13 -14.91
C40 II0 GN . 70.39 -57.79 -17.71
C41 II0 GN . 71.41 -57.04 -15.61
C42 II0 GN . 71.18 -56.91 -16.93
O01 II0 GN . 80.00 -46.73 -10.40
O02 II0 GN . 64.17 -66.41 -25.78
C03 II0 HN . 68.87 -42.30 -18.70
C04 II0 HN . 59.67 -50.94 0.93
C05 II0 HN . 70.09 -41.76 -19.45
C06 II0 HN . 58.98 -51.71 2.07
C07 II0 HN . 70.76 -42.76 -20.40
C08 II0 HN . 57.67 -52.33 1.59
C09 II0 HN . 67.99 -43.37 -19.44
C10 II0 HN . 59.89 -51.81 -0.34
C11 II0 HN . 69.72 -43.36 -21.34
C12 II0 HN . 57.95 -53.35 0.47
C13 II0 HN . 68.70 -44.17 -20.54
C14 II0 HN . 58.71 -52.73 -0.72
C15 II0 HN . 69.36 -42.84 -17.32
C16 II0 HN . 67.98 -41.07 -18.43
C17 II0 HN . 58.81 -49.69 0.60
C18 II0 HN . 61.06 -50.47 1.43
C19 II0 HN . 69.45 -45.40 -19.97
C20 II0 HN . 59.27 -53.92 -1.54
C21 II0 HN . 67.26 -44.36 -18.47
C22 II0 HN . 60.18 -50.87 -1.57
C23 II0 HN . 66.01 -43.95 -18.13
C24 II0 HN . 61.38 -51.08 -2.16
C25 II0 HN . 65.77 -45.21 -17.27
C26 II0 HN . 62.48 -50.82 -3.23
C27 II0 HN . 64.29 -45.47 -17.24
C28 II0 HN . 63.70 -50.26 -2.52
C29 II0 HN . 66.31 -45.01 -15.82
C30 II0 HN . 61.97 -49.85 -4.33
C31 II0 HN . 65.49 -45.77 -14.70
C32 II0 HN . 62.92 -48.67 -4.67
C33 II0 HN . 65.93 -47.04 -14.45
C34 II0 HN . 63.39 -48.65 -5.95
C35 II0 HN . 64.83 -47.14 -13.37
C36 II0 HN . 64.25 -48.01 -7.06
C37 II0 HN . 63.83 -48.21 -13.76
C38 II0 HN . 65.69 -48.51 -6.92
C39 II0 HN . 65.45 -47.46 -11.99
C40 II0 HN . 63.72 -48.29 -8.47
C41 II0 HN . 64.42 -47.94 -10.91
C42 II0 HN . 64.71 -47.82 -9.59
O01 II0 HN . 71.75 -42.08 -21.15
O02 II0 HN . 57.03 -52.99 2.65
C03 II0 IN . 72.90 -35.59 2.52
C04 II0 IN . 68.47 -57.92 -4.39
C05 II0 IN . 72.74 -34.82 1.18
C06 II0 IN . 67.14 -58.58 -4.77
C07 II0 IN . 73.93 -35.00 0.24
C08 II0 IN . 66.84 -59.74 -3.84
C09 II0 IN . 73.32 -37.06 2.33
C10 II0 IN . 68.69 -57.64 -2.87
C11 II0 IN . 74.25 -36.50 0.02
C12 II0 IN . 66.55 -59.15 -2.45
C13 II0 IN . 74.53 -37.19 1.37
C14 II0 IN . 67.69 -58.29 -1.86
C15 II0 IN . 73.99 -34.87 3.34
C16 II0 IN . 71.56 -35.45 3.29
C17 II0 IN . 69.59 -58.88 -4.82
C18 II0 IN . 68.59 -56.65 -5.27
C19 II0 IN . 74.90 -38.66 1.11
C20 II0 IN . 67.00 -57.24 -0.94
C21 II0 IN . 72.14 -37.97 1.85
C22 II0 IN . 68.88 -56.10 -2.59
C23 II0 IN . 71.77 -38.91 2.77
C24 II0 IN . 70.16 -55.77 -2.21
C25 II0 IN . 70.62 -39.55 1.91
C26 II0 IN . 71.25 -54.75 -1.79
C27 II0 IN . 69.50 -38.58 1.52
C28 II0 IN . 72.14 -54.45 -3.00
C29 II0 IN . 71.18 -40.28 0.65
C30 II0 IN . 70.59 -53.47 -1.24
C31 II0 IN . 70.76 -41.80 0.62
C32 II0 IN . 71.23 -52.13 -1.72
C33 II0 IN . 71.23 -42.44 -0.49
C34 II0 IN . 71.52 -51.28 -0.70
C35 II0 IN . 70.54 -43.71 0.06
C36 II0 IN . 72.06 -49.96 -0.13
C37 II0 IN . 69.32 -44.01 -0.80
C38 II0 IN . 72.41 -50.15 1.34
C39 II0 IN . 71.53 -44.89 0.02
C40 II0 IN . 71.01 -48.85 -0.26
C41 II0 IN . 70.87 -46.31 -0.09
C42 II0 IN . 71.64 -47.42 -0.16
O01 II0 IN . 73.64 -34.41 -1.01
O02 II0 IN . 65.70 -60.42 -4.30
C02 IHT JN . 67.28 -51.84 0.94
C03 IHT JN . 68.58 -35.34 -14.51
C04 IHT JN . 67.77 -53.12 1.64
C05 IHT JN . 68.55 -34.06 -15.35
C06 IHT JN . 69.24 -53.09 2.02
C07 IHT JN . 68.00 -50.61 1.46
C08 IHT JN . 69.36 -34.16 -16.62
C09 IHT JN . 69.54 -51.92 2.94
C10 IHT JN . 68.85 -50.65 2.51
C11 IHT JN . 68.39 -36.54 -15.43
C12 IHT JN . 68.76 -35.22 -17.51
C13 IHT JN . 67.52 -51.95 -0.56
C14 IHT JN . 65.77 -51.70 1.18
C15 IHT JN . 68.45 -36.50 -16.78
C16 IHT JN . 69.93 -35.43 -13.78
C17 IHT JN . 67.45 -35.28 -13.47
C18 IHT JN . 67.72 -49.41 0.69
C19 IHT JN . 69.21 -49.47 3.37
C20 IHT JN . 68.21 -37.68 -17.67
C21 IHT JN . 68.13 -37.79 -14.80
C22 IHT JN . 67.16 -48.29 1.11
C23 IHT JN . 66.85 -47.11 0.33
C24 IHT JN . 67.81 -38.83 -14.29
C25 IHT JN . 66.49 -45.86 1.07
C26 IHT JN . 67.39 -40.10 -13.80
C27 IHT JN . 66.91 -47.16 -1.02
C28 IHT JN . 67.40 -41.23 -14.79
C29 IHT JN . 67.00 -40.26 -12.51
C30 IHT JN . 66.70 -46.06 -1.91
C31 IHT JN . 66.77 -41.51 -11.86
C32 IHT JN . 66.57 -46.08 -3.24
C33 IHT JN . 66.41 -44.88 -4.04
C34 IHT JN . 66.43 -41.62 -10.57
C35 IHT JN . 66.20 -42.87 -9.86
C36 IHT JN . 66.55 -43.56 -3.34
C37 IHT JN . 66.24 -44.96 -5.38
C38 IHT JN . 66.14 -42.85 -8.51
C39 IHT JN . 66.15 -44.14 -10.66
C40 IHT JN . 66.23 -43.86 -6.30
C41 IHT JN . 66.09 -43.97 -7.63
O01 IHT JN . 69.37 -32.90 -17.31
C03 II0 KN . 60.19 -52.07 -21.23
C04 II0 KN . 69.46 -39.26 -38.76
C05 II0 KN . 59.14 -53.18 -21.07
C06 II0 KN . 70.24 -38.39 -39.76
C07 II0 KN . 57.85 -52.89 -21.85
C08 II0 KN . 71.62 -38.94 -40.08
C09 II0 KN . 60.12 -51.28 -22.57
C10 II0 KN . 69.83 -40.79 -38.78
C11 II0 KN . 58.14 -52.80 -23.37
C12 II0 KN . 71.53 -40.35 -40.71
C13 II0 KN . 59.40 -51.99 -23.75
C14 II0 KN . 70.47 -41.30 -40.10
C15 II0 KN . 59.96 -51.05 -20.09
C16 II0 KN . 61.59 -52.71 -21.02
C17 II0 KN . 69.77 -38.72 -37.35
C18 II0 KN . 67.96 -39.02 -39.00
C19 II0 KN . 60.37 -52.92 -24.53
C20 II0 KN . 69.41 -41.62 -41.19
C21 II0 KN . 61.53 -50.80 -23.05
C22 II0 KN . 68.60 -41.69 -38.40
C23 II0 KN . 61.45 -49.52 -23.51
C24 II0 KN . 68.96 -42.94 -37.92
C25 II0 KN . 62.97 -49.53 -23.84
C26 II0 KN . 68.64 -44.36 -37.39
C27 II0 KN . 63.47 -48.09 -23.77
C28 II0 KN . 69.71 -45.31 -37.89
C29 II0 KN . 63.20 -50.15 -25.24
C30 II0 KN . 68.56 -44.40 -35.85
C31 II0 KN . 63.97 -49.25 -26.28
C32 II0 KN . 68.94 -45.79 -35.22
C33 II0 KN . 65.11 -49.86 -26.71
C34 II0 KN . 67.96 -46.41 -34.50
C35 II0 KN . 65.38 -48.62 -27.61
C36 II0 KN . 67.45 -47.58 -33.65
C37 II0 KN . 66.40 -47.72 -26.96
C38 II0 KN . 66.19 -48.16 -34.29
C39 II0 KN . 65.91 -49.11 -28.98
C40 II0 KN . 67.12 -47.10 -32.22
C41 II0 KN . 66.32 -47.96 -29.95
C42 II0 KN . 66.71 -48.24 -31.23
O01 II0 KN . 56.93 -53.93 -21.62
O02 II0 KN . 72.26 -38.08 -40.99
O1 LHG LN . 41.01 -52.49 -13.62
C1 LHG LN . 40.93 -53.91 -13.70
C2 LHG LN . 39.78 -54.38 -12.84
O2 LHG LN . 39.02 -53.29 -12.36
C3 LHG LN . 40.24 -55.14 -11.61
O3 LHG LN . 40.50 -54.07 -10.74
P LHG LN . 41.48 -54.22 -9.46
O4 LHG LN . 42.62 -55.09 -9.88
O5 LHG LN . 40.55 -54.26 -8.30
O6 LHG LN . 42.11 -52.69 -9.58
C4 LHG LN . 42.83 -52.33 -10.73
C5 LHG LN . 44.00 -51.49 -10.19
C6 LHG LN . 44.57 -52.04 -8.90
O7 LHG LN . 45.01 -51.56 -11.17
C7 LHG LN . 44.84 -50.67 -12.19
O9 LHG LN . 44.54 -51.02 -13.32
C8 LHG LN . 45.28 -49.32 -11.78
C9 LHG LN . 46.43 -48.88 -12.63
C10 LHG LN . 46.37 -47.39 -12.83
O8 LHG LN . 45.88 -51.48 -8.84
C23 LHG LN . 46.34 -51.08 -7.61
O10 LHG LN . 45.95 -51.67 -6.62
C24 LHG LN . 47.00 -49.73 -7.46
C11 LHG LN . 47.52 -46.90 -11.98
C12 LHG LN . 47.72 -45.44 -12.25
C13 LHG LN . 48.62 -44.88 -11.16
C14 LHG LN . 49.03 -43.46 -11.46
C15 LHG LN . 50.06 -43.55 -12.56
C16 LHG LN . 50.45 -42.16 -12.99
C25 LHG LN . 47.77 -49.52 -6.16
C26 LHG LN . 47.45 -48.23 -5.40
C27 LHG LN . 48.52 -47.27 -5.89
C28 LHG LN . 48.62 -45.97 -5.13
C29 LHG LN . 49.85 -45.25 -5.69
C30 LHG LN . 49.65 -43.80 -6.07
C31 LHG LN . 50.36 -42.80 -5.19
C32 LHG LN . 51.28 -41.83 -5.92
C33 LHG LN . 52.68 -42.39 -5.83
C34 LHG LN . 53.40 -42.15 -4.52
C35 LHG LN . 53.99 -43.43 -3.97
C36 LHG LN . 55.32 -43.09 -3.31
C37 LHG LN . 55.58 -44.13 -2.27
C38 LHG LN . 55.74 -45.53 -2.80
C1 LMG MN . 60.97 -32.34 -28.63
O1 LMG MN . 59.59 -32.51 -28.44
C2 LMG MN . 61.30 -33.08 -29.98
O2 LMG MN . 62.35 -33.94 -29.67
C3 LMG MN . 61.82 -32.03 -31.01
O3 LMG MN . 60.73 -31.19 -31.26
C4 LMG MN . 62.99 -31.20 -30.38
O4 LMG MN . 63.34 -30.18 -31.27
C5 LMG MN . 62.47 -30.57 -29.03
O5 LMG MN . 63.70 -28.69 -28.37
C6 LMG MN . 62.56 -29.03 -29.10
O6 LMG MN . 61.12 -30.92 -28.78
C7 LMG MN . 59.21 -32.62 -27.08
C8 LMG MN . 58.07 -33.70 -26.98
C9 LMG MN . 57.99 -34.50 -28.30
O7 LMG MN . 58.43 -34.64 -25.97
C10 LMG MN . 57.96 -34.47 -24.71
O9 LMG MN . 57.47 -33.40 -24.38
C11 LMG MN . 58.23 -35.63 -23.80
C12 LMG MN . 58.02 -35.25 -22.34
C13 LMG MN . 58.71 -36.22 -21.39
C14 LMG MN . 58.14 -37.60 -21.64
C15 LMG MN . 58.51 -38.53 -20.50
C16 LMG MN . 60.01 -38.80 -20.53
C17 LMG MN . 60.24 -40.26 -20.18
C18 LMG MN . 59.74 -40.49 -18.75
C19 LMG MN . 60.72 -39.85 -17.81
C20 LMG MN . 59.88 -39.05 -16.84
C21 LMG MN . 60.74 -38.74 -15.65
C22 LMG MN . 60.43 -37.30 -15.32
C23 LMG MN . 60.83 -37.08 -13.89
C24 LMG MN . 60.40 -35.67 -13.58
C25 LMG MN . 61.39 -34.73 -14.22
C26 LMG MN . 61.41 -33.48 -13.36
C27 LMG MN . 62.42 -32.53 -13.94
O8 LMG MN . 57.35 -35.73 -28.01
C28 LMG MN . 57.12 -36.56 -29.06
O10 LMG MN . 57.46 -36.22 -30.18
C29 LMG MN . 56.70 -37.93 -28.66
C30 LMG MN . 55.18 -38.05 -28.60
C31 LMG MN . 54.86 -39.42 -28.05
C32 LMG MN . 54.01 -39.24 -26.81
C33 LMG MN . 53.68 -40.63 -26.30
C34 LMG MN . 52.24 -40.93 -26.64
C35 LMG MN . 52.12 -42.44 -26.69
C36 LMG MN . 52.25 -42.84 -28.13
C37 LMG MN . 50.86 -42.82 -28.74
C38 LMG MN . 51.11 -43.40 -30.10
C39 LMG MN . 49.95 -43.06 -30.99
C40 LMG MN . 50.51 -41.94 -31.84
C41 LMG MN . 51.16 -42.54 -33.06
C1 LMG NN . -40.19 55.50 -13.22
O1 LMG NN . -40.35 54.24 -12.61
C2 LMG NN . -38.64 55.70 -13.39
O2 LMG NN . -38.18 56.04 -12.12
C3 LMG NN . -38.41 56.93 -14.32
O3 LMG NN . -37.04 56.94 -14.58
C4 LMG NN . -39.20 56.77 -15.65
O4 LMG NN . -38.70 55.67 -16.33
C5 LMG NN . -40.69 56.49 -15.30
O5 LMG NN . -42.63 55.60 -16.23
C6 LMG NN . -41.47 56.27 -16.59
O6 LMG NN . -40.80 55.33 -14.50
C7 LMG NN . -40.86 54.28 -11.29
C8 LMG NN . -42.18 53.47 -11.31
C9 LMG NN . -42.01 52.18 -12.14
O7 LMG NN . -42.59 53.10 -9.96
C10 LMG NN . -41.68 52.83 -8.97
O9 LMG NN . -41.41 53.73 -8.18
C11 LMG NN . -41.68 51.38 -8.63
C12 LMG NN . -41.56 51.18 -7.12
C13 LMG NN . -42.07 49.82 -6.67
C14 LMG NN . -41.90 49.76 -5.17
C15 LMG NN . -42.66 48.56 -4.64
C16 LMG NN . -42.05 47.27 -5.18
C17 LMG NN . -42.94 46.13 -4.74
C18 LMG NN . -43.76 45.71 -5.96
C19 LMG NN . -42.83 44.96 -6.89
C20 LMG NN . -43.37 43.56 -6.98
O8 LMG NN . -43.25 51.94 -12.76
C28 LMG NN . -44.20 51.36 -12.01
O10 LMG NN . -45.26 51.96 -11.80
C29 LMG NN . -43.88 49.98 -11.53
C30 LMG NN . -45.13 49.28 -11.03
C31 LMG NN . -44.71 48.16 -10.11
C32 LMG NN . -44.26 46.98 -10.98
C33 LMG NN . -45.27 45.88 -10.77
C34 LMG NN . -44.53 44.62 -10.37
C35 LMG NN . -45.43 43.45 -10.71
MG CLA ON . -38.25 49.58 -6.15
CHA CLA ON . -38.02 52.99 -6.82
CHB CLA ON . -37.99 50.21 -2.81
CHC CLA ON . -38.61 46.21 -5.54
CHD CLA ON . -38.56 48.98 -9.62
NA CLA ON . -38.02 51.33 -5.02
C1A CLA ON . -37.96 52.66 -5.49
C2A CLA ON . -37.79 53.63 -4.30
C3A CLA ON . -37.64 52.69 -3.08
C4A CLA ON . -37.90 51.31 -3.66
CMA CLA ON . -36.27 52.79 -2.45
CAA CLA ON . -38.98 54.56 -4.11
CBA CLA ON . -40.15 53.92 -3.39
CGA CLA ON . -41.45 54.33 -4.03
O1A CLA ON . -41.81 55.46 -4.38
O2A CLA ON . -42.32 53.28 -4.21
NB CLA ON . -38.25 48.42 -4.49
C1B CLA ON . -38.22 48.88 -3.22
C2B CLA ON . -38.45 47.75 -2.27
C3B CLA ON . -38.62 46.62 -3.04
C4B CLA ON . -38.49 47.03 -4.46
CMB CLA ON . -38.47 47.92 -0.81
CAB CLA ON . -38.88 45.26 -2.65
CBB CLA ON . -39.96 44.84 -1.99
NC CLA ON . -38.49 47.90 -7.37
C1C CLA ON . -38.60 46.61 -6.90
C2C CLA ON . -38.75 45.69 -8.03
C3C CLA ON . -38.77 46.47 -9.19
C4C CLA ON . -38.61 47.86 -8.76
CMC CLA ON . -38.86 44.24 -7.91
CAC CLA ON . -38.90 45.99 -10.58
CBC CLA ON . -40.32 46.08 -11.08
ND CLA ON . -38.26 50.66 -7.86
C1D CLA ON . -38.40 50.28 -9.23
C2D CLA ON . -38.34 51.50 -10.07
C3D CLA ON . -38.17 52.55 -9.20
C4D CLA ON . -38.14 51.99 -7.84
CMD CLA ON . -38.43 51.48 -11.53
CAD CLA ON . -38.00 53.99 -9.08
OBD CLA ON . -37.90 54.85 -9.96
CBD CLA ON . -37.93 54.31 -7.56
CGD CLA ON . -36.68 55.08 -7.19
O1D CLA ON . -35.55 54.63 -7.04
O2D CLA ON . -36.88 56.42 -7.04
CED CLA ON . -35.84 57.19 -6.47
C1 CLA ON . -43.69 53.51 -3.84
C2 CLA ON . -44.49 52.37 -4.38
C3 CLA ON . -44.88 52.29 -5.67
C4 CLA ON . -44.56 53.33 -6.66
C5 CLA ON . -45.67 51.13 -6.17
C6 CLA ON . -46.34 50.28 -5.10
C7 CLA ON . -47.09 49.14 -5.75
C8 CLA ON . -47.39 47.95 -4.83
C9 CLA ON . -46.26 47.68 -3.85
C10 CLA ON . -47.66 46.71 -5.66
C11 CLA ON . -49.00 46.08 -5.32
C12 CLA ON . -49.25 44.81 -6.10
C13 CLA ON . -49.40 45.07 -7.58
C14 CLA ON . -50.62 45.91 -7.87
C15 CLA ON . -49.44 43.77 -8.38
C16 CLA ON . -50.70 42.98 -8.09
C17 CLA ON . -50.55 41.52 -8.48
C18 CLA ON . -51.86 40.93 -8.96
C19 CLA ON . -51.88 40.80 -10.48
C20 CLA ON . -52.11 39.58 -8.32
#